data_6VP7
#
_entry.id   6VP7
#
_cell.length_a   1.00
_cell.length_b   1.00
_cell.length_c   1.00
_cell.angle_alpha   90.00
_cell.angle_beta   90.00
_cell.angle_gamma   90.00
#
_symmetry.space_group_name_H-M   'P 1'
#
_entity_poly.entity_id   1
_entity_poly.type   'polypeptide(L)'
_entity_poly.pdbx_seq_one_letter_code
;KKAVPYNRMKLMIVGN(TPO)GSGKTTLLQQLMKTKKSDLGMQSATVGIDVKDWPIQIRDKRKRDLVLNVWDFAGREEFY
STHPHFMTQRALYLAVYDLSKGQAEVDAMKPWLFNIKARASSSPVILVGTHLDVSDEKQRKACMSKITKELLNKRGFPAI
RDYHFVNATEESDALAKLRKTIINESLNFKIRDQLVVGQLIPDCYVELEKIILSERKNVPIEFPVIDRKRLLQLVRENQL
QLDENELPHAVHFLNESGVLLHFQDPALQLSDLYFVEPKWLCKIMAQILTVKVEGCPKHPKGIISRRDVEKFLSKKRKFP
KNYMSQYFKLLEKFQIALPIGEEYLLVPSSLSDHRPVIELPHCENSEIIIRLYEMPYFPMGFWSRLINRLLEISPYMLSG
RERALRPNRMYWRQGIYLNWSPEAYCLVGSEVLDNHPESFLKITVPSCRKGCILLGQVVDHIDSLMEEWFPGLLEIDICG
EGETLLKKWALYSFNDGEEHQKILLDDLMKKAEEGDLLVNPDQPRLTIPISQIAPDLILADLPRNIMLNNDELEFEQAPE
FLLGDGSFGSVYRAAYEGEEVAVKIFNKHTSLRLLRQELVVLCHLHHPSLISLLAAGIRPRMLVMELASKGSLDRLLQQD
KASLTRTLQHRIALHVADGLRYLHSAMIIYRDLKPHNVLLFTLYPNAAIIAKIADYGIAQYCCRMGIKTSEGTPGFRAPE
VARGNVIYNQQADVYSFGLLLYDILTTGGRIVEGLKFPNEFDELEIQGKLPDPVKEYGCAPWPMVEKLIKQCLKENPQER
PTSAQVFDILNSAELVCLTRRILLPKNVIVECMVATHHNSRNASIWLGCGHTDRGQLSFLDLNTEGYTSEEVADSRILCL
ALVHLPVEKESWIVSGTQSGTLLVINTEDGKKRHTLEKMTDSVTCLYCNSFSKQSKQKNFLLVGTADGKLAIFEDKTVKL
KGAAPLKILNIGNVSTPLMCLSESTNSTERNVMWGGCGTKIFSFSNDFTIQKLIETRTSQLFSYAAFSDSNIITVVVDTA
LYIAKQNSPVVEVWDKKTEKLCGLIDCVHFLREVMVKENKESKHKMSYSGRVKTLCLQKNTALWIGTGGGHILLLDLSTR
RLIRVIYNFCNSVRVMMTAQLGSLKNVMLVLGYNRKNTEGTQKQKEIQSCLTVWDINLPHEVQNLEKHIEVRKELAEKMR
RTSVE
;
_entity_poly.pdbx_strand_id   A
#
# COMPACT_ATOMS: atom_id res chain seq x y z
N VAL A 4 39.52 -8.91 2.34
CA VAL A 4 40.53 -9.97 2.29
C VAL A 4 40.34 -10.90 1.09
N PRO A 5 41.43 -11.46 0.55
CA PRO A 5 41.52 -12.28 -0.65
C PRO A 5 40.85 -13.63 -0.52
N TYR A 6 39.55 -13.64 -0.78
CA TYR A 6 38.70 -14.81 -0.78
C TYR A 6 39.14 -15.78 -1.87
N ASN A 7 39.38 -17.05 -1.51
CA ASN A 7 39.87 -18.06 -2.46
C ASN A 7 38.94 -19.26 -2.63
N ARG A 8 37.63 -19.01 -2.61
CA ARG A 8 36.65 -20.07 -2.79
C ARG A 8 35.81 -19.84 -4.04
N MET A 9 35.56 -20.91 -4.78
CA MET A 9 34.82 -20.84 -6.03
C MET A 9 33.94 -22.08 -6.18
N LYS A 10 32.76 -21.93 -6.76
CA LYS A 10 31.89 -23.08 -6.86
C LYS A 10 32.17 -23.93 -8.09
N LEU A 11 31.86 -25.21 -8.01
CA LEU A 11 32.01 -26.09 -9.15
C LEU A 11 30.67 -26.72 -9.46
N MET A 12 30.19 -26.49 -10.66
CA MET A 12 28.90 -27.02 -11.05
C MET A 12 29.05 -28.21 -11.95
N ILE A 13 28.53 -29.34 -11.52
CA ILE A 13 28.60 -30.51 -12.37
C ILE A 13 27.21 -30.85 -12.84
N VAL A 14 27.04 -30.78 -14.17
CA VAL A 14 25.74 -31.00 -14.78
C VAL A 14 25.81 -31.98 -15.92
N GLY A 15 24.64 -32.50 -16.29
CA GLY A 15 24.52 -33.45 -17.36
C GLY A 15 23.23 -34.23 -17.20
N ASN A 16 22.94 -35.13 -18.12
CA ASN A 16 21.73 -35.90 -18.02
C ASN A 16 21.89 -37.16 -17.21
N TPO A 17 20.75 -37.65 -16.74
CA TPO A 17 20.68 -38.84 -15.93
CB TPO A 17 19.20 -39.14 -15.59
CG2 TPO A 17 19.08 -40.39 -14.72
OG1 TPO A 17 18.64 -38.02 -14.89
P TPO A 17 17.05 -37.71 -14.91
O1P TPO A 17 16.31 -39.07 -14.90
O2P TPO A 17 16.73 -36.88 -13.64
O3P TPO A 17 16.74 -36.90 -16.22
C TPO A 17 21.30 -40.03 -16.66
O TPO A 17 20.93 -40.35 -17.79
N GLY A 18 22.26 -40.67 -15.99
CA GLY A 18 22.95 -41.83 -16.55
C GLY A 18 24.41 -41.60 -16.88
N SER A 19 24.86 -40.34 -16.85
CA SER A 19 26.25 -40.03 -17.20
C SER A 19 27.33 -40.65 -16.31
N GLY A 20 27.02 -40.89 -15.04
CA GLY A 20 28.04 -41.45 -14.12
C GLY A 20 28.99 -40.37 -13.60
N LYS A 21 28.65 -39.11 -13.85
CA LYS A 21 29.46 -37.94 -13.51
C LYS A 21 29.81 -37.81 -12.03
N THR A 22 29.04 -38.44 -11.14
CA THR A 22 29.37 -38.43 -9.72
C THR A 22 30.67 -39.16 -9.44
N THR A 23 30.85 -40.30 -10.10
CA THR A 23 32.05 -41.07 -9.88
C THR A 23 33.20 -40.31 -10.48
N LEU A 24 32.97 -39.68 -11.63
CA LEU A 24 33.98 -38.82 -12.23
C LEU A 24 34.54 -37.86 -11.22
N LEU A 25 33.66 -37.16 -10.50
CA LEU A 25 34.08 -36.28 -9.42
C LEU A 25 34.93 -36.98 -8.39
N GLN A 26 34.49 -38.15 -7.94
CA GLN A 26 35.25 -38.89 -6.94
C GLN A 26 36.64 -39.23 -7.42
N GLN A 27 36.78 -39.54 -8.71
CA GLN A 27 38.09 -39.84 -9.24
C GLN A 27 38.95 -38.60 -9.35
N LEU A 28 38.33 -37.48 -9.75
CA LEU A 28 39.05 -36.23 -9.89
C LEU A 28 39.56 -35.71 -8.55
N MET A 29 38.75 -35.89 -7.50
CA MET A 29 39.13 -35.49 -6.16
C MET A 29 40.08 -36.49 -5.52
N GLY A 44 18.78 -34.98 -5.56
CA GLY A 44 19.11 -33.60 -5.83
C GLY A 44 20.61 -33.38 -6.09
N ILE A 45 21.28 -32.75 -5.12
CA ILE A 45 22.68 -32.37 -5.27
C ILE A 45 23.60 -32.86 -4.15
N ASP A 46 24.72 -33.47 -4.54
CA ASP A 46 25.74 -33.86 -3.57
C ASP A 46 26.76 -32.73 -3.42
N VAL A 47 26.71 -32.01 -2.29
CA VAL A 47 27.59 -30.87 -2.10
C VAL A 47 28.80 -31.15 -1.22
N LYS A 48 29.99 -30.79 -1.71
CA LYS A 48 31.21 -31.01 -0.91
C LYS A 48 32.41 -30.17 -1.35
N ASP A 49 33.20 -29.73 -0.37
CA ASP A 49 34.40 -28.97 -0.65
C ASP A 49 35.51 -29.78 -1.32
N TRP A 50 36.27 -29.10 -2.18
CA TRP A 50 37.43 -29.68 -2.84
C TRP A 50 38.62 -28.75 -2.85
N PRO A 51 39.42 -28.74 -1.80
CA PRO A 51 40.69 -28.04 -1.66
C PRO A 51 41.69 -28.55 -2.69
N ILE A 52 42.27 -27.63 -3.43
CA ILE A 52 43.26 -27.97 -4.43
C ILE A 52 44.54 -27.22 -4.18
N LEU A 62 43.21 -23.55 -3.57
CA LEU A 62 41.91 -23.22 -4.12
C LEU A 62 40.85 -24.13 -3.58
N VAL A 63 39.87 -23.59 -2.91
CA VAL A 63 38.84 -24.48 -2.40
C VAL A 63 37.60 -24.38 -3.22
N LEU A 64 37.25 -25.48 -3.86
CA LEU A 64 36.06 -25.45 -4.65
C LEU A 64 34.87 -25.94 -3.86
N ASN A 65 33.75 -25.28 -4.05
CA ASN A 65 32.52 -25.68 -3.41
C ASN A 65 31.79 -26.48 -4.46
N VAL A 66 31.91 -27.80 -4.41
CA VAL A 66 31.37 -28.58 -5.50
C VAL A 66 29.91 -28.95 -5.31
N TRP A 67 29.09 -28.58 -6.27
CA TRP A 67 27.68 -28.96 -6.28
C TRP A 67 27.43 -29.96 -7.38
N ASP A 68 27.26 -31.23 -7.00
CA ASP A 68 27.00 -32.29 -7.97
C ASP A 68 25.53 -32.49 -8.26
N PHE A 69 25.03 -31.88 -9.34
CA PHE A 69 23.63 -32.05 -9.74
C PHE A 69 23.46 -33.39 -10.41
N ALA A 70 23.58 -34.48 -9.67
CA ALA A 70 23.46 -35.77 -10.32
C ALA A 70 22.06 -35.98 -10.81
N GLY A 71 21.05 -35.62 -10.01
CA GLY A 71 19.66 -35.82 -10.41
C GLY A 71 19.02 -34.54 -10.94
N ARG A 72 17.70 -34.58 -11.14
CA ARG A 72 16.95 -33.44 -11.67
C ARG A 72 16.67 -32.35 -10.68
N GLU A 73 17.72 -31.75 -10.14
CA GLU A 73 17.49 -30.71 -9.17
C GLU A 73 17.24 -29.39 -9.83
N GLU A 74 15.97 -29.06 -9.92
CA GLU A 74 15.48 -27.85 -10.56
C GLU A 74 16.14 -26.54 -10.11
N PHE A 75 16.81 -26.53 -8.94
CA PHE A 75 17.60 -25.41 -8.38
C PHE A 75 18.36 -24.60 -9.47
N TYR A 76 18.86 -25.29 -10.51
CA TYR A 76 19.55 -24.65 -11.64
C TYR A 76 18.63 -23.74 -12.50
N SER A 77 17.37 -23.65 -12.15
CA SER A 77 16.40 -22.84 -12.83
C SER A 77 15.46 -22.17 -11.82
N THR A 78 15.22 -22.84 -10.69
CA THR A 78 14.31 -22.33 -9.67
C THR A 78 14.96 -21.33 -8.72
N HIS A 79 16.27 -21.29 -8.70
CA HIS A 79 16.97 -20.26 -7.96
C HIS A 79 18.38 -20.14 -8.44
N PRO A 80 18.57 -19.91 -9.75
CA PRO A 80 19.82 -19.79 -10.50
C PRO A 80 20.58 -18.50 -10.23
N ARG A 86 31.13 -16.83 -10.22
CA ARG A 86 32.00 -17.53 -9.30
C ARG A 86 31.79 -19.02 -9.35
N ALA A 87 31.70 -19.56 -10.56
CA ALA A 87 31.45 -20.97 -10.70
C ALA A 87 31.89 -21.50 -12.05
N LEU A 88 32.35 -22.74 -12.07
CA LEU A 88 32.76 -23.38 -13.33
C LEU A 88 31.81 -24.48 -13.68
N TYR A 89 31.38 -24.52 -14.93
CA TYR A 89 30.43 -25.52 -15.34
C TYR A 89 31.06 -26.69 -16.05
N LEU A 90 31.09 -27.81 -15.36
CA LEU A 90 31.59 -29.03 -15.93
C LEU A 90 30.42 -29.81 -16.47
N ALA A 91 30.34 -29.92 -17.79
CA ALA A 91 29.27 -30.65 -18.42
C ALA A 91 29.74 -32.04 -18.73
N VAL A 92 28.94 -33.04 -18.39
CA VAL A 92 29.34 -34.41 -18.64
C VAL A 92 28.29 -35.19 -19.40
N TYR A 93 28.73 -35.95 -20.40
CA TYR A 93 27.80 -36.77 -21.15
C TYR A 93 28.45 -38.10 -21.53
N ASP A 94 27.63 -39.09 -21.84
CA ASP A 94 28.14 -40.42 -22.19
C ASP A 94 28.36 -40.57 -23.69
N LEU A 95 29.63 -40.58 -24.08
CA LEU A 95 30.04 -40.69 -25.46
C LEU A 95 29.47 -41.88 -26.20
N SER A 96 29.28 -43.01 -25.52
CA SER A 96 28.78 -44.21 -26.18
C SER A 96 27.32 -44.06 -26.61
N LYS A 97 26.61 -43.10 -26.03
CA LYS A 97 25.25 -42.82 -26.45
C LYS A 97 25.35 -42.05 -27.76
N GLY A 98 26.26 -41.09 -27.80
CA GLY A 98 26.55 -40.40 -29.05
C GLY A 98 25.95 -39.02 -29.23
N GLN A 99 25.80 -38.64 -30.50
CA GLN A 99 25.34 -37.33 -30.94
C GLN A 99 23.98 -36.96 -30.40
N ALA A 100 23.12 -37.95 -30.20
CA ALA A 100 21.81 -37.69 -29.64
C ALA A 100 21.94 -37.06 -28.26
N GLU A 101 22.94 -37.49 -27.51
CA GLU A 101 23.17 -36.96 -26.19
C GLU A 101 23.73 -35.57 -26.28
N VAL A 102 24.57 -35.35 -27.27
CA VAL A 102 25.11 -34.02 -27.48
C VAL A 102 23.97 -33.04 -27.67
N ASP A 103 23.00 -33.39 -28.51
CA ASP A 103 21.83 -32.55 -28.72
C ASP A 103 21.03 -32.38 -27.44
N ALA A 104 20.92 -33.43 -26.63
CA ALA A 104 20.24 -33.34 -25.35
C ALA A 104 20.87 -32.31 -24.41
N MET A 105 22.16 -32.03 -24.58
CA MET A 105 22.83 -31.05 -23.73
C MET A 105 22.57 -29.60 -24.13
N LYS A 106 21.90 -29.37 -25.25
CA LYS A 106 21.66 -27.99 -25.67
C LYS A 106 20.80 -27.20 -24.69
N PRO A 107 19.74 -27.77 -24.11
CA PRO A 107 18.92 -27.14 -23.08
C PRO A 107 19.74 -26.78 -21.86
N TRP A 108 20.76 -27.59 -21.56
CA TRP A 108 21.62 -27.33 -20.41
C TRP A 108 22.49 -26.14 -20.71
N LEU A 109 23.04 -26.13 -21.91
CA LEU A 109 23.89 -25.04 -22.32
C LEU A 109 23.11 -23.75 -22.43
N PHE A 110 21.87 -23.86 -22.91
CA PHE A 110 21.00 -22.71 -23.01
C PHE A 110 20.79 -22.11 -21.66
N ASN A 111 20.39 -22.94 -20.71
CA ASN A 111 20.14 -22.50 -19.36
C ASN A 111 21.37 -21.87 -18.74
N ILE A 112 22.54 -22.45 -18.99
CA ILE A 112 23.77 -21.88 -18.46
C ILE A 112 24.00 -20.50 -19.02
N LYS A 113 23.94 -20.36 -20.34
CA LYS A 113 24.15 -19.06 -20.95
C LYS A 113 23.13 -18.06 -20.48
N ALA A 114 21.89 -18.52 -20.34
CA ALA A 114 20.76 -17.71 -19.92
C ALA A 114 20.90 -17.16 -18.51
N ARG A 115 21.86 -17.65 -17.72
CA ARG A 115 22.00 -17.16 -16.36
C ARG A 115 23.44 -16.72 -16.08
N ALA A 116 24.39 -17.27 -16.81
CA ALA A 116 25.78 -16.91 -16.65
C ALA A 116 26.54 -17.11 -17.95
N SER A 117 26.30 -16.23 -18.91
CA SER A 117 26.95 -16.35 -20.22
C SER A 117 28.47 -16.19 -20.15
N SER A 118 28.96 -15.49 -19.13
CA SER A 118 30.38 -15.28 -18.95
C SER A 118 31.11 -16.44 -18.26
N SER A 119 30.36 -17.39 -17.70
CA SER A 119 30.98 -18.49 -16.98
C SER A 119 31.66 -19.46 -17.94
N PRO A 120 32.70 -20.17 -17.48
CA PRO A 120 33.49 -21.13 -18.23
C PRO A 120 32.77 -22.44 -18.31
N VAL A 121 32.91 -23.12 -19.44
CA VAL A 121 32.27 -24.42 -19.62
C VAL A 121 33.26 -25.46 -20.15
N ILE A 122 33.35 -26.57 -19.46
CA ILE A 122 34.20 -27.67 -19.91
C ILE A 122 33.33 -28.85 -20.24
N LEU A 123 33.42 -29.33 -21.47
CA LEU A 123 32.60 -30.42 -21.92
C LEU A 123 33.35 -31.75 -21.90
N VAL A 124 32.90 -32.69 -21.09
CA VAL A 124 33.59 -33.97 -21.01
C VAL A 124 32.70 -35.14 -21.40
N GLY A 125 33.16 -35.89 -22.40
CA GLY A 125 32.46 -37.08 -22.83
C GLY A 125 33.06 -38.25 -22.09
N THR A 126 32.27 -39.27 -21.78
CA THR A 126 32.84 -40.38 -21.04
C THR A 126 32.47 -41.74 -21.61
N HIS A 127 32.98 -42.76 -20.96
CA HIS A 127 32.84 -44.16 -21.35
C HIS A 127 33.43 -44.41 -22.73
N LEU A 128 34.59 -43.80 -22.99
CA LEU A 128 35.32 -44.00 -24.23
C LEU A 128 35.81 -45.44 -24.34
N ASP A 129 35.98 -46.15 -23.21
CA ASP A 129 36.44 -47.52 -23.29
C ASP A 129 35.38 -48.50 -23.82
N VAL A 130 34.15 -48.03 -24.06
CA VAL A 130 33.11 -48.84 -24.65
C VAL A 130 32.50 -48.08 -25.81
N SER A 131 33.25 -47.12 -26.34
CA SER A 131 32.78 -46.31 -27.45
C SER A 131 33.83 -46.23 -28.53
N ASP A 132 33.49 -46.74 -29.71
CA ASP A 132 34.40 -46.73 -30.83
C ASP A 132 34.76 -45.30 -31.18
N GLU A 133 35.99 -45.08 -31.64
CA GLU A 133 36.41 -43.74 -32.02
C GLU A 133 35.53 -43.15 -33.10
N LYS A 134 34.80 -43.98 -33.84
CA LYS A 134 33.80 -43.51 -34.78
C LYS A 134 32.85 -42.55 -34.08
N GLN A 135 32.36 -42.94 -32.91
CA GLN A 135 31.47 -42.11 -32.13
C GLN A 135 32.21 -40.92 -31.58
N ARG A 136 33.45 -41.14 -31.14
CA ARG A 136 34.26 -40.05 -30.63
C ARG A 136 34.41 -38.93 -31.65
N LYS A 137 34.83 -39.28 -32.86
CA LYS A 137 35.01 -38.28 -33.89
C LYS A 137 33.67 -37.81 -34.45
N ALA A 138 32.62 -38.63 -34.34
CA ALA A 138 31.31 -38.19 -34.78
C ALA A 138 30.83 -37.08 -33.88
N CYS A 139 30.96 -37.30 -32.57
CA CYS A 139 30.57 -36.30 -31.59
C CYS A 139 31.51 -35.12 -31.63
N MET A 140 32.77 -35.37 -31.93
CA MET A 140 33.72 -34.28 -32.09
C MET A 140 33.25 -33.37 -33.20
N SER A 141 32.93 -33.94 -34.35
CA SER A 141 32.46 -33.12 -35.45
C SER A 141 31.11 -32.50 -35.13
N LYS A 142 30.30 -33.21 -34.37
CA LYS A 142 29.00 -32.70 -33.96
C LYS A 142 29.15 -31.40 -33.18
N ILE A 143 30.06 -31.38 -32.20
CA ILE A 143 30.24 -30.17 -31.43
C ILE A 143 31.01 -29.10 -32.19
N THR A 144 31.88 -29.49 -33.14
CA THR A 144 32.56 -28.44 -33.89
C THR A 144 31.60 -27.78 -34.86
N LYS A 145 30.58 -28.53 -35.27
CA LYS A 145 29.58 -28.00 -36.17
C LYS A 145 28.43 -27.31 -35.47
N GLU A 146 28.06 -27.78 -34.27
CA GLU A 146 26.87 -27.23 -33.66
C GLU A 146 26.98 -26.59 -32.28
N LEU A 147 28.13 -26.65 -31.62
CA LEU A 147 28.20 -26.04 -30.29
C LEU A 147 29.41 -25.14 -30.08
N LEU A 148 30.59 -25.62 -30.46
CA LEU A 148 31.83 -24.90 -30.24
C LEU A 148 31.90 -23.57 -30.96
N ASN A 149 31.21 -23.47 -32.07
CA ASN A 149 31.17 -22.23 -32.84
C ASN A 149 29.74 -21.73 -33.01
N LYS A 150 28.84 -22.16 -32.14
CA LYS A 150 27.45 -21.82 -32.29
C LYS A 150 26.95 -20.81 -31.29
N ARG A 151 26.47 -19.66 -31.79
CA ARG A 151 25.94 -18.64 -30.92
C ARG A 151 24.68 -19.15 -30.28
N GLY A 152 24.40 -18.65 -29.09
CA GLY A 152 23.25 -19.10 -28.33
C GLY A 152 23.72 -20.06 -27.23
N PHE A 153 24.93 -20.59 -27.37
CA PHE A 153 25.49 -21.43 -26.34
C PHE A 153 26.68 -20.69 -25.74
N PRO A 154 26.97 -20.88 -24.46
CA PRO A 154 27.95 -20.18 -23.63
C PRO A 154 29.42 -20.49 -23.92
N ALA A 155 29.81 -20.37 -25.19
CA ALA A 155 31.18 -20.53 -25.68
C ALA A 155 32.02 -21.56 -24.93
N ILE A 156 31.63 -22.84 -24.99
CA ILE A 156 32.41 -23.95 -24.45
C ILE A 156 33.89 -23.65 -24.49
N ARG A 157 34.52 -23.61 -23.32
CA ARG A 157 35.93 -23.26 -23.25
C ARG A 157 36.86 -24.40 -23.62
N ASP A 158 36.55 -25.59 -23.18
CA ASP A 158 37.39 -26.72 -23.55
C ASP A 158 36.62 -28.02 -23.46
N TYR A 159 37.23 -29.11 -23.90
CA TYR A 159 36.56 -30.39 -23.82
C TYR A 159 37.53 -31.56 -23.78
N HIS A 160 37.05 -32.69 -23.27
CA HIS A 160 37.84 -33.91 -23.15
C HIS A 160 37.02 -35.17 -23.35
N PHE A 161 37.71 -36.28 -23.60
CA PHE A 161 37.06 -37.58 -23.70
C PHE A 161 37.75 -38.51 -22.71
N VAL A 162 36.97 -39.24 -21.92
CA VAL A 162 37.53 -40.10 -20.89
C VAL A 162 37.08 -41.55 -21.03
N ASN A 163 38.05 -42.47 -20.94
CA ASN A 163 37.79 -43.91 -21.04
C ASN A 163 36.85 -44.40 -19.96
N ALA A 164 37.18 -44.10 -18.72
CA ALA A 164 36.37 -44.54 -17.60
C ALA A 164 36.76 -43.79 -16.35
N THR A 165 35.85 -43.80 -15.37
CA THR A 165 36.04 -43.12 -14.10
C THR A 165 37.09 -43.77 -13.21
N GLU A 166 37.63 -44.93 -13.63
CA GLU A 166 38.70 -45.59 -12.90
C GLU A 166 40.00 -44.78 -12.80
N GLU A 167 40.20 -43.84 -13.75
CA GLU A 167 41.34 -42.91 -13.85
C GLU A 167 41.81 -42.89 -15.31
N SER A 168 42.60 -41.87 -15.70
CA SER A 168 43.11 -41.76 -17.06
C SER A 168 44.06 -40.60 -17.22
N ASP A 169 44.87 -40.67 -18.27
CA ASP A 169 45.75 -39.57 -18.63
C ASP A 169 44.89 -38.39 -19.04
N ALA A 170 43.71 -38.69 -19.60
CA ALA A 170 42.75 -37.68 -19.99
C ALA A 170 42.28 -36.93 -18.76
N LEU A 171 42.10 -37.65 -17.66
CA LEU A 171 41.67 -37.04 -16.42
C LEU A 171 42.76 -36.22 -15.80
N ALA A 172 44.02 -36.64 -15.97
CA ALA A 172 45.12 -35.83 -15.49
C ALA A 172 45.10 -34.49 -16.23
N LYS A 173 44.86 -34.55 -17.53
CA LYS A 173 44.76 -33.36 -18.35
C LYS A 173 43.55 -32.53 -17.96
N LEU A 174 42.44 -33.20 -17.68
CA LEU A 174 41.21 -32.54 -17.24
C LEU A 174 41.44 -31.78 -15.97
N ARG A 175 42.11 -32.41 -15.00
CA ARG A 175 42.41 -31.73 -13.75
C ARG A 175 43.21 -30.47 -14.02
N LYS A 176 44.20 -30.58 -14.90
CA LYS A 176 45.02 -29.44 -15.27
C LYS A 176 44.16 -28.37 -15.94
N THR A 177 43.26 -28.81 -16.81
CA THR A 177 42.36 -27.94 -17.52
C THR A 177 41.44 -27.19 -16.59
N ILE A 178 40.83 -27.90 -15.65
CA ILE A 178 39.90 -27.30 -14.72
C ILE A 178 40.59 -26.25 -13.88
N ILE A 179 41.77 -26.58 -13.38
CA ILE A 179 42.50 -25.64 -12.56
C ILE A 179 42.88 -24.41 -13.34
N ASN A 180 43.53 -24.61 -14.46
CA ASN A 180 43.99 -23.49 -15.25
C ASN A 180 42.86 -22.67 -15.80
N GLU A 181 41.78 -23.33 -16.20
CA GLU A 181 40.66 -22.62 -16.77
C GLU A 181 39.90 -21.86 -15.72
N SER A 182 39.79 -22.40 -14.51
CA SER A 182 39.10 -21.65 -13.47
C SER A 182 39.89 -20.39 -13.12
N LEU A 183 41.22 -20.47 -13.25
CA LEU A 183 42.05 -19.31 -13.02
C LEU A 183 41.83 -18.31 -14.15
N ASN A 184 41.72 -18.82 -15.38
CA ASN A 184 41.46 -18.00 -16.56
C ASN A 184 40.13 -17.31 -16.46
N PHE A 185 39.13 -18.02 -15.95
CA PHE A 185 37.81 -17.47 -15.76
C PHE A 185 37.82 -16.30 -14.84
N LYS A 186 38.48 -16.44 -13.70
CA LYS A 186 38.52 -15.32 -12.80
C LYS A 186 39.30 -14.18 -13.41
N ILE A 187 40.29 -14.48 -14.26
CA ILE A 187 40.95 -13.41 -14.98
C ILE A 187 39.93 -12.68 -15.87
N ARG A 188 39.07 -13.47 -16.54
CA ARG A 188 38.02 -12.91 -17.37
C ARG A 188 37.07 -12.04 -16.54
N ASP A 189 36.76 -12.48 -15.32
CA ASP A 189 35.95 -11.66 -14.45
C ASP A 189 36.64 -10.36 -14.14
N GLN A 190 37.95 -10.38 -13.91
CA GLN A 190 38.67 -9.14 -13.68
C GLN A 190 38.59 -8.21 -14.87
N LEU A 191 38.59 -8.78 -16.06
CA LEU A 191 38.48 -8.00 -17.27
C LEU A 191 37.09 -7.37 -17.44
N VAL A 192 36.05 -8.03 -16.95
CA VAL A 192 34.68 -7.51 -17.07
C VAL A 192 34.09 -7.02 -15.75
N VAL A 193 34.02 -7.92 -14.77
CA VAL A 193 33.48 -7.67 -13.45
C VAL A 193 34.40 -6.81 -12.59
N GLY A 194 35.69 -7.15 -12.61
CA GLY A 194 36.68 -6.47 -11.79
C GLY A 194 37.13 -7.34 -10.62
N GLN A 195 36.93 -8.66 -10.70
CA GLN A 195 37.32 -9.54 -9.61
C GLN A 195 38.10 -10.80 -10.08
N LEU A 196 39.14 -11.16 -9.31
CA LEU A 196 39.99 -12.35 -9.53
C LEU A 196 39.74 -13.46 -8.51
N ILE A 197 40.44 -14.58 -8.66
CA ILE A 197 40.31 -15.68 -7.70
C ILE A 197 40.87 -15.36 -6.30
N PRO A 198 41.63 -14.26 -6.13
CA PRO A 198 41.92 -13.77 -4.77
C PRO A 198 41.27 -12.41 -4.58
N ASP A 199 40.07 -12.24 -5.11
CA ASP A 199 39.41 -10.96 -4.95
C ASP A 199 39.14 -10.70 -3.51
N CYS A 200 39.34 -9.46 -3.12
CA CYS A 200 39.15 -9.11 -1.75
C CYS A 200 37.71 -8.72 -1.45
N TYR A 201 37.16 -9.35 -0.42
CA TYR A 201 35.80 -9.09 0.05
C TYR A 201 35.88 -8.68 1.49
N VAL A 202 34.92 -7.90 1.96
CA VAL A 202 34.99 -7.43 3.33
C VAL A 202 35.11 -8.61 4.28
N GLU A 203 36.16 -8.58 5.09
CA GLU A 203 36.50 -9.65 6.04
C GLU A 203 35.39 -10.02 7.00
N LEU A 204 34.49 -9.09 7.22
CA LEU A 204 33.41 -9.27 8.14
C LEU A 204 32.40 -10.24 7.54
N GLU A 205 32.29 -10.24 6.21
CA GLU A 205 31.41 -11.16 5.52
C GLU A 205 32.01 -12.55 5.61
N LYS A 206 33.34 -12.61 5.50
CA LYS A 206 34.06 -13.86 5.66
C LYS A 206 33.82 -14.45 7.04
N ILE A 207 33.86 -13.59 8.06
CA ILE A 207 33.60 -14.02 9.42
C ILE A 207 32.21 -14.60 9.54
N ILE A 208 31.22 -13.92 8.96
CA ILE A 208 29.84 -14.41 8.99
C ILE A 208 29.74 -15.79 8.40
N LEU A 209 30.42 -16.02 7.29
CA LEU A 209 30.42 -17.34 6.67
C LEU A 209 30.80 -18.39 7.71
N SER A 210 31.90 -18.15 8.42
CA SER A 210 32.35 -19.06 9.47
C SER A 210 31.32 -19.19 10.59
N GLU A 211 30.67 -18.08 10.93
CA GLU A 211 29.67 -18.11 11.99
C GLU A 211 28.46 -18.94 11.57
N ARG A 212 28.11 -18.89 10.29
CA ARG A 212 27.01 -19.67 9.78
C ARG A 212 27.40 -21.12 9.63
N LYS A 213 28.67 -21.38 9.37
CA LYS A 213 29.14 -22.75 9.35
C LYS A 213 28.90 -23.39 10.70
N ASN A 214 29.22 -22.66 11.77
CA ASN A 214 29.08 -23.19 13.12
C ASN A 214 27.65 -23.08 13.66
N VAL A 215 26.72 -23.81 13.06
CA VAL A 215 25.33 -23.81 13.50
C VAL A 215 24.74 -25.22 13.68
N PRO A 216 24.36 -25.57 14.92
CA PRO A 216 23.69 -26.83 15.24
C PRO A 216 22.22 -26.62 15.60
N ILE A 217 21.32 -26.77 14.61
CA ILE A 217 19.88 -26.62 14.83
C ILE A 217 19.08 -27.79 14.26
N GLU A 218 18.17 -28.35 15.06
CA GLU A 218 17.33 -29.49 14.65
C GLU A 218 16.52 -29.22 13.39
N PHE A 219 15.83 -28.08 13.38
CA PHE A 219 15.07 -27.57 12.23
C PHE A 219 15.70 -26.26 11.80
N PRO A 220 16.81 -26.33 11.06
CA PRO A 220 17.73 -25.26 10.65
C PRO A 220 17.14 -24.12 9.83
N VAL A 221 16.16 -23.44 10.43
CA VAL A 221 15.54 -22.26 9.87
C VAL A 221 15.95 -21.14 10.80
N ILE A 222 16.67 -20.16 10.28
CA ILE A 222 17.28 -19.16 11.14
C ILE A 222 16.69 -17.77 11.09
N ASP A 223 16.47 -17.25 12.30
CA ASP A 223 15.97 -15.91 12.58
C ASP A 223 16.87 -15.24 13.61
N ARG A 224 17.42 -16.07 14.52
CA ARG A 224 18.36 -15.66 15.57
C ARG A 224 19.63 -14.99 15.07
N LYS A 225 19.84 -14.98 13.75
CA LYS A 225 20.95 -14.32 13.08
C LYS A 225 21.20 -12.92 13.63
N ARG A 226 20.13 -12.20 13.98
CA ARG A 226 20.24 -10.88 14.56
C ARG A 226 21.06 -10.93 15.84
N LEU A 227 20.77 -11.94 16.65
CA LEU A 227 21.50 -12.18 17.88
C LEU A 227 22.90 -12.57 17.57
N LEU A 228 23.07 -13.42 16.57
CA LEU A 228 24.40 -13.90 16.20
C LEU A 228 25.28 -12.73 15.77
N GLN A 229 24.67 -11.72 15.14
CA GLN A 229 25.38 -10.48 14.81
C GLN A 229 25.88 -9.85 16.10
N LEU A 230 25.01 -9.83 17.11
CA LEU A 230 25.34 -9.31 18.44
C LEU A 230 26.31 -10.21 19.21
N VAL A 231 26.33 -11.51 18.89
CA VAL A 231 27.27 -12.42 19.53
C VAL A 231 28.66 -12.07 19.08
N ARG A 232 28.85 -11.96 17.76
CA ARG A 232 30.14 -11.54 17.21
C ARG A 232 30.29 -10.02 17.27
N GLU A 233 30.27 -9.47 18.48
CA GLU A 233 30.36 -8.03 18.68
C GLU A 233 29.20 -7.37 17.92
N ASN A 234 29.52 -6.70 16.82
CA ASN A 234 28.51 -6.12 15.94
C ASN A 234 29.21 -5.65 14.69
N GLN A 235 29.37 -6.56 13.75
CA GLN A 235 30.08 -6.23 12.52
C GLN A 235 29.08 -5.94 11.42
N LEU A 236 29.51 -5.17 10.40
CA LEU A 236 28.62 -4.81 9.31
C LEU A 236 27.36 -4.17 9.84
N GLN A 237 27.57 -3.23 10.76
CA GLN A 237 26.53 -2.52 11.49
C GLN A 237 25.55 -1.72 10.64
N LEU A 238 25.85 -1.51 9.35
CA LEU A 238 24.88 -0.80 8.53
C LEU A 238 23.84 -1.79 8.09
N ASP A 239 22.85 -1.99 8.95
CA ASP A 239 21.76 -2.89 8.74
C ASP A 239 21.01 -2.58 7.45
N GLU A 240 20.97 -1.29 7.11
CA GLU A 240 20.35 -0.82 5.88
C GLU A 240 21.17 -1.05 4.60
N ASN A 241 22.45 -1.42 4.73
CA ASN A 241 23.26 -1.62 3.52
C ASN A 241 24.22 -2.79 3.59
N GLU A 242 25.02 -2.84 4.65
CA GLU A 242 26.01 -3.90 4.79
C GLU A 242 25.37 -5.23 5.06
N LEU A 243 24.33 -5.23 5.88
CA LEU A 243 23.60 -6.45 6.16
C LEU A 243 23.03 -7.08 4.88
N PRO A 244 22.32 -6.33 4.02
CA PRO A 244 21.82 -6.78 2.74
C PRO A 244 22.92 -7.30 1.84
N HIS A 245 24.09 -6.68 1.88
CA HIS A 245 25.19 -7.15 1.06
C HIS A 245 25.73 -8.45 1.56
N ALA A 246 25.79 -8.61 2.87
CA ALA A 246 26.26 -9.86 3.43
C ALA A 246 25.33 -10.98 3.02
N VAL A 247 24.02 -10.75 3.13
CA VAL A 247 23.05 -11.76 2.77
C VAL A 247 23.13 -12.11 1.29
N HIS A 248 23.27 -11.08 0.46
CA HIS A 248 23.41 -11.26 -0.97
C HIS A 248 24.59 -12.17 -1.27
N PHE A 249 25.71 -11.87 -0.65
CA PHE A 249 26.92 -12.66 -0.76
C PHE A 249 26.68 -14.09 -0.34
N LEU A 250 26.01 -14.27 0.79
CA LEU A 250 25.75 -15.59 1.34
C LEU A 250 24.93 -16.48 0.40
N ASN A 251 23.98 -15.93 -0.35
CA ASN A 251 23.31 -16.77 -1.35
C ASN A 251 24.23 -17.04 -2.53
N GLU A 252 24.91 -16.02 -3.06
CA GLU A 252 25.77 -16.24 -4.21
C GLU A 252 26.92 -17.20 -3.91
N SER A 253 27.45 -17.12 -2.71
CA SER A 253 28.54 -17.97 -2.27
C SER A 253 28.10 -19.38 -1.84
N GLY A 254 26.79 -19.61 -1.73
CA GLY A 254 26.32 -20.93 -1.35
C GLY A 254 26.50 -21.23 0.14
N VAL A 255 26.22 -20.26 1.00
CA VAL A 255 26.38 -20.46 2.44
C VAL A 255 25.02 -20.65 3.11
N LEU A 256 24.08 -19.77 2.80
CA LEU A 256 22.73 -19.90 3.33
C LEU A 256 21.72 -19.35 2.37
N LEU A 257 20.45 -19.63 2.60
CA LEU A 257 19.42 -19.26 1.65
C LEU A 257 18.31 -18.34 2.13
N HIS A 258 18.31 -17.09 1.67
CA HIS A 258 17.09 -16.29 1.77
C HIS A 258 16.14 -16.72 0.69
N PHE A 259 14.85 -16.41 0.85
CA PHE A 259 13.88 -16.72 -0.20
C PHE A 259 13.08 -15.49 -0.56
N GLN A 260 13.77 -14.48 -1.04
CA GLN A 260 13.16 -13.21 -1.39
C GLN A 260 12.72 -13.11 -2.84
N ALA A 263 7.05 -12.85 -3.27
CA ALA A 263 6.50 -12.37 -2.01
C ALA A 263 6.07 -13.53 -1.12
N LEU A 264 7.06 -14.20 -0.54
CA LEU A 264 6.84 -15.33 0.37
C LEU A 264 6.87 -14.84 1.79
N GLN A 265 6.22 -15.56 2.70
CA GLN A 265 6.29 -15.11 4.08
C GLN A 265 7.57 -15.69 4.65
N LEU A 266 7.88 -16.94 4.26
CA LEU A 266 9.13 -17.54 4.67
C LEU A 266 10.22 -17.06 3.73
N SER A 267 10.66 -15.83 3.94
CA SER A 267 11.60 -15.18 3.05
C SER A 267 12.77 -14.46 3.72
N ASP A 268 12.44 -13.34 4.35
CA ASP A 268 13.39 -12.43 4.97
C ASP A 268 13.99 -12.90 6.28
N LEU A 269 13.16 -13.47 7.13
CA LEU A 269 13.59 -13.85 8.48
C LEU A 269 13.79 -15.33 8.65
N TYR A 270 13.88 -16.05 7.55
CA TYR A 270 13.97 -17.49 7.58
C TYR A 270 15.11 -18.02 6.72
N PHE A 271 16.31 -18.02 7.26
CA PHE A 271 17.45 -18.48 6.49
C PHE A 271 17.57 -19.98 6.65
N VAL A 272 17.49 -20.72 5.54
CA VAL A 272 17.42 -22.17 5.67
C VAL A 272 18.61 -22.94 5.10
N GLU A 273 19.08 -23.92 5.88
CA GLU A 273 20.15 -24.82 5.48
C GLU A 273 19.83 -25.52 4.15
N PRO A 274 20.65 -25.31 3.10
CA PRO A 274 20.53 -25.86 1.75
C PRO A 274 20.30 -27.35 1.74
N LYS A 275 20.95 -28.06 2.65
CA LYS A 275 20.80 -29.50 2.73
C LYS A 275 19.36 -29.91 3.01
N TRP A 276 18.66 -29.18 3.85
CA TRP A 276 17.27 -29.52 4.12
C TRP A 276 16.38 -29.12 3.00
N LEU A 277 16.61 -27.94 2.46
CA LEU A 277 15.78 -27.48 1.38
C LEU A 277 15.74 -28.50 0.27
N CYS A 278 16.93 -28.89 -0.17
CA CYS A 278 17.06 -29.83 -1.25
C CYS A 278 16.54 -31.21 -0.89
N LYS A 279 17.01 -31.75 0.23
CA LYS A 279 16.66 -33.09 0.62
C LYS A 279 15.19 -33.31 0.82
N ILE A 280 14.57 -32.50 1.66
CA ILE A 280 13.18 -32.72 1.98
C ILE A 280 12.27 -32.53 0.79
N MET A 281 12.45 -31.47 0.02
CA MET A 281 11.54 -31.27 -1.08
C MET A 281 11.70 -32.35 -2.14
N ALA A 282 12.95 -32.75 -2.40
CA ALA A 282 13.19 -33.81 -3.36
C ALA A 282 12.57 -35.12 -2.91
N GLN A 283 12.71 -35.43 -1.62
CA GLN A 283 12.15 -36.66 -1.13
C GLN A 283 10.66 -36.67 -1.19
N ILE A 284 10.01 -35.59 -0.76
CA ILE A 284 8.56 -35.51 -0.79
C ILE A 284 8.01 -35.72 -2.17
N LEU A 285 8.70 -35.19 -3.18
CA LEU A 285 8.31 -35.45 -4.55
C LEU A 285 8.22 -36.95 -4.80
N THR A 286 9.22 -37.69 -4.35
CA THR A 286 9.24 -39.13 -4.58
C THR A 286 8.44 -39.94 -3.56
N VAL A 287 8.09 -39.36 -2.40
CA VAL A 287 7.32 -40.13 -1.43
C VAL A 287 5.99 -40.51 -2.02
N GLY A 298 -1.26 -38.55 -11.25
CA GLY A 298 -0.32 -38.07 -10.25
C GLY A 298 -0.91 -36.99 -9.35
N ILE A 299 -2.25 -36.87 -9.33
CA ILE A 299 -2.84 -35.84 -8.48
C ILE A 299 -2.93 -36.33 -7.06
N ILE A 300 -2.39 -35.54 -6.14
CA ILE A 300 -2.37 -35.93 -4.73
C ILE A 300 -3.00 -34.87 -3.86
N SER A 301 -3.90 -35.29 -2.96
CA SER A 301 -4.50 -34.33 -2.06
C SER A 301 -3.51 -33.74 -1.10
N ARG A 302 -3.64 -32.44 -0.92
CA ARG A 302 -2.85 -31.66 -0.01
C ARG A 302 -2.82 -32.26 1.37
N ARG A 303 -3.97 -32.75 1.82
CA ARG A 303 -4.09 -33.21 3.18
C ARG A 303 -3.31 -34.46 3.43
N ASP A 304 -3.27 -35.34 2.45
CA ASP A 304 -2.52 -36.55 2.61
C ASP A 304 -1.04 -36.24 2.61
N VAL A 305 -0.65 -35.21 1.85
CA VAL A 305 0.73 -34.76 1.88
C VAL A 305 1.06 -34.21 3.26
N GLU A 306 0.13 -33.44 3.83
CA GLU A 306 0.30 -32.88 5.16
C GLU A 306 0.45 -33.97 6.20
N LYS A 307 -0.33 -35.03 6.06
CA LYS A 307 -0.27 -36.14 6.99
C LYS A 307 1.12 -36.77 6.98
N PHE A 308 1.61 -37.09 5.79
CA PHE A 308 2.94 -37.67 5.71
C PHE A 308 4.01 -36.74 6.25
N LEU A 309 3.99 -35.49 5.79
CA LEU A 309 4.98 -34.49 6.20
C LEU A 309 5.05 -34.32 7.69
N SER A 310 3.89 -34.31 8.36
CA SER A 310 3.85 -34.15 9.81
C SER A 310 4.55 -35.28 10.57
N LYS A 311 4.69 -36.43 9.92
CA LYS A 311 5.36 -37.56 10.53
C LYS A 311 6.84 -37.55 10.18
N LYS A 312 7.14 -37.07 8.97
CA LYS A 312 8.49 -36.99 8.47
C LYS A 312 9.29 -35.93 9.20
N ARG A 313 8.79 -34.70 9.18
CA ARG A 313 9.40 -33.58 9.88
C ARG A 313 8.33 -32.69 10.44
N LYS A 314 8.27 -32.63 11.76
CA LYS A 314 7.26 -31.87 12.48
C LYS A 314 7.40 -30.36 12.33
N PHE A 315 7.04 -29.85 11.16
CA PHE A 315 7.08 -28.44 10.90
C PHE A 315 5.85 -27.77 11.48
N PRO A 316 5.97 -26.52 11.93
CA PRO A 316 4.90 -25.67 12.37
C PRO A 316 3.95 -25.54 11.21
N LYS A 317 2.66 -25.49 11.48
CA LYS A 317 1.69 -25.40 10.39
C LYS A 317 1.87 -24.13 9.57
N ASN A 318 2.40 -23.08 10.20
CA ASN A 318 2.69 -21.86 9.50
C ASN A 318 3.76 -22.14 8.46
N TYR A 319 4.77 -22.90 8.86
CA TYR A 319 5.84 -23.27 7.98
C TYR A 319 5.33 -24.22 6.92
N MET A 320 4.37 -25.06 7.28
CA MET A 320 3.79 -25.98 6.32
C MET A 320 3.07 -25.23 5.20
N SER A 321 2.39 -24.12 5.52
CA SER A 321 1.73 -23.36 4.47
C SER A 321 2.76 -22.77 3.53
N GLN A 322 3.91 -22.43 4.08
CA GLN A 322 4.99 -21.87 3.28
C GLN A 322 5.68 -22.96 2.53
N TYR A 323 5.71 -24.15 3.12
CA TYR A 323 6.29 -25.32 2.49
C TYR A 323 5.59 -25.56 1.18
N PHE A 324 4.26 -25.55 1.21
CA PHE A 324 3.50 -25.75 0.00
C PHE A 324 3.74 -24.64 -0.99
N LYS A 325 3.90 -23.42 -0.49
CA LYS A 325 4.17 -22.32 -1.40
C LYS A 325 5.53 -22.50 -2.06
N LEU A 326 6.50 -23.01 -1.31
CA LEU A 326 7.81 -23.29 -1.86
C LEU A 326 7.74 -24.40 -2.89
N LEU A 327 6.86 -25.38 -2.69
CA LEU A 327 6.74 -26.44 -3.68
C LEU A 327 6.32 -25.85 -5.01
N GLU A 328 5.44 -24.86 -4.97
CA GLU A 328 5.07 -24.17 -6.20
C GLU A 328 6.26 -23.41 -6.77
N LYS A 329 6.89 -22.61 -5.92
CA LYS A 329 8.02 -21.77 -6.30
C LYS A 329 9.12 -22.56 -6.97
N PHE A 330 9.44 -23.71 -6.41
CA PHE A 330 10.46 -24.58 -6.93
C PHE A 330 9.97 -25.62 -7.93
N GLN A 331 8.76 -25.46 -8.43
CA GLN A 331 8.20 -26.33 -9.46
C GLN A 331 8.15 -27.80 -9.07
N ILE A 332 7.92 -28.08 -7.80
CA ILE A 332 7.83 -29.44 -7.34
C ILE A 332 6.40 -29.91 -7.46
N ALA A 333 5.49 -29.06 -7.03
CA ALA A 333 4.08 -29.38 -7.13
C ALA A 333 3.26 -28.14 -7.31
N LEU A 334 2.25 -28.21 -8.16
CA LEU A 334 1.43 -27.05 -8.42
C LEU A 334 0.07 -27.20 -7.79
N PRO A 335 -0.50 -26.15 -7.23
CA PRO A 335 -1.84 -26.12 -6.68
C PRO A 335 -2.88 -26.34 -7.76
N ILE A 336 -3.82 -27.24 -7.52
CA ILE A 336 -4.94 -27.45 -8.43
C ILE A 336 -6.13 -26.78 -7.77
N GLY A 337 -6.87 -27.55 -6.98
CA GLY A 337 -7.94 -26.98 -6.20
C GLY A 337 -7.27 -26.64 -4.88
N GLU A 338 -7.99 -26.07 -3.95
CA GLU A 338 -7.31 -25.73 -2.70
C GLU A 338 -6.89 -26.99 -1.92
N GLU A 339 -7.49 -28.13 -2.22
CA GLU A 339 -7.15 -29.37 -1.57
C GLU A 339 -6.24 -30.28 -2.37
N TYR A 340 -5.73 -29.85 -3.53
CA TYR A 340 -4.93 -30.77 -4.35
C TYR A 340 -3.65 -30.21 -4.97
N LEU A 341 -2.72 -31.12 -5.23
CA LEU A 341 -1.49 -30.79 -5.93
C LEU A 341 -1.34 -31.60 -7.22
N LEU A 342 -0.82 -30.95 -8.25
CA LEU A 342 -0.61 -31.57 -9.54
C LEU A 342 0.62 -32.41 -9.60
N VAL A 343 1.73 -31.88 -9.10
CA VAL A 343 2.99 -32.60 -9.10
C VAL A 343 3.50 -32.93 -10.50
N PRO A 344 3.69 -31.91 -11.35
CA PRO A 344 4.14 -31.98 -12.74
C PRO A 344 5.14 -33.10 -13.00
N SER A 345 6.17 -33.16 -12.18
CA SER A 345 7.15 -34.22 -12.35
C SER A 345 6.51 -35.54 -12.03
N SER A 346 6.68 -36.50 -12.92
CA SER A 346 6.11 -37.84 -12.81
C SER A 346 4.74 -37.95 -13.46
N LEU A 347 4.18 -36.86 -13.98
CA LEU A 347 2.90 -37.01 -14.68
C LEU A 347 3.13 -37.89 -15.87
N SER A 348 2.11 -38.66 -16.25
CA SER A 348 2.24 -39.56 -17.39
C SER A 348 2.71 -38.81 -18.60
N ASP A 349 3.62 -39.41 -19.34
CA ASP A 349 4.12 -38.79 -20.54
C ASP A 349 3.63 -39.52 -21.77
N HIS A 350 2.38 -39.97 -21.72
CA HIS A 350 1.76 -40.67 -22.83
C HIS A 350 0.42 -40.06 -23.15
N ARG A 351 0.45 -38.82 -23.66
CA ARG A 351 -0.72 -38.03 -24.03
C ARG A 351 -1.98 -38.86 -24.18
N PRO A 352 -2.91 -38.76 -23.23
CA PRO A 352 -4.17 -39.47 -23.14
C PRO A 352 -4.98 -39.28 -24.40
N VAL A 353 -5.75 -40.29 -24.74
CA VAL A 353 -6.55 -40.19 -25.94
C VAL A 353 -7.67 -39.19 -25.74
N ILE A 354 -7.68 -38.15 -26.56
CA ILE A 354 -8.67 -37.11 -26.49
C ILE A 354 -9.45 -36.98 -27.78
N GLU A 355 -10.76 -37.15 -27.69
CA GLU A 355 -11.59 -36.97 -28.86
C GLU A 355 -12.16 -35.58 -28.84
N LEU A 356 -11.78 -34.77 -29.82
CA LEU A 356 -12.26 -33.41 -29.87
C LEU A 356 -13.52 -33.33 -30.71
N PRO A 357 -14.43 -32.43 -30.38
CA PRO A 357 -15.61 -32.10 -31.11
C PRO A 357 -15.11 -31.19 -32.18
N HIS A 358 -15.73 -31.20 -33.36
CA HIS A 358 -15.29 -30.38 -34.49
C HIS A 358 -14.18 -31.07 -35.25
N CYS A 359 -14.30 -31.09 -36.57
CA CYS A 359 -13.41 -31.88 -37.39
C CYS A 359 -13.05 -31.20 -38.70
N GLU A 360 -13.99 -30.49 -39.32
CA GLU A 360 -13.73 -29.80 -40.56
C GLU A 360 -12.75 -28.68 -40.28
N ASN A 361 -11.92 -28.35 -41.24
CA ASN A 361 -10.87 -27.38 -41.02
C ASN A 361 -11.38 -26.05 -40.52
N SER A 362 -12.48 -25.57 -41.09
CA SER A 362 -13.05 -24.28 -40.71
C SER A 362 -13.68 -24.25 -39.34
N GLU A 363 -13.80 -25.38 -38.67
CA GLU A 363 -14.41 -25.37 -37.37
C GLU A 363 -13.45 -24.99 -36.25
N ILE A 364 -12.14 -25.03 -36.51
CA ILE A 364 -11.17 -24.75 -35.45
C ILE A 364 -10.06 -23.80 -35.86
N ILE A 365 -9.35 -23.30 -34.85
CA ILE A 365 -8.22 -22.41 -35.05
C ILE A 365 -6.96 -23.04 -34.50
N ILE A 366 -5.90 -23.09 -35.30
CA ILE A 366 -4.65 -23.72 -34.87
C ILE A 366 -3.44 -22.80 -34.93
N ARG A 367 -2.65 -22.80 -33.85
CA ARG A 367 -1.46 -21.95 -33.76
C ARG A 367 -0.23 -22.76 -33.36
N LEU A 368 0.87 -22.61 -34.10
CA LEU A 368 2.10 -23.35 -33.82
C LEU A 368 3.30 -22.51 -33.40
N TYR A 369 4.10 -23.06 -32.50
CA TYR A 369 5.35 -22.43 -32.05
C TYR A 369 6.56 -23.28 -32.30
N GLU A 370 7.37 -22.94 -33.30
CA GLU A 370 8.54 -23.74 -33.61
C GLU A 370 9.77 -23.38 -32.79
N MET A 371 10.31 -24.37 -32.09
CA MET A 371 11.46 -24.20 -31.22
C MET A 371 12.52 -25.25 -31.51
N PRO A 372 13.79 -24.98 -31.27
CA PRO A 372 14.91 -25.89 -31.47
C PRO A 372 14.97 -26.94 -30.38
N TYR A 373 14.38 -26.62 -29.24
CA TYR A 373 14.30 -27.47 -28.06
C TYR A 373 13.56 -26.74 -26.98
N PHE A 374 12.87 -27.46 -26.11
CA PHE A 374 12.21 -26.77 -25.03
C PHE A 374 13.20 -26.56 -23.89
N PRO A 375 13.23 -25.38 -23.28
CA PRO A 375 14.02 -25.04 -22.12
C PRO A 375 13.62 -25.89 -20.95
N MET A 376 14.57 -26.18 -20.07
CA MET A 376 14.25 -27.00 -18.92
C MET A 376 13.30 -26.25 -18.00
N GLY A 377 12.21 -26.91 -17.64
CA GLY A 377 11.22 -26.30 -16.78
C GLY A 377 10.17 -25.51 -17.57
N PHE A 378 10.33 -25.46 -18.90
CA PHE A 378 9.40 -24.73 -19.75
C PHE A 378 7.99 -25.19 -19.52
N TRP A 379 7.78 -26.49 -19.56
CA TRP A 379 6.47 -27.04 -19.41
C TRP A 379 5.85 -26.93 -18.06
N SER A 380 6.63 -27.06 -16.99
CA SER A 380 6.00 -26.97 -15.70
C SER A 380 5.58 -25.55 -15.43
N ARG A 381 6.33 -24.60 -15.94
CA ARG A 381 5.98 -23.20 -15.75
C ARG A 381 4.76 -22.86 -16.58
N LEU A 382 4.75 -23.35 -17.82
CA LEU A 382 3.64 -23.10 -18.71
C LEU A 382 2.36 -23.61 -18.14
N ILE A 383 2.38 -24.84 -17.64
CA ILE A 383 1.21 -25.43 -17.05
C ILE A 383 0.70 -24.63 -15.88
N ASN A 384 1.60 -24.18 -15.01
CA ASN A 384 1.17 -23.41 -13.88
C ASN A 384 0.37 -22.20 -14.33
N ARG A 385 0.81 -21.54 -15.39
CA ARG A 385 0.07 -20.39 -15.89
C ARG A 385 -1.25 -20.75 -16.56
N LEU A 386 -1.25 -21.80 -17.38
CA LEU A 386 -2.42 -22.13 -18.17
C LEU A 386 -3.59 -22.66 -17.34
N LEU A 387 -3.33 -23.18 -16.14
CA LEU A 387 -4.40 -23.68 -15.30
C LEU A 387 -5.48 -22.67 -14.92
N GLU A 388 -5.22 -21.38 -15.02
CA GLU A 388 -6.21 -20.39 -14.62
C GLU A 388 -7.06 -19.84 -15.75
N ILE A 389 -6.93 -20.38 -16.94
CA ILE A 389 -7.70 -19.93 -18.10
C ILE A 389 -9.19 -20.12 -17.98
N SER A 390 -9.95 -19.11 -18.39
CA SER A 390 -11.40 -19.19 -18.35
C SER A 390 -12.10 -18.23 -19.28
N PRO A 391 -12.97 -18.72 -20.17
CA PRO A 391 -13.76 -17.98 -21.13
C PRO A 391 -14.91 -17.25 -20.47
N TYR A 392 -15.12 -17.50 -19.18
CA TYR A 392 -16.20 -16.86 -18.47
C TYR A 392 -15.72 -15.81 -17.50
N MET A 393 -14.40 -15.59 -17.41
CA MET A 393 -13.90 -14.69 -16.39
C MET A 393 -14.34 -13.27 -16.63
N LEU A 394 -14.69 -12.94 -17.87
CA LEU A 394 -15.16 -11.61 -18.21
C LEU A 394 -16.47 -11.26 -17.50
N LEU A 401 -19.36 -23.67 -14.83
CA LEU A 401 -18.99 -25.00 -14.40
C LEU A 401 -17.51 -25.20 -14.59
N ARG A 402 -16.88 -26.04 -13.78
CA ARG A 402 -15.47 -26.27 -13.94
C ARG A 402 -15.21 -27.26 -15.07
N PRO A 403 -14.12 -27.09 -15.82
CA PRO A 403 -13.70 -27.87 -16.96
C PRO A 403 -13.17 -29.24 -16.62
N ASN A 404 -13.37 -30.17 -17.52
CA ASN A 404 -12.88 -31.53 -17.38
C ASN A 404 -11.42 -31.60 -17.78
N ARG A 405 -10.55 -31.19 -16.87
CA ARG A 405 -9.14 -31.11 -17.19
C ARG A 405 -8.40 -32.44 -17.28
N MET A 406 -7.47 -32.51 -18.23
CA MET A 406 -6.60 -33.69 -18.41
C MET A 406 -5.16 -33.22 -18.55
N TYR A 407 -4.19 -34.04 -18.16
CA TYR A 407 -2.80 -33.59 -18.21
C TYR A 407 -1.91 -34.60 -18.91
N TRP A 408 -1.04 -34.12 -19.79
CA TRP A 408 -0.14 -35.01 -20.52
C TRP A 408 1.27 -34.90 -20.08
N ARG A 409 1.58 -34.11 -19.06
CA ARG A 409 2.96 -33.62 -18.82
C ARG A 409 3.41 -32.59 -19.89
N GLN A 410 3.32 -32.95 -21.16
CA GLN A 410 3.62 -32.11 -22.30
C GLN A 410 2.37 -31.44 -22.88
N GLY A 411 1.33 -31.23 -22.07
CA GLY A 411 0.12 -30.61 -22.60
C GLY A 411 -1.06 -30.62 -21.63
N ILE A 412 -2.02 -29.74 -21.87
CA ILE A 412 -3.22 -29.61 -21.06
C ILE A 412 -4.48 -29.61 -21.88
N TYR A 413 -5.47 -30.34 -21.45
CA TYR A 413 -6.74 -30.28 -22.14
C TYR A 413 -7.80 -29.75 -21.21
N LEU A 414 -8.44 -28.66 -21.61
CA LEU A 414 -9.53 -28.10 -20.84
C LEU A 414 -10.78 -28.41 -21.61
N ASN A 415 -11.88 -28.71 -20.95
CA ASN A 415 -13.05 -29.05 -21.74
C ASN A 415 -14.13 -28.00 -21.72
N TRP A 416 -14.68 -27.71 -20.55
CA TRP A 416 -15.75 -26.71 -20.40
C TRP A 416 -17.04 -27.14 -21.12
N SER A 417 -17.04 -27.01 -22.44
CA SER A 417 -18.21 -27.33 -23.26
C SER A 417 -17.83 -27.49 -24.71
N PRO A 418 -18.55 -28.27 -25.50
CA PRO A 418 -18.40 -28.42 -26.94
C PRO A 418 -18.38 -27.06 -27.61
N GLU A 419 -19.07 -26.11 -27.01
CA GLU A 419 -19.06 -24.73 -27.46
C GLU A 419 -17.69 -24.07 -27.35
N ALA A 420 -16.96 -24.33 -26.28
CA ALA A 420 -15.65 -23.70 -26.05
C ALA A 420 -14.75 -24.59 -25.23
N TYR A 421 -13.63 -25.00 -25.79
CA TYR A 421 -12.68 -25.91 -25.15
C TYR A 421 -11.27 -25.59 -25.60
N CYS A 422 -10.26 -26.18 -24.98
CA CYS A 422 -8.91 -25.82 -25.36
C CYS A 422 -7.87 -26.90 -25.18
N LEU A 423 -7.10 -27.16 -26.22
CA LEU A 423 -6.02 -28.15 -26.15
C LEU A 423 -4.67 -27.58 -26.47
N VAL A 424 -3.75 -27.67 -25.52
CA VAL A 424 -2.39 -27.19 -25.74
C VAL A 424 -1.42 -28.31 -25.52
N GLY A 425 -0.57 -28.61 -26.50
CA GLY A 425 0.38 -29.68 -26.26
C GLY A 425 1.46 -29.80 -27.31
N SER A 426 2.51 -30.53 -26.96
CA SER A 426 3.67 -30.73 -27.82
C SER A 426 3.49 -31.77 -28.89
N GLU A 427 3.89 -31.45 -30.11
CA GLU A 427 3.88 -32.41 -31.21
C GLU A 427 5.12 -32.28 -32.06
N VAL A 428 5.59 -33.39 -32.62
CA VAL A 428 6.80 -33.41 -33.43
C VAL A 428 6.59 -34.12 -34.76
N LEU A 429 7.04 -33.52 -35.85
CA LEU A 429 6.92 -34.12 -37.18
C LEU A 429 8.24 -34.65 -37.72
N ASP A 430 8.15 -35.68 -38.54
CA ASP A 430 9.32 -36.30 -39.13
C ASP A 430 10.07 -35.34 -40.02
N ASN A 431 11.39 -35.46 -40.00
CA ASN A 431 12.30 -34.60 -40.75
C ASN A 431 12.30 -33.16 -40.25
N HIS A 432 11.80 -32.94 -39.04
CA HIS A 432 11.78 -31.62 -38.43
C HIS A 432 12.25 -31.71 -37.00
N PRO A 433 13.57 -31.67 -36.76
CA PRO A 433 14.25 -31.75 -35.47
C PRO A 433 13.65 -30.80 -34.44
N GLU A 434 13.18 -29.65 -34.89
CA GLU A 434 12.55 -28.68 -34.01
C GLU A 434 11.31 -29.23 -33.34
N SER A 435 11.15 -28.92 -32.07
CA SER A 435 9.96 -29.34 -31.34
C SER A 435 8.96 -28.22 -31.40
N PHE A 436 7.70 -28.47 -31.06
CA PHE A 436 6.75 -27.37 -31.14
C PHE A 436 5.39 -27.55 -30.52
N LEU A 437 4.79 -26.40 -30.21
CA LEU A 437 3.50 -26.33 -29.57
C LEU A 437 2.37 -26.28 -30.55
N LYS A 438 1.24 -26.83 -30.16
CA LYS A 438 0.05 -26.71 -30.96
C LYS A 438 -1.10 -26.33 -30.06
N ILE A 439 -1.77 -25.24 -30.41
CA ILE A 439 -2.90 -24.74 -29.66
C ILE A 439 -4.16 -24.88 -30.46
N THR A 440 -5.18 -25.56 -29.94
CA THR A 440 -6.43 -25.67 -30.68
C THR A 440 -7.65 -25.20 -29.91
N VAL A 441 -8.40 -24.29 -30.52
CA VAL A 441 -9.66 -23.79 -29.95
C VAL A 441 -10.70 -23.80 -31.04
N PRO A 442 -11.98 -23.86 -30.72
CA PRO A 442 -13.11 -23.86 -31.63
C PRO A 442 -13.31 -22.48 -32.15
N SER A 443 -13.72 -22.35 -33.40
CA SER A 443 -13.88 -21.02 -33.98
C SER A 443 -15.16 -20.30 -33.61
N CYS A 444 -15.16 -19.65 -32.46
CA CYS A 444 -16.27 -18.79 -32.04
C CYS A 444 -15.73 -17.83 -31.00
N ARG A 445 -16.53 -16.87 -30.59
CA ARG A 445 -16.06 -15.85 -29.66
C ARG A 445 -15.43 -16.39 -28.40
N LYS A 446 -16.05 -17.37 -27.76
CA LYS A 446 -15.44 -17.90 -26.55
C LYS A 446 -14.13 -18.60 -26.87
N GLY A 447 -14.07 -19.23 -28.03
CA GLY A 447 -12.85 -19.89 -28.43
C GLY A 447 -11.76 -18.88 -28.62
N CYS A 448 -12.11 -17.73 -29.17
CA CYS A 448 -11.17 -16.65 -29.35
C CYS A 448 -10.61 -16.16 -28.06
N ILE A 449 -11.49 -15.94 -27.09
CA ILE A 449 -11.08 -15.50 -25.78
C ILE A 449 -10.09 -16.45 -25.16
N LEU A 450 -10.33 -17.75 -25.29
CA LEU A 450 -9.41 -18.72 -24.78
C LEU A 450 -8.08 -18.63 -25.47
N LEU A 451 -8.09 -18.49 -26.78
CA LEU A 451 -6.86 -18.38 -27.54
C LEU A 451 -6.04 -17.21 -27.10
N GLY A 452 -6.69 -16.07 -26.93
CA GLY A 452 -6.00 -14.88 -26.50
C GLY A 452 -5.31 -15.09 -25.17
N GLN A 453 -5.99 -15.71 -24.22
CA GLN A 453 -5.38 -15.93 -22.93
C GLN A 453 -4.17 -16.86 -23.03
N VAL A 454 -4.27 -17.90 -23.85
CA VAL A 454 -3.17 -18.84 -23.98
C VAL A 454 -1.93 -18.21 -24.56
N VAL A 455 -2.07 -17.47 -25.65
CA VAL A 455 -0.89 -16.91 -26.28
C VAL A 455 -0.30 -15.76 -25.48
N ASP A 456 -1.13 -15.07 -24.71
CA ASP A 456 -0.59 -14.05 -23.84
C ASP A 456 0.24 -14.66 -22.74
N HIS A 457 -0.18 -15.80 -22.20
CA HIS A 457 0.61 -16.45 -21.18
C HIS A 457 1.89 -17.00 -21.73
N ILE A 458 1.86 -17.55 -22.93
CA ILE A 458 3.07 -18.08 -23.52
C ILE A 458 4.09 -17.01 -23.77
N ASP A 459 3.68 -15.90 -24.35
CA ASP A 459 4.65 -14.86 -24.61
C ASP A 459 5.18 -14.24 -23.34
N SER A 460 4.33 -14.06 -22.33
CA SER A 460 4.79 -13.49 -21.07
C SER A 460 5.78 -14.41 -20.39
N LEU A 461 5.51 -15.71 -20.45
CA LEU A 461 6.40 -16.71 -19.89
C LEU A 461 7.78 -16.57 -20.45
N MET A 462 7.87 -16.49 -21.75
CA MET A 462 9.16 -16.40 -22.38
C MET A 462 9.87 -15.10 -22.09
N GLU A 463 9.14 -13.99 -22.06
CA GLU A 463 9.79 -12.72 -21.79
C GLU A 463 10.45 -12.71 -20.43
N GLU A 464 9.78 -13.28 -19.44
CA GLU A 464 10.33 -13.28 -18.11
C GLU A 464 11.37 -14.36 -17.86
N TRP A 465 11.14 -15.56 -18.36
CA TRP A 465 12.00 -16.66 -17.99
C TRP A 465 12.91 -17.20 -19.05
N PHE A 466 12.58 -17.02 -20.32
CA PHE A 466 13.46 -17.58 -21.33
C PHE A 466 13.83 -16.59 -22.44
N PRO A 467 14.33 -15.40 -22.11
CA PRO A 467 14.75 -14.38 -23.01
C PRO A 467 15.95 -14.93 -23.71
N GLY A 468 16.18 -14.47 -24.91
CA GLY A 468 17.24 -15.03 -25.72
C GLY A 468 16.56 -15.70 -26.88
N LEU A 469 15.47 -16.41 -26.58
CA LEU A 469 14.67 -16.99 -27.62
C LEU A 469 13.97 -15.88 -28.38
N LEU A 470 13.68 -14.81 -27.64
CA LEU A 470 13.05 -13.60 -28.13
C LEU A 470 14.05 -12.51 -28.49
N LEU A 481 14.07 -18.46 -34.06
CA LEU A 481 13.62 -18.98 -32.79
C LEU A 481 12.20 -18.55 -32.53
N LEU A 482 11.39 -19.44 -31.99
CA LEU A 482 10.00 -19.16 -31.69
C LEU A 482 9.23 -18.77 -32.93
N LYS A 483 9.48 -19.48 -34.02
CA LYS A 483 8.85 -19.14 -35.26
C LYS A 483 7.37 -19.40 -35.15
N LYS A 484 6.57 -18.34 -35.11
CA LYS A 484 5.13 -18.49 -34.95
C LYS A 484 4.43 -18.72 -36.27
N TRP A 485 3.73 -19.84 -36.38
CA TRP A 485 3.03 -20.19 -37.60
C TRP A 485 1.54 -20.28 -37.38
N ALA A 486 0.77 -19.85 -38.36
CA ALA A 486 -0.66 -20.01 -38.30
C ALA A 486 -1.08 -20.98 -39.39
N LEU A 487 -2.06 -21.83 -39.11
CA LEU A 487 -2.49 -22.79 -40.12
C LEU A 487 -3.82 -22.45 -40.72
N TYR A 488 -3.94 -22.62 -42.03
CA TYR A 488 -5.20 -22.32 -42.70
C TYR A 488 -5.39 -23.13 -43.95
N SER A 489 -6.62 -23.17 -44.45
CA SER A 489 -6.89 -23.83 -45.72
C SER A 489 -8.03 -23.12 -46.40
N PHE A 490 -8.08 -23.19 -47.72
CA PHE A 490 -9.12 -22.50 -48.46
C PHE A 490 -10.33 -23.37 -48.76
N ASN A 491 -10.37 -24.55 -48.16
CA ASN A 491 -11.46 -25.47 -48.41
C ASN A 491 -11.40 -26.63 -47.44
N ASP A 492 -12.52 -26.87 -46.76
CA ASP A 492 -12.57 -27.95 -45.81
C ASP A 492 -12.32 -29.28 -46.48
N GLY A 493 -11.55 -30.12 -45.82
CA GLY A 493 -11.19 -31.42 -46.37
C GLY A 493 -9.81 -31.42 -46.99
N GLU A 494 -9.19 -30.24 -47.13
CA GLU A 494 -7.85 -30.18 -47.71
C GLU A 494 -6.80 -30.04 -46.61
N GLU A 495 -5.54 -29.96 -47.00
CA GLU A 495 -4.46 -29.84 -46.05
C GLU A 495 -4.21 -28.40 -45.63
N HIS A 496 -3.62 -28.22 -44.46
CA HIS A 496 -3.35 -26.89 -43.99
C HIS A 496 -2.09 -26.33 -44.59
N GLN A 497 -2.06 -25.03 -44.72
CA GLN A 497 -0.92 -24.31 -45.21
C GLN A 497 -0.36 -23.46 -44.09
N LYS A 498 0.94 -23.24 -44.11
CA LYS A 498 1.57 -22.47 -43.06
C LYS A 498 1.87 -21.05 -43.46
N ILE A 499 1.71 -20.13 -42.51
CA ILE A 499 2.10 -18.75 -42.75
C ILE A 499 2.63 -18.13 -41.47
N LEU A 500 3.67 -17.31 -41.58
CA LEU A 500 4.22 -16.66 -40.41
C LEU A 500 3.35 -15.53 -39.98
N LEU A 501 3.21 -15.35 -38.68
CA LEU A 501 2.34 -14.28 -38.22
C LEU A 501 2.80 -12.92 -38.66
N ASP A 502 4.10 -12.73 -38.83
CA ASP A 502 4.59 -11.45 -39.31
C ASP A 502 3.97 -11.09 -40.65
N ASP A 503 3.78 -12.08 -41.51
CA ASP A 503 3.18 -11.82 -42.80
C ASP A 503 1.71 -11.55 -42.64
N LEU A 504 1.06 -12.24 -41.71
CA LEU A 504 -0.33 -11.91 -41.47
C LEU A 504 -0.47 -10.52 -40.92
N MET A 505 0.51 -10.05 -40.14
CA MET A 505 0.45 -8.69 -39.65
C MET A 505 0.57 -7.71 -40.81
N LYS A 506 1.40 -8.05 -41.80
CA LYS A 506 1.52 -7.23 -42.99
C LYS A 506 0.18 -7.12 -43.69
N LYS A 507 -0.57 -8.22 -43.70
CA LYS A 507 -1.87 -8.24 -44.33
C LYS A 507 -2.93 -7.58 -43.46
N ALA A 508 -2.77 -7.67 -42.15
CA ALA A 508 -3.69 -7.07 -41.20
C ALA A 508 -3.67 -5.55 -41.36
N GLU A 509 -2.49 -5.01 -41.67
CA GLU A 509 -2.35 -3.59 -41.92
C GLU A 509 -3.11 -3.18 -43.17
N GLU A 510 -3.20 -4.09 -44.12
CA GLU A 510 -3.97 -3.84 -45.32
C GLU A 510 -5.46 -3.96 -45.00
N GLY A 511 -5.81 -4.91 -44.11
CA GLY A 511 -7.18 -5.15 -43.69
C GLY A 511 -7.93 -6.08 -44.64
N ASP A 512 -7.20 -6.64 -45.57
CA ASP A 512 -7.72 -7.49 -46.61
C ASP A 512 -8.04 -8.91 -46.16
N LEU A 513 -8.60 -9.67 -47.06
CA LEU A 513 -8.84 -11.07 -46.83
C LEU A 513 -7.56 -11.75 -47.26
N LEU A 514 -7.24 -12.89 -46.71
CA LEU A 514 -6.10 -13.61 -47.20
C LEU A 514 -6.47 -14.14 -48.55
N VAL A 515 -5.73 -13.78 -49.59
CA VAL A 515 -6.10 -14.20 -50.93
C VAL A 515 -5.11 -15.16 -51.53
N ASN A 516 -5.62 -16.26 -52.07
CA ASN A 516 -4.76 -17.23 -52.74
C ASN A 516 -4.20 -16.57 -53.98
N PRO A 517 -2.92 -16.27 -54.03
CA PRO A 517 -2.22 -15.55 -55.09
C PRO A 517 -2.38 -16.18 -56.47
N ASP A 518 -2.71 -17.47 -56.52
CA ASP A 518 -2.89 -18.16 -57.77
C ASP A 518 -4.36 -18.23 -58.16
N GLN A 519 -5.24 -18.14 -57.18
CA GLN A 519 -6.67 -18.22 -57.45
C GLN A 519 -7.48 -17.27 -56.58
N PRO A 520 -7.78 -16.07 -57.07
CA PRO A 520 -8.54 -14.98 -56.45
C PRO A 520 -9.88 -15.42 -55.89
N ARG A 521 -10.47 -16.47 -56.45
CA ARG A 521 -11.74 -16.98 -55.96
C ARG A 521 -11.64 -17.54 -54.54
N LEU A 522 -10.43 -17.91 -54.12
CA LEU A 522 -10.20 -18.48 -52.81
C LEU A 522 -9.69 -17.46 -51.82
N THR A 523 -10.55 -17.05 -50.88
CA THR A 523 -10.15 -16.07 -49.86
C THR A 523 -10.56 -16.49 -48.46
N ILE A 524 -9.84 -16.00 -47.46
CA ILE A 524 -10.14 -16.29 -46.06
C ILE A 524 -10.09 -15.02 -45.24
N PRO A 525 -11.06 -14.69 -44.43
CA PRO A 525 -11.04 -13.55 -43.56
C PRO A 525 -9.99 -13.78 -42.53
N ILE A 526 -9.12 -12.79 -42.34
CA ILE A 526 -7.99 -12.92 -41.44
C ILE A 526 -8.40 -13.32 -40.06
N SER A 527 -9.50 -12.77 -39.58
CA SER A 527 -10.00 -13.09 -38.25
C SER A 527 -10.11 -14.59 -37.98
N GLN A 528 -10.45 -15.39 -38.98
CA GLN A 528 -10.56 -16.83 -38.75
C GLN A 528 -9.23 -17.51 -38.54
N ILE A 529 -8.18 -16.91 -39.06
CA ILE A 529 -6.86 -17.48 -38.93
C ILE A 529 -6.20 -16.94 -37.71
N ALA A 530 -6.42 -15.65 -37.45
CA ALA A 530 -5.75 -15.02 -36.37
C ALA A 530 -6.55 -13.91 -35.75
N PRO A 531 -7.58 -14.25 -34.98
CA PRO A 531 -8.49 -13.40 -34.25
C PRO A 531 -7.83 -12.70 -33.07
N ASP A 532 -6.54 -12.93 -32.86
CA ASP A 532 -5.80 -12.23 -31.85
C ASP A 532 -4.93 -11.13 -32.46
N LEU A 533 -4.84 -11.09 -33.80
CA LEU A 533 -4.11 -10.01 -34.45
C LEU A 533 -5.07 -8.86 -34.58
N ILE A 534 -6.27 -9.18 -34.97
CA ILE A 534 -7.36 -8.23 -34.92
C ILE A 534 -7.95 -8.36 -33.57
N LEU A 535 -8.11 -7.29 -32.83
CA LEU A 535 -8.55 -7.42 -31.45
C LEU A 535 -10.01 -7.85 -31.31
N ALA A 536 -10.28 -9.13 -31.56
CA ALA A 536 -11.63 -9.67 -31.49
C ALA A 536 -11.97 -10.21 -30.12
N ASP A 537 -11.04 -10.19 -29.18
CA ASP A 537 -11.32 -10.70 -27.84
C ASP A 537 -11.50 -9.60 -26.81
N LEU A 538 -11.90 -8.42 -27.25
CA LEU A 538 -12.14 -7.34 -26.31
C LEU A 538 -13.54 -7.46 -25.77
N PRO A 539 -13.78 -6.97 -24.57
CA PRO A 539 -15.06 -6.80 -23.95
C PRO A 539 -15.86 -5.86 -24.81
N ARG A 540 -17.17 -6.03 -24.87
CA ARG A 540 -18.00 -5.19 -25.72
C ARG A 540 -17.89 -3.74 -25.35
N ASN A 541 -17.67 -3.49 -24.08
CA ASN A 541 -17.60 -2.16 -23.53
C ASN A 541 -16.47 -1.33 -24.09
N ILE A 542 -15.39 -1.97 -24.55
CA ILE A 542 -14.28 -1.21 -25.04
C ILE A 542 -14.04 -1.39 -26.52
N MET A 543 -15.03 -1.81 -27.29
CA MET A 543 -14.74 -1.88 -28.70
C MET A 543 -14.87 -0.48 -29.27
N LEU A 544 -13.91 -0.09 -30.09
CA LEU A 544 -13.87 1.26 -30.64
C LEU A 544 -14.92 1.54 -31.67
N ASN A 545 -15.76 2.52 -31.40
CA ASN A 545 -16.76 2.92 -32.36
C ASN A 545 -16.18 4.01 -33.26
N ASN A 546 -15.87 3.65 -34.50
CA ASN A 546 -15.22 4.55 -35.45
C ASN A 546 -16.05 5.73 -35.91
N ASP A 547 -17.33 5.76 -35.55
CA ASP A 547 -18.16 6.90 -35.90
C ASP A 547 -18.18 7.94 -34.80
N GLU A 548 -17.55 7.63 -33.67
CA GLU A 548 -17.50 8.55 -32.55
C GLU A 548 -16.13 9.18 -32.41
N LEU A 549 -15.10 8.38 -32.57
CA LEU A 549 -13.74 8.89 -32.41
C LEU A 549 -13.39 9.90 -33.47
N GLU A 550 -13.03 11.11 -33.03
CA GLU A 550 -12.65 12.18 -33.92
C GLU A 550 -11.30 12.78 -33.55
N PHE A 551 -10.33 12.62 -34.43
CA PHE A 551 -8.96 13.05 -34.14
C PHE A 551 -8.25 13.37 -35.44
N GLU A 552 -7.17 14.13 -35.34
CA GLU A 552 -6.43 14.55 -36.53
C GLU A 552 -4.99 14.06 -36.62
N GLN A 553 -4.37 13.77 -35.48
CA GLN A 553 -2.94 13.46 -35.39
C GLN A 553 -2.10 14.63 -35.87
N ALA A 554 -2.59 15.84 -35.67
CA ALA A 554 -1.88 17.04 -36.07
C ALA A 554 -1.08 17.56 -34.88
N PRO A 555 0.05 18.23 -35.11
CA PRO A 555 1.01 18.76 -34.14
C PRO A 555 0.38 19.51 -32.99
N GLU A 556 -0.64 20.31 -33.28
CA GLU A 556 -1.30 21.09 -32.25
C GLU A 556 -2.10 20.26 -31.24
N PHE A 557 -2.29 18.98 -31.51
CA PHE A 557 -3.00 18.14 -30.59
C PHE A 557 -2.07 17.24 -29.84
N LEU A 558 -0.77 17.33 -30.14
CA LEU A 558 0.17 16.47 -29.48
C LEU A 558 0.25 16.81 -28.01
N LEU A 559 -0.06 15.85 -27.17
CA LEU A 559 -0.01 16.05 -25.74
C LEU A 559 1.31 15.56 -25.17
N GLY A 560 1.93 14.58 -25.83
CA GLY A 560 3.23 14.09 -25.39
C GLY A 560 3.60 12.83 -26.13
N ASP A 561 4.74 12.24 -25.79
CA ASP A 561 5.15 11.02 -26.47
C ASP A 561 5.94 10.09 -25.57
N GLY A 562 6.54 9.06 -26.15
CA GLY A 562 7.36 8.12 -25.39
C GLY A 562 7.82 6.96 -26.27
N SER A 563 8.39 5.93 -25.66
CA SER A 563 8.86 4.78 -26.43
C SER A 563 7.72 4.01 -27.08
N PHE A 564 6.52 4.14 -26.53
CA PHE A 564 5.33 3.51 -27.07
C PHE A 564 4.80 4.23 -28.32
N GLY A 565 5.25 5.46 -28.58
CA GLY A 565 4.74 6.22 -29.71
C GLY A 565 4.34 7.63 -29.29
N SER A 566 3.07 7.98 -29.43
CA SER A 566 2.66 9.34 -29.08
C SER A 566 1.23 9.47 -28.60
N VAL A 567 0.93 10.60 -27.97
CA VAL A 567 -0.39 10.87 -27.41
C VAL A 567 -1.01 12.13 -27.97
N TYR A 568 -2.24 12.03 -28.46
CA TYR A 568 -2.92 13.21 -28.98
C TYR A 568 -4.24 13.48 -28.29
N ARG A 569 -4.66 14.74 -28.31
CA ARG A 569 -5.95 15.11 -27.76
C ARG A 569 -7.02 14.84 -28.80
N ALA A 570 -8.15 14.28 -28.38
CA ALA A 570 -9.20 13.92 -29.32
C ALA A 570 -10.58 13.97 -28.70
N ALA A 571 -11.60 13.79 -29.52
CA ALA A 571 -12.96 13.75 -29.02
C ALA A 571 -13.58 12.37 -29.24
N TYR A 572 -14.33 11.90 -28.27
CA TYR A 572 -14.99 10.61 -28.40
C TYR A 572 -16.33 10.71 -27.73
N GLU A 573 -17.40 10.50 -28.47
CA GLU A 573 -18.74 10.64 -27.93
C GLU A 573 -18.95 11.99 -27.24
N GLY A 574 -18.35 13.04 -27.79
CA GLY A 574 -18.49 14.39 -27.26
C GLY A 574 -17.59 14.72 -26.07
N GLU A 575 -16.71 13.81 -25.67
CA GLU A 575 -15.86 14.07 -24.52
C GLU A 575 -14.40 14.15 -24.88
N GLU A 576 -13.65 14.87 -24.06
CA GLU A 576 -12.22 15.03 -24.27
C GLU A 576 -11.46 13.78 -23.84
N VAL A 577 -10.76 13.18 -24.78
CA VAL A 577 -10.01 11.97 -24.51
C VAL A 577 -8.60 12.05 -25.03
N ALA A 578 -7.75 11.17 -24.55
CA ALA A 578 -6.38 11.12 -25.00
C ALA A 578 -6.18 9.85 -25.78
N VAL A 579 -5.46 9.92 -26.89
CA VAL A 579 -5.27 8.73 -27.69
C VAL A 579 -3.84 8.29 -27.79
N LYS A 580 -3.52 7.13 -27.23
CA LYS A 580 -2.17 6.61 -27.35
C LYS A 580 -2.04 5.88 -28.65
N ILE A 581 -1.02 6.22 -29.43
CA ILE A 581 -0.80 5.57 -30.71
C ILE A 581 0.48 4.79 -30.74
N PHE A 582 0.39 3.50 -31.04
CA PHE A 582 1.57 2.67 -31.11
C PHE A 582 2.20 2.75 -32.48
N ASN A 583 2.85 3.89 -32.71
CA ASN A 583 3.43 4.24 -33.99
C ASN A 583 4.74 3.57 -34.32
N LYS A 584 4.66 2.32 -34.78
CA LYS A 584 5.83 1.56 -35.21
C LYS A 584 6.85 1.33 -34.12
N HIS A 585 6.41 0.71 -33.04
CA HIS A 585 7.30 0.39 -31.95
C HIS A 585 6.98 -0.99 -31.42
N THR A 586 7.39 -2.04 -32.12
CA THR A 586 7.04 -3.42 -31.72
C THR A 586 5.60 -3.52 -31.20
N SER A 587 4.69 -2.99 -32.02
CA SER A 587 3.30 -2.88 -31.71
C SER A 587 2.67 -4.24 -31.64
N LEU A 588 1.39 -4.27 -31.31
CA LEU A 588 0.63 -5.49 -31.10
C LEU A 588 1.02 -6.14 -29.81
N ARG A 589 2.27 -6.53 -29.65
CA ARG A 589 2.66 -7.12 -28.39
C ARG A 589 2.60 -6.08 -27.30
N LEU A 590 3.09 -4.87 -27.56
CA LEU A 590 2.97 -3.88 -26.51
C LEU A 590 1.52 -3.52 -26.28
N LEU A 591 0.76 -3.47 -27.35
CA LEU A 591 -0.63 -3.11 -27.26
C LEU A 591 -1.38 -4.10 -26.42
N ARG A 592 -1.19 -5.38 -26.68
CA ARG A 592 -1.91 -6.37 -25.91
C ARG A 592 -1.46 -6.40 -24.47
N GLN A 593 -0.19 -6.13 -24.19
CA GLN A 593 0.23 -6.09 -22.79
C GLN A 593 -0.51 -5.02 -22.04
N GLU A 594 -0.69 -3.86 -22.68
CA GLU A 594 -1.39 -2.78 -22.03
C GLU A 594 -2.85 -3.12 -21.83
N LEU A 595 -3.44 -3.82 -22.79
CA LEU A 595 -4.83 -4.21 -22.67
C LEU A 595 -5.06 -5.16 -21.53
N VAL A 596 -4.13 -6.08 -21.32
CA VAL A 596 -4.25 -7.00 -20.21
C VAL A 596 -4.22 -6.30 -18.88
N VAL A 597 -3.33 -5.33 -18.73
CA VAL A 597 -3.24 -4.58 -17.49
C VAL A 597 -4.43 -3.68 -17.24
N LEU A 598 -4.88 -2.97 -18.27
CA LEU A 598 -5.97 -2.02 -18.11
C LEU A 598 -7.27 -2.71 -17.74
N CYS A 599 -7.54 -3.85 -18.34
CA CYS A 599 -8.73 -4.57 -17.99
C CYS A 599 -8.51 -5.21 -16.65
N HIS A 600 -9.60 -5.44 -15.91
CA HIS A 600 -9.55 -6.02 -14.57
C HIS A 600 -9.12 -5.02 -13.49
N LEU A 601 -8.81 -3.78 -13.86
CA LEU A 601 -8.55 -2.75 -12.88
C LEU A 601 -9.61 -1.70 -13.07
N HIS A 602 -10.59 -1.69 -12.19
CA HIS A 602 -11.72 -0.80 -12.38
C HIS A 602 -12.03 0.00 -11.14
N HIS A 603 -11.11 0.86 -10.73
CA HIS A 603 -11.33 1.66 -9.55
C HIS A 603 -11.54 3.13 -9.94
N PRO A 604 -12.42 3.87 -9.25
CA PRO A 604 -12.74 5.27 -9.47
C PRO A 604 -11.53 6.19 -9.45
N SER A 605 -10.48 5.84 -8.72
CA SER A 605 -9.31 6.69 -8.65
C SER A 605 -8.28 6.41 -9.75
N LEU A 606 -8.57 5.49 -10.67
CA LEU A 606 -7.64 5.19 -11.75
C LEU A 606 -8.17 5.69 -13.10
N ILE A 607 -7.26 5.88 -14.05
CA ILE A 607 -7.64 6.36 -15.38
C ILE A 607 -8.14 5.19 -16.21
N SER A 608 -9.41 5.18 -16.59
CA SER A 608 -9.92 4.04 -17.33
C SER A 608 -9.71 4.14 -18.82
N LEU A 609 -9.93 3.01 -19.48
CA LEU A 609 -9.80 2.88 -20.92
C LEU A 609 -11.14 3.07 -21.59
N LEU A 610 -11.23 4.07 -22.45
CA LEU A 610 -12.45 4.36 -23.18
C LEU A 610 -12.42 3.83 -24.60
N ALA A 611 -12.26 2.52 -24.73
CA ALA A 611 -12.23 1.79 -26.01
C ALA A 611 -10.86 1.77 -26.68
N ALA A 612 -10.55 0.61 -27.26
CA ALA A 612 -9.31 0.34 -27.98
C ALA A 612 -9.61 -0.08 -29.40
N GLY A 613 -8.68 0.16 -30.33
CA GLY A 613 -8.95 -0.21 -31.72
C GLY A 613 -7.72 -0.52 -32.55
N ILE A 614 -7.68 -1.73 -33.05
CA ILE A 614 -6.56 -2.25 -33.83
C ILE A 614 -6.35 -1.60 -35.17
N ARG A 615 -7.40 -1.05 -35.77
CA ARG A 615 -7.28 -0.47 -37.10
C ARG A 615 -6.12 0.52 -37.22
N PRO A 616 -5.90 1.38 -36.22
CA PRO A 616 -4.72 2.24 -36.23
C PRO A 616 -3.88 2.01 -34.97
N ARG A 617 -4.26 0.99 -34.17
CA ARG A 617 -3.57 0.61 -32.95
C ARG A 617 -3.58 1.70 -31.90
N MET A 618 -4.77 1.93 -31.35
CA MET A 618 -4.99 2.97 -30.38
C MET A 618 -5.62 2.57 -29.07
N LEU A 619 -5.24 3.29 -28.02
CA LEU A 619 -5.93 3.24 -26.75
C LEU A 619 -6.54 4.60 -26.42
N VAL A 620 -7.85 4.67 -26.40
CA VAL A 620 -8.51 5.93 -26.08
C VAL A 620 -8.76 5.98 -24.60
N MET A 621 -8.18 6.94 -23.90
CA MET A 621 -8.31 7.00 -22.44
C MET A 621 -8.83 8.33 -21.95
N GLU A 622 -9.32 8.36 -20.72
CA GLU A 622 -9.87 9.59 -20.14
C GLU A 622 -8.85 10.71 -20.10
N LEU A 623 -9.21 11.91 -20.55
CA LEU A 623 -8.30 13.04 -20.39
C LEU A 623 -8.68 13.96 -19.22
N ALA A 624 -7.72 14.22 -18.34
CA ALA A 624 -7.94 15.10 -17.18
C ALA A 624 -8.20 16.51 -17.63
N SER A 625 -9.12 17.19 -16.97
CA SER A 625 -9.47 18.55 -17.37
C SER A 625 -8.69 19.63 -16.64
N LYS A 626 -8.22 19.37 -15.43
CA LYS A 626 -7.49 20.41 -14.71
C LYS A 626 -5.99 20.19 -14.72
N GLY A 627 -5.56 19.05 -15.23
CA GLY A 627 -4.13 18.76 -15.35
C GLY A 627 -3.49 18.22 -14.08
N SER A 628 -2.17 18.16 -14.11
CA SER A 628 -1.36 17.63 -13.03
C SER A 628 -1.30 18.47 -11.78
N LEU A 629 -1.26 17.76 -10.65
CA LEU A 629 -1.12 18.36 -9.34
C LEU A 629 0.08 19.26 -9.27
N ASP A 630 1.18 18.80 -9.85
CA ASP A 630 2.42 19.56 -9.90
C ASP A 630 2.17 20.98 -10.38
N ARG A 631 1.51 21.10 -11.52
CA ARG A 631 1.23 22.42 -12.05
C ARG A 631 0.41 23.23 -11.08
N LEU A 632 -0.63 22.63 -10.52
CA LEU A 632 -1.47 23.33 -9.57
C LEU A 632 -0.70 23.84 -8.37
N LEU A 633 0.19 23.02 -7.85
CA LEU A 633 0.98 23.42 -6.70
C LEU A 633 1.79 24.68 -6.99
N GLN A 634 2.29 24.79 -8.21
CA GLN A 634 3.05 25.97 -8.60
C GLN A 634 2.23 26.98 -9.38
N GLN A 635 0.90 26.83 -9.40
CA GLN A 635 0.06 27.73 -10.18
C GLN A 635 -0.98 28.47 -9.38
N ASP A 636 -1.69 27.78 -8.49
CA ASP A 636 -2.74 28.49 -7.77
C ASP A 636 -3.06 27.96 -6.37
N LYS A 637 -2.38 28.52 -5.38
CA LYS A 637 -2.59 28.19 -3.99
C LYS A 637 -3.98 28.55 -3.49
N ALA A 638 -4.64 29.50 -4.16
CA ALA A 638 -5.99 29.89 -3.77
C ALA A 638 -6.96 28.74 -3.99
N SER A 639 -6.70 27.91 -5.00
CA SER A 639 -7.55 26.76 -5.25
C SER A 639 -7.30 25.73 -4.19
N LEU A 640 -6.05 25.60 -3.77
CA LEU A 640 -5.66 24.63 -2.75
C LEU A 640 -6.13 24.97 -1.35
N THR A 641 -7.42 24.81 -1.09
CA THR A 641 -7.95 25.06 0.23
C THR A 641 -7.76 23.84 1.08
N ARG A 642 -7.97 23.99 2.37
CA ARG A 642 -7.81 22.89 3.29
C ARG A 642 -8.74 21.74 2.96
N THR A 643 -9.96 22.06 2.53
CA THR A 643 -10.91 21.06 2.12
C THR A 643 -10.46 20.31 0.89
N LEU A 644 -10.01 21.04 -0.11
CA LEU A 644 -9.57 20.41 -1.34
C LEU A 644 -8.41 19.49 -1.08
N GLN A 645 -7.46 19.96 -0.30
CA GLN A 645 -6.27 19.19 0.03
C GLN A 645 -6.62 17.86 0.65
N HIS A 646 -7.54 17.87 1.60
CA HIS A 646 -7.93 16.61 2.20
C HIS A 646 -8.54 15.65 1.22
N ARG A 647 -9.41 16.13 0.35
CA ARG A 647 -10.05 15.24 -0.57
C ARG A 647 -9.06 14.62 -1.54
N ILE A 648 -8.06 15.39 -1.96
CA ILE A 648 -7.04 14.85 -2.83
C ILE A 648 -6.31 13.72 -2.16
N ALA A 649 -5.97 13.88 -0.88
CA ALA A 649 -5.29 12.84 -0.15
C ALA A 649 -6.12 11.56 -0.10
N LEU A 650 -7.44 11.68 0.06
CA LEU A 650 -8.26 10.47 0.06
C LEU A 650 -8.24 9.72 -1.24
N HIS A 651 -8.35 10.45 -2.33
CA HIS A 651 -8.46 9.80 -3.61
C HIS A 651 -7.19 9.08 -3.97
N VAL A 652 -6.04 9.66 -3.65
CA VAL A 652 -4.80 8.97 -3.92
C VAL A 652 -4.65 7.73 -3.07
N ALA A 653 -5.02 7.82 -1.80
CA ALA A 653 -4.91 6.69 -0.91
C ALA A 653 -5.74 5.52 -1.38
N ASP A 654 -6.94 5.78 -1.90
CA ASP A 654 -7.74 4.68 -2.42
C ASP A 654 -7.06 3.96 -3.55
N GLY A 655 -6.47 4.70 -4.47
CA GLY A 655 -5.80 4.07 -5.59
C GLY A 655 -4.71 3.15 -5.10
N LEU A 656 -3.94 3.61 -4.13
CA LEU A 656 -2.86 2.79 -3.62
C LEU A 656 -3.37 1.55 -2.95
N ARG A 657 -4.45 1.65 -2.20
CA ARG A 657 -4.98 0.49 -1.54
C ARG A 657 -5.40 -0.54 -2.55
N TYR A 658 -6.09 -0.08 -3.59
CA TYR A 658 -6.59 -0.94 -4.63
C TYR A 658 -5.47 -1.66 -5.35
N LEU A 659 -4.49 -0.90 -5.82
CA LEU A 659 -3.38 -1.49 -6.56
C LEU A 659 -2.59 -2.45 -5.71
N HIS A 660 -2.44 -2.17 -4.43
CA HIS A 660 -1.73 -3.07 -3.57
C HIS A 660 -2.50 -4.35 -3.38
N SER A 661 -3.83 -4.27 -3.29
CA SER A 661 -4.62 -5.49 -3.17
C SER A 661 -4.57 -6.28 -4.46
N ALA A 662 -4.27 -5.60 -5.57
CA ALA A 662 -4.10 -6.22 -6.87
C ALA A 662 -2.67 -6.70 -7.10
N MET A 663 -1.82 -6.68 -6.07
CA MET A 663 -0.43 -7.10 -6.17
C MET A 663 0.41 -6.29 -7.15
N ILE A 664 0.07 -5.02 -7.33
CA ILE A 664 0.80 -4.14 -8.22
C ILE A 664 1.53 -3.06 -7.46
N ILE A 665 2.83 -2.95 -7.68
CA ILE A 665 3.60 -1.91 -7.02
C ILE A 665 3.72 -0.73 -7.96
N TYR A 666 3.30 0.45 -7.51
CA TYR A 666 3.29 1.61 -8.40
C TYR A 666 4.69 2.12 -8.66
N ARG A 667 5.47 2.27 -7.59
CA ARG A 667 6.86 2.71 -7.66
C ARG A 667 7.10 4.10 -8.24
N ASP A 668 6.12 4.99 -8.20
CA ASP A 668 6.40 6.30 -8.78
C ASP A 668 5.45 7.42 -8.35
N LEU A 669 5.11 7.53 -7.07
CA LEU A 669 4.22 8.62 -6.72
C LEU A 669 4.93 9.95 -6.75
N LYS A 670 4.25 10.95 -7.26
CA LYS A 670 4.76 12.30 -7.34
C LYS A 670 3.66 13.16 -7.93
N PRO A 671 3.67 14.46 -7.71
CA PRO A 671 2.73 15.48 -8.20
C PRO A 671 2.50 15.42 -9.71
N HIS A 672 3.46 14.87 -10.42
CA HIS A 672 3.39 14.77 -11.86
C HIS A 672 2.44 13.67 -12.29
N ASN A 673 2.23 12.68 -11.42
CA ASN A 673 1.37 11.55 -11.71
C ASN A 673 -0.03 11.67 -11.11
N VAL A 674 -0.31 12.77 -10.42
CA VAL A 674 -1.64 12.97 -9.87
C VAL A 674 -2.43 13.88 -10.77
N LEU A 675 -3.56 13.41 -11.27
CA LEU A 675 -4.35 14.22 -12.18
C LEU A 675 -5.62 14.73 -11.54
N LEU A 676 -5.98 15.95 -11.85
CA LEU A 676 -7.19 16.53 -11.30
C LEU A 676 -8.27 16.69 -12.35
N PHE A 677 -9.49 16.34 -11.98
CA PHE A 677 -10.64 16.39 -12.87
C PHE A 677 -11.67 17.43 -12.52
N THR A 678 -11.30 18.37 -11.66
CA THR A 678 -12.18 19.45 -11.18
C THR A 678 -11.69 19.95 -9.86
N LEU A 679 -11.59 21.24 -9.72
CA LEU A 679 -11.13 21.79 -8.49
C LEU A 679 -12.28 22.01 -7.50
N TYR A 680 -13.52 21.80 -7.95
CA TYR A 680 -14.67 21.94 -7.06
C TYR A 680 -14.58 20.98 -5.89
N PRO A 681 -14.33 21.47 -4.67
CA PRO A 681 -14.12 20.74 -3.43
C PRO A 681 -15.13 19.65 -3.16
N ASN A 682 -16.39 19.90 -3.47
CA ASN A 682 -17.40 18.90 -3.19
C ASN A 682 -17.82 18.10 -4.40
N ALA A 683 -16.88 17.40 -5.02
CA ALA A 683 -17.19 16.58 -6.18
C ALA A 683 -16.96 15.13 -5.87
N ALA A 684 -17.66 14.24 -6.57
CA ALA A 684 -17.52 12.80 -6.33
C ALA A 684 -16.12 12.31 -6.65
N ILE A 685 -15.56 12.77 -7.77
CA ILE A 685 -14.21 12.36 -8.14
C ILE A 685 -13.36 13.55 -8.47
N ILE A 686 -12.23 13.70 -7.79
CA ILE A 686 -11.34 14.81 -7.99
C ILE A 686 -9.98 14.39 -8.48
N ALA A 687 -9.35 13.47 -7.77
CA ALA A 687 -8.00 13.10 -8.20
C ALA A 687 -7.91 11.67 -8.67
N LYS A 688 -7.06 11.43 -9.67
CA LYS A 688 -6.82 10.07 -10.16
C LYS A 688 -5.33 9.82 -10.37
N ILE A 689 -4.92 8.56 -10.30
CA ILE A 689 -3.52 8.18 -10.51
C ILE A 689 -3.25 7.78 -11.95
N ALA A 690 -2.29 8.44 -12.58
CA ALA A 690 -1.97 8.22 -13.98
C ALA A 690 -1.06 7.01 -14.24
N ASP A 691 -1.27 6.38 -15.40
CA ASP A 691 -0.44 5.29 -15.93
C ASP A 691 -0.03 4.20 -14.94
N TYR A 692 -1.00 3.68 -14.22
CA TYR A 692 -0.79 2.62 -13.25
C TYR A 692 -0.50 1.29 -13.91
N GLY A 693 0.11 0.39 -13.16
CA GLY A 693 0.46 -0.92 -13.66
C GLY A 693 1.96 -1.20 -13.48
N PRO A 710 12.98 8.82 -9.12
CA PRO A 710 13.82 9.99 -9.40
C PRO A 710 14.30 10.44 -8.02
N GLY A 711 14.36 11.75 -7.81
CA GLY A 711 14.63 12.16 -6.43
C GLY A 711 13.28 12.31 -5.72
N PHE A 712 12.67 11.17 -5.30
CA PHE A 712 11.36 10.98 -4.60
C PHE A 712 11.28 9.55 -4.06
N ARG A 713 12.40 8.82 -3.96
CA ARG A 713 12.61 7.41 -3.61
C ARG A 713 12.66 7.11 -2.14
N ALA A 714 12.17 5.95 -1.76
CA ALA A 714 12.33 5.46 -0.41
C ALA A 714 13.83 5.26 -0.24
N PRO A 715 14.46 5.55 1.03
CA PRO A 715 15.87 5.40 1.36
C PRO A 715 16.29 3.94 1.30
N GLU A 716 15.33 3.04 1.50
CA GLU A 716 15.56 1.62 1.43
C GLU A 716 15.86 1.20 0.00
N VAL A 717 14.95 1.52 -0.93
CA VAL A 717 15.15 1.15 -2.32
C VAL A 717 16.16 2.07 -2.98
N ALA A 718 16.40 3.23 -2.40
CA ALA A 718 17.42 4.15 -2.88
C ALA A 718 18.81 3.54 -2.81
N ARG A 719 18.99 2.50 -1.99
CA ARG A 719 20.27 1.82 -1.87
C ARG A 719 20.63 1.08 -3.16
N GLY A 720 19.61 0.69 -3.93
CA GLY A 720 19.84 -0.01 -5.18
C GLY A 720 20.23 -1.47 -4.96
N ASN A 721 19.83 -2.04 -3.83
CA ASN A 721 20.20 -3.42 -3.54
C ASN A 721 19.09 -4.21 -2.84
N VAL A 722 17.86 -3.71 -2.94
CA VAL A 722 16.70 -4.40 -2.37
C VAL A 722 15.58 -4.48 -3.41
N ILE A 723 14.46 -5.07 -3.01
CA ILE A 723 13.31 -5.25 -3.88
C ILE A 723 12.13 -4.38 -3.47
N TYR A 724 11.46 -3.79 -4.45
CA TYR A 724 10.30 -2.94 -4.20
C TYR A 724 9.12 -3.71 -3.66
N ASN A 725 8.38 -3.07 -2.79
CA ASN A 725 7.17 -3.63 -2.24
C ASN A 725 6.27 -2.52 -1.76
N GLN A 726 5.10 -2.87 -1.23
CA GLN A 726 4.14 -1.87 -0.80
C GLN A 726 4.69 -0.83 0.15
N GLN A 727 5.71 -1.17 0.93
CA GLN A 727 6.22 -0.25 1.91
C GLN A 727 6.98 0.86 1.24
N ALA A 728 7.52 0.58 0.06
CA ALA A 728 8.21 1.60 -0.71
C ALA A 728 7.20 2.61 -1.18
N ASP A 729 6.05 2.12 -1.66
CA ASP A 729 4.98 3.02 -2.09
C ASP A 729 4.45 3.84 -0.94
N VAL A 730 4.30 3.24 0.22
CA VAL A 730 3.82 3.97 1.37
C VAL A 730 4.74 5.12 1.71
N TYR A 731 6.04 4.85 1.73
CA TYR A 731 6.99 5.89 2.04
C TYR A 731 6.84 7.02 1.04
N SER A 732 6.76 6.68 -0.22
CA SER A 732 6.59 7.69 -1.25
C SER A 732 5.33 8.50 -1.03
N PHE A 733 4.24 7.82 -0.66
CA PHE A 733 2.99 8.49 -0.36
C PHE A 733 3.17 9.52 0.72
N GLY A 734 3.87 9.16 1.78
CA GLY A 734 4.12 10.09 2.87
C GLY A 734 4.76 11.36 2.33
N LEU A 735 5.72 11.21 1.44
CA LEU A 735 6.35 12.38 0.87
C LEU A 735 5.36 13.20 0.07
N LEU A 736 4.45 12.53 -0.65
CA LEU A 736 3.42 13.25 -1.38
C LEU A 736 2.58 14.08 -0.44
N LEU A 737 2.18 13.48 0.66
CA LEU A 737 1.37 14.16 1.66
C LEU A 737 2.11 15.36 2.21
N TYR A 738 3.40 15.21 2.48
CA TYR A 738 4.26 16.30 2.95
C TYR A 738 4.21 17.42 1.92
N ASP A 739 4.31 17.07 0.65
CA ASP A 739 4.25 18.03 -0.44
C ASP A 739 2.91 18.72 -0.52
N ILE A 740 1.84 17.99 -0.23
CA ILE A 740 0.51 18.60 -0.21
C ILE A 740 0.38 19.57 0.94
N LEU A 741 0.85 19.14 2.11
CA LEU A 741 0.79 19.96 3.32
C LEU A 741 1.44 21.30 3.09
N THR A 742 2.65 21.30 2.54
CA THR A 742 3.28 22.55 2.22
C THR A 742 2.97 22.87 0.79
N THR A 743 1.93 23.66 0.57
CA THR A 743 1.45 23.96 -0.78
C THR A 743 2.45 24.67 -1.65
N GLY A 744 3.46 25.28 -1.05
CA GLY A 744 4.51 25.91 -1.82
C GLY A 744 5.35 24.89 -2.58
N GLY A 745 5.31 23.62 -2.16
CA GLY A 745 6.10 22.60 -2.82
C GLY A 745 7.55 22.90 -2.51
N ARG A 746 7.82 23.25 -1.26
CA ARG A 746 9.13 23.70 -0.90
C ARG A 746 10.19 22.62 -1.05
N ILE A 747 9.84 21.37 -0.81
CA ILE A 747 10.84 20.34 -1.03
C ILE A 747 11.00 20.16 -2.54
N VAL A 748 9.93 20.41 -3.29
CA VAL A 748 9.95 20.33 -4.74
C VAL A 748 10.82 21.44 -5.29
N GLU A 749 10.80 22.59 -4.64
CA GLU A 749 11.70 23.66 -5.02
C GLU A 749 13.13 23.25 -4.73
N GLY A 750 13.32 22.47 -3.66
CA GLY A 750 14.61 21.89 -3.31
C GLY A 750 15.21 21.06 -4.45
N LEU A 751 14.35 20.41 -5.26
CA LEU A 751 14.76 19.65 -6.46
C LEU A 751 15.72 20.40 -7.36
N LYS A 752 15.57 21.72 -7.43
CA LYS A 752 16.42 22.59 -8.23
C LYS A 752 17.90 22.51 -7.81
N PHE A 753 18.15 21.97 -6.61
CA PHE A 753 19.46 21.74 -6.08
C PHE A 753 19.51 20.26 -5.66
N PRO A 754 19.42 19.36 -6.66
CA PRO A 754 19.25 17.90 -6.55
C PRO A 754 20.30 17.20 -5.71
N ASN A 755 21.47 17.82 -5.58
CA ASN A 755 22.54 17.26 -4.78
C ASN A 755 22.18 17.23 -3.31
N GLU A 756 21.32 18.15 -2.91
CA GLU A 756 20.87 18.20 -1.54
C GLU A 756 19.55 17.48 -1.41
N PHE A 757 18.70 17.64 -2.42
CA PHE A 757 17.35 17.08 -2.45
C PHE A 757 17.29 15.57 -2.35
N ASP A 758 18.00 14.86 -3.21
CA ASP A 758 17.99 13.41 -3.18
C ASP A 758 18.59 12.89 -1.87
N GLU A 759 19.66 13.54 -1.42
CA GLU A 759 20.32 13.13 -0.19
C GLU A 759 19.45 13.41 1.01
N LEU A 760 18.73 14.52 0.98
CA LEU A 760 17.82 14.87 2.06
C LEU A 760 16.81 13.78 2.30
N GLU A 761 16.21 13.29 1.22
CA GLU A 761 15.23 12.23 1.34
C GLU A 761 15.88 10.95 1.87
N ILE A 762 17.10 10.66 1.41
CA ILE A 762 17.87 9.53 1.91
C ILE A 762 18.14 9.65 3.40
N GLN A 763 18.52 10.84 3.84
CA GLN A 763 18.78 11.10 5.24
C GLN A 763 17.52 10.94 6.06
N GLY A 764 16.38 11.36 5.49
CA GLY A 764 15.09 11.28 6.15
C GLY A 764 14.93 12.42 7.14
N LYS A 765 15.86 13.36 7.12
CA LYS A 765 15.89 14.44 8.07
C LYS A 765 15.14 15.64 7.54
N LEU A 766 13.84 15.50 7.42
CA LEU A 766 13.03 16.59 6.91
C LEU A 766 12.72 17.56 8.02
N PRO A 767 12.65 18.84 7.70
CA PRO A 767 12.36 19.95 8.57
C PRO A 767 10.89 20.00 8.90
N ASP A 768 10.57 20.62 10.03
CA ASP A 768 9.21 20.76 10.49
C ASP A 768 8.42 21.60 9.51
N PRO A 769 7.43 21.01 8.84
CA PRO A 769 6.63 21.62 7.78
C PRO A 769 5.94 22.90 8.21
N VAL A 770 5.70 23.07 9.50
CA VAL A 770 5.07 24.26 10.00
C VAL A 770 6.07 25.34 10.23
N LYS A 771 7.02 25.05 11.11
CA LYS A 771 8.04 25.99 11.48
C LYS A 771 8.93 26.41 10.33
N GLU A 772 9.36 25.45 9.54
CA GLU A 772 10.27 25.70 8.44
C GLU A 772 9.65 26.43 7.28
N TYR A 773 8.40 26.16 6.96
CA TYR A 773 7.86 26.79 5.78
C TYR A 773 6.81 27.84 6.10
N GLY A 774 6.43 27.97 7.36
CA GLY A 774 5.41 28.94 7.74
C GLY A 774 4.04 28.44 7.34
N CYS A 775 3.84 27.14 7.52
CA CYS A 775 2.58 26.50 7.12
C CYS A 775 1.63 26.40 8.28
N ALA A 776 0.38 26.82 8.08
CA ALA A 776 -0.61 26.78 9.14
C ALA A 776 -0.73 25.35 9.68
N PRO A 777 -0.77 25.16 10.99
CA PRO A 777 -0.82 23.90 11.71
C PRO A 777 -1.91 22.99 11.22
N TRP A 778 -1.59 21.71 11.18
CA TRP A 778 -2.53 20.70 10.78
C TRP A 778 -2.18 19.39 11.44
N PRO A 779 -2.33 19.32 12.76
CA PRO A 779 -2.04 18.15 13.59
C PRO A 779 -2.83 17.00 13.03
N MET A 780 -2.58 15.80 13.51
CA MET A 780 -3.16 14.59 12.93
C MET A 780 -2.42 14.27 11.62
N VAL A 781 -2.52 15.14 10.62
CA VAL A 781 -1.76 14.98 9.39
C VAL A 781 -0.29 15.06 9.68
N GLU A 782 0.10 16.02 10.50
CA GLU A 782 1.51 16.15 10.83
C GLU A 782 2.05 14.88 11.44
N LYS A 783 1.31 14.26 12.35
CA LYS A 783 1.85 13.04 12.92
C LYS A 783 1.70 11.89 11.96
N LEU A 784 0.73 11.95 11.05
CA LEU A 784 0.61 10.91 10.06
C LEU A 784 1.83 10.84 9.21
N ILE A 785 2.31 12.00 8.76
CA ILE A 785 3.51 12.04 7.96
C ILE A 785 4.68 11.46 8.73
N LYS A 786 4.80 11.83 10.00
CA LYS A 786 5.88 11.28 10.81
C LYS A 786 5.77 9.77 10.95
N GLN A 787 4.56 9.28 11.14
CA GLN A 787 4.34 7.85 11.26
C GLN A 787 4.62 7.13 9.97
N CYS A 788 4.26 7.76 8.87
CA CYS A 788 4.47 7.19 7.58
C CYS A 788 5.92 7.11 7.21
N LEU A 789 6.65 8.21 7.33
CA LEU A 789 8.03 8.24 6.90
C LEU A 789 9.01 7.72 7.95
N LYS A 790 8.96 6.42 8.21
CA LYS A 790 9.90 5.80 9.12
C LYS A 790 10.97 5.13 8.30
N GLU A 791 12.12 4.93 8.92
CA GLU A 791 13.24 4.31 8.23
C GLU A 791 13.02 2.83 7.97
N ASN A 792 12.45 2.14 8.94
CA ASN A 792 12.22 0.70 8.87
C ASN A 792 10.91 0.33 8.16
N PRO A 793 10.97 -0.32 6.99
CA PRO A 793 9.87 -0.83 6.18
C PRO A 793 8.88 -1.64 6.98
N GLN A 794 9.35 -2.32 8.01
CA GLN A 794 8.44 -3.15 8.79
C GLN A 794 7.69 -2.35 9.83
N GLU A 795 8.07 -1.09 10.03
CA GLU A 795 7.40 -0.25 10.98
C GLU A 795 6.47 0.73 10.28
N ARG A 796 6.65 0.91 8.98
CA ARG A 796 5.77 1.82 8.27
C ARG A 796 4.36 1.21 8.11
N PRO A 797 3.29 2.03 8.21
CA PRO A 797 1.88 1.71 8.08
C PRO A 797 1.56 1.06 6.76
N THR A 798 0.55 0.20 6.72
CA THR A 798 0.16 -0.38 5.45
C THR A 798 -0.72 0.62 4.75
N SER A 799 -0.85 0.48 3.45
CA SER A 799 -1.65 1.42 2.68
C SER A 799 -3.12 1.36 3.05
N ALA A 800 -3.58 0.22 3.50
CA ALA A 800 -4.96 0.11 3.96
C ALA A 800 -5.15 0.97 5.19
N GLN A 801 -4.19 0.90 6.11
CA GLN A 801 -4.23 1.69 7.33
C GLN A 801 -4.13 3.16 7.04
N VAL A 802 -3.30 3.53 6.08
CA VAL A 802 -3.17 4.93 5.72
C VAL A 802 -4.49 5.49 5.32
N PHE A 803 -5.22 4.75 4.49
CA PHE A 803 -6.54 5.20 4.11
C PHE A 803 -7.45 5.35 5.28
N ASP A 804 -7.50 4.33 6.14
CA ASP A 804 -8.37 4.40 7.31
C ASP A 804 -8.10 5.64 8.14
N ILE A 805 -6.84 6.02 8.27
CA ILE A 805 -6.49 7.21 8.99
C ILE A 805 -7.02 8.44 8.29
N LEU A 806 -6.87 8.50 6.98
CA LEU A 806 -7.37 9.63 6.22
C LEU A 806 -8.89 9.73 6.27
N ASN A 807 -9.54 8.59 6.41
CA ASN A 807 -10.98 8.54 6.54
C ASN A 807 -11.43 9.00 7.92
N SER A 808 -11.46 10.31 8.13
CA SER A 808 -11.82 10.87 9.44
C SER A 808 -12.23 12.32 9.44
N ALA A 809 -13.39 12.59 10.02
CA ALA A 809 -13.85 13.96 10.12
C ALA A 809 -12.97 14.73 11.09
N GLU A 810 -12.51 14.04 12.13
CA GLU A 810 -11.64 14.64 13.13
C GLU A 810 -10.36 15.12 12.51
N LEU A 811 -9.85 14.32 11.58
CA LEU A 811 -8.66 14.67 10.83
C LEU A 811 -8.81 16.01 10.16
N VAL A 812 -9.95 16.19 9.53
CA VAL A 812 -10.24 17.41 8.82
C VAL A 812 -10.44 18.62 9.73
N CYS A 813 -11.25 18.46 10.77
CA CYS A 813 -11.63 19.59 11.60
C CYS A 813 -10.76 19.92 12.79
N LEU A 814 -9.91 19.02 13.23
CA LEU A 814 -9.01 19.42 14.29
C LEU A 814 -8.02 20.40 13.75
N THR A 815 -7.89 21.56 14.38
CA THR A 815 -6.98 22.52 13.83
C THR A 815 -5.75 22.71 14.66
N ARG A 816 -5.91 22.77 15.96
CA ARG A 816 -4.73 22.97 16.80
C ARG A 816 -4.80 22.23 18.11
N ARG A 817 -3.65 21.94 18.68
CA ARG A 817 -3.60 21.31 19.98
C ARG A 817 -2.42 21.83 20.76
N ILE A 818 -2.70 22.49 21.87
CA ILE A 818 -1.64 23.06 22.68
C ILE A 818 -1.55 22.40 24.02
N LEU A 819 -0.39 21.82 24.31
CA LEU A 819 -0.23 21.20 25.59
C LEU A 819 0.15 22.25 26.61
N LEU A 820 -0.35 22.11 27.82
CA LEU A 820 0.01 23.04 28.88
C LEU A 820 1.17 22.44 29.65
N PRO A 821 1.94 23.24 30.38
CA PRO A 821 3.07 22.84 31.19
C PRO A 821 2.61 21.78 32.18
N LYS A 822 3.50 20.83 32.47
CA LYS A 822 3.18 19.74 33.36
C LYS A 822 2.73 20.20 34.73
N ASN A 823 1.66 19.58 35.22
CA ASN A 823 1.07 19.90 36.51
C ASN A 823 0.48 21.29 36.57
N VAL A 824 -0.20 21.67 35.49
CA VAL A 824 -0.95 22.91 35.46
C VAL A 824 -2.39 22.60 35.25
N ILE A 825 -3.21 23.04 36.18
CA ILE A 825 -4.64 22.79 36.13
C ILE A 825 -5.40 24.06 36.03
N VAL A 826 -6.10 24.21 34.91
CA VAL A 826 -6.90 25.39 34.63
C VAL A 826 -8.36 25.09 34.83
N GLU A 827 -9.00 25.86 35.70
CA GLU A 827 -10.40 25.64 36.00
C GLU A 827 -11.37 26.61 35.31
N CYS A 828 -10.86 27.54 34.53
CA CYS A 828 -11.72 28.49 33.82
C CYS A 828 -10.99 29.20 32.69
N MET A 829 -11.75 29.66 31.69
CA MET A 829 -11.16 30.26 30.48
C MET A 829 -11.88 31.49 29.99
N VAL A 830 -11.14 32.51 29.58
CA VAL A 830 -11.74 33.67 28.92
C VAL A 830 -10.99 34.05 27.66
N ALA A 831 -11.58 33.80 26.52
CA ALA A 831 -10.94 34.18 25.28
C ALA A 831 -11.22 35.64 25.00
N THR A 832 -10.26 36.34 24.43
CA THR A 832 -10.51 37.75 24.11
C THR A 832 -11.10 37.88 22.72
N HIS A 833 -12.33 38.38 22.67
CA HIS A 833 -13.04 38.52 21.41
C HIS A 833 -12.56 39.73 20.65
N HIS A 834 -11.50 39.55 19.88
CA HIS A 834 -10.93 40.65 19.14
C HIS A 834 -10.08 40.06 18.00
N ALA A 839 -5.30 37.53 19.85
CA ALA A 839 -5.66 36.11 19.80
C ALA A 839 -5.04 35.37 20.98
N SER A 840 -5.63 35.56 22.16
CA SER A 840 -5.11 34.98 23.37
C SER A 840 -6.21 34.64 24.37
N ILE A 841 -5.86 33.79 25.33
CA ILE A 841 -6.80 33.29 26.31
C ILE A 841 -6.34 33.45 27.75
N TRP A 842 -7.19 34.01 28.60
CA TRP A 842 -6.88 34.10 30.01
C TRP A 842 -7.24 32.81 30.69
N LEU A 843 -6.34 32.27 31.47
CA LEU A 843 -6.59 31.00 32.11
C LEU A 843 -6.55 31.10 33.62
N GLY A 844 -7.44 30.40 34.30
CA GLY A 844 -7.39 30.37 35.75
C GLY A 844 -6.42 29.28 36.17
N CYS A 845 -6.35 28.99 37.45
CA CYS A 845 -5.48 27.92 37.88
C CYS A 845 -5.93 27.29 39.17
N GLY A 846 -6.45 26.07 39.09
CA GLY A 846 -6.91 25.35 40.26
C GLY A 846 -5.88 24.34 40.77
N HIS A 847 -4.71 24.29 40.14
CA HIS A 847 -3.65 23.39 40.60
C HIS A 847 -3.19 23.73 42.00
N THR A 848 -2.86 24.99 42.22
CA THR A 848 -2.39 25.39 43.54
C THR A 848 -3.58 25.86 44.33
N ASP A 849 -3.34 26.26 45.55
CA ASP A 849 -4.39 26.80 46.39
C ASP A 849 -4.26 28.31 46.51
N ARG A 850 -3.59 28.92 45.52
CA ARG A 850 -3.38 30.35 45.52
C ARG A 850 -3.94 30.97 44.25
N GLY A 851 -4.49 32.17 44.39
CA GLY A 851 -5.02 32.91 43.24
C GLY A 851 -3.95 33.15 42.17
N GLN A 852 -3.81 32.20 41.25
CA GLN A 852 -2.83 32.31 40.19
C GLN A 852 -3.49 32.44 38.83
N LEU A 853 -3.10 33.47 38.09
CA LEU A 853 -3.68 33.78 36.78
C LEU A 853 -2.68 33.54 35.66
N SER A 854 -3.06 32.72 34.70
CA SER A 854 -2.16 32.38 33.60
C SER A 854 -2.62 32.99 32.29
N PHE A 855 -1.75 32.96 31.31
CA PHE A 855 -2.08 33.57 30.03
C PHE A 855 -1.44 32.88 28.84
N LEU A 856 -2.28 32.52 27.88
CA LEU A 856 -1.88 31.80 26.68
C LEU A 856 -1.96 32.63 25.42
N ASP A 857 -0.86 32.69 24.68
CA ASP A 857 -0.80 33.40 23.41
C ASP A 857 -0.95 32.45 22.25
N LEU A 858 -2.11 32.44 21.60
CA LEU A 858 -2.35 31.49 20.52
C LEU A 858 -1.49 31.77 19.29
N ASN A 859 -0.98 32.99 19.15
CA ASN A 859 -0.16 33.33 18.00
C ASN A 859 1.21 32.68 18.05
N THR A 860 1.71 32.43 19.24
CA THR A 860 3.06 31.90 19.39
C THR A 860 3.08 30.70 20.31
N GLU A 861 1.92 30.34 20.85
CA GLU A 861 1.78 29.28 21.84
C GLU A 861 2.65 29.62 23.03
N GLY A 862 2.63 30.91 23.38
CA GLY A 862 3.42 31.40 24.49
C GLY A 862 2.65 31.21 25.77
N TYR A 863 3.35 31.16 26.89
CA TYR A 863 2.67 30.92 28.14
C TYR A 863 3.34 31.56 29.32
N THR A 864 2.56 32.28 30.10
CA THR A 864 3.06 32.88 31.31
C THR A 864 2.07 32.70 32.42
N SER A 865 2.42 33.18 33.59
CA SER A 865 1.56 33.01 34.75
C SER A 865 2.07 33.77 35.97
N GLU A 866 1.15 34.34 36.73
CA GLU A 866 1.53 35.09 37.92
C GLU A 866 0.47 35.01 38.99
N GLU A 867 0.90 35.12 40.24
CA GLU A 867 -0.06 35.09 41.33
C GLU A 867 -0.67 36.47 41.48
N VAL A 868 -1.99 36.53 41.48
CA VAL A 868 -2.68 37.81 41.55
C VAL A 868 -3.60 37.94 42.75
N ALA A 869 -3.90 36.84 43.41
CA ALA A 869 -4.81 36.91 44.54
C ALA A 869 -4.48 35.86 45.57
N ASP A 870 -5.12 35.97 46.73
CA ASP A 870 -4.87 35.02 47.79
C ASP A 870 -5.55 33.69 47.55
N SER A 871 -6.88 33.67 47.62
CA SER A 871 -7.60 32.42 47.42
C SER A 871 -7.72 32.06 45.95
N ARG A 872 -7.98 30.78 45.70
CA ARG A 872 -8.10 30.23 44.35
C ARG A 872 -9.14 30.91 43.49
N ILE A 873 -8.75 31.24 42.27
CA ILE A 873 -9.63 31.88 41.31
C ILE A 873 -10.66 30.91 40.81
N LEU A 874 -11.92 31.28 40.90
CA LEU A 874 -12.96 30.40 40.47
C LEU A 874 -13.56 30.80 39.13
N CYS A 875 -13.79 32.10 38.93
CA CYS A 875 -14.39 32.55 37.69
C CYS A 875 -13.76 33.77 37.10
N LEU A 876 -13.62 33.77 35.79
CA LEU A 876 -13.11 34.95 35.11
C LEU A 876 -14.16 35.53 34.20
N ALA A 877 -14.15 36.84 34.02
CA ALA A 877 -15.07 37.47 33.08
C ALA A 877 -14.44 38.66 32.40
N LEU A 878 -14.76 38.87 31.14
CA LEU A 878 -14.22 40.00 30.41
C LEU A 878 -15.17 41.16 30.33
N VAL A 879 -14.73 42.30 30.87
CA VAL A 879 -15.51 43.52 30.78
C VAL A 879 -14.97 44.32 29.64
N HIS A 880 -15.79 44.54 28.64
CA HIS A 880 -15.35 45.26 27.46
C HIS A 880 -16.05 46.58 27.35
N LEU A 881 -15.28 47.65 27.39
CA LEU A 881 -15.82 49.00 27.28
C LEU A 881 -15.25 49.73 26.07
N PRO A 882 -15.64 49.32 24.85
CA PRO A 882 -15.19 49.87 23.57
C PRO A 882 -15.48 51.36 23.46
N VAL A 883 -16.47 51.82 24.22
CA VAL A 883 -16.83 53.22 24.30
C VAL A 883 -15.75 54.00 25.02
N GLU A 884 -15.22 53.39 26.07
CA GLU A 884 -14.18 54.02 26.86
C GLU A 884 -12.80 53.59 26.38
N LYS A 885 -12.76 52.66 25.42
CA LYS A 885 -11.53 52.16 24.81
C LYS A 885 -10.70 51.37 25.79
N GLU A 886 -11.35 50.55 26.61
CA GLU A 886 -10.65 49.77 27.62
C GLU A 886 -11.38 48.49 27.95
N SER A 887 -10.67 47.56 28.56
CA SER A 887 -11.27 46.31 28.99
C SER A 887 -10.57 45.76 30.22
N TRP A 888 -11.32 44.99 31.01
CA TRP A 888 -10.83 44.48 32.28
C TRP A 888 -11.15 43.00 32.50
N ILE A 889 -10.30 42.31 33.24
CA ILE A 889 -10.57 40.94 33.60
C ILE A 889 -11.06 40.90 35.01
N VAL A 890 -12.24 40.34 35.22
CA VAL A 890 -12.79 40.24 36.55
C VAL A 890 -12.56 38.86 37.07
N SER A 891 -11.84 38.77 38.17
CA SER A 891 -11.54 37.50 38.76
C SER A 891 -12.29 37.27 40.06
N GLY A 892 -13.27 36.37 40.01
CA GLY A 892 -14.00 36.00 41.20
C GLY A 892 -13.26 34.86 41.85
N THR A 893 -13.15 34.89 43.17
CA THR A 893 -12.42 33.84 43.86
C THR A 893 -13.12 33.29 45.09
N GLN A 894 -12.49 32.30 45.73
CA GLN A 894 -13.06 31.64 46.90
C GLN A 894 -13.31 32.58 48.07
N SER A 895 -12.46 33.58 48.24
CA SER A 895 -12.63 34.55 49.31
C SER A 895 -13.86 35.41 49.13
N GLY A 896 -14.44 35.44 47.93
CA GLY A 896 -15.59 36.27 47.69
C GLY A 896 -15.18 37.61 47.10
N THR A 897 -13.88 37.85 46.95
CA THR A 897 -13.48 39.11 46.37
C THR A 897 -13.50 39.08 44.85
N LEU A 898 -13.52 40.29 44.29
CA LEU A 898 -13.51 40.50 42.85
C LEU A 898 -12.30 41.32 42.44
N LEU A 899 -11.31 40.67 41.89
CA LEU A 899 -10.12 41.37 41.45
C LEU A 899 -10.28 41.78 40.01
N VAL A 900 -10.19 43.06 39.74
CA VAL A 900 -10.45 43.55 38.41
C VAL A 900 -9.15 44.13 37.82
N ILE A 901 -8.68 43.57 36.70
CA ILE A 901 -7.39 43.97 36.13
C ILE A 901 -7.49 44.47 34.71
N ASN A 902 -6.90 45.64 34.44
CA ASN A 902 -6.99 46.21 33.10
C ASN A 902 -6.16 45.39 32.14
N THR A 903 -6.77 44.97 31.04
CA THR A 903 -6.08 44.16 30.04
C THR A 903 -4.99 44.92 29.31
N GLU A 904 -5.09 46.25 29.31
CA GLU A 904 -4.10 47.10 28.65
C GLU A 904 -3.00 47.54 29.61
N ASP A 905 -3.16 47.25 30.90
CA ASP A 905 -2.17 47.68 31.88
C ASP A 905 -2.20 46.81 33.11
N GLY A 906 -1.25 45.90 33.19
CA GLY A 906 -1.15 44.97 34.32
C GLY A 906 -1.04 45.66 35.69
N LYS A 907 -0.56 46.91 35.71
CA LYS A 907 -0.45 47.64 36.96
C LYS A 907 -1.80 48.08 37.50
N LYS A 908 -2.79 48.21 36.63
CA LYS A 908 -4.11 48.65 37.05
C LYS A 908 -4.92 47.51 37.61
N ARG A 909 -4.70 47.23 38.88
CA ARG A 909 -5.41 46.18 39.56
C ARG A 909 -6.22 46.78 40.71
N HIS A 910 -7.48 46.38 40.86
CA HIS A 910 -8.26 46.87 41.99
C HIS A 910 -9.31 45.87 42.41
N THR A 911 -9.84 46.05 43.61
CA THR A 911 -10.82 45.10 44.12
C THR A 911 -12.17 45.77 44.39
N LEU A 912 -13.24 45.12 43.97
CA LEU A 912 -14.60 45.63 44.15
C LEU A 912 -15.14 45.22 45.51
N GLU A 913 -16.32 45.72 45.87
CA GLU A 913 -16.91 45.35 47.14
C GLU A 913 -16.92 43.84 47.31
N LYS A 914 -16.35 43.38 48.41
CA LYS A 914 -16.26 41.97 48.72
C LYS A 914 -17.63 41.34 48.92
N MET A 915 -17.82 40.16 48.36
CA MET A 915 -19.07 39.43 48.49
C MET A 915 -19.12 38.73 49.84
N THR A 916 -20.33 38.38 50.27
CA THR A 916 -20.52 37.72 51.57
C THR A 916 -20.19 36.22 51.53
N ASP A 917 -19.97 35.70 50.33
CA ASP A 917 -19.59 34.31 50.16
C ASP A 917 -18.78 34.22 48.88
N SER A 918 -18.30 33.03 48.55
CA SER A 918 -17.45 32.86 47.38
C SER A 918 -18.18 33.12 46.10
N VAL A 919 -17.44 33.44 45.06
CA VAL A 919 -18.03 33.68 43.76
C VAL A 919 -18.11 32.40 42.98
N THR A 920 -19.30 32.03 42.56
CA THR A 920 -19.49 30.79 41.85
C THR A 920 -19.63 30.97 40.36
N CYS A 921 -20.09 32.12 39.91
CA CYS A 921 -20.13 32.35 38.47
C CYS A 921 -20.24 33.82 38.12
N LEU A 922 -19.74 34.16 36.96
CA LEU A 922 -19.79 35.53 36.48
C LEU A 922 -20.40 35.59 35.11
N TYR A 923 -21.05 36.70 34.80
CA TYR A 923 -21.59 36.89 33.48
C TYR A 923 -21.73 38.35 33.14
N CYS A 924 -21.32 38.72 31.94
CA CYS A 924 -21.45 40.12 31.58
C CYS A 924 -21.53 40.33 30.08
N ASN A 935 -24.54 46.99 29.96
CA ASN A 935 -24.06 45.68 30.32
C ASN A 935 -23.98 45.63 31.82
N PHE A 936 -24.18 44.48 32.39
CA PHE A 936 -24.09 44.42 33.83
C PHE A 936 -23.22 43.28 34.22
N LEU A 937 -22.41 43.48 35.24
CA LEU A 937 -21.59 42.41 35.71
C LEU A 937 -22.37 41.66 36.74
N LEU A 938 -22.69 40.43 36.43
CA LEU A 938 -23.50 39.67 37.33
C LEU A 938 -22.62 38.76 38.11
N VAL A 939 -22.80 38.76 39.40
CA VAL A 939 -21.98 37.95 40.26
C VAL A 939 -22.83 36.96 41.00
N GLY A 940 -22.69 35.70 40.67
CA GLY A 940 -23.45 34.69 41.35
C GLY A 940 -22.60 34.12 42.45
N THR A 941 -23.08 34.21 43.68
CA THR A 941 -22.32 33.71 44.80
C THR A 941 -22.88 32.43 45.40
N ALA A 942 -22.08 31.80 46.24
CA ALA A 942 -22.39 30.52 46.85
C ALA A 942 -23.58 30.53 47.78
N ASP A 943 -23.96 31.69 48.28
CA ASP A 943 -25.11 31.76 49.15
C ASP A 943 -26.41 32.03 48.39
N GLY A 944 -26.40 31.88 47.06
CA GLY A 944 -27.61 32.06 46.28
C GLY A 944 -27.90 33.53 46.00
N LYS A 945 -26.97 34.41 46.32
CA LYS A 945 -27.13 35.83 46.12
C LYS A 945 -26.61 36.28 44.75
N LEU A 946 -27.38 37.16 44.09
CA LEU A 946 -26.98 37.69 42.79
C LEU A 946 -26.72 39.18 42.84
N ALA A 947 -25.48 39.57 42.63
CA ALA A 947 -25.18 40.99 42.64
C ALA A 947 -25.14 41.50 41.21
N ILE A 948 -25.74 42.65 40.99
CA ILE A 948 -25.77 43.28 39.68
C ILE A 948 -25.01 44.58 39.70
N PHE A 949 -23.90 44.65 38.96
CA PHE A 949 -23.11 45.87 38.90
C PHE A 949 -23.32 46.62 37.60
N GLU A 950 -23.40 47.95 37.71
CA GLU A 950 -23.54 48.80 36.53
C GLU A 950 -22.31 48.68 35.64
N ASP A 951 -22.56 48.76 34.35
CA ASP A 951 -21.59 48.57 33.28
C ASP A 951 -20.23 49.25 33.49
N LYS A 952 -20.20 50.57 33.60
CA LYS A 952 -18.93 51.27 33.75
C LYS A 952 -18.44 51.34 35.19
N THR A 953 -19.36 51.43 36.15
CA THR A 953 -19.06 51.49 37.58
C THR A 953 -17.93 50.58 38.09
N VAL A 954 -17.83 49.36 37.53
CA VAL A 954 -16.85 48.37 37.97
C VAL A 954 -15.39 48.83 37.84
N LYS A 955 -15.15 49.89 37.08
CA LYS A 955 -13.84 50.49 36.93
C LYS A 955 -13.29 51.03 38.25
N LEU A 956 -14.17 51.43 39.15
CA LEU A 956 -13.76 52.04 40.41
C LEU A 956 -13.49 51.01 41.51
N LYS A 957 -12.45 51.27 42.30
CA LYS A 957 -12.10 50.38 43.40
C LYS A 957 -13.08 50.48 44.54
N GLY A 958 -13.54 49.34 45.02
CA GLY A 958 -14.48 49.28 46.12
C GLY A 958 -15.89 49.59 45.69
N ALA A 959 -16.15 49.60 44.38
CA ALA A 959 -17.47 49.93 43.90
C ALA A 959 -18.51 48.92 44.35
N ALA A 960 -19.68 49.45 44.68
CA ALA A 960 -20.85 48.67 45.08
C ALA A 960 -21.69 48.38 43.85
N PRO A 961 -22.48 47.31 43.87
CA PRO A 961 -23.39 46.88 42.82
C PRO A 961 -24.61 47.76 42.75
N LEU A 962 -25.24 47.77 41.59
CA LEU A 962 -26.48 48.49 41.35
C LEU A 962 -27.56 47.96 42.27
N LYS A 963 -27.69 46.64 42.31
CA LYS A 963 -28.68 46.02 43.18
C LYS A 963 -28.33 44.57 43.44
N ILE A 964 -28.90 44.03 44.50
CA ILE A 964 -28.64 42.65 44.89
C ILE A 964 -29.89 41.83 45.13
N LEU A 965 -29.95 40.64 44.54
CA LEU A 965 -31.10 39.77 44.69
C LEU A 965 -30.81 38.54 45.53
N ASN A 966 -31.79 38.11 46.31
CA ASN A 966 -31.66 36.88 47.07
C ASN A 966 -32.48 35.83 46.35
N ILE A 967 -31.78 34.93 45.67
CA ILE A 967 -32.48 33.94 44.87
C ILE A 967 -32.54 32.62 45.57
N GLY A 968 -31.37 32.14 45.98
CA GLY A 968 -31.28 30.87 46.69
C GLY A 968 -31.03 31.07 48.17
N ASN A 969 -30.17 30.25 48.73
CA ASN A 969 -29.84 30.37 50.14
C ASN A 969 -28.48 29.79 50.41
N VAL A 970 -28.07 29.81 51.66
CA VAL A 970 -26.75 29.34 52.08
C VAL A 970 -26.36 27.95 51.55
N SER A 971 -27.34 27.08 51.31
CA SER A 971 -27.07 25.74 50.81
C SER A 971 -27.38 25.58 49.32
N THR A 972 -27.89 26.64 48.68
CA THR A 972 -28.29 26.60 47.27
C THR A 972 -27.63 27.73 46.48
N PRO A 973 -26.39 27.54 46.04
CA PRO A 973 -25.54 28.47 45.31
C PRO A 973 -26.00 28.71 43.91
N LEU A 974 -25.71 29.88 43.36
CA LEU A 974 -26.05 30.11 41.97
C LEU A 974 -24.95 29.48 41.16
N MET A 975 -25.29 28.82 40.06
CA MET A 975 -24.20 28.23 39.30
C MET A 975 -24.24 28.46 37.82
N CYS A 976 -25.17 29.26 37.35
CA CYS A 976 -25.21 29.46 35.92
C CYS A 976 -26.11 30.58 35.51
N LEU A 977 -25.56 31.53 34.78
CA LEU A 977 -26.32 32.64 34.22
C LEU A 977 -26.23 32.60 32.71
N SER A 978 -27.29 32.13 32.08
CA SER A 978 -27.29 31.99 30.64
C SER A 978 -28.24 32.95 30.00
N GLU A 979 -27.97 33.25 28.75
CA GLU A 979 -28.79 34.19 28.04
C GLU A 979 -28.62 34.05 26.57
N SER A 980 -29.66 33.66 25.89
CA SER A 980 -29.61 33.51 24.46
C SER A 980 -30.92 33.89 23.89
N ASN A 987 -34.08 39.51 25.87
CA ASN A 987 -32.96 39.84 26.73
C ASN A 987 -33.19 39.22 28.09
N VAL A 988 -33.95 38.12 28.10
CA VAL A 988 -34.36 37.46 29.32
C VAL A 988 -33.32 36.48 29.82
N MET A 989 -33.01 36.59 31.10
CA MET A 989 -32.01 35.72 31.70
C MET A 989 -32.61 34.42 32.15
N TRP A 990 -31.79 33.39 32.19
CA TRP A 990 -32.18 32.10 32.70
C TRP A 990 -31.06 31.55 33.54
N GLY A 991 -31.35 30.73 34.52
CA GLY A 991 -30.22 30.21 35.24
C GLY A 991 -30.56 29.18 36.28
N GLY A 992 -29.51 28.61 36.86
CA GLY A 992 -29.69 27.55 37.82
C GLY A 992 -29.36 27.94 39.23
N CYS A 993 -30.22 27.52 40.14
CA CYS A 993 -30.07 27.73 41.56
C CYS A 993 -30.51 26.49 42.28
N GLY A 994 -29.57 25.68 42.68
CA GLY A 994 -29.96 24.44 43.32
C GLY A 994 -30.71 23.62 42.30
N THR A 995 -31.96 23.31 42.58
CA THR A 995 -32.74 22.51 41.67
C THR A 995 -33.81 23.32 40.96
N LYS A 996 -33.73 24.65 41.07
CA LYS A 996 -34.73 25.50 40.44
C LYS A 996 -34.18 26.29 39.27
N ILE A 997 -35.03 26.56 38.30
CA ILE A 997 -34.63 27.40 37.19
C ILE A 997 -35.29 28.74 37.31
N PHE A 998 -34.50 29.78 37.36
CA PHE A 998 -35.04 31.13 37.48
C PHE A 998 -34.93 31.87 36.19
N SER A 999 -35.55 33.03 36.14
CA SER A 999 -35.50 33.84 34.95
C SER A 999 -35.65 35.32 35.30
N PHE A 1000 -34.98 36.19 34.55
CA PHE A 1000 -35.08 37.62 34.89
C PHE A 1000 -35.47 38.53 33.76
N SER A 1001 -36.19 39.58 34.15
CA SER A 1001 -36.60 40.65 33.27
C SER A 1001 -35.47 41.64 33.14
N ASN A 1002 -35.68 42.67 32.33
CA ASN A 1002 -34.69 43.73 32.20
C ASN A 1002 -34.60 44.61 33.45
N ASP A 1003 -35.52 44.43 34.38
CA ASP A 1003 -35.51 45.14 35.64
C ASP A 1003 -34.94 44.26 36.74
N PHE A 1004 -34.44 43.09 36.35
CA PHE A 1004 -33.87 42.10 37.26
C PHE A 1004 -34.90 41.54 38.21
N THR A 1005 -36.15 41.45 37.75
CA THR A 1005 -37.18 40.87 38.60
C THR A 1005 -37.35 39.42 38.25
N ILE A 1006 -37.81 38.62 39.22
CA ILE A 1006 -37.99 37.20 38.95
C ILE A 1006 -39.25 36.97 38.17
N GLN A 1007 -39.10 36.33 37.03
CA GLN A 1007 -40.23 36.07 36.16
C GLN A 1007 -40.81 34.68 36.28
N LYS A 1008 -40.18 33.81 37.06
CA LYS A 1008 -40.65 32.44 37.29
C LYS A 1008 -39.60 31.56 37.93
N LEU A 1009 -40.00 30.81 38.94
CA LEU A 1009 -39.13 29.87 39.61
C LEU A 1009 -39.63 28.48 39.34
N ILE A 1010 -38.99 27.79 38.40
CA ILE A 1010 -39.43 26.48 38.00
C ILE A 1010 -38.76 25.40 38.80
N GLU A 1011 -39.51 24.72 39.63
CA GLU A 1011 -38.93 23.61 40.36
C GLU A 1011 -38.73 22.47 39.41
N THR A 1012 -37.50 22.01 39.24
CA THR A 1012 -37.29 20.93 38.30
C THR A 1012 -37.22 19.58 38.98
N ARG A 1013 -37.17 19.55 40.31
CA ARG A 1013 -37.08 18.29 41.04
C ARG A 1013 -38.18 17.32 40.65
N THR A 1014 -39.35 17.85 40.28
CA THR A 1014 -40.51 17.04 39.90
C THR A 1014 -40.24 16.12 38.73
N SER A 1015 -39.16 16.35 37.98
CA SER A 1015 -38.79 15.50 36.87
C SER A 1015 -38.46 14.11 37.32
N GLN A 1016 -38.27 13.88 38.63
CA GLN A 1016 -37.97 12.56 39.18
C GLN A 1016 -39.06 11.53 38.91
N LEU A 1017 -40.23 11.96 38.46
CA LEU A 1017 -41.26 11.01 38.06
C LEU A 1017 -40.77 10.20 36.86
N PHE A 1018 -39.83 10.78 36.12
CA PHE A 1018 -39.17 10.20 34.99
C PHE A 1018 -37.71 10.01 35.36
N SER A 1019 -37.00 9.17 34.65
CA SER A 1019 -35.59 8.95 34.94
C SER A 1019 -35.34 8.41 36.35
N TYR A 1020 -34.45 9.08 37.10
CA TYR A 1020 -34.06 8.63 38.43
C TYR A 1020 -33.87 9.79 39.39
N ALA A 1021 -34.46 9.67 40.57
CA ALA A 1021 -34.47 10.74 41.57
C ALA A 1021 -33.10 11.28 41.94
N ALA A 1022 -32.05 10.46 41.97
CA ALA A 1022 -30.75 11.03 42.37
C ALA A 1022 -30.13 11.83 41.25
N PHE A 1023 -30.64 11.69 40.04
CA PHE A 1023 -30.16 12.47 38.93
C PHE A 1023 -30.97 13.73 38.86
N SER A 1024 -32.28 13.58 39.01
CA SER A 1024 -33.18 14.72 39.00
C SER A 1024 -32.93 15.63 40.16
N ASP A 1025 -32.76 15.07 41.32
CA ASP A 1025 -32.52 15.90 42.47
C ASP A 1025 -31.04 16.13 42.61
N SER A 1026 -30.54 17.14 41.92
CA SER A 1026 -29.13 17.49 41.98
C SER A 1026 -28.91 18.90 41.48
N ASN A 1027 -27.88 19.56 41.98
CA ASN A 1027 -27.64 20.95 41.59
C ASN A 1027 -27.42 21.14 40.11
N ILE A 1028 -28.03 22.18 39.56
CA ILE A 1028 -27.89 22.47 38.16
C ILE A 1028 -26.52 23.02 37.84
N ILE A 1029 -25.87 22.44 36.85
CA ILE A 1029 -24.57 22.89 36.40
C ILE A 1029 -24.68 23.91 35.30
N THR A 1030 -25.48 23.60 34.29
CA THR A 1030 -25.59 24.56 33.20
C THR A 1030 -26.93 24.56 32.52
N VAL A 1031 -27.29 25.73 31.99
CA VAL A 1031 -28.55 25.98 31.32
C VAL A 1031 -28.31 26.46 29.91
N VAL A 1032 -28.85 25.76 28.94
CA VAL A 1032 -28.71 26.24 27.57
C VAL A 1032 -30.04 26.71 27.06
N VAL A 1033 -30.09 27.94 26.58
CA VAL A 1033 -31.35 28.52 26.15
C VAL A 1033 -31.54 28.59 24.65
N ASP A 1034 -32.43 27.78 24.11
CA ASP A 1034 -32.73 27.84 22.70
C ASP A 1034 -34.23 28.05 22.51
N THR A 1035 -34.89 27.05 21.91
CA THR A 1035 -36.33 26.98 21.78
C THR A 1035 -36.87 26.10 22.90
N ALA A 1036 -35.96 25.60 23.72
CA ALA A 1036 -36.24 24.78 24.88
C ALA A 1036 -35.04 24.92 25.80
N LEU A 1037 -35.19 24.55 27.06
CA LEU A 1037 -34.06 24.67 27.95
C LEU A 1037 -33.38 23.35 28.08
N TYR A 1038 -32.07 23.35 28.07
CA TYR A 1038 -31.34 22.10 28.24
C TYR A 1038 -30.59 22.16 29.53
N ILE A 1039 -30.95 21.27 30.45
CA ILE A 1039 -30.40 21.30 31.78
C ILE A 1039 -29.48 20.16 32.10
N ALA A 1040 -28.27 20.49 32.54
CA ALA A 1040 -27.38 19.44 33.00
C ALA A 1040 -27.15 19.64 34.47
N LYS A 1041 -27.31 18.58 35.24
CA LYS A 1041 -27.16 18.63 36.69
C LYS A 1041 -25.92 17.89 37.13
N GLN A 1042 -25.47 18.19 38.33
CA GLN A 1042 -24.21 17.69 38.81
C GLN A 1042 -24.27 16.19 38.96
N ASN A 1043 -23.32 15.54 38.33
CA ASN A 1043 -23.18 14.09 38.30
C ASN A 1043 -24.31 13.37 37.57
N SER A 1044 -25.09 14.08 36.78
CA SER A 1044 -26.13 13.44 36.00
C SER A 1044 -25.52 12.90 34.74
N PRO A 1045 -26.11 11.86 34.19
CA PRO A 1045 -25.83 11.31 32.90
C PRO A 1045 -26.95 11.64 31.94
N VAL A 1046 -27.94 12.37 32.43
CA VAL A 1046 -29.08 12.74 31.65
C VAL A 1046 -29.32 14.23 31.58
N VAL A 1047 -29.55 14.71 30.37
CA VAL A 1047 -29.86 16.11 30.13
C VAL A 1047 -31.35 16.27 30.02
N GLU A 1048 -31.92 17.21 30.76
CA GLU A 1048 -33.35 17.40 30.73
C GLU A 1048 -33.74 18.45 29.74
N VAL A 1049 -34.85 18.25 29.05
CA VAL A 1049 -35.32 19.24 28.11
C VAL A 1049 -36.60 19.84 28.61
N TRP A 1050 -36.62 21.14 28.79
CA TRP A 1050 -37.83 21.75 29.32
C TRP A 1050 -38.50 22.71 28.38
N ASP A 1051 -39.82 22.69 28.38
CA ASP A 1051 -40.58 23.66 27.61
C ASP A 1051 -40.83 24.88 28.41
N LYS A 1052 -40.03 25.90 28.19
CA LYS A 1052 -40.15 27.16 28.90
C LYS A 1052 -41.49 27.87 28.72
N LYS A 1053 -42.24 27.51 27.69
CA LYS A 1053 -43.53 28.13 27.44
C LYS A 1053 -44.64 27.56 28.31
N THR A 1054 -44.47 26.33 28.78
CA THR A 1054 -45.49 25.70 29.61
C THR A 1054 -44.91 25.17 30.89
N GLU A 1055 -43.59 25.25 31.03
CA GLU A 1055 -42.87 24.77 32.21
C GLU A 1055 -43.06 23.29 32.41
N LYS A 1056 -42.83 22.52 31.34
CA LYS A 1056 -43.02 21.07 31.43
C LYS A 1056 -41.83 20.29 30.91
N LEU A 1057 -41.62 19.11 31.46
CA LEU A 1057 -40.54 18.25 30.99
C LEU A 1057 -40.91 17.68 29.64
N CYS A 1058 -40.08 17.94 28.64
CA CYS A 1058 -40.37 17.50 27.28
C CYS A 1058 -39.44 16.48 26.69
N GLY A 1059 -38.63 15.84 27.52
CA GLY A 1059 -37.74 14.83 26.99
C GLY A 1059 -36.46 14.72 27.78
N LEU A 1060 -35.83 13.56 27.65
CA LEU A 1060 -34.60 13.28 28.33
C LEU A 1060 -33.56 12.80 27.36
N ILE A 1061 -32.31 13.17 27.59
CA ILE A 1061 -31.23 12.70 26.74
C ILE A 1061 -30.30 11.81 27.53
N ASP A 1062 -30.26 10.54 27.18
CA ASP A 1062 -29.45 9.59 27.90
C ASP A 1062 -28.06 9.41 27.29
N CYS A 1063 -27.05 10.04 27.89
CA CYS A 1063 -25.69 9.98 27.38
C CYS A 1063 -25.08 8.61 27.50
N VAL A 1064 -25.47 7.87 28.53
CA VAL A 1064 -24.95 6.53 28.71
C VAL A 1064 -25.36 5.67 27.55
N HIS A 1065 -26.62 5.79 27.15
CA HIS A 1065 -27.14 5.05 26.03
C HIS A 1065 -26.32 5.22 24.78
N PHE A 1066 -25.95 6.45 24.47
CA PHE A 1066 -25.18 6.67 23.27
C PHE A 1066 -23.82 5.97 23.35
N LEU A 1067 -23.19 6.01 24.50
CA LEU A 1067 -21.91 5.34 24.62
C LEU A 1067 -22.06 3.87 24.94
N ARG A 1068 -23.27 3.46 25.27
CA ARG A 1068 -23.61 2.05 25.45
C ARG A 1068 -23.60 1.39 24.09
N GLU A 1069 -24.07 2.13 23.08
CA GLU A 1069 -24.06 1.65 21.71
C GLU A 1069 -22.62 1.51 21.21
N VAL A 1070 -21.76 2.43 21.65
CA VAL A 1070 -20.34 2.36 21.34
C VAL A 1070 -19.68 1.23 22.14
N MET A 1071 -18.90 0.40 21.47
CA MET A 1071 -18.25 -0.69 22.16
C MET A 1071 -17.11 -0.18 23.03
N MET A 1082 -13.34 2.28 34.04
CA MET A 1082 -14.48 3.14 34.27
C MET A 1082 -14.38 4.48 33.53
N SER A 1083 -13.69 4.51 32.38
CA SER A 1083 -13.62 5.75 31.61
C SER A 1083 -15.00 6.14 31.06
N TYR A 1084 -15.88 5.16 30.92
CA TYR A 1084 -17.25 5.41 30.49
C TYR A 1084 -18.17 5.70 31.64
N SER A 1085 -17.95 6.86 32.27
CA SER A 1085 -18.77 7.25 33.40
C SER A 1085 -20.10 7.77 32.93
N GLY A 1086 -20.11 8.40 31.77
CA GLY A 1086 -21.33 8.94 31.22
C GLY A 1086 -21.74 10.24 31.91
N ARG A 1087 -20.87 10.80 32.75
CA ARG A 1087 -21.24 12.02 33.44
C ARG A 1087 -21.22 13.19 32.51
N VAL A 1088 -22.24 14.03 32.56
CA VAL A 1088 -22.26 15.19 31.69
C VAL A 1088 -21.44 16.31 32.27
N LYS A 1089 -20.52 16.84 31.49
CA LYS A 1089 -19.70 17.94 31.97
C LYS A 1089 -20.20 19.28 31.50
N THR A 1090 -20.15 19.55 30.20
CA THR A 1090 -20.64 20.84 29.72
C THR A 1090 -21.50 20.72 28.49
N LEU A 1091 -22.36 21.70 28.31
CA LEU A 1091 -23.21 21.78 27.14
C LEU A 1091 -22.93 23.03 26.33
N CYS A 1092 -22.68 22.88 25.04
CA CYS A 1092 -22.56 24.04 24.19
C CYS A 1092 -23.54 23.91 23.06
N LEU A 1093 -24.06 25.02 22.58
CA LEU A 1093 -25.06 24.95 21.54
C LEU A 1093 -24.77 25.83 20.38
N GLN A 1094 -24.89 25.26 19.21
CA GLN A 1094 -24.69 25.96 17.97
C GLN A 1094 -26.03 26.15 17.29
N LYS A 1095 -26.25 27.31 16.69
CA LYS A 1095 -27.55 27.62 16.12
C LYS A 1095 -27.86 26.91 14.80
N ASN A 1096 -26.95 26.06 14.34
CA ASN A 1096 -27.19 25.24 13.17
C ASN A 1096 -27.73 23.87 13.59
N THR A 1097 -28.31 23.78 14.79
CA THR A 1097 -28.85 22.55 15.39
C THR A 1097 -27.80 21.65 16.04
N ALA A 1098 -26.52 21.94 15.89
CA ALA A 1098 -25.57 21.06 16.54
C ALA A 1098 -25.54 21.30 18.05
N LEU A 1099 -25.60 20.23 18.83
CA LEU A 1099 -25.50 20.33 20.27
C LEU A 1099 -24.25 19.58 20.71
N TRP A 1100 -23.36 20.26 21.41
CA TRP A 1100 -22.09 19.68 21.80
C TRP A 1100 -22.13 19.26 23.25
N ILE A 1101 -21.96 17.97 23.53
CA ILE A 1101 -22.00 17.53 24.92
C ILE A 1101 -20.70 16.88 25.37
N GLY A 1102 -20.03 17.48 26.34
CA GLY A 1102 -18.79 16.91 26.83
C GLY A 1102 -19.12 15.95 27.94
N THR A 1103 -18.18 15.11 28.33
CA THR A 1103 -18.47 14.16 29.39
C THR A 1103 -17.29 13.86 30.26
N GLY A 1104 -17.51 12.93 31.20
CA GLY A 1104 -16.50 12.54 32.16
C GLY A 1104 -15.26 11.97 31.49
N GLY A 1105 -15.45 11.07 30.54
CA GLY A 1105 -14.31 10.52 29.81
C GLY A 1105 -14.00 11.39 28.62
N GLY A 1106 -13.01 11.02 27.83
CA GLY A 1106 -12.62 11.82 26.68
C GLY A 1106 -13.55 11.62 25.48
N HIS A 1107 -14.82 12.03 25.64
CA HIS A 1107 -15.80 11.91 24.57
C HIS A 1107 -16.58 13.19 24.43
N ILE A 1108 -16.94 13.52 23.20
CA ILE A 1108 -17.79 14.65 22.92
C ILE A 1108 -18.90 14.16 22.05
N LEU A 1109 -20.14 14.34 22.47
CA LEU A 1109 -21.22 13.85 21.68
C LEU A 1109 -21.76 14.95 20.80
N LEU A 1110 -22.01 14.65 19.55
CA LEU A 1110 -22.62 15.64 18.69
C LEU A 1110 -24.04 15.25 18.45
N LEU A 1111 -24.99 16.04 18.94
CA LEU A 1111 -26.38 15.71 18.72
C LEU A 1111 -27.05 16.69 17.80
N ASP A 1112 -28.07 16.21 17.13
CA ASP A 1112 -28.91 16.96 16.24
C ASP A 1112 -30.11 17.51 16.96
N LEU A 1113 -30.15 18.81 17.21
CA LEU A 1113 -31.26 19.41 17.92
C LEU A 1113 -32.61 19.28 17.23
N SER A 1114 -32.62 19.15 15.91
CA SER A 1114 -33.89 19.06 15.24
C SER A 1114 -34.52 17.68 15.35
N THR A 1115 -33.73 16.67 15.69
CA THR A 1115 -34.28 15.32 15.80
C THR A 1115 -33.88 14.62 17.08
N ARG A 1116 -33.00 15.24 17.86
CA ARG A 1116 -32.46 14.64 19.07
C ARG A 1116 -31.74 13.35 18.74
N ARG A 1117 -30.83 13.41 17.79
CA ARG A 1117 -30.12 12.21 17.37
C ARG A 1117 -28.63 12.36 17.32
N LEU A 1118 -27.94 11.24 17.48
CA LEU A 1118 -26.50 11.25 17.53
C LEU A 1118 -25.86 11.34 16.16
N ILE A 1119 -25.17 12.45 15.93
CA ILE A 1119 -24.44 12.67 14.71
C ILE A 1119 -23.17 11.87 14.74
N ARG A 1120 -22.42 12.01 15.84
CA ARG A 1120 -21.18 11.26 15.99
C ARG A 1120 -20.56 11.38 17.36
N VAL A 1121 -19.79 10.37 17.74
CA VAL A 1121 -19.06 10.42 18.99
C VAL A 1121 -17.62 10.74 18.71
N ILE A 1122 -17.15 11.87 19.21
CA ILE A 1122 -15.77 12.27 19.03
C ILE A 1122 -15.05 11.76 20.24
N TYR A 1123 -14.04 10.93 20.10
CA TYR A 1123 -13.49 10.40 21.33
C TYR A 1123 -12.04 10.04 21.30
N ASN A 1124 -11.55 9.66 22.47
CA ASN A 1124 -10.15 9.34 22.71
C ASN A 1124 -9.41 10.65 22.61
N PHE A 1125 -10.11 11.66 23.08
CA PHE A 1125 -9.68 13.03 23.06
C PHE A 1125 -8.58 13.29 24.07
N CYS A 1126 -8.89 13.04 25.34
CA CYS A 1126 -7.97 13.19 26.45
C CYS A 1126 -8.56 12.38 27.58
N ASN A 1127 -8.09 12.58 28.79
CA ASN A 1127 -8.64 11.82 29.91
C ASN A 1127 -10.05 12.29 30.27
N SER A 1128 -10.26 13.61 30.42
CA SER A 1128 -11.56 14.11 30.84
C SER A 1128 -11.82 15.54 30.37
N VAL A 1129 -13.06 15.88 30.02
CA VAL A 1129 -13.33 17.22 29.51
C VAL A 1129 -13.65 18.20 30.63
N ARG A 1130 -12.94 19.34 30.68
CA ARG A 1130 -13.22 20.31 31.73
C ARG A 1130 -14.19 21.39 31.29
N VAL A 1131 -13.82 22.24 30.33
CA VAL A 1131 -14.77 23.22 29.80
C VAL A 1131 -14.75 23.32 28.29
N MET A 1132 -15.83 23.84 27.73
CA MET A 1132 -15.91 24.03 26.31
C MET A 1132 -16.38 25.44 26.01
N MET A 1133 -15.74 26.10 25.07
CA MET A 1133 -16.15 27.45 24.72
C MET A 1133 -16.33 27.62 23.25
N THR A 1134 -17.18 28.56 22.89
CA THR A 1134 -17.33 28.92 21.49
C THR A 1134 -16.66 30.24 21.35
N ALA A 1135 -15.73 30.35 20.41
CA ALA A 1135 -15.04 31.62 20.30
C ALA A 1135 -14.62 31.90 18.89
N GLN A 1136 -14.59 33.18 18.57
CA GLN A 1136 -14.15 33.60 17.27
C GLN A 1136 -12.69 33.97 17.36
N LEU A 1137 -11.90 33.46 16.44
CA LEU A 1137 -10.47 33.72 16.44
C LEU A 1137 -10.14 35.07 15.87
N GLY A 1138 -8.85 35.37 15.88
CA GLY A 1138 -8.35 36.63 15.37
C GLY A 1138 -8.34 36.73 13.84
N SER A 1139 -8.71 35.62 13.19
CA SER A 1139 -8.85 35.54 11.75
C SER A 1139 -10.33 35.38 11.41
N LEU A 1140 -11.18 35.65 12.41
CA LEU A 1140 -12.64 35.61 12.33
C LEU A 1140 -13.23 34.21 12.15
N LYS A 1141 -12.47 33.19 12.48
CA LYS A 1141 -12.95 31.83 12.35
C LYS A 1141 -13.65 31.41 13.62
N ASN A 1142 -14.69 30.61 13.52
CA ASN A 1142 -15.33 30.16 14.74
C ASN A 1142 -14.83 28.79 15.12
N VAL A 1143 -14.39 28.64 16.36
CA VAL A 1143 -13.86 27.38 16.82
C VAL A 1143 -14.35 26.98 18.19
N MET A 1144 -14.23 25.70 18.49
CA MET A 1144 -14.52 25.22 19.83
C MET A 1144 -13.23 25.11 20.59
N LEU A 1145 -13.23 25.65 21.79
CA LEU A 1145 -12.06 25.59 22.63
C LEU A 1145 -12.32 24.58 23.68
N VAL A 1146 -11.76 23.40 23.55
CA VAL A 1146 -12.05 22.40 24.54
C VAL A 1146 -10.87 22.18 25.43
N LEU A 1147 -11.04 22.49 26.69
CA LEU A 1147 -9.97 22.34 27.66
C LEU A 1147 -10.20 21.09 28.44
N GLY A 1148 -9.21 20.22 28.48
CA GLY A 1148 -9.42 19.00 29.23
C GLY A 1148 -8.24 18.55 30.07
N TYR A 1149 -8.47 17.48 30.82
CA TYR A 1149 -7.49 16.86 31.67
C TYR A 1149 -6.90 15.71 30.92
N ASN A 1150 -5.69 15.36 31.24
CA ASN A 1150 -5.06 14.26 30.58
C ASN A 1150 -4.12 13.57 31.51
N ARG A 1151 -4.61 13.27 32.70
CA ARG A 1151 -3.85 12.46 33.64
C ARG A 1151 -3.49 11.17 32.96
N GLU A 1162 1.01 12.10 36.65
CA GLU A 1162 1.14 12.81 35.38
C GLU A 1162 -0.01 13.74 35.00
N ILE A 1163 -0.35 14.69 35.89
CA ILE A 1163 -1.38 15.69 35.57
C ILE A 1163 -1.04 16.57 34.39
N GLN A 1164 -1.34 16.06 33.21
CA GLN A 1164 -1.20 16.80 31.98
C GLN A 1164 -2.55 17.36 31.64
N SER A 1165 -2.57 18.52 31.03
CA SER A 1165 -3.81 19.17 30.62
C SER A 1165 -3.54 19.87 29.31
N CYS A 1166 -4.59 20.15 28.54
CA CYS A 1166 -4.35 20.75 27.24
C CYS A 1166 -5.56 21.38 26.60
N LEU A 1167 -5.30 22.27 25.65
CA LEU A 1167 -6.34 22.98 24.93
C LEU A 1167 -6.44 22.49 23.51
N THR A 1168 -7.63 22.09 23.11
CA THR A 1168 -7.81 21.62 21.76
C THR A 1168 -8.73 22.54 20.99
N VAL A 1169 -8.34 22.93 19.79
CA VAL A 1169 -9.15 23.84 19.02
C VAL A 1169 -9.78 23.16 17.82
N TRP A 1170 -11.11 23.12 17.78
CA TRP A 1170 -11.82 22.44 16.69
C TRP A 1170 -12.54 23.40 15.79
N ASP A 1171 -12.55 23.11 14.49
CA ASP A 1171 -13.31 23.91 13.56
C ASP A 1171 -14.78 23.73 13.84
N ILE A 1172 -15.48 24.83 14.15
CA ILE A 1172 -16.91 24.80 14.48
C ILE A 1172 -17.82 24.03 13.53
N ASN A 1173 -17.38 23.74 12.30
CA ASN A 1173 -18.22 23.06 11.34
C ASN A 1173 -18.10 21.55 11.38
N LEU A 1174 -17.45 21.03 12.40
CA LEU A 1174 -17.28 19.59 12.57
C LEU A 1174 -18.54 18.76 12.29
N PRO A 1175 -19.72 19.07 12.86
CA PRO A 1175 -20.98 18.37 12.63
C PRO A 1175 -21.29 18.21 11.15
N HIS A 1176 -20.99 19.23 10.37
CA HIS A 1176 -21.29 19.19 8.96
C HIS A 1176 -20.29 18.37 8.23
N GLU A 1177 -19.04 18.43 8.67
CA GLU A 1177 -18.02 17.67 8.01
C GLU A 1177 -18.24 16.20 8.23
N VAL A 1178 -18.70 15.83 9.42
CA VAL A 1178 -18.99 14.43 9.68
C VAL A 1178 -19.99 13.89 8.70
N GLN A 1179 -21.07 14.60 8.52
CA GLN A 1179 -22.09 14.11 7.61
C GLN A 1179 -21.67 14.18 6.15
N ASN A 1180 -21.02 15.26 5.74
CA ASN A 1180 -20.63 15.40 4.36
C ASN A 1180 -19.59 14.40 3.96
N LEU A 1181 -18.63 14.16 4.84
CA LEU A 1181 -17.60 13.19 4.54
C LEU A 1181 -18.20 11.83 4.37
N GLU A 1182 -19.10 11.46 5.26
CA GLU A 1182 -19.74 10.16 5.18
C GLU A 1182 -20.44 9.97 3.86
N LYS A 1183 -21.17 10.98 3.42
CA LYS A 1183 -21.86 10.92 2.15
C LYS A 1183 -20.89 10.72 1.01
N HIS A 1184 -19.83 11.53 0.99
CA HIS A 1184 -18.81 11.48 -0.05
C HIS A 1184 -18.26 10.09 -0.22
N ILE A 1185 -17.89 9.48 0.88
CA ILE A 1185 -17.33 8.16 0.85
C ILE A 1185 -18.30 7.14 0.34
N GLU A 1186 -19.54 7.21 0.77
CA GLU A 1186 -20.50 6.22 0.34
C GLU A 1186 -20.80 6.29 -1.13
N VAL A 1187 -20.89 7.49 -1.68
CA VAL A 1187 -21.14 7.62 -3.10
C VAL A 1187 -20.06 6.96 -3.90
N ARG A 1188 -18.82 7.21 -3.54
CA ARG A 1188 -17.71 6.64 -4.27
C ARG A 1188 -17.64 5.14 -4.09
N LYS A 1189 -18.05 4.66 -2.93
CA LYS A 1189 -18.09 3.23 -2.70
C LYS A 1189 -19.01 2.56 -3.69
N GLU A 1190 -20.18 3.16 -3.91
CA GLU A 1190 -21.12 2.60 -4.86
C GLU A 1190 -20.58 2.63 -6.27
N LEU A 1191 -19.89 3.70 -6.62
CA LEU A 1191 -19.30 3.79 -7.95
C LEU A 1191 -18.26 2.74 -8.17
N ALA A 1192 -17.50 2.40 -7.13
CA ALA A 1192 -16.50 1.38 -7.26
C ALA A 1192 -17.13 0.06 -7.61
N GLU A 1193 -18.26 -0.25 -6.99
CA GLU A 1193 -18.95 -1.48 -7.29
C GLU A 1193 -19.58 -1.46 -8.66
N LYS A 1194 -20.09 -0.30 -9.05
CA LYS A 1194 -20.66 -0.12 -10.36
C LYS A 1194 -19.67 -0.46 -11.45
N MET A 1195 -18.47 0.10 -11.34
CA MET A 1195 -17.40 -0.12 -12.30
C MET A 1195 -16.95 -1.56 -12.33
N ARG A 1196 -16.62 -2.10 -11.16
CA ARG A 1196 -16.12 -3.46 -11.07
C ARG A 1196 -17.12 -4.47 -11.60
N ARG A 1197 -18.40 -4.18 -11.41
CA ARG A 1197 -19.46 -5.08 -11.83
C ARG A 1197 -19.68 -5.10 -13.33
N THR A 1198 -19.54 -3.95 -13.99
CA THR A 1198 -19.74 -3.87 -15.43
C THR A 1198 -18.76 -4.80 -16.15
N SER A 1199 -17.47 -4.52 -15.98
CA SER A 1199 -16.41 -5.32 -16.59
C SER A 1199 -16.66 -5.59 -18.07
N VAL A 4 39.47 -8.87 2.33
CA VAL A 4 40.50 -9.92 2.29
C VAL A 4 40.31 -10.85 1.09
N PRO A 5 41.42 -11.40 0.56
CA PRO A 5 41.53 -12.23 -0.64
C PRO A 5 40.87 -13.58 -0.52
N TYR A 6 39.57 -13.59 -0.76
CA TYR A 6 38.73 -14.78 -0.76
C TYR A 6 39.17 -15.74 -1.86
N ASN A 7 39.40 -17.00 -1.53
CA ASN A 7 39.89 -18.00 -2.48
C ASN A 7 38.99 -19.23 -2.59
N ARG A 8 37.70 -19.00 -2.66
CA ARG A 8 36.73 -20.09 -2.77
C ARG A 8 35.82 -19.87 -3.97
N MET A 9 35.56 -20.94 -4.71
CA MET A 9 34.78 -20.87 -5.95
C MET A 9 33.90 -22.09 -6.12
N LYS A 10 32.73 -21.93 -6.68
CA LYS A 10 31.85 -23.08 -6.81
C LYS A 10 32.14 -23.91 -8.05
N LEU A 11 31.84 -25.19 -7.97
CA LEU A 11 31.99 -26.06 -9.12
C LEU A 11 30.65 -26.69 -9.43
N MET A 12 30.17 -26.47 -10.63
CA MET A 12 28.89 -27.00 -11.02
C MET A 12 29.03 -28.17 -11.95
N ILE A 13 28.52 -29.31 -11.53
CA ILE A 13 28.59 -30.47 -12.38
C ILE A 13 27.20 -30.82 -12.85
N VAL A 14 27.02 -30.77 -14.18
CA VAL A 14 25.73 -31.00 -14.78
C VAL A 14 25.80 -31.98 -15.92
N GLY A 15 24.63 -32.50 -16.28
CA GLY A 15 24.51 -33.47 -17.36
C GLY A 15 23.21 -34.23 -17.19
N ASN A 16 22.92 -35.12 -18.12
CA ASN A 16 21.69 -35.87 -18.03
C ASN A 16 21.84 -37.13 -17.22
N TPO A 17 20.70 -37.61 -16.76
CA TPO A 17 20.61 -38.81 -15.95
CB TPO A 17 19.12 -39.11 -15.61
CG2 TPO A 17 19.00 -40.34 -14.74
OG1 TPO A 17 18.56 -37.98 -14.92
P TPO A 17 16.97 -37.67 -14.96
O1P TPO A 17 16.24 -39.03 -14.96
O2P TPO A 17 16.64 -36.86 -13.68
O3P TPO A 17 16.67 -36.85 -16.25
C TPO A 17 21.24 -39.99 -16.66
O TPO A 17 20.87 -40.33 -17.79
N GLY A 18 22.18 -40.63 -15.99
CA GLY A 18 22.87 -41.80 -16.53
C GLY A 18 24.33 -41.56 -16.89
N SER A 19 24.77 -40.31 -16.88
CA SER A 19 26.15 -39.98 -17.25
C SER A 19 27.23 -40.61 -16.36
N GLY A 20 26.93 -40.84 -15.08
CA GLY A 20 27.91 -41.40 -14.17
C GLY A 20 28.91 -40.35 -13.66
N LYS A 21 28.57 -39.07 -13.91
CA LYS A 21 29.41 -37.93 -13.57
C LYS A 21 29.78 -37.81 -12.08
N THR A 22 29.01 -38.45 -11.20
CA THR A 22 29.36 -38.47 -9.79
C THR A 22 30.65 -39.24 -9.54
N THR A 23 30.81 -40.35 -10.25
CA THR A 23 31.99 -41.17 -10.09
C THR A 23 33.17 -40.40 -10.59
N LEU A 24 32.96 -39.71 -11.72
CA LEU A 24 33.99 -38.84 -12.29
C LEU A 24 34.53 -37.89 -11.25
N LEU A 25 33.63 -37.22 -10.54
CA LEU A 25 34.03 -36.33 -9.45
C LEU A 25 34.89 -37.01 -8.43
N GLN A 26 34.47 -38.20 -7.99
CA GLN A 26 35.24 -38.93 -6.99
C GLN A 26 36.65 -39.26 -7.48
N GLN A 27 36.78 -39.56 -8.77
CA GLN A 27 38.10 -39.84 -9.29
C GLN A 27 38.94 -38.59 -9.39
N LEU A 28 38.32 -37.48 -9.80
CA LEU A 28 39.03 -36.22 -9.92
C LEU A 28 39.52 -35.71 -8.59
N MET A 29 38.71 -35.89 -7.55
CA MET A 29 39.09 -35.48 -6.21
C MET A 29 40.07 -36.46 -5.57
N GLY A 44 18.71 -34.90 -5.51
CA GLY A 44 19.05 -33.53 -5.78
C GLY A 44 20.55 -33.33 -6.07
N ILE A 45 21.24 -32.71 -5.11
CA ILE A 45 22.65 -32.36 -5.26
C ILE A 45 23.57 -32.87 -4.15
N ASP A 46 24.68 -33.49 -4.55
CA ASP A 46 25.69 -33.91 -3.59
C ASP A 46 26.73 -32.79 -3.43
N VAL A 47 26.70 -32.09 -2.31
CA VAL A 47 27.59 -30.94 -2.11
C VAL A 47 28.81 -31.24 -1.24
N LYS A 48 30.00 -30.86 -1.70
CA LYS A 48 31.21 -31.10 -0.93
C LYS A 48 32.40 -30.24 -1.35
N ASP A 49 33.20 -29.84 -0.38
CA ASP A 49 34.40 -29.06 -0.65
C ASP A 49 35.51 -29.84 -1.34
N TRP A 50 36.24 -29.16 -2.20
CA TRP A 50 37.40 -29.73 -2.89
C TRP A 50 38.60 -28.80 -2.91
N PRO A 51 39.41 -28.79 -1.86
CA PRO A 51 40.67 -28.08 -1.75
C PRO A 51 41.66 -28.60 -2.79
N ILE A 52 42.21 -27.69 -3.58
CA ILE A 52 43.19 -28.00 -4.58
C ILE A 52 44.45 -27.21 -4.33
N LEU A 62 43.14 -23.37 -3.31
CA LEU A 62 41.88 -23.18 -4.02
C LEU A 62 40.84 -24.11 -3.48
N VAL A 63 39.81 -23.58 -2.85
CA VAL A 63 38.81 -24.49 -2.36
C VAL A 63 37.57 -24.39 -3.19
N LEU A 64 37.20 -25.50 -3.81
CA LEU A 64 36.01 -25.46 -4.60
C LEU A 64 34.82 -25.96 -3.82
N ASN A 65 33.70 -25.29 -4.00
CA ASN A 65 32.45 -25.67 -3.39
C ASN A 65 31.74 -26.48 -4.44
N VAL A 66 31.86 -27.80 -4.39
CA VAL A 66 31.33 -28.59 -5.49
C VAL A 66 29.87 -28.96 -5.30
N TRP A 67 29.06 -28.61 -6.28
CA TRP A 67 27.65 -29.00 -6.30
C TRP A 67 27.42 -30.01 -7.40
N ASP A 68 27.23 -31.27 -7.02
CA ASP A 68 26.97 -32.33 -7.98
C ASP A 68 25.51 -32.51 -8.28
N PHE A 69 25.00 -31.89 -9.35
CA PHE A 69 23.61 -32.07 -9.76
C PHE A 69 23.42 -33.39 -10.43
N ALA A 70 23.53 -34.48 -9.68
CA ALA A 70 23.41 -35.76 -10.34
C ALA A 70 22.00 -35.96 -10.85
N GLY A 71 20.97 -35.60 -10.05
CA GLY A 71 19.60 -35.79 -10.47
C GLY A 71 18.97 -34.51 -10.99
N ARG A 72 17.64 -34.55 -11.19
CA ARG A 72 16.90 -33.41 -11.74
C ARG A 72 16.63 -32.32 -10.74
N GLU A 73 17.68 -31.73 -10.20
CA GLU A 73 17.46 -30.69 -9.23
C GLU A 73 17.21 -29.37 -9.87
N GLU A 74 15.93 -29.03 -9.94
CA GLU A 74 15.43 -27.82 -10.56
C GLU A 74 16.09 -26.52 -10.10
N PHE A 75 16.78 -26.53 -8.94
CA PHE A 75 17.59 -25.41 -8.38
C PHE A 75 18.34 -24.61 -9.47
N TYR A 76 18.82 -25.30 -10.52
CA TYR A 76 19.52 -24.64 -11.65
C TYR A 76 18.61 -23.73 -12.49
N SER A 77 17.35 -23.62 -12.13
CA SER A 77 16.39 -22.79 -12.80
C SER A 77 15.46 -22.13 -11.79
N THR A 78 15.23 -22.79 -10.65
CA THR A 78 14.33 -22.26 -9.62
C THR A 78 14.98 -21.27 -8.68
N HIS A 79 16.30 -21.30 -8.59
CA HIS A 79 17.01 -20.26 -7.85
C HIS A 79 18.38 -20.05 -8.42
N PRO A 80 18.46 -19.95 -9.75
CA PRO A 80 19.67 -19.81 -10.56
C PRO A 80 20.59 -18.60 -10.27
N ARG A 86 31.07 -16.83 -10.19
CA ARG A 86 31.94 -17.53 -9.26
C ARG A 86 31.73 -19.03 -9.32
N ALA A 87 31.65 -19.56 -10.53
CA ALA A 87 31.42 -20.98 -10.68
C ALA A 87 31.88 -21.49 -12.02
N LEU A 88 32.40 -22.71 -12.03
CA LEU A 88 32.82 -23.33 -13.29
C LEU A 88 31.88 -24.45 -13.64
N TYR A 89 31.44 -24.48 -14.89
CA TYR A 89 30.52 -25.51 -15.29
C TYR A 89 31.19 -26.66 -15.97
N LEU A 90 30.98 -27.83 -15.44
CA LEU A 90 31.50 -29.04 -16.00
C LEU A 90 30.34 -29.83 -16.55
N ALA A 91 30.27 -29.94 -17.87
CA ALA A 91 29.21 -30.68 -18.51
C ALA A 91 29.70 -32.07 -18.79
N VAL A 92 28.93 -33.07 -18.40
CA VAL A 92 29.34 -34.43 -18.62
C VAL A 92 28.30 -35.23 -19.37
N TYR A 93 28.73 -35.99 -20.37
CA TYR A 93 27.80 -36.82 -21.11
C TYR A 93 28.43 -38.14 -21.50
N ASP A 94 27.61 -39.13 -21.79
CA ASP A 94 28.08 -40.46 -22.17
C ASP A 94 28.34 -40.59 -23.66
N LEU A 95 29.62 -40.60 -24.01
CA LEU A 95 30.05 -40.69 -25.39
C LEU A 95 29.50 -41.89 -26.15
N SER A 96 29.30 -43.03 -25.46
CA SER A 96 28.81 -44.22 -26.14
C SER A 96 27.36 -44.07 -26.57
N LYS A 97 26.64 -43.11 -25.99
CA LYS A 97 25.29 -42.83 -26.42
C LYS A 97 25.37 -42.08 -27.73
N GLY A 98 26.28 -41.11 -27.79
CA GLY A 98 26.55 -40.42 -29.04
C GLY A 98 25.95 -39.02 -29.22
N GLN A 99 25.81 -38.65 -30.49
CA GLN A 99 25.35 -37.34 -30.94
C GLN A 99 23.99 -36.96 -30.39
N ALA A 100 23.13 -37.95 -30.19
CA ALA A 100 21.81 -37.69 -29.64
C ALA A 100 21.94 -37.06 -28.26
N GLU A 101 22.93 -37.51 -27.50
CA GLU A 101 23.18 -36.97 -26.18
C GLU A 101 23.72 -35.58 -26.27
N VAL A 102 24.57 -35.35 -27.27
CA VAL A 102 25.12 -34.03 -27.47
C VAL A 102 23.98 -33.04 -27.66
N ASP A 103 23.01 -33.40 -28.50
CA ASP A 103 21.84 -32.55 -28.70
C ASP A 103 21.03 -32.38 -27.44
N ALA A 104 20.93 -33.42 -26.63
CA ALA A 104 20.24 -33.34 -25.35
C ALA A 104 20.87 -32.31 -24.41
N MET A 105 22.16 -32.03 -24.57
CA MET A 105 22.82 -31.05 -23.73
C MET A 105 22.57 -29.60 -24.12
N LYS A 106 21.89 -29.37 -25.24
CA LYS A 106 21.66 -27.99 -25.67
C LYS A 106 20.81 -27.19 -24.69
N PRO A 107 19.74 -27.76 -24.10
CA PRO A 107 18.93 -27.12 -23.07
C PRO A 107 19.75 -26.77 -21.84
N TRP A 108 20.77 -27.58 -21.54
CA TRP A 108 21.61 -27.31 -20.40
C TRP A 108 22.50 -26.13 -20.69
N LEU A 109 23.04 -26.12 -21.90
CA LEU A 109 23.90 -25.04 -22.32
C LEU A 109 23.11 -23.75 -22.43
N PHE A 110 21.88 -23.85 -22.91
CA PHE A 110 21.00 -22.70 -23.00
C PHE A 110 20.79 -22.10 -21.66
N ASN A 111 20.39 -22.93 -20.70
CA ASN A 111 20.14 -22.49 -19.35
C ASN A 111 21.37 -21.85 -18.73
N ILE A 112 22.55 -22.43 -18.97
CA ILE A 112 23.76 -21.86 -18.45
C ILE A 112 24.01 -20.48 -19.02
N LYS A 113 23.94 -20.35 -20.34
CA LYS A 113 24.15 -19.06 -20.97
C LYS A 113 23.13 -18.06 -20.50
N ALA A 114 21.90 -18.51 -20.36
CA ALA A 114 20.77 -17.70 -19.94
C ALA A 114 20.92 -17.14 -18.52
N ARG A 115 21.88 -17.62 -17.74
CA ARG A 115 22.03 -17.11 -16.40
C ARG A 115 23.46 -16.67 -16.13
N ALA A 116 24.42 -17.23 -16.85
CA ALA A 116 25.82 -16.87 -16.72
C ALA A 116 26.56 -17.07 -18.01
N SER A 117 26.32 -16.22 -18.99
CA SER A 117 26.98 -16.35 -20.29
C SER A 117 28.49 -16.21 -20.22
N SER A 118 28.98 -15.49 -19.20
CA SER A 118 30.41 -15.28 -19.01
C SER A 118 31.12 -16.44 -18.31
N SER A 119 30.36 -17.39 -17.75
CA SER A 119 30.97 -18.49 -17.02
C SER A 119 31.65 -19.46 -17.96
N PRO A 120 32.69 -20.18 -17.50
CA PRO A 120 33.48 -21.13 -18.24
C PRO A 120 32.76 -22.45 -18.32
N VAL A 121 32.89 -23.12 -19.45
CA VAL A 121 32.27 -24.42 -19.62
C VAL A 121 33.25 -25.46 -20.16
N ILE A 122 33.36 -26.58 -19.45
CA ILE A 122 34.20 -27.66 -19.91
C ILE A 122 33.32 -28.84 -20.24
N LEU A 123 33.44 -29.33 -21.47
CA LEU A 123 32.60 -30.42 -21.93
C LEU A 123 33.35 -31.75 -21.90
N VAL A 124 32.89 -32.70 -21.10
CA VAL A 124 33.58 -33.98 -21.03
C VAL A 124 32.69 -35.16 -21.42
N GLY A 125 33.15 -35.91 -22.41
CA GLY A 125 32.46 -37.11 -22.84
C GLY A 125 33.07 -38.26 -22.09
N THR A 126 32.28 -39.28 -21.75
CA THR A 126 32.84 -40.38 -21.01
C THR A 126 32.45 -41.74 -21.55
N HIS A 127 32.99 -42.76 -20.89
CA HIS A 127 32.86 -44.16 -21.29
C HIS A 127 33.43 -44.42 -22.67
N LEU A 128 34.59 -43.81 -22.94
CA LEU A 128 35.29 -44.01 -24.21
C LEU A 128 35.80 -45.44 -24.32
N ASP A 129 35.98 -46.14 -23.19
CA ASP A 129 36.45 -47.52 -23.26
C ASP A 129 35.39 -48.51 -23.80
N VAL A 130 34.16 -48.04 -24.03
CA VAL A 130 33.12 -48.86 -24.62
C VAL A 130 32.49 -48.10 -25.77
N SER A 131 33.24 -47.15 -26.32
CA SER A 131 32.76 -46.34 -27.42
C SER A 131 33.78 -46.31 -28.53
N ASP A 132 33.36 -46.74 -29.71
CA ASP A 132 34.25 -46.76 -30.86
C ASP A 132 34.66 -45.34 -31.19
N GLU A 133 35.91 -45.15 -31.65
CA GLU A 133 36.35 -43.81 -32.01
C GLU A 133 35.48 -43.18 -33.09
N LYS A 134 34.74 -44.00 -33.84
CA LYS A 134 33.75 -43.50 -34.78
C LYS A 134 32.81 -42.54 -34.07
N GLN A 135 32.32 -42.95 -32.90
CA GLN A 135 31.43 -42.13 -32.12
C GLN A 135 32.17 -40.94 -31.56
N ARG A 136 33.41 -41.17 -31.12
CA ARG A 136 34.23 -40.09 -30.61
C ARG A 136 34.38 -38.96 -31.61
N LYS A 137 34.80 -39.31 -32.83
CA LYS A 137 34.99 -38.31 -33.85
C LYS A 137 33.67 -37.83 -34.41
N ALA A 138 32.60 -38.63 -34.30
CA ALA A 138 31.30 -38.20 -34.75
C ALA A 138 30.83 -37.08 -33.85
N CYS A 139 30.95 -37.30 -32.54
CA CYS A 139 30.57 -36.31 -31.56
C CYS A 139 31.51 -35.13 -31.61
N MET A 140 32.78 -35.37 -31.92
CA MET A 140 33.72 -34.30 -32.08
C MET A 140 33.25 -33.38 -33.18
N SER A 141 32.93 -33.95 -34.34
CA SER A 141 32.47 -33.13 -35.44
C SER A 141 31.12 -32.52 -35.12
N LYS A 142 30.30 -33.22 -34.35
CA LYS A 142 29.01 -32.71 -33.95
C LYS A 142 29.16 -31.41 -33.17
N ILE A 143 30.07 -31.39 -32.20
CA ILE A 143 30.24 -30.17 -31.42
C ILE A 143 31.01 -29.10 -32.19
N THR A 144 31.88 -29.49 -33.13
CA THR A 144 32.56 -28.45 -33.90
C THR A 144 31.60 -27.80 -34.85
N LYS A 145 30.58 -28.54 -35.27
CA LYS A 145 29.58 -28.01 -36.17
C LYS A 145 28.43 -27.32 -35.47
N GLU A 146 28.07 -27.79 -34.27
CA GLU A 146 26.87 -27.23 -33.66
C GLU A 146 27.00 -26.59 -32.28
N LEU A 147 28.15 -26.65 -31.62
CA LEU A 147 28.21 -26.03 -30.29
C LEU A 147 29.42 -25.14 -30.08
N LEU A 148 30.59 -25.62 -30.46
CA LEU A 148 31.85 -24.90 -30.24
C LEU A 148 31.91 -23.56 -30.96
N ASN A 149 31.22 -23.46 -32.08
CA ASN A 149 31.19 -22.22 -32.83
C ASN A 149 29.76 -21.73 -33.03
N LYS A 150 28.86 -22.17 -32.15
CA LYS A 150 27.45 -21.82 -32.31
C LYS A 150 26.95 -20.80 -31.30
N ARG A 151 26.48 -19.67 -31.81
CA ARG A 151 25.94 -18.64 -30.95
C ARG A 151 24.66 -19.15 -30.30
N GLY A 152 24.39 -18.66 -29.10
CA GLY A 152 23.25 -19.13 -28.35
C GLY A 152 23.71 -20.08 -27.26
N PHE A 153 24.93 -20.60 -27.39
CA PHE A 153 25.49 -21.44 -26.36
C PHE A 153 26.67 -20.70 -25.77
N PRO A 154 26.97 -20.87 -24.47
CA PRO A 154 27.95 -20.16 -23.64
C PRO A 154 29.42 -20.48 -23.93
N ALA A 155 29.81 -20.36 -25.20
CA ALA A 155 31.17 -20.53 -25.70
C ALA A 155 32.01 -21.56 -24.95
N ILE A 156 31.62 -22.84 -25.00
CA ILE A 156 32.40 -23.94 -24.44
C ILE A 156 33.88 -23.64 -24.49
N ARG A 157 34.51 -23.61 -23.33
CA ARG A 157 35.91 -23.24 -23.25
C ARG A 157 36.85 -24.37 -23.62
N ASP A 158 36.54 -25.58 -23.18
CA ASP A 158 37.39 -26.71 -23.55
C ASP A 158 36.61 -28.00 -23.47
N TYR A 159 37.22 -29.10 -23.90
CA TYR A 159 36.56 -30.37 -23.82
C TYR A 159 37.54 -31.55 -23.78
N HIS A 160 37.06 -32.67 -23.27
CA HIS A 160 37.85 -33.89 -23.15
C HIS A 160 37.03 -35.15 -23.35
N PHE A 161 37.71 -36.26 -23.59
CA PHE A 161 37.06 -37.56 -23.68
C PHE A 161 37.77 -38.49 -22.70
N VAL A 162 37.00 -39.23 -21.92
CA VAL A 162 37.57 -40.10 -20.90
C VAL A 162 37.15 -41.56 -21.06
N ASN A 163 38.13 -42.45 -21.01
CA ASN A 163 37.89 -43.90 -21.14
C ASN A 163 37.05 -44.44 -20.02
N ALA A 164 37.47 -44.16 -18.79
CA ALA A 164 36.76 -44.65 -17.63
C ALA A 164 37.14 -43.89 -16.39
N THR A 165 36.23 -43.89 -15.43
CA THR A 165 36.41 -43.21 -14.16
C THR A 165 37.44 -43.88 -13.24
N GLU A 166 37.99 -45.02 -13.65
CA GLU A 166 39.07 -45.67 -12.92
C GLU A 166 40.35 -44.82 -12.81
N GLU A 167 40.52 -43.88 -13.76
CA GLU A 167 41.63 -42.92 -13.86
C GLU A 167 42.11 -42.89 -15.31
N SER A 168 42.84 -41.84 -15.71
CA SER A 168 43.34 -41.72 -17.06
C SER A 168 44.26 -40.53 -17.25
N ASP A 169 45.04 -40.59 -18.31
CA ASP A 169 45.88 -39.47 -18.68
C ASP A 169 44.98 -38.31 -19.08
N ALA A 170 43.81 -38.64 -19.63
CA ALA A 170 42.81 -37.67 -20.01
C ALA A 170 42.32 -36.93 -18.77
N LEU A 171 42.17 -37.66 -17.68
CA LEU A 171 41.73 -37.06 -16.43
C LEU A 171 42.81 -36.22 -15.82
N ALA A 172 44.07 -36.61 -15.99
CA ALA A 172 45.16 -35.78 -15.51
C ALA A 172 45.11 -34.44 -16.24
N LYS A 173 44.88 -34.51 -17.55
CA LYS A 173 44.77 -33.32 -18.37
C LYS A 173 43.55 -32.51 -17.99
N LEU A 174 42.44 -33.20 -17.71
CA LEU A 174 41.22 -32.55 -17.27
C LEU A 174 41.43 -31.79 -15.99
N ARG A 175 42.10 -32.40 -15.02
CA ARG A 175 42.39 -31.73 -13.77
C ARG A 175 43.19 -30.47 -14.04
N LYS A 176 44.19 -30.57 -14.91
CA LYS A 176 44.99 -29.42 -15.28
C LYS A 176 44.15 -28.36 -15.95
N THR A 177 43.24 -28.80 -16.82
CA THR A 177 42.33 -27.92 -17.53
C THR A 177 41.42 -27.19 -16.60
N ILE A 178 40.81 -27.91 -15.67
CA ILE A 178 39.89 -27.31 -14.72
C ILE A 178 40.58 -26.27 -13.89
N ILE A 179 41.76 -26.59 -13.39
CA ILE A 179 42.50 -25.66 -12.58
C ILE A 179 42.87 -24.42 -13.35
N ASN A 180 43.52 -24.61 -14.48
CA ASN A 180 43.97 -23.49 -15.26
C ASN A 180 42.83 -22.66 -15.80
N GLU A 181 41.76 -23.33 -16.20
CA GLU A 181 40.64 -22.62 -16.77
C GLU A 181 39.88 -21.85 -15.71
N SER A 182 39.78 -22.39 -14.50
CA SER A 182 39.10 -21.65 -13.45
C SER A 182 39.88 -20.40 -13.10
N LEU A 183 41.20 -20.48 -13.24
CA LEU A 183 42.05 -19.32 -13.01
C LEU A 183 41.82 -18.32 -14.13
N ASN A 184 41.70 -18.83 -15.36
CA ASN A 184 41.46 -18.01 -16.53
C ASN A 184 40.12 -17.31 -16.44
N PHE A 185 39.12 -18.02 -15.94
CA PHE A 185 37.80 -17.47 -15.74
C PHE A 185 37.82 -16.30 -14.81
N LYS A 186 38.47 -16.45 -13.68
CA LYS A 186 38.52 -15.34 -12.78
C LYS A 186 39.30 -14.20 -13.38
N ILE A 187 40.27 -14.49 -14.23
CA ILE A 187 40.94 -13.42 -14.96
C ILE A 187 39.92 -12.70 -15.84
N ARG A 188 39.06 -13.47 -16.51
CA ARG A 188 38.01 -12.90 -17.35
C ARG A 188 37.08 -12.04 -16.52
N ASP A 189 36.76 -12.49 -15.30
CA ASP A 189 35.94 -11.67 -14.42
C ASP A 189 36.64 -10.37 -14.11
N GLN A 190 37.94 -10.41 -13.88
CA GLN A 190 38.67 -9.16 -13.64
C GLN A 190 38.59 -8.23 -14.83
N LEU A 191 38.60 -8.80 -16.02
CA LEU A 191 38.50 -8.01 -17.23
C LEU A 191 37.11 -7.36 -17.39
N VAL A 192 36.06 -8.03 -16.91
CA VAL A 192 34.69 -7.50 -17.03
C VAL A 192 34.10 -7.01 -15.71
N VAL A 193 34.03 -7.92 -14.75
CA VAL A 193 33.48 -7.67 -13.41
C VAL A 193 34.41 -6.82 -12.55
N GLY A 194 35.70 -7.16 -12.57
CA GLY A 194 36.69 -6.50 -11.75
C GLY A 194 37.13 -7.36 -10.57
N GLN A 195 36.93 -8.68 -10.66
CA GLN A 195 37.32 -9.58 -9.58
C GLN A 195 38.09 -10.84 -10.04
N LEU A 196 39.13 -11.20 -9.28
CA LEU A 196 39.97 -12.39 -9.50
C LEU A 196 39.72 -13.50 -8.46
N ILE A 197 40.43 -14.63 -8.62
CA ILE A 197 40.30 -15.72 -7.65
C ILE A 197 40.86 -15.40 -6.27
N PRO A 198 41.61 -14.29 -6.09
CA PRO A 198 41.91 -13.80 -4.74
C PRO A 198 41.26 -12.44 -4.56
N ASP A 199 40.05 -12.27 -5.08
CA ASP A 199 39.39 -10.98 -4.93
C ASP A 199 39.12 -10.70 -3.49
N CYS A 200 39.34 -9.46 -3.12
CA CYS A 200 39.14 -9.09 -1.76
C CYS A 200 37.69 -8.70 -1.47
N TYR A 201 37.15 -9.32 -0.43
CA TYR A 201 35.78 -9.06 0.03
C TYR A 201 35.83 -8.65 1.47
N VAL A 202 34.88 -7.84 1.90
CA VAL A 202 34.89 -7.36 3.27
C VAL A 202 35.04 -8.54 4.23
N GLU A 203 36.11 -8.50 5.02
CA GLU A 203 36.47 -9.56 5.95
C GLU A 203 35.39 -9.94 6.92
N LEU A 204 34.48 -9.02 7.18
CA LEU A 204 33.43 -9.23 8.13
C LEU A 204 32.43 -10.23 7.57
N GLU A 205 32.26 -10.21 6.25
CA GLU A 205 31.37 -11.13 5.57
C GLU A 205 32.03 -12.50 5.59
N LYS A 206 33.35 -12.49 5.40
CA LYS A 206 34.14 -13.70 5.46
C LYS A 206 34.05 -14.33 6.84
N ILE A 207 34.06 -13.50 7.88
CA ILE A 207 33.91 -13.99 9.24
C ILE A 207 32.57 -14.67 9.45
N ILE A 208 31.47 -14.06 8.97
CA ILE A 208 30.13 -14.64 9.15
C ILE A 208 30.08 -16.10 8.79
N LEU A 209 30.69 -16.44 7.67
CA LEU A 209 30.78 -17.81 7.20
C LEU A 209 31.06 -18.84 8.31
N SER A 210 32.00 -18.54 9.20
CA SER A 210 32.37 -19.48 10.25
C SER A 210 31.23 -19.73 11.22
N GLU A 211 30.52 -18.68 11.60
CA GLU A 211 29.37 -18.82 12.48
C GLU A 211 28.24 -19.53 11.78
N ARG A 212 28.04 -19.23 10.50
CA ARG A 212 26.99 -19.90 9.78
C ARG A 212 27.32 -21.35 9.55
N LYS A 213 28.60 -21.66 9.44
CA LYS A 213 28.99 -23.05 9.32
C LYS A 213 28.67 -23.77 10.62
N ASN A 214 29.06 -23.18 11.74
CA ASN A 214 28.83 -23.80 13.04
C ASN A 214 27.43 -23.59 13.59
N VAL A 215 26.45 -24.25 12.97
CA VAL A 215 25.07 -24.16 13.42
C VAL A 215 24.44 -25.51 13.76
N PRO A 216 24.07 -25.69 15.03
CA PRO A 216 23.37 -26.89 15.48
C PRO A 216 21.89 -26.59 15.78
N ILE A 217 21.03 -26.81 14.80
CA ILE A 217 19.59 -26.60 14.95
C ILE A 217 18.80 -27.80 14.38
N GLU A 218 17.84 -28.32 15.16
CA GLU A 218 17.02 -29.46 14.75
C GLU A 218 16.30 -29.22 13.42
N PHE A 219 15.65 -28.06 13.31
CA PHE A 219 14.98 -27.62 12.07
C PHE A 219 15.66 -26.33 11.63
N PRO A 220 16.85 -26.45 11.02
CA PRO A 220 17.74 -25.35 10.62
C PRO A 220 17.08 -24.23 9.83
N VAL A 221 16.36 -23.37 10.55
CA VAL A 221 15.74 -22.17 10.02
C VAL A 221 16.24 -21.06 10.93
N ILE A 222 16.88 -20.05 10.36
CA ILE A 222 17.51 -19.04 11.17
C ILE A 222 16.89 -17.66 11.11
N ASP A 223 16.70 -17.11 12.31
CA ASP A 223 16.20 -15.78 12.57
C ASP A 223 17.11 -15.09 13.59
N ARG A 224 17.68 -15.89 14.49
CA ARG A 224 18.57 -15.42 15.55
C ARG A 224 19.92 -14.89 15.07
N LYS A 225 20.14 -14.77 13.76
CA LYS A 225 21.35 -14.17 13.22
C LYS A 225 21.57 -12.76 13.79
N ARG A 226 20.50 -12.12 14.26
CA ARG A 226 20.60 -10.83 14.90
C ARG A 226 21.43 -10.97 16.16
N LEU A 227 21.20 -12.07 16.87
CA LEU A 227 21.94 -12.39 18.06
C LEU A 227 23.36 -12.68 17.69
N LEU A 228 23.56 -13.47 16.64
CA LEU A 228 24.90 -13.84 16.21
C LEU A 228 25.71 -12.59 15.84
N GLN A 229 25.04 -11.59 15.26
CA GLN A 229 25.67 -10.32 14.99
C GLN A 229 26.17 -9.73 16.29
N LEU A 230 25.32 -9.79 17.32
CA LEU A 230 25.66 -9.31 18.66
C LEU A 230 26.69 -10.20 19.36
N VAL A 231 26.72 -11.50 19.04
CA VAL A 231 27.73 -12.40 19.61
C VAL A 231 29.10 -11.96 19.21
N ARG A 232 29.29 -11.70 17.93
CA ARG A 232 30.58 -11.22 17.48
C ARG A 232 30.61 -9.71 17.49
N GLU A 233 30.50 -9.13 18.68
CA GLU A 233 30.48 -7.68 18.85
C GLU A 233 29.31 -7.11 18.05
N ASN A 234 29.61 -6.47 16.93
CA ASN A 234 28.59 -5.97 16.02
C ASN A 234 29.27 -5.52 14.75
N GLN A 235 29.45 -6.45 13.83
CA GLN A 235 30.12 -6.16 12.58
C GLN A 235 29.09 -5.93 11.50
N LEU A 236 29.47 -5.23 10.44
CA LEU A 236 28.53 -4.95 9.35
C LEU A 236 27.29 -4.26 9.91
N GLN A 237 27.56 -3.28 10.76
CA GLN A 237 26.56 -2.53 11.50
C GLN A 237 25.56 -1.76 10.66
N LEU A 238 25.83 -1.57 9.37
CA LEU A 238 24.85 -0.90 8.54
C LEU A 238 23.83 -1.92 8.12
N ASP A 239 22.85 -2.12 9.00
CA ASP A 239 21.77 -3.06 8.80
C ASP A 239 21.02 -2.76 7.50
N GLU A 240 20.95 -1.49 7.14
CA GLU A 240 20.33 -1.04 5.92
C GLU A 240 21.18 -1.22 4.65
N ASN A 241 22.46 -1.57 4.78
CA ASN A 241 23.29 -1.72 3.59
C ASN A 241 24.27 -2.90 3.65
N GLU A 242 25.05 -2.96 4.72
CA GLU A 242 26.05 -4.00 4.88
C GLU A 242 25.41 -5.34 5.10
N LEU A 243 24.35 -5.37 5.90
CA LEU A 243 23.64 -6.61 6.14
C LEU A 243 23.06 -7.19 4.83
N PRO A 244 22.34 -6.41 4.01
CA PRO A 244 21.83 -6.82 2.71
C PRO A 244 22.93 -7.32 1.80
N HIS A 245 24.10 -6.70 1.86
CA HIS A 245 25.19 -7.15 1.03
C HIS A 245 25.74 -8.46 1.50
N ALA A 246 25.79 -8.64 2.82
CA ALA A 246 26.27 -9.88 3.37
C ALA A 246 25.35 -11.01 2.95
N VAL A 247 24.04 -10.79 3.07
CA VAL A 247 23.07 -11.81 2.69
C VAL A 247 23.17 -12.13 1.22
N HIS A 248 23.28 -11.10 0.40
CA HIS A 248 23.42 -11.26 -1.03
C HIS A 248 24.60 -12.16 -1.34
N PHE A 249 25.73 -11.85 -0.73
CA PHE A 249 26.95 -12.63 -0.86
C PHE A 249 26.73 -14.06 -0.43
N LEU A 250 26.08 -14.23 0.72
CA LEU A 250 25.84 -15.55 1.27
C LEU A 250 24.99 -16.46 0.36
N ASN A 251 24.03 -15.89 -0.38
CA ASN A 251 23.35 -16.74 -1.38
C ASN A 251 24.24 -17.00 -2.58
N GLU A 252 24.91 -15.97 -3.11
CA GLU A 252 25.75 -16.19 -4.28
C GLU A 252 26.90 -17.14 -4.02
N SER A 253 27.47 -17.06 -2.82
CA SER A 253 28.58 -17.91 -2.41
C SER A 253 28.15 -19.33 -2.00
N GLY A 254 26.85 -19.59 -1.88
CA GLY A 254 26.40 -20.91 -1.51
C GLY A 254 26.60 -21.22 -0.03
N VAL A 255 26.27 -20.26 0.83
CA VAL A 255 26.41 -20.47 2.27
C VAL A 255 25.06 -20.66 2.93
N LEU A 256 24.12 -19.78 2.64
CA LEU A 256 22.78 -19.91 3.19
C LEU A 256 21.75 -19.35 2.25
N LEU A 257 20.49 -19.62 2.54
CA LEU A 257 19.43 -19.26 1.61
C LEU A 257 18.33 -18.33 2.10
N HIS A 258 18.32 -17.08 1.63
CA HIS A 258 17.10 -16.28 1.74
C HIS A 258 16.12 -16.73 0.70
N PHE A 259 14.84 -16.43 0.88
CA PHE A 259 13.86 -16.76 -0.13
C PHE A 259 13.04 -15.53 -0.48
N GLN A 260 13.73 -14.52 -0.96
CA GLN A 260 13.12 -13.25 -1.31
C GLN A 260 12.72 -13.12 -2.77
N ALA A 263 7.09 -12.86 -3.29
CA ALA A 263 6.52 -12.38 -2.03
C ALA A 263 6.08 -13.54 -1.14
N LEU A 264 7.07 -14.20 -0.53
CA LEU A 264 6.83 -15.33 0.37
C LEU A 264 6.84 -14.84 1.79
N GLN A 265 6.19 -15.56 2.70
CA GLN A 265 6.26 -15.12 4.08
C GLN A 265 7.53 -15.69 4.66
N LEU A 266 7.83 -16.94 4.28
CA LEU A 266 9.08 -17.55 4.70
C LEU A 266 10.19 -17.07 3.77
N SER A 267 10.61 -15.83 3.98
CA SER A 267 11.57 -15.18 3.09
C SER A 267 12.71 -14.45 3.77
N ASP A 268 12.36 -13.34 4.40
CA ASP A 268 13.29 -12.40 5.03
C ASP A 268 13.93 -12.86 6.32
N LEU A 269 13.17 -13.50 7.17
CA LEU A 269 13.66 -13.88 8.49
C LEU A 269 13.82 -15.37 8.66
N TYR A 270 13.91 -16.08 7.54
CA TYR A 270 13.96 -17.52 7.56
C TYR A 270 15.10 -18.07 6.71
N PHE A 271 16.31 -18.09 7.26
CA PHE A 271 17.42 -18.57 6.49
C PHE A 271 17.56 -20.06 6.67
N VAL A 272 17.48 -20.80 5.57
CA VAL A 272 17.42 -22.25 5.69
C VAL A 272 18.61 -23.01 5.11
N GLU A 273 19.08 -23.99 5.88
CA GLU A 273 20.18 -24.87 5.47
C GLU A 273 19.84 -25.56 4.13
N PRO A 274 20.65 -25.34 3.08
CA PRO A 274 20.52 -25.88 1.73
C PRO A 274 20.30 -27.38 1.72
N LYS A 275 20.95 -28.09 2.63
CA LYS A 275 20.82 -29.52 2.71
C LYS A 275 19.38 -29.94 2.98
N TRP A 276 18.69 -29.21 3.83
CA TRP A 276 17.30 -29.55 4.11
C TRP A 276 16.39 -29.13 3.02
N LEU A 277 16.61 -27.94 2.50
CA LEU A 277 15.75 -27.47 1.44
C LEU A 277 15.71 -28.49 0.32
N CYS A 278 16.88 -28.87 -0.13
CA CYS A 278 17.00 -29.81 -1.23
C CYS A 278 16.50 -31.18 -0.88
N LYS A 279 16.99 -31.73 0.22
CA LYS A 279 16.64 -33.08 0.61
C LYS A 279 15.18 -33.31 0.82
N ILE A 280 14.56 -32.50 1.65
CA ILE A 280 13.17 -32.72 1.97
C ILE A 280 12.25 -32.54 0.78
N MET A 281 12.43 -31.48 0.03
CA MET A 281 11.53 -31.26 -1.09
C MET A 281 11.69 -32.34 -2.14
N ALA A 282 12.93 -32.74 -2.40
CA ALA A 282 13.17 -33.80 -3.37
C ALA A 282 12.57 -35.11 -2.91
N GLN A 283 12.71 -35.42 -1.63
CA GLN A 283 12.16 -36.66 -1.15
C GLN A 283 10.66 -36.68 -1.20
N ILE A 284 10.02 -35.59 -0.77
CA ILE A 284 8.56 -35.52 -0.78
C ILE A 284 8.00 -35.73 -2.17
N LEU A 285 8.68 -35.19 -3.18
CA LEU A 285 8.30 -35.45 -4.55
C LEU A 285 8.20 -36.94 -4.80
N THR A 286 9.21 -37.69 -4.37
CA THR A 286 9.23 -39.12 -4.60
C THR A 286 8.44 -39.94 -3.56
N VAL A 287 8.09 -39.36 -2.41
CA VAL A 287 7.33 -40.13 -1.44
C VAL A 287 5.99 -40.51 -2.03
N GLY A 298 -1.25 -38.54 -11.25
CA GLY A 298 -0.31 -38.06 -10.25
C GLY A 298 -0.91 -36.98 -9.35
N ILE A 299 -2.23 -36.85 -9.34
CA ILE A 299 -2.84 -35.83 -8.50
C ILE A 299 -2.93 -36.32 -7.07
N ILE A 300 -2.39 -35.53 -6.14
CA ILE A 300 -2.38 -35.92 -4.75
C ILE A 300 -3.00 -34.87 -3.86
N SER A 301 -3.90 -35.28 -2.97
CA SER A 301 -4.50 -34.33 -2.07
C SER A 301 -3.51 -33.74 -1.11
N ARG A 302 -3.65 -32.44 -0.94
CA ARG A 302 -2.86 -31.65 -0.01
C ARG A 302 -2.81 -32.26 1.36
N ARG A 303 -3.96 -32.75 1.81
CA ARG A 303 -4.09 -33.21 3.17
C ARG A 303 -3.31 -34.46 3.42
N ASP A 304 -3.27 -35.34 2.45
CA ASP A 304 -2.51 -36.55 2.60
C ASP A 304 -1.03 -36.24 2.60
N VAL A 305 -0.65 -35.21 1.84
CA VAL A 305 0.73 -34.76 1.87
C VAL A 305 1.06 -34.21 3.26
N GLU A 306 0.13 -33.44 3.83
CA GLU A 306 0.30 -32.88 5.16
C GLU A 306 0.45 -33.97 6.20
N LYS A 307 -0.33 -35.03 6.06
CA LYS A 307 -0.26 -36.15 6.98
C LYS A 307 1.10 -36.77 6.98
N PHE A 308 1.61 -37.09 5.79
CA PHE A 308 2.92 -37.68 5.70
C PHE A 308 4.00 -36.75 6.25
N LEU A 309 3.99 -35.51 5.79
CA LEU A 309 4.97 -34.50 6.21
C LEU A 309 5.04 -34.35 7.70
N SER A 310 3.88 -34.34 8.37
CA SER A 310 3.84 -34.17 9.82
C SER A 310 4.51 -35.31 10.58
N LYS A 311 4.67 -36.45 9.92
CA LYS A 311 5.33 -37.59 10.54
C LYS A 311 6.81 -37.58 10.18
N LYS A 312 7.11 -37.11 8.97
CA LYS A 312 8.47 -37.03 8.46
C LYS A 312 9.27 -35.96 9.19
N ARG A 313 8.77 -34.74 9.15
CA ARG A 313 9.38 -33.63 9.84
C ARG A 313 8.33 -32.71 10.40
N LYS A 314 8.26 -32.66 11.73
CA LYS A 314 7.24 -31.89 12.44
C LYS A 314 7.39 -30.38 12.28
N PHE A 315 7.04 -29.88 11.12
CA PHE A 315 7.07 -28.45 10.87
C PHE A 315 5.84 -27.79 11.44
N PRO A 316 5.96 -26.55 11.91
CA PRO A 316 4.89 -25.71 12.34
C PRO A 316 3.94 -25.57 11.19
N LYS A 317 2.65 -25.54 11.45
CA LYS A 317 1.68 -25.44 10.36
C LYS A 317 1.85 -24.17 9.56
N ASN A 318 2.37 -23.12 10.19
CA ASN A 318 2.65 -21.89 9.49
C ASN A 318 3.73 -22.15 8.46
N TYR A 319 4.73 -22.92 8.86
CA TYR A 319 5.82 -23.27 7.97
C TYR A 319 5.32 -24.21 6.91
N MET A 320 4.36 -25.06 7.25
CA MET A 320 3.79 -25.99 6.29
C MET A 320 3.06 -25.25 5.18
N SER A 321 2.38 -24.13 5.51
CA SER A 321 1.72 -23.39 4.45
C SER A 321 2.75 -22.78 3.51
N GLN A 322 3.89 -22.43 4.07
CA GLN A 322 4.97 -21.88 3.27
C GLN A 322 5.67 -22.96 2.52
N TYR A 323 5.70 -24.15 3.10
CA TYR A 323 6.28 -25.31 2.48
C TYR A 323 5.58 -25.56 1.16
N PHE A 324 4.25 -25.55 1.20
CA PHE A 324 3.50 -25.76 -0.01
C PHE A 324 3.75 -24.64 -1.00
N LYS A 325 3.89 -23.42 -0.51
CA LYS A 325 4.16 -22.32 -1.41
C LYS A 325 5.52 -22.50 -2.07
N LEU A 326 6.49 -23.02 -1.32
CA LEU A 326 7.81 -23.29 -1.87
C LEU A 326 7.74 -24.40 -2.89
N LEU A 327 6.86 -25.38 -2.70
CA LEU A 327 6.74 -26.44 -3.69
C LEU A 327 6.32 -25.85 -5.01
N GLU A 328 5.45 -24.86 -4.98
CA GLU A 328 5.08 -24.17 -6.21
C GLU A 328 6.26 -23.41 -6.78
N LYS A 329 6.90 -22.61 -5.93
CA LYS A 329 8.03 -21.77 -6.31
C LYS A 329 9.13 -22.56 -6.98
N PHE A 330 9.44 -23.71 -6.42
CA PHE A 330 10.47 -24.59 -6.94
C PHE A 330 9.98 -25.62 -7.93
N GLN A 331 8.76 -25.46 -8.44
CA GLN A 331 8.20 -26.33 -9.47
C GLN A 331 8.15 -27.81 -9.07
N ILE A 332 7.91 -28.09 -7.80
CA ILE A 332 7.82 -29.45 -7.35
C ILE A 332 6.40 -29.91 -7.46
N ALA A 333 5.48 -29.06 -7.04
CA ALA A 333 4.07 -29.39 -7.12
C ALA A 333 3.25 -28.14 -7.30
N LEU A 334 2.24 -28.21 -8.15
CA LEU A 334 1.43 -27.05 -8.41
C LEU A 334 0.06 -27.20 -7.78
N PRO A 335 -0.52 -26.15 -7.23
CA PRO A 335 -1.85 -26.12 -6.69
C PRO A 335 -2.89 -26.34 -7.77
N ILE A 336 -3.84 -27.23 -7.53
CA ILE A 336 -4.95 -27.43 -8.44
C ILE A 336 -6.14 -26.78 -7.78
N GLY A 337 -6.89 -27.55 -7.01
CA GLY A 337 -7.95 -26.99 -6.21
C GLY A 337 -7.28 -26.65 -4.91
N GLU A 338 -8.00 -26.07 -3.96
CA GLU A 338 -7.32 -25.73 -2.72
C GLU A 338 -6.89 -26.99 -1.94
N GLU A 339 -7.49 -28.14 -2.25
CA GLU A 339 -7.15 -29.38 -1.58
C GLU A 339 -6.24 -30.29 -2.38
N TYR A 340 -5.73 -29.85 -3.54
CA TYR A 340 -4.94 -30.77 -4.37
C TYR A 340 -3.67 -30.22 -4.99
N LEU A 341 -2.73 -31.12 -5.25
CA LEU A 341 -1.50 -30.79 -5.94
C LEU A 341 -1.34 -31.59 -7.23
N LEU A 342 -0.82 -30.94 -8.26
CA LEU A 342 -0.62 -31.56 -9.55
C LEU A 342 0.62 -32.40 -9.61
N VAL A 343 1.73 -31.88 -9.10
CA VAL A 343 2.98 -32.61 -9.10
C VAL A 343 3.50 -32.93 -10.50
N PRO A 344 3.69 -31.91 -11.35
CA PRO A 344 4.16 -31.98 -12.73
C PRO A 344 5.15 -33.09 -12.98
N SER A 345 6.17 -33.17 -12.17
CA SER A 345 7.15 -34.22 -12.34
C SER A 345 6.50 -35.54 -12.03
N SER A 346 6.68 -36.51 -12.92
CA SER A 346 6.09 -37.85 -12.81
C SER A 346 4.72 -37.95 -13.46
N LEU A 347 4.17 -36.85 -13.99
CA LEU A 347 2.90 -36.99 -14.69
C LEU A 347 3.12 -37.88 -15.89
N SER A 348 2.11 -38.63 -16.28
CA SER A 348 2.24 -39.52 -17.42
C SER A 348 2.73 -38.78 -18.63
N ASP A 349 3.65 -39.39 -19.34
CA ASP A 349 4.20 -38.80 -20.54
C ASP A 349 3.68 -39.50 -21.79
N HIS A 350 2.44 -39.96 -21.72
CA HIS A 350 1.81 -40.65 -22.83
C HIS A 350 0.46 -40.03 -23.14
N ARG A 351 0.49 -38.80 -23.65
CA ARG A 351 -0.69 -38.01 -24.02
C ARG A 351 -1.94 -38.85 -24.16
N PRO A 352 -2.87 -38.75 -23.21
CA PRO A 352 -4.13 -39.45 -23.11
C PRO A 352 -4.94 -39.26 -24.36
N VAL A 353 -5.71 -40.27 -24.72
CA VAL A 353 -6.53 -40.16 -25.91
C VAL A 353 -7.64 -39.16 -25.69
N ILE A 354 -7.64 -38.11 -26.51
CA ILE A 354 -8.64 -37.06 -26.44
C ILE A 354 -9.41 -36.94 -27.72
N GLU A 355 -10.72 -37.13 -27.64
CA GLU A 355 -11.54 -36.95 -28.81
C GLU A 355 -12.12 -35.56 -28.80
N LEU A 356 -11.73 -34.75 -29.77
CA LEU A 356 -12.22 -33.40 -29.83
C LEU A 356 -13.48 -33.33 -30.65
N PRO A 357 -14.38 -32.42 -30.34
CA PRO A 357 -15.56 -32.10 -31.07
C PRO A 357 -15.08 -31.21 -32.16
N HIS A 358 -15.74 -31.23 -33.30
CA HIS A 358 -15.36 -30.43 -34.48
C HIS A 358 -14.24 -31.10 -35.25
N CYS A 359 -14.45 -31.27 -36.55
CA CYS A 359 -13.48 -32.01 -37.36
C CYS A 359 -13.14 -31.34 -38.69
N GLU A 360 -14.01 -30.47 -39.18
CA GLU A 360 -13.75 -29.79 -40.44
C GLU A 360 -12.74 -28.70 -40.19
N ASN A 361 -11.94 -28.37 -41.20
CA ASN A 361 -10.86 -27.41 -41.00
C ASN A 361 -11.37 -26.07 -40.50
N SER A 362 -12.50 -25.61 -41.04
CA SER A 362 -13.07 -24.33 -40.67
C SER A 362 -13.67 -24.29 -39.29
N GLU A 363 -13.76 -25.41 -38.60
CA GLU A 363 -14.35 -25.39 -37.29
C GLU A 363 -13.38 -25.03 -36.19
N ILE A 364 -12.08 -25.05 -36.47
CA ILE A 364 -11.09 -24.79 -35.43
C ILE A 364 -10.00 -23.83 -35.83
N ILE A 365 -9.30 -23.32 -34.84
CA ILE A 365 -8.19 -22.42 -35.05
C ILE A 365 -6.92 -23.04 -34.49
N ILE A 366 -5.86 -23.09 -35.30
CA ILE A 366 -4.61 -23.72 -34.87
C ILE A 366 -3.41 -22.79 -34.93
N ARG A 367 -2.63 -22.79 -33.85
CA ARG A 367 -1.44 -21.95 -33.76
C ARG A 367 -0.20 -22.75 -33.35
N LEU A 368 0.90 -22.60 -34.10
CA LEU A 368 2.12 -23.35 -33.82
C LEU A 368 3.31 -22.51 -33.40
N TYR A 369 4.13 -23.06 -32.50
CA TYR A 369 5.36 -22.42 -32.04
C TYR A 369 6.57 -23.29 -32.28
N GLU A 370 7.38 -22.94 -33.28
CA GLU A 370 8.56 -23.74 -33.60
C GLU A 370 9.78 -23.37 -32.77
N MET A 371 10.32 -24.37 -32.08
CA MET A 371 11.46 -24.19 -31.20
C MET A 371 12.53 -25.24 -31.50
N PRO A 372 13.79 -24.97 -31.24
CA PRO A 372 14.91 -25.86 -31.45
C PRO A 372 14.98 -26.93 -30.37
N TYR A 373 14.38 -26.61 -29.22
CA TYR A 373 14.31 -27.46 -28.05
C TYR A 373 13.56 -26.73 -26.97
N PHE A 374 12.87 -27.46 -26.10
CA PHE A 374 12.20 -26.78 -25.02
C PHE A 374 13.19 -26.57 -23.88
N PRO A 375 13.22 -25.39 -23.28
CA PRO A 375 14.01 -25.03 -22.12
C PRO A 375 13.61 -25.90 -20.94
N MET A 376 14.56 -26.17 -20.06
CA MET A 376 14.23 -27.00 -18.91
C MET A 376 13.28 -26.26 -18.00
N GLY A 377 12.20 -26.93 -17.64
CA GLY A 377 11.19 -26.32 -16.78
C GLY A 377 10.15 -25.53 -17.57
N PHE A 378 10.30 -25.48 -18.89
CA PHE A 378 9.37 -24.75 -19.74
C PHE A 378 7.95 -25.21 -19.52
N TRP A 379 7.75 -26.50 -19.56
CA TRP A 379 6.44 -27.07 -19.41
C TRP A 379 5.82 -26.95 -18.06
N SER A 380 6.61 -27.06 -17.01
CA SER A 380 5.97 -26.98 -15.71
C SER A 380 5.56 -25.56 -15.43
N ARG A 381 6.32 -24.61 -15.94
CA ARG A 381 5.95 -23.22 -15.76
C ARG A 381 4.74 -22.87 -16.59
N LEU A 382 4.72 -23.36 -17.82
CA LEU A 382 3.63 -23.08 -18.72
C LEU A 382 2.34 -23.60 -18.17
N ILE A 383 2.33 -24.85 -17.72
CA ILE A 383 1.12 -25.42 -17.17
C ILE A 383 0.64 -24.65 -15.97
N ASN A 384 1.54 -24.24 -15.10
CA ASN A 384 1.12 -23.47 -13.94
C ASN A 384 0.32 -22.25 -14.36
N ARG A 385 0.74 -21.59 -15.42
CA ARG A 385 0.01 -20.43 -15.91
C ARG A 385 -1.31 -20.80 -16.58
N LEU A 386 -1.30 -21.86 -17.39
CA LEU A 386 -2.48 -22.24 -18.16
C LEU A 386 -3.64 -22.72 -17.31
N LEU A 387 -3.37 -23.20 -16.10
CA LEU A 387 -4.43 -23.68 -15.22
C LEU A 387 -5.51 -22.66 -14.87
N GLU A 388 -5.22 -21.37 -15.00
CA GLU A 388 -6.22 -20.37 -14.62
C GLU A 388 -7.07 -19.82 -15.76
N ILE A 389 -6.95 -20.40 -16.95
CA ILE A 389 -7.71 -19.93 -18.10
C ILE A 389 -9.20 -20.13 -17.99
N SER A 390 -9.96 -19.11 -18.40
CA SER A 390 -11.42 -19.19 -18.37
C SER A 390 -12.10 -18.20 -19.28
N PRO A 391 -12.96 -18.67 -20.18
CA PRO A 391 -13.74 -17.92 -21.13
C PRO A 391 -14.90 -17.20 -20.46
N TYR A 392 -15.10 -17.43 -19.17
CA TYR A 392 -16.17 -16.80 -18.46
C TYR A 392 -15.71 -15.74 -17.48
N MET A 393 -14.39 -15.54 -17.35
CA MET A 393 -13.93 -14.59 -16.34
C MET A 393 -14.40 -13.18 -16.61
N LEU A 394 -14.73 -12.87 -17.87
CA LEU A 394 -15.22 -11.55 -18.23
C LEU A 394 -16.54 -11.22 -17.53
N LEU A 401 -19.32 -23.67 -14.83
CA LEU A 401 -18.96 -25.00 -14.39
C LEU A 401 -17.48 -25.19 -14.58
N ARG A 402 -16.86 -26.03 -13.77
CA ARG A 402 -15.43 -26.25 -13.93
C ARG A 402 -15.17 -27.25 -15.06
N PRO A 403 -14.09 -27.07 -15.81
CA PRO A 403 -13.69 -27.84 -16.96
C PRO A 403 -13.13 -29.20 -16.60
N ASN A 404 -13.34 -30.15 -17.48
CA ASN A 404 -12.83 -31.50 -17.32
C ASN A 404 -11.38 -31.58 -17.74
N ARG A 405 -10.49 -31.15 -16.87
CA ARG A 405 -9.08 -31.11 -17.22
C ARG A 405 -8.35 -32.44 -17.29
N MET A 406 -7.43 -32.55 -18.23
CA MET A 406 -6.56 -33.71 -18.40
C MET A 406 -5.11 -33.22 -18.53
N TYR A 407 -4.13 -34.03 -18.14
CA TYR A 407 -2.76 -33.56 -18.19
C TYR A 407 -1.83 -34.53 -18.90
N TRP A 408 -0.95 -34.03 -19.76
CA TRP A 408 -0.04 -34.90 -20.50
C TRP A 408 1.39 -34.81 -20.08
N ARG A 409 1.72 -34.02 -19.08
CA ARG A 409 3.12 -33.58 -18.84
C ARG A 409 3.63 -32.58 -19.93
N GLN A 410 3.53 -32.98 -21.19
CA GLN A 410 3.89 -32.16 -22.34
C GLN A 410 2.65 -31.48 -22.95
N GLY A 411 1.62 -31.24 -22.15
CA GLY A 411 0.40 -30.62 -22.65
C GLY A 411 -0.69 -30.62 -21.61
N ILE A 412 -1.82 -30.02 -21.95
CA ILE A 412 -2.96 -29.91 -21.05
C ILE A 412 -4.24 -29.71 -21.83
N TYR A 413 -5.33 -30.27 -21.33
CA TYR A 413 -6.59 -30.14 -22.02
C TYR A 413 -7.72 -29.71 -21.12
N LEU A 414 -8.34 -28.59 -21.45
CA LEU A 414 -9.48 -28.10 -20.69
C LEU A 414 -10.72 -28.36 -21.52
N ASN A 415 -11.74 -28.95 -20.93
CA ASN A 415 -12.90 -29.25 -21.77
C ASN A 415 -13.98 -28.19 -21.75
N TRP A 416 -14.43 -27.78 -20.59
CA TRP A 416 -15.51 -26.79 -20.46
C TRP A 416 -16.81 -27.23 -21.14
N SER A 417 -16.89 -27.06 -22.44
CA SER A 417 -18.08 -27.38 -23.23
C SER A 417 -17.75 -27.52 -24.69
N PRO A 418 -18.50 -28.30 -25.47
CA PRO A 418 -18.39 -28.44 -26.90
C PRO A 418 -18.39 -27.07 -27.57
N GLU A 419 -19.06 -26.12 -26.95
CA GLU A 419 -19.06 -24.75 -27.41
C GLU A 419 -17.69 -24.08 -27.32
N ALA A 420 -16.95 -24.34 -26.24
CA ALA A 420 -15.65 -23.70 -26.03
C ALA A 420 -14.73 -24.60 -25.22
N TYR A 421 -13.61 -24.99 -25.79
CA TYR A 421 -12.64 -25.88 -25.15
C TYR A 421 -11.24 -25.56 -25.60
N CYS A 422 -10.23 -26.12 -24.96
CA CYS A 422 -8.87 -25.79 -25.35
C CYS A 422 -7.84 -26.87 -25.16
N LEU A 423 -7.08 -27.16 -26.22
CA LEU A 423 -6.02 -28.15 -26.16
C LEU A 423 -4.65 -27.58 -26.44
N VAL A 424 -3.72 -27.71 -25.51
CA VAL A 424 -2.36 -27.23 -25.72
C VAL A 424 -1.39 -28.36 -25.54
N GLY A 425 -0.54 -28.62 -26.51
CA GLY A 425 0.41 -29.71 -26.29
C GLY A 425 1.49 -29.81 -27.34
N SER A 426 2.55 -30.54 -26.99
CA SER A 426 3.70 -30.73 -27.86
C SER A 426 3.51 -31.78 -28.92
N GLU A 427 3.91 -31.46 -30.15
CA GLU A 427 3.89 -32.42 -31.23
C GLU A 427 5.12 -32.28 -32.09
N VAL A 428 5.60 -33.40 -32.63
CA VAL A 428 6.81 -33.41 -33.45
C VAL A 428 6.59 -34.12 -34.78
N LEU A 429 7.05 -33.50 -35.86
CA LEU A 429 6.93 -34.11 -37.18
C LEU A 429 8.26 -34.63 -37.71
N ASP A 430 8.18 -35.68 -38.50
CA ASP A 430 9.35 -36.32 -39.08
C ASP A 430 10.11 -35.39 -39.98
N ASN A 431 11.43 -35.50 -39.92
CA ASN A 431 12.35 -34.66 -40.69
C ASN A 431 12.34 -33.21 -40.24
N HIS A 432 11.84 -32.95 -39.03
CA HIS A 432 11.80 -31.61 -38.49
C HIS A 432 12.23 -31.60 -37.04
N PRO A 433 13.53 -31.76 -36.79
CA PRO A 433 14.20 -31.77 -35.47
C PRO A 433 13.54 -30.86 -34.44
N GLU A 434 13.19 -29.65 -34.86
CA GLU A 434 12.56 -28.67 -33.99
C GLU A 434 11.28 -29.18 -33.36
N SER A 435 11.16 -29.04 -32.05
CA SER A 435 9.95 -29.44 -31.36
C SER A 435 8.98 -28.28 -31.40
N PHE A 436 7.71 -28.50 -31.07
CA PHE A 436 6.78 -27.38 -31.14
C PHE A 436 5.41 -27.55 -30.53
N LEU A 437 4.82 -26.40 -30.21
CA LEU A 437 3.52 -26.33 -29.56
C LEU A 437 2.40 -26.28 -30.55
N LYS A 438 1.27 -26.83 -30.16
CA LYS A 438 0.07 -26.71 -30.95
C LYS A 438 -1.09 -26.33 -30.06
N ILE A 439 -1.75 -25.24 -30.41
CA ILE A 439 -2.89 -24.74 -29.65
C ILE A 439 -4.15 -24.87 -30.46
N THR A 440 -5.17 -25.55 -29.94
CA THR A 440 -6.42 -25.68 -30.69
C THR A 440 -7.64 -25.21 -29.91
N VAL A 441 -8.40 -24.29 -30.52
CA VAL A 441 -9.64 -23.79 -29.95
C VAL A 441 -10.70 -23.80 -31.04
N PRO A 442 -11.97 -23.86 -30.71
CA PRO A 442 -13.10 -23.86 -31.62
C PRO A 442 -13.31 -22.48 -32.15
N SER A 443 -13.72 -22.36 -33.39
CA SER A 443 -13.88 -21.04 -33.98
C SER A 443 -15.16 -20.32 -33.62
N CYS A 444 -15.16 -19.66 -32.47
CA CYS A 444 -16.26 -18.81 -32.05
C CYS A 444 -15.73 -17.84 -31.01
N ARG A 445 -16.53 -16.87 -30.60
CA ARG A 445 -16.06 -15.85 -29.66
C ARG A 445 -15.43 -16.41 -28.40
N LYS A 446 -16.05 -17.38 -27.76
CA LYS A 446 -15.44 -17.91 -26.56
C LYS A 446 -14.13 -18.60 -26.87
N GLY A 447 -14.07 -19.24 -28.02
CA GLY A 447 -12.85 -19.90 -28.44
C GLY A 447 -11.76 -18.88 -28.62
N CYS A 448 -12.11 -17.74 -29.17
CA CYS A 448 -11.17 -16.66 -29.36
C CYS A 448 -10.62 -16.18 -28.06
N ILE A 449 -11.50 -15.95 -27.11
CA ILE A 449 -11.08 -15.50 -25.78
C ILE A 449 -10.09 -16.45 -25.16
N LEU A 450 -10.34 -17.74 -25.30
CA LEU A 450 -9.41 -18.72 -24.78
C LEU A 450 -8.07 -18.62 -25.47
N LEU A 451 -8.09 -18.49 -26.78
CA LEU A 451 -6.85 -18.38 -27.54
C LEU A 451 -6.04 -17.21 -27.10
N GLY A 452 -6.69 -16.07 -26.94
CA GLY A 452 -6.00 -14.87 -26.51
C GLY A 452 -5.32 -15.08 -25.18
N GLN A 453 -5.99 -15.71 -24.23
CA GLN A 453 -5.38 -15.93 -22.94
C GLN A 453 -4.17 -16.85 -23.04
N VAL A 454 -4.27 -17.90 -23.85
CA VAL A 454 -3.16 -18.83 -23.98
C VAL A 454 -1.93 -18.21 -24.56
N VAL A 455 -2.07 -17.47 -25.65
CA VAL A 455 -0.88 -16.91 -26.29
C VAL A 455 -0.31 -15.77 -25.49
N ASP A 456 -1.12 -15.07 -24.72
CA ASP A 456 -0.60 -14.05 -23.86
C ASP A 456 0.25 -14.66 -22.76
N HIS A 457 -0.18 -15.80 -22.21
CA HIS A 457 0.62 -16.44 -21.18
C HIS A 457 1.90 -16.99 -21.74
N ILE A 458 1.86 -17.54 -22.95
CA ILE A 458 3.07 -18.08 -23.53
C ILE A 458 4.10 -17.01 -23.78
N ASP A 459 3.69 -15.90 -24.37
CA ASP A 459 4.67 -14.86 -24.61
C ASP A 459 5.19 -14.23 -23.34
N SER A 460 4.33 -14.06 -22.34
CA SER A 460 4.79 -13.49 -21.08
C SER A 460 5.78 -14.41 -20.40
N LEU A 461 5.52 -15.71 -20.46
CA LEU A 461 6.40 -16.71 -19.89
C LEU A 461 7.78 -16.57 -20.45
N MET A 462 7.87 -16.49 -21.75
CA MET A 462 9.16 -16.40 -22.38
C MET A 462 9.87 -15.10 -22.09
N GLU A 463 9.15 -13.99 -22.06
CA GLU A 463 9.81 -12.72 -21.78
C GLU A 463 10.45 -12.71 -20.42
N GLU A 464 9.78 -13.28 -19.44
CA GLU A 464 10.33 -13.29 -18.10
C GLU A 464 11.36 -14.37 -17.85
N TRP A 465 11.13 -15.57 -18.36
CA TRP A 465 12.01 -16.67 -17.99
C TRP A 465 12.92 -17.20 -19.05
N PHE A 466 12.59 -17.03 -20.32
CA PHE A 466 13.47 -17.57 -21.32
C PHE A 466 13.83 -16.59 -22.43
N PRO A 467 14.33 -15.40 -22.11
CA PRO A 467 14.76 -14.37 -23.01
C PRO A 467 15.96 -14.93 -23.71
N GLY A 468 16.20 -14.47 -24.90
CA GLY A 468 17.25 -15.02 -25.71
C GLY A 468 16.57 -15.68 -26.87
N LEU A 469 15.49 -16.40 -26.58
CA LEU A 469 14.70 -16.99 -27.63
C LEU A 469 13.99 -15.87 -28.38
N LEU A 470 13.69 -14.81 -27.64
CA LEU A 470 13.06 -13.59 -28.13
C LEU A 470 14.07 -12.51 -28.50
N LEU A 481 14.05 -18.45 -34.08
CA LEU A 481 13.62 -18.97 -32.81
C LEU A 481 12.20 -18.55 -32.52
N LEU A 482 11.40 -19.46 -31.97
CA LEU A 482 10.01 -19.18 -31.66
C LEU A 482 9.23 -18.79 -32.89
N LYS A 483 9.48 -19.49 -33.98
CA LYS A 483 8.82 -19.13 -35.21
C LYS A 483 7.32 -19.36 -35.04
N LYS A 484 6.54 -18.31 -35.22
CA LYS A 484 5.10 -18.44 -35.01
C LYS A 484 4.36 -18.68 -36.31
N TRP A 485 3.73 -19.84 -36.42
CA TRP A 485 3.01 -20.19 -37.63
C TRP A 485 1.52 -20.28 -37.40
N ALA A 486 0.76 -19.86 -38.38
CA ALA A 486 -0.68 -20.02 -38.32
C ALA A 486 -1.10 -20.99 -39.40
N LEU A 487 -2.07 -21.85 -39.12
CA LEU A 487 -2.49 -22.80 -40.13
C LEU A 487 -3.83 -22.47 -40.74
N TYR A 488 -3.94 -22.64 -42.05
CA TYR A 488 -5.20 -22.33 -42.71
C TYR A 488 -5.40 -23.14 -43.96
N SER A 489 -6.62 -23.17 -44.45
CA SER A 489 -6.90 -23.83 -45.72
C SER A 489 -8.04 -23.11 -46.40
N PHE A 490 -8.11 -23.20 -47.72
CA PHE A 490 -9.15 -22.50 -48.45
C PHE A 490 -10.35 -23.38 -48.74
N ASN A 491 -10.39 -24.56 -48.15
CA ASN A 491 -11.47 -25.49 -48.39
C ASN A 491 -11.42 -26.66 -47.42
N ASP A 492 -12.52 -26.90 -46.74
CA ASP A 492 -12.57 -28.00 -45.79
C ASP A 492 -12.31 -29.31 -46.49
N GLY A 493 -11.54 -30.16 -45.84
CA GLY A 493 -11.18 -31.45 -46.40
C GLY A 493 -9.80 -31.44 -47.02
N GLU A 494 -9.19 -30.25 -47.15
CA GLU A 494 -7.84 -30.19 -47.72
C GLU A 494 -6.80 -30.04 -46.62
N GLU A 495 -5.54 -29.95 -47.01
CA GLU A 495 -4.44 -29.83 -46.06
C GLU A 495 -4.21 -28.41 -45.64
N HIS A 496 -3.62 -28.22 -44.47
CA HIS A 496 -3.35 -26.89 -43.99
C HIS A 496 -2.08 -26.34 -44.60
N GLN A 497 -2.05 -25.03 -44.73
CA GLN A 497 -0.91 -24.31 -45.22
C GLN A 497 -0.36 -23.47 -44.10
N LYS A 498 0.93 -23.24 -44.12
CA LYS A 498 1.57 -22.48 -43.07
C LYS A 498 1.87 -21.05 -43.46
N ILE A 499 1.72 -20.14 -42.52
CA ILE A 499 2.09 -18.75 -42.75
C ILE A 499 2.61 -18.12 -41.48
N LEU A 500 3.66 -17.31 -41.59
CA LEU A 500 4.20 -16.66 -40.40
C LEU A 500 3.34 -15.52 -39.98
N LEU A 501 3.19 -15.33 -38.68
CA LEU A 501 2.33 -14.25 -38.22
C LEU A 501 2.79 -12.90 -38.67
N ASP A 502 4.10 -12.72 -38.85
CA ASP A 502 4.59 -11.44 -39.31
C ASP A 502 3.97 -11.08 -40.65
N ASP A 503 3.78 -12.06 -41.51
CA ASP A 503 3.19 -11.80 -42.80
C ASP A 503 1.71 -11.53 -42.65
N LEU A 504 1.06 -12.21 -41.71
CA LEU A 504 -0.33 -11.89 -41.49
C LEU A 504 -0.46 -10.50 -40.92
N MET A 505 0.50 -10.03 -40.15
CA MET A 505 0.45 -8.66 -39.65
C MET A 505 0.57 -7.70 -40.82
N LYS A 506 1.39 -8.04 -41.81
CA LYS A 506 1.51 -7.21 -43.00
C LYS A 506 0.18 -7.12 -43.70
N LYS A 507 -0.57 -8.21 -43.70
CA LYS A 507 -1.88 -8.23 -44.32
C LYS A 507 -2.93 -7.56 -43.46
N ALA A 508 -2.76 -7.65 -42.15
CA ALA A 508 -3.69 -7.02 -41.20
C ALA A 508 -3.67 -5.53 -41.37
N GLU A 509 -2.48 -4.99 -41.68
CA GLU A 509 -2.34 -3.57 -41.92
C GLU A 509 -3.08 -3.16 -43.18
N GLU A 510 -3.17 -4.07 -44.13
CA GLU A 510 -3.94 -3.81 -45.33
C GLU A 510 -5.44 -3.93 -45.04
N GLY A 511 -5.78 -4.88 -44.15
CA GLY A 511 -7.17 -5.12 -43.74
C GLY A 511 -7.88 -6.08 -44.69
N ASP A 512 -7.14 -6.61 -45.64
CA ASP A 512 -7.64 -7.49 -46.67
C ASP A 512 -7.93 -8.90 -46.20
N LEU A 513 -8.60 -9.65 -47.05
CA LEU A 513 -8.85 -11.04 -46.83
C LEU A 513 -7.57 -11.73 -47.26
N LEU A 514 -7.26 -12.88 -46.71
CA LEU A 514 -6.11 -13.59 -47.21
C LEU A 514 -6.48 -14.12 -48.56
N VAL A 515 -5.74 -13.73 -49.59
CA VAL A 515 -6.11 -14.14 -50.94
C VAL A 515 -5.13 -15.10 -51.55
N ASN A 516 -5.64 -16.20 -52.09
CA ASN A 516 -4.80 -17.16 -52.77
C ASN A 516 -4.24 -16.52 -54.02
N PRO A 517 -2.93 -16.26 -54.07
CA PRO A 517 -2.21 -15.57 -55.13
C PRO A 517 -2.36 -16.22 -56.50
N ASP A 518 -2.71 -17.49 -56.52
CA ASP A 518 -2.88 -18.22 -57.76
C ASP A 518 -4.34 -18.26 -58.17
N GLN A 519 -5.23 -18.23 -57.19
CA GLN A 519 -6.65 -18.26 -57.47
C GLN A 519 -7.47 -17.34 -56.58
N PRO A 520 -7.74 -16.11 -57.05
CA PRO A 520 -8.49 -15.02 -56.42
C PRO A 520 -9.85 -15.43 -55.89
N ARG A 521 -10.43 -16.48 -56.45
CA ARG A 521 -11.72 -16.99 -55.98
C ARG A 521 -11.64 -17.54 -54.55
N LEU A 522 -10.44 -17.92 -54.12
CA LEU A 522 -10.22 -18.48 -52.81
C LEU A 522 -9.70 -17.45 -51.82
N THR A 523 -10.54 -17.04 -50.88
CA THR A 523 -10.14 -16.07 -49.87
C THR A 523 -10.54 -16.48 -48.46
N ILE A 524 -9.82 -15.99 -47.46
CA ILE A 524 -10.12 -16.27 -46.06
C ILE A 524 -10.11 -15.00 -45.21
N PRO A 525 -11.13 -14.70 -44.45
CA PRO A 525 -11.18 -13.59 -43.56
C PRO A 525 -10.16 -13.79 -42.48
N ILE A 526 -9.19 -12.88 -42.44
CA ILE A 526 -8.07 -12.89 -41.50
C ILE A 526 -8.41 -13.26 -40.09
N SER A 527 -9.56 -12.82 -39.61
CA SER A 527 -9.99 -13.11 -38.27
C SER A 527 -10.06 -14.59 -37.95
N GLN A 528 -10.45 -15.42 -38.91
CA GLN A 528 -10.54 -16.85 -38.64
C GLN A 528 -9.18 -17.45 -38.41
N ILE A 529 -8.21 -16.99 -39.16
CA ILE A 529 -6.86 -17.48 -39.02
C ILE A 529 -6.21 -16.93 -37.77
N ALA A 530 -6.44 -15.66 -37.50
CA ALA A 530 -5.76 -15.04 -36.41
C ALA A 530 -6.56 -13.93 -35.77
N PRO A 531 -7.59 -14.28 -34.99
CA PRO A 531 -8.50 -13.42 -34.26
C PRO A 531 -7.84 -12.71 -33.08
N ASP A 532 -6.55 -12.95 -32.87
CA ASP A 532 -5.80 -12.24 -31.86
C ASP A 532 -4.94 -11.14 -32.48
N LEU A 533 -4.84 -11.10 -33.81
CA LEU A 533 -4.10 -10.01 -34.45
C LEU A 533 -5.06 -8.87 -34.58
N ILE A 534 -6.27 -9.18 -34.97
CA ILE A 534 -7.34 -8.23 -34.91
C ILE A 534 -7.94 -8.36 -33.56
N LEU A 535 -8.10 -7.29 -32.83
CA LEU A 535 -8.55 -7.42 -31.45
C LEU A 535 -10.00 -7.85 -31.31
N ALA A 536 -10.28 -9.13 -31.56
CA ALA A 536 -11.62 -9.66 -31.49
C ALA A 536 -11.97 -10.21 -30.12
N ASP A 537 -11.03 -10.19 -29.19
CA ASP A 537 -11.32 -10.70 -27.85
C ASP A 537 -11.51 -9.61 -26.81
N LEU A 538 -11.91 -8.42 -27.26
CA LEU A 538 -12.15 -7.34 -26.32
C LEU A 538 -13.54 -7.46 -25.77
N PRO A 539 -13.77 -6.96 -24.57
CA PRO A 539 -15.06 -6.80 -23.94
C PRO A 539 -15.86 -5.85 -24.81
N ARG A 540 -17.17 -6.03 -24.87
CA ARG A 540 -17.99 -5.18 -25.72
C ARG A 540 -17.88 -3.72 -25.35
N ASN A 541 -17.67 -3.47 -24.08
CA ASN A 541 -17.59 -2.14 -23.54
C ASN A 541 -16.45 -1.32 -24.09
N ILE A 542 -15.39 -1.96 -24.55
CA ILE A 542 -14.27 -1.21 -25.06
C ILE A 542 -14.02 -1.40 -26.54
N MET A 543 -15.02 -1.80 -27.29
CA MET A 543 -14.74 -1.88 -28.71
C MET A 543 -14.87 -0.48 -29.28
N LEU A 544 -13.91 -0.10 -30.10
CA LEU A 544 -13.87 1.25 -30.65
C LEU A 544 -14.92 1.54 -31.69
N ASN A 545 -15.76 2.52 -31.41
CA ASN A 545 -16.76 2.93 -32.38
C ASN A 545 -16.18 4.01 -33.27
N ASN A 546 -15.86 3.65 -34.51
CA ASN A 546 -15.21 4.55 -35.46
C ASN A 546 -16.05 5.73 -35.92
N ASP A 547 -17.32 5.77 -35.56
CA ASP A 547 -18.15 6.91 -35.91
C ASP A 547 -18.17 7.96 -34.80
N GLU A 548 -17.53 7.64 -33.68
CA GLU A 548 -17.48 8.56 -32.57
C GLU A 548 -16.11 9.19 -32.43
N LEU A 549 -15.08 8.38 -32.59
CA LEU A 549 -13.73 8.88 -32.41
C LEU A 549 -13.35 9.89 -33.47
N GLU A 550 -12.96 11.08 -33.03
CA GLU A 550 -12.55 12.15 -33.93
C GLU A 550 -11.19 12.71 -33.53
N PHE A 551 -10.21 12.51 -34.40
CA PHE A 551 -8.84 12.93 -34.12
C PHE A 551 -8.15 13.22 -35.45
N GLU A 552 -7.06 13.98 -35.40
CA GLU A 552 -6.37 14.32 -36.64
C GLU A 552 -4.89 13.94 -36.68
N GLN A 553 -4.32 13.54 -35.55
CA GLN A 553 -2.88 13.26 -35.44
C GLN A 553 -2.04 14.47 -35.85
N ALA A 554 -2.55 15.67 -35.60
CA ALA A 554 -1.83 16.86 -35.96
C ALA A 554 -1.05 17.37 -34.76
N PRO A 555 0.11 18.03 -34.97
CA PRO A 555 1.01 18.60 -33.97
C PRO A 555 0.27 19.45 -32.96
N GLU A 556 -0.76 20.15 -33.43
CA GLU A 556 -1.60 20.99 -32.59
C GLU A 556 -2.26 20.24 -31.43
N PHE A 557 -2.43 18.94 -31.57
CA PHE A 557 -3.07 18.16 -30.55
C PHE A 557 -2.11 17.25 -29.86
N LEU A 558 -0.82 17.43 -30.09
CA LEU A 558 0.14 16.55 -29.46
C LEU A 558 0.23 16.85 -27.98
N LEU A 559 -0.08 15.87 -27.16
CA LEU A 559 -0.02 16.04 -25.73
C LEU A 559 1.30 15.56 -25.17
N GLY A 560 1.91 14.59 -25.84
CA GLY A 560 3.21 14.10 -25.40
C GLY A 560 3.60 12.84 -26.15
N ASP A 561 4.73 12.25 -25.80
CA ASP A 561 5.15 11.03 -26.46
C ASP A 561 5.94 10.09 -25.56
N GLY A 562 6.54 9.06 -26.14
CA GLY A 562 7.36 8.13 -25.39
C GLY A 562 7.82 6.98 -26.27
N SER A 563 8.38 5.94 -25.66
CA SER A 563 8.86 4.79 -26.43
C SER A 563 7.72 4.02 -27.09
N PHE A 564 6.53 4.15 -26.53
CA PHE A 564 5.34 3.53 -27.09
C PHE A 564 4.81 4.24 -28.33
N GLY A 565 5.26 5.48 -28.59
CA GLY A 565 4.75 6.24 -29.71
C GLY A 565 4.34 7.65 -29.30
N SER A 566 3.07 8.00 -29.44
CA SER A 566 2.66 9.35 -29.08
C SER A 566 1.22 9.47 -28.61
N VAL A 567 0.93 10.60 -27.97
CA VAL A 567 -0.39 10.87 -27.41
C VAL A 567 -1.02 12.14 -27.96
N TYR A 568 -2.24 12.03 -28.45
CA TYR A 568 -2.93 13.20 -28.97
C TYR A 568 -4.24 13.47 -28.28
N ARG A 569 -4.66 14.73 -28.32
CA ARG A 569 -5.95 15.11 -27.77
C ARG A 569 -7.02 14.84 -28.80
N ALA A 570 -8.14 14.28 -28.39
CA ALA A 570 -9.20 13.92 -29.34
C ALA A 570 -10.57 13.97 -28.72
N ALA A 571 -11.60 13.77 -29.54
CA ALA A 571 -12.96 13.73 -29.04
C ALA A 571 -13.56 12.36 -29.25
N TYR A 572 -14.32 11.89 -28.28
CA TYR A 572 -14.98 10.60 -28.41
C TYR A 572 -16.32 10.70 -27.73
N GLU A 573 -17.39 10.49 -28.47
CA GLU A 573 -18.73 10.64 -27.93
C GLU A 573 -18.95 11.98 -27.24
N GLY A 574 -18.35 13.04 -27.79
CA GLY A 574 -18.50 14.38 -27.27
C GLY A 574 -17.60 14.71 -26.07
N GLU A 575 -16.71 13.80 -25.68
CA GLU A 575 -15.87 14.06 -24.53
C GLU A 575 -14.40 14.15 -24.89
N GLU A 576 -13.65 14.87 -24.06
CA GLU A 576 -12.22 15.03 -24.27
C GLU A 576 -11.47 13.78 -23.84
N VAL A 577 -10.76 13.18 -24.79
CA VAL A 577 -10.01 11.96 -24.53
C VAL A 577 -8.60 12.05 -25.03
N ALA A 578 -7.75 11.17 -24.55
CA ALA A 578 -6.38 11.12 -24.99
C ALA A 578 -6.17 9.85 -25.77
N VAL A 579 -5.45 9.91 -26.88
CA VAL A 579 -5.27 8.73 -27.68
C VAL A 579 -3.83 8.30 -27.79
N LYS A 580 -3.52 7.13 -27.23
CA LYS A 580 -2.17 6.61 -27.35
C LYS A 580 -2.04 5.88 -28.66
N ILE A 581 -1.02 6.22 -29.44
CA ILE A 581 -0.81 5.57 -30.71
C ILE A 581 0.47 4.80 -30.76
N PHE A 582 0.38 3.50 -31.03
CA PHE A 582 1.57 2.67 -31.11
C PHE A 582 2.21 2.76 -32.48
N ASN A 583 2.83 3.90 -32.72
CA ASN A 583 3.41 4.26 -34.00
C ASN A 583 4.73 3.58 -34.33
N LYS A 584 4.66 2.34 -34.78
CA LYS A 584 5.82 1.58 -35.23
C LYS A 584 6.85 1.35 -34.13
N HIS A 585 6.42 0.73 -33.07
CA HIS A 585 7.30 0.41 -31.96
C HIS A 585 6.98 -0.96 -31.43
N THR A 586 7.41 -2.02 -32.13
CA THR A 586 7.05 -3.40 -31.72
C THR A 586 5.62 -3.50 -31.21
N SER A 587 4.70 -2.98 -32.03
CA SER A 587 3.30 -2.87 -31.71
C SER A 587 2.67 -4.23 -31.65
N LEU A 588 1.40 -4.26 -31.31
CA LEU A 588 0.64 -5.49 -31.10
C LEU A 588 1.03 -6.15 -29.81
N ARG A 589 2.28 -6.54 -29.67
CA ARG A 589 2.68 -7.13 -28.42
C ARG A 589 2.62 -6.10 -27.32
N LEU A 590 3.11 -4.89 -27.58
CA LEU A 590 2.99 -3.89 -26.54
C LEU A 590 1.54 -3.53 -26.30
N LEU A 591 0.77 -3.48 -27.37
CA LEU A 591 -0.61 -3.13 -27.27
C LEU A 591 -1.36 -4.13 -26.42
N ARG A 592 -1.17 -5.40 -26.69
CA ARG A 592 -1.88 -6.40 -25.93
C ARG A 592 -1.42 -6.44 -24.49
N GLN A 593 -0.14 -6.18 -24.22
CA GLN A 593 0.29 -6.15 -22.83
C GLN A 593 -0.43 -5.08 -22.07
N GLU A 594 -0.60 -3.92 -22.69
CA GLU A 594 -1.29 -2.85 -22.04
C GLU A 594 -2.75 -3.18 -21.83
N LEU A 595 -3.37 -3.84 -22.80
CA LEU A 595 -4.76 -4.21 -22.66
C LEU A 595 -5.01 -5.16 -21.53
N VAL A 596 -4.13 -6.14 -21.36
CA VAL A 596 -4.28 -7.11 -20.30
C VAL A 596 -4.20 -6.49 -18.93
N VAL A 597 -3.23 -5.61 -18.74
CA VAL A 597 -3.07 -4.96 -17.44
C VAL A 597 -4.16 -3.95 -17.17
N LEU A 598 -4.51 -3.19 -18.19
CA LEU A 598 -5.40 -2.06 -18.07
C LEU A 598 -6.82 -2.47 -17.75
N CYS A 599 -7.41 -3.38 -18.51
CA CYS A 599 -8.74 -3.81 -18.13
C CYS A 599 -8.54 -4.74 -16.97
N HIS A 600 -9.58 -4.97 -16.16
CA HIS A 600 -9.52 -5.76 -14.93
C HIS A 600 -9.28 -4.83 -13.72
N LEU A 601 -8.70 -3.66 -13.96
CA LEU A 601 -8.52 -2.70 -12.89
C LEU A 601 -9.58 -1.65 -13.08
N HIS A 602 -10.56 -1.64 -12.19
CA HIS A 602 -11.70 -0.75 -12.37
C HIS A 602 -12.01 0.04 -11.12
N HIS A 603 -11.09 0.89 -10.71
CA HIS A 603 -11.33 1.69 -9.52
C HIS A 603 -11.53 3.15 -9.91
N PRO A 604 -12.42 3.89 -9.21
CA PRO A 604 -12.74 5.30 -9.42
C PRO A 604 -11.54 6.21 -9.37
N SER A 605 -10.49 5.84 -8.65
CA SER A 605 -9.31 6.69 -8.58
C SER A 605 -8.29 6.42 -9.67
N LEU A 606 -8.58 5.52 -10.61
CA LEU A 606 -7.65 5.23 -11.69
C LEU A 606 -8.16 5.73 -13.03
N ILE A 607 -7.25 5.93 -13.98
CA ILE A 607 -7.62 6.39 -15.31
C ILE A 607 -8.14 5.23 -16.14
N SER A 608 -9.41 5.27 -16.53
CA SER A 608 -9.96 4.15 -17.26
C SER A 608 -9.76 4.22 -18.76
N LEU A 609 -10.06 3.10 -19.42
CA LEU A 609 -9.95 2.96 -20.86
C LEU A 609 -11.29 3.18 -21.51
N LEU A 610 -11.31 4.04 -22.52
CA LEU A 610 -12.52 4.36 -23.24
C LEU A 610 -12.47 3.84 -24.66
N ALA A 611 -12.30 2.54 -24.80
CA ALA A 611 -12.23 1.80 -26.06
C ALA A 611 -10.87 1.78 -26.72
N ALA A 612 -10.55 0.61 -27.28
CA ALA A 612 -9.30 0.35 -27.99
C ALA A 612 -9.58 -0.09 -29.42
N GLY A 613 -8.67 0.17 -30.34
CA GLY A 613 -8.94 -0.20 -31.73
C GLY A 613 -7.70 -0.51 -32.56
N ILE A 614 -7.67 -1.72 -33.08
CA ILE A 614 -6.55 -2.24 -33.84
C ILE A 614 -6.33 -1.57 -35.19
N ARG A 615 -7.37 -1.03 -35.78
CA ARG A 615 -7.25 -0.43 -37.11
C ARG A 615 -6.10 0.58 -37.22
N PRO A 616 -5.90 1.43 -36.21
CA PRO A 616 -4.73 2.30 -36.20
C PRO A 616 -3.89 2.05 -34.95
N ARG A 617 -4.26 1.03 -34.17
CA ARG A 617 -3.56 0.63 -32.94
C ARG A 617 -3.59 1.72 -31.89
N MET A 618 -4.78 1.94 -31.35
CA MET A 618 -5.00 2.98 -30.37
C MET A 618 -5.61 2.57 -29.06
N LEU A 619 -5.24 3.29 -28.01
CA LEU A 619 -5.94 3.25 -26.74
C LEU A 619 -6.55 4.60 -26.43
N VAL A 620 -7.86 4.68 -26.43
CA VAL A 620 -8.52 5.93 -26.11
C VAL A 620 -8.77 5.97 -24.63
N MET A 621 -8.18 6.92 -23.92
CA MET A 621 -8.32 6.99 -22.46
C MET A 621 -8.85 8.32 -21.97
N GLU A 622 -9.31 8.35 -20.73
CA GLU A 622 -9.85 9.58 -20.16
C GLU A 622 -8.82 10.70 -20.13
N LEU A 623 -9.20 11.90 -20.56
CA LEU A 623 -8.29 13.05 -20.40
C LEU A 623 -8.67 13.95 -19.23
N ALA A 624 -7.70 14.23 -18.35
CA ALA A 624 -7.93 15.11 -17.20
C ALA A 624 -8.19 16.53 -17.65
N SER A 625 -9.11 17.20 -16.98
CA SER A 625 -9.48 18.54 -17.38
C SER A 625 -8.72 19.64 -16.65
N LYS A 626 -8.26 19.40 -15.43
CA LYS A 626 -7.55 20.45 -14.71
C LYS A 626 -6.05 20.27 -14.72
N GLY A 627 -5.59 19.14 -15.26
CA GLY A 627 -4.17 18.89 -15.36
C GLY A 627 -3.56 18.27 -14.12
N SER A 628 -2.25 18.14 -14.14
CA SER A 628 -1.48 17.52 -13.07
C SER A 628 -1.28 18.41 -11.86
N LEU A 629 -1.21 17.75 -10.71
CA LEU A 629 -1.07 18.38 -9.41
C LEU A 629 0.10 19.34 -9.33
N ASP A 630 1.28 18.90 -9.75
CA ASP A 630 2.47 19.74 -9.76
C ASP A 630 2.19 21.16 -10.25
N ARG A 631 1.53 21.29 -11.39
CA ARG A 631 1.22 22.58 -11.93
C ARG A 631 0.35 23.36 -10.98
N LEU A 632 -0.68 22.72 -10.46
CA LEU A 632 -1.55 23.39 -9.52
C LEU A 632 -0.78 23.89 -8.33
N LEU A 633 0.11 23.07 -7.79
CA LEU A 633 0.90 23.46 -6.64
C LEU A 633 1.70 24.71 -6.92
N GLN A 634 2.24 24.82 -8.11
CA GLN A 634 3.03 25.98 -8.45
C GLN A 634 2.25 27.11 -9.11
N GLN A 635 0.97 26.91 -9.43
CA GLN A 635 0.25 27.95 -10.16
C GLN A 635 -0.96 28.54 -9.44
N ASP A 636 -1.58 27.81 -8.51
CA ASP A 636 -2.74 28.41 -7.87
C ASP A 636 -3.06 27.91 -6.45
N LYS A 637 -2.38 28.48 -5.48
CA LYS A 637 -2.59 28.17 -4.07
C LYS A 637 -3.98 28.56 -3.59
N ALA A 638 -4.61 29.51 -4.26
CA ALA A 638 -5.95 29.94 -3.88
C ALA A 638 -6.95 28.79 -4.05
N SER A 639 -6.73 27.92 -5.04
CA SER A 639 -7.60 26.79 -5.23
C SER A 639 -7.34 25.76 -4.16
N LEU A 640 -6.08 25.63 -3.76
CA LEU A 640 -5.69 24.65 -2.74
C LEU A 640 -6.14 25.00 -1.33
N THR A 641 -7.43 24.82 -1.07
CA THR A 641 -7.97 25.08 0.26
C THR A 641 -7.77 23.85 1.10
N ARG A 642 -7.98 23.99 2.39
CA ARG A 642 -7.81 22.88 3.30
C ARG A 642 -8.75 21.74 2.97
N THR A 643 -9.96 22.07 2.54
CA THR A 643 -10.93 21.06 2.13
C THR A 643 -10.47 20.31 0.90
N LEU A 644 -10.02 21.05 -0.11
CA LEU A 644 -9.58 20.42 -1.34
C LEU A 644 -8.42 19.50 -1.07
N GLN A 645 -7.46 19.96 -0.30
CA GLN A 645 -6.28 19.20 0.02
C GLN A 645 -6.64 17.87 0.64
N HIS A 646 -7.54 17.87 1.60
CA HIS A 646 -7.94 16.62 2.20
C HIS A 646 -8.54 15.65 1.22
N ARG A 647 -9.42 16.13 0.36
CA ARG A 647 -10.06 15.23 -0.58
C ARG A 647 -9.07 14.62 -1.55
N ILE A 648 -8.06 15.39 -1.96
CA ILE A 648 -7.05 14.84 -2.83
C ILE A 648 -6.32 13.71 -2.15
N ALA A 649 -5.98 13.89 -0.89
CA ALA A 649 -5.30 12.85 -0.15
C ALA A 649 -6.12 11.56 -0.10
N LEU A 650 -7.44 11.68 0.06
CA LEU A 650 -8.26 10.47 0.06
C LEU A 650 -8.23 9.72 -1.22
N HIS A 651 -8.35 10.45 -2.33
CA HIS A 651 -8.46 9.80 -3.61
C HIS A 651 -7.18 9.07 -3.97
N VAL A 652 -6.04 9.66 -3.64
CA VAL A 652 -4.80 8.97 -3.92
C VAL A 652 -4.65 7.73 -3.07
N ALA A 653 -5.02 7.83 -1.79
CA ALA A 653 -4.90 6.69 -0.90
C ALA A 653 -5.74 5.53 -1.38
N ASP A 654 -6.94 5.78 -1.89
CA ASP A 654 -7.73 4.69 -2.42
C ASP A 654 -7.05 3.96 -3.54
N GLY A 655 -6.46 4.70 -4.47
CA GLY A 655 -5.79 4.07 -5.57
C GLY A 655 -4.70 3.15 -5.09
N LEU A 656 -3.94 3.61 -4.12
CA LEU A 656 -2.86 2.79 -3.61
C LEU A 656 -3.37 1.54 -2.95
N ARG A 657 -4.45 1.65 -2.20
CA ARG A 657 -4.98 0.49 -1.53
C ARG A 657 -5.41 -0.54 -2.54
N TYR A 658 -6.09 -0.08 -3.58
CA TYR A 658 -6.59 -0.95 -4.62
C TYR A 658 -5.47 -1.66 -5.35
N LEU A 659 -4.49 -0.90 -5.82
CA LEU A 659 -3.39 -1.50 -6.56
C LEU A 659 -2.59 -2.45 -5.71
N HIS A 660 -2.44 -2.17 -4.43
CA HIS A 660 -1.73 -3.07 -3.57
C HIS A 660 -2.49 -4.36 -3.37
N SER A 661 -3.83 -4.27 -3.30
CA SER A 661 -4.62 -5.49 -3.17
C SER A 661 -4.57 -6.28 -4.47
N ALA A 662 -4.27 -5.60 -5.57
CA ALA A 662 -4.10 -6.22 -6.87
C ALA A 662 -2.67 -6.71 -7.10
N MET A 663 -1.82 -6.68 -6.07
CA MET A 663 -0.43 -7.11 -6.16
C MET A 663 0.42 -6.29 -7.13
N ILE A 664 0.08 -5.02 -7.31
CA ILE A 664 0.80 -4.15 -8.21
C ILE A 664 1.55 -3.06 -7.46
N ILE A 665 2.84 -2.94 -7.68
CA ILE A 665 3.60 -1.90 -7.02
C ILE A 665 3.71 -0.73 -7.97
N TYR A 666 3.31 0.45 -7.52
CA TYR A 666 3.28 1.61 -8.40
C TYR A 666 4.70 2.11 -8.67
N ARG A 667 5.47 2.26 -7.60
CA ARG A 667 6.86 2.70 -7.66
C ARG A 667 7.10 4.08 -8.23
N ASP A 668 6.13 4.98 -8.20
CA ASP A 668 6.41 6.30 -8.76
C ASP A 668 5.45 7.40 -8.33
N LEU A 669 5.11 7.50 -7.06
CA LEU A 669 4.20 8.58 -6.69
C LEU A 669 4.93 9.90 -6.69
N LYS A 670 4.26 10.90 -7.20
CA LYS A 670 4.80 12.24 -7.26
C LYS A 670 3.73 13.14 -7.85
N PRO A 671 3.78 14.45 -7.60
CA PRO A 671 2.88 15.49 -8.08
C PRO A 671 2.70 15.50 -9.59
N HIS A 672 3.63 14.88 -10.30
CA HIS A 672 3.58 14.84 -11.73
C HIS A 672 2.65 13.73 -12.23
N ASN A 673 2.33 12.78 -11.35
CA ASN A 673 1.46 11.66 -11.70
C ASN A 673 0.04 11.75 -11.13
N VAL A 674 -0.26 12.83 -10.43
CA VAL A 674 -1.61 12.99 -9.89
C VAL A 674 -2.43 13.90 -10.77
N LEU A 675 -3.54 13.39 -11.28
CA LEU A 675 -4.35 14.19 -12.18
C LEU A 675 -5.62 14.69 -11.54
N LEU A 676 -5.99 15.93 -11.85
CA LEU A 676 -7.19 16.52 -11.31
C LEU A 676 -8.27 16.68 -12.36
N PHE A 677 -9.49 16.32 -11.99
CA PHE A 677 -10.65 16.38 -12.88
C PHE A 677 -11.68 17.41 -12.53
N THR A 678 -11.31 18.35 -11.66
CA THR A 678 -12.18 19.43 -11.18
C THR A 678 -11.70 19.92 -9.87
N LEU A 679 -11.60 21.22 -9.73
CA LEU A 679 -11.14 21.77 -8.49
C LEU A 679 -12.28 21.99 -7.50
N TYR A 680 -13.53 21.78 -7.95
CA TYR A 680 -14.69 21.92 -7.07
C TYR A 680 -14.58 20.96 -5.89
N PRO A 681 -14.34 21.46 -4.68
CA PRO A 681 -14.12 20.73 -3.43
C PRO A 681 -15.14 19.64 -3.16
N ASN A 682 -16.40 19.88 -3.48
CA ASN A 682 -17.40 18.88 -3.20
C ASN A 682 -17.83 18.08 -4.41
N ALA A 683 -16.89 17.37 -5.03
CA ALA A 683 -17.18 16.57 -6.20
C ALA A 683 -16.97 15.10 -5.89
N ALA A 684 -17.66 14.23 -6.61
CA ALA A 684 -17.53 12.79 -6.36
C ALA A 684 -16.12 12.29 -6.67
N ILE A 685 -15.55 12.72 -7.79
CA ILE A 685 -14.20 12.31 -8.13
C ILE A 685 -13.35 13.51 -8.49
N ILE A 686 -12.23 13.67 -7.78
CA ILE A 686 -11.35 14.79 -8.00
C ILE A 686 -9.99 14.36 -8.50
N ALA A 687 -9.36 13.44 -7.78
CA ALA A 687 -8.03 13.06 -8.22
C ALA A 687 -7.95 11.62 -8.69
N LYS A 688 -7.11 11.39 -9.70
CA LYS A 688 -6.86 10.03 -10.21
C LYS A 688 -5.36 9.80 -10.42
N ILE A 689 -4.95 8.55 -10.34
CA ILE A 689 -3.55 8.19 -10.54
C ILE A 689 -3.26 7.77 -11.98
N ALA A 690 -2.31 8.44 -12.60
CA ALA A 690 -1.97 8.21 -14.01
C ALA A 690 -1.06 7.01 -14.26
N ASP A 691 -1.25 6.39 -15.42
CA ASP A 691 -0.42 5.30 -15.95
C ASP A 691 0.00 4.23 -14.97
N TYR A 692 -0.96 3.70 -14.24
CA TYR A 692 -0.73 2.65 -13.26
C TYR A 692 -0.51 1.30 -13.91
N GLY A 693 0.14 0.40 -13.17
CA GLY A 693 0.43 -0.92 -13.68
C GLY A 693 1.91 -1.24 -13.53
N PRO A 710 12.98 8.82 -9.12
CA PRO A 710 13.82 9.99 -9.40
C PRO A 710 14.30 10.44 -8.02
N GLY A 711 14.36 11.75 -7.81
CA GLY A 711 14.63 12.16 -6.43
C GLY A 711 13.28 12.31 -5.72
N PHE A 712 12.67 11.17 -5.30
CA PHE A 712 11.36 10.98 -4.60
C PHE A 712 11.28 9.55 -4.06
N ARG A 713 12.40 8.82 -3.96
CA ARG A 713 12.61 7.41 -3.61
C ARG A 713 12.66 7.11 -2.14
N ALA A 714 12.17 5.95 -1.76
CA ALA A 714 12.33 5.46 -0.41
C ALA A 714 13.83 5.26 -0.24
N PRO A 715 14.46 5.55 1.03
CA PRO A 715 15.87 5.40 1.36
C PRO A 715 16.29 3.94 1.30
N GLU A 716 15.33 3.03 1.50
CA GLU A 716 15.57 1.61 1.43
C GLU A 716 15.86 1.20 -0.01
N VAL A 717 14.95 1.52 -0.93
CA VAL A 717 15.14 1.16 -2.33
C VAL A 717 16.16 2.07 -2.98
N ALA A 718 16.40 3.24 -2.40
CA ALA A 718 17.41 4.16 -2.89
C ALA A 718 18.81 3.55 -2.81
N ARG A 719 18.99 2.51 -1.99
CA ARG A 719 20.27 1.83 -1.87
C ARG A 719 20.63 1.10 -3.16
N GLY A 720 19.61 0.70 -3.93
CA GLY A 720 19.85 -0.01 -5.18
C GLY A 720 20.23 -1.46 -4.97
N ASN A 721 19.83 -2.04 -3.83
CA ASN A 721 20.20 -3.41 -3.52
C ASN A 721 19.08 -4.20 -2.84
N VAL A 722 17.86 -3.71 -2.94
CA VAL A 722 16.69 -4.39 -2.37
C VAL A 722 15.58 -4.49 -3.42
N ILE A 723 14.46 -5.07 -3.01
CA ILE A 723 13.31 -5.27 -3.88
C ILE A 723 12.13 -4.38 -3.47
N TYR A 724 11.46 -3.79 -4.45
CA TYR A 724 10.30 -2.94 -4.20
C TYR A 724 9.12 -3.71 -3.66
N ASN A 725 8.38 -3.07 -2.79
CA ASN A 725 7.17 -3.64 -2.23
C ASN A 725 6.27 -2.52 -1.76
N GLN A 726 5.10 -2.87 -1.23
CA GLN A 726 4.14 -1.89 -0.80
C GLN A 726 4.69 -0.83 0.15
N GLN A 727 5.70 -1.18 0.93
CA GLN A 727 6.21 -0.26 1.91
C GLN A 727 6.98 0.86 1.24
N ALA A 728 7.51 0.58 0.05
CA ALA A 728 8.21 1.60 -0.71
C ALA A 728 7.19 2.61 -1.19
N ASP A 729 6.05 2.12 -1.66
CA ASP A 729 4.98 3.02 -2.09
C ASP A 729 4.45 3.84 -0.94
N VAL A 730 4.30 3.24 0.22
CA VAL A 730 3.82 3.98 1.37
C VAL A 730 4.74 5.10 1.71
N TYR A 731 6.04 4.85 1.73
CA TYR A 731 6.99 5.89 2.04
C TYR A 731 6.84 7.02 1.05
N SER A 732 6.75 6.68 -0.22
CA SER A 732 6.59 7.69 -1.25
C SER A 732 5.33 8.50 -1.02
N PHE A 733 4.24 7.82 -0.66
CA PHE A 733 2.98 8.49 -0.37
C PHE A 733 3.16 9.52 0.71
N GLY A 734 3.86 9.16 1.77
CA GLY A 734 4.10 10.08 2.86
C GLY A 734 4.75 11.34 2.33
N LEU A 735 5.71 11.20 1.44
CA LEU A 735 6.35 12.38 0.87
C LEU A 735 5.36 13.20 0.07
N LEU A 736 4.45 12.53 -0.65
CA LEU A 736 3.42 13.25 -1.38
C LEU A 736 2.58 14.07 -0.44
N LEU A 737 2.18 13.47 0.67
CA LEU A 737 1.37 14.16 1.66
C LEU A 737 2.12 15.36 2.21
N TYR A 738 3.40 15.21 2.48
CA TYR A 738 4.25 16.31 2.94
C TYR A 738 4.22 17.43 1.91
N ASP A 739 4.31 17.05 0.64
CA ASP A 739 4.26 18.02 -0.45
C ASP A 739 2.91 18.72 -0.53
N ILE A 740 1.84 18.00 -0.22
CA ILE A 740 0.53 18.61 -0.22
C ILE A 740 0.39 19.57 0.95
N LEU A 741 0.86 19.14 2.11
CA LEU A 741 0.80 19.95 3.32
C LEU A 741 1.45 21.30 3.10
N THR A 742 2.65 21.29 2.56
CA THR A 742 3.28 22.54 2.23
C THR A 742 2.97 22.86 0.81
N THR A 743 1.93 23.65 0.58
CA THR A 743 1.44 23.95 -0.77
C THR A 743 2.44 24.66 -1.64
N GLY A 744 3.46 25.26 -1.04
CA GLY A 744 4.51 25.89 -1.81
C GLY A 744 5.35 24.87 -2.57
N GLY A 745 5.31 23.61 -2.16
CA GLY A 745 6.10 22.60 -2.82
C GLY A 745 7.54 22.90 -2.51
N ARG A 746 7.81 23.25 -1.27
CA ARG A 746 9.13 23.70 -0.90
C ARG A 746 10.18 22.63 -1.07
N ILE A 747 9.85 21.38 -0.80
CA ILE A 747 10.84 20.35 -1.01
C ILE A 747 11.00 20.16 -2.53
N VAL A 748 9.92 20.40 -3.27
CA VAL A 748 9.93 20.30 -4.72
C VAL A 748 10.80 21.39 -5.29
N GLU A 749 10.78 22.55 -4.66
CA GLU A 749 11.67 23.63 -5.06
C GLU A 749 13.11 23.23 -4.76
N GLY A 750 13.30 22.46 -3.68
CA GLY A 750 14.60 21.90 -3.32
C GLY A 750 15.20 21.05 -4.45
N LEU A 751 14.34 20.40 -5.25
CA LEU A 751 14.75 19.63 -6.45
C LEU A 751 15.72 20.37 -7.36
N LYS A 752 15.56 21.69 -7.43
CA LYS A 752 16.41 22.56 -8.24
C LYS A 752 17.89 22.48 -7.82
N PHE A 753 18.13 21.95 -6.62
CA PHE A 753 19.45 21.72 -6.08
C PHE A 753 19.49 20.25 -5.65
N PRO A 754 19.40 19.34 -6.65
CA PRO A 754 19.24 17.88 -6.54
C PRO A 754 20.29 17.19 -5.69
N ASN A 755 21.46 17.81 -5.56
CA ASN A 755 22.54 17.27 -4.76
C ASN A 755 22.18 17.24 -3.29
N GLU A 756 21.31 18.15 -2.89
CA GLU A 756 20.85 18.20 -1.53
C GLU A 756 19.53 17.48 -1.40
N PHE A 757 18.68 17.64 -2.42
CA PHE A 757 17.33 17.08 -2.44
C PHE A 757 17.27 15.56 -2.33
N ASP A 758 17.99 14.87 -3.20
CA ASP A 758 17.98 13.40 -3.17
C ASP A 758 18.58 12.89 -1.87
N GLU A 759 19.65 13.53 -1.42
CA GLU A 759 20.31 13.12 -0.19
C GLU A 759 19.45 13.41 1.01
N LEU A 760 18.72 14.51 1.00
CA LEU A 760 17.82 14.87 2.07
C LEU A 760 16.81 13.78 2.31
N GLU A 761 16.21 13.30 1.24
CA GLU A 761 15.22 12.24 1.36
C GLU A 761 15.87 10.96 1.89
N ILE A 762 17.09 10.67 1.43
CA ILE A 762 17.86 9.53 1.92
C ILE A 762 18.14 9.65 3.40
N GLN A 763 18.52 10.84 3.84
CA GLN A 763 18.78 11.10 5.25
C GLN A 763 17.52 10.93 6.07
N GLY A 764 16.38 11.36 5.50
CA GLY A 764 15.10 11.28 6.17
C GLY A 764 14.93 12.42 7.15
N LYS A 765 15.87 13.36 7.13
CA LYS A 765 15.89 14.44 8.09
C LYS A 765 15.15 15.63 7.55
N LEU A 766 13.84 15.49 7.43
CA LEU A 766 13.04 16.57 6.92
C LEU A 766 12.73 17.55 8.03
N PRO A 767 12.67 18.84 7.71
CA PRO A 767 12.37 19.95 8.58
C PRO A 767 10.90 20.00 8.91
N ASP A 768 10.59 20.62 10.03
CA ASP A 768 9.22 20.77 10.49
C ASP A 768 8.43 21.59 9.51
N PRO A 769 7.44 21.00 8.85
CA PRO A 769 6.64 21.59 7.78
C PRO A 769 5.94 22.88 8.20
N VAL A 770 5.71 23.06 9.49
CA VAL A 770 5.07 24.25 9.97
C VAL A 770 6.09 25.33 10.20
N LYS A 771 7.03 25.05 11.09
CA LYS A 771 8.05 26.00 11.46
C LYS A 771 8.93 26.42 10.31
N GLU A 772 9.36 25.44 9.52
CA GLU A 772 10.27 25.69 8.42
C GLU A 772 9.66 26.42 7.25
N TYR A 773 8.41 26.15 6.94
CA TYR A 773 7.85 26.76 5.76
C TYR A 773 6.79 27.81 6.07
N GLY A 774 6.42 27.93 7.35
CA GLY A 774 5.39 28.89 7.73
C GLY A 774 4.01 28.36 7.38
N CYS A 775 3.86 27.04 7.41
CA CYS A 775 2.61 26.40 7.05
C CYS A 775 1.66 26.34 8.22
N ALA A 776 0.44 26.83 8.06
CA ALA A 776 -0.51 26.82 9.16
C ALA A 776 -0.71 25.39 9.67
N PRO A 777 -0.63 25.18 10.99
CA PRO A 777 -0.72 23.91 11.70
C PRO A 777 -1.81 22.99 11.19
N TRP A 778 -1.53 21.71 11.24
CA TRP A 778 -2.52 20.71 10.89
C TRP A 778 -2.17 19.40 11.56
N PRO A 779 -2.51 19.27 12.85
CA PRO A 779 -2.35 18.12 13.73
C PRO A 779 -2.97 16.95 13.05
N MET A 780 -2.67 15.75 13.51
CA MET A 780 -3.15 14.51 12.89
C MET A 780 -2.36 14.26 11.61
N VAL A 781 -2.49 15.12 10.60
CA VAL A 781 -1.69 14.99 9.39
C VAL A 781 -0.23 15.08 9.68
N GLU A 782 0.16 16.03 10.53
CA GLU A 782 1.57 16.15 10.86
C GLU A 782 2.10 14.86 11.46
N LYS A 783 1.36 14.24 12.38
CA LYS A 783 1.89 13.02 12.94
C LYS A 783 1.74 11.88 11.97
N LEU A 784 0.77 11.95 11.06
CA LEU A 784 0.64 10.91 10.06
C LEU A 784 1.86 10.84 9.21
N ILE A 785 2.34 11.99 8.76
CA ILE A 785 3.54 12.03 7.96
C ILE A 785 4.70 11.45 8.73
N LYS A 786 4.82 11.82 10.00
CA LYS A 786 5.90 11.27 10.81
C LYS A 786 5.79 9.76 10.95
N GLN A 787 4.58 9.26 11.14
CA GLN A 787 4.35 7.83 11.26
C GLN A 787 4.63 7.12 9.97
N CYS A 788 4.26 7.75 8.87
CA CYS A 788 4.47 7.18 7.57
C CYS A 788 5.93 7.10 7.21
N LEU A 789 6.65 8.20 7.33
CA LEU A 789 8.03 8.23 6.90
C LEU A 789 9.01 7.72 7.95
N LYS A 790 8.96 6.42 8.21
CA LYS A 790 9.90 5.78 9.11
C LYS A 790 10.98 5.12 8.30
N GLU A 791 12.12 4.93 8.92
CA GLU A 791 13.24 4.31 8.23
C GLU A 791 13.02 2.83 7.96
N ASN A 792 12.45 2.14 8.94
CA ASN A 792 12.22 0.70 8.87
C ASN A 792 10.91 0.33 8.16
N PRO A 793 10.97 -0.32 6.99
CA PRO A 793 9.87 -0.83 6.18
C PRO A 793 8.88 -1.64 6.98
N GLN A 794 9.34 -2.33 8.02
CA GLN A 794 8.44 -3.15 8.79
C GLN A 794 7.69 -2.35 9.83
N GLU A 795 8.06 -1.10 10.03
CA GLU A 795 7.39 -0.24 10.97
C GLU A 795 6.46 0.72 10.28
N ARG A 796 6.64 0.91 8.98
CA ARG A 796 5.77 1.82 8.27
C ARG A 796 4.36 1.21 8.11
N PRO A 797 3.30 2.03 8.20
CA PRO A 797 1.87 1.70 8.08
C PRO A 797 1.56 1.06 6.76
N THR A 798 0.54 0.20 6.72
CA THR A 798 0.16 -0.38 5.44
C THR A 798 -0.72 0.62 4.75
N SER A 799 -0.86 0.48 3.44
CA SER A 799 -1.66 1.43 2.68
C SER A 799 -3.13 1.37 3.04
N ALA A 800 -3.58 0.22 3.50
CA ALA A 800 -4.96 0.11 3.96
C ALA A 800 -5.15 0.97 5.19
N GLN A 801 -4.19 0.90 6.11
CA GLN A 801 -4.23 1.69 7.33
C GLN A 801 -4.13 3.16 7.04
N VAL A 802 -3.31 3.52 6.08
CA VAL A 802 -3.17 4.92 5.72
C VAL A 802 -4.49 5.49 5.32
N PHE A 803 -5.22 4.75 4.49
CA PHE A 803 -6.54 5.20 4.11
C PHE A 803 -7.45 5.35 5.28
N ASP A 804 -7.50 4.33 6.14
CA ASP A 804 -8.36 4.39 7.31
C ASP A 804 -8.10 5.63 8.14
N ILE A 805 -6.84 6.02 8.27
CA ILE A 805 -6.49 7.21 8.99
C ILE A 805 -7.02 8.44 8.29
N LEU A 806 -6.88 8.49 6.97
CA LEU A 806 -7.37 9.63 6.22
C LEU A 806 -8.89 9.72 6.27
N ASN A 807 -9.55 8.59 6.41
CA ASN A 807 -10.99 8.53 6.54
C ASN A 807 -11.44 9.00 7.92
N SER A 808 -11.46 10.31 8.13
CA SER A 808 -11.82 10.87 9.44
C SER A 808 -12.24 12.31 9.43
N ALA A 809 -13.39 12.59 10.03
CA ALA A 809 -13.85 13.95 10.14
C ALA A 809 -12.97 14.73 11.11
N GLU A 810 -12.51 14.03 12.14
CA GLU A 810 -11.64 14.64 13.15
C GLU A 810 -10.35 15.11 12.51
N LEU A 811 -9.85 14.32 11.58
CA LEU A 811 -8.66 14.68 10.82
C LEU A 811 -8.83 16.01 10.16
N VAL A 812 -9.97 16.19 9.52
CA VAL A 812 -10.25 17.43 8.82
C VAL A 812 -10.46 18.62 9.73
N CYS A 813 -11.24 18.44 10.79
CA CYS A 813 -11.63 19.58 11.62
C CYS A 813 -10.75 19.91 12.80
N LEU A 814 -9.88 19.01 13.23
CA LEU A 814 -8.99 19.40 14.30
C LEU A 814 -8.01 20.40 13.75
N THR A 815 -7.90 21.56 14.39
CA THR A 815 -7.00 22.55 13.83
C THR A 815 -5.77 22.74 14.66
N ARG A 816 -5.92 22.79 15.96
CA ARG A 816 -4.74 23.00 16.79
C ARG A 816 -4.80 22.25 18.10
N ARG A 817 -3.65 21.96 18.67
CA ARG A 817 -3.59 21.32 19.97
C ARG A 817 -2.42 21.85 20.76
N ILE A 818 -2.69 22.49 21.88
CA ILE A 818 -1.65 23.07 22.69
C ILE A 818 -1.55 22.40 24.02
N LEU A 819 -0.38 21.84 24.31
CA LEU A 819 -0.22 21.21 25.60
C LEU A 819 0.16 22.25 26.62
N LEU A 820 -0.34 22.11 27.83
CA LEU A 820 0.03 23.03 28.89
C LEU A 820 1.19 22.42 29.65
N PRO A 821 1.95 23.22 30.41
CA PRO A 821 3.07 22.80 31.22
C PRO A 821 2.60 21.73 32.19
N LYS A 822 3.46 20.78 32.47
CA LYS A 822 3.12 19.67 33.34
C LYS A 822 2.70 20.13 34.71
N ASN A 823 1.63 19.53 35.23
CA ASN A 823 1.06 19.85 36.52
C ASN A 823 0.47 21.24 36.57
N VAL A 824 -0.22 21.61 35.51
CA VAL A 824 -0.96 22.87 35.49
C VAL A 824 -2.41 22.55 35.27
N ILE A 825 -3.24 23.00 36.19
CA ILE A 825 -4.66 22.75 36.14
C ILE A 825 -5.42 24.04 36.04
N VAL A 826 -6.11 24.19 34.93
CA VAL A 826 -6.90 25.38 34.63
C VAL A 826 -8.36 25.09 34.83
N GLU A 827 -9.00 25.86 35.70
CA GLU A 827 -10.40 25.64 35.99
C GLU A 827 -11.36 26.60 35.30
N CYS A 828 -10.85 27.54 34.52
CA CYS A 828 -11.71 28.48 33.80
C CYS A 828 -10.99 29.19 32.66
N MET A 829 -11.74 29.65 31.66
CA MET A 829 -11.16 30.24 30.47
C MET A 829 -11.88 31.48 29.97
N VAL A 830 -11.13 32.51 29.57
CA VAL A 830 -11.74 33.67 28.92
C VAL A 830 -10.99 34.06 27.68
N ALA A 831 -11.58 33.81 26.53
CA ALA A 831 -10.93 34.20 25.29
C ALA A 831 -11.21 35.65 25.01
N THR A 832 -10.24 36.37 24.45
CA THR A 832 -10.48 37.76 24.13
C THR A 832 -11.10 37.90 22.75
N HIS A 833 -12.33 38.40 22.72
CA HIS A 833 -13.05 38.55 21.47
C HIS A 833 -12.57 39.75 20.70
N HIS A 834 -11.52 39.55 19.92
CA HIS A 834 -10.96 40.65 19.15
C HIS A 834 -10.11 40.04 18.00
N ALA A 839 -5.29 37.52 19.84
CA ALA A 839 -5.65 36.10 19.80
C ALA A 839 -5.03 35.37 20.99
N SER A 840 -5.62 35.56 22.15
CA SER A 840 -5.10 34.98 23.38
C SER A 840 -6.21 34.64 24.37
N ILE A 841 -5.85 33.79 25.34
CA ILE A 841 -6.80 33.29 26.31
C ILE A 841 -6.34 33.45 27.75
N TRP A 842 -7.19 34.01 28.60
CA TRP A 842 -6.88 34.10 30.01
C TRP A 842 -7.24 32.81 30.69
N LEU A 843 -6.34 32.27 31.47
CA LEU A 843 -6.58 30.99 32.11
C LEU A 843 -6.55 31.10 33.62
N GLY A 844 -7.43 30.39 34.29
CA GLY A 844 -7.38 30.37 35.75
C GLY A 844 -6.41 29.28 36.18
N CYS A 845 -6.35 28.98 37.46
CA CYS A 845 -5.47 27.90 37.89
C CYS A 845 -5.92 27.27 39.18
N GLY A 846 -6.44 26.05 39.09
CA GLY A 846 -6.91 25.33 40.25
C GLY A 846 -5.88 24.32 40.76
N HIS A 847 -4.71 24.27 40.15
CA HIS A 847 -3.66 23.36 40.60
C HIS A 847 -3.18 23.71 42.00
N THR A 848 -2.84 24.97 42.22
CA THR A 848 -2.37 25.37 43.53
C THR A 848 -3.56 25.84 44.32
N ASP A 849 -3.30 26.24 45.56
CA ASP A 849 -4.35 26.78 46.40
C ASP A 849 -4.20 28.29 46.52
N ARG A 850 -3.53 28.90 45.53
CA ARG A 850 -3.32 30.32 45.52
C ARG A 850 -3.87 30.95 44.26
N GLY A 851 -4.41 32.15 44.39
CA GLY A 851 -4.93 32.90 43.25
C GLY A 851 -3.88 33.13 42.17
N GLN A 852 -3.76 32.18 41.25
CA GLN A 852 -2.78 32.29 40.18
C GLN A 852 -3.45 32.42 38.83
N LEU A 853 -3.07 33.46 38.09
CA LEU A 853 -3.66 33.77 36.80
C LEU A 853 -2.67 33.53 35.67
N SER A 854 -3.05 32.71 34.70
CA SER A 854 -2.17 32.38 33.61
C SER A 854 -2.62 32.99 32.31
N PHE A 855 -1.75 32.95 31.31
CA PHE A 855 -2.09 33.57 30.04
C PHE A 855 -1.44 32.87 28.85
N LEU A 856 -2.29 32.51 27.88
CA LEU A 856 -1.88 31.80 26.68
C LEU A 856 -1.96 32.63 25.42
N ASP A 857 -0.86 32.69 24.68
CA ASP A 857 -0.80 33.40 23.41
C ASP A 857 -0.94 32.45 22.25
N LEU A 858 -2.10 32.44 21.60
CA LEU A 858 -2.34 31.50 20.52
C LEU A 858 -1.48 31.79 19.29
N ASN A 859 -0.97 33.01 19.16
CA ASN A 859 -0.15 33.34 18.01
C ASN A 859 1.22 32.69 18.05
N THR A 860 1.72 32.45 19.26
CA THR A 860 3.07 31.91 19.41
C THR A 860 3.08 30.70 20.33
N GLU A 861 1.91 30.34 20.86
CA GLU A 861 1.79 29.28 21.84
C GLU A 861 2.65 29.63 23.04
N GLY A 862 2.63 30.90 23.39
CA GLY A 862 3.42 31.40 24.50
C GLY A 862 2.65 31.20 25.79
N TYR A 863 3.35 31.15 26.90
CA TYR A 863 2.67 30.92 28.15
C TYR A 863 3.34 31.56 29.33
N THR A 864 2.56 32.28 30.11
CA THR A 864 3.06 32.88 31.32
C THR A 864 2.07 32.70 32.43
N SER A 865 2.43 33.18 33.61
CA SER A 865 1.57 33.00 34.76
C SER A 865 2.07 33.77 35.97
N GLU A 866 1.15 34.35 36.74
CA GLU A 866 1.54 35.09 37.93
C GLU A 866 0.49 35.01 39.01
N GLU A 867 0.92 35.14 40.25
CA GLU A 867 -0.03 35.10 41.34
C GLU A 867 -0.64 36.47 41.50
N VAL A 868 -1.97 36.52 41.50
CA VAL A 868 -2.67 37.80 41.57
C VAL A 868 -3.59 37.92 42.77
N ALA A 869 -3.86 36.81 43.44
CA ALA A 869 -4.76 36.87 44.58
C ALA A 869 -4.42 35.82 45.61
N ASP A 870 -5.05 35.92 46.77
CA ASP A 870 -4.80 34.97 47.83
C ASP A 870 -5.45 33.63 47.59
N SER A 871 -6.78 33.59 47.64
CA SER A 871 -7.49 32.35 47.44
C SER A 871 -7.63 31.99 45.96
N ARG A 872 -8.08 30.76 45.71
CA ARG A 872 -8.15 30.22 44.36
C ARG A 872 -9.14 30.94 43.46
N ILE A 873 -8.72 31.23 42.24
CA ILE A 873 -9.60 31.90 41.29
C ILE A 873 -10.64 30.94 40.81
N LEU A 874 -11.89 31.31 40.92
CA LEU A 874 -12.95 30.42 40.52
C LEU A 874 -13.55 30.82 39.19
N CYS A 875 -13.78 32.12 38.98
CA CYS A 875 -14.39 32.55 37.74
C CYS A 875 -13.76 33.78 37.13
N LEU A 876 -13.63 33.77 35.82
CA LEU A 876 -13.11 34.93 35.13
C LEU A 876 -14.17 35.52 34.21
N ALA A 877 -14.17 36.82 34.04
CA ALA A 877 -15.07 37.44 33.09
C ALA A 877 -14.45 38.65 32.42
N LEU A 878 -14.77 38.85 31.15
CA LEU A 878 -14.23 39.99 30.43
C LEU A 878 -15.18 41.15 30.35
N VAL A 879 -14.75 42.28 30.88
CA VAL A 879 -15.50 43.51 30.78
C VAL A 879 -14.97 44.30 29.64
N HIS A 880 -15.80 44.53 28.65
CA HIS A 880 -15.36 45.24 27.47
C HIS A 880 -16.06 46.57 27.37
N LEU A 881 -15.27 47.64 27.39
CA LEU A 881 -15.81 48.98 27.30
C LEU A 881 -15.25 49.72 26.09
N PRO A 882 -15.64 49.32 24.86
CA PRO A 882 -15.19 49.86 23.58
C PRO A 882 -15.48 51.36 23.47
N VAL A 883 -16.47 51.82 24.23
CA VAL A 883 -16.84 53.22 24.31
C VAL A 883 -15.76 54.00 25.03
N GLU A 884 -15.21 53.39 26.07
CA GLU A 884 -14.17 54.01 26.86
C GLU A 884 -12.78 53.58 26.38
N LYS A 885 -12.76 52.65 25.42
CA LYS A 885 -11.53 52.15 24.81
C LYS A 885 -10.70 51.35 25.79
N GLU A 886 -11.36 50.54 26.61
CA GLU A 886 -10.65 49.75 27.61
C GLU A 886 -11.38 48.47 27.96
N SER A 887 -10.67 47.55 28.56
CA SER A 887 -11.28 46.30 28.99
C SER A 887 -10.57 45.73 30.22
N TRP A 888 -11.32 44.98 31.02
CA TRP A 888 -10.83 44.46 32.29
C TRP A 888 -11.15 42.98 32.50
N ILE A 889 -10.30 42.29 33.23
CA ILE A 889 -10.56 40.92 33.61
C ILE A 889 -11.05 40.89 35.02
N VAL A 890 -12.23 40.33 35.23
CA VAL A 890 -12.78 40.24 36.55
C VAL A 890 -12.56 38.85 37.08
N SER A 891 -11.84 38.76 38.18
CA SER A 891 -11.55 37.49 38.78
C SER A 891 -12.31 37.27 40.07
N GLY A 892 -13.28 36.37 40.02
CA GLY A 892 -14.03 36.01 41.21
C GLY A 892 -13.28 34.89 41.91
N THR A 893 -13.22 34.95 43.24
CA THR A 893 -12.48 33.93 43.97
C THR A 893 -13.20 33.33 45.16
N GLN A 894 -12.51 32.39 45.83
CA GLN A 894 -13.07 31.70 46.99
C GLN A 894 -13.36 32.63 48.14
N SER A 895 -12.52 33.64 48.32
CA SER A 895 -12.73 34.64 49.35
C SER A 895 -13.95 35.52 49.11
N GLY A 896 -14.50 35.50 47.90
CA GLY A 896 -15.64 36.33 47.59
C GLY A 896 -15.23 37.68 47.04
N THR A 897 -13.94 37.87 46.81
CA THR A 897 -13.52 39.14 46.28
C THR A 897 -13.56 39.16 44.77
N LEU A 898 -13.55 40.35 44.21
CA LEU A 898 -13.55 40.57 42.78
C LEU A 898 -12.33 41.37 42.38
N LEU A 899 -11.33 40.70 41.85
CA LEU A 899 -10.12 41.40 41.43
C LEU A 899 -10.28 41.79 39.99
N VAL A 900 -10.20 43.08 39.71
CA VAL A 900 -10.46 43.57 38.38
C VAL A 900 -9.16 44.15 37.80
N ILE A 901 -8.70 43.58 36.68
CA ILE A 901 -7.40 43.98 36.13
C ILE A 901 -7.48 44.47 34.69
N ASN A 902 -6.91 45.64 34.43
CA ASN A 902 -6.99 46.20 33.09
C ASN A 902 -6.16 45.38 32.12
N THR A 903 -6.77 44.95 31.02
CA THR A 903 -6.09 44.14 30.03
C THR A 903 -4.99 44.92 29.29
N GLU A 904 -5.08 46.23 29.29
CA GLU A 904 -4.11 47.08 28.64
C GLU A 904 -3.01 47.53 29.59
N ASP A 905 -3.17 47.25 30.88
CA ASP A 905 -2.18 47.66 31.85
C ASP A 905 -2.21 46.81 33.08
N GLY A 906 -1.25 45.89 33.18
CA GLY A 906 -1.14 44.97 34.31
C GLY A 906 -1.04 45.67 35.67
N LYS A 907 -0.57 46.91 35.70
CA LYS A 907 -0.45 47.65 36.95
C LYS A 907 -1.80 48.10 37.48
N LYS A 908 -2.80 48.21 36.60
CA LYS A 908 -4.12 48.65 37.02
C LYS A 908 -4.92 47.51 37.58
N ARG A 909 -4.70 47.24 38.86
CA ARG A 909 -5.41 46.18 39.56
C ARG A 909 -6.21 46.79 40.69
N HIS A 910 -7.47 46.39 40.84
CA HIS A 910 -8.25 46.88 41.97
C HIS A 910 -9.30 45.89 42.39
N THR A 911 -9.85 46.07 43.58
CA THR A 911 -10.83 45.12 44.09
C THR A 911 -12.16 45.81 44.35
N LEU A 912 -13.25 45.15 43.93
CA LEU A 912 -14.60 45.67 44.13
C LEU A 912 -15.14 45.28 45.48
N GLU A 913 -16.32 45.79 45.84
CA GLU A 913 -16.90 45.42 47.12
C GLU A 913 -16.91 43.92 47.30
N LYS A 914 -16.35 43.45 48.40
CA LYS A 914 -16.27 42.04 48.69
C LYS A 914 -17.64 41.43 48.91
N MET A 915 -17.84 40.26 48.35
CA MET A 915 -19.11 39.54 48.47
C MET A 915 -19.17 38.85 49.82
N THR A 916 -20.38 38.53 50.25
CA THR A 916 -20.59 37.88 51.54
C THR A 916 -20.23 36.39 51.52
N ASP A 917 -20.01 35.85 50.33
CA ASP A 917 -19.62 34.47 50.19
C ASP A 917 -18.82 34.34 48.90
N SER A 918 -18.32 33.15 48.60
CA SER A 918 -17.47 32.96 47.44
C SER A 918 -18.21 33.19 46.15
N VAL A 919 -17.46 33.47 45.10
CA VAL A 919 -18.05 33.69 43.80
C VAL A 919 -18.12 32.39 43.04
N THR A 920 -19.31 32.04 42.58
CA THR A 920 -19.51 30.79 41.88
C THR A 920 -19.64 30.96 40.38
N CYS A 921 -20.09 32.12 39.93
CA CYS A 921 -20.13 32.35 38.50
C CYS A 921 -20.23 33.81 38.15
N LEU A 922 -19.73 34.16 36.97
CA LEU A 922 -19.78 35.52 36.50
C LEU A 922 -20.39 35.58 35.12
N TYR A 923 -21.01 36.70 34.82
CA TYR A 923 -21.57 36.89 33.50
C TYR A 923 -21.69 38.35 33.16
N CYS A 924 -21.29 38.72 31.95
CA CYS A 924 -21.41 40.12 31.60
C CYS A 924 -21.51 40.34 30.11
N ASN A 935 -24.53 47.10 29.97
CA ASN A 935 -24.05 45.78 30.34
C ASN A 935 -23.99 45.72 31.84
N PHE A 936 -24.18 44.55 32.40
CA PHE A 936 -24.09 44.46 33.83
C PHE A 936 -23.22 43.31 34.21
N LEU A 937 -22.42 43.51 35.23
CA LEU A 937 -21.59 42.42 35.70
C LEU A 937 -22.38 41.68 36.73
N LEU A 938 -22.71 40.44 36.42
CA LEU A 938 -23.52 39.68 37.30
C LEU A 938 -22.63 38.78 38.09
N VAL A 939 -22.83 38.77 39.39
CA VAL A 939 -22.01 37.94 40.24
C VAL A 939 -22.87 36.97 40.97
N GLY A 940 -22.70 35.70 40.66
CA GLY A 940 -23.46 34.69 41.36
C GLY A 940 -22.60 34.14 42.46
N THR A 941 -23.10 34.21 43.68
CA THR A 941 -22.33 33.72 44.81
C THR A 941 -22.89 32.44 45.42
N ALA A 942 -22.07 31.84 46.29
CA ALA A 942 -22.37 30.56 46.92
C ALA A 942 -23.59 30.57 47.81
N ASP A 943 -23.99 31.72 48.31
CA ASP A 943 -25.17 31.79 49.14
C ASP A 943 -26.45 32.04 48.36
N GLY A 944 -26.41 31.88 47.03
CA GLY A 944 -27.61 32.06 46.23
C GLY A 944 -27.93 33.51 45.95
N LYS A 945 -26.99 34.41 46.27
CA LYS A 945 -27.17 35.82 46.07
C LYS A 945 -26.65 36.28 44.70
N LEU A 946 -27.42 37.14 44.04
CA LEU A 946 -27.04 37.67 42.73
C LEU A 946 -26.78 39.16 42.79
N ALA A 947 -25.53 39.55 42.59
CA ALA A 947 -25.23 40.97 42.59
C ALA A 947 -25.17 41.49 41.18
N ILE A 948 -25.76 42.65 40.97
CA ILE A 948 -25.77 43.29 39.66
C ILE A 948 -25.01 44.59 39.69
N PHE A 949 -23.91 44.67 38.95
CA PHE A 949 -23.12 45.88 38.89
C PHE A 949 -23.33 46.64 37.59
N GLU A 950 -23.39 47.96 37.70
CA GLU A 950 -23.53 48.82 36.53
C GLU A 950 -22.31 48.70 35.64
N ASP A 951 -22.55 48.80 34.33
CA ASP A 951 -21.58 48.62 33.26
C ASP A 951 -20.22 49.29 33.48
N LYS A 952 -20.20 50.60 33.60
CA LYS A 952 -18.93 51.30 33.75
C LYS A 952 -18.42 51.37 35.19
N THR A 953 -19.35 51.45 36.15
CA THR A 953 -19.04 51.50 37.59
C THR A 953 -17.93 50.59 38.08
N VAL A 954 -17.83 49.37 37.53
CA VAL A 954 -16.84 48.38 37.96
C VAL A 954 -15.39 48.84 37.83
N LYS A 955 -15.14 49.91 37.06
CA LYS A 955 -13.84 50.51 36.92
C LYS A 955 -13.29 51.05 38.23
N LEU A 956 -14.17 51.45 39.14
CA LEU A 956 -13.76 52.06 40.39
C LEU A 956 -13.49 51.04 41.50
N LYS A 957 -12.45 51.29 42.29
CA LYS A 957 -12.10 50.40 43.38
C LYS A 957 -13.08 50.50 44.52
N GLY A 958 -13.53 49.35 45.01
CA GLY A 958 -14.47 49.30 46.11
C GLY A 958 -15.88 49.62 45.67
N ALA A 959 -16.14 49.63 44.37
CA ALA A 959 -17.47 49.96 43.90
C ALA A 959 -18.51 48.95 44.33
N ALA A 960 -19.68 49.48 44.67
CA ALA A 960 -20.84 48.70 45.07
C ALA A 960 -21.69 48.40 43.83
N PRO A 961 -22.48 47.33 43.84
CA PRO A 961 -23.39 46.90 42.81
C PRO A 961 -24.61 47.78 42.74
N LEU A 962 -25.24 47.77 41.58
CA LEU A 962 -26.47 48.50 41.34
C LEU A 962 -27.56 47.98 42.26
N LYS A 963 -27.70 46.66 42.29
CA LYS A 963 -28.69 46.05 43.14
C LYS A 963 -28.34 44.61 43.42
N ILE A 964 -28.89 44.06 44.50
CA ILE A 964 -28.62 42.69 44.90
C ILE A 964 -29.88 41.88 45.14
N LEU A 965 -29.95 40.69 44.55
CA LEU A 965 -31.10 39.84 44.69
C LEU A 965 -30.81 38.57 45.48
N ASN A 966 -31.80 38.11 46.24
CA ASN A 966 -31.67 36.86 46.96
C ASN A 966 -32.48 35.80 46.25
N ILE A 967 -31.82 34.87 45.60
CA ILE A 967 -32.53 33.85 44.84
C ILE A 967 -32.57 32.56 45.61
N GLY A 968 -31.41 32.09 46.00
CA GLY A 968 -31.30 30.84 46.75
C GLY A 968 -31.02 31.06 48.21
N ASN A 969 -30.15 30.24 48.78
CA ASN A 969 -29.80 30.36 50.19
C ASN A 969 -28.44 29.78 50.43
N VAL A 970 -28.01 29.80 51.69
CA VAL A 970 -26.69 29.34 52.08
C VAL A 970 -26.30 27.95 51.53
N SER A 971 -27.28 27.07 51.31
CA SER A 971 -27.01 25.73 50.81
C SER A 971 -27.33 25.58 49.31
N THR A 972 -27.85 26.64 48.68
CA THR A 972 -28.26 26.61 47.27
C THR A 972 -27.62 27.75 46.49
N PRO A 973 -26.38 27.56 46.04
CA PRO A 973 -25.53 28.50 45.31
C PRO A 973 -26.00 28.73 43.90
N LEU A 974 -25.69 29.90 43.35
CA LEU A 974 -26.03 30.11 41.95
C LEU A 974 -24.95 29.48 41.14
N MET A 975 -25.27 28.83 40.04
CA MET A 975 -24.19 28.23 39.27
C MET A 975 -24.25 28.46 37.79
N CYS A 976 -25.18 29.27 37.32
CA CYS A 976 -25.22 29.47 35.91
C CYS A 976 -26.11 30.59 35.48
N LEU A 977 -25.56 31.55 34.75
CA LEU A 977 -26.31 32.66 34.20
C LEU A 977 -26.24 32.61 32.69
N SER A 978 -27.30 32.16 32.06
CA SER A 978 -27.31 32.03 30.62
C SER A 978 -28.25 33.00 29.98
N GLU A 979 -27.99 33.29 28.74
CA GLU A 979 -28.81 34.23 28.02
C GLU A 979 -28.62 34.06 26.54
N SER A 980 -29.66 33.67 25.88
CA SER A 980 -29.62 33.50 24.45
C SER A 980 -30.95 33.86 23.90
N ASN A 987 -34.12 39.39 25.89
CA ASN A 987 -32.94 39.58 26.73
C ASN A 987 -33.20 38.98 28.09
N VAL A 988 -34.06 37.98 28.12
CA VAL A 988 -34.47 37.34 29.36
C VAL A 988 -33.42 36.39 29.87
N MET A 989 -33.05 36.55 31.12
CA MET A 989 -32.03 35.70 31.72
C MET A 989 -32.62 34.41 32.18
N TRP A 990 -31.81 33.37 32.17
CA TRP A 990 -32.19 32.08 32.70
C TRP A 990 -31.07 31.55 33.54
N GLY A 991 -31.36 30.75 34.53
CA GLY A 991 -30.22 30.23 35.26
C GLY A 991 -30.56 29.20 36.29
N GLY A 992 -29.51 28.64 36.87
CA GLY A 992 -29.67 27.56 37.82
C GLY A 992 -29.35 27.95 39.24
N CYS A 993 -30.22 27.54 40.14
CA CYS A 993 -30.07 27.74 41.56
C CYS A 993 -30.51 26.50 42.28
N GLY A 994 -29.56 25.68 42.68
CA GLY A 994 -29.96 24.46 43.32
C GLY A 994 -30.69 23.63 42.30
N THR A 995 -31.94 23.31 42.58
CA THR A 995 -32.73 22.52 41.66
C THR A 995 -33.79 23.33 40.96
N LYS A 996 -33.72 24.66 41.07
CA LYS A 996 -34.72 25.51 40.45
C LYS A 996 -34.17 26.30 39.28
N ILE A 997 -35.02 26.56 38.30
CA ILE A 997 -34.63 27.40 37.19
C ILE A 997 -35.29 28.74 37.32
N PHE A 998 -34.49 29.78 37.37
CA PHE A 998 -35.03 31.11 37.51
C PHE A 998 -34.95 31.86 36.22
N SER A 999 -35.59 33.02 36.19
CA SER A 999 -35.55 33.83 35.00
C SER A 999 -35.71 35.30 35.32
N PHE A 1000 -35.02 36.16 34.57
CA PHE A 1000 -35.11 37.59 34.84
C PHE A 1000 -35.43 38.49 33.69
N SER A 1001 -36.16 39.55 34.04
CA SER A 1001 -36.51 40.62 33.12
C SER A 1001 -35.34 41.58 33.06
N ASN A 1002 -35.43 42.57 32.20
CA ASN A 1002 -34.36 43.57 32.13
C ASN A 1002 -34.35 44.48 33.36
N ASP A 1003 -35.38 44.38 34.21
CA ASP A 1003 -35.45 45.15 35.43
C ASP A 1003 -34.96 44.31 36.61
N PHE A 1004 -34.46 43.11 36.30
CA PHE A 1004 -33.93 42.19 37.28
C PHE A 1004 -35.00 41.67 38.21
N THR A 1005 -36.23 41.52 37.69
CA THR A 1005 -37.30 40.97 38.50
C THR A 1005 -37.47 39.50 38.17
N ILE A 1006 -37.91 38.70 39.13
CA ILE A 1006 -38.07 37.28 38.89
C ILE A 1006 -39.32 37.02 38.08
N GLN A 1007 -39.15 36.34 36.97
CA GLN A 1007 -40.26 36.06 36.09
C GLN A 1007 -40.84 34.67 36.23
N LYS A 1008 -40.19 33.80 37.01
CA LYS A 1008 -40.66 32.44 37.26
C LYS A 1008 -39.61 31.57 37.90
N LEU A 1009 -40.00 30.84 38.92
CA LEU A 1009 -39.13 29.89 39.60
C LEU A 1009 -39.63 28.49 39.34
N ILE A 1010 -38.98 27.81 38.41
CA ILE A 1010 -39.42 26.48 38.02
C ILE A 1010 -38.75 25.40 38.82
N GLU A 1011 -39.50 24.73 39.66
CA GLU A 1011 -38.92 23.61 40.39
C GLU A 1011 -38.73 22.47 39.44
N THR A 1012 -37.51 22.01 39.25
CA THR A 1012 -37.29 20.93 38.31
C THR A 1012 -37.23 19.58 38.99
N ARG A 1013 -37.17 19.55 40.31
CA ARG A 1013 -37.09 18.29 41.04
C ARG A 1013 -38.18 17.32 40.65
N THR A 1014 -39.36 17.84 40.28
CA THR A 1014 -40.52 17.04 39.89
C THR A 1014 -40.25 16.11 38.72
N SER A 1015 -39.16 16.35 37.99
CA SER A 1015 -38.79 15.50 36.88
C SER A 1015 -38.45 14.10 37.33
N GLN A 1016 -38.25 13.87 38.63
CA GLN A 1016 -37.95 12.56 39.19
C GLN A 1016 -39.02 11.52 38.92
N LEU A 1017 -40.21 11.95 38.47
CA LEU A 1017 -41.24 11.00 38.07
C LEU A 1017 -40.76 10.20 36.88
N PHE A 1018 -39.82 10.79 36.14
CA PHE A 1018 -39.16 10.20 34.99
C PHE A 1018 -37.70 10.03 35.38
N SER A 1019 -36.97 9.19 34.65
CA SER A 1019 -35.57 9.00 34.95
C SER A 1019 -35.32 8.44 36.36
N TYR A 1020 -34.44 9.11 37.12
CA TYR A 1020 -34.05 8.66 38.45
C TYR A 1020 -33.85 9.81 39.40
N ALA A 1021 -34.44 9.70 40.59
CA ALA A 1021 -34.45 10.76 41.59
C ALA A 1021 -33.07 11.29 41.98
N ALA A 1022 -32.02 10.46 42.01
CA ALA A 1022 -30.73 11.02 42.42
C ALA A 1022 -30.10 11.82 41.30
N PHE A 1023 -30.61 11.69 40.08
CA PHE A 1023 -30.12 12.47 38.99
C PHE A 1023 -30.93 13.74 38.93
N SER A 1024 -32.24 13.60 39.09
CA SER A 1024 -33.12 14.75 39.08
C SER A 1024 -32.90 15.66 40.25
N ASP A 1025 -32.79 15.10 41.44
CA ASP A 1025 -32.60 15.94 42.60
C ASP A 1025 -31.13 16.23 42.81
N SER A 1026 -30.58 17.11 41.99
CA SER A 1026 -29.17 17.48 42.05
C SER A 1026 -28.93 18.87 41.50
N ASN A 1027 -27.94 19.57 42.02
CA ASN A 1027 -27.68 20.94 41.61
C ASN A 1027 -27.45 21.12 40.11
N ILE A 1028 -28.05 22.16 39.57
CA ILE A 1028 -27.90 22.46 38.15
C ILE A 1028 -26.53 23.01 37.85
N ILE A 1029 -25.88 22.43 36.84
CA ILE A 1029 -24.59 22.88 36.39
C ILE A 1029 -24.69 23.89 35.29
N THR A 1030 -25.49 23.60 34.29
CA THR A 1030 -25.59 24.54 33.19
C THR A 1030 -26.94 24.55 32.52
N VAL A 1031 -27.29 25.73 32.00
CA VAL A 1031 -28.54 25.98 31.33
C VAL A 1031 -28.32 26.47 29.92
N VAL A 1032 -28.85 25.78 28.94
CA VAL A 1032 -28.71 26.25 27.59
C VAL A 1032 -30.05 26.71 27.07
N VAL A 1033 -30.10 27.94 26.58
CA VAL A 1033 -31.37 28.51 26.15
C VAL A 1033 -31.54 28.59 24.65
N ASP A 1034 -32.45 27.80 24.11
CA ASP A 1034 -32.74 27.86 22.69
C ASP A 1034 -34.25 28.07 22.49
N THR A 1035 -34.89 27.08 21.89
CA THR A 1035 -36.33 27.01 21.76
C THR A 1035 -36.89 26.13 22.87
N ALA A 1036 -35.97 25.62 23.70
CA ALA A 1036 -36.24 24.80 24.85
C ALA A 1036 -35.05 24.94 25.77
N LEU A 1037 -35.20 24.56 27.02
CA LEU A 1037 -34.07 24.67 27.93
C LEU A 1037 -33.40 23.34 28.05
N TYR A 1038 -32.07 23.34 28.06
CA TYR A 1038 -31.35 22.10 28.22
C TYR A 1038 -30.61 22.16 29.52
N ILE A 1039 -30.96 21.27 30.43
CA ILE A 1039 -30.41 21.30 31.77
C ILE A 1039 -29.48 20.15 32.09
N ALA A 1040 -28.27 20.47 32.50
CA ALA A 1040 -27.41 19.42 33.03
C ALA A 1040 -27.21 19.65 34.49
N LYS A 1041 -27.33 18.59 35.27
CA LYS A 1041 -27.18 18.62 36.71
C LYS A 1041 -25.95 17.89 37.16
N GLN A 1042 -25.47 18.22 38.35
CA GLN A 1042 -24.24 17.67 38.83
C GLN A 1042 -24.33 16.18 38.97
N ASN A 1043 -23.39 15.52 38.31
CA ASN A 1043 -23.27 14.09 38.26
C ASN A 1043 -24.40 13.38 37.53
N SER A 1044 -25.19 14.11 36.76
CA SER A 1044 -26.23 13.47 35.98
C SER A 1044 -25.65 12.98 34.69
N PRO A 1045 -26.12 11.86 34.19
CA PRO A 1045 -25.83 11.30 32.89
C PRO A 1045 -26.94 11.64 31.93
N VAL A 1046 -27.93 12.37 32.43
CA VAL A 1046 -29.09 12.73 31.64
C VAL A 1046 -29.31 14.23 31.58
N VAL A 1047 -29.55 14.71 30.36
CA VAL A 1047 -29.86 16.10 30.13
C VAL A 1047 -31.36 16.26 30.01
N GLU A 1048 -31.91 17.21 30.75
CA GLU A 1048 -33.36 17.39 30.72
C GLU A 1048 -33.74 18.45 29.74
N VAL A 1049 -34.85 18.24 29.05
CA VAL A 1049 -35.32 19.23 28.10
C VAL A 1049 -36.59 19.84 28.60
N TRP A 1050 -36.63 21.13 28.79
CA TRP A 1050 -37.83 21.75 29.32
C TRP A 1050 -38.51 22.72 28.37
N ASP A 1051 -39.83 22.70 28.37
CA ASP A 1051 -40.57 23.66 27.60
C ASP A 1051 -40.83 24.88 28.41
N LYS A 1052 -40.03 25.90 28.18
CA LYS A 1052 -40.14 27.17 28.89
C LYS A 1052 -41.49 27.88 28.71
N LYS A 1053 -42.25 27.52 27.68
CA LYS A 1053 -43.53 28.14 27.44
C LYS A 1053 -44.63 27.58 28.31
N THR A 1054 -44.47 26.33 28.77
CA THR A 1054 -45.49 25.71 29.60
C THR A 1054 -44.92 25.17 30.89
N GLU A 1055 -43.60 25.25 31.03
CA GLU A 1055 -42.88 24.78 32.20
C GLU A 1055 -43.07 23.29 32.40
N LYS A 1056 -42.83 22.52 31.34
CA LYS A 1056 -43.01 21.08 31.43
C LYS A 1056 -41.83 20.29 30.91
N LEU A 1057 -41.62 19.11 31.46
CA LEU A 1057 -40.54 18.25 31.00
C LEU A 1057 -40.91 17.68 29.64
N CYS A 1058 -40.08 17.93 28.63
CA CYS A 1058 -40.38 17.50 27.28
C CYS A 1058 -39.43 16.47 26.69
N GLY A 1059 -38.63 15.83 27.52
CA GLY A 1059 -37.74 14.82 27.00
C GLY A 1059 -36.46 14.71 27.78
N LEU A 1060 -35.84 13.55 27.66
CA LEU A 1060 -34.60 13.27 28.33
C LEU A 1060 -33.56 12.80 27.36
N ILE A 1061 -32.32 13.16 27.59
CA ILE A 1061 -31.23 12.71 26.73
C ILE A 1061 -30.30 11.82 27.53
N ASP A 1062 -30.26 10.54 27.18
CA ASP A 1062 -29.44 9.58 27.89
C ASP A 1062 -28.06 9.41 27.29
N CYS A 1063 -27.05 10.04 27.89
CA CYS A 1063 -25.69 9.99 27.38
C CYS A 1063 -25.08 8.61 27.50
N VAL A 1064 -25.47 7.87 28.53
CA VAL A 1064 -24.95 6.53 28.71
C VAL A 1064 -25.36 5.67 27.56
N HIS A 1065 -26.62 5.79 27.16
CA HIS A 1065 -27.14 5.05 26.04
C HIS A 1065 -26.32 5.22 24.78
N PHE A 1066 -25.95 6.45 24.47
CA PHE A 1066 -25.18 6.67 23.27
C PHE A 1066 -23.83 5.96 23.35
N LEU A 1067 -23.19 6.00 24.50
CA LEU A 1067 -21.91 5.34 24.62
C LEU A 1067 -22.06 3.87 24.94
N ARG A 1068 -23.28 3.46 25.28
CA ARG A 1068 -23.62 2.05 25.46
C ARG A 1068 -23.61 1.39 24.10
N GLU A 1069 -24.07 2.12 23.09
CA GLU A 1069 -24.07 1.63 21.72
C GLU A 1069 -22.63 1.50 21.23
N VAL A 1070 -21.77 2.41 21.67
CA VAL A 1070 -20.35 2.33 21.36
C VAL A 1070 -19.68 1.21 22.15
N MET A 1071 -18.92 0.37 21.49
CA MET A 1071 -18.25 -0.71 22.18
C MET A 1071 -17.11 -0.20 23.04
N MET A 1082 -13.40 2.24 34.04
CA MET A 1082 -14.55 3.10 34.26
C MET A 1082 -14.44 4.43 33.54
N SER A 1083 -13.75 4.47 32.40
CA SER A 1083 -13.67 5.72 31.63
C SER A 1083 -15.04 6.12 31.08
N TYR A 1084 -15.92 5.14 30.91
CA TYR A 1084 -17.29 5.39 30.46
C TYR A 1084 -18.21 5.70 31.61
N SER A 1085 -17.98 6.84 32.25
CA SER A 1085 -18.80 7.23 33.36
C SER A 1085 -20.13 7.78 32.89
N GLY A 1086 -20.13 8.41 31.74
CA GLY A 1086 -21.35 8.97 31.19
C GLY A 1086 -21.74 10.27 31.89
N ARG A 1087 -20.88 10.80 32.74
CA ARG A 1087 -21.24 12.02 33.44
C ARG A 1087 -21.21 13.20 32.52
N VAL A 1088 -22.23 14.03 32.55
CA VAL A 1088 -22.26 15.19 31.69
C VAL A 1088 -21.43 16.30 32.27
N LYS A 1089 -20.51 16.85 31.49
CA LYS A 1089 -19.70 17.94 31.97
C LYS A 1089 -20.20 19.28 31.50
N THR A 1090 -20.15 19.55 30.20
CA THR A 1090 -20.63 20.83 29.73
C THR A 1090 -21.50 20.72 28.50
N LEU A 1091 -22.34 21.72 28.31
CA LEU A 1091 -23.21 21.78 27.15
C LEU A 1091 -22.94 23.02 26.34
N CYS A 1092 -22.64 22.86 25.06
CA CYS A 1092 -22.54 24.02 24.21
C CYS A 1092 -23.52 23.89 23.09
N LEU A 1093 -24.05 25.00 22.63
CA LEU A 1093 -25.06 24.92 21.60
C LEU A 1093 -24.79 25.82 20.44
N GLN A 1094 -24.90 25.25 19.26
CA GLN A 1094 -24.69 25.95 18.03
C GLN A 1094 -26.03 26.14 17.34
N LYS A 1095 -26.24 27.30 16.74
CA LYS A 1095 -27.54 27.62 16.15
C LYS A 1095 -27.84 26.91 14.84
N ASN A 1096 -26.93 26.04 14.39
CA ASN A 1096 -27.16 25.22 13.22
C ASN A 1096 -27.70 23.87 13.63
N THR A 1097 -28.28 23.76 14.83
CA THR A 1097 -28.83 22.54 15.44
C THR A 1097 -27.78 21.64 16.08
N ALA A 1098 -26.49 21.92 15.95
CA ALA A 1098 -25.55 21.05 16.62
C ALA A 1098 -25.54 21.30 18.13
N LEU A 1099 -25.58 20.21 18.91
CA LEU A 1099 -25.50 20.32 20.35
C LEU A 1099 -24.25 19.56 20.79
N TRP A 1100 -23.36 20.24 21.48
CA TRP A 1100 -22.08 19.66 21.85
C TRP A 1100 -22.10 19.23 23.30
N ILE A 1101 -21.97 17.94 23.57
CA ILE A 1101 -22.01 17.49 24.95
C ILE A 1101 -20.72 16.86 25.40
N GLY A 1102 -20.03 17.48 26.34
CA GLY A 1102 -18.79 16.91 26.83
C GLY A 1102 -19.12 15.95 27.94
N THR A 1103 -18.18 15.11 28.33
CA THR A 1103 -18.47 14.16 29.39
C THR A 1103 -17.29 13.86 30.27
N GLY A 1104 -17.51 12.93 31.20
CA GLY A 1104 -16.50 12.54 32.16
C GLY A 1104 -15.26 11.98 31.48
N GLY A 1105 -15.46 11.07 30.55
CA GLY A 1105 -14.32 10.50 29.82
C GLY A 1105 -14.01 11.39 28.63
N GLY A 1106 -13.01 11.01 27.84
CA GLY A 1106 -12.63 11.82 26.68
C GLY A 1106 -13.56 11.63 25.49
N HIS A 1107 -14.81 12.03 25.64
CA HIS A 1107 -15.80 11.91 24.57
C HIS A 1107 -16.59 13.20 24.42
N ILE A 1108 -16.94 13.52 23.20
CA ILE A 1108 -17.79 14.65 22.92
C ILE A 1108 -18.90 14.16 22.05
N LEU A 1109 -20.13 14.35 22.48
CA LEU A 1109 -21.22 13.87 21.67
C LEU A 1109 -21.75 14.98 20.80
N LEU A 1110 -22.00 14.68 19.55
CA LEU A 1110 -22.61 15.66 18.68
C LEU A 1110 -24.03 15.27 18.46
N LEU A 1111 -24.96 16.05 18.96
CA LEU A 1111 -26.36 15.73 18.74
C LEU A 1111 -27.04 16.70 17.81
N ASP A 1112 -28.06 16.21 17.15
CA ASP A 1112 -28.90 16.97 16.25
C ASP A 1112 -30.10 17.51 16.98
N LEU A 1113 -30.14 18.81 17.23
CA LEU A 1113 -31.27 19.42 17.94
C LEU A 1113 -32.60 19.28 17.25
N SER A 1114 -32.61 19.15 15.93
CA SER A 1114 -33.88 19.07 15.25
C SER A 1114 -34.50 17.69 15.35
N THR A 1115 -33.72 16.67 15.70
CA THR A 1115 -34.28 15.34 15.80
C THR A 1115 -33.88 14.62 17.08
N ARG A 1116 -33.00 15.24 17.86
CA ARG A 1116 -32.45 14.65 19.08
C ARG A 1116 -31.75 13.36 18.75
N ARG A 1117 -30.83 13.42 17.80
CA ARG A 1117 -30.11 12.22 17.37
C ARG A 1117 -28.63 12.38 17.32
N LEU A 1118 -27.93 11.27 17.48
CA LEU A 1118 -26.49 11.25 17.53
C LEU A 1118 -25.86 11.35 16.16
N ILE A 1119 -25.17 12.46 15.94
CA ILE A 1119 -24.43 12.69 14.72
C ILE A 1119 -23.17 11.89 14.74
N ARG A 1120 -22.42 12.02 15.83
CA ARG A 1120 -21.17 11.27 15.99
C ARG A 1120 -20.56 11.38 17.36
N VAL A 1121 -19.78 10.38 17.74
CA VAL A 1121 -19.06 10.41 18.98
C VAL A 1121 -17.61 10.75 18.71
N ILE A 1122 -17.15 11.87 19.21
CA ILE A 1122 -15.77 12.27 19.03
C ILE A 1122 -15.05 11.76 20.24
N TYR A 1123 -14.04 10.93 20.10
CA TYR A 1123 -13.49 10.40 21.33
C TYR A 1123 -12.04 10.04 21.30
N ASN A 1124 -11.55 9.66 22.48
CA ASN A 1124 -10.15 9.34 22.72
C ASN A 1124 -9.41 10.65 22.61
N PHE A 1125 -10.10 11.67 23.08
CA PHE A 1125 -9.68 13.03 23.06
C PHE A 1125 -8.58 13.29 24.07
N CYS A 1126 -8.89 13.04 25.34
CA CYS A 1126 -7.97 13.19 26.45
C CYS A 1126 -8.57 12.38 27.59
N ASN A 1127 -8.09 12.58 28.80
CA ASN A 1127 -8.65 11.83 29.91
C ASN A 1127 -10.08 12.30 30.27
N SER A 1128 -10.26 13.61 30.43
CA SER A 1128 -11.57 14.12 30.84
C SER A 1128 -11.83 15.55 30.36
N VAL A 1129 -13.07 15.88 30.01
CA VAL A 1129 -13.34 17.23 29.51
C VAL A 1129 -13.66 18.22 30.62
N ARG A 1130 -12.95 19.34 30.68
CA ARG A 1130 -13.22 20.31 31.72
C ARG A 1130 -14.20 21.40 31.28
N VAL A 1131 -13.83 22.23 30.30
CA VAL A 1131 -14.77 23.25 29.79
C VAL A 1131 -14.76 23.34 28.30
N MET A 1132 -15.84 23.85 27.74
CA MET A 1132 -15.92 24.05 26.31
C MET A 1132 -16.39 25.45 26.01
N MET A 1133 -15.74 26.11 25.07
CA MET A 1133 -16.15 27.45 24.71
C MET A 1133 -16.34 27.62 23.23
N THR A 1134 -17.17 28.57 22.87
CA THR A 1134 -17.32 28.93 21.49
C THR A 1134 -16.63 30.25 21.33
N ALA A 1135 -15.70 30.34 20.40
CA ALA A 1135 -14.99 31.59 20.28
C ALA A 1135 -14.58 31.89 18.87
N GLN A 1136 -14.56 33.17 18.56
CA GLN A 1136 -14.13 33.60 17.26
C GLN A 1136 -12.67 33.95 17.34
N LEU A 1137 -11.89 33.42 16.42
CA LEU A 1137 -10.47 33.67 16.40
C LEU A 1137 -10.14 35.03 15.85
N GLY A 1138 -8.85 35.34 15.82
CA GLY A 1138 -8.37 36.60 15.31
C GLY A 1138 -8.41 36.68 13.79
N SER A 1139 -8.70 35.54 13.16
CA SER A 1139 -8.91 35.38 11.73
C SER A 1139 -10.39 35.44 11.40
N LEU A 1140 -11.22 35.62 12.44
CA LEU A 1140 -12.67 35.62 12.40
C LEU A 1140 -13.28 34.22 12.22
N LYS A 1141 -12.45 33.19 12.24
CA LYS A 1141 -12.91 31.82 12.15
C LYS A 1141 -13.51 31.36 13.47
N ASN A 1142 -14.66 30.70 13.44
CA ASN A 1142 -15.25 30.24 14.69
C ASN A 1142 -14.77 28.85 15.05
N VAL A 1143 -14.37 28.68 16.30
CA VAL A 1143 -13.88 27.39 16.76
C VAL A 1143 -14.36 27.01 18.14
N MET A 1144 -14.23 25.73 18.45
CA MET A 1144 -14.52 25.25 19.79
C MET A 1144 -13.23 25.14 20.56
N LEU A 1145 -13.23 25.66 21.76
CA LEU A 1145 -12.06 25.60 22.61
C LEU A 1145 -12.33 24.58 23.67
N VAL A 1146 -11.76 23.41 23.54
CA VAL A 1146 -12.06 22.40 24.53
C VAL A 1146 -10.87 22.18 25.42
N LEU A 1147 -11.04 22.50 26.68
CA LEU A 1147 -9.97 22.35 27.66
C LEU A 1147 -10.20 21.10 28.44
N GLY A 1148 -9.22 20.22 28.49
CA GLY A 1148 -9.42 19.00 29.23
C GLY A 1148 -8.24 18.55 30.07
N TYR A 1149 -8.47 17.47 30.81
CA TYR A 1149 -7.50 16.86 31.66
C TYR A 1149 -6.91 15.70 30.91
N ASN A 1150 -5.70 15.36 31.23
CA ASN A 1150 -5.07 14.26 30.56
C ASN A 1150 -4.14 13.55 31.50
N ARG A 1151 -4.67 13.17 32.65
CA ARG A 1151 -3.88 12.42 33.60
C ARG A 1151 -3.53 11.10 32.94
N GLU A 1162 0.97 12.03 36.64
CA GLU A 1162 1.06 12.73 35.35
C GLU A 1162 -0.07 13.68 34.99
N ILE A 1163 -0.36 14.65 35.88
CA ILE A 1163 -1.40 15.65 35.59
C ILE A 1163 -1.08 16.57 34.42
N GLN A 1164 -1.32 16.05 33.22
CA GLN A 1164 -1.17 16.79 32.00
C GLN A 1164 -2.54 17.34 31.65
N SER A 1165 -2.55 18.52 31.04
CA SER A 1165 -3.79 19.16 30.63
C SER A 1165 -3.53 19.87 29.31
N CYS A 1166 -4.57 20.14 28.55
CA CYS A 1166 -4.34 20.75 27.24
C CYS A 1166 -5.56 21.38 26.61
N LEU A 1167 -5.29 22.27 25.66
CA LEU A 1167 -6.34 22.97 24.94
C LEU A 1167 -6.44 22.50 23.52
N THR A 1168 -7.62 22.09 23.11
CA THR A 1168 -7.81 21.63 21.76
C THR A 1168 -8.72 22.56 20.99
N VAL A 1169 -8.33 22.95 19.80
CA VAL A 1169 -9.16 23.86 19.01
C VAL A 1169 -9.78 23.16 17.81
N TRP A 1170 -11.11 23.13 17.77
CA TRP A 1170 -11.83 22.45 16.70
C TRP A 1170 -12.56 23.40 15.78
N ASP A 1171 -12.58 23.06 14.51
CA ASP A 1171 -13.34 23.84 13.55
C ASP A 1171 -14.81 23.70 13.85
N ILE A 1172 -15.48 24.81 14.15
CA ILE A 1172 -16.90 24.83 14.49
C ILE A 1172 -17.83 24.06 13.54
N ASN A 1173 -17.40 23.77 12.32
CA ASN A 1173 -18.25 23.09 11.35
C ASN A 1173 -18.12 21.59 11.39
N LEU A 1174 -17.48 21.05 12.42
CA LEU A 1174 -17.31 19.61 12.57
C LEU A 1174 -18.56 18.79 12.29
N PRO A 1175 -19.74 19.08 12.86
CA PRO A 1175 -20.98 18.36 12.63
C PRO A 1175 -21.30 18.21 11.15
N HIS A 1176 -20.99 19.24 10.37
CA HIS A 1176 -21.30 19.21 8.96
C HIS A 1176 -20.30 18.38 8.23
N GLU A 1177 -19.06 18.44 8.67
CA GLU A 1177 -18.02 17.68 8.01
C GLU A 1177 -18.25 16.21 8.24
N VAL A 1178 -18.70 15.84 9.43
CA VAL A 1178 -18.98 14.45 9.68
C VAL A 1178 -19.98 13.90 8.70
N GLN A 1179 -21.07 14.60 8.52
CA GLN A 1179 -22.08 14.11 7.61
C GLN A 1179 -21.67 14.18 6.15
N ASN A 1180 -21.02 15.26 5.74
CA ASN A 1180 -20.63 15.40 4.36
C ASN A 1180 -19.59 14.40 3.96
N LEU A 1181 -18.63 14.16 4.84
CA LEU A 1181 -17.60 13.19 4.55
C LEU A 1181 -18.20 11.83 4.37
N GLU A 1182 -19.11 11.46 5.27
CA GLU A 1182 -19.74 10.16 5.18
C GLU A 1182 -20.44 9.97 3.86
N LYS A 1183 -21.16 10.99 3.42
CA LYS A 1183 -21.86 10.92 2.15
C LYS A 1183 -20.89 10.72 1.01
N HIS A 1184 -19.83 11.53 0.99
CA HIS A 1184 -18.81 11.48 -0.05
C HIS A 1184 -18.26 10.09 -0.22
N ILE A 1185 -17.88 9.49 0.89
CA ILE A 1185 -17.32 8.17 0.85
C ILE A 1185 -18.29 7.14 0.34
N GLU A 1186 -19.54 7.21 0.77
CA GLU A 1186 -20.50 6.22 0.34
C GLU A 1186 -20.80 6.29 -1.13
N VAL A 1187 -20.89 7.49 -1.68
CA VAL A 1187 -21.14 7.62 -3.10
C VAL A 1187 -20.06 6.96 -3.90
N ARG A 1188 -18.81 7.21 -3.54
CA ARG A 1188 -17.71 6.64 -4.27
C ARG A 1188 -17.64 5.14 -4.09
N LYS A 1189 -18.05 4.66 -2.93
CA LYS A 1189 -18.09 3.23 -2.69
C LYS A 1189 -19.01 2.56 -3.68
N GLU A 1190 -20.18 3.16 -3.91
CA GLU A 1190 -21.13 2.61 -4.86
C GLU A 1190 -20.58 2.63 -6.26
N LEU A 1191 -19.88 3.71 -6.61
CA LEU A 1191 -19.30 3.80 -7.94
C LEU A 1191 -18.26 2.74 -8.17
N ALA A 1192 -17.51 2.40 -7.12
CA ALA A 1192 -16.50 1.37 -7.25
C ALA A 1192 -17.14 0.05 -7.62
N GLU A 1193 -18.27 -0.25 -6.99
CA GLU A 1193 -18.96 -1.49 -7.30
C GLU A 1193 -19.59 -1.45 -8.66
N LYS A 1194 -20.09 -0.30 -9.05
CA LYS A 1194 -20.66 -0.12 -10.36
C LYS A 1194 -19.67 -0.46 -11.45
N MET A 1195 -18.47 0.10 -11.34
CA MET A 1195 -17.40 -0.12 -12.30
C MET A 1195 -16.95 -1.56 -12.33
N ARG A 1196 -16.62 -2.10 -11.16
CA ARG A 1196 -16.12 -3.46 -11.07
C ARG A 1196 -17.12 -4.47 -11.60
N ARG A 1197 -18.40 -4.18 -11.41
CA ARG A 1197 -19.46 -5.08 -11.83
C ARG A 1197 -19.68 -5.10 -13.33
N THR A 1198 -19.54 -3.95 -13.99
CA THR A 1198 -19.74 -3.87 -15.43
C THR A 1198 -18.76 -4.80 -16.15
N SER A 1199 -17.47 -4.52 -15.98
CA SER A 1199 -16.41 -5.32 -16.59
C SER A 1199 -16.66 -5.59 -18.07
N VAL A 4 39.55 -8.94 2.34
CA VAL A 4 40.54 -10.01 2.30
C VAL A 4 40.34 -10.94 1.10
N PRO A 5 41.42 -11.51 0.57
CA PRO A 5 41.52 -12.33 -0.64
C PRO A 5 40.84 -13.69 -0.53
N TYR A 6 39.54 -13.67 -0.75
CA TYR A 6 38.68 -14.85 -0.75
C TYR A 6 39.11 -15.82 -1.85
N ASN A 7 39.39 -17.08 -1.48
CA ASN A 7 39.87 -18.09 -2.43
C ASN A 7 38.91 -19.26 -2.67
N ARG A 8 37.61 -19.02 -2.52
CA ARG A 8 36.62 -20.07 -2.75
C ARG A 8 35.81 -19.82 -4.01
N MET A 9 35.55 -20.89 -4.75
CA MET A 9 34.83 -20.83 -6.02
C MET A 9 33.94 -22.05 -6.18
N LYS A 10 32.78 -21.90 -6.78
CA LYS A 10 31.88 -23.03 -6.89
C LYS A 10 32.13 -23.87 -8.13
N LEU A 11 31.86 -25.15 -8.03
CA LEU A 11 31.98 -26.04 -9.16
C LEU A 11 30.63 -26.66 -9.42
N MET A 12 30.06 -26.39 -10.57
CA MET A 12 28.76 -26.92 -10.90
C MET A 12 28.89 -28.05 -11.88
N ILE A 13 28.45 -29.24 -11.49
CA ILE A 13 28.54 -30.36 -12.39
C ILE A 13 27.17 -30.73 -12.89
N VAL A 14 27.01 -30.70 -14.21
CA VAL A 14 25.73 -30.97 -14.83
C VAL A 14 25.81 -32.02 -15.91
N GLY A 15 24.67 -32.56 -16.27
CA GLY A 15 24.58 -33.59 -17.28
C GLY A 15 23.28 -34.36 -17.12
N ASN A 16 23.03 -35.28 -18.03
CA ASN A 16 21.80 -36.06 -17.96
C ASN A 16 21.96 -37.35 -17.18
N TPO A 17 20.81 -37.87 -16.77
CA TPO A 17 20.71 -39.09 -16.00
CB TPO A 17 19.21 -39.43 -15.79
CG2 TPO A 17 19.07 -40.70 -14.97
OG1 TPO A 17 18.56 -38.34 -15.10
P TPO A 17 16.99 -38.04 -15.33
O1P TPO A 17 16.48 -39.02 -16.42
O2P TPO A 17 16.28 -38.28 -13.97
O3P TPO A 17 16.84 -36.56 -15.80
C TPO A 17 21.41 -40.26 -16.69
O TPO A 17 21.08 -40.62 -17.82
N GLY A 18 22.34 -40.84 -15.96
CA GLY A 18 23.10 -42.01 -16.43
C GLY A 18 24.55 -41.71 -16.79
N SER A 19 24.94 -40.43 -16.74
CA SER A 19 26.30 -40.04 -17.13
C SER A 19 27.44 -40.60 -16.29
N GLY A 20 27.21 -40.92 -15.01
CA GLY A 20 28.29 -41.40 -14.16
C GLY A 20 29.16 -40.27 -13.61
N LYS A 21 28.71 -39.03 -13.81
CA LYS A 21 29.44 -37.83 -13.44
C LYS A 21 29.78 -37.71 -11.94
N THR A 22 29.04 -38.39 -11.07
CA THR A 22 29.34 -38.35 -9.65
C THR A 22 30.63 -39.09 -9.35
N THR A 23 30.78 -40.27 -9.96
CA THR A 23 31.98 -41.04 -9.76
C THR A 23 33.14 -40.30 -10.39
N LEU A 24 32.90 -39.68 -11.54
CA LEU A 24 33.92 -38.84 -12.15
C LEU A 24 34.51 -37.87 -11.15
N LEU A 25 33.64 -37.15 -10.44
CA LEU A 25 34.07 -36.26 -9.38
C LEU A 25 34.92 -36.96 -8.34
N GLN A 26 34.46 -38.13 -7.89
CA GLN A 26 35.21 -38.90 -6.90
C GLN A 26 36.61 -39.25 -7.38
N GLN A 27 36.73 -39.56 -8.67
CA GLN A 27 38.02 -39.88 -9.20
C GLN A 27 38.90 -38.65 -9.32
N LEU A 28 38.29 -37.52 -9.72
CA LEU A 28 39.02 -36.27 -9.84
C LEU A 28 39.54 -35.77 -8.52
N MET A 29 38.74 -35.95 -7.47
CA MET A 29 39.12 -35.57 -6.12
C MET A 29 40.07 -36.59 -5.49
N GLY A 44 18.72 -34.74 -5.51
CA GLY A 44 19.14 -33.37 -5.70
C GLY A 44 20.64 -33.21 -5.96
N ILE A 45 21.27 -32.40 -5.11
CA ILE A 45 22.68 -32.05 -5.27
C ILE A 45 23.59 -32.53 -4.14
N ASP A 46 24.69 -33.16 -4.53
CA ASP A 46 25.70 -33.60 -3.58
C ASP A 46 26.74 -32.50 -3.41
N VAL A 47 26.71 -31.81 -2.26
CA VAL A 47 27.61 -30.69 -2.02
C VAL A 47 28.84 -31.05 -1.18
N LYS A 48 30.02 -30.71 -1.67
CA LYS A 48 31.25 -30.98 -0.91
C LYS A 48 32.44 -30.14 -1.34
N ASP A 49 33.25 -29.74 -0.37
CA ASP A 49 34.47 -29.00 -0.64
C ASP A 49 35.55 -29.80 -1.33
N TRP A 50 36.30 -29.12 -2.22
CA TRP A 50 37.44 -29.71 -2.89
C TRP A 50 38.64 -28.78 -2.94
N PRO A 51 39.46 -28.77 -1.89
CA PRO A 51 40.72 -28.06 -1.79
C PRO A 51 41.70 -28.59 -2.83
N ILE A 52 42.25 -27.68 -3.63
CA ILE A 52 43.22 -28.01 -4.63
C ILE A 52 44.49 -27.22 -4.38
N LEU A 62 43.15 -23.41 -3.35
CA LEU A 62 41.91 -23.20 -4.05
C LEU A 62 40.85 -24.11 -3.51
N VAL A 63 39.82 -23.57 -2.91
CA VAL A 63 38.80 -24.46 -2.39
C VAL A 63 37.56 -24.37 -3.23
N LEU A 64 37.21 -25.47 -3.86
CA LEU A 64 36.03 -25.44 -4.65
C LEU A 64 34.84 -25.90 -3.85
N ASN A 65 33.72 -25.24 -4.04
CA ASN A 65 32.48 -25.58 -3.41
C ASN A 65 31.75 -26.41 -4.44
N VAL A 66 31.94 -27.72 -4.41
CA VAL A 66 31.43 -28.53 -5.50
C VAL A 66 30.00 -28.95 -5.32
N TRP A 67 29.16 -28.49 -6.23
CA TRP A 67 27.76 -28.86 -6.27
C TRP A 67 27.48 -29.80 -7.42
N ASP A 68 27.26 -31.07 -7.09
CA ASP A 68 26.95 -32.09 -8.06
C ASP A 68 25.46 -32.21 -8.34
N PHE A 69 24.99 -31.66 -9.46
CA PHE A 69 23.57 -31.80 -9.84
C PHE A 69 23.33 -33.20 -10.35
N ALA A 70 23.36 -34.16 -9.45
CA ALA A 70 23.21 -35.54 -9.84
C ALA A 70 21.85 -35.79 -10.41
N GLY A 71 20.80 -35.41 -9.69
CA GLY A 71 19.45 -35.65 -10.18
C GLY A 71 18.85 -34.42 -10.81
N ARG A 72 17.53 -34.46 -11.02
CA ARG A 72 16.80 -33.37 -11.64
C ARG A 72 16.56 -32.22 -10.69
N GLU A 73 17.62 -31.62 -10.20
CA GLU A 73 17.45 -30.55 -9.26
C GLU A 73 17.15 -29.26 -9.94
N GLU A 74 15.88 -28.93 -9.93
CA GLU A 74 15.31 -27.74 -10.52
C GLU A 74 16.02 -26.42 -10.16
N PHE A 75 16.81 -26.39 -9.07
CA PHE A 75 17.66 -25.25 -8.65
C PHE A 75 18.26 -24.47 -9.81
N TYR A 76 18.68 -25.19 -10.86
CA TYR A 76 19.28 -24.54 -12.03
C TYR A 76 18.32 -23.65 -12.83
N SER A 77 17.07 -23.58 -12.41
CA SER A 77 16.05 -22.78 -13.03
C SER A 77 15.20 -22.09 -11.96
N THR A 78 15.07 -22.71 -10.78
CA THR A 78 14.25 -22.15 -9.71
C THR A 78 15.03 -21.23 -8.78
N HIS A 79 16.35 -21.32 -8.79
CA HIS A 79 17.16 -20.38 -8.03
C HIS A 79 18.59 -20.39 -8.53
N PRO A 80 18.80 -20.09 -9.82
CA PRO A 80 20.07 -19.99 -10.53
C PRO A 80 20.73 -18.66 -10.19
N ARG A 86 31.15 -16.75 -10.17
CA ARG A 86 32.11 -17.43 -9.32
C ARG A 86 31.87 -18.92 -9.37
N ALA A 87 31.75 -19.44 -10.58
CA ALA A 87 31.42 -20.84 -10.75
C ALA A 87 31.92 -21.37 -12.06
N LEU A 88 32.27 -22.64 -12.08
CA LEU A 88 32.70 -23.28 -13.32
C LEU A 88 31.79 -24.44 -13.62
N TYR A 89 31.38 -24.56 -14.86
CA TYR A 89 30.47 -25.61 -15.22
C TYR A 89 31.16 -26.77 -15.90
N LEU A 90 30.88 -27.96 -15.39
CA LEU A 90 31.43 -29.15 -15.96
C LEU A 90 30.29 -29.92 -16.58
N ALA A 91 30.27 -29.98 -17.90
CA ALA A 91 29.23 -30.66 -18.63
C ALA A 91 29.67 -32.07 -18.93
N VAL A 92 28.98 -33.05 -18.37
CA VAL A 92 29.37 -34.44 -18.57
C VAL A 92 28.33 -35.22 -19.36
N TYR A 93 28.79 -35.96 -20.37
CA TYR A 93 27.87 -36.79 -21.13
C TYR A 93 28.53 -38.10 -21.53
N ASP A 94 27.71 -39.10 -21.84
CA ASP A 94 28.23 -40.41 -22.21
C ASP A 94 28.39 -40.57 -23.71
N LEU A 95 29.65 -40.58 -24.16
CA LEU A 95 29.97 -40.69 -25.57
C LEU A 95 29.36 -41.89 -26.28
N SER A 96 29.21 -43.02 -25.58
CA SER A 96 28.69 -44.22 -26.22
C SER A 96 27.23 -44.06 -26.64
N LYS A 97 26.53 -43.09 -26.03
CA LYS A 97 25.18 -42.79 -26.46
C LYS A 97 25.29 -42.02 -27.77
N GLY A 98 26.22 -41.07 -27.80
CA GLY A 98 26.52 -40.38 -29.05
C GLY A 98 25.92 -39.00 -29.23
N GLN A 99 25.76 -38.62 -30.50
CA GLN A 99 25.30 -37.32 -30.94
C GLN A 99 23.94 -36.94 -30.40
N ALA A 100 23.09 -37.94 -30.18
CA ALA A 100 21.78 -37.69 -29.61
C ALA A 100 21.93 -37.05 -28.23
N GLU A 101 22.93 -37.50 -27.48
CA GLU A 101 23.19 -36.96 -26.17
C GLU A 101 23.74 -35.56 -26.26
N VAL A 102 24.58 -35.34 -27.27
CA VAL A 102 25.12 -34.02 -27.49
C VAL A 102 23.98 -33.04 -27.65
N ASP A 103 23.00 -33.40 -28.48
CA ASP A 103 21.83 -32.55 -28.68
C ASP A 103 21.04 -32.38 -27.40
N ALA A 104 20.95 -33.43 -26.59
CA ALA A 104 20.25 -33.35 -25.31
C ALA A 104 20.87 -32.31 -24.38
N MET A 105 22.16 -32.02 -24.54
CA MET A 105 22.82 -31.04 -23.70
C MET A 105 22.56 -29.59 -24.11
N LYS A 106 21.88 -29.36 -25.22
CA LYS A 106 21.64 -28.01 -25.66
C LYS A 106 20.78 -27.19 -24.68
N PRO A 107 19.71 -27.77 -24.09
CA PRO A 107 18.91 -27.14 -23.07
C PRO A 107 19.73 -26.77 -21.84
N TRP A 108 20.74 -27.60 -21.53
CA TRP A 108 21.60 -27.33 -20.39
C TRP A 108 22.48 -26.15 -20.69
N LEU A 109 23.03 -26.12 -21.89
CA LEU A 109 23.89 -25.05 -22.30
C LEU A 109 23.11 -23.75 -22.43
N PHE A 110 21.88 -23.85 -22.92
CA PHE A 110 21.02 -22.69 -23.04
C PHE A 110 20.80 -22.10 -21.69
N ASN A 111 20.39 -22.92 -20.74
CA ASN A 111 20.13 -22.49 -19.40
C ASN A 111 21.36 -21.86 -18.76
N ILE A 112 22.53 -22.44 -18.99
CA ILE A 112 23.76 -21.87 -18.45
C ILE A 112 23.99 -20.49 -19.01
N LYS A 113 23.93 -20.36 -20.33
CA LYS A 113 24.13 -19.06 -20.95
C LYS A 113 23.11 -18.06 -20.46
N ALA A 114 21.87 -18.51 -20.32
CA ALA A 114 20.75 -17.71 -19.89
C ALA A 114 20.90 -17.15 -18.48
N ARG A 115 21.85 -17.65 -17.69
CA ARG A 115 21.99 -17.16 -16.34
C ARG A 115 23.43 -16.72 -16.05
N ALA A 116 24.39 -17.27 -16.77
CA ALA A 116 25.78 -16.91 -16.61
C ALA A 116 26.53 -17.10 -17.92
N SER A 117 26.28 -16.24 -18.89
CA SER A 117 26.89 -16.38 -20.21
C SER A 117 28.40 -16.25 -20.20
N SER A 118 28.95 -15.54 -19.22
CA SER A 118 30.39 -15.36 -19.11
C SER A 118 31.11 -16.52 -18.43
N SER A 119 30.36 -17.40 -17.77
CA SER A 119 30.98 -18.47 -16.99
C SER A 119 31.60 -19.50 -17.93
N PRO A 120 32.63 -20.21 -17.48
CA PRO A 120 33.38 -21.20 -18.21
C PRO A 120 32.65 -22.53 -18.24
N VAL A 121 32.77 -23.22 -19.35
CA VAL A 121 32.17 -24.53 -19.53
C VAL A 121 33.18 -25.53 -20.08
N ILE A 122 33.33 -26.65 -19.39
CA ILE A 122 34.21 -27.71 -19.87
C ILE A 122 33.36 -28.90 -20.24
N LEU A 123 33.43 -29.30 -21.49
CA LEU A 123 32.62 -30.40 -21.97
C LEU A 123 33.38 -31.72 -21.95
N VAL A 124 32.93 -32.67 -21.14
CA VAL A 124 33.61 -33.94 -21.05
C VAL A 124 32.75 -35.12 -21.45
N GLY A 125 33.21 -35.85 -22.46
CA GLY A 125 32.52 -37.05 -22.89
C GLY A 125 33.16 -38.21 -22.17
N THR A 126 32.38 -39.24 -21.87
CA THR A 126 32.96 -40.34 -21.13
C THR A 126 32.58 -41.71 -21.67
N HIS A 127 33.10 -42.72 -20.98
CA HIS A 127 32.96 -44.12 -21.33
C HIS A 127 33.56 -44.43 -22.70
N LEU A 128 34.75 -43.89 -22.94
CA LEU A 128 35.48 -44.14 -24.18
C LEU A 128 35.92 -45.59 -24.26
N ASP A 129 36.00 -46.29 -23.13
CA ASP A 129 36.40 -47.69 -23.16
C ASP A 129 35.31 -48.61 -23.73
N VAL A 130 34.11 -48.08 -24.00
CA VAL A 130 33.05 -48.84 -24.64
C VAL A 130 32.48 -48.04 -25.79
N SER A 131 33.27 -47.09 -26.30
CA SER A 131 32.82 -46.24 -27.38
C SER A 131 33.91 -46.09 -28.44
N ASP A 132 33.66 -46.69 -29.59
CA ASP A 132 34.60 -46.65 -30.70
C ASP A 132 34.87 -45.21 -31.12
N GLU A 133 36.09 -44.95 -31.58
CA GLU A 133 36.47 -43.61 -32.01
C GLU A 133 35.55 -43.08 -33.11
N LYS A 134 34.84 -43.96 -33.82
CA LYS A 134 33.83 -43.53 -34.77
C LYS A 134 32.88 -42.57 -34.11
N GLN A 135 32.40 -42.94 -32.92
CA GLN A 135 31.49 -42.08 -32.18
C GLN A 135 32.21 -40.87 -31.67
N ARG A 136 33.45 -41.05 -31.23
CA ARG A 136 34.25 -39.93 -30.74
C ARG A 136 34.39 -38.85 -31.78
N LYS A 137 34.83 -39.22 -32.98
CA LYS A 137 35.01 -38.24 -34.03
C LYS A 137 33.67 -37.78 -34.60
N ALA A 138 32.63 -38.60 -34.46
CA ALA A 138 31.31 -38.18 -34.91
C ALA A 138 30.82 -37.06 -34.02
N CYS A 139 30.94 -37.27 -32.71
CA CYS A 139 30.55 -36.28 -31.74
C CYS A 139 31.49 -35.11 -31.75
N MET A 140 32.75 -35.35 -32.06
CA MET A 140 33.70 -34.27 -32.20
C MET A 140 33.22 -33.34 -33.28
N SER A 141 32.90 -33.90 -34.45
CA SER A 141 32.42 -33.07 -35.53
C SER A 141 31.07 -32.46 -35.19
N LYS A 142 30.27 -33.18 -34.43
CA LYS A 142 28.97 -32.69 -34.00
C LYS A 142 29.10 -31.40 -33.20
N ILE A 143 30.01 -31.40 -32.22
CA ILE A 143 30.19 -30.21 -31.41
C ILE A 143 30.94 -29.11 -32.14
N THR A 144 31.81 -29.47 -33.10
CA THR A 144 32.47 -28.39 -33.83
C THR A 144 31.50 -27.73 -34.78
N LYS A 145 30.50 -28.48 -35.22
CA LYS A 145 29.49 -27.94 -36.10
C LYS A 145 28.33 -27.28 -35.38
N GLU A 146 27.97 -27.76 -34.20
CA GLU A 146 26.77 -27.23 -33.57
C GLU A 146 26.90 -26.62 -32.19
N LEU A 147 28.05 -26.68 -31.53
CA LEU A 147 28.12 -26.06 -30.20
C LEU A 147 29.33 -25.17 -30.01
N LEU A 148 30.50 -25.68 -30.39
CA LEU A 148 31.75 -24.96 -30.22
C LEU A 148 31.78 -23.72 -31.08
N ASN A 149 31.16 -23.80 -32.24
CA ASN A 149 31.09 -22.69 -33.16
C ASN A 149 29.66 -22.19 -33.34
N LYS A 150 28.84 -22.29 -32.29
CA LYS A 150 27.45 -21.90 -32.44
C LYS A 150 26.96 -20.92 -31.38
N ARG A 151 26.48 -19.77 -31.85
CA ARG A 151 25.96 -18.75 -30.98
C ARG A 151 24.68 -19.24 -30.32
N GLY A 152 24.42 -18.71 -29.14
CA GLY A 152 23.27 -19.16 -28.37
C GLY A 152 23.73 -20.09 -27.26
N PHE A 153 24.95 -20.63 -27.40
CA PHE A 153 25.51 -21.47 -26.36
C PHE A 153 26.67 -20.70 -25.74
N PRO A 154 26.93 -20.88 -24.44
CA PRO A 154 27.90 -20.17 -23.60
C PRO A 154 29.37 -20.46 -23.87
N ALA A 155 29.77 -20.33 -25.14
CA ALA A 155 31.15 -20.49 -25.62
C ALA A 155 31.97 -21.52 -24.86
N ILE A 156 31.58 -22.80 -24.92
CA ILE A 156 32.37 -23.90 -24.35
C ILE A 156 33.85 -23.59 -24.40
N ARG A 157 34.47 -23.54 -23.24
CA ARG A 157 35.86 -23.12 -23.17
C ARG A 157 36.80 -24.23 -23.57
N ASP A 158 36.52 -25.47 -23.16
CA ASP A 158 37.38 -26.58 -23.54
C ASP A 158 36.61 -27.90 -23.46
N TYR A 159 37.24 -28.99 -23.89
CA TYR A 159 36.59 -30.29 -23.81
C TYR A 159 37.57 -31.46 -23.76
N HIS A 160 37.08 -32.59 -23.27
CA HIS A 160 37.86 -33.82 -23.14
C HIS A 160 37.04 -35.10 -23.36
N PHE A 161 37.74 -36.21 -23.57
CA PHE A 161 37.13 -37.52 -23.69
C PHE A 161 37.82 -38.46 -22.70
N VAL A 162 37.03 -39.19 -21.91
CA VAL A 162 37.60 -40.07 -20.86
C VAL A 162 37.15 -41.52 -20.98
N ASN A 163 38.11 -42.44 -20.87
CA ASN A 163 37.86 -43.88 -20.96
C ASN A 163 36.87 -44.37 -19.95
N ALA A 164 37.08 -44.01 -18.69
CA ALA A 164 36.20 -44.43 -17.62
C ALA A 164 36.53 -43.69 -16.35
N THR A 165 35.60 -43.74 -15.40
CA THR A 165 35.75 -43.08 -14.12
C THR A 165 36.81 -43.74 -13.22
N GLU A 166 37.34 -44.89 -13.63
CA GLU A 166 38.41 -45.57 -12.89
C GLU A 166 39.72 -44.76 -12.79
N GLU A 167 39.94 -43.83 -13.74
CA GLU A 167 41.11 -42.93 -13.84
C GLU A 167 41.59 -42.91 -15.29
N SER A 168 42.40 -41.91 -15.67
CA SER A 168 42.93 -41.81 -17.02
C SER A 168 43.92 -40.67 -17.18
N ASP A 169 44.74 -40.78 -18.21
CA ASP A 169 45.65 -39.70 -18.56
C ASP A 169 44.83 -38.49 -18.98
N ALA A 170 43.66 -38.76 -19.56
CA ALA A 170 42.73 -37.73 -19.95
C ALA A 170 42.25 -36.96 -18.74
N LEU A 171 42.05 -37.68 -17.63
CA LEU A 171 41.63 -37.05 -16.39
C LEU A 171 42.75 -36.25 -15.78
N ALA A 172 43.99 -36.69 -15.94
CA ALA A 172 45.10 -35.89 -15.46
C ALA A 172 45.09 -34.56 -16.20
N LYS A 173 44.86 -34.61 -17.51
CA LYS A 173 44.78 -33.43 -18.33
C LYS A 173 43.57 -32.58 -17.95
N LEU A 174 42.46 -33.24 -17.67
CA LEU A 174 41.23 -32.57 -17.25
C LEU A 174 41.46 -31.80 -15.96
N ARG A 175 42.11 -32.43 -14.99
CA ARG A 175 42.41 -31.76 -13.75
C ARG A 175 43.23 -30.51 -14.00
N LYS A 176 44.21 -30.62 -14.89
CA LYS A 176 45.03 -29.47 -15.25
C LYS A 176 44.20 -28.41 -15.93
N THR A 177 43.28 -28.84 -16.79
CA THR A 177 42.38 -27.96 -17.50
C THR A 177 41.47 -27.22 -16.57
N ILE A 178 40.87 -27.93 -15.64
CA ILE A 178 39.95 -27.32 -14.69
C ILE A 178 40.64 -26.28 -13.87
N ILE A 179 41.83 -26.60 -13.39
CA ILE A 179 42.57 -25.65 -12.59
C ILE A 179 42.93 -24.41 -13.38
N ASN A 180 43.57 -24.62 -14.52
CA ASN A 180 44.02 -23.50 -15.30
C ASN A 180 42.88 -22.69 -15.84
N GLU A 181 41.80 -23.36 -16.24
CA GLU A 181 40.68 -22.66 -16.80
C GLU A 181 39.92 -21.89 -15.76
N SER A 182 39.83 -22.42 -14.54
CA SER A 182 39.14 -21.67 -13.50
C SER A 182 39.92 -20.42 -13.15
N LEU A 183 41.24 -20.51 -13.28
CA LEU A 183 42.09 -19.35 -13.05
C LEU A 183 41.86 -18.34 -14.18
N ASN A 184 41.75 -18.86 -15.41
CA ASN A 184 41.50 -18.03 -16.58
C ASN A 184 40.16 -17.35 -16.48
N PHE A 185 39.16 -18.05 -15.99
CA PHE A 185 37.85 -17.51 -15.80
C PHE A 185 37.86 -16.34 -14.87
N LYS A 186 38.51 -16.49 -13.74
CA LYS A 186 38.56 -15.38 -12.83
C LYS A 186 39.33 -14.23 -13.44
N ILE A 187 40.31 -14.52 -14.29
CA ILE A 187 40.96 -13.44 -15.03
C ILE A 187 39.93 -12.75 -15.91
N ARG A 188 39.06 -13.52 -16.56
CA ARG A 188 38.00 -12.98 -17.40
C ARG A 188 37.07 -12.11 -16.56
N ASP A 189 36.77 -12.54 -15.33
CA ASP A 189 35.97 -11.71 -14.46
C ASP A 189 36.67 -10.41 -14.15
N GLN A 190 37.97 -10.45 -13.93
CA GLN A 190 38.72 -9.21 -13.71
C GLN A 190 38.63 -8.28 -14.90
N LEU A 191 38.62 -8.85 -16.09
CA LEU A 191 38.49 -8.07 -17.30
C LEU A 191 37.11 -7.40 -17.44
N VAL A 192 36.05 -8.07 -16.94
CA VAL A 192 34.70 -7.53 -17.05
C VAL A 192 34.13 -7.05 -15.71
N VAL A 193 34.07 -7.96 -14.75
CA VAL A 193 33.54 -7.70 -13.42
C VAL A 193 34.49 -6.85 -12.57
N GLY A 194 35.78 -7.19 -12.62
CA GLY A 194 36.78 -6.53 -11.82
C GLY A 194 37.24 -7.39 -10.63
N GLN A 195 37.02 -8.71 -10.72
CA GLN A 195 37.41 -9.59 -9.62
C GLN A 195 38.17 -10.86 -10.08
N LEU A 196 39.21 -11.22 -9.31
CA LEU A 196 40.05 -12.43 -9.52
C LEU A 196 39.79 -13.53 -8.48
N ILE A 197 40.44 -14.68 -8.65
CA ILE A 197 40.30 -15.78 -7.70
C ILE A 197 40.86 -15.47 -6.30
N PRO A 198 41.62 -14.36 -6.11
CA PRO A 198 41.91 -13.90 -4.76
C PRO A 198 41.28 -12.53 -4.58
N ASP A 199 40.07 -12.34 -5.10
CA ASP A 199 39.43 -11.05 -4.95
C ASP A 199 39.14 -10.79 -3.51
N CYS A 200 39.32 -9.55 -3.13
CA CYS A 200 39.16 -9.20 -1.75
C CYS A 200 37.74 -8.78 -1.44
N TYR A 201 37.19 -9.38 -0.39
CA TYR A 201 35.83 -9.08 0.08
C TYR A 201 35.91 -8.67 1.51
N VAL A 202 34.97 -7.86 1.96
CA VAL A 202 35.04 -7.38 3.32
C VAL A 202 35.13 -8.55 4.28
N GLU A 203 36.18 -8.53 5.11
CA GLU A 203 36.51 -9.60 6.06
C GLU A 203 35.39 -9.94 7.01
N LEU A 204 34.48 -9.02 7.20
CA LEU A 204 33.40 -9.20 8.12
C LEU A 204 32.39 -10.16 7.53
N GLU A 205 32.30 -10.19 6.20
CA GLU A 205 31.43 -11.12 5.50
C GLU A 205 32.03 -12.51 5.63
N LYS A 206 33.35 -12.56 5.54
CA LYS A 206 34.08 -13.81 5.72
C LYS A 206 33.83 -14.38 7.11
N ILE A 207 33.85 -13.50 8.11
CA ILE A 207 33.58 -13.91 9.47
C ILE A 207 32.18 -14.49 9.59
N ILE A 208 31.20 -13.81 8.99
CA ILE A 208 29.83 -14.30 9.03
C ILE A 208 29.72 -15.68 8.45
N LEU A 209 30.42 -15.93 7.34
CA LEU A 209 30.44 -17.26 6.74
C LEU A 209 30.81 -18.30 7.79
N SER A 210 31.90 -18.03 8.52
CA SER A 210 32.35 -18.93 9.58
C SER A 210 31.31 -19.06 10.69
N GLU A 211 30.63 -17.96 11.01
CA GLU A 211 29.63 -18.00 12.05
C GLU A 211 28.44 -18.85 11.63
N ARG A 212 28.11 -18.81 10.34
CA ARG A 212 27.02 -19.61 9.82
C ARG A 212 27.43 -21.06 9.68
N LYS A 213 28.73 -21.30 9.44
CA LYS A 213 29.23 -22.65 9.43
C LYS A 213 28.96 -23.31 10.77
N ASN A 214 29.25 -22.59 11.85
CA ASN A 214 29.06 -23.12 13.19
C ASN A 214 27.62 -23.03 13.70
N VAL A 215 26.72 -23.76 13.07
CA VAL A 215 25.31 -23.76 13.48
C VAL A 215 24.72 -25.16 13.66
N PRO A 216 24.37 -25.52 14.89
CA PRO A 216 23.71 -26.79 15.21
C PRO A 216 22.23 -26.58 15.57
N ILE A 217 21.33 -26.73 14.59
CA ILE A 217 19.89 -26.56 14.82
C ILE A 217 19.10 -27.75 14.24
N GLU A 218 18.19 -28.32 15.05
CA GLU A 218 17.35 -29.46 14.64
C GLU A 218 16.53 -29.18 13.37
N PHE A 219 15.84 -28.04 13.37
CA PHE A 219 15.07 -27.53 12.24
C PHE A 219 15.70 -26.21 11.80
N PRO A 220 16.81 -26.29 11.05
CA PRO A 220 17.74 -25.23 10.65
C PRO A 220 17.15 -24.06 9.85
N VAL A 221 16.19 -23.37 10.47
CA VAL A 221 15.56 -22.18 9.93
C VAL A 221 16.02 -21.04 10.83
N ILE A 222 16.65 -20.03 10.27
CA ILE A 222 17.28 -19.01 11.08
C ILE A 222 16.68 -17.61 11.04
N ASP A 223 16.48 -17.11 12.26
CA ASP A 223 15.98 -15.77 12.57
C ASP A 223 16.89 -15.12 13.60
N ARG A 224 17.47 -15.97 14.47
CA ARG A 224 18.42 -15.58 15.51
C ARG A 224 19.68 -14.87 15.01
N LYS A 225 19.88 -14.80 13.69
CA LYS A 225 20.99 -14.09 13.06
C LYS A 225 21.21 -12.68 13.63
N ARG A 226 20.15 -12.05 14.13
CA ARG A 226 20.24 -10.75 14.74
C ARG A 226 21.08 -10.84 16.00
N LEU A 227 20.81 -11.90 16.76
CA LEU A 227 21.55 -12.20 17.97
C LEU A 227 22.95 -12.57 17.62
N LEU A 228 23.10 -13.40 16.60
CA LEU A 228 24.42 -13.87 16.20
C LEU A 228 25.30 -12.70 15.79
N GLN A 229 24.70 -11.68 15.18
CA GLN A 229 25.40 -10.44 14.88
C GLN A 229 25.91 -9.82 16.17
N LEU A 230 25.05 -9.81 17.18
CA LEU A 230 25.38 -9.29 18.51
C LEU A 230 26.36 -10.20 19.27
N VAL A 231 26.37 -11.50 18.95
CA VAL A 231 27.33 -12.41 19.57
C VAL A 231 28.72 -12.06 19.10
N ARG A 232 28.89 -11.94 17.79
CA ARG A 232 30.16 -11.51 17.23
C ARG A 232 30.32 -10.00 17.29
N GLU A 233 30.30 -9.45 18.50
CA GLU A 233 30.39 -8.01 18.70
C GLU A 233 29.25 -7.35 17.95
N ASN A 234 29.55 -6.68 16.84
CA ASN A 234 28.54 -6.11 15.97
C ASN A 234 29.23 -5.63 14.71
N GLN A 235 29.40 -6.53 13.76
CA GLN A 235 30.08 -6.19 12.54
C GLN A 235 29.07 -5.89 11.45
N LEU A 236 29.49 -5.13 10.42
CA LEU A 236 28.59 -4.74 9.34
C LEU A 236 27.32 -4.15 9.92
N GLN A 237 27.53 -3.13 10.75
CA GLN A 237 26.49 -2.44 11.49
C GLN A 237 25.44 -1.72 10.66
N LEU A 238 25.69 -1.51 9.37
CA LEU A 238 24.67 -0.87 8.56
C LEU A 238 23.68 -1.92 8.14
N ASP A 239 22.73 -2.17 9.03
CA ASP A 239 21.69 -3.16 8.83
C ASP A 239 20.89 -2.90 7.57
N GLU A 240 20.76 -1.62 7.21
CA GLU A 240 20.05 -1.23 6.00
C GLU A 240 20.87 -1.37 4.71
N ASN A 241 22.17 -1.65 4.82
CA ASN A 241 22.98 -1.74 3.60
C ASN A 241 24.04 -2.84 3.64
N GLU A 242 24.85 -2.85 4.69
CA GLU A 242 25.91 -3.84 4.82
C GLU A 242 25.36 -5.21 5.06
N LEU A 243 24.31 -5.30 5.89
CA LEU A 243 23.70 -6.58 6.15
C LEU A 243 23.11 -7.18 4.87
N PRO A 244 22.35 -6.42 4.06
CA PRO A 244 21.83 -6.87 2.76
C PRO A 244 22.93 -7.31 1.84
N HIS A 245 24.08 -6.66 1.88
CA HIS A 245 25.19 -7.08 1.05
C HIS A 245 25.76 -8.38 1.52
N ALA A 246 25.83 -8.55 2.85
CA ALA A 246 26.33 -9.79 3.39
C ALA A 246 25.41 -10.93 2.99
N VAL A 247 24.10 -10.71 3.10
CA VAL A 247 23.12 -11.74 2.73
C VAL A 247 23.21 -12.10 1.27
N HIS A 248 23.33 -11.07 0.43
CA HIS A 248 23.47 -11.28 -0.99
C HIS A 248 24.66 -12.17 -1.28
N PHE A 249 25.80 -11.84 -0.65
CA PHE A 249 27.02 -12.61 -0.73
C PHE A 249 26.80 -14.03 -0.24
N LEU A 250 26.12 -14.18 0.90
CA LEU A 250 25.89 -15.48 1.49
C LEU A 250 25.12 -16.42 0.56
N ASN A 251 24.17 -15.90 -0.23
CA ASN A 251 23.59 -16.81 -1.22
C ASN A 251 24.57 -17.04 -2.37
N GLU A 252 25.15 -15.98 -2.94
CA GLU A 252 26.05 -16.18 -4.09
C GLU A 252 27.23 -17.10 -3.79
N SER A 253 27.76 -16.99 -2.58
CA SER A 253 28.89 -17.78 -2.13
C SER A 253 28.53 -19.21 -1.71
N GLY A 254 27.24 -19.53 -1.63
CA GLY A 254 26.86 -20.88 -1.26
C GLY A 254 26.94 -21.15 0.23
N VAL A 255 26.47 -20.20 1.05
CA VAL A 255 26.52 -20.38 2.49
C VAL A 255 25.14 -20.63 3.07
N LEU A 256 24.19 -19.75 2.78
CA LEU A 256 22.83 -19.94 3.27
C LEU A 256 21.79 -19.45 2.29
N LEU A 257 20.52 -19.68 2.62
CA LEU A 257 19.44 -19.35 1.71
C LEU A 257 18.38 -18.37 2.16
N HIS A 258 18.43 -17.13 1.66
CA HIS A 258 17.23 -16.29 1.75
C HIS A 258 16.27 -16.72 0.68
N PHE A 259 14.99 -16.39 0.85
CA PHE A 259 14.01 -16.71 -0.18
C PHE A 259 13.23 -15.48 -0.57
N GLN A 260 13.93 -14.49 -1.09
CA GLN A 260 13.33 -13.23 -1.49
C GLN A 260 12.90 -13.17 -2.96
N ALA A 263 7.27 -12.87 -3.38
CA ALA A 263 6.70 -12.37 -2.12
C ALA A 263 6.25 -13.51 -1.22
N LEU A 264 7.22 -14.19 -0.61
CA LEU A 264 6.98 -15.30 0.30
C LEU A 264 6.99 -14.80 1.73
N GLN A 265 6.32 -15.51 2.63
CA GLN A 265 6.38 -15.06 4.01
C GLN A 265 7.66 -15.64 4.60
N LEU A 266 7.95 -16.89 4.22
CA LEU A 266 9.19 -17.51 4.65
C LEU A 266 10.31 -17.05 3.74
N SER A 267 10.78 -15.82 3.97
CA SER A 267 11.75 -15.19 3.10
C SER A 267 12.92 -14.52 3.79
N ASP A 268 12.62 -13.40 4.45
CA ASP A 268 13.59 -12.53 5.09
C ASP A 268 14.12 -13.01 6.44
N LEU A 269 13.24 -13.56 7.25
CA LEU A 269 13.59 -13.95 8.60
C LEU A 269 13.69 -15.43 8.79
N TYR A 270 13.92 -16.14 7.70
CA TYR A 270 13.92 -17.58 7.72
C TYR A 270 15.02 -18.17 6.84
N PHE A 271 16.27 -18.01 7.24
CA PHE A 271 17.35 -18.54 6.42
C PHE A 271 17.45 -20.03 6.62
N VAL A 272 17.52 -20.78 5.53
CA VAL A 272 17.48 -22.25 5.67
C VAL A 272 18.68 -23.01 5.12
N GLU A 273 19.15 -23.98 5.92
CA GLU A 273 20.22 -24.88 5.52
C GLU A 273 19.88 -25.58 4.19
N PRO A 274 20.68 -25.39 3.13
CA PRO A 274 20.55 -25.95 1.79
C PRO A 274 20.32 -27.45 1.78
N LYS A 275 20.96 -28.15 2.71
CA LYS A 275 20.82 -29.58 2.80
C LYS A 275 19.39 -29.98 3.06
N TRP A 276 18.69 -29.23 3.89
CA TRP A 276 17.31 -29.55 4.17
C TRP A 276 16.39 -29.14 3.08
N LEU A 277 16.61 -27.95 2.54
CA LEU A 277 15.73 -27.50 1.49
C LEU A 277 15.68 -28.51 0.38
N CYS A 278 16.87 -28.89 -0.08
CA CYS A 278 17.00 -29.84 -1.17
C CYS A 278 16.49 -31.21 -0.83
N LYS A 279 16.98 -31.76 0.28
CA LYS A 279 16.64 -33.12 0.66
C LYS A 279 15.17 -33.33 0.87
N ILE A 280 14.55 -32.51 1.69
CA ILE A 280 13.16 -32.71 2.00
C ILE A 280 12.25 -32.54 0.83
N MET A 281 12.42 -31.48 0.06
CA MET A 281 11.52 -31.27 -1.05
C MET A 281 11.68 -32.35 -2.11
N ALA A 282 12.92 -32.74 -2.38
CA ALA A 282 13.16 -33.78 -3.35
C ALA A 282 12.56 -35.11 -2.90
N GLN A 283 12.71 -35.43 -1.62
CA GLN A 283 12.16 -36.68 -1.16
C GLN A 283 10.66 -36.69 -1.19
N ILE A 284 10.03 -35.61 -0.76
CA ILE A 284 8.57 -35.54 -0.78
C ILE A 284 8.00 -35.73 -2.16
N LEU A 285 8.69 -35.20 -3.16
CA LEU A 285 8.29 -35.46 -4.53
C LEU A 285 8.19 -36.95 -4.79
N THR A 286 9.20 -37.71 -4.36
CA THR A 286 9.22 -39.14 -4.59
C THR A 286 8.42 -39.96 -3.57
N VAL A 287 8.08 -39.38 -2.42
CA VAL A 287 7.30 -40.13 -1.44
C VAL A 287 5.97 -40.51 -2.03
N GLY A 298 -1.26 -38.54 -11.25
CA GLY A 298 -0.31 -38.05 -10.25
C GLY A 298 -0.91 -36.98 -9.35
N ILE A 299 -2.23 -36.85 -9.33
CA ILE A 299 -2.84 -35.83 -8.50
C ILE A 299 -2.93 -36.31 -7.07
N ILE A 300 -2.39 -35.52 -6.14
CA ILE A 300 -2.37 -35.90 -4.74
C ILE A 300 -3.01 -34.85 -3.87
N SER A 301 -3.91 -35.28 -2.98
CA SER A 301 -4.52 -34.34 -2.07
C SER A 301 -3.55 -33.75 -1.10
N ARG A 302 -3.65 -32.44 -0.93
CA ARG A 302 -2.85 -31.66 -0.01
C ARG A 302 -2.82 -32.27 1.36
N ARG A 303 -3.97 -32.77 1.79
CA ARG A 303 -4.13 -33.25 3.13
C ARG A 303 -3.34 -34.49 3.41
N ASP A 304 -3.12 -35.30 2.39
CA ASP A 304 -2.41 -36.52 2.59
C ASP A 304 -0.94 -36.21 2.59
N VAL A 305 -0.56 -35.18 1.83
CA VAL A 305 0.81 -34.71 1.86
C VAL A 305 1.10 -34.18 3.26
N GLU A 306 0.14 -33.43 3.82
CA GLU A 306 0.28 -32.89 5.16
C GLU A 306 0.43 -33.99 6.19
N LYS A 307 -0.34 -35.06 6.05
CA LYS A 307 -0.26 -36.18 6.96
C LYS A 307 1.13 -36.78 6.97
N PHE A 308 1.65 -37.09 5.79
CA PHE A 308 2.97 -37.68 5.70
C PHE A 308 4.03 -36.74 6.26
N LEU A 309 4.02 -35.49 5.80
CA LEU A 309 4.99 -34.48 6.21
C LEU A 309 5.04 -34.32 7.71
N SER A 310 3.88 -34.32 8.38
CA SER A 310 3.82 -34.15 9.82
C SER A 310 4.51 -35.28 10.58
N LYS A 311 4.70 -36.43 9.94
CA LYS A 311 5.36 -37.55 10.55
C LYS A 311 6.84 -37.54 10.19
N LYS A 312 7.13 -37.07 8.99
CA LYS A 312 8.49 -36.98 8.48
C LYS A 312 9.29 -35.91 9.21
N ARG A 313 8.78 -34.69 9.17
CA ARG A 313 9.40 -33.57 9.88
C ARG A 313 8.34 -32.67 10.44
N LYS A 314 8.28 -32.62 11.75
CA LYS A 314 7.28 -31.86 12.48
C LYS A 314 7.42 -30.35 12.32
N PHE A 315 7.04 -29.84 11.16
CA PHE A 315 7.07 -28.42 10.91
C PHE A 315 5.84 -27.76 11.47
N PRO A 316 5.95 -26.52 11.93
CA PRO A 316 4.88 -25.66 12.36
C PRO A 316 3.94 -25.54 11.19
N LYS A 317 2.63 -25.49 11.45
CA LYS A 317 1.68 -25.40 10.36
C LYS A 317 1.86 -24.12 9.54
N ASN A 318 2.37 -23.08 10.18
CA ASN A 318 2.67 -21.85 9.48
C ASN A 318 3.75 -22.12 8.45
N TYR A 319 4.76 -22.88 8.87
CA TYR A 319 5.84 -23.25 7.98
C TYR A 319 5.34 -24.19 6.91
N MET A 320 4.37 -25.03 7.25
CA MET A 320 3.79 -25.95 6.29
C MET A 320 3.08 -25.20 5.18
N SER A 321 2.40 -24.09 5.51
CA SER A 321 1.74 -23.33 4.45
C SER A 321 2.78 -22.74 3.51
N GLN A 322 3.93 -22.39 4.06
CA GLN A 322 5.00 -21.85 3.26
C GLN A 322 5.69 -22.93 2.51
N TYR A 323 5.72 -24.13 3.10
CA TYR A 323 6.29 -25.29 2.48
C TYR A 323 5.58 -25.54 1.17
N PHE A 324 4.25 -25.53 1.22
CA PHE A 324 3.48 -25.73 0.01
C PHE A 324 3.74 -24.63 -0.99
N LYS A 325 3.90 -23.40 -0.51
CA LYS A 325 4.19 -22.31 -1.42
C LYS A 325 5.54 -22.51 -2.09
N LEU A 326 6.50 -23.02 -1.34
CA LEU A 326 7.81 -23.32 -1.89
C LEU A 326 7.73 -24.43 -2.91
N LEU A 327 6.85 -25.41 -2.70
CA LEU A 327 6.72 -26.48 -3.67
C LEU A 327 6.29 -25.90 -5.01
N GLU A 328 5.41 -24.91 -4.98
CA GLU A 328 5.02 -24.25 -6.21
C GLU A 328 6.20 -23.50 -6.82
N LYS A 329 6.85 -22.68 -5.99
CA LYS A 329 7.97 -21.86 -6.41
C LYS A 329 9.04 -22.67 -7.08
N PHE A 330 9.41 -23.79 -6.47
CA PHE A 330 10.44 -24.65 -6.96
C PHE A 330 9.97 -25.72 -7.94
N GLN A 331 8.75 -25.56 -8.46
CA GLN A 331 8.21 -26.44 -9.49
C GLN A 331 8.13 -27.90 -9.08
N ILE A 332 7.90 -28.15 -7.80
CA ILE A 332 7.78 -29.51 -7.32
C ILE A 332 6.35 -29.95 -7.43
N ALA A 333 5.44 -29.09 -7.02
CA ALA A 333 4.03 -29.40 -7.10
C ALA A 333 3.21 -28.15 -7.28
N LEU A 334 2.22 -28.21 -8.15
CA LEU A 334 1.41 -27.05 -8.42
C LEU A 334 0.04 -27.20 -7.79
N PRO A 335 -0.52 -26.15 -7.23
CA PRO A 335 -1.86 -26.11 -6.68
C PRO A 335 -2.90 -26.33 -7.77
N ILE A 336 -3.85 -27.23 -7.53
CA ILE A 336 -4.96 -27.43 -8.45
C ILE A 336 -6.15 -26.77 -7.78
N GLY A 337 -6.90 -27.54 -7.01
CA GLY A 337 -7.96 -26.98 -6.22
C GLY A 337 -7.28 -26.65 -4.91
N GLU A 338 -8.00 -26.07 -3.96
CA GLU A 338 -7.31 -25.74 -2.72
C GLU A 338 -6.89 -26.99 -1.94
N GLU A 339 -7.49 -28.14 -2.25
CA GLU A 339 -7.16 -29.38 -1.59
C GLU A 339 -6.25 -30.29 -2.39
N TYR A 340 -5.74 -29.85 -3.56
CA TYR A 340 -4.94 -30.77 -4.38
C TYR A 340 -3.67 -30.22 -4.99
N LEU A 341 -2.74 -31.12 -5.25
CA LEU A 341 -1.50 -30.79 -5.94
C LEU A 341 -1.34 -31.59 -7.23
N LEU A 342 -0.82 -30.94 -8.26
CA LEU A 342 -0.62 -31.57 -9.55
C LEU A 342 0.61 -32.41 -9.61
N VAL A 343 1.72 -31.88 -9.10
CA VAL A 343 2.98 -32.62 -9.10
C VAL A 343 3.50 -32.93 -10.50
N PRO A 344 3.70 -31.92 -11.34
CA PRO A 344 4.16 -31.98 -12.73
C PRO A 344 5.15 -33.09 -12.98
N SER A 345 6.18 -33.16 -12.16
CA SER A 345 7.15 -34.22 -12.34
C SER A 345 6.50 -35.54 -12.03
N SER A 346 6.68 -36.50 -12.91
CA SER A 346 6.10 -37.84 -12.81
C SER A 346 4.72 -37.95 -13.46
N LEU A 347 4.18 -36.85 -13.98
CA LEU A 347 2.90 -36.99 -14.68
C LEU A 347 3.13 -37.87 -15.88
N SER A 348 2.10 -38.63 -16.27
CA SER A 348 2.24 -39.52 -17.42
C SER A 348 2.73 -38.77 -18.62
N ASP A 349 3.65 -39.39 -19.34
CA ASP A 349 4.19 -38.79 -20.54
C ASP A 349 3.68 -39.50 -21.79
N HIS A 350 2.44 -39.96 -21.72
CA HIS A 350 1.81 -40.65 -22.83
C HIS A 350 0.46 -40.03 -23.14
N ARG A 351 0.49 -38.80 -23.65
CA ARG A 351 -0.69 -38.01 -24.02
C ARG A 351 -1.95 -38.84 -24.17
N PRO A 352 -2.87 -38.75 -23.22
CA PRO A 352 -4.13 -39.45 -23.11
C PRO A 352 -4.94 -39.25 -24.36
N VAL A 353 -5.72 -40.26 -24.72
CA VAL A 353 -6.53 -40.16 -25.91
C VAL A 353 -7.64 -39.16 -25.69
N ILE A 354 -7.64 -38.11 -26.51
CA ILE A 354 -8.64 -37.06 -26.44
C ILE A 354 -9.41 -36.94 -27.72
N GLU A 355 -10.71 -37.13 -27.65
CA GLU A 355 -11.54 -36.95 -28.82
C GLU A 355 -12.12 -35.56 -28.80
N LEU A 356 -11.73 -34.75 -29.77
CA LEU A 356 -12.22 -33.40 -29.83
C LEU A 356 -13.48 -33.32 -30.66
N PRO A 357 -14.39 -32.43 -30.34
CA PRO A 357 -15.57 -32.11 -31.07
C PRO A 357 -15.09 -31.21 -32.16
N HIS A 358 -15.75 -31.23 -33.31
CA HIS A 358 -15.36 -30.43 -34.48
C HIS A 358 -14.25 -31.10 -35.26
N CYS A 359 -14.45 -31.28 -36.55
CA CYS A 359 -13.50 -32.02 -37.35
C CYS A 359 -13.15 -31.36 -38.69
N GLU A 360 -14.00 -30.47 -39.18
CA GLU A 360 -13.75 -29.79 -40.44
C GLU A 360 -12.74 -28.71 -40.19
N ASN A 361 -11.94 -28.38 -41.19
CA ASN A 361 -10.87 -27.42 -41.00
C ASN A 361 -11.37 -26.08 -40.50
N SER A 362 -12.49 -25.62 -41.05
CA SER A 362 -13.06 -24.34 -40.68
C SER A 362 -13.68 -24.30 -39.29
N GLU A 363 -13.77 -25.42 -38.61
CA GLU A 363 -14.35 -25.39 -37.29
C GLU A 363 -13.37 -25.03 -36.19
N ILE A 364 -12.08 -25.07 -36.47
CA ILE A 364 -11.09 -24.80 -35.43
C ILE A 364 -10.00 -23.84 -35.84
N ILE A 365 -9.30 -23.33 -34.85
CA ILE A 365 -8.19 -22.42 -35.05
C ILE A 365 -6.92 -23.05 -34.49
N ILE A 366 -5.87 -23.10 -35.30
CA ILE A 366 -4.61 -23.72 -34.88
C ILE A 366 -3.41 -22.80 -34.92
N ARG A 367 -2.63 -22.79 -33.85
CA ARG A 367 -1.44 -21.96 -33.75
C ARG A 367 -0.20 -22.76 -33.36
N LEU A 368 0.90 -22.60 -34.10
CA LEU A 368 2.12 -23.36 -33.82
C LEU A 368 3.32 -22.52 -33.40
N TYR A 369 4.13 -23.06 -32.50
CA TYR A 369 5.37 -22.42 -32.04
C TYR A 369 6.57 -23.29 -32.28
N GLU A 370 7.38 -22.94 -33.28
CA GLU A 370 8.56 -23.74 -33.60
C GLU A 370 9.78 -23.37 -32.77
N MET A 371 10.31 -24.38 -32.08
CA MET A 371 11.46 -24.20 -31.19
C MET A 371 12.52 -25.24 -31.50
N PRO A 372 13.79 -24.97 -31.24
CA PRO A 372 14.91 -25.86 -31.45
C PRO A 372 14.98 -26.93 -30.37
N TYR A 373 14.38 -26.61 -29.22
CA TYR A 373 14.31 -27.48 -28.05
C TYR A 373 13.56 -26.74 -26.97
N PHE A 374 12.87 -27.46 -26.10
CA PHE A 374 12.19 -26.78 -25.01
C PHE A 374 13.19 -26.57 -23.88
N PRO A 375 13.22 -25.39 -23.28
CA PRO A 375 14.01 -25.03 -22.12
C PRO A 375 13.61 -25.90 -20.94
N MET A 376 14.56 -26.19 -20.06
CA MET A 376 14.23 -27.01 -18.91
C MET A 376 13.29 -26.27 -18.00
N GLY A 377 12.20 -26.93 -17.63
CA GLY A 377 11.21 -26.31 -16.76
C GLY A 377 10.15 -25.53 -17.55
N PHE A 378 10.30 -25.48 -18.87
CA PHE A 378 9.38 -24.75 -19.71
C PHE A 378 7.95 -25.20 -19.49
N TRP A 379 7.75 -26.50 -19.52
CA TRP A 379 6.43 -27.06 -19.36
C TRP A 379 5.82 -26.93 -17.99
N SER A 380 6.62 -27.03 -16.94
CA SER A 380 5.99 -26.93 -15.64
C SER A 380 5.56 -25.52 -15.38
N ARG A 381 6.32 -24.57 -15.92
CA ARG A 381 5.95 -23.18 -15.74
C ARG A 381 4.74 -22.84 -16.58
N LEU A 382 4.72 -23.34 -17.81
CA LEU A 382 3.63 -23.07 -18.71
C LEU A 382 2.33 -23.59 -18.16
N ILE A 383 2.33 -24.84 -17.71
CA ILE A 383 1.12 -25.42 -17.16
C ILE A 383 0.64 -24.65 -15.97
N ASN A 384 1.53 -24.23 -15.09
CA ASN A 384 1.10 -23.47 -13.94
C ASN A 384 0.30 -22.25 -14.36
N ARG A 385 0.74 -21.58 -15.42
CA ARG A 385 0.01 -20.43 -15.90
C ARG A 385 -1.31 -20.80 -16.58
N LEU A 386 -1.30 -21.86 -17.39
CA LEU A 386 -2.48 -22.25 -18.16
C LEU A 386 -3.65 -22.72 -17.30
N LEU A 387 -3.37 -23.21 -16.10
CA LEU A 387 -4.43 -23.68 -15.22
C LEU A 387 -5.50 -22.66 -14.86
N GLU A 388 -5.23 -21.37 -15.00
CA GLU A 388 -6.22 -20.37 -14.62
C GLU A 388 -7.07 -19.82 -15.75
N ILE A 389 -6.95 -20.40 -16.94
CA ILE A 389 -7.71 -19.95 -18.10
C ILE A 389 -9.20 -20.13 -17.98
N SER A 390 -9.96 -19.11 -18.40
CA SER A 390 -11.41 -19.19 -18.36
C SER A 390 -12.10 -18.20 -19.28
N PRO A 391 -12.98 -18.68 -20.18
CA PRO A 391 -13.75 -17.92 -21.13
C PRO A 391 -14.89 -17.20 -20.46
N TYR A 392 -15.09 -17.44 -19.17
CA TYR A 392 -16.18 -16.81 -18.46
C TYR A 392 -15.71 -15.75 -17.48
N MET A 393 -14.40 -15.55 -17.35
CA MET A 393 -13.94 -14.60 -16.35
C MET A 393 -14.42 -13.18 -16.61
N LEU A 394 -14.74 -12.88 -17.87
CA LEU A 394 -15.24 -11.56 -18.23
C LEU A 394 -16.56 -11.22 -17.54
N LEU A 401 -19.33 -23.67 -14.83
CA LEU A 401 -18.96 -25.00 -14.38
C LEU A 401 -17.47 -25.20 -14.58
N ARG A 402 -16.85 -26.04 -13.77
CA ARG A 402 -15.42 -26.24 -13.93
C ARG A 402 -15.17 -27.25 -15.06
N PRO A 403 -14.09 -27.07 -15.81
CA PRO A 403 -13.68 -27.85 -16.96
C PRO A 403 -13.13 -29.20 -16.60
N ASN A 404 -13.34 -30.15 -17.50
CA ASN A 404 -12.83 -31.50 -17.32
C ASN A 404 -11.39 -31.58 -17.74
N ARG A 405 -10.49 -31.15 -16.87
CA ARG A 405 -9.08 -31.11 -17.22
C ARG A 405 -8.36 -32.44 -17.28
N MET A 406 -7.43 -32.55 -18.23
CA MET A 406 -6.56 -33.71 -18.40
C MET A 406 -5.11 -33.21 -18.53
N TYR A 407 -4.13 -34.03 -18.14
CA TYR A 407 -2.76 -33.56 -18.19
C TYR A 407 -1.83 -34.53 -18.90
N TRP A 408 -0.95 -34.04 -19.76
CA TRP A 408 -0.04 -34.90 -20.50
C TRP A 408 1.39 -34.81 -20.08
N ARG A 409 1.72 -34.02 -19.07
CA ARG A 409 3.11 -33.57 -18.85
C ARG A 409 3.63 -32.59 -19.92
N GLN A 410 3.53 -32.98 -21.19
CA GLN A 410 3.89 -32.16 -22.34
C GLN A 410 2.66 -31.47 -22.95
N GLY A 411 1.62 -31.24 -22.16
CA GLY A 411 0.41 -30.61 -22.66
C GLY A 411 -0.69 -30.63 -21.61
N ILE A 412 -1.81 -30.01 -21.95
CA ILE A 412 -2.95 -29.91 -21.04
C ILE A 412 -4.23 -29.72 -21.82
N TYR A 413 -5.32 -30.27 -21.32
CA TYR A 413 -6.58 -30.14 -22.02
C TYR A 413 -7.70 -29.70 -21.11
N LEU A 414 -8.33 -28.60 -21.46
CA LEU A 414 -9.47 -28.11 -20.70
C LEU A 414 -10.72 -28.37 -21.52
N ASN A 415 -11.74 -28.95 -20.93
CA ASN A 415 -12.90 -29.25 -21.76
C ASN A 415 -13.98 -28.19 -21.75
N TRP A 416 -14.43 -27.78 -20.58
CA TRP A 416 -15.51 -26.78 -20.47
C TRP A 416 -16.81 -27.23 -21.14
N SER A 417 -16.89 -27.06 -22.44
CA SER A 417 -18.08 -27.38 -23.22
C SER A 417 -17.75 -27.52 -24.69
N PRO A 418 -18.50 -28.30 -25.45
CA PRO A 418 -18.39 -28.44 -26.90
C PRO A 418 -18.40 -27.08 -27.57
N GLU A 419 -19.07 -26.13 -26.95
CA GLU A 419 -19.08 -24.75 -27.40
C GLU A 419 -17.70 -24.08 -27.31
N ALA A 420 -16.95 -24.34 -26.24
CA ALA A 420 -15.66 -23.70 -26.03
C ALA A 420 -14.74 -24.59 -25.22
N TYR A 421 -13.61 -24.99 -25.79
CA TYR A 421 -12.65 -25.88 -25.14
C TYR A 421 -11.25 -25.57 -25.61
N CYS A 422 -10.23 -26.12 -24.95
CA CYS A 422 -8.88 -25.78 -25.34
C CYS A 422 -7.84 -26.87 -25.16
N LEU A 423 -7.09 -27.16 -26.21
CA LEU A 423 -6.02 -28.15 -26.15
C LEU A 423 -4.65 -27.57 -26.45
N VAL A 424 -3.73 -27.71 -25.50
CA VAL A 424 -2.37 -27.23 -25.71
C VAL A 424 -1.38 -28.36 -25.54
N GLY A 425 -0.54 -28.62 -26.51
CA GLY A 425 0.41 -29.70 -26.29
C GLY A 425 1.48 -29.81 -27.34
N SER A 426 2.54 -30.53 -27.00
CA SER A 426 3.69 -30.72 -27.86
C SER A 426 3.52 -31.77 -28.91
N GLU A 427 3.90 -31.45 -30.14
CA GLU A 427 3.88 -32.42 -31.23
C GLU A 427 5.13 -32.28 -32.09
N VAL A 428 5.59 -33.39 -32.63
CA VAL A 428 6.80 -33.41 -33.44
C VAL A 428 6.59 -34.12 -34.77
N LEU A 429 7.06 -33.51 -35.86
CA LEU A 429 6.93 -34.11 -37.18
C LEU A 429 8.26 -34.63 -37.70
N ASP A 430 8.19 -35.69 -38.50
CA ASP A 430 9.35 -36.33 -39.07
C ASP A 430 10.11 -35.39 -39.97
N ASN A 431 11.43 -35.50 -39.92
CA ASN A 431 12.34 -34.67 -40.69
C ASN A 431 12.34 -33.21 -40.24
N HIS A 432 11.83 -32.96 -39.03
CA HIS A 432 11.80 -31.61 -38.49
C HIS A 432 12.23 -31.60 -37.04
N PRO A 433 13.53 -31.76 -36.79
CA PRO A 433 14.20 -31.77 -35.47
C PRO A 433 13.53 -30.87 -34.44
N GLU A 434 13.19 -29.65 -34.86
CA GLU A 434 12.56 -28.68 -34.00
C GLU A 434 11.28 -29.18 -33.36
N SER A 435 11.16 -29.04 -32.05
CA SER A 435 9.95 -29.44 -31.36
C SER A 435 8.98 -28.28 -31.41
N PHE A 436 7.71 -28.50 -31.07
CA PHE A 436 6.77 -27.38 -31.14
C PHE A 436 5.41 -27.55 -30.53
N LEU A 437 4.82 -26.41 -30.21
CA LEU A 437 3.52 -26.33 -29.56
C LEU A 437 2.40 -26.28 -30.55
N LYS A 438 1.27 -26.83 -30.16
CA LYS A 438 0.07 -26.71 -30.95
C LYS A 438 -1.09 -26.33 -30.06
N ILE A 439 -1.75 -25.24 -30.41
CA ILE A 439 -2.89 -24.74 -29.65
C ILE A 439 -4.15 -24.87 -30.46
N THR A 440 -5.17 -25.56 -29.94
CA THR A 440 -6.42 -25.68 -30.69
C THR A 440 -7.64 -25.21 -29.91
N VAL A 441 -8.39 -24.29 -30.53
CA VAL A 441 -9.64 -23.79 -29.95
C VAL A 441 -10.70 -23.80 -31.04
N PRO A 442 -11.98 -23.87 -30.71
CA PRO A 442 -13.10 -23.86 -31.62
C PRO A 442 -13.31 -22.48 -32.15
N SER A 443 -13.72 -22.36 -33.39
CA SER A 443 -13.88 -21.04 -33.98
C SER A 443 -15.15 -20.31 -33.62
N CYS A 444 -15.16 -19.66 -32.47
CA CYS A 444 -16.26 -18.80 -32.05
C CYS A 444 -15.73 -17.84 -31.01
N ARG A 445 -16.53 -16.87 -30.60
CA ARG A 445 -16.06 -15.85 -29.66
C ARG A 445 -15.43 -16.40 -28.39
N LYS A 446 -16.05 -17.38 -27.76
CA LYS A 446 -15.44 -17.91 -26.56
C LYS A 446 -14.14 -18.60 -26.88
N GLY A 447 -14.07 -19.24 -28.02
CA GLY A 447 -12.85 -19.89 -28.43
C GLY A 447 -11.76 -18.88 -28.62
N CYS A 448 -12.11 -17.73 -29.17
CA CYS A 448 -11.17 -16.66 -29.36
C CYS A 448 -10.62 -16.17 -28.06
N ILE A 449 -11.49 -15.96 -27.10
CA ILE A 449 -11.08 -15.50 -25.78
C ILE A 449 -10.09 -16.45 -25.16
N LEU A 450 -10.33 -17.75 -25.29
CA LEU A 450 -9.41 -18.72 -24.78
C LEU A 450 -8.07 -18.62 -25.47
N LEU A 451 -8.08 -18.48 -26.78
CA LEU A 451 -6.85 -18.38 -27.54
C LEU A 451 -6.04 -17.21 -27.10
N GLY A 452 -6.69 -16.07 -26.94
CA GLY A 452 -6.00 -14.87 -26.51
C GLY A 452 -5.32 -15.08 -25.18
N GLN A 453 -5.99 -15.71 -24.23
CA GLN A 453 -5.38 -15.93 -22.94
C GLN A 453 -4.17 -16.85 -23.04
N VAL A 454 -4.27 -17.90 -23.85
CA VAL A 454 -3.17 -18.82 -23.98
C VAL A 454 -1.92 -18.20 -24.57
N VAL A 455 -2.07 -17.45 -25.65
CA VAL A 455 -0.88 -16.90 -26.29
C VAL A 455 -0.30 -15.76 -25.49
N ASP A 456 -1.13 -15.06 -24.73
CA ASP A 456 -0.59 -14.04 -23.85
C ASP A 456 0.24 -14.66 -22.75
N HIS A 457 -0.18 -15.80 -22.21
CA HIS A 457 0.62 -16.43 -21.19
C HIS A 457 1.90 -16.99 -21.74
N ILE A 458 1.86 -17.54 -22.94
CA ILE A 458 3.07 -18.08 -23.53
C ILE A 458 4.09 -17.01 -23.79
N ASP A 459 3.69 -15.90 -24.36
CA ASP A 459 4.66 -14.85 -24.62
C ASP A 459 5.19 -14.23 -23.33
N SER A 460 4.32 -14.05 -22.34
CA SER A 460 4.78 -13.49 -21.07
C SER A 460 5.78 -14.40 -20.40
N LEU A 461 5.51 -15.70 -20.46
CA LEU A 461 6.40 -16.71 -19.89
C LEU A 461 7.77 -16.56 -20.45
N MET A 462 7.86 -16.48 -21.76
CA MET A 462 9.16 -16.40 -22.38
C MET A 462 9.87 -15.10 -22.09
N GLU A 463 9.14 -13.99 -22.06
CA GLU A 463 9.80 -12.72 -21.79
C GLU A 463 10.44 -12.71 -20.43
N GLU A 464 9.77 -13.27 -19.45
CA GLU A 464 10.33 -13.29 -18.11
C GLU A 464 11.36 -14.37 -17.86
N TRP A 465 11.13 -15.56 -18.36
CA TRP A 465 12.00 -16.66 -17.99
C TRP A 465 12.91 -17.20 -19.05
N PHE A 466 12.58 -17.02 -20.32
CA PHE A 466 13.46 -17.58 -21.33
C PHE A 466 13.82 -16.59 -22.44
N PRO A 467 14.33 -15.40 -22.11
CA PRO A 467 14.75 -14.37 -23.02
C PRO A 467 15.94 -14.93 -23.71
N GLY A 468 16.18 -14.45 -24.90
CA GLY A 468 17.24 -15.01 -25.71
C GLY A 468 16.56 -15.69 -26.87
N LEU A 469 15.48 -16.41 -26.57
CA LEU A 469 14.69 -16.99 -27.63
C LEU A 469 13.98 -15.88 -28.37
N LEU A 470 13.68 -14.81 -27.64
CA LEU A 470 13.06 -13.60 -28.12
C LEU A 470 14.06 -12.52 -28.49
N LEU A 481 14.05 -18.45 -34.08
CA LEU A 481 13.61 -18.98 -32.80
C LEU A 481 12.19 -18.54 -32.52
N LEU A 482 11.40 -19.46 -31.96
CA LEU A 482 9.99 -19.18 -31.66
C LEU A 482 9.23 -18.79 -32.89
N LYS A 483 9.47 -19.48 -33.98
CA LYS A 483 8.82 -19.13 -35.20
C LYS A 483 7.32 -19.36 -35.04
N LYS A 484 6.53 -18.32 -35.21
CA LYS A 484 5.10 -18.44 -35.01
C LYS A 484 4.36 -18.68 -36.31
N TRP A 485 3.73 -19.84 -36.42
CA TRP A 485 3.02 -20.20 -37.63
C TRP A 485 1.53 -20.28 -37.40
N ALA A 486 0.76 -19.86 -38.38
CA ALA A 486 -0.68 -20.02 -38.31
C ALA A 486 -1.09 -20.98 -39.40
N LEU A 487 -2.07 -21.85 -39.12
CA LEU A 487 -2.49 -22.80 -40.13
C LEU A 487 -3.83 -22.46 -40.74
N TYR A 488 -3.95 -22.63 -42.04
CA TYR A 488 -5.21 -22.33 -42.70
C TYR A 488 -5.41 -23.14 -43.96
N SER A 489 -6.63 -23.17 -44.45
CA SER A 489 -6.90 -23.84 -45.71
C SER A 489 -8.04 -23.14 -46.39
N PHE A 490 -8.10 -23.20 -47.71
CA PHE A 490 -9.15 -22.52 -48.45
C PHE A 490 -10.36 -23.39 -48.73
N ASN A 491 -10.39 -24.58 -48.14
CA ASN A 491 -11.47 -25.49 -48.39
C ASN A 491 -11.42 -26.67 -47.42
N ASP A 492 -12.52 -26.92 -46.74
CA ASP A 492 -12.57 -28.01 -45.79
C ASP A 492 -12.31 -29.31 -46.49
N GLY A 493 -11.54 -30.17 -45.84
CA GLY A 493 -11.19 -31.46 -46.40
C GLY A 493 -9.79 -31.45 -47.02
N GLU A 494 -9.19 -30.27 -47.15
CA GLU A 494 -7.85 -30.19 -47.72
C GLU A 494 -6.81 -30.04 -46.62
N GLU A 495 -5.54 -29.96 -47.01
CA GLU A 495 -4.45 -29.84 -46.06
C GLU A 495 -4.21 -28.40 -45.63
N HIS A 496 -3.62 -28.22 -44.47
CA HIS A 496 -3.35 -26.89 -43.99
C HIS A 496 -2.09 -26.33 -44.59
N GLN A 497 -2.06 -25.02 -44.73
CA GLN A 497 -0.92 -24.31 -45.22
C GLN A 497 -0.38 -23.46 -44.10
N LYS A 498 0.93 -23.24 -44.12
CA LYS A 498 1.57 -22.48 -43.07
C LYS A 498 1.85 -21.05 -43.46
N ILE A 499 1.71 -20.13 -42.51
CA ILE A 499 2.08 -18.75 -42.74
C ILE A 499 2.61 -18.12 -41.48
N LEU A 500 3.66 -17.31 -41.59
CA LEU A 500 4.20 -16.66 -40.40
C LEU A 500 3.34 -15.52 -39.98
N LEU A 501 3.19 -15.33 -38.67
CA LEU A 501 2.33 -14.27 -38.21
C LEU A 501 2.80 -12.91 -38.65
N ASP A 502 4.10 -12.73 -38.84
CA ASP A 502 4.59 -11.44 -39.31
C ASP A 502 3.96 -11.08 -40.65
N ASP A 503 3.78 -12.07 -41.51
CA ASP A 503 3.18 -11.81 -42.80
C ASP A 503 1.70 -11.55 -42.64
N LEU A 504 1.06 -12.23 -41.71
CA LEU A 504 -0.34 -11.90 -41.48
C LEU A 504 -0.47 -10.51 -40.91
N MET A 505 0.50 -10.05 -40.13
CA MET A 505 0.44 -8.68 -39.65
C MET A 505 0.57 -7.71 -40.81
N LYS A 506 1.40 -8.05 -41.80
CA LYS A 506 1.52 -7.22 -42.99
C LYS A 506 0.18 -7.12 -43.69
N LYS A 507 -0.57 -8.22 -43.70
CA LYS A 507 -1.87 -8.24 -44.33
C LYS A 507 -2.93 -7.58 -43.46
N ALA A 508 -2.77 -7.67 -42.15
CA ALA A 508 -3.69 -7.06 -41.21
C ALA A 508 -3.67 -5.56 -41.37
N GLU A 509 -2.49 -5.01 -41.67
CA GLU A 509 -2.35 -3.59 -41.92
C GLU A 509 -3.12 -3.19 -43.17
N GLU A 510 -3.21 -4.09 -44.13
CA GLU A 510 -3.99 -3.84 -45.33
C GLU A 510 -5.47 -3.97 -45.00
N GLY A 511 -5.82 -4.91 -44.12
CA GLY A 511 -7.19 -5.16 -43.68
C GLY A 511 -7.94 -6.08 -44.63
N ASP A 512 -7.21 -6.64 -45.58
CA ASP A 512 -7.73 -7.49 -46.61
C ASP A 512 -8.06 -8.91 -46.15
N LEU A 513 -8.64 -9.66 -47.06
CA LEU A 513 -8.87 -11.06 -46.84
C LEU A 513 -7.59 -11.73 -47.27
N LEU A 514 -7.26 -12.88 -46.71
CA LEU A 514 -6.11 -13.59 -47.21
C LEU A 514 -6.49 -14.12 -48.56
N VAL A 515 -5.76 -13.73 -49.60
CA VAL A 515 -6.13 -14.15 -50.94
C VAL A 515 -5.15 -15.11 -51.55
N ASN A 516 -5.66 -16.21 -52.09
CA ASN A 516 -4.81 -17.17 -52.77
C ASN A 516 -4.24 -16.52 -54.01
N PRO A 517 -2.94 -16.27 -54.07
CA PRO A 517 -2.21 -15.57 -55.13
C PRO A 517 -2.36 -16.22 -56.49
N ASP A 518 -2.71 -17.51 -56.52
CA ASP A 518 -2.87 -18.22 -57.76
C ASP A 518 -4.33 -18.27 -58.17
N GLN A 519 -5.22 -18.24 -57.19
CA GLN A 519 -6.64 -18.28 -57.47
C GLN A 519 -7.48 -17.35 -56.59
N PRO A 520 -7.74 -16.12 -57.04
CA PRO A 520 -8.49 -15.02 -56.43
C PRO A 520 -9.85 -15.45 -55.88
N ARG A 521 -10.44 -16.49 -56.46
CA ARG A 521 -11.72 -16.99 -55.98
C ARG A 521 -11.64 -17.55 -54.56
N LEU A 522 -10.44 -17.92 -54.13
CA LEU A 522 -10.22 -18.49 -52.82
C LEU A 522 -9.70 -17.46 -51.82
N THR A 523 -10.55 -17.06 -50.89
CA THR A 523 -10.15 -16.08 -49.88
C THR A 523 -10.57 -16.50 -48.47
N ILE A 524 -9.84 -16.01 -47.47
CA ILE A 524 -10.15 -16.29 -46.06
C ILE A 524 -10.09 -15.02 -45.25
N PRO A 525 -11.07 -14.70 -44.43
CA PRO A 525 -11.05 -13.55 -43.58
C PRO A 525 -9.99 -13.79 -42.54
N ILE A 526 -9.13 -12.80 -42.35
CA ILE A 526 -8.00 -12.92 -41.45
C ILE A 526 -8.40 -13.33 -40.08
N SER A 527 -9.50 -12.79 -39.59
CA SER A 527 -9.99 -13.11 -38.27
C SER A 527 -10.09 -14.61 -37.99
N GLN A 528 -10.45 -15.41 -38.98
CA GLN A 528 -10.56 -16.85 -38.75
C GLN A 528 -9.22 -17.53 -38.56
N ILE A 529 -8.17 -16.93 -39.08
CA ILE A 529 -6.85 -17.49 -38.98
C ILE A 529 -6.18 -16.96 -37.75
N ALA A 530 -6.39 -15.68 -37.49
CA ALA A 530 -5.73 -15.05 -36.40
C ALA A 530 -6.54 -13.95 -35.78
N PRO A 531 -7.56 -14.31 -35.00
CA PRO A 531 -8.48 -13.47 -34.28
C PRO A 531 -7.83 -12.76 -33.09
N ASP A 532 -6.54 -12.98 -32.88
CA ASP A 532 -5.81 -12.27 -31.87
C ASP A 532 -4.95 -11.17 -32.47
N LEU A 533 -4.84 -11.12 -33.80
CA LEU A 533 -4.11 -10.03 -34.44
C LEU A 533 -5.06 -8.88 -34.55
N ILE A 534 -6.28 -9.20 -34.92
CA ILE A 534 -7.36 -8.24 -34.86
C ILE A 534 -7.94 -8.35 -33.49
N LEU A 535 -8.11 -7.25 -32.78
CA LEU A 535 -8.56 -7.35 -31.41
C LEU A 535 -10.02 -7.77 -31.27
N ALA A 536 -10.28 -9.05 -31.52
CA ALA A 536 -11.61 -9.61 -31.46
C ALA A 536 -11.97 -10.17 -30.10
N ASP A 537 -11.03 -10.16 -29.16
CA ASP A 537 -11.32 -10.69 -27.84
C ASP A 537 -11.51 -9.60 -26.80
N LEU A 538 -11.91 -8.42 -27.23
CA LEU A 538 -12.15 -7.34 -26.29
C LEU A 538 -13.54 -7.45 -25.75
N PRO A 539 -13.77 -6.96 -24.56
CA PRO A 539 -15.06 -6.79 -23.94
C PRO A 539 -15.86 -5.85 -24.80
N ARG A 540 -17.17 -6.03 -24.86
CA ARG A 540 -17.99 -5.18 -25.72
C ARG A 540 -17.88 -3.72 -25.35
N ASN A 541 -17.67 -3.47 -24.08
CA ASN A 541 -17.59 -2.14 -23.54
C ASN A 541 -16.45 -1.32 -24.09
N ILE A 542 -15.39 -1.96 -24.55
CA ILE A 542 -14.27 -1.21 -25.06
C ILE A 542 -14.02 -1.40 -26.54
N MET A 543 -15.03 -1.81 -27.29
CA MET A 543 -14.74 -1.89 -28.72
C MET A 543 -14.87 -0.49 -29.28
N LEU A 544 -13.92 -0.10 -30.11
CA LEU A 544 -13.87 1.25 -30.65
C LEU A 544 -14.92 1.54 -31.68
N ASN A 545 -15.76 2.52 -31.41
CA ASN A 545 -16.76 2.92 -32.38
C ASN A 545 -16.18 4.01 -33.27
N ASN A 546 -15.86 3.65 -34.51
CA ASN A 546 -15.22 4.55 -35.45
C ASN A 546 -16.06 5.73 -35.91
N ASP A 547 -17.34 5.77 -35.56
CA ASP A 547 -18.16 6.91 -35.90
C ASP A 547 -18.18 7.94 -34.80
N GLU A 548 -17.55 7.63 -33.67
CA GLU A 548 -17.50 8.55 -32.55
C GLU A 548 -16.13 9.18 -32.41
N LEU A 549 -15.10 8.38 -32.57
CA LEU A 549 -13.75 8.88 -32.41
C LEU A 549 -13.39 9.90 -33.47
N GLU A 550 -13.03 11.10 -33.02
CA GLU A 550 -12.65 12.18 -33.92
C GLU A 550 -11.30 12.76 -33.54
N PHE A 551 -10.33 12.60 -34.41
CA PHE A 551 -8.96 13.04 -34.13
C PHE A 551 -8.23 13.36 -35.42
N GLU A 552 -7.16 14.12 -35.32
CA GLU A 552 -6.42 14.55 -36.51
C GLU A 552 -4.98 14.05 -36.60
N GLN A 553 -4.36 13.76 -35.47
CA GLN A 553 -2.93 13.44 -35.39
C GLN A 553 -2.09 14.63 -35.87
N ALA A 554 -2.59 15.84 -35.66
CA ALA A 554 -1.87 17.02 -36.06
C ALA A 554 -1.07 17.55 -34.87
N PRO A 555 0.06 18.23 -35.11
CA PRO A 555 1.02 18.75 -34.14
C PRO A 555 0.39 19.50 -32.99
N GLU A 556 -0.64 20.30 -33.27
CA GLU A 556 -1.30 21.08 -32.23
C GLU A 556 -2.10 20.26 -31.24
N PHE A 557 -2.28 18.97 -31.51
CA PHE A 557 -3.00 18.14 -30.59
C PHE A 557 -2.05 17.24 -29.84
N LEU A 558 -0.77 17.33 -30.13
CA LEU A 558 0.17 16.46 -29.47
C LEU A 558 0.26 16.81 -28.01
N LEU A 559 -0.06 15.85 -27.16
CA LEU A 559 -0.01 16.04 -25.73
C LEU A 559 1.31 15.56 -25.17
N GLY A 560 1.92 14.59 -25.83
CA GLY A 560 3.22 14.09 -25.38
C GLY A 560 3.60 12.83 -26.13
N ASP A 561 4.74 12.24 -25.79
CA ASP A 561 5.15 11.01 -26.46
C ASP A 561 5.95 10.08 -25.56
N GLY A 562 6.55 9.05 -26.14
CA GLY A 562 7.37 8.12 -25.39
C GLY A 562 7.82 6.96 -26.27
N SER A 563 8.39 5.93 -25.66
CA SER A 563 8.86 4.78 -26.43
C SER A 563 7.72 4.01 -27.09
N PHE A 564 6.52 4.14 -26.54
CA PHE A 564 5.33 3.51 -27.07
C PHE A 564 4.80 4.23 -28.32
N GLY A 565 5.25 5.46 -28.58
CA GLY A 565 4.74 6.22 -29.71
C GLY A 565 4.34 7.63 -29.29
N SER A 566 3.07 7.98 -29.43
CA SER A 566 2.66 9.34 -29.08
C SER A 566 1.23 9.47 -28.60
N VAL A 567 0.93 10.60 -27.97
CA VAL A 567 -0.40 10.87 -27.41
C VAL A 567 -1.01 12.13 -27.97
N TYR A 568 -2.24 12.03 -28.46
CA TYR A 568 -2.92 13.21 -28.98
C TYR A 568 -4.24 13.48 -28.29
N ARG A 569 -4.66 14.74 -28.31
CA ARG A 569 -5.95 15.11 -27.76
C ARG A 569 -7.02 14.84 -28.79
N ALA A 570 -8.15 14.28 -28.37
CA ALA A 570 -9.20 13.92 -29.32
C ALA A 570 -10.59 13.97 -28.69
N ALA A 571 -11.61 13.78 -29.51
CA ALA A 571 -12.97 13.73 -29.02
C ALA A 571 -13.57 12.36 -29.23
N TYR A 572 -14.33 11.89 -28.27
CA TYR A 572 -14.99 10.60 -28.40
C TYR A 572 -16.32 10.71 -27.72
N GLU A 573 -17.40 10.49 -28.47
CA GLU A 573 -18.74 10.64 -27.92
C GLU A 573 -18.95 11.98 -27.23
N GLY A 574 -18.35 13.04 -27.79
CA GLY A 574 -18.50 14.39 -27.26
C GLY A 574 -17.60 14.71 -26.07
N GLU A 575 -16.72 13.80 -25.67
CA GLU A 575 -15.87 14.06 -24.52
C GLU A 575 -14.40 14.15 -24.88
N GLU A 576 -13.65 14.86 -24.05
CA GLU A 576 -12.22 15.02 -24.26
C GLU A 576 -11.47 13.78 -23.83
N VAL A 577 -10.77 13.17 -24.77
CA VAL A 577 -10.02 11.96 -24.51
C VAL A 577 -8.60 12.05 -25.03
N ALA A 578 -7.75 11.17 -24.55
CA ALA A 578 -6.38 11.12 -25.00
C ALA A 578 -6.18 9.85 -25.78
N VAL A 579 -5.46 9.92 -26.89
CA VAL A 579 -5.27 8.73 -27.69
C VAL A 579 -3.84 8.29 -27.79
N LYS A 580 -3.52 7.13 -27.23
CA LYS A 580 -2.17 6.61 -27.35
C LYS A 580 -2.04 5.88 -28.65
N ILE A 581 -1.02 6.22 -29.43
CA ILE A 581 -0.81 5.56 -30.71
C ILE A 581 0.48 4.79 -30.74
N PHE A 582 0.39 3.50 -31.04
CA PHE A 582 1.57 2.67 -31.11
C PHE A 582 2.21 2.76 -32.48
N ASN A 583 2.85 3.89 -32.72
CA ASN A 583 3.43 4.25 -33.99
C ASN A 583 4.75 3.57 -34.33
N LYS A 584 4.66 2.32 -34.78
CA LYS A 584 5.82 1.56 -35.22
C LYS A 584 6.85 1.31 -34.13
N HIS A 585 6.42 0.71 -33.05
CA HIS A 585 7.30 0.39 -31.95
C HIS A 585 6.98 -0.99 -31.42
N THR A 586 7.39 -2.04 -32.12
CA THR A 586 7.04 -3.42 -31.72
C THR A 586 5.60 -3.52 -31.20
N SER A 587 4.69 -2.99 -32.02
CA SER A 587 3.30 -2.88 -31.71
C SER A 587 2.67 -4.24 -31.64
N LEU A 588 1.39 -4.27 -31.31
CA LEU A 588 0.63 -5.49 -31.10
C LEU A 588 1.02 -6.14 -29.81
N ARG A 589 2.27 -6.53 -29.65
CA ARG A 589 2.66 -7.12 -28.40
C ARG A 589 2.60 -6.08 -27.30
N LEU A 590 3.09 -4.88 -27.56
CA LEU A 590 2.97 -3.88 -26.51
C LEU A 590 1.52 -3.52 -26.27
N LEU A 591 0.76 -3.46 -27.35
CA LEU A 591 -0.63 -3.11 -27.26
C LEU A 591 -1.38 -4.10 -26.42
N ARG A 592 -1.19 -5.38 -26.68
CA ARG A 592 -1.91 -6.37 -25.91
C ARG A 592 -1.47 -6.40 -24.48
N GLN A 593 -0.19 -6.13 -24.19
CA GLN A 593 0.22 -6.10 -22.80
C GLN A 593 -0.51 -5.02 -22.04
N GLU A 594 -0.69 -3.86 -22.68
CA GLU A 594 -1.39 -2.78 -22.03
C GLU A 594 -2.85 -3.12 -21.83
N LEU A 595 -3.44 -3.82 -22.79
CA LEU A 595 -4.83 -4.20 -22.67
C LEU A 595 -5.06 -5.15 -21.52
N VAL A 596 -4.14 -6.07 -21.31
CA VAL A 596 -4.25 -7.00 -20.20
C VAL A 596 -4.22 -6.29 -18.88
N VAL A 597 -3.33 -5.32 -18.74
CA VAL A 597 -3.25 -4.57 -17.49
C VAL A 597 -4.43 -3.68 -17.24
N LEU A 598 -4.89 -2.97 -18.28
CA LEU A 598 -5.98 -2.02 -18.11
C LEU A 598 -7.27 -2.71 -17.74
N CYS A 599 -7.54 -3.85 -18.34
CA CYS A 599 -8.73 -4.57 -17.99
C CYS A 599 -8.51 -5.21 -16.65
N HIS A 600 -9.58 -5.44 -15.91
CA HIS A 600 -9.52 -6.02 -14.57
C HIS A 600 -9.10 -5.01 -13.49
N LEU A 601 -8.80 -3.77 -13.86
CA LEU A 601 -8.54 -2.75 -12.87
C LEU A 601 -9.62 -1.70 -13.07
N HIS A 602 -10.59 -1.68 -12.18
CA HIS A 602 -11.73 -0.80 -12.38
C HIS A 602 -12.04 0.00 -11.13
N HIS A 603 -11.12 0.86 -10.74
CA HIS A 603 -11.34 1.67 -9.56
C HIS A 603 -11.54 3.13 -9.94
N PRO A 604 -12.42 3.88 -9.25
CA PRO A 604 -12.73 5.28 -9.47
C PRO A 604 -11.52 6.20 -9.45
N SER A 605 -10.49 5.84 -8.71
CA SER A 605 -9.31 6.68 -8.64
C SER A 605 -8.28 6.40 -9.73
N LEU A 606 -8.56 5.49 -10.65
CA LEU A 606 -7.63 5.20 -11.74
C LEU A 606 -8.15 5.70 -13.08
N ILE A 607 -7.24 5.91 -14.03
CA ILE A 607 -7.62 6.38 -15.36
C ILE A 607 -8.12 5.22 -16.19
N SER A 608 -9.39 5.21 -16.55
CA SER A 608 -9.91 4.07 -17.28
C SER A 608 -9.70 4.16 -18.78
N LEU A 609 -9.94 3.04 -19.43
CA LEU A 609 -9.84 2.90 -20.87
C LEU A 609 -11.19 3.10 -21.51
N LEU A 610 -11.23 3.97 -22.50
CA LEU A 610 -12.46 4.29 -23.21
C LEU A 610 -12.42 3.80 -24.63
N ALA A 611 -12.25 2.48 -24.79
CA ALA A 611 -12.20 1.77 -26.06
C ALA A 611 -10.84 1.75 -26.73
N ALA A 612 -10.53 0.60 -27.31
CA ALA A 612 -9.29 0.33 -28.01
C ALA A 612 -9.58 -0.10 -29.44
N GLY A 613 -8.66 0.15 -30.37
CA GLY A 613 -8.93 -0.21 -31.76
C GLY A 613 -7.69 -0.52 -32.58
N ILE A 614 -7.66 -1.74 -33.10
CA ILE A 614 -6.54 -2.25 -33.86
C ILE A 614 -6.33 -1.60 -35.20
N ARG A 615 -7.37 -1.05 -35.80
CA ARG A 615 -7.26 -0.47 -37.12
C ARG A 615 -6.10 0.54 -37.24
N PRO A 616 -5.89 1.40 -36.23
CA PRO A 616 -4.72 2.25 -36.23
C PRO A 616 -3.88 2.02 -34.97
N ARG A 617 -4.25 1.01 -34.18
CA ARG A 617 -3.56 0.61 -32.95
C ARG A 617 -3.58 1.70 -31.91
N MET A 618 -4.77 1.93 -31.36
CA MET A 618 -4.99 2.97 -30.39
C MET A 618 -5.61 2.56 -29.07
N LEU A 619 -5.24 3.29 -28.02
CA LEU A 619 -5.93 3.24 -26.75
C LEU A 619 -6.53 4.59 -26.42
N VAL A 620 -7.85 4.67 -26.42
CA VAL A 620 -8.51 5.92 -26.10
C VAL A 620 -8.76 5.97 -24.62
N MET A 621 -8.17 6.94 -23.92
CA MET A 621 -8.30 6.99 -22.46
C MET A 621 -8.84 8.32 -21.96
N GLU A 622 -9.31 8.35 -20.73
CA GLU A 622 -9.85 9.57 -20.15
C GLU A 622 -8.84 10.70 -20.11
N LEU A 623 -9.21 11.90 -20.55
CA LEU A 623 -8.29 13.04 -20.39
C LEU A 623 -8.68 13.94 -19.22
N ALA A 624 -7.72 14.22 -18.34
CA ALA A 624 -7.94 15.09 -17.19
C ALA A 624 -8.20 16.52 -17.64
N SER A 625 -9.12 17.19 -16.98
CA SER A 625 -9.47 18.54 -17.39
C SER A 625 -8.72 19.64 -16.66
N LYS A 626 -8.25 19.39 -15.44
CA LYS A 626 -7.55 20.44 -14.71
C LYS A 626 -6.05 20.26 -14.73
N GLY A 627 -5.58 19.13 -15.25
CA GLY A 627 -4.16 18.88 -15.37
C GLY A 627 -3.55 18.26 -14.12
N SER A 628 -2.24 18.14 -14.14
CA SER A 628 -1.47 17.52 -13.07
C SER A 628 -1.27 18.41 -11.85
N LEU A 629 -1.22 17.76 -10.69
CA LEU A 629 -1.06 18.39 -9.39
C LEU A 629 0.10 19.35 -9.32
N ASP A 630 1.28 18.90 -9.74
CA ASP A 630 2.47 19.75 -9.74
C ASP A 630 2.20 21.17 -10.24
N ARG A 631 1.52 21.29 -11.38
CA ARG A 631 1.22 22.58 -11.92
C ARG A 631 0.34 23.36 -10.98
N LEU A 632 -0.68 22.72 -10.45
CA LEU A 632 -1.56 23.39 -9.50
C LEU A 632 -0.80 23.89 -8.29
N LEU A 633 0.11 23.08 -7.78
CA LEU A 633 0.88 23.47 -6.63
C LEU A 633 1.68 24.73 -6.91
N GLN A 634 2.27 24.82 -8.09
CA GLN A 634 3.04 25.99 -8.42
C GLN A 634 2.25 27.13 -9.05
N GLN A 635 1.01 26.89 -9.46
CA GLN A 635 0.27 27.96 -10.13
C GLN A 635 -0.95 28.51 -9.39
N ASP A 636 -1.57 27.77 -8.48
CA ASP A 636 -2.72 28.37 -7.83
C ASP A 636 -3.06 27.87 -6.42
N LYS A 637 -2.38 28.46 -5.44
CA LYS A 637 -2.59 28.15 -4.04
C LYS A 637 -3.98 28.54 -3.56
N ALA A 638 -4.61 29.50 -4.24
CA ALA A 638 -5.96 29.91 -3.88
C ALA A 638 -6.94 28.77 -4.04
N SER A 639 -6.73 27.91 -5.03
CA SER A 639 -7.60 26.77 -5.21
C SER A 639 -7.34 25.74 -4.15
N LEU A 640 -6.08 25.60 -3.76
CA LEU A 640 -5.69 24.64 -2.74
C LEU A 640 -6.15 24.98 -1.33
N THR A 641 -7.43 24.81 -1.06
CA THR A 641 -7.97 25.07 0.26
C THR A 641 -7.77 23.85 1.11
N ARG A 642 -7.99 23.99 2.39
CA ARG A 642 -7.81 22.89 3.31
C ARG A 642 -8.76 21.74 2.98
N THR A 643 -9.96 22.07 2.54
CA THR A 643 -10.92 21.05 2.14
C THR A 643 -10.47 20.31 0.90
N LEU A 644 -10.02 21.05 -0.11
CA LEU A 644 -9.58 20.41 -1.34
C LEU A 644 -8.42 19.49 -1.07
N GLN A 645 -7.46 19.96 -0.29
CA GLN A 645 -6.27 19.19 0.04
C GLN A 645 -6.62 17.86 0.65
N HIS A 646 -7.54 17.87 1.60
CA HIS A 646 -7.94 16.62 2.20
C HIS A 646 -8.54 15.65 1.22
N ARG A 647 -9.42 16.13 0.36
CA ARG A 647 -10.06 15.23 -0.57
C ARG A 647 -9.08 14.62 -1.54
N ILE A 648 -8.06 15.39 -1.96
CA ILE A 648 -7.05 14.84 -2.83
C ILE A 648 -6.32 13.71 -2.15
N ALA A 649 -5.98 13.89 -0.89
CA ALA A 649 -5.29 12.84 -0.15
C ALA A 649 -6.12 11.56 -0.10
N LEU A 650 -7.44 11.68 0.06
CA LEU A 650 -8.26 10.47 0.06
C LEU A 650 -8.24 9.72 -1.23
N HIS A 651 -8.35 10.45 -2.33
CA HIS A 651 -8.46 9.80 -3.61
C HIS A 651 -7.19 9.08 -3.97
N VAL A 652 -6.05 9.65 -3.64
CA VAL A 652 -4.80 8.97 -3.92
C VAL A 652 -4.66 7.73 -3.07
N ALA A 653 -5.02 7.83 -1.79
CA ALA A 653 -4.91 6.69 -0.90
C ALA A 653 -5.74 5.52 -1.38
N ASP A 654 -6.94 5.78 -1.90
CA ASP A 654 -7.75 4.69 -2.43
C ASP A 654 -7.06 3.96 -3.55
N GLY A 655 -6.48 4.71 -4.47
CA GLY A 655 -5.81 4.08 -5.58
C GLY A 655 -4.71 3.15 -5.10
N LEU A 656 -3.94 3.61 -4.14
CA LEU A 656 -2.87 2.79 -3.62
C LEU A 656 -3.37 1.55 -2.95
N ARG A 657 -4.45 1.65 -2.20
CA ARG A 657 -4.98 0.49 -1.53
C ARG A 657 -5.40 -0.54 -2.55
N TYR A 658 -6.09 -0.08 -3.58
CA TYR A 658 -6.59 -0.94 -4.63
C TYR A 658 -5.47 -1.66 -5.35
N LEU A 659 -4.49 -0.90 -5.82
CA LEU A 659 -3.39 -1.49 -6.56
C LEU A 659 -2.59 -2.45 -5.71
N HIS A 660 -2.45 -2.16 -4.44
CA HIS A 660 -1.73 -3.07 -3.57
C HIS A 660 -2.50 -4.35 -3.38
N SER A 661 -3.83 -4.27 -3.30
CA SER A 661 -4.62 -5.49 -3.17
C SER A 661 -4.57 -6.28 -4.47
N ALA A 662 -4.27 -5.60 -5.57
CA ALA A 662 -4.10 -6.22 -6.87
C ALA A 662 -2.67 -6.70 -7.11
N MET A 663 -1.81 -6.68 -6.07
CA MET A 663 -0.42 -7.10 -6.17
C MET A 663 0.42 -6.28 -7.14
N ILE A 664 0.07 -5.01 -7.31
CA ILE A 664 0.80 -4.12 -8.21
C ILE A 664 1.53 -3.04 -7.46
N ILE A 665 2.83 -2.91 -7.71
CA ILE A 665 3.60 -1.87 -7.04
C ILE A 665 3.70 -0.68 -7.98
N TYR A 666 3.31 0.50 -7.50
CA TYR A 666 3.29 1.67 -8.37
C TYR A 666 4.70 2.19 -8.63
N ARG A 667 5.51 2.29 -7.57
CA ARG A 667 6.90 2.74 -7.66
C ARG A 667 7.15 4.15 -8.15
N ASP A 668 6.13 4.99 -8.30
CA ASP A 668 6.41 6.31 -8.84
C ASP A 668 5.48 7.43 -8.39
N LEU A 669 5.05 7.46 -7.14
CA LEU A 669 4.18 8.54 -6.73
C LEU A 669 4.91 9.85 -6.71
N LYS A 670 4.26 10.87 -7.21
CA LYS A 670 4.81 12.22 -7.26
C LYS A 670 3.75 13.12 -7.84
N PRO A 671 3.80 14.42 -7.58
CA PRO A 671 2.90 15.48 -8.06
C PRO A 671 2.71 15.49 -9.57
N HIS A 672 3.64 14.88 -10.28
CA HIS A 672 3.58 14.84 -11.72
C HIS A 672 2.65 13.74 -12.21
N ASN A 673 2.33 12.78 -11.35
CA ASN A 673 1.45 11.67 -11.70
C ASN A 673 0.03 11.77 -11.12
N VAL A 674 -0.27 12.84 -10.42
CA VAL A 674 -1.62 13.01 -9.87
C VAL A 674 -2.44 13.90 -10.76
N LEU A 675 -3.54 13.39 -11.28
CA LEU A 675 -4.35 14.19 -12.17
C LEU A 675 -5.62 14.69 -11.54
N LEU A 676 -5.99 15.93 -11.86
CA LEU A 676 -7.20 16.51 -11.31
C LEU A 676 -8.28 16.68 -12.36
N PHE A 677 -9.49 16.32 -11.99
CA PHE A 677 -10.65 16.38 -12.88
C PHE A 677 -11.67 17.43 -12.53
N THR A 678 -11.32 18.36 -11.66
CA THR A 678 -12.19 19.43 -11.18
C THR A 678 -11.70 19.92 -9.87
N LEU A 679 -11.60 21.23 -9.73
CA LEU A 679 -11.14 21.77 -8.49
C LEU A 679 -12.28 21.99 -7.50
N TYR A 680 -13.52 21.79 -7.95
CA TYR A 680 -14.68 21.93 -7.07
C TYR A 680 -14.59 20.98 -5.88
N PRO A 681 -14.33 21.48 -4.66
CA PRO A 681 -14.12 20.74 -3.43
C PRO A 681 -15.13 19.65 -3.16
N ASN A 682 -16.39 19.90 -3.47
CA ASN A 682 -17.40 18.90 -3.18
C ASN A 682 -17.83 18.10 -4.40
N ALA A 683 -16.88 17.40 -5.02
CA ALA A 683 -17.19 16.58 -6.18
C ALA A 683 -16.96 15.13 -5.87
N ALA A 684 -17.66 14.24 -6.57
CA ALA A 684 -17.52 12.80 -6.33
C ALA A 684 -16.12 12.31 -6.65
N ILE A 685 -15.56 12.77 -7.77
CA ILE A 685 -14.21 12.36 -8.13
C ILE A 685 -13.36 13.55 -8.47
N ILE A 686 -12.23 13.68 -7.79
CA ILE A 686 -11.34 14.81 -8.00
C ILE A 686 -9.99 14.38 -8.49
N ALA A 687 -9.34 13.46 -7.77
CA ALA A 687 -8.00 13.09 -8.20
C ALA A 687 -7.91 11.66 -8.66
N LYS A 688 -7.06 11.41 -9.66
CA LYS A 688 -6.81 10.06 -10.15
C LYS A 688 -5.33 9.81 -10.37
N ILE A 689 -4.92 8.55 -10.30
CA ILE A 689 -3.52 8.18 -10.51
C ILE A 689 -3.25 7.79 -11.95
N ALA A 690 -2.29 8.46 -12.57
CA ALA A 690 -1.96 8.23 -13.97
C ALA A 690 -1.06 7.02 -14.24
N ASP A 691 -1.27 6.40 -15.40
CA ASP A 691 -0.45 5.30 -15.92
C ASP A 691 -0.04 4.22 -14.94
N TYR A 692 -1.01 3.70 -14.21
CA TYR A 692 -0.80 2.64 -13.24
C TYR A 692 -0.52 1.31 -13.90
N GLY A 693 0.07 0.41 -13.15
CA GLY A 693 0.40 -0.91 -13.66
C GLY A 693 1.89 -1.20 -13.49
N PRO A 710 12.98 8.82 -9.12
CA PRO A 710 13.82 9.99 -9.40
C PRO A 710 14.30 10.44 -8.02
N GLY A 711 14.36 11.75 -7.81
CA GLY A 711 14.63 12.16 -6.43
C GLY A 711 13.28 12.31 -5.72
N PHE A 712 12.67 11.17 -5.30
CA PHE A 712 11.36 10.98 -4.60
C PHE A 712 11.28 9.55 -4.06
N ARG A 713 12.40 8.82 -3.96
CA ARG A 713 12.61 7.41 -3.61
C ARG A 713 12.66 7.11 -2.14
N ALA A 714 12.17 5.95 -1.76
CA ALA A 714 12.33 5.46 -0.41
C ALA A 714 13.83 5.26 -0.24
N PRO A 715 14.46 5.55 1.03
CA PRO A 715 15.87 5.40 1.36
C PRO A 715 16.29 3.94 1.30
N GLU A 716 15.31 3.00 1.51
CA GLU A 716 15.60 1.59 1.43
C GLU A 716 15.88 1.18 -0.01
N VAL A 717 14.97 1.51 -0.92
CA VAL A 717 15.16 1.16 -2.33
C VAL A 717 16.18 2.07 -2.98
N ALA A 718 16.43 3.24 -2.37
CA ALA A 718 17.44 4.16 -2.84
C ALA A 718 18.84 3.54 -2.77
N ARG A 719 19.01 2.50 -1.96
CA ARG A 719 20.29 1.81 -1.85
C ARG A 719 20.62 1.07 -3.14
N GLY A 720 19.60 0.68 -3.91
CA GLY A 720 19.82 -0.04 -5.15
C GLY A 720 20.21 -1.49 -4.92
N ASN A 721 19.80 -2.05 -3.79
CA ASN A 721 20.16 -3.43 -3.47
C ASN A 721 19.05 -4.21 -2.78
N VAL A 722 17.82 -3.73 -2.89
CA VAL A 722 16.65 -4.40 -2.34
C VAL A 722 15.55 -4.50 -3.40
N ILE A 723 14.43 -5.07 -3.02
CA ILE A 723 13.30 -5.26 -3.90
C ILE A 723 12.11 -4.38 -3.49
N TYR A 724 11.44 -3.79 -4.47
CA TYR A 724 10.28 -2.94 -4.21
C TYR A 724 9.11 -3.71 -3.68
N ASN A 725 8.37 -3.06 -2.79
CA ASN A 725 7.16 -3.64 -2.24
C ASN A 725 6.27 -2.52 -1.76
N GLN A 726 5.10 -2.87 -1.23
CA GLN A 726 4.13 -1.88 -0.79
C GLN A 726 4.68 -0.85 0.17
N GLN A 727 5.70 -1.19 0.94
CA GLN A 727 6.22 -0.27 1.91
C GLN A 727 6.98 0.84 1.25
N ALA A 728 7.52 0.58 0.07
CA ALA A 728 8.20 1.60 -0.69
C ALA A 728 7.20 2.61 -1.17
N ASP A 729 6.05 2.11 -1.65
CA ASP A 729 4.99 3.01 -2.09
C ASP A 729 4.46 3.84 -0.94
N VAL A 730 4.30 3.23 0.23
CA VAL A 730 3.81 3.97 1.37
C VAL A 730 4.73 5.11 1.72
N TYR A 731 6.03 4.84 1.74
CA TYR A 731 6.98 5.89 2.05
C TYR A 731 6.84 7.02 1.05
N SER A 732 6.75 6.68 -0.22
CA SER A 732 6.58 7.68 -1.24
C SER A 732 5.32 8.49 -1.02
N PHE A 733 4.24 7.81 -0.67
CA PHE A 733 2.98 8.48 -0.37
C PHE A 733 3.15 9.51 0.71
N GLY A 734 3.85 9.16 1.77
CA GLY A 734 4.09 10.08 2.85
C GLY A 734 4.74 11.35 2.32
N LEU A 735 5.71 11.20 1.44
CA LEU A 735 6.34 12.37 0.87
C LEU A 735 5.35 13.19 0.07
N LEU A 736 4.45 12.53 -0.65
CA LEU A 736 3.42 13.24 -1.38
C LEU A 736 2.58 14.07 -0.44
N LEU A 737 2.17 13.47 0.66
CA LEU A 737 1.37 14.16 1.66
C LEU A 737 2.11 15.36 2.21
N TYR A 738 3.40 15.21 2.48
CA TYR A 738 4.25 16.31 2.94
C TYR A 738 4.21 17.42 1.91
N ASP A 739 4.30 17.06 0.63
CA ASP A 739 4.25 18.02 -0.44
C ASP A 739 2.91 18.72 -0.53
N ILE A 740 1.84 18.00 -0.22
CA ILE A 740 0.52 18.60 -0.21
C ILE A 740 0.39 19.57 0.95
N LEU A 741 0.85 19.14 2.11
CA LEU A 741 0.80 19.95 3.32
C LEU A 741 1.45 21.30 3.10
N THR A 742 2.65 21.29 2.56
CA THR A 742 3.27 22.55 2.23
C THR A 742 2.97 22.87 0.80
N THR A 743 1.92 23.66 0.58
CA THR A 743 1.44 23.95 -0.77
C THR A 743 2.44 24.66 -1.65
N GLY A 744 3.45 25.27 -1.04
CA GLY A 744 4.50 25.90 -1.82
C GLY A 744 5.34 24.88 -2.57
N GLY A 745 5.30 23.62 -2.16
CA GLY A 745 6.09 22.60 -2.81
C GLY A 745 7.54 22.90 -2.51
N ARG A 746 7.81 23.25 -1.27
CA ARG A 746 9.13 23.70 -0.90
C ARG A 746 10.18 22.63 -1.06
N ILE A 747 9.84 21.39 -0.81
CA ILE A 747 10.85 20.36 -1.02
C ILE A 747 11.00 20.16 -2.53
N VAL A 748 9.92 20.40 -3.27
CA VAL A 748 9.93 20.30 -4.72
C VAL A 748 10.80 21.39 -5.29
N GLU A 749 10.77 22.56 -4.65
CA GLU A 749 11.66 23.64 -5.07
C GLU A 749 13.10 23.24 -4.77
N GLY A 750 13.29 22.47 -3.68
CA GLY A 750 14.59 21.92 -3.32
C GLY A 750 15.20 21.07 -4.44
N LEU A 751 14.34 20.41 -5.24
CA LEU A 751 14.76 19.64 -6.44
C LEU A 751 15.71 20.38 -7.35
N LYS A 752 15.55 21.69 -7.43
CA LYS A 752 16.41 22.56 -8.24
C LYS A 752 17.88 22.49 -7.82
N PHE A 753 18.13 21.96 -6.62
CA PHE A 753 19.45 21.75 -6.07
C PHE A 753 19.50 20.27 -5.65
N PRO A 754 19.41 19.36 -6.63
CA PRO A 754 19.25 17.91 -6.53
C PRO A 754 20.30 17.22 -5.68
N ASN A 755 21.47 17.84 -5.55
CA ASN A 755 22.55 17.30 -4.75
C ASN A 755 22.19 17.27 -3.28
N GLU A 756 21.31 18.18 -2.88
CA GLU A 756 20.86 18.23 -1.51
C GLU A 756 19.54 17.51 -1.39
N PHE A 757 18.69 17.67 -2.40
CA PHE A 757 17.34 17.10 -2.43
C PHE A 757 17.30 15.59 -2.31
N ASP A 758 18.01 14.89 -3.20
CA ASP A 758 18.00 13.43 -3.17
C ASP A 758 18.60 12.92 -1.87
N GLU A 759 19.68 13.55 -1.41
CA GLU A 759 20.33 13.14 -0.19
C GLU A 759 19.46 13.42 1.02
N LEU A 760 18.75 14.53 1.00
CA LEU A 760 17.84 14.88 2.08
C LEU A 760 16.83 13.78 2.31
N GLU A 761 16.22 13.29 1.24
CA GLU A 761 15.25 12.23 1.35
C GLU A 761 15.90 10.96 1.89
N ILE A 762 17.12 10.67 1.42
CA ILE A 762 17.90 9.54 1.91
C ILE A 762 18.17 9.66 3.40
N GLN A 763 18.54 10.85 3.84
CA GLN A 763 18.80 11.11 5.25
C GLN A 763 17.53 10.94 6.06
N GLY A 764 16.40 11.35 5.50
CA GLY A 764 15.11 11.27 6.16
C GLY A 764 14.94 12.41 7.15
N LYS A 765 15.88 13.36 7.13
CA LYS A 765 15.90 14.44 8.08
C LYS A 765 15.15 15.63 7.55
N LEU A 766 13.84 15.49 7.43
CA LEU A 766 13.04 16.57 6.92
C LEU A 766 12.73 17.55 8.03
N PRO A 767 12.66 18.83 7.71
CA PRO A 767 12.36 19.94 8.59
C PRO A 767 10.89 19.99 8.90
N ASP A 768 10.58 20.61 10.03
CA ASP A 768 9.21 20.76 10.49
C ASP A 768 8.42 21.60 9.51
N PRO A 769 7.43 21.01 8.84
CA PRO A 769 6.63 21.61 7.79
C PRO A 769 5.94 22.90 8.21
N VAL A 770 5.70 23.07 9.49
CA VAL A 770 5.07 24.26 10.00
C VAL A 770 6.08 25.34 10.22
N LYS A 771 7.03 25.05 11.10
CA LYS A 771 8.05 26.00 11.48
C LYS A 771 8.93 26.41 10.32
N GLU A 772 9.37 25.44 9.54
CA GLU A 772 10.27 25.70 8.44
C GLU A 772 9.66 26.43 7.28
N TYR A 773 8.41 26.16 6.96
CA TYR A 773 7.87 26.78 5.77
C TYR A 773 6.81 27.84 6.09
N GLY A 774 6.44 27.96 7.35
CA GLY A 774 5.42 28.94 7.73
C GLY A 774 4.04 28.43 7.33
N CYS A 775 3.84 27.14 7.52
CA CYS A 775 2.59 26.49 7.12
C CYS A 775 1.63 26.40 8.28
N ALA A 776 0.38 26.82 8.07
CA ALA A 776 -0.61 26.78 9.14
C ALA A 776 -0.72 25.34 9.67
N PRO A 777 -0.77 25.16 11.00
CA PRO A 777 -0.82 23.90 11.72
C PRO A 777 -1.91 22.99 11.22
N TRP A 778 -1.59 21.71 11.18
CA TRP A 778 -2.53 20.70 10.78
C TRP A 778 -2.18 19.39 11.44
N PRO A 779 -2.32 19.31 12.77
CA PRO A 779 -2.04 18.15 13.59
C PRO A 779 -2.84 17.01 13.03
N MET A 780 -2.58 15.80 13.50
CA MET A 780 -3.16 14.59 12.93
C MET A 780 -2.42 14.27 11.62
N VAL A 781 -2.52 15.14 10.61
CA VAL A 781 -1.75 14.98 9.39
C VAL A 781 -0.29 15.06 9.68
N GLU A 782 0.10 16.02 10.50
CA GLU A 782 1.51 16.15 10.83
C GLU A 782 2.05 14.87 11.44
N LYS A 783 1.31 14.26 12.35
CA LYS A 783 1.85 13.04 12.92
C LYS A 783 1.70 11.89 11.96
N LEU A 784 0.73 11.95 11.05
CA LEU A 784 0.61 10.91 10.06
C LEU A 784 1.83 10.83 9.21
N ILE A 785 2.31 11.99 8.76
CA ILE A 785 3.52 12.03 7.96
C ILE A 785 4.68 11.46 8.74
N LYS A 786 4.80 11.83 10.00
CA LYS A 786 5.88 11.28 10.81
C LYS A 786 5.78 9.78 10.96
N GLN A 787 4.57 9.27 11.14
CA GLN A 787 4.34 7.84 11.26
C GLN A 787 4.62 7.13 9.97
N CYS A 788 4.26 7.76 8.87
CA CYS A 788 4.47 7.19 7.58
C CYS A 788 5.93 7.10 7.22
N LEU A 789 6.65 8.21 7.33
CA LEU A 789 8.04 8.23 6.91
C LEU A 789 9.01 7.72 7.95
N LYS A 790 8.96 6.42 8.20
CA LYS A 790 9.91 5.79 9.10
C LYS A 790 10.98 5.12 8.29
N GLU A 791 12.13 4.93 8.91
CA GLU A 791 13.24 4.31 8.22
C GLU A 791 13.03 2.84 7.95
N ASN A 792 12.46 2.14 8.93
CA ASN A 792 12.22 0.71 8.86
C ASN A 792 10.91 0.33 8.16
N PRO A 793 10.98 -0.32 6.98
CA PRO A 793 9.88 -0.82 6.18
C PRO A 793 8.89 -1.64 6.97
N GLN A 794 9.35 -2.32 8.01
CA GLN A 794 8.46 -3.15 8.78
C GLN A 794 7.70 -2.35 9.83
N GLU A 795 8.08 -1.10 10.03
CA GLU A 795 7.41 -0.24 10.97
C GLU A 795 6.47 0.72 10.28
N ARG A 796 6.65 0.91 8.98
CA ARG A 796 5.77 1.82 8.27
C ARG A 796 4.36 1.21 8.11
N PRO A 797 3.31 2.03 8.21
CA PRO A 797 1.88 1.71 8.08
C PRO A 797 1.56 1.06 6.76
N THR A 798 0.56 0.20 6.72
CA THR A 798 0.16 -0.38 5.45
C THR A 798 -0.71 0.61 4.76
N SER A 799 -0.85 0.48 3.45
CA SER A 799 -1.65 1.43 2.69
C SER A 799 -3.12 1.36 3.05
N ALA A 800 -3.58 0.21 3.51
CA ALA A 800 -4.96 0.11 3.96
C ALA A 800 -5.14 0.97 5.20
N GLN A 801 -4.19 0.90 6.11
CA GLN A 801 -4.23 1.69 7.33
C GLN A 801 -4.13 3.16 7.04
N VAL A 802 -3.30 3.53 6.08
CA VAL A 802 -3.17 4.92 5.72
C VAL A 802 -4.49 5.49 5.32
N PHE A 803 -5.22 4.75 4.49
CA PHE A 803 -6.53 5.20 4.10
C PHE A 803 -7.45 5.35 5.28
N ASP A 804 -7.50 4.33 6.14
CA ASP A 804 -8.37 4.40 7.31
C ASP A 804 -8.10 5.64 8.14
N ILE A 805 -6.84 6.02 8.27
CA ILE A 805 -6.49 7.21 8.99
C ILE A 805 -7.02 8.44 8.29
N LEU A 806 -6.88 8.49 6.97
CA LEU A 806 -7.37 9.63 6.22
C LEU A 806 -8.88 9.72 6.27
N ASN A 807 -9.54 8.59 6.41
CA ASN A 807 -10.98 8.54 6.54
C ASN A 807 -11.43 9.00 7.92
N SER A 808 -11.46 10.31 8.13
CA SER A 808 -11.82 10.87 9.44
C SER A 808 -12.23 12.31 9.44
N ALA A 809 -13.38 12.59 10.02
CA ALA A 809 -13.84 13.95 10.13
C ALA A 809 -12.97 14.72 11.10
N GLU A 810 -12.50 14.04 12.14
CA GLU A 810 -11.64 14.63 13.14
C GLU A 810 -10.35 15.11 12.51
N LEU A 811 -9.84 14.31 11.58
CA LEU A 811 -8.65 14.66 10.83
C LEU A 811 -8.81 16.00 10.16
N VAL A 812 -9.95 16.19 9.53
CA VAL A 812 -10.22 17.41 8.83
C VAL A 812 -10.44 18.61 9.74
N CYS A 813 -11.24 18.44 10.79
CA CYS A 813 -11.62 19.57 11.62
C CYS A 813 -10.75 19.91 12.80
N LEU A 814 -9.89 19.01 13.24
CA LEU A 814 -9.00 19.41 14.30
C LEU A 814 -8.02 20.39 13.76
N THR A 815 -7.89 21.55 14.39
CA THR A 815 -6.98 22.52 13.83
C THR A 815 -5.75 22.71 14.66
N ARG A 816 -5.91 22.76 15.98
CA ARG A 816 -4.73 22.97 16.80
C ARG A 816 -4.80 22.24 18.12
N ARG A 817 -3.64 21.95 18.69
CA ARG A 817 -3.59 21.31 19.99
C ARG A 817 -2.42 21.83 20.77
N ILE A 818 -2.69 22.48 21.88
CA ILE A 818 -1.64 23.06 22.69
C ILE A 818 -1.53 22.38 24.02
N LEU A 819 -0.39 21.81 24.32
CA LEU A 819 -0.23 21.18 25.62
C LEU A 819 0.15 22.23 26.63
N LEU A 820 -0.34 22.09 27.84
CA LEU A 820 0.03 23.00 28.90
C LEU A 820 1.18 22.39 29.68
N PRO A 821 1.95 23.18 30.42
CA PRO A 821 3.07 22.76 31.24
C PRO A 821 2.60 21.73 32.23
N LYS A 822 3.46 20.77 32.53
CA LYS A 822 3.13 19.67 33.42
C LYS A 822 2.72 20.17 34.80
N ASN A 823 1.66 19.56 35.33
CA ASN A 823 1.10 19.90 36.62
C ASN A 823 0.50 21.29 36.64
N VAL A 824 -0.19 21.64 35.57
CA VAL A 824 -0.94 22.89 35.50
C VAL A 824 -2.39 22.56 35.29
N ILE A 825 -3.23 23.02 36.20
CA ILE A 825 -4.65 22.75 36.13
C ILE A 825 -5.41 24.03 36.03
N VAL A 826 -6.10 24.19 34.91
CA VAL A 826 -6.89 25.37 34.63
C VAL A 826 -8.36 25.09 34.82
N GLU A 827 -8.99 25.86 35.69
CA GLU A 827 -10.40 25.64 35.99
C GLU A 827 -11.36 26.60 35.29
N CYS A 828 -10.84 27.55 34.52
CA CYS A 828 -11.71 28.48 33.80
C CYS A 828 -10.98 29.19 32.66
N MET A 829 -11.73 29.64 31.66
CA MET A 829 -11.16 30.23 30.46
C MET A 829 -11.88 31.48 29.96
N VAL A 830 -11.14 32.50 29.57
CA VAL A 830 -11.74 33.66 28.92
C VAL A 830 -10.98 34.05 27.67
N ALA A 831 -11.56 33.80 26.52
CA ALA A 831 -10.92 34.19 25.28
C ALA A 831 -11.21 35.65 25.00
N THR A 832 -10.24 36.37 24.45
CA THR A 832 -10.48 37.76 24.13
C THR A 832 -11.11 37.90 22.76
N HIS A 833 -12.33 38.40 22.73
CA HIS A 833 -13.05 38.55 21.47
C HIS A 833 -12.57 39.76 20.69
N HIS A 834 -11.52 39.57 19.92
CA HIS A 834 -10.96 40.65 19.15
C HIS A 834 -10.12 40.04 18.00
N ALA A 839 -5.29 37.52 19.84
CA ALA A 839 -5.65 36.10 19.80
C ALA A 839 -5.03 35.37 20.99
N SER A 840 -5.62 35.56 22.15
CA SER A 840 -5.10 34.98 23.38
C SER A 840 -6.20 34.64 24.36
N ILE A 841 -5.85 33.79 25.34
CA ILE A 841 -6.80 33.29 26.31
C ILE A 841 -6.34 33.45 27.75
N TRP A 842 -7.18 34.00 28.60
CA TRP A 842 -6.88 34.10 30.01
C TRP A 842 -7.24 32.81 30.69
N LEU A 843 -6.33 32.26 31.48
CA LEU A 843 -6.58 30.99 32.11
C LEU A 843 -6.55 31.10 33.62
N GLY A 844 -7.43 30.39 34.29
CA GLY A 844 -7.38 30.36 35.74
C GLY A 844 -6.41 29.27 36.17
N CYS A 845 -6.34 28.97 37.45
CA CYS A 845 -5.47 27.89 37.87
C CYS A 845 -5.92 27.27 39.18
N GLY A 846 -6.44 26.05 39.08
CA GLY A 846 -6.91 25.33 40.25
C GLY A 846 -5.89 24.32 40.77
N HIS A 847 -4.72 24.25 40.15
CA HIS A 847 -3.68 23.35 40.61
C HIS A 847 -3.20 23.70 42.00
N THR A 848 -2.86 24.95 42.21
CA THR A 848 -2.39 25.37 43.52
C THR A 848 -3.57 25.84 44.32
N ASP A 849 -3.32 26.23 45.55
CA ASP A 849 -4.35 26.77 46.39
C ASP A 849 -4.21 28.28 46.52
N ARG A 850 -3.55 28.90 45.52
CA ARG A 850 -3.33 30.32 45.51
C ARG A 850 -3.88 30.96 44.25
N GLY A 851 -4.43 32.16 44.39
CA GLY A 851 -4.95 32.90 43.25
C GLY A 851 -3.90 33.12 42.16
N GLN A 852 -3.77 32.18 41.24
CA GLN A 852 -2.80 32.29 40.17
C GLN A 852 -3.46 32.42 38.83
N LEU A 853 -3.08 33.46 38.09
CA LEU A 853 -3.66 33.77 36.79
C LEU A 853 -2.67 33.53 35.67
N SER A 854 -3.05 32.71 34.70
CA SER A 854 -2.16 32.38 33.60
C SER A 854 -2.62 32.99 32.30
N PHE A 855 -1.75 32.95 31.31
CA PHE A 855 -2.08 33.57 30.03
C PHE A 855 -1.44 32.87 28.84
N LEU A 856 -2.29 32.51 27.87
CA LEU A 856 -1.88 31.79 26.68
C LEU A 856 -1.96 32.63 25.42
N ASP A 857 -0.86 32.68 24.68
CA ASP A 857 -0.80 33.40 23.41
C ASP A 857 -0.95 32.45 22.25
N LEU A 858 -2.11 32.44 21.60
CA LEU A 858 -2.35 31.49 20.51
C LEU A 858 -1.48 31.78 19.29
N ASN A 859 -0.98 33.00 19.16
CA ASN A 859 -0.15 33.33 18.00
C ASN A 859 1.21 32.69 18.05
N THR A 860 1.72 32.44 19.25
CA THR A 860 3.06 31.91 19.40
C THR A 860 3.08 30.70 20.32
N GLU A 861 1.91 30.34 20.85
CA GLU A 861 1.78 29.28 21.83
C GLU A 861 2.65 29.62 23.03
N GLY A 862 2.64 30.90 23.38
CA GLY A 862 3.42 31.40 24.49
C GLY A 862 2.65 31.20 25.78
N TYR A 863 3.35 31.13 26.89
CA TYR A 863 2.67 30.91 28.14
C TYR A 863 3.35 31.54 29.32
N THR A 864 2.56 32.26 30.10
CA THR A 864 3.07 32.86 31.31
C THR A 864 2.07 32.68 32.41
N SER A 865 2.44 33.17 33.59
CA SER A 865 1.57 32.99 34.74
C SER A 865 2.08 33.76 35.96
N GLU A 866 1.16 34.34 36.73
CA GLU A 866 1.55 35.08 37.91
C GLU A 866 0.50 35.00 39.00
N GLU A 867 0.92 35.11 40.24
CA GLU A 867 -0.03 35.08 41.34
C GLU A 867 -0.64 36.46 41.49
N VAL A 868 -1.95 36.51 41.48
CA VAL A 868 -2.66 37.79 41.55
C VAL A 868 -3.57 37.91 42.75
N ALA A 869 -3.85 36.81 43.43
CA ALA A 869 -4.75 36.88 44.56
C ALA A 869 -4.43 35.82 45.58
N ASP A 870 -5.06 35.93 46.74
CA ASP A 870 -4.82 34.99 47.81
C ASP A 870 -5.50 33.66 47.58
N SER A 871 -6.83 33.65 47.64
CA SER A 871 -7.59 32.42 47.46
C SER A 871 -7.68 32.02 46.00
N ARG A 872 -8.14 30.80 45.74
CA ARG A 872 -8.20 30.26 44.38
C ARG A 872 -9.20 30.96 43.49
N ILE A 873 -8.77 31.28 42.27
CA ILE A 873 -9.64 31.92 41.29
C ILE A 873 -10.66 30.95 40.81
N LEU A 874 -11.92 31.32 40.90
CA LEU A 874 -12.96 30.41 40.47
C LEU A 874 -13.56 30.82 39.14
N CYS A 875 -13.80 32.11 38.94
CA CYS A 875 -14.40 32.55 37.68
C CYS A 875 -13.77 33.78 37.09
N LEU A 876 -13.63 33.78 35.79
CA LEU A 876 -13.11 34.94 35.11
C LEU A 876 -14.17 35.52 34.19
N ALA A 877 -14.16 36.84 34.02
CA ALA A 877 -15.07 37.45 33.07
C ALA A 877 -14.44 38.66 32.40
N LEU A 878 -14.76 38.86 31.12
CA LEU A 878 -14.22 39.99 30.40
C LEU A 878 -15.16 41.16 30.32
N VAL A 879 -14.75 42.29 30.86
CA VAL A 879 -15.51 43.50 30.77
C VAL A 879 -14.97 44.30 29.63
N HIS A 880 -15.79 44.52 28.64
CA HIS A 880 -15.35 45.23 27.45
C HIS A 880 -16.05 46.56 27.34
N LEU A 881 -15.28 47.63 27.38
CA LEU A 881 -15.83 48.97 27.28
C LEU A 881 -15.26 49.71 26.07
N PRO A 882 -15.63 49.31 24.85
CA PRO A 882 -15.17 49.86 23.57
C PRO A 882 -15.46 51.35 23.47
N VAL A 883 -16.46 51.81 24.21
CA VAL A 883 -16.82 53.21 24.29
C VAL A 883 -15.76 53.98 25.02
N GLU A 884 -15.22 53.38 26.08
CA GLU A 884 -14.19 54.00 26.88
C GLU A 884 -12.80 53.57 26.42
N LYS A 885 -12.76 52.64 25.45
CA LYS A 885 -11.52 52.15 24.86
C LYS A 885 -10.68 51.36 25.84
N GLU A 886 -11.35 50.54 26.66
CA GLU A 886 -10.65 49.77 27.66
C GLU A 886 -11.38 48.47 27.99
N SER A 887 -10.67 47.55 28.61
CA SER A 887 -11.28 46.29 29.01
C SER A 887 -10.60 45.75 30.26
N TRP A 888 -11.34 44.98 31.04
CA TRP A 888 -10.85 44.46 32.31
C TRP A 888 -11.16 42.98 32.51
N ILE A 889 -10.30 42.29 33.23
CA ILE A 889 -10.56 40.92 33.60
C ILE A 889 -11.07 40.89 35.01
N VAL A 890 -12.24 40.33 35.21
CA VAL A 890 -12.80 40.24 36.53
C VAL A 890 -12.57 38.87 37.07
N SER A 891 -11.85 38.78 38.16
CA SER A 891 -11.55 37.50 38.76
C SER A 891 -12.31 37.27 40.04
N GLY A 892 -13.29 36.38 39.98
CA GLY A 892 -14.04 36.01 41.16
C GLY A 892 -13.29 34.89 41.84
N THR A 893 -13.20 34.92 43.16
CA THR A 893 -12.46 33.88 43.86
C THR A 893 -13.14 33.32 45.09
N GLN A 894 -12.47 32.36 45.73
CA GLN A 894 -13.02 31.69 46.92
C GLN A 894 -13.28 32.62 48.06
N SER A 895 -12.45 33.64 48.23
CA SER A 895 -12.64 34.61 49.29
C SER A 895 -13.88 35.46 49.12
N GLY A 896 -14.46 35.49 47.92
CA GLY A 896 -15.61 36.32 47.67
C GLY A 896 -15.19 37.65 47.07
N THR A 897 -13.90 37.90 46.94
CA THR A 897 -13.49 39.16 46.34
C THR A 897 -13.52 39.13 44.84
N LEU A 898 -13.53 40.33 44.26
CA LEU A 898 -13.52 40.53 42.82
C LEU A 898 -12.31 41.34 42.42
N LEU A 899 -11.30 40.67 41.88
CA LEU A 899 -10.11 41.38 41.45
C LEU A 899 -10.26 41.76 40.01
N VAL A 900 -10.17 43.05 39.73
CA VAL A 900 -10.43 43.54 38.39
C VAL A 900 -9.15 44.13 37.81
N ILE A 901 -8.69 43.57 36.68
CA ILE A 901 -7.40 43.98 36.11
C ILE A 901 -7.48 44.47 34.66
N ASN A 902 -6.92 45.63 34.40
CA ASN A 902 -6.99 46.20 33.05
C ASN A 902 -6.15 45.38 32.10
N THR A 903 -6.73 44.95 30.99
CA THR A 903 -6.01 44.14 30.01
C THR A 903 -4.92 44.93 29.27
N GLU A 904 -5.05 46.25 29.26
CA GLU A 904 -4.08 47.12 28.61
C GLU A 904 -2.98 47.56 29.57
N ASP A 905 -3.15 47.27 30.86
CA ASP A 905 -2.17 47.68 31.85
C ASP A 905 -2.20 46.82 33.08
N GLY A 906 -1.25 45.90 33.18
CA GLY A 906 -1.15 44.98 34.30
C GLY A 906 -1.04 45.68 35.66
N LYS A 907 -0.57 46.92 35.70
CA LYS A 907 -0.45 47.64 36.95
C LYS A 907 -1.81 48.09 37.48
N LYS A 908 -2.81 48.21 36.60
CA LYS A 908 -4.12 48.64 37.02
C LYS A 908 -4.93 47.50 37.58
N ARG A 909 -4.70 47.23 38.86
CA ARG A 909 -5.41 46.17 39.55
C ARG A 909 -6.23 46.78 40.69
N HIS A 910 -7.48 46.37 40.84
CA HIS A 910 -8.25 46.87 41.97
C HIS A 910 -9.30 45.87 42.40
N THR A 911 -9.84 46.05 43.59
CA THR A 911 -10.83 45.11 44.12
C THR A 911 -12.17 45.78 44.37
N LEU A 912 -13.25 45.13 43.96
CA LEU A 912 -14.60 45.64 44.14
C LEU A 912 -15.14 45.23 45.50
N GLU A 913 -16.32 45.73 45.86
CA GLU A 913 -16.91 45.36 47.12
C GLU A 913 -16.93 43.84 47.30
N LYS A 914 -16.36 43.39 48.40
CA LYS A 914 -16.27 41.97 48.70
C LYS A 914 -17.63 41.35 48.92
N MET A 915 -17.83 40.17 48.35
CA MET A 915 -19.09 39.44 48.48
C MET A 915 -19.14 38.73 49.82
N THR A 916 -20.35 38.38 50.27
CA THR A 916 -20.53 37.72 51.55
C THR A 916 -20.18 36.22 51.51
N ASP A 917 -19.96 35.70 50.31
CA ASP A 917 -19.55 34.32 50.15
C ASP A 917 -18.76 34.25 48.85
N SER A 918 -18.25 33.07 48.51
CA SER A 918 -17.40 32.96 47.32
C SER A 918 -18.17 33.19 46.06
N VAL A 919 -17.44 33.50 45.00
CA VAL A 919 -18.06 33.72 43.71
C VAL A 919 -18.11 32.43 42.97
N THR A 920 -19.30 32.06 42.51
CA THR A 920 -19.49 30.81 41.81
C THR A 920 -19.64 30.98 40.32
N CYS A 921 -20.10 32.14 39.87
CA CYS A 921 -20.14 32.36 38.43
C CYS A 921 -20.26 33.83 38.09
N LEU A 922 -19.76 34.18 36.91
CA LEU A 922 -19.81 35.55 36.44
C LEU A 922 -20.42 35.62 35.07
N TYR A 923 -21.06 36.74 34.78
CA TYR A 923 -21.59 36.95 33.45
C TYR A 923 -21.71 38.41 33.13
N CYS A 924 -21.31 38.80 31.94
CA CYS A 924 -21.41 40.20 31.61
C CYS A 924 -21.48 40.46 30.12
N ASN A 935 -24.66 46.83 29.88
CA ASN A 935 -24.20 45.52 30.27
C ASN A 935 -24.09 45.53 31.76
N PHE A 936 -24.28 44.41 32.39
CA PHE A 936 -24.14 44.40 33.82
C PHE A 936 -23.28 43.26 34.23
N LEU A 937 -22.44 43.49 35.23
CA LEU A 937 -21.61 42.42 35.70
C LEU A 937 -22.40 41.69 36.74
N LEU A 938 -22.72 40.45 36.43
CA LEU A 938 -23.53 39.68 37.31
C LEU A 938 -22.64 38.77 38.09
N VAL A 939 -22.82 38.78 39.39
CA VAL A 939 -22.01 37.97 40.23
C VAL A 939 -22.86 36.98 40.96
N GLY A 940 -22.70 35.72 40.63
CA GLY A 940 -23.47 34.70 41.30
C GLY A 940 -22.62 34.14 42.40
N THR A 941 -23.10 34.23 43.62
CA THR A 941 -22.34 33.75 44.76
C THR A 941 -22.89 32.47 45.35
N ALA A 942 -22.08 31.85 46.20
CA ALA A 942 -22.38 30.56 46.81
C ALA A 942 -23.57 30.57 47.74
N ASP A 943 -23.97 31.72 48.23
CA ASP A 943 -25.13 31.77 49.10
C ASP A 943 -26.43 32.03 48.34
N GLY A 944 -26.41 31.88 47.00
CA GLY A 944 -27.63 32.06 46.22
C GLY A 944 -27.93 33.52 45.95
N LYS A 945 -26.99 34.40 46.26
CA LYS A 945 -27.17 35.82 46.07
C LYS A 945 -26.65 36.28 44.70
N LEU A 946 -27.42 37.14 44.04
CA LEU A 946 -27.04 37.67 42.73
C LEU A 946 -26.78 39.17 42.79
N ALA A 947 -25.54 39.56 42.58
CA ALA A 947 -25.23 40.98 42.61
C ALA A 947 -25.17 41.50 41.18
N ILE A 948 -25.77 42.66 40.97
CA ILE A 948 -25.78 43.29 39.66
C ILE A 948 -25.02 44.60 39.68
N PHE A 949 -23.93 44.67 38.94
CA PHE A 949 -23.12 45.89 38.88
C PHE A 949 -23.33 46.63 37.57
N GLU A 950 -23.41 47.95 37.67
CA GLU A 950 -23.56 48.80 36.49
C GLU A 950 -22.35 48.67 35.58
N ASP A 951 -22.61 48.72 34.29
CA ASP A 951 -21.65 48.51 33.20
C ASP A 951 -20.28 49.19 33.40
N LYS A 952 -20.25 50.51 33.52
CA LYS A 952 -18.97 51.20 33.65
C LYS A 952 -18.46 51.28 35.09
N THR A 953 -19.38 51.39 36.07
CA THR A 953 -19.06 51.48 37.49
C THR A 953 -17.94 50.58 38.00
N VAL A 954 -17.85 49.36 37.48
CA VAL A 954 -16.87 48.37 37.93
C VAL A 954 -15.40 48.83 37.81
N LYS A 955 -15.16 49.88 37.05
CA LYS A 955 -13.85 50.48 36.90
C LYS A 955 -13.30 51.02 38.22
N LEU A 956 -14.19 51.43 39.12
CA LEU A 956 -13.76 52.03 40.37
C LEU A 956 -13.51 51.01 41.48
N LYS A 957 -12.46 51.27 42.27
CA LYS A 957 -12.11 50.39 43.37
C LYS A 957 -13.09 50.49 44.51
N GLY A 958 -13.55 49.34 44.99
CA GLY A 958 -14.48 49.29 46.09
C GLY A 958 -15.90 49.60 45.65
N ALA A 959 -16.15 49.61 44.34
CA ALA A 959 -17.48 49.94 43.87
C ALA A 959 -18.52 48.92 44.32
N ALA A 960 -19.69 49.45 44.65
CA ALA A 960 -20.85 48.68 45.06
C ALA A 960 -21.70 48.39 43.83
N PRO A 961 -22.49 47.32 43.85
CA PRO A 961 -23.40 46.89 42.80
C PRO A 961 -24.63 47.78 42.75
N LEU A 962 -25.25 47.78 41.58
CA LEU A 962 -26.49 48.50 41.36
C LEU A 962 -27.56 47.98 42.28
N LYS A 963 -27.70 46.66 42.31
CA LYS A 963 -28.69 46.04 43.17
C LYS A 963 -28.33 44.59 43.44
N ILE A 964 -28.89 44.05 44.51
CA ILE A 964 -28.61 42.67 44.91
C ILE A 964 -29.88 41.87 45.15
N LEU A 965 -29.94 40.69 44.56
CA LEU A 965 -31.10 39.83 44.69
C LEU A 965 -30.82 38.56 45.48
N ASN A 966 -31.80 38.11 46.24
CA ASN A 966 -31.68 36.85 46.96
C ASN A 966 -32.49 35.79 46.25
N ILE A 967 -31.83 34.87 45.59
CA ILE A 967 -32.53 33.85 44.84
C ILE A 967 -32.58 32.56 45.61
N GLY A 968 -31.41 32.09 46.00
CA GLY A 968 -31.30 30.84 46.75
C GLY A 968 -31.01 31.06 48.22
N ASN A 969 -30.14 30.24 48.77
CA ASN A 969 -29.79 30.36 50.18
C ASN A 969 -28.42 29.78 50.43
N VAL A 970 -27.99 29.80 51.68
CA VAL A 970 -26.68 29.33 52.07
C VAL A 970 -26.29 27.93 51.54
N SER A 971 -27.28 27.06 51.31
CA SER A 971 -27.02 25.72 50.80
C SER A 971 -27.35 25.57 49.31
N THR A 972 -27.85 26.63 48.69
CA THR A 972 -28.27 26.60 47.28
C THR A 972 -27.63 27.74 46.49
N PRO A 973 -26.38 27.55 46.03
CA PRO A 973 -25.53 28.49 45.30
C PRO A 973 -26.01 28.72 43.89
N LEU A 974 -25.70 29.89 43.33
CA LEU A 974 -26.03 30.12 41.94
C LEU A 974 -24.94 29.48 41.13
N MET A 975 -25.28 28.83 40.03
CA MET A 975 -24.20 28.24 39.27
C MET A 975 -24.25 28.47 37.78
N CYS A 976 -25.18 29.28 37.32
CA CYS A 976 -25.23 29.48 35.89
C CYS A 976 -26.12 30.61 35.47
N LEU A 977 -25.56 31.55 34.73
CA LEU A 977 -26.31 32.68 34.18
C LEU A 977 -26.23 32.64 32.67
N SER A 978 -27.30 32.21 32.04
CA SER A 978 -27.31 32.10 30.60
C SER A 978 -28.25 33.09 29.97
N GLU A 979 -27.99 33.38 28.71
CA GLU A 979 -28.78 34.34 28.01
C GLU A 979 -28.61 34.16 26.54
N SER A 980 -29.67 33.78 25.88
CA SER A 980 -29.63 33.58 24.45
C SER A 980 -30.99 33.84 23.92
N ASN A 987 -33.99 39.71 25.99
CA ASN A 987 -32.80 39.87 26.82
C ASN A 987 -33.08 39.22 28.17
N VAL A 988 -33.96 38.24 28.16
CA VAL A 988 -34.39 37.55 29.36
C VAL A 988 -33.35 36.57 29.85
N MET A 989 -33.00 36.67 31.12
CA MET A 989 -32.01 35.79 31.70
C MET A 989 -32.62 34.50 32.14
N TRP A 990 -31.80 33.46 32.15
CA TRP A 990 -32.19 32.17 32.66
C TRP A 990 -31.07 31.63 33.50
N GLY A 991 -31.36 30.81 34.49
CA GLY A 991 -30.24 30.29 35.21
C GLY A 991 -30.57 29.26 36.24
N GLY A 992 -29.54 28.68 36.82
CA GLY A 992 -29.70 27.61 37.78
C GLY A 992 -29.36 28.01 39.18
N CYS A 993 -30.20 27.58 40.10
CA CYS A 993 -30.04 27.80 41.52
C CYS A 993 -30.43 26.56 42.24
N GLY A 994 -29.46 25.76 42.62
CA GLY A 994 -29.81 24.53 43.27
C GLY A 994 -30.57 23.69 42.27
N THR A 995 -31.81 23.39 42.59
CA THR A 995 -32.63 22.58 41.74
C THR A 995 -33.74 23.36 41.05
N LYS A 996 -33.66 24.69 41.09
CA LYS A 996 -34.68 25.52 40.46
C LYS A 996 -34.14 26.32 39.29
N ILE A 997 -35.00 26.61 38.33
CA ILE A 997 -34.62 27.43 37.21
C ILE A 997 -35.29 28.76 37.30
N PHE A 998 -34.50 29.81 37.34
CA PHE A 998 -35.05 31.15 37.46
C PHE A 998 -34.95 31.90 36.17
N SER A 999 -35.59 33.06 36.13
CA SER A 999 -35.53 33.88 34.94
C SER A 999 -35.70 35.35 35.27
N PHE A 1000 -35.00 36.22 34.54
CA PHE A 1000 -35.09 37.65 34.83
C PHE A 1000 -35.44 38.57 33.70
N SER A 1001 -36.17 39.62 34.07
CA SER A 1001 -36.55 40.70 33.18
C SER A 1001 -35.43 41.69 33.10
N ASN A 1002 -35.60 42.71 32.27
CA ASN A 1002 -34.59 43.76 32.16
C ASN A 1002 -34.54 44.64 33.42
N ASP A 1003 -35.52 44.49 34.31
CA ASP A 1003 -35.55 45.21 35.55
C ASP A 1003 -35.02 44.35 36.69
N PHE A 1004 -34.51 43.17 36.34
CA PHE A 1004 -33.96 42.22 37.27
C PHE A 1004 -35.01 41.66 38.21
N THR A 1005 -36.24 41.53 37.72
CA THR A 1005 -37.29 40.96 38.54
C THR A 1005 -37.46 39.50 38.19
N ILE A 1006 -37.89 38.69 39.15
CA ILE A 1006 -38.05 37.27 38.88
C ILE A 1006 -39.31 37.01 38.09
N GLN A 1007 -39.15 36.36 36.96
CA GLN A 1007 -40.27 36.09 36.08
C GLN A 1007 -40.86 34.70 36.21
N LYS A 1008 -40.21 33.84 36.98
CA LYS A 1008 -40.69 32.47 37.23
C LYS A 1008 -39.63 31.60 37.86
N LEU A 1009 -40.03 30.86 38.89
CA LEU A 1009 -39.15 29.91 39.55
C LEU A 1009 -39.63 28.51 39.29
N ILE A 1010 -39.02 27.87 38.32
CA ILE A 1010 -39.43 26.53 37.94
C ILE A 1010 -38.73 25.50 38.78
N GLU A 1011 -39.47 24.80 39.60
CA GLU A 1011 -38.84 23.78 40.40
C GLU A 1011 -38.72 22.55 39.53
N THR A 1012 -37.51 22.03 39.38
CA THR A 1012 -37.34 20.90 38.48
C THR A 1012 -37.28 19.58 39.19
N ARG A 1013 -37.50 19.58 40.50
CA ARG A 1013 -37.45 18.34 41.26
C ARG A 1013 -38.50 17.34 40.81
N THR A 1014 -39.59 17.84 40.22
CA THR A 1014 -40.68 17.00 39.78
C THR A 1014 -40.30 16.11 38.61
N SER A 1015 -39.15 16.37 38.00
CA SER A 1015 -38.71 15.52 36.90
C SER A 1015 -38.37 14.13 37.36
N GLN A 1016 -38.24 13.91 38.69
CA GLN A 1016 -37.93 12.60 39.24
C GLN A 1016 -39.00 11.56 38.94
N LEU A 1017 -40.18 12.00 38.49
CA LEU A 1017 -41.22 11.05 38.07
C LEU A 1017 -40.72 10.26 36.87
N PHE A 1018 -39.77 10.84 36.14
CA PHE A 1018 -39.12 10.24 35.01
C PHE A 1018 -37.66 10.06 35.38
N SER A 1019 -36.95 9.23 34.64
CA SER A 1019 -35.53 9.01 34.94
C SER A 1019 -35.29 8.44 36.34
N TYR A 1020 -34.40 9.07 37.11
CA TYR A 1020 -34.02 8.60 38.43
C TYR A 1020 -33.83 9.76 39.40
N ALA A 1021 -34.42 9.63 40.58
CA ALA A 1021 -34.43 10.69 41.58
C ALA A 1021 -33.07 11.23 41.97
N ALA A 1022 -32.01 10.41 42.00
CA ALA A 1022 -30.71 10.98 42.40
C ALA A 1022 -30.07 11.77 41.26
N PHE A 1023 -30.60 11.63 40.06
CA PHE A 1023 -30.11 12.41 38.95
C PHE A 1023 -30.93 13.66 38.89
N SER A 1024 -32.24 13.49 39.09
CA SER A 1024 -33.17 14.61 39.11
C SER A 1024 -32.84 15.55 40.22
N ASP A 1025 -32.69 15.02 41.41
CA ASP A 1025 -32.37 15.85 42.53
C ASP A 1025 -30.88 16.11 42.59
N SER A 1026 -30.44 17.16 41.93
CA SER A 1026 -29.03 17.52 41.95
C SER A 1026 -28.85 18.95 41.47
N ASN A 1027 -27.81 19.61 41.94
CA ASN A 1027 -27.60 21.00 41.56
C ASN A 1027 -27.38 21.17 40.08
N ILE A 1028 -27.98 22.21 39.53
CA ILE A 1028 -27.85 22.49 38.11
C ILE A 1028 -26.47 23.04 37.79
N ILE A 1029 -25.83 22.45 36.81
CA ILE A 1029 -24.53 22.89 36.35
C ILE A 1029 -24.65 23.90 35.25
N THR A 1030 -25.47 23.61 34.26
CA THR A 1030 -25.58 24.55 33.16
C THR A 1030 -26.93 24.56 32.51
N VAL A 1031 -27.28 25.74 31.98
CA VAL A 1031 -28.55 25.99 31.32
C VAL A 1031 -28.33 26.50 29.92
N VAL A 1032 -28.86 25.79 28.94
CA VAL A 1032 -28.72 26.28 27.58
C VAL A 1032 -30.06 26.74 27.06
N VAL A 1033 -30.11 27.97 26.58
CA VAL A 1033 -31.38 28.55 26.15
C VAL A 1033 -31.54 28.62 24.65
N ASP A 1034 -32.43 27.82 24.10
CA ASP A 1034 -32.72 27.89 22.67
C ASP A 1034 -34.23 28.07 22.47
N THR A 1035 -34.87 27.07 21.88
CA THR A 1035 -36.31 27.00 21.73
C THR A 1035 -36.86 26.12 22.85
N ALA A 1036 -35.96 25.63 23.68
CA ALA A 1036 -36.24 24.81 24.84
C ALA A 1036 -35.05 24.95 25.76
N LEU A 1037 -35.20 24.56 27.01
CA LEU A 1037 -34.07 24.68 27.92
C LEU A 1037 -33.39 23.35 28.04
N TYR A 1038 -32.07 23.36 28.04
CA TYR A 1038 -31.35 22.11 28.21
C TYR A 1038 -30.60 22.17 29.51
N ILE A 1039 -30.96 21.28 30.42
CA ILE A 1039 -30.41 21.30 31.76
C ILE A 1039 -29.48 20.16 32.07
N ALA A 1040 -28.28 20.48 32.51
CA ALA A 1040 -27.42 19.44 33.02
C ALA A 1040 -27.19 19.67 34.50
N LYS A 1041 -27.32 18.60 35.27
CA LYS A 1041 -27.15 18.65 36.71
C LYS A 1041 -25.91 17.90 37.14
N GLN A 1042 -25.41 18.23 38.32
CA GLN A 1042 -24.18 17.66 38.79
C GLN A 1042 -24.27 16.17 38.91
N ASN A 1043 -23.35 15.51 38.24
CA ASN A 1043 -23.23 14.07 38.18
C ASN A 1043 -24.38 13.38 37.46
N SER A 1044 -25.18 14.11 36.72
CA SER A 1044 -26.23 13.48 35.96
C SER A 1044 -25.65 12.98 34.66
N PRO A 1045 -26.13 11.86 34.17
CA PRO A 1045 -25.85 11.29 32.88
C PRO A 1045 -26.96 11.64 31.92
N VAL A 1046 -27.94 12.37 32.42
CA VAL A 1046 -29.10 12.74 31.63
C VAL A 1046 -29.31 14.23 31.56
N VAL A 1047 -29.54 14.71 30.34
CA VAL A 1047 -29.85 16.11 30.09
C VAL A 1047 -31.35 16.27 29.98
N GLU A 1048 -31.91 17.22 30.70
CA GLU A 1048 -33.35 17.40 30.67
C GLU A 1048 -33.74 18.46 29.69
N VAL A 1049 -34.85 18.25 29.00
CA VAL A 1049 -35.32 19.24 28.06
C VAL A 1049 -36.60 19.84 28.58
N TRP A 1050 -36.63 21.14 28.77
CA TRP A 1050 -37.84 21.76 29.30
C TRP A 1050 -38.51 22.72 28.35
N ASP A 1051 -39.84 22.70 28.36
CA ASP A 1051 -40.59 23.66 27.59
C ASP A 1051 -40.83 24.88 28.40
N LYS A 1052 -40.04 25.90 28.17
CA LYS A 1052 -40.14 27.17 28.88
C LYS A 1052 -41.49 27.88 28.71
N LYS A 1053 -42.25 27.52 27.68
CA LYS A 1053 -43.54 28.14 27.44
C LYS A 1053 -44.64 27.57 28.30
N THR A 1054 -44.47 26.34 28.76
CA THR A 1054 -45.50 25.70 29.59
C THR A 1054 -44.92 25.17 30.89
N GLU A 1055 -43.60 25.26 31.03
CA GLU A 1055 -42.87 24.80 32.20
C GLU A 1055 -43.06 23.30 32.41
N LYS A 1056 -42.83 22.53 31.34
CA LYS A 1056 -43.01 21.08 31.43
C LYS A 1056 -41.81 20.31 30.92
N LEU A 1057 -41.61 19.11 31.47
CA LEU A 1057 -40.53 18.27 31.00
C LEU A 1057 -40.90 17.69 29.65
N CYS A 1058 -40.08 17.94 28.64
CA CYS A 1058 -40.38 17.50 27.29
C CYS A 1058 -39.44 16.47 26.70
N GLY A 1059 -38.63 15.84 27.53
CA GLY A 1059 -37.75 14.82 27.01
C GLY A 1059 -36.46 14.71 27.78
N LEU A 1060 -35.85 13.54 27.66
CA LEU A 1060 -34.60 13.27 28.33
C LEU A 1060 -33.56 12.79 27.35
N ILE A 1061 -32.32 13.16 27.58
CA ILE A 1061 -31.24 12.70 26.73
C ILE A 1061 -30.30 11.82 27.52
N ASP A 1062 -30.27 10.55 27.18
CA ASP A 1062 -29.44 9.58 27.89
C ASP A 1062 -28.06 9.41 27.29
N CYS A 1063 -27.06 10.05 27.89
CA CYS A 1063 -25.69 9.98 27.38
C CYS A 1063 -25.08 8.61 27.50
N VAL A 1064 -25.47 7.87 28.53
CA VAL A 1064 -24.95 6.53 28.71
C VAL A 1064 -25.37 5.68 27.56
N HIS A 1065 -26.62 5.79 27.15
CA HIS A 1065 -27.15 5.05 26.03
C HIS A 1065 -26.32 5.22 24.78
N PHE A 1066 -25.95 6.45 24.47
CA PHE A 1066 -25.18 6.67 23.27
C PHE A 1066 -23.84 5.97 23.34
N LEU A 1067 -23.19 6.00 24.50
CA LEU A 1067 -21.91 5.33 24.61
C LEU A 1067 -22.07 3.87 24.94
N ARG A 1068 -23.28 3.45 25.28
CA ARG A 1068 -23.62 2.06 25.45
C ARG A 1068 -23.61 1.39 24.10
N GLU A 1069 -24.09 2.12 23.08
CA GLU A 1069 -24.08 1.64 21.71
C GLU A 1069 -22.64 1.50 21.21
N VAL A 1070 -21.78 2.41 21.65
CA VAL A 1070 -20.37 2.34 21.33
C VAL A 1070 -19.70 1.22 22.13
N MET A 1071 -18.94 0.38 21.45
CA MET A 1071 -18.28 -0.71 22.16
C MET A 1071 -17.13 -0.19 23.01
N MET A 1082 -13.41 2.20 34.02
CA MET A 1082 -14.53 3.08 34.25
C MET A 1082 -14.40 4.42 33.53
N SER A 1083 -13.71 4.45 32.37
CA SER A 1083 -13.62 5.69 31.61
C SER A 1083 -14.99 6.10 31.07
N TYR A 1084 -15.89 5.13 30.89
CA TYR A 1084 -17.24 5.40 30.45
C TYR A 1084 -18.16 5.71 31.60
N SER A 1085 -17.95 6.85 32.22
CA SER A 1085 -18.76 7.26 33.35
C SER A 1085 -20.09 7.78 32.89
N GLY A 1086 -20.11 8.40 31.72
CA GLY A 1086 -21.35 8.94 31.18
C GLY A 1086 -21.75 10.24 31.87
N ARG A 1087 -20.88 10.80 32.70
CA ARG A 1087 -21.25 12.01 33.40
C ARG A 1087 -21.23 13.19 32.48
N VAL A 1088 -22.25 14.03 32.54
CA VAL A 1088 -22.27 15.20 31.67
C VAL A 1088 -21.44 16.31 32.26
N LYS A 1089 -20.52 16.85 31.48
CA LYS A 1089 -19.70 17.94 31.97
C LYS A 1089 -20.20 19.29 31.51
N THR A 1090 -20.16 19.56 30.21
CA THR A 1090 -20.64 20.84 29.72
C THR A 1090 -21.51 20.73 28.50
N LEU A 1091 -22.35 21.72 28.31
CA LEU A 1091 -23.21 21.78 27.14
C LEU A 1091 -22.93 23.03 26.33
N CYS A 1092 -22.65 22.87 25.06
CA CYS A 1092 -22.53 24.03 24.21
C CYS A 1092 -23.52 23.89 23.09
N LEU A 1093 -24.05 25.00 22.62
CA LEU A 1093 -25.06 24.93 21.60
C LEU A 1093 -24.78 25.82 20.43
N GLN A 1094 -24.90 25.25 19.26
CA GLN A 1094 -24.68 25.95 18.02
C GLN A 1094 -26.03 26.14 17.34
N LYS A 1095 -26.23 27.30 16.73
CA LYS A 1095 -27.53 27.62 16.14
C LYS A 1095 -27.83 26.90 14.83
N ASN A 1096 -26.93 26.04 14.38
CA ASN A 1096 -27.17 25.21 13.21
C ASN A 1096 -27.70 23.87 13.63
N THR A 1097 -28.28 23.76 14.83
CA THR A 1097 -28.83 22.54 15.44
C THR A 1097 -27.78 21.64 16.08
N ALA A 1098 -26.49 21.92 15.95
CA ALA A 1098 -25.56 21.05 16.62
C ALA A 1098 -25.55 21.29 18.13
N LEU A 1099 -25.59 20.22 18.90
CA LEU A 1099 -25.50 20.32 20.35
C LEU A 1099 -24.26 19.57 20.79
N TRP A 1100 -23.36 20.24 21.48
CA TRP A 1100 -22.08 19.66 21.85
C TRP A 1100 -22.10 19.23 23.30
N ILE A 1101 -21.97 17.94 23.57
CA ILE A 1101 -22.01 17.49 24.95
C ILE A 1101 -20.71 16.86 25.39
N GLY A 1102 -20.02 17.48 26.33
CA GLY A 1102 -18.79 16.92 26.83
C GLY A 1102 -19.12 15.95 27.94
N THR A 1103 -18.18 15.11 28.32
CA THR A 1103 -18.47 14.17 29.37
C THR A 1103 -17.30 13.86 30.27
N GLY A 1104 -17.53 12.94 31.19
CA GLY A 1104 -16.51 12.54 32.16
C GLY A 1104 -15.27 11.98 31.49
N GLY A 1105 -15.46 11.07 30.55
CA GLY A 1105 -14.33 10.51 29.83
C GLY A 1105 -14.01 11.39 28.63
N GLY A 1106 -13.02 11.00 27.84
CA GLY A 1106 -12.63 11.80 26.68
C GLY A 1106 -13.56 11.63 25.49
N HIS A 1107 -14.81 12.03 25.64
CA HIS A 1107 -15.80 11.91 24.57
C HIS A 1107 -16.58 13.19 24.42
N ILE A 1108 -16.93 13.51 23.19
CA ILE A 1108 -17.78 14.64 22.92
C ILE A 1108 -18.90 14.15 22.04
N LEU A 1109 -20.13 14.35 22.47
CA LEU A 1109 -21.22 13.87 21.67
C LEU A 1109 -21.75 14.98 20.80
N LEU A 1110 -22.00 14.68 19.55
CA LEU A 1110 -22.61 15.66 18.68
C LEU A 1110 -24.03 15.26 18.46
N LEU A 1111 -24.97 16.05 18.97
CA LEU A 1111 -26.36 15.73 18.74
C LEU A 1111 -27.04 16.70 17.81
N ASP A 1112 -28.06 16.21 17.15
CA ASP A 1112 -28.90 16.97 16.25
C ASP A 1112 -30.10 17.51 16.98
N LEU A 1113 -30.14 18.81 17.23
CA LEU A 1113 -31.27 19.42 17.94
C LEU A 1113 -32.60 19.28 17.25
N SER A 1114 -32.61 19.15 15.93
CA SER A 1114 -33.88 19.06 15.24
C SER A 1114 -34.51 17.69 15.36
N THR A 1115 -33.72 16.67 15.70
CA THR A 1115 -34.27 15.33 15.80
C THR A 1115 -33.88 14.62 17.08
N ARG A 1116 -33.00 15.24 17.86
CA ARG A 1116 -32.46 14.65 19.09
C ARG A 1116 -31.75 13.36 18.75
N ARG A 1117 -30.83 13.42 17.80
CA ARG A 1117 -30.11 12.22 17.37
C ARG A 1117 -28.62 12.37 17.32
N LEU A 1118 -27.93 11.27 17.48
CA LEU A 1118 -26.49 11.25 17.53
C LEU A 1118 -25.86 11.35 16.16
N ILE A 1119 -25.17 12.46 15.94
CA ILE A 1119 -24.43 12.69 14.72
C ILE A 1119 -23.16 11.89 14.74
N ARG A 1120 -22.41 12.01 15.83
CA ARG A 1120 -21.16 11.27 15.99
C ARG A 1120 -20.56 11.38 17.36
N VAL A 1121 -19.78 10.38 17.74
CA VAL A 1121 -19.06 10.41 18.98
C VAL A 1121 -17.60 10.74 18.72
N ILE A 1122 -17.14 11.86 19.21
CA ILE A 1122 -15.76 12.26 19.04
C ILE A 1122 -15.05 11.75 20.25
N TYR A 1123 -14.02 10.93 20.10
CA TYR A 1123 -13.48 10.40 21.33
C TYR A 1123 -12.03 10.03 21.30
N ASN A 1124 -11.53 9.66 22.48
CA ASN A 1124 -10.14 9.34 22.73
C ASN A 1124 -9.40 10.64 22.61
N PHE A 1125 -10.10 11.66 23.08
CA PHE A 1125 -9.68 13.02 23.08
C PHE A 1125 -8.59 13.31 24.10
N CYS A 1126 -8.91 13.05 25.35
CA CYS A 1126 -7.99 13.21 26.48
C CYS A 1126 -8.58 12.39 27.61
N ASN A 1127 -8.12 12.59 28.84
CA ASN A 1127 -8.67 11.83 29.94
C ASN A 1127 -10.08 12.30 30.30
N SER A 1128 -10.28 13.61 30.47
CA SER A 1128 -11.59 14.12 30.87
C SER A 1128 -11.84 15.54 30.39
N VAL A 1129 -13.08 15.89 30.03
CA VAL A 1129 -13.34 17.23 29.52
C VAL A 1129 -13.66 18.22 30.63
N ARG A 1130 -12.95 19.34 30.68
CA ARG A 1130 -13.23 20.32 31.71
C ARG A 1130 -14.20 21.41 31.28
N VAL A 1131 -13.82 22.23 30.29
CA VAL A 1131 -14.77 23.24 29.78
C VAL A 1131 -14.75 23.34 28.29
N MET A 1132 -15.84 23.85 27.74
CA MET A 1132 -15.93 24.04 26.30
C MET A 1132 -16.38 25.45 26.01
N MET A 1133 -15.74 26.11 25.07
CA MET A 1133 -16.15 27.45 24.71
C MET A 1133 -16.34 27.62 23.23
N THR A 1134 -17.17 28.57 22.87
CA THR A 1134 -17.32 28.94 21.48
C THR A 1134 -16.63 30.25 21.33
N ALA A 1135 -15.70 30.34 20.40
CA ALA A 1135 -14.99 31.59 20.28
C ALA A 1135 -14.58 31.89 18.87
N GLN A 1136 -14.56 33.17 18.56
CA GLN A 1136 -14.14 33.61 17.26
C GLN A 1136 -12.67 33.96 17.34
N LEU A 1137 -11.89 33.43 16.41
CA LEU A 1137 -10.46 33.68 16.40
C LEU A 1137 -10.13 35.04 15.85
N GLY A 1138 -8.85 35.34 15.83
CA GLY A 1138 -8.38 36.61 15.31
C GLY A 1138 -8.42 36.69 13.79
N SER A 1139 -8.71 35.54 13.15
CA SER A 1139 -8.92 35.39 11.72
C SER A 1139 -10.40 35.45 11.39
N LEU A 1140 -11.22 35.62 12.44
CA LEU A 1140 -12.67 35.62 12.40
C LEU A 1140 -13.29 34.22 12.23
N LYS A 1141 -12.45 33.19 12.24
CA LYS A 1141 -12.92 31.83 12.14
C LYS A 1141 -13.51 31.36 13.47
N ASN A 1142 -14.66 30.70 13.44
CA ASN A 1142 -15.25 30.24 14.69
C ASN A 1142 -14.77 28.85 15.05
N VAL A 1143 -14.37 28.68 16.30
CA VAL A 1143 -13.88 27.39 16.76
C VAL A 1143 -14.36 27.01 18.14
N MET A 1144 -14.23 25.73 18.45
CA MET A 1144 -14.51 25.26 19.79
C MET A 1144 -13.23 25.15 20.56
N LEU A 1145 -13.23 25.67 21.76
CA LEU A 1145 -12.07 25.61 22.61
C LEU A 1145 -12.34 24.59 23.67
N VAL A 1146 -11.75 23.41 23.54
CA VAL A 1146 -12.06 22.42 24.54
C VAL A 1146 -10.87 22.19 25.42
N LEU A 1147 -11.04 22.49 26.69
CA LEU A 1147 -9.97 22.34 27.66
C LEU A 1147 -10.20 21.07 28.43
N GLY A 1148 -9.20 20.20 28.47
CA GLY A 1148 -9.40 18.97 29.20
C GLY A 1148 -8.23 18.54 30.06
N TYR A 1149 -8.46 17.46 30.80
CA TYR A 1149 -7.49 16.84 31.66
C TYR A 1149 -6.91 15.68 30.92
N ASN A 1150 -5.70 15.31 31.25
CA ASN A 1150 -5.08 14.20 30.59
C ASN A 1150 -4.15 13.49 31.52
N ARG A 1151 -4.65 13.17 32.70
CA ARG A 1151 -3.89 12.38 33.65
C ARG A 1151 -3.51 11.08 32.96
N GLU A 1162 1.04 12.06 36.55
CA GLU A 1162 1.15 12.78 35.28
C GLU A 1162 0.00 13.74 34.96
N ILE A 1163 -0.27 14.68 35.87
CA ILE A 1163 -1.31 15.71 35.64
C ILE A 1163 -1.03 16.56 34.41
N GLN A 1164 -1.42 16.05 33.26
CA GLN A 1164 -1.30 16.78 32.02
C GLN A 1164 -2.64 17.38 31.68
N SER A 1165 -2.64 18.54 31.06
CA SER A 1165 -3.86 19.20 30.65
C SER A 1165 -3.58 19.89 29.33
N CYS A 1166 -4.60 20.17 28.55
CA CYS A 1166 -4.36 20.77 27.25
C CYS A 1166 -5.57 21.41 26.60
N LEU A 1167 -5.30 22.29 25.65
CA LEU A 1167 -6.33 23.00 24.93
C LEU A 1167 -6.44 22.51 23.52
N THR A 1168 -7.62 22.09 23.11
CA THR A 1168 -7.80 21.64 21.76
C THR A 1168 -8.72 22.56 20.99
N VAL A 1169 -8.33 22.95 19.80
CA VAL A 1169 -9.15 23.85 19.01
C VAL A 1169 -9.78 23.17 17.82
N TRP A 1170 -11.11 23.13 17.78
CA TRP A 1170 -11.82 22.46 16.70
C TRP A 1170 -12.56 23.40 15.78
N ASP A 1171 -12.58 23.06 14.50
CA ASP A 1171 -13.34 23.84 13.55
C ASP A 1171 -14.81 23.70 13.85
N ILE A 1172 -15.48 24.81 14.15
CA ILE A 1172 -16.90 24.83 14.49
C ILE A 1172 -17.83 24.06 13.54
N ASN A 1173 -17.39 23.76 12.32
CA ASN A 1173 -18.25 23.09 11.35
C ASN A 1173 -18.12 21.59 11.39
N LEU A 1174 -17.46 21.05 12.43
CA LEU A 1174 -17.30 19.62 12.58
C LEU A 1174 -18.55 18.78 12.30
N PRO A 1175 -19.73 19.07 12.85
CA PRO A 1175 -20.98 18.36 12.63
C PRO A 1175 -21.30 18.21 11.15
N HIS A 1176 -20.99 19.24 10.37
CA HIS A 1176 -21.30 19.20 8.96
C HIS A 1176 -20.30 18.38 8.23
N GLU A 1177 -19.06 18.44 8.66
CA GLU A 1177 -18.02 17.68 8.01
C GLU A 1177 -18.23 16.21 8.23
N VAL A 1178 -18.70 15.84 9.42
CA VAL A 1178 -18.98 14.45 9.68
C VAL A 1178 -19.98 13.90 8.70
N GLN A 1179 -21.07 14.60 8.52
CA GLN A 1179 -22.08 14.11 7.61
C GLN A 1179 -21.66 14.18 6.15
N ASN A 1180 -21.01 15.27 5.75
CA ASN A 1180 -20.63 15.40 4.36
C ASN A 1180 -19.59 14.40 3.96
N LEU A 1181 -18.62 14.15 4.84
CA LEU A 1181 -17.60 13.19 4.55
C LEU A 1181 -18.20 11.83 4.37
N GLU A 1182 -19.11 11.46 5.27
CA GLU A 1182 -19.74 10.16 5.18
C GLU A 1182 -20.44 9.97 3.86
N LYS A 1183 -21.16 10.99 3.42
CA LYS A 1183 -21.86 10.92 2.15
C LYS A 1183 -20.88 10.72 1.01
N HIS A 1184 -19.83 11.53 0.99
CA HIS A 1184 -18.81 11.48 -0.05
C HIS A 1184 -18.26 10.09 -0.22
N ILE A 1185 -17.89 9.48 0.88
CA ILE A 1185 -17.32 8.17 0.85
C ILE A 1185 -18.30 7.14 0.34
N GLU A 1186 -19.54 7.21 0.77
CA GLU A 1186 -20.50 6.22 0.34
C GLU A 1186 -20.80 6.29 -1.13
N VAL A 1187 -20.89 7.49 -1.68
CA VAL A 1187 -21.14 7.62 -3.10
C VAL A 1187 -20.07 6.97 -3.91
N ARG A 1188 -18.82 7.21 -3.54
CA ARG A 1188 -17.71 6.64 -4.27
C ARG A 1188 -17.64 5.14 -4.09
N LYS A 1189 -18.05 4.66 -2.93
CA LYS A 1189 -18.09 3.23 -2.70
C LYS A 1189 -19.01 2.56 -3.69
N GLU A 1190 -20.18 3.16 -3.91
CA GLU A 1190 -21.12 2.60 -4.86
C GLU A 1190 -20.58 2.63 -6.27
N LEU A 1191 -19.88 3.70 -6.63
CA LEU A 1191 -19.30 3.79 -7.95
C LEU A 1191 -18.26 2.74 -8.17
N ALA A 1192 -17.50 2.40 -7.13
CA ALA A 1192 -16.50 1.38 -7.26
C ALA A 1192 -17.13 0.06 -7.61
N GLU A 1193 -18.26 -0.25 -6.99
CA GLU A 1193 -18.95 -1.48 -7.29
C GLU A 1193 -19.58 -1.46 -8.66
N LYS A 1194 -20.09 -0.30 -9.05
CA LYS A 1194 -20.66 -0.12 -10.36
C LYS A 1194 -19.67 -0.46 -11.45
N MET A 1195 -18.47 0.10 -11.34
CA MET A 1195 -17.40 -0.12 -12.30
C MET A 1195 -16.95 -1.56 -12.33
N ARG A 1196 -16.62 -2.10 -11.16
CA ARG A 1196 -16.12 -3.46 -11.07
C ARG A 1196 -17.12 -4.47 -11.60
N ARG A 1197 -18.40 -4.18 -11.41
CA ARG A 1197 -19.46 -5.08 -11.83
C ARG A 1197 -19.68 -5.10 -13.33
N THR A 1198 -19.54 -3.95 -13.99
CA THR A 1198 -19.74 -3.87 -15.43
C THR A 1198 -18.76 -4.80 -16.15
N SER A 1199 -17.47 -4.52 -15.98
CA SER A 1199 -16.41 -5.32 -16.59
C SER A 1199 -16.66 -5.59 -18.07
N VAL A 4 39.52 -8.94 2.32
CA VAL A 4 40.52 -10.01 2.27
C VAL A 4 40.33 -10.93 1.07
N PRO A 5 41.42 -11.50 0.53
CA PRO A 5 41.53 -12.31 -0.67
C PRO A 5 40.86 -13.67 -0.56
N TYR A 6 39.55 -13.66 -0.78
CA TYR A 6 38.69 -14.84 -0.77
C TYR A 6 39.12 -15.82 -1.86
N ASN A 7 39.39 -17.08 -1.50
CA ASN A 7 39.87 -18.09 -2.45
C ASN A 7 38.90 -19.25 -2.70
N ARG A 8 37.60 -19.01 -2.54
CA ARG A 8 36.60 -20.05 -2.76
C ARG A 8 35.79 -19.79 -4.02
N MET A 9 35.52 -20.86 -4.76
CA MET A 9 34.79 -20.81 -6.03
C MET A 9 33.89 -22.03 -6.16
N LYS A 10 32.74 -21.89 -6.79
CA LYS A 10 31.83 -23.02 -6.88
C LYS A 10 32.07 -23.85 -8.14
N LEU A 11 31.84 -25.15 -8.01
CA LEU A 11 31.95 -26.04 -9.17
C LEU A 11 30.60 -26.64 -9.44
N MET A 12 30.04 -26.33 -10.59
CA MET A 12 28.74 -26.84 -10.92
C MET A 12 28.88 -27.99 -11.88
N ILE A 13 28.43 -29.17 -11.48
CA ILE A 13 28.53 -30.32 -12.36
C ILE A 13 27.16 -30.67 -12.87
N VAL A 14 27.01 -30.65 -14.19
CA VAL A 14 25.73 -30.88 -14.82
C VAL A 14 25.80 -31.93 -15.92
N GLY A 15 24.63 -32.42 -16.29
CA GLY A 15 24.53 -33.43 -17.33
C GLY A 15 23.24 -34.19 -17.16
N ASN A 16 22.94 -35.09 -18.08
CA ASN A 16 21.72 -35.87 -17.98
C ASN A 16 21.88 -37.12 -17.16
N TPO A 17 20.74 -37.60 -16.69
CA TPO A 17 20.66 -38.80 -15.89
CB TPO A 17 19.19 -39.10 -15.53
CG2 TPO A 17 19.09 -40.34 -14.66
OG1 TPO A 17 18.63 -37.98 -14.83
P TPO A 17 17.03 -37.72 -14.82
O1P TPO A 17 16.32 -39.10 -14.71
O2P TPO A 17 16.73 -36.84 -13.59
O3P TPO A 17 16.65 -36.99 -16.14
C TPO A 17 21.29 -39.97 -16.62
O TPO A 17 20.90 -40.30 -17.74
N GLY A 18 22.26 -40.61 -15.98
CA GLY A 18 22.94 -41.77 -16.55
C GLY A 18 24.40 -41.52 -16.91
N SER A 19 24.84 -40.26 -16.87
CA SER A 19 26.21 -39.93 -17.24
C SER A 19 27.30 -40.56 -16.36
N GLY A 20 27.00 -40.81 -15.08
CA GLY A 20 27.99 -41.38 -14.18
C GLY A 20 28.97 -40.32 -13.65
N LYS A 21 28.63 -39.05 -13.88
CA LYS A 21 29.45 -37.89 -13.53
C LYS A 21 29.82 -37.81 -12.05
N THR A 22 29.05 -38.44 -11.18
CA THR A 22 29.38 -38.46 -9.76
C THR A 22 30.66 -39.24 -9.51
N THR A 23 30.82 -40.34 -10.23
CA THR A 23 32.00 -41.17 -10.07
C THR A 23 33.18 -40.40 -10.56
N LEU A 24 32.99 -39.71 -11.69
CA LEU A 24 34.02 -38.85 -12.26
C LEU A 24 34.54 -37.89 -11.23
N LEU A 25 33.65 -37.22 -10.52
CA LEU A 25 34.03 -36.32 -9.44
C LEU A 25 34.90 -37.01 -8.41
N GLN A 26 34.48 -38.19 -7.96
CA GLN A 26 35.26 -38.93 -6.97
C GLN A 26 36.66 -39.25 -7.47
N GLN A 27 36.79 -39.55 -8.75
CA GLN A 27 38.11 -39.84 -9.28
C GLN A 27 38.95 -38.57 -9.39
N LEU A 28 38.33 -37.48 -9.80
CA LEU A 28 39.03 -36.21 -9.93
C LEU A 28 39.52 -35.69 -8.60
N MET A 29 38.73 -35.87 -7.55
CA MET A 29 39.09 -35.46 -6.21
C MET A 29 40.07 -36.43 -5.56
N GLY A 44 18.86 -34.78 -5.73
CA GLY A 44 19.28 -33.43 -6.05
C GLY A 44 20.78 -33.27 -6.24
N ILE A 45 21.37 -32.45 -5.38
CA ILE A 45 22.78 -32.10 -5.45
C ILE A 45 23.64 -32.64 -4.30
N ASP A 46 24.74 -33.30 -4.65
CA ASP A 46 25.71 -33.76 -3.67
C ASP A 46 26.75 -32.66 -3.48
N VAL A 47 26.69 -31.99 -2.32
CA VAL A 47 27.58 -30.85 -2.07
C VAL A 47 28.81 -31.17 -1.24
N LYS A 48 29.99 -30.76 -1.71
CA LYS A 48 31.21 -31.00 -0.95
C LYS A 48 32.41 -30.17 -1.40
N ASP A 49 33.21 -29.74 -0.43
CA ASP A 49 34.43 -29.00 -0.70
C ASP A 49 35.52 -29.81 -1.38
N TRP A 50 36.27 -29.14 -2.25
CA TRP A 50 37.42 -29.72 -2.92
C TRP A 50 38.62 -28.78 -2.96
N PRO A 51 39.42 -28.75 -1.91
CA PRO A 51 40.69 -28.05 -1.81
C PRO A 51 41.67 -28.57 -2.84
N ILE A 52 42.22 -27.66 -3.62
CA ILE A 52 43.21 -27.98 -4.62
C ILE A 52 44.47 -27.19 -4.35
N LEU A 62 43.10 -23.38 -3.38
CA LEU A 62 41.86 -23.20 -4.11
C LEU A 62 40.80 -24.10 -3.56
N VAL A 63 39.76 -23.55 -2.98
CA VAL A 63 38.74 -24.44 -2.47
C VAL A 63 37.50 -24.36 -3.32
N LEU A 64 37.17 -25.48 -3.93
CA LEU A 64 36.00 -25.47 -4.75
C LEU A 64 34.82 -25.99 -3.97
N ASN A 65 33.69 -25.32 -4.10
CA ASN A 65 32.48 -25.75 -3.46
C ASN A 65 31.74 -26.55 -4.50
N VAL A 66 31.85 -27.87 -4.47
CA VAL A 66 31.29 -28.66 -5.54
C VAL A 66 29.82 -28.93 -5.36
N TRP A 67 29.04 -28.59 -6.37
CA TRP A 67 27.61 -28.83 -6.42
C TRP A 67 27.29 -29.85 -7.50
N ASP A 68 27.29 -31.12 -7.13
CA ASP A 68 27.00 -32.17 -8.08
C ASP A 68 25.52 -32.35 -8.35
N PHE A 69 25.00 -31.67 -9.40
CA PHE A 69 23.59 -31.82 -9.81
C PHE A 69 23.38 -33.20 -10.37
N ALA A 70 23.30 -34.19 -9.52
CA ALA A 70 23.20 -35.55 -9.99
C ALA A 70 21.86 -35.83 -10.62
N GLY A 71 20.79 -35.49 -9.89
CA GLY A 71 19.45 -35.73 -10.39
C GLY A 71 18.81 -34.49 -10.96
N ARG A 72 17.49 -34.53 -11.14
CA ARG A 72 16.73 -33.43 -11.71
C ARG A 72 16.52 -32.30 -10.74
N GLU A 73 17.59 -31.67 -10.31
CA GLU A 73 17.47 -30.62 -9.34
C GLU A 73 17.08 -29.32 -9.99
N GLU A 74 15.79 -29.04 -9.89
CA GLU A 74 15.15 -27.85 -10.44
C GLU A 74 15.83 -26.53 -10.10
N PHE A 75 16.69 -26.48 -9.07
CA PHE A 75 17.50 -25.32 -8.69
C PHE A 75 18.06 -24.56 -9.89
N TYR A 76 18.51 -25.28 -10.92
CA TYR A 76 19.09 -24.62 -12.09
C TYR A 76 18.08 -23.80 -12.91
N SER A 77 16.80 -23.90 -12.57
CA SER A 77 15.76 -23.15 -13.23
C SER A 77 14.86 -22.43 -12.22
N THR A 78 15.01 -22.76 -10.92
CA THR A 78 14.17 -22.15 -9.87
C THR A 78 14.92 -21.21 -8.94
N HIS A 79 16.23 -21.37 -8.86
CA HIS A 79 17.05 -20.42 -8.11
C HIS A 79 18.50 -20.52 -8.51
N PRO A 80 18.82 -20.36 -9.80
CA PRO A 80 20.15 -20.38 -10.40
C PRO A 80 20.88 -19.08 -10.16
N ARG A 86 31.04 -16.66 -10.32
CA ARG A 86 31.95 -17.33 -9.40
C ARG A 86 31.78 -18.84 -9.41
N ALA A 87 31.64 -19.40 -10.60
CA ALA A 87 31.45 -20.82 -10.72
C ALA A 87 31.90 -21.33 -12.07
N LEU A 88 32.29 -22.60 -12.09
CA LEU A 88 32.72 -23.24 -13.33
C LEU A 88 31.82 -24.41 -13.63
N TYR A 89 31.45 -24.54 -14.89
CA TYR A 89 30.56 -25.62 -15.26
C TYR A 89 31.25 -26.78 -15.90
N LEU A 90 30.96 -27.95 -15.38
CA LEU A 90 31.48 -29.16 -15.92
C LEU A 90 30.33 -29.92 -16.53
N ALA A 91 30.31 -29.98 -17.85
CA ALA A 91 29.24 -30.65 -18.58
C ALA A 91 29.67 -32.06 -18.90
N VAL A 92 28.99 -33.04 -18.34
CA VAL A 92 29.39 -34.42 -18.57
C VAL A 92 28.33 -35.20 -19.31
N TYR A 93 28.76 -35.94 -20.32
CA TYR A 93 27.81 -36.76 -21.07
C TYR A 93 28.44 -38.08 -21.48
N ASP A 94 27.60 -39.07 -21.78
CA ASP A 94 28.08 -40.40 -22.15
C ASP A 94 28.34 -40.52 -23.64
N LEU A 95 29.63 -40.54 -24.00
CA LEU A 95 30.06 -40.63 -25.37
C LEU A 95 29.51 -41.84 -26.12
N SER A 96 29.32 -42.97 -25.44
CA SER A 96 28.84 -44.17 -26.11
C SER A 96 27.38 -44.04 -26.54
N LYS A 97 26.66 -43.08 -25.96
CA LYS A 97 25.30 -42.81 -26.40
C LYS A 97 25.39 -42.06 -27.72
N GLY A 98 26.29 -41.08 -27.77
CA GLY A 98 26.56 -40.40 -29.03
C GLY A 98 25.96 -39.01 -29.21
N GLN A 99 25.81 -38.64 -30.48
CA GLN A 99 25.35 -37.33 -30.92
C GLN A 99 23.99 -36.95 -30.37
N ALA A 100 23.13 -37.94 -30.17
CA ALA A 100 21.81 -37.68 -29.60
C ALA A 100 21.96 -37.04 -28.23
N GLU A 101 22.96 -37.48 -27.48
CA GLU A 101 23.20 -36.94 -26.16
C GLU A 101 23.74 -35.53 -26.26
N VAL A 102 24.59 -35.32 -27.26
CA VAL A 102 25.13 -33.99 -27.49
C VAL A 102 23.99 -33.01 -27.69
N ASP A 103 23.00 -33.40 -28.49
CA ASP A 103 21.83 -32.55 -28.70
C ASP A 103 21.02 -32.38 -27.42
N ALA A 104 20.92 -33.43 -26.63
CA ALA A 104 20.22 -33.35 -25.34
C ALA A 104 20.84 -32.31 -24.42
N MET A 105 22.15 -32.09 -24.54
CA MET A 105 22.82 -31.11 -23.71
C MET A 105 22.58 -29.65 -24.11
N LYS A 106 21.91 -29.40 -25.24
CA LYS A 106 21.68 -28.04 -25.67
C LYS A 106 20.83 -27.23 -24.69
N PRO A 107 19.76 -27.79 -24.11
CA PRO A 107 18.95 -27.15 -23.09
C PRO A 107 19.76 -26.80 -21.86
N TRP A 108 20.77 -27.61 -21.56
CA TRP A 108 21.62 -27.35 -20.40
C TRP A 108 22.51 -26.17 -20.71
N LEU A 109 23.06 -26.15 -21.91
CA LEU A 109 23.91 -25.07 -22.32
C LEU A 109 23.13 -23.78 -22.43
N PHE A 110 21.90 -23.87 -22.92
CA PHE A 110 21.03 -22.73 -23.02
C PHE A 110 20.81 -22.12 -21.67
N ASN A 111 20.41 -22.97 -20.72
CA ASN A 111 20.15 -22.52 -19.37
C ASN A 111 21.38 -21.88 -18.74
N ILE A 112 22.56 -22.47 -19.00
CA ILE A 112 23.78 -21.89 -18.46
C ILE A 112 24.01 -20.52 -19.02
N LYS A 113 23.92 -20.37 -20.33
CA LYS A 113 24.12 -19.07 -20.95
C LYS A 113 23.09 -18.08 -20.46
N ALA A 114 21.87 -18.56 -20.27
CA ALA A 114 20.75 -17.74 -19.83
C ALA A 114 20.93 -17.17 -18.43
N ARG A 115 21.90 -17.66 -17.66
CA ARG A 115 22.09 -17.13 -16.32
C ARG A 115 23.53 -16.68 -16.09
N ALA A 116 24.47 -17.25 -16.83
CA ALA A 116 25.86 -16.86 -16.73
C ALA A 116 26.58 -17.09 -18.03
N SER A 117 26.32 -16.24 -19.01
CA SER A 117 26.95 -16.40 -20.32
C SER A 117 28.47 -16.27 -20.31
N SER A 118 29.00 -15.56 -19.32
CA SER A 118 30.44 -15.38 -19.19
C SER A 118 31.15 -16.54 -18.50
N SER A 119 30.39 -17.41 -17.83
CA SER A 119 30.99 -18.50 -17.06
C SER A 119 31.62 -19.52 -17.99
N PRO A 120 32.67 -20.22 -17.53
CA PRO A 120 33.43 -21.21 -18.24
C PRO A 120 32.70 -22.52 -18.27
N VAL A 121 32.80 -23.22 -19.39
CA VAL A 121 32.20 -24.52 -19.55
C VAL A 121 33.20 -25.52 -20.09
N ILE A 122 33.36 -26.63 -19.39
CA ILE A 122 34.22 -27.69 -19.85
C ILE A 122 33.36 -28.88 -20.22
N LEU A 123 33.44 -29.30 -21.46
CA LEU A 123 32.62 -30.40 -21.94
C LEU A 123 33.38 -31.72 -21.91
N VAL A 124 32.90 -32.67 -21.14
CA VAL A 124 33.58 -33.95 -21.04
C VAL A 124 32.71 -35.14 -21.44
N GLY A 125 33.17 -35.87 -22.45
CA GLY A 125 32.50 -37.07 -22.89
C GLY A 125 33.10 -38.23 -22.13
N THR A 126 32.29 -39.22 -21.75
CA THR A 126 32.86 -40.33 -21.01
C THR A 126 32.46 -41.68 -21.54
N HIS A 127 32.99 -42.71 -20.89
CA HIS A 127 32.85 -44.10 -21.29
C HIS A 127 33.43 -44.35 -22.67
N LEU A 128 34.59 -43.75 -22.95
CA LEU A 128 35.29 -43.96 -24.21
C LEU A 128 35.81 -45.39 -24.31
N ASP A 129 35.98 -46.08 -23.19
CA ASP A 129 36.45 -47.46 -23.25
C ASP A 129 35.40 -48.45 -23.78
N VAL A 130 34.17 -47.98 -24.01
CA VAL A 130 33.14 -48.81 -24.60
C VAL A 130 32.50 -48.06 -25.75
N SER A 131 33.25 -47.11 -26.30
CA SER A 131 32.76 -46.30 -27.41
C SER A 131 33.78 -46.29 -28.52
N ASP A 132 33.37 -46.73 -29.70
CA ASP A 132 34.25 -46.74 -30.85
C ASP A 132 34.66 -45.33 -31.18
N GLU A 133 35.90 -45.14 -31.64
CA GLU A 133 36.36 -43.80 -32.01
C GLU A 133 35.47 -43.17 -33.08
N LYS A 134 34.73 -43.99 -33.83
CA LYS A 134 33.75 -43.50 -34.77
C LYS A 134 32.81 -42.54 -34.07
N GLN A 135 32.31 -42.95 -32.90
CA GLN A 135 31.42 -42.11 -32.11
C GLN A 135 32.17 -40.93 -31.57
N ARG A 136 33.40 -41.16 -31.12
CA ARG A 136 34.22 -40.08 -30.60
C ARG A 136 34.38 -38.96 -31.62
N LYS A 137 34.80 -39.31 -32.83
CA LYS A 137 34.99 -38.30 -33.86
C LYS A 137 33.66 -37.82 -34.42
N ALA A 138 32.60 -38.63 -34.32
CA ALA A 138 31.30 -38.19 -34.76
C ALA A 138 30.82 -37.08 -33.85
N CYS A 139 30.95 -37.29 -32.55
CA CYS A 139 30.57 -36.30 -31.57
C CYS A 139 31.51 -35.12 -31.62
N MET A 140 32.78 -35.37 -31.92
CA MET A 140 33.72 -34.29 -32.09
C MET A 140 33.25 -33.38 -33.18
N SER A 141 32.93 -33.95 -34.35
CA SER A 141 32.47 -33.12 -35.45
C SER A 141 31.12 -32.50 -35.13
N LYS A 142 30.29 -33.21 -34.36
CA LYS A 142 29.01 -32.70 -33.95
C LYS A 142 29.15 -31.40 -33.17
N ILE A 143 30.07 -31.38 -32.20
CA ILE A 143 30.24 -30.17 -31.42
C ILE A 143 31.02 -29.10 -32.17
N THR A 144 31.88 -29.48 -33.12
CA THR A 144 32.57 -28.44 -33.87
C THR A 144 31.61 -27.78 -34.84
N LYS A 145 30.59 -28.53 -35.27
CA LYS A 145 29.60 -28.00 -36.17
C LYS A 145 28.44 -27.31 -35.47
N GLU A 146 28.07 -27.77 -34.28
CA GLU A 146 26.87 -27.23 -33.66
C GLU A 146 27.00 -26.58 -32.30
N LEU A 147 28.14 -26.65 -31.62
CA LEU A 147 28.21 -26.03 -30.30
C LEU A 147 29.42 -25.13 -30.09
N LEU A 148 30.59 -25.61 -30.46
CA LEU A 148 31.84 -24.88 -30.24
C LEU A 148 31.90 -23.55 -30.96
N ASN A 149 31.20 -23.44 -32.08
CA ASN A 149 31.16 -22.21 -32.83
C ASN A 149 29.74 -21.73 -33.03
N LYS A 150 28.84 -22.16 -32.16
CA LYS A 150 27.44 -21.82 -32.31
C LYS A 150 26.94 -20.80 -31.31
N ARG A 151 26.47 -19.67 -31.81
CA ARG A 151 25.92 -18.64 -30.94
C ARG A 151 24.64 -19.16 -30.31
N GLY A 152 24.36 -18.65 -29.12
CA GLY A 152 23.21 -19.12 -28.37
C GLY A 152 23.68 -20.07 -27.27
N PHE A 153 24.89 -20.59 -27.40
CA PHE A 153 25.46 -21.44 -26.37
C PHE A 153 26.63 -20.68 -25.76
N PRO A 154 26.90 -20.87 -24.46
CA PRO A 154 27.87 -20.15 -23.63
C PRO A 154 29.35 -20.45 -23.91
N ALA A 155 29.74 -20.33 -25.17
CA ALA A 155 31.11 -20.49 -25.67
C ALA A 155 31.95 -21.52 -24.91
N ILE A 156 31.55 -22.80 -24.97
CA ILE A 156 32.35 -23.90 -24.40
C ILE A 156 33.84 -23.57 -24.44
N ARG A 157 34.46 -23.53 -23.28
CA ARG A 157 35.84 -23.10 -23.21
C ARG A 157 36.79 -24.20 -23.63
N ASP A 158 36.50 -25.43 -23.20
CA ASP A 158 37.36 -26.55 -23.57
C ASP A 158 36.60 -27.86 -23.47
N TYR A 159 37.23 -28.95 -23.90
CA TYR A 159 36.58 -30.25 -23.81
C TYR A 159 37.56 -31.42 -23.78
N HIS A 160 37.08 -32.55 -23.27
CA HIS A 160 37.87 -33.78 -23.16
C HIS A 160 37.04 -35.05 -23.37
N PHE A 161 37.73 -36.15 -23.60
CA PHE A 161 37.09 -37.46 -23.68
C PHE A 161 37.79 -38.38 -22.70
N VAL A 162 37.02 -39.15 -21.94
CA VAL A 162 37.60 -40.03 -20.92
C VAL A 162 37.17 -41.48 -21.09
N ASN A 163 38.14 -42.38 -21.03
CA ASN A 163 37.90 -43.82 -21.15
C ASN A 163 37.06 -44.35 -20.03
N ALA A 164 37.47 -44.09 -18.80
CA ALA A 164 36.76 -44.59 -17.65
C ALA A 164 37.15 -43.84 -16.40
N THR A 165 36.24 -43.85 -15.43
CA THR A 165 36.42 -43.18 -14.16
C THR A 165 37.44 -43.86 -13.25
N GLU A 166 37.99 -45.00 -13.66
CA GLU A 166 39.07 -45.66 -12.93
C GLU A 166 40.35 -44.81 -12.81
N GLU A 167 40.52 -43.87 -13.75
CA GLU A 167 41.64 -42.91 -13.86
C GLU A 167 42.12 -42.88 -15.31
N SER A 168 42.87 -41.85 -15.69
CA SER A 168 43.36 -41.73 -17.06
C SER A 168 44.28 -40.55 -17.24
N ASP A 169 45.07 -40.60 -18.30
CA ASP A 169 45.91 -39.48 -18.67
C ASP A 169 45.02 -38.32 -19.07
N ALA A 170 43.85 -38.65 -19.63
CA ALA A 170 42.85 -37.68 -20.00
C ALA A 170 42.36 -36.94 -18.78
N LEU A 171 42.20 -37.67 -17.68
CA LEU A 171 41.76 -37.06 -16.43
C LEU A 171 42.84 -36.22 -15.82
N ALA A 172 44.10 -36.61 -15.99
CA ALA A 172 45.19 -35.78 -15.50
C ALA A 172 45.15 -34.45 -16.23
N LYS A 173 44.92 -34.52 -17.55
CA LYS A 173 44.81 -33.33 -18.37
C LYS A 173 43.59 -32.52 -17.99
N LEU A 174 42.48 -33.20 -17.71
CA LEU A 174 41.25 -32.56 -17.29
C LEU A 174 41.46 -31.80 -16.01
N ARG A 175 42.12 -32.41 -15.03
CA ARG A 175 42.41 -31.74 -13.78
C ARG A 175 43.21 -30.48 -14.04
N LYS A 176 44.21 -30.57 -14.92
CA LYS A 176 45.02 -29.42 -15.27
C LYS A 176 44.17 -28.36 -15.95
N THR A 177 43.26 -28.80 -16.81
CA THR A 177 42.36 -27.92 -17.52
C THR A 177 41.43 -27.20 -16.58
N ILE A 178 40.84 -27.93 -15.64
CA ILE A 178 39.92 -27.34 -14.69
C ILE A 178 40.60 -26.29 -13.87
N ILE A 179 41.79 -26.60 -13.39
CA ILE A 179 42.53 -25.65 -12.59
C ILE A 179 42.88 -24.41 -13.38
N ASN A 180 43.53 -24.60 -14.51
CA ASN A 180 43.98 -23.48 -15.30
C ASN A 180 42.84 -22.68 -15.84
N GLU A 181 41.76 -23.35 -16.24
CA GLU A 181 40.65 -22.65 -16.81
C GLU A 181 39.88 -21.89 -15.76
N SER A 182 39.79 -22.41 -14.55
CA SER A 182 39.10 -21.66 -13.51
C SER A 182 39.89 -20.41 -13.16
N LEU A 183 41.22 -20.49 -13.30
CA LEU A 183 42.06 -19.34 -13.07
C LEU A 183 41.84 -18.34 -14.20
N ASN A 184 41.72 -18.85 -15.43
CA ASN A 184 41.48 -18.04 -16.61
C ASN A 184 40.14 -17.34 -16.51
N PHE A 185 39.14 -18.05 -16.01
CA PHE A 185 37.83 -17.49 -15.81
C PHE A 185 37.86 -16.32 -14.89
N LYS A 186 38.53 -16.47 -13.77
CA LYS A 186 38.59 -15.35 -12.87
C LYS A 186 39.36 -14.21 -13.49
N ILE A 187 40.33 -14.52 -14.35
CA ILE A 187 40.98 -13.46 -15.10
C ILE A 187 39.96 -12.75 -15.99
N ARG A 188 39.08 -13.53 -16.63
CA ARG A 188 38.02 -12.98 -17.45
C ARG A 188 37.10 -12.09 -16.62
N ASP A 189 36.82 -12.50 -15.38
CA ASP A 189 36.04 -11.66 -14.50
C ASP A 189 36.76 -10.37 -14.22
N GLN A 190 38.06 -10.41 -14.03
CA GLN A 190 38.81 -9.18 -13.84
C GLN A 190 38.71 -8.25 -15.04
N LEU A 191 38.67 -8.84 -16.22
CA LEU A 191 38.54 -8.08 -17.44
C LEU A 191 37.15 -7.41 -17.56
N VAL A 192 36.11 -8.07 -17.04
CA VAL A 192 34.75 -7.51 -17.12
C VAL A 192 34.20 -7.01 -15.79
N VAL A 193 34.16 -7.89 -14.81
CA VAL A 193 33.65 -7.62 -13.48
C VAL A 193 34.61 -6.75 -12.67
N GLY A 194 35.91 -7.09 -12.73
CA GLY A 194 36.93 -6.42 -11.96
C GLY A 194 37.41 -7.26 -10.77
N GLN A 195 37.17 -8.57 -10.83
CA GLN A 195 37.57 -9.45 -9.74
C GLN A 195 38.33 -10.72 -10.20
N LEU A 196 39.27 -11.17 -9.37
CA LEU A 196 40.08 -12.39 -9.59
C LEU A 196 39.81 -13.48 -8.55
N ILE A 197 40.51 -14.62 -8.67
CA ILE A 197 40.37 -15.70 -7.70
C ILE A 197 40.93 -15.36 -6.31
N PRO A 198 41.70 -14.26 -6.14
CA PRO A 198 41.99 -13.78 -4.80
C PRO A 198 41.35 -12.41 -4.62
N ASP A 199 40.14 -12.23 -5.13
CA ASP A 199 39.50 -10.95 -4.98
C ASP A 199 39.21 -10.70 -3.53
N CYS A 200 39.40 -9.46 -3.13
CA CYS A 200 39.19 -9.12 -1.77
C CYS A 200 37.75 -8.73 -1.47
N TYR A 201 37.19 -9.35 -0.44
CA TYR A 201 35.82 -9.09 0.02
C TYR A 201 35.88 -8.69 1.46
N VAL A 202 34.92 -7.91 1.91
CA VAL A 202 34.97 -7.45 3.29
C VAL A 202 35.07 -8.63 4.23
N GLU A 203 36.12 -8.61 5.05
CA GLU A 203 36.45 -9.67 6.00
C GLU A 203 35.35 -10.03 6.97
N LEU A 204 34.44 -9.10 7.17
CA LEU A 204 33.36 -9.28 8.09
C LEU A 204 32.34 -10.24 7.52
N GLU A 205 32.25 -10.28 6.18
CA GLU A 205 31.37 -11.20 5.50
C GLU A 205 31.97 -12.59 5.61
N LYS A 206 33.30 -12.64 5.51
CA LYS A 206 34.03 -13.89 5.68
C LYS A 206 33.78 -14.45 7.09
N ILE A 207 33.81 -13.57 8.08
CA ILE A 207 33.54 -13.98 9.44
C ILE A 207 32.14 -14.56 9.57
N ILE A 208 31.16 -13.89 8.97
CA ILE A 208 29.79 -14.39 9.02
C ILE A 208 29.69 -15.79 8.46
N LEU A 209 30.39 -16.04 7.35
CA LEU A 209 30.41 -17.38 6.77
C LEU A 209 30.79 -18.40 7.84
N SER A 210 31.87 -18.12 8.56
CA SER A 210 32.33 -19.01 9.62
C SER A 210 31.29 -19.13 10.74
N GLU A 211 30.62 -18.02 11.05
CA GLU A 211 29.62 -18.05 12.10
C GLU A 211 28.42 -18.90 11.68
N ARG A 212 28.08 -18.87 10.40
CA ARG A 212 26.99 -19.67 9.90
C ARG A 212 27.39 -21.12 9.75
N LYS A 213 28.67 -21.36 9.51
CA LYS A 213 29.18 -22.71 9.47
C LYS A 213 28.92 -23.37 10.82
N ASN A 214 29.21 -22.65 11.90
CA ASN A 214 29.03 -23.17 13.25
C ASN A 214 27.60 -23.07 13.77
N VAL A 215 26.68 -23.80 13.14
CA VAL A 215 25.28 -23.79 13.55
C VAL A 215 24.68 -25.19 13.72
N PRO A 216 24.30 -25.53 14.96
CA PRO A 216 23.63 -26.80 15.28
C PRO A 216 22.14 -26.59 15.61
N ILE A 217 21.27 -26.73 14.62
CA ILE A 217 19.82 -26.58 14.83
C ILE A 217 19.03 -27.76 14.25
N GLU A 218 18.11 -28.33 15.04
CA GLU A 218 17.27 -29.47 14.62
C GLU A 218 16.46 -29.18 13.36
N PHE A 219 15.77 -28.04 13.35
CA PHE A 219 15.01 -27.52 12.21
C PHE A 219 15.66 -26.20 11.78
N PRO A 220 16.77 -26.29 11.04
CA PRO A 220 17.70 -25.22 10.65
C PRO A 220 17.12 -24.05 9.86
N VAL A 221 16.17 -23.36 10.48
CA VAL A 221 15.54 -22.17 9.94
C VAL A 221 15.99 -21.03 10.84
N ILE A 222 16.64 -20.02 10.28
CA ILE A 222 17.26 -18.99 11.10
C ILE A 222 16.67 -17.60 11.05
N ASP A 223 16.48 -17.08 12.26
CA ASP A 223 15.98 -15.75 12.57
C ASP A 223 16.90 -15.10 13.60
N ARG A 224 17.48 -15.95 14.47
CA ARG A 224 18.44 -15.57 15.52
C ARG A 224 19.70 -14.86 15.00
N LYS A 225 19.90 -14.79 13.68
CA LYS A 225 21.01 -14.08 13.06
C LYS A 225 21.24 -12.68 13.63
N ARG A 226 20.18 -12.04 14.13
CA ARG A 226 20.30 -10.74 14.74
C ARG A 226 21.12 -10.85 16.01
N LEU A 227 20.85 -11.91 16.77
CA LEU A 227 21.58 -12.21 17.98
C LEU A 227 22.99 -12.58 17.62
N LEU A 228 23.13 -13.41 16.60
CA LEU A 228 24.45 -13.87 16.19
C LEU A 228 25.33 -12.70 15.79
N GLN A 229 24.72 -11.67 15.18
CA GLN A 229 25.42 -10.44 14.88
C GLN A 229 25.94 -9.83 16.17
N LEU A 230 25.08 -9.82 17.19
CA LEU A 230 25.41 -9.31 18.51
C LEU A 230 26.40 -10.22 19.28
N VAL A 231 26.42 -11.52 18.95
CA VAL A 231 27.37 -12.42 19.57
C VAL A 231 28.76 -12.07 19.10
N ARG A 232 28.92 -11.95 17.78
CA ARG A 232 30.20 -11.52 17.23
C ARG A 232 30.36 -10.01 17.28
N GLU A 233 30.33 -9.45 18.49
CA GLU A 233 30.42 -8.01 18.68
C GLU A 233 29.27 -7.35 17.93
N ASN A 234 29.58 -6.69 16.82
CA ASN A 234 28.57 -6.12 15.94
C ASN A 234 29.25 -5.65 14.68
N GLN A 235 29.41 -6.56 13.73
CA GLN A 235 30.09 -6.23 12.50
C GLN A 235 29.07 -5.94 11.41
N LEU A 236 29.49 -5.19 10.40
CA LEU A 236 28.58 -4.82 9.31
C LEU A 236 27.32 -4.19 9.88
N GLN A 237 27.55 -3.23 10.77
CA GLN A 237 26.52 -2.54 11.53
C GLN A 237 25.51 -1.76 10.71
N LEU A 238 25.77 -1.53 9.43
CA LEU A 238 24.78 -0.84 8.63
C LEU A 238 23.76 -1.86 8.19
N ASP A 239 22.81 -2.11 9.07
CA ASP A 239 21.75 -3.06 8.86
C ASP A 239 20.95 -2.74 7.60
N GLU A 240 20.85 -1.45 7.30
CA GLU A 240 20.16 -0.97 6.11
C GLU A 240 20.95 -1.16 4.80
N ASN A 241 22.24 -1.49 4.87
CA ASN A 241 23.00 -1.66 3.64
C ASN A 241 24.01 -2.79 3.69
N GLU A 242 24.86 -2.81 4.71
CA GLU A 242 25.89 -3.83 4.82
C GLU A 242 25.30 -5.20 5.06
N LEU A 243 24.27 -5.26 5.90
CA LEU A 243 23.61 -6.52 6.14
C LEU A 243 23.02 -7.11 4.85
N PRO A 244 22.29 -6.34 4.04
CA PRO A 244 21.77 -6.76 2.74
C PRO A 244 22.87 -7.22 1.81
N HIS A 245 24.05 -6.60 1.87
CA HIS A 245 25.14 -7.06 1.04
C HIS A 245 25.68 -8.37 1.54
N ALA A 246 25.73 -8.53 2.85
CA ALA A 246 26.18 -9.78 3.41
C ALA A 246 25.25 -10.90 3.01
N VAL A 247 23.94 -10.66 3.08
CA VAL A 247 22.96 -11.67 2.71
C VAL A 247 23.09 -12.05 1.25
N HIS A 248 23.26 -11.04 0.39
CA HIS A 248 23.48 -11.28 -1.02
C HIS A 248 24.66 -12.22 -1.22
N PHE A 249 25.76 -11.90 -0.55
CA PHE A 249 26.97 -12.70 -0.58
C PHE A 249 26.71 -14.11 -0.06
N LEU A 250 25.97 -14.23 1.03
CA LEU A 250 25.69 -15.53 1.63
C LEU A 250 24.94 -16.49 0.71
N ASN A 251 24.01 -16.00 -0.11
CA ASN A 251 23.45 -16.92 -1.11
C ASN A 251 24.49 -17.14 -2.19
N GLU A 252 25.06 -16.06 -2.70
CA GLU A 252 26.05 -16.14 -3.75
C GLU A 252 27.21 -17.09 -3.49
N SER A 253 27.70 -17.10 -2.26
CA SER A 253 28.81 -17.92 -1.85
C SER A 253 28.42 -19.34 -1.44
N GLY A 254 27.14 -19.65 -1.41
CA GLY A 254 26.70 -20.98 -1.06
C GLY A 254 26.78 -21.24 0.43
N VAL A 255 26.35 -20.28 1.23
CA VAL A 255 26.39 -20.44 2.68
C VAL A 255 25.00 -20.66 3.26
N LEU A 256 24.06 -19.78 2.94
CA LEU A 256 22.70 -19.96 3.41
C LEU A 256 21.69 -19.44 2.42
N LEU A 257 20.42 -19.69 2.69
CA LEU A 257 19.37 -19.34 1.75
C LEU A 257 18.30 -18.37 2.19
N HIS A 258 18.35 -17.14 1.68
CA HIS A 258 17.16 -16.29 1.75
C HIS A 258 16.20 -16.72 0.68
N PHE A 259 14.92 -16.38 0.83
CA PHE A 259 13.95 -16.69 -0.20
C PHE A 259 13.17 -15.45 -0.60
N GLN A 260 13.88 -14.48 -1.12
CA GLN A 260 13.28 -13.21 -1.51
C GLN A 260 12.85 -13.14 -2.97
N ALA A 263 7.20 -12.88 -3.37
CA ALA A 263 6.66 -12.38 -2.11
C ALA A 263 6.22 -13.52 -1.19
N LEU A 264 7.21 -14.19 -0.60
CA LEU A 264 6.97 -15.31 0.31
C LEU A 264 6.99 -14.81 1.73
N GLN A 265 6.33 -15.52 2.64
CA GLN A 265 6.39 -15.07 4.02
C GLN A 265 7.66 -15.66 4.61
N LEU A 266 7.95 -16.90 4.23
CA LEU A 266 9.20 -17.52 4.67
C LEU A 266 10.31 -17.06 3.76
N SER A 267 10.78 -15.84 3.99
CA SER A 267 11.75 -15.21 3.12
C SER A 267 12.92 -14.53 3.81
N ASP A 268 12.62 -13.40 4.47
CA ASP A 268 13.60 -12.55 5.12
C ASP A 268 14.10 -13.02 6.48
N LEU A 269 13.19 -13.55 7.28
CA LEU A 269 13.51 -13.93 8.65
C LEU A 269 13.65 -15.42 8.83
N TYR A 270 13.86 -16.13 7.74
CA TYR A 270 13.89 -17.57 7.76
C TYR A 270 14.97 -18.14 6.87
N PHE A 271 16.23 -17.99 7.26
CA PHE A 271 17.30 -18.51 6.43
C PHE A 271 17.42 -20.01 6.63
N VAL A 272 17.49 -20.75 5.54
CA VAL A 272 17.44 -22.21 5.67
C VAL A 272 18.64 -22.98 5.12
N GLU A 273 19.10 -23.95 5.91
CA GLU A 273 20.18 -24.86 5.51
C GLU A 273 19.86 -25.56 4.19
N PRO A 274 20.66 -25.37 3.13
CA PRO A 274 20.54 -25.92 1.78
C PRO A 274 20.32 -27.42 1.78
N LYS A 275 20.96 -28.12 2.70
CA LYS A 275 20.80 -29.56 2.78
C LYS A 275 19.37 -29.96 3.04
N TRP A 276 18.67 -29.21 3.88
CA TRP A 276 17.29 -29.54 4.15
C TRP A 276 16.38 -29.13 3.06
N LEU A 277 16.58 -27.94 2.53
CA LEU A 277 15.72 -27.48 1.48
C LEU A 277 15.67 -28.49 0.36
N CYS A 278 16.85 -28.87 -0.09
CA CYS A 278 16.99 -29.81 -1.18
C CYS A 278 16.49 -31.18 -0.84
N LYS A 279 16.97 -31.73 0.26
CA LYS A 279 16.64 -33.09 0.64
C LYS A 279 15.15 -33.31 0.85
N ILE A 280 14.54 -32.49 1.69
CA ILE A 280 13.15 -32.70 2.00
C ILE A 280 12.23 -32.52 0.83
N MET A 281 12.40 -31.45 0.06
CA MET A 281 11.49 -31.24 -1.04
C MET A 281 11.64 -32.31 -2.10
N ALA A 282 12.88 -32.69 -2.39
CA ALA A 282 13.12 -33.72 -3.37
C ALA A 282 12.54 -35.06 -2.92
N GLN A 283 12.70 -35.38 -1.64
CA GLN A 283 12.18 -36.64 -1.18
C GLN A 283 10.67 -36.66 -1.21
N ILE A 284 10.02 -35.58 -0.75
CA ILE A 284 8.57 -35.52 -0.77
C ILE A 284 8.01 -35.72 -2.15
N LEU A 285 8.67 -35.18 -3.16
CA LEU A 285 8.28 -35.44 -4.53
C LEU A 285 8.19 -36.93 -4.79
N THR A 286 9.20 -37.68 -4.36
CA THR A 286 9.22 -39.12 -4.59
C THR A 286 8.43 -39.94 -3.57
N VAL A 287 8.10 -39.35 -2.41
CA VAL A 287 7.32 -40.12 -1.45
C VAL A 287 5.99 -40.51 -2.03
N GLY A 298 -1.26 -38.54 -11.25
CA GLY A 298 -0.32 -38.07 -10.25
C GLY A 298 -0.91 -36.99 -9.35
N ILE A 299 -2.23 -36.86 -9.33
CA ILE A 299 -2.84 -35.84 -8.48
C ILE A 299 -2.93 -36.32 -7.06
N ILE A 300 -2.39 -35.53 -6.14
CA ILE A 300 -2.38 -35.92 -4.74
C ILE A 300 -3.01 -34.87 -3.85
N SER A 301 -3.90 -35.28 -2.97
CA SER A 301 -4.52 -34.33 -2.07
C SER A 301 -3.52 -33.73 -1.10
N ARG A 302 -3.66 -32.44 -0.93
CA ARG A 302 -2.86 -31.65 -0.01
C ARG A 302 -2.81 -32.26 1.36
N ARG A 303 -3.97 -32.75 1.82
CA ARG A 303 -4.10 -33.21 3.17
C ARG A 303 -3.31 -34.46 3.42
N ASP A 304 -3.27 -35.34 2.45
CA ASP A 304 -2.52 -36.55 2.61
C ASP A 304 -1.04 -36.24 2.61
N VAL A 305 -0.66 -35.20 1.85
CA VAL A 305 0.73 -34.75 1.88
C VAL A 305 1.05 -34.21 3.25
N GLU A 306 0.13 -33.43 3.83
CA GLU A 306 0.30 -32.87 5.16
C GLU A 306 0.45 -33.95 6.20
N LYS A 307 -0.32 -35.02 6.06
CA LYS A 307 -0.26 -36.14 6.98
C LYS A 307 1.11 -36.76 6.98
N PHE A 308 1.61 -37.09 5.79
CA PHE A 308 2.94 -37.68 5.71
C PHE A 308 4.00 -36.74 6.25
N LEU A 309 3.99 -35.49 5.79
CA LEU A 309 4.98 -34.49 6.19
C LEU A 309 5.05 -34.33 7.70
N SER A 310 3.90 -34.32 8.36
CA SER A 310 3.86 -34.15 9.80
C SER A 310 4.55 -35.28 10.56
N LYS A 311 4.69 -36.44 9.92
CA LYS A 311 5.35 -37.57 10.53
C LYS A 311 6.83 -37.55 10.18
N LYS A 312 7.12 -37.07 8.96
CA LYS A 312 8.48 -37.00 8.46
C LYS A 312 9.28 -35.93 9.19
N ARG A 313 8.79 -34.70 9.16
CA ARG A 313 9.40 -33.59 9.87
C ARG A 313 8.33 -32.68 10.42
N LYS A 314 8.26 -32.63 11.75
CA LYS A 314 7.27 -31.87 12.47
C LYS A 314 7.39 -30.36 12.31
N PHE A 315 7.03 -29.85 11.15
CA PHE A 315 7.07 -28.44 10.88
C PHE A 315 5.84 -27.76 11.47
N PRO A 316 5.97 -26.52 11.92
CA PRO A 316 4.90 -25.67 12.36
C PRO A 316 3.96 -25.53 11.20
N LYS A 317 2.66 -25.47 11.48
CA LYS A 317 1.70 -25.37 10.38
C LYS A 317 1.89 -24.10 9.57
N ASN A 318 2.41 -23.07 10.19
CA ASN A 318 2.71 -21.84 9.49
C ASN A 318 3.79 -22.11 8.46
N TYR A 319 4.79 -22.89 8.87
CA TYR A 319 5.86 -23.26 7.97
C TYR A 319 5.35 -24.19 6.91
N MET A 320 4.38 -25.03 7.26
CA MET A 320 3.79 -25.95 6.30
C MET A 320 3.08 -25.19 5.19
N SER A 321 2.40 -24.09 5.52
CA SER A 321 1.74 -23.32 4.46
C SER A 321 2.78 -22.74 3.52
N GLN A 322 3.94 -22.39 4.07
CA GLN A 322 5.01 -21.85 3.28
C GLN A 322 5.68 -22.95 2.52
N TYR A 323 5.72 -24.13 3.11
CA TYR A 323 6.29 -25.30 2.49
C TYR A 323 5.58 -25.54 1.17
N PHE A 324 4.26 -25.53 1.21
CA PHE A 324 3.49 -25.73 0.00
C PHE A 324 3.74 -24.62 -0.99
N LYS A 325 3.91 -23.39 -0.50
CA LYS A 325 4.18 -22.30 -1.40
C LYS A 325 5.54 -22.49 -2.07
N LEU A 326 6.51 -23.01 -1.33
CA LEU A 326 7.83 -23.29 -1.87
C LEU A 326 7.74 -24.41 -2.89
N LEU A 327 6.86 -25.38 -2.70
CA LEU A 327 6.73 -26.44 -3.68
C LEU A 327 6.31 -25.86 -5.02
N GLU A 328 5.44 -24.85 -4.98
CA GLU A 328 5.08 -24.17 -6.21
C GLU A 328 6.26 -23.41 -6.78
N LYS A 329 6.90 -22.62 -5.92
CA LYS A 329 8.04 -21.79 -6.30
C LYS A 329 9.12 -22.59 -6.99
N PHE A 330 9.43 -23.75 -6.43
CA PHE A 330 10.46 -24.62 -6.95
C PHE A 330 9.96 -25.66 -7.94
N GLN A 331 8.74 -25.49 -8.44
CA GLN A 331 8.18 -26.37 -9.46
C GLN A 331 8.14 -27.84 -9.07
N ILE A 332 7.89 -28.11 -7.80
CA ILE A 332 7.79 -29.47 -7.33
C ILE A 332 6.37 -29.93 -7.45
N ALA A 333 5.46 -29.07 -7.03
CA ALA A 333 4.04 -29.39 -7.12
C ALA A 333 3.24 -28.14 -7.31
N LEU A 334 2.22 -28.21 -8.14
CA LEU A 334 1.41 -27.04 -8.41
C LEU A 334 0.04 -27.19 -7.78
N PRO A 335 -0.52 -26.14 -7.23
CA PRO A 335 -1.86 -26.11 -6.68
C PRO A 335 -2.90 -26.33 -7.76
N ILE A 336 -3.85 -27.24 -7.52
CA ILE A 336 -4.97 -27.44 -8.43
C ILE A 336 -6.15 -26.78 -7.77
N GLY A 337 -6.90 -27.55 -6.99
CA GLY A 337 -7.96 -26.99 -6.20
C GLY A 337 -7.29 -26.65 -4.89
N GLU A 338 -8.00 -26.07 -3.95
CA GLU A 338 -7.33 -25.73 -2.70
C GLU A 338 -6.90 -26.99 -1.93
N GLU A 339 -7.50 -28.13 -2.23
CA GLU A 339 -7.16 -29.37 -1.56
C GLU A 339 -6.25 -30.28 -2.37
N TYR A 340 -5.74 -29.84 -3.53
CA TYR A 340 -4.95 -30.77 -4.36
C TYR A 340 -3.67 -30.22 -4.98
N LEU A 341 -2.74 -31.13 -5.24
CA LEU A 341 -1.50 -30.79 -5.93
C LEU A 341 -1.35 -31.60 -7.22
N LEU A 342 -0.83 -30.95 -8.25
CA LEU A 342 -0.63 -31.57 -9.54
C LEU A 342 0.61 -32.41 -9.60
N VAL A 343 1.71 -31.87 -9.09
CA VAL A 343 2.97 -32.61 -9.11
C VAL A 343 3.48 -32.92 -10.50
N PRO A 344 3.68 -31.91 -11.35
CA PRO A 344 4.14 -31.97 -12.74
C PRO A 344 5.13 -33.09 -12.99
N SER A 345 6.17 -33.16 -12.17
CA SER A 345 7.14 -34.21 -12.35
C SER A 345 6.50 -35.53 -12.03
N SER A 346 6.67 -36.49 -12.92
CA SER A 346 6.10 -37.84 -12.81
C SER A 346 4.72 -37.95 -13.46
N LEU A 347 4.17 -36.85 -13.99
CA LEU A 347 2.90 -37.00 -14.68
C LEU A 347 3.12 -37.89 -15.87
N SER A 348 2.11 -38.66 -16.25
CA SER A 348 2.25 -39.54 -17.39
C SER A 348 2.71 -38.81 -18.60
N ASP A 349 3.63 -39.41 -19.34
CA ASP A 349 4.12 -38.79 -20.54
C ASP A 349 3.63 -39.52 -21.77
N HIS A 350 2.38 -39.97 -21.72
CA HIS A 350 1.77 -40.66 -22.83
C HIS A 350 0.42 -40.05 -23.14
N ARG A 351 0.45 -38.82 -23.66
CA ARG A 351 -0.73 -38.03 -24.02
C ARG A 351 -1.98 -38.86 -24.18
N PRO A 352 -2.91 -38.77 -23.23
CA PRO A 352 -4.17 -39.47 -23.14
C PRO A 352 -4.98 -39.28 -24.39
N VAL A 353 -5.75 -40.29 -24.74
CA VAL A 353 -6.56 -40.18 -25.93
C VAL A 353 -7.67 -39.19 -25.73
N ILE A 354 -7.67 -38.15 -26.56
CA ILE A 354 -8.67 -37.10 -26.48
C ILE A 354 -9.44 -36.97 -27.77
N GLU A 355 -10.76 -37.15 -27.68
CA GLU A 355 -11.58 -36.97 -28.85
C GLU A 355 -12.15 -35.57 -28.83
N LEU A 356 -11.77 -34.77 -29.80
CA LEU A 356 -12.25 -33.42 -29.87
C LEU A 356 -13.51 -33.34 -30.70
N PRO A 357 -14.42 -32.43 -30.38
CA PRO A 357 -15.59 -32.10 -31.12
C PRO A 357 -15.09 -31.19 -32.18
N HIS A 358 -15.71 -31.21 -33.36
CA HIS A 358 -15.28 -30.38 -34.49
C HIS A 358 -14.17 -31.06 -35.26
N CYS A 359 -14.29 -31.08 -36.58
CA CYS A 359 -13.39 -31.86 -37.41
C CYS A 359 -13.03 -31.17 -38.71
N GLU A 360 -13.99 -30.48 -39.33
CA GLU A 360 -13.72 -29.79 -40.57
C GLU A 360 -12.75 -28.66 -40.28
N ASN A 361 -11.92 -28.34 -41.25
CA ASN A 361 -10.87 -27.36 -41.04
C ASN A 361 -11.38 -26.03 -40.53
N SER A 362 -12.49 -25.56 -41.09
CA SER A 362 -13.06 -24.27 -40.71
C SER A 362 -13.68 -24.25 -39.34
N GLU A 363 -13.80 -25.38 -38.67
CA GLU A 363 -14.41 -25.37 -37.37
C GLU A 363 -13.45 -24.99 -36.25
N ILE A 364 -12.14 -25.03 -36.51
CA ILE A 364 -11.17 -24.75 -35.45
C ILE A 364 -10.06 -23.80 -35.86
N ILE A 365 -9.35 -23.30 -34.85
CA ILE A 365 -8.22 -22.41 -35.05
C ILE A 365 -6.96 -23.04 -34.50
N ILE A 366 -5.90 -23.09 -35.30
CA ILE A 366 -4.64 -23.73 -34.87
C ILE A 366 -3.44 -22.80 -34.93
N ARG A 367 -2.65 -22.80 -33.85
CA ARG A 367 -1.46 -21.96 -33.76
C ARG A 367 -0.21 -22.75 -33.36
N LEU A 368 0.88 -22.61 -34.11
CA LEU A 368 2.12 -23.35 -33.82
C LEU A 368 3.31 -22.51 -33.39
N TYR A 369 4.11 -23.06 -32.49
CA TYR A 369 5.36 -22.42 -32.03
C TYR A 369 6.56 -23.28 -32.28
N GLU A 370 7.38 -22.94 -33.27
CA GLU A 370 8.55 -23.74 -33.60
C GLU A 370 9.78 -23.37 -32.77
N MET A 371 10.32 -24.37 -32.08
CA MET A 371 11.46 -24.19 -31.20
C MET A 371 12.52 -25.23 -31.50
N PRO A 372 13.78 -24.95 -31.26
CA PRO A 372 14.92 -25.85 -31.46
C PRO A 372 14.98 -26.92 -30.38
N TYR A 373 14.38 -26.61 -29.24
CA TYR A 373 14.30 -27.46 -28.07
C TYR A 373 13.56 -26.73 -26.98
N PHE A 374 12.87 -27.45 -26.13
CA PHE A 374 12.19 -26.76 -25.04
C PHE A 374 13.18 -26.56 -23.91
N PRO A 375 13.22 -25.38 -23.30
CA PRO A 375 14.00 -25.02 -22.14
C PRO A 375 13.60 -25.89 -20.97
N MET A 376 14.55 -26.20 -20.11
CA MET A 376 14.22 -27.03 -18.97
C MET A 376 13.30 -26.30 -18.03
N GLY A 377 12.20 -26.93 -17.67
CA GLY A 377 11.22 -26.32 -16.79
C GLY A 377 10.17 -25.53 -17.57
N PHE A 378 10.31 -25.47 -18.90
CA PHE A 378 9.38 -24.75 -19.73
C PHE A 378 7.96 -25.21 -19.51
N TRP A 379 7.76 -26.50 -19.55
CA TRP A 379 6.44 -27.06 -19.41
C TRP A 379 5.83 -26.95 -18.05
N SER A 380 6.62 -27.06 -17.00
CA SER A 380 5.99 -26.99 -15.70
C SER A 380 5.58 -25.57 -15.42
N ARG A 381 6.34 -24.62 -15.92
CA ARG A 381 5.99 -23.22 -15.73
C ARG A 381 4.78 -22.86 -16.58
N LEU A 382 4.76 -23.36 -17.81
CA LEU A 382 3.66 -23.09 -18.71
C LEU A 382 2.36 -23.59 -18.17
N ILE A 383 2.34 -24.84 -17.72
CA ILE A 383 1.13 -25.41 -17.17
C ILE A 383 0.64 -24.64 -15.97
N ASN A 384 1.55 -24.23 -15.10
CA ASN A 384 1.12 -23.47 -13.94
C ASN A 384 0.32 -22.25 -14.36
N ARG A 385 0.76 -21.57 -15.41
CA ARG A 385 0.02 -20.42 -15.91
C ARG A 385 -1.29 -20.80 -16.58
N LEU A 386 -1.29 -21.86 -17.39
CA LEU A 386 -2.46 -22.23 -18.15
C LEU A 386 -3.63 -22.72 -17.30
N LEU A 387 -3.36 -23.21 -16.11
CA LEU A 387 -4.42 -23.69 -15.23
C LEU A 387 -5.50 -22.66 -14.86
N GLU A 388 -5.22 -21.37 -15.00
CA GLU A 388 -6.20 -20.37 -14.61
C GLU A 388 -7.05 -19.82 -15.75
N ILE A 389 -6.94 -20.38 -16.93
CA ILE A 389 -7.70 -19.93 -18.09
C ILE A 389 -9.19 -20.13 -17.97
N SER A 390 -9.95 -19.12 -18.38
CA SER A 390 -11.41 -19.20 -18.35
C SER A 390 -12.10 -18.22 -19.27
N PRO A 391 -12.97 -18.71 -20.17
CA PRO A 391 -13.74 -17.97 -21.13
C PRO A 391 -14.89 -17.22 -20.45
N TYR A 392 -15.09 -17.46 -19.16
CA TYR A 392 -16.17 -16.82 -18.45
C TYR A 392 -15.70 -15.76 -17.49
N MET A 393 -14.40 -15.55 -17.36
CA MET A 393 -13.93 -14.61 -16.34
C MET A 393 -14.41 -13.19 -16.62
N LEU A 394 -14.73 -12.88 -17.88
CA LEU A 394 -15.23 -11.57 -18.24
C LEU A 394 -16.55 -11.23 -17.55
N LEU A 401 -19.34 -23.65 -14.83
CA LEU A 401 -18.98 -24.99 -14.40
C LEU A 401 -17.50 -25.18 -14.59
N ARG A 402 -16.88 -26.03 -13.78
CA ARG A 402 -15.45 -26.26 -13.94
C ARG A 402 -15.20 -27.24 -15.07
N PRO A 403 -14.12 -27.08 -15.82
CA PRO A 403 -13.71 -27.85 -16.96
C PRO A 403 -13.15 -29.22 -16.62
N ASN A 404 -13.37 -30.15 -17.52
CA ASN A 404 -12.87 -31.50 -17.38
C ASN A 404 -11.41 -31.58 -17.77
N ARG A 405 -10.53 -31.14 -16.90
CA ARG A 405 -9.11 -31.08 -17.25
C ARG A 405 -8.40 -32.41 -17.29
N MET A 406 -7.46 -32.52 -18.24
CA MET A 406 -6.59 -33.70 -18.40
C MET A 406 -5.15 -33.23 -18.54
N TYR A 407 -4.17 -34.05 -18.15
CA TYR A 407 -2.79 -33.60 -18.21
C TYR A 407 -1.89 -34.61 -18.91
N TRP A 408 -1.03 -34.13 -19.80
CA TRP A 408 -0.13 -35.00 -20.52
C TRP A 408 1.28 -34.90 -20.09
N ARG A 409 1.60 -34.10 -19.07
CA ARG A 409 2.98 -33.64 -18.82
C ARG A 409 3.49 -32.64 -19.87
N GLN A 410 3.42 -33.01 -21.15
CA GLN A 410 3.80 -32.19 -22.29
C GLN A 410 2.59 -31.50 -22.91
N GLY A 411 1.52 -31.30 -22.13
CA GLY A 411 0.33 -30.65 -22.64
C GLY A 411 -0.80 -30.67 -21.62
N ILE A 412 -1.90 -30.02 -21.96
CA ILE A 412 -3.04 -29.90 -21.09
C ILE A 412 -4.32 -29.74 -21.89
N TYR A 413 -5.40 -30.32 -21.40
CA TYR A 413 -6.67 -30.22 -22.10
C TYR A 413 -7.77 -29.78 -21.19
N LEU A 414 -8.52 -28.78 -21.61
CA LEU A 414 -9.62 -28.30 -20.80
C LEU A 414 -10.87 -28.48 -21.62
N ASN A 415 -11.98 -28.82 -20.98
CA ASN A 415 -13.14 -29.08 -21.80
C ASN A 415 -14.20 -28.02 -21.75
N TRP A 416 -14.73 -27.72 -20.57
CA TRP A 416 -15.79 -26.72 -20.42
C TRP A 416 -17.08 -27.14 -21.14
N SER A 417 -17.10 -27.00 -22.45
CA SER A 417 -18.26 -27.32 -23.27
C SER A 417 -17.86 -27.48 -24.73
N PRO A 418 -18.58 -28.26 -25.52
CA PRO A 418 -18.40 -28.41 -26.96
C PRO A 418 -18.38 -27.05 -27.62
N GLU A 419 -19.08 -26.10 -27.03
CA GLU A 419 -19.07 -24.73 -27.48
C GLU A 419 -17.71 -24.06 -27.37
N ALA A 420 -16.97 -24.32 -26.28
CA ALA A 420 -15.67 -23.69 -26.06
C ALA A 420 -14.77 -24.58 -25.24
N TYR A 421 -13.65 -25.00 -25.80
CA TYR A 421 -12.71 -25.91 -25.15
C TYR A 421 -11.30 -25.59 -25.60
N CYS A 422 -10.29 -26.19 -24.98
CA CYS A 422 -8.93 -25.84 -25.35
C CYS A 422 -7.89 -26.91 -25.17
N LEU A 423 -7.10 -27.16 -26.21
CA LEU A 423 -6.03 -28.14 -26.14
C LEU A 423 -4.67 -27.57 -26.45
N VAL A 424 -3.74 -27.70 -25.51
CA VAL A 424 -2.38 -27.22 -25.73
C VAL A 424 -1.39 -28.35 -25.53
N GLY A 425 -0.55 -28.62 -26.51
CA GLY A 425 0.41 -29.69 -26.27
C GLY A 425 1.48 -29.81 -27.33
N SER A 426 2.54 -30.53 -26.97
CA SER A 426 3.69 -30.74 -27.84
C SER A 426 3.51 -31.78 -28.90
N GLU A 427 3.90 -31.45 -30.13
CA GLU A 427 3.88 -32.42 -31.22
C GLU A 427 5.11 -32.28 -32.08
N VAL A 428 5.59 -33.39 -32.62
CA VAL A 428 6.79 -33.40 -33.44
C VAL A 428 6.59 -34.12 -34.76
N LEU A 429 7.05 -33.50 -35.85
CA LEU A 429 6.92 -34.10 -37.17
C LEU A 429 8.25 -34.63 -37.69
N ASP A 430 8.18 -35.68 -38.50
CA ASP A 430 9.34 -36.32 -39.06
C ASP A 430 10.10 -35.38 -39.96
N ASN A 431 11.42 -35.49 -39.92
CA ASN A 431 12.34 -34.67 -40.68
C ASN A 431 12.34 -33.21 -40.23
N HIS A 432 11.82 -32.95 -39.03
CA HIS A 432 11.80 -31.61 -38.49
C HIS A 432 12.24 -31.60 -37.04
N PRO A 433 13.54 -31.76 -36.78
CA PRO A 433 14.20 -31.77 -35.47
C PRO A 433 13.54 -30.86 -34.43
N GLU A 434 13.20 -29.64 -34.86
CA GLU A 434 12.56 -28.66 -34.00
C GLU A 434 11.28 -29.18 -33.36
N SER A 435 11.16 -29.04 -32.05
CA SER A 435 9.95 -29.44 -31.36
C SER A 435 8.98 -28.28 -31.40
N PHE A 436 7.71 -28.50 -31.07
CA PHE A 436 6.78 -27.38 -31.13
C PHE A 436 5.41 -27.55 -30.52
N LEU A 437 4.81 -26.40 -30.20
CA LEU A 437 3.51 -26.33 -29.56
C LEU A 437 2.39 -26.28 -30.54
N LYS A 438 1.26 -26.83 -30.16
CA LYS A 438 0.06 -26.70 -30.95
C LYS A 438 -1.09 -26.32 -30.06
N ILE A 439 -1.77 -25.24 -30.41
CA ILE A 439 -2.90 -24.74 -29.66
C ILE A 439 -4.16 -24.88 -30.47
N THR A 440 -5.18 -25.55 -29.93
CA THR A 440 -6.43 -25.67 -30.68
C THR A 440 -7.65 -25.20 -29.90
N VAL A 441 -8.40 -24.29 -30.52
CA VAL A 441 -9.65 -23.78 -29.95
C VAL A 441 -10.70 -23.80 -31.04
N PRO A 442 -11.98 -23.86 -30.72
CA PRO A 442 -13.11 -23.86 -31.63
C PRO A 442 -13.31 -22.47 -32.16
N SER A 443 -13.73 -22.34 -33.40
CA SER A 443 -13.88 -21.02 -33.98
C SER A 443 -15.16 -20.31 -33.62
N CYS A 444 -15.16 -19.64 -32.47
CA CYS A 444 -16.27 -18.79 -32.04
C CYS A 444 -15.73 -17.83 -31.02
N ARG A 445 -16.53 -16.86 -30.59
CA ARG A 445 -16.06 -15.85 -29.66
C ARG A 445 -15.43 -16.39 -28.40
N LYS A 446 -16.05 -17.37 -27.76
CA LYS A 446 -15.43 -17.91 -26.56
C LYS A 446 -14.14 -18.59 -26.88
N GLY A 447 -14.07 -19.23 -28.03
CA GLY A 447 -12.85 -19.89 -28.43
C GLY A 447 -11.76 -18.88 -28.62
N CYS A 448 -12.11 -17.73 -29.17
CA CYS A 448 -11.17 -16.65 -29.37
C CYS A 448 -10.61 -16.16 -28.06
N ILE A 449 -11.49 -15.94 -27.10
CA ILE A 449 -11.08 -15.49 -25.79
C ILE A 449 -10.09 -16.45 -25.16
N LEU A 450 -10.34 -17.74 -25.30
CA LEU A 450 -9.40 -18.73 -24.79
C LEU A 450 -8.07 -18.62 -25.47
N LEU A 451 -8.08 -18.47 -26.79
CA LEU A 451 -6.85 -18.38 -27.55
C LEU A 451 -6.04 -17.21 -27.11
N GLY A 452 -6.69 -16.07 -26.94
CA GLY A 452 -6.00 -14.87 -26.51
C GLY A 452 -5.32 -15.08 -25.18
N GLN A 453 -5.99 -15.71 -24.23
CA GLN A 453 -5.37 -15.94 -22.94
C GLN A 453 -4.17 -16.86 -23.04
N VAL A 454 -4.27 -17.90 -23.85
CA VAL A 454 -3.16 -18.84 -23.99
C VAL A 454 -1.93 -18.21 -24.56
N VAL A 455 -2.07 -17.47 -25.65
CA VAL A 455 -0.88 -16.90 -26.28
C VAL A 455 -0.30 -15.76 -25.49
N ASP A 456 -1.12 -15.07 -24.72
CA ASP A 456 -0.59 -14.04 -23.84
C ASP A 456 0.25 -14.66 -22.75
N HIS A 457 -0.18 -15.80 -22.21
CA HIS A 457 0.61 -16.45 -21.18
C HIS A 457 1.90 -16.99 -21.73
N ILE A 458 1.86 -17.55 -22.93
CA ILE A 458 3.07 -18.09 -23.53
C ILE A 458 4.10 -17.01 -23.78
N ASP A 459 3.69 -15.89 -24.36
CA ASP A 459 4.67 -14.86 -24.61
C ASP A 459 5.19 -14.23 -23.33
N SER A 460 4.33 -14.05 -22.33
CA SER A 460 4.79 -13.49 -21.07
C SER A 460 5.78 -14.41 -20.39
N LEU A 461 5.51 -15.71 -20.45
CA LEU A 461 6.39 -16.71 -19.88
C LEU A 461 7.77 -16.57 -20.44
N MET A 462 7.87 -16.48 -21.75
CA MET A 462 9.16 -16.40 -22.37
C MET A 462 9.88 -15.10 -22.08
N GLU A 463 9.15 -13.99 -22.06
CA GLU A 463 9.81 -12.72 -21.78
C GLU A 463 10.45 -12.71 -20.42
N GLU A 464 9.78 -13.28 -19.44
CA GLU A 464 10.33 -13.29 -18.10
C GLU A 464 11.37 -14.36 -17.85
N TRP A 465 11.14 -15.57 -18.34
CA TRP A 465 11.99 -16.66 -17.96
C TRP A 465 12.92 -17.20 -19.02
N PHE A 466 12.59 -17.03 -20.29
CA PHE A 466 13.47 -17.59 -21.30
C PHE A 466 13.83 -16.60 -22.41
N PRO A 467 14.33 -15.40 -22.09
CA PRO A 467 14.74 -14.37 -23.00
C PRO A 467 15.94 -14.92 -23.70
N GLY A 468 16.18 -14.45 -24.89
CA GLY A 468 17.24 -15.01 -25.70
C GLY A 468 16.56 -15.67 -26.86
N LEU A 469 15.48 -16.40 -26.57
CA LEU A 469 14.69 -16.99 -27.61
C LEU A 469 13.99 -15.87 -28.37
N LEU A 470 13.68 -14.80 -27.64
CA LEU A 470 13.05 -13.59 -28.13
C LEU A 470 14.06 -12.51 -28.49
N LEU A 481 14.06 -18.44 -34.07
CA LEU A 481 13.61 -18.97 -32.80
C LEU A 481 12.19 -18.54 -32.53
N LEU A 482 11.39 -19.45 -31.97
CA LEU A 482 10.00 -19.18 -31.65
C LEU A 482 9.23 -18.79 -32.89
N LYS A 483 9.47 -19.48 -33.97
CA LYS A 483 8.82 -19.13 -35.20
C LYS A 483 7.32 -19.36 -35.04
N LYS A 484 6.54 -18.31 -35.21
CA LYS A 484 5.10 -18.44 -35.01
C LYS A 484 4.36 -18.68 -36.31
N TRP A 485 3.73 -19.84 -36.42
CA TRP A 485 3.02 -20.20 -37.63
C TRP A 485 1.54 -20.28 -37.40
N ALA A 486 0.76 -19.86 -38.38
CA ALA A 486 -0.68 -20.01 -38.31
C ALA A 486 -1.09 -20.98 -39.40
N LEU A 487 -2.08 -21.84 -39.12
CA LEU A 487 -2.50 -22.79 -40.13
C LEU A 487 -3.83 -22.46 -40.74
N TYR A 488 -3.95 -22.63 -42.04
CA TYR A 488 -5.21 -22.33 -42.70
C TYR A 488 -5.40 -23.14 -43.96
N SER A 489 -6.62 -23.16 -44.46
CA SER A 489 -6.89 -23.83 -45.72
C SER A 489 -8.03 -23.11 -46.41
N PHE A 490 -8.08 -23.18 -47.73
CA PHE A 490 -9.13 -22.49 -48.46
C PHE A 490 -10.33 -23.37 -48.76
N ASN A 491 -10.37 -24.54 -48.16
CA ASN A 491 -11.46 -25.47 -48.41
C ASN A 491 -11.40 -26.62 -47.44
N ASP A 492 -12.51 -26.86 -46.76
CA ASP A 492 -12.56 -27.94 -45.80
C ASP A 492 -12.32 -29.26 -46.46
N GLY A 493 -11.52 -30.10 -45.79
CA GLY A 493 -11.17 -31.39 -46.32
C GLY A 493 -9.78 -31.39 -46.95
N GLU A 494 -9.18 -30.22 -47.12
CA GLU A 494 -7.84 -30.16 -47.70
C GLU A 494 -6.79 -30.02 -46.61
N GLU A 495 -5.52 -29.95 -47.01
CA GLU A 495 -4.43 -29.83 -46.05
C GLU A 495 -4.19 -28.39 -45.64
N HIS A 496 -3.61 -28.21 -44.47
CA HIS A 496 -3.34 -26.88 -43.99
C HIS A 496 -2.08 -26.33 -44.59
N GLN A 497 -2.06 -25.02 -44.73
CA GLN A 497 -0.91 -24.30 -45.22
C GLN A 497 -0.36 -23.46 -44.11
N LYS A 498 0.94 -23.23 -44.12
CA LYS A 498 1.57 -22.47 -43.06
C LYS A 498 1.86 -21.04 -43.46
N ILE A 499 1.71 -20.13 -42.51
CA ILE A 499 2.08 -18.75 -42.74
C ILE A 499 2.62 -18.11 -41.47
N LEU A 500 3.66 -17.31 -41.58
CA LEU A 500 4.20 -16.66 -40.40
C LEU A 500 3.34 -15.52 -39.98
N LEU A 501 3.19 -15.33 -38.67
CA LEU A 501 2.33 -14.26 -38.21
C LEU A 501 2.79 -12.90 -38.66
N ASP A 502 4.10 -12.73 -38.84
CA ASP A 502 4.58 -11.44 -39.30
C ASP A 502 3.96 -11.08 -40.64
N ASP A 503 3.78 -12.06 -41.51
CA ASP A 503 3.18 -11.81 -42.80
C ASP A 503 1.70 -11.55 -42.64
N LEU A 504 1.05 -12.22 -41.70
CA LEU A 504 -0.34 -11.90 -41.48
C LEU A 504 -0.48 -10.51 -40.92
N MET A 505 0.50 -10.04 -40.14
CA MET A 505 0.44 -8.68 -39.65
C MET A 505 0.57 -7.70 -40.81
N LYS A 506 1.39 -8.05 -41.79
CA LYS A 506 1.52 -7.22 -42.98
C LYS A 506 0.18 -7.12 -43.70
N LYS A 507 -0.58 -8.22 -43.69
CA LYS A 507 -1.88 -8.23 -44.32
C LYS A 507 -2.93 -7.56 -43.46
N ALA A 508 -2.77 -7.67 -42.14
CA ALA A 508 -3.69 -7.05 -41.20
C ALA A 508 -3.67 -5.55 -41.36
N GLU A 509 -2.49 -5.00 -41.67
CA GLU A 509 -2.35 -3.59 -41.92
C GLU A 509 -3.11 -3.18 -43.17
N GLU A 510 -3.20 -4.09 -44.12
CA GLU A 510 -3.98 -3.83 -45.32
C GLU A 510 -5.47 -3.95 -45.00
N GLY A 511 -5.81 -4.89 -44.12
CA GLY A 511 -7.19 -5.13 -43.68
C GLY A 511 -7.93 -6.07 -44.63
N ASP A 512 -7.20 -6.63 -45.56
CA ASP A 512 -7.71 -7.49 -46.61
C ASP A 512 -8.05 -8.90 -46.15
N LEU A 513 -8.62 -9.66 -47.05
CA LEU A 513 -8.84 -11.06 -46.82
C LEU A 513 -7.57 -11.74 -47.26
N LEU A 514 -7.25 -12.88 -46.70
CA LEU A 514 -6.11 -13.60 -47.20
C LEU A 514 -6.48 -14.13 -48.56
N VAL A 515 -5.75 -13.74 -49.59
CA VAL A 515 -6.13 -14.15 -50.94
C VAL A 515 -5.14 -15.12 -51.55
N ASN A 516 -5.65 -16.22 -52.09
CA ASN A 516 -4.81 -17.17 -52.77
C ASN A 516 -4.24 -16.52 -54.01
N PRO A 517 -2.94 -16.27 -54.07
CA PRO A 517 -2.21 -15.57 -55.13
C PRO A 517 -2.36 -16.22 -56.49
N ASP A 518 -2.71 -17.50 -56.52
CA ASP A 518 -2.88 -18.22 -57.77
C ASP A 518 -4.34 -18.26 -58.17
N GLN A 519 -5.23 -18.23 -57.19
CA GLN A 519 -6.65 -18.26 -57.47
C GLN A 519 -7.47 -17.34 -56.59
N PRO A 520 -7.74 -16.11 -57.05
CA PRO A 520 -8.50 -15.02 -56.43
C PRO A 520 -9.85 -15.43 -55.89
N ARG A 521 -10.45 -16.48 -56.46
CA ARG A 521 -11.73 -16.98 -55.99
C ARG A 521 -11.64 -17.53 -54.56
N LEU A 522 -10.44 -17.91 -54.13
CA LEU A 522 -10.22 -18.48 -52.82
C LEU A 522 -9.70 -17.46 -51.82
N THR A 523 -10.56 -17.06 -50.88
CA THR A 523 -10.15 -16.08 -49.87
C THR A 523 -10.57 -16.49 -48.46
N ILE A 524 -9.85 -16.01 -47.46
CA ILE A 524 -10.15 -16.29 -46.06
C ILE A 524 -10.09 -15.02 -45.24
N PRO A 525 -11.07 -14.70 -44.43
CA PRO A 525 -11.05 -13.55 -43.57
C PRO A 525 -9.99 -13.78 -42.53
N ILE A 526 -9.13 -12.79 -42.33
CA ILE A 526 -8.01 -12.91 -41.43
C ILE A 526 -8.41 -13.32 -40.05
N SER A 527 -9.53 -12.79 -39.57
CA SER A 527 -10.01 -13.10 -38.24
C SER A 527 -10.11 -14.61 -37.97
N GLN A 528 -10.46 -15.42 -38.98
CA GLN A 528 -10.56 -16.85 -38.74
C GLN A 528 -9.23 -17.53 -38.55
N ILE A 529 -8.18 -16.92 -39.07
CA ILE A 529 -6.86 -17.48 -38.94
C ILE A 529 -6.19 -16.93 -37.70
N ALA A 530 -6.41 -15.66 -37.46
CA ALA A 530 -5.75 -15.02 -36.37
C ALA A 530 -6.55 -13.91 -35.75
N PRO A 531 -7.58 -14.25 -34.98
CA PRO A 531 -8.49 -13.40 -34.25
C PRO A 531 -7.83 -12.69 -33.07
N ASP A 532 -6.54 -12.93 -32.86
CA ASP A 532 -5.80 -12.23 -31.85
C ASP A 532 -4.93 -11.13 -32.46
N LEU A 533 -4.84 -11.09 -33.80
CA LEU A 533 -4.11 -10.00 -34.44
C LEU A 533 -5.07 -8.86 -34.58
N ILE A 534 -6.27 -9.17 -34.98
CA ILE A 534 -7.35 -8.22 -34.93
C ILE A 534 -7.95 -8.36 -33.57
N LEU A 535 -8.11 -7.29 -32.83
CA LEU A 535 -8.55 -7.42 -31.45
C LEU A 535 -10.00 -7.85 -31.32
N ALA A 536 -10.28 -9.13 -31.56
CA ALA A 536 -11.62 -9.66 -31.49
C ALA A 536 -11.97 -10.21 -30.12
N ASP A 537 -11.03 -10.19 -29.19
CA ASP A 537 -11.32 -10.70 -27.85
C ASP A 537 -11.50 -9.60 -26.82
N LEU A 538 -11.91 -8.42 -27.26
CA LEU A 538 -12.14 -7.34 -26.32
C LEU A 538 -13.54 -7.46 -25.77
N PRO A 539 -13.77 -6.97 -24.57
CA PRO A 539 -15.05 -6.80 -23.95
C PRO A 539 -15.86 -5.86 -24.82
N ARG A 540 -17.17 -6.03 -24.87
CA ARG A 540 -18.00 -5.20 -25.73
C ARG A 540 -17.89 -3.74 -25.35
N ASN A 541 -17.67 -3.49 -24.08
CA ASN A 541 -17.60 -2.16 -23.54
C ASN A 541 -16.47 -1.33 -24.09
N ILE A 542 -15.40 -1.96 -24.56
CA ILE A 542 -14.29 -1.20 -25.05
C ILE A 542 -14.04 -1.39 -26.52
N MET A 543 -15.03 -1.81 -27.29
CA MET A 543 -14.74 -1.88 -28.70
C MET A 543 -14.87 -0.48 -29.28
N LEU A 544 -13.91 -0.09 -30.09
CA LEU A 544 -13.87 1.26 -30.64
C LEU A 544 -14.91 1.54 -31.67
N ASN A 545 -15.76 2.52 -31.40
CA ASN A 545 -16.76 2.93 -32.37
C ASN A 545 -16.18 4.01 -33.27
N ASN A 546 -15.86 3.64 -34.50
CA ASN A 546 -15.21 4.54 -35.44
C ASN A 546 -16.05 5.73 -35.91
N ASP A 547 -17.32 5.77 -35.56
CA ASP A 547 -18.15 6.90 -35.92
C ASP A 547 -18.16 7.95 -34.81
N GLU A 548 -17.53 7.64 -33.68
CA GLU A 548 -17.48 8.56 -32.57
C GLU A 548 -16.11 9.19 -32.43
N LEU A 549 -15.07 8.38 -32.58
CA LEU A 549 -13.72 8.88 -32.41
C LEU A 549 -13.34 9.88 -33.48
N GLU A 550 -12.96 11.08 -33.03
CA GLU A 550 -12.54 12.14 -33.92
C GLU A 550 -11.19 12.71 -33.53
N PHE A 551 -10.21 12.51 -34.40
CA PHE A 551 -8.83 12.92 -34.12
C PHE A 551 -8.15 13.22 -35.43
N GLU A 552 -7.06 13.97 -35.40
CA GLU A 552 -6.37 14.30 -36.64
C GLU A 552 -4.89 13.94 -36.68
N GLN A 553 -4.33 13.53 -35.56
CA GLN A 553 -2.89 13.25 -35.44
C GLN A 553 -2.05 14.46 -35.85
N ALA A 554 -2.55 15.66 -35.61
CA ALA A 554 -1.83 16.86 -35.97
C ALA A 554 -1.05 17.36 -34.75
N PRO A 555 0.10 18.02 -34.97
CA PRO A 555 1.00 18.60 -33.97
C PRO A 555 0.27 19.45 -32.97
N GLU A 556 -0.76 20.15 -33.43
CA GLU A 556 -1.60 20.98 -32.59
C GLU A 556 -2.25 20.23 -31.44
N PHE A 557 -2.43 18.93 -31.58
CA PHE A 557 -3.07 18.16 -30.55
C PHE A 557 -2.10 17.25 -29.85
N LEU A 558 -0.81 17.42 -30.10
CA LEU A 558 0.14 16.54 -29.46
C LEU A 558 0.23 16.85 -27.99
N LEU A 559 -0.08 15.87 -27.17
CA LEU A 559 -0.03 16.04 -25.73
C LEU A 559 1.29 15.56 -25.17
N GLY A 560 1.91 14.59 -25.84
CA GLY A 560 3.21 14.10 -25.40
C GLY A 560 3.59 12.85 -26.15
N ASP A 561 4.73 12.25 -25.80
CA ASP A 561 5.14 11.03 -26.47
C ASP A 561 5.94 10.09 -25.56
N GLY A 562 6.53 9.05 -26.14
CA GLY A 562 7.35 8.12 -25.39
C GLY A 562 7.81 6.97 -26.27
N SER A 563 8.38 5.94 -25.67
CA SER A 563 8.86 4.79 -26.44
C SER A 563 7.72 4.02 -27.11
N PHE A 564 6.52 4.15 -26.55
CA PHE A 564 5.33 3.52 -27.10
C PHE A 564 4.81 4.24 -28.34
N GLY A 565 5.25 5.47 -28.59
CA GLY A 565 4.74 6.24 -29.72
C GLY A 565 4.35 7.64 -29.30
N SER A 566 3.06 7.99 -29.44
CA SER A 566 2.66 9.35 -29.08
C SER A 566 1.23 9.47 -28.61
N VAL A 567 0.93 10.60 -27.97
CA VAL A 567 -0.38 10.87 -27.41
C VAL A 567 -1.01 12.13 -27.96
N TYR A 568 -2.24 12.02 -28.45
CA TYR A 568 -2.93 13.19 -28.98
C TYR A 568 -4.24 13.47 -28.28
N ARG A 569 -4.67 14.72 -28.32
CA ARG A 569 -5.96 15.10 -27.77
C ARG A 569 -7.02 14.84 -28.82
N ALA A 570 -8.15 14.27 -28.40
CA ALA A 570 -9.20 13.92 -29.34
C ALA A 570 -10.57 13.96 -28.72
N ALA A 571 -11.60 13.77 -29.54
CA ALA A 571 -12.96 13.73 -29.04
C ALA A 571 -13.56 12.36 -29.25
N TYR A 572 -14.33 11.89 -28.29
CA TYR A 572 -14.99 10.60 -28.41
C TYR A 572 -16.32 10.71 -27.73
N GLU A 573 -17.39 10.50 -28.48
CA GLU A 573 -18.73 10.64 -27.93
C GLU A 573 -18.94 11.99 -27.24
N GLY A 574 -18.35 13.04 -27.79
CA GLY A 574 -18.50 14.39 -27.26
C GLY A 574 -17.60 14.72 -26.07
N GLU A 575 -16.71 13.81 -25.68
CA GLU A 575 -15.87 14.07 -24.53
C GLU A 575 -14.40 14.15 -24.89
N GLU A 576 -13.64 14.87 -24.07
CA GLU A 576 -12.21 15.03 -24.28
C GLU A 576 -11.46 13.78 -23.85
N VAL A 577 -10.76 13.18 -24.79
CA VAL A 577 -10.01 11.96 -24.53
C VAL A 577 -8.60 12.05 -25.03
N ALA A 578 -7.76 11.17 -24.54
CA ALA A 578 -6.38 11.12 -24.98
C ALA A 578 -6.17 9.85 -25.77
N VAL A 579 -5.46 9.91 -26.87
CA VAL A 579 -5.27 8.73 -27.68
C VAL A 579 -3.84 8.30 -27.78
N LYS A 580 -3.52 7.13 -27.23
CA LYS A 580 -2.17 6.61 -27.35
C LYS A 580 -2.04 5.88 -28.65
N ILE A 581 -1.03 6.21 -29.43
CA ILE A 581 -0.82 5.56 -30.71
C ILE A 581 0.46 4.80 -30.75
N PHE A 582 0.38 3.51 -31.04
CA PHE A 582 1.57 2.67 -31.11
C PHE A 582 2.21 2.76 -32.48
N ASN A 583 2.84 3.90 -32.71
CA ASN A 583 3.42 4.25 -33.99
C ASN A 583 4.73 3.57 -34.33
N LYS A 584 4.66 2.33 -34.78
CA LYS A 584 5.82 1.56 -35.22
C LYS A 584 6.84 1.34 -34.12
N HIS A 585 6.41 0.72 -33.05
CA HIS A 585 7.28 0.41 -31.94
C HIS A 585 6.97 -0.97 -31.42
N THR A 586 7.39 -2.03 -32.11
CA THR A 586 7.04 -3.41 -31.71
C THR A 586 5.61 -3.51 -31.20
N SER A 587 4.70 -2.99 -32.01
CA SER A 587 3.29 -2.88 -31.70
C SER A 587 2.67 -4.24 -31.63
N LEU A 588 1.40 -4.26 -31.30
CA LEU A 588 0.63 -5.49 -31.09
C LEU A 588 1.02 -6.15 -29.80
N ARG A 589 2.27 -6.53 -29.65
CA ARG A 589 2.66 -7.12 -28.40
C ARG A 589 2.61 -6.09 -27.31
N LEU A 590 3.09 -4.87 -27.56
CA LEU A 590 2.96 -3.87 -26.52
C LEU A 590 1.52 -3.52 -26.28
N LEU A 591 0.76 -3.47 -27.35
CA LEU A 591 -0.63 -3.11 -27.26
C LEU A 591 -1.38 -4.10 -26.42
N ARG A 592 -1.19 -5.38 -26.68
CA ARG A 592 -1.91 -6.37 -25.91
C ARG A 592 -1.46 -6.40 -24.47
N GLN A 593 -0.19 -6.13 -24.19
CA GLN A 593 0.23 -6.09 -22.79
C GLN A 593 -0.51 -5.02 -22.04
N GLU A 594 -0.68 -3.87 -22.67
CA GLU A 594 -1.39 -2.78 -22.03
C GLU A 594 -2.85 -3.12 -21.83
N LEU A 595 -3.44 -3.82 -22.79
CA LEU A 595 -4.83 -4.21 -22.67
C LEU A 595 -5.06 -5.15 -21.52
N VAL A 596 -4.14 -6.07 -21.31
CA VAL A 596 -4.25 -7.00 -20.20
C VAL A 596 -4.23 -6.29 -18.87
N VAL A 597 -3.33 -5.33 -18.73
CA VAL A 597 -3.23 -4.58 -17.49
C VAL A 597 -4.42 -3.67 -17.25
N LEU A 598 -4.87 -2.97 -18.27
CA LEU A 598 -5.97 -2.02 -18.10
C LEU A 598 -7.26 -2.70 -17.73
N CYS A 599 -7.53 -3.84 -18.34
CA CYS A 599 -8.73 -4.56 -17.99
C CYS A 599 -8.50 -5.20 -16.65
N HIS A 600 -9.58 -5.44 -15.91
CA HIS A 600 -9.52 -6.01 -14.57
C HIS A 600 -9.11 -5.00 -13.49
N LEU A 601 -8.80 -3.76 -13.86
CA LEU A 601 -8.55 -2.74 -12.88
C LEU A 601 -9.61 -1.69 -13.07
N HIS A 602 -10.59 -1.68 -12.18
CA HIS A 602 -11.72 -0.80 -12.37
C HIS A 602 -12.05 0.00 -11.14
N HIS A 603 -11.13 0.87 -10.74
CA HIS A 603 -11.34 1.68 -9.56
C HIS A 603 -11.55 3.14 -9.94
N PRO A 604 -12.42 3.87 -9.24
CA PRO A 604 -12.74 5.28 -9.43
C PRO A 604 -11.52 6.20 -9.38
N SER A 605 -10.48 5.82 -8.68
CA SER A 605 -9.30 6.67 -8.60
C SER A 605 -8.27 6.40 -9.70
N LEU A 606 -8.57 5.50 -10.64
CA LEU A 606 -7.63 5.21 -11.72
C LEU A 606 -8.16 5.72 -13.06
N ILE A 607 -7.25 5.90 -14.02
CA ILE A 607 -7.64 6.37 -15.35
C ILE A 607 -8.16 5.23 -16.17
N SER A 608 -9.44 5.25 -16.54
CA SER A 608 -9.98 4.12 -17.28
C SER A 608 -9.75 4.20 -18.78
N LEU A 609 -9.98 3.06 -19.43
CA LEU A 609 -9.83 2.93 -20.86
C LEU A 609 -11.16 3.10 -21.55
N LEU A 610 -11.24 4.08 -22.44
CA LEU A 610 -12.45 4.36 -23.18
C LEU A 610 -12.42 3.83 -24.59
N ALA A 611 -12.27 2.53 -24.74
CA ALA A 611 -12.23 1.79 -26.01
C ALA A 611 -10.86 1.77 -26.68
N ALA A 612 -10.55 0.61 -27.26
CA ALA A 612 -9.31 0.34 -27.98
C ALA A 612 -9.60 -0.09 -29.40
N GLY A 613 -8.68 0.16 -30.33
CA GLY A 613 -8.94 -0.20 -31.72
C GLY A 613 -7.71 -0.51 -32.55
N ILE A 614 -7.68 -1.72 -33.06
CA ILE A 614 -6.56 -2.23 -33.84
C ILE A 614 -6.34 -1.56 -35.17
N ARG A 615 -7.38 -1.02 -35.77
CA ARG A 615 -7.26 -0.42 -37.10
C ARG A 615 -6.11 0.60 -37.20
N PRO A 616 -5.91 1.44 -36.20
CA PRO A 616 -4.73 2.32 -36.19
C PRO A 616 -3.89 2.06 -34.94
N ARG A 617 -4.26 1.04 -34.15
CA ARG A 617 -3.56 0.63 -32.93
C ARG A 617 -3.59 1.72 -31.88
N MET A 618 -4.78 1.93 -31.34
CA MET A 618 -5.01 2.97 -30.36
C MET A 618 -5.62 2.56 -29.05
N LEU A 619 -5.23 3.28 -28.01
CA LEU A 619 -5.92 3.23 -26.72
C LEU A 619 -6.52 4.58 -26.41
N VAL A 620 -7.84 4.66 -26.40
CA VAL A 620 -8.50 5.92 -26.08
C VAL A 620 -8.75 5.97 -24.59
N MET A 621 -8.17 6.93 -23.89
CA MET A 621 -8.31 6.99 -22.43
C MET A 621 -8.83 8.32 -21.95
N GLU A 622 -9.31 8.35 -20.72
CA GLU A 622 -9.85 9.59 -20.15
C GLU A 622 -8.84 10.71 -20.11
N LEU A 623 -9.20 11.91 -20.56
CA LEU A 623 -8.29 13.05 -20.40
C LEU A 623 -8.68 13.96 -19.23
N ALA A 624 -7.72 14.24 -18.35
CA ALA A 624 -7.94 15.12 -17.21
C ALA A 624 -8.20 16.53 -17.66
N SER A 625 -9.13 17.21 -17.00
CA SER A 625 -9.48 18.56 -17.40
C SER A 625 -8.73 19.66 -16.67
N LYS A 626 -8.28 19.41 -15.44
CA LYS A 626 -7.58 20.47 -14.71
C LYS A 626 -6.08 20.29 -14.72
N GLY A 627 -5.62 19.20 -15.32
CA GLY A 627 -4.18 18.94 -15.42
C GLY A 627 -3.61 18.26 -14.19
N SER A 628 -2.29 18.24 -14.13
CA SER A 628 -1.57 17.56 -13.06
C SER A 628 -1.32 18.43 -11.84
N LEU A 629 -1.27 17.76 -10.69
CA LEU A 629 -1.08 18.38 -9.39
C LEU A 629 0.11 19.30 -9.32
N ASP A 630 1.26 18.81 -9.76
CA ASP A 630 2.48 19.63 -9.77
C ASP A 630 2.23 21.06 -10.25
N ARG A 631 1.55 21.22 -11.38
CA ARG A 631 1.26 22.52 -11.92
C ARG A 631 0.41 23.30 -10.97
N LEU A 632 -0.64 22.68 -10.46
CA LEU A 632 -1.52 23.36 -9.52
C LEU A 632 -0.75 23.86 -8.32
N LEU A 633 0.14 23.04 -7.78
CA LEU A 633 0.91 23.42 -6.63
C LEU A 633 1.73 24.68 -6.91
N GLN A 634 2.28 24.77 -8.10
CA GLN A 634 3.07 25.94 -8.43
C GLN A 634 2.28 27.07 -9.10
N GLN A 635 1.00 26.87 -9.41
CA GLN A 635 0.27 27.93 -10.10
C GLN A 635 -0.93 28.51 -9.37
N ASP A 636 -1.56 27.78 -8.46
CA ASP A 636 -2.72 28.39 -7.81
C ASP A 636 -3.05 27.89 -6.41
N LYS A 637 -2.38 28.47 -5.43
CA LYS A 637 -2.59 28.15 -4.02
C LYS A 637 -3.98 28.54 -3.55
N ALA A 638 -4.61 29.50 -4.23
CA ALA A 638 -5.96 29.91 -3.87
C ALA A 638 -6.95 28.77 -4.05
N SER A 639 -6.72 27.90 -5.04
CA SER A 639 -7.59 26.76 -5.23
C SER A 639 -7.33 25.73 -4.16
N LEU A 640 -6.07 25.60 -3.76
CA LEU A 640 -5.67 24.64 -2.74
C LEU A 640 -6.14 24.97 -1.33
N THR A 641 -7.43 24.81 -1.07
CA THR A 641 -7.97 25.06 0.26
C THR A 641 -7.76 23.84 1.10
N ARG A 642 -7.98 23.99 2.39
CA ARG A 642 -7.81 22.89 3.31
C ARG A 642 -8.76 21.74 2.98
N THR A 643 -9.96 22.07 2.54
CA THR A 643 -10.92 21.05 2.13
C THR A 643 -10.47 20.31 0.90
N LEU A 644 -10.01 21.05 -0.10
CA LEU A 644 -9.58 20.41 -1.34
C LEU A 644 -8.42 19.49 -1.07
N GLN A 645 -7.46 19.96 -0.29
CA GLN A 645 -6.27 19.19 0.04
C GLN A 645 -6.63 17.86 0.65
N HIS A 646 -7.54 17.87 1.60
CA HIS A 646 -7.94 16.62 2.21
C HIS A 646 -8.54 15.65 1.22
N ARG A 647 -9.42 16.13 0.36
CA ARG A 647 -10.06 15.23 -0.57
C ARG A 647 -9.07 14.61 -1.53
N ILE A 648 -8.07 15.39 -1.95
CA ILE A 648 -7.05 14.84 -2.83
C ILE A 648 -6.32 13.71 -2.15
N ALA A 649 -5.98 13.89 -0.89
CA ALA A 649 -5.29 12.84 -0.15
C ALA A 649 -6.12 11.56 -0.10
N LEU A 650 -7.43 11.67 0.07
CA LEU A 650 -8.26 10.47 0.06
C LEU A 650 -8.24 9.72 -1.23
N HIS A 651 -8.35 10.45 -2.33
CA HIS A 651 -8.46 9.80 -3.61
C HIS A 651 -7.18 9.07 -3.97
N VAL A 652 -6.05 9.65 -3.64
CA VAL A 652 -4.80 8.97 -3.92
C VAL A 652 -4.65 7.73 -3.07
N ALA A 653 -5.02 7.83 -1.79
CA ALA A 653 -4.91 6.69 -0.90
C ALA A 653 -5.74 5.52 -1.38
N ASP A 654 -6.94 5.78 -1.90
CA ASP A 654 -7.74 4.68 -2.42
C ASP A 654 -7.06 3.95 -3.55
N GLY A 655 -6.46 4.70 -4.47
CA GLY A 655 -5.79 4.08 -5.58
C GLY A 655 -4.71 3.15 -5.10
N LEU A 656 -3.94 3.60 -4.13
CA LEU A 656 -2.87 2.77 -3.62
C LEU A 656 -3.37 1.54 -2.94
N ARG A 657 -4.46 1.65 -2.19
CA ARG A 657 -4.99 0.49 -1.52
C ARG A 657 -5.41 -0.54 -2.54
N TYR A 658 -6.09 -0.08 -3.58
CA TYR A 658 -6.59 -0.95 -4.62
C TYR A 658 -5.47 -1.66 -5.35
N LEU A 659 -4.49 -0.90 -5.82
CA LEU A 659 -3.39 -1.49 -6.56
C LEU A 659 -2.58 -2.45 -5.71
N HIS A 660 -2.43 -2.16 -4.43
CA HIS A 660 -1.73 -3.07 -3.57
C HIS A 660 -2.49 -4.36 -3.37
N SER A 661 -3.83 -4.27 -3.30
CA SER A 661 -4.62 -5.49 -3.18
C SER A 661 -4.56 -6.29 -4.48
N ALA A 662 -4.26 -5.59 -5.57
CA ALA A 662 -4.09 -6.21 -6.88
C ALA A 662 -2.65 -6.69 -7.12
N MET A 663 -1.80 -6.67 -6.07
CA MET A 663 -0.41 -7.09 -6.17
C MET A 663 0.43 -6.27 -7.14
N ILE A 664 0.09 -5.00 -7.32
CA ILE A 664 0.82 -4.12 -8.21
C ILE A 664 1.56 -3.03 -7.45
N ILE A 665 2.86 -2.92 -7.68
CA ILE A 665 3.63 -1.89 -7.01
C ILE A 665 3.74 -0.71 -7.96
N TYR A 666 3.33 0.47 -7.50
CA TYR A 666 3.29 1.63 -8.38
C TYR A 666 4.68 2.17 -8.66
N ARG A 667 5.47 2.36 -7.60
CA ARG A 667 6.84 2.82 -7.70
C ARG A 667 7.03 4.20 -8.31
N ASP A 668 6.06 5.10 -8.23
CA ASP A 668 6.27 6.40 -8.85
C ASP A 668 5.35 7.51 -8.34
N LEU A 669 5.16 7.61 -7.04
CA LEU A 669 4.26 8.63 -6.52
C LEU A 669 4.86 9.99 -6.38
N LYS A 670 4.64 10.80 -7.38
CA LYS A 670 5.07 12.18 -7.32
C LYS A 670 3.96 13.02 -7.91
N PRO A 671 3.90 14.32 -7.61
CA PRO A 671 2.91 15.32 -8.04
C PRO A 671 2.69 15.33 -9.55
N HIS A 672 3.66 14.86 -10.30
CA HIS A 672 3.58 14.83 -11.74
C HIS A 672 2.64 13.73 -12.23
N ASN A 673 2.33 12.78 -11.35
CA ASN A 673 1.48 11.64 -11.67
C ASN A 673 0.05 11.78 -11.16
N VAL A 674 -0.28 12.89 -10.49
CA VAL A 674 -1.62 13.03 -9.93
C VAL A 674 -2.46 13.92 -10.80
N LEU A 675 -3.56 13.39 -11.31
CA LEU A 675 -4.39 14.18 -12.20
C LEU A 675 -5.64 14.68 -11.55
N LEU A 676 -6.02 15.92 -11.87
CA LEU A 676 -7.21 16.51 -11.32
C LEU A 676 -8.30 16.69 -12.36
N PHE A 677 -9.51 16.30 -12.00
CA PHE A 677 -10.66 16.36 -12.89
C PHE A 677 -11.69 17.41 -12.53
N THR A 678 -11.33 18.34 -11.67
CA THR A 678 -12.19 19.43 -11.19
C THR A 678 -11.71 19.92 -9.87
N LEU A 679 -11.60 21.21 -9.74
CA LEU A 679 -11.15 21.76 -8.49
C LEU A 679 -12.28 21.99 -7.50
N TYR A 680 -13.53 21.78 -7.95
CA TYR A 680 -14.69 21.92 -7.07
C TYR A 680 -14.58 20.96 -5.89
N PRO A 681 -14.34 21.46 -4.68
CA PRO A 681 -14.12 20.73 -3.43
C PRO A 681 -15.14 19.64 -3.16
N ASN A 682 -16.40 19.88 -3.48
CA ASN A 682 -17.41 18.88 -3.19
C ASN A 682 -17.83 18.08 -4.41
N ALA A 683 -16.89 17.37 -5.03
CA ALA A 683 -17.19 16.57 -6.19
C ALA A 683 -16.98 15.11 -5.88
N ALA A 684 -17.66 14.23 -6.60
CA ALA A 684 -17.54 12.79 -6.37
C ALA A 684 -16.14 12.29 -6.67
N ILE A 685 -15.55 12.72 -7.79
CA ILE A 685 -14.21 12.30 -8.13
C ILE A 685 -13.36 13.51 -8.48
N ILE A 686 -12.24 13.66 -7.78
CA ILE A 686 -11.36 14.79 -8.01
C ILE A 686 -10.01 14.36 -8.49
N ALA A 687 -9.37 13.43 -7.78
CA ALA A 687 -8.04 13.06 -8.22
C ALA A 687 -7.96 11.63 -8.68
N LYS A 688 -7.12 11.38 -9.70
CA LYS A 688 -6.87 10.04 -10.21
C LYS A 688 -5.38 9.80 -10.41
N ILE A 689 -4.96 8.55 -10.35
CA ILE A 689 -3.55 8.18 -10.55
C ILE A 689 -3.28 7.77 -11.99
N ALA A 690 -2.33 8.45 -12.61
CA ALA A 690 -2.00 8.21 -14.01
C ALA A 690 -1.08 7.02 -14.26
N ASP A 691 -1.28 6.38 -15.43
CA ASP A 691 -0.45 5.29 -15.94
C ASP A 691 -0.04 4.21 -14.94
N TYR A 692 -1.01 3.68 -14.24
CA TYR A 692 -0.80 2.62 -13.27
C TYR A 692 -0.52 1.29 -13.92
N GLY A 693 0.10 0.39 -13.17
CA GLY A 693 0.46 -0.92 -13.68
C GLY A 693 1.95 -1.19 -13.49
N PRO A 710 12.98 8.82 -9.12
CA PRO A 710 13.82 9.99 -9.40
C PRO A 710 14.30 10.44 -8.02
N GLY A 711 14.36 11.75 -7.81
CA GLY A 711 14.63 12.16 -6.43
C GLY A 711 13.28 12.31 -5.72
N PHE A 712 12.67 11.17 -5.30
CA PHE A 712 11.36 10.98 -4.60
C PHE A 712 11.28 9.55 -4.06
N ARG A 713 12.40 8.82 -3.96
CA ARG A 713 12.61 7.41 -3.61
C ARG A 713 12.66 7.11 -2.14
N ALA A 714 12.17 5.95 -1.76
CA ALA A 714 12.33 5.46 -0.41
C ALA A 714 13.83 5.26 -0.24
N PRO A 715 14.46 5.55 1.03
CA PRO A 715 15.87 5.40 1.36
C PRO A 715 16.29 3.94 1.30
N GLU A 716 15.38 3.01 1.52
CA GLU A 716 15.60 1.59 1.45
C GLU A 716 15.88 1.16 0.01
N VAL A 717 14.97 1.48 -0.90
CA VAL A 717 15.16 1.10 -2.30
C VAL A 717 16.20 1.98 -2.97
N ALA A 718 16.45 3.15 -2.40
CA ALA A 718 17.47 4.05 -2.88
C ALA A 718 18.87 3.43 -2.77
N ARG A 719 19.03 2.38 -1.95
CA ARG A 719 20.31 1.71 -1.79
C ARG A 719 20.68 0.96 -3.07
N GLY A 720 19.68 0.55 -3.85
CA GLY A 720 19.94 -0.15 -5.09
C GLY A 720 20.30 -1.62 -4.91
N ASN A 721 19.91 -2.21 -3.78
CA ASN A 721 20.24 -3.61 -3.54
C ASN A 721 19.11 -4.37 -2.86
N VAL A 722 17.91 -3.83 -2.94
CA VAL A 722 16.72 -4.47 -2.37
C VAL A 722 15.60 -4.52 -3.39
N ILE A 723 14.47 -5.07 -2.99
CA ILE A 723 13.32 -5.25 -3.87
C ILE A 723 12.14 -4.36 -3.45
N TYR A 724 11.48 -3.76 -4.43
CA TYR A 724 10.32 -2.93 -4.17
C TYR A 724 9.13 -3.69 -3.66
N ASN A 725 8.39 -3.05 -2.77
CA ASN A 725 7.19 -3.62 -2.23
C ASN A 725 6.28 -2.50 -1.76
N GLN A 726 5.13 -2.86 -1.22
CA GLN A 726 4.16 -1.87 -0.79
C GLN A 726 4.71 -0.83 0.16
N GLN A 727 5.72 -1.16 0.93
CA GLN A 727 6.24 -0.23 1.91
C GLN A 727 6.99 0.88 1.23
N ALA A 728 7.53 0.61 0.05
CA ALA A 728 8.21 1.62 -0.72
C ALA A 728 7.18 2.63 -1.20
N ASP A 729 6.04 2.13 -1.66
CA ASP A 729 4.97 3.03 -2.09
C ASP A 729 4.44 3.84 -0.93
N VAL A 730 4.31 3.23 0.24
CA VAL A 730 3.83 3.97 1.39
C VAL A 730 4.74 5.12 1.72
N TYR A 731 6.04 4.87 1.72
CA TYR A 731 6.99 5.92 2.00
C TYR A 731 6.83 7.04 0.99
N SER A 732 6.72 6.67 -0.28
CA SER A 732 6.56 7.64 -1.34
C SER A 732 5.30 8.46 -1.12
N PHE A 733 4.22 7.80 -0.71
CA PHE A 733 2.97 8.48 -0.38
C PHE A 733 3.16 9.51 0.69
N GLY A 734 3.87 9.16 1.75
CA GLY A 734 4.11 10.08 2.83
C GLY A 734 4.76 11.34 2.30
N LEU A 735 5.72 11.19 1.40
CA LEU A 735 6.35 12.36 0.83
C LEU A 735 5.37 13.19 0.04
N LEU A 736 4.46 12.54 -0.68
CA LEU A 736 3.43 13.26 -1.40
C LEU A 736 2.59 14.08 -0.46
N LEU A 737 2.19 13.47 0.65
CA LEU A 737 1.39 14.15 1.64
C LEU A 737 2.12 15.36 2.20
N TYR A 738 3.41 15.21 2.46
CA TYR A 738 4.27 16.30 2.93
C TYR A 738 4.22 17.42 1.91
N ASP A 739 4.31 17.05 0.63
CA ASP A 739 4.26 18.01 -0.46
C ASP A 739 2.92 18.72 -0.54
N ILE A 740 1.85 18.00 -0.23
CA ILE A 740 0.53 18.61 -0.22
C ILE A 740 0.39 19.57 0.95
N LEU A 741 0.86 19.14 2.11
CA LEU A 741 0.81 19.94 3.33
C LEU A 741 1.45 21.29 3.10
N THR A 742 2.66 21.29 2.56
CA THR A 742 3.29 22.55 2.23
C THR A 742 2.97 22.86 0.81
N THR A 743 1.93 23.66 0.58
CA THR A 743 1.44 23.95 -0.76
C THR A 743 2.44 24.66 -1.63
N GLY A 744 3.45 25.27 -1.04
CA GLY A 744 4.50 25.90 -1.82
C GLY A 744 5.35 24.89 -2.57
N GLY A 745 5.31 23.62 -2.15
CA GLY A 745 6.09 22.61 -2.82
C GLY A 745 7.54 22.91 -2.51
N ARG A 746 7.81 23.26 -1.27
CA ARG A 746 9.12 23.71 -0.90
C ARG A 746 10.19 22.64 -1.06
N ILE A 747 9.84 21.39 -0.81
CA ILE A 747 10.85 20.36 -1.02
C ILE A 747 10.99 20.17 -2.53
N VAL A 748 9.91 20.41 -3.27
CA VAL A 748 9.93 20.31 -4.73
C VAL A 748 10.79 21.40 -5.30
N GLU A 749 10.79 22.57 -4.66
CA GLU A 749 11.67 23.63 -5.06
C GLU A 749 13.11 23.23 -4.77
N GLY A 750 13.30 22.47 -3.69
CA GLY A 750 14.60 21.90 -3.33
C GLY A 750 15.20 21.05 -4.46
N LEU A 751 14.34 20.40 -5.26
CA LEU A 751 14.75 19.62 -6.45
C LEU A 751 15.71 20.36 -7.37
N LYS A 752 15.57 21.68 -7.44
CA LYS A 752 16.42 22.55 -8.25
C LYS A 752 17.90 22.47 -7.82
N PHE A 753 18.14 21.94 -6.62
CA PHE A 753 19.45 21.72 -6.08
C PHE A 753 19.50 20.24 -5.66
N PRO A 754 19.42 19.33 -6.65
CA PRO A 754 19.25 17.88 -6.54
C PRO A 754 20.30 17.18 -5.69
N ASN A 755 21.47 17.80 -5.57
CA ASN A 755 22.55 17.26 -4.77
C ASN A 755 22.19 17.24 -3.29
N GLU A 756 21.32 18.15 -2.89
CA GLU A 756 20.87 18.20 -1.52
C GLU A 756 19.54 17.48 -1.39
N PHE A 757 18.70 17.64 -2.41
CA PHE A 757 17.35 17.09 -2.44
C PHE A 757 17.28 15.57 -2.33
N ASP A 758 18.00 14.87 -3.20
CA ASP A 758 17.98 13.42 -3.17
C ASP A 758 18.57 12.90 -1.87
N GLU A 759 19.65 13.53 -1.42
CA GLU A 759 20.31 13.13 -0.20
C GLU A 759 19.45 13.41 1.01
N LEU A 760 18.72 14.52 0.99
CA LEU A 760 17.81 14.87 2.07
C LEU A 760 16.81 13.78 2.30
N GLU A 761 16.20 13.30 1.23
CA GLU A 761 15.22 12.23 1.33
C GLU A 761 15.86 10.96 1.87
N ILE A 762 17.09 10.67 1.41
CA ILE A 762 17.86 9.53 1.90
C ILE A 762 18.13 9.65 3.39
N GLN A 763 18.51 10.85 3.84
CA GLN A 763 18.77 11.10 5.24
C GLN A 763 17.51 10.94 6.06
N GLY A 764 16.37 11.36 5.49
CA GLY A 764 15.09 11.28 6.16
C GLY A 764 14.93 12.42 7.15
N LYS A 765 15.86 13.36 7.13
CA LYS A 765 15.88 14.44 8.08
C LYS A 765 15.14 15.64 7.54
N LEU A 766 13.83 15.49 7.42
CA LEU A 766 13.02 16.57 6.92
C LEU A 766 12.72 17.55 8.03
N PRO A 767 12.65 18.84 7.71
CA PRO A 767 12.37 19.94 8.58
C PRO A 767 10.89 19.99 8.90
N ASP A 768 10.58 20.61 10.03
CA ASP A 768 9.21 20.76 10.49
C ASP A 768 8.42 21.60 9.51
N PRO A 769 7.43 21.01 8.84
CA PRO A 769 6.63 21.61 7.79
C PRO A 769 5.93 22.90 8.21
N VAL A 770 5.70 23.07 9.49
CA VAL A 770 5.07 24.26 10.00
C VAL A 770 6.07 25.34 10.23
N LYS A 771 7.03 25.05 11.10
CA LYS A 771 8.05 25.99 11.47
C LYS A 771 8.93 26.41 10.32
N GLU A 772 9.37 25.44 9.54
CA GLU A 772 10.27 25.70 8.44
C GLU A 772 9.66 26.43 7.28
N TYR A 773 8.41 26.16 6.96
CA TYR A 773 7.86 26.79 5.77
C TYR A 773 6.81 27.84 6.09
N GLY A 774 6.43 27.97 7.36
CA GLY A 774 5.41 28.94 7.74
C GLY A 774 4.04 28.43 7.33
N CYS A 775 3.83 27.13 7.52
CA CYS A 775 2.59 26.49 7.12
C CYS A 775 1.63 26.40 8.28
N ALA A 776 0.38 26.82 8.07
CA ALA A 776 -0.60 26.77 9.14
C ALA A 776 -0.72 25.35 9.68
N PRO A 777 -0.77 25.16 11.00
CA PRO A 777 -0.82 23.90 11.72
C PRO A 777 -1.91 22.99 11.22
N TRP A 778 -1.59 21.71 11.18
CA TRP A 778 -2.53 20.70 10.78
C TRP A 778 -2.18 19.39 11.44
N PRO A 779 -2.32 19.31 12.77
CA PRO A 779 -2.04 18.15 13.58
C PRO A 779 -2.83 17.00 13.03
N MET A 780 -2.58 15.80 13.51
CA MET A 780 -3.16 14.58 12.93
C MET A 780 -2.42 14.27 11.62
N VAL A 781 -2.52 15.14 10.61
CA VAL A 781 -1.75 14.98 9.39
C VAL A 781 -0.29 15.06 9.68
N GLU A 782 0.10 16.02 10.50
CA GLU A 782 1.51 16.15 10.83
C GLU A 782 2.06 14.87 11.44
N LYS A 783 1.32 14.25 12.35
CA LYS A 783 1.85 13.04 12.92
C LYS A 783 1.70 11.89 11.96
N LEU A 784 0.74 11.95 11.04
CA LEU A 784 0.61 10.91 10.05
C LEU A 784 1.84 10.84 9.20
N ILE A 785 2.31 11.99 8.75
CA ILE A 785 3.51 12.04 7.96
C ILE A 785 4.68 11.47 8.73
N LYS A 786 4.80 11.84 10.00
CA LYS A 786 5.88 11.29 10.80
C LYS A 786 5.78 9.78 10.95
N GLN A 787 4.57 9.28 11.12
CA GLN A 787 4.35 7.85 11.24
C GLN A 787 4.63 7.13 9.94
N CYS A 788 4.25 7.76 8.86
CA CYS A 788 4.47 7.20 7.55
C CYS A 788 5.93 7.11 7.18
N LEU A 789 6.64 8.23 7.31
CA LEU A 789 8.03 8.26 6.87
C LEU A 789 9.01 7.76 7.92
N LYS A 790 8.97 6.46 8.19
CA LYS A 790 9.91 5.84 9.10
C LYS A 790 10.97 5.16 8.29
N GLU A 791 12.14 4.98 8.88
CA GLU A 791 13.25 4.36 8.20
C GLU A 791 13.04 2.87 7.96
N ASN A 792 12.51 2.19 8.97
CA ASN A 792 12.28 0.75 8.92
C ASN A 792 10.96 0.36 8.23
N PRO A 793 11.02 -0.30 7.07
CA PRO A 793 9.91 -0.80 6.26
C PRO A 793 8.88 -1.56 7.05
N GLN A 794 9.29 -2.24 8.10
CA GLN A 794 8.34 -3.02 8.86
C GLN A 794 7.60 -2.16 9.87
N GLU A 795 8.12 -0.97 10.13
CA GLU A 795 7.47 -0.05 11.04
C GLU A 795 6.49 0.83 10.32
N ARG A 796 6.69 1.01 9.01
CA ARG A 796 5.78 1.87 8.27
C ARG A 796 4.39 1.23 8.12
N PRO A 797 3.31 2.02 8.22
CA PRO A 797 1.89 1.69 8.09
C PRO A 797 1.57 1.04 6.77
N THR A 798 0.56 0.19 6.73
CA THR A 798 0.17 -0.39 5.45
C THR A 798 -0.70 0.61 4.76
N SER A 799 -0.84 0.47 3.45
CA SER A 799 -1.64 1.42 2.70
C SER A 799 -3.11 1.37 3.05
N ALA A 800 -3.58 0.21 3.51
CA ALA A 800 -4.95 0.11 3.96
C ALA A 800 -5.14 0.97 5.20
N GLN A 801 -4.19 0.90 6.11
CA GLN A 801 -4.22 1.68 7.32
C GLN A 801 -4.13 3.15 7.05
N VAL A 802 -3.30 3.53 6.08
CA VAL A 802 -3.16 4.93 5.73
C VAL A 802 -4.49 5.49 5.32
N PHE A 803 -5.21 4.75 4.50
CA PHE A 803 -6.53 5.20 4.10
C PHE A 803 -7.45 5.35 5.28
N ASP A 804 -7.50 4.33 6.14
CA ASP A 804 -8.36 4.39 7.31
C ASP A 804 -8.10 5.63 8.14
N ILE A 805 -6.84 6.02 8.27
CA ILE A 805 -6.49 7.22 8.99
C ILE A 805 -7.01 8.44 8.29
N LEU A 806 -6.87 8.49 6.98
CA LEU A 806 -7.37 9.63 6.22
C LEU A 806 -8.88 9.72 6.27
N ASN A 807 -9.54 8.59 6.41
CA ASN A 807 -10.98 8.54 6.54
C ASN A 807 -11.43 9.00 7.92
N SER A 808 -11.46 10.31 8.13
CA SER A 808 -11.82 10.87 9.44
C SER A 808 -12.23 12.32 9.44
N ALA A 809 -13.39 12.59 10.02
CA ALA A 809 -13.85 13.96 10.12
C ALA A 809 -12.97 14.72 11.10
N GLU A 810 -12.50 14.04 12.14
CA GLU A 810 -11.64 14.64 13.13
C GLU A 810 -10.36 15.12 12.51
N LEU A 811 -9.85 14.32 11.58
CA LEU A 811 -8.66 14.67 10.83
C LEU A 811 -8.81 16.01 10.16
N VAL A 812 -9.96 16.20 9.53
CA VAL A 812 -10.24 17.41 8.83
C VAL A 812 -10.45 18.62 9.74
N CYS A 813 -11.25 18.46 10.78
CA CYS A 813 -11.63 19.60 11.60
C CYS A 813 -10.75 19.93 12.79
N LEU A 814 -9.90 19.02 13.23
CA LEU A 814 -9.00 19.42 14.30
C LEU A 814 -8.02 20.40 13.75
N THR A 815 -7.88 21.56 14.39
CA THR A 815 -6.96 22.52 13.84
C THR A 815 -5.75 22.70 14.67
N ARG A 816 -5.91 22.76 15.98
CA ARG A 816 -4.73 22.98 16.81
C ARG A 816 -4.80 22.24 18.13
N ARG A 817 -3.64 21.95 18.69
CA ARG A 817 -3.59 21.31 19.99
C ARG A 817 -2.42 21.83 20.77
N ILE A 818 -2.70 22.48 21.89
CA ILE A 818 -1.64 23.06 22.69
C ILE A 818 -1.54 22.38 24.03
N LEU A 819 -0.39 21.80 24.32
CA LEU A 819 -0.23 21.18 25.62
C LEU A 819 0.15 22.23 26.63
N LEU A 820 -0.35 22.08 27.84
CA LEU A 820 0.02 23.00 28.90
C LEU A 820 1.18 22.39 29.68
N PRO A 821 1.94 23.19 30.42
CA PRO A 821 3.06 22.78 31.24
C PRO A 821 2.60 21.74 32.23
N LYS A 822 3.47 20.79 32.53
CA LYS A 822 3.14 19.70 33.42
C LYS A 822 2.72 20.18 34.79
N ASN A 823 1.66 19.57 35.33
CA ASN A 823 1.10 19.92 36.62
C ASN A 823 0.50 21.31 36.64
N VAL A 824 -0.20 21.66 35.57
CA VAL A 824 -0.94 22.90 35.51
C VAL A 824 -2.40 22.57 35.29
N ILE A 825 -3.24 23.02 36.20
CA ILE A 825 -4.65 22.77 36.14
C ILE A 825 -5.42 24.04 36.04
N VAL A 826 -6.11 24.19 34.91
CA VAL A 826 -6.89 25.37 34.62
C VAL A 826 -8.36 25.09 34.82
N GLU A 827 -8.99 25.86 35.69
CA GLU A 827 -10.40 25.64 35.99
C GLU A 827 -11.36 26.60 35.30
N CYS A 828 -10.85 27.54 34.52
CA CYS A 828 -11.72 28.48 33.80
C CYS A 828 -10.99 29.19 32.67
N MET A 829 -11.74 29.64 31.67
CA MET A 829 -11.16 30.24 30.46
C MET A 829 -11.88 31.48 29.98
N VAL A 830 -11.13 32.49 29.57
CA VAL A 830 -11.74 33.66 28.93
C VAL A 830 -10.99 34.05 27.68
N ALA A 831 -11.57 33.80 26.53
CA ALA A 831 -10.93 34.18 25.28
C ALA A 831 -11.21 35.64 25.00
N THR A 832 -10.25 36.35 24.43
CA THR A 832 -10.50 37.76 24.11
C THR A 832 -11.10 37.88 22.72
N HIS A 833 -12.34 38.37 22.67
CA HIS A 833 -13.04 38.50 21.41
C HIS A 833 -12.57 39.73 20.65
N HIS A 834 -11.51 39.55 19.89
CA HIS A 834 -10.95 40.64 19.13
C HIS A 834 -10.08 40.05 18.00
N ALA A 839 -5.30 37.55 19.85
CA ALA A 839 -5.66 36.12 19.81
C ALA A 839 -5.04 35.37 20.99
N SER A 840 -5.63 35.57 22.16
CA SER A 840 -5.11 34.99 23.38
C SER A 840 -6.21 34.64 24.37
N ILE A 841 -5.86 33.79 25.33
CA ILE A 841 -6.80 33.29 26.31
C ILE A 841 -6.34 33.45 27.76
N TRP A 842 -7.19 34.01 28.60
CA TRP A 842 -6.88 34.10 30.01
C TRP A 842 -7.24 32.81 30.69
N LEU A 843 -6.34 32.27 31.47
CA LEU A 843 -6.58 30.99 32.11
C LEU A 843 -6.55 31.10 33.62
N GLY A 844 -7.43 30.39 34.29
CA GLY A 844 -7.38 30.37 35.75
C GLY A 844 -6.41 29.27 36.17
N CYS A 845 -6.35 28.98 37.46
CA CYS A 845 -5.48 27.89 37.88
C CYS A 845 -5.93 27.28 39.18
N GLY A 846 -6.46 26.07 39.10
CA GLY A 846 -6.92 25.34 40.26
C GLY A 846 -5.91 24.33 40.78
N HIS A 847 -4.74 24.27 40.16
CA HIS A 847 -3.70 23.37 40.62
C HIS A 847 -3.21 23.71 42.01
N THR A 848 -2.88 24.97 42.23
CA THR A 848 -2.42 25.37 43.54
C THR A 848 -3.59 25.85 44.35
N ASP A 849 -3.33 26.25 45.57
CA ASP A 849 -4.36 26.80 46.43
C ASP A 849 -4.20 28.31 46.53
N ARG A 850 -3.55 28.91 45.54
CA ARG A 850 -3.34 30.34 45.54
C ARG A 850 -3.89 30.96 44.27
N GLY A 851 -4.44 32.17 44.40
CA GLY A 851 -4.96 32.90 43.25
C GLY A 851 -3.91 33.13 42.18
N GLN A 852 -3.77 32.18 41.27
CA GLN A 852 -2.80 32.30 40.19
C GLN A 852 -3.47 32.42 38.84
N LEU A 853 -3.08 33.46 38.10
CA LEU A 853 -3.67 33.77 36.80
C LEU A 853 -2.68 33.53 35.68
N SER A 854 -3.06 32.71 34.71
CA SER A 854 -2.17 32.38 33.61
C SER A 854 -2.62 32.99 32.31
N PHE A 855 -1.75 32.95 31.31
CA PHE A 855 -2.09 33.57 30.04
C PHE A 855 -1.44 32.87 28.85
N LEU A 856 -2.28 32.52 27.88
CA LEU A 856 -1.88 31.79 26.69
C LEU A 856 -1.96 32.63 25.42
N ASP A 857 -0.87 32.69 24.69
CA ASP A 857 -0.80 33.40 23.41
C ASP A 857 -0.96 32.46 22.25
N LEU A 858 -2.12 32.45 21.61
CA LEU A 858 -2.36 31.50 20.52
C LEU A 858 -1.49 31.77 19.29
N ASN A 859 -0.98 33.00 19.16
CA ASN A 859 -0.15 33.33 18.00
C ASN A 859 1.22 32.69 18.05
N THR A 860 1.72 32.44 19.25
CA THR A 860 3.06 31.91 19.40
C THR A 860 3.08 30.70 20.33
N GLU A 861 1.91 30.34 20.86
CA GLU A 861 1.78 29.28 21.84
C GLU A 861 2.65 29.63 23.04
N GLY A 862 2.63 30.91 23.39
CA GLY A 862 3.42 31.40 24.50
C GLY A 862 2.65 31.20 25.79
N TYR A 863 3.35 31.14 26.89
CA TYR A 863 2.66 30.91 28.15
C TYR A 863 3.34 31.54 29.33
N THR A 864 2.56 32.26 30.11
CA THR A 864 3.06 32.86 31.32
C THR A 864 2.07 32.69 32.42
N SER A 865 2.44 33.17 33.60
CA SER A 865 1.56 33.00 34.75
C SER A 865 2.07 33.76 35.97
N GLU A 866 1.15 34.33 36.73
CA GLU A 866 1.55 35.08 37.92
C GLU A 866 0.49 35.00 39.00
N GLU A 867 0.91 35.12 40.24
CA GLU A 867 -0.03 35.08 41.35
C GLU A 867 -0.64 36.46 41.50
N VAL A 868 -1.97 36.52 41.50
CA VAL A 868 -2.66 37.79 41.57
C VAL A 868 -3.58 37.92 42.77
N ALA A 869 -3.87 36.82 43.44
CA ALA A 869 -4.77 36.88 44.56
C ALA A 869 -4.45 35.82 45.60
N ASP A 870 -5.08 35.95 46.75
CA ASP A 870 -4.84 35.01 47.83
C ASP A 870 -5.53 33.68 47.61
N SER A 871 -6.85 33.68 47.67
CA SER A 871 -7.62 32.46 47.50
C SER A 871 -7.69 32.07 46.03
N ARG A 872 -8.21 30.88 45.76
CA ARG A 872 -8.26 30.36 44.40
C ARG A 872 -9.23 31.08 43.51
N ILE A 873 -8.81 31.33 42.28
CA ILE A 873 -9.66 31.95 41.29
C ILE A 873 -10.66 30.97 40.78
N LEU A 874 -11.92 31.30 40.90
CA LEU A 874 -12.95 30.39 40.47
C LEU A 874 -13.56 30.80 39.13
N CYS A 875 -13.80 32.09 38.95
CA CYS A 875 -14.41 32.54 37.70
C CYS A 875 -13.78 33.77 37.11
N LEU A 876 -13.64 33.77 35.81
CA LEU A 876 -13.13 34.93 35.12
C LEU A 876 -14.18 35.52 34.21
N ALA A 877 -14.17 36.83 34.04
CA ALA A 877 -15.08 37.45 33.09
C ALA A 877 -14.46 38.66 32.42
N LEU A 878 -14.78 38.86 31.15
CA LEU A 878 -14.23 40.00 30.42
C LEU A 878 -15.18 41.16 30.35
N VAL A 879 -14.75 42.28 30.88
CA VAL A 879 -15.51 43.51 30.79
C VAL A 879 -14.97 44.30 29.65
N HIS A 880 -15.80 44.53 28.66
CA HIS A 880 -15.36 45.24 27.48
C HIS A 880 -16.06 46.57 27.37
N LEU A 881 -15.28 47.64 27.40
CA LEU A 881 -15.81 48.98 27.30
C LEU A 881 -15.25 49.71 26.09
N PRO A 882 -15.64 49.32 24.86
CA PRO A 882 -15.19 49.86 23.58
C PRO A 882 -15.48 51.35 23.47
N VAL A 883 -16.46 51.81 24.23
CA VAL A 883 -16.83 53.21 24.31
C VAL A 883 -15.75 53.99 25.03
N GLU A 884 -15.21 53.39 26.08
CA GLU A 884 -14.17 54.01 26.87
C GLU A 884 -12.79 53.57 26.39
N LYS A 885 -12.75 52.64 25.42
CA LYS A 885 -11.53 52.15 24.82
C LYS A 885 -10.68 51.35 25.80
N GLU A 886 -11.35 50.53 26.61
CA GLU A 886 -10.65 49.76 27.62
C GLU A 886 -11.38 48.47 27.96
N SER A 887 -10.67 47.54 28.58
CA SER A 887 -11.28 46.30 29.00
C SER A 887 -10.58 45.73 30.22
N TRP A 888 -11.32 44.97 31.03
CA TRP A 888 -10.84 44.46 32.29
C TRP A 888 -11.16 42.98 32.51
N ILE A 889 -10.30 42.29 33.24
CA ILE A 889 -10.58 40.91 33.61
C ILE A 889 -11.06 40.88 35.03
N VAL A 890 -12.25 40.32 35.23
CA VAL A 890 -12.80 40.23 36.56
C VAL A 890 -12.57 38.84 37.08
N SER A 891 -11.86 38.75 38.18
CA SER A 891 -11.56 37.48 38.78
C SER A 891 -12.31 37.24 40.07
N GLY A 892 -13.28 36.34 40.04
CA GLY A 892 -14.00 35.98 41.25
C GLY A 892 -13.23 34.85 41.92
N THR A 893 -13.08 34.94 43.23
CA THR A 893 -12.32 33.94 43.96
C THR A 893 -13.10 33.29 45.10
N GLN A 894 -12.49 32.30 45.74
CA GLN A 894 -13.06 31.61 46.90
C GLN A 894 -13.33 32.56 48.04
N SER A 895 -12.48 33.57 48.18
CA SER A 895 -12.63 34.57 49.22
C SER A 895 -13.88 35.42 49.08
N GLY A 896 -14.48 35.45 47.89
CA GLY A 896 -15.62 36.29 47.66
C GLY A 896 -15.20 37.62 47.09
N THR A 897 -13.91 37.86 46.94
CA THR A 897 -13.48 39.12 46.37
C THR A 897 -13.50 39.10 44.85
N LEU A 898 -13.52 40.29 44.28
CA LEU A 898 -13.51 40.50 42.84
C LEU A 898 -12.31 41.31 42.44
N LEU A 899 -11.30 40.65 41.88
CA LEU A 899 -10.11 41.36 41.45
C LEU A 899 -10.27 41.76 40.01
N VAL A 900 -10.19 43.04 39.74
CA VAL A 900 -10.44 43.54 38.40
C VAL A 900 -9.15 44.12 37.82
N ILE A 901 -8.68 43.56 36.70
CA ILE A 901 -7.39 43.96 36.13
C ILE A 901 -7.49 44.46 34.70
N ASN A 902 -6.91 45.62 34.44
CA ASN A 902 -6.99 46.20 33.10
C ASN A 902 -6.16 45.37 32.14
N THR A 903 -6.78 44.95 31.04
CA THR A 903 -6.09 44.14 30.03
C THR A 903 -4.99 44.92 29.30
N GLU A 904 -5.09 46.24 29.31
CA GLU A 904 -4.12 47.09 28.64
C GLU A 904 -3.01 47.53 29.59
N ASP A 905 -3.18 47.25 30.89
CA ASP A 905 -2.18 47.66 31.86
C ASP A 905 -2.20 46.80 33.10
N GLY A 906 -1.25 45.89 33.19
CA GLY A 906 -1.14 44.97 34.31
C GLY A 906 -1.03 45.66 35.68
N LYS A 907 -0.57 46.91 35.70
CA LYS A 907 -0.45 47.64 36.95
C LYS A 907 -1.80 48.08 37.49
N LYS A 908 -2.80 48.20 36.62
CA LYS A 908 -4.11 48.64 37.05
C LYS A 908 -4.92 47.49 37.60
N ARG A 909 -4.69 47.23 38.88
CA ARG A 909 -5.40 46.16 39.56
C ARG A 909 -6.22 46.77 40.70
N HIS A 910 -7.47 46.36 40.85
CA HIS A 910 -8.24 46.85 41.99
C HIS A 910 -9.29 45.86 42.41
N THR A 911 -9.83 46.04 43.60
CA THR A 911 -10.82 45.10 44.11
C THR A 911 -12.16 45.77 44.37
N LEU A 912 -13.24 45.12 43.96
CA LEU A 912 -14.59 45.64 44.14
C LEU A 912 -15.13 45.24 45.49
N GLU A 913 -16.30 45.75 45.85
CA GLU A 913 -16.89 45.38 47.13
C GLU A 913 -16.91 43.88 47.30
N LYS A 914 -16.34 43.42 48.40
CA LYS A 914 -16.26 42.00 48.69
C LYS A 914 -17.63 41.40 48.90
N MET A 915 -17.83 40.21 48.33
CA MET A 915 -19.09 39.50 48.45
C MET A 915 -19.17 38.82 49.80
N THR A 916 -20.38 38.51 50.23
CA THR A 916 -20.58 37.86 51.53
C THR A 916 -20.22 36.38 51.51
N ASP A 917 -20.01 35.83 50.32
CA ASP A 917 -19.61 34.45 50.19
C ASP A 917 -18.80 34.32 48.90
N SER A 918 -18.31 33.12 48.60
CA SER A 918 -17.46 32.93 47.44
C SER A 918 -18.20 33.16 46.15
N VAL A 919 -17.44 33.44 45.10
CA VAL A 919 -18.05 33.68 43.80
C VAL A 919 -18.11 32.38 43.04
N THR A 920 -19.30 32.03 42.59
CA THR A 920 -19.50 30.78 41.88
C THR A 920 -19.64 30.96 40.38
N CYS A 921 -20.09 32.12 39.93
CA CYS A 921 -20.13 32.35 38.50
C CYS A 921 -20.23 33.81 38.15
N LEU A 922 -19.74 34.15 36.97
CA LEU A 922 -19.78 35.51 36.50
C LEU A 922 -20.39 35.58 35.12
N TYR A 923 -21.03 36.70 34.82
CA TYR A 923 -21.58 36.89 33.49
C TYR A 923 -21.69 38.35 33.16
N CYS A 924 -21.29 38.72 31.95
CA CYS A 924 -21.41 40.12 31.60
C CYS A 924 -21.50 40.33 30.10
N ASN A 935 -24.55 47.04 29.99
CA ASN A 935 -24.06 45.73 30.36
C ASN A 935 -23.98 45.67 31.85
N PHE A 936 -24.18 44.52 32.41
CA PHE A 936 -24.09 44.44 33.84
C PHE A 936 -23.22 43.29 34.23
N LEU A 937 -22.42 43.50 35.25
CA LEU A 937 -21.59 42.41 35.72
C LEU A 937 -22.37 41.66 36.74
N LEU A 938 -22.70 40.43 36.43
CA LEU A 938 -23.51 39.67 37.32
C LEU A 938 -22.63 38.76 38.10
N VAL A 939 -22.82 38.75 39.39
CA VAL A 939 -22.00 37.93 40.24
C VAL A 939 -22.86 36.96 40.98
N GLY A 940 -22.69 35.69 40.67
CA GLY A 940 -23.45 34.68 41.35
C GLY A 940 -22.60 34.12 42.46
N THR A 941 -23.09 34.20 43.69
CA THR A 941 -22.33 33.72 44.81
C THR A 941 -22.89 32.44 45.42
N ALA A 942 -22.08 31.83 46.29
CA ALA A 942 -22.36 30.55 46.92
C ALA A 942 -23.59 30.56 47.81
N ASP A 943 -23.98 31.70 48.30
CA ASP A 943 -25.17 31.78 49.14
C ASP A 943 -26.46 32.03 48.36
N GLY A 944 -26.42 31.88 47.03
CA GLY A 944 -27.61 32.06 46.23
C GLY A 944 -27.93 33.51 45.95
N LYS A 945 -26.99 34.39 46.27
CA LYS A 945 -27.17 35.81 46.07
C LYS A 945 -26.65 36.28 44.71
N LEU A 946 -27.42 37.13 44.04
CA LEU A 946 -27.04 37.66 42.74
C LEU A 946 -26.78 39.15 42.79
N ALA A 947 -25.53 39.55 42.59
CA ALA A 947 -25.23 40.97 42.61
C ALA A 947 -25.17 41.48 41.19
N ILE A 948 -25.76 42.65 40.98
CA ILE A 948 -25.77 43.29 39.68
C ILE A 948 -25.01 44.58 39.70
N PHE A 949 -23.91 44.66 38.96
CA PHE A 949 -23.11 45.87 38.90
C PHE A 949 -23.33 46.63 37.61
N GLU A 950 -23.40 47.95 37.71
CA GLU A 950 -23.54 48.82 36.55
C GLU A 950 -22.32 48.71 35.65
N ASP A 951 -22.57 48.78 34.35
CA ASP A 951 -21.60 48.61 33.27
C ASP A 951 -20.24 49.27 33.49
N LYS A 952 -20.21 50.60 33.61
CA LYS A 952 -18.93 51.28 33.75
C LYS A 952 -18.43 51.35 35.20
N THR A 953 -19.35 51.43 36.15
CA THR A 953 -19.04 51.49 37.59
C THR A 953 -17.93 50.57 38.08
N VAL A 954 -17.83 49.36 37.53
CA VAL A 954 -16.84 48.37 37.97
C VAL A 954 -15.38 48.82 37.83
N LYS A 955 -15.15 49.88 37.07
CA LYS A 955 -13.83 50.49 36.93
C LYS A 955 -13.29 51.03 38.24
N LEU A 956 -14.17 51.43 39.15
CA LEU A 956 -13.75 52.03 40.39
C LEU A 956 -13.48 51.01 41.50
N LYS A 957 -12.45 51.26 42.29
CA LYS A 957 -12.09 50.38 43.39
C LYS A 957 -13.07 50.49 44.53
N GLY A 958 -13.52 49.34 45.02
CA GLY A 958 -14.46 49.28 46.12
C GLY A 958 -15.88 49.60 45.68
N ALA A 959 -16.13 49.60 44.37
CA ALA A 959 -17.46 49.93 43.90
C ALA A 959 -18.50 48.92 44.34
N ALA A 960 -19.67 49.46 44.67
CA ALA A 960 -20.83 48.69 45.06
C ALA A 960 -21.68 48.39 43.84
N PRO A 961 -22.48 47.32 43.86
CA PRO A 961 -23.38 46.90 42.81
C PRO A 961 -24.61 47.77 42.74
N LEU A 962 -25.24 47.78 41.58
CA LEU A 962 -26.47 48.50 41.34
C LEU A 962 -27.55 47.98 42.27
N LYS A 963 -27.68 46.66 42.31
CA LYS A 963 -28.68 46.05 43.17
C LYS A 963 -28.33 44.60 43.45
N ILE A 964 -28.88 44.05 44.52
CA ILE A 964 -28.61 42.68 44.92
C ILE A 964 -29.87 41.88 45.16
N LEU A 965 -29.94 40.69 44.57
CA LEU A 965 -31.09 39.83 44.71
C LEU A 965 -30.81 38.57 45.50
N ASN A 966 -31.79 38.11 46.24
CA ASN A 966 -31.67 36.85 46.97
C ASN A 966 -32.49 35.80 46.26
N ILE A 967 -31.81 34.87 45.60
CA ILE A 967 -32.52 33.86 44.85
C ILE A 967 -32.57 32.57 45.62
N GLY A 968 -31.41 32.09 46.01
CA GLY A 968 -31.30 30.84 46.75
C GLY A 968 -31.02 31.07 48.23
N ASN A 969 -30.15 30.24 48.78
CA ASN A 969 -29.80 30.37 50.19
C ASN A 969 -28.43 29.79 50.44
N VAL A 970 -28.01 29.80 51.69
CA VAL A 970 -26.70 29.33 52.08
C VAL A 970 -26.30 27.94 51.54
N SER A 971 -27.28 27.07 51.31
CA SER A 971 -27.02 25.74 50.81
C SER A 971 -27.34 25.58 49.32
N THR A 972 -27.85 26.64 48.68
CA THR A 972 -28.26 26.61 47.28
C THR A 972 -27.62 27.75 46.49
N PRO A 973 -26.38 27.56 46.04
CA PRO A 973 -25.53 28.50 45.30
C PRO A 973 -26.00 28.73 43.89
N LEU A 974 -25.69 29.90 43.34
CA LEU A 974 -26.02 30.11 41.94
C LEU A 974 -24.94 29.48 41.12
N MET A 975 -25.28 28.83 40.03
CA MET A 975 -24.19 28.24 39.26
C MET A 975 -24.25 28.47 37.78
N CYS A 976 -25.18 29.28 37.31
CA CYS A 976 -25.22 29.47 35.88
C CYS A 976 -26.12 30.60 35.45
N LEU A 977 -25.57 31.54 34.72
CA LEU A 977 -26.32 32.65 34.16
C LEU A 977 -26.25 32.62 32.66
N SER A 978 -27.31 32.17 32.02
CA SER A 978 -27.33 32.05 30.58
C SER A 978 -28.29 33.02 29.95
N GLU A 979 -28.03 33.32 28.70
CA GLU A 979 -28.85 34.27 28.00
C GLU A 979 -28.68 34.12 26.52
N SER A 980 -29.74 33.73 25.84
CA SER A 980 -29.67 33.56 24.41
C SER A 980 -30.99 33.90 23.83
N ASN A 987 -34.04 39.42 25.95
CA ASN A 987 -32.93 39.78 26.81
C ASN A 987 -33.19 39.18 28.18
N VAL A 988 -33.93 38.09 28.19
CA VAL A 988 -34.36 37.44 29.40
C VAL A 988 -33.32 36.46 29.91
N MET A 989 -32.97 36.60 31.17
CA MET A 989 -31.98 35.72 31.75
C MET A 989 -32.59 34.43 32.20
N TRP A 990 -31.78 33.39 32.19
CA TRP A 990 -32.18 32.09 32.70
C TRP A 990 -31.06 31.55 33.55
N GLY A 991 -31.36 30.75 34.53
CA GLY A 991 -30.23 30.22 35.26
C GLY A 991 -30.56 29.20 36.29
N GLY A 992 -29.51 28.64 36.87
CA GLY A 992 -29.68 27.56 37.83
C GLY A 992 -29.35 27.96 39.24
N CYS A 993 -30.23 27.53 40.14
CA CYS A 993 -30.07 27.74 41.56
C CYS A 993 -30.51 26.51 42.28
N GLY A 994 -29.57 25.69 42.68
CA GLY A 994 -29.95 24.46 43.31
C GLY A 994 -30.69 23.64 42.28
N THR A 995 -31.94 23.33 42.56
CA THR A 995 -32.72 22.53 41.64
C THR A 995 -33.79 23.34 40.94
N LYS A 996 -33.72 24.66 41.06
CA LYS A 996 -34.72 25.52 40.44
C LYS A 996 -34.18 26.31 39.27
N ILE A 997 -35.02 26.57 38.29
CA ILE A 997 -34.63 27.41 37.18
C ILE A 997 -35.29 28.74 37.30
N PHE A 998 -34.50 29.78 37.36
CA PHE A 998 -35.05 31.11 37.49
C PHE A 998 -34.96 31.88 36.21
N SER A 999 -35.59 33.03 36.17
CA SER A 999 -35.55 33.85 34.98
C SER A 999 -35.69 35.33 35.31
N PHE A 1000 -35.00 36.18 34.57
CA PHE A 1000 -35.08 37.62 34.85
C PHE A 1000 -35.40 38.54 33.71
N SER A 1001 -36.14 39.59 34.07
CA SER A 1001 -36.47 40.68 33.18
C SER A 1001 -35.33 41.65 33.14
N ASN A 1002 -35.43 42.67 32.30
CA ASN A 1002 -34.38 43.68 32.26
C ASN A 1002 -34.40 44.58 33.50
N ASP A 1003 -35.43 44.44 34.35
CA ASP A 1003 -35.52 45.18 35.57
C ASP A 1003 -35.02 44.33 36.73
N PHE A 1004 -34.49 43.14 36.39
CA PHE A 1004 -33.94 42.21 37.35
C PHE A 1004 -35.01 41.66 38.27
N THR A 1005 -36.23 41.52 37.76
CA THR A 1005 -37.31 40.95 38.57
C THR A 1005 -37.46 39.48 38.21
N ILE A 1006 -37.90 38.68 39.18
CA ILE A 1006 -38.06 37.25 38.91
C ILE A 1006 -39.31 36.99 38.12
N GLN A 1007 -39.14 36.33 36.98
CA GLN A 1007 -40.25 36.05 36.11
C GLN A 1007 -40.83 34.67 36.24
N LYS A 1008 -40.19 33.80 37.02
CA LYS A 1008 -40.66 32.43 37.27
C LYS A 1008 -39.61 31.57 37.90
N LEU A 1009 -40.01 30.83 38.93
CA LEU A 1009 -39.13 29.89 39.60
C LEU A 1009 -39.62 28.48 39.34
N ILE A 1010 -38.99 27.80 38.41
CA ILE A 1010 -39.42 26.48 38.02
C ILE A 1010 -38.75 25.40 38.82
N GLU A 1011 -39.49 24.73 39.67
CA GLU A 1011 -38.92 23.62 40.39
C GLU A 1011 -38.73 22.47 39.45
N THR A 1012 -37.51 22.01 39.25
CA THR A 1012 -37.30 20.93 38.31
C THR A 1012 -37.26 19.58 38.98
N ARG A 1013 -37.18 19.55 40.31
CA ARG A 1013 -37.12 18.28 41.04
C ARG A 1013 -38.23 17.31 40.66
N THR A 1014 -39.39 17.85 40.31
CA THR A 1014 -40.57 17.06 39.96
C THR A 1014 -40.33 16.13 38.77
N SER A 1015 -39.26 16.39 38.01
CA SER A 1015 -38.92 15.54 36.89
C SER A 1015 -38.54 14.14 37.31
N GLN A 1016 -38.31 13.92 38.62
CA GLN A 1016 -37.97 12.60 39.16
C GLN A 1016 -39.03 11.55 38.90
N LEU A 1017 -40.22 11.95 38.45
CA LEU A 1017 -41.24 10.99 38.06
C LEU A 1017 -40.73 10.18 36.86
N PHE A 1018 -39.80 10.77 36.13
CA PHE A 1018 -39.14 10.18 34.99
C PHE A 1018 -37.67 10.02 35.37
N SER A 1019 -36.94 9.19 34.65
CA SER A 1019 -35.52 9.01 34.96
C SER A 1019 -35.28 8.43 36.35
N TYR A 1020 -34.42 9.10 37.13
CA TYR A 1020 -34.00 8.62 38.44
C TYR A 1020 -33.79 9.78 39.40
N ALA A 1021 -34.37 9.66 40.58
CA ALA A 1021 -34.37 10.73 41.57
C ALA A 1021 -32.99 11.26 41.96
N ALA A 1022 -31.96 10.42 42.04
CA ALA A 1022 -30.66 10.96 42.43
C ALA A 1022 -30.00 11.74 41.30
N PHE A 1023 -30.49 11.56 40.08
CA PHE A 1023 -29.97 12.31 38.96
C PHE A 1023 -30.73 13.59 38.85
N SER A 1024 -32.03 13.51 39.01
CA SER A 1024 -32.86 14.68 38.87
C SER A 1024 -32.77 15.60 40.06
N ASP A 1025 -32.68 15.04 41.24
CA ASP A 1025 -32.57 15.88 42.40
C ASP A 1025 -31.11 16.22 42.65
N SER A 1026 -30.56 17.13 41.86
CA SER A 1026 -29.15 17.50 41.97
C SER A 1026 -28.91 18.89 41.43
N ASN A 1027 -27.93 19.58 41.98
CA ASN A 1027 -27.66 20.96 41.58
C ASN A 1027 -27.43 21.14 40.10
N ILE A 1028 -28.02 22.19 39.54
CA ILE A 1028 -27.88 22.49 38.14
C ILE A 1028 -26.51 23.03 37.81
N ILE A 1029 -25.86 22.44 36.83
CA ILE A 1029 -24.56 22.88 36.37
C ILE A 1029 -24.67 23.90 35.28
N THR A 1030 -25.48 23.61 34.27
CA THR A 1030 -25.58 24.55 33.18
C THR A 1030 -26.93 24.56 32.52
N VAL A 1031 -27.29 25.73 32.00
CA VAL A 1031 -28.55 25.98 31.33
C VAL A 1031 -28.33 26.47 29.92
N VAL A 1032 -28.84 25.77 28.95
CA VAL A 1032 -28.70 26.24 27.58
C VAL A 1032 -30.04 26.70 27.07
N VAL A 1033 -30.09 27.94 26.60
CA VAL A 1033 -31.35 28.51 26.17
C VAL A 1033 -31.53 28.58 24.67
N ASP A 1034 -32.42 27.77 24.12
CA ASP A 1034 -32.71 27.85 22.71
C ASP A 1034 -34.22 28.05 22.51
N THR A 1035 -34.87 27.05 21.91
CA THR A 1035 -36.30 26.98 21.77
C THR A 1035 -36.86 26.11 22.88
N ALA A 1036 -35.95 25.60 23.70
CA ALA A 1036 -36.24 24.79 24.86
C ALA A 1036 -35.04 24.93 25.78
N LEU A 1037 -35.19 24.56 27.04
CA LEU A 1037 -34.07 24.67 27.94
C LEU A 1037 -33.38 23.34 28.06
N TYR A 1038 -32.07 23.34 28.06
CA TYR A 1038 -31.35 22.09 28.23
C TYR A 1038 -30.60 22.15 29.52
N ILE A 1039 -30.95 21.27 30.44
CA ILE A 1039 -30.40 21.29 31.77
C ILE A 1039 -29.47 20.15 32.09
N ALA A 1040 -28.26 20.47 32.50
CA ALA A 1040 -27.41 19.43 33.03
C ALA A 1040 -27.20 19.65 34.50
N LYS A 1041 -27.30 18.58 35.27
CA LYS A 1041 -27.17 18.62 36.72
C LYS A 1041 -25.93 17.88 37.16
N GLN A 1042 -25.46 18.22 38.35
CA GLN A 1042 -24.22 17.66 38.83
C GLN A 1042 -24.31 16.17 38.97
N ASN A 1043 -23.39 15.52 38.30
CA ASN A 1043 -23.25 14.07 38.23
C ASN A 1043 -24.39 13.38 37.51
N SER A 1044 -25.19 14.11 36.75
CA SER A 1044 -26.23 13.47 35.98
C SER A 1044 -25.65 12.99 34.68
N PRO A 1045 -26.12 11.86 34.19
CA PRO A 1045 -25.83 11.31 32.88
C PRO A 1045 -26.95 11.65 31.93
N VAL A 1046 -27.93 12.37 32.43
CA VAL A 1046 -29.09 12.73 31.64
C VAL A 1046 -29.32 14.23 31.58
N VAL A 1047 -29.55 14.71 30.36
CA VAL A 1047 -29.86 16.11 30.12
C VAL A 1047 -31.36 16.27 30.02
N GLU A 1048 -31.92 17.21 30.76
CA GLU A 1048 -33.36 17.39 30.72
C GLU A 1048 -33.75 18.44 29.72
N VAL A 1049 -34.85 18.25 29.04
CA VAL A 1049 -35.32 19.23 28.10
C VAL A 1049 -36.59 19.84 28.60
N TRP A 1050 -36.63 21.14 28.78
CA TRP A 1050 -37.83 21.76 29.31
C TRP A 1050 -38.51 22.73 28.36
N ASP A 1051 -39.83 22.71 28.36
CA ASP A 1051 -40.58 23.67 27.59
C ASP A 1051 -40.83 24.89 28.41
N LYS A 1052 -40.02 25.92 28.18
CA LYS A 1052 -40.13 27.18 28.88
C LYS A 1052 -41.48 27.89 28.72
N LYS A 1053 -42.24 27.53 27.69
CA LYS A 1053 -43.53 28.15 27.44
C LYS A 1053 -44.63 27.58 28.31
N THR A 1054 -44.47 26.34 28.77
CA THR A 1054 -45.49 25.72 29.59
C THR A 1054 -44.91 25.18 30.89
N GLU A 1055 -43.60 25.25 31.03
CA GLU A 1055 -42.88 24.79 32.20
C GLU A 1055 -43.07 23.29 32.39
N LYS A 1056 -42.84 22.53 31.34
CA LYS A 1056 -43.02 21.08 31.42
C LYS A 1056 -41.83 20.30 30.90
N LEU A 1057 -41.63 19.11 31.45
CA LEU A 1057 -40.55 18.25 30.98
C LEU A 1057 -40.91 17.70 29.62
N CYS A 1058 -40.08 17.93 28.62
CA CYS A 1058 -40.36 17.50 27.26
C CYS A 1058 -39.43 16.47 26.69
N GLY A 1059 -38.64 15.82 27.52
CA GLY A 1059 -37.76 14.80 27.01
C GLY A 1059 -36.47 14.70 27.78
N LEU A 1060 -35.85 13.54 27.67
CA LEU A 1060 -34.60 13.27 28.34
C LEU A 1060 -33.56 12.80 27.36
N ILE A 1061 -32.32 13.16 27.59
CA ILE A 1061 -31.24 12.71 26.74
C ILE A 1061 -30.30 11.82 27.53
N ASP A 1062 -30.26 10.55 27.18
CA ASP A 1062 -29.44 9.59 27.91
C ASP A 1062 -28.06 9.41 27.29
N CYS A 1063 -27.06 10.05 27.89
CA CYS A 1063 -25.69 9.99 27.38
C CYS A 1063 -25.08 8.61 27.50
N VAL A 1064 -25.47 7.87 28.53
CA VAL A 1064 -24.95 6.53 28.71
C VAL A 1064 -25.38 5.67 27.56
N HIS A 1065 -26.63 5.80 27.16
CA HIS A 1065 -27.15 5.05 26.03
C HIS A 1065 -26.32 5.22 24.78
N PHE A 1066 -25.96 6.46 24.47
CA PHE A 1066 -25.18 6.67 23.28
C PHE A 1066 -23.84 5.97 23.34
N LEU A 1067 -23.20 6.00 24.51
CA LEU A 1067 -21.92 5.33 24.62
C LEU A 1067 -22.08 3.87 24.95
N ARG A 1068 -23.28 3.45 25.28
CA ARG A 1068 -23.62 2.06 25.45
C ARG A 1068 -23.61 1.39 24.10
N GLU A 1069 -24.08 2.12 23.08
CA GLU A 1069 -24.08 1.65 21.71
C GLU A 1069 -22.64 1.51 21.21
N VAL A 1070 -21.78 2.42 21.65
CA VAL A 1070 -20.36 2.35 21.34
C VAL A 1070 -19.70 1.23 22.13
N MET A 1071 -18.93 0.39 21.47
CA MET A 1071 -18.27 -0.69 22.16
C MET A 1071 -17.12 -0.17 23.02
N MET A 1082 -13.40 2.21 34.02
CA MET A 1082 -14.53 3.09 34.24
C MET A 1082 -14.39 4.43 33.52
N SER A 1083 -13.70 4.46 32.38
CA SER A 1083 -13.60 5.72 31.63
C SER A 1083 -14.98 6.12 31.08
N TYR A 1084 -15.87 5.14 30.90
CA TYR A 1084 -17.23 5.41 30.45
C TYR A 1084 -18.16 5.71 31.61
N SER A 1085 -17.94 6.85 32.23
CA SER A 1085 -18.75 7.25 33.36
C SER A 1085 -20.09 7.77 32.90
N GLY A 1086 -20.11 8.40 31.73
CA GLY A 1086 -21.33 8.94 31.19
C GLY A 1086 -21.75 10.23 31.89
N ARG A 1087 -20.89 10.79 32.73
CA ARG A 1087 -21.25 12.00 33.43
C ARG A 1087 -21.23 13.19 32.50
N VAL A 1088 -22.25 14.03 32.55
CA VAL A 1088 -22.26 15.20 31.68
C VAL A 1088 -21.43 16.30 32.27
N LYS A 1089 -20.52 16.84 31.49
CA LYS A 1089 -19.70 17.94 31.97
C LYS A 1089 -20.20 19.29 31.51
N THR A 1090 -20.15 19.55 30.21
CA THR A 1090 -20.64 20.83 29.74
C THR A 1090 -21.50 20.72 28.50
N LEU A 1091 -22.34 21.72 28.31
CA LEU A 1091 -23.21 21.78 27.15
C LEU A 1091 -22.94 23.02 26.34
N CYS A 1092 -22.64 22.86 25.06
CA CYS A 1092 -22.53 24.03 24.21
C CYS A 1092 -23.51 23.90 23.10
N LEU A 1093 -24.04 25.01 22.63
CA LEU A 1093 -25.06 24.92 21.60
C LEU A 1093 -24.78 25.82 20.43
N GLN A 1094 -24.90 25.25 19.26
CA GLN A 1094 -24.69 25.95 18.03
C GLN A 1094 -26.03 26.14 17.34
N LYS A 1095 -26.24 27.30 16.74
CA LYS A 1095 -27.54 27.62 16.15
C LYS A 1095 -27.85 26.90 14.84
N ASN A 1096 -26.93 26.04 14.39
CA ASN A 1096 -27.18 25.22 13.21
C ASN A 1096 -27.71 23.86 13.64
N THR A 1097 -28.29 23.76 14.84
CA THR A 1097 -28.83 22.54 15.44
C THR A 1097 -27.77 21.63 16.08
N ALA A 1098 -26.49 21.92 15.95
CA ALA A 1098 -25.55 21.05 16.62
C ALA A 1098 -25.53 21.29 18.13
N LEU A 1099 -25.58 20.21 18.91
CA LEU A 1099 -25.50 20.32 20.35
C LEU A 1099 -24.25 19.56 20.79
N TRP A 1100 -23.36 20.24 21.47
CA TRP A 1100 -22.08 19.66 21.84
C TRP A 1100 -22.10 19.23 23.30
N ILE A 1101 -21.97 17.94 23.56
CA ILE A 1101 -22.01 17.49 24.95
C ILE A 1101 -20.72 16.86 25.40
N GLY A 1102 -20.03 17.48 26.34
CA GLY A 1102 -18.79 16.91 26.84
C GLY A 1102 -19.12 15.95 27.94
N THR A 1103 -18.18 15.11 28.33
CA THR A 1103 -18.47 14.16 29.38
C THR A 1103 -17.30 13.86 30.27
N GLY A 1104 -17.52 12.93 31.19
CA GLY A 1104 -16.51 12.54 32.16
C GLY A 1104 -15.27 11.98 31.49
N GLY A 1105 -15.46 11.07 30.55
CA GLY A 1105 -14.33 10.51 29.83
C GLY A 1105 -14.01 11.39 28.63
N GLY A 1106 -13.03 11.00 27.85
CA GLY A 1106 -12.63 11.81 26.69
C GLY A 1106 -13.56 11.63 25.49
N HIS A 1107 -14.81 12.03 25.64
CA HIS A 1107 -15.80 11.91 24.57
C HIS A 1107 -16.58 13.19 24.42
N ILE A 1108 -16.93 13.51 23.19
CA ILE A 1108 -17.78 14.64 22.92
C ILE A 1108 -18.90 14.15 22.04
N LEU A 1109 -20.13 14.35 22.47
CA LEU A 1109 -21.22 13.87 21.67
C LEU A 1109 -21.75 14.98 20.80
N LEU A 1110 -22.00 14.68 19.55
CA LEU A 1110 -22.60 15.65 18.69
C LEU A 1110 -24.03 15.26 18.46
N LEU A 1111 -24.98 16.05 18.97
CA LEU A 1111 -26.36 15.73 18.74
C LEU A 1111 -27.04 16.70 17.81
N ASP A 1112 -28.06 16.21 17.15
CA ASP A 1112 -28.90 16.97 16.25
C ASP A 1112 -30.10 17.51 16.98
N LEU A 1113 -30.14 18.81 17.23
CA LEU A 1113 -31.26 19.41 17.95
C LEU A 1113 -32.60 19.28 17.25
N SER A 1114 -32.61 19.15 15.93
CA SER A 1114 -33.88 19.07 15.25
C SER A 1114 -34.51 17.69 15.36
N THR A 1115 -33.72 16.67 15.70
CA THR A 1115 -34.27 15.33 15.80
C THR A 1115 -33.88 14.62 17.08
N ARG A 1116 -33.00 15.24 17.86
CA ARG A 1116 -32.45 14.65 19.08
C ARG A 1116 -31.74 13.35 18.74
N ARG A 1117 -30.82 13.42 17.79
CA ARG A 1117 -30.11 12.22 17.37
C ARG A 1117 -28.62 12.37 17.32
N LEU A 1118 -27.93 11.27 17.48
CA LEU A 1118 -26.49 11.25 17.53
C LEU A 1118 -25.85 11.35 16.17
N ILE A 1119 -25.17 12.46 15.93
CA ILE A 1119 -24.43 12.69 14.71
C ILE A 1119 -23.16 11.89 14.74
N ARG A 1120 -22.41 12.01 15.83
CA ARG A 1120 -21.16 11.27 15.99
C ARG A 1120 -20.56 11.38 17.36
N VAL A 1121 -19.78 10.38 17.74
CA VAL A 1121 -19.05 10.41 18.99
C VAL A 1121 -17.60 10.74 18.72
N ILE A 1122 -17.14 11.86 19.21
CA ILE A 1122 -15.76 12.26 19.04
C ILE A 1122 -15.05 11.75 20.25
N TYR A 1123 -14.02 10.93 20.10
CA TYR A 1123 -13.48 10.40 21.33
C TYR A 1123 -12.02 10.03 21.31
N ASN A 1124 -11.54 9.66 22.49
CA ASN A 1124 -10.14 9.34 22.73
C ASN A 1124 -9.40 10.65 22.62
N PHE A 1125 -10.10 11.66 23.10
CA PHE A 1125 -9.68 13.03 23.08
C PHE A 1125 -8.58 13.30 24.09
N CYS A 1126 -8.90 13.05 25.35
CA CYS A 1126 -7.99 13.21 26.48
C CYS A 1126 -8.58 12.39 27.61
N ASN A 1127 -8.12 12.59 28.84
CA ASN A 1127 -8.66 11.83 29.93
C ASN A 1127 -10.08 12.30 30.30
N SER A 1128 -10.28 13.61 30.47
CA SER A 1128 -11.59 14.11 30.88
C SER A 1128 -11.84 15.54 30.39
N VAL A 1129 -13.07 15.88 30.03
CA VAL A 1129 -13.34 17.23 29.53
C VAL A 1129 -13.65 18.22 30.64
N ARG A 1130 -12.95 19.34 30.68
CA ARG A 1130 -13.22 20.32 31.73
C ARG A 1130 -14.19 21.40 31.29
N VAL A 1131 -13.82 22.22 30.30
CA VAL A 1131 -14.77 23.23 29.79
C VAL A 1131 -14.75 23.33 28.30
N MET A 1132 -15.83 23.84 27.74
CA MET A 1132 -15.92 24.04 26.31
C MET A 1132 -16.39 25.45 26.01
N MET A 1133 -15.73 26.11 25.08
CA MET A 1133 -16.15 27.45 24.72
C MET A 1133 -16.33 27.62 23.25
N THR A 1134 -17.17 28.56 22.89
CA THR A 1134 -17.32 28.93 21.50
C THR A 1134 -16.64 30.26 21.34
N ALA A 1135 -15.72 30.36 20.42
CA ALA A 1135 -15.03 31.63 20.30
C ALA A 1135 -14.60 31.92 18.89
N GLN A 1136 -14.59 33.19 18.56
CA GLN A 1136 -14.15 33.61 17.26
C GLN A 1136 -12.69 33.98 17.36
N LEU A 1137 -11.90 33.47 16.44
CA LEU A 1137 -10.47 33.73 16.44
C LEU A 1137 -10.14 35.07 15.87
N GLY A 1138 -8.85 35.38 15.87
CA GLY A 1138 -8.35 36.64 15.36
C GLY A 1138 -8.34 36.73 13.83
N SER A 1139 -8.70 35.62 13.18
CA SER A 1139 -8.85 35.54 11.75
C SER A 1139 -10.33 35.38 11.40
N LEU A 1140 -11.19 35.65 12.41
CA LEU A 1140 -12.65 35.61 12.33
C LEU A 1140 -13.23 34.21 12.14
N LYS A 1141 -12.46 33.18 12.48
CA LYS A 1141 -12.94 31.82 12.35
C LYS A 1141 -13.64 31.40 13.62
N ASN A 1142 -14.68 30.60 13.52
CA ASN A 1142 -15.33 30.16 14.74
C ASN A 1142 -14.83 28.78 15.12
N VAL A 1143 -14.41 28.63 16.37
CA VAL A 1143 -13.89 27.37 16.84
C VAL A 1143 -14.37 26.98 18.21
N MET A 1144 -14.24 25.69 18.51
CA MET A 1144 -14.52 25.22 19.84
C MET A 1144 -13.24 25.12 20.60
N LEU A 1145 -13.22 25.66 21.79
CA LEU A 1145 -12.06 25.60 22.64
C LEU A 1145 -12.32 24.59 23.70
N VAL A 1146 -11.76 23.41 23.57
CA VAL A 1146 -12.06 22.41 24.55
C VAL A 1146 -10.86 22.19 25.43
N LEU A 1147 -11.03 22.49 26.70
CA LEU A 1147 -9.98 22.34 27.67
C LEU A 1147 -10.19 21.08 28.43
N GLY A 1148 -9.20 20.20 28.48
CA GLY A 1148 -9.40 18.97 29.22
C GLY A 1148 -8.23 18.54 30.06
N TYR A 1149 -8.46 17.46 30.80
CA TYR A 1149 -7.48 16.84 31.67
C TYR A 1149 -6.91 15.68 30.92
N ASN A 1150 -5.70 15.32 31.25
CA ASN A 1150 -5.08 14.21 30.59
C ASN A 1150 -4.14 13.49 31.52
N ARG A 1151 -4.64 13.19 32.71
CA ARG A 1151 -3.88 12.40 33.65
C ARG A 1151 -3.49 11.10 32.98
N GLU A 1162 1.04 12.10 36.56
CA GLU A 1162 1.16 12.82 35.30
C GLU A 1162 0.01 13.77 34.97
N ILE A 1163 -0.27 14.71 35.89
CA ILE A 1163 -1.30 15.73 35.65
C ILE A 1163 -1.02 16.57 34.41
N GLN A 1164 -1.42 16.07 33.26
CA GLN A 1164 -1.29 16.78 32.03
C GLN A 1164 -2.64 17.38 31.68
N SER A 1165 -2.63 18.54 31.06
CA SER A 1165 -3.85 19.21 30.65
C SER A 1165 -3.56 19.89 29.34
N CYS A 1166 -4.60 20.17 28.55
CA CYS A 1166 -4.36 20.77 27.25
C CYS A 1166 -5.56 21.40 26.61
N LEU A 1167 -5.29 22.28 25.66
CA LEU A 1167 -6.33 22.99 24.94
C LEU A 1167 -6.44 22.50 23.52
N THR A 1168 -7.62 22.09 23.11
CA THR A 1168 -7.79 21.63 21.76
C THR A 1168 -8.72 22.55 21.01
N VAL A 1169 -8.34 22.94 19.81
CA VAL A 1169 -9.16 23.85 19.02
C VAL A 1169 -9.77 23.16 17.82
N TRP A 1170 -11.11 23.11 17.79
CA TRP A 1170 -11.82 22.45 16.70
C TRP A 1170 -12.54 23.40 15.79
N ASP A 1171 -12.55 23.11 14.50
CA ASP A 1171 -13.31 23.91 13.57
C ASP A 1171 -14.79 23.73 13.85
N ILE A 1172 -15.48 24.82 14.15
CA ILE A 1172 -16.90 24.79 14.48
C ILE A 1172 -17.82 24.03 13.53
N ASN A 1173 -17.37 23.74 12.31
CA ASN A 1173 -18.22 23.06 11.34
C ASN A 1173 -18.11 21.56 11.39
N LEU A 1174 -17.45 21.03 12.42
CA LEU A 1174 -17.29 19.59 12.58
C LEU A 1174 -18.54 18.76 12.30
N PRO A 1175 -19.72 19.07 12.86
CA PRO A 1175 -20.98 18.37 12.63
C PRO A 1175 -21.29 18.21 11.15
N HIS A 1176 -20.98 19.24 10.37
CA HIS A 1176 -21.29 19.19 8.96
C HIS A 1176 -20.29 18.37 8.23
N GLU A 1177 -19.05 18.43 8.67
CA GLU A 1177 -18.02 17.67 8.01
C GLU A 1177 -18.24 16.20 8.24
N VAL A 1178 -18.70 15.83 9.42
CA VAL A 1178 -18.98 14.44 9.68
C VAL A 1178 -19.98 13.90 8.70
N GLN A 1179 -21.07 14.60 8.52
CA GLN A 1179 -22.08 14.11 7.61
C GLN A 1179 -21.67 14.18 6.15
N ASN A 1180 -21.02 15.26 5.74
CA ASN A 1180 -20.63 15.40 4.36
C ASN A 1180 -19.59 14.40 3.96
N LEU A 1181 -18.62 14.15 4.84
CA LEU A 1181 -17.60 13.19 4.55
C LEU A 1181 -18.20 11.83 4.37
N GLU A 1182 -19.11 11.46 5.27
CA GLU A 1182 -19.74 10.16 5.18
C GLU A 1182 -20.44 9.97 3.86
N LYS A 1183 -21.17 10.98 3.42
CA LYS A 1183 -21.86 10.91 2.15
C LYS A 1183 -20.89 10.72 1.01
N HIS A 1184 -19.83 11.53 0.99
CA HIS A 1184 -18.81 11.48 -0.05
C HIS A 1184 -18.26 10.09 -0.22
N ILE A 1185 -17.89 9.48 0.88
CA ILE A 1185 -17.32 8.17 0.85
C ILE A 1185 -18.30 7.14 0.34
N GLU A 1186 -19.54 7.21 0.77
CA GLU A 1186 -20.50 6.22 0.34
C GLU A 1186 -20.80 6.29 -1.13
N VAL A 1187 -20.89 7.49 -1.68
CA VAL A 1187 -21.14 7.62 -3.10
C VAL A 1187 -20.06 6.96 -3.90
N ARG A 1188 -18.81 7.21 -3.54
CA ARG A 1188 -17.71 6.64 -4.27
C ARG A 1188 -17.64 5.14 -4.09
N LYS A 1189 -18.05 4.66 -2.93
CA LYS A 1189 -18.09 3.23 -2.70
C LYS A 1189 -19.01 2.56 -3.69
N GLU A 1190 -20.18 3.16 -3.92
CA GLU A 1190 -21.12 2.60 -4.86
C GLU A 1190 -20.58 2.63 -6.27
N LEU A 1191 -19.87 3.71 -6.62
CA LEU A 1191 -19.30 3.79 -7.95
C LEU A 1191 -18.25 2.73 -8.16
N ALA A 1192 -17.50 2.40 -7.13
CA ALA A 1192 -16.50 1.36 -7.26
C ALA A 1192 -17.14 0.05 -7.62
N GLU A 1193 -18.27 -0.25 -6.99
CA GLU A 1193 -18.96 -1.49 -7.30
C GLU A 1193 -19.59 -1.45 -8.66
N LYS A 1194 -20.09 -0.30 -9.05
CA LYS A 1194 -20.66 -0.12 -10.36
C LYS A 1194 -19.67 -0.46 -11.45
N MET A 1195 -18.47 0.10 -11.34
CA MET A 1195 -17.40 -0.12 -12.30
C MET A 1195 -16.95 -1.56 -12.33
N ARG A 1196 -16.62 -2.10 -11.16
CA ARG A 1196 -16.12 -3.46 -11.07
C ARG A 1196 -17.12 -4.47 -11.60
N ARG A 1197 -18.40 -4.18 -11.41
CA ARG A 1197 -19.46 -5.08 -11.83
C ARG A 1197 -19.68 -5.10 -13.33
N THR A 1198 -19.54 -3.95 -13.99
CA THR A 1198 -19.74 -3.87 -15.43
C THR A 1198 -18.76 -4.80 -16.15
N SER A 1199 -17.47 -4.52 -15.98
CA SER A 1199 -16.41 -5.32 -16.59
C SER A 1199 -16.66 -5.59 -18.07
N VAL A 4 39.50 -8.92 2.33
CA VAL A 4 40.52 -9.97 2.30
C VAL A 4 40.31 -10.91 1.10
N PRO A 5 41.40 -11.47 0.56
CA PRO A 5 41.49 -12.31 -0.62
C PRO A 5 40.82 -13.66 -0.47
N TYR A 6 39.52 -13.66 -0.66
CA TYR A 6 38.67 -14.84 -0.61
C TYR A 6 39.07 -15.80 -1.72
N ASN A 7 39.27 -17.08 -1.40
CA ASN A 7 39.75 -18.05 -2.38
C ASN A 7 38.86 -19.27 -2.57
N ARG A 8 37.55 -19.04 -2.67
CA ARG A 8 36.61 -20.14 -2.91
C ARG A 8 35.83 -19.91 -4.18
N MET A 9 35.49 -20.99 -4.86
CA MET A 9 34.76 -20.93 -6.11
C MET A 9 33.87 -22.15 -6.25
N LYS A 10 32.69 -22.01 -6.83
CA LYS A 10 31.80 -23.14 -6.90
C LYS A 10 32.04 -23.98 -8.15
N LEU A 11 31.82 -25.27 -8.04
CA LEU A 11 31.94 -26.14 -9.19
C LEU A 11 30.58 -26.74 -9.48
N MET A 12 30.03 -26.39 -10.61
CA MET A 12 28.72 -26.88 -10.97
C MET A 12 28.85 -28.03 -11.93
N ILE A 13 28.44 -29.21 -11.50
CA ILE A 13 28.54 -30.35 -12.39
C ILE A 13 27.17 -30.70 -12.89
N VAL A 14 27.02 -30.68 -14.21
CA VAL A 14 25.73 -30.91 -14.85
C VAL A 14 25.79 -31.95 -15.93
N GLY A 15 24.63 -32.45 -16.30
CA GLY A 15 24.52 -33.46 -17.34
C GLY A 15 23.23 -34.23 -17.16
N ASN A 16 22.94 -35.12 -18.07
CA ASN A 16 21.72 -35.91 -17.97
C ASN A 16 21.89 -37.16 -17.15
N TPO A 17 20.76 -37.64 -16.67
CA TPO A 17 20.69 -38.84 -15.86
CB TPO A 17 19.22 -39.15 -15.50
CG2 TPO A 17 19.14 -40.39 -14.62
OG1 TPO A 17 18.66 -38.04 -14.80
P TPO A 17 17.06 -37.79 -14.76
O1P TPO A 17 16.37 -39.18 -14.64
O2P TPO A 17 16.75 -36.90 -13.54
O3P TPO A 17 16.65 -37.07 -16.09
C TPO A 17 21.32 -40.02 -16.59
O TPO A 17 20.92 -40.34 -17.71
N GLY A 18 22.29 -40.64 -15.96
CA GLY A 18 22.98 -41.79 -16.52
C GLY A 18 24.44 -41.55 -16.88
N SER A 19 24.87 -40.29 -16.84
CA SER A 19 26.25 -39.96 -17.21
C SER A 19 27.34 -40.57 -16.33
N GLY A 20 27.05 -40.83 -15.05
CA GLY A 20 28.06 -41.37 -14.14
C GLY A 20 29.01 -40.29 -13.60
N LYS A 21 28.65 -39.03 -13.85
CA LYS A 21 29.45 -37.86 -13.50
C LYS A 21 29.81 -37.75 -12.01
N THR A 22 29.03 -38.37 -11.14
CA THR A 22 29.35 -38.36 -9.72
C THR A 22 30.64 -39.11 -9.43
N THR A 23 30.82 -40.25 -10.09
CA THR A 23 32.02 -41.03 -9.87
C THR A 23 33.18 -40.28 -10.46
N LEU A 24 32.95 -39.65 -11.61
CA LEU A 24 33.98 -38.80 -12.21
C LEU A 24 34.54 -37.84 -11.20
N LEU A 25 33.66 -37.14 -10.48
CA LEU A 25 34.06 -36.25 -9.40
C LEU A 25 34.92 -36.95 -8.38
N GLN A 26 34.48 -38.12 -7.93
CA GLN A 26 35.25 -38.88 -6.94
C GLN A 26 36.65 -39.22 -7.42
N GLN A 27 36.77 -39.53 -8.71
CA GLN A 27 38.08 -39.83 -9.24
C GLN A 27 38.94 -38.59 -9.35
N LEU A 28 38.33 -37.46 -9.74
CA LEU A 28 39.05 -36.22 -9.88
C LEU A 28 39.55 -35.71 -8.54
N MET A 29 38.74 -35.90 -7.50
CA MET A 29 39.12 -35.50 -6.14
C MET A 29 40.07 -36.50 -5.51
N GLY A 44 18.85 -34.84 -5.68
CA GLY A 44 19.24 -33.48 -5.99
C GLY A 44 20.74 -33.31 -6.18
N ILE A 45 21.33 -32.47 -5.33
CA ILE A 45 22.74 -32.12 -5.41
C ILE A 45 23.61 -32.65 -4.28
N ASP A 46 24.71 -33.29 -4.65
CA ASP A 46 25.71 -33.75 -3.69
C ASP A 46 26.74 -32.65 -3.48
N VAL A 47 26.69 -31.99 -2.33
CA VAL A 47 27.56 -30.84 -2.06
C VAL A 47 28.79 -31.17 -1.22
N LYS A 48 29.97 -30.77 -1.71
CA LYS A 48 31.20 -31.01 -0.95
C LYS A 48 32.37 -30.16 -1.42
N ASP A 49 33.14 -29.65 -0.48
CA ASP A 49 34.33 -28.88 -0.81
C ASP A 49 35.48 -29.73 -1.37
N TRP A 50 36.27 -29.11 -2.25
CA TRP A 50 37.43 -29.70 -2.88
C TRP A 50 38.64 -28.79 -2.92
N PRO A 51 39.43 -28.75 -1.86
CA PRO A 51 40.70 -28.05 -1.75
C PRO A 51 41.69 -28.58 -2.77
N ILE A 52 42.24 -27.68 -3.57
CA ILE A 52 43.23 -28.00 -4.56
C ILE A 52 44.47 -27.19 -4.31
N LEU A 62 43.10 -23.34 -3.33
CA LEU A 62 41.87 -23.18 -4.06
C LEU A 62 40.83 -24.13 -3.55
N VAL A 63 39.78 -23.61 -2.93
CA VAL A 63 38.79 -24.53 -2.46
C VAL A 63 37.55 -24.44 -3.30
N LEU A 64 37.22 -25.53 -3.97
CA LEU A 64 36.04 -25.49 -4.77
C LEU A 64 34.87 -26.01 -4.00
N ASN A 65 33.75 -25.34 -4.10
CA ASN A 65 32.54 -25.78 -3.44
C ASN A 65 31.79 -26.56 -4.48
N VAL A 66 31.88 -27.88 -4.45
CA VAL A 66 31.31 -28.63 -5.53
C VAL A 66 29.83 -28.90 -5.32
N TRP A 67 29.04 -28.54 -6.32
CA TRP A 67 27.61 -28.78 -6.37
C TRP A 67 27.29 -29.76 -7.49
N ASP A 68 27.30 -31.04 -7.15
CA ASP A 68 27.01 -32.08 -8.13
C ASP A 68 25.52 -32.28 -8.39
N PHE A 69 25.01 -31.71 -9.50
CA PHE A 69 23.60 -31.89 -9.89
C PHE A 69 23.38 -33.27 -10.44
N ALA A 70 23.46 -34.27 -9.59
CA ALA A 70 23.35 -35.63 -10.04
C ALA A 70 21.98 -35.91 -10.60
N GLY A 71 20.93 -35.55 -9.84
CA GLY A 71 19.57 -35.80 -10.29
C GLY A 71 18.93 -34.56 -10.87
N ARG A 72 17.60 -34.60 -11.02
CA ARG A 72 16.83 -33.51 -11.61
C ARG A 72 16.61 -32.37 -10.65
N GLU A 73 17.69 -31.75 -10.19
CA GLU A 73 17.54 -30.66 -9.26
C GLU A 73 17.17 -29.40 -9.95
N GLU A 74 15.88 -29.13 -9.93
CA GLU A 74 15.26 -27.97 -10.55
C GLU A 74 15.90 -26.63 -10.24
N PHE A 75 16.73 -26.53 -9.18
CA PHE A 75 17.50 -25.33 -8.82
C PHE A 75 18.07 -24.59 -10.03
N TYR A 76 18.60 -25.35 -11.00
CA TYR A 76 19.15 -24.74 -12.20
C TYR A 76 18.18 -23.84 -12.97
N SER A 77 16.89 -23.99 -12.74
CA SER A 77 15.87 -23.18 -13.38
C SER A 77 14.91 -22.52 -12.39
N THR A 78 14.98 -22.92 -11.11
CA THR A 78 14.09 -22.36 -10.08
C THR A 78 14.79 -21.42 -9.12
N HIS A 79 16.11 -21.51 -9.06
CA HIS A 79 16.90 -20.57 -8.28
C HIS A 79 18.34 -20.57 -8.69
N PRO A 80 18.63 -20.29 -9.97
CA PRO A 80 19.94 -20.20 -10.58
C PRO A 80 20.61 -18.89 -10.20
N ARG A 86 31.03 -16.82 -10.14
CA ARG A 86 32.01 -17.49 -9.30
C ARG A 86 31.80 -18.97 -9.36
N ALA A 87 31.71 -19.50 -10.56
CA ALA A 87 31.42 -20.90 -10.74
C ALA A 87 31.91 -21.41 -12.07
N LEU A 88 32.27 -22.68 -12.11
CA LEU A 88 32.70 -23.31 -13.35
C LEU A 88 31.78 -24.46 -13.67
N TYR A 89 31.37 -24.55 -14.92
CA TYR A 89 30.46 -25.59 -15.29
C TYR A 89 31.14 -26.75 -15.95
N LEU A 90 30.90 -27.92 -15.41
CA LEU A 90 31.44 -29.13 -15.96
C LEU A 90 30.29 -29.91 -16.57
N ALA A 91 30.26 -29.96 -17.88
CA ALA A 91 29.21 -30.65 -18.61
C ALA A 91 29.65 -32.06 -18.93
N VAL A 92 28.98 -33.04 -18.37
CA VAL A 92 29.38 -34.42 -18.60
C VAL A 92 28.33 -35.19 -19.35
N TYR A 93 28.76 -35.95 -20.36
CA TYR A 93 27.81 -36.75 -21.13
C TYR A 93 28.43 -38.07 -21.52
N ASP A 94 27.59 -39.04 -21.86
CA ASP A 94 28.03 -40.37 -22.24
C ASP A 94 28.33 -40.50 -23.72
N LEU A 95 29.61 -40.54 -24.05
CA LEU A 95 30.06 -40.64 -25.43
C LEU A 95 29.51 -41.85 -26.17
N SER A 96 29.32 -42.98 -25.47
CA SER A 96 28.84 -44.19 -26.13
C SER A 96 27.37 -44.06 -26.56
N LYS A 97 26.66 -43.09 -25.98
CA LYS A 97 25.30 -42.82 -26.42
C LYS A 97 25.38 -42.07 -27.74
N GLY A 98 26.29 -41.10 -27.80
CA GLY A 98 26.55 -40.42 -29.06
C GLY A 98 25.96 -39.02 -29.23
N GLN A 99 25.80 -38.66 -30.50
CA GLN A 99 25.35 -37.34 -30.94
C GLN A 99 23.99 -36.96 -30.39
N ALA A 100 23.12 -37.95 -30.19
CA ALA A 100 21.82 -37.69 -29.62
C ALA A 100 21.96 -37.06 -28.24
N GLU A 101 22.96 -37.51 -27.49
CA GLU A 101 23.19 -36.96 -26.17
C GLU A 101 23.75 -35.57 -26.26
N VAL A 102 24.59 -35.35 -27.26
CA VAL A 102 25.13 -34.02 -27.47
C VAL A 102 23.98 -33.04 -27.66
N ASP A 103 23.01 -33.40 -28.49
CA ASP A 103 21.85 -32.56 -28.70
C ASP A 103 21.04 -32.38 -27.42
N ALA A 104 20.92 -33.44 -26.62
CA ALA A 104 20.23 -33.36 -25.35
C ALA A 104 20.83 -32.31 -24.42
N MET A 105 22.15 -32.11 -24.53
CA MET A 105 22.83 -31.11 -23.70
C MET A 105 22.58 -29.65 -24.11
N LYS A 106 21.92 -29.41 -25.24
CA LYS A 106 21.70 -28.04 -25.68
C LYS A 106 20.84 -27.24 -24.70
N PRO A 107 19.77 -27.80 -24.13
CA PRO A 107 18.96 -27.15 -23.11
C PRO A 107 19.77 -26.80 -21.88
N TRP A 108 20.77 -27.62 -21.57
CA TRP A 108 21.62 -27.36 -20.42
C TRP A 108 22.49 -26.17 -20.71
N LEU A 109 23.06 -26.16 -21.91
CA LEU A 109 23.92 -25.07 -22.32
C LEU A 109 23.15 -23.79 -22.44
N PHE A 110 21.92 -23.88 -22.93
CA PHE A 110 21.06 -22.73 -23.05
C PHE A 110 20.83 -22.12 -21.70
N ASN A 111 20.40 -22.95 -20.76
CA ASN A 111 20.13 -22.52 -19.42
C ASN A 111 21.35 -21.88 -18.77
N ILE A 112 22.53 -22.46 -19.01
CA ILE A 112 23.75 -21.90 -18.46
C ILE A 112 23.99 -20.52 -19.01
N LYS A 113 23.94 -20.37 -20.33
CA LYS A 113 24.15 -19.07 -20.93
C LYS A 113 23.12 -18.08 -20.45
N ALA A 114 21.88 -18.54 -20.32
CA ALA A 114 20.76 -17.73 -19.89
C ALA A 114 20.90 -17.19 -18.47
N ARG A 115 21.85 -17.68 -17.69
CA ARG A 115 21.98 -17.20 -16.32
C ARG A 115 23.42 -16.77 -16.02
N ALA A 116 24.37 -17.32 -16.74
CA ALA A 116 25.77 -16.95 -16.57
C ALA A 116 26.53 -17.13 -17.87
N SER A 117 26.29 -16.26 -18.83
CA SER A 117 26.93 -16.36 -20.13
C SER A 117 28.44 -16.19 -20.08
N SER A 118 28.94 -15.50 -19.06
CA SER A 118 30.36 -15.28 -18.90
C SER A 118 31.09 -16.45 -18.24
N SER A 119 30.34 -17.40 -17.67
CA SER A 119 30.98 -18.50 -16.95
C SER A 119 31.64 -19.48 -17.92
N PRO A 120 32.68 -20.19 -17.48
CA PRO A 120 33.46 -21.15 -18.22
C PRO A 120 32.75 -22.47 -18.29
N VAL A 121 32.88 -23.16 -19.41
CA VAL A 121 32.26 -24.45 -19.59
C VAL A 121 33.25 -25.49 -20.12
N ILE A 122 33.37 -26.59 -19.41
CA ILE A 122 34.21 -27.69 -19.87
C ILE A 122 33.35 -28.86 -20.22
N LEU A 123 33.45 -29.34 -21.45
CA LEU A 123 32.64 -30.43 -21.92
C LEU A 123 33.38 -31.76 -21.89
N VAL A 124 32.91 -32.71 -21.10
CA VAL A 124 33.59 -33.99 -21.02
C VAL A 124 32.72 -35.18 -21.41
N GLY A 125 33.18 -35.91 -22.41
CA GLY A 125 32.50 -37.12 -22.86
C GLY A 125 33.09 -38.28 -22.11
N THR A 126 32.26 -39.25 -21.72
CA THR A 126 32.81 -40.37 -20.98
C THR A 126 32.42 -41.71 -21.57
N HIS A 127 32.88 -42.76 -20.92
CA HIS A 127 32.72 -44.14 -21.38
C HIS A 127 33.36 -44.38 -22.73
N LEU A 128 34.51 -43.74 -22.97
CA LEU A 128 35.27 -43.94 -24.20
C LEU A 128 35.78 -45.38 -24.30
N ASP A 129 35.96 -46.08 -23.17
CA ASP A 129 36.44 -47.45 -23.23
C ASP A 129 35.40 -48.44 -23.78
N VAL A 130 34.16 -47.99 -24.02
CA VAL A 130 33.14 -48.82 -24.62
C VAL A 130 32.51 -48.07 -25.77
N SER A 131 33.25 -47.11 -26.31
CA SER A 131 32.77 -46.30 -27.42
C SER A 131 33.80 -46.25 -28.52
N ASP A 132 33.42 -46.73 -29.70
CA ASP A 132 34.32 -46.73 -30.83
C ASP A 132 34.70 -45.32 -31.18
N GLU A 133 35.95 -45.12 -31.65
CA GLU A 133 36.39 -43.78 -32.02
C GLU A 133 35.51 -43.17 -33.10
N LYS A 134 34.77 -43.99 -33.84
CA LYS A 134 33.77 -43.51 -34.77
C LYS A 134 32.83 -42.55 -34.07
N GLN A 135 32.34 -42.96 -32.90
CA GLN A 135 31.46 -42.12 -32.12
C GLN A 135 32.19 -40.93 -31.56
N ARG A 136 33.44 -41.16 -31.14
CA ARG A 136 34.26 -40.07 -30.62
C ARG A 136 34.40 -38.95 -31.63
N LYS A 137 34.82 -39.31 -32.84
CA LYS A 137 34.99 -38.31 -33.87
C LYS A 137 33.66 -37.82 -34.43
N ALA A 138 32.61 -38.64 -34.32
CA ALA A 138 31.30 -38.20 -34.76
C ALA A 138 30.83 -37.09 -33.86
N CYS A 139 30.96 -37.30 -32.55
CA CYS A 139 30.57 -36.31 -31.56
C CYS A 139 31.51 -35.12 -31.62
N MET A 140 32.78 -35.37 -31.92
CA MET A 140 33.72 -34.29 -32.09
C MET A 140 33.25 -33.38 -33.19
N SER A 141 32.93 -33.95 -34.35
CA SER A 141 32.47 -33.12 -35.45
C SER A 141 31.11 -32.51 -35.13
N LYS A 142 30.30 -33.22 -34.36
CA LYS A 142 29.01 -32.70 -33.95
C LYS A 142 29.16 -31.41 -33.17
N ILE A 143 30.07 -31.38 -32.20
CA ILE A 143 30.26 -30.17 -31.42
C ILE A 143 31.03 -29.11 -32.18
N THR A 144 31.89 -29.49 -33.13
CA THR A 144 32.57 -28.44 -33.88
C THR A 144 31.61 -27.79 -34.85
N LYS A 145 30.60 -28.53 -35.27
CA LYS A 145 29.60 -28.00 -36.17
C LYS A 145 28.44 -27.31 -35.47
N GLU A 146 28.08 -27.78 -34.28
CA GLU A 146 26.87 -27.23 -33.66
C GLU A 146 27.00 -26.59 -32.28
N LEU A 147 28.15 -26.65 -31.62
CA LEU A 147 28.22 -26.03 -30.30
C LEU A 147 29.43 -25.13 -30.08
N LEU A 148 30.60 -25.61 -30.47
CA LEU A 148 31.85 -24.89 -30.24
C LEU A 148 31.91 -23.56 -30.97
N ASN A 149 31.21 -23.45 -32.09
CA ASN A 149 31.17 -22.23 -32.85
C ASN A 149 29.74 -21.73 -33.03
N LYS A 150 28.84 -22.16 -32.14
CA LYS A 150 27.44 -21.82 -32.30
C LYS A 150 26.94 -20.80 -31.29
N ARG A 151 26.47 -19.67 -31.80
CA ARG A 151 25.93 -18.64 -30.93
C ARG A 151 24.67 -19.15 -30.27
N GLY A 152 24.40 -18.65 -29.09
CA GLY A 152 23.25 -19.11 -28.32
C GLY A 152 23.72 -20.06 -27.23
N PHE A 153 24.93 -20.59 -27.37
CA PHE A 153 25.50 -21.43 -26.34
C PHE A 153 26.67 -20.69 -25.73
N PRO A 154 26.96 -20.88 -24.45
CA PRO A 154 27.95 -20.17 -23.61
C PRO A 154 29.42 -20.48 -23.90
N ALA A 155 29.81 -20.36 -25.17
CA ALA A 155 31.17 -20.53 -25.67
C ALA A 155 32.02 -21.56 -24.91
N ILE A 156 31.62 -22.84 -24.98
CA ILE A 156 32.41 -23.95 -24.43
C ILE A 156 33.89 -23.65 -24.46
N ARG A 157 34.51 -23.61 -23.31
CA ARG A 157 35.91 -23.24 -23.21
C ARG A 157 36.85 -24.37 -23.59
N ASP A 158 36.55 -25.58 -23.16
CA ASP A 158 37.41 -26.70 -23.53
C ASP A 158 36.63 -28.00 -23.45
N TYR A 159 37.26 -29.08 -23.89
CA TYR A 159 36.60 -30.38 -23.81
C TYR A 159 37.58 -31.54 -23.77
N HIS A 160 37.10 -32.67 -23.26
CA HIS A 160 37.88 -33.89 -23.14
C HIS A 160 37.05 -35.15 -23.35
N PHE A 161 37.74 -36.25 -23.61
CA PHE A 161 37.09 -37.55 -23.70
C PHE A 161 37.78 -38.48 -22.71
N VAL A 162 37.00 -39.20 -21.92
CA VAL A 162 37.56 -40.06 -20.89
C VAL A 162 37.10 -41.50 -21.02
N ASN A 163 38.05 -42.43 -20.93
CA ASN A 163 37.79 -43.85 -21.03
C ASN A 163 36.86 -44.36 -19.94
N ALA A 164 37.22 -44.06 -18.70
CA ALA A 164 36.43 -44.50 -17.57
C ALA A 164 36.82 -43.76 -16.32
N THR A 165 35.93 -43.77 -15.33
CA THR A 165 36.14 -43.10 -14.07
C THR A 165 37.18 -43.79 -13.19
N GLU A 166 37.70 -44.93 -13.61
CA GLU A 166 38.79 -45.60 -12.89
C GLU A 166 40.08 -44.78 -12.79
N GLU A 167 40.27 -43.85 -13.74
CA GLU A 167 41.41 -42.91 -13.85
C GLU A 167 41.89 -42.88 -15.30
N SER A 168 42.65 -41.86 -15.68
CA SER A 168 43.17 -41.76 -17.04
C SER A 168 44.12 -40.59 -17.22
N ASP A 169 44.91 -40.66 -18.27
CA ASP A 169 45.79 -39.56 -18.63
C ASP A 169 44.92 -38.38 -19.04
N ALA A 170 43.75 -38.69 -19.60
CA ALA A 170 42.78 -37.68 -19.99
C ALA A 170 42.30 -36.94 -18.76
N LEU A 171 42.13 -37.66 -17.66
CA LEU A 171 41.70 -37.05 -16.42
C LEU A 171 42.79 -36.22 -15.80
N ALA A 172 44.05 -36.64 -15.97
CA ALA A 172 45.15 -35.82 -15.50
C ALA A 172 45.12 -34.48 -16.23
N LYS A 173 44.89 -34.55 -17.53
CA LYS A 173 44.78 -33.36 -18.36
C LYS A 173 43.57 -32.54 -17.97
N LEU A 174 42.46 -33.22 -17.69
CA LEU A 174 41.23 -32.56 -17.26
C LEU A 174 41.46 -31.80 -15.98
N ARG A 175 42.12 -32.42 -15.01
CA ARG A 175 42.42 -31.74 -13.76
C ARG A 175 43.22 -30.48 -14.03
N LYS A 176 44.21 -30.58 -14.91
CA LYS A 176 45.02 -29.44 -15.28
C LYS A 176 44.17 -28.37 -15.96
N THR A 177 43.26 -28.81 -16.81
CA THR A 177 42.36 -27.94 -17.52
C THR A 177 41.44 -27.19 -16.59
N ILE A 178 40.84 -27.91 -15.65
CA ILE A 178 39.92 -27.32 -14.71
C ILE A 178 40.61 -26.28 -13.88
N ILE A 179 41.79 -26.60 -13.40
CA ILE A 179 42.54 -25.65 -12.59
C ILE A 179 42.90 -24.42 -13.37
N ASN A 180 43.54 -24.61 -14.50
CA ASN A 180 44.00 -23.49 -15.28
C ASN A 180 42.86 -22.67 -15.82
N GLU A 181 41.79 -23.33 -16.23
CA GLU A 181 40.67 -22.63 -16.79
C GLU A 181 39.91 -21.87 -15.74
N SER A 182 39.81 -22.41 -14.53
CA SER A 182 39.11 -21.67 -13.48
C SER A 182 39.90 -20.42 -13.12
N LEU A 183 41.23 -20.50 -13.26
CA LEU A 183 42.06 -19.34 -13.02
C LEU A 183 41.84 -18.34 -14.14
N ASN A 184 41.74 -18.83 -15.37
CA ASN A 184 41.50 -18.01 -16.54
C ASN A 184 40.15 -17.31 -16.45
N PHE A 185 39.15 -18.02 -15.95
CA PHE A 185 37.84 -17.47 -15.76
C PHE A 185 37.85 -16.30 -14.83
N LYS A 186 38.48 -16.45 -13.69
CA LYS A 186 38.52 -15.34 -12.79
C LYS A 186 39.32 -14.19 -13.38
N ILE A 187 40.31 -14.50 -14.23
CA ILE A 187 40.99 -13.43 -14.95
C ILE A 187 39.98 -12.71 -15.84
N ARG A 188 39.12 -13.47 -16.51
CA ARG A 188 38.07 -12.90 -17.35
C ARG A 188 37.13 -12.02 -16.52
N ASP A 189 36.82 -12.47 -15.30
CA ASP A 189 36.01 -11.64 -14.43
C ASP A 189 36.73 -10.35 -14.11
N GLN A 190 38.02 -10.40 -13.88
CA GLN A 190 38.79 -9.17 -13.65
C GLN A 190 38.71 -8.24 -14.84
N LEU A 191 38.70 -8.81 -16.04
CA LEU A 191 38.59 -8.01 -17.24
C LEU A 191 37.22 -7.36 -17.39
N VAL A 192 36.16 -8.00 -16.91
CA VAL A 192 34.81 -7.46 -17.03
C VAL A 192 34.23 -6.95 -15.70
N VAL A 193 34.16 -7.86 -14.73
CA VAL A 193 33.63 -7.59 -13.41
C VAL A 193 34.58 -6.76 -12.56
N GLY A 194 35.87 -7.12 -12.58
CA GLY A 194 36.88 -6.47 -11.77
C GLY A 194 37.30 -7.33 -10.59
N GLN A 195 37.06 -8.66 -10.67
CA GLN A 195 37.40 -9.54 -9.56
C GLN A 195 38.15 -10.84 -10.00
N LEU A 196 39.17 -11.23 -9.22
CA LEU A 196 39.99 -12.43 -9.43
C LEU A 196 39.71 -13.55 -8.42
N ILE A 197 40.35 -14.71 -8.60
CA ILE A 197 40.18 -15.82 -7.67
C ILE A 197 40.72 -15.53 -6.26
N PRO A 198 41.51 -14.46 -6.05
CA PRO A 198 41.78 -13.98 -4.70
C PRO A 198 41.17 -12.61 -4.53
N ASP A 199 39.96 -12.41 -5.05
CA ASP A 199 39.35 -11.11 -4.91
C ASP A 199 39.06 -10.82 -3.48
N CYS A 200 39.28 -9.57 -3.12
CA CYS A 200 39.13 -9.20 -1.76
C CYS A 200 37.71 -8.74 -1.46
N TYR A 201 37.13 -9.33 -0.43
CA TYR A 201 35.78 -8.99 0.02
C TYR A 201 35.85 -8.62 1.46
N VAL A 202 34.94 -7.77 1.92
CA VAL A 202 34.99 -7.34 3.31
C VAL A 202 35.07 -8.55 4.22
N GLU A 203 36.14 -8.58 5.02
CA GLU A 203 36.46 -9.69 5.91
C GLU A 203 35.36 -10.05 6.86
N LEU A 204 34.51 -9.08 7.17
CA LEU A 204 33.44 -9.27 8.09
C LEU A 204 32.42 -10.24 7.52
N GLU A 205 32.24 -10.20 6.20
CA GLU A 205 31.33 -11.09 5.52
C GLU A 205 31.91 -12.49 5.55
N LYS A 206 33.23 -12.57 5.38
CA LYS A 206 33.93 -13.83 5.44
C LYS A 206 33.82 -14.44 6.83
N ILE A 207 33.90 -13.60 7.86
CA ILE A 207 33.73 -14.06 9.23
C ILE A 207 32.34 -14.64 9.42
N ILE A 208 31.33 -13.96 8.90
CA ILE A 208 29.96 -14.45 9.00
C ILE A 208 29.83 -15.82 8.38
N LEU A 209 30.47 -16.04 7.24
CA LEU A 209 30.46 -17.35 6.60
C LEU A 209 30.85 -18.43 7.60
N SER A 210 31.97 -18.20 8.29
CA SER A 210 32.46 -19.13 9.30
C SER A 210 31.45 -19.29 10.43
N GLU A 211 30.84 -18.19 10.85
CA GLU A 211 29.85 -18.23 11.93
C GLU A 211 28.62 -19.02 11.53
N ARG A 212 28.23 -18.92 10.27
CA ARG A 212 27.08 -19.66 9.76
C ARG A 212 27.42 -21.12 9.56
N LYS A 213 28.68 -21.40 9.26
CA LYS A 213 29.10 -22.79 9.17
C LYS A 213 28.87 -23.48 10.50
N ASN A 214 29.28 -22.80 11.57
CA ASN A 214 29.14 -23.37 12.91
C ASN A 214 27.75 -23.21 13.51
N VAL A 215 26.76 -23.91 12.95
CA VAL A 215 25.39 -23.87 13.46
C VAL A 215 24.77 -25.26 13.65
N PRO A 216 24.39 -25.59 14.89
CA PRO A 216 23.71 -26.84 15.23
C PRO A 216 22.22 -26.63 15.58
N ILE A 217 21.34 -26.79 14.59
CA ILE A 217 19.89 -26.64 14.82
C ILE A 217 19.09 -27.82 14.23
N GLU A 218 18.18 -28.38 15.04
CA GLU A 218 17.34 -29.52 14.63
C GLU A 218 16.52 -29.25 13.37
N PHE A 219 15.83 -28.11 13.37
CA PHE A 219 15.05 -27.61 12.22
C PHE A 219 15.69 -26.30 11.80
N PRO A 220 16.80 -26.37 11.05
CA PRO A 220 17.72 -25.29 10.66
C PRO A 220 17.13 -24.13 9.84
N VAL A 221 16.16 -23.46 10.44
CA VAL A 221 15.53 -22.28 9.89
C VAL A 221 15.95 -21.15 10.83
N ILE A 222 16.67 -20.18 10.32
CA ILE A 222 17.29 -19.19 11.18
C ILE A 222 16.71 -17.79 11.13
N ASP A 223 16.49 -17.27 12.33
CA ASP A 223 16.00 -15.93 12.61
C ASP A 223 16.90 -15.26 13.65
N ARG A 224 17.45 -16.09 14.55
CA ARG A 224 18.39 -15.68 15.60
C ARG A 224 19.67 -15.01 15.09
N LYS A 225 19.88 -15.00 13.78
CA LYS A 225 20.98 -14.34 13.10
C LYS A 225 21.23 -12.94 13.65
N ARG A 226 20.16 -12.22 14.01
CA ARG A 226 20.28 -10.90 14.59
C ARG A 226 21.10 -10.96 15.88
N LEU A 227 20.81 -11.98 16.68
CA LEU A 227 21.55 -12.22 17.90
C LEU A 227 22.96 -12.60 17.58
N LEU A 228 23.12 -13.45 16.58
CA LEU A 228 24.45 -13.90 16.20
C LEU A 228 25.33 -12.73 15.77
N GLN A 229 24.71 -11.71 15.15
CA GLN A 229 25.40 -10.47 14.83
C GLN A 229 25.91 -9.85 16.11
N LEU A 230 25.05 -9.85 17.14
CA LEU A 230 25.38 -9.33 18.46
C LEU A 230 26.35 -10.23 19.22
N VAL A 231 26.39 -11.53 18.90
CA VAL A 231 27.33 -12.43 19.53
C VAL A 231 28.72 -12.06 19.07
N ARG A 232 28.91 -11.93 17.76
CA ARG A 232 30.19 -11.49 17.22
C ARG A 232 30.33 -9.97 17.29
N GLU A 233 30.29 -9.43 18.52
CA GLU A 233 30.37 -7.99 18.72
C GLU A 233 29.21 -7.34 17.97
N ASN A 234 29.52 -6.66 16.87
CA ASN A 234 28.51 -6.10 15.99
C ASN A 234 29.22 -5.62 14.74
N GLN A 235 29.38 -6.51 13.79
CA GLN A 235 30.08 -6.19 12.57
C GLN A 235 29.09 -5.91 11.47
N LEU A 236 29.51 -5.15 10.44
CA LEU A 236 28.61 -4.81 9.35
C LEU A 236 27.36 -4.15 9.89
N GLN A 237 27.58 -3.21 10.80
CA GLN A 237 26.55 -2.49 11.53
C GLN A 237 25.57 -1.69 10.68
N LEU A 238 25.86 -1.48 9.39
CA LEU A 238 24.90 -0.77 8.56
C LEU A 238 23.85 -1.75 8.12
N ASP A 239 22.88 -1.95 8.99
CA ASP A 239 21.77 -2.86 8.77
C ASP A 239 21.03 -2.53 7.47
N GLU A 240 20.99 -1.25 7.13
CA GLU A 240 20.38 -0.77 5.91
C GLU A 240 21.20 -1.00 4.64
N ASN A 241 22.47 -1.38 4.76
CA ASN A 241 23.28 -1.58 3.56
C ASN A 241 24.25 -2.75 3.63
N GLU A 242 25.04 -2.81 4.69
CA GLU A 242 26.03 -3.86 4.85
C GLU A 242 25.39 -5.19 5.12
N LEU A 243 24.33 -5.19 5.92
CA LEU A 243 23.61 -6.41 6.19
C LEU A 243 23.03 -7.05 4.92
N PRO A 244 22.33 -6.29 4.05
CA PRO A 244 21.82 -6.75 2.77
C PRO A 244 22.93 -7.27 1.88
N HIS A 245 24.10 -6.64 1.92
CA HIS A 245 25.20 -7.11 1.09
C HIS A 245 25.75 -8.40 1.61
N ALA A 246 25.81 -8.54 2.92
CA ALA A 246 26.30 -9.77 3.50
C ALA A 246 25.39 -10.91 3.10
N VAL A 247 24.08 -10.71 3.21
CA VAL A 247 23.12 -11.74 2.86
C VAL A 247 23.22 -12.10 1.40
N HIS A 248 23.33 -11.08 0.54
CA HIS A 248 23.47 -11.28 -0.88
C HIS A 248 24.67 -12.16 -1.17
N PHE A 249 25.81 -11.82 -0.55
CA PHE A 249 27.03 -12.59 -0.66
C PHE A 249 26.84 -14.01 -0.19
N LEU A 250 26.19 -14.16 0.95
CA LEU A 250 25.97 -15.48 1.53
C LEU A 250 25.15 -16.40 0.63
N ASN A 251 24.20 -15.87 -0.14
CA ASN A 251 23.57 -16.75 -1.11
C ASN A 251 24.52 -17.00 -2.29
N GLU A 252 25.11 -15.95 -2.86
CA GLU A 252 25.98 -16.16 -4.03
C GLU A 252 27.16 -17.09 -3.76
N SER A 253 27.71 -17.00 -2.56
CA SER A 253 28.83 -17.81 -2.15
C SER A 253 28.46 -19.23 -1.73
N GLY A 254 27.16 -19.54 -1.64
CA GLY A 254 26.75 -20.89 -1.28
C GLY A 254 26.85 -21.17 0.20
N VAL A 255 26.40 -20.23 1.04
CA VAL A 255 26.47 -20.41 2.47
C VAL A 255 25.10 -20.65 3.09
N LEU A 256 24.16 -19.77 2.79
CA LEU A 256 22.80 -19.93 3.32
C LEU A 256 21.76 -19.44 2.33
N LEU A 257 20.49 -19.62 2.69
CA LEU A 257 19.40 -19.29 1.78
C LEU A 257 18.34 -18.31 2.24
N HIS A 258 18.38 -17.06 1.75
CA HIS A 258 17.17 -16.24 1.82
C HIS A 258 16.24 -16.67 0.72
N PHE A 259 14.95 -16.36 0.87
CA PHE A 259 14.00 -16.67 -0.18
C PHE A 259 13.20 -15.44 -0.58
N GLN A 260 13.89 -14.45 -1.09
CA GLN A 260 13.27 -13.21 -1.49
C GLN A 260 12.85 -13.14 -2.95
N ALA A 263 7.19 -12.88 -3.36
CA ALA A 263 6.63 -12.38 -2.11
C ALA A 263 6.19 -13.53 -1.20
N LEU A 264 7.16 -14.19 -0.60
CA LEU A 264 6.92 -15.32 0.31
C LEU A 264 6.94 -14.82 1.73
N GLN A 265 6.26 -15.53 2.64
CA GLN A 265 6.33 -15.08 4.02
C GLN A 265 7.61 -15.66 4.60
N LEU A 266 7.91 -16.90 4.23
CA LEU A 266 9.15 -17.52 4.66
C LEU A 266 10.26 -17.04 3.73
N SER A 267 10.71 -15.81 3.95
CA SER A 267 11.67 -15.18 3.06
C SER A 267 12.83 -14.46 3.74
N ASP A 268 12.51 -13.33 4.37
CA ASP A 268 13.47 -12.44 5.00
C ASP A 268 14.05 -12.90 6.32
N LEU A 269 13.21 -13.48 7.16
CA LEU A 269 13.62 -13.85 8.50
C LEU A 269 13.82 -15.34 8.68
N TYR A 270 13.92 -16.05 7.57
CA TYR A 270 14.01 -17.50 7.60
C TYR A 270 15.15 -18.02 6.75
N PHE A 271 16.36 -18.03 7.31
CA PHE A 271 17.50 -18.49 6.56
C PHE A 271 17.62 -19.99 6.72
N VAL A 272 17.53 -20.72 5.61
CA VAL A 272 17.46 -22.18 5.72
C VAL A 272 18.65 -22.95 5.17
N GLU A 273 19.11 -23.94 5.94
CA GLU A 273 20.18 -24.84 5.54
C GLU A 273 19.84 -25.54 4.21
N PRO A 274 20.65 -25.34 3.15
CA PRO A 274 20.51 -25.89 1.80
C PRO A 274 20.29 -27.40 1.79
N LYS A 275 20.93 -28.10 2.72
CA LYS A 275 20.80 -29.53 2.79
C LYS A 275 19.36 -29.95 3.05
N TRP A 276 18.65 -29.21 3.89
CA TRP A 276 17.27 -29.54 4.16
C TRP A 276 16.36 -29.13 3.07
N LEU A 277 16.57 -27.94 2.55
CA LEU A 277 15.70 -27.49 1.48
C LEU A 277 15.66 -28.51 0.37
N CYS A 278 16.85 -28.87 -0.08
CA CYS A 278 16.99 -29.81 -1.18
C CYS A 278 16.49 -31.18 -0.84
N LYS A 279 16.97 -31.73 0.26
CA LYS A 279 16.64 -33.09 0.64
C LYS A 279 15.17 -33.32 0.84
N ILE A 280 14.54 -32.51 1.68
CA ILE A 280 13.15 -32.73 1.99
C ILE A 280 12.23 -32.56 0.81
N MET A 281 12.40 -31.49 0.05
CA MET A 281 11.49 -31.28 -1.05
C MET A 281 11.65 -32.35 -2.12
N ALA A 282 12.89 -32.74 -2.39
CA ALA A 282 13.14 -33.78 -3.37
C ALA A 282 12.54 -35.10 -2.91
N GLN A 283 12.68 -35.41 -1.63
CA GLN A 283 12.14 -36.66 -1.15
C GLN A 283 10.64 -36.67 -1.21
N ILE A 284 9.99 -35.60 -0.79
CA ILE A 284 8.53 -35.53 -0.82
C ILE A 284 7.99 -35.73 -2.21
N LEU A 285 8.68 -35.20 -3.21
CA LEU A 285 8.30 -35.48 -4.58
C LEU A 285 8.21 -36.97 -4.84
N THR A 286 9.21 -37.71 -4.37
CA THR A 286 9.23 -39.15 -4.59
C THR A 286 8.43 -39.96 -3.56
N VAL A 287 8.09 -39.37 -2.41
CA VAL A 287 7.30 -40.13 -1.44
C VAL A 287 5.98 -40.52 -2.02
N GLY A 298 -1.23 -38.54 -11.25
CA GLY A 298 -0.29 -38.07 -10.24
C GLY A 298 -0.90 -36.98 -9.34
N ILE A 299 -2.22 -36.86 -9.33
CA ILE A 299 -2.83 -35.84 -8.50
C ILE A 299 -2.93 -36.32 -7.07
N ILE A 300 -2.39 -35.53 -6.16
CA ILE A 300 -2.39 -35.92 -4.74
C ILE A 300 -3.02 -34.87 -3.86
N SER A 301 -3.90 -35.29 -2.98
CA SER A 301 -4.52 -34.34 -2.08
C SER A 301 -3.52 -33.74 -1.11
N ARG A 302 -3.66 -32.44 -0.94
CA ARG A 302 -2.87 -31.65 -0.02
C ARG A 302 -2.82 -32.26 1.36
N ARG A 303 -3.97 -32.75 1.80
CA ARG A 303 -4.09 -33.21 3.17
C ARG A 303 -3.32 -34.46 3.41
N ASP A 304 -3.29 -35.34 2.44
CA ASP A 304 -2.52 -36.55 2.60
C ASP A 304 -1.05 -36.24 2.59
N VAL A 305 -0.66 -35.21 1.84
CA VAL A 305 0.72 -34.76 1.87
C VAL A 305 1.04 -34.21 3.25
N GLU A 306 0.12 -33.43 3.81
CA GLU A 306 0.30 -32.87 5.15
C GLU A 306 0.45 -33.96 6.18
N LYS A 307 -0.34 -35.02 6.06
CA LYS A 307 -0.27 -36.14 6.98
C LYS A 307 1.10 -36.76 6.97
N PHE A 308 1.61 -37.08 5.79
CA PHE A 308 2.93 -37.67 5.70
C PHE A 308 3.99 -36.74 6.25
N LEU A 309 3.99 -35.49 5.79
CA LEU A 309 4.97 -34.50 6.19
C LEU A 309 5.04 -34.33 7.70
N SER A 310 3.88 -34.32 8.36
CA SER A 310 3.84 -34.15 9.81
C SER A 310 4.52 -35.27 10.56
N LYS A 311 4.66 -36.44 9.92
CA LYS A 311 5.32 -37.58 10.54
C LYS A 311 6.79 -37.56 10.18
N LYS A 312 7.10 -37.09 8.98
CA LYS A 312 8.46 -37.03 8.48
C LYS A 312 9.27 -35.96 9.22
N ARG A 313 8.77 -34.74 9.17
CA ARG A 313 9.39 -33.62 9.88
C ARG A 313 8.33 -32.71 10.43
N LYS A 314 8.26 -32.65 11.75
CA LYS A 314 7.26 -31.89 12.47
C LYS A 314 7.41 -30.37 12.31
N PHE A 315 7.04 -29.86 11.14
CA PHE A 315 7.07 -28.44 10.89
C PHE A 315 5.85 -27.78 11.47
N PRO A 316 5.96 -26.54 11.91
CA PRO A 316 4.89 -25.68 12.35
C PRO A 316 3.95 -25.55 11.19
N LYS A 317 2.65 -25.51 11.44
CA LYS A 317 1.69 -25.42 10.35
C LYS A 317 1.87 -24.15 9.54
N ASN A 318 2.39 -23.10 10.18
CA ASN A 318 2.67 -21.87 9.49
C ASN A 318 3.75 -22.13 8.45
N TYR A 319 4.76 -22.90 8.86
CA TYR A 319 5.84 -23.26 7.97
C TYR A 319 5.33 -24.20 6.90
N MET A 320 4.36 -25.04 7.25
CA MET A 320 3.80 -25.97 6.29
C MET A 320 3.07 -25.21 5.18
N SER A 321 2.39 -24.10 5.51
CA SER A 321 1.74 -23.35 4.45
C SER A 321 2.77 -22.75 3.51
N GLN A 322 3.92 -22.41 4.06
CA GLN A 322 5.00 -21.86 3.26
C GLN A 322 5.68 -22.96 2.52
N TYR A 323 5.71 -24.15 3.10
CA TYR A 323 6.29 -25.30 2.49
C TYR A 323 5.60 -25.55 1.17
N PHE A 324 4.27 -25.54 1.20
CA PHE A 324 3.50 -25.74 -0.01
C PHE A 324 3.77 -24.63 -1.00
N LYS A 325 3.92 -23.40 -0.51
CA LYS A 325 4.20 -22.31 -1.42
C LYS A 325 5.57 -22.49 -2.08
N LEU A 326 6.53 -23.02 -1.33
CA LEU A 326 7.84 -23.30 -1.88
C LEU A 326 7.76 -24.42 -2.90
N LEU A 327 6.88 -25.39 -2.70
CA LEU A 327 6.75 -26.45 -3.68
C LEU A 327 6.33 -25.86 -5.01
N GLU A 328 5.45 -24.87 -4.98
CA GLU A 328 5.09 -24.18 -6.20
C GLU A 328 6.27 -23.43 -6.77
N LYS A 329 6.92 -22.63 -5.92
CA LYS A 329 8.05 -21.80 -6.31
C LYS A 329 9.14 -22.60 -6.99
N PHE A 330 9.45 -23.76 -6.44
CA PHE A 330 10.48 -24.62 -6.98
C PHE A 330 9.96 -25.66 -7.96
N GLN A 331 8.74 -25.49 -8.45
CA GLN A 331 8.18 -26.37 -9.46
C GLN A 331 8.13 -27.85 -9.07
N ILE A 332 7.89 -28.11 -7.80
CA ILE A 332 7.80 -29.48 -7.34
C ILE A 332 6.38 -29.94 -7.45
N ALA A 333 5.47 -29.08 -7.03
CA ALA A 333 4.06 -29.39 -7.11
C ALA A 333 3.25 -28.14 -7.30
N LEU A 334 2.23 -28.21 -8.14
CA LEU A 334 1.43 -27.04 -8.40
C LEU A 334 0.05 -27.20 -7.79
N PRO A 335 -0.52 -26.15 -7.23
CA PRO A 335 -1.86 -26.11 -6.69
C PRO A 335 -2.89 -26.34 -7.78
N ILE A 336 -3.85 -27.24 -7.53
CA ILE A 336 -4.96 -27.44 -8.45
C ILE A 336 -6.14 -26.78 -7.79
N GLY A 337 -6.90 -27.56 -7.01
CA GLY A 337 -7.96 -27.00 -6.22
C GLY A 337 -7.29 -26.66 -4.91
N GLU A 338 -8.00 -26.08 -3.97
CA GLU A 338 -7.33 -25.74 -2.72
C GLU A 338 -6.90 -26.98 -1.95
N GLU A 339 -7.50 -28.13 -2.25
CA GLU A 339 -7.16 -29.37 -1.59
C GLU A 339 -6.24 -30.29 -2.39
N TYR A 340 -5.74 -29.85 -3.56
CA TYR A 340 -4.94 -30.77 -4.38
C TYR A 340 -3.67 -30.22 -4.99
N LEU A 341 -2.73 -31.13 -5.26
CA LEU A 341 -1.50 -30.79 -5.94
C LEU A 341 -1.34 -31.60 -7.23
N LEU A 342 -0.82 -30.94 -8.26
CA LEU A 342 -0.61 -31.56 -9.56
C LEU A 342 0.62 -32.40 -9.61
N VAL A 343 1.73 -31.88 -9.10
CA VAL A 343 2.98 -32.61 -9.10
C VAL A 343 3.50 -32.93 -10.50
N PRO A 344 3.70 -31.90 -11.34
CA PRO A 344 4.15 -31.97 -12.74
C PRO A 344 5.15 -33.09 -12.99
N SER A 345 6.18 -33.17 -12.19
CA SER A 345 7.16 -34.22 -12.36
C SER A 345 6.50 -35.54 -12.04
N SER A 346 6.68 -36.51 -12.92
CA SER A 346 6.10 -37.84 -12.82
C SER A 346 4.73 -37.95 -13.47
N LEU A 347 4.17 -36.85 -14.00
CA LEU A 347 2.90 -37.00 -14.69
C LEU A 347 3.12 -37.88 -15.89
N SER A 348 2.11 -38.63 -16.27
CA SER A 348 2.24 -39.52 -17.42
C SER A 348 2.73 -38.78 -18.63
N ASP A 349 3.65 -39.40 -19.34
CA ASP A 349 4.19 -38.80 -20.55
C ASP A 349 3.67 -39.51 -21.79
N HIS A 350 2.43 -39.96 -21.73
CA HIS A 350 1.80 -40.65 -22.83
C HIS A 350 0.46 -40.04 -23.14
N ARG A 351 0.49 -38.81 -23.65
CA ARG A 351 -0.69 -38.02 -24.02
C ARG A 351 -1.95 -38.85 -24.17
N PRO A 352 -2.88 -38.75 -23.22
CA PRO A 352 -4.14 -39.46 -23.13
C PRO A 352 -4.96 -39.25 -24.37
N VAL A 353 -5.73 -40.26 -24.73
CA VAL A 353 -6.54 -40.15 -25.92
C VAL A 353 -7.65 -39.15 -25.71
N ILE A 354 -7.65 -38.10 -26.53
CA ILE A 354 -8.66 -37.06 -26.45
C ILE A 354 -9.43 -36.93 -27.74
N GLU A 355 -10.73 -37.12 -27.66
CA GLU A 355 -11.56 -36.94 -28.82
C GLU A 355 -12.15 -35.55 -28.81
N LEU A 356 -11.76 -34.74 -29.78
CA LEU A 356 -12.27 -33.39 -29.84
C LEU A 356 -13.51 -33.30 -30.68
N PRO A 357 -14.43 -32.42 -30.35
CA PRO A 357 -15.61 -32.09 -31.09
C PRO A 357 -15.11 -31.18 -32.17
N HIS A 358 -15.72 -31.20 -33.34
CA HIS A 358 -15.29 -30.38 -34.48
C HIS A 358 -14.18 -31.07 -35.24
N CYS A 359 -14.30 -31.09 -36.56
CA CYS A 359 -13.41 -31.89 -37.38
C CYS A 359 -13.05 -31.21 -38.69
N GLU A 360 -14.00 -30.51 -39.31
CA GLU A 360 -13.72 -29.82 -40.56
C GLU A 360 -12.76 -28.69 -40.27
N ASN A 361 -11.91 -28.37 -41.24
CA ASN A 361 -10.86 -27.40 -41.03
C ASN A 361 -11.38 -26.06 -40.53
N SER A 362 -12.49 -25.59 -41.09
CA SER A 362 -13.05 -24.30 -40.71
C SER A 362 -13.68 -24.27 -39.34
N GLU A 363 -13.79 -25.39 -38.68
CA GLU A 363 -14.41 -25.37 -37.38
C GLU A 363 -13.45 -24.99 -36.25
N ILE A 364 -12.13 -25.04 -36.51
CA ILE A 364 -11.17 -24.75 -35.45
C ILE A 364 -10.06 -23.82 -35.86
N ILE A 365 -9.35 -23.30 -34.85
CA ILE A 365 -8.22 -22.41 -35.05
C ILE A 365 -6.96 -23.05 -34.49
N ILE A 366 -5.89 -23.10 -35.30
CA ILE A 366 -4.64 -23.73 -34.87
C ILE A 366 -3.44 -22.80 -34.93
N ARG A 367 -2.65 -22.80 -33.85
CA ARG A 367 -1.46 -21.96 -33.76
C ARG A 367 -0.21 -22.75 -33.36
N LEU A 368 0.88 -22.61 -34.11
CA LEU A 368 2.11 -23.36 -33.83
C LEU A 368 3.31 -22.51 -33.40
N TYR A 369 4.12 -23.06 -32.50
CA TYR A 369 5.35 -22.41 -32.05
C TYR A 369 6.57 -23.28 -32.29
N GLU A 370 7.37 -22.94 -33.29
CA GLU A 370 8.55 -23.74 -33.61
C GLU A 370 9.77 -23.37 -32.78
N MET A 371 10.31 -24.37 -32.09
CA MET A 371 11.45 -24.19 -31.21
C MET A 371 12.51 -25.23 -31.51
N PRO A 372 13.79 -24.96 -31.27
CA PRO A 372 14.91 -25.85 -31.47
C PRO A 372 14.97 -26.92 -30.39
N TYR A 373 14.38 -26.62 -29.26
CA TYR A 373 14.29 -27.48 -28.09
C TYR A 373 13.55 -26.74 -27.01
N PHE A 374 12.85 -27.46 -26.14
CA PHE A 374 12.19 -26.78 -25.06
C PHE A 374 13.17 -26.56 -23.94
N PRO A 375 13.21 -25.39 -23.33
CA PRO A 375 14.00 -25.04 -22.17
C PRO A 375 13.60 -25.91 -21.01
N MET A 376 14.54 -26.23 -20.15
CA MET A 376 14.21 -27.07 -19.02
C MET A 376 13.29 -26.32 -18.08
N GLY A 377 12.19 -26.95 -17.71
CA GLY A 377 11.22 -26.33 -16.83
C GLY A 377 10.17 -25.53 -17.60
N PHE A 378 10.31 -25.47 -18.92
CA PHE A 378 9.38 -24.74 -19.75
C PHE A 378 7.97 -25.19 -19.53
N TRP A 379 7.77 -26.50 -19.57
CA TRP A 379 6.45 -27.05 -19.43
C TRP A 379 5.83 -26.95 -18.07
N SER A 380 6.63 -27.06 -17.01
CA SER A 380 5.99 -26.98 -15.72
C SER A 380 5.58 -25.57 -15.43
N ARG A 381 6.35 -24.60 -15.93
CA ARG A 381 5.99 -23.23 -15.74
C ARG A 381 4.79 -22.86 -16.58
N LEU A 382 4.75 -23.36 -17.81
CA LEU A 382 3.66 -23.08 -18.70
C LEU A 382 2.37 -23.58 -18.16
N ILE A 383 2.35 -24.83 -17.72
CA ILE A 383 1.14 -25.41 -17.16
C ILE A 383 0.66 -24.64 -15.97
N ASN A 384 1.56 -24.22 -15.10
CA ASN A 384 1.14 -23.47 -13.94
C ASN A 384 0.33 -22.25 -14.36
N ARG A 385 0.76 -21.57 -15.41
CA ARG A 385 0.02 -20.42 -15.90
C ARG A 385 -1.29 -20.80 -16.58
N LEU A 386 -1.28 -21.85 -17.38
CA LEU A 386 -2.46 -22.23 -18.15
C LEU A 386 -3.63 -22.72 -17.30
N LEU A 387 -3.36 -23.21 -16.10
CA LEU A 387 -4.43 -23.69 -15.22
C LEU A 387 -5.50 -22.66 -14.86
N GLU A 388 -5.22 -21.37 -15.00
CA GLU A 388 -6.21 -20.37 -14.63
C GLU A 388 -7.07 -19.82 -15.76
N ILE A 389 -6.95 -20.40 -16.95
CA ILE A 389 -7.70 -19.94 -18.10
C ILE A 389 -9.19 -20.13 -17.99
N SER A 390 -9.95 -19.11 -18.39
CA SER A 390 -11.40 -19.19 -18.36
C SER A 390 -12.10 -18.20 -19.28
N PRO A 391 -12.97 -18.67 -20.17
CA PRO A 391 -13.74 -17.92 -21.13
C PRO A 391 -14.89 -17.19 -20.46
N TYR A 392 -15.09 -17.44 -19.17
CA TYR A 392 -16.17 -16.80 -18.46
C TYR A 392 -15.71 -15.75 -17.48
N MET A 393 -14.40 -15.53 -17.35
CA MET A 393 -13.93 -14.59 -16.34
C MET A 393 -14.42 -13.18 -16.61
N LEU A 394 -14.73 -12.86 -17.87
CA LEU A 394 -15.23 -11.56 -18.23
C LEU A 394 -16.56 -11.22 -17.54
N LEU A 401 -19.32 -23.67 -14.83
CA LEU A 401 -18.96 -25.00 -14.39
C LEU A 401 -17.47 -25.20 -14.58
N ARG A 402 -16.86 -26.03 -13.77
CA ARG A 402 -15.43 -26.25 -13.93
C ARG A 402 -15.17 -27.25 -15.06
N PRO A 403 -14.09 -27.07 -15.81
CA PRO A 403 -13.68 -27.85 -16.96
C PRO A 403 -13.13 -29.20 -16.60
N ASN A 404 -13.34 -30.15 -17.48
CA ASN A 404 -12.83 -31.50 -17.32
C ASN A 404 -11.38 -31.58 -17.74
N ARG A 405 -10.49 -31.15 -16.87
CA ARG A 405 -9.08 -31.11 -17.22
C ARG A 405 -8.35 -32.44 -17.29
N MET A 406 -7.43 -32.55 -18.23
CA MET A 406 -6.56 -33.71 -18.40
C MET A 406 -5.11 -33.23 -18.53
N TYR A 407 -4.14 -34.04 -18.15
CA TYR A 407 -2.76 -33.56 -18.19
C TYR A 407 -1.83 -34.55 -18.90
N TRP A 408 -0.95 -34.04 -19.76
CA TRP A 408 -0.04 -34.90 -20.50
C TRP A 408 1.39 -34.81 -20.08
N ARG A 409 1.72 -34.02 -19.07
CA ARG A 409 3.11 -33.57 -18.85
C ARG A 409 3.62 -32.58 -19.92
N GLN A 410 3.53 -32.98 -21.19
CA GLN A 410 3.89 -32.16 -22.34
C GLN A 410 2.66 -31.47 -22.95
N GLY A 411 1.62 -31.24 -22.15
CA GLY A 411 0.40 -30.62 -22.65
C GLY A 411 -0.70 -30.63 -21.61
N ILE A 412 -1.82 -30.02 -21.95
CA ILE A 412 -2.96 -29.91 -21.05
C ILE A 412 -4.24 -29.71 -21.83
N TYR A 413 -5.33 -30.27 -21.33
CA TYR A 413 -6.59 -30.14 -22.02
C TYR A 413 -7.72 -29.71 -21.12
N LEU A 414 -8.34 -28.59 -21.45
CA LEU A 414 -9.49 -28.09 -20.69
C LEU A 414 -10.72 -28.36 -21.52
N ASN A 415 -11.75 -28.95 -20.94
CA ASN A 415 -12.90 -29.25 -21.77
C ASN A 415 -13.98 -28.19 -21.75
N TRP A 416 -14.43 -27.78 -20.59
CA TRP A 416 -15.51 -26.79 -20.46
C TRP A 416 -16.81 -27.23 -21.14
N SER A 417 -16.89 -27.06 -22.44
CA SER A 417 -18.07 -27.37 -23.22
C SER A 417 -17.75 -27.52 -24.69
N PRO A 418 -18.51 -28.30 -25.46
CA PRO A 418 -18.40 -28.43 -26.91
C PRO A 418 -18.40 -27.08 -27.57
N GLU A 419 -19.07 -26.11 -26.96
CA GLU A 419 -19.06 -24.75 -27.42
C GLU A 419 -17.69 -24.08 -27.32
N ALA A 420 -16.95 -24.34 -26.25
CA ALA A 420 -15.65 -23.71 -26.04
C ALA A 420 -14.73 -24.60 -25.22
N TYR A 421 -13.61 -24.99 -25.79
CA TYR A 421 -12.65 -25.88 -25.15
C TYR A 421 -11.23 -25.56 -25.61
N CYS A 422 -10.23 -26.12 -24.96
CA CYS A 422 -8.87 -25.77 -25.35
C CYS A 422 -7.84 -26.87 -25.16
N LEU A 423 -7.09 -27.15 -26.22
CA LEU A 423 -6.02 -28.15 -26.16
C LEU A 423 -4.65 -27.58 -26.44
N VAL A 424 -3.73 -27.71 -25.51
CA VAL A 424 -2.36 -27.23 -25.72
C VAL A 424 -1.39 -28.36 -25.54
N GLY A 425 -0.54 -28.62 -26.51
CA GLY A 425 0.41 -29.71 -26.29
C GLY A 425 1.49 -29.81 -27.34
N SER A 426 2.55 -30.54 -26.99
CA SER A 426 3.70 -30.73 -27.86
C SER A 426 3.51 -31.78 -28.92
N GLU A 427 3.91 -31.46 -30.15
CA GLU A 427 3.89 -32.42 -31.23
C GLU A 427 5.12 -32.28 -32.09
N VAL A 428 5.60 -33.40 -32.63
CA VAL A 428 6.81 -33.41 -33.45
C VAL A 428 6.59 -34.12 -34.77
N LEU A 429 7.05 -33.50 -35.86
CA LEU A 429 6.93 -34.11 -37.18
C LEU A 429 8.26 -34.63 -37.71
N ASP A 430 8.18 -35.68 -38.50
CA ASP A 430 9.36 -36.33 -39.08
C ASP A 430 10.11 -35.39 -39.97
N ASN A 431 11.43 -35.50 -39.92
CA ASN A 431 12.36 -34.67 -40.68
C ASN A 431 12.35 -33.21 -40.23
N HIS A 432 11.84 -32.95 -39.03
CA HIS A 432 11.81 -31.62 -38.49
C HIS A 432 12.23 -31.60 -37.04
N PRO A 433 13.54 -31.77 -36.78
CA PRO A 433 14.19 -31.77 -35.46
C PRO A 433 13.54 -30.86 -34.44
N GLU A 434 13.19 -29.65 -34.86
CA GLU A 434 12.56 -28.66 -34.00
C GLU A 434 11.28 -29.18 -33.36
N SER A 435 11.17 -29.04 -32.06
CA SER A 435 9.95 -29.43 -31.36
C SER A 435 8.98 -28.28 -31.40
N PHE A 436 7.71 -28.50 -31.07
CA PHE A 436 6.77 -27.38 -31.14
C PHE A 436 5.41 -27.55 -30.52
N LEU A 437 4.82 -26.41 -30.21
CA LEU A 437 3.52 -26.33 -29.56
C LEU A 437 2.40 -26.28 -30.55
N LYS A 438 1.26 -26.83 -30.17
CA LYS A 438 0.05 -26.71 -30.96
C LYS A 438 -1.09 -26.33 -30.06
N ILE A 439 -1.76 -25.25 -30.41
CA ILE A 439 -2.89 -24.75 -29.65
C ILE A 439 -4.16 -24.88 -30.47
N THR A 440 -5.18 -25.55 -29.93
CA THR A 440 -6.42 -25.67 -30.68
C THR A 440 -7.65 -25.20 -29.91
N VAL A 441 -8.40 -24.29 -30.52
CA VAL A 441 -9.66 -23.79 -29.95
C VAL A 441 -10.70 -23.80 -31.04
N PRO A 442 -11.98 -23.87 -30.71
CA PRO A 442 -13.11 -23.87 -31.63
C PRO A 442 -13.31 -22.48 -32.15
N SER A 443 -13.73 -22.36 -33.40
CA SER A 443 -13.88 -21.03 -33.96
C SER A 443 -15.16 -20.31 -33.61
N CYS A 444 -15.16 -19.66 -32.46
CA CYS A 444 -16.27 -18.81 -32.04
C CYS A 444 -15.73 -17.84 -31.01
N ARG A 445 -16.54 -16.87 -30.59
CA ARG A 445 -16.07 -15.86 -29.66
C ARG A 445 -15.43 -16.40 -28.39
N LYS A 446 -16.05 -17.38 -27.76
CA LYS A 446 -15.44 -17.90 -26.55
C LYS A 446 -14.13 -18.60 -26.87
N GLY A 447 -14.07 -19.23 -28.03
CA GLY A 447 -12.85 -19.89 -28.43
C GLY A 447 -11.76 -18.88 -28.62
N CYS A 448 -12.11 -17.73 -29.17
CA CYS A 448 -11.17 -16.66 -29.36
C CYS A 448 -10.62 -16.17 -28.06
N ILE A 449 -11.50 -15.95 -27.11
CA ILE A 449 -11.08 -15.50 -25.78
C ILE A 449 -10.09 -16.45 -25.16
N LEU A 450 -10.34 -17.74 -25.30
CA LEU A 450 -9.41 -18.72 -24.78
C LEU A 450 -8.07 -18.62 -25.47
N LEU A 451 -8.09 -18.49 -26.78
CA LEU A 451 -6.86 -18.38 -27.54
C LEU A 451 -6.04 -17.21 -27.10
N GLY A 452 -6.69 -16.07 -26.94
CA GLY A 452 -6.00 -14.87 -26.51
C GLY A 452 -5.32 -15.08 -25.18
N GLN A 453 -5.99 -15.71 -24.23
CA GLN A 453 -5.38 -15.93 -22.94
C GLN A 453 -4.17 -16.85 -23.03
N VAL A 454 -4.27 -17.90 -23.85
CA VAL A 454 -3.17 -18.83 -23.98
C VAL A 454 -1.93 -18.21 -24.56
N VAL A 455 -2.07 -17.47 -25.65
CA VAL A 455 -0.89 -16.91 -26.28
C VAL A 455 -0.30 -15.76 -25.49
N ASP A 456 -1.12 -15.07 -24.72
CA ASP A 456 -0.60 -14.05 -23.86
C ASP A 456 0.25 -14.66 -22.75
N HIS A 457 -0.18 -15.80 -22.21
CA HIS A 457 0.61 -16.45 -21.18
C HIS A 457 1.91 -17.00 -21.74
N ILE A 458 1.86 -17.55 -22.93
CA ILE A 458 3.07 -18.08 -23.53
C ILE A 458 4.10 -17.01 -23.78
N ASP A 459 3.69 -15.90 -24.36
CA ASP A 459 4.66 -14.87 -24.61
C ASP A 459 5.18 -14.24 -23.34
N SER A 460 4.32 -14.05 -22.34
CA SER A 460 4.78 -13.49 -21.07
C SER A 460 5.78 -14.40 -20.40
N LEU A 461 5.51 -15.71 -20.45
CA LEU A 461 6.39 -16.70 -19.88
C LEU A 461 7.77 -16.56 -20.44
N MET A 462 7.87 -16.47 -21.75
CA MET A 462 9.16 -16.38 -22.37
C MET A 462 9.86 -15.06 -22.09
N GLU A 463 9.12 -13.96 -22.05
CA GLU A 463 9.78 -12.69 -21.78
C GLU A 463 10.41 -12.67 -20.42
N GLU A 464 9.75 -13.25 -19.44
CA GLU A 464 10.31 -13.26 -18.11
C GLU A 464 11.36 -14.32 -17.86
N TRP A 465 11.15 -15.52 -18.36
CA TRP A 465 12.03 -16.61 -18.02
C TRP A 465 12.95 -17.10 -19.09
N PHE A 466 12.60 -16.90 -20.35
CA PHE A 466 13.46 -17.40 -21.40
C PHE A 466 13.87 -16.37 -22.47
N PRO A 467 14.52 -15.26 -22.10
CA PRO A 467 15.09 -14.30 -23.01
C PRO A 467 16.17 -14.99 -23.76
N GLY A 468 16.35 -14.61 -25.01
CA GLY A 468 17.32 -15.28 -25.85
C GLY A 468 16.52 -15.83 -26.99
N LEU A 469 15.46 -16.54 -26.65
CA LEU A 469 14.57 -17.07 -27.66
C LEU A 469 13.88 -15.91 -28.36
N LEU A 470 13.64 -14.84 -27.61
CA LEU A 470 13.04 -13.61 -28.08
C LEU A 470 14.06 -12.53 -28.41
N LEU A 481 14.03 -18.45 -34.05
CA LEU A 481 13.58 -18.97 -32.78
C LEU A 481 12.17 -18.53 -32.51
N LEU A 482 11.37 -19.45 -31.97
CA LEU A 482 9.96 -19.18 -31.68
C LEU A 482 9.20 -18.80 -32.92
N LYS A 483 9.47 -19.50 -34.00
CA LYS A 483 8.83 -19.15 -35.24
C LYS A 483 7.33 -19.37 -35.07
N LYS A 484 6.53 -18.31 -35.23
CA LYS A 484 5.10 -18.45 -35.02
C LYS A 484 4.37 -18.68 -36.32
N TRP A 485 3.73 -19.84 -36.43
CA TRP A 485 3.01 -20.20 -37.64
C TRP A 485 1.53 -20.28 -37.40
N ALA A 486 0.76 -19.86 -38.38
CA ALA A 486 -0.68 -20.02 -38.31
C ALA A 486 -1.10 -20.99 -39.40
N LEU A 487 -2.08 -21.84 -39.12
CA LEU A 487 -2.50 -22.79 -40.14
C LEU A 487 -3.84 -22.46 -40.74
N TYR A 488 -3.95 -22.63 -42.04
CA TYR A 488 -5.21 -22.34 -42.70
C TYR A 488 -5.40 -23.14 -43.95
N SER A 489 -6.63 -23.17 -44.46
CA SER A 489 -6.90 -23.83 -45.72
C SER A 489 -8.03 -23.13 -46.40
N PHE A 490 -8.09 -23.19 -47.72
CA PHE A 490 -9.14 -22.50 -48.47
C PHE A 490 -10.33 -23.37 -48.76
N ASN A 491 -10.37 -24.56 -48.16
CA ASN A 491 -11.46 -25.48 -48.41
C ASN A 491 -11.41 -26.64 -47.44
N ASP A 492 -12.52 -26.88 -46.77
CA ASP A 492 -12.57 -27.98 -45.81
C ASP A 492 -12.31 -29.29 -46.50
N GLY A 493 -11.55 -30.14 -45.84
CA GLY A 493 -11.19 -31.43 -46.39
C GLY A 493 -9.80 -31.43 -47.02
N GLU A 494 -9.19 -30.25 -47.15
CA GLU A 494 -7.85 -30.18 -47.72
C GLU A 494 -6.80 -30.04 -46.62
N GLU A 495 -5.54 -29.95 -47.01
CA GLU A 495 -4.44 -29.83 -46.06
C GLU A 495 -4.21 -28.41 -45.64
N HIS A 496 -3.62 -28.21 -44.47
CA HIS A 496 -3.35 -26.89 -43.99
C HIS A 496 -2.09 -26.33 -44.60
N GLN A 497 -2.06 -25.02 -44.73
CA GLN A 497 -0.93 -24.30 -45.23
C GLN A 497 -0.37 -23.46 -44.11
N LYS A 498 0.92 -23.23 -44.12
CA LYS A 498 1.57 -22.47 -43.07
C LYS A 498 1.86 -21.04 -43.46
N ILE A 499 1.71 -20.13 -42.51
CA ILE A 499 2.08 -18.74 -42.75
C ILE A 499 2.61 -18.12 -41.48
N LEU A 500 3.65 -17.30 -41.58
CA LEU A 500 4.20 -16.65 -40.41
C LEU A 500 3.33 -15.52 -39.98
N LEU A 501 3.19 -15.34 -38.68
CA LEU A 501 2.33 -14.27 -38.21
C LEU A 501 2.79 -12.90 -38.66
N ASP A 502 4.09 -12.73 -38.84
CA ASP A 502 4.58 -11.44 -39.31
C ASP A 502 3.96 -11.08 -40.65
N ASP A 503 3.77 -12.07 -41.52
CA ASP A 503 3.18 -11.81 -42.80
C ASP A 503 1.70 -11.55 -42.64
N LEU A 504 1.05 -12.23 -41.72
CA LEU A 504 -0.34 -11.90 -41.48
C LEU A 504 -0.48 -10.51 -40.92
N MET A 505 0.50 -10.04 -40.14
CA MET A 505 0.44 -8.67 -39.66
C MET A 505 0.57 -7.71 -40.82
N LYS A 506 1.39 -8.06 -41.80
CA LYS A 506 1.51 -7.23 -42.99
C LYS A 506 0.17 -7.12 -43.71
N LYS A 507 -0.58 -8.23 -43.70
CA LYS A 507 -1.88 -8.24 -44.33
C LYS A 507 -2.93 -7.58 -43.46
N ALA A 508 -2.77 -7.67 -42.15
CA ALA A 508 -3.69 -7.06 -41.21
C ALA A 508 -3.67 -5.56 -41.37
N GLU A 509 -2.49 -5.01 -41.68
CA GLU A 509 -2.35 -3.59 -41.92
C GLU A 509 -3.11 -3.19 -43.18
N GLU A 510 -3.21 -4.09 -44.13
CA GLU A 510 -3.99 -3.84 -45.33
C GLU A 510 -5.48 -3.96 -45.00
N GLY A 511 -5.81 -4.91 -44.11
CA GLY A 511 -7.19 -5.14 -43.68
C GLY A 511 -7.94 -6.08 -44.62
N ASP A 512 -7.22 -6.63 -45.57
CA ASP A 512 -7.75 -7.48 -46.60
C ASP A 512 -8.08 -8.89 -46.15
N LEU A 513 -8.67 -9.65 -47.04
CA LEU A 513 -8.89 -11.05 -46.81
C LEU A 513 -7.60 -11.71 -47.23
N LEU A 514 -7.28 -12.86 -46.67
CA LEU A 514 -6.10 -13.54 -47.14
C LEU A 514 -6.46 -14.10 -48.50
N VAL A 515 -5.77 -13.68 -49.55
CA VAL A 515 -6.16 -14.07 -50.89
C VAL A 515 -5.19 -15.03 -51.51
N ASN A 516 -5.69 -16.13 -52.06
CA ASN A 516 -4.84 -17.08 -52.73
C ASN A 516 -4.28 -16.44 -53.98
N PRO A 517 -2.96 -16.19 -54.04
CA PRO A 517 -2.24 -15.51 -55.10
C PRO A 517 -2.38 -16.17 -56.47
N ASP A 518 -2.72 -17.45 -56.48
CA ASP A 518 -2.87 -18.18 -57.71
C ASP A 518 -4.33 -18.24 -58.14
N GLN A 519 -5.23 -18.21 -57.16
CA GLN A 519 -6.65 -18.25 -57.46
C GLN A 519 -7.48 -17.32 -56.58
N PRO A 520 -7.75 -16.10 -57.04
CA PRO A 520 -8.51 -15.01 -56.42
C PRO A 520 -9.86 -15.43 -55.89
N ARG A 521 -10.45 -16.48 -56.46
CA ARG A 521 -11.74 -16.99 -55.99
C ARG A 521 -11.65 -17.54 -54.57
N LEU A 522 -10.44 -17.92 -54.15
CA LEU A 522 -10.22 -18.49 -52.83
C LEU A 522 -9.70 -17.46 -51.84
N THR A 523 -10.54 -17.05 -50.90
CA THR A 523 -10.14 -16.08 -49.89
C THR A 523 -10.57 -16.50 -48.48
N ILE A 524 -9.84 -16.02 -47.49
CA ILE A 524 -10.15 -16.31 -46.08
C ILE A 524 -10.09 -15.03 -45.27
N PRO A 525 -11.08 -14.72 -44.45
CA PRO A 525 -11.05 -13.56 -43.59
C PRO A 525 -9.99 -13.79 -42.55
N ILE A 526 -9.13 -12.80 -42.36
CA ILE A 526 -8.00 -12.93 -41.45
C ILE A 526 -8.40 -13.32 -40.08
N SER A 527 -9.50 -12.78 -39.60
CA SER A 527 -9.99 -13.09 -38.27
C SER A 527 -10.10 -14.59 -37.98
N GLN A 528 -10.45 -15.40 -38.99
CA GLN A 528 -10.57 -16.84 -38.75
C GLN A 528 -9.24 -17.52 -38.55
N ILE A 529 -8.19 -16.92 -39.07
CA ILE A 529 -6.87 -17.48 -38.95
C ILE A 529 -6.20 -16.93 -37.72
N ALA A 530 -6.42 -15.66 -37.46
CA ALA A 530 -5.74 -15.02 -36.38
C ALA A 530 -6.55 -13.91 -35.75
N PRO A 531 -7.58 -14.26 -34.99
CA PRO A 531 -8.49 -13.40 -34.25
C PRO A 531 -7.83 -12.70 -33.07
N ASP A 532 -6.54 -12.94 -32.85
CA ASP A 532 -5.79 -12.24 -31.85
C ASP A 532 -4.94 -11.14 -32.47
N LEU A 533 -4.83 -11.10 -33.80
CA LEU A 533 -4.11 -10.01 -34.44
C LEU A 533 -5.06 -8.86 -34.57
N ILE A 534 -6.27 -9.18 -34.97
CA ILE A 534 -7.36 -8.23 -34.92
C ILE A 534 -7.95 -8.37 -33.57
N LEU A 535 -8.11 -7.29 -32.83
CA LEU A 535 -8.55 -7.42 -31.45
C LEU A 535 -10.00 -7.85 -31.31
N ALA A 536 -10.28 -9.13 -31.56
CA ALA A 536 -11.63 -9.67 -31.49
C ALA A 536 -11.97 -10.21 -30.12
N ASP A 537 -11.03 -10.19 -29.19
CA ASP A 537 -11.32 -10.70 -27.85
C ASP A 537 -11.50 -9.61 -26.82
N LEU A 538 -11.91 -8.42 -27.26
CA LEU A 538 -12.15 -7.35 -26.33
C LEU A 538 -13.54 -7.46 -25.77
N PRO A 539 -13.77 -6.96 -24.57
CA PRO A 539 -15.05 -6.79 -23.94
C PRO A 539 -15.86 -5.85 -24.81
N ARG A 540 -17.17 -6.01 -24.86
CA ARG A 540 -17.99 -5.17 -25.71
C ARG A 540 -17.87 -3.71 -25.34
N ASN A 541 -17.66 -3.46 -24.06
CA ASN A 541 -17.57 -2.13 -23.53
C ASN A 541 -16.44 -1.31 -24.09
N ILE A 542 -15.37 -1.96 -24.56
CA ILE A 542 -14.25 -1.20 -25.07
C ILE A 542 -14.02 -1.40 -26.54
N MET A 543 -15.02 -1.82 -27.29
CA MET A 543 -14.74 -1.89 -28.72
C MET A 543 -14.87 -0.49 -29.28
N LEU A 544 -13.92 -0.10 -30.11
CA LEU A 544 -13.88 1.24 -30.65
C LEU A 544 -14.92 1.53 -31.68
N ASN A 545 -15.76 2.52 -31.41
CA ASN A 545 -16.76 2.93 -32.38
C ASN A 545 -16.18 4.01 -33.27
N ASN A 546 -15.86 3.65 -34.51
CA ASN A 546 -15.22 4.55 -35.45
C ASN A 546 -16.06 5.73 -35.91
N ASP A 547 -17.33 5.77 -35.55
CA ASP A 547 -18.15 6.91 -35.90
C ASP A 547 -18.17 7.95 -34.78
N GLU A 548 -17.54 7.64 -33.66
CA GLU A 548 -17.49 8.55 -32.55
C GLU A 548 -16.13 9.19 -32.40
N LEU A 549 -15.09 8.39 -32.57
CA LEU A 549 -13.73 8.90 -32.41
C LEU A 549 -13.38 9.90 -33.48
N GLU A 550 -13.03 11.10 -33.04
CA GLU A 550 -12.66 12.18 -33.95
C GLU A 550 -11.32 12.80 -33.59
N PHE A 551 -10.34 12.65 -34.46
CA PHE A 551 -8.99 13.12 -34.18
C PHE A 551 -8.26 13.41 -35.47
N GLU A 552 -7.18 14.18 -35.39
CA GLU A 552 -6.44 14.57 -36.57
C GLU A 552 -5.00 14.07 -36.65
N GLN A 553 -4.39 13.80 -35.50
CA GLN A 553 -2.96 13.48 -35.39
C GLN A 553 -2.11 14.65 -35.87
N ALA A 554 -2.61 15.87 -35.68
CA ALA A 554 -1.88 17.06 -36.09
C ALA A 554 -1.09 17.57 -34.89
N PRO A 555 0.05 18.24 -35.12
CA PRO A 555 1.01 18.76 -34.16
C PRO A 555 0.37 19.52 -32.99
N GLU A 556 -0.64 20.31 -33.28
CA GLU A 556 -1.31 21.09 -32.24
C GLU A 556 -2.10 20.26 -31.25
N PHE A 557 -2.30 18.98 -31.53
CA PHE A 557 -3.01 18.13 -30.61
C PHE A 557 -2.07 17.24 -29.86
N LEU A 558 -0.78 17.33 -30.15
CA LEU A 558 0.16 16.46 -29.48
C LEU A 558 0.24 16.81 -28.01
N LEU A 559 -0.07 15.85 -27.18
CA LEU A 559 -0.01 16.05 -25.74
C LEU A 559 1.31 15.57 -25.18
N GLY A 560 1.92 14.59 -25.84
CA GLY A 560 3.22 14.09 -25.39
C GLY A 560 3.59 12.84 -26.14
N ASP A 561 4.73 12.25 -25.80
CA ASP A 561 5.15 11.02 -26.47
C ASP A 561 5.94 10.09 -25.57
N GLY A 562 6.54 9.06 -26.15
CA GLY A 562 7.36 8.12 -25.40
C GLY A 562 7.81 6.97 -26.27
N SER A 563 8.39 5.93 -25.66
CA SER A 563 8.86 4.78 -26.43
C SER A 563 7.71 4.02 -27.09
N PHE A 564 6.52 4.14 -26.53
CA PHE A 564 5.33 3.51 -27.07
C PHE A 564 4.80 4.23 -28.32
N GLY A 565 5.25 5.46 -28.58
CA GLY A 565 4.74 6.22 -29.71
C GLY A 565 4.34 7.64 -29.30
N SER A 566 3.06 7.98 -29.43
CA SER A 566 2.66 9.34 -29.08
C SER A 566 1.23 9.47 -28.60
N VAL A 567 0.92 10.59 -27.97
CA VAL A 567 -0.39 10.87 -27.42
C VAL A 567 -1.01 12.13 -27.97
N TYR A 568 -2.24 12.04 -28.47
CA TYR A 568 -2.93 13.21 -28.99
C TYR A 568 -4.24 13.48 -28.29
N ARG A 569 -4.67 14.73 -28.31
CA ARG A 569 -5.95 15.11 -27.76
C ARG A 569 -7.03 14.83 -28.79
N ALA A 570 -8.15 14.28 -28.37
CA ALA A 570 -9.21 13.92 -29.31
C ALA A 570 -10.59 13.97 -28.69
N ALA A 571 -11.61 13.78 -29.53
CA ALA A 571 -12.97 13.75 -29.03
C ALA A 571 -13.58 12.37 -29.24
N TYR A 572 -14.34 11.90 -28.27
CA TYR A 572 -15.00 10.61 -28.41
C TYR A 572 -16.33 10.71 -27.73
N GLU A 573 -17.40 10.50 -28.47
CA GLU A 573 -18.74 10.64 -27.93
C GLU A 573 -18.95 11.99 -27.24
N GLY A 574 -18.35 13.04 -27.79
CA GLY A 574 -18.49 14.39 -27.27
C GLY A 574 -17.60 14.71 -26.07
N GLU A 575 -16.71 13.81 -25.67
CA GLU A 575 -15.87 14.06 -24.52
C GLU A 575 -14.39 14.15 -24.87
N GLU A 576 -13.65 14.87 -24.05
CA GLU A 576 -12.22 15.03 -24.26
C GLU A 576 -11.46 13.78 -23.83
N VAL A 577 -10.77 13.17 -24.77
CA VAL A 577 -10.02 11.96 -24.51
C VAL A 577 -8.60 12.05 -25.03
N ALA A 578 -7.75 11.16 -24.56
CA ALA A 578 -6.39 11.12 -25.01
C ALA A 578 -6.18 9.84 -25.80
N VAL A 579 -5.46 9.91 -26.90
CA VAL A 579 -5.27 8.72 -27.71
C VAL A 579 -3.84 8.29 -27.80
N LYS A 580 -3.53 7.13 -27.25
CA LYS A 580 -2.17 6.61 -27.35
C LYS A 580 -2.03 5.88 -28.66
N ILE A 581 -1.00 6.22 -29.42
CA ILE A 581 -0.79 5.57 -30.70
C ILE A 581 0.49 4.80 -30.74
N PHE A 582 0.39 3.50 -31.04
CA PHE A 582 1.57 2.67 -31.11
C PHE A 582 2.22 2.76 -32.49
N ASN A 583 2.85 3.89 -32.72
CA ASN A 583 3.43 4.25 -33.99
C ASN A 583 4.75 3.58 -34.33
N LYS A 584 4.67 2.33 -34.77
CA LYS A 584 5.84 1.55 -35.22
C LYS A 584 6.85 1.32 -34.12
N HIS A 585 6.42 0.71 -33.05
CA HIS A 585 7.30 0.39 -31.94
C HIS A 585 6.97 -0.99 -31.41
N THR A 586 7.39 -2.04 -32.12
CA THR A 586 7.04 -3.42 -31.72
C THR A 586 5.60 -3.52 -31.20
N SER A 587 4.69 -2.99 -32.02
CA SER A 587 3.29 -2.88 -31.71
C SER A 587 2.67 -4.24 -31.64
N LEU A 588 1.39 -4.27 -31.31
CA LEU A 588 0.62 -5.48 -31.10
C LEU A 588 1.01 -6.15 -29.81
N ARG A 589 2.27 -6.53 -29.65
CA ARG A 589 2.65 -7.12 -28.40
C ARG A 589 2.61 -6.09 -27.31
N LEU A 590 3.09 -4.87 -27.56
CA LEU A 590 2.95 -3.87 -26.52
C LEU A 590 1.52 -3.52 -26.29
N LEU A 591 0.75 -3.46 -27.36
CA LEU A 591 -0.64 -3.11 -27.27
C LEU A 591 -1.39 -4.11 -26.42
N ARG A 592 -1.20 -5.39 -26.68
CA ARG A 592 -1.91 -6.38 -25.91
C ARG A 592 -1.47 -6.40 -24.48
N GLN A 593 -0.19 -6.13 -24.19
CA GLN A 593 0.21 -6.09 -22.80
C GLN A 593 -0.51 -5.02 -22.04
N GLU A 594 -0.69 -3.86 -22.68
CA GLU A 594 -1.39 -2.78 -22.03
C GLU A 594 -2.85 -3.12 -21.83
N LEU A 595 -3.45 -3.81 -22.79
CA LEU A 595 -4.83 -4.20 -22.67
C LEU A 595 -5.06 -5.15 -21.52
N VAL A 596 -4.14 -6.07 -21.31
CA VAL A 596 -4.25 -7.00 -20.20
C VAL A 596 -4.23 -6.29 -18.87
N VAL A 597 -3.33 -5.32 -18.74
CA VAL A 597 -3.25 -4.57 -17.49
C VAL A 597 -4.43 -3.68 -17.24
N LEU A 598 -4.89 -2.96 -18.27
CA LEU A 598 -5.98 -2.02 -18.11
C LEU A 598 -7.27 -2.71 -17.74
N CYS A 599 -7.54 -3.85 -18.34
CA CYS A 599 -8.73 -4.57 -17.99
C CYS A 599 -8.50 -5.20 -16.65
N HIS A 600 -9.58 -5.44 -15.91
CA HIS A 600 -9.52 -6.02 -14.57
C HIS A 600 -9.10 -5.01 -13.49
N LEU A 601 -8.80 -3.77 -13.86
CA LEU A 601 -8.55 -2.74 -12.88
C LEU A 601 -9.61 -1.70 -13.08
N HIS A 602 -10.59 -1.68 -12.18
CA HIS A 602 -11.72 -0.80 -12.39
C HIS A 602 -12.04 -0.01 -11.14
N HIS A 603 -11.12 0.86 -10.74
CA HIS A 603 -11.34 1.67 -9.56
C HIS A 603 -11.54 3.14 -9.95
N PRO A 604 -12.42 3.88 -9.26
CA PRO A 604 -12.73 5.28 -9.47
C PRO A 604 -11.52 6.20 -9.45
N SER A 605 -10.49 5.84 -8.71
CA SER A 605 -9.31 6.68 -8.64
C SER A 605 -8.28 6.40 -9.73
N LEU A 606 -8.56 5.49 -10.65
CA LEU A 606 -7.63 5.21 -11.74
C LEU A 606 -8.15 5.71 -13.08
N ILE A 607 -7.25 5.90 -14.03
CA ILE A 607 -7.62 6.37 -15.36
C ILE A 607 -8.12 5.22 -16.19
N SER A 608 -9.39 5.21 -16.55
CA SER A 608 -9.90 4.07 -17.29
C SER A 608 -9.70 4.16 -18.78
N LEU A 609 -9.94 3.03 -19.44
CA LEU A 609 -9.83 2.90 -20.88
C LEU A 609 -11.18 3.10 -21.52
N LEU A 610 -11.23 3.97 -22.50
CA LEU A 610 -12.46 4.29 -23.21
C LEU A 610 -12.42 3.80 -24.63
N ALA A 611 -12.25 2.48 -24.79
CA ALA A 611 -12.20 1.77 -26.06
C ALA A 611 -10.85 1.76 -26.73
N ALA A 612 -10.53 0.60 -27.31
CA ALA A 612 -9.29 0.33 -28.01
C ALA A 612 -9.58 -0.10 -29.44
N GLY A 613 -8.66 0.15 -30.37
CA GLY A 613 -8.93 -0.21 -31.76
C GLY A 613 -7.70 -0.52 -32.59
N ILE A 614 -7.66 -1.74 -33.08
CA ILE A 614 -6.55 -2.26 -33.85
C ILE A 614 -6.33 -1.62 -35.20
N ARG A 615 -7.39 -1.08 -35.79
CA ARG A 615 -7.27 -0.51 -37.13
C ARG A 615 -6.12 0.49 -37.25
N PRO A 616 -5.89 1.35 -36.26
CA PRO A 616 -4.71 2.21 -36.27
C PRO A 616 -3.87 1.98 -35.01
N ARG A 617 -4.25 0.98 -34.21
CA ARG A 617 -3.56 0.60 -32.97
C ARG A 617 -3.58 1.69 -31.93
N MET A 618 -4.77 1.94 -31.38
CA MET A 618 -4.98 2.98 -30.41
C MET A 618 -5.61 2.59 -29.10
N LEU A 619 -5.23 3.30 -28.06
CA LEU A 619 -5.94 3.25 -26.78
C LEU A 619 -6.54 4.59 -26.45
N VAL A 620 -7.85 4.67 -26.44
CA VAL A 620 -8.51 5.93 -26.10
C VAL A 620 -8.76 5.97 -24.62
N MET A 621 -8.17 6.94 -23.92
CA MET A 621 -8.30 6.99 -22.46
C MET A 621 -8.84 8.32 -21.96
N GLU A 622 -9.31 8.35 -20.73
CA GLU A 622 -9.85 9.57 -20.15
C GLU A 622 -8.84 10.70 -20.11
N LEU A 623 -9.21 11.90 -20.55
CA LEU A 623 -8.30 13.04 -20.39
C LEU A 623 -8.68 13.95 -19.23
N ALA A 624 -7.73 14.22 -18.34
CA ALA A 624 -7.95 15.10 -17.20
C ALA A 624 -8.20 16.52 -17.65
N SER A 625 -9.12 17.21 -17.00
CA SER A 625 -9.47 18.56 -17.40
C SER A 625 -8.72 19.66 -16.67
N LYS A 626 -8.27 19.42 -15.44
CA LYS A 626 -7.58 20.47 -14.71
C LYS A 626 -6.07 20.29 -14.71
N GLY A 627 -5.60 19.21 -15.32
CA GLY A 627 -4.17 18.96 -15.41
C GLY A 627 -3.60 18.28 -14.18
N SER A 628 -2.29 18.25 -14.11
CA SER A 628 -1.57 17.57 -13.04
C SER A 628 -1.31 18.44 -11.82
N LEU A 629 -1.26 17.78 -10.67
CA LEU A 629 -1.06 18.40 -9.37
C LEU A 629 0.15 19.29 -9.31
N ASP A 630 1.30 18.79 -9.75
CA ASP A 630 2.52 19.59 -9.77
C ASP A 630 2.28 21.01 -10.26
N ARG A 631 1.61 21.16 -11.39
CA ARG A 631 1.33 22.48 -11.93
C ARG A 631 0.49 23.26 -10.98
N LEU A 632 -0.58 22.67 -10.47
CA LEU A 632 -1.44 23.37 -9.53
C LEU A 632 -0.68 23.86 -8.32
N LEU A 633 0.21 23.03 -7.79
CA LEU A 633 1.00 23.44 -6.64
C LEU A 633 1.80 24.69 -6.93
N GLN A 634 2.31 24.80 -8.14
CA GLN A 634 3.08 25.97 -8.54
C GLN A 634 2.26 26.98 -9.33
N GLN A 635 0.94 26.83 -9.36
CA GLN A 635 0.11 27.73 -10.15
C GLN A 635 -0.95 28.47 -9.35
N ASP A 636 -1.66 27.78 -8.47
CA ASP A 636 -2.72 28.49 -7.75
C ASP A 636 -3.04 27.96 -6.35
N LYS A 637 -2.36 28.51 -5.36
CA LYS A 637 -2.58 28.18 -3.97
C LYS A 637 -3.97 28.55 -3.49
N ALA A 638 -4.63 29.50 -4.15
CA ALA A 638 -5.98 29.88 -3.76
C ALA A 638 -6.94 28.73 -3.99
N SER A 639 -6.69 27.91 -5.00
CA SER A 639 -7.54 26.77 -5.26
C SER A 639 -7.30 25.73 -4.19
N LEU A 640 -6.04 25.59 -3.78
CA LEU A 640 -5.66 24.63 -2.76
C LEU A 640 -6.12 24.96 -1.36
N THR A 641 -7.42 24.81 -1.09
CA THR A 641 -7.95 25.06 0.22
C THR A 641 -7.76 23.84 1.08
N ARG A 642 -7.97 23.99 2.37
CA ARG A 642 -7.81 22.89 3.29
C ARG A 642 -8.74 21.74 2.96
N THR A 643 -9.96 22.06 2.53
CA THR A 643 -10.92 21.06 2.13
C THR A 643 -10.47 20.31 0.90
N LEU A 644 -10.01 21.05 -0.10
CA LEU A 644 -9.58 20.41 -1.34
C LEU A 644 -8.41 19.49 -1.08
N GLN A 645 -7.46 19.96 -0.30
CA GLN A 645 -6.27 19.19 0.04
C GLN A 645 -6.63 17.86 0.65
N HIS A 646 -7.54 17.87 1.60
CA HIS A 646 -7.93 16.61 2.20
C HIS A 646 -8.54 15.65 1.22
N ARG A 647 -9.42 16.13 0.36
CA ARG A 647 -10.06 15.23 -0.58
C ARG A 647 -9.07 14.61 -1.54
N ILE A 648 -8.06 15.39 -1.96
CA ILE A 648 -7.05 14.84 -2.83
C ILE A 648 -6.32 13.71 -2.15
N ALA A 649 -5.97 13.88 -0.88
CA ALA A 649 -5.29 12.84 -0.15
C ALA A 649 -6.12 11.56 -0.10
N LEU A 650 -7.44 11.68 0.06
CA LEU A 650 -8.27 10.46 0.06
C LEU A 650 -8.24 9.72 -1.24
N HIS A 651 -8.35 10.45 -2.33
CA HIS A 651 -8.46 9.80 -3.61
C HIS A 651 -7.19 9.08 -3.97
N VAL A 652 -6.05 9.65 -3.64
CA VAL A 652 -4.80 8.97 -3.92
C VAL A 652 -4.66 7.73 -3.07
N ALA A 653 -5.02 7.83 -1.79
CA ALA A 653 -4.92 6.69 -0.91
C ALA A 653 -5.76 5.52 -1.39
N ASP A 654 -6.96 5.78 -1.89
CA ASP A 654 -7.76 4.69 -2.43
C ASP A 654 -7.08 3.96 -3.54
N GLY A 655 -6.49 4.70 -4.46
CA GLY A 655 -5.81 4.08 -5.58
C GLY A 655 -4.73 3.14 -5.10
N LEU A 656 -3.96 3.59 -4.13
CA LEU A 656 -2.89 2.76 -3.61
C LEU A 656 -3.40 1.54 -2.93
N ARG A 657 -4.48 1.65 -2.19
CA ARG A 657 -5.01 0.49 -1.52
C ARG A 657 -5.43 -0.55 -2.53
N TYR A 658 -6.12 -0.09 -3.58
CA TYR A 658 -6.60 -0.95 -4.62
C TYR A 658 -5.48 -1.66 -5.35
N LEU A 659 -4.50 -0.90 -5.81
CA LEU A 659 -3.39 -1.49 -6.55
C LEU A 659 -2.59 -2.45 -5.72
N HIS A 660 -2.45 -2.16 -4.44
CA HIS A 660 -1.72 -3.07 -3.57
C HIS A 660 -2.49 -4.36 -3.37
N SER A 661 -3.83 -4.27 -3.30
CA SER A 661 -4.61 -5.49 -3.17
C SER A 661 -4.55 -6.28 -4.47
N ALA A 662 -4.26 -5.59 -5.57
CA ALA A 662 -4.08 -6.21 -6.88
C ALA A 662 -2.64 -6.68 -7.11
N MET A 663 -1.80 -6.66 -6.08
CA MET A 663 -0.40 -7.07 -6.18
C MET A 663 0.43 -6.25 -7.15
N ILE A 664 0.09 -4.99 -7.32
CA ILE A 664 0.82 -4.10 -8.22
C ILE A 664 1.55 -3.01 -7.47
N ILE A 665 2.84 -2.89 -7.71
CA ILE A 665 3.61 -1.84 -7.04
C ILE A 665 3.73 -0.66 -7.99
N TYR A 666 3.33 0.52 -7.54
CA TYR A 666 3.31 1.68 -8.42
C TYR A 666 4.72 2.21 -8.67
N ARG A 667 5.48 2.39 -7.59
CA ARG A 667 6.86 2.86 -7.63
C ARG A 667 7.09 4.26 -8.22
N ASP A 668 6.09 5.12 -8.25
CA ASP A 668 6.35 6.44 -8.82
C ASP A 668 5.45 7.55 -8.28
N LEU A 669 5.10 7.53 -7.00
CA LEU A 669 4.20 8.55 -6.48
C LEU A 669 4.82 9.91 -6.37
N LYS A 670 4.59 10.71 -7.38
CA LYS A 670 5.06 12.08 -7.37
C LYS A 670 3.95 12.94 -7.94
N PRO A 671 3.90 14.24 -7.62
CA PRO A 671 2.91 15.25 -8.03
C PRO A 671 2.68 15.29 -9.52
N HIS A 672 3.65 14.83 -10.29
CA HIS A 672 3.57 14.82 -11.72
C HIS A 672 2.59 13.76 -12.23
N ASN A 673 2.29 12.77 -11.38
CA ASN A 673 1.39 11.70 -11.74
C ASN A 673 -0.01 11.83 -11.15
N VAL A 674 -0.32 12.93 -10.48
CA VAL A 674 -1.65 13.07 -9.91
C VAL A 674 -2.49 13.95 -10.77
N LEU A 675 -3.59 13.42 -11.29
CA LEU A 675 -4.41 14.20 -12.19
C LEU A 675 -5.67 14.71 -11.55
N LEU A 676 -6.03 15.93 -11.86
CA LEU A 676 -7.22 16.54 -11.30
C LEU A 676 -8.31 16.70 -12.35
N PHE A 677 -9.53 16.33 -11.99
CA PHE A 677 -10.67 16.39 -12.87
C PHE A 677 -11.70 17.44 -12.52
N THR A 678 -11.34 18.36 -11.65
CA THR A 678 -12.21 19.45 -11.17
C THR A 678 -11.70 19.94 -9.86
N LEU A 679 -11.61 21.24 -9.72
CA LEU A 679 -11.14 21.79 -8.48
C LEU A 679 -12.29 22.00 -7.50
N TYR A 680 -13.53 21.80 -7.94
CA TYR A 680 -14.68 21.93 -7.06
C TYR A 680 -14.58 20.97 -5.88
N PRO A 681 -14.34 21.47 -4.67
CA PRO A 681 -14.12 20.74 -3.43
C PRO A 681 -15.14 19.65 -3.15
N ASN A 682 -16.39 19.90 -3.47
CA ASN A 682 -17.40 18.90 -3.17
C ASN A 682 -17.82 18.10 -4.39
N ALA A 683 -16.89 17.38 -5.00
CA ALA A 683 -17.19 16.58 -6.17
C ALA A 683 -16.97 15.11 -5.86
N ALA A 684 -17.66 14.23 -6.56
CA ALA A 684 -17.52 12.80 -6.31
C ALA A 684 -16.12 12.30 -6.65
N ILE A 685 -15.56 12.76 -7.75
CA ILE A 685 -14.22 12.35 -8.13
C ILE A 685 -13.36 13.55 -8.47
N ILE A 686 -12.23 13.68 -7.78
CA ILE A 686 -11.35 14.80 -7.99
C ILE A 686 -9.99 14.38 -8.48
N ALA A 687 -9.35 13.47 -7.77
CA ALA A 687 -8.01 13.10 -8.20
C ALA A 687 -7.91 11.66 -8.66
N LYS A 688 -7.06 11.41 -9.66
CA LYS A 688 -6.82 10.07 -10.16
C LYS A 688 -5.33 9.81 -10.37
N ILE A 689 -4.92 8.55 -10.29
CA ILE A 689 -3.52 8.19 -10.51
C ILE A 689 -3.24 7.79 -11.95
N ALA A 690 -2.29 8.48 -12.57
CA ALA A 690 -1.96 8.25 -13.98
C ALA A 690 -1.06 7.05 -14.23
N ASP A 691 -1.28 6.42 -15.40
CA ASP A 691 -0.45 5.32 -15.93
C ASP A 691 -0.04 4.24 -14.93
N TYR A 692 -1.01 3.73 -14.20
CA TYR A 692 -0.80 2.67 -13.23
C TYR A 692 -0.52 1.34 -13.90
N GLY A 693 0.07 0.42 -13.14
CA GLY A 693 0.41 -0.89 -13.66
C GLY A 693 1.89 -1.18 -13.49
N PRO A 710 12.98 8.82 -9.12
CA PRO A 710 13.82 9.99 -9.40
C PRO A 710 14.30 10.44 -8.02
N GLY A 711 14.36 11.75 -7.81
CA GLY A 711 14.63 12.16 -6.43
C GLY A 711 13.28 12.31 -5.72
N PHE A 712 12.67 11.17 -5.30
CA PHE A 712 11.36 10.98 -4.60
C PHE A 712 11.28 9.55 -4.06
N ARG A 713 12.40 8.82 -3.96
CA ARG A 713 12.61 7.41 -3.61
C ARG A 713 12.66 7.11 -2.14
N ALA A 714 12.17 5.95 -1.76
CA ALA A 714 12.33 5.46 -0.41
C ALA A 714 13.83 5.26 -0.24
N PRO A 715 14.46 5.55 1.03
CA PRO A 715 15.87 5.40 1.36
C PRO A 715 16.29 3.94 1.30
N GLU A 716 15.29 3.04 1.50
CA GLU A 716 15.53 1.62 1.43
C GLU A 716 15.84 1.21 -0.01
N VAL A 717 14.94 1.52 -0.93
CA VAL A 717 15.14 1.18 -2.33
C VAL A 717 16.17 2.10 -2.99
N ALA A 718 16.40 3.26 -2.38
CA ALA A 718 17.43 4.18 -2.85
C ALA A 718 18.82 3.56 -2.77
N ARG A 719 18.99 2.51 -1.97
CA ARG A 719 20.26 1.84 -1.85
C ARG A 719 20.62 1.09 -3.13
N GLY A 720 19.61 0.70 -3.91
CA GLY A 720 19.85 0.00 -5.16
C GLY A 720 20.22 -1.46 -4.95
N ASN A 721 19.83 -2.03 -3.81
CA ASN A 721 20.20 -3.41 -3.51
C ASN A 721 19.09 -4.20 -2.83
N VAL A 722 17.85 -3.70 -2.92
CA VAL A 722 16.69 -4.38 -2.37
C VAL A 722 15.58 -4.48 -3.41
N ILE A 723 14.46 -5.06 -3.01
CA ILE A 723 13.32 -5.25 -3.89
C ILE A 723 12.13 -4.37 -3.48
N TYR A 724 11.47 -3.77 -4.46
CA TYR A 724 10.32 -2.93 -4.20
C TYR A 724 9.12 -3.69 -3.67
N ASN A 725 8.38 -3.06 -2.80
CA ASN A 725 7.17 -3.63 -2.24
C ASN A 725 6.28 -2.51 -1.77
N GLN A 726 5.12 -2.86 -1.25
CA GLN A 726 4.15 -1.87 -0.81
C GLN A 726 4.70 -0.83 0.15
N GLN A 727 5.72 -1.16 0.91
CA GLN A 727 6.23 -0.23 1.89
C GLN A 727 6.99 0.88 1.21
N ALA A 728 7.52 0.61 0.03
CA ALA A 728 8.21 1.63 -0.74
C ALA A 728 7.18 2.63 -1.22
N ASP A 729 6.03 2.13 -1.66
CA ASP A 729 4.96 3.03 -2.08
C ASP A 729 4.43 3.85 -0.93
N VAL A 730 4.30 3.23 0.24
CA VAL A 730 3.81 3.96 1.39
C VAL A 730 4.72 5.11 1.72
N TYR A 731 6.02 4.86 1.73
CA TYR A 731 6.97 5.91 2.02
C TYR A 731 6.81 7.03 1.00
N SER A 732 6.71 6.66 -0.26
CA SER A 732 6.55 7.64 -1.32
C SER A 732 5.29 8.46 -1.11
N PHE A 733 4.21 7.80 -0.69
CA PHE A 733 2.96 8.48 -0.38
C PHE A 733 3.16 9.52 0.68
N GLY A 734 3.84 9.15 1.75
CA GLY A 734 4.09 10.09 2.83
C GLY A 734 4.75 11.34 2.30
N LEU A 735 5.71 11.19 1.40
CA LEU A 735 6.35 12.36 0.84
C LEU A 735 5.35 13.18 0.05
N LEU A 736 4.45 12.53 -0.67
CA LEU A 736 3.41 13.26 -1.41
C LEU A 736 2.58 14.08 -0.46
N LEU A 737 2.18 13.47 0.64
CA LEU A 737 1.38 14.16 1.64
C LEU A 737 2.12 15.36 2.20
N TYR A 738 3.41 15.21 2.47
CA TYR A 738 4.26 16.30 2.94
C TYR A 738 4.21 17.42 1.91
N ASP A 739 4.30 17.06 0.63
CA ASP A 739 4.26 18.03 -0.45
C ASP A 739 2.91 18.72 -0.52
N ILE A 740 1.84 18.00 -0.22
CA ILE A 740 0.52 18.60 -0.21
C ILE A 740 0.39 19.56 0.94
N LEU A 741 0.85 19.14 2.11
CA LEU A 741 0.80 19.95 3.32
C LEU A 741 1.45 21.30 3.10
N THR A 742 2.65 21.29 2.56
CA THR A 742 3.28 22.54 2.23
C THR A 742 2.97 22.87 0.80
N THR A 743 1.93 23.66 0.58
CA THR A 743 1.44 23.95 -0.77
C THR A 743 2.44 24.67 -1.64
N GLY A 744 3.45 25.27 -1.04
CA GLY A 744 4.50 25.90 -1.82
C GLY A 744 5.35 24.89 -2.57
N GLY A 745 5.31 23.62 -2.16
CA GLY A 745 6.10 22.61 -2.82
C GLY A 745 7.55 22.90 -2.51
N ARG A 746 7.81 23.26 -1.27
CA ARG A 746 9.13 23.70 -0.89
C ARG A 746 10.19 22.63 -1.04
N ILE A 747 9.84 21.37 -0.81
CA ILE A 747 10.84 20.35 -1.03
C ILE A 747 11.00 20.17 -2.54
N VAL A 748 9.92 20.42 -3.29
CA VAL A 748 9.95 20.34 -4.74
C VAL A 748 10.82 21.45 -5.29
N GLU A 749 10.80 22.60 -4.62
CA GLU A 749 11.70 23.67 -5.01
C GLU A 749 13.14 23.25 -4.72
N GLY A 750 13.32 22.47 -3.65
CA GLY A 750 14.62 21.90 -3.30
C GLY A 750 15.21 21.07 -4.44
N LEU A 751 14.34 20.42 -5.24
CA LEU A 751 14.75 19.64 -6.43
C LEU A 751 15.70 20.39 -7.35
N LYS A 752 15.56 21.72 -7.41
CA LYS A 752 16.41 22.58 -8.23
C LYS A 752 17.89 22.50 -7.82
N PHE A 753 18.13 21.96 -6.62
CA PHE A 753 19.46 21.75 -6.08
C PHE A 753 19.50 20.26 -5.66
N PRO A 754 19.41 19.36 -6.65
CA PRO A 754 19.25 17.91 -6.54
C PRO A 754 20.30 17.21 -5.69
N ASN A 755 21.48 17.83 -5.57
CA ASN A 755 22.56 17.29 -4.77
C ASN A 755 22.19 17.26 -3.30
N GLU A 756 21.32 18.17 -2.90
CA GLU A 756 20.87 18.23 -1.52
C GLU A 756 19.55 17.50 -1.39
N PHE A 757 18.70 17.66 -2.40
CA PHE A 757 17.35 17.11 -2.43
C PHE A 757 17.30 15.59 -2.32
N ASP A 758 18.02 14.89 -3.20
CA ASP A 758 18.00 13.43 -3.17
C ASP A 758 18.60 12.92 -1.87
N GLU A 759 19.68 13.55 -1.42
CA GLU A 759 20.34 13.14 -0.20
C GLU A 759 19.47 13.41 1.01
N LEU A 760 18.75 14.53 1.00
CA LEU A 760 17.84 14.88 2.07
C LEU A 760 16.84 13.77 2.32
N GLU A 761 16.23 13.29 1.23
CA GLU A 761 15.25 12.22 1.34
C GLU A 761 15.90 10.96 1.88
N ILE A 762 17.13 10.67 1.41
CA ILE A 762 17.90 9.54 1.91
C ILE A 762 18.18 9.65 3.39
N GLN A 763 18.55 10.85 3.84
CA GLN A 763 18.80 11.10 5.24
C GLN A 763 17.54 10.94 6.06
N GLY A 764 16.41 11.35 5.49
CA GLY A 764 15.11 11.27 6.15
C GLY A 764 14.94 12.42 7.14
N LYS A 765 15.87 13.35 7.11
CA LYS A 765 15.89 14.44 8.07
C LYS A 765 15.15 15.63 7.54
N LEU A 766 13.84 15.48 7.42
CA LEU A 766 13.03 16.57 6.91
C LEU A 766 12.72 17.55 8.02
N PRO A 767 12.66 18.83 7.70
CA PRO A 767 12.36 19.93 8.58
C PRO A 767 10.89 19.99 8.90
N ASP A 768 10.58 20.61 10.03
CA ASP A 768 9.21 20.76 10.49
C ASP A 768 8.42 21.59 9.51
N PRO A 769 7.43 21.01 8.84
CA PRO A 769 6.64 21.61 7.78
C PRO A 769 5.93 22.90 8.21
N VAL A 770 5.70 23.07 9.49
CA VAL A 770 5.07 24.26 10.00
C VAL A 770 6.08 25.34 10.22
N LYS A 771 7.03 25.05 11.10
CA LYS A 771 8.05 25.99 11.47
C LYS A 771 8.93 26.41 10.32
N GLU A 772 9.37 25.44 9.54
CA GLU A 772 10.27 25.69 8.45
C GLU A 772 9.66 26.43 7.28
N TYR A 773 8.41 26.16 6.96
CA TYR A 773 7.87 26.78 5.77
C TYR A 773 6.81 27.84 6.09
N GLY A 774 6.44 27.96 7.35
CA GLY A 774 5.42 28.94 7.73
C GLY A 774 4.05 28.42 7.34
N CYS A 775 3.84 27.14 7.52
CA CYS A 775 2.59 26.49 7.12
C CYS A 775 1.63 26.40 8.28
N ALA A 776 0.38 26.82 8.07
CA ALA A 776 -0.61 26.78 9.14
C ALA A 776 -0.72 25.34 9.67
N PRO A 777 -0.77 25.16 10.99
CA PRO A 777 -0.82 23.90 11.71
C PRO A 777 -1.90 22.99 11.21
N TRP A 778 -1.59 21.71 11.18
CA TRP A 778 -2.53 20.71 10.78
C TRP A 778 -2.18 19.39 11.44
N PRO A 779 -2.33 19.32 12.76
CA PRO A 779 -2.04 18.15 13.58
C PRO A 779 -2.84 17.01 13.03
N MET A 780 -2.58 15.80 13.50
CA MET A 780 -3.16 14.59 12.93
C MET A 780 -2.42 14.27 11.62
N VAL A 781 -2.52 15.14 10.62
CA VAL A 781 -1.76 14.98 9.39
C VAL A 781 -0.29 15.06 9.68
N GLU A 782 0.10 16.02 10.50
CA GLU A 782 1.51 16.15 10.83
C GLU A 782 2.05 14.88 11.44
N LYS A 783 1.31 14.26 12.35
CA LYS A 783 1.85 13.04 12.92
C LYS A 783 1.70 11.89 11.96
N LEU A 784 0.73 11.95 11.05
CA LEU A 784 0.61 10.91 10.05
C LEU A 784 1.83 10.84 9.21
N ILE A 785 2.31 12.00 8.76
CA ILE A 785 3.51 12.04 7.96
C ILE A 785 4.68 11.46 8.73
N LYS A 786 4.80 11.83 10.00
CA LYS A 786 5.88 11.28 10.81
C LYS A 786 5.77 9.77 10.95
N GLN A 787 4.56 9.28 11.14
CA GLN A 787 4.33 7.84 11.25
C GLN A 787 4.62 7.14 9.96
N CYS A 788 4.26 7.76 8.87
CA CYS A 788 4.46 7.19 7.57
C CYS A 788 5.92 7.10 7.20
N LEU A 789 6.64 8.21 7.32
CA LEU A 789 8.02 8.24 6.88
C LEU A 789 9.00 7.72 7.93
N LYS A 790 8.95 6.43 8.20
CA LYS A 790 9.90 5.80 9.11
C LYS A 790 10.97 5.13 8.30
N GLU A 791 12.12 4.93 8.91
CA GLU A 791 13.24 4.31 8.23
C GLU A 791 13.02 2.84 7.96
N ASN A 792 12.45 2.14 8.94
CA ASN A 792 12.21 0.71 8.87
C ASN A 792 10.91 0.33 8.16
N PRO A 793 10.97 -0.32 6.99
CA PRO A 793 9.88 -0.82 6.18
C PRO A 793 8.89 -1.64 6.97
N GLN A 794 9.35 -2.32 8.01
CA GLN A 794 8.45 -3.15 8.79
C GLN A 794 7.69 -2.35 9.83
N GLU A 795 8.07 -1.09 10.03
CA GLU A 795 7.40 -0.25 10.98
C GLU A 795 6.47 0.73 10.28
N ARG A 796 6.65 0.91 8.98
CA ARG A 796 5.77 1.82 8.27
C ARG A 796 4.36 1.21 8.11
N PRO A 797 3.30 2.02 8.21
CA PRO A 797 1.88 1.71 8.08
C PRO A 797 1.56 1.06 6.76
N THR A 798 0.54 0.19 6.73
CA THR A 798 0.16 -0.38 5.45
C THR A 798 -0.72 0.62 4.75
N SER A 799 -0.85 0.48 3.45
CA SER A 799 -1.65 1.43 2.69
C SER A 799 -3.12 1.36 3.05
N ALA A 800 -3.58 0.22 3.50
CA ALA A 800 -4.96 0.11 3.96
C ALA A 800 -5.15 0.97 5.19
N GLN A 801 -4.19 0.90 6.11
CA GLN A 801 -4.23 1.69 7.33
C GLN A 801 -4.13 3.16 7.04
N VAL A 802 -3.30 3.53 6.08
CA VAL A 802 -3.16 4.93 5.72
C VAL A 802 -4.49 5.49 5.32
N PHE A 803 -5.22 4.75 4.49
CA PHE A 803 -6.53 5.20 4.10
C PHE A 803 -7.45 5.35 5.28
N ASP A 804 -7.50 4.33 6.14
CA ASP A 804 -8.37 4.40 7.31
C ASP A 804 -8.10 5.64 8.14
N ILE A 805 -6.84 6.02 8.27
CA ILE A 805 -6.49 7.22 8.99
C ILE A 805 -7.02 8.45 8.29
N LEU A 806 -6.87 8.50 6.98
CA LEU A 806 -7.37 9.63 6.22
C LEU A 806 -8.89 9.73 6.27
N ASN A 807 -9.54 8.59 6.41
CA ASN A 807 -10.99 8.54 6.54
C ASN A 807 -11.43 9.00 7.92
N SER A 808 -11.45 10.32 8.13
CA SER A 808 -11.81 10.87 9.43
C SER A 808 -12.23 12.31 9.44
N ALA A 809 -13.38 12.59 10.02
CA ALA A 809 -13.84 13.95 10.13
C ALA A 809 -12.97 14.72 11.10
N GLU A 810 -12.50 14.04 12.14
CA GLU A 810 -11.64 14.63 13.14
C GLU A 810 -10.35 15.11 12.51
N LEU A 811 -9.84 14.31 11.58
CA LEU A 811 -8.65 14.66 10.83
C LEU A 811 -8.80 16.00 10.16
N VAL A 812 -9.94 16.19 9.53
CA VAL A 812 -10.22 17.41 8.83
C VAL A 812 -10.43 18.61 9.75
N CYS A 813 -11.24 18.44 10.79
CA CYS A 813 -11.62 19.57 11.62
C CYS A 813 -10.75 19.90 12.81
N LEU A 814 -9.89 19.01 13.24
CA LEU A 814 -9.00 19.41 14.30
C LEU A 814 -8.02 20.39 13.76
N THR A 815 -7.89 21.55 14.39
CA THR A 815 -6.98 22.52 13.83
C THR A 815 -5.75 22.71 14.66
N ARG A 816 -5.91 22.76 15.98
CA ARG A 816 -4.73 22.97 16.80
C ARG A 816 -4.80 22.24 18.12
N ARG A 817 -3.64 21.95 18.69
CA ARG A 817 -3.59 21.31 19.99
C ARG A 817 -2.42 21.83 20.77
N ILE A 818 -2.69 22.48 21.88
CA ILE A 818 -1.64 23.06 22.69
C ILE A 818 -1.54 22.38 24.03
N LEU A 819 -0.39 21.80 24.32
CA LEU A 819 -0.23 21.18 25.62
C LEU A 819 0.16 22.22 26.63
N LEU A 820 -0.34 22.08 27.84
CA LEU A 820 0.03 23.00 28.90
C LEU A 820 1.18 22.39 29.68
N PRO A 821 1.95 23.18 30.42
CA PRO A 821 3.06 22.76 31.24
C PRO A 821 2.60 21.73 32.23
N LYS A 822 3.46 20.77 32.53
CA LYS A 822 3.13 19.67 33.42
C LYS A 822 2.72 20.17 34.80
N ASN A 823 1.66 19.56 35.34
CA ASN A 823 1.09 19.91 36.63
C ASN A 823 0.50 21.29 36.64
N VAL A 824 -0.19 21.65 35.57
CA VAL A 824 -0.94 22.89 35.51
C VAL A 824 -2.40 22.57 35.28
N ILE A 825 -3.23 23.02 36.20
CA ILE A 825 -4.65 22.75 36.13
C ILE A 825 -5.42 24.03 36.03
N VAL A 826 -6.10 24.19 34.91
CA VAL A 826 -6.89 25.37 34.62
C VAL A 826 -8.35 25.08 34.83
N GLU A 827 -8.99 25.86 35.69
CA GLU A 827 -10.40 25.64 35.99
C GLU A 827 -11.36 26.60 35.30
N CYS A 828 -10.85 27.54 34.52
CA CYS A 828 -11.71 28.48 33.80
C CYS A 828 -10.98 29.19 32.66
N MET A 829 -11.74 29.64 31.67
CA MET A 829 -11.16 30.24 30.46
C MET A 829 -11.88 31.48 29.97
N VAL A 830 -11.14 32.50 29.57
CA VAL A 830 -11.74 33.67 28.92
C VAL A 830 -10.98 34.05 27.68
N ALA A 831 -11.57 33.80 26.53
CA ALA A 831 -10.92 34.19 25.28
C ALA A 831 -11.20 35.64 25.01
N THR A 832 -10.24 36.36 24.45
CA THR A 832 -10.48 37.76 24.13
C THR A 832 -11.10 37.90 22.75
N HIS A 833 -12.33 38.40 22.73
CA HIS A 833 -13.04 38.54 21.47
C HIS A 833 -12.57 39.76 20.71
N HIS A 834 -11.53 39.57 19.93
CA HIS A 834 -10.97 40.65 19.16
C HIS A 834 -10.12 40.06 18.01
N ALA A 839 -5.30 37.54 19.84
CA ALA A 839 -5.66 36.13 19.80
C ALA A 839 -5.04 35.38 20.98
N SER A 840 -5.63 35.57 22.16
CA SER A 840 -5.10 34.99 23.37
C SER A 840 -6.20 34.65 24.37
N ILE A 841 -5.85 33.80 25.34
CA ILE A 841 -6.80 33.30 26.32
C ILE A 841 -6.33 33.46 27.75
N TRP A 842 -7.18 34.00 28.60
CA TRP A 842 -6.88 34.10 30.01
C TRP A 842 -7.25 32.81 30.69
N LEU A 843 -6.34 32.27 31.47
CA LEU A 843 -6.58 30.99 32.11
C LEU A 843 -6.55 31.10 33.62
N GLY A 844 -7.43 30.39 34.29
CA GLY A 844 -7.38 30.37 35.75
C GLY A 844 -6.41 29.27 36.17
N CYS A 845 -6.34 28.97 37.45
CA CYS A 845 -5.47 27.89 37.87
C CYS A 845 -5.92 27.27 39.18
N GLY A 846 -6.44 26.06 39.08
CA GLY A 846 -6.91 25.33 40.26
C GLY A 846 -5.90 24.31 40.77
N HIS A 847 -4.73 24.25 40.14
CA HIS A 847 -3.68 23.35 40.61
C HIS A 847 -3.21 23.69 41.99
N THR A 848 -2.87 24.96 42.21
CA THR A 848 -2.39 25.37 43.52
C THR A 848 -3.58 25.84 44.31
N ASP A 849 -3.32 26.23 45.55
CA ASP A 849 -4.36 26.77 46.40
C ASP A 849 -4.21 28.28 46.52
N ARG A 850 -3.54 28.88 45.52
CA ARG A 850 -3.34 30.32 45.51
C ARG A 850 -3.89 30.95 44.25
N GLY A 851 -4.43 32.15 44.39
CA GLY A 851 -4.96 32.89 43.24
C GLY A 851 -3.91 33.13 42.17
N GLN A 852 -3.77 32.17 41.25
CA GLN A 852 -2.80 32.30 40.18
C GLN A 852 -3.46 32.42 38.83
N LEU A 853 -3.08 33.46 38.09
CA LEU A 853 -3.66 33.77 36.79
C LEU A 853 -2.67 33.53 35.67
N SER A 854 -3.05 32.71 34.70
CA SER A 854 -2.17 32.37 33.59
C SER A 854 -2.62 32.99 32.30
N PHE A 855 -1.75 32.95 31.31
CA PHE A 855 -2.08 33.57 30.03
C PHE A 855 -1.44 32.87 28.84
N LEU A 856 -2.28 32.52 27.87
CA LEU A 856 -1.88 31.80 26.68
C LEU A 856 -1.96 32.63 25.42
N ASP A 857 -0.86 32.69 24.68
CA ASP A 857 -0.81 33.41 23.41
C ASP A 857 -0.95 32.46 22.24
N LEU A 858 -2.11 32.45 21.60
CA LEU A 858 -2.35 31.50 20.51
C LEU A 858 -1.50 31.78 19.28
N ASN A 859 -0.99 33.00 19.15
CA ASN A 859 -0.17 33.33 18.00
C ASN A 859 1.21 32.69 18.05
N THR A 860 1.71 32.45 19.24
CA THR A 860 3.06 31.91 19.39
C THR A 860 3.08 30.71 20.31
N GLU A 861 1.91 30.34 20.85
CA GLU A 861 1.79 29.29 21.83
C GLU A 861 2.64 29.63 23.02
N GLY A 862 2.63 30.91 23.38
CA GLY A 862 3.41 31.41 24.49
C GLY A 862 2.65 31.21 25.77
N TYR A 863 3.35 31.14 26.88
CA TYR A 863 2.67 30.91 28.14
C TYR A 863 3.35 31.54 29.32
N THR A 864 2.56 32.26 30.10
CA THR A 864 3.07 32.86 31.31
C THR A 864 2.07 32.68 32.41
N SER A 865 2.43 33.16 33.59
CA SER A 865 1.57 32.99 34.74
C SER A 865 2.07 33.76 35.96
N GLU A 866 1.16 34.33 36.72
CA GLU A 866 1.55 35.08 37.91
C GLU A 866 0.49 34.99 38.99
N GLU A 867 0.92 35.11 40.24
CA GLU A 867 -0.03 35.08 41.34
C GLU A 867 -0.64 36.46 41.49
N VAL A 868 -1.96 36.51 41.49
CA VAL A 868 -2.66 37.79 41.56
C VAL A 868 -3.57 37.91 42.76
N ALA A 869 -3.85 36.81 43.44
CA ALA A 869 -4.76 36.88 44.57
C ALA A 869 -4.43 35.82 45.58
N ASP A 870 -5.05 35.92 46.75
CA ASP A 870 -4.81 34.98 47.81
C ASP A 870 -5.50 33.65 47.58
N SER A 871 -6.83 33.65 47.64
CA SER A 871 -7.59 32.42 47.46
C SER A 871 -7.68 32.02 46.00
N ARG A 872 -8.15 30.80 45.75
CA ARG A 872 -8.19 30.27 44.38
C ARG A 872 -9.20 30.96 43.49
N ILE A 873 -8.76 31.28 42.27
CA ILE A 873 -9.63 31.93 41.30
C ILE A 873 -10.65 30.96 40.81
N LEU A 874 -11.91 31.32 40.90
CA LEU A 874 -12.95 30.41 40.48
C LEU A 874 -13.55 30.81 39.15
N CYS A 875 -13.80 32.10 38.95
CA CYS A 875 -14.40 32.53 37.70
C CYS A 875 -13.78 33.77 37.10
N LEU A 876 -13.63 33.77 35.80
CA LEU A 876 -13.12 34.94 35.11
C LEU A 876 -14.18 35.52 34.21
N ALA A 877 -14.17 36.83 34.04
CA ALA A 877 -15.09 37.45 33.08
C ALA A 877 -14.46 38.66 32.42
N LEU A 878 -14.79 38.87 31.15
CA LEU A 878 -14.24 39.99 30.42
C LEU A 878 -15.19 41.16 30.34
N VAL A 879 -14.76 42.29 30.88
CA VAL A 879 -15.52 43.51 30.79
C VAL A 879 -14.98 44.31 29.65
N HIS A 880 -15.80 44.53 28.65
CA HIS A 880 -15.36 45.25 27.47
C HIS A 880 -16.05 46.59 27.37
N LEU A 881 -15.26 47.65 27.40
CA LEU A 881 -15.78 49.00 27.31
C LEU A 881 -15.23 49.73 26.10
N PRO A 882 -15.63 49.34 24.87
CA PRO A 882 -15.19 49.88 23.59
C PRO A 882 -15.47 51.37 23.48
N VAL A 883 -16.45 51.83 24.26
CA VAL A 883 -16.81 53.24 24.33
C VAL A 883 -15.72 54.01 25.04
N GLU A 884 -15.17 53.41 26.09
CA GLU A 884 -14.12 54.02 26.86
C GLU A 884 -12.75 53.57 26.38
N LYS A 885 -12.72 52.65 25.42
CA LYS A 885 -11.50 52.13 24.80
C LYS A 885 -10.67 51.34 25.77
N GLU A 886 -11.32 50.54 26.60
CA GLU A 886 -10.62 49.75 27.60
C GLU A 886 -11.36 48.48 27.95
N SER A 887 -10.65 47.53 28.56
CA SER A 887 -11.28 46.30 28.99
C SER A 887 -10.58 45.73 30.22
N TRP A 888 -11.33 44.97 31.01
CA TRP A 888 -10.84 44.46 32.28
C TRP A 888 -11.16 42.98 32.50
N ILE A 889 -10.30 42.29 33.23
CA ILE A 889 -10.58 40.92 33.60
C ILE A 889 -11.07 40.89 35.02
N VAL A 890 -12.24 40.34 35.22
CA VAL A 890 -12.80 40.25 36.54
C VAL A 890 -12.58 38.86 37.07
N SER A 891 -11.85 38.78 38.17
CA SER A 891 -11.55 37.50 38.77
C SER A 891 -12.32 37.27 40.05
N GLY A 892 -13.29 36.38 39.99
CA GLY A 892 -14.04 36.01 41.17
C GLY A 892 -13.30 34.88 41.85
N THR A 893 -13.20 34.91 43.17
CA THR A 893 -12.46 33.88 43.86
C THR A 893 -13.14 33.32 45.09
N GLN A 894 -12.48 32.35 45.74
CA GLN A 894 -13.02 31.69 46.92
C GLN A 894 -13.29 32.63 48.07
N SER A 895 -12.45 33.64 48.23
CA SER A 895 -12.63 34.62 49.30
C SER A 895 -13.87 35.47 49.12
N GLY A 896 -14.45 35.50 47.92
CA GLY A 896 -15.61 36.32 47.67
C GLY A 896 -15.19 37.65 47.07
N THR A 897 -13.90 37.90 46.94
CA THR A 897 -13.49 39.16 46.36
C THR A 897 -13.52 39.13 44.84
N LEU A 898 -13.52 40.32 44.26
CA LEU A 898 -13.51 40.52 42.83
C LEU A 898 -12.31 41.33 42.42
N LEU A 899 -11.31 40.67 41.87
CA LEU A 899 -10.11 41.37 41.44
C LEU A 899 -10.27 41.77 40.00
N VAL A 900 -10.19 43.05 39.73
CA VAL A 900 -10.44 43.55 38.40
C VAL A 900 -9.15 44.13 37.82
N ILE A 901 -8.69 43.57 36.70
CA ILE A 901 -7.40 43.97 36.13
C ILE A 901 -7.49 44.46 34.70
N ASN A 902 -6.91 45.64 34.43
CA ASN A 902 -6.99 46.19 33.09
C ASN A 902 -6.16 45.37 32.13
N THR A 903 -6.78 44.95 31.03
CA THR A 903 -6.08 44.13 30.04
C THR A 903 -4.99 44.91 29.30
N GLU A 904 -5.09 46.23 29.30
CA GLU A 904 -4.11 47.08 28.64
C GLU A 904 -3.01 47.53 29.59
N ASP A 905 -3.17 47.25 30.88
CA ASP A 905 -2.18 47.66 31.85
C ASP A 905 -2.20 46.80 33.10
N GLY A 906 -1.25 45.89 33.18
CA GLY A 906 -1.14 44.97 34.31
C GLY A 906 -1.04 45.67 35.67
N LYS A 907 -0.57 46.91 35.70
CA LYS A 907 -0.44 47.64 36.95
C LYS A 907 -1.80 48.09 37.49
N LYS A 908 -2.79 48.20 36.61
CA LYS A 908 -4.11 48.64 37.04
C LYS A 908 -4.92 47.49 37.60
N ARG A 909 -4.69 47.22 38.87
CA ARG A 909 -5.40 46.17 39.56
C ARG A 909 -6.21 46.77 40.70
N HIS A 910 -7.47 46.37 40.85
CA HIS A 910 -8.24 46.87 41.99
C HIS A 910 -9.30 45.87 42.41
N THR A 911 -9.83 46.04 43.60
CA THR A 911 -10.82 45.10 44.11
C THR A 911 -12.15 45.78 44.37
N LEU A 912 -13.23 45.12 43.96
CA LEU A 912 -14.59 45.64 44.15
C LEU A 912 -15.13 45.24 45.50
N GLU A 913 -16.30 45.75 45.86
CA GLU A 913 -16.89 45.38 47.13
C GLU A 913 -16.90 43.87 47.31
N LYS A 914 -16.34 43.41 48.41
CA LYS A 914 -16.25 42.00 48.71
C LYS A 914 -17.62 41.38 48.92
N MET A 915 -17.82 40.20 48.34
CA MET A 915 -19.08 39.49 48.48
C MET A 915 -19.15 38.79 49.82
N THR A 916 -20.35 38.47 50.26
CA THR A 916 -20.56 37.82 51.54
C THR A 916 -20.20 36.33 51.52
N ASP A 917 -19.97 35.79 50.33
CA ASP A 917 -19.57 34.41 50.18
C ASP A 917 -18.78 34.31 48.89
N SER A 918 -18.27 33.12 48.56
CA SER A 918 -17.42 32.98 47.39
C SER A 918 -18.18 33.21 46.12
N VAL A 919 -17.44 33.50 45.06
CA VAL A 919 -18.05 33.71 43.77
C VAL A 919 -18.11 32.40 43.03
N THR A 920 -19.30 32.04 42.59
CA THR A 920 -19.49 30.78 41.89
C THR A 920 -19.62 30.95 40.39
N CYS A 921 -20.09 32.10 39.94
CA CYS A 921 -20.13 32.33 38.50
C CYS A 921 -20.24 33.79 38.16
N LEU A 922 -19.73 34.14 36.99
CA LEU A 922 -19.79 35.51 36.52
C LEU A 922 -20.40 35.57 35.15
N TYR A 923 -21.03 36.69 34.86
CA TYR A 923 -21.58 36.89 33.54
C TYR A 923 -21.64 38.36 33.25
N CYS A 924 -21.28 38.74 32.05
CA CYS A 924 -21.29 40.15 31.74
C CYS A 924 -21.44 40.41 30.27
N ASN A 935 -24.44 47.21 30.10
CA ASN A 935 -23.97 45.90 30.48
C ASN A 935 -23.91 45.82 31.96
N PHE A 936 -24.08 44.63 32.49
CA PHE A 936 -24.01 44.51 33.91
C PHE A 936 -23.14 43.35 34.28
N LEU A 937 -22.37 43.52 35.34
CA LEU A 937 -21.54 42.44 35.81
C LEU A 937 -22.36 41.68 36.81
N LEU A 938 -22.67 40.46 36.47
CA LEU A 938 -23.51 39.67 37.31
C LEU A 938 -22.63 38.74 38.11
N VAL A 939 -22.80 38.78 39.41
CA VAL A 939 -21.98 37.96 40.26
C VAL A 939 -22.83 36.98 41.00
N GLY A 940 -22.70 35.72 40.66
CA GLY A 940 -23.46 34.70 41.32
C GLY A 940 -22.61 34.14 42.43
N THR A 941 -23.09 34.26 43.66
CA THR A 941 -22.33 33.77 44.80
C THR A 941 -22.89 32.48 45.38
N ALA A 942 -22.08 31.88 46.25
CA ALA A 942 -22.37 30.60 46.87
C ALA A 942 -23.59 30.59 47.76
N ASP A 943 -23.98 31.73 48.28
CA ASP A 943 -25.16 31.79 49.12
C ASP A 943 -26.44 32.06 48.34
N GLY A 944 -26.41 31.90 47.01
CA GLY A 944 -27.61 32.09 46.22
C GLY A 944 -27.91 33.55 45.94
N LYS A 945 -26.97 34.43 46.27
CA LYS A 945 -27.16 35.86 46.07
C LYS A 945 -26.63 36.31 44.72
N LEU A 946 -27.39 37.18 44.05
CA LEU A 946 -26.98 37.71 42.75
C LEU A 946 -26.73 39.20 42.81
N ALA A 947 -25.48 39.59 42.62
CA ALA A 947 -25.18 41.01 42.62
C ALA A 947 -25.13 41.52 41.20
N ILE A 948 -25.73 42.67 40.98
CA ILE A 948 -25.73 43.31 39.67
C ILE A 948 -24.99 44.62 39.70
N PHE A 949 -23.88 44.71 38.98
CA PHE A 949 -23.09 45.93 38.94
C PHE A 949 -23.30 46.69 37.65
N GLU A 950 -23.37 48.00 37.75
CA GLU A 950 -23.50 48.87 36.59
C GLU A 950 -22.27 48.76 35.69
N ASP A 951 -22.51 48.85 34.39
CA ASP A 951 -21.53 48.68 33.32
C ASP A 951 -20.17 49.35 33.56
N LYS A 952 -20.15 50.67 33.67
CA LYS A 952 -18.87 51.36 33.81
C LYS A 952 -18.38 51.42 35.26
N THR A 953 -19.31 51.48 36.21
CA THR A 953 -19.01 51.53 37.65
C THR A 953 -17.90 50.60 38.13
N VAL A 954 -17.81 49.39 37.57
CA VAL A 954 -16.82 48.39 38.00
C VAL A 954 -15.36 48.85 37.86
N LYS A 955 -15.13 49.91 37.10
CA LYS A 955 -13.81 50.50 36.96
C LYS A 955 -13.26 51.05 38.27
N LEU A 956 -14.15 51.45 39.17
CA LEU A 956 -13.73 52.04 40.43
C LEU A 956 -13.47 51.03 41.53
N LYS A 957 -12.44 51.27 42.32
CA LYS A 957 -12.08 50.38 43.41
C LYS A 957 -13.06 50.48 44.56
N GLY A 958 -13.52 49.34 45.04
CA GLY A 958 -14.45 49.28 46.14
C GLY A 958 -15.86 49.60 45.71
N ALA A 959 -16.12 49.61 44.41
CA ALA A 959 -17.44 49.95 43.94
C ALA A 959 -18.50 48.94 44.36
N ALA A 960 -19.67 49.47 44.70
CA ALA A 960 -20.83 48.69 45.09
C ALA A 960 -21.68 48.40 43.86
N PRO A 961 -22.47 47.33 43.87
CA PRO A 961 -23.38 46.90 42.83
C PRO A 961 -24.60 47.79 42.77
N LEU A 962 -25.24 47.80 41.61
CA LEU A 962 -26.47 48.52 41.38
C LEU A 962 -27.55 47.99 42.30
N LYS A 963 -27.69 46.68 42.31
CA LYS A 963 -28.70 46.05 43.15
C LYS A 963 -28.34 44.59 43.41
N ILE A 964 -28.92 44.05 44.48
CA ILE A 964 -28.64 42.67 44.87
C ILE A 964 -29.89 41.86 45.10
N LEU A 965 -29.96 40.68 44.51
CA LEU A 965 -31.11 39.80 44.65
C LEU A 965 -30.81 38.57 45.50
N ASN A 966 -31.79 38.14 46.27
CA ASN A 966 -31.67 36.92 47.03
C ASN A 966 -32.46 35.86 46.32
N ILE A 967 -31.78 34.95 45.65
CA ILE A 967 -32.47 33.96 44.85
C ILE A 967 -32.53 32.64 45.57
N GLY A 968 -31.37 32.15 45.97
CA GLY A 968 -31.26 30.89 46.68
C GLY A 968 -31.00 31.09 48.16
N ASN A 969 -30.13 30.26 48.71
CA ASN A 969 -29.80 30.36 50.13
C ASN A 969 -28.44 29.77 50.39
N VAL A 970 -28.02 29.79 51.65
CA VAL A 970 -26.71 29.30 52.05
C VAL A 970 -26.32 27.92 51.51
N SER A 971 -27.29 27.05 51.25
CA SER A 971 -27.03 25.72 50.73
C SER A 971 -27.34 25.58 49.24
N THR A 972 -27.85 26.65 48.62
CA THR A 972 -28.25 26.64 47.21
C THR A 972 -27.60 27.78 46.43
N PRO A 973 -26.36 27.60 45.97
CA PRO A 973 -25.52 28.54 45.25
C PRO A 973 -25.99 28.78 43.83
N LEU A 974 -25.69 29.94 43.28
CA LEU A 974 -26.04 30.17 41.89
C LEU A 974 -24.95 29.54 41.06
N MET A 975 -25.29 28.90 39.96
CA MET A 975 -24.21 28.31 39.19
C MET A 975 -24.27 28.54 37.70
N CYS A 976 -25.20 29.33 37.23
CA CYS A 976 -25.24 29.52 35.80
C CYS A 976 -26.15 30.63 35.36
N LEU A 977 -25.60 31.57 34.60
CA LEU A 977 -26.38 32.67 34.03
C LEU A 977 -26.27 32.63 32.52
N SER A 978 -27.35 32.25 31.86
CA SER A 978 -27.33 32.12 30.41
C SER A 978 -28.37 32.98 29.74
N GLU A 979 -28.08 33.35 28.51
CA GLU A 979 -29.02 34.11 27.72
C GLU A 979 -28.70 34.07 26.26
N SER A 980 -29.57 33.45 25.51
CA SER A 980 -29.47 33.36 24.08
C SER A 980 -30.80 33.74 23.52
N ASN A 987 -34.33 39.21 25.94
CA ASN A 987 -33.17 39.52 26.76
C ASN A 987 -33.41 38.98 28.15
N VAL A 988 -34.23 37.93 28.24
CA VAL A 988 -34.58 37.35 29.52
C VAL A 988 -33.51 36.41 29.99
N MET A 989 -32.97 36.68 31.16
CA MET A 989 -31.91 35.83 31.68
C MET A 989 -32.49 34.56 32.20
N TRP A 990 -31.72 33.49 32.14
CA TRP A 990 -32.13 32.21 32.68
C TRP A 990 -31.02 31.64 33.51
N GLY A 991 -31.33 30.85 34.52
CA GLY A 991 -30.22 30.30 35.24
C GLY A 991 -30.58 29.26 36.26
N GLY A 992 -29.54 28.69 36.84
CA GLY A 992 -29.73 27.60 37.79
C GLY A 992 -29.39 27.98 39.20
N CYS A 993 -30.25 27.55 40.12
CA CYS A 993 -30.09 27.76 41.54
C CYS A 993 -30.52 26.52 42.26
N GLY A 994 -29.57 25.70 42.66
CA GLY A 994 -29.95 24.48 43.30
C GLY A 994 -30.70 23.64 42.28
N THR A 995 -31.96 23.35 42.55
CA THR A 995 -32.74 22.55 41.64
C THR A 995 -33.81 23.38 40.93
N LYS A 996 -33.74 24.70 41.04
CA LYS A 996 -34.74 25.55 40.42
C LYS A 996 -34.20 26.34 39.25
N ILE A 997 -35.04 26.60 38.28
CA ILE A 997 -34.65 27.43 37.15
C ILE A 997 -35.34 28.76 37.24
N PHE A 998 -34.56 29.81 37.31
CA PHE A 998 -35.12 31.14 37.42
C PHE A 998 -34.93 31.91 36.15
N SER A 999 -35.58 33.05 36.07
CA SER A 999 -35.37 33.90 34.91
C SER A 999 -35.56 35.36 35.29
N PHE A 1000 -34.95 36.27 34.52
CA PHE A 1000 -35.07 37.68 34.86
C PHE A 1000 -35.48 38.60 33.75
N SER A 1001 -36.23 39.61 34.14
CA SER A 1001 -36.64 40.68 33.25
C SER A 1001 -35.51 41.66 33.11
N ASN A 1002 -35.70 42.67 32.29
CA ASN A 1002 -34.69 43.71 32.14
C ASN A 1002 -34.60 44.62 33.39
N ASP A 1003 -35.53 44.44 34.33
CA ASP A 1003 -35.51 45.17 35.58
C ASP A 1003 -34.95 44.29 36.70
N PHE A 1004 -34.45 43.10 36.32
CA PHE A 1004 -33.89 42.13 37.23
C PHE A 1004 -34.92 41.56 38.18
N THR A 1005 -36.17 41.46 37.73
CA THR A 1005 -37.19 40.89 38.57
C THR A 1005 -37.37 39.43 38.23
N ILE A 1006 -37.80 38.62 39.19
CA ILE A 1006 -37.98 37.20 38.93
C ILE A 1006 -39.25 36.96 38.15
N GLN A 1007 -39.10 36.33 37.00
CA GLN A 1007 -40.25 36.08 36.16
C GLN A 1007 -40.85 34.69 36.28
N LYS A 1008 -40.21 33.80 37.04
CA LYS A 1008 -40.70 32.44 37.30
C LYS A 1008 -39.65 31.56 37.92
N LEU A 1009 -40.03 30.83 38.96
CA LEU A 1009 -39.15 29.88 39.61
C LEU A 1009 -39.64 28.47 39.35
N ILE A 1010 -39.01 27.81 38.39
CA ILE A 1010 -39.44 26.50 37.98
C ILE A 1010 -38.77 25.41 38.80
N GLU A 1011 -39.51 24.73 39.63
CA GLU A 1011 -38.93 23.62 40.36
C GLU A 1011 -38.74 22.48 39.41
N THR A 1012 -37.50 22.03 39.24
CA THR A 1012 -37.29 20.94 38.30
C THR A 1012 -37.23 19.59 38.97
N ARG A 1013 -37.17 19.56 40.30
CA ARG A 1013 -37.09 18.30 41.03
C ARG A 1013 -38.19 17.32 40.66
N THR A 1014 -39.36 17.85 40.27
CA THR A 1014 -40.52 17.05 39.89
C THR A 1014 -40.25 16.12 38.72
N SER A 1015 -39.16 16.36 37.98
CA SER A 1015 -38.78 15.50 36.88
C SER A 1015 -38.45 14.10 37.33
N GLN A 1016 -38.25 13.89 38.64
CA GLN A 1016 -37.95 12.57 39.19
C GLN A 1016 -39.03 11.54 38.93
N LEU A 1017 -40.21 11.97 38.48
CA LEU A 1017 -41.25 11.02 38.08
C LEU A 1017 -40.76 10.21 36.89
N PHE A 1018 -39.82 10.80 36.15
CA PHE A 1018 -39.17 10.22 35.01
C PHE A 1018 -37.70 10.04 35.38
N SER A 1019 -36.99 9.21 34.66
CA SER A 1019 -35.57 9.00 34.96
C SER A 1019 -35.32 8.44 36.37
N TYR A 1020 -34.45 9.11 37.12
CA TYR A 1020 -34.03 8.64 38.44
C TYR A 1020 -33.85 9.80 39.40
N ALA A 1021 -34.44 9.67 40.58
CA ALA A 1021 -34.46 10.74 41.58
C ALA A 1021 -33.10 11.28 41.99
N ALA A 1022 -32.04 10.46 42.03
CA ALA A 1022 -30.75 11.03 42.44
C ALA A 1022 -30.12 11.83 41.31
N PHE A 1023 -30.63 11.68 40.10
CA PHE A 1023 -30.13 12.46 39.00
C PHE A 1023 -30.93 13.73 38.94
N SER A 1024 -32.24 13.60 39.11
CA SER A 1024 -33.11 14.75 39.09
C SER A 1024 -32.89 15.66 40.25
N ASP A 1025 -32.79 15.10 41.45
CA ASP A 1025 -32.60 15.93 42.61
C ASP A 1025 -31.13 16.22 42.81
N SER A 1026 -30.58 17.10 42.00
CA SER A 1026 -29.15 17.47 42.06
C SER A 1026 -28.93 18.86 41.51
N ASN A 1027 -27.93 19.55 42.03
CA ASN A 1027 -27.67 20.93 41.62
C ASN A 1027 -27.45 21.11 40.13
N ILE A 1028 -28.05 22.16 39.58
CA ILE A 1028 -27.90 22.46 38.16
C ILE A 1028 -26.53 23.01 37.86
N ILE A 1029 -25.89 22.42 36.85
CA ILE A 1029 -24.58 22.88 36.41
C ILE A 1029 -24.69 23.89 35.31
N THR A 1030 -25.49 23.60 34.30
CA THR A 1030 -25.58 24.54 33.20
C THR A 1030 -26.93 24.56 32.52
N VAL A 1031 -27.25 25.74 32.00
CA VAL A 1031 -28.51 26.00 31.32
C VAL A 1031 -28.28 26.50 29.92
N VAL A 1032 -28.83 25.82 28.94
CA VAL A 1032 -28.70 26.28 27.57
C VAL A 1032 -30.03 26.73 27.06
N VAL A 1033 -30.10 27.96 26.57
CA VAL A 1033 -31.37 28.53 26.13
C VAL A 1033 -31.56 28.57 24.62
N ASP A 1034 -32.45 27.76 24.10
CA ASP A 1034 -32.75 27.82 22.68
C ASP A 1034 -34.25 28.01 22.48
N THR A 1035 -34.91 27.02 21.90
CA THR A 1035 -36.34 26.95 21.77
C THR A 1035 -36.89 26.08 22.89
N ALA A 1036 -35.98 25.58 23.71
CA ALA A 1036 -36.25 24.77 24.87
C ALA A 1036 -35.05 24.92 25.79
N LEU A 1037 -35.19 24.56 27.05
CA LEU A 1037 -34.07 24.68 27.94
C LEU A 1037 -33.38 23.35 28.05
N TYR A 1038 -32.06 23.36 28.05
CA TYR A 1038 -31.33 22.11 28.22
C TYR A 1038 -30.59 22.18 29.51
N ILE A 1039 -30.94 21.28 30.42
CA ILE A 1039 -30.39 21.30 31.76
C ILE A 1039 -29.47 20.16 32.08
N ALA A 1040 -28.26 20.47 32.50
CA ALA A 1040 -27.42 19.42 33.04
C ALA A 1040 -27.21 19.65 34.50
N LYS A 1041 -27.33 18.58 35.28
CA LYS A 1041 -27.18 18.62 36.72
C LYS A 1041 -25.95 17.89 37.16
N GLN A 1042 -25.47 18.22 38.35
CA GLN A 1042 -24.24 17.67 38.84
C GLN A 1042 -24.33 16.18 38.97
N ASN A 1043 -23.40 15.52 38.30
CA ASN A 1043 -23.26 14.08 38.24
C ASN A 1043 -24.40 13.38 37.50
N SER A 1044 -25.19 14.12 36.75
CA SER A 1044 -26.25 13.48 35.97
C SER A 1044 -25.65 12.99 34.68
N PRO A 1045 -26.13 11.86 34.18
CA PRO A 1045 -25.84 11.31 32.89
C PRO A 1045 -26.95 11.65 31.93
N VAL A 1046 -27.94 12.38 32.42
CA VAL A 1046 -29.09 12.74 31.64
C VAL A 1046 -29.32 14.23 31.57
N VAL A 1047 -29.55 14.71 30.36
CA VAL A 1047 -29.86 16.11 30.11
C VAL A 1047 -31.35 16.27 30.01
N GLU A 1048 -31.91 17.21 30.75
CA GLU A 1048 -33.35 17.40 30.72
C GLU A 1048 -33.74 18.45 29.74
N VAL A 1049 -34.85 18.25 29.04
CA VAL A 1049 -35.32 19.24 28.11
C VAL A 1049 -36.60 19.84 28.61
N TRP A 1050 -36.63 21.15 28.79
CA TRP A 1050 -37.83 21.75 29.32
C TRP A 1050 -38.50 22.73 28.38
N ASP A 1051 -39.83 22.70 28.37
CA ASP A 1051 -40.58 23.66 27.61
C ASP A 1051 -40.83 24.89 28.42
N LYS A 1052 -40.04 25.91 28.19
CA LYS A 1052 -40.15 27.18 28.90
C LYS A 1052 -41.49 27.89 28.72
N LYS A 1053 -42.25 27.52 27.69
CA LYS A 1053 -43.54 28.14 27.44
C LYS A 1053 -44.64 27.57 28.30
N THR A 1054 -44.47 26.33 28.78
CA THR A 1054 -45.50 25.70 29.59
C THR A 1054 -44.93 25.17 30.88
N GLU A 1055 -43.61 25.25 31.04
CA GLU A 1055 -42.89 24.78 32.21
C GLU A 1055 -43.06 23.29 32.41
N LYS A 1056 -42.83 22.52 31.34
CA LYS A 1056 -43.01 21.08 31.43
C LYS A 1056 -41.83 20.29 30.91
N LEU A 1057 -41.62 19.11 31.45
CA LEU A 1057 -40.54 18.25 30.99
C LEU A 1057 -40.91 17.68 29.64
N CYS A 1058 -40.08 17.94 28.64
CA CYS A 1058 -40.38 17.50 27.28
C CYS A 1058 -39.43 16.47 26.69
N GLY A 1059 -38.63 15.84 27.52
CA GLY A 1059 -37.74 14.82 27.00
C GLY A 1059 -36.46 14.71 27.78
N LEU A 1060 -35.84 13.55 27.66
CA LEU A 1060 -34.59 13.27 28.34
C LEU A 1060 -33.56 12.80 27.36
N ILE A 1061 -32.31 13.16 27.58
CA ILE A 1061 -31.23 12.71 26.73
C ILE A 1061 -30.30 11.82 27.52
N ASP A 1062 -30.27 10.55 27.18
CA ASP A 1062 -29.45 9.59 27.90
C ASP A 1062 -28.06 9.41 27.29
N CYS A 1063 -27.06 10.05 27.89
CA CYS A 1063 -25.69 10.00 27.38
C CYS A 1063 -25.09 8.61 27.50
N VAL A 1064 -25.47 7.87 28.53
CA VAL A 1064 -24.96 6.54 28.71
C VAL A 1064 -25.37 5.68 27.56
N HIS A 1065 -26.63 5.80 27.16
CA HIS A 1065 -27.15 5.06 26.03
C HIS A 1065 -26.32 5.22 24.78
N PHE A 1066 -25.96 6.46 24.47
CA PHE A 1066 -25.18 6.67 23.27
C PHE A 1066 -23.84 5.97 23.34
N LEU A 1067 -23.20 6.01 24.49
CA LEU A 1067 -21.91 5.34 24.62
C LEU A 1067 -22.07 3.87 24.94
N ARG A 1068 -23.28 3.46 25.28
CA ARG A 1068 -23.62 2.06 25.45
C ARG A 1068 -23.61 1.39 24.10
N GLU A 1069 -24.08 2.12 23.08
CA GLU A 1069 -24.07 1.64 21.71
C GLU A 1069 -22.63 1.50 21.22
N VAL A 1070 -21.77 2.41 21.66
CA VAL A 1070 -20.36 2.34 21.35
C VAL A 1070 -19.69 1.22 22.15
N MET A 1071 -18.93 0.37 21.48
CA MET A 1071 -18.27 -0.71 22.20
C MET A 1071 -17.12 -0.19 23.04
N MET A 1082 -13.43 2.24 34.02
CA MET A 1082 -14.56 3.11 34.26
C MET A 1082 -14.44 4.45 33.54
N SER A 1083 -13.74 4.49 32.39
CA SER A 1083 -13.65 5.74 31.63
C SER A 1083 -15.03 6.14 31.08
N TYR A 1084 -15.92 5.16 30.91
CA TYR A 1084 -17.29 5.42 30.47
C TYR A 1084 -18.20 5.71 31.62
N SER A 1085 -17.97 6.85 32.26
CA SER A 1085 -18.79 7.25 33.39
C SER A 1085 -20.12 7.78 32.93
N GLY A 1086 -20.13 8.41 31.76
CA GLY A 1086 -21.34 8.96 31.22
C GLY A 1086 -21.75 10.26 31.92
N ARG A 1087 -20.88 10.82 32.76
CA ARG A 1087 -21.24 12.03 33.45
C ARG A 1087 -21.22 13.20 32.52
N VAL A 1088 -22.24 14.04 32.56
CA VAL A 1088 -22.26 15.20 31.69
C VAL A 1088 -21.44 16.31 32.27
N LYS A 1089 -20.52 16.85 31.48
CA LYS A 1089 -19.70 17.95 31.96
C LYS A 1089 -20.21 19.29 31.50
N THR A 1090 -20.15 19.55 30.20
CA THR A 1090 -20.64 20.83 29.72
C THR A 1090 -21.50 20.72 28.49
N LEU A 1091 -22.34 21.73 28.29
CA LEU A 1091 -23.21 21.80 27.13
C LEU A 1091 -22.93 23.03 26.31
N CYS A 1092 -22.65 22.88 25.03
CA CYS A 1092 -22.62 24.04 24.16
C CYS A 1092 -23.60 23.89 23.04
N LEU A 1093 -24.14 24.99 22.58
CA LEU A 1093 -25.13 24.92 21.54
C LEU A 1093 -24.85 25.81 20.38
N GLN A 1094 -24.95 25.24 19.20
CA GLN A 1094 -24.73 25.94 17.97
C GLN A 1094 -26.06 26.12 17.26
N LYS A 1095 -26.27 27.27 16.64
CA LYS A 1095 -27.57 27.57 16.05
C LYS A 1095 -27.85 26.85 14.73
N ASN A 1096 -26.94 25.98 14.31
CA ASN A 1096 -27.16 25.15 13.15
C ASN A 1096 -27.69 23.79 13.57
N THR A 1097 -28.28 23.71 14.77
CA THR A 1097 -28.82 22.49 15.39
C THR A 1097 -27.78 21.60 16.05
N ALA A 1098 -26.50 21.89 15.92
CA ALA A 1098 -25.55 21.03 16.59
C ALA A 1098 -25.54 21.28 18.10
N LEU A 1099 -25.59 20.20 18.88
CA LEU A 1099 -25.51 20.31 20.32
C LEU A 1099 -24.26 19.56 20.77
N TRP A 1100 -23.37 20.24 21.45
CA TRP A 1100 -22.09 19.66 21.84
C TRP A 1100 -22.12 19.24 23.28
N ILE A 1101 -21.97 17.95 23.56
CA ILE A 1101 -22.02 17.51 24.94
C ILE A 1101 -20.72 16.86 25.39
N GLY A 1102 -20.03 17.49 26.33
CA GLY A 1102 -18.80 16.91 26.83
C GLY A 1102 -19.13 15.96 27.94
N THR A 1103 -18.18 15.11 28.33
CA THR A 1103 -18.48 14.17 29.38
C THR A 1103 -17.31 13.86 30.27
N GLY A 1104 -17.52 12.94 31.20
CA GLY A 1104 -16.51 12.54 32.16
C GLY A 1104 -15.28 11.97 31.50
N GLY A 1105 -15.46 11.07 30.56
CA GLY A 1105 -14.34 10.51 29.83
C GLY A 1105 -14.01 11.39 28.64
N GLY A 1106 -13.03 11.00 27.85
CA GLY A 1106 -12.63 11.82 26.69
C GLY A 1106 -13.56 11.63 25.50
N HIS A 1107 -14.82 12.04 25.65
CA HIS A 1107 -15.80 11.92 24.58
C HIS A 1107 -16.59 13.20 24.42
N ILE A 1108 -16.93 13.52 23.20
CA ILE A 1108 -17.78 14.65 22.92
C ILE A 1108 -18.90 14.15 22.04
N LEU A 1109 -20.13 14.35 22.48
CA LEU A 1109 -21.22 13.87 21.67
C LEU A 1109 -21.75 14.98 20.80
N LEU A 1110 -22.01 14.68 19.55
CA LEU A 1110 -22.61 15.66 18.68
C LEU A 1110 -24.04 15.26 18.46
N LEU A 1111 -24.98 16.04 18.96
CA LEU A 1111 -26.37 15.72 18.73
C LEU A 1111 -27.04 16.69 17.81
N ASP A 1112 -28.06 16.20 17.14
CA ASP A 1112 -28.91 16.95 16.24
C ASP A 1112 -30.11 17.49 16.97
N LEU A 1113 -30.15 18.80 17.21
CA LEU A 1113 -31.27 19.41 17.92
C LEU A 1113 -32.61 19.26 17.23
N SER A 1114 -32.62 19.14 15.92
CA SER A 1114 -33.90 19.04 15.23
C SER A 1114 -34.52 17.66 15.35
N THR A 1115 -33.73 16.65 15.69
CA THR A 1115 -34.28 15.31 15.80
C THR A 1115 -33.88 14.61 17.08
N ARG A 1116 -33.00 15.23 17.86
CA ARG A 1116 -32.46 14.63 19.08
C ARG A 1116 -31.74 13.35 18.75
N ARG A 1117 -30.83 13.40 17.79
CA ARG A 1117 -30.12 12.20 17.37
C ARG A 1117 -28.63 12.36 17.32
N LEU A 1118 -27.94 11.25 17.48
CA LEU A 1118 -26.49 11.25 17.53
C LEU A 1118 -25.85 11.35 16.17
N ILE A 1119 -25.17 12.45 15.95
CA ILE A 1119 -24.43 12.68 14.72
C ILE A 1119 -23.16 11.88 14.74
N ARG A 1120 -22.41 12.01 15.84
CA ARG A 1120 -21.16 11.27 15.99
C ARG A 1120 -20.55 11.37 17.37
N VAL A 1121 -19.78 10.38 17.74
CA VAL A 1121 -19.05 10.41 18.99
C VAL A 1121 -17.60 10.74 18.72
N ILE A 1122 -17.14 11.87 19.22
CA ILE A 1122 -15.75 12.27 19.04
C ILE A 1122 -15.04 11.76 20.26
N TYR A 1123 -14.03 10.93 20.10
CA TYR A 1123 -13.48 10.40 21.34
C TYR A 1123 -12.03 10.04 21.32
N ASN A 1124 -11.54 9.66 22.50
CA ASN A 1124 -10.15 9.35 22.74
C ASN A 1124 -9.41 10.65 22.63
N PHE A 1125 -10.10 11.68 23.09
CA PHE A 1125 -9.69 13.04 23.08
C PHE A 1125 -8.58 13.31 24.09
N CYS A 1126 -8.90 13.06 25.35
CA CYS A 1126 -7.99 13.22 26.48
C CYS A 1126 -8.58 12.40 27.61
N ASN A 1127 -8.12 12.60 28.83
CA ASN A 1127 -8.67 11.82 29.93
C ASN A 1127 -10.09 12.30 30.30
N SER A 1128 -10.28 13.62 30.47
CA SER A 1128 -11.59 14.12 30.87
C SER A 1128 -11.84 15.54 30.39
N VAL A 1129 -13.08 15.88 30.03
CA VAL A 1129 -13.34 17.23 29.52
C VAL A 1129 -13.66 18.22 30.63
N ARG A 1130 -12.95 19.35 30.68
CA ARG A 1130 -13.22 20.33 31.72
C ARG A 1130 -14.19 21.41 31.27
N VAL A 1131 -13.83 22.23 30.29
CA VAL A 1131 -14.77 23.24 29.78
C VAL A 1131 -14.76 23.35 28.29
N MET A 1132 -15.84 23.84 27.73
CA MET A 1132 -15.93 24.05 26.30
C MET A 1132 -16.39 25.46 26.00
N MET A 1133 -15.74 26.12 25.06
CA MET A 1133 -16.15 27.45 24.71
C MET A 1133 -16.33 27.63 23.24
N THR A 1134 -17.17 28.58 22.87
CA THR A 1134 -17.31 28.94 21.48
C THR A 1134 -16.63 30.25 21.33
N ALA A 1135 -15.70 30.35 20.40
CA ALA A 1135 -14.99 31.61 20.28
C ALA A 1135 -14.57 31.90 18.87
N GLN A 1136 -14.57 33.18 18.55
CA GLN A 1136 -14.14 33.63 17.26
C GLN A 1136 -12.68 33.97 17.35
N LEU A 1137 -11.89 33.45 16.42
CA LEU A 1137 -10.47 33.70 16.41
C LEU A 1137 -10.14 35.06 15.86
N GLY A 1138 -8.86 35.37 15.84
CA GLY A 1138 -8.39 36.63 15.32
C GLY A 1138 -8.42 36.71 13.80
N SER A 1139 -8.71 35.57 13.16
CA SER A 1139 -8.91 35.41 11.73
C SER A 1139 -10.39 35.47 11.39
N LEU A 1140 -11.21 35.64 12.44
CA LEU A 1140 -12.68 35.64 12.40
C LEU A 1140 -13.28 34.24 12.22
N LYS A 1141 -12.44 33.20 12.24
CA LYS A 1141 -12.91 31.83 12.15
C LYS A 1141 -13.51 31.38 13.47
N ASN A 1142 -14.65 30.70 13.43
CA ASN A 1142 -15.24 30.24 14.68
C ASN A 1142 -14.77 28.85 15.04
N VAL A 1143 -14.36 28.68 16.29
CA VAL A 1143 -13.86 27.40 16.76
C VAL A 1143 -14.35 27.01 18.13
N MET A 1144 -14.23 25.73 18.45
CA MET A 1144 -14.51 25.26 19.79
C MET A 1144 -13.23 25.15 20.56
N LEU A 1145 -13.23 25.67 21.76
CA LEU A 1145 -12.07 25.61 22.61
C LEU A 1145 -12.34 24.59 23.67
N VAL A 1146 -11.75 23.41 23.54
CA VAL A 1146 -12.06 22.42 24.54
C VAL A 1146 -10.87 22.19 25.42
N LEU A 1147 -11.03 22.49 26.68
CA LEU A 1147 -9.97 22.34 27.66
C LEU A 1147 -10.20 21.07 28.43
N GLY A 1148 -9.21 20.21 28.47
CA GLY A 1148 -9.40 18.97 29.20
C GLY A 1148 -8.24 18.54 30.06
N TYR A 1149 -8.47 17.46 30.80
CA TYR A 1149 -7.49 16.84 31.66
C TYR A 1149 -6.91 15.69 30.91
N ASN A 1150 -5.71 15.32 31.24
CA ASN A 1150 -5.09 14.21 30.58
C ASN A 1150 -4.15 13.49 31.50
N ARG A 1151 -4.65 13.19 32.70
CA ARG A 1151 -3.90 12.40 33.65
C ARG A 1151 -3.52 11.10 32.97
N GLU A 1162 1.02 12.07 36.54
CA GLU A 1162 1.14 12.79 35.29
C GLU A 1162 0.00 13.75 34.96
N ILE A 1163 -0.29 14.69 35.88
CA ILE A 1163 -1.32 15.71 35.64
C ILE A 1163 -1.04 16.56 34.42
N GLN A 1164 -1.43 16.06 33.26
CA GLN A 1164 -1.30 16.78 32.02
C GLN A 1164 -2.64 17.38 31.69
N SER A 1165 -2.64 18.54 31.06
CA SER A 1165 -3.86 19.20 30.65
C SER A 1165 -3.57 19.89 29.33
N CYS A 1166 -4.61 20.17 28.56
CA CYS A 1166 -4.36 20.77 27.25
C CYS A 1166 -5.56 21.40 26.61
N LEU A 1167 -5.29 22.28 25.66
CA LEU A 1167 -6.33 22.99 24.94
C LEU A 1167 -6.43 22.51 23.52
N THR A 1168 -7.61 22.10 23.11
CA THR A 1168 -7.80 21.64 21.76
C THR A 1168 -8.72 22.56 20.99
N VAL A 1169 -8.33 22.95 19.80
CA VAL A 1169 -9.15 23.85 19.01
C VAL A 1169 -9.78 23.17 17.82
N TRP A 1170 -11.11 23.13 17.78
CA TRP A 1170 -11.82 22.46 16.70
C TRP A 1170 -12.55 23.40 15.77
N ASP A 1171 -12.57 23.07 14.50
CA ASP A 1171 -13.34 23.84 13.54
C ASP A 1171 -14.81 23.70 13.85
N ILE A 1172 -15.48 24.81 14.14
CA ILE A 1172 -16.89 24.83 14.48
C ILE A 1172 -17.83 24.06 13.54
N ASN A 1173 -17.39 23.76 12.32
CA ASN A 1173 -18.24 23.08 11.35
C ASN A 1173 -18.12 21.59 11.39
N LEU A 1174 -17.46 21.05 12.43
CA LEU A 1174 -17.29 19.61 12.58
C LEU A 1174 -18.55 18.78 12.29
N PRO A 1175 -19.73 19.07 12.85
CA PRO A 1175 -20.98 18.36 12.62
C PRO A 1175 -21.29 18.20 11.14
N HIS A 1176 -20.98 19.23 10.36
CA HIS A 1176 -21.28 19.19 8.95
C HIS A 1176 -20.29 18.37 8.22
N GLU A 1177 -19.04 18.43 8.67
CA GLU A 1177 -18.01 17.67 8.01
C GLU A 1177 -18.24 16.20 8.23
N VAL A 1178 -18.69 15.83 9.42
CA VAL A 1178 -18.98 14.44 9.68
C VAL A 1178 -19.97 13.89 8.70
N GLN A 1179 -21.06 14.59 8.51
CA GLN A 1179 -22.08 14.10 7.61
C GLN A 1179 -21.66 14.16 6.15
N ASN A 1180 -21.01 15.25 5.75
CA ASN A 1180 -20.62 15.38 4.35
C ASN A 1180 -19.58 14.36 3.96
N LEU A 1181 -18.62 14.12 4.83
CA LEU A 1181 -17.60 13.14 4.55
C LEU A 1181 -18.21 11.79 4.37
N GLU A 1182 -19.12 11.43 5.27
CA GLU A 1182 -19.76 10.13 5.19
C GLU A 1182 -20.46 9.94 3.87
N LYS A 1183 -21.18 10.96 3.43
CA LYS A 1183 -21.88 10.89 2.16
C LYS A 1183 -20.90 10.68 1.02
N HIS A 1184 -19.85 11.48 1.00
CA HIS A 1184 -18.83 11.42 -0.03
C HIS A 1184 -18.29 10.03 -0.22
N ILE A 1185 -17.94 9.40 0.88
CA ILE A 1185 -17.40 8.08 0.85
C ILE A 1185 -18.38 7.07 0.33
N GLU A 1186 -19.63 7.13 0.79
CA GLU A 1186 -20.61 6.16 0.35
C GLU A 1186 -20.91 6.24 -1.13
N VAL A 1187 -20.93 7.44 -1.68
CA VAL A 1187 -21.16 7.60 -3.10
C VAL A 1187 -20.08 6.93 -3.90
N ARG A 1188 -18.84 7.17 -3.52
CA ARG A 1188 -17.74 6.60 -4.26
C ARG A 1188 -17.64 5.10 -4.08
N LYS A 1189 -18.06 4.60 -2.94
CA LYS A 1189 -18.08 3.17 -2.73
C LYS A 1189 -19.01 2.51 -3.73
N GLU A 1190 -20.18 3.11 -3.93
CA GLU A 1190 -21.12 2.56 -4.89
C GLU A 1190 -20.58 2.61 -6.29
N LEU A 1191 -19.88 3.69 -6.64
CA LEU A 1191 -19.31 3.79 -7.96
C LEU A 1191 -18.25 2.74 -8.18
N ALA A 1192 -17.51 2.40 -7.15
CA ALA A 1192 -16.49 1.37 -7.28
C ALA A 1192 -17.13 0.06 -7.65
N GLU A 1193 -18.27 -0.25 -7.02
CA GLU A 1193 -18.95 -1.49 -7.31
C GLU A 1193 -19.59 -1.46 -8.68
N LYS A 1194 -20.09 -0.30 -9.05
CA LYS A 1194 -20.66 -0.12 -10.36
C LYS A 1194 -19.67 -0.46 -11.45
N MET A 1195 -18.47 0.10 -11.34
CA MET A 1195 -17.40 -0.12 -12.30
C MET A 1195 -16.95 -1.56 -12.33
N ARG A 1196 -16.62 -2.10 -11.16
CA ARG A 1196 -16.12 -3.46 -11.07
C ARG A 1196 -17.12 -4.47 -11.60
N ARG A 1197 -18.40 -4.18 -11.41
CA ARG A 1197 -19.46 -5.08 -11.83
C ARG A 1197 -19.68 -5.10 -13.33
N THR A 1198 -19.54 -3.95 -13.99
CA THR A 1198 -19.74 -3.87 -15.43
C THR A 1198 -18.76 -4.80 -16.15
N SER A 1199 -17.47 -4.52 -15.98
CA SER A 1199 -16.41 -5.32 -16.59
C SER A 1199 -16.66 -5.59 -18.07
N VAL A 4 39.50 -8.86 2.31
CA VAL A 4 40.52 -9.91 2.28
C VAL A 4 40.35 -10.83 1.08
N PRO A 5 41.45 -11.38 0.54
CA PRO A 5 41.56 -12.20 -0.65
C PRO A 5 40.89 -13.57 -0.53
N TYR A 6 39.60 -13.56 -0.79
CA TYR A 6 38.75 -14.76 -0.79
C TYR A 6 39.20 -15.71 -1.89
N ASN A 7 39.43 -16.98 -1.54
CA ASN A 7 39.92 -17.99 -2.49
C ASN A 7 39.02 -19.22 -2.59
N ARG A 8 37.72 -18.98 -2.69
CA ARG A 8 36.75 -20.07 -2.78
C ARG A 8 35.85 -19.85 -3.99
N MET A 9 35.59 -20.92 -4.73
CA MET A 9 34.82 -20.85 -5.97
C MET A 9 33.94 -22.06 -6.13
N LYS A 10 32.76 -21.91 -6.69
CA LYS A 10 31.87 -23.05 -6.81
C LYS A 10 32.15 -23.89 -8.05
N LEU A 11 31.85 -25.17 -7.98
CA LEU A 11 31.99 -26.05 -9.11
C LEU A 11 30.65 -26.69 -9.42
N MET A 12 30.16 -26.49 -10.62
CA MET A 12 28.87 -27.02 -11.01
C MET A 12 29.02 -28.18 -11.92
N ILE A 13 28.50 -29.32 -11.52
CA ILE A 13 28.56 -30.48 -12.37
C ILE A 13 27.19 -30.84 -12.86
N VAL A 14 27.00 -30.80 -14.17
CA VAL A 14 25.72 -31.06 -14.77
C VAL A 14 25.79 -32.06 -15.89
N GLY A 15 24.65 -32.62 -16.25
CA GLY A 15 24.56 -33.61 -17.29
C GLY A 15 23.27 -34.37 -17.14
N ASN A 16 23.00 -35.29 -18.05
CA ASN A 16 21.78 -36.07 -17.98
C ASN A 16 21.94 -37.35 -17.19
N TPO A 17 20.80 -37.85 -16.75
CA TPO A 17 20.68 -39.06 -15.97
CB TPO A 17 19.20 -39.38 -15.71
CG2 TPO A 17 19.05 -40.66 -14.92
OG1 TPO A 17 18.59 -38.28 -15.01
P TPO A 17 17.08 -37.78 -15.36
O1P TPO A 17 16.79 -38.16 -16.83
O2P TPO A 17 16.13 -38.48 -14.37
O3P TPO A 17 17.03 -36.23 -15.18
C TPO A 17 21.36 -40.23 -16.66
O TPO A 17 21.02 -40.61 -17.77
N GLY A 18 22.31 -40.84 -15.95
CA GLY A 18 23.04 -42.02 -16.40
C GLY A 18 24.49 -41.73 -16.78
N SER A 19 24.91 -40.47 -16.74
CA SER A 19 26.26 -40.09 -17.13
C SER A 19 27.41 -40.66 -16.27
N GLY A 20 27.16 -40.95 -15.00
CA GLY A 20 28.24 -41.45 -14.14
C GLY A 20 29.11 -40.33 -13.58
N LYS A 21 28.69 -39.08 -13.82
CA LYS A 21 29.43 -37.88 -13.44
C LYS A 21 29.79 -37.76 -11.96
N THR A 22 29.04 -38.43 -11.09
CA THR A 22 29.35 -38.42 -9.66
C THR A 22 30.64 -39.15 -9.38
N THR A 23 30.83 -40.28 -10.04
CA THR A 23 32.04 -41.05 -9.83
C THR A 23 33.19 -40.30 -10.44
N LEU A 24 32.95 -39.66 -11.59
CA LEU A 24 33.95 -38.81 -12.19
C LEU A 24 34.52 -37.84 -11.17
N LEU A 25 33.64 -37.14 -10.45
CA LEU A 25 34.06 -36.26 -9.38
C LEU A 25 34.91 -36.96 -8.35
N GLN A 26 34.47 -38.13 -7.90
CA GLN A 26 35.22 -38.89 -6.91
C GLN A 26 36.61 -39.24 -7.40
N GLN A 27 36.73 -39.54 -8.69
CA GLN A 27 38.04 -39.86 -9.21
C GLN A 27 38.89 -38.61 -9.32
N LEU A 28 38.29 -37.50 -9.75
CA LEU A 28 39.02 -36.25 -9.88
C LEU A 28 39.55 -35.75 -8.54
N MET A 29 38.75 -35.94 -7.49
CA MET A 29 39.14 -35.56 -6.15
C MET A 29 40.10 -36.55 -5.50
N GLY A 44 18.68 -34.90 -5.42
CA GLY A 44 19.13 -33.53 -5.57
C GLY A 44 20.62 -33.39 -5.86
N ILE A 45 21.28 -32.62 -4.99
CA ILE A 45 22.69 -32.28 -5.17
C ILE A 45 23.62 -32.75 -4.07
N ASP A 46 24.72 -33.39 -4.46
CA ASP A 46 25.75 -33.79 -3.50
C ASP A 46 26.77 -32.66 -3.37
N VAL A 47 26.72 -31.95 -2.24
CA VAL A 47 27.61 -30.81 -2.04
C VAL A 47 28.82 -31.12 -1.18
N LYS A 48 30.02 -30.78 -1.67
CA LYS A 48 31.23 -31.03 -0.90
C LYS A 48 32.43 -30.18 -1.33
N ASP A 49 33.22 -29.77 -0.36
CA ASP A 49 34.42 -28.98 -0.63
C ASP A 49 35.52 -29.78 -1.31
N TRP A 50 36.27 -29.11 -2.18
CA TRP A 50 37.43 -29.69 -2.86
C TRP A 50 38.63 -28.77 -2.89
N PRO A 51 39.44 -28.75 -1.85
CA PRO A 51 40.70 -28.06 -1.74
C PRO A 51 41.69 -28.58 -2.78
N ILE A 52 42.24 -27.68 -3.57
CA ILE A 52 43.21 -28.00 -4.58
C ILE A 52 44.47 -27.20 -4.33
N LEU A 62 43.17 -23.37 -3.32
CA LEU A 62 41.92 -23.17 -4.02
C LEU A 62 40.87 -24.09 -3.49
N VAL A 63 39.85 -23.56 -2.85
CA VAL A 63 38.83 -24.47 -2.35
C VAL A 63 37.60 -24.38 -3.19
N LEU A 64 37.24 -25.48 -3.82
CA LEU A 64 36.05 -25.44 -4.61
C LEU A 64 34.86 -25.93 -3.81
N ASN A 65 33.74 -25.26 -4.00
CA ASN A 65 32.50 -25.63 -3.38
C ASN A 65 31.77 -26.43 -4.42
N VAL A 66 31.88 -27.75 -4.38
CA VAL A 66 31.35 -28.54 -5.47
C VAL A 66 29.90 -28.92 -5.29
N TRP A 67 29.07 -28.56 -6.25
CA TRP A 67 27.67 -28.94 -6.26
C TRP A 67 27.42 -29.93 -7.38
N ASP A 68 27.23 -31.19 -7.01
CA ASP A 68 26.95 -32.24 -7.98
C ASP A 68 25.47 -32.41 -8.25
N PHE A 69 24.98 -31.85 -9.36
CA PHE A 69 23.58 -32.00 -9.74
C PHE A 69 23.33 -33.37 -10.29
N ALA A 70 23.36 -34.36 -9.41
CA ALA A 70 23.20 -35.72 -9.83
C ALA A 70 21.83 -35.94 -10.42
N GLY A 71 20.78 -35.55 -9.70
CA GLY A 71 19.43 -35.74 -10.20
C GLY A 71 18.86 -34.49 -10.81
N ARG A 72 17.55 -34.50 -11.08
CA ARG A 72 16.86 -33.37 -11.69
C ARG A 72 16.58 -32.25 -10.71
N GLU A 73 17.63 -31.68 -10.16
CA GLU A 73 17.43 -30.63 -9.20
C GLU A 73 17.20 -29.31 -9.85
N GLU A 74 15.92 -28.97 -9.94
CA GLU A 74 15.44 -27.75 -10.57
C GLU A 74 16.10 -26.46 -10.09
N PHE A 75 16.78 -26.46 -8.93
CA PHE A 75 17.59 -25.35 -8.36
C PHE A 75 18.33 -24.52 -9.43
N TYR A 76 18.81 -25.20 -10.48
CA TYR A 76 19.51 -24.52 -11.60
C TYR A 76 18.59 -23.59 -12.43
N SER A 77 17.33 -23.51 -12.07
CA SER A 77 16.37 -22.65 -12.72
C SER A 77 15.44 -22.01 -11.69
N THR A 78 15.18 -22.73 -10.58
CA THR A 78 14.26 -22.24 -9.55
C THR A 78 14.89 -21.26 -8.58
N HIS A 79 16.21 -21.23 -8.54
CA HIS A 79 16.93 -20.22 -7.80
C HIS A 79 18.33 -20.17 -8.31
N PRO A 80 18.46 -19.93 -9.62
CA PRO A 80 19.65 -19.89 -10.44
C PRO A 80 20.62 -18.74 -10.14
N ARG A 86 31.10 -16.82 -10.21
CA ARG A 86 31.98 -17.52 -9.28
C ARG A 86 31.75 -19.02 -9.33
N ALA A 87 31.67 -19.56 -10.53
CA ALA A 87 31.43 -20.97 -10.68
C ALA A 87 31.88 -21.49 -12.02
N LEU A 88 32.38 -22.72 -12.04
CA LEU A 88 32.80 -23.36 -13.28
C LEU A 88 31.87 -24.49 -13.62
N TYR A 89 31.43 -24.54 -14.86
CA TYR A 89 30.52 -25.58 -15.26
C TYR A 89 31.18 -26.73 -15.95
N LEU A 90 30.94 -27.91 -15.42
CA LEU A 90 31.46 -29.12 -15.99
C LEU A 90 30.30 -29.89 -16.60
N ALA A 91 30.29 -29.96 -17.91
CA ALA A 91 29.23 -30.65 -18.64
C ALA A 91 29.66 -32.06 -18.93
N VAL A 92 28.95 -33.03 -18.37
CA VAL A 92 29.34 -34.41 -18.58
C VAL A 92 28.30 -35.18 -19.36
N TYR A 93 28.74 -35.94 -20.36
CA TYR A 93 27.81 -36.74 -21.14
C TYR A 93 28.46 -38.06 -21.53
N ASP A 94 27.63 -39.06 -21.85
CA ASP A 94 28.14 -40.38 -22.21
C ASP A 94 28.37 -40.53 -23.70
N LEU A 95 29.65 -40.55 -24.09
CA LEU A 95 30.07 -40.65 -25.47
C LEU A 95 29.50 -41.85 -26.22
N SER A 96 29.32 -42.98 -25.51
CA SER A 96 28.83 -44.19 -26.18
C SER A 96 27.37 -44.05 -26.61
N LYS A 97 26.65 -43.09 -26.02
CA LYS A 97 25.29 -42.81 -26.44
C LYS A 97 25.38 -42.06 -27.76
N GLY A 98 26.28 -41.09 -27.82
CA GLY A 98 26.56 -40.41 -29.08
C GLY A 98 25.95 -39.02 -29.24
N GLN A 99 25.80 -38.64 -30.51
CA GLN A 99 25.35 -37.33 -30.95
C GLN A 99 23.99 -36.95 -30.40
N ALA A 100 23.14 -37.94 -30.20
CA ALA A 100 21.82 -37.69 -29.63
C ALA A 100 21.95 -37.06 -28.26
N GLU A 101 22.96 -37.50 -27.51
CA GLU A 101 23.20 -36.98 -26.18
C GLU A 101 23.75 -35.59 -26.27
N VAL A 102 24.60 -35.35 -27.27
CA VAL A 102 25.14 -34.03 -27.48
C VAL A 102 23.98 -33.04 -27.65
N ASP A 103 23.01 -33.40 -28.49
CA ASP A 103 21.85 -32.55 -28.68
C ASP A 103 21.05 -32.38 -27.40
N ALA A 104 20.96 -33.44 -26.59
CA ALA A 104 20.26 -33.36 -25.33
C ALA A 104 20.88 -32.33 -24.39
N MET A 105 22.17 -32.04 -24.53
CA MET A 105 22.83 -31.06 -23.69
C MET A 105 22.57 -29.61 -24.09
N LYS A 106 21.90 -29.37 -25.21
CA LYS A 106 21.66 -28.01 -25.64
C LYS A 106 20.80 -27.21 -24.66
N PRO A 107 19.74 -27.78 -24.08
CA PRO A 107 18.93 -27.14 -23.05
C PRO A 107 19.74 -26.79 -21.82
N TRP A 108 20.74 -27.61 -21.52
CA TRP A 108 21.60 -27.34 -20.37
C TRP A 108 22.48 -26.16 -20.67
N LEU A 109 23.02 -26.14 -21.87
CA LEU A 109 23.87 -25.05 -22.28
C LEU A 109 23.09 -23.77 -22.39
N PHE A 110 21.85 -23.87 -22.86
CA PHE A 110 20.98 -22.72 -22.97
C PHE A 110 20.77 -22.11 -21.62
N ASN A 111 20.38 -22.93 -20.66
CA ASN A 111 20.13 -22.48 -19.31
C ASN A 111 21.37 -21.84 -18.70
N ILE A 112 22.54 -22.43 -18.96
CA ILE A 112 23.77 -21.87 -18.44
C ILE A 112 24.00 -20.50 -19.01
N LYS A 113 23.92 -20.36 -20.34
CA LYS A 113 24.12 -19.07 -20.97
C LYS A 113 23.11 -18.06 -20.48
N ALA A 114 21.88 -18.52 -20.33
CA ALA A 114 20.76 -17.71 -19.88
C ALA A 114 20.93 -17.14 -18.48
N ARG A 115 21.90 -17.62 -17.71
CA ARG A 115 22.07 -17.11 -16.37
C ARG A 115 23.51 -16.66 -16.12
N ALA A 116 24.45 -17.24 -16.86
CA ALA A 116 25.85 -16.86 -16.74
C ALA A 116 26.58 -17.08 -18.04
N SER A 117 26.34 -16.22 -19.02
CA SER A 117 26.96 -16.39 -20.33
C SER A 117 28.48 -16.27 -20.31
N SER A 118 29.02 -15.57 -19.31
CA SER A 118 30.46 -15.39 -19.18
C SER A 118 31.16 -16.55 -18.49
N SER A 119 30.39 -17.43 -17.83
CA SER A 119 30.98 -18.52 -17.07
C SER A 119 31.63 -19.53 -17.98
N PRO A 120 32.67 -20.24 -17.51
CA PRO A 120 33.44 -21.22 -18.23
C PRO A 120 32.70 -22.54 -18.27
N VAL A 121 32.81 -23.22 -19.39
CA VAL A 121 32.20 -24.52 -19.57
C VAL A 121 33.19 -25.52 -20.12
N ILE A 122 33.35 -26.63 -19.42
CA ILE A 122 34.21 -27.69 -19.90
C ILE A 122 33.36 -28.88 -20.25
N LEU A 123 33.43 -29.29 -21.51
CA LEU A 123 32.62 -30.39 -21.99
C LEU A 123 33.37 -31.70 -21.95
N VAL A 124 32.91 -32.65 -21.16
CA VAL A 124 33.59 -33.94 -21.06
C VAL A 124 32.71 -35.11 -21.45
N GLY A 125 33.16 -35.85 -22.45
CA GLY A 125 32.47 -37.05 -22.87
C GLY A 125 33.08 -38.21 -22.14
N THR A 126 32.29 -39.22 -21.81
CA THR A 126 32.86 -40.33 -21.07
C THR A 126 32.47 -41.69 -21.63
N HIS A 127 33.00 -42.72 -20.97
CA HIS A 127 32.85 -44.11 -21.35
C HIS A 127 33.44 -44.38 -22.73
N LEU A 128 34.59 -43.76 -23.01
CA LEU A 128 35.32 -43.97 -24.25
C LEU A 128 35.80 -45.42 -24.36
N ASP A 129 35.99 -46.11 -23.23
CA ASP A 129 36.45 -47.49 -23.30
C ASP A 129 35.38 -48.47 -23.82
N VAL A 130 34.15 -48.00 -24.05
CA VAL A 130 33.11 -48.81 -24.64
C VAL A 130 32.49 -48.05 -25.79
N SER A 131 33.24 -47.12 -26.35
CA SER A 131 32.77 -46.31 -27.45
C SER A 131 33.80 -46.26 -28.55
N ASP A 132 33.41 -46.73 -29.72
CA ASP A 132 34.31 -46.74 -30.87
C ASP A 132 34.69 -45.31 -31.21
N GLU A 133 35.93 -45.12 -31.67
CA GLU A 133 36.38 -43.79 -32.04
C GLU A 133 35.51 -43.17 -33.12
N LYS A 134 34.76 -43.98 -33.86
CA LYS A 134 33.77 -43.50 -34.80
C LYS A 134 32.84 -42.53 -34.10
N GLN A 135 32.35 -42.94 -32.93
CA GLN A 135 31.46 -42.11 -32.14
C GLN A 135 32.21 -40.92 -31.59
N ARG A 136 33.44 -41.15 -31.16
CA ARG A 136 34.27 -40.07 -30.65
C ARG A 136 34.41 -38.95 -31.66
N LYS A 137 34.82 -39.30 -32.88
CA LYS A 137 35.00 -38.30 -33.90
C LYS A 137 33.67 -37.82 -34.46
N ALA A 138 32.62 -38.63 -34.34
CA ALA A 138 31.30 -38.19 -34.78
C ALA A 138 30.82 -37.08 -33.88
N CYS A 139 30.96 -37.30 -32.58
CA CYS A 139 30.58 -36.31 -31.60
C CYS A 139 31.52 -35.12 -31.63
N MET A 140 32.78 -35.37 -31.93
CA MET A 140 33.72 -34.29 -32.10
C MET A 140 33.25 -33.37 -33.20
N SER A 141 32.94 -33.95 -34.36
CA SER A 141 32.47 -33.12 -35.45
C SER A 141 31.12 -32.51 -35.14
N LYS A 142 30.30 -33.21 -34.37
CA LYS A 142 29.01 -32.70 -33.95
C LYS A 142 29.15 -31.40 -33.17
N ILE A 143 30.07 -31.39 -32.20
CA ILE A 143 30.25 -30.18 -31.41
C ILE A 143 31.02 -29.10 -32.17
N THR A 144 31.87 -29.48 -33.13
CA THR A 144 32.56 -28.43 -33.88
C THR A 144 31.60 -27.78 -34.85
N LYS A 145 30.58 -28.52 -35.26
CA LYS A 145 29.58 -28.00 -36.16
C LYS A 145 28.43 -27.31 -35.46
N GLU A 146 28.07 -27.78 -34.26
CA GLU A 146 26.87 -27.22 -33.64
C GLU A 146 27.00 -26.58 -32.27
N LEU A 147 28.14 -26.65 -31.60
CA LEU A 147 28.21 -26.02 -30.28
C LEU A 147 29.42 -25.13 -30.07
N LEU A 148 30.59 -25.62 -30.45
CA LEU A 148 31.85 -24.90 -30.22
C LEU A 148 31.91 -23.56 -30.94
N ASN A 149 31.21 -23.44 -32.05
CA ASN A 149 31.19 -22.20 -32.80
C ASN A 149 29.76 -21.72 -33.01
N LYS A 150 28.85 -22.16 -32.14
CA LYS A 150 27.45 -21.82 -32.31
C LYS A 150 26.94 -20.81 -31.30
N ARG A 151 26.47 -19.67 -31.81
CA ARG A 151 25.92 -18.65 -30.94
C ARG A 151 24.65 -19.17 -30.30
N GLY A 152 24.36 -18.68 -29.11
CA GLY A 152 23.21 -19.15 -28.37
C GLY A 152 23.68 -20.09 -27.27
N PHE A 153 24.90 -20.61 -27.39
CA PHE A 153 25.46 -21.45 -26.36
C PHE A 153 26.63 -20.70 -25.75
N PRO A 154 26.91 -20.87 -24.47
CA PRO A 154 27.88 -20.16 -23.62
C PRO A 154 29.35 -20.46 -23.90
N ALA A 155 29.75 -20.34 -25.17
CA ALA A 155 31.12 -20.50 -25.66
C ALA A 155 31.96 -21.52 -24.90
N ILE A 156 31.58 -22.80 -24.97
CA ILE A 156 32.38 -23.90 -24.40
C ILE A 156 33.86 -23.57 -24.44
N ARG A 157 34.47 -23.53 -23.27
CA ARG A 157 35.85 -23.10 -23.20
C ARG A 157 36.82 -24.22 -23.61
N ASP A 158 36.53 -25.44 -23.20
CA ASP A 158 37.39 -26.56 -23.57
C ASP A 158 36.62 -27.88 -23.48
N TYR A 159 37.24 -28.97 -23.90
CA TYR A 159 36.59 -30.26 -23.83
C TYR A 159 37.56 -31.44 -23.79
N HIS A 160 37.08 -32.57 -23.31
CA HIS A 160 37.85 -33.81 -23.18
C HIS A 160 37.03 -35.07 -23.41
N PHE A 161 37.71 -36.18 -23.65
CA PHE A 161 37.07 -37.49 -23.74
C PHE A 161 37.76 -38.41 -22.75
N VAL A 162 36.98 -39.15 -21.97
CA VAL A 162 37.52 -40.02 -20.94
C VAL A 162 37.08 -41.47 -21.08
N ASN A 163 38.04 -42.39 -20.95
CA ASN A 163 37.78 -43.83 -21.05
C ASN A 163 36.80 -44.32 -20.01
N ALA A 164 37.06 -43.99 -18.75
CA ALA A 164 36.21 -44.41 -17.67
C ALA A 164 36.54 -43.67 -16.40
N THR A 165 35.62 -43.71 -15.45
CA THR A 165 35.76 -43.04 -14.17
C THR A 165 36.79 -43.69 -13.26
N GLU A 166 37.33 -44.85 -13.66
CA GLU A 166 38.38 -45.52 -12.90
C GLU A 166 39.70 -44.73 -12.80
N GLU A 167 39.93 -43.81 -13.74
CA GLU A 167 41.10 -42.91 -13.84
C GLU A 167 41.60 -42.91 -15.29
N SER A 168 42.41 -41.91 -15.66
CA SER A 168 42.95 -41.82 -17.01
C SER A 168 43.93 -40.68 -17.17
N ASP A 169 44.75 -40.77 -18.21
CA ASP A 169 45.67 -39.70 -18.55
C ASP A 169 44.83 -38.49 -18.98
N ALA A 170 43.66 -38.77 -19.55
CA ALA A 170 42.72 -37.74 -19.96
C ALA A 170 42.25 -36.97 -18.75
N LEU A 171 42.05 -37.68 -17.64
CA LEU A 171 41.61 -37.05 -16.41
C LEU A 171 42.73 -36.26 -15.78
N ALA A 172 43.97 -36.70 -15.94
CA ALA A 172 45.08 -35.90 -15.45
C ALA A 172 45.08 -34.57 -16.18
N LYS A 173 44.85 -34.63 -17.50
CA LYS A 173 44.77 -33.43 -18.32
C LYS A 173 43.57 -32.59 -17.94
N LEU A 174 42.44 -33.25 -17.67
CA LEU A 174 41.22 -32.57 -17.24
C LEU A 174 41.45 -31.81 -15.97
N ARG A 175 42.10 -32.45 -14.99
CA ARG A 175 42.41 -31.77 -13.74
C ARG A 175 43.21 -30.52 -14.00
N LYS A 176 44.21 -30.63 -14.88
CA LYS A 176 45.02 -29.48 -15.23
C LYS A 176 44.19 -28.42 -15.91
N THR A 177 43.28 -28.86 -16.79
CA THR A 177 42.38 -27.97 -17.51
C THR A 177 41.47 -27.22 -16.58
N ILE A 178 40.86 -27.93 -15.66
CA ILE A 178 39.93 -27.32 -14.72
C ILE A 178 40.61 -26.28 -13.89
N ILE A 179 41.80 -26.61 -13.38
CA ILE A 179 42.53 -25.66 -12.57
C ILE A 179 42.90 -24.42 -13.36
N ASN A 180 43.55 -24.62 -14.49
CA ASN A 180 44.00 -23.50 -15.28
C ASN A 180 42.86 -22.69 -15.82
N GLU A 181 41.79 -23.35 -16.22
CA GLU A 181 40.66 -22.65 -16.78
C GLU A 181 39.90 -21.89 -15.73
N SER A 182 39.80 -22.42 -14.51
CA SER A 182 39.11 -21.67 -13.47
C SER A 182 39.90 -20.42 -13.13
N LEU A 183 41.22 -20.50 -13.26
CA LEU A 183 42.06 -19.35 -13.03
C LEU A 183 41.83 -18.34 -14.15
N ASN A 184 41.72 -18.86 -15.38
CA ASN A 184 41.48 -18.03 -16.56
C ASN A 184 40.13 -17.35 -16.46
N PHE A 185 39.14 -18.06 -15.96
CA PHE A 185 37.82 -17.50 -15.79
C PHE A 185 37.83 -16.34 -14.85
N LYS A 186 38.49 -16.49 -13.72
CA LYS A 186 38.53 -15.38 -12.81
C LYS A 186 39.30 -14.21 -13.42
N ILE A 187 40.28 -14.51 -14.27
CA ILE A 187 40.94 -13.44 -15.00
C ILE A 187 39.91 -12.73 -15.89
N ARG A 188 39.06 -13.52 -16.55
CA ARG A 188 38.00 -12.96 -17.40
C ARG A 188 37.06 -12.09 -16.57
N ASP A 189 36.75 -12.52 -15.34
CA ASP A 189 35.94 -11.70 -14.47
C ASP A 189 36.64 -10.40 -14.16
N GLN A 190 37.94 -10.43 -13.93
CA GLN A 190 38.67 -9.20 -13.69
C GLN A 190 38.60 -8.26 -14.88
N LEU A 191 38.60 -8.84 -16.08
CA LEU A 191 38.49 -8.05 -17.29
C LEU A 191 37.10 -7.40 -17.44
N VAL A 192 36.05 -8.07 -16.96
CA VAL A 192 34.69 -7.53 -17.07
C VAL A 192 34.10 -7.05 -15.75
N VAL A 193 34.04 -7.95 -14.77
CA VAL A 193 33.50 -7.70 -13.45
C VAL A 193 34.42 -6.85 -12.60
N GLY A 194 35.70 -7.19 -12.62
CA GLY A 194 36.71 -6.53 -11.81
C GLY A 194 37.15 -7.39 -10.62
N GLN A 195 36.94 -8.71 -10.71
CA GLN A 195 37.33 -9.60 -9.61
C GLN A 195 38.10 -10.85 -10.08
N LEU A 196 39.14 -11.21 -9.32
CA LEU A 196 39.99 -12.41 -9.53
C LEU A 196 39.74 -13.51 -8.50
N ILE A 197 40.44 -14.64 -8.65
CA ILE A 197 40.31 -15.72 -7.68
C ILE A 197 40.88 -15.40 -6.29
N PRO A 198 41.64 -14.29 -6.12
CA PRO A 198 41.93 -13.80 -4.78
C PRO A 198 41.29 -12.44 -4.60
N ASP A 199 40.08 -12.26 -5.12
CA ASP A 199 39.42 -10.97 -4.96
C ASP A 199 39.15 -10.69 -3.52
N CYS A 200 39.36 -9.44 -3.15
CA CYS A 200 39.16 -9.08 -1.78
C CYS A 200 37.72 -8.69 -1.49
N TYR A 201 37.17 -9.31 -0.46
CA TYR A 201 35.81 -9.05 0.01
C TYR A 201 35.86 -8.65 1.45
N VAL A 202 34.90 -7.84 1.88
CA VAL A 202 34.91 -7.37 3.26
C VAL A 202 35.06 -8.55 4.20
N GLU A 203 36.13 -8.51 5.00
CA GLU A 203 36.49 -9.58 5.92
C GLU A 203 35.41 -9.98 6.89
N LEU A 204 34.50 -9.08 7.15
CA LEU A 204 33.45 -9.31 8.09
C LEU A 204 32.45 -10.30 7.51
N GLU A 205 32.29 -10.26 6.18
CA GLU A 205 31.41 -11.18 5.49
C GLU A 205 32.07 -12.55 5.50
N LYS A 206 33.39 -12.54 5.34
CA LYS A 206 34.17 -13.76 5.40
C LYS A 206 34.04 -14.39 6.77
N ILE A 207 34.05 -13.56 7.81
CA ILE A 207 33.87 -14.02 9.16
C ILE A 207 32.50 -14.68 9.37
N ILE A 208 31.44 -14.10 8.80
CA ILE A 208 30.09 -14.68 8.95
C ILE A 208 30.06 -16.15 8.64
N LEU A 209 30.71 -16.52 7.54
CA LEU A 209 30.82 -17.90 7.11
C LEU A 209 31.10 -18.88 8.26
N SER A 210 31.99 -18.50 9.18
CA SER A 210 32.42 -19.36 10.27
C SER A 210 31.27 -19.83 11.14
N GLU A 211 30.58 -18.90 11.79
CA GLU A 211 29.48 -19.30 12.65
C GLU A 211 28.29 -19.80 11.86
N ARG A 212 28.20 -19.47 10.57
CA ARG A 212 27.09 -20.01 9.83
C ARG A 212 27.37 -21.47 9.51
N LYS A 213 28.64 -21.81 9.36
CA LYS A 213 28.98 -23.20 9.21
C LYS A 213 28.65 -23.93 10.51
N ASN A 214 29.07 -23.34 11.63
CA ASN A 214 28.86 -23.94 12.94
C ASN A 214 27.46 -23.71 13.52
N VAL A 215 26.46 -24.33 12.92
CA VAL A 215 25.09 -24.22 13.41
C VAL A 215 24.46 -25.56 13.77
N PRO A 216 24.08 -25.72 15.04
CA PRO A 216 23.38 -26.91 15.50
C PRO A 216 21.91 -26.61 15.79
N ILE A 217 21.05 -26.83 14.81
CA ILE A 217 19.60 -26.62 14.95
C ILE A 217 18.82 -27.81 14.39
N GLU A 218 17.86 -28.34 15.18
CA GLU A 218 17.04 -29.47 14.76
C GLU A 218 16.28 -29.21 13.45
N PHE A 219 15.62 -28.06 13.38
CA PHE A 219 14.93 -27.60 12.18
C PHE A 219 15.58 -26.29 11.71
N PRO A 220 16.74 -26.40 11.04
CA PRO A 220 17.69 -25.34 10.57
C PRO A 220 17.14 -24.08 9.87
N VAL A 221 16.11 -23.46 10.43
CA VAL A 221 15.54 -22.24 9.90
C VAL A 221 16.01 -21.13 10.83
N ILE A 222 16.76 -20.19 10.30
CA ILE A 222 17.41 -19.20 11.14
C ILE A 222 16.81 -17.80 11.11
N ASP A 223 16.62 -17.28 12.32
CA ASP A 223 16.12 -15.95 12.60
C ASP A 223 17.04 -15.29 13.63
N ARG A 224 17.60 -16.12 14.53
CA ARG A 224 18.55 -15.73 15.57
C ARG A 224 19.83 -15.06 15.06
N LYS A 225 20.02 -15.04 13.74
CA LYS A 225 21.12 -14.36 13.07
C LYS A 225 21.38 -12.98 13.64
N ARG A 226 20.33 -12.26 14.01
CA ARG A 226 20.45 -10.94 14.62
C ARG A 226 21.28 -11.03 15.89
N LEU A 227 21.02 -12.07 16.68
CA LEU A 227 21.77 -12.33 17.89
C LEU A 227 23.17 -12.68 17.54
N LEU A 228 23.37 -13.51 16.53
CA LEU A 228 24.70 -13.93 16.14
C LEU A 228 25.56 -12.73 15.75
N GLN A 229 24.94 -11.72 15.13
CA GLN A 229 25.60 -10.46 14.86
C GLN A 229 26.09 -9.86 16.16
N LEU A 230 25.22 -9.88 17.16
CA LEU A 230 25.53 -9.38 18.49
C LEU A 230 26.52 -10.28 19.25
N VAL A 231 26.57 -11.57 18.92
CA VAL A 231 27.53 -12.47 19.55
C VAL A 231 28.93 -12.05 19.20
N ARG A 232 29.20 -11.82 17.92
CA ARG A 232 30.53 -11.34 17.56
C ARG A 232 30.56 -9.82 17.61
N GLU A 233 30.41 -9.26 18.79
CA GLU A 233 30.39 -7.81 18.96
C GLU A 233 29.25 -7.25 18.12
N ASN A 234 29.58 -6.60 17.01
CA ASN A 234 28.59 -6.10 16.08
C ASN A 234 29.30 -5.67 14.81
N GLN A 235 29.50 -6.61 13.91
CA GLN A 235 30.18 -6.31 12.68
C GLN A 235 29.17 -6.05 11.60
N LEU A 236 29.56 -5.33 10.55
CA LEU A 236 28.62 -5.00 9.47
C LEU A 236 27.42 -4.30 10.08
N GLN A 237 27.73 -3.37 10.97
CA GLN A 237 26.77 -2.62 11.78
C GLN A 237 25.79 -1.78 10.98
N LEU A 238 26.05 -1.54 9.70
CA LEU A 238 25.08 -0.80 8.93
C LEU A 238 24.01 -1.75 8.49
N ASP A 239 23.05 -1.96 9.37
CA ASP A 239 21.93 -2.83 9.09
C ASP A 239 21.18 -2.32 7.86
N GLU A 240 21.16 -1.00 7.71
CA GLU A 240 20.57 -0.34 6.58
C GLU A 240 21.37 -0.46 5.27
N ASN A 241 22.61 -0.95 5.29
CA ASN A 241 23.35 -1.09 4.03
C ASN A 241 24.20 -2.36 3.96
N GLU A 242 25.02 -2.59 4.98
CA GLU A 242 25.93 -3.73 5.01
C GLU A 242 25.23 -5.04 5.17
N LEU A 243 24.19 -5.07 5.99
CA LEU A 243 23.45 -6.30 6.19
C LEU A 243 22.86 -6.86 4.88
N PRO A 244 22.16 -6.06 4.06
CA PRO A 244 21.66 -6.44 2.74
C PRO A 244 22.74 -6.99 1.83
N HIS A 245 23.93 -6.38 1.88
CA HIS A 245 25.00 -6.87 1.03
C HIS A 245 25.56 -8.19 1.51
N ALA A 246 25.63 -8.35 2.82
CA ALA A 246 26.14 -9.59 3.38
C ALA A 246 25.25 -10.75 3.00
N VAL A 247 23.93 -10.55 3.11
CA VAL A 247 22.98 -11.60 2.76
C VAL A 247 23.07 -11.95 1.29
N HIS A 248 23.17 -10.93 0.44
CA HIS A 248 23.31 -11.12 -0.98
C HIS A 248 24.48 -12.03 -1.29
N PHE A 249 25.63 -11.72 -0.68
CA PHE A 249 26.83 -12.52 -0.81
C PHE A 249 26.60 -13.94 -0.37
N LEU A 250 25.97 -14.12 0.78
CA LEU A 250 25.72 -15.44 1.33
C LEU A 250 24.90 -16.35 0.41
N ASN A 251 23.93 -15.80 -0.35
CA ASN A 251 23.28 -16.67 -1.34
C ASN A 251 24.18 -16.92 -2.54
N GLU A 252 24.85 -15.89 -3.07
CA GLU A 252 25.70 -16.11 -4.24
C GLU A 252 26.85 -17.07 -3.95
N SER A 253 27.41 -16.98 -2.76
CA SER A 253 28.51 -17.82 -2.34
C SER A 253 28.09 -19.23 -1.92
N GLY A 254 26.79 -19.49 -1.81
CA GLY A 254 26.34 -20.82 -1.43
C GLY A 254 26.55 -21.12 0.05
N VAL A 255 26.23 -20.17 0.91
CA VAL A 255 26.38 -20.36 2.34
C VAL A 255 25.03 -20.58 3.01
N LEU A 256 24.09 -19.70 2.74
CA LEU A 256 22.75 -19.85 3.28
C LEU A 256 21.71 -19.31 2.32
N LEU A 257 20.45 -19.61 2.59
CA LEU A 257 19.41 -19.24 1.65
C LEU A 257 18.29 -18.34 2.14
N HIS A 258 18.29 -17.07 1.69
CA HIS A 258 17.07 -16.29 1.81
C HIS A 258 16.11 -16.72 0.72
N PHE A 259 14.82 -16.42 0.90
CA PHE A 259 13.84 -16.75 -0.13
C PHE A 259 13.04 -15.52 -0.48
N GLN A 260 13.72 -14.50 -0.94
CA GLN A 260 13.09 -13.23 -1.28
C GLN A 260 12.68 -13.08 -2.74
N ALA A 263 7.02 -12.82 -3.22
CA ALA A 263 6.46 -12.35 -1.96
C ALA A 263 6.04 -13.52 -1.07
N LEU A 264 7.02 -14.19 -0.49
CA LEU A 264 6.80 -15.33 0.40
C LEU A 264 6.83 -14.84 1.83
N GLN A 265 6.18 -15.56 2.74
CA GLN A 265 6.25 -15.12 4.12
C GLN A 265 7.53 -15.69 4.69
N LEU A 266 7.84 -16.94 4.31
CA LEU A 266 9.09 -17.55 4.72
C LEU A 266 10.18 -17.07 3.78
N SER A 267 10.61 -15.83 3.98
CA SER A 267 11.55 -15.17 3.08
C SER A 267 12.70 -14.45 3.74
N ASP A 268 12.37 -13.33 4.37
CA ASP A 268 13.31 -12.39 4.97
C ASP A 268 14.00 -12.86 6.24
N LEU A 269 13.25 -13.46 7.14
CA LEU A 269 13.78 -13.83 8.44
C LEU A 269 13.91 -15.33 8.62
N TYR A 270 14.01 -16.03 7.51
CA TYR A 270 14.06 -17.47 7.52
C TYR A 270 15.20 -18.00 6.69
N PHE A 271 16.39 -18.02 7.24
CA PHE A 271 17.54 -18.47 6.48
C PHE A 271 17.65 -19.97 6.65
N VAL A 272 17.54 -20.71 5.56
CA VAL A 272 17.47 -22.16 5.70
C VAL A 272 18.65 -22.94 5.11
N GLU A 273 19.14 -23.90 5.90
CA GLU A 273 20.21 -24.80 5.48
C GLU A 273 19.86 -25.51 4.16
N PRO A 274 20.65 -25.31 3.09
CA PRO A 274 20.52 -25.86 1.75
C PRO A 274 20.28 -27.37 1.74
N LYS A 275 20.94 -28.07 2.66
CA LYS A 275 20.81 -29.50 2.74
C LYS A 275 19.37 -29.94 2.99
N TRP A 276 18.65 -29.20 3.84
CA TRP A 276 17.27 -29.57 4.09
C TRP A 276 16.38 -29.16 2.99
N LEU A 277 16.61 -27.98 2.45
CA LEU A 277 15.77 -27.50 1.37
C LEU A 277 15.74 -28.52 0.26
N CYS A 278 16.92 -28.91 -0.18
CA CYS A 278 17.06 -29.84 -1.26
C CYS A 278 16.55 -31.22 -0.92
N LYS A 279 17.01 -31.75 0.21
CA LYS A 279 16.66 -33.10 0.60
C LYS A 279 15.19 -33.33 0.79
N ILE A 280 14.58 -32.53 1.63
CA ILE A 280 13.18 -32.74 1.94
C ILE A 280 12.27 -32.56 0.76
N MET A 281 12.44 -31.49 0.00
CA MET A 281 11.53 -31.28 -1.10
C MET A 281 11.69 -32.35 -2.16
N ALA A 282 12.94 -32.75 -2.43
CA ALA A 282 13.17 -33.80 -3.40
C ALA A 282 12.57 -35.11 -2.94
N GLN A 283 12.71 -35.42 -1.66
CA GLN A 283 12.16 -36.67 -1.17
C GLN A 283 10.66 -36.67 -1.23
N ILE A 284 10.02 -35.59 -0.80
CA ILE A 284 8.56 -35.53 -0.83
C ILE A 284 8.01 -35.72 -2.21
N LEU A 285 8.69 -35.20 -3.21
CA LEU A 285 8.31 -35.47 -4.59
C LEU A 285 8.22 -36.96 -4.84
N THR A 286 9.22 -37.71 -4.39
CA THR A 286 9.24 -39.14 -4.61
C THR A 286 8.45 -39.96 -3.58
N VAL A 287 8.10 -39.37 -2.43
CA VAL A 287 7.32 -40.14 -1.45
C VAL A 287 5.99 -40.51 -2.04
N GLY A 298 -1.26 -38.55 -11.25
CA GLY A 298 -0.31 -38.08 -10.25
C GLY A 298 -0.91 -36.99 -9.35
N ILE A 299 -2.24 -36.88 -9.33
CA ILE A 299 -2.85 -35.85 -8.50
C ILE A 299 -2.93 -36.33 -7.06
N ILE A 300 -2.39 -35.54 -6.14
CA ILE A 300 -2.38 -35.92 -4.74
C ILE A 300 -3.01 -34.87 -3.86
N SER A 301 -3.90 -35.30 -2.97
CA SER A 301 -4.51 -34.34 -2.06
C SER A 301 -3.52 -33.74 -1.11
N ARG A 302 -3.66 -32.44 -0.93
CA ARG A 302 -2.86 -31.65 -0.01
C ARG A 302 -2.82 -32.27 1.36
N ARG A 303 -3.96 -32.75 1.81
CA ARG A 303 -4.10 -33.21 3.17
C ARG A 303 -3.31 -34.46 3.42
N ASP A 304 -3.29 -35.34 2.44
CA ASP A 304 -2.52 -36.56 2.60
C ASP A 304 -1.05 -36.24 2.59
N VAL A 305 -0.67 -35.21 1.84
CA VAL A 305 0.72 -34.76 1.87
C VAL A 305 1.05 -34.22 3.25
N GLU A 306 0.12 -33.45 3.82
CA GLU A 306 0.30 -32.88 5.16
C GLU A 306 0.45 -33.97 6.20
N LYS A 307 -0.33 -35.03 6.06
CA LYS A 307 -0.27 -36.14 6.99
C LYS A 307 1.10 -36.77 6.98
N PHE A 308 1.61 -37.08 5.79
CA PHE A 308 2.93 -37.67 5.70
C PHE A 308 3.99 -36.74 6.25
N LEU A 309 3.99 -35.49 5.79
CA LEU A 309 4.97 -34.50 6.19
C LEU A 309 5.03 -34.34 7.70
N SER A 310 3.88 -34.33 8.36
CA SER A 310 3.83 -34.16 9.82
C SER A 310 4.52 -35.30 10.57
N LYS A 311 4.68 -36.45 9.93
CA LYS A 311 5.33 -37.58 10.54
C LYS A 311 6.81 -37.57 10.17
N LYS A 312 7.11 -37.10 8.97
CA LYS A 312 8.47 -37.02 8.46
C LYS A 312 9.27 -35.95 9.20
N ARG A 313 8.77 -34.72 9.15
CA ARG A 313 9.38 -33.61 9.85
C ARG A 313 8.32 -32.70 10.41
N LYS A 314 8.25 -32.65 11.72
CA LYS A 314 7.24 -31.88 12.44
C LYS A 314 7.39 -30.37 12.29
N PHE A 315 7.03 -29.87 11.12
CA PHE A 315 7.08 -28.44 10.87
C PHE A 315 5.85 -27.77 11.45
N PRO A 316 5.96 -26.54 11.91
CA PRO A 316 4.90 -25.69 12.34
C PRO A 316 3.94 -25.56 11.19
N LYS A 317 2.66 -25.52 11.46
CA LYS A 317 1.68 -25.43 10.37
C LYS A 317 1.86 -24.16 9.56
N ASN A 318 2.37 -23.11 10.19
CA ASN A 318 2.65 -21.88 9.49
C ASN A 318 3.72 -22.14 8.45
N TYR A 319 4.74 -22.90 8.86
CA TYR A 319 5.81 -23.26 7.96
C TYR A 319 5.31 -24.21 6.91
N MET A 320 4.35 -25.06 7.26
CA MET A 320 3.79 -25.99 6.29
C MET A 320 3.07 -25.24 5.19
N SER A 321 2.38 -24.13 5.51
CA SER A 321 1.72 -23.39 4.45
C SER A 321 2.74 -22.78 3.51
N GLN A 322 3.89 -22.43 4.07
CA GLN A 322 4.96 -21.87 3.27
C GLN A 322 5.67 -22.96 2.52
N TYR A 323 5.70 -24.14 3.11
CA TYR A 323 6.29 -25.31 2.49
C TYR A 323 5.59 -25.56 1.18
N PHE A 324 4.26 -25.55 1.21
CA PHE A 324 3.51 -25.76 0.00
C PHE A 324 3.75 -24.65 -0.99
N LYS A 325 3.90 -23.43 -0.51
CA LYS A 325 4.17 -22.33 -1.42
C LYS A 325 5.53 -22.51 -2.08
N LEU A 326 6.50 -23.02 -1.33
CA LEU A 326 7.81 -23.29 -1.88
C LEU A 326 7.73 -24.42 -2.90
N LEU A 327 6.86 -25.40 -2.68
CA LEU A 327 6.74 -26.47 -3.66
C LEU A 327 6.32 -25.90 -5.00
N GLU A 328 5.42 -24.91 -4.97
CA GLU A 328 5.03 -24.25 -6.20
C GLU A 328 6.20 -23.49 -6.80
N LYS A 329 6.84 -22.67 -5.98
CA LYS A 329 7.95 -21.83 -6.40
C LYS A 329 9.05 -22.64 -7.06
N PHE A 330 9.41 -23.75 -6.44
CA PHE A 330 10.46 -24.62 -6.94
C PHE A 330 9.98 -25.68 -7.91
N GLN A 331 8.77 -25.54 -8.45
CA GLN A 331 8.24 -26.42 -9.47
C GLN A 331 8.15 -27.87 -9.06
N ILE A 332 7.91 -28.13 -7.78
CA ILE A 332 7.80 -29.49 -7.32
C ILE A 332 6.38 -29.94 -7.43
N ALA A 333 5.46 -29.07 -7.02
CA ALA A 333 4.05 -29.40 -7.12
C ALA A 333 3.23 -28.15 -7.30
N LEU A 334 2.24 -28.21 -8.17
CA LEU A 334 1.43 -27.05 -8.43
C LEU A 334 0.05 -27.20 -7.80
N PRO A 335 -0.50 -26.15 -7.23
CA PRO A 335 -1.84 -26.12 -6.68
C PRO A 335 -2.89 -26.35 -7.76
N ILE A 336 -3.83 -27.24 -7.51
CA ILE A 336 -4.94 -27.45 -8.43
C ILE A 336 -6.13 -26.78 -7.76
N GLY A 337 -6.89 -27.55 -6.99
CA GLY A 337 -7.94 -26.98 -6.19
C GLY A 337 -7.28 -26.65 -4.89
N GLU A 338 -7.99 -26.06 -3.95
CA GLU A 338 -7.32 -25.74 -2.70
C GLU A 338 -6.90 -26.99 -1.93
N GLU A 339 -7.50 -28.13 -2.23
CA GLU A 339 -7.16 -29.37 -1.56
C GLU A 339 -6.24 -30.29 -2.37
N TYR A 340 -5.74 -29.85 -3.53
CA TYR A 340 -4.94 -30.76 -4.36
C TYR A 340 -3.66 -30.22 -4.97
N LEU A 341 -2.73 -31.12 -5.24
CA LEU A 341 -1.50 -30.80 -5.92
C LEU A 341 -1.34 -31.60 -7.22
N LEU A 342 -0.82 -30.95 -8.25
CA LEU A 342 -0.62 -31.57 -9.54
C LEU A 342 0.61 -32.41 -9.60
N VAL A 343 1.73 -31.88 -9.09
CA VAL A 343 2.99 -32.61 -9.10
C VAL A 343 3.50 -32.93 -10.50
N PRO A 344 3.69 -31.91 -11.35
CA PRO A 344 4.14 -31.97 -12.74
C PRO A 344 5.14 -33.09 -13.00
N SER A 345 6.18 -33.15 -12.19
CA SER A 345 7.15 -34.20 -12.37
C SER A 345 6.51 -35.52 -12.04
N SER A 346 6.69 -36.49 -12.93
CA SER A 346 6.12 -37.83 -12.81
C SER A 346 4.74 -37.95 -13.46
N LEU A 347 4.18 -36.85 -13.98
CA LEU A 347 2.90 -37.01 -14.66
C LEU A 347 3.13 -37.89 -15.87
N SER A 348 2.12 -38.67 -16.23
CA SER A 348 2.25 -39.55 -17.38
C SER A 348 2.70 -38.81 -18.59
N ASP A 349 3.61 -39.41 -19.34
CA ASP A 349 4.11 -38.78 -20.54
C ASP A 349 3.63 -39.53 -21.77
N HIS A 350 2.38 -39.96 -21.72
CA HIS A 350 1.76 -40.68 -22.82
C HIS A 350 0.41 -40.06 -23.14
N ARG A 351 0.45 -38.83 -23.65
CA ARG A 351 -0.72 -38.03 -24.03
C ARG A 351 -1.98 -38.86 -24.18
N PRO A 352 -2.91 -38.76 -23.23
CA PRO A 352 -4.17 -39.47 -23.14
C PRO A 352 -4.98 -39.28 -24.40
N VAL A 353 -5.75 -40.29 -24.74
CA VAL A 353 -6.56 -40.20 -25.94
C VAL A 353 -7.67 -39.20 -25.73
N ILE A 354 -7.68 -38.15 -26.56
CA ILE A 354 -8.67 -37.11 -26.48
C ILE A 354 -9.45 -36.98 -27.77
N GLU A 355 -10.76 -37.15 -27.68
CA GLU A 355 -11.60 -36.97 -28.85
C GLU A 355 -12.16 -35.58 -28.83
N LEU A 356 -11.78 -34.78 -29.81
CA LEU A 356 -12.26 -33.42 -29.86
C LEU A 356 -13.52 -33.34 -30.69
N PRO A 357 -14.42 -32.43 -30.37
CA PRO A 357 -15.60 -32.09 -31.12
C PRO A 357 -15.10 -31.18 -32.19
N HIS A 358 -15.72 -31.21 -33.36
CA HIS A 358 -15.29 -30.39 -34.51
C HIS A 358 -14.17 -31.07 -35.26
N CYS A 359 -14.28 -31.09 -36.57
CA CYS A 359 -13.37 -31.86 -37.40
C CYS A 359 -13.01 -31.17 -38.70
N GLU A 360 -13.98 -30.48 -39.32
CA GLU A 360 -13.71 -29.79 -40.57
C GLU A 360 -12.75 -28.67 -40.29
N ASN A 361 -11.91 -28.35 -41.25
CA ASN A 361 -10.86 -27.37 -41.03
C ASN A 361 -11.37 -26.03 -40.53
N SER A 362 -12.48 -25.56 -41.10
CA SER A 362 -13.05 -24.27 -40.72
C SER A 362 -13.68 -24.25 -39.34
N GLU A 363 -13.79 -25.38 -38.68
CA GLU A 363 -14.41 -25.37 -37.38
C GLU A 363 -13.45 -24.98 -36.27
N ILE A 364 -12.14 -25.03 -36.51
CA ILE A 364 -11.17 -24.75 -35.46
C ILE A 364 -10.06 -23.80 -35.86
N ILE A 365 -9.35 -23.30 -34.86
CA ILE A 365 -8.22 -22.41 -35.06
C ILE A 365 -6.96 -23.04 -34.50
N ILE A 366 -5.90 -23.09 -35.30
CA ILE A 366 -4.64 -23.73 -34.87
C ILE A 366 -3.44 -22.80 -34.93
N ARG A 367 -2.65 -22.80 -33.85
CA ARG A 367 -1.46 -21.96 -33.76
C ARG A 367 -0.21 -22.75 -33.36
N LEU A 368 0.88 -22.61 -34.11
CA LEU A 368 2.11 -23.35 -33.81
C LEU A 368 3.31 -22.51 -33.39
N TYR A 369 4.11 -23.06 -32.49
CA TYR A 369 5.36 -22.42 -32.03
C TYR A 369 6.56 -23.28 -32.27
N GLU A 370 7.38 -22.94 -33.27
CA GLU A 370 8.55 -23.74 -33.59
C GLU A 370 9.77 -23.37 -32.76
N MET A 371 10.32 -24.37 -32.07
CA MET A 371 11.45 -24.19 -31.19
C MET A 371 12.52 -25.23 -31.50
N PRO A 372 13.79 -24.95 -31.24
CA PRO A 372 14.92 -25.85 -31.44
C PRO A 372 14.99 -26.92 -30.36
N TYR A 373 14.38 -26.61 -29.22
CA TYR A 373 14.31 -27.46 -28.05
C TYR A 373 13.56 -26.73 -26.97
N PHE A 374 12.87 -27.45 -26.10
CA PHE A 374 12.20 -26.77 -25.01
C PHE A 374 13.19 -26.56 -23.88
N PRO A 375 13.22 -25.38 -23.28
CA PRO A 375 14.01 -25.03 -22.12
C PRO A 375 13.62 -25.88 -20.93
N MET A 376 14.57 -26.16 -20.06
CA MET A 376 14.26 -26.98 -18.90
C MET A 376 13.31 -26.25 -18.00
N GLY A 377 12.23 -26.92 -17.63
CA GLY A 377 11.22 -26.31 -16.77
C GLY A 377 10.18 -25.52 -17.55
N PHE A 378 10.33 -25.47 -18.87
CA PHE A 378 9.40 -24.74 -19.72
C PHE A 378 7.98 -25.18 -19.48
N TRP A 379 7.77 -26.48 -19.50
CA TRP A 379 6.46 -27.04 -19.35
C TRP A 379 5.86 -26.91 -17.98
N SER A 380 6.64 -27.02 -16.93
CA SER A 380 6.02 -26.92 -15.62
C SER A 380 5.59 -25.50 -15.37
N ARG A 381 6.35 -24.55 -15.90
CA ARG A 381 5.99 -23.17 -15.73
C ARG A 381 4.78 -22.82 -16.56
N LEU A 382 4.75 -23.33 -17.79
CA LEU A 382 3.64 -23.08 -18.69
C LEU A 382 2.37 -23.60 -18.12
N ILE A 383 2.38 -24.83 -17.63
CA ILE A 383 1.21 -25.43 -17.04
C ILE A 383 0.70 -24.62 -15.88
N ASN A 384 1.60 -24.18 -15.01
CA ASN A 384 1.15 -23.40 -13.87
C ASN A 384 0.36 -22.19 -14.32
N ARG A 385 0.79 -21.53 -15.38
CA ARG A 385 0.06 -20.38 -15.89
C ARG A 385 -1.24 -20.74 -16.56
N LEU A 386 -1.24 -21.79 -17.38
CA LEU A 386 -2.42 -22.14 -18.16
C LEU A 386 -3.60 -22.66 -17.33
N LEU A 387 -3.33 -23.16 -16.13
CA LEU A 387 -4.41 -23.67 -15.28
C LEU A 387 -5.49 -22.66 -14.91
N GLU A 388 -5.20 -21.36 -15.02
CA GLU A 388 -6.20 -20.37 -14.62
C GLU A 388 -7.06 -19.83 -15.75
N ILE A 389 -6.93 -20.38 -16.94
CA ILE A 389 -7.70 -19.93 -18.10
C ILE A 389 -9.19 -20.13 -17.97
N SER A 390 -9.95 -19.12 -18.39
CA SER A 390 -11.41 -19.20 -18.35
C SER A 390 -12.09 -18.22 -19.28
N PRO A 391 -12.97 -18.71 -20.17
CA PRO A 391 -13.75 -17.96 -21.13
C PRO A 391 -14.89 -17.22 -20.45
N TYR A 392 -15.10 -17.47 -19.16
CA TYR A 392 -16.17 -16.82 -18.45
C TYR A 392 -15.71 -15.77 -17.49
N MET A 393 -14.39 -15.55 -17.36
CA MET A 393 -13.93 -14.61 -16.34
C MET A 393 -14.40 -13.19 -16.61
N LEU A 394 -14.73 -12.89 -17.88
CA LEU A 394 -15.22 -11.56 -18.23
C LEU A 394 -16.54 -11.23 -17.53
N LEU A 401 -19.34 -23.65 -14.83
CA LEU A 401 -18.98 -24.99 -14.39
C LEU A 401 -17.50 -25.19 -14.59
N ARG A 402 -16.88 -26.03 -13.78
CA ARG A 402 -15.46 -26.26 -13.94
C ARG A 402 -15.20 -27.26 -15.07
N PRO A 403 -14.12 -27.09 -15.82
CA PRO A 403 -13.71 -27.88 -16.96
C PRO A 403 -13.16 -29.24 -16.60
N ASN A 404 -13.38 -30.19 -17.51
CA ASN A 404 -12.88 -31.54 -17.36
C ASN A 404 -11.43 -31.59 -17.76
N ARG A 405 -10.54 -31.19 -16.87
CA ARG A 405 -9.14 -31.11 -17.19
C ARG A 405 -8.40 -32.43 -17.28
N MET A 406 -7.48 -32.52 -18.23
CA MET A 406 -6.61 -33.68 -18.41
C MET A 406 -5.16 -33.22 -18.55
N TYR A 407 -4.19 -34.04 -18.16
CA TYR A 407 -2.80 -33.59 -18.21
C TYR A 407 -1.91 -34.60 -18.91
N TRP A 408 -1.04 -34.12 -19.80
CA TRP A 408 -0.14 -35.01 -20.52
C TRP A 408 1.27 -34.90 -20.09
N ARG A 409 1.57 -34.11 -19.06
CA ARG A 409 2.95 -33.62 -18.83
C ARG A 409 3.41 -32.59 -19.89
N GLN A 410 3.31 -32.95 -21.16
CA GLN A 410 3.61 -32.10 -22.30
C GLN A 410 2.36 -31.43 -22.88
N GLY A 411 1.32 -31.23 -22.08
CA GLY A 411 0.11 -30.61 -22.60
C GLY A 411 -1.07 -30.64 -21.64
N ILE A 412 -2.03 -29.75 -21.88
CA ILE A 412 -3.23 -29.61 -21.06
C ILE A 412 -4.49 -29.61 -21.88
N TYR A 413 -5.48 -30.35 -21.46
CA TYR A 413 -6.75 -30.28 -22.14
C TYR A 413 -7.81 -29.75 -21.22
N LEU A 414 -8.45 -28.66 -21.63
CA LEU A 414 -9.54 -28.10 -20.85
C LEU A 414 -10.81 -28.40 -21.61
N ASN A 415 -11.88 -28.74 -20.94
CA ASN A 415 -13.07 -29.07 -21.71
C ASN A 415 -14.11 -27.98 -21.69
N TRP A 416 -14.77 -27.77 -20.56
CA TRP A 416 -15.84 -26.75 -20.40
C TRP A 416 -17.12 -27.13 -21.13
N SER A 417 -17.07 -27.13 -22.45
CA SER A 417 -18.23 -27.39 -23.30
C SER A 417 -17.82 -27.52 -24.73
N PRO A 418 -18.53 -28.30 -25.54
CA PRO A 418 -18.37 -28.44 -26.98
C PRO A 418 -18.35 -27.06 -27.64
N GLU A 419 -19.05 -26.12 -27.04
CA GLU A 419 -19.05 -24.74 -27.47
C GLU A 419 -17.68 -24.07 -27.37
N ALA A 420 -16.95 -24.32 -26.29
CA ALA A 420 -15.65 -23.68 -26.10
C ALA A 420 -14.73 -24.53 -25.25
N TYR A 421 -13.64 -25.00 -25.83
CA TYR A 421 -12.68 -25.89 -25.16
C TYR A 421 -11.27 -25.58 -25.62
N CYS A 422 -10.27 -26.16 -24.99
CA CYS A 422 -8.91 -25.80 -25.37
C CYS A 422 -7.87 -26.89 -25.18
N LEU A 423 -7.10 -27.15 -26.23
CA LEU A 423 -6.03 -28.14 -26.14
C LEU A 423 -4.68 -27.57 -26.46
N VAL A 424 -3.75 -27.66 -25.51
CA VAL A 424 -2.40 -27.19 -25.73
C VAL A 424 -1.43 -28.30 -25.52
N GLY A 425 -0.58 -28.60 -26.49
CA GLY A 425 0.37 -29.68 -26.25
C GLY A 425 1.44 -29.80 -27.31
N SER A 426 2.50 -30.52 -26.95
CA SER A 426 3.66 -30.72 -27.82
C SER A 426 3.48 -31.77 -28.88
N GLU A 427 3.88 -31.44 -30.10
CA GLU A 427 3.86 -32.41 -31.20
C GLU A 427 5.11 -32.27 -32.06
N VAL A 428 5.58 -33.38 -32.60
CA VAL A 428 6.79 -33.40 -33.42
C VAL A 428 6.57 -34.11 -34.75
N LEU A 429 7.03 -33.49 -35.82
CA LEU A 429 6.92 -34.10 -37.15
C LEU A 429 8.25 -34.62 -37.67
N ASP A 430 8.17 -35.68 -38.48
CA ASP A 430 9.34 -36.32 -39.04
C ASP A 430 10.09 -35.38 -39.95
N ASN A 431 11.41 -35.50 -39.90
CA ASN A 431 12.34 -34.66 -40.67
C ASN A 431 12.34 -33.21 -40.22
N HIS A 432 11.82 -32.95 -39.02
CA HIS A 432 11.80 -31.61 -38.48
C HIS A 432 12.24 -31.59 -37.03
N PRO A 433 13.53 -31.76 -36.78
CA PRO A 433 14.19 -31.77 -35.46
C PRO A 433 13.54 -30.86 -34.43
N GLU A 434 13.19 -29.64 -34.85
CA GLU A 434 12.56 -28.67 -33.98
C GLU A 434 11.28 -29.18 -33.35
N SER A 435 11.16 -29.04 -32.04
CA SER A 435 9.95 -29.43 -31.35
C SER A 435 8.98 -28.28 -31.40
N PHE A 436 7.71 -28.49 -31.06
CA PHE A 436 6.77 -27.37 -31.13
C PHE A 436 5.41 -27.55 -30.51
N LEU A 437 4.81 -26.40 -30.19
CA LEU A 437 3.51 -26.33 -29.55
C LEU A 437 2.39 -26.28 -30.54
N LYS A 438 1.26 -26.83 -30.16
CA LYS A 438 0.05 -26.71 -30.96
C LYS A 438 -1.09 -26.32 -30.06
N ILE A 439 -1.77 -25.24 -30.41
CA ILE A 439 -2.90 -24.74 -29.66
C ILE A 439 -4.16 -24.88 -30.47
N THR A 440 -5.17 -25.55 -29.94
CA THR A 440 -6.42 -25.67 -30.69
C THR A 440 -7.65 -25.20 -29.91
N VAL A 441 -8.40 -24.29 -30.52
CA VAL A 441 -9.65 -23.79 -29.96
C VAL A 441 -10.70 -23.80 -31.06
N PRO A 442 -11.98 -23.87 -30.73
CA PRO A 442 -13.10 -23.86 -31.65
C PRO A 442 -13.31 -22.47 -32.16
N SER A 443 -13.72 -22.34 -33.41
CA SER A 443 -13.88 -21.02 -33.98
C SER A 443 -15.16 -20.30 -33.62
N CYS A 444 -15.16 -19.64 -32.46
CA CYS A 444 -16.27 -18.79 -32.04
C CYS A 444 -15.73 -17.83 -31.01
N ARG A 445 -16.54 -16.87 -30.59
CA ARG A 445 -16.06 -15.85 -29.66
C ARG A 445 -15.43 -16.39 -28.40
N LYS A 446 -16.05 -17.37 -27.76
CA LYS A 446 -15.44 -17.90 -26.55
C LYS A 446 -14.14 -18.59 -26.88
N GLY A 447 -14.07 -19.22 -28.03
CA GLY A 447 -12.86 -19.89 -28.44
C GLY A 447 -11.76 -18.87 -28.63
N CYS A 448 -12.11 -17.73 -29.17
CA CYS A 448 -11.17 -16.65 -29.37
C CYS A 448 -10.62 -16.17 -28.06
N ILE A 449 -11.49 -15.94 -27.10
CA ILE A 449 -11.08 -15.50 -25.78
C ILE A 449 -10.09 -16.45 -25.16
N LEU A 450 -10.34 -17.74 -25.30
CA LEU A 450 -9.40 -18.73 -24.79
C LEU A 450 -8.08 -18.63 -25.47
N LEU A 451 -8.08 -18.49 -26.79
CA LEU A 451 -6.85 -18.38 -27.55
C LEU A 451 -6.04 -17.21 -27.11
N GLY A 452 -6.69 -16.07 -26.94
CA GLY A 452 -6.00 -14.88 -26.51
C GLY A 452 -5.32 -15.08 -25.18
N GLN A 453 -5.99 -15.71 -24.23
CA GLN A 453 -5.37 -15.94 -22.94
C GLN A 453 -4.17 -16.86 -23.04
N VAL A 454 -4.27 -17.90 -23.85
CA VAL A 454 -3.16 -18.84 -23.99
C VAL A 454 -1.92 -18.21 -24.57
N VAL A 455 -2.07 -17.47 -25.66
CA VAL A 455 -0.88 -16.91 -26.29
C VAL A 455 -0.30 -15.76 -25.49
N ASP A 456 -1.12 -15.07 -24.72
CA ASP A 456 -0.60 -14.05 -23.86
C ASP A 456 0.24 -14.66 -22.75
N HIS A 457 -0.18 -15.80 -22.21
CA HIS A 457 0.61 -16.45 -21.18
C HIS A 457 1.90 -16.99 -21.73
N ILE A 458 1.86 -17.55 -22.93
CA ILE A 458 3.07 -18.08 -23.52
C ILE A 458 4.10 -17.01 -23.78
N ASP A 459 3.69 -15.90 -24.36
CA ASP A 459 4.66 -14.87 -24.61
C ASP A 459 5.18 -14.24 -23.35
N SER A 460 4.32 -14.05 -22.34
CA SER A 460 4.79 -13.49 -21.08
C SER A 460 5.78 -14.41 -20.40
N LEU A 461 5.51 -15.70 -20.46
CA LEU A 461 6.40 -16.71 -19.89
C LEU A 461 7.78 -16.57 -20.45
N MET A 462 7.87 -16.49 -21.75
CA MET A 462 9.16 -16.41 -22.38
C MET A 462 9.87 -15.11 -22.09
N GLU A 463 9.15 -13.99 -22.06
CA GLU A 463 9.81 -12.72 -21.79
C GLU A 463 10.45 -12.71 -20.42
N GLU A 464 9.78 -13.28 -19.44
CA GLU A 464 10.34 -13.29 -18.11
C GLU A 464 11.37 -14.36 -17.85
N TRP A 465 11.14 -15.56 -18.35
CA TRP A 465 12.00 -16.67 -17.98
C TRP A 465 12.92 -17.20 -19.04
N PHE A 466 12.59 -17.02 -20.31
CA PHE A 466 13.48 -17.58 -21.32
C PHE A 466 13.83 -16.59 -22.43
N PRO A 467 14.34 -15.40 -22.09
CA PRO A 467 14.76 -14.37 -23.01
C PRO A 467 15.95 -14.93 -23.70
N GLY A 468 16.19 -14.46 -24.91
CA GLY A 468 17.25 -15.02 -25.71
C GLY A 468 16.57 -15.68 -26.87
N LEU A 469 15.49 -16.40 -26.58
CA LEU A 469 14.69 -16.99 -27.62
C LEU A 469 13.99 -15.87 -28.38
N LEU A 470 13.69 -14.80 -27.65
CA LEU A 470 13.06 -13.59 -28.13
C LEU A 470 14.07 -12.51 -28.50
N LEU A 481 14.06 -18.44 -34.08
CA LEU A 481 13.62 -18.97 -32.81
C LEU A 481 12.19 -18.54 -32.53
N LEU A 482 11.40 -19.46 -31.97
CA LEU A 482 10.01 -19.18 -31.66
C LEU A 482 9.23 -18.79 -32.89
N LYS A 483 9.48 -19.49 -33.98
CA LYS A 483 8.82 -19.13 -35.21
C LYS A 483 7.32 -19.36 -35.04
N LYS A 484 6.54 -18.31 -35.22
CA LYS A 484 5.10 -18.44 -35.01
C LYS A 484 4.36 -18.68 -36.31
N TRP A 485 3.73 -19.84 -36.42
CA TRP A 485 3.02 -20.20 -37.63
C TRP A 485 1.53 -20.28 -37.40
N ALA A 486 0.76 -19.86 -38.38
CA ALA A 486 -0.68 -20.02 -38.31
C ALA A 486 -1.10 -20.99 -39.40
N LEU A 487 -2.08 -21.84 -39.12
CA LEU A 487 -2.50 -22.79 -40.14
C LEU A 487 -3.84 -22.46 -40.74
N TYR A 488 -3.96 -22.62 -42.04
CA TYR A 488 -5.21 -22.32 -42.70
C TYR A 488 -5.40 -23.14 -43.95
N SER A 489 -6.63 -23.17 -44.46
CA SER A 489 -6.89 -23.83 -45.72
C SER A 489 -8.03 -23.12 -46.40
N PHE A 490 -8.08 -23.18 -47.73
CA PHE A 490 -9.14 -22.50 -48.47
C PHE A 490 -10.33 -23.37 -48.76
N ASN A 491 -10.38 -24.55 -48.17
CA ASN A 491 -11.46 -25.48 -48.41
C ASN A 491 -11.40 -26.63 -47.44
N ASP A 492 -12.51 -26.88 -46.76
CA ASP A 492 -12.57 -27.96 -45.81
C ASP A 492 -12.32 -29.28 -46.49
N GLY A 493 -11.55 -30.13 -45.83
CA GLY A 493 -11.20 -31.43 -46.38
C GLY A 493 -9.80 -31.42 -47.00
N GLU A 494 -9.19 -30.25 -47.15
CA GLU A 494 -7.85 -30.19 -47.71
C GLU A 494 -6.80 -30.04 -46.61
N GLU A 495 -5.54 -29.96 -47.01
CA GLU A 495 -4.45 -29.84 -46.06
C GLU A 495 -4.21 -28.40 -45.63
N HIS A 496 -3.62 -28.23 -44.47
CA HIS A 496 -3.35 -26.89 -43.99
C HIS A 496 -2.09 -26.33 -44.59
N GLN A 497 -2.06 -25.02 -44.73
CA GLN A 497 -0.92 -24.31 -45.22
C GLN A 497 -0.38 -23.46 -44.10
N LYS A 498 0.93 -23.24 -44.12
CA LYS A 498 1.57 -22.48 -43.07
C LYS A 498 1.85 -21.05 -43.46
N ILE A 499 1.71 -20.13 -42.51
CA ILE A 499 2.08 -18.75 -42.74
C ILE A 499 2.61 -18.12 -41.48
N LEU A 500 3.66 -17.31 -41.59
CA LEU A 500 4.20 -16.66 -40.40
C LEU A 500 3.34 -15.52 -39.98
N LEU A 501 3.19 -15.34 -38.68
CA LEU A 501 2.33 -14.26 -38.21
C LEU A 501 2.80 -12.91 -38.65
N ASP A 502 4.10 -12.73 -38.84
CA ASP A 502 4.59 -11.45 -39.31
C ASP A 502 3.96 -11.08 -40.65
N ASP A 503 3.78 -12.07 -41.51
CA ASP A 503 3.18 -11.81 -42.80
C ASP A 503 1.70 -11.55 -42.64
N LEU A 504 1.06 -12.23 -41.71
CA LEU A 504 -0.34 -11.90 -41.48
C LEU A 504 -0.47 -10.51 -40.93
N MET A 505 0.50 -10.04 -40.14
CA MET A 505 0.44 -8.68 -39.65
C MET A 505 0.57 -7.71 -40.82
N LYS A 506 1.40 -8.05 -41.80
CA LYS A 506 1.52 -7.22 -42.99
C LYS A 506 0.18 -7.12 -43.70
N LYS A 507 -0.58 -8.22 -43.69
CA LYS A 507 -1.87 -8.24 -44.33
C LYS A 507 -2.93 -7.58 -43.46
N ALA A 508 -2.77 -7.67 -42.15
CA ALA A 508 -3.69 -7.05 -41.20
C ALA A 508 -3.67 -5.56 -41.37
N GLU A 509 -2.49 -5.01 -41.67
CA GLU A 509 -2.35 -3.59 -41.92
C GLU A 509 -3.11 -3.18 -43.17
N GLU A 510 -3.21 -4.09 -44.12
CA GLU A 510 -3.97 -3.84 -45.32
C GLU A 510 -5.47 -3.97 -45.00
N GLY A 511 -5.81 -4.91 -44.11
CA GLY A 511 -7.19 -5.14 -43.68
C GLY A 511 -7.93 -6.08 -44.63
N ASP A 512 -7.20 -6.64 -45.57
CA ASP A 512 -7.73 -7.49 -46.60
C ASP A 512 -8.05 -8.90 -46.15
N LEU A 513 -8.63 -9.66 -47.06
CA LEU A 513 -8.86 -11.05 -46.83
C LEU A 513 -7.58 -11.74 -47.26
N LEU A 514 -7.26 -12.88 -46.71
CA LEU A 514 -6.11 -13.59 -47.21
C LEU A 514 -6.49 -14.12 -48.56
N VAL A 515 -5.76 -13.73 -49.60
CA VAL A 515 -6.12 -14.15 -50.95
C VAL A 515 -5.14 -15.10 -51.55
N ASN A 516 -5.66 -16.21 -52.09
CA ASN A 516 -4.81 -17.17 -52.77
C ASN A 516 -4.24 -16.52 -54.01
N PRO A 517 -2.94 -16.27 -54.07
CA PRO A 517 -2.21 -15.57 -55.13
C PRO A 517 -2.36 -16.22 -56.49
N ASP A 518 -2.71 -17.49 -56.52
CA ASP A 518 -2.88 -18.22 -57.76
C ASP A 518 -4.33 -18.26 -58.18
N GLN A 519 -5.23 -18.23 -57.19
CA GLN A 519 -6.64 -18.26 -57.47
C GLN A 519 -7.47 -17.34 -56.58
N PRO A 520 -7.74 -16.11 -57.05
CA PRO A 520 -8.49 -15.02 -56.43
C PRO A 520 -9.85 -15.44 -55.89
N ARG A 521 -10.44 -16.49 -56.47
CA ARG A 521 -11.73 -16.98 -55.99
C ARG A 521 -11.64 -17.53 -54.57
N LEU A 522 -10.44 -17.91 -54.14
CA LEU A 522 -10.22 -18.48 -52.82
C LEU A 522 -9.70 -17.46 -51.83
N THR A 523 -10.55 -17.06 -50.89
CA THR A 523 -10.15 -16.08 -49.88
C THR A 523 -10.57 -16.50 -48.47
N ILE A 524 -9.84 -16.01 -47.47
CA ILE A 524 -10.14 -16.29 -46.06
C ILE A 524 -10.09 -15.02 -45.24
N PRO A 525 -11.07 -14.70 -44.43
CA PRO A 525 -11.05 -13.55 -43.58
C PRO A 525 -10.00 -13.79 -42.54
N ILE A 526 -9.13 -12.80 -42.34
CA ILE A 526 -8.01 -12.91 -41.43
C ILE A 526 -8.41 -13.32 -40.05
N SER A 527 -9.52 -12.79 -39.58
CA SER A 527 -10.01 -13.10 -38.24
C SER A 527 -10.12 -14.61 -37.98
N GLN A 528 -10.46 -15.42 -38.98
CA GLN A 528 -10.56 -16.85 -38.74
C GLN A 528 -9.23 -17.52 -38.56
N ILE A 529 -8.19 -16.92 -39.07
CA ILE A 529 -6.86 -17.47 -38.95
C ILE A 529 -6.20 -16.94 -37.71
N ALA A 530 -6.42 -15.66 -37.46
CA ALA A 530 -5.75 -15.02 -36.37
C ALA A 530 -6.55 -13.91 -35.75
N PRO A 531 -7.59 -14.26 -34.98
CA PRO A 531 -8.49 -13.40 -34.25
C PRO A 531 -7.83 -12.70 -33.07
N ASP A 532 -6.54 -12.93 -32.86
CA ASP A 532 -5.80 -12.23 -31.85
C ASP A 532 -4.93 -11.13 -32.46
N LEU A 533 -4.84 -11.09 -33.80
CA LEU A 533 -4.11 -10.01 -34.45
C LEU A 533 -5.07 -8.86 -34.58
N ILE A 534 -6.26 -9.18 -34.97
CA ILE A 534 -7.35 -8.22 -34.92
C ILE A 534 -7.95 -8.36 -33.57
N LEU A 535 -8.10 -7.29 -32.83
CA LEU A 535 -8.55 -7.42 -31.45
C LEU A 535 -10.01 -7.85 -31.31
N ALA A 536 -10.28 -9.13 -31.56
CA ALA A 536 -11.62 -9.66 -31.49
C ALA A 536 -11.97 -10.21 -30.12
N ASP A 537 -11.03 -10.19 -29.19
CA ASP A 537 -11.32 -10.70 -27.85
C ASP A 537 -11.50 -9.61 -26.82
N LEU A 538 -11.91 -8.42 -27.26
CA LEU A 538 -12.14 -7.34 -26.31
C LEU A 538 -13.54 -7.46 -25.77
N PRO A 539 -13.77 -6.96 -24.58
CA PRO A 539 -15.06 -6.79 -23.95
C PRO A 539 -15.87 -5.85 -24.83
N ARG A 540 -17.17 -6.02 -24.87
CA ARG A 540 -18.00 -5.18 -25.72
C ARG A 540 -17.89 -3.73 -25.36
N ASN A 541 -17.67 -3.47 -24.08
CA ASN A 541 -17.59 -2.15 -23.55
C ASN A 541 -16.46 -1.32 -24.11
N ILE A 542 -15.39 -1.97 -24.56
CA ILE A 542 -14.28 -1.20 -25.07
C ILE A 542 -14.03 -1.39 -26.54
N MET A 543 -15.02 -1.81 -27.30
CA MET A 543 -14.74 -1.89 -28.72
C MET A 543 -14.86 -0.48 -29.29
N LEU A 544 -13.92 -0.10 -30.12
CA LEU A 544 -13.87 1.25 -30.66
C LEU A 544 -14.92 1.54 -31.69
N ASN A 545 -15.76 2.52 -31.41
CA ASN A 545 -16.76 2.94 -32.38
C ASN A 545 -16.17 4.01 -33.28
N ASN A 546 -15.86 3.65 -34.51
CA ASN A 546 -15.21 4.55 -35.46
C ASN A 546 -16.05 5.74 -35.92
N ASP A 547 -17.32 5.77 -35.56
CA ASP A 547 -18.14 6.92 -35.92
C ASP A 547 -18.15 7.95 -34.81
N GLU A 548 -17.52 7.65 -33.68
CA GLU A 548 -17.47 8.56 -32.56
C GLU A 548 -16.10 9.20 -32.42
N LEU A 549 -15.07 8.38 -32.58
CA LEU A 549 -13.72 8.88 -32.42
C LEU A 549 -13.33 9.89 -33.47
N GLU A 550 -12.94 11.08 -33.03
CA GLU A 550 -12.53 12.15 -33.93
C GLU A 550 -11.17 12.71 -33.53
N PHE A 551 -10.20 12.52 -34.40
CA PHE A 551 -8.81 12.93 -34.12
C PHE A 551 -8.14 13.22 -35.44
N GLU A 552 -7.05 13.98 -35.40
CA GLU A 552 -6.36 14.32 -36.64
C GLU A 552 -4.88 13.94 -36.69
N GLN A 553 -4.31 13.54 -35.55
CA GLN A 553 -2.87 13.27 -35.44
C GLN A 553 -2.03 14.47 -35.84
N ALA A 554 -2.55 15.66 -35.61
CA ALA A 554 -1.82 16.87 -35.97
C ALA A 554 -1.04 17.37 -34.76
N PRO A 555 0.11 18.03 -34.96
CA PRO A 555 1.01 18.60 -33.97
C PRO A 555 0.27 19.46 -32.96
N GLU A 556 -0.75 20.15 -33.42
CA GLU A 556 -1.60 20.99 -32.59
C GLU A 556 -2.26 20.24 -31.43
N PHE A 557 -2.42 18.94 -31.58
CA PHE A 557 -3.07 18.16 -30.55
C PHE A 557 -2.10 17.25 -29.85
N LEU A 558 -0.81 17.42 -30.09
CA LEU A 558 0.14 16.54 -29.46
C LEU A 558 0.23 16.85 -27.98
N LEU A 559 -0.08 15.86 -27.16
CA LEU A 559 -0.02 16.04 -25.73
C LEU A 559 1.30 15.56 -25.17
N GLY A 560 1.91 14.59 -25.84
CA GLY A 560 3.22 14.09 -25.39
C GLY A 560 3.60 12.84 -26.15
N ASP A 561 4.73 12.25 -25.80
CA ASP A 561 5.15 11.02 -26.47
C ASP A 561 5.94 10.09 -25.56
N GLY A 562 6.54 9.06 -26.14
CA GLY A 562 7.36 8.12 -25.39
C GLY A 562 7.81 6.97 -26.27
N SER A 563 8.39 5.93 -25.66
CA SER A 563 8.87 4.79 -26.44
C SER A 563 7.73 4.02 -27.10
N PHE A 564 6.53 4.15 -26.54
CA PHE A 564 5.35 3.52 -27.09
C PHE A 564 4.82 4.23 -28.34
N GLY A 565 5.26 5.46 -28.59
CA GLY A 565 4.75 6.24 -29.71
C GLY A 565 4.35 7.64 -29.30
N SER A 566 3.07 7.99 -29.44
CA SER A 566 2.66 9.35 -29.08
C SER A 566 1.23 9.47 -28.60
N VAL A 567 0.93 10.60 -27.97
CA VAL A 567 -0.38 10.87 -27.41
C VAL A 567 -1.01 12.13 -27.96
N TYR A 568 -2.23 12.02 -28.46
CA TYR A 568 -2.92 13.19 -28.98
C TYR A 568 -4.24 13.47 -28.28
N ARG A 569 -4.66 14.73 -28.32
CA ARG A 569 -5.95 15.11 -27.77
C ARG A 569 -7.02 14.84 -28.81
N ALA A 570 -8.14 14.28 -28.40
CA ALA A 570 -9.18 13.92 -29.34
C ALA A 570 -10.57 13.96 -28.72
N ALA A 571 -11.59 13.78 -29.54
CA ALA A 571 -12.95 13.74 -29.04
C ALA A 571 -13.56 12.36 -29.25
N TYR A 572 -14.33 11.89 -28.29
CA TYR A 572 -14.98 10.60 -28.42
C TYR A 572 -16.32 10.70 -27.73
N GLU A 573 -17.39 10.49 -28.47
CA GLU A 573 -18.73 10.64 -27.93
C GLU A 573 -18.95 11.98 -27.24
N GLY A 574 -18.35 13.04 -27.79
CA GLY A 574 -18.50 14.38 -27.27
C GLY A 574 -17.60 14.71 -26.07
N GLU A 575 -16.71 13.80 -25.68
CA GLU A 575 -15.87 14.06 -24.53
C GLU A 575 -14.39 14.15 -24.89
N GLU A 576 -13.64 14.87 -24.07
CA GLU A 576 -12.21 15.03 -24.27
C GLU A 576 -11.46 13.78 -23.84
N VAL A 577 -10.76 13.18 -24.79
CA VAL A 577 -10.01 11.96 -24.53
C VAL A 577 -8.59 12.06 -25.03
N ALA A 578 -7.75 11.17 -24.55
CA ALA A 578 -6.37 11.13 -25.00
C ALA A 578 -6.17 9.85 -25.77
N VAL A 579 -5.45 9.92 -26.87
CA VAL A 579 -5.27 8.73 -27.69
C VAL A 579 -3.83 8.30 -27.79
N LYS A 580 -3.52 7.13 -27.23
CA LYS A 580 -2.17 6.61 -27.35
C LYS A 580 -2.04 5.88 -28.65
N ILE A 581 -1.02 6.21 -29.43
CA ILE A 581 -0.81 5.56 -30.71
C ILE A 581 0.48 4.80 -30.75
N PHE A 582 0.40 3.51 -31.04
CA PHE A 582 1.58 2.68 -31.11
C PHE A 582 2.22 2.76 -32.49
N ASN A 583 2.85 3.90 -32.72
CA ASN A 583 3.43 4.26 -33.99
C ASN A 583 4.74 3.59 -34.34
N LYS A 584 4.66 2.34 -34.78
CA LYS A 584 5.83 1.57 -35.23
C LYS A 584 6.85 1.34 -34.13
N HIS A 585 6.42 0.73 -33.06
CA HIS A 585 7.30 0.41 -31.96
C HIS A 585 6.98 -0.96 -31.42
N THR A 586 7.40 -2.02 -32.12
CA THR A 586 7.05 -3.40 -31.72
C THR A 586 5.62 -3.50 -31.21
N SER A 587 4.70 -2.98 -32.03
CA SER A 587 3.30 -2.87 -31.71
C SER A 587 2.67 -4.23 -31.65
N LEU A 588 1.41 -4.26 -31.32
CA LEU A 588 0.64 -5.49 -31.11
C LEU A 588 1.03 -6.15 -29.82
N ARG A 589 2.29 -6.53 -29.68
CA ARG A 589 2.67 -7.12 -28.42
C ARG A 589 2.63 -6.09 -27.33
N LEU A 590 3.10 -4.88 -27.59
CA LEU A 590 2.99 -3.89 -26.54
C LEU A 590 1.54 -3.53 -26.30
N LEU A 591 0.77 -3.48 -27.38
CA LEU A 591 -0.61 -3.13 -27.27
C LEU A 591 -1.36 -4.13 -26.42
N ARG A 592 -1.18 -5.41 -26.69
CA ARG A 592 -1.88 -6.39 -25.93
C ARG A 592 -1.42 -6.44 -24.49
N GLN A 593 -0.15 -6.18 -24.22
CA GLN A 593 0.28 -6.15 -22.83
C GLN A 593 -0.43 -5.08 -22.07
N GLU A 594 -0.60 -3.92 -22.69
CA GLU A 594 -1.29 -2.84 -22.04
C GLU A 594 -2.75 -3.18 -21.84
N LEU A 595 -3.37 -3.84 -22.81
CA LEU A 595 -4.77 -4.21 -22.67
C LEU A 595 -5.02 -5.17 -21.54
N VAL A 596 -4.13 -6.14 -21.38
CA VAL A 596 -4.28 -7.11 -20.30
C VAL A 596 -4.20 -6.49 -18.94
N VAL A 597 -3.24 -5.62 -18.74
CA VAL A 597 -3.09 -4.96 -17.45
C VAL A 597 -4.16 -3.95 -17.17
N LEU A 598 -4.51 -3.19 -18.20
CA LEU A 598 -5.40 -2.06 -18.07
C LEU A 598 -6.82 -2.47 -17.75
N CYS A 599 -7.41 -3.38 -18.51
CA CYS A 599 -8.74 -3.81 -18.13
C CYS A 599 -8.54 -4.74 -16.97
N HIS A 600 -9.58 -4.97 -16.17
CA HIS A 600 -9.52 -5.77 -14.92
C HIS A 600 -9.28 -4.85 -13.72
N LEU A 601 -8.70 -3.68 -13.95
CA LEU A 601 -8.52 -2.71 -12.89
C LEU A 601 -9.59 -1.66 -13.08
N HIS A 602 -10.57 -1.65 -12.19
CA HIS A 602 -11.70 -0.76 -12.37
C HIS A 602 -12.00 0.03 -11.12
N HIS A 603 -11.10 0.88 -10.70
CA HIS A 603 -11.32 1.68 -9.53
C HIS A 603 -11.54 3.14 -9.92
N PRO A 604 -12.42 3.88 -9.23
CA PRO A 604 -12.74 5.28 -9.44
C PRO A 604 -11.54 6.21 -9.42
N SER A 605 -10.51 5.86 -8.69
CA SER A 605 -9.32 6.70 -8.62
C SER A 605 -8.30 6.43 -9.71
N LEU A 606 -8.59 5.51 -10.63
CA LEU A 606 -7.65 5.21 -11.72
C LEU A 606 -8.17 5.70 -13.07
N ILE A 607 -7.26 5.90 -14.01
CA ILE A 607 -7.63 6.37 -15.34
C ILE A 607 -8.12 5.20 -16.18
N SER A 608 -9.39 5.20 -16.56
CA SER A 608 -9.91 4.06 -17.29
C SER A 608 -9.73 4.15 -18.80
N LEU A 609 -10.02 3.05 -19.46
CA LEU A 609 -9.93 2.93 -20.90
C LEU A 609 -11.28 3.16 -21.53
N LEU A 610 -11.31 4.02 -22.53
CA LEU A 610 -12.52 4.35 -23.25
C LEU A 610 -12.48 3.83 -24.67
N ALA A 611 -12.29 2.54 -24.81
CA ALA A 611 -12.24 1.79 -26.07
C ALA A 611 -10.87 1.78 -26.73
N ALA A 612 -10.55 0.61 -27.28
CA ALA A 612 -9.30 0.35 -28.00
C ALA A 612 -9.59 -0.09 -29.42
N GLY A 613 -8.67 0.17 -30.34
CA GLY A 613 -8.94 -0.20 -31.74
C GLY A 613 -7.70 -0.51 -32.56
N ILE A 614 -7.67 -1.72 -33.08
CA ILE A 614 -6.54 -2.24 -33.85
C ILE A 614 -6.33 -1.57 -35.19
N ARG A 615 -7.37 -1.03 -35.79
CA ARG A 615 -7.25 -0.43 -37.11
C ARG A 615 -6.10 0.59 -37.22
N PRO A 616 -5.91 1.44 -36.21
CA PRO A 616 -4.74 2.31 -36.20
C PRO A 616 -3.88 2.06 -34.95
N ARG A 617 -4.25 1.04 -34.16
CA ARG A 617 -3.55 0.63 -32.94
C ARG A 617 -3.59 1.72 -31.89
N MET A 618 -4.78 1.94 -31.35
CA MET A 618 -5.00 2.98 -30.37
C MET A 618 -5.61 2.57 -29.06
N LEU A 619 -5.25 3.30 -28.02
CA LEU A 619 -5.94 3.26 -26.75
C LEU A 619 -6.55 4.60 -26.43
N VAL A 620 -7.86 4.68 -26.43
CA VAL A 620 -8.53 5.93 -26.12
C VAL A 620 -8.78 5.98 -24.63
N MET A 621 -8.19 6.93 -23.92
CA MET A 621 -8.33 6.99 -22.47
C MET A 621 -8.86 8.33 -21.97
N GLU A 622 -9.32 8.35 -20.73
CA GLU A 622 -9.86 9.58 -20.15
C GLU A 622 -8.84 10.70 -20.11
N LEU A 623 -9.21 11.90 -20.56
CA LEU A 623 -8.29 13.04 -20.40
C LEU A 623 -8.67 13.94 -19.23
N ALA A 624 -7.71 14.21 -18.35
CA ALA A 624 -7.93 15.09 -17.21
C ALA A 624 -8.16 16.52 -17.66
N SER A 625 -9.07 17.21 -17.00
CA SER A 625 -9.41 18.56 -17.40
C SER A 625 -8.65 19.66 -16.66
N LYS A 626 -8.18 19.39 -15.44
CA LYS A 626 -7.50 20.45 -14.71
C LYS A 626 -5.98 20.29 -14.69
N GLY A 627 -5.48 19.20 -15.25
CA GLY A 627 -4.04 18.98 -15.32
C GLY A 627 -3.49 18.32 -14.07
N SER A 628 -2.16 18.25 -14.00
CA SER A 628 -1.50 17.59 -12.89
C SER A 628 -1.47 18.40 -11.61
N LEU A 629 -1.28 17.69 -10.51
CA LEU A 629 -1.14 18.28 -9.20
C LEU A 629 0.05 19.20 -9.19
N ASP A 630 1.14 18.72 -9.76
CA ASP A 630 2.36 19.49 -9.86
C ASP A 630 2.10 20.89 -10.36
N ARG A 631 1.42 21.02 -11.50
CA ARG A 631 1.16 22.34 -12.02
C ARG A 631 0.34 23.16 -11.04
N LEU A 632 -0.71 22.56 -10.47
CA LEU A 632 -1.55 23.28 -9.52
C LEU A 632 -0.77 23.79 -8.33
N LEU A 633 0.13 22.98 -7.81
CA LEU A 633 0.91 23.39 -6.67
C LEU A 633 1.72 24.63 -6.96
N GLN A 634 2.28 24.70 -8.16
CA GLN A 634 3.06 25.88 -8.51
C GLN A 634 2.25 27.02 -9.11
N GLN A 635 1.01 26.77 -9.52
CA GLN A 635 0.27 27.83 -10.18
C GLN A 635 -0.93 28.41 -9.44
N ASP A 636 -1.56 27.69 -8.52
CA ASP A 636 -2.70 28.31 -7.86
C ASP A 636 -3.04 27.84 -6.44
N LYS A 637 -2.34 28.43 -5.48
CA LYS A 637 -2.57 28.14 -4.07
C LYS A 637 -3.95 28.54 -3.59
N ALA A 638 -4.59 29.49 -4.27
CA ALA A 638 -5.93 29.90 -3.91
C ALA A 638 -6.93 28.76 -4.07
N SER A 639 -6.70 27.90 -5.05
CA SER A 639 -7.58 26.76 -5.23
C SER A 639 -7.32 25.72 -4.17
N LEU A 640 -6.06 25.59 -3.77
CA LEU A 640 -5.67 24.63 -2.74
C LEU A 640 -6.13 24.98 -1.33
N THR A 641 -7.42 24.82 -1.07
CA THR A 641 -7.96 25.07 0.25
C THR A 641 -7.76 23.85 1.10
N ARG A 642 -7.97 24.00 2.39
CA ARG A 642 -7.81 22.89 3.31
C ARG A 642 -8.74 21.74 2.97
N THR A 643 -9.95 22.07 2.53
CA THR A 643 -10.91 21.06 2.14
C THR A 643 -10.46 20.32 0.91
N LEU A 644 -10.02 21.05 -0.11
CA LEU A 644 -9.57 20.42 -1.33
C LEU A 644 -8.41 19.49 -1.08
N GLN A 645 -7.45 19.96 -0.29
CA GLN A 645 -6.27 19.19 0.03
C GLN A 645 -6.62 17.86 0.65
N HIS A 646 -7.54 17.87 1.60
CA HIS A 646 -7.93 16.63 2.20
C HIS A 646 -8.53 15.65 1.22
N ARG A 647 -9.41 16.14 0.36
CA ARG A 647 -10.05 15.24 -0.57
C ARG A 647 -9.06 14.62 -1.54
N ILE A 648 -8.06 15.39 -1.95
CA ILE A 648 -7.04 14.85 -2.83
C ILE A 648 -6.31 13.72 -2.16
N ALA A 649 -5.97 13.89 -0.88
CA ALA A 649 -5.29 12.84 -0.15
C ALA A 649 -6.12 11.56 -0.10
N LEU A 650 -7.43 11.68 0.05
CA LEU A 650 -8.26 10.47 0.06
C LEU A 650 -8.24 9.72 -1.24
N HIS A 651 -8.36 10.46 -2.33
CA HIS A 651 -8.46 9.80 -3.61
C HIS A 651 -7.19 9.08 -3.97
N VAL A 652 -6.04 9.65 -3.65
CA VAL A 652 -4.80 8.97 -3.92
C VAL A 652 -4.65 7.73 -3.07
N ALA A 653 -5.01 7.83 -1.80
CA ALA A 653 -4.91 6.69 -0.91
C ALA A 653 -5.75 5.53 -1.39
N ASP A 654 -6.95 5.78 -1.89
CA ASP A 654 -7.75 4.69 -2.43
C ASP A 654 -7.07 3.96 -3.54
N GLY A 655 -6.48 4.71 -4.46
CA GLY A 655 -5.81 4.08 -5.58
C GLY A 655 -4.72 3.16 -5.11
N LEU A 656 -3.94 3.61 -4.14
CA LEU A 656 -2.88 2.79 -3.63
C LEU A 656 -3.38 1.55 -2.94
N ARG A 657 -4.46 1.66 -2.19
CA ARG A 657 -4.99 0.50 -1.52
C ARG A 657 -5.41 -0.54 -2.54
N TYR A 658 -6.09 -0.08 -3.58
CA TYR A 658 -6.59 -0.95 -4.62
C TYR A 658 -5.47 -1.66 -5.35
N LEU A 659 -4.49 -0.90 -5.81
CA LEU A 659 -3.39 -1.49 -6.56
C LEU A 659 -2.58 -2.45 -5.71
N HIS A 660 -2.43 -2.16 -4.43
CA HIS A 660 -1.73 -3.07 -3.57
C HIS A 660 -2.49 -4.36 -3.37
N SER A 661 -3.83 -4.27 -3.30
CA SER A 661 -4.61 -5.49 -3.18
C SER A 661 -4.56 -6.28 -4.48
N ALA A 662 -4.26 -5.59 -5.57
CA ALA A 662 -4.09 -6.22 -6.88
C ALA A 662 -2.65 -6.69 -7.11
N MET A 663 -1.81 -6.68 -6.07
CA MET A 663 -0.41 -7.10 -6.16
C MET A 663 0.43 -6.28 -7.13
N ILE A 664 0.10 -5.01 -7.30
CA ILE A 664 0.83 -4.13 -8.20
C ILE A 664 1.57 -3.05 -7.45
N ILE A 665 2.86 -2.92 -7.68
CA ILE A 665 3.63 -1.89 -7.02
C ILE A 665 3.74 -0.71 -7.97
N TYR A 666 3.35 0.47 -7.51
CA TYR A 666 3.31 1.63 -8.39
C TYR A 666 4.71 2.18 -8.66
N ARG A 667 5.47 2.40 -7.61
CA ARG A 667 6.85 2.88 -7.68
C ARG A 667 7.03 4.25 -8.32
N ASP A 668 6.03 5.11 -8.31
CA ASP A 668 6.23 6.41 -8.96
C ASP A 668 5.37 7.55 -8.41
N LEU A 669 5.12 7.59 -7.11
CA LEU A 669 4.23 8.62 -6.60
C LEU A 669 4.88 9.97 -6.50
N LYS A 670 4.55 10.83 -7.43
CA LYS A 670 4.98 12.20 -7.39
C LYS A 670 3.85 13.04 -7.97
N PRO A 671 3.80 14.35 -7.70
CA PRO A 671 2.80 15.33 -8.13
C PRO A 671 2.53 15.30 -9.62
N HIS A 672 3.48 14.85 -10.39
CA HIS A 672 3.36 14.79 -11.83
C HIS A 672 2.41 13.68 -12.26
N ASN A 673 2.20 12.70 -11.39
CA ASN A 673 1.36 11.56 -11.66
C ASN A 673 -0.05 11.70 -11.11
N VAL A 674 -0.35 12.81 -10.44
CA VAL A 674 -1.68 12.99 -9.89
C VAL A 674 -2.48 13.90 -10.76
N LEU A 675 -3.59 13.40 -11.29
CA LEU A 675 -4.39 14.20 -12.19
C LEU A 675 -5.65 14.71 -11.56
N LEU A 676 -6.01 15.94 -11.86
CA LEU A 676 -7.20 16.53 -11.31
C LEU A 676 -8.29 16.70 -12.36
N PHE A 677 -9.51 16.33 -11.99
CA PHE A 677 -10.66 16.38 -12.88
C PHE A 677 -11.68 17.44 -12.52
N THR A 678 -11.33 18.37 -11.66
CA THR A 678 -12.19 19.44 -11.19
C THR A 678 -11.70 19.94 -9.87
N LEU A 679 -11.60 21.23 -9.73
CA LEU A 679 -11.14 21.79 -8.49
C LEU A 679 -12.28 21.99 -7.50
N TYR A 680 -13.52 21.80 -7.94
CA TYR A 680 -14.68 21.93 -7.07
C TYR A 680 -14.59 20.98 -5.88
N PRO A 681 -14.33 21.48 -4.66
CA PRO A 681 -14.12 20.74 -3.43
C PRO A 681 -15.13 19.65 -3.16
N ASN A 682 -16.39 19.90 -3.47
CA ASN A 682 -17.40 18.90 -3.17
C ASN A 682 -17.82 18.10 -4.39
N ALA A 683 -16.88 17.40 -5.02
CA ALA A 683 -17.19 16.58 -6.18
C ALA A 683 -16.96 15.12 -5.86
N ALA A 684 -17.66 14.23 -6.56
CA ALA A 684 -17.52 12.80 -6.31
C ALA A 684 -16.12 12.31 -6.65
N ILE A 685 -15.56 12.76 -7.75
CA ILE A 685 -14.21 12.36 -8.13
C ILE A 685 -13.36 13.55 -8.47
N ILE A 686 -12.23 13.69 -7.79
CA ILE A 686 -11.35 14.82 -7.99
C ILE A 686 -9.99 14.38 -8.49
N ALA A 687 -9.35 13.47 -7.77
CA ALA A 687 -8.00 13.10 -8.20
C ALA A 687 -7.91 11.67 -8.67
N LYS A 688 -7.06 11.43 -9.67
CA LYS A 688 -6.82 10.07 -10.16
C LYS A 688 -5.33 9.82 -10.37
N ILE A 689 -4.92 8.55 -10.31
CA ILE A 689 -3.53 8.18 -10.51
C ILE A 689 -3.27 7.77 -11.96
N ALA A 690 -2.31 8.44 -12.59
CA ALA A 690 -1.99 8.21 -13.99
C ALA A 690 -1.07 7.02 -14.26
N ASP A 691 -1.27 6.38 -15.42
CA ASP A 691 -0.44 5.30 -15.96
C ASP A 691 -0.01 4.23 -14.98
N TYR A 692 -0.97 3.70 -14.24
CA TYR A 692 -0.75 2.64 -13.27
C TYR A 692 -0.53 1.30 -13.92
N GLY A 693 0.09 0.39 -13.18
CA GLY A 693 0.38 -0.94 -13.69
C GLY A 693 1.86 -1.27 -13.55
N PRO A 710 12.98 8.82 -9.12
CA PRO A 710 13.82 9.99 -9.40
C PRO A 710 14.30 10.44 -8.02
N GLY A 711 14.36 11.75 -7.81
CA GLY A 711 14.63 12.16 -6.43
C GLY A 711 13.28 12.31 -5.72
N PHE A 712 12.67 11.17 -5.30
CA PHE A 712 11.36 10.98 -4.60
C PHE A 712 11.28 9.55 -4.06
N ARG A 713 12.40 8.82 -3.96
CA ARG A 713 12.61 7.41 -3.61
C ARG A 713 12.66 7.11 -2.14
N ALA A 714 12.17 5.95 -1.76
CA ALA A 714 12.33 5.46 -0.41
C ALA A 714 13.83 5.26 -0.24
N PRO A 715 14.46 5.55 1.03
CA PRO A 715 15.87 5.40 1.36
C PRO A 715 16.29 3.94 1.30
N GLU A 716 15.30 3.11 1.38
CA GLU A 716 15.47 1.68 1.30
C GLU A 716 15.75 1.23 -0.12
N VAL A 717 14.84 1.53 -1.04
CA VAL A 717 15.02 1.13 -2.41
C VAL A 717 16.04 2.00 -3.12
N ALA A 718 16.27 3.21 -2.59
CA ALA A 718 17.27 4.10 -3.14
C ALA A 718 18.67 3.49 -3.06
N ARG A 719 18.86 2.53 -2.15
CA ARG A 719 20.12 1.82 -2.02
C ARG A 719 20.48 1.11 -3.31
N GLY A 720 19.48 0.52 -3.94
CA GLY A 720 19.67 -0.23 -5.17
C GLY A 720 19.92 -1.72 -4.94
N ASN A 721 20.11 -2.14 -3.68
CA ASN A 721 20.37 -3.55 -3.41
C ASN A 721 19.15 -4.34 -2.92
N VAL A 722 17.96 -3.75 -3.02
CA VAL A 722 16.75 -4.44 -2.57
C VAL A 722 15.61 -4.39 -3.57
N ILE A 723 14.52 -5.03 -3.20
CA ILE A 723 13.33 -5.17 -4.04
C ILE A 723 12.17 -4.29 -3.57
N TYR A 724 11.48 -3.68 -4.53
CA TYR A 724 10.33 -2.84 -4.23
C TYR A 724 9.15 -3.62 -3.69
N ASN A 725 8.42 -2.99 -2.80
CA ASN A 725 7.22 -3.59 -2.25
C ASN A 725 6.31 -2.48 -1.77
N GLN A 726 5.15 -2.85 -1.24
CA GLN A 726 4.17 -1.86 -0.80
C GLN A 726 4.72 -0.82 0.16
N GLN A 727 5.75 -1.15 0.92
CA GLN A 727 6.24 -0.22 1.90
C GLN A 727 7.00 0.90 1.22
N ALA A 728 7.53 0.64 0.03
CA ALA A 728 8.21 1.65 -0.74
C ALA A 728 7.19 2.65 -1.21
N ASP A 729 6.04 2.14 -1.66
CA ASP A 729 4.97 3.03 -2.09
C ASP A 729 4.43 3.85 -0.93
N VAL A 730 4.30 3.23 0.23
CA VAL A 730 3.82 3.97 1.38
C VAL A 730 4.73 5.12 1.71
N TYR A 731 6.02 4.87 1.72
CA TYR A 731 6.97 5.93 2.00
C TYR A 731 6.81 7.04 0.99
N SER A 732 6.71 6.67 -0.28
CA SER A 732 6.54 7.64 -1.34
C SER A 732 5.28 8.46 -1.12
N PHE A 733 4.20 7.81 -0.71
CA PHE A 733 2.96 8.48 -0.38
C PHE A 733 3.15 9.52 0.69
N GLY A 734 3.86 9.15 1.75
CA GLY A 734 4.11 10.08 2.83
C GLY A 734 4.76 11.34 2.30
N LEU A 735 5.71 11.18 1.40
CA LEU A 735 6.35 12.35 0.83
C LEU A 735 5.36 13.18 0.04
N LEU A 736 4.44 12.53 -0.67
CA LEU A 736 3.41 13.24 -1.40
C LEU A 736 2.57 14.06 -0.45
N LEU A 737 2.18 13.47 0.66
CA LEU A 737 1.38 14.15 1.65
C LEU A 737 2.12 15.37 2.19
N TYR A 738 3.41 15.21 2.45
CA TYR A 738 4.26 16.32 2.90
C TYR A 738 4.22 17.42 1.84
N ASP A 739 4.32 17.03 0.58
CA ASP A 739 4.27 17.97 -0.53
C ASP A 739 2.95 18.70 -0.58
N ILE A 740 1.86 18.02 -0.27
CA ILE A 740 0.54 18.63 -0.24
C ILE A 740 0.42 19.59 0.92
N LEU A 741 0.89 19.15 2.09
CA LEU A 741 0.83 19.95 3.31
C LEU A 741 1.48 21.30 3.09
N THR A 742 2.68 21.30 2.53
CA THR A 742 3.30 22.56 2.21
C THR A 742 2.97 22.90 0.79
N THR A 743 1.93 23.69 0.58
CA THR A 743 1.44 23.98 -0.76
C THR A 743 2.43 24.70 -1.64
N GLY A 744 3.45 25.31 -1.05
CA GLY A 744 4.49 25.94 -1.83
C GLY A 744 5.34 24.92 -2.57
N GLY A 745 5.30 23.67 -2.14
CA GLY A 745 6.09 22.65 -2.78
C GLY A 745 7.54 22.94 -2.48
N ARG A 746 7.81 23.35 -1.26
CA ARG A 746 9.14 23.78 -0.89
C ARG A 746 10.17 22.69 -1.06
N ILE A 747 9.83 21.46 -0.69
CA ILE A 747 10.80 20.40 -0.90
C ILE A 747 10.91 20.12 -2.39
N VAL A 748 9.85 20.37 -3.15
CA VAL A 748 9.87 20.20 -4.59
C VAL A 748 10.77 21.22 -5.22
N GLU A 749 10.74 22.43 -4.70
CA GLU A 749 11.62 23.50 -5.17
C GLU A 749 13.07 23.12 -4.90
N GLY A 750 13.30 22.37 -3.82
CA GLY A 750 14.61 21.84 -3.49
C GLY A 750 15.24 21.01 -4.62
N LEU A 751 14.41 20.44 -5.51
CA LEU A 751 14.85 19.67 -6.70
C LEU A 751 15.87 20.42 -7.53
N LYS A 752 15.73 21.74 -7.57
CA LYS A 752 16.61 22.64 -8.30
C LYS A 752 18.06 22.55 -7.80
N PHE A 753 18.24 21.99 -6.60
CA PHE A 753 19.54 21.75 -6.01
C PHE A 753 19.58 20.26 -5.62
N PRO A 754 19.51 19.37 -6.62
CA PRO A 754 19.36 17.91 -6.54
C PRO A 754 20.40 17.21 -5.70
N ASN A 755 21.57 17.84 -5.56
CA ASN A 755 22.66 17.29 -4.77
C ASN A 755 22.29 17.25 -3.29
N GLU A 756 21.43 18.16 -2.88
CA GLU A 756 20.98 18.21 -1.51
C GLU A 756 19.65 17.50 -1.38
N PHE A 757 18.81 17.68 -2.39
CA PHE A 757 17.45 17.14 -2.43
C PHE A 757 17.36 15.63 -2.34
N ASP A 758 18.06 14.92 -3.22
CA ASP A 758 18.00 13.46 -3.20
C ASP A 758 18.60 12.94 -1.90
N GLU A 759 19.68 13.56 -1.45
CA GLU A 759 20.32 13.15 -0.22
C GLU A 759 19.46 13.43 0.99
N LEU A 760 18.74 14.55 0.96
CA LEU A 760 17.84 14.90 2.04
C LEU A 760 16.83 13.81 2.27
N GLU A 761 16.21 13.33 1.20
CA GLU A 761 15.23 12.27 1.30
C GLU A 761 15.88 11.00 1.83
N ILE A 762 17.10 10.72 1.37
CA ILE A 762 17.87 9.57 1.86
C ILE A 762 18.15 9.68 3.35
N GLN A 763 18.52 10.87 3.81
CA GLN A 763 18.78 11.11 5.22
C GLN A 763 17.51 10.95 6.03
N GLY A 764 16.38 11.38 5.46
CA GLY A 764 15.09 11.28 6.13
C GLY A 764 14.93 12.42 7.13
N LYS A 765 15.87 13.35 7.11
CA LYS A 765 15.89 14.43 8.08
C LYS A 765 15.16 15.63 7.55
N LEU A 766 13.84 15.48 7.43
CA LEU A 766 13.04 16.57 6.92
C LEU A 766 12.73 17.55 8.03
N PRO A 767 12.66 18.83 7.71
CA PRO A 767 12.36 19.94 8.60
C PRO A 767 10.88 19.99 8.92
N ASP A 768 10.57 20.61 10.05
CA ASP A 768 9.21 20.76 10.50
C ASP A 768 8.42 21.60 9.52
N PRO A 769 7.44 21.02 8.84
CA PRO A 769 6.63 21.63 7.79
C PRO A 769 5.94 22.91 8.22
N VAL A 770 5.71 23.08 9.50
CA VAL A 770 5.07 24.26 10.00
C VAL A 770 6.08 25.34 10.23
N LYS A 771 7.02 25.05 11.11
CA LYS A 771 8.05 26.00 11.49
C LYS A 771 8.93 26.41 10.33
N GLU A 772 9.36 25.45 9.54
CA GLU A 772 10.27 25.70 8.44
C GLU A 772 9.67 26.44 7.28
N TYR A 773 8.41 26.17 6.96
CA TYR A 773 7.87 26.80 5.78
C TYR A 773 6.82 27.84 6.10
N GLY A 774 6.44 27.97 7.37
CA GLY A 774 5.42 28.95 7.75
C GLY A 774 4.05 28.43 7.36
N CYS A 775 3.84 27.14 7.53
CA CYS A 775 2.60 26.50 7.13
C CYS A 775 1.62 26.40 8.28
N ALA A 776 0.39 26.83 8.08
CA ALA A 776 -0.61 26.78 9.14
C ALA A 776 -0.72 25.35 9.68
N PRO A 777 -0.77 25.16 11.00
CA PRO A 777 -0.82 23.90 11.71
C PRO A 777 -1.91 22.99 11.22
N TRP A 778 -1.59 21.71 11.18
CA TRP A 778 -2.53 20.70 10.78
C TRP A 778 -2.18 19.39 11.45
N PRO A 779 -2.33 19.32 12.76
CA PRO A 779 -2.04 18.15 13.59
C PRO A 779 -2.83 17.01 13.03
N MET A 780 -2.58 15.80 13.51
CA MET A 780 -3.16 14.58 12.93
C MET A 780 -2.42 14.27 11.62
N VAL A 781 -2.52 15.14 10.62
CA VAL A 781 -1.75 14.98 9.39
C VAL A 781 -0.28 15.07 9.67
N GLU A 782 0.11 16.02 10.50
CA GLU A 782 1.51 16.15 10.83
C GLU A 782 2.05 14.88 11.43
N LYS A 783 1.31 14.26 12.35
CA LYS A 783 1.85 13.04 12.92
C LYS A 783 1.71 11.89 11.95
N LEU A 784 0.74 11.96 11.04
CA LEU A 784 0.61 10.91 10.05
C LEU A 784 1.85 10.84 9.19
N ILE A 785 2.31 11.99 8.75
CA ILE A 785 3.53 12.05 7.95
C ILE A 785 4.68 11.48 8.73
N LYS A 786 4.81 11.84 9.99
CA LYS A 786 5.89 11.30 10.80
C LYS A 786 5.78 9.79 10.95
N GLN A 787 4.58 9.28 11.12
CA GLN A 787 4.35 7.85 11.24
C GLN A 787 4.65 7.14 9.95
N CYS A 788 4.27 7.76 8.85
CA CYS A 788 4.49 7.19 7.55
C CYS A 788 5.95 7.12 7.19
N LEU A 789 6.65 8.23 7.30
CA LEU A 789 8.04 8.27 6.87
C LEU A 789 9.02 7.77 7.91
N LYS A 790 9.00 6.47 8.16
CA LYS A 790 9.94 5.84 9.07
C LYS A 790 11.00 5.15 8.26
N GLU A 791 12.17 4.97 8.85
CA GLU A 791 13.27 4.32 8.17
C GLU A 791 13.04 2.83 7.94
N ASN A 792 12.51 2.17 8.95
CA ASN A 792 12.27 0.73 8.92
C ASN A 792 10.96 0.36 8.23
N PRO A 793 11.00 -0.32 7.07
CA PRO A 793 9.88 -0.82 6.27
C PRO A 793 8.85 -1.57 7.07
N GLN A 794 9.26 -2.25 8.12
CA GLN A 794 8.31 -3.01 8.89
C GLN A 794 7.58 -2.15 9.90
N GLU A 795 8.10 -0.96 10.15
CA GLU A 795 7.48 -0.03 11.05
C GLU A 795 6.49 0.84 10.32
N ARG A 796 6.68 1.03 9.02
CA ARG A 796 5.78 1.87 8.27
C ARG A 796 4.39 1.23 8.12
N PRO A 797 3.31 2.02 8.22
CA PRO A 797 1.89 1.69 8.09
C PRO A 797 1.58 1.04 6.76
N THR A 798 0.57 0.18 6.73
CA THR A 798 0.17 -0.39 5.45
C THR A 798 -0.70 0.61 4.76
N SER A 799 -0.84 0.47 3.45
CA SER A 799 -1.64 1.42 2.70
C SER A 799 -3.11 1.37 3.05
N ALA A 800 -3.58 0.21 3.51
CA ALA A 800 -4.94 0.10 3.96
C ALA A 800 -5.14 0.97 5.19
N GLN A 801 -4.18 0.90 6.12
CA GLN A 801 -4.22 1.68 7.32
C GLN A 801 -4.13 3.15 7.05
N VAL A 802 -3.30 3.53 6.08
CA VAL A 802 -3.16 4.93 5.73
C VAL A 802 -4.49 5.49 5.32
N PHE A 803 -5.21 4.75 4.50
CA PHE A 803 -6.52 5.20 4.11
C PHE A 803 -7.44 5.34 5.29
N ASP A 804 -7.49 4.34 6.15
CA ASP A 804 -8.35 4.40 7.31
C ASP A 804 -8.10 5.63 8.14
N ILE A 805 -6.83 6.01 8.27
CA ILE A 805 -6.49 7.22 8.99
C ILE A 805 -7.01 8.44 8.29
N LEU A 806 -6.87 8.49 6.98
CA LEU A 806 -7.36 9.62 6.22
C LEU A 806 -8.88 9.72 6.27
N ASN A 807 -9.53 8.59 6.41
CA ASN A 807 -10.98 8.54 6.54
C ASN A 807 -11.43 9.00 7.92
N SER A 808 -11.45 10.32 8.13
CA SER A 808 -11.81 10.87 9.43
C SER A 808 -12.23 12.31 9.44
N ALA A 809 -13.38 12.58 10.01
CA ALA A 809 -13.84 13.95 10.13
C ALA A 809 -12.97 14.72 11.10
N GLU A 810 -12.50 14.03 12.14
CA GLU A 810 -11.64 14.63 13.14
C GLU A 810 -10.35 15.11 12.51
N LEU A 811 -9.85 14.32 11.58
CA LEU A 811 -8.65 14.66 10.83
C LEU A 811 -8.81 16.00 10.16
N VAL A 812 -9.95 16.19 9.53
CA VAL A 812 -10.23 17.40 8.83
C VAL A 812 -10.44 18.61 9.74
N CYS A 813 -11.24 18.43 10.78
CA CYS A 813 -11.63 19.57 11.61
C CYS A 813 -10.76 19.90 12.80
N LEU A 814 -9.90 19.01 13.23
CA LEU A 814 -9.00 19.42 14.30
C LEU A 814 -8.02 20.40 13.75
N THR A 815 -7.89 21.56 14.38
CA THR A 815 -6.99 22.54 13.82
C THR A 815 -5.76 22.71 14.65
N ARG A 816 -5.91 22.76 15.96
CA ARG A 816 -4.74 22.96 16.79
C ARG A 816 -4.81 22.22 18.10
N ARG A 817 -3.65 21.93 18.68
CA ARG A 817 -3.60 21.30 19.98
C ARG A 817 -2.43 21.83 20.75
N ILE A 818 -2.70 22.48 21.86
CA ILE A 818 -1.66 23.05 22.67
C ILE A 818 -1.55 22.37 24.01
N LEU A 819 -0.40 21.79 24.29
CA LEU A 819 -0.25 21.17 25.59
C LEU A 819 0.14 22.20 26.60
N LEU A 820 -0.39 22.08 27.81
CA LEU A 820 0.02 22.97 28.88
C LEU A 820 1.16 22.35 29.64
N PRO A 821 1.95 23.13 30.37
CA PRO A 821 3.06 22.71 31.19
C PRO A 821 2.58 21.71 32.23
N LYS A 822 3.42 20.77 32.58
CA LYS A 822 3.07 19.75 33.56
C LYS A 822 2.72 20.37 34.90
N ASN A 823 1.69 19.81 35.54
CA ASN A 823 1.19 20.29 36.81
C ASN A 823 0.54 21.65 36.69
N VAL A 824 -0.16 21.86 35.59
CA VAL A 824 -0.94 23.07 35.41
C VAL A 824 -2.38 22.67 35.22
N ILE A 825 -3.22 23.10 36.14
CA ILE A 825 -4.63 22.79 36.09
C ILE A 825 -5.42 24.05 36.00
N VAL A 826 -6.10 24.21 34.89
CA VAL A 826 -6.92 25.38 34.61
C VAL A 826 -8.38 25.08 34.83
N GLU A 827 -9.01 25.85 35.68
CA GLU A 827 -10.42 25.63 35.99
C GLU A 827 -11.38 26.59 35.30
N CYS A 828 -10.86 27.54 34.52
CA CYS A 828 -11.72 28.48 33.80
C CYS A 828 -10.99 29.18 32.67
N MET A 829 -11.75 29.64 31.67
CA MET A 829 -11.16 30.23 30.47
C MET A 829 -11.88 31.47 29.97
N VAL A 830 -11.13 32.49 29.57
CA VAL A 830 -11.74 33.65 28.92
C VAL A 830 -10.99 34.04 27.67
N ALA A 831 -11.57 33.78 26.52
CA ALA A 831 -10.93 34.17 25.28
C ALA A 831 -11.22 35.63 25.01
N THR A 832 -10.26 36.35 24.44
CA THR A 832 -10.51 37.75 24.14
C THR A 832 -11.12 37.91 22.77
N HIS A 833 -12.35 38.40 22.73
CA HIS A 833 -13.06 38.57 21.47
C HIS A 833 -12.58 39.81 20.75
N HIS A 834 -11.52 39.64 19.99
CA HIS A 834 -10.95 40.76 19.27
C HIS A 834 -10.09 40.20 18.11
N ALA A 839 -5.33 37.51 19.88
CA ALA A 839 -5.70 36.10 19.83
C ALA A 839 -5.08 35.35 21.00
N SER A 840 -5.65 35.54 22.17
CA SER A 840 -5.12 34.96 23.39
C SER A 840 -6.22 34.61 24.38
N ILE A 841 -5.86 33.77 25.34
CA ILE A 841 -6.80 33.27 26.33
C ILE A 841 -6.34 33.43 27.76
N TRP A 842 -7.19 33.98 28.60
CA TRP A 842 -6.88 34.08 30.01
C TRP A 842 -7.24 32.79 30.71
N LEU A 843 -6.33 32.26 31.48
CA LEU A 843 -6.58 30.98 32.12
C LEU A 843 -6.55 31.09 33.63
N GLY A 844 -7.44 30.38 34.30
CA GLY A 844 -7.39 30.36 35.75
C GLY A 844 -6.41 29.27 36.17
N CYS A 845 -6.37 28.96 37.46
CA CYS A 845 -5.48 27.90 37.89
C CYS A 845 -5.94 27.26 39.18
N GLY A 846 -6.44 26.04 39.09
CA GLY A 846 -6.90 25.31 40.25
C GLY A 846 -5.87 24.30 40.75
N HIS A 847 -4.69 24.25 40.11
CA HIS A 847 -3.63 23.37 40.57
C HIS A 847 -3.17 23.71 41.97
N THR A 848 -2.86 24.97 42.21
CA THR A 848 -2.40 25.36 43.53
C THR A 848 -3.59 25.83 44.32
N ASP A 849 -3.33 26.23 45.55
CA ASP A 849 -4.38 26.76 46.41
C ASP A 849 -4.22 28.27 46.52
N ARG A 850 -3.56 28.89 45.53
CA ARG A 850 -3.35 30.31 45.52
C ARG A 850 -3.90 30.94 44.25
N GLY A 851 -4.45 32.14 44.39
CA GLY A 851 -4.98 32.88 43.24
C GLY A 851 -3.92 33.12 42.17
N GLN A 852 -3.77 32.17 41.25
CA GLN A 852 -2.80 32.30 40.18
C GLN A 852 -3.46 32.42 38.83
N LEU A 853 -3.08 33.46 38.09
CA LEU A 853 -3.67 33.76 36.79
C LEU A 853 -2.67 33.53 35.66
N SER A 854 -3.05 32.70 34.70
CA SER A 854 -2.15 32.36 33.60
C SER A 854 -2.61 32.98 32.30
N PHE A 855 -1.73 32.95 31.31
CA PHE A 855 -2.07 33.56 30.04
C PHE A 855 -1.43 32.86 28.85
N LEU A 856 -2.28 32.51 27.89
CA LEU A 856 -1.87 31.78 26.69
C LEU A 856 -1.96 32.61 25.42
N ASP A 857 -0.86 32.69 24.68
CA ASP A 857 -0.81 33.40 23.41
C ASP A 857 -0.97 32.45 22.25
N LEU A 858 -2.12 32.44 21.60
CA LEU A 858 -2.36 31.49 20.52
C LEU A 858 -1.50 31.77 19.29
N ASN A 859 -0.99 32.99 19.16
CA ASN A 859 -0.17 33.32 18.01
C ASN A 859 1.21 32.68 18.06
N THR A 860 1.70 32.42 19.26
CA THR A 860 3.03 31.86 19.41
C THR A 860 3.04 30.66 20.32
N GLU A 861 1.87 30.29 20.86
CA GLU A 861 1.75 29.28 21.90
C GLU A 861 2.62 29.67 23.07
N GLY A 862 2.60 30.96 23.39
CA GLY A 862 3.38 31.49 24.49
C GLY A 862 2.63 31.27 25.78
N TYR A 863 3.35 31.18 26.88
CA TYR A 863 2.67 30.92 28.13
C TYR A 863 3.35 31.55 29.31
N THR A 864 2.57 32.27 30.09
CA THR A 864 3.08 32.87 31.30
C THR A 864 2.09 32.70 32.40
N SER A 865 2.45 33.18 33.58
CA SER A 865 1.59 33.02 34.74
C SER A 865 2.08 33.79 35.95
N GLU A 866 1.16 34.36 36.71
CA GLU A 866 1.55 35.10 37.91
C GLU A 866 0.50 35.00 38.98
N GLU A 867 0.91 35.12 40.23
CA GLU A 867 -0.03 35.07 41.33
C GLU A 867 -0.64 36.45 41.48
N VAL A 868 -1.97 36.50 41.49
CA VAL A 868 -2.67 37.78 41.56
C VAL A 868 -3.59 37.90 42.76
N ALA A 869 -3.87 36.79 43.44
CA ALA A 869 -4.77 36.86 44.57
C ALA A 869 -4.44 35.80 45.59
N ASP A 870 -5.08 35.91 46.75
CA ASP A 870 -4.84 34.96 47.81
C ASP A 870 -5.53 33.64 47.58
N SER A 871 -6.85 33.63 47.64
CA SER A 871 -7.61 32.41 47.46
C SER A 871 -7.70 32.00 45.99
N ARG A 872 -8.17 30.79 45.74
CA ARG A 872 -8.22 30.25 44.39
C ARG A 872 -9.21 30.95 43.48
N ILE A 873 -8.78 31.26 42.27
CA ILE A 873 -9.65 31.91 41.29
C ILE A 873 -10.67 30.94 40.80
N LEU A 874 -11.93 31.30 40.89
CA LEU A 874 -12.97 30.41 40.48
C LEU A 874 -13.57 30.81 39.14
N CYS A 875 -13.81 32.10 38.94
CA CYS A 875 -14.41 32.55 37.68
C CYS A 875 -13.78 33.77 37.09
N LEU A 876 -13.63 33.78 35.78
CA LEU A 876 -13.12 34.94 35.10
C LEU A 876 -14.17 35.52 34.19
N ALA A 877 -14.15 36.83 34.01
CA ALA A 877 -15.08 37.46 33.07
C ALA A 877 -14.44 38.66 32.39
N LEU A 878 -14.77 38.87 31.13
CA LEU A 878 -14.22 40.00 30.39
C LEU A 878 -15.17 41.17 30.33
N VAL A 879 -14.74 42.29 30.87
CA VAL A 879 -15.51 43.52 30.77
C VAL A 879 -14.97 44.32 29.63
N HIS A 880 -15.79 44.55 28.64
CA HIS A 880 -15.35 45.26 27.46
C HIS A 880 -16.05 46.58 27.35
N LEU A 881 -15.27 47.65 27.38
CA LEU A 881 -15.82 49.00 27.28
C LEU A 881 -15.25 49.73 26.08
N PRO A 882 -15.64 49.34 24.85
CA PRO A 882 -15.20 49.89 23.57
C PRO A 882 -15.48 51.37 23.47
N VAL A 883 -16.47 51.83 24.23
CA VAL A 883 -16.84 53.23 24.31
C VAL A 883 -15.76 54.01 25.03
N GLU A 884 -15.21 53.40 26.07
CA GLU A 884 -14.18 54.02 26.86
C GLU A 884 -12.80 53.59 26.38
N LYS A 885 -12.76 52.66 25.42
CA LYS A 885 -11.53 52.17 24.81
C LYS A 885 -10.69 51.38 25.78
N GLU A 886 -11.36 50.56 26.60
CA GLU A 886 -10.64 49.78 27.60
C GLU A 886 -11.38 48.50 27.94
N SER A 887 -10.66 47.56 28.55
CA SER A 887 -11.27 46.32 28.98
C SER A 887 -10.56 45.76 30.20
N TRP A 888 -11.31 44.99 31.00
CA TRP A 888 -10.81 44.48 32.27
C TRP A 888 -11.14 43.01 32.47
N ILE A 889 -10.28 42.32 33.20
CA ILE A 889 -10.56 40.94 33.58
C ILE A 889 -11.05 40.91 34.99
N VAL A 890 -12.23 40.36 35.19
CA VAL A 890 -12.78 40.26 36.52
C VAL A 890 -12.57 38.88 37.05
N SER A 891 -11.87 38.79 38.16
CA SER A 891 -11.58 37.52 38.76
C SER A 891 -12.34 37.28 40.04
N GLY A 892 -13.29 36.37 39.99
CA GLY A 892 -14.05 36.00 41.17
C GLY A 892 -13.30 34.87 41.84
N THR A 893 -13.21 34.91 43.17
CA THR A 893 -12.47 33.87 43.86
C THR A 893 -13.17 33.31 45.09
N GLN A 894 -12.51 32.34 45.73
CA GLN A 894 -13.07 31.67 46.91
C GLN A 894 -13.33 32.61 48.07
N SER A 895 -12.49 33.61 48.24
CA SER A 895 -12.67 34.58 49.30
C SER A 895 -13.91 35.44 49.12
N GLY A 896 -14.47 35.46 47.92
CA GLY A 896 -15.63 36.30 47.66
C GLY A 896 -15.22 37.63 47.08
N THR A 897 -13.91 37.87 46.93
CA THR A 897 -13.51 39.14 46.35
C THR A 897 -13.53 39.11 44.83
N LEU A 898 -13.54 40.30 44.27
CA LEU A 898 -13.53 40.51 42.82
C LEU A 898 -12.32 41.32 42.42
N LEU A 899 -11.31 40.66 41.88
CA LEU A 899 -10.12 41.37 41.45
C LEU A 899 -10.27 41.77 40.01
N VAL A 900 -10.19 43.06 39.74
CA VAL A 900 -10.41 43.55 38.40
C VAL A 900 -9.11 44.13 37.83
N ILE A 901 -8.65 43.56 36.71
CA ILE A 901 -7.36 43.96 36.14
C ILE A 901 -7.46 44.46 34.70
N ASN A 902 -6.87 45.63 34.44
CA ASN A 902 -6.96 46.19 33.10
C ASN A 902 -6.15 45.38 32.12
N THR A 903 -6.77 44.95 31.02
CA THR A 903 -6.08 44.15 30.01
C THR A 903 -4.99 44.92 29.29
N GLU A 904 -5.08 46.24 29.30
CA GLU A 904 -4.10 47.09 28.64
C GLU A 904 -2.99 47.53 29.60
N ASP A 905 -3.15 47.25 30.89
CA ASP A 905 -2.17 47.66 31.87
C ASP A 905 -2.20 46.81 33.10
N GLY A 906 -1.24 45.89 33.20
CA GLY A 906 -1.13 44.97 34.32
C GLY A 906 -1.03 45.67 35.68
N LYS A 907 -0.56 46.91 35.71
CA LYS A 907 -0.43 47.65 36.96
C LYS A 907 -1.79 48.10 37.49
N LYS A 908 -2.78 48.21 36.61
CA LYS A 908 -4.10 48.66 37.03
C LYS A 908 -4.90 47.51 37.59
N ARG A 909 -4.68 47.24 38.87
CA ARG A 909 -5.39 46.19 39.56
C ARG A 909 -6.21 46.80 40.69
N HIS A 910 -7.46 46.40 40.84
CA HIS A 910 -8.24 46.90 41.96
C HIS A 910 -9.30 45.90 42.39
N THR A 911 -9.85 46.08 43.58
CA THR A 911 -10.82 45.14 44.08
C THR A 911 -12.16 45.81 44.35
N LEU A 912 -13.23 45.14 43.95
CA LEU A 912 -14.60 45.65 44.15
C LEU A 912 -15.13 45.22 45.50
N GLU A 913 -16.31 45.71 45.87
CA GLU A 913 -16.91 45.34 47.14
C GLU A 913 -16.92 43.83 47.32
N LYS A 914 -16.36 43.37 48.42
CA LYS A 914 -16.27 41.95 48.73
C LYS A 914 -17.64 41.33 48.94
N MET A 915 -17.84 40.15 48.38
CA MET A 915 -19.09 39.43 48.51
C MET A 915 -19.14 38.71 49.85
N THR A 916 -20.34 38.37 50.28
CA THR A 916 -20.53 37.70 51.57
C THR A 916 -20.20 36.20 51.52
N ASP A 917 -19.98 35.68 50.33
CA ASP A 917 -19.59 34.30 50.16
C ASP A 917 -18.79 34.20 48.88
N SER A 918 -18.30 33.02 48.54
CA SER A 918 -17.46 32.86 47.37
C SER A 918 -18.20 33.11 46.09
N VAL A 919 -17.45 33.43 45.04
CA VAL A 919 -18.05 33.68 43.76
C VAL A 919 -18.12 32.40 42.98
N THR A 920 -19.30 32.03 42.54
CA THR A 920 -19.50 30.79 41.82
C THR A 920 -19.65 30.98 40.33
N CYS A 921 -20.10 32.14 39.89
CA CYS A 921 -20.15 32.37 38.45
C CYS A 921 -20.25 33.84 38.10
N LEU A 922 -19.77 34.18 36.93
CA LEU A 922 -19.81 35.56 36.46
C LEU A 922 -20.43 35.63 35.09
N TYR A 923 -21.05 36.75 34.79
CA TYR A 923 -21.61 36.95 33.47
C TYR A 923 -21.69 38.41 33.12
N CYS A 924 -21.29 38.75 31.91
CA CYS A 924 -21.34 40.15 31.54
C CYS A 924 -21.45 40.35 30.04
N ASN A 935 -24.56 47.01 29.96
CA ASN A 935 -24.07 45.71 30.34
C ASN A 935 -23.99 45.67 31.82
N PHE A 936 -24.19 44.51 32.39
CA PHE A 936 -24.09 44.44 33.82
C PHE A 936 -23.22 43.29 34.20
N LEU A 937 -22.43 43.50 35.23
CA LEU A 937 -21.60 42.42 35.70
C LEU A 937 -22.39 41.68 36.72
N LEU A 938 -22.71 40.45 36.41
CA LEU A 938 -23.51 39.69 37.31
C LEU A 938 -22.62 38.78 38.09
N VAL A 939 -22.83 38.76 39.39
CA VAL A 939 -22.01 37.94 40.24
C VAL A 939 -22.87 36.97 40.97
N GLY A 940 -22.70 35.70 40.66
CA GLY A 940 -23.47 34.69 41.35
C GLY A 940 -22.60 34.13 42.44
N THR A 941 -23.09 34.19 43.67
CA THR A 941 -22.33 33.70 44.80
C THR A 941 -22.90 32.41 45.39
N ALA A 942 -22.09 31.79 46.24
CA ALA A 942 -22.40 30.50 46.84
C ALA A 942 -23.59 30.51 47.77
N ASP A 943 -23.97 31.67 48.27
CA ASP A 943 -25.13 31.75 49.14
C ASP A 943 -26.43 32.01 48.38
N GLY A 944 -26.42 31.86 47.06
CA GLY A 944 -27.63 32.04 46.27
C GLY A 944 -27.93 33.50 45.98
N LYS A 945 -26.99 34.38 46.29
CA LYS A 945 -27.15 35.80 46.09
C LYS A 945 -26.64 36.26 44.73
N LEU A 946 -27.40 37.13 44.07
CA LEU A 946 -27.02 37.66 42.77
C LEU A 946 -26.76 39.15 42.82
N ALA A 947 -25.52 39.55 42.60
CA ALA A 947 -25.21 40.98 42.61
C ALA A 947 -25.17 41.49 41.20
N ILE A 948 -25.76 42.65 40.98
CA ILE A 948 -25.77 43.29 39.68
C ILE A 948 -25.01 44.58 39.70
N PHE A 949 -23.92 44.65 38.95
CA PHE A 949 -23.11 45.87 38.89
C PHE A 949 -23.32 46.63 37.60
N GLU A 950 -23.40 47.95 37.71
CA GLU A 950 -23.55 48.81 36.54
C GLU A 950 -22.32 48.70 35.63
N ASP A 951 -22.58 48.78 34.34
CA ASP A 951 -21.61 48.60 33.26
C ASP A 951 -20.24 49.27 33.48
N LYS A 952 -20.22 50.60 33.60
CA LYS A 952 -18.94 51.27 33.74
C LYS A 952 -18.44 51.35 35.18
N THR A 953 -19.37 51.43 36.15
CA THR A 953 -19.06 51.49 37.58
C THR A 953 -17.94 50.58 38.07
N VAL A 954 -17.84 49.36 37.52
CA VAL A 954 -16.85 48.37 37.96
C VAL A 954 -15.39 48.82 37.84
N LYS A 955 -15.15 49.89 37.07
CA LYS A 955 -13.84 50.49 36.93
C LYS A 955 -13.30 51.04 38.25
N LEU A 956 -14.19 51.45 39.15
CA LEU A 956 -13.76 52.05 40.40
C LEU A 956 -13.50 51.03 41.50
N LYS A 957 -12.46 51.28 42.28
CA LYS A 957 -12.10 50.40 43.39
C LYS A 957 -13.08 50.49 44.54
N GLY A 958 -13.54 49.34 45.01
CA GLY A 958 -14.47 49.30 46.12
C GLY A 958 -15.89 49.61 45.68
N ALA A 959 -16.15 49.62 44.38
CA ALA A 959 -17.48 49.95 43.92
C ALA A 959 -18.52 48.93 44.35
N ALA A 960 -19.68 49.45 44.69
CA ALA A 960 -20.84 48.67 45.09
C ALA A 960 -21.69 48.38 43.86
N PRO A 961 -22.48 47.31 43.87
CA PRO A 961 -23.39 46.88 42.82
C PRO A 961 -24.61 47.76 42.75
N LEU A 962 -25.24 47.77 41.59
CA LEU A 962 -26.48 48.47 41.36
C LEU A 962 -27.55 47.96 42.28
N LYS A 963 -27.69 46.64 42.32
CA LYS A 963 -28.68 46.03 43.19
C LYS A 963 -28.32 44.57 43.46
N ILE A 964 -28.88 44.03 44.53
CA ILE A 964 -28.61 42.66 44.94
C ILE A 964 -29.87 41.86 45.17
N LEU A 965 -29.93 40.67 44.59
CA LEU A 965 -31.09 39.81 44.72
C LEU A 965 -30.81 38.53 45.51
N ASN A 966 -31.80 38.08 46.26
CA ASN A 966 -31.68 36.83 46.99
C ASN A 966 -32.50 35.78 46.27
N ILE A 967 -31.82 34.86 45.60
CA ILE A 967 -32.52 33.85 44.83
C ILE A 967 -32.59 32.57 45.60
N GLY A 968 -31.43 32.08 46.01
CA GLY A 968 -31.33 30.82 46.74
C GLY A 968 -31.07 31.05 48.21
N ASN A 969 -30.19 30.23 48.76
CA ASN A 969 -29.84 30.34 50.16
C ASN A 969 -28.47 29.77 50.41
N VAL A 970 -28.04 29.79 51.65
CA VAL A 970 -26.72 29.31 52.03
C VAL A 970 -26.33 27.92 51.50
N SER A 971 -27.32 27.05 51.27
CA SER A 971 -27.06 25.72 50.77
C SER A 971 -27.39 25.55 49.29
N THR A 972 -27.90 26.61 48.64
CA THR A 972 -28.31 26.57 47.24
C THR A 972 -27.66 27.70 46.44
N PRO A 973 -26.39 27.53 46.05
CA PRO A 973 -25.54 28.46 45.32
C PRO A 973 -26.01 28.69 43.91
N LEU A 974 -25.69 29.86 43.35
CA LEU A 974 -26.02 30.09 41.96
C LEU A 974 -24.94 29.45 41.14
N MET A 975 -25.27 28.81 40.05
CA MET A 975 -24.19 28.21 39.29
C MET A 975 -24.24 28.45 37.81
N CYS A 976 -25.17 29.26 37.34
CA CYS A 976 -25.21 29.46 35.91
C CYS A 976 -26.11 30.59 35.50
N LEU A 977 -25.55 31.53 34.77
CA LEU A 977 -26.31 32.65 34.21
C LEU A 977 -26.22 32.62 32.70
N SER A 978 -27.28 32.15 32.07
CA SER A 978 -27.29 32.04 30.63
C SER A 978 -28.24 33.00 29.99
N GLU A 979 -27.98 33.29 28.74
CA GLU A 979 -28.81 34.23 28.03
C GLU A 979 -28.60 34.07 26.56
N SER A 980 -29.64 33.65 25.88
CA SER A 980 -29.58 33.50 24.45
C SER A 980 -30.92 33.79 23.89
N ASN A 987 -34.10 39.48 25.91
CA ASN A 987 -32.96 39.82 26.76
C ASN A 987 -33.20 39.21 28.14
N VAL A 988 -33.94 38.11 28.15
CA VAL A 988 -34.34 37.45 29.37
C VAL A 988 -33.30 36.47 29.87
N MET A 989 -32.96 36.58 31.15
CA MET A 989 -31.96 35.71 31.73
C MET A 989 -32.58 34.42 32.17
N TRP A 990 -31.78 33.38 32.17
CA TRP A 990 -32.18 32.08 32.69
C TRP A 990 -31.06 31.54 33.53
N GLY A 991 -31.36 30.74 34.52
CA GLY A 991 -30.23 30.22 35.25
C GLY A 991 -30.56 29.19 36.28
N GLY A 992 -29.51 28.63 36.86
CA GLY A 992 -29.69 27.56 37.82
C GLY A 992 -29.36 27.96 39.23
N CYS A 993 -30.25 27.58 40.14
CA CYS A 993 -30.06 27.74 41.56
C CYS A 993 -30.50 26.50 42.27
N GLY A 994 -29.55 25.68 42.69
CA GLY A 994 -29.94 24.45 43.32
C GLY A 994 -30.68 23.63 42.29
N THR A 995 -31.93 23.33 42.57
CA THR A 995 -32.72 22.53 41.65
C THR A 995 -33.79 23.35 40.95
N LYS A 996 -33.72 24.67 41.06
CA LYS A 996 -34.72 25.52 40.44
C LYS A 996 -34.18 26.32 39.27
N ILE A 997 -35.02 26.57 38.29
CA ILE A 997 -34.63 27.41 37.18
C ILE A 997 -35.30 28.75 37.31
N PHE A 998 -34.50 29.79 37.34
CA PHE A 998 -35.04 31.13 37.48
C PHE A 998 -34.95 31.88 36.19
N SER A 999 -35.58 33.03 36.14
CA SER A 999 -35.53 33.85 34.95
C SER A 999 -35.68 35.32 35.28
N PHE A 1000 -34.98 36.18 34.53
CA PHE A 1000 -35.06 37.61 34.82
C PHE A 1000 -35.38 38.54 33.70
N SER A 1001 -36.12 39.58 34.06
CA SER A 1001 -36.47 40.67 33.17
C SER A 1001 -35.32 41.65 33.13
N ASN A 1002 -35.43 42.67 32.29
CA ASN A 1002 -34.39 43.70 32.27
C ASN A 1002 -34.41 44.60 33.50
N ASP A 1003 -35.43 44.44 34.36
CA ASP A 1003 -35.53 45.18 35.59
C ASP A 1003 -35.01 44.32 36.74
N PHE A 1004 -34.47 43.14 36.39
CA PHE A 1004 -33.93 42.20 37.34
C PHE A 1004 -34.99 41.65 38.26
N THR A 1005 -36.22 41.51 37.76
CA THR A 1005 -37.27 40.93 38.56
C THR A 1005 -37.44 39.47 38.20
N ILE A 1006 -37.86 38.67 39.17
CA ILE A 1006 -38.02 37.24 38.91
C ILE A 1006 -39.28 36.98 38.13
N GLN A 1007 -39.12 36.32 36.99
CA GLN A 1007 -40.24 36.06 36.12
C GLN A 1007 -40.83 34.67 36.26
N LYS A 1008 -40.19 33.80 37.03
CA LYS A 1008 -40.66 32.44 37.28
C LYS A 1008 -39.61 31.56 37.91
N LEU A 1009 -40.01 30.82 38.93
CA LEU A 1009 -39.13 29.87 39.60
C LEU A 1009 -39.63 28.48 39.34
N ILE A 1010 -38.99 27.79 38.42
CA ILE A 1010 -39.44 26.50 37.98
C ILE A 1010 -38.77 25.39 38.76
N GLU A 1011 -39.50 24.75 39.65
CA GLU A 1011 -38.92 23.63 40.35
C GLU A 1011 -38.72 22.50 39.39
N THR A 1012 -37.49 22.01 39.25
CA THR A 1012 -37.27 20.93 38.31
C THR A 1012 -37.23 19.59 38.98
N ARG A 1013 -37.16 19.56 40.32
CA ARG A 1013 -37.09 18.30 41.05
C ARG A 1013 -38.20 17.33 40.68
N THR A 1014 -39.37 17.85 40.29
CA THR A 1014 -40.52 17.04 39.93
C THR A 1014 -40.25 16.11 38.76
N SER A 1015 -39.17 16.35 38.01
CA SER A 1015 -38.79 15.50 36.91
C SER A 1015 -38.44 14.10 37.34
N GLN A 1016 -38.24 13.88 38.66
CA GLN A 1016 -37.92 12.56 39.21
C GLN A 1016 -38.99 11.53 38.95
N LEU A 1017 -40.18 11.94 38.49
CA LEU A 1017 -41.21 10.99 38.09
C LEU A 1017 -40.72 10.19 36.89
N PHE A 1018 -39.77 10.76 36.15
CA PHE A 1018 -39.12 10.16 35.02
C PHE A 1018 -37.65 9.99 35.39
N SER A 1019 -36.94 9.15 34.67
CA SER A 1019 -35.53 8.96 34.97
C SER A 1019 -35.28 8.42 36.39
N TYR A 1020 -34.41 9.09 37.15
CA TYR A 1020 -34.01 8.65 38.48
C TYR A 1020 -33.80 9.81 39.43
N ALA A 1021 -34.40 9.71 40.61
CA ALA A 1021 -34.38 10.78 41.60
C ALA A 1021 -33.00 11.30 42.00
N ALA A 1022 -31.96 10.47 42.02
CA ALA A 1022 -30.66 11.02 42.42
C ALA A 1022 -30.03 11.82 41.28
N PHE A 1023 -30.55 11.68 40.08
CA PHE A 1023 -30.07 12.46 38.97
C PHE A 1023 -30.90 13.72 38.92
N SER A 1024 -32.20 13.55 39.13
CA SER A 1024 -33.14 14.64 39.14
C SER A 1024 -32.86 15.61 40.25
N ASP A 1025 -32.78 15.11 41.46
CA ASP A 1025 -32.58 15.97 42.61
C ASP A 1025 -31.10 16.26 42.81
N SER A 1026 -30.54 17.11 41.97
CA SER A 1026 -29.12 17.46 42.04
C SER A 1026 -28.89 18.85 41.48
N ASN A 1027 -27.91 19.55 42.02
CA ASN A 1027 -27.65 20.93 41.61
C ASN A 1027 -27.44 21.10 40.11
N ILE A 1028 -28.03 22.15 39.57
CA ILE A 1028 -27.88 22.45 38.16
C ILE A 1028 -26.52 23.00 37.86
N ILE A 1029 -25.87 22.43 36.85
CA ILE A 1029 -24.57 22.87 36.40
C ILE A 1029 -24.69 23.89 35.31
N THR A 1030 -25.48 23.60 34.29
CA THR A 1030 -25.59 24.55 33.21
C THR A 1030 -26.94 24.56 32.53
N VAL A 1031 -27.29 25.74 32.01
CA VAL A 1031 -28.54 25.98 31.33
C VAL A 1031 -28.32 26.47 29.93
N VAL A 1032 -28.84 25.78 28.95
CA VAL A 1032 -28.70 26.26 27.58
C VAL A 1032 -30.04 26.72 27.07
N VAL A 1033 -30.08 27.94 26.56
CA VAL A 1033 -31.35 28.55 26.20
C VAL A 1033 -31.57 28.63 24.70
N ASP A 1034 -32.45 27.81 24.16
CA ASP A 1034 -32.74 27.88 22.74
C ASP A 1034 -34.25 28.05 22.54
N THR A 1035 -34.88 27.05 21.93
CA THR A 1035 -36.32 26.97 21.79
C THR A 1035 -36.87 26.07 22.90
N ALA A 1036 -35.96 25.59 23.73
CA ALA A 1036 -36.24 24.78 24.89
C ALA A 1036 -35.04 24.92 25.81
N LEU A 1037 -35.19 24.56 27.07
CA LEU A 1037 -34.06 24.70 27.96
C LEU A 1037 -33.38 23.35 28.09
N TYR A 1038 -32.06 23.36 28.07
CA TYR A 1038 -31.34 22.12 28.24
C TYR A 1038 -30.59 22.17 29.53
N ILE A 1039 -30.95 21.27 30.44
CA ILE A 1039 -30.39 21.30 31.78
C ILE A 1039 -29.48 20.16 32.09
N ALA A 1040 -28.27 20.48 32.53
CA ALA A 1040 -27.39 19.44 32.99
C ALA A 1040 -27.16 19.64 34.46
N LYS A 1041 -27.32 18.57 35.23
CA LYS A 1041 -27.16 18.60 36.68
C LYS A 1041 -25.93 17.88 37.13
N GLN A 1042 -25.49 18.18 38.34
CA GLN A 1042 -24.23 17.68 38.81
C GLN A 1042 -24.29 16.19 38.95
N ASN A 1043 -23.36 15.54 38.28
CA ASN A 1043 -23.23 14.09 38.23
C ASN A 1043 -24.37 13.38 37.51
N SER A 1044 -25.16 14.11 36.75
CA SER A 1044 -26.22 13.47 35.99
C SER A 1044 -25.64 12.99 34.69
N PRO A 1045 -26.11 11.86 34.19
CA PRO A 1045 -25.83 11.30 32.89
C PRO A 1045 -26.95 11.64 31.94
N VAL A 1046 -27.94 12.37 32.43
CA VAL A 1046 -29.08 12.74 31.65
C VAL A 1046 -29.31 14.22 31.59
N VAL A 1047 -29.55 14.71 30.36
CA VAL A 1047 -29.86 16.10 30.13
C VAL A 1047 -31.36 16.26 30.01
N GLU A 1048 -31.92 17.21 30.74
CA GLU A 1048 -33.35 17.40 30.70
C GLU A 1048 -33.74 18.46 29.71
N VAL A 1049 -34.85 18.26 29.02
CA VAL A 1049 -35.32 19.25 28.08
C VAL A 1049 -36.59 19.84 28.59
N TRP A 1050 -36.63 21.15 28.78
CA TRP A 1050 -37.83 21.76 29.31
C TRP A 1050 -38.50 22.73 28.37
N ASP A 1051 -39.83 22.71 28.36
CA ASP A 1051 -40.58 23.67 27.59
C ASP A 1051 -40.83 24.89 28.41
N LYS A 1052 -40.03 25.91 28.17
CA LYS A 1052 -40.13 27.18 28.88
C LYS A 1052 -41.47 27.88 28.72
N LYS A 1053 -42.24 27.53 27.70
CA LYS A 1053 -43.53 28.16 27.46
C LYS A 1053 -44.63 27.59 28.32
N THR A 1054 -44.46 26.35 28.78
CA THR A 1054 -45.48 25.72 29.61
C THR A 1054 -44.90 25.18 30.90
N GLU A 1055 -43.58 25.25 31.04
CA GLU A 1055 -42.87 24.79 32.21
C GLU A 1055 -43.05 23.29 32.40
N LYS A 1056 -42.84 22.53 31.34
CA LYS A 1056 -43.02 21.08 31.42
C LYS A 1056 -41.83 20.30 30.90
N LEU A 1057 -41.62 19.11 31.45
CA LEU A 1057 -40.54 18.26 30.98
C LEU A 1057 -40.91 17.69 29.63
N CYS A 1058 -40.08 17.94 28.63
CA CYS A 1058 -40.37 17.51 27.27
C CYS A 1058 -39.44 16.48 26.69
N GLY A 1059 -38.63 15.84 27.53
CA GLY A 1059 -37.74 14.82 27.00
C GLY A 1059 -36.47 14.71 27.78
N LEU A 1060 -35.85 13.56 27.67
CA LEU A 1060 -34.61 13.28 28.34
C LEU A 1060 -33.56 12.80 27.36
N ILE A 1061 -32.32 13.16 27.59
CA ILE A 1061 -31.24 12.71 26.74
C ILE A 1061 -30.30 11.82 27.53
N ASP A 1062 -30.27 10.55 27.18
CA ASP A 1062 -29.45 9.59 27.90
C ASP A 1062 -28.06 9.41 27.29
N CYS A 1063 -27.06 10.05 27.89
CA CYS A 1063 -25.69 10.00 27.38
C CYS A 1063 -25.08 8.61 27.49
N VAL A 1064 -25.47 7.87 28.52
CA VAL A 1064 -24.95 6.53 28.70
C VAL A 1064 -25.36 5.68 27.55
N HIS A 1065 -26.62 5.79 27.15
CA HIS A 1065 -27.15 5.04 26.03
C HIS A 1065 -26.33 5.22 24.78
N PHE A 1066 -25.96 6.44 24.47
CA PHE A 1066 -25.19 6.66 23.26
C PHE A 1066 -23.84 5.96 23.34
N LEU A 1067 -23.21 6.00 24.49
CA LEU A 1067 -21.92 5.34 24.61
C LEU A 1067 -22.07 3.87 24.94
N ARG A 1068 -23.28 3.45 25.27
CA ARG A 1068 -23.62 2.05 25.44
C ARG A 1068 -23.62 1.39 24.08
N GLU A 1069 -24.09 2.13 23.08
CA GLU A 1069 -24.09 1.64 21.71
C GLU A 1069 -22.65 1.50 21.21
N VAL A 1070 -21.79 2.41 21.64
CA VAL A 1070 -20.38 2.34 21.33
C VAL A 1070 -19.71 1.22 22.12
N MET A 1071 -18.95 0.37 21.46
CA MET A 1071 -18.29 -0.71 22.16
C MET A 1071 -17.14 -0.19 23.01
N MET A 1082 -13.41 2.16 34.00
CA MET A 1082 -14.54 3.04 34.23
C MET A 1082 -14.43 4.38 33.52
N SER A 1083 -13.73 4.43 32.36
CA SER A 1083 -13.65 5.68 31.62
C SER A 1083 -15.02 6.10 31.08
N TYR A 1084 -15.92 5.14 30.91
CA TYR A 1084 -17.29 5.40 30.47
C TYR A 1084 -18.20 5.70 31.62
N SER A 1085 -17.97 6.85 32.27
CA SER A 1085 -18.78 7.24 33.40
C SER A 1085 -20.11 7.77 32.94
N GLY A 1086 -20.12 8.39 31.77
CA GLY A 1086 -21.34 8.94 31.23
C GLY A 1086 -21.74 10.26 31.91
N ARG A 1087 -20.87 10.80 32.75
CA ARG A 1087 -21.24 12.03 33.44
C ARG A 1087 -21.21 13.20 32.52
N VAL A 1088 -22.24 14.03 32.56
CA VAL A 1088 -22.26 15.19 31.69
C VAL A 1088 -21.44 16.31 32.27
N LYS A 1089 -20.52 16.84 31.49
CA LYS A 1089 -19.70 17.94 31.97
C LYS A 1089 -20.20 19.28 31.50
N THR A 1090 -20.15 19.55 30.21
CA THR A 1090 -20.63 20.83 29.73
C THR A 1090 -21.50 20.72 28.50
N LEU A 1091 -22.37 21.70 28.32
CA LEU A 1091 -23.22 21.78 27.15
C LEU A 1091 -22.93 23.02 26.34
N CYS A 1092 -22.68 22.87 25.05
CA CYS A 1092 -22.57 24.03 24.19
C CYS A 1092 -23.55 23.90 23.07
N LEU A 1093 -24.06 25.01 22.59
CA LEU A 1093 -25.06 24.94 21.55
C LEU A 1093 -24.78 25.83 20.40
N GLN A 1094 -24.90 25.25 19.21
CA GLN A 1094 -24.69 25.95 17.99
C GLN A 1094 -26.03 26.15 17.30
N LYS A 1095 -26.24 27.31 16.71
CA LYS A 1095 -27.55 27.63 16.13
C LYS A 1095 -27.85 26.91 14.81
N ASN A 1096 -26.94 26.04 14.36
CA ASN A 1096 -27.19 25.23 13.19
C ASN A 1096 -27.72 23.87 13.59
N THR A 1097 -28.30 23.77 14.80
CA THR A 1097 -28.85 22.55 15.40
C THR A 1097 -27.79 21.65 16.05
N ALA A 1098 -26.51 21.93 15.91
CA ALA A 1098 -25.57 21.04 16.57
C ALA A 1098 -25.55 21.29 18.08
N LEU A 1099 -25.59 20.21 18.85
CA LEU A 1099 -25.50 20.32 20.30
C LEU A 1099 -24.26 19.56 20.73
N TRP A 1100 -23.36 20.24 21.44
CA TRP A 1100 -22.09 19.65 21.84
C TRP A 1100 -22.13 19.24 23.29
N ILE A 1101 -21.97 17.94 23.57
CA ILE A 1101 -22.00 17.50 24.96
C ILE A 1101 -20.71 16.85 25.41
N GLY A 1102 -20.03 17.48 26.34
CA GLY A 1102 -18.79 16.91 26.84
C GLY A 1102 -19.12 15.94 27.96
N THR A 1103 -18.18 15.10 28.33
CA THR A 1103 -18.47 14.16 29.39
C THR A 1103 -17.30 13.85 30.28
N GLY A 1104 -17.52 12.93 31.19
CA GLY A 1104 -16.51 12.53 32.16
C GLY A 1104 -15.27 11.97 31.50
N GLY A 1105 -15.46 11.07 30.55
CA GLY A 1105 -14.33 10.50 29.82
C GLY A 1105 -14.01 11.39 28.64
N GLY A 1106 -13.02 11.01 27.85
CA GLY A 1106 -12.63 11.82 26.69
C GLY A 1106 -13.55 11.63 25.49
N HIS A 1107 -14.82 12.04 25.65
CA HIS A 1107 -15.79 11.92 24.58
C HIS A 1107 -16.59 13.20 24.42
N ILE A 1108 -16.91 13.53 23.20
CA ILE A 1108 -17.82 14.62 22.93
C ILE A 1108 -18.93 14.12 22.06
N LEU A 1109 -20.16 14.30 22.48
CA LEU A 1109 -21.25 13.82 21.68
C LEU A 1109 -21.78 14.94 20.81
N LEU A 1110 -22.03 14.65 19.55
CA LEU A 1110 -22.62 15.64 18.69
C LEU A 1110 -24.05 15.24 18.45
N LEU A 1111 -24.99 16.04 18.95
CA LEU A 1111 -26.38 15.71 18.73
C LEU A 1111 -27.05 16.69 17.80
N ASP A 1112 -28.08 16.21 17.14
CA ASP A 1112 -28.91 16.97 16.25
C ASP A 1112 -30.12 17.51 16.97
N LEU A 1113 -30.16 18.81 17.22
CA LEU A 1113 -31.26 19.42 17.94
C LEU A 1113 -32.60 19.29 17.24
N SER A 1114 -32.61 19.16 15.93
CA SER A 1114 -33.89 19.07 15.25
C SER A 1114 -34.51 17.69 15.36
N THR A 1115 -33.73 16.67 15.69
CA THR A 1115 -34.28 15.33 15.80
C THR A 1115 -33.89 14.62 17.07
N ARG A 1116 -33.00 15.24 17.86
CA ARG A 1116 -32.47 14.65 19.07
C ARG A 1116 -31.74 13.35 18.74
N ARG A 1117 -30.83 13.41 17.79
CA ARG A 1117 -30.12 12.21 17.37
C ARG A 1117 -28.63 12.37 17.31
N LEU A 1118 -27.95 11.25 17.48
CA LEU A 1118 -26.50 11.25 17.53
C LEU A 1118 -25.87 11.34 16.16
N ILE A 1119 -25.17 12.45 15.93
CA ILE A 1119 -24.44 12.68 14.71
C ILE A 1119 -23.17 11.87 14.74
N ARG A 1120 -22.42 12.00 15.83
CA ARG A 1120 -21.17 11.26 15.98
C ARG A 1120 -20.56 11.38 17.36
N VAL A 1121 -19.79 10.37 17.73
CA VAL A 1121 -19.06 10.42 18.98
C VAL A 1121 -17.61 10.75 18.70
N ILE A 1122 -17.15 11.88 19.21
CA ILE A 1122 -15.77 12.29 19.04
C ILE A 1122 -15.06 11.78 20.25
N TYR A 1123 -14.04 10.95 20.09
CA TYR A 1123 -13.49 10.42 21.32
C TYR A 1123 -12.04 10.07 21.29
N ASN A 1124 -11.54 9.69 22.46
CA ASN A 1124 -10.13 9.37 22.69
C ASN A 1124 -9.41 10.68 22.58
N PHE A 1125 -10.09 11.69 23.09
CA PHE A 1125 -9.68 13.06 23.08
C PHE A 1125 -8.58 13.33 24.10
N CYS A 1126 -8.89 13.08 25.35
CA CYS A 1126 -7.97 13.23 26.47
C CYS A 1126 -8.57 12.41 27.60
N ASN A 1127 -8.10 12.60 28.83
CA ASN A 1127 -8.65 11.82 29.92
C ASN A 1127 -10.07 12.29 30.30
N SER A 1128 -10.27 13.60 30.46
CA SER A 1128 -11.59 14.10 30.88
C SER A 1128 -11.84 15.53 30.39
N VAL A 1129 -13.08 15.86 30.03
CA VAL A 1129 -13.34 17.21 29.52
C VAL A 1129 -13.66 18.20 30.63
N ARG A 1130 -12.96 19.33 30.67
CA ARG A 1130 -13.22 20.32 31.71
C ARG A 1130 -14.20 21.40 31.26
N VAL A 1131 -13.83 22.23 30.28
CA VAL A 1131 -14.77 23.24 29.77
C VAL A 1131 -14.75 23.34 28.28
N MET A 1132 -15.84 23.86 27.73
CA MET A 1132 -15.93 24.06 26.29
C MET A 1132 -16.38 25.47 25.99
N MET A 1133 -15.72 26.14 25.07
CA MET A 1133 -16.13 27.49 24.72
C MET A 1133 -16.30 27.66 23.23
N THR A 1134 -17.11 28.62 22.86
CA THR A 1134 -17.24 28.99 21.47
C THR A 1134 -16.53 30.30 21.32
N ALA A 1135 -15.62 30.40 20.37
CA ALA A 1135 -14.89 31.64 20.24
C ALA A 1135 -14.50 31.94 18.83
N GLN A 1136 -14.42 33.22 18.54
CA GLN A 1136 -14.03 33.67 17.23
C GLN A 1136 -12.56 34.04 17.26
N LEU A 1137 -11.81 33.57 16.29
CA LEU A 1137 -10.39 33.85 16.20
C LEU A 1137 -10.11 35.15 15.50
N GLY A 1138 -8.86 35.56 15.49
CA GLY A 1138 -8.44 36.78 14.81
C GLY A 1138 -8.69 36.73 13.31
N SER A 1139 -8.75 35.51 12.77
CA SER A 1139 -9.08 35.23 11.37
C SER A 1139 -10.57 35.32 11.10
N LEU A 1140 -11.35 35.50 12.17
CA LEU A 1140 -12.80 35.53 12.22
C LEU A 1140 -13.41 34.13 12.11
N LYS A 1141 -12.56 33.11 12.11
CA LYS A 1141 -13.01 31.74 12.08
C LYS A 1141 -13.57 31.34 13.43
N ASN A 1142 -14.71 30.66 13.45
CA ASN A 1142 -15.27 30.23 14.73
C ASN A 1142 -14.78 28.85 15.08
N VAL A 1143 -14.35 28.68 16.33
CA VAL A 1143 -13.84 27.41 16.79
C VAL A 1143 -14.32 27.02 18.16
N MET A 1144 -14.21 25.74 18.47
CA MET A 1144 -14.50 25.26 19.80
C MET A 1144 -13.22 25.14 20.58
N LEU A 1145 -13.21 25.67 21.77
CA LEU A 1145 -12.05 25.60 22.63
C LEU A 1145 -12.33 24.58 23.67
N VAL A 1146 -11.75 23.40 23.55
CA VAL A 1146 -12.06 22.40 24.53
C VAL A 1146 -10.87 22.17 25.42
N LEU A 1147 -11.04 22.47 26.68
CA LEU A 1147 -9.98 22.32 27.66
C LEU A 1147 -10.21 21.05 28.43
N GLY A 1148 -9.22 20.18 28.47
CA GLY A 1148 -9.44 18.95 29.20
C GLY A 1148 -8.26 18.51 30.05
N TYR A 1149 -8.48 17.44 30.81
CA TYR A 1149 -7.48 16.84 31.66
C TYR A 1149 -6.90 15.69 30.91
N ASN A 1150 -5.64 15.43 31.13
CA ASN A 1150 -5.00 14.31 30.50
C ASN A 1150 -4.14 13.57 31.48
N ARG A 1151 -4.74 13.15 32.58
CA ARG A 1151 -4.00 12.35 33.53
C ARG A 1151 -3.55 11.05 32.89
N GLU A 1162 1.07 11.93 36.22
CA GLU A 1162 1.32 12.92 35.18
C GLU A 1162 0.15 13.85 34.94
N ILE A 1163 0.05 14.89 35.78
CA ILE A 1163 -0.98 15.94 35.65
C ILE A 1163 -0.80 16.77 34.39
N GLN A 1164 -1.21 16.20 33.28
CA GLN A 1164 -1.16 16.87 32.00
C GLN A 1164 -2.54 17.39 31.70
N SER A 1165 -2.59 18.54 31.05
CA SER A 1165 -3.84 19.17 30.65
C SER A 1165 -3.57 19.86 29.33
N CYS A 1166 -4.61 20.13 28.56
CA CYS A 1166 -4.37 20.74 27.26
C CYS A 1166 -5.57 21.37 26.61
N LEU A 1167 -5.31 22.26 25.66
CA LEU A 1167 -6.34 22.96 24.93
C LEU A 1167 -6.44 22.49 23.51
N THR A 1168 -7.62 22.08 23.10
CA THR A 1168 -7.79 21.62 21.76
C THR A 1168 -8.71 22.54 20.99
N VAL A 1169 -8.33 22.92 19.79
CA VAL A 1169 -9.15 23.85 19.02
C VAL A 1169 -9.78 23.17 17.82
N TRP A 1170 -11.11 23.13 17.78
CA TRP A 1170 -11.82 22.47 16.70
C TRP A 1170 -12.55 23.40 15.78
N ASP A 1171 -12.59 23.07 14.50
CA ASP A 1171 -13.35 23.83 13.54
C ASP A 1171 -14.82 23.69 13.85
N ILE A 1172 -15.49 24.80 14.15
CA ILE A 1172 -16.91 24.82 14.49
C ILE A 1172 -17.84 24.06 13.54
N ASN A 1173 -17.41 23.76 12.32
CA ASN A 1173 -18.25 23.09 11.35
C ASN A 1173 -18.13 21.58 11.38
N LEU A 1174 -17.48 21.05 12.42
CA LEU A 1174 -17.31 19.61 12.57
C LEU A 1174 -18.55 18.77 12.29
N PRO A 1175 -19.73 19.07 12.85
CA PRO A 1175 -20.98 18.36 12.62
C PRO A 1175 -21.29 18.21 11.14
N HIS A 1176 -20.99 19.23 10.36
CA HIS A 1176 -21.30 19.19 8.95
C HIS A 1176 -20.30 18.37 8.22
N GLU A 1177 -19.06 18.44 8.66
CA GLU A 1177 -18.02 17.67 8.00
C GLU A 1177 -18.24 16.20 8.23
N VAL A 1178 -18.70 15.83 9.42
CA VAL A 1178 -18.98 14.44 9.68
C VAL A 1178 -19.98 13.90 8.70
N GLN A 1179 -21.07 14.60 8.51
CA GLN A 1179 -22.09 14.11 7.61
C GLN A 1179 -21.67 14.17 6.15
N ASN A 1180 -21.01 15.25 5.74
CA ASN A 1180 -20.62 15.38 4.35
C ASN A 1180 -19.59 14.37 3.95
N LEU A 1181 -18.62 14.12 4.83
CA LEU A 1181 -17.61 13.15 4.55
C LEU A 1181 -18.21 11.79 4.37
N GLU A 1182 -19.12 11.43 5.27
CA GLU A 1182 -19.76 10.13 5.19
C GLU A 1182 -20.46 9.94 3.87
N LYS A 1183 -21.18 10.96 3.43
CA LYS A 1183 -21.88 10.89 2.16
C LYS A 1183 -20.90 10.68 1.02
N HIS A 1184 -19.85 11.48 1.00
CA HIS A 1184 -18.83 11.42 -0.03
C HIS A 1184 -18.29 10.03 -0.22
N ILE A 1185 -17.95 9.41 0.89
CA ILE A 1185 -17.40 8.08 0.85
C ILE A 1185 -18.38 7.07 0.33
N GLU A 1186 -19.63 7.13 0.79
CA GLU A 1186 -20.61 6.16 0.35
C GLU A 1186 -20.91 6.24 -1.13
N VAL A 1187 -20.92 7.45 -1.68
CA VAL A 1187 -21.16 7.60 -3.10
C VAL A 1187 -20.08 6.93 -3.89
N ARG A 1188 -18.83 7.16 -3.52
CA ARG A 1188 -17.73 6.59 -4.25
C ARG A 1188 -17.64 5.10 -4.08
N LYS A 1189 -18.06 4.60 -2.94
CA LYS A 1189 -18.08 3.17 -2.73
C LYS A 1189 -19.01 2.51 -3.73
N GLU A 1190 -20.19 3.11 -3.92
CA GLU A 1190 -21.13 2.57 -4.88
C GLU A 1190 -20.58 2.61 -6.29
N LEU A 1191 -19.89 3.69 -6.63
CA LEU A 1191 -19.31 3.79 -7.95
C LEU A 1191 -18.26 2.73 -8.18
N ALA A 1192 -17.51 2.40 -7.15
CA ALA A 1192 -16.50 1.36 -7.28
C ALA A 1192 -17.15 0.05 -7.64
N GLU A 1193 -18.27 -0.25 -7.02
CA GLU A 1193 -18.95 -1.49 -7.31
C GLU A 1193 -19.59 -1.46 -8.69
N LYS A 1194 -20.09 -0.30 -9.05
CA LYS A 1194 -20.66 -0.12 -10.36
C LYS A 1194 -19.67 -0.46 -11.45
N MET A 1195 -18.47 0.10 -11.34
CA MET A 1195 -17.40 -0.12 -12.30
C MET A 1195 -16.95 -1.56 -12.33
N ARG A 1196 -16.62 -2.10 -11.16
CA ARG A 1196 -16.12 -3.46 -11.07
C ARG A 1196 -17.12 -4.47 -11.60
N ARG A 1197 -18.40 -4.18 -11.41
CA ARG A 1197 -19.46 -5.08 -11.83
C ARG A 1197 -19.68 -5.10 -13.33
N THR A 1198 -19.54 -3.95 -13.99
CA THR A 1198 -19.74 -3.87 -15.43
C THR A 1198 -18.76 -4.80 -16.15
N SER A 1199 -17.47 -4.52 -15.98
CA SER A 1199 -16.41 -5.32 -16.59
C SER A 1199 -16.66 -5.59 -18.07
N VAL A 4 39.50 -8.89 2.30
CA VAL A 4 40.51 -9.94 2.28
C VAL A 4 40.32 -10.89 1.09
N PRO A 5 41.42 -11.46 0.57
CA PRO A 5 41.53 -12.29 -0.62
C PRO A 5 40.85 -13.65 -0.49
N TYR A 6 39.56 -13.65 -0.73
CA TYR A 6 38.71 -14.85 -0.72
C TYR A 6 39.16 -15.80 -1.83
N ASN A 7 39.37 -17.07 -1.48
CA ASN A 7 39.87 -18.06 -2.45
C ASN A 7 38.97 -19.28 -2.56
N ARG A 8 37.67 -19.06 -2.65
CA ARG A 8 36.72 -20.15 -2.74
C ARG A 8 35.81 -19.91 -3.95
N MET A 9 35.54 -20.98 -4.70
CA MET A 9 34.77 -20.87 -5.94
C MET A 9 33.88 -22.08 -6.12
N LYS A 10 32.70 -21.90 -6.67
CA LYS A 10 31.79 -23.03 -6.80
C LYS A 10 32.09 -23.87 -8.05
N LEU A 11 31.79 -25.14 -7.96
CA LEU A 11 31.94 -26.03 -9.11
C LEU A 11 30.61 -26.67 -9.40
N MET A 12 30.10 -26.43 -10.59
CA MET A 12 28.82 -26.97 -10.97
C MET A 12 28.96 -28.13 -11.91
N ILE A 13 28.49 -29.28 -11.50
CA ILE A 13 28.56 -30.43 -12.38
C ILE A 13 27.19 -30.79 -12.86
N VAL A 14 27.02 -30.74 -14.17
CA VAL A 14 25.72 -30.97 -14.79
C VAL A 14 25.79 -31.98 -15.90
N GLY A 15 24.63 -32.49 -16.28
CA GLY A 15 24.51 -33.47 -17.33
C GLY A 15 23.22 -34.23 -17.17
N ASN A 16 22.93 -35.12 -18.10
CA ASN A 16 21.70 -35.87 -18.00
C ASN A 16 21.85 -37.13 -17.19
N TPO A 17 20.71 -37.60 -16.72
CA TPO A 17 20.62 -38.79 -15.91
CB TPO A 17 19.14 -39.08 -15.56
CG2 TPO A 17 19.03 -40.33 -14.71
OG1 TPO A 17 18.59 -37.96 -14.86
P TPO A 17 17.01 -37.61 -14.94
O1P TPO A 17 16.23 -38.95 -14.92
O2P TPO A 17 16.68 -36.75 -13.69
O3P TPO A 17 16.76 -36.81 -16.25
C TPO A 17 21.24 -39.98 -16.64
O TPO A 17 20.84 -40.31 -17.77
N GLY A 18 22.22 -40.60 -16.00
CA GLY A 18 22.90 -41.77 -16.57
C GLY A 18 24.36 -41.52 -16.92
N SER A 19 24.80 -40.26 -16.88
CA SER A 19 26.17 -39.94 -17.25
C SER A 19 27.26 -40.56 -16.36
N GLY A 20 26.95 -40.81 -15.09
CA GLY A 20 27.94 -41.37 -14.18
C GLY A 20 28.92 -40.31 -13.65
N LYS A 21 28.57 -39.04 -13.88
CA LYS A 21 29.37 -37.88 -13.52
C LYS A 21 29.76 -37.80 -12.04
N THR A 22 28.98 -38.43 -11.16
CA THR A 22 29.33 -38.47 -9.75
C THR A 22 30.61 -39.23 -9.50
N THR A 23 30.78 -40.35 -10.22
CA THR A 23 31.96 -41.16 -10.07
C THR A 23 33.14 -40.39 -10.58
N LEU A 24 32.93 -39.70 -11.70
CA LEU A 24 33.97 -38.85 -12.27
C LEU A 24 34.51 -37.89 -11.23
N LEU A 25 33.62 -37.21 -10.52
CA LEU A 25 34.03 -36.32 -9.44
C LEU A 25 34.89 -37.01 -8.42
N GLN A 26 34.47 -38.20 -7.98
CA GLN A 26 35.23 -38.95 -6.99
C GLN A 26 36.64 -39.27 -7.48
N GLN A 27 36.77 -39.56 -8.77
CA GLN A 27 38.10 -39.84 -9.29
C GLN A 27 38.93 -38.58 -9.38
N LEU A 28 38.31 -37.48 -9.80
CA LEU A 28 39.02 -36.21 -9.93
C LEU A 28 39.51 -35.70 -8.60
N MET A 29 38.70 -35.88 -7.55
CA MET A 29 39.07 -35.46 -6.22
C MET A 29 40.04 -36.43 -5.57
N GLY A 44 18.66 -34.87 -5.61
CA GLY A 44 19.10 -33.52 -5.87
C GLY A 44 20.62 -33.38 -6.06
N ILE A 45 21.23 -32.62 -5.16
CA ILE A 45 22.64 -32.27 -5.27
C ILE A 45 23.53 -32.76 -4.14
N ASP A 46 24.66 -33.36 -4.50
CA ASP A 46 25.67 -33.77 -3.52
C ASP A 46 26.68 -32.65 -3.37
N VAL A 47 26.67 -31.96 -2.23
CA VAL A 47 27.57 -30.82 -2.04
C VAL A 47 28.78 -31.13 -1.18
N LYS A 48 29.98 -30.97 -1.74
CA LYS A 48 31.22 -31.24 -1.01
C LYS A 48 32.35 -30.27 -1.36
N ASP A 49 33.21 -29.98 -0.40
CA ASP A 49 34.39 -29.15 -0.68
C ASP A 49 35.49 -29.91 -1.40
N TRP A 50 36.23 -29.20 -2.25
CA TRP A 50 37.38 -29.76 -2.94
C TRP A 50 38.57 -28.83 -2.96
N PRO A 51 39.40 -28.84 -1.91
CA PRO A 51 40.67 -28.13 -1.79
C PRO A 51 41.64 -28.64 -2.84
N ILE A 52 42.18 -27.72 -3.62
CA ILE A 52 43.17 -28.01 -4.63
C ILE A 52 44.42 -27.21 -4.35
N LEU A 62 43.11 -23.39 -3.21
CA LEU A 62 41.86 -23.20 -3.94
C LEU A 62 40.82 -24.14 -3.43
N VAL A 63 39.78 -23.62 -2.81
CA VAL A 63 38.77 -24.55 -2.34
C VAL A 63 37.53 -24.44 -3.17
N LEU A 64 37.16 -25.53 -3.81
CA LEU A 64 35.97 -25.47 -4.60
C LEU A 64 34.79 -25.95 -3.81
N ASN A 65 33.67 -25.28 -4.00
CA ASN A 65 32.43 -25.65 -3.38
C ASN A 65 31.70 -26.45 -4.43
N VAL A 66 31.82 -27.77 -4.38
CA VAL A 66 31.30 -28.57 -5.48
C VAL A 66 29.85 -28.95 -5.31
N TRP A 67 29.02 -28.57 -6.26
CA TRP A 67 27.62 -28.94 -6.29
C TRP A 67 27.39 -29.93 -7.41
N ASP A 68 27.19 -31.19 -7.05
CA ASP A 68 26.91 -32.24 -8.01
C ASP A 68 25.44 -32.40 -8.30
N PHE A 69 24.96 -31.83 -9.42
CA PHE A 69 23.55 -31.98 -9.81
C PHE A 69 23.28 -33.35 -10.34
N ALA A 70 23.31 -34.34 -9.46
CA ALA A 70 23.15 -35.70 -9.88
C ALA A 70 21.79 -35.93 -10.50
N GLY A 71 20.73 -35.51 -9.81
CA GLY A 71 19.37 -35.68 -10.32
C GLY A 71 18.80 -34.42 -10.90
N ARG A 72 17.48 -34.42 -11.15
CA ARG A 72 16.78 -33.29 -11.73
C ARG A 72 16.53 -32.18 -10.75
N GLU A 73 17.59 -31.61 -10.22
CA GLU A 73 17.40 -30.56 -9.24
C GLU A 73 17.16 -29.24 -9.89
N GLU A 74 15.89 -28.89 -9.95
CA GLU A 74 15.39 -27.67 -10.55
C GLU A 74 16.07 -26.38 -10.09
N PHE A 75 16.77 -26.40 -8.93
CA PHE A 75 17.60 -25.30 -8.37
C PHE A 75 18.32 -24.48 -9.46
N TYR A 76 18.79 -25.15 -10.52
CA TYR A 76 19.47 -24.49 -11.66
C TYR A 76 18.55 -23.56 -12.47
N SER A 77 17.29 -23.45 -12.09
CA SER A 77 16.33 -22.60 -12.74
C SER A 77 15.43 -21.94 -11.70
N THR A 78 15.19 -22.64 -10.58
CA THR A 78 14.29 -22.13 -9.55
C THR A 78 14.96 -21.16 -8.59
N HIS A 79 16.28 -21.18 -8.51
CA HIS A 79 16.99 -20.15 -7.75
C HIS A 79 18.34 -19.94 -8.38
N PRO A 80 18.36 -19.80 -9.71
CA PRO A 80 19.51 -19.76 -10.58
C PRO A 80 20.46 -18.59 -10.35
N ARG A 86 31.03 -16.77 -10.23
CA ARG A 86 31.89 -17.45 -9.28
C ARG A 86 31.67 -18.96 -9.30
N ALA A 87 31.60 -19.51 -10.50
CA ALA A 87 31.38 -20.93 -10.64
C ALA A 87 31.84 -21.44 -11.99
N LEU A 88 32.33 -22.68 -12.00
CA LEU A 88 32.76 -23.31 -13.25
C LEU A 88 31.83 -24.44 -13.60
N TYR A 89 31.40 -24.50 -14.85
CA TYR A 89 30.49 -25.54 -15.24
C TYR A 89 31.17 -26.69 -15.93
N LEU A 90 30.91 -27.87 -15.41
CA LEU A 90 31.44 -29.08 -15.99
C LEU A 90 30.28 -29.85 -16.59
N ALA A 91 30.27 -29.94 -17.90
CA ALA A 91 29.22 -30.64 -18.62
C ALA A 91 29.67 -32.05 -18.91
N VAL A 92 28.98 -33.02 -18.34
CA VAL A 92 29.37 -34.41 -18.54
C VAL A 92 28.32 -35.19 -19.28
N TYR A 93 28.74 -35.95 -20.29
CA TYR A 93 27.80 -36.77 -21.03
C TYR A 93 28.43 -38.09 -21.44
N ASP A 94 27.59 -39.08 -21.73
CA ASP A 94 28.06 -40.41 -22.12
C ASP A 94 28.31 -40.53 -23.61
N LEU A 95 29.59 -40.54 -23.97
CA LEU A 95 30.02 -40.63 -25.35
C LEU A 95 29.47 -41.83 -26.10
N SER A 96 29.28 -42.96 -25.42
CA SER A 96 28.80 -44.16 -26.10
C SER A 96 27.35 -44.02 -26.54
N LYS A 97 26.62 -43.06 -25.96
CA LYS A 97 25.27 -42.78 -26.41
C LYS A 97 25.36 -42.05 -27.72
N GLY A 98 26.27 -41.07 -27.77
CA GLY A 98 26.55 -40.39 -29.03
C GLY A 98 25.94 -39.00 -29.21
N GLN A 99 25.79 -38.63 -30.48
CA GLN A 99 25.33 -37.33 -30.93
C GLN A 99 23.97 -36.95 -30.37
N ALA A 100 23.11 -37.94 -30.16
CA ALA A 100 21.80 -37.68 -29.60
C ALA A 100 21.94 -37.04 -28.22
N GLU A 101 22.95 -37.48 -27.47
CA GLU A 101 23.19 -36.93 -26.16
C GLU A 101 23.73 -35.54 -26.26
N VAL A 102 24.58 -35.32 -27.26
CA VAL A 102 25.12 -34.00 -27.49
C VAL A 102 23.99 -33.00 -27.68
N ASP A 103 22.99 -33.39 -28.49
CA ASP A 103 21.83 -32.54 -28.69
C ASP A 103 21.02 -32.38 -27.41
N ALA A 104 20.92 -33.43 -26.60
CA ALA A 104 20.22 -33.36 -25.33
C ALA A 104 20.84 -32.32 -24.41
N MET A 105 22.15 -32.11 -24.51
CA MET A 105 22.82 -31.11 -23.69
C MET A 105 22.58 -29.66 -24.09
N LYS A 106 21.92 -29.42 -25.21
CA LYS A 106 21.69 -28.04 -25.64
C LYS A 106 20.84 -27.23 -24.67
N PRO A 107 19.77 -27.79 -24.08
CA PRO A 107 18.95 -27.15 -23.07
C PRO A 107 19.76 -26.80 -21.83
N TRP A 108 20.77 -27.61 -21.52
CA TRP A 108 21.63 -27.34 -20.38
C TRP A 108 22.50 -26.16 -20.68
N LEU A 109 23.05 -26.15 -21.88
CA LEU A 109 23.90 -25.06 -22.30
C LEU A 109 23.11 -23.78 -22.42
N PHE A 110 21.87 -23.88 -22.89
CA PHE A 110 21.00 -22.74 -23.00
C PHE A 110 20.78 -22.13 -21.64
N ASN A 111 20.39 -22.95 -20.69
CA ASN A 111 20.14 -22.49 -19.34
C ASN A 111 21.37 -21.85 -18.73
N ILE A 112 22.54 -22.44 -18.98
CA ILE A 112 23.77 -21.86 -18.46
C ILE A 112 24.00 -20.50 -19.05
N LYS A 113 23.92 -20.38 -20.37
CA LYS A 113 24.13 -19.09 -21.01
C LYS A 113 23.12 -18.08 -20.53
N ALA A 114 21.88 -18.53 -20.38
CA ALA A 114 20.78 -17.71 -19.94
C ALA A 114 20.94 -17.14 -18.55
N ARG A 115 21.91 -17.61 -17.77
CA ARG A 115 22.09 -17.07 -16.43
C ARG A 115 23.53 -16.63 -16.21
N ALA A 116 24.46 -17.21 -16.93
CA ALA A 116 25.86 -16.84 -16.81
C ALA A 116 26.60 -17.09 -18.11
N SER A 117 26.36 -16.25 -19.11
CA SER A 117 27.00 -16.42 -20.41
C SER A 117 28.52 -16.30 -20.37
N SER A 118 29.04 -15.57 -19.38
CA SER A 118 30.47 -15.40 -19.23
C SER A 118 31.17 -16.56 -18.52
N SER A 119 30.40 -17.42 -17.85
CA SER A 119 30.99 -18.50 -17.06
C SER A 119 31.64 -19.52 -17.98
N PRO A 120 32.68 -20.22 -17.49
CA PRO A 120 33.44 -21.21 -18.20
C PRO A 120 32.71 -22.52 -18.24
N VAL A 121 32.82 -23.21 -19.37
CA VAL A 121 32.20 -24.49 -19.56
C VAL A 121 33.20 -25.50 -20.11
N ILE A 122 33.34 -26.62 -19.40
CA ILE A 122 34.20 -27.68 -19.87
C ILE A 122 33.35 -28.87 -20.24
N LEU A 123 33.43 -29.30 -21.49
CA LEU A 123 32.61 -30.39 -21.97
C LEU A 123 33.38 -31.72 -21.93
N VAL A 124 32.89 -32.67 -21.15
CA VAL A 124 33.56 -33.95 -21.05
C VAL A 124 32.70 -35.13 -21.44
N GLY A 125 33.16 -35.87 -22.43
CA GLY A 125 32.48 -37.09 -22.87
C GLY A 125 33.08 -38.24 -22.12
N THR A 126 32.27 -39.22 -21.73
CA THR A 126 32.84 -40.33 -20.98
C THR A 126 32.45 -41.69 -21.51
N HIS A 127 32.97 -42.72 -20.86
CA HIS A 127 32.84 -44.11 -21.26
C HIS A 127 33.42 -44.35 -22.65
N LEU A 128 34.58 -43.74 -22.91
CA LEU A 128 35.29 -43.94 -24.17
C LEU A 128 35.80 -45.37 -24.29
N ASP A 129 35.97 -46.08 -23.16
CA ASP A 129 36.44 -47.45 -23.23
C ASP A 129 35.39 -48.43 -23.78
N VAL A 130 34.16 -47.97 -24.02
CA VAL A 130 33.12 -48.80 -24.62
C VAL A 130 32.49 -48.02 -25.77
N SER A 131 33.24 -47.07 -26.31
CA SER A 131 32.78 -46.25 -27.40
C SER A 131 33.84 -46.17 -28.48
N ASP A 132 33.53 -46.74 -29.63
CA ASP A 132 34.47 -46.72 -30.74
C ASP A 132 34.78 -45.28 -31.12
N GLU A 133 36.01 -45.04 -31.58
CA GLU A 133 36.39 -43.69 -31.99
C GLU A 133 35.47 -43.14 -33.07
N LYS A 134 34.78 -44.02 -33.81
CA LYS A 134 33.77 -43.60 -34.76
C LYS A 134 32.81 -42.63 -34.08
N GLN A 135 32.33 -43.00 -32.89
CA GLN A 135 31.42 -42.16 -32.13
C GLN A 135 32.13 -40.94 -31.60
N ARG A 136 33.37 -41.14 -31.13
CA ARG A 136 34.16 -40.02 -30.62
C ARG A 136 34.30 -38.94 -31.67
N LYS A 137 34.67 -39.36 -32.87
CA LYS A 137 34.84 -38.49 -34.01
C LYS A 137 33.53 -37.92 -34.48
N ALA A 138 32.46 -38.73 -34.41
CA ALA A 138 31.15 -38.26 -34.81
C ALA A 138 30.71 -37.13 -33.90
N CYS A 139 30.88 -37.34 -32.59
CA CYS A 139 30.53 -36.33 -31.60
C CYS A 139 31.48 -35.16 -31.67
N MET A 140 32.74 -35.43 -31.99
CA MET A 140 33.70 -34.36 -32.18
C MET A 140 33.23 -33.43 -33.26
N SER A 141 32.89 -33.99 -34.42
CA SER A 141 32.42 -33.16 -35.50
C SER A 141 31.08 -32.52 -35.16
N LYS A 142 30.26 -33.24 -34.39
CA LYS A 142 28.98 -32.72 -33.97
C LYS A 142 29.14 -31.43 -33.19
N ILE A 143 30.06 -31.42 -32.22
CA ILE A 143 30.25 -30.22 -31.43
C ILE A 143 31.02 -29.15 -32.18
N THR A 144 31.88 -29.52 -33.13
CA THR A 144 32.56 -28.47 -33.88
C THR A 144 31.61 -27.81 -34.85
N LYS A 145 30.59 -28.55 -35.28
CA LYS A 145 29.59 -28.00 -36.17
C LYS A 145 28.44 -27.32 -35.47
N GLU A 146 28.07 -27.79 -34.27
CA GLU A 146 26.88 -27.24 -33.66
C GLU A 146 27.00 -26.60 -32.28
N LEU A 147 28.16 -26.66 -31.62
CA LEU A 147 28.23 -26.04 -30.29
C LEU A 147 29.44 -25.15 -30.08
N LEU A 148 30.61 -25.64 -30.47
CA LEU A 148 31.87 -24.93 -30.25
C LEU A 148 31.96 -23.60 -30.98
N ASN A 149 31.19 -23.45 -32.04
CA ASN A 149 31.19 -22.21 -32.79
C ASN A 149 29.77 -21.74 -33.03
N LYS A 150 28.85 -22.16 -32.14
CA LYS A 150 27.46 -21.82 -32.32
C LYS A 150 26.95 -20.81 -31.31
N ARG A 151 26.46 -19.67 -31.82
CA ARG A 151 25.91 -18.66 -30.95
C ARG A 151 24.64 -19.18 -30.33
N GLY A 152 24.35 -18.69 -29.13
CA GLY A 152 23.21 -19.18 -28.39
C GLY A 152 23.67 -20.12 -27.29
N PHE A 153 24.90 -20.63 -27.41
CA PHE A 153 25.46 -21.48 -26.38
C PHE A 153 26.64 -20.71 -25.77
N PRO A 154 26.92 -20.89 -24.48
CA PRO A 154 27.89 -20.17 -23.65
C PRO A 154 29.36 -20.47 -23.93
N ALA A 155 29.75 -20.35 -25.20
CA ALA A 155 31.12 -20.52 -25.68
C ALA A 155 31.96 -21.53 -24.91
N ILE A 156 31.58 -22.81 -24.97
CA ILE A 156 32.38 -23.91 -24.41
C ILE A 156 33.85 -23.58 -24.45
N ARG A 157 34.47 -23.53 -23.27
CA ARG A 157 35.85 -23.10 -23.21
C ARG A 157 36.81 -24.21 -23.61
N ASP A 158 36.52 -25.44 -23.19
CA ASP A 158 37.38 -26.55 -23.57
C ASP A 158 36.61 -27.87 -23.47
N TYR A 159 37.24 -28.97 -23.89
CA TYR A 159 36.58 -30.25 -23.81
C TYR A 159 37.56 -31.43 -23.76
N HIS A 160 37.08 -32.56 -23.26
CA HIS A 160 37.86 -33.80 -23.13
C HIS A 160 37.03 -35.05 -23.34
N PHE A 161 37.72 -36.16 -23.55
CA PHE A 161 37.08 -37.47 -23.64
C PHE A 161 37.79 -38.40 -22.66
N VAL A 162 37.02 -39.16 -21.90
CA VAL A 162 37.59 -40.05 -20.89
C VAL A 162 37.16 -41.50 -21.05
N ASN A 163 38.14 -42.41 -20.99
CA ASN A 163 37.89 -43.84 -21.12
C ASN A 163 37.05 -44.38 -19.99
N ALA A 164 37.47 -44.12 -18.76
CA ALA A 164 36.76 -44.62 -17.61
C ALA A 164 37.15 -43.87 -16.36
N THR A 165 36.24 -43.87 -15.40
CA THR A 165 36.43 -43.21 -14.12
C THR A 165 37.45 -43.88 -13.21
N GLU A 166 38.00 -45.02 -13.64
CA GLU A 166 39.09 -45.68 -12.91
C GLU A 166 40.36 -44.83 -12.80
N GLU A 167 40.53 -43.88 -13.74
CA GLU A 167 41.65 -42.92 -13.84
C GLU A 167 42.12 -42.89 -15.30
N SER A 168 42.86 -41.86 -15.68
CA SER A 168 43.36 -41.74 -17.05
C SER A 168 44.27 -40.55 -17.23
N ASP A 169 45.06 -40.61 -18.30
CA ASP A 169 45.90 -39.48 -18.67
C ASP A 169 45.00 -38.33 -19.07
N ALA A 170 43.83 -38.66 -19.61
CA ALA A 170 42.82 -37.68 -19.99
C ALA A 170 42.34 -36.95 -18.76
N LEU A 171 42.18 -37.67 -17.66
CA LEU A 171 41.74 -37.08 -16.42
C LEU A 171 42.83 -36.22 -15.81
N ALA A 172 44.08 -36.63 -15.98
CA ALA A 172 45.18 -35.79 -15.50
C ALA A 172 45.13 -34.45 -16.24
N LYS A 173 44.90 -34.52 -17.54
CA LYS A 173 44.79 -33.33 -18.37
C LYS A 173 43.58 -32.53 -17.99
N LEU A 174 42.47 -33.21 -17.72
CA LEU A 174 41.24 -32.57 -17.29
C LEU A 174 41.45 -31.80 -16.00
N ARG A 175 42.11 -32.43 -15.04
CA ARG A 175 42.39 -31.74 -13.78
C ARG A 175 43.20 -30.48 -14.03
N LYS A 176 44.20 -30.58 -14.92
CA LYS A 176 45.01 -29.44 -15.27
C LYS A 176 44.16 -28.36 -15.95
N THR A 177 43.25 -28.80 -16.81
CA THR A 177 42.34 -27.92 -17.52
C THR A 177 41.42 -27.20 -16.58
N ILE A 178 40.83 -27.93 -15.65
CA ILE A 178 39.90 -27.35 -14.70
C ILE A 178 40.58 -26.30 -13.88
N ILE A 179 41.78 -26.61 -13.39
CA ILE A 179 42.52 -25.66 -12.59
C ILE A 179 42.88 -24.42 -13.37
N ASN A 180 43.52 -24.62 -14.50
CA ASN A 180 43.97 -23.49 -15.28
C ASN A 180 42.83 -22.68 -15.82
N GLU A 181 41.76 -23.35 -16.23
CA GLU A 181 40.64 -22.65 -16.79
C GLU A 181 39.88 -21.88 -15.74
N SER A 182 39.78 -22.42 -14.51
CA SER A 182 39.09 -21.67 -13.48
C SER A 182 39.89 -20.42 -13.14
N LEU A 183 41.22 -20.51 -13.27
CA LEU A 183 42.06 -19.35 -13.04
C LEU A 183 41.84 -18.35 -14.17
N ASN A 184 41.73 -18.86 -15.40
CA ASN A 184 41.49 -18.05 -16.57
C ASN A 184 40.15 -17.34 -16.48
N PHE A 185 39.15 -18.05 -15.98
CA PHE A 185 37.83 -17.48 -15.80
C PHE A 185 37.86 -16.31 -14.87
N LYS A 186 38.52 -16.46 -13.74
CA LYS A 186 38.57 -15.35 -12.84
C LYS A 186 39.37 -14.20 -13.45
N ILE A 187 40.34 -14.52 -14.31
CA ILE A 187 41.02 -13.47 -15.04
C ILE A 187 40.01 -12.76 -15.94
N ARG A 188 39.13 -13.53 -16.59
CA ARG A 188 38.09 -12.97 -17.43
C ARG A 188 37.17 -12.07 -16.61
N ASP A 189 36.85 -12.50 -15.38
CA ASP A 189 36.06 -11.65 -14.50
C ASP A 189 36.79 -10.37 -14.20
N GLN A 190 38.09 -10.43 -13.98
CA GLN A 190 38.86 -9.21 -13.77
C GLN A 190 38.78 -8.26 -14.96
N LEU A 191 38.74 -8.84 -16.16
CA LEU A 191 38.63 -8.05 -17.37
C LEU A 191 37.25 -7.38 -17.50
N VAL A 192 36.20 -8.04 -17.00
CA VAL A 192 34.84 -7.47 -17.10
C VAL A 192 34.28 -6.98 -15.77
N VAL A 193 34.22 -7.86 -14.79
CA VAL A 193 33.71 -7.59 -13.46
C VAL A 193 34.67 -6.76 -12.63
N GLY A 194 35.95 -7.12 -12.68
CA GLY A 194 36.98 -6.47 -11.89
C GLY A 194 37.42 -7.33 -10.70
N GLN A 195 37.18 -8.64 -10.77
CA GLN A 195 37.54 -9.53 -9.67
C GLN A 195 38.27 -10.82 -10.11
N LEU A 196 39.27 -11.23 -9.31
CA LEU A 196 40.09 -12.45 -9.51
C LEU A 196 39.79 -13.56 -8.49
N ILE A 197 40.48 -14.70 -8.63
CA ILE A 197 40.30 -15.80 -7.69
C ILE A 197 40.82 -15.50 -6.28
N PRO A 198 41.62 -14.42 -6.08
CA PRO A 198 41.89 -13.94 -4.72
C PRO A 198 41.27 -12.56 -4.55
N ASP A 199 40.07 -12.37 -5.08
CA ASP A 199 39.45 -11.06 -4.94
C ASP A 199 39.17 -10.76 -3.50
N CYS A 200 39.42 -9.53 -3.14
CA CYS A 200 39.22 -9.14 -1.78
C CYS A 200 37.79 -8.70 -1.51
N TYR A 201 37.20 -9.29 -0.48
CA TYR A 201 35.84 -8.96 -0.06
C TYR A 201 35.87 -8.59 1.40
N VAL A 202 34.93 -7.77 1.82
CA VAL A 202 34.92 -7.33 3.21
C VAL A 202 35.04 -8.52 4.15
N GLU A 203 36.11 -8.50 4.96
CA GLU A 203 36.46 -9.58 5.87
C GLU A 203 35.38 -9.96 6.84
N LEU A 204 34.48 -9.05 7.10
CA LEU A 204 33.44 -9.27 8.05
C LEU A 204 32.43 -10.25 7.48
N GLU A 205 32.26 -10.24 6.15
CA GLU A 205 31.37 -11.16 5.48
C GLU A 205 32.03 -12.53 5.51
N LYS A 206 33.34 -12.54 5.34
CA LYS A 206 34.13 -13.76 5.41
C LYS A 206 34.01 -14.36 6.79
N ILE A 207 34.02 -13.51 7.82
CA ILE A 207 33.84 -13.97 9.18
C ILE A 207 32.48 -14.61 9.41
N ILE A 208 31.41 -14.04 8.84
CA ILE A 208 30.06 -14.61 9.02
C ILE A 208 30.03 -16.09 8.72
N LEU A 209 30.67 -16.46 7.61
CA LEU A 209 30.78 -17.85 7.20
C LEU A 209 31.07 -18.82 8.35
N SER A 210 31.96 -18.43 9.27
CA SER A 210 32.38 -19.29 10.37
C SER A 210 31.21 -19.75 11.22
N GLU A 211 30.53 -18.80 11.87
CA GLU A 211 29.42 -19.19 12.72
C GLU A 211 28.24 -19.70 11.94
N ARG A 212 28.16 -19.39 10.64
CA ARG A 212 27.07 -19.96 9.88
C ARG A 212 27.37 -21.42 9.58
N LYS A 213 28.64 -21.75 9.43
CA LYS A 213 29.00 -23.13 9.28
C LYS A 213 28.69 -23.86 10.57
N ASN A 214 29.07 -23.27 11.70
CA ASN A 214 28.86 -23.88 12.99
C ASN A 214 27.46 -23.68 13.55
N VAL A 215 26.48 -24.33 12.94
CA VAL A 215 25.10 -24.23 13.41
C VAL A 215 24.49 -25.59 13.74
N PRO A 216 24.13 -25.79 15.01
CA PRO A 216 23.44 -27.00 15.45
C PRO A 216 21.97 -26.70 15.77
N ILE A 217 21.10 -26.90 14.79
CA ILE A 217 19.65 -26.69 14.97
C ILE A 217 18.86 -27.87 14.38
N GLU A 218 17.91 -28.41 15.15
CA GLU A 218 17.08 -29.54 14.70
C GLU A 218 16.31 -29.23 13.41
N PHE A 219 15.66 -28.07 13.38
CA PHE A 219 14.95 -27.54 12.21
C PHE A 219 15.63 -26.24 11.81
N PRO A 220 16.74 -26.34 11.08
CA PRO A 220 17.72 -25.28 10.70
C PRO A 220 17.16 -24.11 9.89
N VAL A 221 16.20 -23.41 10.48
CA VAL A 221 15.61 -22.22 9.92
C VAL A 221 16.07 -21.10 10.84
N ILE A 222 16.80 -20.14 10.29
CA ILE A 222 17.44 -19.14 11.13
C ILE A 222 16.85 -17.74 11.08
N ASP A 223 16.68 -17.19 12.29
CA ASP A 223 16.20 -15.85 12.55
C ASP A 223 17.12 -15.15 13.56
N ARG A 224 17.68 -15.96 14.47
CA ARG A 224 18.57 -15.49 15.53
C ARG A 224 19.93 -14.97 15.06
N LYS A 225 20.15 -14.86 13.74
CA LYS A 225 21.38 -14.27 13.23
C LYS A 225 21.61 -12.87 13.78
N ARG A 226 20.55 -12.21 14.24
CA ARG A 226 20.66 -10.91 14.88
C ARG A 226 21.49 -11.06 16.14
N LEU A 227 21.26 -12.15 16.85
CA LEU A 227 22.01 -12.47 18.04
C LEU A 227 23.42 -12.78 17.67
N LEU A 228 23.62 -13.57 16.61
CA LEU A 228 24.97 -13.93 16.19
C LEU A 228 25.78 -12.70 15.84
N GLN A 229 25.13 -11.70 15.25
CA GLN A 229 25.77 -10.42 14.99
C GLN A 229 26.26 -9.84 16.29
N LEU A 230 25.40 -9.90 17.32
CA LEU A 230 25.72 -9.43 18.65
C LEU A 230 26.74 -10.32 19.38
N VAL A 231 26.80 -11.60 19.02
CA VAL A 231 27.78 -12.51 19.61
C VAL A 231 29.17 -12.07 19.23
N ARG A 232 29.40 -11.84 17.95
CA ARG A 232 30.71 -11.34 17.55
C ARG A 232 30.73 -9.83 17.56
N GLU A 233 30.60 -9.26 18.76
CA GLU A 233 30.58 -7.81 18.92
C GLU A 233 29.41 -7.25 18.11
N ASN A 234 29.71 -6.61 16.99
CA ASN A 234 28.70 -6.11 16.08
C ASN A 234 29.37 -5.67 14.81
N GLN A 235 29.57 -6.60 13.89
CA GLN A 235 30.24 -6.30 12.65
C GLN A 235 29.20 -6.05 11.59
N LEU A 236 29.57 -5.31 10.53
CA LEU A 236 28.62 -4.99 9.47
C LEU A 236 27.42 -4.31 10.09
N GLN A 237 27.73 -3.36 10.98
CA GLN A 237 26.78 -2.64 11.79
C GLN A 237 25.77 -1.81 11.01
N LEU A 238 26.02 -1.56 9.72
CA LEU A 238 25.04 -0.84 8.96
C LEU A 238 23.99 -1.82 8.51
N ASP A 239 23.05 -2.08 9.40
CA ASP A 239 21.94 -2.97 9.11
C ASP A 239 21.19 -2.47 7.89
N GLU A 240 21.14 -1.15 7.74
CA GLU A 240 20.51 -0.50 6.62
C GLU A 240 21.31 -0.58 5.31
N ASN A 241 22.56 -1.04 5.32
CA ASN A 241 23.32 -1.14 4.07
C ASN A 241 24.20 -2.39 3.97
N GLU A 242 25.01 -2.60 5.00
CA GLU A 242 25.95 -3.73 5.02
C GLU A 242 25.27 -5.06 5.17
N LEU A 243 24.24 -5.13 5.99
CA LEU A 243 23.53 -6.38 6.16
C LEU A 243 22.94 -6.93 4.85
N PRO A 244 22.22 -6.13 4.05
CA PRO A 244 21.69 -6.50 2.74
C PRO A 244 22.78 -7.03 1.82
N HIS A 245 23.97 -6.42 1.87
CA HIS A 245 25.05 -6.90 1.03
C HIS A 245 25.59 -8.23 1.52
N ALA A 246 25.65 -8.38 2.84
CA ALA A 246 26.13 -9.62 3.40
C ALA A 246 25.24 -10.78 3.00
N VAL A 247 23.92 -10.56 3.09
CA VAL A 247 22.96 -11.60 2.74
C VAL A 247 23.09 -11.98 1.28
N HIS A 248 23.22 -10.98 0.42
CA HIS A 248 23.43 -11.20 -0.99
C HIS A 248 24.60 -12.12 -1.22
N PHE A 249 25.73 -11.80 -0.61
CA PHE A 249 26.93 -12.60 -0.70
C PHE A 249 26.68 -14.03 -0.24
N LEU A 250 26.02 -14.18 0.88
CA LEU A 250 25.76 -15.49 1.46
C LEU A 250 24.94 -16.42 0.55
N ASN A 251 23.97 -15.90 -0.20
CA ASN A 251 23.32 -16.78 -1.18
C ASN A 251 24.23 -17.03 -2.37
N GLU A 252 24.90 -15.98 -2.84
CA GLU A 252 25.73 -16.12 -4.03
C GLU A 252 26.93 -17.03 -3.82
N SER A 253 27.46 -17.01 -2.62
CA SER A 253 28.59 -17.85 -2.27
C SER A 253 28.20 -19.27 -1.85
N GLY A 254 26.90 -19.56 -1.76
CA GLY A 254 26.48 -20.90 -1.40
C GLY A 254 26.65 -21.19 0.08
N VAL A 255 26.27 -20.25 0.93
CA VAL A 255 26.39 -20.43 2.37
C VAL A 255 25.04 -20.67 3.02
N LEU A 256 24.10 -19.80 2.73
CA LEU A 256 22.76 -19.96 3.27
C LEU A 256 21.72 -19.39 2.33
N LEU A 257 20.45 -19.68 2.60
CA LEU A 257 19.40 -19.31 1.67
C LEU A 257 18.29 -18.40 2.16
N HIS A 258 18.28 -17.14 1.71
CA HIS A 258 17.05 -16.34 1.82
C HIS A 258 16.10 -16.79 0.75
N PHE A 259 14.81 -16.49 0.92
CA PHE A 259 13.84 -16.81 -0.12
C PHE A 259 13.03 -15.59 -0.47
N GLN A 260 13.72 -14.56 -0.92
CA GLN A 260 13.11 -13.29 -1.26
C GLN A 260 12.74 -13.14 -2.73
N ALA A 263 7.10 -12.84 -3.27
CA ALA A 263 6.53 -12.37 -2.02
C ALA A 263 6.09 -13.54 -1.13
N LEU A 264 7.06 -14.21 -0.53
CA LEU A 264 6.82 -15.35 0.35
C LEU A 264 6.83 -14.86 1.79
N GLN A 265 6.17 -15.58 2.69
CA GLN A 265 6.24 -15.14 4.07
C GLN A 265 7.51 -15.72 4.65
N LEU A 266 7.82 -16.96 4.29
CA LEU A 266 9.07 -17.58 4.72
C LEU A 266 10.17 -17.10 3.78
N SER A 267 10.59 -15.86 3.98
CA SER A 267 11.55 -15.20 3.09
C SER A 267 12.68 -14.46 3.76
N ASP A 268 12.31 -13.34 4.39
CA ASP A 268 13.22 -12.38 5.00
C ASP A 268 13.90 -12.82 6.28
N LEU A 269 13.16 -13.49 7.16
CA LEU A 269 13.68 -13.86 8.46
C LEU A 269 13.84 -15.35 8.63
N TYR A 270 13.95 -16.05 7.51
CA TYR A 270 13.99 -17.49 7.53
C TYR A 270 15.12 -18.04 6.68
N PHE A 271 16.33 -18.07 7.23
CA PHE A 271 17.47 -18.52 6.46
C PHE A 271 17.61 -20.01 6.65
N VAL A 272 17.50 -20.76 5.57
CA VAL A 272 17.45 -22.22 5.71
C VAL A 272 18.64 -22.99 5.13
N GLU A 273 19.12 -23.96 5.92
CA GLU A 273 20.20 -24.85 5.51
C GLU A 273 19.86 -25.55 4.18
N PRO A 274 20.67 -25.34 3.12
CA PRO A 274 20.54 -25.88 1.77
C PRO A 274 20.31 -27.38 1.76
N LYS A 275 20.95 -28.09 2.67
CA LYS A 275 20.81 -29.52 2.75
C LYS A 275 19.37 -29.94 3.02
N TRP A 276 18.67 -29.20 3.86
CA TRP A 276 17.28 -29.54 4.12
C TRP A 276 16.38 -29.14 3.02
N LEU A 277 16.61 -27.96 2.47
CA LEU A 277 15.78 -27.50 1.39
C LEU A 277 15.75 -28.53 0.28
N CYS A 278 16.93 -28.91 -0.16
CA CYS A 278 17.06 -29.86 -1.24
C CYS A 278 16.54 -31.23 -0.89
N LYS A 279 17.02 -31.77 0.23
CA LYS A 279 16.66 -33.11 0.64
C LYS A 279 15.19 -33.33 0.83
N ILE A 280 14.57 -32.52 1.66
CA ILE A 280 13.18 -32.72 1.97
C ILE A 280 12.27 -32.55 0.79
N MET A 281 12.45 -31.48 0.02
CA MET A 281 11.54 -31.26 -1.08
C MET A 281 11.70 -32.35 -2.14
N ALA A 282 12.93 -32.74 -2.40
CA ALA A 282 13.17 -33.80 -3.38
C ALA A 282 12.57 -35.11 -2.92
N GLN A 283 12.71 -35.42 -1.64
CA GLN A 283 12.18 -36.68 -1.16
C GLN A 283 10.67 -36.68 -1.20
N ILE A 284 10.03 -35.61 -0.76
CA ILE A 284 8.57 -35.53 -0.77
C ILE A 284 8.01 -35.73 -2.17
N LEU A 285 8.69 -35.20 -3.17
CA LEU A 285 8.30 -35.46 -4.54
C LEU A 285 8.19 -36.96 -4.79
N THR A 286 9.20 -37.71 -4.36
CA THR A 286 9.22 -39.14 -4.59
C THR A 286 8.42 -39.96 -3.57
N VAL A 287 8.08 -39.38 -2.42
CA VAL A 287 7.30 -40.13 -1.44
C VAL A 287 5.97 -40.51 -2.03
N GLY A 298 -1.26 -38.54 -11.25
CA GLY A 298 -0.32 -38.06 -10.25
C GLY A 298 -0.90 -36.99 -9.35
N ILE A 299 -2.23 -36.86 -9.33
CA ILE A 299 -2.84 -35.83 -8.48
C ILE A 299 -2.93 -36.32 -7.06
N ILE A 300 -2.39 -35.52 -6.14
CA ILE A 300 -2.37 -35.90 -4.74
C ILE A 300 -3.01 -34.86 -3.85
N SER A 301 -3.91 -35.28 -2.98
CA SER A 301 -4.52 -34.34 -2.07
C SER A 301 -3.53 -33.75 -1.10
N ARG A 302 -3.65 -32.44 -0.93
CA ARG A 302 -2.85 -31.66 -0.01
C ARG A 302 -2.81 -32.28 1.37
N ARG A 303 -3.97 -32.77 1.79
CA ARG A 303 -4.14 -33.26 3.14
C ARG A 303 -3.35 -34.50 3.41
N ASP A 304 -3.14 -35.30 2.38
CA ASP A 304 -2.41 -36.52 2.58
C ASP A 304 -0.94 -36.22 2.58
N VAL A 305 -0.57 -35.19 1.83
CA VAL A 305 0.80 -34.72 1.86
C VAL A 305 1.10 -34.18 3.26
N GLU A 306 0.14 -33.44 3.82
CA GLU A 306 0.27 -32.90 5.17
C GLU A 306 0.43 -34.00 6.19
N LYS A 307 -0.36 -35.07 6.04
CA LYS A 307 -0.27 -36.20 6.95
C LYS A 307 1.12 -36.79 6.97
N PHE A 308 1.63 -37.11 5.78
CA PHE A 308 2.96 -37.69 5.70
C PHE A 308 4.01 -36.75 6.26
N LEU A 309 4.00 -35.51 5.80
CA LEU A 309 4.98 -34.50 6.21
C LEU A 309 5.03 -34.33 7.71
N SER A 310 3.87 -34.34 8.36
CA SER A 310 3.82 -34.16 9.81
C SER A 310 4.51 -35.29 10.57
N LYS A 311 4.69 -36.44 9.93
CA LYS A 311 5.34 -37.57 10.54
C LYS A 311 6.82 -37.55 10.18
N LYS A 312 7.12 -37.08 8.97
CA LYS A 312 8.48 -37.00 8.48
C LYS A 312 9.28 -35.93 9.20
N ARG A 313 8.78 -34.71 9.17
CA ARG A 313 9.38 -33.59 9.87
C ARG A 313 8.31 -32.69 10.42
N LYS A 314 8.24 -32.64 11.74
CA LYS A 314 7.23 -31.88 12.45
C LYS A 314 7.37 -30.36 12.30
N PHE A 315 7.02 -29.86 11.13
CA PHE A 315 7.05 -28.44 10.88
C PHE A 315 5.83 -27.78 11.47
N PRO A 316 5.96 -26.54 11.92
CA PRO A 316 4.89 -25.67 12.36
C PRO A 316 3.94 -25.55 11.21
N LYS A 317 2.64 -25.50 11.48
CA LYS A 317 1.67 -25.41 10.40
C LYS A 317 1.86 -24.14 9.57
N ASN A 318 2.37 -23.10 10.19
CA ASN A 318 2.67 -21.88 9.48
C ASN A 318 3.73 -22.15 8.45
N TYR A 319 4.74 -22.91 8.86
CA TYR A 319 5.82 -23.27 7.97
C TYR A 319 5.32 -24.23 6.91
N MET A 320 4.35 -25.07 7.27
CA MET A 320 3.78 -26.00 6.31
C MET A 320 3.05 -25.26 5.20
N SER A 321 2.38 -24.15 5.52
CA SER A 321 1.72 -23.40 4.46
C SER A 321 2.74 -22.80 3.52
N GLN A 322 3.90 -22.45 4.07
CA GLN A 322 4.96 -21.89 3.28
C GLN A 322 5.67 -22.98 2.53
N TYR A 323 5.70 -24.17 3.12
CA TYR A 323 6.28 -25.33 2.49
C TYR A 323 5.58 -25.58 1.18
N PHE A 324 4.25 -25.57 1.22
CA PHE A 324 3.49 -25.77 0.01
C PHE A 324 3.73 -24.66 -0.98
N LYS A 325 3.88 -23.43 -0.49
CA LYS A 325 4.16 -22.34 -1.40
C LYS A 325 5.51 -22.51 -2.06
N LEU A 326 6.49 -23.03 -1.31
CA LEU A 326 7.80 -23.31 -1.86
C LEU A 326 7.74 -24.41 -2.88
N LEU A 327 6.85 -25.39 -2.69
CA LEU A 327 6.73 -26.45 -3.68
C LEU A 327 6.33 -25.86 -5.01
N GLU A 328 5.44 -24.86 -4.98
CA GLU A 328 5.07 -24.18 -6.21
C GLU A 328 6.26 -23.41 -6.77
N LYS A 329 6.89 -22.61 -5.92
CA LYS A 329 8.02 -21.76 -6.29
C LYS A 329 9.13 -22.55 -6.96
N PHE A 330 9.44 -23.72 -6.40
CA PHE A 330 10.47 -24.58 -6.92
C PHE A 330 9.99 -25.62 -7.93
N GLN A 331 8.77 -25.45 -8.44
CA GLN A 331 8.22 -26.33 -9.46
C GLN A 331 8.17 -27.79 -9.07
N ILE A 332 7.92 -28.08 -7.81
CA ILE A 332 7.83 -29.44 -7.34
C ILE A 332 6.39 -29.90 -7.46
N ALA A 333 5.49 -29.05 -7.04
CA ALA A 333 4.08 -29.38 -7.13
C ALA A 333 3.26 -28.12 -7.31
N LEU A 334 2.25 -28.20 -8.15
CA LEU A 334 1.42 -27.04 -8.41
C LEU A 334 0.06 -27.20 -7.78
N PRO A 335 -0.51 -26.14 -7.23
CA PRO A 335 -1.85 -26.12 -6.68
C PRO A 335 -2.89 -26.34 -7.77
N ILE A 336 -3.84 -27.23 -7.53
CA ILE A 336 -4.95 -27.43 -8.44
C ILE A 336 -6.13 -26.77 -7.78
N GLY A 337 -6.89 -27.54 -7.00
CA GLY A 337 -7.95 -26.97 -6.20
C GLY A 337 -7.28 -26.64 -4.91
N GLU A 338 -7.98 -26.06 -3.96
CA GLU A 338 -7.31 -25.73 -2.72
C GLU A 338 -6.88 -26.99 -1.94
N GLU A 339 -7.49 -28.14 -2.25
CA GLU A 339 -7.16 -29.38 -1.58
C GLU A 339 -6.23 -30.29 -2.39
N TYR A 340 -5.73 -29.85 -3.55
CA TYR A 340 -4.93 -30.77 -4.37
C TYR A 340 -3.66 -30.22 -4.98
N LEU A 341 -2.72 -31.12 -5.24
CA LEU A 341 -1.49 -30.79 -5.94
C LEU A 341 -1.34 -31.60 -7.22
N LEU A 342 -0.82 -30.94 -8.26
CA LEU A 342 -0.62 -31.57 -9.55
C LEU A 342 0.62 -32.40 -9.60
N VAL A 343 1.72 -31.87 -9.10
CA VAL A 343 2.98 -32.60 -9.11
C VAL A 343 3.49 -32.92 -10.50
N PRO A 344 3.69 -31.90 -11.35
CA PRO A 344 4.14 -31.97 -12.75
C PRO A 344 5.14 -33.08 -13.00
N SER A 345 6.16 -33.16 -12.17
CA SER A 345 7.15 -34.20 -12.34
C SER A 345 6.51 -35.52 -12.03
N SER A 346 6.68 -36.49 -12.91
CA SER A 346 6.12 -37.83 -12.81
C SER A 346 4.74 -37.94 -13.47
N LEU A 347 4.18 -36.85 -13.98
CA LEU A 347 2.90 -37.00 -14.67
C LEU A 347 3.13 -37.89 -15.87
N SER A 348 2.12 -38.65 -16.24
CA SER A 348 2.25 -39.54 -17.39
C SER A 348 2.71 -38.80 -18.60
N ASP A 349 3.62 -39.41 -19.33
CA ASP A 349 4.12 -38.79 -20.54
C ASP A 349 3.63 -39.52 -21.77
N HIS A 350 2.38 -39.96 -21.72
CA HIS A 350 1.76 -40.66 -22.82
C HIS A 350 0.42 -40.05 -23.14
N ARG A 351 0.45 -38.82 -23.66
CA ARG A 351 -0.73 -38.03 -24.02
C ARG A 351 -1.98 -38.86 -24.18
N PRO A 352 -2.91 -38.76 -23.23
CA PRO A 352 -4.17 -39.47 -23.14
C PRO A 352 -4.98 -39.28 -24.39
N VAL A 353 -5.75 -40.29 -24.74
CA VAL A 353 -6.56 -40.18 -25.93
C VAL A 353 -7.67 -39.19 -25.73
N ILE A 354 -7.67 -38.15 -26.56
CA ILE A 354 -8.67 -37.10 -26.48
C ILE A 354 -9.44 -36.97 -27.77
N GLU A 355 -10.75 -37.15 -27.69
CA GLU A 355 -11.58 -36.97 -28.85
C GLU A 355 -12.15 -35.57 -28.84
N LEU A 356 -11.76 -34.77 -29.81
CA LEU A 356 -12.25 -33.42 -29.87
C LEU A 356 -13.51 -33.34 -30.70
N PRO A 357 -14.42 -32.44 -30.37
CA PRO A 357 -15.60 -32.11 -31.12
C PRO A 357 -15.11 -31.19 -32.18
N HIS A 358 -15.72 -31.21 -33.35
CA HIS A 358 -15.29 -30.38 -34.49
C HIS A 358 -14.18 -31.07 -35.26
N CYS A 359 -14.31 -31.09 -36.58
CA CYS A 359 -13.40 -31.86 -37.40
C CYS A 359 -13.06 -31.17 -38.71
N GLU A 360 -14.00 -30.48 -39.32
CA GLU A 360 -13.74 -29.79 -40.57
C GLU A 360 -12.76 -28.67 -40.29
N ASN A 361 -11.92 -28.35 -41.25
CA ASN A 361 -10.87 -27.38 -41.03
C ASN A 361 -11.38 -26.04 -40.53
N SER A 362 -12.49 -25.56 -41.09
CA SER A 362 -13.05 -24.28 -40.71
C SER A 362 -13.68 -24.25 -39.34
N GLU A 363 -13.80 -25.38 -38.67
CA GLU A 363 -14.41 -25.37 -37.37
C GLU A 363 -13.45 -24.99 -36.25
N ILE A 364 -12.14 -25.03 -36.51
CA ILE A 364 -11.17 -24.75 -35.45
C ILE A 364 -10.06 -23.80 -35.86
N ILE A 365 -9.35 -23.30 -34.85
CA ILE A 365 -8.22 -22.41 -35.05
C ILE A 365 -6.96 -23.04 -34.50
N ILE A 366 -5.90 -23.09 -35.30
CA ILE A 366 -4.64 -23.73 -34.87
C ILE A 366 -3.44 -22.80 -34.93
N ARG A 367 -2.65 -22.80 -33.85
CA ARG A 367 -1.46 -21.96 -33.76
C ARG A 367 -0.21 -22.75 -33.36
N LEU A 368 0.88 -22.61 -34.11
CA LEU A 368 2.12 -23.35 -33.82
C LEU A 368 3.31 -22.51 -33.39
N TYR A 369 4.11 -23.06 -32.49
CA TYR A 369 5.36 -22.42 -32.03
C TYR A 369 6.56 -23.28 -32.28
N GLU A 370 7.38 -22.94 -33.27
CA GLU A 370 8.55 -23.74 -33.60
C GLU A 370 9.78 -23.37 -32.77
N MET A 371 10.32 -24.37 -32.07
CA MET A 371 11.46 -24.19 -31.20
C MET A 371 12.52 -25.23 -31.50
N PRO A 372 13.79 -24.96 -31.24
CA PRO A 372 14.92 -25.85 -31.45
C PRO A 372 14.97 -26.92 -30.37
N TYR A 373 14.38 -26.61 -29.22
CA TYR A 373 14.30 -27.47 -28.06
C TYR A 373 13.56 -26.73 -26.97
N PHE A 374 12.87 -27.46 -26.11
CA PHE A 374 12.20 -26.78 -25.02
C PHE A 374 13.18 -26.56 -23.90
N PRO A 375 13.22 -25.39 -23.28
CA PRO A 375 14.01 -25.03 -22.12
C PRO A 375 13.62 -25.89 -20.94
N MET A 376 14.56 -26.17 -20.06
CA MET A 376 14.24 -27.00 -18.92
C MET A 376 13.29 -26.27 -18.01
N GLY A 377 12.20 -26.94 -17.64
CA GLY A 377 11.20 -26.34 -16.78
C GLY A 377 10.15 -25.55 -17.57
N PHE A 378 10.30 -25.49 -18.89
CA PHE A 378 9.38 -24.76 -19.73
C PHE A 378 7.96 -25.21 -19.51
N TRP A 379 7.75 -26.51 -19.55
CA TRP A 379 6.43 -27.07 -19.42
C TRP A 379 5.82 -26.95 -18.05
N SER A 380 6.60 -27.06 -17.00
CA SER A 380 5.97 -26.98 -15.70
C SER A 380 5.55 -25.56 -15.42
N ARG A 381 6.31 -24.61 -15.93
CA ARG A 381 5.96 -23.22 -15.75
C ARG A 381 4.75 -22.86 -16.58
N LEU A 382 4.73 -23.36 -17.81
CA LEU A 382 3.63 -23.09 -18.71
C LEU A 382 2.34 -23.60 -18.17
N ILE A 383 2.32 -24.84 -17.72
CA ILE A 383 1.11 -25.41 -17.16
C ILE A 383 0.63 -24.64 -15.97
N ASN A 384 1.53 -24.23 -15.10
CA ASN A 384 1.10 -23.47 -13.94
C ASN A 384 0.31 -22.26 -14.36
N ARG A 385 0.75 -21.58 -15.42
CA ARG A 385 0.01 -20.43 -15.90
C ARG A 385 -1.31 -20.80 -16.58
N LEU A 386 -1.29 -21.86 -17.39
CA LEU A 386 -2.48 -22.23 -18.16
C LEU A 386 -3.63 -22.71 -17.30
N LEU A 387 -3.36 -23.21 -16.11
CA LEU A 387 -4.44 -23.69 -15.22
C LEU A 387 -5.50 -22.66 -14.86
N GLU A 388 -5.22 -21.37 -15.00
CA GLU A 388 -6.20 -20.37 -14.61
C GLU A 388 -7.06 -19.82 -15.74
N ILE A 389 -6.94 -20.38 -16.93
CA ILE A 389 -7.70 -19.93 -18.09
C ILE A 389 -9.19 -20.13 -17.97
N SER A 390 -9.95 -19.12 -18.38
CA SER A 390 -11.41 -19.20 -18.35
C SER A 390 -12.10 -18.22 -19.27
N PRO A 391 -12.97 -18.71 -20.17
CA PRO A 391 -13.75 -17.96 -21.12
C PRO A 391 -14.89 -17.22 -20.45
N TYR A 392 -15.09 -17.46 -19.16
CA TYR A 392 -16.17 -16.82 -18.45
C TYR A 392 -15.70 -15.76 -17.49
N MET A 393 -14.40 -15.55 -17.36
CA MET A 393 -13.93 -14.61 -16.34
C MET A 393 -14.41 -13.19 -16.62
N LEU A 394 -14.73 -12.88 -17.88
CA LEU A 394 -15.22 -11.56 -18.23
C LEU A 394 -16.55 -11.23 -17.54
N LEU A 401 -19.34 -23.65 -14.83
CA LEU A 401 -18.98 -24.99 -14.40
C LEU A 401 -17.49 -25.19 -14.59
N ARG A 402 -16.88 -26.03 -13.78
CA ARG A 402 -15.45 -26.26 -13.94
C ARG A 402 -15.20 -27.24 -15.07
N PRO A 403 -14.12 -27.08 -15.82
CA PRO A 403 -13.71 -27.85 -16.96
C PRO A 403 -13.15 -29.22 -16.62
N ASN A 404 -13.37 -30.15 -17.52
CA ASN A 404 -12.87 -31.50 -17.38
C ASN A 404 -11.41 -31.58 -17.77
N ARG A 405 -10.53 -31.14 -16.90
CA ARG A 405 -9.12 -31.08 -17.24
C ARG A 405 -8.40 -32.41 -17.29
N MET A 406 -7.46 -32.52 -18.24
CA MET A 406 -6.59 -33.70 -18.40
C MET A 406 -5.15 -33.23 -18.54
N TYR A 407 -4.17 -34.05 -18.15
CA TYR A 407 -2.79 -33.60 -18.21
C TYR A 407 -1.89 -34.61 -18.91
N TRP A 408 -1.03 -34.12 -19.79
CA TRP A 408 -0.13 -35.00 -20.52
C TRP A 408 1.28 -34.90 -20.09
N ARG A 409 1.60 -34.10 -19.07
CA ARG A 409 2.98 -33.64 -18.82
C ARG A 409 3.49 -32.64 -19.87
N GLN A 410 3.42 -33.01 -21.15
CA GLN A 410 3.80 -32.19 -22.29
C GLN A 410 2.58 -31.50 -22.90
N GLY A 411 1.53 -31.29 -22.13
CA GLY A 411 0.32 -30.65 -22.64
C GLY A 411 -0.80 -30.67 -21.62
N ILE A 412 -1.89 -30.01 -21.96
CA ILE A 412 -3.04 -29.90 -21.09
C ILE A 412 -4.32 -29.74 -21.89
N TYR A 413 -5.40 -30.32 -21.40
CA TYR A 413 -6.67 -30.22 -22.10
C TYR A 413 -7.77 -29.78 -21.19
N LEU A 414 -8.52 -28.78 -21.61
CA LEU A 414 -9.62 -28.30 -20.80
C LEU A 414 -10.88 -28.48 -21.61
N ASN A 415 -11.98 -28.82 -20.98
CA ASN A 415 -13.15 -29.09 -21.81
C ASN A 415 -14.20 -28.03 -21.75
N TRP A 416 -14.73 -27.72 -20.57
CA TRP A 416 -15.79 -26.72 -20.42
C TRP A 416 -17.08 -27.15 -21.13
N SER A 417 -17.10 -27.00 -22.45
CA SER A 417 -18.25 -27.33 -23.27
C SER A 417 -17.86 -27.48 -24.72
N PRO A 418 -18.58 -28.26 -25.52
CA PRO A 418 -18.40 -28.41 -26.96
C PRO A 418 -18.38 -27.05 -27.62
N GLU A 419 -19.09 -26.10 -27.02
CA GLU A 419 -19.08 -24.72 -27.47
C GLU A 419 -17.71 -24.06 -27.36
N ALA A 420 -16.98 -24.33 -26.29
CA ALA A 420 -15.68 -23.70 -26.07
C ALA A 420 -14.77 -24.58 -25.24
N TYR A 421 -13.65 -25.00 -25.80
CA TYR A 421 -12.71 -25.91 -25.15
C TYR A 421 -11.30 -25.59 -25.60
N CYS A 422 -10.29 -26.19 -24.98
CA CYS A 422 -8.93 -25.84 -25.35
C CYS A 422 -7.89 -26.91 -25.17
N LEU A 423 -7.10 -27.16 -26.21
CA LEU A 423 -6.03 -28.14 -26.14
C LEU A 423 -4.67 -27.57 -26.45
N VAL A 424 -3.74 -27.70 -25.51
CA VAL A 424 -2.39 -27.22 -25.72
C VAL A 424 -1.39 -28.35 -25.53
N GLY A 425 -0.55 -28.62 -26.51
CA GLY A 425 0.41 -29.69 -26.27
C GLY A 425 1.48 -29.81 -27.33
N SER A 426 2.54 -30.53 -26.97
CA SER A 426 3.69 -30.74 -27.84
C SER A 426 3.51 -31.78 -28.90
N GLU A 427 3.90 -31.45 -30.13
CA GLU A 427 3.88 -32.42 -31.22
C GLU A 427 5.12 -32.27 -32.07
N VAL A 428 5.59 -33.39 -32.62
CA VAL A 428 6.79 -33.40 -33.44
C VAL A 428 6.59 -34.12 -34.76
N LEU A 429 7.05 -33.50 -35.85
CA LEU A 429 6.93 -34.10 -37.16
C LEU A 429 8.25 -34.63 -37.69
N ASP A 430 8.18 -35.68 -38.50
CA ASP A 430 9.34 -36.32 -39.06
C ASP A 430 10.10 -35.38 -39.96
N ASN A 431 11.42 -35.50 -39.92
CA ASN A 431 12.34 -34.67 -40.68
C ASN A 431 12.34 -33.21 -40.23
N HIS A 432 11.82 -32.95 -39.03
CA HIS A 432 11.80 -31.61 -38.49
C HIS A 432 12.23 -31.60 -37.04
N PRO A 433 13.53 -31.76 -36.79
CA PRO A 433 14.20 -31.77 -35.47
C PRO A 433 13.54 -30.86 -34.44
N GLU A 434 13.19 -29.65 -34.86
CA GLU A 434 12.56 -28.67 -33.99
C GLU A 434 11.28 -29.18 -33.36
N SER A 435 11.16 -29.04 -32.05
CA SER A 435 9.95 -29.43 -31.36
C SER A 435 8.98 -28.28 -31.40
N PHE A 436 7.71 -28.50 -31.07
CA PHE A 436 6.77 -27.38 -31.14
C PHE A 436 5.41 -27.55 -30.52
N LEU A 437 4.81 -26.40 -30.20
CA LEU A 437 3.52 -26.33 -29.56
C LEU A 437 2.39 -26.28 -30.54
N LYS A 438 1.26 -26.83 -30.16
CA LYS A 438 0.06 -26.70 -30.95
C LYS A 438 -1.09 -26.32 -30.06
N ILE A 439 -1.76 -25.24 -30.42
CA ILE A 439 -2.90 -24.74 -29.66
C ILE A 439 -4.16 -24.88 -30.47
N THR A 440 -5.18 -25.55 -29.93
CA THR A 440 -6.43 -25.67 -30.68
C THR A 440 -7.65 -25.20 -29.90
N VAL A 441 -8.40 -24.29 -30.52
CA VAL A 441 -9.65 -23.78 -29.95
C VAL A 441 -10.70 -23.80 -31.04
N PRO A 442 -11.98 -23.86 -30.72
CA PRO A 442 -13.11 -23.86 -31.63
C PRO A 442 -13.31 -22.47 -32.15
N SER A 443 -13.73 -22.34 -33.40
CA SER A 443 -13.88 -21.02 -33.98
C SER A 443 -15.16 -20.30 -33.61
N CYS A 444 -15.16 -19.64 -32.46
CA CYS A 444 -16.27 -18.79 -32.04
C CYS A 444 -15.73 -17.83 -31.01
N ARG A 445 -16.53 -16.86 -30.59
CA ARG A 445 -16.06 -15.85 -29.66
C ARG A 445 -15.43 -16.39 -28.40
N LYS A 446 -16.05 -17.37 -27.76
CA LYS A 446 -15.44 -17.90 -26.55
C LYS A 446 -14.14 -18.59 -26.88
N GLY A 447 -14.07 -19.23 -28.03
CA GLY A 447 -12.85 -19.89 -28.43
C GLY A 447 -11.76 -18.88 -28.61
N CYS A 448 -12.11 -17.73 -29.17
CA CYS A 448 -11.17 -16.65 -29.37
C CYS A 448 -10.62 -16.17 -28.06
N ILE A 449 -11.49 -15.94 -27.09
CA ILE A 449 -11.08 -15.50 -25.78
C ILE A 449 -10.09 -16.45 -25.16
N LEU A 450 -10.34 -17.74 -25.30
CA LEU A 450 -9.40 -18.73 -24.79
C LEU A 450 -8.07 -18.62 -25.47
N LEU A 451 -8.09 -18.48 -26.80
CA LEU A 451 -6.85 -18.38 -27.55
C LEU A 451 -6.04 -17.21 -27.11
N GLY A 452 -6.69 -16.07 -26.94
CA GLY A 452 -6.00 -14.87 -26.51
C GLY A 452 -5.32 -15.08 -25.18
N GLN A 453 -5.99 -15.71 -24.23
CA GLN A 453 -5.37 -15.94 -22.94
C GLN A 453 -4.17 -16.86 -23.04
N VAL A 454 -4.27 -17.90 -23.85
CA VAL A 454 -3.16 -18.84 -23.99
C VAL A 454 -1.93 -18.21 -24.56
N VAL A 455 -2.07 -17.47 -25.65
CA VAL A 455 -0.89 -16.90 -26.28
C VAL A 455 -0.30 -15.76 -25.49
N ASP A 456 -1.12 -15.07 -24.72
CA ASP A 456 -0.59 -14.04 -23.84
C ASP A 456 0.25 -14.66 -22.75
N HIS A 457 -0.18 -15.80 -22.21
CA HIS A 457 0.61 -16.45 -21.18
C HIS A 457 1.90 -16.99 -21.73
N ILE A 458 1.86 -17.55 -22.93
CA ILE A 458 3.07 -18.08 -23.53
C ILE A 458 4.10 -17.01 -23.78
N ASP A 459 3.69 -15.89 -24.36
CA ASP A 459 4.67 -14.86 -24.61
C ASP A 459 5.19 -14.23 -23.33
N SER A 460 4.34 -14.05 -22.34
CA SER A 460 4.79 -13.49 -21.07
C SER A 460 5.78 -14.40 -20.40
N LEU A 461 5.51 -15.71 -20.45
CA LEU A 461 6.40 -16.71 -19.89
C LEU A 461 7.78 -16.57 -20.45
N MET A 462 7.87 -16.49 -21.75
CA MET A 462 9.16 -16.40 -22.38
C MET A 462 9.87 -15.09 -22.09
N GLU A 463 9.14 -13.98 -22.06
CA GLU A 463 9.80 -12.71 -21.78
C GLU A 463 10.45 -12.71 -20.42
N GLU A 464 9.78 -13.28 -19.44
CA GLU A 464 10.33 -13.29 -18.10
C GLU A 464 11.38 -14.37 -17.86
N TRP A 465 11.14 -15.56 -18.36
CA TRP A 465 12.01 -16.67 -17.99
C TRP A 465 12.92 -17.20 -19.05
N PHE A 466 12.59 -17.02 -20.31
CA PHE A 466 13.48 -17.57 -21.32
C PHE A 466 13.83 -16.58 -22.43
N PRO A 467 14.34 -15.39 -22.11
CA PRO A 467 14.76 -14.37 -23.01
C PRO A 467 15.95 -14.92 -23.71
N GLY A 468 16.19 -14.46 -24.91
CA GLY A 468 17.25 -15.02 -25.71
C GLY A 468 16.57 -15.68 -26.87
N LEU A 469 15.49 -16.40 -26.58
CA LEU A 469 14.69 -16.99 -27.62
C LEU A 469 13.99 -15.87 -28.38
N LEU A 470 13.69 -14.80 -27.65
CA LEU A 470 13.07 -13.59 -28.13
C LEU A 470 14.07 -12.51 -28.50
N LEU A 481 14.06 -18.44 -34.08
CA LEU A 481 13.62 -18.97 -32.81
C LEU A 481 12.19 -18.54 -32.53
N LEU A 482 11.39 -19.45 -31.97
CA LEU A 482 10.01 -19.18 -31.66
C LEU A 482 9.23 -18.79 -32.89
N LYS A 483 9.48 -19.49 -33.98
CA LYS A 483 8.82 -19.13 -35.21
C LYS A 483 7.32 -19.36 -35.04
N LYS A 484 6.54 -18.31 -35.22
CA LYS A 484 5.10 -18.44 -35.01
C LYS A 484 4.36 -18.68 -36.31
N TRP A 485 3.73 -19.84 -36.42
CA TRP A 485 3.02 -20.20 -37.63
C TRP A 485 1.53 -20.28 -37.40
N ALA A 486 0.76 -19.86 -38.38
CA ALA A 486 -0.68 -20.02 -38.31
C ALA A 486 -1.10 -20.99 -39.40
N LEU A 487 -2.08 -21.84 -39.12
CA LEU A 487 -2.50 -22.79 -40.13
C LEU A 487 -3.84 -22.46 -40.73
N TYR A 488 -3.95 -22.63 -42.03
CA TYR A 488 -5.21 -22.33 -42.70
C TYR A 488 -5.40 -23.14 -43.95
N SER A 489 -6.62 -23.18 -44.46
CA SER A 489 -6.89 -23.83 -45.72
C SER A 489 -8.03 -23.12 -46.40
N PHE A 490 -8.08 -23.19 -47.72
CA PHE A 490 -9.13 -22.49 -48.46
C PHE A 490 -10.33 -23.37 -48.76
N ASN A 491 -10.38 -24.55 -48.17
CA ASN A 491 -11.46 -25.47 -48.41
C ASN A 491 -11.40 -26.63 -47.44
N ASP A 492 -12.52 -26.87 -46.77
CA ASP A 492 -12.57 -27.95 -45.81
C ASP A 492 -12.32 -29.28 -46.48
N GLY A 493 -11.56 -30.12 -45.83
CA GLY A 493 -11.21 -31.42 -46.37
C GLY A 493 -9.82 -31.43 -46.99
N GLU A 494 -9.20 -30.26 -47.14
CA GLU A 494 -7.87 -30.20 -47.70
C GLU A 494 -6.82 -30.04 -46.61
N GLU A 495 -5.55 -29.97 -47.00
CA GLU A 495 -4.46 -29.85 -46.05
C GLU A 495 -4.22 -28.41 -45.64
N HIS A 496 -3.63 -28.23 -44.46
CA HIS A 496 -3.35 -26.89 -43.99
C HIS A 496 -2.09 -26.33 -44.59
N GLN A 497 -2.07 -25.03 -44.72
CA GLN A 497 -0.91 -24.31 -45.22
C GLN A 497 -0.37 -23.47 -44.09
N LYS A 498 0.93 -23.24 -44.12
CA LYS A 498 1.56 -22.48 -43.06
C LYS A 498 1.85 -21.05 -43.46
N ILE A 499 1.70 -20.13 -42.52
CA ILE A 499 2.08 -18.75 -42.74
C ILE A 499 2.61 -18.12 -41.48
N LEU A 500 3.66 -17.31 -41.59
CA LEU A 500 4.20 -16.66 -40.40
C LEU A 500 3.33 -15.52 -39.98
N LEU A 501 3.19 -15.34 -38.68
CA LEU A 501 2.33 -14.27 -38.21
C LEU A 501 2.79 -12.90 -38.66
N ASP A 502 4.09 -12.73 -38.84
CA ASP A 502 4.58 -11.44 -39.31
C ASP A 502 3.96 -11.08 -40.65
N ASP A 503 3.78 -12.08 -41.51
CA ASP A 503 3.18 -11.81 -42.80
C ASP A 503 1.70 -11.55 -42.64
N LEU A 504 1.05 -12.23 -41.72
CA LEU A 504 -0.34 -11.90 -41.48
C LEU A 504 -0.47 -10.51 -40.93
N MET A 505 0.50 -10.04 -40.14
CA MET A 505 0.44 -8.68 -39.65
C MET A 505 0.57 -7.71 -40.82
N LYS A 506 1.40 -8.05 -41.80
CA LYS A 506 1.52 -7.22 -42.99
C LYS A 506 0.18 -7.12 -43.70
N LYS A 507 -0.57 -8.22 -43.70
CA LYS A 507 -1.87 -8.24 -44.33
C LYS A 507 -2.93 -7.58 -43.46
N ALA A 508 -2.77 -7.67 -42.15
CA ALA A 508 -3.69 -7.05 -41.20
C ALA A 508 -3.67 -5.56 -41.37
N GLU A 509 -2.49 -5.01 -41.67
CA GLU A 509 -2.35 -3.59 -41.92
C GLU A 509 -3.11 -3.18 -43.17
N GLU A 510 -3.20 -4.09 -44.12
CA GLU A 510 -3.98 -3.83 -45.32
C GLU A 510 -5.46 -3.96 -45.00
N GLY A 511 -5.81 -4.91 -44.11
CA GLY A 511 -7.19 -5.14 -43.68
C GLY A 511 -7.93 -6.08 -44.63
N ASP A 512 -7.19 -6.63 -45.57
CA ASP A 512 -7.72 -7.49 -46.61
C ASP A 512 -8.05 -8.90 -46.15
N LEU A 513 -8.62 -9.66 -47.05
CA LEU A 513 -8.85 -11.06 -46.83
C LEU A 513 -7.57 -11.74 -47.26
N LEU A 514 -7.26 -12.89 -46.71
CA LEU A 514 -6.11 -13.60 -47.20
C LEU A 514 -6.48 -14.13 -48.56
N VAL A 515 -5.75 -13.74 -49.60
CA VAL A 515 -6.13 -14.15 -50.94
C VAL A 515 -5.14 -15.12 -51.55
N ASN A 516 -5.65 -16.22 -52.09
CA ASN A 516 -4.81 -17.17 -52.77
C ASN A 516 -4.24 -16.52 -54.01
N PRO A 517 -2.94 -16.27 -54.07
CA PRO A 517 -2.21 -15.57 -55.13
C PRO A 517 -2.36 -16.22 -56.49
N ASP A 518 -2.71 -17.50 -56.52
CA ASP A 518 -2.88 -18.22 -57.77
C ASP A 518 -4.34 -18.26 -58.17
N GLN A 519 -5.23 -18.23 -57.19
CA GLN A 519 -6.65 -18.27 -57.47
C GLN A 519 -7.48 -17.35 -56.59
N PRO A 520 -7.74 -16.11 -57.05
CA PRO A 520 -8.49 -15.02 -56.42
C PRO A 520 -9.85 -15.44 -55.89
N ARG A 521 -10.44 -16.49 -56.46
CA ARG A 521 -11.72 -16.99 -55.98
C ARG A 521 -11.64 -17.54 -54.55
N LEU A 522 -10.44 -17.92 -54.12
CA LEU A 522 -10.22 -18.48 -52.82
C LEU A 522 -9.70 -17.46 -51.82
N THR A 523 -10.56 -17.06 -50.88
CA THR A 523 -10.15 -16.08 -49.88
C THR A 523 -10.57 -16.49 -48.46
N ILE A 524 -9.84 -16.02 -47.45
CA ILE A 524 -10.14 -16.29 -46.06
C ILE A 524 -10.09 -15.02 -45.24
N PRO A 525 -11.07 -14.70 -44.43
CA PRO A 525 -11.05 -13.55 -43.57
C PRO A 525 -9.99 -13.78 -42.53
N ILE A 526 -9.12 -12.79 -42.35
CA ILE A 526 -7.99 -12.92 -41.44
C ILE A 526 -8.40 -13.32 -40.06
N SER A 527 -9.50 -12.78 -39.58
CA SER A 527 -9.99 -13.09 -38.26
C SER A 527 -10.10 -14.59 -37.98
N GLN A 528 -10.46 -15.40 -38.98
CA GLN A 528 -10.57 -16.84 -38.75
C GLN A 528 -9.24 -17.52 -38.55
N ILE A 529 -8.18 -16.92 -39.07
CA ILE A 529 -6.86 -17.48 -38.94
C ILE A 529 -6.20 -16.94 -37.71
N ALA A 530 -6.42 -15.66 -37.46
CA ALA A 530 -5.75 -15.02 -36.37
C ALA A 530 -6.55 -13.91 -35.75
N PRO A 531 -7.59 -14.26 -34.98
CA PRO A 531 -8.49 -13.40 -34.25
C PRO A 531 -7.83 -12.70 -33.07
N ASP A 532 -6.54 -12.93 -32.86
CA ASP A 532 -5.80 -12.23 -31.85
C ASP A 532 -4.94 -11.14 -32.47
N LEU A 533 -4.84 -11.09 -33.80
CA LEU A 533 -4.11 -10.01 -34.45
C LEU A 533 -5.06 -8.86 -34.57
N ILE A 534 -6.27 -9.18 -34.97
CA ILE A 534 -7.35 -8.23 -34.93
C ILE A 534 -7.95 -8.36 -33.57
N LEU A 535 -8.11 -7.29 -32.83
CA LEU A 535 -8.56 -7.43 -31.45
C LEU A 535 -10.01 -7.85 -31.31
N ALA A 536 -10.28 -9.13 -31.56
CA ALA A 536 -11.63 -9.67 -31.49
C ALA A 536 -11.97 -10.21 -30.12
N ASP A 537 -11.03 -10.19 -29.19
CA ASP A 537 -11.32 -10.70 -27.85
C ASP A 537 -11.50 -9.60 -26.82
N LEU A 538 -11.90 -8.43 -27.25
CA LEU A 538 -12.14 -7.34 -26.31
C LEU A 538 -13.54 -7.46 -25.77
N PRO A 539 -13.77 -6.96 -24.57
CA PRO A 539 -15.06 -6.80 -23.94
C PRO A 539 -15.86 -5.85 -24.81
N ARG A 540 -17.17 -6.03 -24.87
CA ARG A 540 -18.00 -5.19 -25.72
C ARG A 540 -17.88 -3.73 -25.35
N ASN A 541 -17.67 -3.48 -24.06
CA ASN A 541 -17.60 -2.15 -23.52
C ASN A 541 -16.46 -1.33 -24.08
N ILE A 542 -15.39 -1.96 -24.55
CA ILE A 542 -14.27 -1.20 -25.05
C ILE A 542 -14.03 -1.40 -26.53
N MET A 543 -15.02 -1.80 -27.28
CA MET A 543 -14.74 -1.88 -28.70
C MET A 543 -14.87 -0.48 -29.28
N LEU A 544 -13.91 -0.09 -30.09
CA LEU A 544 -13.87 1.26 -30.64
C LEU A 544 -14.91 1.54 -31.67
N ASN A 545 -15.76 2.52 -31.40
CA ASN A 545 -16.76 2.93 -32.37
C ASN A 545 -16.18 4.01 -33.26
N ASN A 546 -15.87 3.65 -34.50
CA ASN A 546 -15.22 4.55 -35.45
C ASN A 546 -16.05 5.73 -35.91
N ASP A 547 -17.33 5.76 -35.55
CA ASP A 547 -18.16 6.90 -35.90
C ASP A 547 -18.17 7.94 -34.79
N GLU A 548 -17.55 7.63 -33.67
CA GLU A 548 -17.50 8.55 -32.55
C GLU A 548 -16.13 9.18 -32.41
N LEU A 549 -15.10 8.38 -32.57
CA LEU A 549 -13.74 8.89 -32.41
C LEU A 549 -13.39 9.90 -33.47
N GLU A 550 -13.03 11.10 -33.03
CA GLU A 550 -12.65 12.18 -33.92
C GLU A 550 -11.30 12.78 -33.55
N PHE A 551 -10.33 12.61 -34.42
CA PHE A 551 -8.96 13.05 -34.14
C PHE A 551 -8.25 13.37 -35.44
N GLU A 552 -7.16 14.14 -35.35
CA GLU A 552 -6.43 14.55 -36.53
C GLU A 552 -4.99 14.06 -36.62
N GLN A 553 -4.37 13.77 -35.48
CA GLN A 553 -2.94 13.46 -35.39
C GLN A 553 -2.10 14.63 -35.87
N ALA A 554 -2.59 15.84 -35.67
CA ALA A 554 -1.88 17.03 -36.07
C ALA A 554 -1.08 17.56 -34.88
N PRO A 555 0.06 18.23 -35.11
CA PRO A 555 1.02 18.76 -34.15
C PRO A 555 0.38 19.51 -32.99
N GLU A 556 -0.63 20.30 -33.28
CA GLU A 556 -1.30 21.08 -32.24
C GLU A 556 -2.10 20.26 -31.24
N PHE A 557 -2.29 18.98 -31.51
CA PHE A 557 -3.00 18.14 -30.59
C PHE A 557 -2.07 17.24 -29.84
N LEU A 558 -0.77 17.33 -30.14
CA LEU A 558 0.17 16.46 -29.48
C LEU A 558 0.25 16.81 -28.01
N LEU A 559 -0.06 15.85 -27.17
CA LEU A 559 -0.01 16.04 -25.73
C LEU A 559 1.31 15.56 -25.17
N GLY A 560 1.93 14.58 -25.83
CA GLY A 560 3.23 14.09 -25.39
C GLY A 560 3.60 12.83 -26.13
N ASP A 561 4.74 12.24 -25.79
CA ASP A 561 5.15 11.02 -26.47
C ASP A 561 5.95 10.08 -25.56
N GLY A 562 6.55 9.05 -26.14
CA GLY A 562 7.37 8.12 -25.39
C GLY A 562 7.82 6.96 -26.27
N SER A 563 8.39 5.93 -25.66
CA SER A 563 8.86 4.78 -26.43
C SER A 563 7.72 4.01 -27.08
N PHE A 564 6.52 4.13 -26.52
CA PHE A 564 5.33 3.51 -27.07
C PHE A 564 4.80 4.23 -28.32
N GLY A 565 5.25 5.45 -28.57
CA GLY A 565 4.74 6.22 -29.71
C GLY A 565 4.34 7.63 -29.29
N SER A 566 3.07 7.98 -29.43
CA SER A 566 2.66 9.33 -29.08
C SER A 566 1.23 9.47 -28.60
N VAL A 567 0.93 10.60 -27.97
CA VAL A 567 -0.40 10.87 -27.41
C VAL A 567 -1.01 12.13 -27.97
N TYR A 568 -2.24 12.03 -28.46
CA TYR A 568 -2.92 13.21 -28.98
C TYR A 568 -4.24 13.48 -28.29
N ARG A 569 -4.66 14.74 -28.31
CA ARG A 569 -5.95 15.11 -27.76
C ARG A 569 -7.02 14.84 -28.80
N ALA A 570 -8.15 14.28 -28.38
CA ALA A 570 -9.20 13.92 -29.32
C ALA A 570 -10.57 13.98 -28.70
N ALA A 571 -11.60 13.78 -29.52
CA ALA A 571 -12.96 13.75 -29.02
C ALA A 571 -13.57 12.37 -29.24
N TYR A 572 -14.33 11.90 -28.27
CA TYR A 572 -14.99 10.61 -28.40
C TYR A 572 -16.33 10.71 -27.73
N GLU A 573 -17.40 10.50 -28.47
CA GLU A 573 -18.74 10.64 -27.93
C GLU A 573 -18.95 11.99 -27.24
N GLY A 574 -18.35 13.04 -27.79
CA GLY A 574 -18.49 14.39 -27.26
C GLY A 574 -17.59 14.72 -26.07
N GLU A 575 -16.71 13.81 -25.67
CA GLU A 575 -15.86 14.07 -24.52
C GLU A 575 -14.40 14.15 -24.88
N GLU A 576 -13.65 14.87 -24.06
CA GLU A 576 -12.22 15.03 -24.27
C GLU A 576 -11.46 13.78 -23.84
N VAL A 577 -10.76 13.18 -24.78
CA VAL A 577 -10.01 11.97 -24.51
C VAL A 577 -8.60 12.05 -25.03
N ALA A 578 -7.76 11.18 -24.55
CA ALA A 578 -6.38 11.12 -25.00
C ALA A 578 -6.18 9.85 -25.78
N VAL A 579 -5.46 9.92 -26.89
CA VAL A 579 -5.27 8.73 -27.69
C VAL A 579 -3.84 8.29 -27.79
N LYS A 580 -3.53 7.12 -27.24
CA LYS A 580 -2.17 6.61 -27.35
C LYS A 580 -2.04 5.88 -28.65
N ILE A 581 -1.02 6.22 -29.43
CA ILE A 581 -0.80 5.57 -30.71
C ILE A 581 0.48 4.79 -30.74
N PHE A 582 0.39 3.50 -31.05
CA PHE A 582 1.57 2.67 -31.11
C PHE A 582 2.21 2.76 -32.48
N ASN A 583 2.86 3.89 -32.71
CA ASN A 583 3.43 4.25 -33.99
C ASN A 583 4.75 3.57 -34.33
N LYS A 584 4.67 2.33 -34.77
CA LYS A 584 5.84 1.56 -35.21
C LYS A 584 6.86 1.32 -34.13
N HIS A 585 6.42 0.71 -33.05
CA HIS A 585 7.30 0.39 -31.95
C HIS A 585 6.98 -0.98 -31.42
N THR A 586 7.39 -2.04 -32.12
CA THR A 586 7.04 -3.42 -31.72
C THR A 586 5.60 -3.52 -31.20
N SER A 587 4.69 -2.99 -32.02
CA SER A 587 3.30 -2.88 -31.71
C SER A 587 2.67 -4.24 -31.64
N LEU A 588 1.39 -4.27 -31.31
CA LEU A 588 0.63 -5.49 -31.10
C LEU A 588 1.02 -6.15 -29.80
N ARG A 589 2.27 -6.53 -29.65
CA ARG A 589 2.66 -7.12 -28.40
C ARG A 589 2.61 -6.09 -27.31
N LEU A 590 3.09 -4.87 -27.56
CA LEU A 590 2.97 -3.88 -26.51
C LEU A 590 1.52 -3.52 -26.28
N LEU A 591 0.76 -3.47 -27.35
CA LEU A 591 -0.64 -3.12 -27.27
C LEU A 591 -1.38 -4.10 -26.42
N ARG A 592 -1.20 -5.39 -26.68
CA ARG A 592 -1.91 -6.37 -25.91
C ARG A 592 -1.46 -6.40 -24.47
N GLN A 593 -0.19 -6.13 -24.19
CA GLN A 593 0.23 -6.09 -22.79
C GLN A 593 -0.51 -5.02 -22.04
N GLU A 594 -0.69 -3.86 -22.68
CA GLU A 594 -1.39 -2.78 -22.03
C GLU A 594 -2.85 -3.12 -21.83
N LEU A 595 -3.44 -3.82 -22.79
CA LEU A 595 -4.83 -4.20 -22.67
C LEU A 595 -5.06 -5.15 -21.52
N VAL A 596 -4.14 -6.07 -21.31
CA VAL A 596 -4.25 -7.00 -20.20
C VAL A 596 -4.23 -6.29 -18.87
N VAL A 597 -3.33 -5.32 -18.74
CA VAL A 597 -3.24 -4.57 -17.49
C VAL A 597 -4.42 -3.67 -17.25
N LEU A 598 -4.88 -2.96 -18.27
CA LEU A 598 -5.97 -2.02 -18.10
C LEU A 598 -7.26 -2.70 -17.73
N CYS A 599 -7.53 -3.84 -18.35
CA CYS A 599 -8.73 -4.56 -17.99
C CYS A 599 -8.51 -5.19 -16.65
N HIS A 600 -9.58 -5.44 -15.91
CA HIS A 600 -9.53 -6.02 -14.58
C HIS A 600 -9.11 -5.02 -13.49
N LEU A 601 -8.80 -3.77 -13.86
CA LEU A 601 -8.54 -2.75 -12.87
C LEU A 601 -9.61 -1.70 -13.07
N HIS A 602 -10.59 -1.68 -12.18
CA HIS A 602 -11.72 -0.80 -12.38
C HIS A 602 -12.03 0.00 -11.14
N HIS A 603 -11.12 0.85 -10.73
CA HIS A 603 -11.33 1.66 -9.55
C HIS A 603 -11.54 3.13 -9.94
N PRO A 604 -12.42 3.87 -9.25
CA PRO A 604 -12.74 5.27 -9.47
C PRO A 604 -11.53 6.19 -9.45
N SER A 605 -10.48 5.84 -8.72
CA SER A 605 -9.31 6.69 -8.65
C SER A 605 -8.29 6.40 -9.75
N LEU A 606 -8.57 5.49 -10.67
CA LEU A 606 -7.64 5.19 -11.75
C LEU A 606 -8.17 5.69 -13.10
N ILE A 607 -7.26 5.88 -14.05
CA ILE A 607 -7.65 6.35 -15.38
C ILE A 607 -8.14 5.19 -16.21
N SER A 608 -9.41 5.18 -16.59
CA SER A 608 -9.93 4.04 -17.33
C SER A 608 -9.72 4.13 -18.82
N LEU A 609 -9.92 3.01 -19.49
CA LEU A 609 -9.80 2.88 -20.92
C LEU A 609 -11.14 3.07 -21.59
N LEU A 610 -11.23 4.07 -22.45
CA LEU A 610 -12.45 4.36 -23.18
C LEU A 610 -12.42 3.83 -24.60
N ALA A 611 -12.26 2.52 -24.73
CA ALA A 611 -12.23 1.79 -26.01
C ALA A 611 -10.86 1.77 -26.69
N ALA A 612 -10.55 0.61 -27.26
CA ALA A 612 -9.31 0.34 -27.98
C ALA A 612 -9.60 -0.08 -29.41
N GLY A 613 -8.68 0.16 -30.33
CA GLY A 613 -8.95 -0.21 -31.72
C GLY A 613 -7.72 -0.52 -32.55
N ILE A 614 -7.68 -1.73 -33.06
CA ILE A 614 -6.56 -2.25 -33.83
C ILE A 614 -6.35 -1.60 -35.17
N ARG A 615 -7.39 -1.05 -35.77
CA ARG A 615 -7.27 -0.47 -37.11
C ARG A 615 -6.11 0.53 -37.22
N PRO A 616 -5.90 1.38 -36.22
CA PRO A 616 -4.72 2.24 -36.23
C PRO A 616 -3.88 2.01 -34.97
N ARG A 617 -4.25 1.00 -34.18
CA ARG A 617 -3.56 0.60 -32.95
C ARG A 617 -3.58 1.70 -31.90
N MET A 618 -4.77 1.93 -31.35
CA MET A 618 -4.99 2.97 -30.38
C MET A 618 -5.62 2.57 -29.07
N LEU A 619 -5.24 3.29 -28.02
CA LEU A 619 -5.93 3.24 -26.75
C LEU A 619 -6.53 4.59 -26.42
N VAL A 620 -7.85 4.67 -26.40
CA VAL A 620 -8.51 5.93 -26.08
C VAL A 620 -8.76 5.98 -24.60
N MET A 621 -8.17 6.95 -23.89
CA MET A 621 -8.31 7.00 -22.44
C MET A 621 -8.83 8.33 -21.95
N GLU A 622 -9.32 8.35 -20.72
CA GLU A 622 -9.87 9.59 -20.14
C GLU A 622 -8.85 10.71 -20.11
N LEU A 623 -9.21 11.91 -20.56
CA LEU A 623 -8.30 13.04 -20.39
C LEU A 623 -8.69 13.96 -19.23
N ALA A 624 -7.73 14.23 -18.34
CA ALA A 624 -7.96 15.11 -17.20
C ALA A 624 -8.20 16.53 -17.66
N SER A 625 -9.14 17.21 -17.00
CA SER A 625 -9.48 18.56 -17.41
C SER A 625 -8.73 19.66 -16.67
N LYS A 626 -8.29 19.40 -15.45
CA LYS A 626 -7.59 20.46 -14.72
C LYS A 626 -6.08 20.28 -14.73
N GLY A 627 -5.62 19.20 -15.32
CA GLY A 627 -4.19 18.95 -15.43
C GLY A 627 -3.61 18.27 -14.20
N SER A 628 -2.30 18.25 -14.13
CA SER A 628 -1.58 17.57 -13.06
C SER A 628 -1.32 18.43 -11.84
N LEU A 629 -1.27 17.77 -10.69
CA LEU A 629 -1.09 18.39 -9.39
C LEU A 629 0.11 19.30 -9.32
N ASP A 630 1.26 18.83 -9.76
CA ASP A 630 2.48 19.63 -9.77
C ASP A 630 2.23 21.07 -10.26
N ARG A 631 1.55 21.22 -11.39
CA ARG A 631 1.25 22.53 -11.92
C ARG A 631 0.39 23.32 -10.97
N LEU A 632 -0.65 22.69 -10.45
CA LEU A 632 -1.53 23.35 -9.50
C LEU A 632 -0.77 23.86 -8.29
N LEU A 633 0.14 23.05 -7.79
CA LEU A 633 0.92 23.43 -6.63
C LEU A 633 1.72 24.69 -6.91
N GLN A 634 2.29 24.77 -8.09
CA GLN A 634 3.08 25.94 -8.44
C GLN A 634 2.28 27.09 -9.04
N GLN A 635 1.04 26.85 -9.45
CA GLN A 635 0.30 27.92 -10.12
C GLN A 635 -0.92 28.48 -9.39
N ASP A 636 -1.54 27.75 -8.47
CA ASP A 636 -2.70 28.35 -7.83
C ASP A 636 -3.04 27.86 -6.42
N LYS A 637 -2.37 28.46 -5.45
CA LYS A 637 -2.59 28.16 -4.05
C LYS A 637 -3.98 28.54 -3.57
N ALA A 638 -4.61 29.50 -4.24
CA ALA A 638 -5.95 29.92 -3.89
C ALA A 638 -6.93 28.77 -4.06
N SER A 639 -6.71 27.91 -5.05
CA SER A 639 -7.59 26.76 -5.23
C SER A 639 -7.33 25.73 -4.16
N LEU A 640 -6.07 25.60 -3.76
CA LEU A 640 -5.67 24.64 -2.74
C LEU A 640 -6.13 24.98 -1.33
N THR A 641 -7.42 24.82 -1.07
CA THR A 641 -7.96 25.07 0.26
C THR A 641 -7.76 23.84 1.10
N ARG A 642 -7.98 23.99 2.39
CA ARG A 642 -7.81 22.89 3.31
C ARG A 642 -8.75 21.74 2.98
N THR A 643 -9.96 22.07 2.54
CA THR A 643 -10.92 21.05 2.13
C THR A 643 -10.47 20.31 0.90
N LEU A 644 -10.02 21.05 -0.11
CA LEU A 644 -9.58 20.41 -1.34
C LEU A 644 -8.42 19.49 -1.07
N GLN A 645 -7.46 19.96 -0.29
CA GLN A 645 -6.27 19.19 0.04
C GLN A 645 -6.62 17.86 0.65
N HIS A 646 -7.54 17.87 1.60
CA HIS A 646 -7.94 16.62 2.20
C HIS A 646 -8.54 15.65 1.22
N ARG A 647 -9.42 16.13 0.36
CA ARG A 647 -10.06 15.23 -0.58
C ARG A 647 -9.07 14.62 -1.55
N ILE A 648 -8.06 15.39 -1.96
CA ILE A 648 -7.05 14.84 -2.83
C ILE A 648 -6.32 13.71 -2.15
N ALA A 649 -5.98 13.89 -0.89
CA ALA A 649 -5.29 12.84 -0.15
C ALA A 649 -6.12 11.56 -0.10
N LEU A 650 -7.44 11.68 0.06
CA LEU A 650 -8.26 10.47 0.06
C LEU A 650 -8.24 9.72 -1.24
N HIS A 651 -8.36 10.46 -2.33
CA HIS A 651 -8.46 9.80 -3.61
C HIS A 651 -7.19 9.08 -3.97
N VAL A 652 -6.05 9.65 -3.64
CA VAL A 652 -4.80 8.97 -3.92
C VAL A 652 -4.66 7.73 -3.07
N ALA A 653 -5.02 7.83 -1.79
CA ALA A 653 -4.91 6.69 -0.91
C ALA A 653 -5.75 5.53 -1.39
N ASP A 654 -6.95 5.78 -1.89
CA ASP A 654 -7.75 4.69 -2.43
C ASP A 654 -7.08 3.96 -3.54
N GLY A 655 -6.48 4.71 -4.47
CA GLY A 655 -5.81 4.08 -5.58
C GLY A 655 -4.72 3.16 -5.11
N LEU A 656 -3.94 3.61 -4.14
CA LEU A 656 -2.88 2.78 -3.62
C LEU A 656 -3.38 1.54 -2.95
N ARG A 657 -4.47 1.66 -2.20
CA ARG A 657 -5.00 0.49 -1.52
C ARG A 657 -5.41 -0.54 -2.53
N TYR A 658 -6.10 -0.08 -3.58
CA TYR A 658 -6.59 -0.95 -4.62
C TYR A 658 -5.47 -1.66 -5.35
N LEU A 659 -4.49 -0.90 -5.82
CA LEU A 659 -3.39 -1.49 -6.56
C LEU A 659 -2.59 -2.45 -5.71
N HIS A 660 -2.44 -2.17 -4.43
CA HIS A 660 -1.73 -3.07 -3.57
C HIS A 660 -2.50 -4.35 -3.38
N SER A 661 -3.83 -4.27 -3.30
CA SER A 661 -4.62 -5.49 -3.18
C SER A 661 -4.56 -6.28 -4.48
N ALA A 662 -4.26 -5.60 -5.58
CA ALA A 662 -4.09 -6.21 -6.88
C ALA A 662 -2.66 -6.70 -7.12
N MET A 663 -1.81 -6.68 -6.08
CA MET A 663 -0.41 -7.09 -6.17
C MET A 663 0.43 -6.27 -7.14
N ILE A 664 0.09 -5.00 -7.32
CA ILE A 664 0.82 -4.12 -8.21
C ILE A 664 1.55 -3.04 -7.46
N ILE A 665 2.86 -2.93 -7.68
CA ILE A 665 3.62 -1.88 -7.01
C ILE A 665 3.73 -0.70 -7.96
N TYR A 666 3.31 0.47 -7.51
CA TYR A 666 3.27 1.63 -8.38
C TYR A 666 4.68 2.17 -8.66
N ARG A 667 5.46 2.36 -7.61
CA ARG A 667 6.83 2.82 -7.71
C ARG A 667 7.02 4.20 -8.32
N ASP A 668 6.04 5.10 -8.23
CA ASP A 668 6.26 6.40 -8.84
C ASP A 668 5.34 7.51 -8.34
N LEU A 669 5.14 7.60 -7.04
CA LEU A 669 4.22 8.61 -6.52
C LEU A 669 4.82 9.97 -6.38
N LYS A 670 4.60 10.80 -7.38
CA LYS A 670 5.04 12.17 -7.32
C LYS A 670 3.93 13.02 -7.91
N PRO A 671 3.88 14.32 -7.61
CA PRO A 671 2.90 15.32 -8.05
C PRO A 671 2.67 15.33 -9.55
N HIS A 672 3.64 14.87 -10.30
CA HIS A 672 3.57 14.84 -11.74
C HIS A 672 2.64 13.73 -12.23
N ASN A 673 2.33 12.78 -11.35
CA ASN A 673 1.47 11.65 -11.67
C ASN A 673 0.04 11.79 -11.16
N VAL A 674 -0.28 12.89 -10.49
CA VAL A 674 -1.64 13.04 -9.95
C VAL A 674 -2.47 13.92 -10.84
N LEU A 675 -3.58 13.41 -11.33
CA LEU A 675 -4.41 14.18 -12.23
C LEU A 675 -5.66 14.69 -11.57
N LEU A 676 -6.03 15.92 -11.90
CA LEU A 676 -7.22 16.51 -11.33
C LEU A 676 -8.31 16.69 -12.37
N PHE A 677 -9.53 16.31 -12.00
CA PHE A 677 -10.68 16.38 -12.88
C PHE A 677 -11.71 17.42 -12.53
N THR A 678 -11.34 18.36 -11.66
CA THR A 678 -12.20 19.44 -11.18
C THR A 678 -11.71 19.92 -9.86
N LEU A 679 -11.61 21.22 -9.73
CA LEU A 679 -11.14 21.77 -8.48
C LEU A 679 -12.28 21.99 -7.50
N TYR A 680 -13.53 21.79 -7.94
CA TYR A 680 -14.68 21.93 -7.06
C TYR A 680 -14.58 20.97 -5.88
N PRO A 681 -14.34 21.47 -4.67
CA PRO A 681 -14.12 20.74 -3.43
C PRO A 681 -15.14 19.65 -3.15
N ASN A 682 -16.39 19.90 -3.46
CA ASN A 682 -17.40 18.90 -3.17
C ASN A 682 -17.82 18.10 -4.39
N ALA A 683 -16.88 17.39 -5.00
CA ALA A 683 -17.19 16.58 -6.17
C ALA A 683 -16.97 15.11 -5.86
N ALA A 684 -17.66 14.23 -6.56
CA ALA A 684 -17.52 12.80 -6.31
C ALA A 684 -16.12 12.31 -6.65
N ILE A 685 -15.56 12.76 -7.75
CA ILE A 685 -14.22 12.36 -8.14
C ILE A 685 -13.36 13.55 -8.47
N ILE A 686 -12.23 13.69 -7.79
CA ILE A 686 -11.34 14.81 -7.99
C ILE A 686 -9.99 14.38 -8.49
N ALA A 687 -9.35 13.47 -7.77
CA ALA A 687 -8.01 13.10 -8.20
C ALA A 687 -7.92 11.66 -8.67
N LYS A 688 -7.07 11.42 -9.67
CA LYS A 688 -6.82 10.06 -10.16
C LYS A 688 -5.34 9.82 -10.37
N ILE A 689 -4.93 8.56 -10.30
CA ILE A 689 -3.53 8.18 -10.51
C ILE A 689 -3.27 7.77 -11.96
N ALA A 690 -2.32 8.44 -12.60
CA ALA A 690 -2.00 8.20 -14.00
C ALA A 690 -1.09 7.00 -14.26
N ASP A 691 -1.29 6.37 -15.42
CA ASP A 691 -0.45 5.28 -15.94
C ASP A 691 -0.04 4.21 -14.94
N TYR A 692 -1.01 3.68 -14.24
CA TYR A 692 -0.79 2.61 -13.26
C TYR A 692 -0.51 1.28 -13.92
N GLY A 693 0.11 0.39 -13.16
CA GLY A 693 0.45 -0.93 -13.68
C GLY A 693 1.94 -1.22 -13.49
N PRO A 710 12.98 8.82 -9.12
CA PRO A 710 13.82 9.99 -9.40
C PRO A 710 14.30 10.44 -8.02
N GLY A 711 14.36 11.75 -7.81
CA GLY A 711 14.63 12.16 -6.43
C GLY A 711 13.28 12.31 -5.72
N PHE A 712 12.67 11.17 -5.30
CA PHE A 712 11.36 10.98 -4.60
C PHE A 712 11.28 9.55 -4.06
N ARG A 713 12.40 8.82 -3.96
CA ARG A 713 12.61 7.41 -3.61
C ARG A 713 12.66 7.11 -2.14
N ALA A 714 12.17 5.95 -1.76
CA ALA A 714 12.33 5.46 -0.41
C ALA A 714 13.83 5.26 -0.24
N PRO A 715 14.46 5.55 1.03
CA PRO A 715 15.87 5.40 1.36
C PRO A 715 16.29 3.94 1.30
N GLU A 716 15.28 3.13 1.37
CA GLU A 716 15.44 1.71 1.31
C GLU A 716 15.73 1.25 -0.11
N VAL A 717 14.83 1.55 -1.03
CA VAL A 717 15.02 1.14 -2.42
C VAL A 717 16.05 2.01 -3.12
N ALA A 718 16.28 3.22 -2.59
CA ALA A 718 17.29 4.12 -3.12
C ALA A 718 18.69 3.51 -3.03
N ARG A 719 18.87 2.54 -2.11
CA ARG A 719 20.12 1.83 -1.97
C ARG A 719 20.52 1.14 -3.25
N GLY A 720 19.54 0.55 -3.93
CA GLY A 720 19.78 -0.18 -5.15
C GLY A 720 20.05 -1.67 -4.92
N ASN A 721 20.03 -2.12 -3.67
CA ASN A 721 20.29 -3.54 -3.41
C ASN A 721 19.09 -4.29 -2.84
N VAL A 722 17.89 -3.78 -3.04
CA VAL A 722 16.68 -4.44 -2.56
C VAL A 722 15.53 -4.37 -3.55
N ILE A 723 14.48 -5.11 -3.24
CA ILE A 723 13.30 -5.24 -4.07
C ILE A 723 12.15 -4.33 -3.60
N TYR A 724 11.44 -3.73 -4.55
CA TYR A 724 10.31 -2.88 -4.25
C TYR A 724 9.13 -3.65 -3.70
N ASN A 725 8.41 -3.02 -2.79
CA ASN A 725 7.21 -3.60 -2.24
C ASN A 725 6.31 -2.48 -1.76
N GLN A 726 5.15 -2.84 -1.23
CA GLN A 726 4.18 -1.87 -0.78
C GLN A 726 4.72 -0.81 0.17
N GLN A 727 5.75 -1.14 0.93
CA GLN A 727 6.26 -0.22 1.90
C GLN A 727 7.00 0.90 1.22
N ALA A 728 7.53 0.62 0.04
CA ALA A 728 8.21 1.65 -0.74
C ALA A 728 7.19 2.65 -1.21
N ASP A 729 6.03 2.13 -1.66
CA ASP A 729 4.97 3.03 -2.09
C ASP A 729 4.43 3.85 -0.93
N VAL A 730 4.30 3.23 0.23
CA VAL A 730 3.82 3.97 1.38
C VAL A 730 4.73 5.12 1.71
N TYR A 731 6.03 4.88 1.72
CA TYR A 731 6.98 5.93 2.00
C TYR A 731 6.81 7.04 0.99
N SER A 732 6.71 6.66 -0.27
CA SER A 732 6.55 7.64 -1.33
C SER A 732 5.29 8.46 -1.12
N PHE A 733 4.21 7.81 -0.70
CA PHE A 733 2.96 8.49 -0.38
C PHE A 733 3.16 9.52 0.68
N GLY A 734 3.86 9.15 1.75
CA GLY A 734 4.11 10.08 2.83
C GLY A 734 4.76 11.34 2.30
N LEU A 735 5.71 11.19 1.39
CA LEU A 735 6.35 12.35 0.83
C LEU A 735 5.36 13.18 0.04
N LEU A 736 4.45 12.53 -0.67
CA LEU A 736 3.40 13.25 -1.40
C LEU A 736 2.57 14.06 -0.45
N LEU A 737 2.18 13.47 0.66
CA LEU A 737 1.38 14.15 1.65
C LEU A 737 2.12 15.36 2.20
N TYR A 738 3.41 15.21 2.45
CA TYR A 738 4.26 16.31 2.90
C TYR A 738 4.23 17.41 1.85
N ASP A 739 4.32 17.03 0.58
CA ASP A 739 4.27 17.97 -0.52
C ASP A 739 2.93 18.70 -0.57
N ILE A 740 1.85 18.00 -0.26
CA ILE A 740 0.55 18.63 -0.23
C ILE A 740 0.42 19.58 0.94
N LEU A 741 0.87 19.15 2.10
CA LEU A 741 0.83 19.95 3.31
C LEU A 741 1.48 21.30 3.09
N THR A 742 2.67 21.30 2.53
CA THR A 742 3.30 22.56 2.21
C THR A 742 2.97 22.89 0.79
N THR A 743 1.93 23.69 0.59
CA THR A 743 1.43 23.99 -0.76
C THR A 743 2.42 24.71 -1.64
N GLY A 744 3.43 25.32 -1.04
CA GLY A 744 4.47 25.96 -1.82
C GLY A 744 5.32 24.94 -2.56
N GLY A 745 5.29 23.69 -2.12
CA GLY A 745 6.08 22.65 -2.77
C GLY A 745 7.53 22.95 -2.47
N ARG A 746 7.81 23.37 -1.25
CA ARG A 746 9.14 23.80 -0.89
C ARG A 746 10.17 22.70 -1.06
N ILE A 747 9.83 21.48 -0.69
CA ILE A 747 10.78 20.42 -0.90
C ILE A 747 10.91 20.14 -2.39
N VAL A 748 9.84 20.39 -3.15
CA VAL A 748 9.86 20.20 -4.60
C VAL A 748 10.77 21.23 -5.22
N GLU A 749 10.73 22.46 -4.69
CA GLU A 749 11.61 23.51 -5.16
C GLU A 749 13.06 23.14 -4.91
N GLY A 750 13.30 22.38 -3.83
CA GLY A 750 14.62 21.85 -3.49
C GLY A 750 15.23 21.03 -4.63
N LEU A 751 14.40 20.45 -5.53
CA LEU A 751 14.84 19.69 -6.71
C LEU A 751 15.86 20.44 -7.54
N LYS A 752 15.73 21.76 -7.58
CA LYS A 752 16.60 22.66 -8.30
C LYS A 752 18.05 22.57 -7.81
N PHE A 753 18.24 22.01 -6.60
CA PHE A 753 19.54 21.76 -6.01
C PHE A 753 19.58 20.29 -5.62
N PRO A 754 19.51 19.40 -6.62
CA PRO A 754 19.36 17.94 -6.54
C PRO A 754 20.41 17.23 -5.69
N ASN A 755 21.59 17.86 -5.57
CA ASN A 755 22.67 17.31 -4.77
C ASN A 755 22.31 17.27 -3.30
N GLU A 756 21.43 18.18 -2.88
CA GLU A 756 20.99 18.22 -1.51
C GLU A 756 19.66 17.52 -1.39
N PHE A 757 18.82 17.71 -2.39
CA PHE A 757 17.46 17.17 -2.42
C PHE A 757 17.37 15.65 -2.35
N ASP A 758 18.06 14.94 -3.24
CA ASP A 758 18.01 13.49 -3.21
C ASP A 758 18.59 12.96 -1.92
N GLU A 759 19.67 13.58 -1.46
CA GLU A 759 20.32 13.16 -0.23
C GLU A 759 19.46 13.44 0.97
N LEU A 760 18.74 14.56 0.95
CA LEU A 760 17.83 14.91 2.02
C LEU A 760 16.81 13.81 2.24
N GLU A 761 16.20 13.35 1.15
CA GLU A 761 15.22 12.28 1.26
C GLU A 761 15.86 11.01 1.79
N ILE A 762 17.10 10.72 1.33
CA ILE A 762 17.86 9.58 1.83
C ILE A 762 18.13 9.68 3.32
N GLN A 763 18.50 10.88 3.77
CA GLN A 763 18.76 11.11 5.19
C GLN A 763 17.50 10.94 6.00
N GLY A 764 16.36 11.37 5.43
CA GLY A 764 15.07 11.28 6.11
C GLY A 764 14.92 12.42 7.11
N LYS A 765 15.87 13.35 7.10
CA LYS A 765 15.89 14.42 8.06
C LYS A 765 15.15 15.63 7.55
N LEU A 766 13.84 15.49 7.43
CA LEU A 766 13.04 16.57 6.92
C LEU A 766 12.73 17.55 8.03
N PRO A 767 12.65 18.83 7.72
CA PRO A 767 12.36 19.94 8.60
C PRO A 767 10.88 19.99 8.92
N ASP A 768 10.57 20.61 10.05
CA ASP A 768 9.21 20.76 10.50
C ASP A 768 8.42 21.60 9.52
N PRO A 769 7.43 21.02 8.85
CA PRO A 769 6.63 21.63 7.79
C PRO A 769 5.94 22.91 8.22
N VAL A 770 5.71 23.08 9.50
CA VAL A 770 5.07 24.26 10.00
C VAL A 770 6.08 25.34 10.23
N LYS A 771 7.02 25.05 11.11
CA LYS A 771 8.05 26.00 11.48
C LYS A 771 8.94 26.42 10.32
N GLU A 772 9.36 25.45 9.54
CA GLU A 772 10.27 25.70 8.44
C GLU A 772 9.66 26.43 7.27
N TYR A 773 8.41 26.17 6.96
CA TYR A 773 7.86 26.79 5.78
C TYR A 773 6.81 27.84 6.10
N GLY A 774 6.43 27.97 7.36
CA GLY A 774 5.42 28.95 7.74
C GLY A 774 4.04 28.44 7.34
N CYS A 775 3.83 27.14 7.53
CA CYS A 775 2.60 26.50 7.13
C CYS A 775 1.62 26.40 8.28
N ALA A 776 0.38 26.82 8.08
CA ALA A 776 -0.61 26.78 9.14
C ALA A 776 -0.72 25.35 9.68
N PRO A 777 -0.77 25.16 11.00
CA PRO A 777 -0.82 23.90 11.72
C PRO A 777 -1.91 22.99 11.22
N TRP A 778 -1.59 21.71 11.18
CA TRP A 778 -2.53 20.70 10.78
C TRP A 778 -2.18 19.39 11.45
N PRO A 779 -2.32 19.31 12.77
CA PRO A 779 -2.04 18.15 13.59
C PRO A 779 -2.83 17.00 13.03
N MET A 780 -2.58 15.80 13.51
CA MET A 780 -3.16 14.58 12.93
C MET A 780 -2.42 14.27 11.62
N VAL A 781 -2.52 15.14 10.61
CA VAL A 781 -1.75 14.98 9.39
C VAL A 781 -0.28 15.07 9.67
N GLU A 782 0.11 16.02 10.50
CA GLU A 782 1.51 16.15 10.83
C GLU A 782 2.05 14.88 11.43
N LYS A 783 1.32 14.25 12.35
CA LYS A 783 1.85 13.04 12.92
C LYS A 783 1.71 11.89 11.95
N LEU A 784 0.74 11.96 11.04
CA LEU A 784 0.62 10.90 10.05
C LEU A 784 1.84 10.84 9.20
N ILE A 785 2.31 11.99 8.75
CA ILE A 785 3.52 12.05 7.96
C ILE A 785 4.69 11.47 8.74
N LYS A 786 4.80 11.84 10.00
CA LYS A 786 5.89 11.30 10.80
C LYS A 786 5.79 9.78 10.95
N GLN A 787 4.58 9.28 11.12
CA GLN A 787 4.36 7.85 11.25
C GLN A 787 4.65 7.14 9.95
N CYS A 788 4.28 7.76 8.87
CA CYS A 788 4.49 7.19 7.56
C CYS A 788 5.95 7.12 7.19
N LEU A 789 6.67 8.23 7.31
CA LEU A 789 8.05 8.27 6.87
C LEU A 789 9.04 7.77 7.92
N LYS A 790 9.01 6.46 8.16
CA LYS A 790 9.95 5.84 9.07
C LYS A 790 11.01 5.15 8.25
N GLU A 791 12.17 4.95 8.86
CA GLU A 791 13.27 4.31 8.17
C GLU A 791 13.04 2.82 7.93
N ASN A 792 12.50 2.15 8.94
CA ASN A 792 12.25 0.70 8.89
C ASN A 792 10.92 0.34 8.22
N PRO A 793 10.95 -0.31 7.05
CA PRO A 793 9.81 -0.78 6.26
C PRO A 793 8.80 -1.55 7.08
N GLN A 794 9.25 -2.27 8.08
CA GLN A 794 8.34 -3.03 8.89
C GLN A 794 7.56 -2.14 9.84
N GLU A 795 8.13 -0.99 10.17
CA GLU A 795 7.49 -0.05 11.06
C GLU A 795 6.50 0.83 10.32
N ARG A 796 6.71 1.01 9.03
CA ARG A 796 5.81 1.86 8.27
C ARG A 796 4.41 1.22 8.12
N PRO A 797 3.34 2.02 8.22
CA PRO A 797 1.91 1.68 8.09
C PRO A 797 1.59 1.04 6.77
N THR A 798 0.58 0.19 6.72
CA THR A 798 0.18 -0.39 5.45
C THR A 798 -0.69 0.62 4.77
N SER A 799 -0.84 0.48 3.45
CA SER A 799 -1.64 1.43 2.70
C SER A 799 -3.10 1.37 3.05
N ALA A 800 -3.56 0.21 3.51
CA ALA A 800 -4.94 0.10 3.96
C ALA A 800 -5.14 0.97 5.20
N GLN A 801 -4.17 0.89 6.12
CA GLN A 801 -4.22 1.69 7.34
C GLN A 801 -4.12 3.16 7.05
N VAL A 802 -3.29 3.53 6.09
CA VAL A 802 -3.16 4.93 5.73
C VAL A 802 -4.49 5.49 5.32
N PHE A 803 -5.21 4.75 4.50
CA PHE A 803 -6.52 5.20 4.11
C PHE A 803 -7.44 5.34 5.29
N ASP A 804 -7.49 4.34 6.15
CA ASP A 804 -8.35 4.40 7.31
C ASP A 804 -8.10 5.63 8.14
N ILE A 805 -6.83 6.01 8.27
CA ILE A 805 -6.49 7.22 8.99
C ILE A 805 -7.01 8.44 8.29
N LEU A 806 -6.87 8.49 6.98
CA LEU A 806 -7.36 9.62 6.22
C LEU A 806 -8.88 9.72 6.27
N ASN A 807 -9.53 8.59 6.41
CA ASN A 807 -10.98 8.54 6.54
C ASN A 807 -11.43 9.00 7.92
N SER A 808 -11.45 10.32 8.13
CA SER A 808 -11.81 10.87 9.43
C SER A 808 -12.23 12.31 9.44
N ALA A 809 -13.38 12.58 10.01
CA ALA A 809 -13.84 13.95 10.13
C ALA A 809 -12.97 14.72 11.10
N GLU A 810 -12.50 14.04 12.14
CA GLU A 810 -11.64 14.63 13.14
C GLU A 810 -10.35 15.11 12.51
N LEU A 811 -9.84 14.31 11.58
CA LEU A 811 -8.65 14.66 10.83
C LEU A 811 -8.81 16.00 10.16
N VAL A 812 -9.94 16.19 9.53
CA VAL A 812 -10.22 17.41 8.83
C VAL A 812 -10.44 18.61 9.74
N CYS A 813 -11.24 18.44 10.79
CA CYS A 813 -11.62 19.57 11.62
C CYS A 813 -10.75 19.91 12.80
N LEU A 814 -9.88 19.01 13.23
CA LEU A 814 -9.00 19.41 14.30
C LEU A 814 -8.02 20.39 13.76
N THR A 815 -7.89 21.55 14.38
CA THR A 815 -6.98 22.52 13.83
C THR A 815 -5.75 22.71 14.66
N ARG A 816 -5.91 22.77 15.96
CA ARG A 816 -4.73 22.97 16.80
C ARG A 816 -4.80 22.23 18.11
N ARG A 817 -3.65 21.94 18.68
CA ARG A 817 -3.60 21.31 19.98
C ARG A 817 -2.42 21.83 20.76
N ILE A 818 -2.70 22.49 21.87
CA ILE A 818 -1.64 23.05 22.68
C ILE A 818 -1.54 22.37 24.01
N LEU A 819 -0.40 21.80 24.30
CA LEU A 819 -0.24 21.17 25.59
C LEU A 819 0.15 22.20 26.61
N LEU A 820 -0.35 22.07 27.81
CA LEU A 820 0.03 22.98 28.87
C LEU A 820 1.17 22.36 29.66
N PRO A 821 1.95 23.15 30.38
CA PRO A 821 3.06 22.73 31.21
C PRO A 821 2.56 21.73 32.24
N LYS A 822 3.41 20.78 32.59
CA LYS A 822 3.03 19.76 33.56
C LYS A 822 2.71 20.37 34.91
N ASN A 823 1.69 19.82 35.56
CA ASN A 823 1.19 20.29 36.84
C ASN A 823 0.54 21.66 36.72
N VAL A 824 -0.17 21.87 35.62
CA VAL A 824 -0.96 23.07 35.44
C VAL A 824 -2.40 22.67 35.25
N ILE A 825 -3.23 23.10 36.16
CA ILE A 825 -4.63 22.79 36.11
C ILE A 825 -5.44 24.06 36.02
N VAL A 826 -6.11 24.21 34.90
CA VAL A 826 -6.92 25.38 34.61
C VAL A 826 -8.37 25.09 34.83
N GLU A 827 -9.02 25.85 35.69
CA GLU A 827 -10.42 25.64 35.99
C GLU A 827 -11.38 26.61 35.30
N CYS A 828 -10.86 27.54 34.52
CA CYS A 828 -11.73 28.49 33.80
C CYS A 828 -10.99 29.20 32.67
N MET A 829 -11.75 29.64 31.67
CA MET A 829 -11.16 30.24 30.46
C MET A 829 -11.88 31.47 29.97
N VAL A 830 -11.13 32.49 29.57
CA VAL A 830 -11.73 33.66 28.92
C VAL A 830 -10.98 34.05 27.67
N ALA A 831 -11.56 33.80 26.52
CA ALA A 831 -10.92 34.19 25.28
C ALA A 831 -11.20 35.64 25.01
N THR A 832 -10.23 36.36 24.44
CA THR A 832 -10.48 37.76 24.13
C THR A 832 -11.10 37.90 22.75
N HIS A 833 -12.32 38.41 22.72
CA HIS A 833 -13.05 38.55 21.47
C HIS A 833 -12.57 39.76 20.69
N HIS A 834 -11.52 39.57 19.92
CA HIS A 834 -10.96 40.65 19.15
C HIS A 834 -10.11 40.04 18.00
N ALA A 839 -5.29 37.50 19.84
CA ALA A 839 -5.65 36.08 19.80
C ALA A 839 -5.03 35.35 20.99
N SER A 840 -5.62 35.54 22.16
CA SER A 840 -5.10 34.97 23.38
C SER A 840 -6.20 34.63 24.37
N ILE A 841 -5.86 33.78 25.33
CA ILE A 841 -6.80 33.29 26.31
C ILE A 841 -6.34 33.45 27.75
N TRP A 842 -7.18 34.00 28.60
CA TRP A 842 -6.88 34.10 30.01
C TRP A 842 -7.24 32.81 30.69
N LEU A 843 -6.34 32.27 31.47
CA LEU A 843 -6.58 30.99 32.11
C LEU A 843 -6.56 31.10 33.62
N GLY A 844 -7.45 30.39 34.30
CA GLY A 844 -7.39 30.37 35.75
C GLY A 844 -6.42 29.28 36.17
N CYS A 845 -6.35 28.99 37.45
CA CYS A 845 -5.48 27.90 37.87
C CYS A 845 -5.92 27.28 39.18
N GLY A 846 -6.45 26.07 39.09
CA GLY A 846 -6.91 25.35 40.26
C GLY A 846 -5.90 24.34 40.77
N HIS A 847 -4.72 24.29 40.13
CA HIS A 847 -3.67 23.39 40.58
C HIS A 847 -3.21 23.73 41.99
N THR A 848 -2.87 24.99 42.23
CA THR A 848 -2.41 25.39 43.53
C THR A 848 -3.60 25.85 44.34
N ASP A 849 -3.33 26.24 45.56
CA ASP A 849 -4.37 26.78 46.42
C ASP A 849 -4.22 28.29 46.53
N ARG A 850 -3.57 28.90 45.54
CA ARG A 850 -3.34 30.33 45.53
C ARG A 850 -3.91 30.96 44.26
N GLY A 851 -4.44 32.16 44.39
CA GLY A 851 -4.97 32.90 43.25
C GLY A 851 -3.91 33.13 42.18
N GLN A 852 -3.78 32.18 41.26
CA GLN A 852 -2.80 32.30 40.19
C GLN A 852 -3.47 32.42 38.84
N LEU A 853 -3.08 33.46 38.10
CA LEU A 853 -3.67 33.77 36.80
C LEU A 853 -2.68 33.53 35.68
N SER A 854 -3.06 32.71 34.71
CA SER A 854 -2.16 32.37 33.61
C SER A 854 -2.61 32.98 32.31
N PHE A 855 -1.75 32.95 31.31
CA PHE A 855 -2.08 33.56 30.04
C PHE A 855 -1.44 32.87 28.85
N LEU A 856 -2.28 32.51 27.88
CA LEU A 856 -1.88 31.79 26.68
C LEU A 856 -1.96 32.63 25.42
N ASP A 857 -0.86 32.68 24.68
CA ASP A 857 -0.81 33.40 23.41
C ASP A 857 -0.95 32.45 22.26
N LEU A 858 -2.11 32.44 21.60
CA LEU A 858 -2.35 31.49 20.52
C LEU A 858 -1.49 31.77 19.29
N ASN A 859 -0.97 32.99 19.16
CA ASN A 859 -0.15 33.32 18.01
C ASN A 859 1.22 32.69 18.06
N THR A 860 1.72 32.43 19.26
CA THR A 860 3.07 31.91 19.41
C THR A 860 3.09 30.70 20.33
N GLU A 861 1.91 30.34 20.86
CA GLU A 861 1.78 29.28 21.84
C GLU A 861 2.65 29.62 23.04
N GLY A 862 2.63 30.90 23.39
CA GLY A 862 3.42 31.40 24.51
C GLY A 862 2.65 31.20 25.79
N TYR A 863 3.35 31.12 26.91
CA TYR A 863 2.67 30.89 28.15
C TYR A 863 3.34 31.52 29.34
N THR A 864 2.56 32.25 30.11
CA THR A 864 3.07 32.85 31.32
C THR A 864 2.07 32.68 32.43
N SER A 865 2.43 33.17 33.61
CA SER A 865 1.57 33.00 34.76
C SER A 865 2.07 33.76 35.97
N GLU A 866 1.15 34.34 36.74
CA GLU A 866 1.54 35.09 37.93
C GLU A 866 0.49 35.00 39.00
N GLU A 867 0.91 35.12 40.25
CA GLU A 867 -0.03 35.08 41.35
C GLU A 867 -0.65 36.45 41.50
N VAL A 868 -1.98 36.52 41.49
CA VAL A 868 -2.67 37.79 41.57
C VAL A 868 -3.59 37.92 42.77
N ALA A 869 -3.86 36.81 43.44
CA ALA A 869 -4.78 36.88 44.57
C ALA A 869 -4.45 35.82 45.60
N ASP A 870 -5.08 35.94 46.75
CA ASP A 870 -4.84 34.99 47.82
C ASP A 870 -5.53 33.66 47.59
N SER A 871 -6.85 33.65 47.64
CA SER A 871 -7.59 32.42 47.46
C SER A 871 -7.69 32.02 45.99
N ARG A 872 -8.15 30.80 45.73
CA ARG A 872 -8.21 30.26 44.37
C ARG A 872 -9.20 30.95 43.49
N ILE A 873 -8.77 31.27 42.26
CA ILE A 873 -9.64 31.92 41.29
C ILE A 873 -10.66 30.94 40.79
N LEU A 874 -11.91 31.31 40.90
CA LEU A 874 -12.96 30.41 40.47
C LEU A 874 -13.56 30.82 39.14
N CYS A 875 -13.80 32.11 38.94
CA CYS A 875 -14.40 32.54 37.69
C CYS A 875 -13.78 33.77 37.09
N LEU A 876 -13.64 33.78 35.79
CA LEU A 876 -13.11 34.94 35.11
C LEU A 876 -14.17 35.53 34.20
N ALA A 877 -14.16 36.84 34.03
CA ALA A 877 -15.07 37.45 33.08
C ALA A 877 -14.45 38.66 32.41
N LEU A 878 -14.77 38.86 31.14
CA LEU A 878 -14.23 39.99 30.41
C LEU A 878 -15.17 41.16 30.33
N VAL A 879 -14.75 42.29 30.87
CA VAL A 879 -15.50 43.51 30.78
C VAL A 879 -14.97 44.31 29.64
N HIS A 880 -15.80 44.53 28.65
CA HIS A 880 -15.36 45.24 27.47
C HIS A 880 -16.06 46.57 27.36
N LEU A 881 -15.28 47.64 27.39
CA LEU A 881 -15.82 48.98 27.28
C LEU A 881 -15.25 49.72 26.08
N PRO A 882 -15.63 49.31 24.85
CA PRO A 882 -15.19 49.86 23.57
C PRO A 882 -15.48 51.36 23.46
N VAL A 883 -16.47 51.81 24.22
CA VAL A 883 -16.84 53.21 24.30
C VAL A 883 -15.76 53.99 25.02
N GLU A 884 -15.22 53.39 26.07
CA GLU A 884 -14.19 54.00 26.86
C GLU A 884 -12.80 53.58 26.39
N LYS A 885 -12.76 52.64 25.42
CA LYS A 885 -11.53 52.15 24.82
C LYS A 885 -10.70 51.35 25.80
N GLU A 886 -11.36 50.54 26.62
CA GLU A 886 -10.65 49.76 27.62
C GLU A 886 -11.38 48.47 27.96
N SER A 887 -10.68 47.55 28.57
CA SER A 887 -11.28 46.30 29.00
C SER A 887 -10.58 45.73 30.22
N TRP A 888 -11.31 44.97 31.02
CA TRP A 888 -10.83 44.46 32.29
C TRP A 888 -11.15 42.98 32.50
N ILE A 889 -10.30 42.29 33.23
CA ILE A 889 -10.57 40.91 33.60
C ILE A 889 -11.07 40.89 35.01
N VAL A 890 -12.24 40.34 35.22
CA VAL A 890 -12.80 40.24 36.55
C VAL A 890 -12.57 38.85 37.08
N SER A 891 -11.86 38.77 38.17
CA SER A 891 -11.55 37.50 38.77
C SER A 891 -12.32 37.27 40.05
N GLY A 892 -13.29 36.37 39.99
CA GLY A 892 -14.04 36.00 41.18
C GLY A 892 -13.30 34.88 41.85
N THR A 893 -13.21 34.91 43.17
CA THR A 893 -12.47 33.87 43.86
C THR A 893 -13.16 33.31 45.10
N GLN A 894 -12.49 32.34 45.73
CA GLN A 894 -13.05 31.67 46.91
C GLN A 894 -13.32 32.60 48.06
N SER A 895 -12.48 33.61 48.23
CA SER A 895 -12.67 34.58 49.30
C SER A 895 -13.90 35.45 49.12
N GLY A 896 -14.47 35.46 47.92
CA GLY A 896 -15.62 36.29 47.67
C GLY A 896 -15.21 37.63 47.08
N THR A 897 -13.92 37.87 46.94
CA THR A 897 -13.50 39.13 46.36
C THR A 897 -13.53 39.12 44.85
N LEU A 898 -13.54 40.31 44.28
CA LEU A 898 -13.52 40.52 42.83
C LEU A 898 -12.32 41.33 42.43
N LEU A 899 -11.31 40.66 41.88
CA LEU A 899 -10.12 41.37 41.45
C LEU A 899 -10.27 41.76 40.01
N VAL A 900 -10.19 43.04 39.74
CA VAL A 900 -10.44 43.54 38.40
C VAL A 900 -9.15 44.12 37.82
N ILE A 901 -8.68 43.56 36.70
CA ILE A 901 -7.39 43.96 36.13
C ILE A 901 -7.49 44.46 34.70
N ASN A 902 -6.91 45.62 34.44
CA ASN A 902 -6.99 46.20 33.10
C ASN A 902 -6.17 45.37 32.13
N THR A 903 -6.78 44.95 31.03
CA THR A 903 -6.09 44.14 30.03
C THR A 903 -4.99 44.90 29.30
N GLU A 904 -5.10 46.23 29.29
CA GLU A 904 -4.12 47.08 28.65
C GLU A 904 -3.01 47.53 29.59
N ASP A 905 -3.17 47.24 30.89
CA ASP A 905 -2.18 47.66 31.86
C ASP A 905 -2.20 46.80 33.10
N GLY A 906 -1.25 45.89 33.19
CA GLY A 906 -1.16 44.97 34.32
C GLY A 906 -1.04 45.67 35.68
N LYS A 907 -0.57 46.92 35.71
CA LYS A 907 -0.45 47.64 36.96
C LYS A 907 -1.81 48.08 37.50
N LYS A 908 -2.80 48.21 36.61
CA LYS A 908 -4.12 48.65 37.05
C LYS A 908 -4.92 47.50 37.60
N ARG A 909 -4.70 47.23 38.88
CA ARG A 909 -5.41 46.18 39.56
C ARG A 909 -6.23 46.78 40.71
N HIS A 910 -7.48 46.37 40.86
CA HIS A 910 -8.25 46.86 41.99
C HIS A 910 -9.31 45.86 42.41
N THR A 911 -9.85 46.04 43.60
CA THR A 911 -10.83 45.10 44.12
C THR A 911 -12.16 45.77 44.38
N LEU A 912 -13.25 45.11 43.96
CA LEU A 912 -14.61 45.63 44.15
C LEU A 912 -15.14 45.22 45.50
N GLU A 913 -16.32 45.73 45.86
CA GLU A 913 -16.92 45.35 47.13
C GLU A 913 -16.93 43.84 47.31
N LYS A 914 -16.36 43.39 48.41
CA LYS A 914 -16.27 41.97 48.71
C LYS A 914 -17.63 41.35 48.92
N MET A 915 -17.83 40.16 48.36
CA MET A 915 -19.09 39.43 48.50
C MET A 915 -19.14 38.73 49.84
N THR A 916 -20.34 38.39 50.28
CA THR A 916 -20.53 37.72 51.56
C THR A 916 -20.19 36.23 51.52
N ASP A 917 -19.97 35.70 50.33
CA ASP A 917 -19.59 34.31 50.16
C ASP A 917 -18.78 34.22 48.88
N SER A 918 -18.29 33.03 48.55
CA SER A 918 -17.45 32.87 47.38
C SER A 918 -18.20 33.12 46.10
N VAL A 919 -17.44 33.44 45.05
CA VAL A 919 -18.05 33.68 43.76
C VAL A 919 -18.10 32.39 42.99
N THR A 920 -19.30 32.02 42.56
CA THR A 920 -19.49 30.78 41.85
C THR A 920 -19.63 30.96 40.36
N CYS A 921 -20.09 32.12 39.91
CA CYS A 921 -20.14 32.35 38.47
C CYS A 921 -20.24 33.81 38.13
N LEU A 922 -19.74 34.16 36.96
CA LEU A 922 -19.79 35.53 36.48
C LEU A 922 -20.40 35.59 35.11
N TYR A 923 -21.04 36.70 34.81
CA TYR A 923 -21.59 36.89 33.48
C TYR A 923 -21.71 38.35 33.15
N CYS A 924 -21.31 38.72 31.95
CA CYS A 924 -21.43 40.12 31.58
C CYS A 924 -21.51 40.33 30.09
N ASN A 935 -24.55 46.97 29.93
CA ASN A 935 -24.07 45.67 30.32
C ASN A 935 -24.00 45.64 31.81
N PHE A 936 -24.20 44.49 32.38
CA PHE A 936 -24.10 44.43 33.82
C PHE A 936 -23.23 43.28 34.22
N LEU A 937 -22.43 43.49 35.23
CA LEU A 937 -21.60 42.41 35.71
C LEU A 937 -22.39 41.66 36.74
N LEU A 938 -22.71 40.44 36.42
CA LEU A 938 -23.52 39.68 37.32
C LEU A 938 -22.63 38.77 38.10
N VAL A 939 -22.81 38.76 39.40
CA VAL A 939 -22.01 37.94 40.24
C VAL A 939 -22.86 36.96 40.98
N GLY A 940 -22.70 35.70 40.66
CA GLY A 940 -23.45 34.68 41.35
C GLY A 940 -22.59 34.12 42.44
N THR A 941 -23.08 34.18 43.67
CA THR A 941 -22.32 33.70 44.80
C THR A 941 -22.90 32.41 45.39
N ALA A 942 -22.09 31.80 46.25
CA ALA A 942 -22.39 30.50 46.85
C ALA A 942 -23.59 30.52 47.78
N ASP A 943 -23.97 31.67 48.28
CA ASP A 943 -25.13 31.75 49.14
C ASP A 943 -26.43 32.02 48.38
N GLY A 944 -26.41 31.86 47.06
CA GLY A 944 -27.62 32.05 46.27
C GLY A 944 -27.92 33.51 45.99
N LYS A 945 -26.98 34.39 46.29
CA LYS A 945 -27.15 35.81 46.10
C LYS A 945 -26.63 36.26 44.73
N LEU A 946 -27.39 37.13 44.07
CA LEU A 946 -27.02 37.67 42.76
C LEU A 946 -26.76 39.17 42.81
N ALA A 947 -25.52 39.56 42.60
CA ALA A 947 -25.21 40.98 42.61
C ALA A 947 -25.16 41.49 41.19
N ILE A 948 -25.75 42.65 40.97
CA ILE A 948 -25.77 43.28 39.66
C ILE A 948 -25.02 44.58 39.70
N PHE A 949 -23.92 44.65 38.95
CA PHE A 949 -23.12 45.87 38.89
C PHE A 949 -23.34 46.63 37.59
N GLU A 950 -23.41 47.95 37.69
CA GLU A 950 -23.55 48.81 36.53
C GLU A 950 -22.33 48.69 35.63
N ASP A 951 -22.58 48.76 34.33
CA ASP A 951 -21.61 48.57 33.25
C ASP A 951 -20.25 49.25 33.47
N LYS A 952 -20.22 50.57 33.58
CA LYS A 952 -18.93 51.25 33.73
C LYS A 952 -18.44 51.33 35.17
N THR A 953 -19.36 51.42 36.13
CA THR A 953 -19.05 51.49 37.57
C THR A 953 -17.94 50.57 38.06
N VAL A 954 -17.84 49.36 37.51
CA VAL A 954 -16.86 48.37 37.96
C VAL A 954 -15.40 48.82 37.82
N LYS A 955 -15.15 49.87 37.06
CA LYS A 955 -13.84 50.48 36.92
C LYS A 955 -13.29 51.02 38.24
N LEU A 956 -14.18 51.42 39.14
CA LEU A 956 -13.77 52.03 40.40
C LEU A 956 -13.50 51.01 41.50
N LYS A 957 -12.46 51.26 42.28
CA LYS A 957 -12.10 50.38 43.39
C LYS A 957 -13.08 50.49 44.53
N GLY A 958 -13.54 49.33 45.01
CA GLY A 958 -14.47 49.28 46.11
C GLY A 958 -15.89 49.60 45.67
N ALA A 959 -16.14 49.60 44.37
CA ALA A 959 -17.47 49.93 43.90
C ALA A 959 -18.51 48.92 44.33
N ALA A 960 -19.68 49.45 44.67
CA ALA A 960 -20.85 48.67 45.07
C ALA A 960 -21.70 48.38 43.84
N PRO A 961 -22.48 47.31 43.85
CA PRO A 961 -23.40 46.88 42.81
C PRO A 961 -24.62 47.77 42.74
N LEU A 962 -25.25 47.76 41.58
CA LEU A 962 -26.48 48.48 41.35
C LEU A 962 -27.56 47.96 42.27
N LYS A 963 -27.69 46.64 42.32
CA LYS A 963 -28.68 46.03 43.19
C LYS A 963 -28.33 44.58 43.45
N ILE A 964 -28.88 44.03 44.53
CA ILE A 964 -28.61 42.66 44.94
C ILE A 964 -29.87 41.86 45.17
N LEU A 965 -29.93 40.67 44.59
CA LEU A 965 -31.09 39.82 44.71
C LEU A 965 -30.81 38.54 45.50
N ASN A 966 -31.79 38.09 46.26
CA ASN A 966 -31.69 36.84 46.99
C ASN A 966 -32.49 35.79 46.27
N ILE A 967 -31.83 34.87 45.59
CA ILE A 967 -32.53 33.86 44.83
C ILE A 967 -32.58 32.57 45.59
N GLY A 968 -31.42 32.08 46.00
CA GLY A 968 -31.33 30.84 46.73
C GLY A 968 -31.06 31.06 48.21
N ASN A 969 -30.19 30.24 48.77
CA ASN A 969 -29.85 30.37 50.17
C ASN A 969 -28.48 29.80 50.43
N VAL A 970 -28.06 29.83 51.68
CA VAL A 970 -26.74 29.36 52.08
C VAL A 970 -26.35 27.97 51.56
N SER A 971 -27.33 27.09 51.33
CA SER A 971 -27.05 25.75 50.84
C SER A 971 -27.38 25.58 49.35
N THR A 972 -27.89 26.63 48.71
CA THR A 972 -28.30 26.59 47.30
C THR A 972 -27.64 27.72 46.50
N PRO A 973 -26.40 27.54 46.05
CA PRO A 973 -25.54 28.46 45.32
C PRO A 973 -26.01 28.69 43.91
N LEU A 974 -25.70 29.87 43.37
CA LEU A 974 -26.03 30.10 41.97
C LEU A 974 -24.94 29.45 41.15
N MET A 975 -25.28 28.81 40.06
CA MET A 975 -24.19 28.22 39.30
C MET A 975 -24.25 28.45 37.82
N CYS A 976 -25.17 29.26 37.35
CA CYS A 976 -25.22 29.46 35.92
C CYS A 976 -26.11 30.59 35.50
N LEU A 977 -25.55 31.53 34.77
CA LEU A 977 -26.31 32.64 34.21
C LEU A 977 -26.22 32.61 32.71
N SER A 978 -27.27 32.15 32.08
CA SER A 978 -27.28 32.01 30.64
C SER A 978 -28.22 32.96 29.99
N GLU A 979 -27.96 33.27 28.74
CA GLU A 979 -28.79 34.20 28.04
C GLU A 979 -28.60 34.06 26.58
N SER A 980 -29.65 33.65 25.90
CA SER A 980 -29.58 33.50 24.46
C SER A 980 -30.91 33.80 23.90
N ASN A 987 -34.11 39.58 25.89
CA ASN A 987 -32.98 39.91 26.73
C ASN A 987 -33.20 39.27 28.10
N VAL A 988 -33.95 38.18 28.10
CA VAL A 988 -34.34 37.50 29.32
C VAL A 988 -33.31 36.51 29.81
N MET A 989 -32.99 36.60 31.09
CA MET A 989 -32.00 35.72 31.69
C MET A 989 -32.61 34.43 32.12
N TRP A 990 -31.80 33.39 32.15
CA TRP A 990 -32.19 32.10 32.67
C TRP A 990 -31.07 31.56 33.51
N GLY A 991 -31.36 30.75 34.49
CA GLY A 991 -30.23 30.23 35.22
C GLY A 991 -30.56 29.21 36.25
N GLY A 992 -29.52 28.65 36.83
CA GLY A 992 -29.69 27.57 37.79
C GLY A 992 -29.35 27.99 39.20
N CYS A 993 -30.20 27.56 40.12
CA CYS A 993 -30.04 27.79 41.54
C CYS A 993 -30.43 26.55 42.26
N GLY A 994 -29.46 25.75 42.64
CA GLY A 994 -29.80 24.51 43.29
C GLY A 994 -30.57 23.69 42.29
N THR A 995 -31.81 23.38 42.62
CA THR A 995 -32.64 22.56 41.75
C THR A 995 -33.74 23.34 41.06
N LYS A 996 -33.67 24.68 41.10
CA LYS A 996 -34.68 25.50 40.48
C LYS A 996 -34.14 26.30 39.30
N ILE A 997 -35.01 26.58 38.34
CA ILE A 997 -34.62 27.40 37.22
C ILE A 997 -35.28 28.74 37.32
N PHE A 998 -34.49 29.80 37.35
CA PHE A 998 -35.04 31.12 37.48
C PHE A 998 -34.94 31.88 36.18
N SER A 999 -35.57 33.04 36.14
CA SER A 999 -35.51 33.86 34.95
C SER A 999 -35.67 35.33 35.28
N PHE A 1000 -34.98 36.20 34.54
CA PHE A 1000 -35.05 37.63 34.83
C PHE A 1000 -35.41 38.56 33.70
N SER A 1001 -36.14 39.59 34.09
CA SER A 1001 -36.54 40.67 33.21
C SER A 1001 -35.43 41.69 33.12
N ASN A 1002 -35.63 42.71 32.32
CA ASN A 1002 -34.65 43.78 32.20
C ASN A 1002 -34.61 44.68 33.44
N ASP A 1003 -35.55 44.47 34.36
CA ASP A 1003 -35.58 45.21 35.61
C ASP A 1003 -35.02 44.35 36.73
N PHE A 1004 -34.50 43.18 36.36
CA PHE A 1004 -33.92 42.23 37.29
C PHE A 1004 -34.96 41.66 38.24
N THR A 1005 -36.20 41.52 37.75
CA THR A 1005 -37.23 40.93 38.58
C THR A 1005 -37.42 39.47 38.22
N ILE A 1006 -37.84 38.66 39.18
CA ILE A 1006 -38.01 37.24 38.91
C ILE A 1006 -39.27 37.00 38.13
N GLN A 1007 -39.13 36.36 36.99
CA GLN A 1007 -40.26 36.09 36.12
C GLN A 1007 -40.84 34.70 36.24
N LYS A 1008 -40.19 33.83 37.01
CA LYS A 1008 -40.68 32.46 37.26
C LYS A 1008 -39.62 31.59 37.89
N LEU A 1009 -40.03 30.84 38.90
CA LEU A 1009 -39.15 29.89 39.56
C LEU A 1009 -39.63 28.49 39.29
N ILE A 1010 -39.02 27.85 38.32
CA ILE A 1010 -39.42 26.52 37.93
C ILE A 1010 -38.73 25.48 38.77
N GLU A 1011 -39.47 24.80 39.61
CA GLU A 1011 -38.84 23.76 40.41
C GLU A 1011 -38.72 22.56 39.54
N THR A 1012 -37.51 22.03 39.39
CA THR A 1012 -37.33 20.90 38.49
C THR A 1012 -37.27 19.58 39.21
N ARG A 1013 -37.49 19.58 40.51
CA ARG A 1013 -37.44 18.33 41.27
C ARG A 1013 -38.49 17.34 40.82
N THR A 1014 -39.58 17.84 40.23
CA THR A 1014 -40.67 17.01 39.80
C THR A 1014 -40.30 16.12 38.63
N SER A 1015 -39.15 16.37 38.01
CA SER A 1015 -38.72 15.54 36.91
C SER A 1015 -38.38 14.15 37.37
N GLN A 1016 -38.26 13.92 38.69
CA GLN A 1016 -37.94 12.60 39.23
C GLN A 1016 -39.01 11.57 38.93
N LEU A 1017 -40.21 12.00 38.49
CA LEU A 1017 -41.24 11.07 38.08
C LEU A 1017 -40.75 10.27 36.87
N PHE A 1018 -39.81 10.86 36.13
CA PHE A 1018 -39.17 10.27 34.99
C PHE A 1018 -37.71 10.08 35.36
N SER A 1019 -36.98 9.27 34.62
CA SER A 1019 -35.57 9.05 34.93
C SER A 1019 -35.33 8.47 36.31
N TYR A 1020 -34.45 9.11 37.09
CA TYR A 1020 -34.06 8.64 38.42
C TYR A 1020 -33.87 9.78 39.39
N ALA A 1021 -34.46 9.66 40.56
CA ALA A 1021 -34.45 10.71 41.57
C ALA A 1021 -33.08 11.23 41.96
N ALA A 1022 -32.03 10.41 41.97
CA ALA A 1022 -30.72 10.96 42.37
C ALA A 1022 -30.08 11.75 41.24
N PHE A 1023 -30.62 11.64 40.03
CA PHE A 1023 -30.13 12.41 38.93
C PHE A 1023 -30.96 13.68 38.87
N SER A 1024 -32.26 13.52 39.08
CA SER A 1024 -33.18 14.62 39.11
C SER A 1024 -32.84 15.56 40.24
N ASP A 1025 -32.67 15.02 41.40
CA ASP A 1025 -32.34 15.83 42.53
C ASP A 1025 -30.85 16.08 42.57
N SER A 1026 -30.43 17.16 41.96
CA SER A 1026 -29.02 17.52 41.96
C SER A 1026 -28.84 18.95 41.48
N ASN A 1027 -27.81 19.61 41.96
CA ASN A 1027 -27.60 21.00 41.58
C ASN A 1027 -27.37 21.17 40.09
N ILE A 1028 -27.97 22.21 39.54
CA ILE A 1028 -27.83 22.50 38.12
C ILE A 1028 -26.46 23.04 37.81
N ILE A 1029 -25.82 22.45 36.81
CA ILE A 1029 -24.52 22.89 36.36
C ILE A 1029 -24.64 23.90 35.26
N THR A 1030 -25.46 23.61 34.26
CA THR A 1030 -25.58 24.57 33.18
C THR A 1030 -26.94 24.57 32.52
N VAL A 1031 -27.28 25.74 31.99
CA VAL A 1031 -28.55 25.99 31.32
C VAL A 1031 -28.32 26.49 29.91
N VAL A 1032 -28.86 25.79 28.94
CA VAL A 1032 -28.71 26.27 27.57
C VAL A 1032 -30.05 26.73 27.06
N VAL A 1033 -30.10 27.96 26.57
CA VAL A 1033 -31.37 28.53 26.14
C VAL A 1033 -31.54 28.60 24.63
N ASP A 1034 -32.41 27.78 24.08
CA ASP A 1034 -32.74 27.88 22.67
C ASP A 1034 -34.26 28.03 22.49
N THR A 1035 -34.88 27.04 21.88
CA THR A 1035 -36.32 26.96 21.75
C THR A 1035 -36.87 26.08 22.87
N ALA A 1036 -35.95 25.59 23.69
CA ALA A 1036 -36.24 24.78 24.85
C ALA A 1036 -35.04 24.92 25.78
N LEU A 1037 -35.20 24.56 27.03
CA LEU A 1037 -34.07 24.67 27.93
C LEU A 1037 -33.38 23.35 28.05
N TYR A 1038 -32.07 23.36 28.06
CA TYR A 1038 -31.34 22.11 28.23
C TYR A 1038 -30.60 22.18 29.53
N ILE A 1039 -30.96 21.29 30.43
CA ILE A 1039 -30.41 21.31 31.77
C ILE A 1039 -29.48 20.17 32.08
N ALA A 1040 -28.29 20.49 32.53
CA ALA A 1040 -27.39 19.44 32.99
C ALA A 1040 -27.15 19.65 34.45
N LYS A 1041 -27.33 18.59 35.24
CA LYS A 1041 -27.15 18.64 36.68
C LYS A 1041 -25.92 17.90 37.12
N GLN A 1042 -25.45 18.21 38.31
CA GLN A 1042 -24.18 17.69 38.77
C GLN A 1042 -24.24 16.20 38.92
N ASN A 1043 -23.30 15.53 38.28
CA ASN A 1043 -23.17 14.10 38.26
C ASN A 1043 -24.30 13.37 37.54
N SER A 1044 -25.08 14.08 36.75
CA SER A 1044 -26.12 13.45 35.98
C SER A 1044 -25.52 12.90 34.71
N PRO A 1045 -26.13 11.86 34.17
CA PRO A 1045 -25.84 11.29 32.88
C PRO A 1045 -26.95 11.64 31.93
N VAL A 1046 -27.94 12.38 32.42
CA VAL A 1046 -29.09 12.74 31.64
C VAL A 1046 -29.31 14.22 31.57
N VAL A 1047 -29.54 14.71 30.34
CA VAL A 1047 -29.85 16.12 30.11
C VAL A 1047 -31.34 16.27 29.99
N GLU A 1048 -31.91 17.22 30.72
CA GLU A 1048 -33.34 17.40 30.69
C GLU A 1048 -33.74 18.46 29.69
N VAL A 1049 -34.84 18.26 29.01
CA VAL A 1049 -35.32 19.24 28.07
C VAL A 1049 -36.60 19.84 28.58
N TRP A 1050 -36.63 21.14 28.77
CA TRP A 1050 -37.83 21.75 29.30
C TRP A 1050 -38.51 22.71 28.37
N ASP A 1051 -39.83 22.69 28.36
CA ASP A 1051 -40.58 23.66 27.59
C ASP A 1051 -40.84 24.87 28.41
N LYS A 1052 -40.05 25.89 28.19
CA LYS A 1052 -40.16 27.16 28.90
C LYS A 1052 -41.50 27.86 28.72
N LYS A 1053 -42.26 27.50 27.69
CA LYS A 1053 -43.54 28.14 27.44
C LYS A 1053 -44.65 27.56 28.31
N THR A 1054 -44.48 26.32 28.77
CA THR A 1054 -45.50 25.70 29.61
C THR A 1054 -44.91 25.16 30.90
N GLU A 1055 -43.60 25.24 31.03
CA GLU A 1055 -42.88 24.78 32.20
C GLU A 1055 -43.06 23.29 32.41
N LYS A 1056 -42.83 22.52 31.34
CA LYS A 1056 -43.01 21.07 31.43
C LYS A 1056 -41.81 20.29 30.92
N LEU A 1057 -41.61 19.11 31.47
CA LEU A 1057 -40.52 18.26 31.00
C LEU A 1057 -40.90 17.68 29.65
N CYS A 1058 -40.07 17.93 28.65
CA CYS A 1058 -40.37 17.50 27.28
C CYS A 1058 -39.43 16.48 26.70
N GLY A 1059 -38.62 15.84 27.53
CA GLY A 1059 -37.73 14.83 27.01
C GLY A 1059 -36.45 14.71 27.79
N LEU A 1060 -35.84 13.55 27.66
CA LEU A 1060 -34.60 13.27 28.33
C LEU A 1060 -33.56 12.80 27.35
N ILE A 1061 -32.31 13.16 27.58
CA ILE A 1061 -31.23 12.71 26.73
C ILE A 1061 -30.30 11.82 27.52
N ASP A 1062 -30.26 10.54 27.18
CA ASP A 1062 -29.44 9.58 27.89
C ASP A 1062 -28.06 9.41 27.29
N CYS A 1063 -27.06 10.05 27.89
CA CYS A 1063 -25.69 9.99 27.38
C CYS A 1063 -25.08 8.61 27.50
N VAL A 1064 -25.47 7.87 28.52
CA VAL A 1064 -24.95 6.53 28.71
C VAL A 1064 -25.37 5.68 27.56
N HIS A 1065 -26.62 5.80 27.15
CA HIS A 1065 -27.15 5.05 26.03
C HIS A 1065 -26.32 5.22 24.78
N PHE A 1066 -25.96 6.46 24.47
CA PHE A 1066 -25.18 6.68 23.27
C PHE A 1066 -23.84 5.97 23.34
N LEU A 1067 -23.20 6.01 24.49
CA LEU A 1067 -21.92 5.34 24.61
C LEU A 1067 -22.07 3.87 24.94
N ARG A 1068 -23.29 3.46 25.26
CA ARG A 1068 -23.62 2.06 25.45
C ARG A 1068 -23.62 1.39 24.08
N GLU A 1069 -24.09 2.13 23.08
CA GLU A 1069 -24.08 1.64 21.71
C GLU A 1069 -22.66 1.50 21.21
N VAL A 1070 -21.79 2.41 21.64
CA VAL A 1070 -20.38 2.34 21.33
C VAL A 1070 -19.72 1.22 22.12
N MET A 1071 -18.96 0.38 21.46
CA MET A 1071 -18.30 -0.71 22.16
C MET A 1071 -17.14 -0.20 23.01
N MET A 1082 -13.47 2.18 34.01
CA MET A 1082 -14.58 3.07 34.25
C MET A 1082 -14.44 4.41 33.52
N SER A 1083 -13.75 4.43 32.38
CA SER A 1083 -13.65 5.67 31.61
C SER A 1083 -15.03 6.09 31.07
N TYR A 1084 -15.93 5.13 30.91
CA TYR A 1084 -17.29 5.40 30.47
C TYR A 1084 -18.21 5.70 31.63
N SER A 1085 -17.97 6.85 32.27
CA SER A 1085 -18.79 7.25 33.39
C SER A 1085 -20.11 7.78 32.92
N GLY A 1086 -20.12 8.40 31.76
CA GLY A 1086 -21.34 8.95 31.21
C GLY A 1086 -21.74 10.25 31.90
N ARG A 1087 -20.87 10.81 32.73
CA ARG A 1087 -21.24 12.02 33.43
C ARG A 1087 -21.22 13.19 32.50
N VAL A 1088 -22.24 14.03 32.55
CA VAL A 1088 -22.26 15.20 31.68
C VAL A 1088 -21.44 16.31 32.27
N LYS A 1089 -20.52 16.85 31.48
CA LYS A 1089 -19.70 17.94 31.97
C LYS A 1089 -20.20 19.28 31.50
N THR A 1090 -20.15 19.55 30.20
CA THR A 1090 -20.64 20.84 29.72
C THR A 1090 -21.50 20.72 28.50
N LEU A 1091 -22.35 21.72 28.31
CA LEU A 1091 -23.21 21.78 27.14
C LEU A 1091 -22.93 23.03 26.33
N CYS A 1092 -22.64 22.86 25.06
CA CYS A 1092 -22.53 24.03 24.21
C CYS A 1092 -23.51 23.90 23.10
N LEU A 1093 -24.04 25.01 22.63
CA LEU A 1093 -25.06 24.92 21.60
C LEU A 1093 -24.78 25.82 20.43
N GLN A 1094 -24.90 25.25 19.26
CA GLN A 1094 -24.68 25.95 18.02
C GLN A 1094 -26.02 26.14 17.33
N LYS A 1095 -26.23 27.30 16.73
CA LYS A 1095 -27.53 27.62 16.14
C LYS A 1095 -27.83 26.90 14.83
N ASN A 1096 -26.93 26.04 14.38
CA ASN A 1096 -27.17 25.21 13.21
C ASN A 1096 -27.69 23.86 13.63
N THR A 1097 -28.28 23.76 14.83
CA THR A 1097 -28.83 22.54 15.44
C THR A 1097 -27.77 21.64 16.08
N ALA A 1098 -26.49 21.92 15.95
CA ALA A 1098 -25.55 21.05 16.62
C ALA A 1098 -25.54 21.29 18.13
N LEU A 1099 -25.58 20.21 18.91
CA LEU A 1099 -25.50 20.32 20.35
C LEU A 1099 -24.25 19.56 20.79
N TRP A 1100 -23.36 20.24 21.48
CA TRP A 1100 -22.08 19.66 21.85
C TRP A 1100 -22.10 19.23 23.30
N ILE A 1101 -21.97 17.94 23.57
CA ILE A 1101 -22.01 17.49 24.95
C ILE A 1101 -20.72 16.86 25.40
N GLY A 1102 -20.03 17.48 26.34
CA GLY A 1102 -18.79 16.91 26.84
C GLY A 1102 -19.12 15.95 27.94
N THR A 1103 -18.18 15.11 28.33
CA THR A 1103 -18.47 14.16 29.38
C THR A 1103 -17.30 13.86 30.27
N GLY A 1104 -17.52 12.93 31.19
CA GLY A 1104 -16.51 12.53 32.16
C GLY A 1104 -15.27 11.97 31.50
N GLY A 1105 -15.47 11.06 30.55
CA GLY A 1105 -14.33 10.50 29.82
C GLY A 1105 -14.01 11.38 28.64
N GLY A 1106 -13.03 11.00 27.85
CA GLY A 1106 -12.63 11.81 26.69
C GLY A 1106 -13.56 11.63 25.49
N HIS A 1107 -14.82 12.04 25.65
CA HIS A 1107 -15.79 11.92 24.58
C HIS A 1107 -16.59 13.20 24.42
N ILE A 1108 -16.93 13.52 23.20
CA ILE A 1108 -17.79 14.65 22.92
C ILE A 1108 -18.90 14.16 22.05
N LEU A 1109 -20.13 14.35 22.48
CA LEU A 1109 -21.22 13.87 21.67
C LEU A 1109 -21.75 14.98 20.80
N LEU A 1110 -22.00 14.68 19.55
CA LEU A 1110 -22.61 15.66 18.68
C LEU A 1110 -24.03 15.27 18.46
N LEU A 1111 -24.97 16.05 18.97
CA LEU A 1111 -26.36 15.73 18.74
C LEU A 1111 -27.03 16.71 17.82
N ASP A 1112 -28.06 16.21 17.15
CA ASP A 1112 -28.90 16.97 16.25
C ASP A 1112 -30.10 17.51 16.98
N LEU A 1113 -30.14 18.81 17.23
CA LEU A 1113 -31.27 19.42 17.94
C LEU A 1113 -32.60 19.29 17.24
N SER A 1114 -32.61 19.15 15.93
CA SER A 1114 -33.88 19.07 15.25
C SER A 1114 -34.51 17.69 15.36
N THR A 1115 -33.72 16.67 15.70
CA THR A 1115 -34.27 15.33 15.80
C THR A 1115 -33.88 14.62 17.08
N ARG A 1116 -33.00 15.24 17.86
CA ARG A 1116 -32.45 14.65 19.08
C ARG A 1116 -31.75 13.36 18.75
N ARG A 1117 -30.83 13.42 17.80
CA ARG A 1117 -30.11 12.22 17.37
C ARG A 1117 -28.62 12.37 17.32
N LEU A 1118 -27.93 11.27 17.48
CA LEU A 1118 -26.49 11.25 17.53
C LEU A 1118 -25.86 11.35 16.16
N ILE A 1119 -25.17 12.46 15.94
CA ILE A 1119 -24.43 12.69 14.71
C ILE A 1119 -23.16 11.89 14.74
N ARG A 1120 -22.41 12.01 15.83
CA ARG A 1120 -21.16 11.27 15.99
C ARG A 1120 -20.55 11.39 17.36
N VAL A 1121 -19.78 10.38 17.74
CA VAL A 1121 -19.06 10.41 18.98
C VAL A 1121 -17.60 10.74 18.72
N ILE A 1122 -17.14 11.88 19.21
CA ILE A 1122 -15.76 12.27 19.04
C ILE A 1122 -15.05 11.76 20.25
N TYR A 1123 -14.03 10.94 20.10
CA TYR A 1123 -13.47 10.42 21.34
C TYR A 1123 -12.02 10.06 21.30
N ASN A 1124 -11.53 9.68 22.49
CA ASN A 1124 -10.13 9.37 22.73
C ASN A 1124 -9.40 10.67 22.62
N PHE A 1125 -10.09 11.70 23.09
CA PHE A 1125 -9.68 13.07 23.08
C PHE A 1125 -8.58 13.33 24.10
N CYS A 1126 -8.89 13.08 25.35
CA CYS A 1126 -7.98 13.22 26.47
C CYS A 1126 -8.56 12.40 27.60
N ASN A 1127 -8.10 12.58 28.82
CA ASN A 1127 -8.65 11.80 29.91
C ASN A 1127 -10.07 12.27 30.29
N SER A 1128 -10.27 13.58 30.45
CA SER A 1128 -11.58 14.09 30.87
C SER A 1128 -11.83 15.51 30.39
N VAL A 1129 -13.06 15.85 30.03
CA VAL A 1129 -13.33 17.20 29.53
C VAL A 1129 -13.64 18.20 30.64
N ARG A 1130 -12.94 19.32 30.68
CA ARG A 1130 -13.21 20.30 31.72
C ARG A 1130 -14.19 21.38 31.28
N VAL A 1131 -13.83 22.21 30.29
CA VAL A 1131 -14.77 23.22 29.79
C VAL A 1131 -14.75 23.32 28.29
N MET A 1132 -15.83 23.83 27.73
CA MET A 1132 -15.92 24.04 26.31
C MET A 1132 -16.39 25.45 26.01
N MET A 1133 -15.75 26.10 25.07
CA MET A 1133 -16.15 27.45 24.72
C MET A 1133 -16.33 27.62 23.25
N THR A 1134 -17.17 28.57 22.88
CA THR A 1134 -17.32 28.93 21.49
C THR A 1134 -16.63 30.24 21.34
N ALA A 1135 -15.70 30.34 20.41
CA ALA A 1135 -14.99 31.59 20.29
C ALA A 1135 -14.58 31.89 18.88
N GLN A 1136 -14.56 33.16 18.56
CA GLN A 1136 -14.14 33.60 17.27
C GLN A 1136 -12.67 33.95 17.35
N LEU A 1137 -11.89 33.42 16.43
CA LEU A 1137 -10.47 33.66 16.40
C LEU A 1137 -10.14 35.02 15.85
N GLY A 1138 -8.85 35.32 15.82
CA GLY A 1138 -8.37 36.59 15.31
C GLY A 1138 -8.41 36.67 13.79
N SER A 1139 -8.72 35.52 13.15
CA SER A 1139 -8.92 35.38 11.72
C SER A 1139 -10.40 35.45 11.39
N LEU A 1140 -11.22 35.62 12.44
CA LEU A 1140 -12.67 35.62 12.40
C LEU A 1140 -13.29 34.22 12.23
N LYS A 1141 -12.45 33.18 12.24
CA LYS A 1141 -12.93 31.82 12.14
C LYS A 1141 -13.51 31.36 13.47
N ASN A 1142 -14.66 30.70 13.44
CA ASN A 1142 -15.25 30.24 14.70
C ASN A 1142 -14.78 28.84 15.05
N VAL A 1143 -14.36 28.67 16.30
CA VAL A 1143 -13.87 27.39 16.77
C VAL A 1143 -14.36 27.00 18.14
N MET A 1144 -14.23 25.73 18.45
CA MET A 1144 -14.51 25.25 19.80
C MET A 1144 -13.23 25.14 20.56
N LEU A 1145 -13.22 25.66 21.77
CA LEU A 1145 -12.07 25.60 22.62
C LEU A 1145 -12.33 24.58 23.67
N VAL A 1146 -11.75 23.41 23.56
CA VAL A 1146 -12.05 22.40 24.54
C VAL A 1146 -10.86 22.17 25.42
N LEU A 1147 -11.03 22.47 26.70
CA LEU A 1147 -9.98 22.31 27.67
C LEU A 1147 -10.20 21.05 28.43
N GLY A 1148 -9.21 20.17 28.48
CA GLY A 1148 -9.41 18.93 29.21
C GLY A 1148 -8.23 18.50 30.06
N TYR A 1149 -8.46 17.43 30.81
CA TYR A 1149 -7.46 16.82 31.66
C TYR A 1149 -6.88 15.66 30.91
N ASN A 1150 -5.63 15.37 31.16
CA ASN A 1150 -5.00 14.26 30.52
C ASN A 1150 -4.15 13.50 31.48
N ARG A 1151 -4.75 13.02 32.56
CA ARG A 1151 -4.01 12.22 33.52
C ARG A 1151 -3.56 10.94 32.87
N GLU A 1162 0.84 11.95 36.37
CA GLU A 1162 1.11 12.90 35.30
C GLU A 1162 -0.04 13.87 35.16
N ILE A 1163 0.09 15.04 35.77
CA ILE A 1163 -0.95 16.04 35.64
C ILE A 1163 -0.77 16.84 34.38
N GLN A 1164 -1.23 16.27 33.29
CA GLN A 1164 -1.19 16.91 32.01
C GLN A 1164 -2.56 17.43 31.70
N SER A 1165 -2.61 18.58 31.06
CA SER A 1165 -3.85 19.21 30.65
C SER A 1165 -3.58 19.90 29.34
N CYS A 1166 -4.62 20.15 28.56
CA CYS A 1166 -4.37 20.76 27.26
C CYS A 1166 -5.57 21.39 26.61
N LEU A 1167 -5.30 22.28 25.66
CA LEU A 1167 -6.33 22.98 24.93
C LEU A 1167 -6.44 22.50 23.52
N THR A 1168 -7.62 22.09 23.11
CA THR A 1168 -7.80 21.64 21.76
C THR A 1168 -8.72 22.56 20.99
N VAL A 1169 -8.33 22.95 19.80
CA VAL A 1169 -9.15 23.85 19.01
C VAL A 1169 -9.78 23.17 17.82
N TRP A 1170 -11.11 23.13 17.78
CA TRP A 1170 -11.82 22.46 16.70
C TRP A 1170 -12.56 23.40 15.78
N ASP A 1171 -12.58 23.06 14.50
CA ASP A 1171 -13.34 23.84 13.55
C ASP A 1171 -14.81 23.70 13.85
N ILE A 1172 -15.48 24.80 14.15
CA ILE A 1172 -16.90 24.83 14.49
C ILE A 1172 -17.83 24.06 13.54
N ASN A 1173 -17.39 23.76 12.32
CA ASN A 1173 -18.25 23.09 11.35
C ASN A 1173 -18.12 21.59 11.39
N LEU A 1174 -17.47 21.04 12.42
CA LEU A 1174 -17.31 19.61 12.57
C LEU A 1174 -18.55 18.78 12.29
N PRO A 1175 -19.73 19.07 12.85
CA PRO A 1175 -20.98 18.36 12.62
C PRO A 1175 -21.29 18.20 11.14
N HIS A 1176 -20.98 19.23 10.36
CA HIS A 1176 -21.29 19.20 8.95
C HIS A 1176 -20.29 18.38 8.22
N GLU A 1177 -19.05 18.43 8.66
CA GLU A 1177 -18.02 17.67 8.01
C GLU A 1177 -18.24 16.20 8.23
N VAL A 1178 -18.69 15.83 9.42
CA VAL A 1178 -18.98 14.44 9.68
C VAL A 1178 -19.97 13.89 8.70
N GLN A 1179 -21.07 14.60 8.52
CA GLN A 1179 -22.09 14.11 7.61
C GLN A 1179 -21.66 14.16 6.15
N ASN A 1180 -21.01 15.25 5.75
CA ASN A 1180 -20.62 15.38 4.35
C ASN A 1180 -19.59 14.36 3.97
N LEU A 1181 -18.63 14.13 4.84
CA LEU A 1181 -17.61 13.15 4.55
C LEU A 1181 -18.22 11.80 4.38
N GLU A 1182 -19.12 11.43 5.27
CA GLU A 1182 -19.76 10.13 5.19
C GLU A 1182 -20.46 9.94 3.87
N LYS A 1183 -21.18 10.96 3.43
CA LYS A 1183 -21.88 10.89 2.16
C LYS A 1183 -20.90 10.68 1.02
N HIS A 1184 -19.85 11.48 1.00
CA HIS A 1184 -18.83 11.42 -0.03
C HIS A 1184 -18.29 10.03 -0.22
N ILE A 1185 -17.95 9.41 0.89
CA ILE A 1185 -17.40 8.08 0.85
C ILE A 1185 -18.38 7.07 0.33
N GLU A 1186 -19.63 7.13 0.79
CA GLU A 1186 -20.61 6.16 0.35
C GLU A 1186 -20.91 6.24 -1.13
N VAL A 1187 -20.93 7.44 -1.68
CA VAL A 1187 -21.16 7.60 -3.10
C VAL A 1187 -20.08 6.93 -3.89
N ARG A 1188 -18.83 7.16 -3.52
CA ARG A 1188 -17.73 6.59 -4.25
C ARG A 1188 -17.64 5.10 -4.08
N LYS A 1189 -18.06 4.60 -2.94
CA LYS A 1189 -18.08 3.17 -2.73
C LYS A 1189 -19.01 2.51 -3.73
N GLU A 1190 -20.18 3.11 -3.93
CA GLU A 1190 -21.13 2.57 -4.88
C GLU A 1190 -20.58 2.61 -6.29
N LEU A 1191 -19.88 3.69 -6.64
CA LEU A 1191 -19.31 3.79 -7.96
C LEU A 1191 -18.25 2.74 -8.18
N ALA A 1192 -17.51 2.40 -7.15
CA ALA A 1192 -16.49 1.37 -7.28
C ALA A 1192 -17.14 0.06 -7.64
N GLU A 1193 -18.26 -0.26 -7.01
CA GLU A 1193 -18.95 -1.49 -7.31
C GLU A 1193 -19.59 -1.46 -8.68
N LYS A 1194 -20.09 -0.30 -9.05
CA LYS A 1194 -20.66 -0.12 -10.36
C LYS A 1194 -19.67 -0.46 -11.45
N MET A 1195 -18.47 0.10 -11.34
CA MET A 1195 -17.40 -0.12 -12.30
C MET A 1195 -16.95 -1.56 -12.33
N ARG A 1196 -16.62 -2.10 -11.16
CA ARG A 1196 -16.12 -3.46 -11.07
C ARG A 1196 -17.12 -4.47 -11.60
N ARG A 1197 -18.40 -4.18 -11.41
CA ARG A 1197 -19.46 -5.08 -11.83
C ARG A 1197 -19.68 -5.10 -13.33
N THR A 1198 -19.54 -3.95 -13.99
CA THR A 1198 -19.74 -3.87 -15.43
C THR A 1198 -18.76 -4.80 -16.15
N SER A 1199 -17.47 -4.52 -15.98
CA SER A 1199 -16.41 -5.32 -16.59
C SER A 1199 -16.66 -5.59 -18.07
N VAL A 4 39.55 -8.92 2.33
CA VAL A 4 40.55 -10.00 2.28
C VAL A 4 40.34 -10.92 1.07
N PRO A 5 41.44 -11.49 0.54
CA PRO A 5 41.54 -12.30 -0.67
C PRO A 5 40.86 -13.66 -0.56
N TYR A 6 39.56 -13.64 -0.77
CA TYR A 6 38.70 -14.82 -0.76
C TYR A 6 39.12 -15.80 -1.86
N ASN A 7 39.39 -17.05 -1.48
CA ASN A 7 39.86 -18.08 -2.42
C ASN A 7 38.90 -19.24 -2.67
N ARG A 8 37.60 -18.99 -2.50
CA ARG A 8 36.61 -20.04 -2.72
C ARG A 8 35.79 -19.79 -3.98
N MET A 9 35.52 -20.87 -4.71
CA MET A 9 34.79 -20.81 -5.98
C MET A 9 33.90 -22.02 -6.12
N LYS A 10 32.75 -21.88 -6.75
CA LYS A 10 31.84 -23.00 -6.86
C LYS A 10 32.08 -23.84 -8.10
N LEU A 11 31.83 -25.13 -8.00
CA LEU A 11 31.94 -26.02 -9.14
C LEU A 11 30.59 -26.63 -9.43
N MET A 12 30.05 -26.33 -10.60
CA MET A 12 28.74 -26.85 -10.94
C MET A 12 28.89 -28.00 -11.90
N ILE A 13 28.43 -29.18 -11.50
CA ILE A 13 28.54 -30.31 -12.39
C ILE A 13 27.16 -30.67 -12.90
N VAL A 14 27.01 -30.65 -14.22
CA VAL A 14 25.73 -30.89 -14.84
C VAL A 14 25.80 -31.93 -15.93
N GLY A 15 24.63 -32.43 -16.31
CA GLY A 15 24.52 -33.44 -17.34
C GLY A 15 23.24 -34.21 -17.16
N ASN A 16 22.94 -35.10 -18.09
CA ASN A 16 21.72 -35.87 -17.98
C ASN A 16 21.88 -37.13 -17.16
N TPO A 17 20.74 -37.61 -16.69
CA TPO A 17 20.66 -38.81 -15.89
CB TPO A 17 19.18 -39.11 -15.54
CG2 TPO A 17 19.08 -40.35 -14.66
OG1 TPO A 17 18.61 -37.99 -14.84
P TPO A 17 17.01 -37.78 -14.78
O1P TPO A 17 16.36 -39.17 -14.62
O2P TPO A 17 16.73 -36.89 -13.54
O3P TPO A 17 16.57 -37.07 -16.09
C TPO A 17 21.29 -39.99 -16.62
O TPO A 17 20.90 -40.32 -17.74
N GLY A 18 22.26 -40.61 -15.96
CA GLY A 18 22.94 -41.77 -16.52
C GLY A 18 24.39 -41.54 -16.89
N SER A 19 24.83 -40.28 -16.86
CA SER A 19 26.21 -39.95 -17.23
C SER A 19 27.28 -40.58 -16.35
N GLY A 20 26.98 -40.81 -15.07
CA GLY A 20 27.97 -41.37 -14.16
C GLY A 20 28.96 -40.30 -13.64
N LYS A 21 28.61 -39.03 -13.88
CA LYS A 21 29.44 -37.88 -13.54
C LYS A 21 29.81 -37.77 -12.06
N THR A 22 29.03 -38.39 -11.18
CA THR A 22 29.37 -38.41 -9.76
C THR A 22 30.64 -39.19 -9.51
N THR A 23 30.80 -40.30 -10.21
CA THR A 23 31.98 -41.14 -10.05
C THR A 23 33.16 -40.37 -10.56
N LEU A 24 32.96 -39.69 -11.69
CA LEU A 24 34.00 -38.84 -12.25
C LEU A 24 34.54 -37.88 -11.22
N LEU A 25 33.64 -37.20 -10.51
CA LEU A 25 34.03 -36.30 -9.43
C LEU A 25 34.90 -36.99 -8.40
N GLN A 26 34.49 -38.17 -7.96
CA GLN A 26 35.25 -38.92 -6.97
C GLN A 26 36.65 -39.25 -7.46
N GLN A 27 36.79 -39.54 -8.75
CA GLN A 27 38.10 -39.83 -9.28
C GLN A 27 38.94 -38.58 -9.39
N LEU A 28 38.32 -37.47 -9.79
CA LEU A 28 39.03 -36.21 -9.93
C LEU A 28 39.53 -35.70 -8.59
N MET A 29 38.73 -35.88 -7.55
CA MET A 29 39.10 -35.46 -6.21
C MET A 29 40.07 -36.44 -5.57
N GLY A 44 18.86 -34.81 -5.77
CA GLY A 44 19.25 -33.46 -6.13
C GLY A 44 20.76 -33.30 -6.27
N ILE A 45 21.32 -32.45 -5.40
CA ILE A 45 22.74 -32.12 -5.46
C ILE A 45 23.60 -32.65 -4.32
N ASP A 46 24.71 -33.29 -4.68
CA ASP A 46 25.70 -33.76 -3.71
C ASP A 46 26.73 -32.66 -3.49
N VAL A 47 26.70 -32.02 -2.33
CA VAL A 47 27.57 -30.88 -2.06
C VAL A 47 28.82 -31.21 -1.24
N LYS A 48 29.99 -30.79 -1.71
CA LYS A 48 31.22 -31.04 -0.95
C LYS A 48 32.40 -30.18 -1.39
N ASP A 49 33.21 -29.76 -0.42
CA ASP A 49 34.43 -29.01 -0.70
C ASP A 49 35.53 -29.82 -1.38
N TRP A 50 36.27 -29.14 -2.25
CA TRP A 50 37.42 -29.72 -2.92
C TRP A 50 38.62 -28.78 -2.96
N PRO A 51 39.43 -28.76 -1.91
CA PRO A 51 40.69 -28.05 -1.81
C PRO A 51 41.68 -28.56 -2.83
N ILE A 52 42.22 -27.66 -3.62
CA ILE A 52 43.21 -27.98 -4.62
C ILE A 52 44.47 -27.19 -4.36
N LEU A 62 43.12 -23.38 -3.38
CA LEU A 62 41.88 -23.18 -4.10
C LEU A 62 40.83 -24.08 -3.55
N VAL A 63 39.78 -23.53 -2.96
CA VAL A 63 38.77 -24.41 -2.44
C VAL A 63 37.53 -24.35 -3.28
N LEU A 64 37.19 -25.46 -3.90
CA LEU A 64 36.01 -25.45 -4.71
C LEU A 64 34.83 -25.97 -3.91
N ASN A 65 33.70 -25.31 -4.08
CA ASN A 65 32.48 -25.73 -3.43
C ASN A 65 31.75 -26.52 -4.47
N VAL A 66 31.85 -27.84 -4.42
CA VAL A 66 31.28 -28.62 -5.50
C VAL A 66 29.81 -28.89 -5.31
N TRP A 67 29.03 -28.54 -6.32
CA TRP A 67 27.60 -28.76 -6.38
C TRP A 67 27.30 -29.74 -7.49
N ASP A 68 27.29 -31.04 -7.16
CA ASP A 68 27.01 -32.07 -8.14
C ASP A 68 25.53 -32.26 -8.41
N PHE A 69 25.01 -31.69 -9.52
CA PHE A 69 23.60 -31.85 -9.91
C PHE A 69 23.39 -33.23 -10.48
N ALA A 70 23.47 -34.24 -9.63
CA ALA A 70 23.35 -35.59 -10.09
C ALA A 70 21.97 -35.87 -10.65
N GLY A 71 20.93 -35.51 -9.89
CA GLY A 71 19.56 -35.75 -10.33
C GLY A 71 18.92 -34.50 -10.90
N ARG A 72 17.59 -34.56 -11.06
CA ARG A 72 16.81 -33.47 -11.63
C ARG A 72 16.58 -32.34 -10.65
N GLU A 73 17.67 -31.71 -10.22
CA GLU A 73 17.53 -30.64 -9.28
C GLU A 73 17.14 -29.37 -9.95
N GLU A 74 15.84 -29.10 -9.89
CA GLU A 74 15.20 -27.94 -10.49
C GLU A 74 15.85 -26.60 -10.20
N PHE A 75 16.70 -26.51 -9.15
CA PHE A 75 17.49 -25.31 -8.80
C PHE A 75 18.03 -24.60 -10.03
N TYR A 76 18.54 -25.36 -11.00
CA TYR A 76 19.08 -24.76 -12.22
C TYR A 76 18.10 -23.88 -13.00
N SER A 77 16.81 -24.04 -12.74
CA SER A 77 15.79 -23.25 -13.40
C SER A 77 14.86 -22.54 -12.41
N THR A 78 14.94 -22.90 -11.12
CA THR A 78 14.07 -22.29 -10.10
C THR A 78 14.80 -21.34 -9.19
N HIS A 79 16.11 -21.49 -9.09
CA HIS A 79 16.90 -20.55 -8.32
C HIS A 79 18.36 -20.64 -8.66
N PRO A 80 18.73 -20.45 -9.92
CA PRO A 80 20.08 -20.45 -10.46
C PRO A 80 20.76 -19.13 -10.12
N ARG A 86 30.97 -16.70 -10.30
CA ARG A 86 31.92 -17.35 -9.40
C ARG A 86 31.78 -18.86 -9.43
N ALA A 87 31.63 -19.42 -10.62
CA ALA A 87 31.42 -20.84 -10.72
C ALA A 87 31.86 -21.36 -12.07
N LEU A 88 32.34 -22.61 -12.09
CA LEU A 88 32.76 -23.25 -13.33
C LEU A 88 31.84 -24.40 -13.65
N TYR A 89 31.44 -24.51 -14.90
CA TYR A 89 30.55 -25.57 -15.29
C TYR A 89 31.23 -26.73 -15.93
N LEU A 90 30.95 -27.90 -15.41
CA LEU A 90 31.47 -29.12 -15.96
C LEU A 90 30.31 -29.89 -16.56
N ALA A 91 30.28 -29.96 -17.87
CA ALA A 91 29.22 -30.64 -18.59
C ALA A 91 29.67 -32.05 -18.91
N VAL A 92 28.99 -33.04 -18.36
CA VAL A 92 29.38 -34.42 -18.58
C VAL A 92 28.33 -35.20 -19.32
N TYR A 93 28.75 -35.96 -20.33
CA TYR A 93 27.81 -36.78 -21.07
C TYR A 93 28.44 -38.10 -21.47
N ASP A 94 27.60 -39.09 -21.76
CA ASP A 94 28.08 -40.42 -22.14
C ASP A 94 28.34 -40.55 -23.63
N LEU A 95 29.61 -40.56 -23.99
CA LEU A 95 30.05 -40.65 -25.38
C LEU A 95 29.50 -41.85 -26.13
N SER A 96 29.30 -42.99 -25.44
CA SER A 96 28.82 -44.19 -26.12
C SER A 96 27.36 -44.05 -26.55
N LYS A 97 26.64 -43.08 -25.97
CA LYS A 97 25.29 -42.81 -26.40
C LYS A 97 25.38 -42.07 -27.72
N GLY A 98 26.28 -41.09 -27.77
CA GLY A 98 26.56 -40.40 -29.03
C GLY A 98 25.95 -39.01 -29.21
N GLN A 99 25.81 -38.64 -30.48
CA GLN A 99 25.35 -37.34 -30.93
C GLN A 99 23.98 -36.96 -30.39
N ALA A 100 23.12 -37.95 -30.19
CA ALA A 100 21.82 -37.69 -29.62
C ALA A 100 21.95 -37.06 -28.25
N GLU A 101 22.94 -37.49 -27.49
CA GLU A 101 23.19 -36.96 -26.17
C GLU A 101 23.74 -35.55 -26.27
N VAL A 102 24.58 -35.33 -27.26
CA VAL A 102 25.13 -34.00 -27.49
C VAL A 102 23.99 -33.02 -27.69
N ASP A 103 23.00 -33.40 -28.49
CA ASP A 103 21.84 -32.55 -28.70
C ASP A 103 21.03 -32.38 -27.43
N ALA A 104 20.92 -33.43 -26.63
CA ALA A 104 20.22 -33.35 -25.35
C ALA A 104 20.84 -32.30 -24.42
N MET A 105 22.14 -32.10 -24.53
CA MET A 105 22.82 -31.11 -23.71
C MET A 105 22.59 -29.65 -24.12
N LYS A 106 21.92 -29.41 -25.24
CA LYS A 106 21.70 -28.04 -25.68
C LYS A 106 20.85 -27.23 -24.70
N PRO A 107 19.78 -27.79 -24.12
CA PRO A 107 18.97 -27.15 -23.11
C PRO A 107 19.78 -26.80 -21.87
N TRP A 108 20.78 -27.62 -21.56
CA TRP A 108 21.63 -27.35 -20.42
C TRP A 108 22.51 -26.17 -20.72
N LEU A 109 23.07 -26.16 -21.92
CA LEU A 109 23.92 -25.07 -22.32
C LEU A 109 23.14 -23.78 -22.43
N PHE A 110 21.92 -23.88 -22.93
CA PHE A 110 21.05 -22.73 -23.03
C PHE A 110 20.83 -22.13 -21.68
N ASN A 111 20.42 -22.97 -20.74
CA ASN A 111 20.16 -22.52 -19.39
C ASN A 111 21.38 -21.89 -18.75
N ILE A 112 22.56 -22.47 -19.01
CA ILE A 112 23.79 -21.89 -18.47
C ILE A 112 24.01 -20.52 -19.02
N LYS A 113 23.94 -20.37 -20.32
CA LYS A 113 24.15 -19.07 -20.94
C LYS A 113 23.11 -18.07 -20.45
N ALA A 114 21.89 -18.55 -20.29
CA ALA A 114 20.76 -17.75 -19.85
C ALA A 114 20.92 -17.19 -18.44
N ARG A 115 21.87 -17.68 -17.66
CA ARG A 115 22.04 -17.16 -16.31
C ARG A 115 23.47 -16.73 -16.04
N ALA A 116 24.43 -17.29 -16.77
CA ALA A 116 25.82 -16.91 -16.63
C ALA A 116 26.57 -17.11 -17.93
N SER A 117 26.32 -16.25 -18.90
CA SER A 117 26.96 -16.38 -20.21
C SER A 117 28.48 -16.21 -20.15
N SER A 118 28.97 -15.51 -19.15
CA SER A 118 30.39 -15.29 -18.97
C SER A 118 31.12 -16.45 -18.28
N SER A 119 30.36 -17.40 -17.71
CA SER A 119 30.99 -18.50 -16.99
C SER A 119 31.65 -19.47 -17.95
N PRO A 120 32.70 -20.19 -17.51
CA PRO A 120 33.48 -21.15 -18.25
C PRO A 120 32.76 -22.48 -18.32
N VAL A 121 32.89 -23.17 -19.44
CA VAL A 121 32.27 -24.47 -19.61
C VAL A 121 33.25 -25.50 -20.13
N ILE A 122 33.38 -26.60 -19.42
CA ILE A 122 34.22 -27.69 -19.87
C ILE A 122 33.36 -28.87 -20.22
N LEU A 123 33.45 -29.34 -21.45
CA LEU A 123 32.63 -30.43 -21.92
C LEU A 123 33.38 -31.76 -21.90
N VAL A 124 32.91 -32.71 -21.12
CA VAL A 124 33.58 -34.00 -21.03
C VAL A 124 32.70 -35.17 -21.43
N GLY A 125 33.16 -35.90 -22.44
CA GLY A 125 32.48 -37.10 -22.88
C GLY A 125 33.09 -38.27 -22.13
N THR A 126 32.28 -39.25 -21.75
CA THR A 126 32.85 -40.36 -21.00
C THR A 126 32.45 -41.71 -21.53
N HIS A 127 32.99 -42.74 -20.88
CA HIS A 127 32.85 -44.13 -21.27
C HIS A 127 33.43 -44.39 -22.66
N LEU A 128 34.59 -43.79 -22.93
CA LEU A 128 35.29 -43.99 -24.19
C LEU A 128 35.80 -45.43 -24.30
N ASP A 129 35.98 -46.13 -23.17
CA ASP A 129 36.43 -47.51 -23.24
C ASP A 129 35.38 -48.49 -23.77
N VAL A 130 34.15 -48.01 -24.02
CA VAL A 130 33.11 -48.84 -24.61
C VAL A 130 32.49 -48.08 -25.77
N SER A 131 33.24 -47.13 -26.31
CA SER A 131 32.76 -46.33 -27.42
C SER A 131 33.79 -46.30 -28.52
N ASP A 132 33.38 -46.74 -29.70
CA ASP A 132 34.28 -46.75 -30.85
C ASP A 132 34.68 -45.32 -31.18
N GLU A 133 35.92 -45.13 -31.64
CA GLU A 133 36.36 -43.79 -32.00
C GLU A 133 35.50 -43.17 -33.08
N LYS A 134 34.75 -44.00 -33.83
CA LYS A 134 33.76 -43.50 -34.77
C LYS A 134 32.82 -42.54 -34.06
N GLN A 135 32.32 -42.95 -32.90
CA GLN A 135 31.43 -42.12 -32.12
C GLN A 135 32.18 -40.93 -31.56
N ARG A 136 33.41 -41.16 -31.13
CA ARG A 136 34.23 -40.08 -30.60
C ARG A 136 34.39 -38.96 -31.61
N LYS A 137 34.81 -39.31 -32.82
CA LYS A 137 34.99 -38.31 -33.85
C LYS A 137 33.67 -37.82 -34.41
N ALA A 138 32.61 -38.64 -34.31
CA ALA A 138 31.30 -38.20 -34.76
C ALA A 138 30.83 -37.08 -33.85
N CYS A 139 30.96 -37.30 -32.54
CA CYS A 139 30.57 -36.30 -31.57
C CYS A 139 31.52 -35.11 -31.62
N MET A 140 32.79 -35.37 -31.92
CA MET A 140 33.73 -34.28 -32.09
C MET A 140 33.26 -33.37 -33.18
N SER A 141 32.94 -33.94 -34.35
CA SER A 141 32.47 -33.12 -35.45
C SER A 141 31.12 -32.50 -35.13
N LYS A 142 30.31 -33.21 -34.35
CA LYS A 142 29.01 -32.70 -33.95
C LYS A 142 29.15 -31.40 -33.17
N ILE A 143 30.07 -31.38 -32.20
CA ILE A 143 30.26 -30.17 -31.42
C ILE A 143 31.02 -29.10 -32.19
N THR A 144 31.89 -29.48 -33.13
CA THR A 144 32.57 -28.44 -33.89
C THR A 144 31.61 -27.79 -34.86
N LYS A 145 30.60 -28.53 -35.27
CA LYS A 145 29.59 -28.00 -36.18
C LYS A 145 28.44 -27.31 -35.48
N GLU A 146 28.07 -27.77 -34.28
CA GLU A 146 26.88 -27.23 -33.67
C GLU A 146 27.00 -26.58 -32.30
N LEU A 147 28.15 -26.65 -31.63
CA LEU A 147 28.23 -26.03 -30.31
C LEU A 147 29.43 -25.13 -30.09
N LEU A 148 30.60 -25.61 -30.47
CA LEU A 148 31.85 -24.89 -30.24
C LEU A 148 31.91 -23.56 -30.97
N ASN A 149 31.21 -23.45 -32.08
CA ASN A 149 31.18 -22.22 -32.85
C ASN A 149 29.74 -21.73 -33.03
N LYS A 150 28.85 -22.16 -32.15
CA LYS A 150 27.45 -21.82 -32.30
C LYS A 150 26.94 -20.80 -31.29
N ARG A 151 26.47 -19.66 -31.81
CA ARG A 151 25.94 -18.64 -30.93
C ARG A 151 24.67 -19.14 -30.29
N GLY A 152 24.38 -18.65 -29.10
CA GLY A 152 23.24 -19.11 -28.35
C GLY A 152 23.71 -20.06 -27.25
N PHE A 153 24.93 -20.58 -27.38
CA PHE A 153 25.49 -21.43 -26.35
C PHE A 153 26.67 -20.69 -25.75
N PRO A 154 26.96 -20.87 -24.45
CA PRO A 154 27.94 -20.17 -23.62
C PRO A 154 29.42 -20.48 -23.91
N ALA A 155 29.81 -20.35 -25.17
CA ALA A 155 31.16 -20.52 -25.67
C ALA A 155 32.00 -21.55 -24.92
N ILE A 156 31.61 -22.84 -24.99
CA ILE A 156 32.39 -23.95 -24.43
C ILE A 156 33.89 -23.65 -24.47
N ARG A 157 34.51 -23.62 -23.31
CA ARG A 157 35.90 -23.25 -23.23
C ARG A 157 36.85 -24.37 -23.61
N ASP A 158 36.54 -25.58 -23.18
CA ASP A 158 37.40 -26.70 -23.55
C ASP A 158 36.62 -28.00 -23.46
N TYR A 159 37.25 -29.08 -23.90
CA TYR A 159 36.59 -30.38 -23.82
C TYR A 159 37.57 -31.54 -23.78
N HIS A 160 37.08 -32.67 -23.27
CA HIS A 160 37.88 -33.88 -23.15
C HIS A 160 37.05 -35.15 -23.35
N PHE A 161 37.74 -36.25 -23.59
CA PHE A 161 37.10 -37.55 -23.68
C PHE A 161 37.80 -38.48 -22.69
N VAL A 162 37.02 -39.22 -21.92
CA VAL A 162 37.59 -40.10 -20.89
C VAL A 162 37.16 -41.54 -21.05
N ASN A 163 38.14 -42.45 -21.00
CA ASN A 163 37.89 -43.89 -21.11
C ASN A 163 37.04 -44.42 -19.99
N ALA A 164 37.46 -44.15 -18.77
CA ALA A 164 36.74 -44.64 -17.61
C ALA A 164 37.13 -43.88 -16.37
N THR A 165 36.23 -43.89 -15.40
CA THR A 165 36.42 -43.22 -14.13
C THR A 165 37.44 -43.89 -13.22
N GLU A 166 37.99 -45.02 -13.64
CA GLU A 166 39.09 -45.67 -12.91
C GLU A 166 40.36 -44.82 -12.80
N GLU A 167 40.53 -43.88 -13.75
CA GLU A 167 41.64 -42.91 -13.85
C GLU A 167 42.11 -42.89 -15.31
N SER A 168 42.86 -41.85 -15.70
CA SER A 168 43.35 -41.74 -17.05
C SER A 168 44.27 -40.55 -17.24
N ASP A 169 45.06 -40.60 -18.31
CA ASP A 169 45.90 -39.48 -18.67
C ASP A 169 45.00 -38.32 -19.08
N ALA A 170 43.82 -38.66 -19.63
CA ALA A 170 42.84 -37.68 -20.01
C ALA A 170 42.35 -36.94 -18.78
N LEU A 171 42.19 -37.67 -17.68
CA LEU A 171 41.75 -37.07 -16.43
C LEU A 171 42.84 -36.23 -15.82
N ALA A 172 44.09 -36.62 -15.99
CA ALA A 172 45.18 -35.79 -15.51
C ALA A 172 45.13 -34.45 -16.24
N LYS A 173 44.91 -34.52 -17.55
CA LYS A 173 44.79 -33.33 -18.37
C LYS A 173 43.58 -32.52 -18.00
N LEU A 174 42.47 -33.21 -17.72
CA LEU A 174 41.24 -32.56 -17.28
C LEU A 174 41.45 -31.80 -16.00
N ARG A 175 42.12 -32.42 -15.03
CA ARG A 175 42.41 -31.73 -13.79
C ARG A 175 43.20 -30.47 -14.04
N LYS A 176 44.21 -30.57 -14.92
CA LYS A 176 45.01 -29.42 -15.28
C LYS A 176 44.16 -28.35 -15.96
N THR A 177 43.25 -28.80 -16.82
CA THR A 177 42.34 -27.92 -17.53
C THR A 177 41.43 -27.19 -16.59
N ILE A 178 40.84 -27.92 -15.66
CA ILE A 178 39.92 -27.33 -14.70
C ILE A 178 40.60 -26.28 -13.87
N ILE A 179 41.79 -26.60 -13.39
CA ILE A 179 42.52 -25.65 -12.58
C ILE A 179 42.89 -24.42 -13.35
N ASN A 180 43.53 -24.60 -14.49
CA ASN A 180 43.99 -23.48 -15.27
C ASN A 180 42.85 -22.66 -15.81
N GLU A 181 41.79 -23.33 -16.22
CA GLU A 181 40.67 -22.63 -16.78
C GLU A 181 39.90 -21.86 -15.73
N SER A 182 39.80 -22.40 -14.51
CA SER A 182 39.11 -21.66 -13.47
C SER A 182 39.90 -20.41 -13.11
N LEU A 183 41.22 -20.48 -13.25
CA LEU A 183 42.06 -19.33 -13.02
C LEU A 183 41.84 -18.32 -14.15
N ASN A 184 41.73 -18.83 -15.38
CA ASN A 184 41.47 -18.01 -16.55
C ASN A 184 40.13 -17.32 -16.45
N PHE A 185 39.14 -18.03 -15.95
CA PHE A 185 37.82 -17.47 -15.74
C PHE A 185 37.85 -16.31 -14.82
N LYS A 186 38.51 -16.46 -13.69
CA LYS A 186 38.56 -15.33 -12.80
C LYS A 186 39.33 -14.19 -13.41
N ILE A 187 40.30 -14.49 -14.27
CA ILE A 187 40.95 -13.42 -15.00
C ILE A 187 39.92 -12.71 -15.88
N ARG A 188 39.07 -13.48 -16.53
CA ARG A 188 38.00 -12.92 -17.37
C ARG A 188 37.06 -12.06 -16.54
N ASP A 189 36.76 -12.49 -15.31
CA ASP A 189 35.95 -11.66 -14.44
C ASP A 189 36.65 -10.36 -14.16
N GLN A 190 37.95 -10.39 -13.94
CA GLN A 190 38.67 -9.15 -13.74
C GLN A 190 38.58 -8.23 -14.95
N LEU A 191 38.59 -8.82 -16.13
CA LEU A 191 38.48 -8.05 -17.36
C LEU A 191 37.09 -7.39 -17.51
N VAL A 192 36.04 -8.03 -16.98
CA VAL A 192 34.69 -7.48 -17.07
C VAL A 192 34.16 -6.93 -15.75
N VAL A 193 34.11 -7.81 -14.75
CA VAL A 193 33.63 -7.49 -13.41
C VAL A 193 34.62 -6.66 -12.61
N GLY A 194 35.89 -7.06 -12.66
CA GLY A 194 36.94 -6.40 -11.90
C GLY A 194 37.45 -7.26 -10.73
N GLN A 195 37.10 -8.55 -10.73
CA GLN A 195 37.51 -9.44 -9.65
C GLN A 195 38.28 -10.69 -10.12
N LEU A 196 39.22 -11.15 -9.30
CA LEU A 196 40.05 -12.35 -9.52
C LEU A 196 39.80 -13.45 -8.50
N ILE A 197 40.51 -14.58 -8.65
CA ILE A 197 40.39 -15.68 -7.67
C ILE A 197 40.96 -15.34 -6.28
N PRO A 198 41.72 -14.23 -6.11
CA PRO A 198 42.01 -13.74 -4.78
C PRO A 198 41.36 -12.39 -4.59
N ASP A 199 40.16 -12.21 -5.11
CA ASP A 199 39.50 -10.94 -4.95
C ASP A 199 39.22 -10.68 -3.51
N CYS A 200 39.41 -9.43 -3.11
CA CYS A 200 39.21 -9.09 -1.75
C CYS A 200 37.77 -8.70 -1.46
N TYR A 201 37.21 -9.33 -0.43
CA TYR A 201 35.84 -9.07 0.02
C TYR A 201 35.91 -8.67 1.47
N VAL A 202 34.94 -7.89 1.93
CA VAL A 202 35.02 -7.42 3.30
C VAL A 202 35.12 -8.59 4.25
N GLU A 203 36.17 -8.58 5.07
CA GLU A 203 36.51 -9.65 6.02
C GLU A 203 35.41 -9.99 6.98
N LEU A 204 34.51 -9.07 7.19
CA LEU A 204 33.44 -9.24 8.12
C LEU A 204 32.41 -10.19 7.55
N GLU A 205 32.30 -10.23 6.22
CA GLU A 205 31.41 -11.13 5.54
C GLU A 205 32.00 -12.53 5.65
N LYS A 206 33.32 -12.59 5.54
CA LYS A 206 34.05 -13.85 5.71
C LYS A 206 33.80 -14.41 7.10
N ILE A 207 33.86 -13.54 8.11
CA ILE A 207 33.60 -13.95 9.48
C ILE A 207 32.20 -14.51 9.61
N ILE A 208 31.22 -13.83 9.03
CA ILE A 208 29.84 -14.31 9.09
C ILE A 208 29.71 -15.69 8.51
N LEU A 209 30.39 -15.93 7.39
CA LEU A 209 30.39 -17.26 6.78
C LEU A 209 30.77 -18.30 7.83
N SER A 210 31.87 -18.05 8.54
CA SER A 210 32.32 -18.97 9.59
C SER A 210 31.29 -19.09 10.71
N GLU A 211 30.63 -17.98 11.04
CA GLU A 211 29.63 -18.01 12.09
C GLU A 211 28.44 -18.86 11.68
N ARG A 212 28.08 -18.82 10.40
CA ARG A 212 26.98 -19.61 9.88
C ARG A 212 27.39 -21.06 9.72
N LYS A 213 28.67 -21.29 9.46
CA LYS A 213 29.17 -22.65 9.42
C LYS A 213 28.93 -23.32 10.75
N ASN A 214 29.23 -22.63 11.83
CA ASN A 214 29.06 -23.17 13.18
C ASN A 214 27.64 -23.09 13.71
N VAL A 215 26.72 -23.83 13.09
CA VAL A 215 25.32 -23.85 13.52
C VAL A 215 24.75 -25.25 13.70
N PRO A 216 24.39 -25.61 14.93
CA PRO A 216 23.72 -26.89 15.24
C PRO A 216 22.24 -26.67 15.60
N ILE A 217 21.35 -26.81 14.61
CA ILE A 217 19.90 -26.66 14.85
C ILE A 217 19.10 -27.84 14.25
N GLU A 218 18.19 -28.41 15.05
CA GLU A 218 17.34 -29.54 14.64
C GLU A 218 16.52 -29.25 13.37
N PHE A 219 15.84 -28.11 13.38
CA PHE A 219 15.07 -27.58 12.25
C PHE A 219 15.72 -26.27 11.82
N PRO A 220 16.83 -26.35 11.08
CA PRO A 220 17.76 -25.28 10.69
C PRO A 220 17.17 -24.12 9.88
N VAL A 221 16.21 -23.43 10.49
CA VAL A 221 15.59 -22.24 9.95
C VAL A 221 16.02 -21.12 10.88
N ILE A 222 16.72 -20.13 10.35
CA ILE A 222 17.32 -19.12 11.20
C ILE A 222 16.73 -17.73 11.13
N ASP A 223 16.54 -17.17 12.33
CA ASP A 223 16.05 -15.83 12.57
C ASP A 223 16.95 -15.11 13.58
N ARG A 224 17.52 -15.91 14.50
CA ARG A 224 18.40 -15.40 15.55
C ARG A 224 19.74 -14.85 15.08
N LYS A 225 19.97 -14.75 13.76
CA LYS A 225 21.19 -14.16 13.25
C LYS A 225 21.40 -12.75 13.78
N ARG A 226 20.33 -12.09 14.22
CA ARG A 226 20.42 -10.78 14.84
C ARG A 226 21.23 -10.91 16.12
N LEU A 227 20.97 -11.98 16.85
CA LEU A 227 21.69 -12.30 18.06
C LEU A 227 23.11 -12.64 17.73
N LEU A 228 23.29 -13.46 16.71
CA LEU A 228 24.61 -13.91 16.32
C LEU A 228 25.47 -12.73 15.90
N GLN A 229 24.86 -11.72 15.30
CA GLN A 229 25.53 -10.47 14.98
C GLN A 229 26.04 -9.85 16.27
N LEU A 230 25.19 -9.84 17.29
CA LEU A 230 25.52 -9.32 18.60
C LEU A 230 26.51 -10.22 19.36
N VAL A 231 26.53 -11.52 19.05
CA VAL A 231 27.48 -12.42 19.67
C VAL A 231 28.88 -12.07 19.19
N ARG A 232 29.04 -11.95 17.87
CA ARG A 232 30.31 -11.54 17.31
C ARG A 232 30.46 -10.01 17.35
N GLU A 233 30.44 -9.44 18.56
CA GLU A 233 30.52 -8.00 18.74
C GLU A 233 29.37 -7.37 17.98
N ASN A 234 29.67 -6.72 16.86
CA ASN A 234 28.67 -6.16 15.97
C ASN A 234 29.36 -5.71 14.71
N GLN A 235 29.53 -6.62 13.77
CA GLN A 235 30.22 -6.30 12.54
C GLN A 235 29.23 -6.00 11.45
N LEU A 236 29.62 -5.19 10.47
CA LEU A 236 28.71 -4.79 9.40
C LEU A 236 27.47 -4.19 10.02
N GLN A 237 27.72 -3.31 10.99
CA GLN A 237 26.71 -2.65 11.81
C GLN A 237 25.71 -1.80 11.05
N LEU A 238 25.97 -1.49 9.79
CA LEU A 238 24.99 -0.74 9.04
C LEU A 238 23.95 -1.71 8.54
N ASP A 239 22.99 -2.00 9.39
CA ASP A 239 21.91 -2.90 9.04
C ASP A 239 21.17 -2.35 7.83
N GLU A 240 21.11 -1.03 7.74
CA GLU A 240 20.50 -0.32 6.63
C GLU A 240 21.33 -0.27 5.35
N ASN A 241 22.58 -0.73 5.36
CA ASN A 241 23.41 -0.69 4.15
C ASN A 241 24.32 -1.91 3.96
N GLU A 242 25.05 -2.28 5.00
CA GLU A 242 25.99 -3.39 4.96
C GLU A 242 25.34 -4.76 5.05
N LEU A 243 24.35 -4.89 5.93
CA LEU A 243 23.71 -6.20 6.11
C LEU A 243 23.10 -6.81 4.84
N PRO A 244 22.29 -6.09 4.05
CA PRO A 244 21.69 -6.54 2.79
C PRO A 244 22.74 -7.11 1.86
N HIS A 245 23.92 -6.50 1.84
CA HIS A 245 24.98 -6.97 0.97
C HIS A 245 25.59 -8.24 1.50
N ALA A 246 25.71 -8.34 2.81
CA ALA A 246 26.23 -9.55 3.41
C ALA A 246 25.31 -10.71 3.08
N VAL A 247 24.01 -10.48 3.15
CA VAL A 247 23.02 -11.51 2.85
C VAL A 247 23.12 -11.95 1.41
N HIS A 248 23.24 -10.98 0.51
CA HIS A 248 23.41 -11.26 -0.91
C HIS A 248 24.58 -12.18 -1.13
N PHE A 249 25.71 -11.84 -0.51
CA PHE A 249 26.92 -12.63 -0.57
C PHE A 249 26.70 -14.03 -0.02
N LEU A 250 26.02 -14.15 1.10
CA LEU A 250 25.78 -15.44 1.72
C LEU A 250 24.99 -16.41 0.82
N ASN A 251 24.03 -15.92 0.04
CA ASN A 251 23.43 -16.87 -0.92
C ASN A 251 24.43 -17.10 -2.04
N GLU A 252 24.95 -16.02 -2.61
CA GLU A 252 25.90 -16.12 -3.71
C GLU A 252 27.08 -17.05 -3.48
N SER A 253 27.63 -17.02 -2.28
CA SER A 253 28.77 -17.83 -1.90
C SER A 253 28.42 -19.26 -1.52
N GLY A 254 27.13 -19.59 -1.45
CA GLY A 254 26.73 -20.95 -1.12
C GLY A 254 26.83 -21.22 0.37
N VAL A 255 26.37 -20.28 1.18
CA VAL A 255 26.43 -20.44 2.62
C VAL A 255 25.05 -20.70 3.22
N LEU A 256 24.10 -19.84 2.90
CA LEU A 256 22.75 -20.02 3.39
C LEU A 256 21.71 -19.53 2.40
N LEU A 257 20.43 -19.72 2.74
CA LEU A 257 19.36 -19.38 1.82
C LEU A 257 18.27 -18.42 2.28
N HIS A 258 18.31 -17.17 1.81
CA HIS A 258 17.10 -16.35 1.90
C HIS A 258 16.17 -16.75 0.79
N PHE A 259 14.88 -16.43 0.94
CA PHE A 259 13.92 -16.73 -0.13
C PHE A 259 13.15 -15.50 -0.49
N GLN A 260 13.86 -14.48 -0.93
CA GLN A 260 13.26 -13.21 -1.29
C GLN A 260 12.89 -13.07 -2.76
N ALA A 263 7.25 -12.81 -3.28
CA ALA A 263 6.64 -12.33 -2.04
C ALA A 263 6.17 -13.48 -1.16
N LEU A 264 7.13 -14.16 -0.53
CA LEU A 264 6.84 -15.29 0.35
C LEU A 264 6.85 -14.81 1.79
N GLN A 265 6.18 -15.53 2.68
CA GLN A 265 6.25 -15.10 4.07
C GLN A 265 7.52 -15.69 4.64
N LEU A 266 7.83 -16.92 4.25
CA LEU A 266 9.07 -17.54 4.68
C LEU A 266 10.18 -17.07 3.75
N SER A 267 10.62 -15.83 3.96
CA SER A 267 11.57 -15.18 3.08
C SER A 267 12.70 -14.44 3.78
N ASP A 268 12.33 -13.32 4.39
CA ASP A 268 13.25 -12.38 5.02
C ASP A 268 13.87 -12.83 6.32
N LEU A 269 13.10 -13.50 7.16
CA LEU A 269 13.57 -13.87 8.48
C LEU A 269 13.75 -15.37 8.66
N TYR A 270 13.87 -16.07 7.54
CA TYR A 270 13.93 -17.51 7.57
C TYR A 270 15.09 -18.05 6.73
N PHE A 271 16.28 -18.07 7.29
CA PHE A 271 17.44 -18.52 6.53
C PHE A 271 17.59 -20.03 6.72
N VAL A 272 17.51 -20.76 5.62
CA VAL A 272 17.46 -22.22 5.73
C VAL A 272 18.65 -22.99 5.17
N GLU A 273 19.12 -23.97 5.95
CA GLU A 273 20.19 -24.87 5.54
C GLU A 273 19.86 -25.56 4.21
N PRO A 274 20.67 -25.37 3.15
CA PRO A 274 20.54 -25.91 1.80
C PRO A 274 20.31 -27.41 1.80
N LYS A 275 20.95 -28.11 2.72
CA LYS A 275 20.80 -29.55 2.79
C LYS A 275 19.37 -29.96 3.04
N TRP A 276 18.66 -29.20 3.88
CA TRP A 276 17.29 -29.53 4.15
C TRP A 276 16.38 -29.11 3.06
N LEU A 277 16.59 -27.93 2.53
CA LEU A 277 15.71 -27.47 1.47
C LEU A 277 15.67 -28.49 0.36
N CYS A 278 16.85 -28.87 -0.09
CA CYS A 278 16.99 -29.81 -1.18
C CYS A 278 16.49 -31.18 -0.84
N LYS A 279 16.97 -31.73 0.27
CA LYS A 279 16.63 -33.09 0.65
C LYS A 279 15.15 -33.30 0.86
N ILE A 280 14.53 -32.48 1.68
CA ILE A 280 13.14 -32.70 2.00
C ILE A 280 12.23 -32.52 0.82
N MET A 281 12.41 -31.45 0.06
CA MET A 281 11.50 -31.25 -1.05
C MET A 281 11.66 -32.33 -2.11
N ALA A 282 12.89 -32.71 -2.39
CA ALA A 282 13.15 -33.76 -3.36
C ALA A 282 12.56 -35.07 -2.91
N GLN A 283 12.71 -35.39 -1.63
CA GLN A 283 12.18 -36.65 -1.16
C GLN A 283 10.67 -36.67 -1.19
N ILE A 284 10.03 -35.58 -0.76
CA ILE A 284 8.56 -35.52 -0.78
C ILE A 284 8.01 -35.73 -2.17
N LEU A 285 8.69 -35.19 -3.17
CA LEU A 285 8.31 -35.45 -4.55
C LEU A 285 8.22 -36.95 -4.80
N THR A 286 9.23 -37.69 -4.36
CA THR A 286 9.25 -39.12 -4.59
C THR A 286 8.46 -39.94 -3.57
N VAL A 287 8.11 -39.36 -2.42
CA VAL A 287 7.33 -40.12 -1.44
C VAL A 287 6.01 -40.51 -2.02
N GLY A 298 -1.30 -38.40 -11.32
CA GLY A 298 -0.37 -37.95 -10.31
C GLY A 298 -0.97 -36.90 -9.39
N ILE A 299 -2.30 -36.83 -9.31
CA ILE A 299 -2.90 -35.82 -8.46
C ILE A 299 -2.99 -36.32 -7.03
N ILE A 300 -2.43 -35.53 -6.12
CA ILE A 300 -2.41 -35.93 -4.72
C ILE A 300 -3.03 -34.88 -3.84
N SER A 301 -3.92 -35.30 -2.95
CA SER A 301 -4.53 -34.34 -2.05
C SER A 301 -3.53 -33.74 -1.10
N ARG A 302 -3.66 -32.43 -0.92
CA ARG A 302 -2.87 -31.65 0.00
C ARG A 302 -2.82 -32.25 1.37
N ARG A 303 -3.97 -32.75 1.82
CA ARG A 303 -4.09 -33.20 3.18
C ARG A 303 -3.31 -34.46 3.43
N ASP A 304 -3.27 -35.33 2.44
CA ASP A 304 -2.51 -36.55 2.62
C ASP A 304 -1.03 -36.24 2.60
N VAL A 305 -0.65 -35.20 1.84
CA VAL A 305 0.73 -34.76 1.87
C VAL A 305 1.06 -34.22 3.25
N GLU A 306 0.13 -33.43 3.82
CA GLU A 306 0.30 -32.87 5.15
C GLU A 306 0.46 -33.95 6.19
N LYS A 307 -0.33 -35.01 6.06
CA LYS A 307 -0.26 -36.13 6.98
C LYS A 307 1.12 -36.75 6.98
N PHE A 308 1.62 -37.07 5.79
CA PHE A 308 2.94 -37.66 5.71
C PHE A 308 4.00 -36.74 6.25
N LEU A 309 4.00 -35.49 5.79
CA LEU A 309 4.98 -34.48 6.21
C LEU A 309 5.04 -34.32 7.71
N SER A 310 3.88 -34.32 8.36
CA SER A 310 3.84 -34.14 9.82
C SER A 310 4.53 -35.28 10.57
N LYS A 311 4.68 -36.43 9.92
CA LYS A 311 5.35 -37.57 10.54
C LYS A 311 6.82 -37.54 10.18
N LYS A 312 7.12 -37.07 8.97
CA LYS A 312 8.47 -36.99 8.47
C LYS A 312 9.28 -35.93 9.19
N ARG A 313 8.78 -34.70 9.16
CA ARG A 313 9.39 -33.58 9.86
C ARG A 313 8.34 -32.68 10.43
N LYS A 314 8.27 -32.63 11.75
CA LYS A 314 7.27 -31.86 12.47
C LYS A 314 7.41 -30.34 12.32
N PHE A 315 7.04 -29.85 11.15
CA PHE A 315 7.07 -28.42 10.89
C PHE A 315 5.84 -27.76 11.46
N PRO A 316 5.96 -26.52 11.91
CA PRO A 316 4.87 -25.66 12.34
C PRO A 316 3.94 -25.55 11.17
N LYS A 317 2.64 -25.50 11.43
CA LYS A 317 1.67 -25.42 10.33
C LYS A 317 1.85 -24.14 9.52
N ASN A 318 2.37 -23.10 10.15
CA ASN A 318 2.66 -21.86 9.44
C ASN A 318 3.74 -22.13 8.42
N TYR A 319 4.75 -22.89 8.84
CA TYR A 319 5.83 -23.25 7.96
C TYR A 319 5.34 -24.19 6.88
N MET A 320 4.37 -25.05 7.24
CA MET A 320 3.81 -25.97 6.27
C MET A 320 3.08 -25.23 5.16
N SER A 321 2.40 -24.12 5.48
CA SER A 321 1.74 -23.38 4.41
C SER A 321 2.77 -22.77 3.47
N GLN A 322 3.91 -22.42 4.03
CA GLN A 322 4.98 -21.85 3.24
C GLN A 322 5.69 -22.94 2.49
N TYR A 323 5.73 -24.13 3.08
CA TYR A 323 6.31 -25.29 2.46
C TYR A 323 5.61 -25.53 1.16
N PHE A 324 4.29 -25.54 1.18
CA PHE A 324 3.53 -25.74 -0.03
C PHE A 324 3.79 -24.63 -1.02
N LYS A 325 3.94 -23.41 -0.54
CA LYS A 325 4.21 -22.32 -1.45
C LYS A 325 5.57 -22.50 -2.12
N LEU A 326 6.55 -23.02 -1.36
CA LEU A 326 7.85 -23.29 -1.91
C LEU A 326 7.78 -24.40 -2.95
N LEU A 327 6.90 -25.39 -2.73
CA LEU A 327 6.78 -26.46 -3.70
C LEU A 327 6.35 -25.88 -5.04
N GLU A 328 5.46 -24.88 -5.00
CA GLU A 328 5.07 -24.22 -6.23
C GLU A 328 6.24 -23.48 -6.85
N LYS A 329 6.94 -22.68 -6.05
CA LYS A 329 8.02 -21.87 -6.55
C LYS A 329 9.21 -22.65 -7.04
N PHE A 330 9.40 -23.85 -6.52
CA PHE A 330 10.46 -24.71 -6.99
C PHE A 330 9.97 -25.77 -7.95
N GLN A 331 8.77 -25.60 -8.48
CA GLN A 331 8.21 -26.48 -9.50
C GLN A 331 8.13 -27.94 -9.08
N ILE A 332 7.88 -28.18 -7.81
CA ILE A 332 7.77 -29.53 -7.32
C ILE A 332 6.34 -29.96 -7.41
N ALA A 333 5.45 -29.08 -7.01
CA ALA A 333 4.03 -29.39 -7.08
C ALA A 333 3.22 -28.12 -7.28
N LEU A 334 2.22 -28.21 -8.14
CA LEU A 334 1.40 -27.04 -8.42
C LEU A 334 0.04 -27.20 -7.79
N PRO A 335 -0.53 -26.14 -7.23
CA PRO A 335 -1.87 -26.12 -6.68
C PRO A 335 -2.92 -26.35 -7.77
N ILE A 336 -3.85 -27.24 -7.52
CA ILE A 336 -4.97 -27.45 -8.43
C ILE A 336 -6.16 -26.78 -7.78
N GLY A 337 -6.90 -27.55 -6.98
CA GLY A 337 -7.97 -26.98 -6.20
C GLY A 337 -7.29 -26.65 -4.89
N GLU A 338 -7.99 -26.06 -3.95
CA GLU A 338 -7.32 -25.74 -2.71
C GLU A 338 -6.89 -26.98 -1.93
N GLU A 339 -7.50 -28.13 -2.23
CA GLU A 339 -7.16 -29.37 -1.56
C GLU A 339 -6.26 -30.29 -2.37
N TYR A 340 -5.75 -29.85 -3.54
CA TYR A 340 -4.96 -30.78 -4.37
C TYR A 340 -3.69 -30.23 -4.99
N LEU A 341 -2.75 -31.14 -5.25
CA LEU A 341 -1.52 -30.82 -5.94
C LEU A 341 -1.36 -31.62 -7.22
N LEU A 342 -0.85 -30.96 -8.26
CA LEU A 342 -0.64 -31.57 -9.56
C LEU A 342 0.61 -32.38 -9.64
N VAL A 343 1.70 -31.87 -9.07
CA VAL A 343 2.98 -32.56 -9.11
C VAL A 343 3.44 -32.91 -10.52
N PRO A 344 3.72 -31.91 -11.36
CA PRO A 344 4.15 -31.99 -12.75
C PRO A 344 5.11 -33.14 -13.00
N SER A 345 6.15 -33.21 -12.19
CA SER A 345 7.10 -34.28 -12.35
C SER A 345 6.44 -35.59 -12.01
N SER A 346 6.62 -36.57 -12.88
CA SER A 346 6.04 -37.90 -12.76
C SER A 346 4.68 -38.01 -13.44
N LEU A 347 4.14 -36.92 -13.98
CA LEU A 347 2.88 -37.06 -14.69
C LEU A 347 3.13 -37.93 -15.90
N SER A 348 2.12 -38.69 -16.29
CA SER A 348 2.26 -39.57 -17.43
C SER A 348 2.73 -38.82 -18.64
N ASP A 349 3.64 -39.43 -19.37
CA ASP A 349 4.15 -38.80 -20.57
C ASP A 349 3.65 -39.53 -21.81
N HIS A 350 2.40 -39.96 -21.75
CA HIS A 350 1.78 -40.67 -22.85
C HIS A 350 0.43 -40.05 -23.15
N ARG A 351 0.46 -38.82 -23.66
CA ARG A 351 -0.72 -38.03 -24.03
C ARG A 351 -1.98 -38.86 -24.18
N PRO A 352 -2.90 -38.77 -23.24
CA PRO A 352 -4.17 -39.47 -23.14
C PRO A 352 -4.97 -39.29 -24.39
N VAL A 353 -5.75 -40.29 -24.74
CA VAL A 353 -6.56 -40.19 -25.93
C VAL A 353 -7.66 -39.19 -25.73
N ILE A 354 -7.67 -38.15 -26.55
CA ILE A 354 -8.66 -37.10 -26.49
C ILE A 354 -9.43 -36.98 -27.77
N GLU A 355 -10.74 -37.14 -27.69
CA GLU A 355 -11.58 -36.96 -28.85
C GLU A 355 -12.15 -35.56 -28.83
N LEU A 356 -11.77 -34.76 -29.81
CA LEU A 356 -12.26 -33.40 -29.87
C LEU A 356 -13.51 -33.32 -30.69
N PRO A 357 -14.42 -32.43 -30.37
CA PRO A 357 -15.60 -32.09 -31.10
C PRO A 357 -15.11 -31.18 -32.17
N HIS A 358 -15.71 -31.20 -33.34
CA HIS A 358 -15.29 -30.38 -34.48
C HIS A 358 -14.18 -31.07 -35.25
N CYS A 359 -14.30 -31.09 -36.56
CA CYS A 359 -13.41 -31.88 -37.38
C CYS A 359 -13.05 -31.20 -38.70
N GLU A 360 -14.00 -30.49 -39.31
CA GLU A 360 -13.72 -29.81 -40.56
C GLU A 360 -12.76 -28.69 -40.27
N ASN A 361 -11.92 -28.36 -41.25
CA ASN A 361 -10.87 -27.38 -41.02
C ASN A 361 -11.39 -26.05 -40.53
N SER A 362 -12.49 -25.58 -41.09
CA SER A 362 -13.05 -24.30 -40.71
C SER A 362 -13.68 -24.25 -39.34
N GLU A 363 -13.80 -25.39 -38.67
CA GLU A 363 -14.41 -25.37 -37.38
C GLU A 363 -13.45 -24.99 -36.25
N ILE A 364 -12.14 -25.04 -36.51
CA ILE A 364 -11.16 -24.76 -35.46
C ILE A 364 -10.06 -23.82 -35.86
N ILE A 365 -9.35 -23.32 -34.86
CA ILE A 365 -8.22 -22.43 -35.06
C ILE A 365 -6.96 -23.06 -34.50
N ILE A 366 -5.89 -23.10 -35.30
CA ILE A 366 -4.64 -23.73 -34.87
C ILE A 366 -3.44 -22.81 -34.92
N ARG A 367 -2.65 -22.80 -33.85
CA ARG A 367 -1.46 -21.96 -33.76
C ARG A 367 -0.21 -22.76 -33.36
N LEU A 368 0.88 -22.61 -34.11
CA LEU A 368 2.11 -23.36 -33.83
C LEU A 368 3.31 -22.51 -33.40
N TYR A 369 4.11 -23.06 -32.49
CA TYR A 369 5.35 -22.42 -32.04
C TYR A 369 6.56 -23.28 -32.28
N GLU A 370 7.38 -22.94 -33.28
CA GLU A 370 8.55 -23.74 -33.61
C GLU A 370 9.77 -23.37 -32.78
N MET A 371 10.31 -24.37 -32.08
CA MET A 371 11.45 -24.19 -31.21
C MET A 371 12.52 -25.22 -31.51
N PRO A 372 13.79 -24.95 -31.25
CA PRO A 372 14.92 -25.84 -31.47
C PRO A 372 14.98 -26.91 -30.39
N TYR A 373 14.38 -26.61 -29.25
CA TYR A 373 14.30 -27.47 -28.09
C TYR A 373 13.55 -26.74 -27.01
N PHE A 374 12.86 -27.45 -26.14
CA PHE A 374 12.18 -26.76 -25.05
C PHE A 374 13.18 -26.56 -23.93
N PRO A 375 13.21 -25.38 -23.33
CA PRO A 375 14.00 -25.02 -22.17
C PRO A 375 13.60 -25.89 -21.00
N MET A 376 14.54 -26.22 -20.14
CA MET A 376 14.20 -27.06 -19.02
C MET A 376 13.30 -26.32 -18.07
N GLY A 377 12.19 -26.95 -17.71
CA GLY A 377 11.22 -26.33 -16.82
C GLY A 377 10.17 -25.53 -17.60
N PHE A 378 10.30 -25.47 -18.92
CA PHE A 378 9.36 -24.74 -19.75
C PHE A 378 7.95 -25.20 -19.52
N TRP A 379 7.75 -26.50 -19.58
CA TRP A 379 6.44 -27.06 -19.44
C TRP A 379 5.84 -26.96 -18.06
N SER A 380 6.62 -27.07 -17.02
CA SER A 380 5.99 -27.00 -15.72
C SER A 380 5.59 -25.57 -15.43
N ARG A 381 6.35 -24.62 -15.92
CA ARG A 381 5.99 -23.23 -15.73
C ARG A 381 4.79 -22.88 -16.57
N LEU A 382 4.76 -23.37 -17.80
CA LEU A 382 3.67 -23.08 -18.70
C LEU A 382 2.37 -23.59 -18.15
N ILE A 383 2.35 -24.84 -17.71
CA ILE A 383 1.13 -25.41 -17.17
C ILE A 383 0.65 -24.64 -15.98
N ASN A 384 1.55 -24.24 -15.09
CA ASN A 384 1.11 -23.48 -13.93
C ASN A 384 0.32 -22.26 -14.36
N ARG A 385 0.76 -21.58 -15.41
CA ARG A 385 0.02 -20.43 -15.90
C ARG A 385 -1.29 -20.80 -16.58
N LEU A 386 -1.27 -21.86 -17.39
CA LEU A 386 -2.46 -22.23 -18.16
C LEU A 386 -3.62 -22.72 -17.31
N LEU A 387 -3.35 -23.22 -16.11
CA LEU A 387 -4.41 -23.70 -15.23
C LEU A 387 -5.49 -22.67 -14.87
N GLU A 388 -5.21 -21.39 -15.00
CA GLU A 388 -6.20 -20.39 -14.61
C GLU A 388 -7.05 -19.84 -15.74
N ILE A 389 -6.93 -20.39 -16.94
CA ILE A 389 -7.67 -19.93 -18.09
C ILE A 389 -9.18 -20.12 -17.98
N SER A 390 -9.93 -19.11 -18.38
CA SER A 390 -11.39 -19.20 -18.36
C SER A 390 -12.09 -18.24 -19.28
N PRO A 391 -12.96 -18.73 -20.16
CA PRO A 391 -13.75 -18.00 -21.14
C PRO A 391 -14.89 -17.26 -20.47
N TYR A 392 -15.10 -17.51 -19.18
CA TYR A 392 -16.18 -16.87 -18.47
C TYR A 392 -15.71 -15.82 -17.50
N MET A 393 -14.40 -15.62 -17.42
CA MET A 393 -13.90 -14.70 -16.39
C MET A 393 -14.33 -13.27 -16.64
N LEU A 394 -14.68 -12.95 -17.88
CA LEU A 394 -15.16 -11.61 -18.21
C LEU A 394 -16.46 -11.26 -17.51
N LEU A 401 -19.34 -23.66 -14.84
CA LEU A 401 -18.98 -25.00 -14.41
C LEU A 401 -17.50 -25.19 -14.60
N ARG A 402 -16.89 -26.04 -13.81
CA ARG A 402 -15.46 -26.27 -13.96
C ARG A 402 -15.20 -27.26 -15.09
N PRO A 403 -14.12 -27.09 -15.83
CA PRO A 403 -13.71 -27.86 -16.98
C PRO A 403 -13.16 -29.22 -16.64
N ASN A 404 -13.35 -30.16 -17.55
CA ASN A 404 -12.86 -31.50 -17.41
C ASN A 404 -11.39 -31.57 -17.79
N ARG A 405 -10.52 -31.13 -16.91
CA ARG A 405 -9.11 -31.07 -17.23
C ARG A 405 -8.39 -32.40 -17.29
N MET A 406 -7.45 -32.51 -18.23
CA MET A 406 -6.59 -33.68 -18.40
C MET A 406 -5.14 -33.22 -18.55
N TYR A 407 -4.18 -34.04 -18.15
CA TYR A 407 -2.79 -33.59 -18.21
C TYR A 407 -1.90 -34.60 -18.90
N TRP A 408 -1.03 -34.12 -19.79
CA TRP A 408 -0.13 -35.00 -20.52
C TRP A 408 1.28 -34.90 -20.09
N ARG A 409 1.59 -34.11 -19.07
CA ARG A 409 2.99 -33.65 -18.82
C ARG A 409 3.50 -32.65 -19.87
N GLN A 410 3.43 -33.02 -21.15
CA GLN A 410 3.80 -32.19 -22.29
C GLN A 410 2.58 -31.50 -22.90
N GLY A 411 1.53 -31.29 -22.13
CA GLY A 411 0.34 -30.65 -22.64
C GLY A 411 -0.79 -30.66 -21.62
N ILE A 412 -1.89 -30.00 -21.96
CA ILE A 412 -3.04 -29.89 -21.09
C ILE A 412 -4.32 -29.73 -21.88
N TYR A 413 -5.39 -30.31 -21.41
CA TYR A 413 -6.65 -30.23 -22.11
C TYR A 413 -7.77 -29.80 -21.21
N LEU A 414 -8.54 -28.81 -21.63
CA LEU A 414 -9.65 -28.34 -20.83
C LEU A 414 -10.90 -28.49 -21.64
N ASN A 415 -12.01 -28.83 -21.01
CA ASN A 415 -13.21 -29.02 -21.80
C ASN A 415 -14.20 -27.89 -21.72
N TRP A 416 -14.86 -27.72 -20.58
CA TRP A 416 -15.91 -26.70 -20.39
C TRP A 416 -17.20 -27.07 -21.12
N SER A 417 -17.14 -27.06 -22.44
CA SER A 417 -18.28 -27.34 -23.28
C SER A 417 -17.85 -27.49 -24.72
N PRO A 418 -18.55 -28.28 -25.54
CA PRO A 418 -18.37 -28.43 -26.97
C PRO A 418 -18.34 -27.05 -27.63
N GLU A 419 -19.06 -26.12 -27.04
CA GLU A 419 -19.07 -24.74 -27.49
C GLU A 419 -17.70 -24.06 -27.39
N ALA A 420 -16.97 -24.31 -26.30
CA ALA A 420 -15.66 -23.67 -26.11
C ALA A 420 -14.75 -24.52 -25.25
N TYR A 421 -13.66 -25.00 -25.83
CA TYR A 421 -12.71 -25.88 -25.16
C TYR A 421 -11.30 -25.57 -25.62
N CYS A 422 -10.28 -26.15 -24.97
CA CYS A 422 -8.92 -25.80 -25.35
C CYS A 422 -7.90 -26.89 -25.16
N LEU A 423 -7.11 -27.13 -26.20
CA LEU A 423 -6.04 -28.13 -26.15
C LEU A 423 -4.66 -27.56 -26.44
N VAL A 424 -3.74 -27.70 -25.51
CA VAL A 424 -2.38 -27.22 -25.73
C VAL A 424 -1.39 -28.35 -25.53
N GLY A 425 -0.56 -28.62 -26.51
CA GLY A 425 0.40 -29.70 -26.28
C GLY A 425 1.48 -29.81 -27.33
N SER A 426 2.54 -30.53 -26.97
CA SER A 426 3.69 -30.74 -27.84
C SER A 426 3.51 -31.78 -28.90
N GLU A 427 3.90 -31.45 -30.13
CA GLU A 427 3.87 -32.41 -31.22
C GLU A 427 5.12 -32.27 -32.07
N VAL A 428 5.59 -33.39 -32.62
CA VAL A 428 6.79 -33.40 -33.44
C VAL A 428 6.59 -34.12 -34.76
N LEU A 429 7.05 -33.50 -35.85
CA LEU A 429 6.93 -34.10 -37.16
C LEU A 429 8.25 -34.63 -37.69
N ASP A 430 8.18 -35.68 -38.50
CA ASP A 430 9.35 -36.33 -39.06
C ASP A 430 10.10 -35.39 -39.96
N ASN A 431 11.42 -35.50 -39.92
CA ASN A 431 12.34 -34.67 -40.68
C ASN A 431 12.34 -33.21 -40.23
N HIS A 432 11.82 -32.95 -39.03
CA HIS A 432 11.80 -31.61 -38.49
C HIS A 432 12.23 -31.60 -37.04
N PRO A 433 13.53 -31.76 -36.79
CA PRO A 433 14.20 -31.77 -35.47
C PRO A 433 13.53 -30.85 -34.45
N GLU A 434 13.19 -29.65 -34.86
CA GLU A 434 12.56 -28.66 -34.00
C GLU A 434 11.28 -29.18 -33.36
N SER A 435 11.17 -29.03 -32.05
CA SER A 435 9.95 -29.44 -31.36
C SER A 435 8.98 -28.28 -31.40
N PHE A 436 7.71 -28.49 -31.07
CA PHE A 436 6.77 -27.38 -31.14
C PHE A 436 5.41 -27.55 -30.52
N LEU A 437 4.81 -26.40 -30.20
CA LEU A 437 3.52 -26.33 -29.56
C LEU A 437 2.40 -26.28 -30.55
N LYS A 438 1.26 -26.83 -30.16
CA LYS A 438 0.06 -26.70 -30.95
C LYS A 438 -1.09 -26.32 -30.06
N ILE A 439 -1.76 -25.23 -30.40
CA ILE A 439 -2.90 -24.74 -29.66
C ILE A 439 -4.15 -24.87 -30.46
N THR A 440 -5.18 -25.55 -29.93
CA THR A 440 -6.43 -25.67 -30.68
C THR A 440 -7.65 -25.20 -29.91
N VAL A 441 -8.40 -24.29 -30.52
CA VAL A 441 -9.66 -23.79 -29.95
C VAL A 441 -10.70 -23.80 -31.05
N PRO A 442 -11.98 -23.86 -30.73
CA PRO A 442 -13.10 -23.86 -31.65
C PRO A 442 -13.30 -22.47 -32.17
N SER A 443 -13.72 -22.34 -33.41
CA SER A 443 -13.88 -21.02 -33.98
C SER A 443 -15.16 -20.31 -33.62
N CYS A 444 -15.16 -19.64 -32.46
CA CYS A 444 -16.27 -18.79 -32.04
C CYS A 444 -15.73 -17.83 -31.02
N ARG A 445 -16.53 -16.86 -30.60
CA ARG A 445 -16.06 -15.85 -29.66
C ARG A 445 -15.44 -16.39 -28.40
N LYS A 446 -16.05 -17.36 -27.76
CA LYS A 446 -15.44 -17.90 -26.55
C LYS A 446 -14.14 -18.59 -26.88
N GLY A 447 -14.07 -19.22 -28.03
CA GLY A 447 -12.86 -19.89 -28.44
C GLY A 447 -11.76 -18.87 -28.63
N CYS A 448 -12.11 -17.73 -29.17
CA CYS A 448 -11.17 -16.65 -29.37
C CYS A 448 -10.61 -16.16 -28.06
N ILE A 449 -11.49 -15.94 -27.10
CA ILE A 449 -11.08 -15.49 -25.79
C ILE A 449 -10.09 -16.44 -25.16
N LEU A 450 -10.34 -17.74 -25.30
CA LEU A 450 -9.41 -18.72 -24.79
C LEU A 450 -8.07 -18.62 -25.47
N LEU A 451 -8.08 -18.47 -26.79
CA LEU A 451 -6.85 -18.38 -27.55
C LEU A 451 -6.04 -17.21 -27.10
N GLY A 452 -6.69 -16.07 -26.94
CA GLY A 452 -6.00 -14.88 -26.50
C GLY A 452 -5.31 -15.09 -25.17
N GLN A 453 -6.00 -15.71 -24.22
CA GLN A 453 -5.38 -15.93 -22.93
C GLN A 453 -4.18 -16.85 -23.04
N VAL A 454 -4.27 -17.90 -23.85
CA VAL A 454 -3.17 -18.84 -23.98
C VAL A 454 -1.93 -18.21 -24.56
N VAL A 455 -2.07 -17.47 -25.65
CA VAL A 455 -0.89 -16.91 -26.28
C VAL A 455 -0.30 -15.76 -25.49
N ASP A 456 -1.12 -15.07 -24.72
CA ASP A 456 -0.60 -14.05 -23.85
C ASP A 456 0.25 -14.66 -22.75
N HIS A 457 -0.18 -15.80 -22.21
CA HIS A 457 0.61 -16.45 -21.18
C HIS A 457 1.90 -16.99 -21.73
N ILE A 458 1.86 -17.55 -22.93
CA ILE A 458 3.07 -18.08 -23.52
C ILE A 458 4.10 -17.01 -23.78
N ASP A 459 3.69 -15.90 -24.36
CA ASP A 459 4.67 -14.86 -24.61
C ASP A 459 5.19 -14.24 -23.33
N SER A 460 4.33 -14.06 -22.33
CA SER A 460 4.79 -13.49 -21.07
C SER A 460 5.78 -14.41 -20.39
N LEU A 461 5.51 -15.71 -20.45
CA LEU A 461 6.40 -16.72 -19.89
C LEU A 461 7.77 -16.57 -20.44
N MET A 462 7.87 -16.48 -21.75
CA MET A 462 9.16 -16.40 -22.37
C MET A 462 9.87 -15.09 -22.08
N GLU A 463 9.15 -13.99 -22.06
CA GLU A 463 9.80 -12.71 -21.78
C GLU A 463 10.45 -12.71 -20.42
N GLU A 464 9.78 -13.28 -19.44
CA GLU A 464 10.34 -13.29 -18.11
C GLU A 464 11.37 -14.36 -17.85
N TRP A 465 11.13 -15.57 -18.35
CA TRP A 465 12.00 -16.67 -17.97
C TRP A 465 12.91 -17.20 -19.03
N PHE A 466 12.59 -17.04 -20.30
CA PHE A 466 13.47 -17.59 -21.31
C PHE A 466 13.83 -16.59 -22.42
N PRO A 467 14.33 -15.40 -22.09
CA PRO A 467 14.74 -14.37 -23.00
C PRO A 467 15.95 -14.93 -23.69
N GLY A 468 16.18 -14.46 -24.89
CA GLY A 468 17.24 -15.01 -25.70
C GLY A 468 16.56 -15.67 -26.86
N LEU A 469 15.48 -16.39 -26.57
CA LEU A 469 14.69 -16.99 -27.62
C LEU A 469 13.98 -15.86 -28.37
N LEU A 470 13.68 -14.80 -27.64
CA LEU A 470 13.06 -13.58 -28.12
C LEU A 470 14.06 -12.51 -28.49
N LEU A 481 14.05 -18.45 -34.08
CA LEU A 481 13.61 -18.96 -32.81
C LEU A 481 12.19 -18.54 -32.53
N LEU A 482 11.39 -19.45 -31.97
CA LEU A 482 10.01 -19.18 -31.66
C LEU A 482 9.23 -18.79 -32.89
N LYS A 483 9.47 -19.48 -33.98
CA LYS A 483 8.82 -19.13 -35.21
C LYS A 483 7.32 -19.36 -35.04
N LYS A 484 6.53 -18.31 -35.21
CA LYS A 484 5.10 -18.44 -35.01
C LYS A 484 4.36 -18.68 -36.31
N TRP A 485 3.73 -19.84 -36.42
CA TRP A 485 3.02 -20.20 -37.63
C TRP A 485 1.53 -20.28 -37.40
N ALA A 486 0.76 -19.86 -38.38
CA ALA A 486 -0.68 -20.02 -38.31
C ALA A 486 -1.10 -20.99 -39.40
N LEU A 487 -2.08 -21.84 -39.12
CA LEU A 487 -2.50 -22.79 -40.14
C LEU A 487 -3.83 -22.46 -40.74
N TYR A 488 -3.96 -22.63 -42.03
CA TYR A 488 -5.21 -22.34 -42.70
C TYR A 488 -5.41 -23.14 -43.96
N SER A 489 -6.62 -23.18 -44.46
CA SER A 489 -6.89 -23.84 -45.72
C SER A 489 -8.03 -23.13 -46.40
N PHE A 490 -8.09 -23.20 -47.72
CA PHE A 490 -9.14 -22.50 -48.47
C PHE A 490 -10.33 -23.37 -48.76
N ASN A 491 -10.37 -24.56 -48.16
CA ASN A 491 -11.46 -25.48 -48.41
C ASN A 491 -11.41 -26.64 -47.44
N ASP A 492 -12.52 -26.88 -46.76
CA ASP A 492 -12.58 -27.97 -45.80
C ASP A 492 -12.33 -29.28 -46.49
N GLY A 493 -11.56 -30.14 -45.83
CA GLY A 493 -11.21 -31.43 -46.37
C GLY A 493 -9.82 -31.44 -46.99
N GLU A 494 -9.20 -30.26 -47.14
CA GLU A 494 -7.87 -30.20 -47.70
C GLU A 494 -6.82 -30.05 -46.61
N GLU A 495 -5.55 -29.97 -47.00
CA GLU A 495 -4.46 -29.85 -46.05
C GLU A 495 -4.22 -28.41 -45.64
N HIS A 496 -3.62 -28.23 -44.47
CA HIS A 496 -3.35 -26.89 -44.00
C HIS A 496 -2.09 -26.34 -44.60
N GLN A 497 -2.07 -25.03 -44.72
CA GLN A 497 -0.92 -24.31 -45.22
C GLN A 497 -0.37 -23.47 -44.09
N LYS A 498 0.93 -23.24 -44.12
CA LYS A 498 1.56 -22.48 -43.06
C LYS A 498 1.85 -21.05 -43.46
N ILE A 499 1.70 -20.13 -42.52
CA ILE A 499 2.08 -18.75 -42.74
C ILE A 499 2.61 -18.12 -41.48
N LEU A 500 3.66 -17.31 -41.59
CA LEU A 500 4.20 -16.65 -40.41
C LEU A 500 3.33 -15.52 -39.98
N LEU A 501 3.19 -15.34 -38.68
CA LEU A 501 2.33 -14.27 -38.21
C LEU A 501 2.80 -12.91 -38.65
N ASP A 502 4.10 -12.73 -38.84
CA ASP A 502 4.58 -11.45 -39.30
C ASP A 502 3.96 -11.08 -40.65
N ASP A 503 3.78 -12.07 -41.51
CA ASP A 503 3.18 -11.81 -42.80
C ASP A 503 1.70 -11.55 -42.64
N LEU A 504 1.06 -12.23 -41.71
CA LEU A 504 -0.34 -11.90 -41.48
C LEU A 504 -0.47 -10.51 -40.93
N MET A 505 0.50 -10.04 -40.14
CA MET A 505 0.44 -8.68 -39.65
C MET A 505 0.56 -7.70 -40.81
N LYS A 506 1.39 -8.05 -41.79
CA LYS A 506 1.52 -7.22 -42.98
C LYS A 506 0.18 -7.12 -43.70
N LYS A 507 -0.58 -8.22 -43.69
CA LYS A 507 -1.88 -8.23 -44.32
C LYS A 507 -2.93 -7.58 -43.46
N ALA A 508 -2.77 -7.67 -42.15
CA ALA A 508 -3.70 -7.06 -41.20
C ALA A 508 -3.67 -5.55 -41.36
N GLU A 509 -2.49 -5.01 -41.67
CA GLU A 509 -2.35 -3.59 -41.92
C GLU A 509 -3.11 -3.18 -43.17
N GLU A 510 -3.20 -4.09 -44.12
CA GLU A 510 -3.97 -3.84 -45.32
C GLU A 510 -5.46 -3.96 -45.00
N GLY A 511 -5.80 -4.90 -44.11
CA GLY A 511 -7.19 -5.14 -43.68
C GLY A 511 -7.93 -6.07 -44.63
N ASP A 512 -7.19 -6.64 -45.57
CA ASP A 512 -7.72 -7.49 -46.61
C ASP A 512 -8.05 -8.90 -46.15
N LEU A 513 -8.61 -9.67 -47.06
CA LEU A 513 -8.84 -11.06 -46.82
C LEU A 513 -7.57 -11.74 -47.26
N LEU A 514 -7.26 -12.89 -46.71
CA LEU A 514 -6.11 -13.60 -47.20
C LEU A 514 -6.48 -14.13 -48.56
N VAL A 515 -5.75 -13.74 -49.60
CA VAL A 515 -6.13 -14.15 -50.94
C VAL A 515 -5.14 -15.12 -51.55
N ASN A 516 -5.65 -16.22 -52.09
CA ASN A 516 -4.81 -17.17 -52.77
C ASN A 516 -4.24 -16.52 -54.01
N PRO A 517 -2.94 -16.27 -54.07
CA PRO A 517 -2.21 -15.57 -55.13
C PRO A 517 -2.36 -16.22 -56.50
N ASP A 518 -2.71 -17.51 -56.52
CA ASP A 518 -2.87 -18.23 -57.76
C ASP A 518 -4.33 -18.27 -58.17
N GLN A 519 -5.22 -18.24 -57.19
CA GLN A 519 -6.64 -18.27 -57.47
C GLN A 519 -7.46 -17.35 -56.59
N PRO A 520 -7.73 -16.11 -57.05
CA PRO A 520 -8.48 -15.03 -56.43
C PRO A 520 -9.84 -15.44 -55.88
N ARG A 521 -10.43 -16.49 -56.46
CA ARG A 521 -11.72 -16.98 -55.98
C ARG A 521 -11.63 -17.54 -54.56
N LEU A 522 -10.43 -17.92 -54.13
CA LEU A 522 -10.22 -18.49 -52.82
C LEU A 522 -9.70 -17.46 -51.82
N THR A 523 -10.56 -17.06 -50.88
CA THR A 523 -10.15 -16.08 -49.88
C THR A 523 -10.57 -16.49 -48.46
N ILE A 524 -9.84 -16.01 -47.47
CA ILE A 524 -10.15 -16.30 -46.06
C ILE A 524 -10.09 -15.02 -45.24
N PRO A 525 -11.07 -14.70 -44.43
CA PRO A 525 -11.05 -13.55 -43.58
C PRO A 525 -10.00 -13.79 -42.54
N ILE A 526 -9.13 -12.80 -42.34
CA ILE A 526 -8.01 -12.92 -41.43
C ILE A 526 -8.41 -13.32 -40.06
N SER A 527 -9.52 -12.79 -39.58
CA SER A 527 -10.00 -13.11 -38.25
C SER A 527 -10.09 -14.62 -37.99
N GLN A 528 -10.45 -15.42 -38.98
CA GLN A 528 -10.55 -16.86 -38.76
C GLN A 528 -9.21 -17.54 -38.57
N ILE A 529 -8.17 -16.93 -39.09
CA ILE A 529 -6.85 -17.49 -38.98
C ILE A 529 -6.17 -16.95 -37.75
N ALA A 530 -6.39 -15.68 -37.49
CA ALA A 530 -5.73 -15.05 -36.40
C ALA A 530 -6.54 -13.94 -35.77
N PRO A 531 -7.56 -14.31 -35.00
CA PRO A 531 -8.49 -13.46 -34.27
C PRO A 531 -7.83 -12.76 -33.09
N ASP A 532 -6.54 -12.98 -32.88
CA ASP A 532 -5.80 -12.27 -31.87
C ASP A 532 -4.95 -11.17 -32.47
N LEU A 533 -4.84 -11.11 -33.80
CA LEU A 533 -4.11 -10.03 -34.44
C LEU A 533 -5.06 -8.88 -34.55
N ILE A 534 -6.28 -9.19 -34.92
CA ILE A 534 -7.36 -8.24 -34.86
C ILE A 534 -7.94 -8.35 -33.49
N LEU A 535 -8.11 -7.25 -32.78
CA LEU A 535 -8.56 -7.35 -31.41
C LEU A 535 -10.02 -7.77 -31.27
N ALA A 536 -10.28 -9.05 -31.52
CA ALA A 536 -11.62 -9.61 -31.46
C ALA A 536 -11.97 -10.17 -30.10
N ASP A 537 -11.03 -10.16 -29.16
CA ASP A 537 -11.32 -10.69 -27.84
C ASP A 537 -11.50 -9.59 -26.80
N LEU A 538 -11.91 -8.42 -27.23
CA LEU A 538 -12.14 -7.34 -26.29
C LEU A 538 -13.54 -7.45 -25.75
N PRO A 539 -13.77 -6.96 -24.56
CA PRO A 539 -15.07 -6.80 -23.94
C PRO A 539 -15.86 -5.86 -24.81
N ARG A 540 -17.17 -6.03 -24.87
CA ARG A 540 -18.00 -5.18 -25.72
C ARG A 540 -17.89 -3.73 -25.35
N ASN A 541 -17.67 -3.49 -24.08
CA ASN A 541 -17.61 -2.15 -23.53
C ASN A 541 -16.47 -1.33 -24.09
N ILE A 542 -15.40 -1.96 -24.55
CA ILE A 542 -14.28 -1.21 -25.04
C ILE A 542 -14.03 -1.40 -26.52
N MET A 543 -15.03 -1.81 -27.29
CA MET A 543 -14.74 -1.88 -28.70
C MET A 543 -14.87 -0.48 -29.27
N LEU A 544 -13.90 -0.10 -30.09
CA LEU A 544 -13.86 1.25 -30.63
C LEU A 544 -14.91 1.54 -31.67
N ASN A 545 -15.76 2.52 -31.40
CA ASN A 545 -16.76 2.92 -32.36
C ASN A 545 -16.18 4.01 -33.26
N ASN A 546 -15.86 3.64 -34.50
CA ASN A 546 -15.22 4.55 -35.45
C ASN A 546 -16.05 5.73 -35.91
N ASP A 547 -17.33 5.76 -35.55
CA ASP A 547 -18.16 6.90 -35.90
C ASP A 547 -18.17 7.94 -34.79
N GLU A 548 -17.55 7.64 -33.66
CA GLU A 548 -17.50 8.55 -32.55
C GLU A 548 -16.13 9.18 -32.41
N LEU A 549 -15.10 8.38 -32.57
CA LEU A 549 -13.74 8.89 -32.41
C LEU A 549 -13.39 9.90 -33.47
N GLU A 550 -13.03 11.10 -33.03
CA GLU A 550 -12.65 12.18 -33.92
C GLU A 550 -11.30 12.77 -33.55
N PHE A 551 -10.33 12.61 -34.42
CA PHE A 551 -8.96 13.04 -34.14
C PHE A 551 -8.24 13.36 -35.43
N GLU A 552 -7.16 14.13 -35.33
CA GLU A 552 -6.43 14.55 -36.53
C GLU A 552 -4.99 14.05 -36.62
N GLN A 553 -4.37 13.77 -35.48
CA GLN A 553 -2.93 13.45 -35.39
C GLN A 553 -2.09 14.63 -35.87
N ALA A 554 -2.59 15.84 -35.66
CA ALA A 554 -1.88 17.03 -36.07
C ALA A 554 -1.08 17.56 -34.88
N PRO A 555 0.06 18.23 -35.11
CA PRO A 555 1.01 18.76 -34.14
C PRO A 555 0.39 19.50 -32.99
N GLU A 556 -0.63 20.30 -33.28
CA GLU A 556 -1.30 21.08 -32.23
C GLU A 556 -2.10 20.26 -31.24
N PHE A 557 -2.29 18.98 -31.51
CA PHE A 557 -3.00 18.14 -30.59
C PHE A 557 -2.07 17.24 -29.84
N LEU A 558 -0.77 17.33 -30.14
CA LEU A 558 0.17 16.46 -29.48
C LEU A 558 0.26 16.81 -28.01
N LEU A 559 -0.06 15.85 -27.17
CA LEU A 559 -0.01 16.04 -25.73
C LEU A 559 1.31 15.56 -25.17
N GLY A 560 1.93 14.58 -25.83
CA GLY A 560 3.23 14.09 -25.39
C GLY A 560 3.60 12.83 -26.13
N ASP A 561 4.74 12.24 -25.79
CA ASP A 561 5.15 11.01 -26.46
C ASP A 561 5.95 10.08 -25.56
N GLY A 562 6.55 9.05 -26.14
CA GLY A 562 7.37 8.12 -25.39
C GLY A 562 7.82 6.96 -26.27
N SER A 563 8.39 5.93 -25.66
CA SER A 563 8.86 4.78 -26.43
C SER A 563 7.72 4.01 -27.09
N PHE A 564 6.53 4.14 -26.53
CA PHE A 564 5.34 3.52 -27.07
C PHE A 564 4.80 4.23 -28.32
N GLY A 565 5.25 5.46 -28.58
CA GLY A 565 4.74 6.22 -29.71
C GLY A 565 4.34 7.63 -29.29
N SER A 566 3.06 7.97 -29.43
CA SER A 566 2.66 9.33 -29.08
C SER A 566 1.23 9.47 -28.60
N VAL A 567 0.94 10.59 -27.96
CA VAL A 567 -0.40 10.87 -27.41
C VAL A 567 -1.01 12.13 -27.96
N TYR A 568 -2.24 12.03 -28.46
CA TYR A 568 -2.92 13.21 -28.98
C TYR A 568 -4.24 13.47 -28.29
N ARG A 569 -4.66 14.73 -28.30
CA ARG A 569 -5.95 15.11 -27.76
C ARG A 569 -7.02 14.84 -28.79
N ALA A 570 -8.15 14.28 -28.38
CA ALA A 570 -9.20 13.92 -29.31
C ALA A 570 -10.57 13.98 -28.70
N ALA A 571 -11.60 13.78 -29.52
CA ALA A 571 -12.96 13.75 -29.02
C ALA A 571 -13.57 12.37 -29.24
N TYR A 572 -14.33 11.90 -28.27
CA TYR A 572 -14.99 10.61 -28.40
C TYR A 572 -16.32 10.71 -27.72
N GLU A 573 -17.39 10.50 -28.46
CA GLU A 573 -18.74 10.64 -27.92
C GLU A 573 -18.95 11.99 -27.23
N GLY A 574 -18.35 13.04 -27.79
CA GLY A 574 -18.49 14.39 -27.26
C GLY A 574 -17.59 14.72 -26.07
N GLU A 575 -16.71 13.81 -25.67
CA GLU A 575 -15.86 14.07 -24.52
C GLU A 575 -14.40 14.15 -24.88
N GLU A 576 -13.64 14.88 -24.06
CA GLU A 576 -12.21 15.03 -24.27
C GLU A 576 -11.46 13.78 -23.84
N VAL A 577 -10.76 13.18 -24.78
CA VAL A 577 -10.01 11.97 -24.51
C VAL A 577 -8.60 12.05 -25.03
N ALA A 578 -7.75 11.17 -24.55
CA ALA A 578 -6.38 11.12 -24.99
C ALA A 578 -6.18 9.84 -25.77
N VAL A 579 -5.45 9.91 -26.88
CA VAL A 579 -5.27 8.73 -27.69
C VAL A 579 -3.84 8.29 -27.79
N LYS A 580 -3.53 7.12 -27.24
CA LYS A 580 -2.17 6.61 -27.35
C LYS A 580 -2.04 5.88 -28.65
N ILE A 581 -1.02 6.21 -29.43
CA ILE A 581 -0.80 5.57 -30.71
C ILE A 581 0.48 4.79 -30.74
N PHE A 582 0.39 3.50 -31.04
CA PHE A 582 1.57 2.67 -31.11
C PHE A 582 2.21 2.76 -32.48
N ASN A 583 2.85 3.89 -32.72
CA ASN A 583 3.43 4.25 -33.99
C ASN A 583 4.75 3.57 -34.33
N LYS A 584 4.66 2.32 -34.78
CA LYS A 584 5.83 1.55 -35.21
C LYS A 584 6.85 1.31 -34.13
N HIS A 585 6.42 0.71 -33.05
CA HIS A 585 7.30 0.39 -31.95
C HIS A 585 6.98 -0.98 -31.42
N THR A 586 7.40 -2.05 -32.12
CA THR A 586 7.04 -3.42 -31.72
C THR A 586 5.61 -3.53 -31.20
N SER A 587 4.69 -2.99 -32.02
CA SER A 587 3.30 -2.88 -31.71
C SER A 587 2.67 -4.24 -31.64
N LEU A 588 1.39 -4.27 -31.31
CA LEU A 588 0.63 -5.49 -31.10
C LEU A 588 1.02 -6.15 -29.80
N ARG A 589 2.27 -6.53 -29.65
CA ARG A 589 2.66 -7.12 -28.40
C ARG A 589 2.61 -6.09 -27.31
N LEU A 590 3.09 -4.88 -27.56
CA LEU A 590 2.97 -3.88 -26.51
C LEU A 590 1.52 -3.52 -26.28
N LEU A 591 0.76 -3.46 -27.35
CA LEU A 591 -0.63 -3.11 -27.26
C LEU A 591 -1.38 -4.10 -26.42
N ARG A 592 -1.19 -5.38 -26.68
CA ARG A 592 -1.91 -6.37 -25.91
C ARG A 592 -1.46 -6.40 -24.47
N GLN A 593 -0.19 -6.13 -24.19
CA GLN A 593 0.23 -6.09 -22.80
C GLN A 593 -0.51 -5.02 -22.04
N GLU A 594 -0.69 -3.86 -22.68
CA GLU A 594 -1.39 -2.78 -22.03
C GLU A 594 -2.85 -3.12 -21.83
N LEU A 595 -3.44 -3.82 -22.79
CA LEU A 595 -4.83 -4.21 -22.67
C LEU A 595 -5.06 -5.16 -21.53
N VAL A 596 -4.13 -6.08 -21.32
CA VAL A 596 -4.25 -7.00 -20.21
C VAL A 596 -4.22 -6.30 -18.88
N VAL A 597 -3.33 -5.33 -18.73
CA VAL A 597 -3.24 -4.58 -17.49
C VAL A 597 -4.42 -3.69 -17.24
N LEU A 598 -4.88 -2.97 -18.26
CA LEU A 598 -5.98 -2.02 -18.10
C LEU A 598 -7.27 -2.71 -17.74
N CYS A 599 -7.53 -3.85 -18.34
CA CYS A 599 -8.73 -4.58 -17.99
C CYS A 599 -8.51 -5.21 -16.65
N HIS A 600 -9.59 -5.43 -15.91
CA HIS A 600 -9.54 -6.01 -14.56
C HIS A 600 -9.12 -5.01 -13.48
N LEU A 601 -8.80 -3.76 -13.86
CA LEU A 601 -8.55 -2.74 -12.88
C LEU A 601 -9.61 -1.69 -13.08
N HIS A 602 -10.59 -1.67 -12.19
CA HIS A 602 -11.72 -0.80 -12.38
C HIS A 602 -12.03 0.01 -11.14
N HIS A 603 -11.12 0.87 -10.75
CA HIS A 603 -11.35 1.68 -9.57
C HIS A 603 -11.54 3.15 -9.96
N PRO A 604 -12.41 3.90 -9.26
CA PRO A 604 -12.72 5.31 -9.47
C PRO A 604 -11.51 6.22 -9.43
N SER A 605 -10.47 5.84 -8.70
CA SER A 605 -9.29 6.68 -8.62
C SER A 605 -8.26 6.40 -9.71
N LEU A 606 -8.55 5.51 -10.65
CA LEU A 606 -7.61 5.21 -11.73
C LEU A 606 -8.14 5.71 -13.08
N ILE A 607 -7.24 5.91 -14.03
CA ILE A 607 -7.63 6.39 -15.35
C ILE A 607 -8.15 5.23 -16.17
N SER A 608 -9.41 5.26 -16.55
CA SER A 608 -9.96 4.14 -17.28
C SER A 608 -9.74 4.21 -18.79
N LEU A 609 -9.97 3.07 -19.44
CA LEU A 609 -9.83 2.92 -20.87
C LEU A 609 -11.16 3.10 -21.56
N LEU A 610 -11.24 4.08 -22.43
CA LEU A 610 -12.46 4.37 -23.18
C LEU A 610 -12.42 3.82 -24.59
N ALA A 611 -12.26 2.52 -24.73
CA ALA A 611 -12.22 1.78 -26.01
C ALA A 611 -10.86 1.77 -26.68
N ALA A 612 -10.55 0.61 -27.26
CA ALA A 612 -9.31 0.34 -27.98
C ALA A 612 -9.60 -0.09 -29.40
N GLY A 613 -8.68 0.16 -30.33
CA GLY A 613 -8.95 -0.21 -31.72
C GLY A 613 -7.72 -0.52 -32.55
N ILE A 614 -7.68 -1.73 -33.06
CA ILE A 614 -6.56 -2.25 -33.83
C ILE A 614 -6.34 -1.59 -35.17
N ARG A 615 -7.39 -1.05 -35.76
CA ARG A 615 -7.27 -0.47 -37.10
C ARG A 615 -6.12 0.54 -37.22
N PRO A 616 -5.91 1.39 -36.22
CA PRO A 616 -4.72 2.26 -36.22
C PRO A 616 -3.88 2.01 -34.96
N ARG A 617 -4.26 1.01 -34.17
CA ARG A 617 -3.56 0.61 -32.94
C ARG A 617 -3.59 1.70 -31.89
N MET A 618 -4.77 1.93 -31.34
CA MET A 618 -5.00 2.97 -30.37
C MET A 618 -5.62 2.56 -29.06
N LEU A 619 -5.24 3.29 -28.01
CA LEU A 619 -5.93 3.24 -26.74
C LEU A 619 -6.53 4.59 -26.42
N VAL A 620 -7.85 4.67 -26.39
CA VAL A 620 -8.51 5.92 -26.07
C VAL A 620 -8.76 5.97 -24.58
N MET A 621 -8.16 6.93 -23.88
CA MET A 621 -8.31 6.99 -22.43
C MET A 621 -8.84 8.32 -21.93
N GLU A 622 -9.33 8.34 -20.71
CA GLU A 622 -9.89 9.58 -20.14
C GLU A 622 -8.86 10.69 -20.08
N LEU A 623 -9.21 11.89 -20.54
CA LEU A 623 -8.29 13.03 -20.37
C LEU A 623 -8.68 13.94 -19.22
N ALA A 624 -7.72 14.22 -18.33
CA ALA A 624 -7.93 15.11 -17.19
C ALA A 624 -8.19 16.53 -17.66
N SER A 625 -9.12 17.21 -17.00
CA SER A 625 -9.47 18.56 -17.40
C SER A 625 -8.72 19.66 -16.67
N LYS A 626 -8.27 19.40 -15.44
CA LYS A 626 -7.58 20.46 -14.71
C LYS A 626 -6.08 20.29 -14.72
N GLY A 627 -5.60 19.19 -15.31
CA GLY A 627 -4.18 18.94 -15.42
C GLY A 627 -3.61 18.27 -14.19
N SER A 628 -2.28 18.25 -14.12
CA SER A 628 -1.57 17.57 -13.05
C SER A 628 -1.32 18.44 -11.83
N LEU A 629 -1.27 17.78 -10.68
CA LEU A 629 -1.08 18.40 -9.38
C LEU A 629 0.11 19.31 -9.31
N ASP A 630 1.27 18.83 -9.75
CA ASP A 630 2.48 19.64 -9.76
C ASP A 630 2.23 21.08 -10.24
N ARG A 631 1.55 21.22 -11.38
CA ARG A 631 1.26 22.54 -11.92
C ARG A 631 0.40 23.32 -10.96
N LEU A 632 -0.64 22.69 -10.45
CA LEU A 632 -1.52 23.36 -9.50
C LEU A 632 -0.77 23.87 -8.29
N LEU A 633 0.13 23.05 -7.78
CA LEU A 633 0.92 23.44 -6.62
C LEU A 633 1.71 24.69 -6.90
N GLN A 634 2.30 24.78 -8.08
CA GLN A 634 3.08 25.94 -8.42
C GLN A 634 2.30 27.09 -9.03
N GLN A 635 1.05 26.86 -9.45
CA GLN A 635 0.31 27.93 -10.11
C GLN A 635 -0.90 28.49 -9.39
N ASP A 636 -1.52 27.75 -8.47
CA ASP A 636 -2.69 28.36 -7.83
C ASP A 636 -3.03 27.87 -6.43
N LYS A 637 -2.35 28.46 -5.45
CA LYS A 637 -2.57 28.15 -4.04
C LYS A 637 -3.96 28.54 -3.57
N ALA A 638 -4.59 29.50 -4.25
CA ALA A 638 -5.93 29.92 -3.89
C ALA A 638 -6.92 28.77 -4.07
N SER A 639 -6.69 27.91 -5.05
CA SER A 639 -7.58 26.78 -5.24
C SER A 639 -7.33 25.74 -4.16
N LEU A 640 -6.07 25.61 -3.76
CA LEU A 640 -5.67 24.64 -2.74
C LEU A 640 -6.13 24.99 -1.33
N THR A 641 -7.42 24.82 -1.07
CA THR A 641 -7.96 25.07 0.25
C THR A 641 -7.77 23.85 1.10
N ARG A 642 -7.98 23.99 2.39
CA ARG A 642 -7.81 22.88 3.30
C ARG A 642 -8.74 21.74 2.97
N THR A 643 -9.96 22.06 2.53
CA THR A 643 -10.92 21.06 2.13
C THR A 643 -10.47 20.31 0.90
N LEU A 644 -10.02 21.05 -0.11
CA LEU A 644 -9.58 20.41 -1.34
C LEU A 644 -8.41 19.49 -1.08
N GLN A 645 -7.46 19.96 -0.29
CA GLN A 645 -6.27 19.19 0.04
C GLN A 645 -6.63 17.86 0.65
N HIS A 646 -7.54 17.87 1.60
CA HIS A 646 -7.94 16.62 2.20
C HIS A 646 -8.54 15.65 1.22
N ARG A 647 -9.42 16.13 0.36
CA ARG A 647 -10.06 15.23 -0.58
C ARG A 647 -9.07 14.61 -1.53
N ILE A 648 -8.06 15.39 -1.96
CA ILE A 648 -7.05 14.84 -2.83
C ILE A 648 -6.32 13.71 -2.15
N ALA A 649 -5.98 13.89 -0.89
CA ALA A 649 -5.29 12.84 -0.15
C ALA A 649 -6.12 11.56 -0.10
N LEU A 650 -7.44 11.68 0.06
CA LEU A 650 -8.26 10.47 0.06
C LEU A 650 -8.24 9.72 -1.23
N HIS A 651 -8.35 10.45 -2.33
CA HIS A 651 -8.46 9.80 -3.61
C HIS A 651 -7.18 9.07 -3.97
N VAL A 652 -6.04 9.66 -3.64
CA VAL A 652 -4.80 8.97 -3.92
C VAL A 652 -4.65 7.73 -3.07
N ALA A 653 -5.02 7.82 -1.80
CA ALA A 653 -4.91 6.69 -0.90
C ALA A 653 -5.74 5.52 -1.38
N ASP A 654 -6.95 5.78 -1.90
CA ASP A 654 -7.74 4.69 -2.44
C ASP A 654 -7.06 3.96 -3.55
N GLY A 655 -6.48 4.71 -4.47
CA GLY A 655 -5.80 4.07 -5.59
C GLY A 655 -4.71 3.15 -5.10
N LEU A 656 -3.94 3.60 -4.13
CA LEU A 656 -2.88 2.78 -3.62
C LEU A 656 -3.38 1.55 -2.94
N ARG A 657 -4.46 1.66 -2.19
CA ARG A 657 -4.99 0.50 -1.53
C ARG A 657 -5.41 -0.54 -2.54
N TYR A 658 -6.09 -0.08 -3.58
CA TYR A 658 -6.60 -0.94 -4.62
C TYR A 658 -5.47 -1.66 -5.35
N LEU A 659 -4.49 -0.90 -5.82
CA LEU A 659 -3.39 -1.49 -6.56
C LEU A 659 -2.58 -2.45 -5.71
N HIS A 660 -2.44 -2.15 -4.43
CA HIS A 660 -1.73 -3.07 -3.57
C HIS A 660 -2.50 -4.35 -3.38
N SER A 661 -3.83 -4.27 -3.30
CA SER A 661 -4.62 -5.49 -3.18
C SER A 661 -4.56 -6.28 -4.48
N ALA A 662 -4.26 -5.59 -5.57
CA ALA A 662 -4.09 -6.21 -6.88
C ALA A 662 -2.65 -6.69 -7.11
N MET A 663 -1.81 -6.68 -6.08
CA MET A 663 -0.41 -7.09 -6.17
C MET A 663 0.43 -6.27 -7.14
N ILE A 664 0.09 -5.00 -7.32
CA ILE A 664 0.82 -4.12 -8.21
C ILE A 664 1.55 -3.04 -7.46
N ILE A 665 2.86 -2.93 -7.68
CA ILE A 665 3.62 -1.88 -7.02
C ILE A 665 3.74 -0.71 -7.97
N TYR A 666 3.34 0.47 -7.52
CA TYR A 666 3.30 1.63 -8.41
C TYR A 666 4.70 2.17 -8.67
N ARG A 667 5.47 2.38 -7.61
CA ARG A 667 6.85 2.86 -7.69
C ARG A 667 7.03 4.23 -8.31
N ASP A 668 6.02 5.09 -8.30
CA ASP A 668 6.23 6.39 -8.95
C ASP A 668 5.36 7.52 -8.40
N LEU A 669 5.11 7.55 -7.09
CA LEU A 669 4.24 8.59 -6.57
C LEU A 669 4.92 9.93 -6.45
N LYS A 670 4.59 10.79 -7.37
CA LYS A 670 5.04 12.16 -7.32
C LYS A 670 3.93 13.02 -7.89
N PRO A 671 3.90 14.33 -7.60
CA PRO A 671 2.92 15.33 -8.03
C PRO A 671 2.68 15.35 -9.53
N HIS A 672 3.65 14.87 -10.28
CA HIS A 672 3.57 14.84 -11.73
C HIS A 672 2.63 13.75 -12.21
N ASN A 673 2.31 12.79 -11.33
CA ASN A 673 1.46 11.66 -11.65
C ASN A 673 0.03 11.81 -11.13
N VAL A 674 -0.29 12.90 -10.46
CA VAL A 674 -1.63 13.04 -9.90
C VAL A 674 -2.47 13.93 -10.78
N LEU A 675 -3.56 13.41 -11.30
CA LEU A 675 -4.38 14.19 -12.20
C LEU A 675 -5.65 14.68 -11.56
N LEU A 676 -6.02 15.91 -11.88
CA LEU A 676 -7.22 16.51 -11.32
C LEU A 676 -8.30 16.69 -12.37
N PHE A 677 -9.51 16.31 -12.00
CA PHE A 677 -10.67 16.37 -12.89
C PHE A 677 -11.71 17.42 -12.53
N THR A 678 -11.34 18.35 -11.66
CA THR A 678 -12.20 19.43 -11.18
C THR A 678 -11.71 19.92 -9.86
N LEU A 679 -11.61 21.21 -9.73
CA LEU A 679 -11.15 21.77 -8.48
C LEU A 679 -12.28 21.99 -7.50
N TYR A 680 -13.53 21.78 -7.95
CA TYR A 680 -14.69 21.92 -7.07
C TYR A 680 -14.58 20.96 -5.89
N PRO A 681 -14.34 21.46 -4.67
CA PRO A 681 -14.13 20.72 -3.43
C PRO A 681 -15.15 19.64 -3.16
N ASN A 682 -16.40 19.88 -3.48
CA ASN A 682 -17.40 18.87 -3.19
C ASN A 682 -17.83 18.08 -4.41
N ALA A 683 -16.90 17.37 -5.03
CA ALA A 683 -17.19 16.56 -6.20
C ALA A 683 -16.96 15.09 -5.89
N ALA A 684 -17.66 14.21 -6.60
CA ALA A 684 -17.51 12.78 -6.36
C ALA A 684 -16.12 12.28 -6.68
N ILE A 685 -15.55 12.71 -7.78
CA ILE A 685 -14.20 12.30 -8.14
C ILE A 685 -13.35 13.50 -8.49
N ILE A 686 -12.23 13.66 -7.79
CA ILE A 686 -11.36 14.78 -8.00
C ILE A 686 -10.00 14.36 -8.49
N ALA A 687 -9.36 13.44 -7.78
CA ALA A 687 -8.02 13.06 -8.20
C ALA A 687 -7.93 11.63 -8.67
N LYS A 688 -7.09 11.39 -9.67
CA LYS A 688 -6.83 10.03 -10.17
C LYS A 688 -5.35 9.80 -10.39
N ILE A 689 -4.93 8.55 -10.32
CA ILE A 689 -3.53 8.17 -10.52
C ILE A 689 -3.26 7.77 -11.97
N ALA A 690 -2.31 8.45 -12.59
CA ALA A 690 -1.98 8.22 -13.99
C ALA A 690 -1.07 7.02 -14.25
N ASP A 691 -1.28 6.38 -15.41
CA ASP A 691 -0.46 5.30 -15.94
C ASP A 691 -0.04 4.22 -14.95
N TYR A 692 -1.01 3.69 -14.23
CA TYR A 692 -0.80 2.63 -13.26
C TYR A 692 -0.52 1.30 -13.92
N GLY A 693 0.07 0.39 -13.16
CA GLY A 693 0.42 -0.92 -13.68
C GLY A 693 1.91 -1.20 -13.49
N PRO A 710 12.98 8.82 -9.12
CA PRO A 710 13.82 9.99 -9.40
C PRO A 710 14.30 10.44 -8.02
N GLY A 711 14.36 11.75 -7.81
CA GLY A 711 14.63 12.16 -6.43
C GLY A 711 13.28 12.31 -5.72
N PHE A 712 12.67 11.17 -5.30
CA PHE A 712 11.36 10.98 -4.60
C PHE A 712 11.28 9.55 -4.06
N ARG A 713 12.40 8.82 -3.96
CA ARG A 713 12.61 7.41 -3.61
C ARG A 713 12.66 7.11 -2.14
N ALA A 714 12.17 5.95 -1.76
CA ALA A 714 12.33 5.46 -0.41
C ALA A 714 13.83 5.26 -0.24
N PRO A 715 14.46 5.55 1.03
CA PRO A 715 15.87 5.40 1.36
C PRO A 715 16.29 3.94 1.30
N GLU A 716 15.27 3.11 1.39
CA GLU A 716 15.46 1.69 1.32
C GLU A 716 15.75 1.23 -0.10
N VAL A 717 14.84 1.53 -1.01
CA VAL A 717 15.04 1.12 -2.40
C VAL A 717 16.06 2.00 -3.09
N ALA A 718 16.27 3.21 -2.57
CA ALA A 718 17.27 4.11 -3.09
C ALA A 718 18.67 3.52 -3.02
N ARG A 719 18.88 2.56 -2.10
CA ARG A 719 20.15 1.87 -1.96
C ARG A 719 20.51 1.15 -3.25
N GLY A 720 19.51 0.55 -3.89
CA GLY A 720 19.72 -0.19 -5.11
C GLY A 720 19.94 -1.69 -4.89
N ASN A 721 20.15 -2.12 -3.65
CA ASN A 721 20.40 -3.53 -3.39
C ASN A 721 19.19 -4.31 -2.90
N VAL A 722 17.99 -3.73 -3.00
CA VAL A 722 16.79 -4.42 -2.53
C VAL A 722 15.65 -4.38 -3.55
N ILE A 723 14.55 -5.00 -3.17
CA ILE A 723 13.37 -5.14 -4.01
C ILE A 723 12.19 -4.28 -3.54
N TYR A 724 11.50 -3.67 -4.50
CA TYR A 724 10.34 -2.84 -4.22
C TYR A 724 9.16 -3.63 -3.68
N ASN A 725 8.42 -3.00 -2.80
CA ASN A 725 7.23 -3.59 -2.25
C ASN A 725 6.31 -2.49 -1.77
N GLN A 726 5.15 -2.85 -1.24
CA GLN A 726 4.17 -1.86 -0.80
C GLN A 726 4.72 -0.82 0.16
N GLN A 727 5.75 -1.15 0.92
CA GLN A 727 6.24 -0.22 1.90
C GLN A 727 7.00 0.90 1.22
N ALA A 728 7.53 0.63 0.03
CA ALA A 728 8.21 1.65 -0.74
C ALA A 728 7.18 2.65 -1.21
N ASP A 729 6.03 2.13 -1.66
CA ASP A 729 4.97 3.03 -2.09
C ASP A 729 4.43 3.85 -0.93
N VAL A 730 4.30 3.24 0.23
CA VAL A 730 3.81 3.97 1.38
C VAL A 730 4.71 5.11 1.72
N TYR A 731 6.02 4.87 1.73
CA TYR A 731 6.96 5.92 2.01
C TYR A 731 6.80 7.03 1.00
N SER A 732 6.70 6.67 -0.27
CA SER A 732 6.54 7.65 -1.33
C SER A 732 5.29 8.47 -1.12
N PHE A 733 4.20 7.81 -0.71
CA PHE A 733 2.96 8.49 -0.38
C PHE A 733 3.15 9.52 0.69
N GLY A 734 3.85 9.16 1.75
CA GLY A 734 4.11 10.09 2.83
C GLY A 734 4.76 11.35 2.30
N LEU A 735 5.72 11.20 1.39
CA LEU A 735 6.35 12.37 0.82
C LEU A 735 5.35 13.19 0.04
N LEU A 736 4.44 12.54 -0.67
CA LEU A 736 3.41 13.26 -1.41
C LEU A 736 2.58 14.08 -0.46
N LEU A 737 2.18 13.47 0.65
CA LEU A 737 1.38 14.16 1.65
C LEU A 737 2.12 15.36 2.21
N TYR A 738 3.41 15.21 2.47
CA TYR A 738 4.26 16.30 2.94
C TYR A 738 4.21 17.42 1.91
N ASP A 739 4.31 17.07 0.64
CA ASP A 739 4.26 18.03 -0.45
C ASP A 739 2.91 18.72 -0.52
N ILE A 740 1.84 18.01 -0.23
CA ILE A 740 0.52 18.60 -0.21
C ILE A 740 0.38 19.57 0.95
N LEU A 741 0.85 19.14 2.12
CA LEU A 741 0.80 19.95 3.32
C LEU A 741 1.45 21.30 3.10
N THR A 742 2.66 21.30 2.56
CA THR A 742 3.29 22.55 2.23
C THR A 742 2.98 22.87 0.81
N THR A 743 1.94 23.66 0.60
CA THR A 743 1.44 23.96 -0.75
C THR A 743 2.43 24.66 -1.64
N GLY A 744 3.45 25.27 -1.04
CA GLY A 744 4.49 25.90 -1.83
C GLY A 744 5.33 24.87 -2.59
N GLY A 745 5.29 23.60 -2.17
CA GLY A 745 6.08 22.59 -2.83
C GLY A 745 7.52 22.88 -2.53
N ARG A 746 7.79 23.24 -1.30
CA ARG A 746 9.11 23.69 -0.93
C ARG A 746 10.17 22.62 -1.08
N ILE A 747 9.83 21.36 -0.84
CA ILE A 747 10.83 20.34 -1.04
C ILE A 747 10.99 20.15 -2.56
N VAL A 748 9.91 20.39 -3.30
CA VAL A 748 9.92 20.30 -4.76
C VAL A 748 10.79 21.40 -5.32
N GLU A 749 10.76 22.56 -4.68
CA GLU A 749 11.64 23.64 -5.07
C GLU A 749 13.09 23.24 -4.78
N GLY A 750 13.27 22.47 -3.70
CA GLY A 750 14.58 21.93 -3.34
C GLY A 750 15.19 21.09 -4.47
N LEU A 751 14.34 20.43 -5.29
CA LEU A 751 14.76 19.67 -6.48
C LEU A 751 15.74 20.41 -7.38
N LYS A 752 15.58 21.75 -7.45
CA LYS A 752 16.44 22.61 -8.25
C LYS A 752 17.91 22.54 -7.81
N PHE A 753 18.15 22.00 -6.61
CA PHE A 753 19.47 21.79 -6.06
C PHE A 753 19.51 20.31 -5.65
N PRO A 754 19.44 19.40 -6.64
CA PRO A 754 19.27 17.95 -6.53
C PRO A 754 20.33 17.26 -5.68
N ASN A 755 21.50 17.88 -5.56
CA ASN A 755 22.58 17.33 -4.75
C ASN A 755 22.22 17.31 -3.28
N GLU A 756 21.35 18.23 -2.88
CA GLU A 756 20.91 18.27 -1.51
C GLU A 756 19.58 17.56 -1.38
N PHE A 757 18.73 17.72 -2.39
CA PHE A 757 17.39 17.16 -2.41
C PHE A 757 17.33 15.64 -2.31
N ASP A 758 18.04 14.95 -3.19
CA ASP A 758 18.02 13.50 -3.17
C ASP A 758 18.62 12.97 -1.88
N GLU A 759 19.69 13.62 -1.42
CA GLU A 759 20.34 13.20 -0.19
C GLU A 759 19.48 13.47 1.01
N LEU A 760 18.75 14.58 0.99
CA LEU A 760 17.84 14.91 2.07
C LEU A 760 16.84 13.81 2.30
N GLU A 761 16.24 13.33 1.21
CA GLU A 761 15.27 12.26 1.32
C GLU A 761 15.93 10.99 1.84
N ILE A 762 17.16 10.71 1.39
CA ILE A 762 17.94 9.58 1.88
C ILE A 762 18.20 9.69 3.37
N GLN A 763 18.57 10.89 3.83
CA GLN A 763 18.81 11.13 5.24
C GLN A 763 17.54 10.95 6.05
N GLY A 764 16.41 11.37 5.46
CA GLY A 764 15.11 11.28 6.13
C GLY A 764 14.93 12.42 7.12
N LYS A 765 15.87 13.36 7.11
CA LYS A 765 15.88 14.43 8.07
C LYS A 765 15.14 15.64 7.54
N LEU A 766 13.83 15.49 7.41
CA LEU A 766 13.03 16.57 6.90
C LEU A 766 12.72 17.56 8.01
N PRO A 767 12.65 18.84 7.69
CA PRO A 767 12.36 19.94 8.56
C PRO A 767 10.89 20.00 8.89
N ASP A 768 10.58 20.62 10.02
CA ASP A 768 9.22 20.76 10.48
C ASP A 768 8.41 21.60 9.50
N PRO A 769 7.42 21.02 8.83
CA PRO A 769 6.62 21.61 7.78
C PRO A 769 5.92 22.90 8.21
N VAL A 770 5.69 23.06 9.50
CA VAL A 770 5.06 24.26 10.01
C VAL A 770 6.07 25.33 10.23
N LYS A 771 7.02 25.03 11.11
CA LYS A 771 8.05 25.98 11.49
C LYS A 771 8.92 26.41 10.33
N GLU A 772 9.35 25.44 9.54
CA GLU A 772 10.26 25.70 8.44
C GLU A 772 9.64 26.44 7.29
N TYR A 773 8.39 26.17 6.97
CA TYR A 773 7.85 26.82 5.79
C TYR A 773 6.79 27.86 6.12
N GLY A 774 6.42 27.98 7.39
CA GLY A 774 5.40 28.95 7.78
C GLY A 774 4.04 28.45 7.37
N CYS A 775 3.82 27.15 7.55
CA CYS A 775 2.58 26.52 7.14
C CYS A 775 1.62 26.41 8.29
N ALA A 776 0.37 26.83 8.08
CA ALA A 776 -0.61 26.78 9.15
C ALA A 776 -0.73 25.34 9.68
N PRO A 777 -0.78 25.15 11.00
CA PRO A 777 -0.82 23.90 11.72
C PRO A 777 -1.91 22.99 11.22
N TRP A 778 -1.59 21.71 11.18
CA TRP A 778 -2.53 20.69 10.78
C TRP A 778 -2.19 19.39 11.44
N PRO A 779 -2.32 19.31 12.77
CA PRO A 779 -2.04 18.15 13.59
C PRO A 779 -2.83 17.00 13.03
N MET A 780 -2.58 15.80 13.50
CA MET A 780 -3.16 14.57 12.93
C MET A 780 -2.42 14.27 11.62
N VAL A 781 -2.53 15.14 10.61
CA VAL A 781 -1.75 14.97 9.39
C VAL A 781 -0.29 15.06 9.68
N GLU A 782 0.10 16.02 10.50
CA GLU A 782 1.51 16.15 10.83
C GLU A 782 2.05 14.87 11.43
N LYS A 783 1.32 14.25 12.35
CA LYS A 783 1.85 13.04 12.92
C LYS A 783 1.71 11.89 11.95
N LEU A 784 0.74 11.95 11.04
CA LEU A 784 0.62 10.90 10.05
C LEU A 784 1.84 10.84 9.20
N ILE A 785 2.31 11.99 8.75
CA ILE A 785 3.51 12.04 7.96
C ILE A 785 4.68 11.47 8.73
N LYS A 786 4.80 11.84 10.00
CA LYS A 786 5.88 11.29 10.80
C LYS A 786 5.78 9.78 10.95
N GLN A 787 4.57 9.28 11.12
CA GLN A 787 4.35 7.85 11.24
C GLN A 787 4.64 7.13 9.95
N CYS A 788 4.27 7.76 8.85
CA CYS A 788 4.49 7.20 7.55
C CYS A 788 5.94 7.12 7.19
N LEU A 789 6.65 8.23 7.30
CA LEU A 789 8.04 8.27 6.87
C LEU A 789 9.02 7.77 7.91
N LYS A 790 8.99 6.47 8.16
CA LYS A 790 9.94 5.85 9.08
C LYS A 790 11.00 5.16 8.26
N GLU A 791 12.16 4.97 8.86
CA GLU A 791 13.27 4.33 8.16
C GLU A 791 13.04 2.85 7.94
N ASN A 792 12.51 2.17 8.95
CA ASN A 792 12.28 0.74 8.92
C ASN A 792 10.96 0.36 8.23
N PRO A 793 11.00 -0.32 7.07
CA PRO A 793 9.90 -0.81 6.26
C PRO A 793 8.86 -1.57 7.06
N GLN A 794 9.27 -2.25 8.12
CA GLN A 794 8.32 -3.02 8.88
C GLN A 794 7.58 -2.15 9.89
N GLU A 795 8.11 -0.96 10.15
CA GLU A 795 7.47 -0.04 11.05
C GLU A 795 6.49 0.84 10.32
N ARG A 796 6.68 1.01 9.02
CA ARG A 796 5.78 1.87 8.27
C ARG A 796 4.39 1.23 8.12
N PRO A 797 3.31 2.02 8.22
CA PRO A 797 1.89 1.69 8.09
C PRO A 797 1.58 1.04 6.76
N THR A 798 0.57 0.18 6.73
CA THR A 798 0.17 -0.39 5.45
C THR A 798 -0.70 0.61 4.76
N SER A 799 -0.84 0.47 3.45
CA SER A 799 -1.64 1.42 2.69
C SER A 799 -3.11 1.37 3.05
N ALA A 800 -3.58 0.21 3.51
CA ALA A 800 -4.94 0.10 3.96
C ALA A 800 -5.14 0.97 5.19
N GLN A 801 -4.19 0.90 6.11
CA GLN A 801 -4.22 1.68 7.32
C GLN A 801 -4.13 3.15 7.05
N VAL A 802 -3.29 3.53 6.07
CA VAL A 802 -3.16 4.93 5.73
C VAL A 802 -4.49 5.49 5.32
N PHE A 803 -5.21 4.75 4.50
CA PHE A 803 -6.53 5.19 4.10
C PHE A 803 -7.45 5.35 5.28
N ASP A 804 -7.50 4.33 6.14
CA ASP A 804 -8.36 4.39 7.31
C ASP A 804 -8.10 5.63 8.14
N ILE A 805 -6.83 6.01 8.27
CA ILE A 805 -6.49 7.21 8.99
C ILE A 805 -7.02 8.43 8.29
N LEU A 806 -6.88 8.48 6.98
CA LEU A 806 -7.38 9.62 6.22
C LEU A 806 -8.89 9.72 6.27
N ASN A 807 -9.54 8.58 6.41
CA ASN A 807 -10.99 8.53 6.54
C ASN A 807 -11.44 9.00 7.92
N SER A 808 -11.46 10.31 8.13
CA SER A 808 -11.82 10.87 9.44
C SER A 808 -12.23 12.31 9.44
N ALA A 809 -13.38 12.59 10.02
CA ALA A 809 -13.84 13.95 10.13
C ALA A 809 -12.97 14.72 11.10
N GLU A 810 -12.50 14.04 12.14
CA GLU A 810 -11.64 14.63 13.14
C GLU A 810 -10.35 15.11 12.51
N LEU A 811 -9.84 14.31 11.58
CA LEU A 811 -8.65 14.66 10.83
C LEU A 811 -8.80 16.00 10.16
N VAL A 812 -9.94 16.19 9.53
CA VAL A 812 -10.23 17.41 8.84
C VAL A 812 -10.44 18.60 9.74
N CYS A 813 -11.24 18.44 10.79
CA CYS A 813 -11.63 19.57 11.62
C CYS A 813 -10.75 19.90 12.81
N LEU A 814 -9.89 19.01 13.24
CA LEU A 814 -9.00 19.41 14.30
C LEU A 814 -8.01 20.39 13.76
N THR A 815 -7.88 21.54 14.39
CA THR A 815 -6.97 22.51 13.83
C THR A 815 -5.75 22.71 14.66
N ARG A 816 -5.90 22.76 15.97
CA ARG A 816 -4.73 22.97 16.80
C ARG A 816 -4.80 22.24 18.12
N ARG A 817 -3.65 21.94 18.69
CA ARG A 817 -3.59 21.31 19.99
C ARG A 817 -2.42 21.83 20.77
N ILE A 818 -2.69 22.48 21.88
CA ILE A 818 -1.64 23.06 22.69
C ILE A 818 -1.53 22.38 24.02
N LEU A 819 -0.39 21.80 24.32
CA LEU A 819 -0.23 21.18 25.62
C LEU A 819 0.15 22.23 26.63
N LEU A 820 -0.34 22.09 27.84
CA LEU A 820 0.02 23.00 28.90
C LEU A 820 1.18 22.39 29.68
N PRO A 821 1.94 23.19 30.42
CA PRO A 821 3.06 22.78 31.24
C PRO A 821 2.59 21.73 32.24
N LYS A 822 3.46 20.79 32.54
CA LYS A 822 3.12 19.68 33.43
C LYS A 822 2.72 20.17 34.81
N ASN A 823 1.66 19.57 35.34
CA ASN A 823 1.10 19.91 36.64
C ASN A 823 0.50 21.30 36.66
N VAL A 824 -0.19 21.64 35.58
CA VAL A 824 -0.93 22.89 35.53
C VAL A 824 -2.39 22.56 35.29
N ILE A 825 -3.22 23.01 36.21
CA ILE A 825 -4.64 22.74 36.14
C ILE A 825 -5.42 24.01 36.04
N VAL A 826 -6.10 24.18 34.92
CA VAL A 826 -6.89 25.35 34.64
C VAL A 826 -8.36 25.07 34.84
N GLU A 827 -8.99 25.83 35.71
CA GLU A 827 -10.39 25.61 36.00
C GLU A 827 -11.36 26.57 35.30
N CYS A 828 -10.84 27.51 34.53
CA CYS A 828 -11.71 28.45 33.81
C CYS A 828 -10.98 29.16 32.68
N MET A 829 -11.74 29.65 31.71
CA MET A 829 -11.16 30.27 30.52
C MET A 829 -11.88 31.51 30.04
N VAL A 830 -11.13 32.53 29.64
CA VAL A 830 -11.72 33.69 29.00
C VAL A 830 -10.99 34.07 27.74
N ALA A 831 -11.59 33.81 26.60
CA ALA A 831 -10.95 34.18 25.35
C ALA A 831 -11.23 35.64 25.07
N THR A 832 -10.27 36.34 24.48
CA THR A 832 -10.51 37.75 24.16
C THR A 832 -11.13 37.90 22.78
N HIS A 833 -12.35 38.39 22.75
CA HIS A 833 -13.06 38.55 21.48
C HIS A 833 -12.58 39.79 20.76
N HIS A 834 -11.52 39.63 20.00
CA HIS A 834 -10.94 40.74 19.28
C HIS A 834 -10.10 40.19 18.12
N ALA A 839 -5.33 37.52 19.90
CA ALA A 839 -5.71 36.10 19.84
C ALA A 839 -5.08 35.34 21.01
N SER A 840 -5.65 35.54 22.18
CA SER A 840 -5.13 34.96 23.40
C SER A 840 -6.22 34.61 24.39
N ILE A 841 -5.87 33.78 25.36
CA ILE A 841 -6.81 33.28 26.35
C ILE A 841 -6.34 33.43 27.77
N TRP A 842 -7.19 33.98 28.63
CA TRP A 842 -6.87 34.08 30.04
C TRP A 842 -7.24 32.80 30.72
N LEU A 843 -6.33 32.25 31.50
CA LEU A 843 -6.58 30.98 32.14
C LEU A 843 -6.55 31.08 33.65
N GLY A 844 -7.43 30.37 34.32
CA GLY A 844 -7.38 30.35 35.77
C GLY A 844 -6.41 29.26 36.19
N CYS A 845 -6.34 28.96 37.48
CA CYS A 845 -5.47 27.88 37.90
C CYS A 845 -5.91 27.24 39.19
N GLY A 846 -6.43 26.03 39.09
CA GLY A 846 -6.90 25.30 40.26
C GLY A 846 -5.88 24.29 40.77
N HIS A 847 -4.70 24.23 40.15
CA HIS A 847 -3.67 23.32 40.62
C HIS A 847 -3.18 23.70 42.01
N THR A 848 -2.80 24.96 42.18
CA THR A 848 -2.34 25.41 43.47
C THR A 848 -3.53 25.86 44.28
N ASP A 849 -3.29 26.20 45.52
CA ASP A 849 -4.35 26.73 46.37
C ASP A 849 -4.20 28.24 46.50
N ARG A 850 -3.55 28.86 45.52
CA ARG A 850 -3.34 30.29 45.52
C ARG A 850 -3.91 30.93 44.26
N GLY A 851 -4.44 32.12 44.41
CA GLY A 851 -4.98 32.87 43.27
C GLY A 851 -3.93 33.11 42.20
N GLN A 852 -3.79 32.17 41.27
CA GLN A 852 -2.82 32.30 40.19
C GLN A 852 -3.48 32.43 38.84
N LEU A 853 -3.10 33.46 38.10
CA LEU A 853 -3.68 33.76 36.81
C LEU A 853 -2.68 33.53 35.68
N SER A 854 -3.06 32.71 34.71
CA SER A 854 -2.17 32.37 33.62
C SER A 854 -2.62 32.98 32.32
N PHE A 855 -1.75 32.95 31.32
CA PHE A 855 -2.08 33.56 30.04
C PHE A 855 -1.44 32.87 28.85
N LEU A 856 -2.29 32.51 27.89
CA LEU A 856 -1.88 31.78 26.69
C LEU A 856 -1.97 32.61 25.43
N ASP A 857 -0.86 32.68 24.69
CA ASP A 857 -0.81 33.40 23.42
C ASP A 857 -0.95 32.45 22.26
N LEU A 858 -2.12 32.43 21.62
CA LEU A 858 -2.36 31.50 20.53
C LEU A 858 -1.49 31.78 19.29
N ASN A 859 -0.99 32.99 19.16
CA ASN A 859 -0.16 33.33 18.01
C ASN A 859 1.20 32.70 18.06
N THR A 860 1.71 32.44 19.26
CA THR A 860 3.06 31.92 19.41
C THR A 860 3.08 30.72 20.33
N GLU A 861 1.91 30.35 20.87
CA GLU A 861 1.78 29.28 21.85
C GLU A 861 2.65 29.63 23.05
N GLY A 862 2.63 30.92 23.40
CA GLY A 862 3.41 31.42 24.51
C GLY A 862 2.65 31.21 25.80
N TYR A 863 3.35 31.16 26.91
CA TYR A 863 2.67 30.92 28.16
C TYR A 863 3.34 31.57 29.34
N THR A 864 2.56 32.29 30.12
CA THR A 864 3.06 32.88 31.34
C THR A 864 2.06 32.72 32.43
N SER A 865 2.42 33.19 33.62
CA SER A 865 1.56 33.03 34.76
C SER A 865 2.05 33.80 35.98
N GLU A 866 1.14 34.37 36.75
CA GLU A 866 1.52 35.11 37.94
C GLU A 866 0.47 35.02 39.02
N GLU A 867 0.89 35.13 40.26
CA GLU A 867 -0.06 35.09 41.35
C GLU A 867 -0.70 36.46 41.50
N VAL A 868 -2.02 36.50 41.50
CA VAL A 868 -2.74 37.76 41.56
C VAL A 868 -3.64 37.89 42.77
N ALA A 869 -3.90 36.79 43.46
CA ALA A 869 -4.78 36.86 44.61
C ALA A 869 -4.43 35.81 45.63
N ASP A 870 -5.04 35.91 46.80
CA ASP A 870 -4.77 34.97 47.86
C ASP A 870 -5.43 33.62 47.62
N SER A 871 -6.75 33.59 47.70
CA SER A 871 -7.48 32.34 47.51
C SER A 871 -7.63 31.99 46.04
N ARG A 872 -8.10 30.77 45.78
CA ARG A 872 -8.19 30.24 44.42
C ARG A 872 -9.22 30.93 43.56
N ILE A 873 -8.83 31.22 42.32
CA ILE A 873 -9.73 31.86 41.37
C ILE A 873 -10.78 30.87 40.94
N LEU A 874 -12.03 31.24 41.10
CA LEU A 874 -13.10 30.34 40.75
C LEU A 874 -13.75 30.70 39.43
N CYS A 875 -13.72 31.97 39.04
CA CYS A 875 -14.34 32.33 37.79
C CYS A 875 -13.86 33.65 37.21
N LEU A 876 -13.53 33.63 35.93
CA LEU A 876 -13.09 34.84 35.26
C LEU A 876 -14.15 35.39 34.33
N ALA A 877 -14.14 36.71 34.11
CA ALA A 877 -15.07 37.33 33.18
C ALA A 877 -14.46 38.54 32.50
N LEU A 878 -14.81 38.76 31.24
CA LEU A 878 -14.28 39.89 30.50
C LEU A 878 -15.22 41.07 30.43
N VAL A 879 -14.78 42.20 30.96
CA VAL A 879 -15.49 43.44 30.79
C VAL A 879 -14.93 44.19 29.62
N HIS A 880 -15.77 44.48 28.66
CA HIS A 880 -15.34 45.18 27.47
C HIS A 880 -16.04 46.50 27.35
N LEU A 881 -15.28 47.58 27.40
CA LEU A 881 -15.83 48.92 27.29
C LEU A 881 -15.26 49.66 26.09
N PRO A 882 -15.61 49.26 24.86
CA PRO A 882 -15.15 49.82 23.58
C PRO A 882 -15.45 51.30 23.47
N VAL A 883 -16.46 51.75 24.21
CA VAL A 883 -16.84 53.14 24.28
C VAL A 883 -15.78 53.94 24.99
N GLU A 884 -15.24 53.36 26.05
CA GLU A 884 -14.21 54.00 26.85
C GLU A 884 -12.82 53.55 26.40
N LYS A 885 -12.76 52.60 25.47
CA LYS A 885 -11.51 52.10 24.90
C LYS A 885 -10.71 51.33 25.92
N GLU A 886 -11.39 50.54 26.75
CA GLU A 886 -10.72 49.78 27.79
C GLU A 886 -11.42 48.47 28.07
N SER A 887 -10.70 47.53 28.66
CA SER A 887 -11.29 46.25 29.02
C SER A 887 -10.59 45.68 30.26
N TRP A 888 -11.34 44.89 31.03
CA TRP A 888 -10.86 44.38 32.31
C TRP A 888 -11.15 42.89 32.51
N ILE A 889 -10.29 42.21 33.25
CA ILE A 889 -10.55 40.84 33.61
C ILE A 889 -11.04 40.81 35.04
N VAL A 890 -12.22 40.26 35.24
CA VAL A 890 -12.77 40.17 36.57
C VAL A 890 -12.55 38.79 37.11
N SER A 891 -11.83 38.71 38.20
CA SER A 891 -11.53 37.45 38.81
C SER A 891 -12.29 37.22 40.10
N GLY A 892 -13.25 36.31 40.06
CA GLY A 892 -13.99 35.94 41.24
C GLY A 892 -13.22 34.82 41.93
N THR A 893 -13.14 34.88 43.26
CA THR A 893 -12.40 33.86 43.98
C THR A 893 -13.11 33.30 45.20
N GLN A 894 -12.44 32.35 45.87
CA GLN A 894 -13.00 31.68 47.04
C GLN A 894 -13.30 32.64 48.18
N SER A 895 -12.46 33.65 48.34
CA SER A 895 -12.69 34.66 49.37
C SER A 895 -13.92 35.51 49.11
N GLY A 896 -14.46 35.49 47.89
CA GLY A 896 -15.62 36.29 47.58
C GLY A 896 -15.20 37.64 47.04
N THR A 897 -13.92 37.83 46.79
CA THR A 897 -13.50 39.12 46.27
C THR A 897 -13.54 39.11 44.75
N LEU A 898 -13.56 40.30 44.19
CA LEU A 898 -13.56 40.51 42.75
C LEU A 898 -12.36 41.34 42.35
N LEU A 899 -11.35 40.69 41.81
CA LEU A 899 -10.17 41.40 41.38
C LEU A 899 -10.33 41.77 39.93
N VAL A 900 -10.32 43.06 39.65
CA VAL A 900 -10.59 43.56 38.31
C VAL A 900 -9.31 44.16 37.73
N ILE A 901 -8.78 43.56 36.67
CA ILE A 901 -7.50 44.00 36.12
C ILE A 901 -7.56 44.48 34.69
N ASN A 902 -7.02 45.66 34.45
CA ASN A 902 -7.08 46.23 33.11
C ASN A 902 -6.22 45.41 32.17
N THR A 903 -6.79 44.97 31.07
CA THR A 903 -6.07 44.16 30.09
C THR A 903 -4.97 44.92 29.38
N GLU A 904 -5.07 46.24 29.36
CA GLU A 904 -4.07 47.09 28.74
C GLU A 904 -2.98 47.53 29.71
N ASP A 905 -3.17 47.24 31.00
CA ASP A 905 -2.21 47.66 32.01
C ASP A 905 -2.29 46.79 33.24
N GLY A 906 -1.32 45.89 33.37
CA GLY A 906 -1.28 44.96 34.50
C GLY A 906 -1.15 45.64 35.86
N LYS A 907 -0.72 46.91 35.89
CA LYS A 907 -0.59 47.63 37.13
C LYS A 907 -1.95 48.09 37.65
N LYS A 908 -2.95 48.16 36.77
CA LYS A 908 -4.27 48.60 37.17
C LYS A 908 -5.09 47.46 37.74
N ARG A 909 -4.83 47.17 39.01
CA ARG A 909 -5.53 46.13 39.72
C ARG A 909 -6.46 46.76 40.75
N HIS A 910 -7.76 46.52 40.60
CA HIS A 910 -8.76 47.09 41.50
C HIS A 910 -9.61 46.02 42.12
N THR A 911 -10.05 46.23 43.35
CA THR A 911 -10.88 45.22 43.99
C THR A 911 -12.25 45.80 44.29
N LEU A 912 -13.31 45.10 43.88
CA LEU A 912 -14.68 45.55 44.11
C LEU A 912 -15.15 45.14 45.47
N GLU A 913 -16.31 45.65 45.88
CA GLU A 913 -16.88 45.29 47.17
C GLU A 913 -16.90 43.78 47.36
N LYS A 914 -16.32 43.33 48.45
CA LYS A 914 -16.24 41.91 48.76
C LYS A 914 -17.61 41.31 48.99
N MET A 915 -17.83 40.13 48.43
CA MET A 915 -19.08 39.42 48.57
C MET A 915 -19.13 38.70 49.90
N THR A 916 -20.34 38.36 50.33
CA THR A 916 -20.55 37.68 51.61
C THR A 916 -20.20 36.19 51.56
N ASP A 917 -19.98 35.67 50.35
CA ASP A 917 -19.57 34.29 50.17
C ASP A 917 -18.77 34.23 48.89
N SER A 918 -18.26 33.06 48.54
CA SER A 918 -17.41 32.96 47.37
C SER A 918 -18.16 33.20 46.11
N VAL A 919 -17.43 33.52 45.05
CA VAL A 919 -18.03 33.74 43.77
C VAL A 919 -18.04 32.46 43.00
N THR A 920 -19.22 32.04 42.55
CA THR A 920 -19.33 30.80 41.83
C THR A 920 -19.39 30.99 40.33
N CYS A 921 -19.92 32.12 39.89
CA CYS A 921 -19.92 32.36 38.46
C CYS A 921 -20.13 33.82 38.13
N LEU A 922 -19.66 34.21 36.97
CA LEU A 922 -19.76 35.58 36.51
C LEU A 922 -20.37 35.63 35.14
N TYR A 923 -21.03 36.73 34.83
CA TYR A 923 -21.58 36.92 33.50
C TYR A 923 -21.71 38.37 33.15
N CYS A 924 -21.31 38.74 31.96
CA CYS A 924 -21.43 40.13 31.59
C CYS A 924 -21.52 40.35 30.09
N ASN A 935 -24.53 47.03 29.97
CA ASN A 935 -24.06 45.71 30.34
C ASN A 935 -23.97 45.68 31.83
N PHE A 936 -24.17 44.54 32.41
CA PHE A 936 -24.06 44.48 33.85
C PHE A 936 -23.21 43.32 34.24
N LEU A 937 -22.40 43.51 35.26
CA LEU A 937 -21.58 42.42 35.73
C LEU A 937 -22.38 41.68 36.75
N LEU A 938 -22.72 40.45 36.43
CA LEU A 938 -23.54 39.69 37.32
C LEU A 938 -22.65 38.78 38.10
N VAL A 939 -22.84 38.76 39.39
CA VAL A 939 -22.02 37.96 40.24
C VAL A 939 -22.86 36.93 40.96
N GLY A 940 -22.68 35.69 40.60
CA GLY A 940 -23.41 34.63 41.24
C GLY A 940 -22.59 34.09 42.37
N THR A 941 -23.06 34.25 43.59
CA THR A 941 -22.32 33.78 44.74
C THR A 941 -22.87 32.49 45.32
N ALA A 942 -22.08 31.87 46.17
CA ALA A 942 -22.37 30.58 46.77
C ALA A 942 -23.55 30.57 47.71
N ASP A 943 -23.95 31.72 48.21
CA ASP A 943 -25.11 31.78 49.08
C ASP A 943 -26.41 32.03 48.32
N GLY A 944 -26.40 31.89 47.00
CA GLY A 944 -27.61 32.06 46.23
C GLY A 944 -27.94 33.52 45.95
N LYS A 945 -26.99 34.40 46.26
CA LYS A 945 -27.17 35.83 46.07
C LYS A 945 -26.64 36.28 44.71
N LEU A 946 -27.42 37.14 44.04
CA LEU A 946 -27.04 37.68 42.74
C LEU A 946 -26.77 39.16 42.79
N ALA A 947 -25.52 39.56 42.59
CA ALA A 947 -25.22 40.97 42.61
C ALA A 947 -25.15 41.50 41.19
N ILE A 948 -25.72 42.67 40.97
CA ILE A 948 -25.72 43.32 39.68
C ILE A 948 -24.95 44.61 39.71
N PHE A 949 -23.84 44.69 38.97
CA PHE A 949 -23.03 45.90 38.92
C PHE A 949 -23.23 46.66 37.63
N GLU A 950 -23.23 48.00 37.74
CA GLU A 950 -23.35 48.88 36.58
C GLU A 950 -22.16 48.70 35.64
N ASP A 951 -22.45 48.80 34.35
CA ASP A 951 -21.52 48.58 33.25
C ASP A 951 -20.13 49.19 33.40
N LYS A 952 -20.04 50.51 33.50
CA LYS A 952 -18.73 51.15 33.57
C LYS A 952 -18.15 51.19 34.98
N THR A 953 -19.01 51.37 35.99
CA THR A 953 -18.61 51.45 37.40
C THR A 953 -17.54 50.46 37.87
N VAL A 954 -17.56 49.23 37.34
CA VAL A 954 -16.64 48.17 37.79
C VAL A 954 -15.15 48.49 37.64
N LYS A 955 -14.80 49.51 36.87
CA LYS A 955 -13.39 49.91 36.75
C LYS A 955 -12.84 50.54 38.04
N LEU A 956 -13.74 50.92 38.95
CA LEU A 956 -13.36 51.58 40.18
C LEU A 956 -13.15 50.59 41.32
N LYS A 957 -12.26 50.95 42.24
CA LYS A 957 -11.99 50.12 43.41
C LYS A 957 -12.95 50.42 44.55
N GLY A 958 -13.50 49.37 45.15
CA GLY A 958 -14.42 49.48 46.26
C GLY A 958 -15.83 49.83 45.79
N ALA A 959 -16.11 49.58 44.53
CA ALA A 959 -17.41 49.92 44.00
C ALA A 959 -18.48 48.94 44.46
N ALA A 960 -19.66 49.49 44.73
CA ALA A 960 -20.83 48.73 45.13
C ALA A 960 -21.66 48.42 43.89
N PRO A 961 -22.46 47.36 43.90
CA PRO A 961 -23.36 46.91 42.86
C PRO A 961 -24.58 47.80 42.78
N LEU A 962 -25.20 47.79 41.61
CA LEU A 962 -26.44 48.51 41.36
C LEU A 962 -27.51 47.99 42.28
N LYS A 963 -27.66 46.67 42.31
CA LYS A 963 -28.65 46.06 43.17
C LYS A 963 -28.31 44.61 43.45
N ILE A 964 -28.87 44.06 44.52
CA ILE A 964 -28.60 42.69 44.92
C ILE A 964 -29.87 41.89 45.16
N LEU A 965 -29.93 40.70 44.56
CA LEU A 965 -31.09 39.85 44.69
C LEU A 965 -30.81 38.58 45.48
N ASN A 966 -31.80 38.12 46.23
CA ASN A 966 -31.68 36.87 46.96
C ASN A 966 -32.50 35.81 46.25
N ILE A 967 -31.82 34.87 45.60
CA ILE A 967 -32.52 33.86 44.85
C ILE A 967 -32.58 32.57 45.62
N GLY A 968 -31.41 32.10 46.03
CA GLY A 968 -31.31 30.85 46.77
C GLY A 968 -31.01 31.07 48.24
N ASN A 969 -30.13 30.25 48.78
CA ASN A 969 -29.78 30.37 50.19
C ASN A 969 -28.42 29.78 50.43
N VAL A 970 -27.98 29.79 51.68
CA VAL A 970 -26.67 29.31 52.07
C VAL A 970 -26.30 27.91 51.54
N SER A 971 -27.29 27.05 51.31
CA SER A 971 -27.04 25.70 50.81
C SER A 971 -27.37 25.55 49.32
N THR A 972 -27.88 26.62 48.69
CA THR A 972 -28.29 26.60 47.28
C THR A 972 -27.64 27.73 46.50
N PRO A 973 -26.40 27.55 46.04
CA PRO A 973 -25.55 28.48 45.32
C PRO A 973 -26.01 28.73 43.91
N LEU A 974 -25.71 29.89 43.36
CA LEU A 974 -26.04 30.12 41.96
C LEU A 974 -24.96 29.48 41.15
N MET A 975 -25.28 28.83 40.06
CA MET A 975 -24.19 28.23 39.30
C MET A 975 -24.25 28.47 37.81
N CYS A 976 -25.17 29.27 37.34
CA CYS A 976 -25.21 29.47 35.92
C CYS A 976 -26.11 30.60 35.49
N LEU A 977 -25.55 31.54 34.76
CA LEU A 977 -26.31 32.66 34.20
C LEU A 977 -26.23 32.61 32.70
N SER A 978 -27.28 32.15 32.06
CA SER A 978 -27.30 32.04 30.62
C SER A 978 -28.24 33.01 29.99
N GLU A 979 -27.98 33.30 28.74
CA GLU A 979 -28.81 34.24 28.03
C GLU A 979 -28.61 34.08 26.55
N SER A 980 -29.66 33.67 25.89
CA SER A 980 -29.59 33.51 24.46
C SER A 980 -30.93 33.80 23.89
N ASN A 987 -34.11 39.57 25.94
CA ASN A 987 -32.95 39.86 26.77
C ASN A 987 -33.18 39.23 28.13
N VAL A 988 -33.97 38.14 28.13
CA VAL A 988 -34.37 37.47 29.35
C VAL A 988 -33.32 36.50 29.84
N MET A 989 -33.00 36.60 31.12
CA MET A 989 -32.00 35.73 31.71
C MET A 989 -32.61 34.45 32.16
N TRP A 990 -31.80 33.40 32.16
CA TRP A 990 -32.19 32.11 32.68
C TRP A 990 -31.07 31.57 33.52
N GLY A 991 -31.36 30.77 34.52
CA GLY A 991 -30.23 30.25 35.23
C GLY A 991 -30.55 29.22 36.27
N GLY A 992 -29.52 28.65 36.84
CA GLY A 992 -29.68 27.58 37.80
C GLY A 992 -29.35 27.99 39.21
N CYS A 993 -30.20 27.57 40.13
CA CYS A 993 -30.04 27.79 41.54
C CYS A 993 -30.43 26.55 42.27
N GLY A 994 -29.47 25.75 42.64
CA GLY A 994 -29.81 24.51 43.29
C GLY A 994 -30.57 23.67 42.29
N THR A 995 -31.81 23.37 42.61
CA THR A 995 -32.64 22.55 41.75
C THR A 995 -33.73 23.34 41.06
N LYS A 996 -33.66 24.66 41.11
CA LYS A 996 -34.67 25.49 40.48
C LYS A 996 -34.14 26.29 39.30
N ILE A 997 -35.00 26.57 38.35
CA ILE A 997 -34.61 27.39 37.22
C ILE A 997 -35.28 28.73 37.32
N PHE A 998 -34.49 29.78 37.36
CA PHE A 998 -35.05 31.10 37.48
C PHE A 998 -34.95 31.86 36.18
N SER A 999 -35.58 33.01 36.15
CA SER A 999 -35.53 33.83 34.96
C SER A 999 -35.69 35.31 35.30
N PHE A 1000 -34.98 36.17 34.56
CA PHE A 1000 -35.06 37.60 34.86
C PHE A 1000 -35.42 38.52 33.72
N SER A 1001 -36.14 39.55 34.12
CA SER A 1001 -36.58 40.64 33.27
C SER A 1001 -35.47 41.65 33.12
N ASN A 1002 -35.71 42.66 32.31
CA ASN A 1002 -34.73 43.73 32.14
C ASN A 1002 -34.65 44.64 33.37
N ASP A 1003 -35.57 44.47 34.32
CA ASP A 1003 -35.57 45.21 35.56
C ASP A 1003 -35.01 44.37 36.67
N PHE A 1004 -34.50 43.18 36.32
CA PHE A 1004 -33.93 42.24 37.26
C PHE A 1004 -34.98 41.68 38.21
N THR A 1005 -36.21 41.54 37.72
CA THR A 1005 -37.25 40.97 38.56
C THR A 1005 -37.44 39.51 38.18
N ILE A 1006 -37.89 38.70 39.15
CA ILE A 1006 -38.06 37.27 38.88
C ILE A 1006 -39.31 37.03 38.09
N GLN A 1007 -39.15 36.36 36.95
CA GLN A 1007 -40.27 36.09 36.08
C GLN A 1007 -40.85 34.70 36.20
N LYS A 1008 -40.20 33.83 36.98
CA LYS A 1008 -40.68 32.46 37.22
C LYS A 1008 -39.62 31.60 37.86
N LEU A 1009 -40.03 30.86 38.89
CA LEU A 1009 -39.15 29.92 39.56
C LEU A 1009 -39.63 28.51 39.29
N ILE A 1010 -39.02 27.85 38.34
CA ILE A 1010 -39.42 26.52 37.95
C ILE A 1010 -38.72 25.48 38.80
N GLU A 1011 -39.47 24.79 39.62
CA GLU A 1011 -38.84 23.76 40.41
C GLU A 1011 -38.72 22.54 39.54
N THR A 1012 -37.52 22.02 39.39
CA THR A 1012 -37.34 20.89 38.49
C THR A 1012 -37.28 19.56 39.21
N ARG A 1013 -37.50 19.57 40.51
CA ARG A 1013 -37.44 18.34 41.29
C ARG A 1013 -38.48 17.34 40.84
N THR A 1014 -39.57 17.82 40.25
CA THR A 1014 -40.67 17.00 39.82
C THR A 1014 -40.29 16.11 38.65
N SER A 1015 -39.14 16.36 38.02
CA SER A 1015 -38.71 15.53 36.92
C SER A 1015 -38.36 14.14 37.38
N GLN A 1016 -38.24 13.91 38.70
CA GLN A 1016 -37.94 12.59 39.23
C GLN A 1016 -39.00 11.56 38.93
N LEU A 1017 -40.19 11.99 38.48
CA LEU A 1017 -41.21 11.05 38.06
C LEU A 1017 -40.72 10.26 36.86
N PHE A 1018 -39.77 10.84 36.13
CA PHE A 1018 -39.13 10.25 34.99
C PHE A 1018 -37.66 10.07 35.35
N SER A 1019 -36.95 9.24 34.63
CA SER A 1019 -35.54 9.02 34.93
C SER A 1019 -35.30 8.44 36.33
N TYR A 1020 -34.42 9.09 37.10
CA TYR A 1020 -34.03 8.62 38.42
C TYR A 1020 -33.83 9.77 39.40
N ALA A 1021 -34.42 9.64 40.58
CA ALA A 1021 -34.44 10.70 41.58
C ALA A 1021 -33.06 11.23 41.97
N ALA A 1022 -32.01 10.42 41.99
CA ALA A 1022 -30.71 10.98 42.39
C ALA A 1022 -30.07 11.77 41.25
N PHE A 1023 -30.60 11.63 40.04
CA PHE A 1023 -30.12 12.40 38.93
C PHE A 1023 -30.94 13.66 38.87
N SER A 1024 -32.24 13.50 39.08
CA SER A 1024 -33.18 14.61 39.10
C SER A 1024 -32.83 15.55 40.22
N ASP A 1025 -32.69 15.02 41.41
CA ASP A 1025 -32.36 15.85 42.52
C ASP A 1025 -30.88 16.10 42.58
N SER A 1026 -30.43 17.16 41.92
CA SER A 1026 -29.03 17.52 41.95
C SER A 1026 -28.84 18.94 41.46
N ASN A 1027 -27.81 19.60 41.95
CA ASN A 1027 -27.59 20.99 41.56
C ASN A 1027 -27.37 21.18 40.08
N ILE A 1028 -27.99 22.20 39.53
CA ILE A 1028 -27.85 22.49 38.13
C ILE A 1028 -26.48 23.04 37.80
N ILE A 1029 -25.83 22.44 36.82
CA ILE A 1029 -24.54 22.89 36.37
C ILE A 1029 -24.65 23.89 35.27
N THR A 1030 -25.47 23.61 34.27
CA THR A 1030 -25.57 24.55 33.18
C THR A 1030 -26.93 24.56 32.51
N VAL A 1031 -27.28 25.73 32.00
CA VAL A 1031 -28.54 25.98 31.32
C VAL A 1031 -28.32 26.48 29.91
N VAL A 1032 -28.85 25.79 28.94
CA VAL A 1032 -28.71 26.26 27.58
C VAL A 1032 -30.05 26.72 27.07
N VAL A 1033 -30.10 27.96 26.57
CA VAL A 1033 -31.37 28.53 26.14
C VAL A 1033 -31.54 28.61 24.64
N ASP A 1034 -32.43 27.80 24.09
CA ASP A 1034 -32.72 27.85 22.68
C ASP A 1034 -34.22 28.05 22.47
N THR A 1035 -34.87 27.05 21.87
CA THR A 1035 -36.32 26.98 21.74
C THR A 1035 -36.87 26.11 22.86
N ALA A 1036 -35.95 25.61 23.69
CA ALA A 1036 -36.24 24.80 24.85
C ALA A 1036 -35.05 24.94 25.77
N LEU A 1037 -35.20 24.56 27.02
CA LEU A 1037 -34.07 24.67 27.93
C LEU A 1037 -33.39 23.35 28.05
N TYR A 1038 -32.07 23.35 28.05
CA TYR A 1038 -31.34 22.11 28.22
C TYR A 1038 -30.60 22.17 29.51
N ILE A 1039 -30.95 21.27 30.42
CA ILE A 1039 -30.41 21.30 31.77
C ILE A 1039 -29.48 20.16 32.07
N ALA A 1040 -28.28 20.48 32.51
CA ALA A 1040 -27.42 19.43 33.03
C ALA A 1040 -27.19 19.67 34.50
N LYS A 1041 -27.32 18.60 35.27
CA LYS A 1041 -27.15 18.65 36.72
C LYS A 1041 -25.91 17.90 37.14
N GLN A 1042 -25.42 18.23 38.33
CA GLN A 1042 -24.18 17.66 38.79
C GLN A 1042 -24.27 16.17 38.91
N ASN A 1043 -23.35 15.51 38.24
CA ASN A 1043 -23.23 14.07 38.18
C ASN A 1043 -24.38 13.38 37.46
N SER A 1044 -25.18 14.11 36.72
CA SER A 1044 -26.23 13.48 35.96
C SER A 1044 -25.65 12.98 34.66
N PRO A 1045 -26.14 11.86 34.17
CA PRO A 1045 -25.85 11.29 32.88
C PRO A 1045 -26.96 11.64 31.92
N VAL A 1046 -27.94 12.37 32.42
CA VAL A 1046 -29.09 12.74 31.62
C VAL A 1046 -29.31 14.23 31.55
N VAL A 1047 -29.54 14.71 30.34
CA VAL A 1047 -29.85 16.11 30.09
C VAL A 1047 -31.35 16.27 29.98
N GLU A 1048 -31.91 17.22 30.70
CA GLU A 1048 -33.35 17.40 30.68
C GLU A 1048 -33.74 18.45 29.69
N VAL A 1049 -34.85 18.25 29.01
CA VAL A 1049 -35.32 19.24 28.07
C VAL A 1049 -36.60 19.84 28.58
N TRP A 1050 -36.63 21.14 28.77
CA TRP A 1050 -37.84 21.76 29.30
C TRP A 1050 -38.52 22.72 28.36
N ASP A 1051 -39.84 22.70 28.36
CA ASP A 1051 -40.59 23.66 27.59
C ASP A 1051 -40.84 24.88 28.40
N LYS A 1052 -40.04 25.91 28.18
CA LYS A 1052 -40.14 27.16 28.89
C LYS A 1052 -41.48 27.88 28.72
N LYS A 1053 -42.24 27.52 27.68
CA LYS A 1053 -43.53 28.14 27.44
C LYS A 1053 -44.63 27.58 28.31
N THR A 1054 -44.48 26.34 28.77
CA THR A 1054 -45.50 25.72 29.59
C THR A 1054 -44.92 25.18 30.88
N GLU A 1055 -43.60 25.26 31.03
CA GLU A 1055 -42.89 24.80 32.20
C GLU A 1055 -43.06 23.30 32.41
N LYS A 1056 -42.83 22.54 31.35
CA LYS A 1056 -43.02 21.09 31.44
C LYS A 1056 -41.82 20.31 30.93
N LEU A 1057 -41.61 19.11 31.47
CA LEU A 1057 -40.53 18.27 31.00
C LEU A 1057 -40.90 17.69 29.65
N CYS A 1058 -40.08 17.94 28.64
CA CYS A 1058 -40.38 17.50 27.29
C CYS A 1058 -39.44 16.47 26.70
N GLY A 1059 -38.63 15.84 27.53
CA GLY A 1059 -37.74 14.82 27.00
C GLY A 1059 -36.46 14.71 27.78
N LEU A 1060 -35.84 13.55 27.66
CA LEU A 1060 -34.60 13.27 28.33
C LEU A 1060 -33.56 12.79 27.35
N ILE A 1061 -32.31 13.16 27.58
CA ILE A 1061 -31.24 12.70 26.73
C ILE A 1061 -30.30 11.82 27.52
N ASP A 1062 -30.27 10.54 27.17
CA ASP A 1062 -29.44 9.58 27.89
C ASP A 1062 -28.06 9.41 27.28
N CYS A 1063 -27.06 10.05 27.89
CA CYS A 1063 -25.70 9.99 27.37
C CYS A 1063 -25.09 8.61 27.50
N VAL A 1064 -25.48 7.86 28.52
CA VAL A 1064 -24.96 6.54 28.71
C VAL A 1064 -25.37 5.68 27.56
N HIS A 1065 -26.63 5.79 27.15
CA HIS A 1065 -27.15 5.05 26.03
C HIS A 1065 -26.32 5.22 24.78
N PHE A 1066 -25.96 6.46 24.47
CA PHE A 1066 -25.18 6.67 23.27
C PHE A 1066 -23.84 5.97 23.34
N LEU A 1067 -23.19 6.00 24.50
CA LEU A 1067 -21.91 5.33 24.61
C LEU A 1067 -22.07 3.87 24.94
N ARG A 1068 -23.28 3.45 25.28
CA ARG A 1068 -23.62 2.06 25.45
C ARG A 1068 -23.61 1.39 24.10
N GLU A 1069 -24.08 2.12 23.08
CA GLU A 1069 -24.07 1.64 21.71
C GLU A 1069 -22.64 1.50 21.22
N VAL A 1070 -21.78 2.41 21.65
CA VAL A 1070 -20.36 2.34 21.34
C VAL A 1070 -19.69 1.22 22.14
N MET A 1071 -18.93 0.38 21.47
CA MET A 1071 -18.27 -0.70 22.17
C MET A 1071 -17.12 -0.19 23.02
N MET A 1082 -13.39 2.21 34.01
CA MET A 1082 -14.52 3.09 34.23
C MET A 1082 -14.39 4.43 33.51
N SER A 1083 -13.69 4.46 32.37
CA SER A 1083 -13.60 5.71 31.61
C SER A 1083 -14.98 6.11 31.06
N TYR A 1084 -15.87 5.13 30.89
CA TYR A 1084 -17.24 5.40 30.45
C TYR A 1084 -18.16 5.71 31.60
N SER A 1085 -17.93 6.85 32.23
CA SER A 1085 -18.75 7.25 33.35
C SER A 1085 -20.09 7.77 32.89
N GLY A 1086 -20.11 8.39 31.72
CA GLY A 1086 -21.33 8.94 31.19
C GLY A 1086 -21.75 10.23 31.88
N ARG A 1087 -20.88 10.79 32.72
CA ARG A 1087 -21.25 12.00 33.42
C ARG A 1087 -21.23 13.19 32.50
N VAL A 1088 -22.25 14.03 32.55
CA VAL A 1088 -22.26 15.19 31.68
C VAL A 1088 -21.44 16.31 32.27
N LYS A 1089 -20.52 16.84 31.49
CA LYS A 1089 -19.70 17.94 31.97
C LYS A 1089 -20.20 19.28 31.50
N THR A 1090 -20.15 19.55 30.21
CA THR A 1090 -20.63 20.83 29.73
C THR A 1090 -21.50 20.72 28.50
N LEU A 1091 -22.34 21.72 28.31
CA LEU A 1091 -23.21 21.78 27.14
C LEU A 1091 -22.92 23.02 26.33
N CYS A 1092 -22.65 22.87 25.06
CA CYS A 1092 -22.53 24.03 24.21
C CYS A 1092 -23.52 23.89 23.09
N LEU A 1093 -24.04 25.01 22.63
CA LEU A 1093 -25.06 24.92 21.60
C LEU A 1093 -24.79 25.82 20.44
N GLN A 1094 -24.90 25.25 19.26
CA GLN A 1094 -24.69 25.95 18.03
C GLN A 1094 -26.03 26.14 17.34
N LYS A 1095 -26.24 27.30 16.73
CA LYS A 1095 -27.53 27.61 16.15
C LYS A 1095 -27.84 26.89 14.83
N ASN A 1096 -26.93 26.03 14.39
CA ASN A 1096 -27.17 25.21 13.21
C ASN A 1096 -27.69 23.86 13.63
N THR A 1097 -28.28 23.76 14.83
CA THR A 1097 -28.83 22.54 15.44
C THR A 1097 -27.77 21.63 16.08
N ALA A 1098 -26.49 21.92 15.95
CA ALA A 1098 -25.55 21.04 16.62
C ALA A 1098 -25.54 21.28 18.13
N LEU A 1099 -25.58 20.21 18.91
CA LEU A 1099 -25.51 20.32 20.36
C LEU A 1099 -24.26 19.56 20.79
N TRP A 1100 -23.36 20.24 21.48
CA TRP A 1100 -22.08 19.66 21.85
C TRP A 1100 -22.10 19.23 23.30
N ILE A 1101 -21.97 17.94 23.57
CA ILE A 1101 -22.01 17.50 24.96
C ILE A 1101 -20.72 16.85 25.40
N GLY A 1102 -20.03 17.48 26.34
CA GLY A 1102 -18.79 16.91 26.83
C GLY A 1102 -19.13 15.94 27.94
N THR A 1103 -18.19 15.10 28.32
CA THR A 1103 -18.47 14.15 29.37
C THR A 1103 -17.30 13.86 30.27
N GLY A 1104 -17.52 12.93 31.19
CA GLY A 1104 -16.51 12.54 32.16
C GLY A 1104 -15.27 11.98 31.49
N GLY A 1105 -15.46 11.07 30.55
CA GLY A 1105 -14.33 10.51 29.83
C GLY A 1105 -14.00 11.40 28.64
N GLY A 1106 -13.03 11.00 27.85
CA GLY A 1106 -12.63 11.81 26.69
C GLY A 1106 -13.56 11.63 25.49
N HIS A 1107 -14.82 12.03 25.64
CA HIS A 1107 -15.79 11.92 24.58
C HIS A 1107 -16.59 13.20 24.42
N ILE A 1108 -16.93 13.52 23.19
CA ILE A 1108 -17.79 14.65 22.92
C ILE A 1108 -18.90 14.15 22.04
N LEU A 1109 -20.13 14.35 22.48
CA LEU A 1109 -21.22 13.87 21.67
C LEU A 1109 -21.75 14.98 20.80
N LEU A 1110 -22.00 14.68 19.55
CA LEU A 1110 -22.61 15.66 18.68
C LEU A 1110 -24.03 15.26 18.46
N LEU A 1111 -24.96 16.05 18.96
CA LEU A 1111 -26.36 15.73 18.74
C LEU A 1111 -27.04 16.70 17.81
N ASP A 1112 -28.06 16.22 17.15
CA ASP A 1112 -28.90 16.97 16.25
C ASP A 1112 -30.10 17.51 16.98
N LEU A 1113 -30.14 18.81 17.23
CA LEU A 1113 -31.27 19.42 17.94
C LEU A 1113 -32.60 19.28 17.25
N SER A 1114 -32.61 19.15 15.93
CA SER A 1114 -33.88 19.06 15.25
C SER A 1114 -34.51 17.69 15.36
N THR A 1115 -33.72 16.67 15.70
CA THR A 1115 -34.27 15.33 15.80
C THR A 1115 -33.88 14.62 17.08
N ARG A 1116 -33.00 15.24 17.86
CA ARG A 1116 -32.46 14.65 19.09
C ARG A 1116 -31.75 13.36 18.75
N ARG A 1117 -30.83 13.42 17.80
CA ARG A 1117 -30.11 12.22 17.37
C ARG A 1117 -28.62 12.37 17.32
N LEU A 1118 -27.93 11.27 17.48
CA LEU A 1118 -26.49 11.25 17.53
C LEU A 1118 -25.86 11.35 16.16
N ILE A 1119 -25.17 12.46 15.94
CA ILE A 1119 -24.43 12.69 14.72
C ILE A 1119 -23.16 11.89 14.74
N ARG A 1120 -22.41 12.01 15.83
CA ARG A 1120 -21.16 11.27 15.99
C ARG A 1120 -20.56 11.38 17.36
N VAL A 1121 -19.78 10.37 17.73
CA VAL A 1121 -19.06 10.41 18.98
C VAL A 1121 -17.60 10.74 18.71
N ILE A 1122 -17.14 11.88 19.21
CA ILE A 1122 -15.76 12.27 19.04
C ILE A 1122 -15.04 11.75 20.25
N TYR A 1123 -14.02 10.93 20.10
CA TYR A 1123 -13.47 10.40 21.33
C TYR A 1123 -12.03 10.04 21.30
N ASN A 1124 -11.53 9.67 22.49
CA ASN A 1124 -10.14 9.35 22.73
C ASN A 1124 -9.40 10.65 22.63
N PHE A 1125 -10.10 11.68 23.09
CA PHE A 1125 -9.69 13.04 23.08
C PHE A 1125 -8.59 13.31 24.10
N CYS A 1126 -8.91 13.06 25.36
CA CYS A 1126 -8.00 13.21 26.47
C CYS A 1126 -8.58 12.40 27.61
N ASN A 1127 -8.12 12.60 28.83
CA ASN A 1127 -8.67 11.83 29.94
C ASN A 1127 -10.09 12.30 30.30
N SER A 1128 -10.28 13.62 30.47
CA SER A 1128 -11.59 14.12 30.87
C SER A 1128 -11.85 15.55 30.39
N VAL A 1129 -13.08 15.88 30.03
CA VAL A 1129 -13.34 17.23 29.52
C VAL A 1129 -13.66 18.22 30.63
N ARG A 1130 -12.96 19.35 30.67
CA ARG A 1130 -13.23 20.33 31.71
C ARG A 1130 -14.20 21.41 31.27
N VAL A 1131 -13.83 22.23 30.29
CA VAL A 1131 -14.77 23.25 29.78
C VAL A 1131 -14.76 23.35 28.27
N MET A 1132 -15.84 23.87 27.73
CA MET A 1132 -15.93 24.07 26.30
C MET A 1132 -16.39 25.48 25.99
N MET A 1133 -15.74 26.13 25.05
CA MET A 1133 -16.14 27.49 24.70
C MET A 1133 -16.30 27.67 23.22
N THR A 1134 -17.11 28.63 22.85
CA THR A 1134 -17.24 29.00 21.46
C THR A 1134 -16.53 30.31 21.31
N ALA A 1135 -15.60 30.40 20.37
CA ALA A 1135 -14.87 31.64 20.25
C ALA A 1135 -14.48 31.93 18.83
N GLN A 1136 -14.41 33.21 18.53
CA GLN A 1136 -14.02 33.66 17.23
C GLN A 1136 -12.56 34.04 17.26
N LEU A 1137 -11.81 33.57 16.28
CA LEU A 1137 -10.38 33.84 16.20
C LEU A 1137 -10.11 35.14 15.49
N GLY A 1138 -8.85 35.55 15.48
CA GLY A 1138 -8.43 36.78 14.81
C GLY A 1138 -8.69 36.72 13.30
N SER A 1139 -8.75 35.50 12.76
CA SER A 1139 -9.07 35.23 11.36
C SER A 1139 -10.58 35.31 11.09
N LEU A 1140 -11.35 35.50 12.17
CA LEU A 1140 -12.80 35.52 12.22
C LEU A 1140 -13.41 34.13 12.12
N LYS A 1141 -12.55 33.10 12.12
CA LYS A 1141 -13.01 31.72 12.08
C LYS A 1141 -13.58 31.33 13.42
N ASN A 1142 -14.71 30.65 13.44
CA ASN A 1142 -15.26 30.23 14.72
C ASN A 1142 -14.79 28.84 15.08
N VAL A 1143 -14.35 28.68 16.33
CA VAL A 1143 -13.85 27.40 16.79
C VAL A 1143 -14.33 27.01 18.15
N MET A 1144 -14.22 25.73 18.46
CA MET A 1144 -14.50 25.26 19.80
C MET A 1144 -13.22 25.14 20.57
N LEU A 1145 -13.22 25.68 21.77
CA LEU A 1145 -12.06 25.61 22.62
C LEU A 1145 -12.33 24.58 23.67
N VAL A 1146 -11.76 23.42 23.55
CA VAL A 1146 -12.06 22.42 24.54
C VAL A 1146 -10.86 22.19 25.43
N LEU A 1147 -11.04 22.49 26.69
CA LEU A 1147 -9.97 22.34 27.66
C LEU A 1147 -10.20 21.07 28.43
N GLY A 1148 -9.21 20.21 28.47
CA GLY A 1148 -9.41 18.97 29.21
C GLY A 1148 -8.24 18.54 30.06
N TYR A 1149 -8.47 17.46 30.80
CA TYR A 1149 -7.50 16.84 31.66
C TYR A 1149 -6.92 15.70 30.91
N ASN A 1150 -5.72 15.32 31.24
CA ASN A 1150 -5.09 14.22 30.57
C ASN A 1150 -4.15 13.51 31.49
N ARG A 1151 -4.64 13.20 32.68
CA ARG A 1151 -3.88 12.40 33.63
C ARG A 1151 -3.50 11.12 32.94
N GLU A 1162 1.05 12.08 36.52
CA GLU A 1162 1.15 12.80 35.26
C GLU A 1162 0.02 13.76 34.94
N ILE A 1163 -0.25 14.70 35.85
CA ILE A 1163 -1.28 15.73 35.63
C ILE A 1163 -1.01 16.57 34.38
N GLN A 1164 -1.41 16.06 33.24
CA GLN A 1164 -1.30 16.79 32.00
C GLN A 1164 -2.64 17.39 31.68
N SER A 1165 -2.64 18.54 31.06
CA SER A 1165 -3.86 19.20 30.65
C SER A 1165 -3.57 19.90 29.33
N CYS A 1166 -4.60 20.17 28.55
CA CYS A 1166 -4.36 20.77 27.25
C CYS A 1166 -5.57 21.41 26.60
N LEU A 1167 -5.30 22.29 25.65
CA LEU A 1167 -6.33 23.00 24.93
C LEU A 1167 -6.43 22.51 23.52
N THR A 1168 -7.61 22.10 23.11
CA THR A 1168 -7.80 21.64 21.76
C THR A 1168 -8.72 22.56 20.99
N VAL A 1169 -8.33 22.95 19.80
CA VAL A 1169 -9.14 23.86 19.02
C VAL A 1169 -9.78 23.17 17.82
N TRP A 1170 -11.11 23.13 17.78
CA TRP A 1170 -11.82 22.46 16.70
C TRP A 1170 -12.55 23.40 15.78
N ASP A 1171 -12.58 23.06 14.51
CA ASP A 1171 -13.35 23.82 13.55
C ASP A 1171 -14.82 23.69 13.85
N ILE A 1172 -15.49 24.80 14.15
CA ILE A 1172 -16.90 24.81 14.49
C ILE A 1172 -17.84 24.06 13.54
N ASN A 1173 -17.40 23.76 12.32
CA ASN A 1173 -18.25 23.09 11.35
C ASN A 1173 -18.13 21.58 11.39
N LEU A 1174 -17.47 21.04 12.42
CA LEU A 1174 -17.31 19.61 12.57
C LEU A 1174 -18.55 18.78 12.30
N PRO A 1175 -19.73 19.07 12.85
CA PRO A 1175 -20.98 18.36 12.63
C PRO A 1175 -21.30 18.21 11.15
N HIS A 1176 -20.99 19.24 10.37
CA HIS A 1176 -21.30 19.20 8.96
C HIS A 1176 -20.30 18.38 8.23
N GLU A 1177 -19.06 18.44 8.66
CA GLU A 1177 -18.02 17.68 8.01
C GLU A 1177 -18.23 16.21 8.23
N VAL A 1178 -18.70 15.84 9.42
CA VAL A 1178 -18.98 14.45 9.68
C VAL A 1178 -19.97 13.90 8.70
N GLN A 1179 -21.07 14.60 8.52
CA GLN A 1179 -22.08 14.11 7.61
C GLN A 1179 -21.66 14.18 6.15
N ASN A 1180 -21.01 15.27 5.75
CA ASN A 1180 -20.63 15.40 4.36
C ASN A 1180 -19.59 14.40 3.96
N LEU A 1181 -18.62 14.17 4.83
CA LEU A 1181 -17.59 13.19 4.55
C LEU A 1181 -18.20 11.84 4.37
N GLU A 1182 -19.10 11.47 5.28
CA GLU A 1182 -19.73 10.17 5.19
C GLU A 1182 -20.43 9.97 3.88
N LYS A 1183 -21.16 10.98 3.44
CA LYS A 1183 -21.85 10.91 2.17
C LYS A 1183 -20.88 10.70 1.02
N HIS A 1184 -19.82 11.51 0.99
CA HIS A 1184 -18.81 11.46 -0.04
C HIS A 1184 -18.26 10.07 -0.21
N ILE A 1185 -17.88 9.47 0.89
CA ILE A 1185 -17.33 8.15 0.86
C ILE A 1185 -18.31 7.13 0.37
N GLU A 1186 -19.55 7.22 0.82
CA GLU A 1186 -20.55 6.24 0.42
C GLU A 1186 -20.81 6.25 -1.06
N VAL A 1187 -20.90 7.44 -1.65
CA VAL A 1187 -21.13 7.56 -3.07
C VAL A 1187 -20.06 6.90 -3.87
N ARG A 1188 -18.82 7.17 -3.50
CA ARG A 1188 -17.71 6.61 -4.24
C ARG A 1188 -17.62 5.12 -4.09
N LYS A 1189 -18.00 4.60 -2.93
CA LYS A 1189 -18.01 3.17 -2.74
C LYS A 1189 -18.96 2.52 -3.74
N GLU A 1190 -20.13 3.10 -3.91
CA GLU A 1190 -21.10 2.57 -4.85
C GLU A 1190 -20.56 2.61 -6.26
N LEU A 1191 -19.87 3.69 -6.61
CA LEU A 1191 -19.32 3.80 -7.94
C LEU A 1191 -18.27 2.74 -8.18
N ALA A 1192 -17.50 2.40 -7.15
CA ALA A 1192 -16.48 1.38 -7.30
C ALA A 1192 -17.13 0.06 -7.64
N GLU A 1193 -18.25 -0.24 -7.01
CA GLU A 1193 -18.94 -1.49 -7.31
C GLU A 1193 -19.58 -1.46 -8.67
N LYS A 1194 -20.09 -0.30 -9.05
CA LYS A 1194 -20.66 -0.12 -10.36
C LYS A 1194 -19.67 -0.46 -11.45
N MET A 1195 -18.47 0.10 -11.34
CA MET A 1195 -17.40 -0.12 -12.30
C MET A 1195 -16.95 -1.56 -12.33
N ARG A 1196 -16.62 -2.10 -11.16
CA ARG A 1196 -16.12 -3.46 -11.07
C ARG A 1196 -17.12 -4.47 -11.60
N ARG A 1197 -18.40 -4.18 -11.41
CA ARG A 1197 -19.46 -5.08 -11.83
C ARG A 1197 -19.68 -5.10 -13.33
N THR A 1198 -19.54 -3.95 -13.99
CA THR A 1198 -19.74 -3.87 -15.43
C THR A 1198 -18.76 -4.80 -16.15
N SER A 1199 -17.47 -4.52 -15.98
CA SER A 1199 -16.41 -5.32 -16.59
C SER A 1199 -16.66 -5.59 -18.07
N VAL A 4 39.48 -8.92 2.28
CA VAL A 4 40.48 -9.99 2.24
C VAL A 4 40.28 -10.92 1.03
N PRO A 5 41.38 -11.48 0.50
CA PRO A 5 41.49 -12.31 -0.71
C PRO A 5 40.83 -13.67 -0.58
N TYR A 6 39.52 -13.68 -0.81
CA TYR A 6 38.68 -14.86 -0.79
C TYR A 6 39.12 -15.84 -1.88
N ASN A 7 39.41 -17.09 -1.51
CA ASN A 7 39.90 -18.11 -2.45
C ASN A 7 38.94 -19.28 -2.68
N ARG A 8 37.65 -19.04 -2.53
CA ARG A 8 36.66 -20.10 -2.75
C ARG A 8 35.84 -19.85 -4.01
N MET A 9 35.57 -20.92 -4.75
CA MET A 9 34.84 -20.86 -6.01
C MET A 9 33.96 -22.08 -6.16
N LYS A 10 32.80 -21.94 -6.77
CA LYS A 10 31.90 -23.08 -6.89
C LYS A 10 32.15 -23.91 -8.13
N LEU A 11 31.89 -25.20 -8.03
CA LEU A 11 32.00 -26.07 -9.18
C LEU A 11 30.65 -26.68 -9.45
N MET A 12 30.08 -26.37 -10.60
CA MET A 12 28.77 -26.88 -10.93
C MET A 12 28.90 -28.01 -11.90
N ILE A 13 28.49 -29.20 -11.49
CA ILE A 13 28.57 -30.34 -12.38
C ILE A 13 27.19 -30.68 -12.88
N VAL A 14 27.04 -30.66 -14.19
CA VAL A 14 25.74 -30.90 -14.82
C VAL A 14 25.80 -31.93 -15.91
N GLY A 15 24.65 -32.43 -16.29
CA GLY A 15 24.53 -33.43 -17.33
C GLY A 15 23.23 -34.19 -17.15
N ASN A 16 22.94 -35.09 -18.08
CA ASN A 16 21.71 -35.85 -17.98
C ASN A 16 21.87 -37.10 -17.16
N TPO A 17 20.72 -37.57 -16.68
CA TPO A 17 20.64 -38.77 -15.88
CB TPO A 17 19.16 -39.07 -15.53
CG2 TPO A 17 19.04 -40.31 -14.66
OG1 TPO A 17 18.59 -37.94 -14.84
P TPO A 17 17.00 -37.65 -14.85
O1P TPO A 17 16.28 -39.01 -14.76
O2P TPO A 17 16.69 -36.78 -13.60
O3P TPO A 17 16.67 -36.89 -16.16
C TPO A 17 21.25 -39.95 -16.61
O TPO A 17 20.86 -40.28 -17.74
N GLY A 18 22.22 -40.59 -15.97
CA GLY A 18 22.91 -41.75 -16.53
C GLY A 18 24.36 -41.50 -16.90
N SER A 19 24.80 -40.25 -16.87
CA SER A 19 26.18 -39.93 -17.25
C SER A 19 27.26 -40.55 -16.37
N GLY A 20 26.96 -40.79 -15.09
CA GLY A 20 27.96 -41.36 -14.18
C GLY A 20 28.93 -40.30 -13.66
N LYS A 21 28.59 -39.03 -13.89
CA LYS A 21 29.41 -37.88 -13.54
C LYS A 21 29.79 -37.78 -12.05
N THR A 22 29.01 -38.41 -11.18
CA THR A 22 29.34 -38.45 -9.77
C THR A 22 30.63 -39.22 -9.52
N THR A 23 30.79 -40.33 -10.22
CA THR A 23 31.97 -41.14 -10.07
C THR A 23 33.15 -40.37 -10.57
N LEU A 24 32.95 -39.69 -11.70
CA LEU A 24 33.99 -38.83 -12.27
C LEU A 24 34.53 -37.88 -11.24
N LEU A 25 33.64 -37.20 -10.52
CA LEU A 25 34.03 -36.31 -9.44
C LEU A 25 34.90 -37.00 -8.41
N GLN A 26 34.47 -38.19 -7.97
CA GLN A 26 35.24 -38.93 -6.98
C GLN A 26 36.64 -39.26 -7.47
N GLN A 27 36.77 -39.55 -8.76
CA GLN A 27 38.09 -39.84 -9.28
C GLN A 27 38.94 -38.59 -9.39
N LEU A 28 38.32 -37.48 -9.79
CA LEU A 28 39.03 -36.22 -9.92
C LEU A 28 39.53 -35.71 -8.59
N MET A 29 38.72 -35.89 -7.54
CA MET A 29 39.10 -35.48 -6.20
C MET A 29 40.06 -36.45 -5.56
N GLY A 44 18.78 -34.78 -5.61
CA GLY A 44 19.19 -33.43 -5.90
C GLY A 44 20.70 -33.27 -6.10
N ILE A 45 21.31 -32.47 -5.23
CA ILE A 45 22.72 -32.15 -5.34
C ILE A 45 23.60 -32.66 -4.20
N ASP A 46 24.71 -33.30 -4.57
CA ASP A 46 25.71 -33.75 -3.60
C ASP A 46 26.75 -32.64 -3.43
N VAL A 47 26.74 -31.96 -2.28
CA VAL A 47 27.62 -30.82 -2.07
C VAL A 47 28.85 -31.15 -1.22
N LYS A 48 30.04 -30.76 -1.70
CA LYS A 48 31.26 -31.02 -0.93
C LYS A 48 32.46 -30.18 -1.37
N ASP A 49 33.26 -29.76 -0.40
CA ASP A 49 34.49 -29.02 -0.67
C ASP A 49 35.58 -29.83 -1.37
N TRP A 50 36.32 -29.16 -2.23
CA TRP A 50 37.47 -29.73 -2.92
C TRP A 50 38.67 -28.81 -2.95
N PRO A 51 39.48 -28.79 -1.90
CA PRO A 51 40.74 -28.08 -1.80
C PRO A 51 41.73 -28.60 -2.84
N ILE A 52 42.27 -27.68 -3.61
CA ILE A 52 43.26 -28.00 -4.63
C ILE A 52 44.51 -27.20 -4.36
N LEU A 62 43.18 -23.38 -3.36
CA LEU A 62 41.93 -23.20 -4.08
C LEU A 62 40.89 -24.11 -3.53
N VAL A 63 39.84 -23.57 -2.92
CA VAL A 63 38.83 -24.46 -2.42
C VAL A 63 37.59 -24.38 -3.25
N LEU A 64 37.25 -25.49 -3.88
CA LEU A 64 36.07 -25.46 -4.68
C LEU A 64 34.88 -25.97 -3.89
N ASN A 65 33.77 -25.31 -4.06
CA ASN A 65 32.53 -25.70 -3.42
C ASN A 65 31.81 -26.50 -4.47
N VAL A 66 31.93 -27.82 -4.42
CA VAL A 66 31.38 -28.59 -5.52
C VAL A 66 29.92 -28.92 -5.33
N TRP A 67 29.11 -28.56 -6.31
CA TRP A 67 27.70 -28.90 -6.33
C TRP A 67 27.45 -29.89 -7.45
N ASP A 68 27.24 -31.15 -7.09
CA ASP A 68 26.96 -32.19 -8.06
C ASP A 68 25.48 -32.34 -8.37
N PHE A 69 25.00 -31.75 -9.49
CA PHE A 69 23.59 -31.89 -9.89
C PHE A 69 23.35 -33.26 -10.46
N ALA A 70 23.39 -34.27 -9.61
CA ALA A 70 23.25 -35.62 -10.07
C ALA A 70 21.89 -35.87 -10.64
N GLY A 71 20.84 -35.51 -9.90
CA GLY A 71 19.48 -35.72 -10.36
C GLY A 71 18.86 -34.46 -10.92
N ARG A 72 17.54 -34.49 -11.09
CA ARG A 72 16.79 -33.37 -11.67
C ARG A 72 16.58 -32.24 -10.70
N GLU A 73 17.67 -31.64 -10.24
CA GLU A 73 17.54 -30.57 -9.29
C GLU A 73 17.21 -29.28 -9.95
N GLU A 74 15.92 -28.97 -9.91
CA GLU A 74 15.34 -27.77 -10.51
C GLU A 74 16.04 -26.45 -10.15
N PHE A 75 16.86 -26.42 -9.07
CA PHE A 75 17.68 -25.27 -8.66
C PHE A 75 18.27 -24.50 -9.83
N TYR A 76 18.69 -25.20 -10.88
CA TYR A 76 19.29 -24.56 -12.05
C TYR A 76 18.31 -23.67 -12.83
N SER A 77 17.06 -23.61 -12.40
CA SER A 77 16.04 -22.81 -13.02
C SER A 77 15.19 -22.12 -11.96
N THR A 78 15.07 -22.73 -10.78
CA THR A 78 14.26 -22.17 -9.69
C THR A 78 15.02 -21.25 -8.77
N HIS A 79 16.34 -21.33 -8.77
CA HIS A 79 17.15 -20.40 -8.01
C HIS A 79 18.57 -20.39 -8.52
N PRO A 80 18.78 -20.10 -9.80
CA PRO A 80 20.05 -20.00 -10.51
C PRO A 80 20.73 -18.69 -10.16
N ARG A 86 31.17 -16.80 -10.14
CA ARG A 86 32.13 -17.48 -9.29
C ARG A 86 31.88 -18.97 -9.35
N ALA A 87 31.76 -19.49 -10.57
CA ALA A 87 31.43 -20.87 -10.75
C ALA A 87 31.93 -21.38 -12.07
N LEU A 88 32.29 -22.65 -12.11
CA LEU A 88 32.72 -23.29 -13.34
C LEU A 88 31.80 -24.44 -13.66
N TYR A 89 31.39 -24.54 -14.90
CA TYR A 89 30.47 -25.59 -15.26
C TYR A 89 31.15 -26.74 -15.94
N LEU A 90 30.91 -27.92 -15.40
CA LEU A 90 31.45 -29.13 -15.96
C LEU A 90 30.31 -29.90 -16.57
N ALA A 91 30.27 -29.95 -17.89
CA ALA A 91 29.21 -30.64 -18.60
C ALA A 91 29.66 -32.06 -18.91
N VAL A 92 28.98 -33.03 -18.35
CA VAL A 92 29.38 -34.42 -18.57
C VAL A 92 28.33 -35.20 -19.31
N TYR A 93 28.75 -35.96 -20.32
CA TYR A 93 27.81 -36.78 -21.06
C TYR A 93 28.44 -38.11 -21.47
N ASP A 94 27.60 -39.09 -21.76
CA ASP A 94 28.07 -40.43 -22.14
C ASP A 94 28.34 -40.55 -23.63
N LEU A 95 29.61 -40.56 -23.99
CA LEU A 95 30.06 -40.66 -25.37
C LEU A 95 29.49 -41.86 -26.13
N SER A 96 29.30 -42.99 -25.44
CA SER A 96 28.82 -44.19 -26.11
C SER A 96 27.36 -44.05 -26.55
N LYS A 97 26.64 -43.08 -25.97
CA LYS A 97 25.29 -42.81 -26.40
C LYS A 97 25.38 -42.07 -27.72
N GLY A 98 26.28 -41.09 -27.77
CA GLY A 98 26.56 -40.41 -29.03
C GLY A 98 25.95 -39.01 -29.21
N GLN A 99 25.81 -38.64 -30.48
CA GLN A 99 25.35 -37.34 -30.93
C GLN A 99 23.99 -36.96 -30.38
N ALA A 100 23.13 -37.94 -30.17
CA ALA A 100 21.81 -37.69 -29.61
C ALA A 100 21.95 -37.05 -28.24
N GLU A 101 22.95 -37.50 -27.48
CA GLU A 101 23.19 -36.96 -26.17
C GLU A 101 23.74 -35.56 -26.26
N VAL A 102 24.58 -35.34 -27.25
CA VAL A 102 25.12 -34.02 -27.48
C VAL A 102 23.98 -33.04 -27.66
N ASP A 103 23.01 -33.39 -28.49
CA ASP A 103 21.84 -32.55 -28.69
C ASP A 103 21.03 -32.38 -27.41
N ALA A 104 20.92 -33.44 -26.62
CA ALA A 104 20.22 -33.35 -25.35
C ALA A 104 20.83 -32.31 -24.42
N MET A 105 22.15 -32.11 -24.53
CA MET A 105 22.82 -31.11 -23.70
C MET A 105 22.58 -29.65 -24.10
N LYS A 106 21.92 -29.41 -25.23
CA LYS A 106 21.69 -28.03 -25.66
C LYS A 106 20.84 -27.22 -24.69
N PRO A 107 19.77 -27.79 -24.11
CA PRO A 107 18.96 -27.14 -23.09
C PRO A 107 19.77 -26.79 -21.86
N TRP A 108 20.77 -27.60 -21.55
CA TRP A 108 21.63 -27.33 -20.40
C TRP A 108 22.50 -26.15 -20.71
N LEU A 109 23.07 -26.14 -21.91
CA LEU A 109 23.92 -25.06 -22.32
C LEU A 109 23.14 -23.76 -22.45
N PHE A 110 21.92 -23.87 -22.93
CA PHE A 110 21.05 -22.72 -23.05
C PHE A 110 20.82 -22.11 -21.70
N ASN A 111 20.41 -22.95 -20.76
CA ASN A 111 20.15 -22.50 -19.41
C ASN A 111 21.37 -21.87 -18.77
N ILE A 112 22.55 -22.45 -19.01
CA ILE A 112 23.77 -21.88 -18.46
C ILE A 112 24.00 -20.50 -19.02
N LYS A 113 23.93 -20.35 -20.33
CA LYS A 113 24.14 -19.05 -20.93
C LYS A 113 23.11 -18.05 -20.45
N ALA A 114 21.87 -18.53 -20.33
CA ALA A 114 20.75 -17.73 -19.90
C ALA A 114 20.88 -17.18 -18.48
N ARG A 115 21.83 -17.67 -17.69
CA ARG A 115 21.97 -17.18 -16.33
C ARG A 115 23.40 -16.76 -16.03
N ALA A 116 24.36 -17.30 -16.76
CA ALA A 116 25.75 -16.93 -16.58
C ALA A 116 26.51 -17.12 -17.88
N SER A 117 26.27 -16.24 -18.85
CA SER A 117 26.90 -16.35 -20.15
C SER A 117 28.42 -16.19 -20.10
N SER A 118 28.90 -15.48 -19.09
CA SER A 118 30.33 -15.25 -18.92
C SER A 118 31.07 -16.39 -18.24
N SER A 119 30.34 -17.36 -17.68
CA SER A 119 30.96 -18.45 -16.95
C SER A 119 31.63 -19.43 -17.92
N PRO A 120 32.67 -20.16 -17.48
CA PRO A 120 33.44 -21.12 -18.23
C PRO A 120 32.72 -22.46 -18.29
N VAL A 121 32.87 -23.15 -19.41
CA VAL A 121 32.25 -24.46 -19.59
C VAL A 121 33.24 -25.49 -20.13
N ILE A 122 33.37 -26.60 -19.42
CA ILE A 122 34.22 -27.69 -19.88
C ILE A 122 33.34 -28.87 -20.23
N LEU A 123 33.45 -29.33 -21.45
CA LEU A 123 32.62 -30.43 -21.93
C LEU A 123 33.38 -31.76 -21.90
N VAL A 124 32.90 -32.70 -21.11
CA VAL A 124 33.58 -33.98 -21.03
C VAL A 124 32.71 -35.16 -21.42
N GLY A 125 33.16 -35.90 -22.42
CA GLY A 125 32.48 -37.11 -22.85
C GLY A 125 33.09 -38.27 -22.11
N THR A 126 32.28 -39.26 -21.74
CA THR A 126 32.85 -40.37 -21.00
C THR A 126 32.45 -41.72 -21.53
N HIS A 127 32.98 -42.75 -20.88
CA HIS A 127 32.84 -44.15 -21.28
C HIS A 127 33.42 -44.39 -22.67
N LEU A 128 34.58 -43.78 -22.94
CA LEU A 128 35.29 -43.99 -24.21
C LEU A 128 35.79 -45.43 -24.32
N ASP A 129 35.98 -46.12 -23.19
CA ASP A 129 36.44 -47.50 -23.26
C ASP A 129 35.39 -48.48 -23.80
N VAL A 130 34.16 -48.01 -24.03
CA VAL A 130 33.12 -48.84 -24.63
C VAL A 130 32.48 -48.07 -25.77
N SER A 131 33.23 -47.13 -26.32
CA SER A 131 32.75 -46.32 -27.42
C SER A 131 33.78 -46.28 -28.53
N ASP A 132 33.38 -46.73 -29.71
CA ASP A 132 34.26 -46.74 -30.84
C ASP A 132 34.66 -45.32 -31.18
N GLU A 133 35.90 -45.13 -31.64
CA GLU A 133 36.35 -43.79 -32.00
C GLU A 133 35.48 -43.17 -33.08
N LYS A 134 34.74 -43.98 -33.83
CA LYS A 134 33.75 -43.50 -34.77
C LYS A 134 32.82 -42.54 -34.07
N GLN A 135 32.31 -42.95 -32.90
CA GLN A 135 31.42 -42.11 -32.11
C GLN A 135 32.17 -40.92 -31.57
N ARG A 136 33.40 -41.15 -31.12
CA ARG A 136 34.22 -40.07 -30.60
C ARG A 136 34.37 -38.95 -31.61
N LYS A 137 34.79 -39.30 -32.82
CA LYS A 137 34.99 -38.30 -33.86
C LYS A 137 33.66 -37.82 -34.42
N ALA A 138 32.60 -38.63 -34.31
CA ALA A 138 31.29 -38.19 -34.75
C ALA A 138 30.82 -37.07 -33.86
N CYS A 139 30.95 -37.29 -32.55
CA CYS A 139 30.57 -36.30 -31.57
C CYS A 139 31.50 -35.11 -31.61
N MET A 140 32.77 -35.36 -31.92
CA MET A 140 33.72 -34.28 -32.09
C MET A 140 33.24 -33.37 -33.19
N SER A 141 32.92 -33.94 -34.34
CA SER A 141 32.46 -33.12 -35.44
C SER A 141 31.11 -32.50 -35.13
N LYS A 142 30.29 -33.21 -34.36
CA LYS A 142 29.01 -32.70 -33.95
C LYS A 142 29.15 -31.40 -33.17
N ILE A 143 30.06 -31.38 -32.20
CA ILE A 143 30.24 -30.17 -31.43
C ILE A 143 31.02 -29.10 -32.18
N THR A 144 31.88 -29.49 -33.14
CA THR A 144 32.56 -28.44 -33.89
C THR A 144 31.60 -27.78 -34.86
N LYS A 145 30.58 -28.53 -35.27
CA LYS A 145 29.59 -28.00 -36.17
C LYS A 145 28.43 -27.31 -35.47
N GLU A 146 28.07 -27.77 -34.27
CA GLU A 146 26.87 -27.23 -33.66
C GLU A 146 26.99 -26.58 -32.29
N LEU A 147 28.14 -26.65 -31.62
CA LEU A 147 28.21 -26.03 -30.29
C LEU A 147 29.42 -25.13 -30.09
N LEU A 148 30.59 -25.62 -30.46
CA LEU A 148 31.84 -24.89 -30.25
C LEU A 148 31.90 -23.56 -30.97
N ASN A 149 31.20 -23.45 -32.09
CA ASN A 149 31.16 -22.22 -32.85
C ASN A 149 29.73 -21.73 -33.02
N LYS A 150 28.84 -22.16 -32.14
CA LYS A 150 27.43 -21.81 -32.29
C LYS A 150 26.94 -20.80 -31.28
N ARG A 151 26.47 -19.66 -31.80
CA ARG A 151 25.93 -18.63 -30.93
C ARG A 151 24.67 -19.14 -30.28
N GLY A 152 24.39 -18.63 -29.08
CA GLY A 152 23.25 -19.10 -28.32
C GLY A 152 23.72 -20.04 -27.23
N PHE A 153 24.93 -20.57 -27.36
CA PHE A 153 25.49 -21.42 -26.33
C PHE A 153 26.68 -20.68 -25.73
N PRO A 154 26.96 -20.86 -24.44
CA PRO A 154 27.95 -20.16 -23.61
C PRO A 154 29.42 -20.49 -23.91
N ALA A 155 29.81 -20.36 -25.17
CA ALA A 155 31.17 -20.53 -25.68
C ALA A 155 32.01 -21.56 -24.92
N ILE A 156 31.61 -22.84 -24.98
CA ILE A 156 32.40 -23.94 -24.42
C ILE A 156 33.88 -23.65 -24.47
N ARG A 157 34.51 -23.62 -23.31
CA ARG A 157 35.90 -23.24 -23.22
C ARG A 157 36.84 -24.37 -23.60
N ASP A 158 36.54 -25.58 -23.17
CA ASP A 158 37.40 -26.70 -23.54
C ASP A 158 36.62 -28.00 -23.46
N TYR A 159 37.25 -29.08 -23.89
CA TYR A 159 36.58 -30.37 -23.82
C TYR A 159 37.57 -31.54 -23.78
N HIS A 160 37.08 -32.67 -23.27
CA HIS A 160 37.88 -33.88 -23.15
C HIS A 160 37.05 -35.15 -23.34
N PHE A 161 37.74 -36.25 -23.59
CA PHE A 161 37.08 -37.55 -23.69
C PHE A 161 37.79 -38.48 -22.70
N VAL A 162 37.01 -39.22 -21.92
CA VAL A 162 37.58 -40.10 -20.91
C VAL A 162 37.15 -41.55 -21.06
N ASN A 163 38.13 -42.45 -21.01
CA ASN A 163 37.88 -43.89 -21.14
C ASN A 163 37.04 -44.42 -20.01
N ALA A 164 37.46 -44.16 -18.79
CA ALA A 164 36.75 -44.64 -17.63
C ALA A 164 37.13 -43.89 -16.39
N THR A 165 36.22 -43.89 -15.41
CA THR A 165 36.42 -43.21 -14.14
C THR A 165 37.45 -43.89 -13.24
N GLU A 166 38.00 -45.03 -13.66
CA GLU A 166 39.08 -45.68 -12.92
C GLU A 166 40.36 -44.83 -12.81
N GLU A 167 40.53 -43.88 -13.76
CA GLU A 167 41.64 -42.92 -13.86
C GLU A 167 42.11 -42.89 -15.31
N SER A 168 42.85 -41.84 -15.70
CA SER A 168 43.35 -41.73 -17.07
C SER A 168 44.26 -40.54 -17.25
N ASP A 169 45.05 -40.59 -18.31
CA ASP A 169 45.89 -39.48 -18.69
C ASP A 169 44.99 -38.32 -19.08
N ALA A 170 43.82 -38.65 -19.63
CA ALA A 170 42.82 -37.68 -20.01
C ALA A 170 42.33 -36.94 -18.78
N LEU A 171 42.18 -37.67 -17.67
CA LEU A 171 41.74 -37.07 -16.44
C LEU A 171 42.82 -36.22 -15.82
N ALA A 172 44.08 -36.62 -15.99
CA ALA A 172 45.17 -35.79 -15.51
C ALA A 172 45.13 -34.44 -16.24
N LYS A 173 44.90 -34.51 -17.55
CA LYS A 173 44.78 -33.33 -18.38
C LYS A 173 43.56 -32.52 -18.00
N LEU A 174 42.46 -33.20 -17.71
CA LEU A 174 41.23 -32.56 -17.28
C LEU A 174 41.44 -31.80 -16.00
N ARG A 175 42.11 -32.41 -15.03
CA ARG A 175 42.40 -31.74 -13.78
C ARG A 175 43.19 -30.47 -14.04
N LYS A 176 44.19 -30.57 -14.92
CA LYS A 176 45.00 -29.43 -15.28
C LYS A 176 44.16 -28.36 -15.95
N THR A 177 43.24 -28.80 -16.82
CA THR A 177 42.34 -27.92 -17.53
C THR A 177 41.43 -27.19 -16.59
N ILE A 178 40.82 -27.92 -15.66
CA ILE A 178 39.91 -27.33 -14.70
C ILE A 178 40.60 -26.28 -13.87
N ILE A 179 41.78 -26.60 -13.39
CA ILE A 179 42.52 -25.65 -12.58
C ILE A 179 42.89 -24.42 -13.35
N ASN A 180 43.53 -24.60 -14.49
CA ASN A 180 43.99 -23.48 -15.27
C ASN A 180 42.85 -22.67 -15.81
N GLU A 181 41.78 -23.33 -16.22
CA GLU A 181 40.66 -22.63 -16.78
C GLU A 181 39.90 -21.87 -15.74
N SER A 182 39.79 -22.41 -14.52
CA SER A 182 39.11 -21.67 -13.47
C SER A 182 39.88 -20.42 -13.12
N LEU A 183 41.22 -20.49 -13.25
CA LEU A 183 42.05 -19.33 -13.03
C LEU A 183 41.82 -18.33 -14.15
N ASN A 184 41.72 -18.84 -15.38
CA ASN A 184 41.47 -18.01 -16.55
C ASN A 184 40.13 -17.32 -16.46
N PHE A 185 39.13 -18.03 -15.96
CA PHE A 185 37.82 -17.48 -15.75
C PHE A 185 37.83 -16.31 -14.83
N LYS A 186 38.48 -16.46 -13.69
CA LYS A 186 38.52 -15.34 -12.79
C LYS A 186 39.30 -14.20 -13.40
N ILE A 187 40.27 -14.50 -14.25
CA ILE A 187 40.94 -13.43 -14.98
C ILE A 187 39.92 -12.71 -15.86
N ARG A 188 39.06 -13.49 -16.54
CA ARG A 188 38.01 -12.92 -17.37
C ARG A 188 37.07 -12.05 -16.53
N ASP A 189 36.76 -12.49 -15.31
CA ASP A 189 35.96 -11.66 -14.43
C ASP A 189 36.67 -10.37 -14.13
N GLN A 190 37.97 -10.41 -13.91
CA GLN A 190 38.71 -9.17 -13.69
C GLN A 190 38.63 -8.25 -14.90
N LEU A 191 38.63 -8.83 -16.08
CA LEU A 191 38.51 -8.06 -17.30
C LEU A 191 37.13 -7.39 -17.45
N VAL A 192 36.08 -8.06 -16.95
CA VAL A 192 34.72 -7.50 -17.06
C VAL A 192 34.15 -7.00 -15.74
N VAL A 193 34.08 -7.89 -14.76
CA VAL A 193 33.55 -7.62 -13.44
C VAL A 193 34.50 -6.78 -12.60
N GLY A 194 35.78 -7.12 -12.62
CA GLY A 194 36.80 -6.46 -11.84
C GLY A 194 37.23 -7.31 -10.64
N GLN A 195 37.01 -8.62 -10.71
CA GLN A 195 37.36 -9.51 -9.61
C GLN A 195 38.11 -10.79 -10.05
N LEU A 196 39.14 -11.18 -9.29
CA LEU A 196 39.99 -12.38 -9.49
C LEU A 196 39.73 -13.50 -8.47
N ILE A 197 40.44 -14.62 -8.63
CA ILE A 197 40.31 -15.72 -7.67
C ILE A 197 40.88 -15.39 -6.27
N PRO A 198 41.62 -14.28 -6.10
CA PRO A 198 41.90 -13.78 -4.75
C PRO A 198 41.23 -12.43 -4.58
N ASP A 199 40.02 -12.27 -5.10
CA ASP A 199 39.37 -10.98 -4.95
C ASP A 199 39.11 -10.70 -3.52
N CYS A 200 39.35 -9.46 -3.15
CA CYS A 200 39.16 -9.09 -1.78
C CYS A 200 37.74 -8.66 -1.50
N TYR A 201 37.15 -9.27 -0.47
CA TYR A 201 35.80 -8.94 -0.05
C TYR A 201 35.85 -8.56 1.41
N VAL A 202 34.92 -7.73 1.85
CA VAL A 202 34.94 -7.29 3.24
C VAL A 202 35.04 -8.49 4.15
N GLU A 203 36.11 -8.52 4.96
CA GLU A 203 36.43 -9.62 5.84
C GLU A 203 35.33 -9.98 6.80
N LEU A 204 34.49 -9.03 7.11
CA LEU A 204 33.42 -9.24 8.03
C LEU A 204 32.40 -10.23 7.46
N GLU A 205 32.23 -10.20 6.15
CA GLU A 205 31.33 -11.11 5.46
C GLU A 205 31.94 -12.50 5.50
N LYS A 206 33.25 -12.53 5.29
CA LYS A 206 34.01 -13.76 5.35
C LYS A 206 33.90 -14.38 6.74
N ILE A 207 33.97 -13.54 7.76
CA ILE A 207 33.82 -13.97 9.13
C ILE A 207 32.45 -14.58 9.41
N ILE A 208 31.38 -13.96 8.88
CA ILE A 208 30.03 -14.49 9.09
C ILE A 208 29.91 -15.95 8.73
N LEU A 209 30.51 -16.31 7.61
CA LEU A 209 30.53 -17.69 7.13
C LEU A 209 30.82 -18.68 8.25
N SER A 210 31.80 -18.36 9.12
CA SER A 210 32.25 -19.24 10.18
C SER A 210 31.12 -19.71 11.08
N GLU A 211 30.45 -18.78 11.76
CA GLU A 211 29.37 -19.18 12.65
C GLU A 211 28.16 -19.68 11.88
N ARG A 212 28.05 -19.35 10.61
CA ARG A 212 26.94 -19.91 9.86
C ARG A 212 27.23 -21.36 9.54
N LYS A 213 28.50 -21.68 9.37
CA LYS A 213 28.88 -23.07 9.20
C LYS A 213 28.58 -23.82 10.50
N ASN A 214 29.00 -23.23 11.61
CA ASN A 214 28.81 -23.86 12.92
C ASN A 214 27.42 -23.66 13.51
N VAL A 215 26.43 -24.30 12.91
CA VAL A 215 25.06 -24.21 13.39
C VAL A 215 24.45 -25.57 13.73
N PRO A 216 24.10 -25.78 14.99
CA PRO A 216 23.41 -26.99 15.43
C PRO A 216 21.95 -26.70 15.76
N ILE A 217 21.07 -26.90 14.78
CA ILE A 217 19.63 -26.70 14.96
C ILE A 217 18.83 -27.87 14.36
N GLU A 218 17.89 -28.42 15.13
CA GLU A 218 17.05 -29.55 14.68
C GLU A 218 16.29 -29.23 13.39
N PHE A 219 15.64 -28.08 13.36
CA PHE A 219 14.92 -27.53 12.21
C PHE A 219 15.60 -26.22 11.80
N PRO A 220 16.72 -26.32 11.08
CA PRO A 220 17.68 -25.27 10.70
C PRO A 220 17.13 -24.09 9.90
N VAL A 221 16.18 -23.39 10.50
CA VAL A 221 15.57 -22.19 9.95
C VAL A 221 16.06 -21.06 10.85
N ILE A 222 16.71 -20.06 10.28
CA ILE A 222 17.36 -19.04 11.09
C ILE A 222 16.80 -17.63 11.02
N ASP A 223 16.64 -17.09 12.22
CA ASP A 223 16.17 -15.73 12.49
C ASP A 223 17.10 -15.04 13.49
N ARG A 224 17.67 -15.85 14.39
CA ARG A 224 18.57 -15.38 15.44
C ARG A 224 19.93 -14.87 14.95
N LYS A 225 20.13 -14.76 13.63
CA LYS A 225 21.35 -14.17 13.08
C LYS A 225 21.60 -12.79 13.65
N ARG A 226 20.53 -12.11 14.10
CA ARG A 226 20.65 -10.82 14.76
C ARG A 226 21.48 -10.98 16.02
N LEU A 227 21.24 -12.08 16.73
CA LEU A 227 21.98 -12.42 17.93
C LEU A 227 23.40 -12.72 17.56
N LEU A 228 23.59 -13.50 16.50
CA LEU A 228 24.95 -13.87 16.08
C LEU A 228 25.77 -12.63 15.74
N GLN A 229 25.11 -11.62 15.16
CA GLN A 229 25.74 -10.34 14.92
C GLN A 229 26.23 -9.77 16.23
N LEU A 230 25.36 -9.85 17.25
CA LEU A 230 25.68 -9.39 18.60
C LEU A 230 26.69 -10.31 19.32
N VAL A 231 26.76 -11.58 18.93
CA VAL A 231 27.74 -12.49 19.53
C VAL A 231 29.13 -12.05 19.16
N ARG A 232 29.37 -11.82 17.88
CA ARG A 232 30.67 -11.32 17.48
C ARG A 232 30.69 -9.81 17.52
N GLU A 233 30.56 -9.25 18.72
CA GLU A 233 30.52 -7.80 18.90
C GLU A 233 29.35 -7.23 18.11
N ASN A 234 29.64 -6.56 17.00
CA ASN A 234 28.61 -6.05 16.10
C ASN A 234 29.27 -5.58 14.82
N GLN A 235 29.44 -6.49 13.89
CA GLN A 235 30.10 -6.18 12.65
C GLN A 235 29.07 -5.89 11.57
N LEU A 236 29.48 -5.19 10.52
CA LEU A 236 28.57 -4.83 9.43
C LEU A 236 27.32 -4.19 10.01
N GLN A 237 27.56 -3.15 10.80
CA GLN A 237 26.53 -2.41 11.53
C GLN A 237 25.50 -1.71 10.68
N LEU A 238 25.74 -1.53 9.38
CA LEU A 238 24.75 -0.89 8.55
C LEU A 238 23.73 -1.94 8.16
N ASP A 239 22.78 -2.16 9.06
CA ASP A 239 21.73 -3.14 8.87
C ASP A 239 20.94 -2.85 7.59
N GLU A 240 20.83 -1.57 7.23
CA GLU A 240 20.15 -1.15 6.03
C GLU A 240 20.97 -1.34 4.73
N ASN A 241 22.26 -1.65 4.84
CA ASN A 241 23.05 -1.81 3.62
C ASN A 241 24.08 -2.92 3.68
N GLU A 242 24.88 -2.94 4.73
CA GLU A 242 25.91 -3.96 4.88
C GLU A 242 25.31 -5.32 5.13
N LEU A 243 24.27 -5.37 5.94
CA LEU A 243 23.60 -6.64 6.18
C LEU A 243 23.02 -7.23 4.88
N PRO A 244 22.29 -6.45 4.05
CA PRO A 244 21.79 -6.88 2.76
C PRO A 244 22.89 -7.34 1.84
N HIS A 245 24.05 -6.69 1.89
CA HIS A 245 25.15 -7.13 1.06
C HIS A 245 25.72 -8.43 1.54
N ALA A 246 25.78 -8.60 2.86
CA ALA A 246 26.28 -9.83 3.41
C ALA A 246 25.38 -10.97 3.00
N VAL A 247 24.07 -10.78 3.13
CA VAL A 247 23.11 -11.82 2.77
C VAL A 247 23.22 -12.17 1.31
N HIS A 248 23.32 -11.14 0.47
CA HIS A 248 23.46 -11.34 -0.97
C HIS A 248 24.66 -12.21 -1.25
N PHE A 249 25.79 -11.86 -0.63
CA PHE A 249 27.03 -12.62 -0.75
C PHE A 249 26.84 -14.03 -0.24
N LEU A 250 26.19 -14.19 0.90
CA LEU A 250 25.98 -15.49 1.50
C LEU A 250 25.18 -16.44 0.59
N ASN A 251 24.22 -15.93 -0.19
CA ASN A 251 23.63 -16.85 -1.17
C ASN A 251 24.60 -17.07 -2.32
N GLU A 252 25.19 -16.02 -2.90
CA GLU A 252 26.08 -16.23 -4.05
C GLU A 252 27.26 -17.14 -3.75
N SER A 253 27.79 -17.04 -2.54
CA SER A 253 28.92 -17.84 -2.09
C SER A 253 28.56 -19.26 -1.67
N GLY A 254 27.26 -19.58 -1.59
CA GLY A 254 26.87 -20.91 -1.22
C GLY A 254 26.95 -21.18 0.26
N VAL A 255 26.52 -20.23 1.08
CA VAL A 255 26.56 -20.40 2.53
C VAL A 255 25.17 -20.62 3.12
N LEU A 256 24.23 -19.74 2.80
CA LEU A 256 22.86 -19.92 3.30
C LEU A 256 21.83 -19.44 2.30
N LEU A 257 20.55 -19.67 2.62
CA LEU A 257 19.48 -19.36 1.72
C LEU A 257 18.41 -18.39 2.17
N HIS A 258 18.45 -17.15 1.69
CA HIS A 258 17.25 -16.31 1.78
C HIS A 258 16.28 -16.74 0.71
N PHE A 259 15.01 -16.41 0.88
CA PHE A 259 14.03 -16.73 -0.15
C PHE A 259 13.24 -15.49 -0.53
N GLN A 260 13.94 -14.50 -1.05
CA GLN A 260 13.34 -13.24 -1.44
C GLN A 260 12.92 -13.17 -2.90
N ALA A 263 7.28 -12.86 -3.35
CA ALA A 263 6.71 -12.37 -2.11
C ALA A 263 6.26 -13.51 -1.20
N LEU A 264 7.23 -14.18 -0.59
CA LEU A 264 6.98 -15.30 0.31
C LEU A 264 6.99 -14.80 1.73
N GLN A 265 6.32 -15.51 2.64
CA GLN A 265 6.39 -15.07 4.02
C GLN A 265 7.66 -15.66 4.60
N LEU A 266 7.95 -16.90 4.23
CA LEU A 266 9.19 -17.53 4.66
C LEU A 266 10.31 -17.06 3.75
N SER A 267 10.78 -15.84 3.99
CA SER A 267 11.76 -15.20 3.13
C SER A 267 12.93 -14.53 3.83
N ASP A 268 12.62 -13.41 4.49
CA ASP A 268 13.61 -12.55 5.15
C ASP A 268 14.13 -13.04 6.50
N LEU A 269 13.24 -13.60 7.30
CA LEU A 269 13.60 -13.98 8.66
C LEU A 269 13.70 -15.48 8.82
N TYR A 270 13.92 -16.17 7.72
CA TYR A 270 13.91 -17.62 7.73
C TYR A 270 14.99 -18.20 6.85
N PHE A 271 16.25 -18.06 7.24
CA PHE A 271 17.31 -18.59 6.40
C PHE A 271 17.41 -20.08 6.60
N VAL A 272 17.49 -20.84 5.53
CA VAL A 272 17.44 -22.29 5.66
C VAL A 272 18.65 -23.05 5.14
N GLU A 273 19.11 -24.02 5.94
CA GLU A 273 20.20 -24.91 5.53
C GLU A 273 19.88 -25.61 4.21
N PRO A 274 20.69 -25.42 3.15
CA PRO A 274 20.56 -25.96 1.81
C PRO A 274 20.34 -27.46 1.79
N LYS A 275 20.96 -28.17 2.72
CA LYS A 275 20.81 -29.60 2.81
C LYS A 275 19.37 -30.00 3.04
N TRP A 276 18.67 -29.24 3.89
CA TRP A 276 17.28 -29.55 4.15
C TRP A 276 16.39 -29.15 3.05
N LEU A 277 16.61 -27.96 2.51
CA LEU A 277 15.75 -27.50 1.45
C LEU A 277 15.70 -28.52 0.34
N CYS A 278 16.89 -28.90 -0.10
CA CYS A 278 17.02 -29.84 -1.19
C CYS A 278 16.50 -31.22 -0.85
N LYS A 279 16.97 -31.76 0.26
CA LYS A 279 16.63 -33.12 0.65
C LYS A 279 15.15 -33.33 0.85
N ILE A 280 14.54 -32.51 1.68
CA ILE A 280 13.15 -32.71 1.99
C ILE A 280 12.24 -32.53 0.81
N MET A 281 12.42 -31.46 0.05
CA MET A 281 11.50 -31.25 -1.06
C MET A 281 11.66 -32.33 -2.11
N ALA A 282 12.89 -32.71 -2.39
CA ALA A 282 13.13 -33.75 -3.38
C ALA A 282 12.55 -35.07 -2.92
N GLN A 283 12.70 -35.39 -1.65
CA GLN A 283 12.18 -36.65 -1.19
C GLN A 283 10.67 -36.67 -1.21
N ILE A 284 10.03 -35.59 -0.76
CA ILE A 284 8.57 -35.53 -0.78
C ILE A 284 8.01 -35.73 -2.16
N LEU A 285 8.68 -35.19 -3.17
CA LEU A 285 8.29 -35.45 -4.54
C LEU A 285 8.19 -36.94 -4.80
N THR A 286 9.20 -37.68 -4.36
CA THR A 286 9.22 -39.12 -4.60
C THR A 286 8.44 -39.94 -3.58
N VAL A 287 8.09 -39.36 -2.42
CA VAL A 287 7.32 -40.12 -1.45
C VAL A 287 5.99 -40.51 -2.03
N GLY A 298 -1.26 -38.54 -11.25
CA GLY A 298 -0.32 -38.07 -10.25
C GLY A 298 -0.91 -36.99 -9.35
N ILE A 299 -2.23 -36.86 -9.33
CA ILE A 299 -2.84 -35.84 -8.49
C ILE A 299 -2.93 -36.32 -7.06
N ILE A 300 -2.39 -35.53 -6.14
CA ILE A 300 -2.38 -35.92 -4.74
C ILE A 300 -3.01 -34.87 -3.86
N SER A 301 -3.91 -35.29 -2.97
CA SER A 301 -4.52 -34.33 -2.07
C SER A 301 -3.53 -33.74 -1.11
N ARG A 302 -3.66 -32.44 -0.93
CA ARG A 302 -2.86 -31.65 -0.01
C ARG A 302 -2.82 -32.26 1.36
N ARG A 303 -3.97 -32.75 1.81
CA ARG A 303 -4.10 -33.21 3.17
C ARG A 303 -3.32 -34.46 3.41
N ASP A 304 -3.28 -35.34 2.44
CA ASP A 304 -2.52 -36.55 2.61
C ASP A 304 -1.04 -36.23 2.60
N VAL A 305 -0.66 -35.20 1.85
CA VAL A 305 0.73 -34.75 1.86
C VAL A 305 1.05 -34.21 3.25
N GLU A 306 0.12 -33.43 3.82
CA GLU A 306 0.29 -32.87 5.16
C GLU A 306 0.45 -33.96 6.18
N LYS A 307 -0.34 -35.02 6.06
CA LYS A 307 -0.27 -36.14 6.98
C LYS A 307 1.10 -36.77 6.98
N PHE A 308 1.61 -37.08 5.79
CA PHE A 308 2.93 -37.67 5.70
C PHE A 308 3.99 -36.74 6.25
N LEU A 309 3.99 -35.50 5.79
CA LEU A 309 4.97 -34.50 6.19
C LEU A 309 5.03 -34.33 7.70
N SER A 310 3.87 -34.32 8.36
CA SER A 310 3.83 -34.15 9.81
C SER A 310 4.52 -35.29 10.57
N LYS A 311 4.68 -36.44 9.92
CA LYS A 311 5.33 -37.57 10.53
C LYS A 311 6.81 -37.56 10.17
N LYS A 312 7.10 -37.08 8.97
CA LYS A 312 8.47 -37.01 8.46
C LYS A 312 9.27 -35.93 9.19
N ARG A 313 8.76 -34.71 9.16
CA ARG A 313 9.37 -33.60 9.87
C ARG A 313 8.30 -32.69 10.42
N LYS A 314 8.23 -32.64 11.73
CA LYS A 314 7.22 -31.88 12.45
C LYS A 314 7.36 -30.36 12.30
N PHE A 315 7.01 -29.86 11.13
CA PHE A 315 7.04 -28.44 10.87
C PHE A 315 5.82 -27.77 11.47
N PRO A 316 5.95 -26.53 11.92
CA PRO A 316 4.89 -25.66 12.36
C PRO A 316 3.95 -25.54 11.20
N LYS A 317 2.64 -25.48 11.47
CA LYS A 317 1.68 -25.39 10.38
C LYS A 317 1.86 -24.12 9.55
N ASN A 318 2.38 -23.08 10.19
CA ASN A 318 2.68 -21.85 9.49
C ASN A 318 3.75 -22.12 8.45
N TYR A 319 4.76 -22.89 8.87
CA TYR A 319 5.84 -23.25 7.99
C TYR A 319 5.33 -24.19 6.91
N MET A 320 4.36 -25.04 7.26
CA MET A 320 3.78 -25.95 6.30
C MET A 320 3.07 -25.19 5.20
N SER A 321 2.40 -24.09 5.52
CA SER A 321 1.74 -23.33 4.46
C SER A 321 2.77 -22.74 3.52
N GLN A 322 3.93 -22.41 4.07
CA GLN A 322 5.00 -21.85 3.27
C GLN A 322 5.68 -22.95 2.52
N TYR A 323 5.71 -24.14 3.11
CA TYR A 323 6.28 -25.31 2.48
C TYR A 323 5.57 -25.54 1.17
N PHE A 324 4.25 -25.53 1.22
CA PHE A 324 3.49 -25.74 0.00
C PHE A 324 3.74 -24.62 -0.99
N LYS A 325 3.91 -23.39 -0.50
CA LYS A 325 4.18 -22.30 -1.40
C LYS A 325 5.54 -22.48 -2.07
N LEU A 326 6.50 -23.01 -1.32
CA LEU A 326 7.81 -23.30 -1.87
C LEU A 326 7.74 -24.41 -2.90
N LEU A 327 6.85 -25.38 -2.69
CA LEU A 327 6.72 -26.45 -3.69
C LEU A 327 6.31 -25.85 -5.02
N GLU A 328 5.43 -24.86 -4.98
CA GLU A 328 5.07 -24.17 -6.21
C GLU A 328 6.26 -23.41 -6.78
N LYS A 329 6.90 -22.61 -5.93
CA LYS A 329 8.04 -21.79 -6.31
C LYS A 329 9.13 -22.59 -6.98
N PHE A 330 9.43 -23.75 -6.42
CA PHE A 330 10.46 -24.62 -6.94
C PHE A 330 9.96 -25.65 -7.94
N GLN A 331 8.75 -25.49 -8.44
CA GLN A 331 8.19 -26.35 -9.47
C GLN A 331 8.14 -27.83 -9.07
N ILE A 332 7.90 -28.10 -7.81
CA ILE A 332 7.80 -29.46 -7.34
C ILE A 332 6.37 -29.91 -7.45
N ALA A 333 5.47 -29.06 -7.03
CA ALA A 333 4.06 -29.39 -7.13
C ALA A 333 3.23 -28.13 -7.31
N LEU A 334 2.22 -28.21 -8.15
CA LEU A 334 1.41 -27.04 -8.41
C LEU A 334 0.04 -27.19 -7.78
N PRO A 335 -0.52 -26.14 -7.23
CA PRO A 335 -1.86 -26.11 -6.68
C PRO A 335 -2.90 -26.33 -7.76
N ILE A 336 -3.85 -27.23 -7.52
CA ILE A 336 -4.96 -27.44 -8.44
C ILE A 336 -6.15 -26.77 -7.77
N GLY A 337 -6.90 -27.55 -6.99
CA GLY A 337 -7.96 -26.99 -6.20
C GLY A 337 -7.29 -26.65 -4.89
N GLU A 338 -8.00 -26.07 -3.95
CA GLU A 338 -7.32 -25.73 -2.71
C GLU A 338 -6.90 -26.99 -1.93
N GLU A 339 -7.50 -28.13 -2.23
CA GLU A 339 -7.17 -29.37 -1.57
C GLU A 339 -6.25 -30.28 -2.37
N TYR A 340 -5.74 -29.84 -3.53
CA TYR A 340 -4.94 -30.76 -4.36
C TYR A 340 -3.67 -30.21 -4.98
N LEU A 341 -2.73 -31.12 -5.24
CA LEU A 341 -1.50 -30.79 -5.93
C LEU A 341 -1.35 -31.60 -7.22
N LEU A 342 -0.82 -30.94 -8.25
CA LEU A 342 -0.63 -31.57 -9.54
C LEU A 342 0.61 -32.41 -9.60
N VAL A 343 1.71 -31.87 -9.10
CA VAL A 343 2.97 -32.61 -9.11
C VAL A 343 3.49 -32.92 -10.51
N PRO A 344 3.68 -31.91 -11.35
CA PRO A 344 4.13 -31.98 -12.75
C PRO A 344 5.13 -33.09 -12.99
N SER A 345 6.16 -33.15 -12.18
CA SER A 345 7.14 -34.19 -12.35
C SER A 345 6.51 -35.52 -12.03
N SER A 346 6.68 -36.49 -12.91
CA SER A 346 6.11 -37.83 -12.80
C SER A 346 4.74 -37.94 -13.45
N LEU A 347 4.18 -36.85 -13.98
CA LEU A 347 2.90 -37.00 -14.67
C LEU A 347 3.13 -37.89 -15.87
N SER A 348 2.12 -38.66 -16.23
CA SER A 348 2.25 -39.55 -17.38
C SER A 348 2.70 -38.81 -18.59
N ASP A 349 3.62 -39.40 -19.33
CA ASP A 349 4.11 -38.78 -20.54
C ASP A 349 3.63 -39.51 -21.77
N HIS A 350 2.37 -39.96 -21.72
CA HIS A 350 1.76 -40.67 -22.82
C HIS A 350 0.41 -40.06 -23.14
N ARG A 351 0.45 -38.82 -23.66
CA ARG A 351 -0.72 -38.03 -24.03
C ARG A 351 -1.98 -38.86 -24.18
N PRO A 352 -2.91 -38.76 -23.23
CA PRO A 352 -4.17 -39.47 -23.14
C PRO A 352 -4.98 -39.28 -24.40
N VAL A 353 -5.75 -40.29 -24.75
CA VAL A 353 -6.56 -40.18 -25.94
C VAL A 353 -7.67 -39.19 -25.73
N ILE A 354 -7.67 -38.15 -26.56
CA ILE A 354 -8.67 -37.10 -26.48
C ILE A 354 -9.44 -36.97 -27.76
N GLU A 355 -10.76 -37.15 -27.68
CA GLU A 355 -11.59 -36.97 -28.84
C GLU A 355 -12.15 -35.57 -28.83
N LEU A 356 -11.78 -34.78 -29.81
CA LEU A 356 -12.26 -33.41 -29.88
C LEU A 356 -13.52 -33.33 -30.71
N PRO A 357 -14.42 -32.43 -30.37
CA PRO A 357 -15.60 -32.09 -31.12
C PRO A 357 -15.10 -31.18 -32.19
N HIS A 358 -15.71 -31.21 -33.35
CA HIS A 358 -15.29 -30.38 -34.50
C HIS A 358 -14.18 -31.07 -35.26
N CYS A 359 -14.30 -31.08 -36.58
CA CYS A 359 -13.39 -31.86 -37.41
C CYS A 359 -13.04 -31.16 -38.72
N GLU A 360 -14.00 -30.48 -39.32
CA GLU A 360 -13.74 -29.79 -40.57
C GLU A 360 -12.76 -28.67 -40.29
N ASN A 361 -11.93 -28.34 -41.25
CA ASN A 361 -10.87 -27.38 -41.04
C ASN A 361 -11.39 -26.03 -40.53
N SER A 362 -12.49 -25.56 -41.09
CA SER A 362 -13.06 -24.27 -40.71
C SER A 362 -13.69 -24.24 -39.34
N GLU A 363 -13.80 -25.37 -38.67
CA GLU A 363 -14.40 -25.36 -37.36
C GLU A 363 -13.45 -24.98 -36.26
N ILE A 364 -12.14 -25.03 -36.51
CA ILE A 364 -11.17 -24.74 -35.45
C ILE A 364 -10.06 -23.80 -35.86
N ILE A 365 -9.35 -23.30 -34.85
CA ILE A 365 -8.22 -22.41 -35.05
C ILE A 365 -6.96 -23.04 -34.49
N ILE A 366 -5.90 -23.09 -35.30
CA ILE A 366 -4.64 -23.73 -34.87
C ILE A 366 -3.43 -22.79 -34.93
N ARG A 367 -2.65 -22.80 -33.85
CA ARG A 367 -1.46 -21.96 -33.76
C ARG A 367 -0.21 -22.75 -33.36
N LEU A 368 0.89 -22.60 -34.11
CA LEU A 368 2.11 -23.34 -33.83
C LEU A 368 3.31 -22.51 -33.40
N TYR A 369 4.12 -23.06 -32.50
CA TYR A 369 5.36 -22.43 -32.04
C TYR A 369 6.57 -23.29 -32.29
N GLU A 370 7.39 -22.94 -33.27
CA GLU A 370 8.56 -23.75 -33.59
C GLU A 370 9.79 -23.39 -32.77
N MET A 371 10.32 -24.39 -32.07
CA MET A 371 11.47 -24.21 -31.20
C MET A 371 12.53 -25.27 -31.49
N PRO A 372 13.80 -24.99 -31.25
CA PRO A 372 14.93 -25.90 -31.46
C PRO A 372 14.98 -26.95 -30.36
N TYR A 373 14.39 -26.64 -29.23
CA TYR A 373 14.31 -27.48 -28.06
C TYR A 373 13.56 -26.74 -26.98
N PHE A 374 12.87 -27.46 -26.11
CA PHE A 374 12.20 -26.78 -25.02
C PHE A 374 13.18 -26.56 -23.90
N PRO A 375 13.22 -25.39 -23.29
CA PRO A 375 14.01 -25.03 -22.12
C PRO A 375 13.61 -25.89 -20.95
N MET A 376 14.55 -26.19 -20.08
CA MET A 376 14.22 -27.01 -18.93
C MET A 376 13.28 -26.27 -18.01
N GLY A 377 12.18 -26.93 -17.65
CA GLY A 377 11.19 -26.32 -16.78
C GLY A 377 10.15 -25.53 -17.57
N PHE A 378 10.29 -25.47 -18.89
CA PHE A 378 9.37 -24.74 -19.74
C PHE A 378 7.94 -25.20 -19.52
N TRP A 379 7.74 -26.51 -19.56
CA TRP A 379 6.43 -27.06 -19.42
C TRP A 379 5.82 -26.95 -18.05
N SER A 380 6.60 -27.06 -17.00
CA SER A 380 5.97 -26.98 -15.70
C SER A 380 5.55 -25.56 -15.43
N ARG A 381 6.30 -24.61 -15.94
CA ARG A 381 5.94 -23.22 -15.75
C ARG A 381 4.74 -22.87 -16.59
N LEU A 382 4.71 -23.37 -17.82
CA LEU A 382 3.62 -23.09 -18.72
C LEU A 382 2.33 -23.60 -18.17
N ILE A 383 2.32 -24.85 -17.73
CA ILE A 383 1.11 -25.42 -17.17
C ILE A 383 0.63 -24.65 -15.97
N ASN A 384 1.53 -24.24 -15.09
CA ASN A 384 1.10 -23.48 -13.95
C ASN A 384 0.30 -22.26 -14.37
N ARG A 385 0.74 -21.59 -15.42
CA ARG A 385 0.01 -20.44 -15.92
C ARG A 385 -1.31 -20.81 -16.59
N LEU A 386 -1.29 -21.86 -17.40
CA LEU A 386 -2.48 -22.24 -18.16
C LEU A 386 -3.64 -22.72 -17.31
N LEU A 387 -3.37 -23.22 -16.11
CA LEU A 387 -4.44 -23.69 -15.22
C LEU A 387 -5.50 -22.66 -14.86
N GLU A 388 -5.23 -21.37 -15.00
CA GLU A 388 -6.20 -20.37 -14.61
C GLU A 388 -7.06 -19.82 -15.74
N ILE A 389 -6.94 -20.38 -16.93
CA ILE A 389 -7.70 -19.93 -18.09
C ILE A 389 -9.19 -20.13 -17.97
N SER A 390 -9.95 -19.12 -18.39
CA SER A 390 -11.40 -19.21 -18.35
C SER A 390 -12.09 -18.23 -19.28
N PRO A 391 -12.97 -18.71 -20.17
CA PRO A 391 -13.74 -17.97 -21.13
C PRO A 391 -14.89 -17.22 -20.45
N TYR A 392 -15.09 -17.46 -19.16
CA TYR A 392 -16.17 -16.82 -18.45
C TYR A 392 -15.70 -15.76 -17.49
N MET A 393 -14.39 -15.55 -17.36
CA MET A 393 -13.93 -14.61 -16.35
C MET A 393 -14.40 -13.19 -16.61
N LEU A 394 -14.72 -12.88 -17.87
CA LEU A 394 -15.21 -11.57 -18.22
C LEU A 394 -16.54 -11.23 -17.53
N LEU A 401 -19.34 -23.65 -14.83
CA LEU A 401 -18.98 -24.99 -14.40
C LEU A 401 -17.50 -25.18 -14.59
N ARG A 402 -16.88 -26.03 -13.78
CA ARG A 402 -15.45 -26.26 -13.94
C ARG A 402 -15.20 -27.24 -15.07
N PRO A 403 -14.12 -27.08 -15.82
CA PRO A 403 -13.71 -27.85 -16.96
C PRO A 403 -13.15 -29.22 -16.62
N ASN A 404 -13.37 -30.15 -17.52
CA ASN A 404 -12.87 -31.50 -17.38
C ASN A 404 -11.41 -31.58 -17.77
N ARG A 405 -10.53 -31.14 -16.90
CA ARG A 405 -9.11 -31.08 -17.25
C ARG A 405 -8.39 -32.41 -17.30
N MET A 406 -7.45 -32.51 -18.23
CA MET A 406 -6.59 -33.70 -18.40
C MET A 406 -5.15 -33.23 -18.54
N TYR A 407 -4.17 -34.05 -18.15
CA TYR A 407 -2.79 -33.60 -18.21
C TYR A 407 -1.89 -34.61 -18.91
N TRP A 408 -1.03 -34.13 -19.80
CA TRP A 408 -0.13 -35.00 -20.52
C TRP A 408 1.28 -34.90 -20.09
N ARG A 409 1.60 -34.10 -19.06
CA ARG A 409 2.98 -33.64 -18.82
C ARG A 409 3.49 -32.64 -19.87
N GLN A 410 3.42 -33.01 -21.15
CA GLN A 410 3.79 -32.19 -22.28
C GLN A 410 2.58 -31.50 -22.90
N GLY A 411 1.52 -31.30 -22.13
CA GLY A 411 0.32 -30.66 -22.64
C GLY A 411 -0.80 -30.67 -21.62
N ILE A 412 -1.89 -30.01 -21.96
CA ILE A 412 -3.05 -29.89 -21.09
C ILE A 412 -4.32 -29.74 -21.89
N TYR A 413 -5.40 -30.32 -21.40
CA TYR A 413 -6.67 -30.22 -22.10
C TYR A 413 -7.77 -29.78 -21.19
N LEU A 414 -8.52 -28.78 -21.61
CA LEU A 414 -9.62 -28.30 -20.80
C LEU A 414 -10.87 -28.48 -21.62
N ASN A 415 -11.98 -28.82 -20.98
CA ASN A 415 -13.15 -29.09 -21.81
C ASN A 415 -14.20 -28.02 -21.76
N TRP A 416 -14.73 -27.72 -20.58
CA TRP A 416 -15.79 -26.72 -20.42
C TRP A 416 -17.08 -27.15 -21.13
N SER A 417 -17.10 -27.00 -22.45
CA SER A 417 -18.25 -27.33 -23.27
C SER A 417 -17.86 -27.48 -24.73
N PRO A 418 -18.58 -28.26 -25.52
CA PRO A 418 -18.40 -28.41 -26.96
C PRO A 418 -18.38 -27.04 -27.62
N GLU A 419 -19.09 -26.09 -27.03
CA GLU A 419 -19.08 -24.72 -27.48
C GLU A 419 -17.71 -24.06 -27.36
N ALA A 420 -16.97 -24.32 -26.28
CA ALA A 420 -15.67 -23.69 -26.06
C ALA A 420 -14.77 -24.58 -25.24
N TYR A 421 -13.65 -25.00 -25.80
CA TYR A 421 -12.71 -25.91 -25.15
C TYR A 421 -11.30 -25.59 -25.60
N CYS A 422 -10.29 -26.19 -24.98
CA CYS A 422 -8.93 -25.84 -25.35
C CYS A 422 -7.89 -26.91 -25.17
N LEU A 423 -7.10 -27.16 -26.21
CA LEU A 423 -6.03 -28.14 -26.14
C LEU A 423 -4.67 -27.57 -26.45
N VAL A 424 -3.74 -27.70 -25.51
CA VAL A 424 -2.39 -27.22 -25.72
C VAL A 424 -1.39 -28.35 -25.53
N GLY A 425 -0.56 -28.62 -26.51
CA GLY A 425 0.40 -29.70 -26.28
C GLY A 425 1.48 -29.81 -27.33
N SER A 426 2.53 -30.54 -26.98
CA SER A 426 3.69 -30.74 -27.84
C SER A 426 3.51 -31.79 -28.90
N GLU A 427 3.90 -31.46 -30.12
CA GLU A 427 3.88 -32.42 -31.22
C GLU A 427 5.13 -32.28 -32.07
N VAL A 428 5.59 -33.40 -32.61
CA VAL A 428 6.80 -33.41 -33.44
C VAL A 428 6.59 -34.12 -34.76
N LEU A 429 7.05 -33.51 -35.85
CA LEU A 429 6.94 -34.11 -37.17
C LEU A 429 8.26 -34.64 -37.70
N ASP A 430 8.18 -35.70 -38.49
CA ASP A 430 9.35 -36.34 -39.06
C ASP A 430 10.09 -35.41 -39.98
N ASN A 431 11.41 -35.51 -39.94
CA ASN A 431 12.31 -34.68 -40.72
C ASN A 431 12.31 -33.22 -40.29
N HIS A 432 11.82 -32.96 -39.07
CA HIS A 432 11.78 -31.62 -38.54
C HIS A 432 12.25 -31.60 -37.10
N PRO A 433 13.56 -31.75 -36.87
CA PRO A 433 14.25 -31.75 -35.57
C PRO A 433 13.59 -30.86 -34.52
N GLU A 434 13.19 -29.66 -34.90
CA GLU A 434 12.56 -28.71 -34.00
C GLU A 434 11.31 -29.24 -33.34
N SER A 435 11.14 -28.95 -32.06
CA SER A 435 9.95 -29.36 -31.35
C SER A 435 8.96 -28.23 -31.42
N PHE A 436 7.70 -28.48 -31.07
CA PHE A 436 6.76 -27.37 -31.15
C PHE A 436 5.40 -27.55 -30.53
N LEU A 437 4.79 -26.40 -30.22
CA LEU A 437 3.50 -26.33 -29.57
C LEU A 437 2.37 -26.28 -30.55
N LYS A 438 1.24 -26.83 -30.16
CA LYS A 438 0.04 -26.71 -30.96
C LYS A 438 -1.10 -26.33 -30.06
N ILE A 439 -1.77 -25.24 -30.41
CA ILE A 439 -2.90 -24.74 -29.66
C ILE A 439 -4.17 -24.87 -30.46
N THR A 440 -5.18 -25.55 -29.93
CA THR A 440 -6.43 -25.67 -30.68
C THR A 440 -7.65 -25.20 -29.90
N VAL A 441 -8.40 -24.29 -30.52
CA VAL A 441 -9.66 -23.79 -29.95
C VAL A 441 -10.70 -23.80 -31.04
N PRO A 442 -11.99 -23.86 -30.71
CA PRO A 442 -13.11 -23.86 -31.63
C PRO A 442 -13.31 -22.48 -32.15
N SER A 443 -13.72 -22.35 -33.40
CA SER A 443 -13.88 -21.03 -33.96
C SER A 443 -15.16 -20.30 -33.61
N CYS A 444 -15.16 -19.64 -32.46
CA CYS A 444 -16.27 -18.79 -32.04
C CYS A 444 -15.73 -17.83 -31.01
N ARG A 445 -16.53 -16.86 -30.59
CA ARG A 445 -16.06 -15.85 -29.66
C ARG A 445 -15.43 -16.39 -28.40
N LYS A 446 -16.05 -17.37 -27.76
CA LYS A 446 -15.44 -17.90 -26.55
C LYS A 446 -14.14 -18.59 -26.88
N GLY A 447 -14.07 -19.23 -28.03
CA GLY A 447 -12.85 -19.89 -28.43
C GLY A 447 -11.76 -18.88 -28.62
N CYS A 448 -12.11 -17.73 -29.17
CA CYS A 448 -11.17 -16.65 -29.37
C CYS A 448 -10.62 -16.17 -28.06
N ILE A 449 -11.49 -15.94 -27.10
CA ILE A 449 -11.08 -15.49 -25.79
C ILE A 449 -10.09 -16.45 -25.17
N LEU A 450 -10.33 -17.74 -25.30
CA LEU A 450 -9.40 -18.73 -24.79
C LEU A 450 -8.07 -18.62 -25.47
N LEU A 451 -8.09 -18.48 -26.80
CA LEU A 451 -6.85 -18.38 -27.55
C LEU A 451 -6.04 -17.21 -27.11
N GLY A 452 -6.68 -16.07 -26.95
CA GLY A 452 -6.00 -14.88 -26.51
C GLY A 452 -5.32 -15.08 -25.18
N GLN A 453 -5.99 -15.71 -24.23
CA GLN A 453 -5.37 -15.94 -22.94
C GLN A 453 -4.17 -16.86 -23.04
N VAL A 454 -4.27 -17.90 -23.85
CA VAL A 454 -3.16 -18.84 -23.99
C VAL A 454 -1.92 -18.21 -24.57
N VAL A 455 -2.07 -17.47 -25.66
CA VAL A 455 -0.88 -16.91 -26.29
C VAL A 455 -0.30 -15.76 -25.49
N ASP A 456 -1.12 -15.07 -24.72
CA ASP A 456 -0.60 -14.05 -23.86
C ASP A 456 0.25 -14.66 -22.76
N HIS A 457 -0.18 -15.80 -22.21
CA HIS A 457 0.62 -16.44 -21.18
C HIS A 457 1.90 -16.99 -21.74
N ILE A 458 1.86 -17.54 -22.95
CA ILE A 458 3.07 -18.08 -23.53
C ILE A 458 4.10 -17.01 -23.78
N ASP A 459 3.69 -15.90 -24.36
CA ASP A 459 4.66 -14.87 -24.61
C ASP A 459 5.18 -14.24 -23.35
N SER A 460 4.32 -14.05 -22.34
CA SER A 460 4.79 -13.49 -21.08
C SER A 460 5.78 -14.41 -20.40
N LEU A 461 5.52 -15.71 -20.46
CA LEU A 461 6.39 -16.71 -19.89
C LEU A 461 7.78 -16.57 -20.45
N MET A 462 7.87 -16.49 -21.75
CA MET A 462 9.16 -16.40 -22.38
C MET A 462 9.87 -15.10 -22.09
N GLU A 463 9.14 -14.00 -22.06
CA GLU A 463 9.81 -12.72 -21.79
C GLU A 463 10.45 -12.71 -20.43
N GLU A 464 9.78 -13.28 -19.44
CA GLU A 464 10.33 -13.29 -18.11
C GLU A 464 11.36 -14.37 -17.86
N TRP A 465 11.13 -15.57 -18.36
CA TRP A 465 12.00 -16.66 -17.98
C TRP A 465 12.91 -17.20 -19.04
N PHE A 466 12.58 -17.02 -20.32
CA PHE A 466 13.46 -17.58 -21.33
C PHE A 466 13.83 -16.59 -22.44
N PRO A 467 14.32 -15.40 -22.10
CA PRO A 467 14.75 -14.38 -23.01
C PRO A 467 15.95 -14.93 -23.70
N GLY A 468 16.19 -14.46 -24.91
CA GLY A 468 17.25 -15.02 -25.71
C GLY A 468 16.57 -15.68 -26.87
N LEU A 469 15.49 -16.40 -26.58
CA LEU A 469 14.69 -16.99 -27.62
C LEU A 469 13.99 -15.87 -28.38
N LEU A 470 13.69 -14.81 -27.64
CA LEU A 470 13.06 -13.59 -28.13
C LEU A 470 14.07 -12.51 -28.50
N LEU A 481 14.05 -18.45 -34.08
CA LEU A 481 13.61 -18.98 -32.80
C LEU A 481 12.19 -18.54 -32.52
N LEU A 482 11.40 -19.46 -31.96
CA LEU A 482 10.00 -19.18 -31.65
C LEU A 482 9.23 -18.80 -32.88
N LYS A 483 9.47 -19.49 -33.97
CA LYS A 483 8.82 -19.14 -35.20
C LYS A 483 7.33 -19.37 -35.03
N LYS A 484 6.54 -18.32 -35.22
CA LYS A 484 5.10 -18.44 -35.01
C LYS A 484 4.36 -18.68 -36.31
N TRP A 485 3.73 -19.84 -36.42
CA TRP A 485 3.02 -20.20 -37.63
C TRP A 485 1.53 -20.28 -37.40
N ALA A 486 0.76 -19.86 -38.38
CA ALA A 486 -0.68 -20.02 -38.31
C ALA A 486 -1.10 -20.99 -39.40
N LEU A 487 -2.08 -21.84 -39.12
CA LEU A 487 -2.50 -22.79 -40.14
C LEU A 487 -3.84 -22.46 -40.74
N TYR A 488 -3.95 -22.62 -42.04
CA TYR A 488 -5.21 -22.32 -42.70
C TYR A 488 -5.40 -23.13 -43.97
N SER A 489 -6.62 -23.16 -44.46
CA SER A 489 -6.89 -23.83 -45.72
C SER A 489 -8.02 -23.11 -46.41
N PHE A 490 -8.07 -23.18 -47.74
CA PHE A 490 -9.12 -22.48 -48.48
C PHE A 490 -10.32 -23.36 -48.77
N ASN A 491 -10.37 -24.53 -48.17
CA ASN A 491 -11.45 -25.46 -48.42
C ASN A 491 -11.40 -26.62 -47.45
N ASP A 492 -12.51 -26.85 -46.77
CA ASP A 492 -12.57 -27.94 -45.81
C ASP A 492 -12.32 -29.26 -46.50
N GLY A 493 -11.55 -30.11 -45.84
CA GLY A 493 -11.20 -31.41 -46.39
C GLY A 493 -9.80 -31.41 -47.00
N GLU A 494 -9.19 -30.23 -47.15
CA GLU A 494 -7.86 -30.17 -47.71
C GLU A 494 -6.81 -30.03 -46.62
N GLU A 495 -5.54 -29.95 -47.01
CA GLU A 495 -4.45 -29.84 -46.06
C GLU A 495 -4.22 -28.40 -45.64
N HIS A 496 -3.63 -28.22 -44.48
CA HIS A 496 -3.35 -26.89 -43.99
C HIS A 496 -2.09 -26.33 -44.59
N GLN A 497 -2.06 -25.02 -44.72
CA GLN A 497 -0.91 -24.31 -45.22
C GLN A 497 -0.38 -23.46 -44.10
N LYS A 498 0.93 -23.24 -44.12
CA LYS A 498 1.57 -22.47 -43.06
C LYS A 498 1.86 -21.04 -43.46
N ILE A 499 1.71 -20.13 -42.51
CA ILE A 499 2.08 -18.75 -42.74
C ILE A 499 2.61 -18.12 -41.48
N LEU A 500 3.66 -17.31 -41.59
CA LEU A 500 4.20 -16.66 -40.40
C LEU A 500 3.34 -15.52 -39.98
N LEU A 501 3.19 -15.33 -38.67
CA LEU A 501 2.33 -14.27 -38.21
C LEU A 501 2.80 -12.91 -38.65
N ASP A 502 4.10 -12.73 -38.84
CA ASP A 502 4.58 -11.44 -39.32
C ASP A 502 3.96 -11.08 -40.65
N ASP A 503 3.78 -12.08 -41.51
CA ASP A 503 3.18 -11.81 -42.80
C ASP A 503 1.70 -11.55 -42.64
N LEU A 504 1.06 -12.24 -41.71
CA LEU A 504 -0.34 -11.90 -41.48
C LEU A 504 -0.47 -10.51 -40.91
N MET A 505 0.50 -10.04 -40.14
CA MET A 505 0.44 -8.68 -39.65
C MET A 505 0.57 -7.71 -40.82
N LYS A 506 1.40 -8.05 -41.80
CA LYS A 506 1.51 -7.23 -42.99
C LYS A 506 0.17 -7.13 -43.70
N LYS A 507 -0.58 -8.23 -43.70
CA LYS A 507 -1.88 -8.24 -44.33
C LYS A 507 -2.93 -7.58 -43.47
N ALA A 508 -2.78 -7.68 -42.15
CA ALA A 508 -3.70 -7.07 -41.21
C ALA A 508 -3.68 -5.57 -41.38
N GLU A 509 -2.51 -5.02 -41.69
CA GLU A 509 -2.37 -3.60 -41.94
C GLU A 509 -3.14 -3.20 -43.19
N GLU A 510 -3.23 -4.11 -44.14
CA GLU A 510 -4.00 -3.86 -45.34
C GLU A 510 -5.50 -3.99 -45.01
N GLY A 511 -5.84 -4.93 -44.12
CA GLY A 511 -7.22 -5.17 -43.69
C GLY A 511 -7.96 -6.10 -44.64
N ASP A 512 -7.24 -6.67 -45.58
CA ASP A 512 -7.77 -7.53 -46.62
C ASP A 512 -8.09 -8.93 -46.15
N LEU A 513 -8.65 -9.71 -47.06
CA LEU A 513 -8.87 -11.11 -46.82
C LEU A 513 -7.60 -11.77 -47.25
N LEU A 514 -7.26 -12.92 -46.70
CA LEU A 514 -6.10 -13.62 -47.20
C LEU A 514 -6.47 -14.14 -48.57
N VAL A 515 -5.74 -13.74 -49.59
CA VAL A 515 -6.10 -14.15 -50.95
C VAL A 515 -5.12 -15.11 -51.55
N ASN A 516 -5.64 -16.21 -52.10
CA ASN A 516 -4.80 -17.18 -52.77
C ASN A 516 -4.24 -16.52 -54.02
N PRO A 517 -2.93 -16.28 -54.07
CA PRO A 517 -2.20 -15.58 -55.13
C PRO A 517 -2.36 -16.22 -56.50
N ASP A 518 -2.70 -17.51 -56.53
CA ASP A 518 -2.87 -18.23 -57.77
C ASP A 518 -4.34 -18.27 -58.18
N GLN A 519 -5.23 -18.23 -57.19
CA GLN A 519 -6.64 -18.26 -57.47
C GLN A 519 -7.47 -17.34 -56.59
N PRO A 520 -7.74 -16.11 -57.06
CA PRO A 520 -8.49 -15.01 -56.43
C PRO A 520 -9.85 -15.43 -55.90
N ARG A 521 -10.44 -16.48 -56.46
CA ARG A 521 -11.72 -16.97 -55.98
C ARG A 521 -11.64 -17.52 -54.55
N LEU A 522 -10.44 -17.89 -54.13
CA LEU A 522 -10.21 -18.46 -52.82
C LEU A 522 -9.69 -17.44 -51.83
N THR A 523 -10.54 -17.03 -50.88
CA THR A 523 -10.13 -16.06 -49.87
C THR A 523 -10.54 -16.47 -48.46
N ILE A 524 -9.80 -15.99 -47.46
CA ILE A 524 -10.10 -16.29 -46.06
C ILE A 524 -10.07 -15.04 -45.19
N PRO A 525 -11.09 -14.76 -44.41
CA PRO A 525 -11.14 -13.70 -43.44
C PRO A 525 -9.98 -13.87 -42.50
N ILE A 526 -9.16 -12.84 -42.35
CA ILE A 526 -8.00 -12.93 -41.48
C ILE A 526 -8.37 -13.31 -40.08
N SER A 527 -9.47 -12.77 -39.59
CA SER A 527 -9.96 -13.07 -38.26
C SER A 527 -10.09 -14.57 -37.99
N GLN A 528 -10.46 -15.37 -38.99
CA GLN A 528 -10.61 -16.80 -38.79
C GLN A 528 -9.28 -17.50 -38.58
N ILE A 529 -8.21 -16.91 -39.07
CA ILE A 529 -6.90 -17.48 -38.94
C ILE A 529 -6.23 -16.94 -37.71
N ALA A 530 -6.43 -15.67 -37.46
CA ALA A 530 -5.76 -15.04 -36.37
C ALA A 530 -6.57 -13.92 -35.75
N PRO A 531 -7.59 -14.26 -34.98
CA PRO A 531 -8.49 -13.40 -34.25
C PRO A 531 -7.83 -12.69 -33.07
N ASP A 532 -6.55 -12.94 -32.86
CA ASP A 532 -5.79 -12.24 -31.85
C ASP A 532 -4.94 -11.14 -32.47
N LEU A 533 -4.84 -11.09 -33.80
CA LEU A 533 -4.11 -10.01 -34.44
C LEU A 533 -5.06 -8.86 -34.57
N ILE A 534 -6.27 -9.18 -34.97
CA ILE A 534 -7.36 -8.23 -34.92
C ILE A 534 -7.94 -8.36 -33.56
N LEU A 535 -8.10 -7.29 -32.83
CA LEU A 535 -8.55 -7.42 -31.45
C LEU A 535 -10.01 -7.85 -31.31
N ALA A 536 -10.28 -9.13 -31.56
CA ALA A 536 -11.62 -9.66 -31.49
C ALA A 536 -11.97 -10.21 -30.12
N ASP A 537 -11.03 -10.19 -29.19
CA ASP A 537 -11.32 -10.70 -27.85
C ASP A 537 -11.51 -9.61 -26.81
N LEU A 538 -11.91 -8.42 -27.26
CA LEU A 538 -12.14 -7.34 -26.31
C LEU A 538 -13.54 -7.46 -25.77
N PRO A 539 -13.77 -6.96 -24.57
CA PRO A 539 -15.06 -6.80 -23.94
C PRO A 539 -15.86 -5.85 -24.81
N ARG A 540 -17.17 -6.03 -24.87
CA ARG A 540 -17.99 -5.18 -25.72
C ARG A 540 -17.88 -3.71 -25.35
N ASN A 541 -17.66 -3.46 -24.07
CA ASN A 541 -17.59 -2.14 -23.54
C ASN A 541 -16.45 -1.32 -24.09
N ILE A 542 -15.39 -1.96 -24.56
CA ILE A 542 -14.27 -1.21 -25.06
C ILE A 542 -14.02 -1.40 -26.54
N MET A 543 -15.02 -1.80 -27.29
CA MET A 543 -14.74 -1.88 -28.71
C MET A 543 -14.86 -0.48 -29.29
N LEU A 544 -13.90 -0.10 -30.11
CA LEU A 544 -13.87 1.25 -30.65
C LEU A 544 -14.91 1.53 -31.69
N ASN A 545 -15.76 2.52 -31.41
CA ASN A 545 -16.76 2.92 -32.38
C ASN A 545 -16.18 4.01 -33.27
N ASN A 546 -15.86 3.65 -34.51
CA ASN A 546 -15.22 4.55 -35.46
C ASN A 546 -16.06 5.73 -35.91
N ASP A 547 -17.33 5.76 -35.55
CA ASP A 547 -18.16 6.91 -35.90
C ASP A 547 -18.18 7.94 -34.79
N GLU A 548 -17.55 7.63 -33.67
CA GLU A 548 -17.50 8.55 -32.54
C GLU A 548 -16.14 9.18 -32.40
N LEU A 549 -15.10 8.38 -32.57
CA LEU A 549 -13.75 8.88 -32.41
C LEU A 549 -13.39 9.91 -33.47
N GLU A 550 -13.05 11.11 -33.03
CA GLU A 550 -12.67 12.18 -33.92
C GLU A 550 -11.32 12.78 -33.56
N PHE A 551 -10.35 12.61 -34.45
CA PHE A 551 -8.98 13.02 -34.15
C PHE A 551 -8.25 13.36 -35.42
N GLU A 552 -7.15 14.10 -35.30
CA GLU A 552 -6.41 14.55 -36.48
C GLU A 552 -4.98 14.02 -36.60
N GLN A 553 -4.35 13.69 -35.48
CA GLN A 553 -2.93 13.34 -35.42
C GLN A 553 -2.06 14.49 -35.88
N ALA A 554 -2.53 15.72 -35.64
CA ALA A 554 -1.78 16.90 -36.02
C ALA A 554 -1.02 17.40 -34.80
N PRO A 555 0.15 18.05 -34.99
CA PRO A 555 1.05 18.62 -33.99
C PRO A 555 0.31 19.46 -32.97
N GLU A 556 -0.72 20.17 -33.44
CA GLU A 556 -1.56 21.00 -32.59
C GLU A 556 -2.23 20.25 -31.45
N PHE A 557 -2.41 18.95 -31.61
CA PHE A 557 -3.07 18.17 -30.59
C PHE A 557 -2.11 17.25 -29.89
N LEU A 558 -0.82 17.42 -30.11
CA LEU A 558 0.13 16.54 -29.47
C LEU A 558 0.22 16.85 -28.00
N LEU A 559 -0.09 15.87 -27.18
CA LEU A 559 -0.04 16.04 -25.74
C LEU A 559 1.29 15.56 -25.19
N GLY A 560 1.90 14.60 -25.85
CA GLY A 560 3.21 14.10 -25.41
C GLY A 560 3.59 12.85 -26.15
N ASP A 561 4.72 12.25 -25.80
CA ASP A 561 5.14 11.02 -26.48
C ASP A 561 5.93 10.10 -25.56
N GLY A 562 6.53 9.07 -26.14
CA GLY A 562 7.35 8.13 -25.39
C GLY A 562 7.81 6.98 -26.27
N SER A 563 8.38 5.94 -25.66
CA SER A 563 8.86 4.80 -26.44
C SER A 563 7.72 4.03 -27.10
N PHE A 564 6.52 4.15 -26.54
CA PHE A 564 5.33 3.53 -27.09
C PHE A 564 4.80 4.24 -28.34
N GLY A 565 5.25 5.47 -28.59
CA GLY A 565 4.74 6.24 -29.72
C GLY A 565 4.34 7.65 -29.30
N SER A 566 3.06 7.99 -29.44
CA SER A 566 2.66 9.35 -29.08
C SER A 566 1.22 9.47 -28.61
N VAL A 567 0.92 10.61 -27.97
CA VAL A 567 -0.40 10.87 -27.41
C VAL A 567 -1.02 12.14 -27.96
N TYR A 568 -2.24 12.02 -28.47
CA TYR A 568 -2.94 13.20 -28.99
C TYR A 568 -4.25 13.47 -28.28
N ARG A 569 -4.68 14.73 -28.32
CA ARG A 569 -5.96 15.11 -27.77
C ARG A 569 -7.04 14.84 -28.81
N ALA A 570 -8.16 14.28 -28.39
CA ALA A 570 -9.22 13.92 -29.33
C ALA A 570 -10.59 13.97 -28.71
N ALA A 571 -11.62 13.78 -29.53
CA ALA A 571 -12.97 13.74 -29.02
C ALA A 571 -13.58 12.37 -29.24
N TYR A 572 -14.34 11.89 -28.27
CA TYR A 572 -15.00 10.60 -28.40
C TYR A 572 -16.33 10.70 -27.72
N GLU A 573 -17.40 10.49 -28.47
CA GLU A 573 -18.74 10.63 -27.92
C GLU A 573 -18.95 11.98 -27.23
N GLY A 574 -18.34 13.03 -27.78
CA GLY A 574 -18.49 14.38 -27.27
C GLY A 574 -17.60 14.71 -26.07
N GLU A 575 -16.71 13.80 -25.67
CA GLU A 575 -15.87 14.06 -24.52
C GLU A 575 -14.39 14.15 -24.87
N GLU A 576 -13.65 14.87 -24.06
CA GLU A 576 -12.21 15.03 -24.27
C GLU A 576 -11.46 13.78 -23.84
N VAL A 577 -10.76 13.18 -24.78
CA VAL A 577 -10.02 11.96 -24.52
C VAL A 577 -8.60 12.05 -25.03
N ALA A 578 -7.75 11.17 -24.55
CA ALA A 578 -6.38 11.12 -25.00
C ALA A 578 -6.18 9.85 -25.78
N VAL A 579 -5.46 9.92 -26.88
CA VAL A 579 -5.27 8.73 -27.69
C VAL A 579 -3.84 8.29 -27.79
N LYS A 580 -3.53 7.13 -27.25
CA LYS A 580 -2.18 6.62 -27.36
C LYS A 580 -2.04 5.88 -28.66
N ILE A 581 -1.02 6.22 -29.44
CA ILE A 581 -0.81 5.57 -30.72
C ILE A 581 0.47 4.80 -30.76
N PHE A 582 0.37 3.52 -31.04
CA PHE A 582 1.57 2.68 -31.11
C PHE A 582 2.21 2.76 -32.48
N ASN A 583 2.84 3.89 -32.72
CA ASN A 583 3.43 4.26 -33.99
C ASN A 583 4.74 3.58 -34.34
N LYS A 584 4.66 2.34 -34.78
CA LYS A 584 5.83 1.57 -35.23
C LYS A 584 6.85 1.34 -34.13
N HIS A 585 6.41 0.72 -33.06
CA HIS A 585 7.29 0.40 -31.95
C HIS A 585 6.97 -0.97 -31.43
N THR A 586 7.40 -2.03 -32.12
CA THR A 586 7.04 -3.40 -31.73
C THR A 586 5.60 -3.51 -31.22
N SER A 587 4.69 -2.99 -32.03
CA SER A 587 3.30 -2.88 -31.71
C SER A 587 2.67 -4.24 -31.65
N LEU A 588 1.40 -4.27 -31.32
CA LEU A 588 0.63 -5.49 -31.11
C LEU A 588 1.03 -6.16 -29.82
N ARG A 589 2.29 -6.54 -29.68
CA ARG A 589 2.67 -7.12 -28.42
C ARG A 589 2.62 -6.10 -27.33
N LEU A 590 3.10 -4.88 -27.59
CA LEU A 590 2.99 -3.89 -26.54
C LEU A 590 1.54 -3.53 -26.30
N LEU A 591 0.77 -3.48 -27.37
CA LEU A 591 -0.61 -3.13 -27.27
C LEU A 591 -1.36 -4.13 -26.42
N ARG A 592 -1.18 -5.41 -26.69
CA ARG A 592 -1.88 -6.40 -25.93
C ARG A 592 -1.42 -6.44 -24.49
N GLN A 593 -0.14 -6.18 -24.22
CA GLN A 593 0.28 -6.15 -22.83
C GLN A 593 -0.43 -5.08 -22.07
N GLU A 594 -0.60 -3.92 -22.69
CA GLU A 594 -1.29 -2.85 -22.04
C GLU A 594 -2.75 -3.18 -21.84
N LEU A 595 -3.37 -3.84 -22.80
CA LEU A 595 -4.76 -4.20 -22.67
C LEU A 595 -5.02 -5.17 -21.54
N VAL A 596 -4.13 -6.14 -21.38
CA VAL A 596 -4.28 -7.11 -20.30
C VAL A 596 -4.20 -6.49 -18.93
N VAL A 597 -3.23 -5.61 -18.74
CA VAL A 597 -3.09 -4.96 -17.45
C VAL A 597 -4.16 -3.95 -17.17
N LEU A 598 -4.51 -3.19 -18.20
CA LEU A 598 -5.41 -2.06 -18.08
C LEU A 598 -6.82 -2.47 -17.75
N CYS A 599 -7.41 -3.38 -18.51
CA CYS A 599 -8.74 -3.81 -18.13
C CYS A 599 -8.54 -4.74 -16.97
N HIS A 600 -9.58 -4.97 -16.17
CA HIS A 600 -9.52 -5.77 -14.92
C HIS A 600 -9.28 -4.85 -13.72
N LEU A 601 -8.70 -3.68 -13.95
CA LEU A 601 -8.52 -2.71 -12.89
C LEU A 601 -9.59 -1.66 -13.08
N HIS A 602 -10.57 -1.65 -12.19
CA HIS A 602 -11.70 -0.76 -12.37
C HIS A 602 -12.00 0.03 -11.12
N HIS A 603 -11.10 0.88 -10.70
CA HIS A 603 -11.32 1.68 -9.53
C HIS A 603 -11.54 3.14 -9.92
N PRO A 604 -12.42 3.88 -9.23
CA PRO A 604 -12.74 5.28 -9.44
C PRO A 604 -11.55 6.20 -9.43
N SER A 605 -10.50 5.86 -8.68
CA SER A 605 -9.32 6.70 -8.62
C SER A 605 -8.30 6.43 -9.71
N LEU A 606 -8.59 5.51 -10.63
CA LEU A 606 -7.65 5.21 -11.72
C LEU A 606 -8.17 5.70 -13.07
N ILE A 607 -7.26 5.90 -14.01
CA ILE A 607 -7.63 6.37 -15.34
C ILE A 607 -8.12 5.20 -16.18
N SER A 608 -9.39 5.20 -16.56
CA SER A 608 -9.91 4.05 -17.30
C SER A 608 -9.73 4.15 -18.80
N LEU A 609 -10.02 3.05 -19.46
CA LEU A 609 -9.93 2.93 -20.90
C LEU A 609 -11.28 3.16 -21.53
N LEU A 610 -11.31 4.02 -22.53
CA LEU A 610 -12.52 4.35 -23.25
C LEU A 610 -12.47 3.84 -24.66
N ALA A 611 -12.29 2.54 -24.81
CA ALA A 611 -12.24 1.79 -26.07
C ALA A 611 -10.87 1.78 -26.73
N ALA A 612 -10.55 0.61 -27.28
CA ALA A 612 -9.30 0.35 -28.00
C ALA A 612 -9.60 -0.08 -29.42
N GLY A 613 -8.67 0.16 -30.34
CA GLY A 613 -8.94 -0.20 -31.74
C GLY A 613 -7.70 -0.51 -32.56
N ILE A 614 -7.67 -1.73 -33.07
CA ILE A 614 -6.55 -2.24 -33.83
C ILE A 614 -6.34 -1.59 -35.19
N ARG A 615 -7.38 -1.06 -35.78
CA ARG A 615 -7.26 -0.47 -37.11
C ARG A 615 -6.10 0.54 -37.23
N PRO A 616 -5.90 1.39 -36.23
CA PRO A 616 -4.72 2.25 -36.23
C PRO A 616 -3.88 2.02 -34.97
N ARG A 617 -4.25 1.00 -34.18
CA ARG A 617 -3.56 0.61 -32.95
C ARG A 617 -3.58 1.70 -31.90
N MET A 618 -4.77 1.93 -31.35
CA MET A 618 -5.00 2.98 -30.38
C MET A 618 -5.61 2.57 -29.07
N LEU A 619 -5.25 3.31 -28.03
CA LEU A 619 -5.94 3.26 -26.76
C LEU A 619 -6.55 4.60 -26.44
N VAL A 620 -7.86 4.68 -26.43
CA VAL A 620 -8.53 5.93 -26.11
C VAL A 620 -8.78 5.98 -24.63
N MET A 621 -8.19 6.94 -23.93
CA MET A 621 -8.33 6.99 -22.47
C MET A 621 -8.86 8.33 -21.97
N GLU A 622 -9.33 8.35 -20.74
CA GLU A 622 -9.86 9.58 -20.15
C GLU A 622 -8.84 10.70 -20.11
N LEU A 623 -9.21 11.90 -20.55
CA LEU A 623 -8.30 13.04 -20.39
C LEU A 623 -8.68 13.95 -19.23
N ALA A 624 -7.73 14.22 -18.34
CA ALA A 624 -7.95 15.10 -17.20
C ALA A 624 -8.21 16.52 -17.66
N SER A 625 -9.13 17.21 -16.99
CA SER A 625 -9.47 18.55 -17.40
C SER A 625 -8.73 19.66 -16.67
N LYS A 626 -8.28 19.40 -15.44
CA LYS A 626 -7.58 20.45 -14.71
C LYS A 626 -6.08 20.28 -14.73
N GLY A 627 -5.61 19.19 -15.32
CA GLY A 627 -4.18 18.94 -15.42
C GLY A 627 -3.61 18.26 -14.19
N SER A 628 -2.29 18.24 -14.12
CA SER A 628 -1.57 17.58 -13.06
C SER A 628 -1.32 18.44 -11.83
N LEU A 629 -1.27 17.78 -10.68
CA LEU A 629 -1.08 18.40 -9.38
C LEU A 629 0.11 19.31 -9.31
N ASP A 630 1.27 18.83 -9.75
CA ASP A 630 2.48 19.64 -9.76
C ASP A 630 2.23 21.08 -10.24
N ARG A 631 1.55 21.22 -11.38
CA ARG A 631 1.26 22.54 -11.91
C ARG A 631 0.39 23.31 -10.96
N LEU A 632 -0.66 22.69 -10.44
CA LEU A 632 -1.52 23.36 -9.50
C LEU A 632 -0.77 23.87 -8.29
N LEU A 633 0.13 23.05 -7.78
CA LEU A 633 0.91 23.44 -6.62
C LEU A 633 1.71 24.69 -6.90
N GLN A 634 2.30 24.78 -8.08
CA GLN A 634 3.08 25.94 -8.42
C GLN A 634 2.30 27.09 -9.03
N GLN A 635 1.05 26.86 -9.44
CA GLN A 635 0.32 27.92 -10.11
C GLN A 635 -0.90 28.49 -9.38
N ASP A 636 -1.52 27.76 -8.47
CA ASP A 636 -2.68 28.36 -7.82
C ASP A 636 -3.03 27.86 -6.42
N LYS A 637 -2.35 28.46 -5.44
CA LYS A 637 -2.57 28.15 -4.04
C LYS A 637 -3.97 28.54 -3.57
N ALA A 638 -4.59 29.50 -4.24
CA ALA A 638 -5.93 29.92 -3.89
C ALA A 638 -6.93 28.78 -4.06
N SER A 639 -6.70 27.91 -5.04
CA SER A 639 -7.58 26.78 -5.23
C SER A 639 -7.33 25.74 -4.16
N LEU A 640 -6.07 25.60 -3.76
CA LEU A 640 -5.67 24.64 -2.74
C LEU A 640 -6.13 24.99 -1.33
N THR A 641 -7.42 24.82 -1.07
CA THR A 641 -7.96 25.07 0.25
C THR A 641 -7.77 23.85 1.10
N ARG A 642 -7.98 23.99 2.39
CA ARG A 642 -7.81 22.89 3.31
C ARG A 642 -8.74 21.74 2.97
N THR A 643 -9.96 22.06 2.53
CA THR A 643 -10.93 21.06 2.13
C THR A 643 -10.47 20.31 0.90
N LEU A 644 -10.02 21.05 -0.11
CA LEU A 644 -9.58 20.41 -1.34
C LEU A 644 -8.41 19.49 -1.08
N GLN A 645 -7.46 19.96 -0.29
CA GLN A 645 -6.27 19.19 0.04
C GLN A 645 -6.62 17.86 0.65
N HIS A 646 -7.54 17.87 1.60
CA HIS A 646 -7.94 16.62 2.20
C HIS A 646 -8.54 15.65 1.22
N ARG A 647 -9.42 16.13 0.36
CA ARG A 647 -10.06 15.23 -0.58
C ARG A 647 -9.07 14.61 -1.54
N ILE A 648 -8.06 15.39 -1.96
CA ILE A 648 -7.05 14.84 -2.83
C ILE A 648 -6.32 13.71 -2.15
N ALA A 649 -5.98 13.89 -0.89
CA ALA A 649 -5.29 12.84 -0.15
C ALA A 649 -6.12 11.56 -0.10
N LEU A 650 -7.44 11.68 0.06
CA LEU A 650 -8.26 10.47 0.06
C LEU A 650 -8.24 9.72 -1.23
N HIS A 651 -8.35 10.45 -2.33
CA HIS A 651 -8.46 9.80 -3.61
C HIS A 651 -7.19 9.08 -3.97
N VAL A 652 -6.05 9.65 -3.64
CA VAL A 652 -4.80 8.97 -3.92
C VAL A 652 -4.66 7.73 -3.07
N ALA A 653 -5.02 7.83 -1.79
CA ALA A 653 -4.91 6.69 -0.90
C ALA A 653 -5.74 5.52 -1.38
N ASP A 654 -6.95 5.78 -1.89
CA ASP A 654 -7.75 4.69 -2.43
C ASP A 654 -7.07 3.96 -3.54
N GLY A 655 -6.48 4.71 -4.46
CA GLY A 655 -5.81 4.08 -5.58
C GLY A 655 -4.72 3.16 -5.11
N LEU A 656 -3.94 3.61 -4.14
CA LEU A 656 -2.88 2.79 -3.63
C LEU A 656 -3.37 1.55 -2.95
N ARG A 657 -4.46 1.66 -2.20
CA ARG A 657 -4.98 0.49 -1.53
C ARG A 657 -5.41 -0.54 -2.54
N TYR A 658 -6.09 -0.08 -3.58
CA TYR A 658 -6.59 -0.95 -4.62
C TYR A 658 -5.47 -1.66 -5.35
N LEU A 659 -4.49 -0.90 -5.82
CA LEU A 659 -3.39 -1.49 -6.56
C LEU A 659 -2.58 -2.45 -5.71
N HIS A 660 -2.43 -2.16 -4.43
CA HIS A 660 -1.72 -3.07 -3.57
C HIS A 660 -2.50 -4.35 -3.38
N SER A 661 -3.83 -4.27 -3.30
CA SER A 661 -4.61 -5.49 -3.18
C SER A 661 -4.55 -6.28 -4.48
N ALA A 662 -4.26 -5.59 -5.57
CA ALA A 662 -4.09 -6.22 -6.88
C ALA A 662 -2.65 -6.69 -7.11
N MET A 663 -1.81 -6.68 -6.08
CA MET A 663 -0.41 -7.10 -6.16
C MET A 663 0.44 -6.28 -7.14
N ILE A 664 0.10 -5.01 -7.31
CA ILE A 664 0.83 -4.13 -8.21
C ILE A 664 1.56 -3.05 -7.45
N ILE A 665 2.86 -2.93 -7.68
CA ILE A 665 3.63 -1.89 -7.02
C ILE A 665 3.74 -0.71 -7.97
N TYR A 666 3.35 0.47 -7.51
CA TYR A 666 3.31 1.63 -8.40
C TYR A 666 4.71 2.17 -8.66
N ARG A 667 5.48 2.39 -7.59
CA ARG A 667 6.84 2.87 -7.66
C ARG A 667 7.03 4.24 -8.31
N ASP A 668 6.02 5.10 -8.30
CA ASP A 668 6.23 6.39 -8.95
C ASP A 668 5.36 7.52 -8.40
N LEU A 669 5.11 7.55 -7.10
CA LEU A 669 4.24 8.59 -6.57
C LEU A 669 4.91 9.94 -6.44
N LYS A 670 4.58 10.80 -7.37
CA LYS A 670 5.04 12.16 -7.33
C LYS A 670 3.93 13.03 -7.89
N PRO A 671 3.90 14.33 -7.60
CA PRO A 671 2.92 15.33 -8.03
C PRO A 671 2.68 15.35 -9.53
N HIS A 672 3.65 14.87 -10.28
CA HIS A 672 3.57 14.84 -11.73
C HIS A 672 2.62 13.74 -12.21
N ASN A 673 2.31 12.79 -11.33
CA ASN A 673 1.46 11.66 -11.65
C ASN A 673 0.02 11.80 -11.14
N VAL A 674 -0.29 12.90 -10.46
CA VAL A 674 -1.63 13.04 -9.90
C VAL A 674 -2.47 13.93 -10.79
N LEU A 675 -3.57 13.40 -11.30
CA LEU A 675 -4.39 14.19 -12.20
C LEU A 675 -5.65 14.69 -11.56
N LEU A 676 -6.02 15.92 -11.88
CA LEU A 676 -7.22 16.51 -11.32
C LEU A 676 -8.31 16.68 -12.37
N PHE A 677 -9.52 16.32 -12.00
CA PHE A 677 -10.68 16.38 -12.88
C PHE A 677 -11.71 17.43 -12.52
N THR A 678 -11.34 18.36 -11.66
CA THR A 678 -12.20 19.44 -11.18
C THR A 678 -11.71 19.92 -9.86
N LEU A 679 -11.61 21.22 -9.73
CA LEU A 679 -11.14 21.77 -8.48
C LEU A 679 -12.28 21.99 -7.50
N TYR A 680 -13.53 21.79 -7.94
CA TYR A 680 -14.68 21.93 -7.06
C TYR A 680 -14.58 20.97 -5.88
N PRO A 681 -14.34 21.47 -4.67
CA PRO A 681 -14.12 20.74 -3.43
C PRO A 681 -15.14 19.65 -3.15
N ASN A 682 -16.39 19.90 -3.46
CA ASN A 682 -17.40 18.90 -3.17
C ASN A 682 -17.83 18.10 -4.40
N ALA A 683 -16.89 17.40 -5.01
CA ALA A 683 -17.19 16.58 -6.17
C ALA A 683 -16.97 15.13 -5.86
N ALA A 684 -17.66 14.24 -6.57
CA ALA A 684 -17.52 12.80 -6.32
C ALA A 684 -16.13 12.31 -6.65
N ILE A 685 -15.56 12.77 -7.77
CA ILE A 685 -14.22 12.36 -8.14
C ILE A 685 -13.36 13.55 -8.47
N ILE A 686 -12.23 13.69 -7.79
CA ILE A 686 -11.35 14.80 -8.00
C ILE A 686 -9.99 14.38 -8.49
N ALA A 687 -9.35 13.47 -7.77
CA ALA A 687 -8.00 13.10 -8.20
C ALA A 687 -7.91 11.67 -8.67
N LYS A 688 -7.06 11.43 -9.67
CA LYS A 688 -6.82 10.07 -10.16
C LYS A 688 -5.33 9.82 -10.37
N ILE A 689 -4.92 8.55 -10.31
CA ILE A 689 -3.53 8.18 -10.51
C ILE A 689 -3.27 7.77 -11.96
N ALA A 690 -2.31 8.44 -12.59
CA ALA A 690 -1.99 8.21 -13.99
C ALA A 690 -1.07 7.02 -14.26
N ASP A 691 -1.27 6.38 -15.42
CA ASP A 691 -0.44 5.30 -15.96
C ASP A 691 -0.01 4.23 -14.98
N TYR A 692 -0.97 3.70 -14.24
CA TYR A 692 -0.75 2.64 -13.27
C TYR A 692 -0.53 1.30 -13.92
N GLY A 693 0.10 0.39 -13.19
CA GLY A 693 0.39 -0.94 -13.70
C GLY A 693 1.87 -1.27 -13.53
N PRO A 710 12.98 8.82 -9.12
CA PRO A 710 13.82 9.99 -9.40
C PRO A 710 14.30 10.44 -8.02
N GLY A 711 14.36 11.75 -7.81
CA GLY A 711 14.63 12.16 -6.43
C GLY A 711 13.28 12.31 -5.72
N PHE A 712 12.67 11.17 -5.30
CA PHE A 712 11.36 10.98 -4.60
C PHE A 712 11.28 9.55 -4.06
N ARG A 713 12.40 8.82 -3.96
CA ARG A 713 12.61 7.41 -3.61
C ARG A 713 12.66 7.11 -2.14
N ALA A 714 12.17 5.95 -1.76
CA ALA A 714 12.33 5.46 -0.41
C ALA A 714 13.83 5.26 -0.24
N PRO A 715 14.46 5.55 1.03
CA PRO A 715 15.87 5.40 1.36
C PRO A 715 16.29 3.94 1.30
N GLU A 716 15.37 3.06 1.47
CA GLU A 716 15.63 1.65 1.41
C GLU A 716 15.89 1.21 -0.03
N VAL A 717 14.95 1.52 -0.93
CA VAL A 717 15.13 1.15 -2.32
C VAL A 717 16.12 2.05 -3.01
N ALA A 718 16.36 3.23 -2.45
CA ALA A 718 17.37 4.14 -2.96
C ALA A 718 18.77 3.54 -2.88
N ARG A 719 18.96 2.51 -2.05
CA ARG A 719 20.25 1.84 -1.93
C ARG A 719 20.60 1.10 -3.21
N GLY A 720 19.59 0.69 -3.97
CA GLY A 720 19.82 -0.02 -5.22
C GLY A 720 20.23 -1.47 -5.00
N ASN A 721 19.82 -2.04 -3.87
CA ASN A 721 20.20 -3.41 -3.56
C ASN A 721 19.10 -4.21 -2.87
N VAL A 722 17.87 -3.71 -2.96
CA VAL A 722 16.71 -4.40 -2.40
C VAL A 722 15.59 -4.48 -3.43
N ILE A 723 14.47 -5.08 -3.03
CA ILE A 723 13.32 -5.26 -3.89
C ILE A 723 12.14 -4.39 -3.47
N TYR A 724 11.48 -3.79 -4.45
CA TYR A 724 10.32 -2.93 -4.19
C TYR A 724 9.14 -3.70 -3.65
N ASN A 725 8.40 -3.06 -2.78
CA ASN A 725 7.19 -3.62 -2.23
C ASN A 725 6.30 -2.50 -1.75
N GLN A 726 5.14 -2.86 -1.23
CA GLN A 726 4.16 -1.87 -0.79
C GLN A 726 4.70 -0.82 0.16
N GLN A 727 5.74 -1.16 0.93
CA GLN A 727 6.24 -0.23 1.91
C GLN A 727 7.00 0.89 1.23
N ALA A 728 7.53 0.62 0.03
CA ALA A 728 8.21 1.64 -0.73
C ALA A 728 7.18 2.63 -1.20
N ASP A 729 6.03 2.13 -1.66
CA ASP A 729 4.97 3.03 -2.09
C ASP A 729 4.44 3.84 -0.93
N VAL A 730 4.30 3.23 0.23
CA VAL A 730 3.82 3.97 1.38
C VAL A 730 4.73 5.12 1.71
N TYR A 731 6.02 4.87 1.72
CA TYR A 731 6.97 5.93 2.00
C TYR A 731 6.81 7.04 0.99
N SER A 732 6.71 6.66 -0.27
CA SER A 732 6.55 7.64 -1.33
C SER A 732 5.29 8.46 -1.12
N PHE A 733 4.21 7.81 -0.70
CA PHE A 733 2.96 8.49 -0.38
C PHE A 733 3.16 9.52 0.68
N GLY A 734 3.86 9.15 1.75
CA GLY A 734 4.11 10.09 2.83
C GLY A 734 4.76 11.35 2.30
N LEU A 735 5.72 11.20 1.39
CA LEU A 735 6.35 12.36 0.83
C LEU A 735 5.36 13.18 0.04
N LEU A 736 4.45 12.54 -0.68
CA LEU A 736 3.41 13.26 -1.41
C LEU A 736 2.58 14.08 -0.46
N LEU A 737 2.18 13.47 0.65
CA LEU A 737 1.38 14.16 1.65
C LEU A 737 2.12 15.36 2.20
N TYR A 738 3.41 15.21 2.47
CA TYR A 738 4.26 16.30 2.94
C TYR A 738 4.22 17.42 1.91
N ASP A 739 4.32 17.06 0.64
CA ASP A 739 4.26 18.02 -0.44
C ASP A 739 2.91 18.72 -0.53
N ILE A 740 1.84 18.00 -0.22
CA ILE A 740 0.52 18.61 -0.21
C ILE A 740 0.39 19.57 0.95
N LEU A 741 0.86 19.14 2.11
CA LEU A 741 0.80 19.95 3.32
C LEU A 741 1.45 21.30 3.10
N THR A 742 2.66 21.30 2.56
CA THR A 742 3.29 22.55 2.23
C THR A 742 2.97 22.87 0.80
N THR A 743 1.92 23.67 0.59
CA THR A 743 1.43 23.95 -0.75
C THR A 743 2.42 24.66 -1.64
N GLY A 744 3.44 25.27 -1.05
CA GLY A 744 4.49 25.91 -1.83
C GLY A 744 5.32 24.89 -2.58
N GLY A 745 5.29 23.62 -2.16
CA GLY A 745 6.07 22.61 -2.82
C GLY A 745 7.52 22.91 -2.52
N ARG A 746 7.80 23.27 -1.28
CA ARG A 746 9.12 23.71 -0.92
C ARG A 746 10.18 22.64 -1.08
N ILE A 747 9.84 21.39 -0.82
CA ILE A 747 10.84 20.38 -1.03
C ILE A 747 10.99 20.17 -2.54
N VAL A 748 9.90 20.41 -3.29
CA VAL A 748 9.92 20.31 -4.74
C VAL A 748 10.78 21.40 -5.31
N GLU A 749 10.77 22.57 -4.68
CA GLU A 749 11.64 23.64 -5.09
C GLU A 749 13.08 23.25 -4.78
N GLY A 750 13.28 22.48 -3.71
CA GLY A 750 14.58 21.93 -3.35
C GLY A 750 15.19 21.09 -4.47
N LEU A 751 14.33 20.44 -5.29
CA LEU A 751 14.76 19.67 -6.49
C LEU A 751 15.73 20.41 -7.38
N LYS A 752 15.58 21.73 -7.45
CA LYS A 752 16.44 22.61 -8.25
C LYS A 752 17.91 22.53 -7.81
N PHE A 753 18.15 21.99 -6.61
CA PHE A 753 19.47 21.76 -6.07
C PHE A 753 19.51 20.29 -5.66
N PRO A 754 19.43 19.38 -6.65
CA PRO A 754 19.26 17.92 -6.55
C PRO A 754 20.31 17.22 -5.70
N ASN A 755 21.48 17.83 -5.57
CA ASN A 755 22.56 17.29 -4.78
C ASN A 755 22.19 17.26 -3.31
N GLU A 756 21.33 18.18 -2.89
CA GLU A 756 20.88 18.23 -1.53
C GLU A 756 19.56 17.52 -1.40
N PHE A 757 18.72 17.67 -2.41
CA PHE A 757 17.36 17.12 -2.44
C PHE A 757 17.29 15.60 -2.34
N ASP A 758 18.01 14.90 -3.21
CA ASP A 758 17.98 13.44 -3.17
C ASP A 758 18.58 12.93 -1.87
N GLU A 759 19.66 13.56 -1.42
CA GLU A 759 20.32 13.15 -0.20
C GLU A 759 19.45 13.43 1.00
N LEU A 760 18.74 14.55 0.99
CA LEU A 760 17.83 14.89 2.06
C LEU A 760 16.82 13.80 2.30
N GLU A 761 16.20 13.32 1.21
CA GLU A 761 15.23 12.26 1.34
C GLU A 761 15.87 10.98 1.86
N ILE A 762 17.10 10.70 1.39
CA ILE A 762 17.87 9.56 1.89
C ILE A 762 18.15 9.67 3.39
N GLN A 763 18.53 10.87 3.83
CA GLN A 763 18.78 11.11 5.24
C GLN A 763 17.51 10.95 6.05
N GLY A 764 16.38 11.37 5.48
CA GLY A 764 15.09 11.28 6.15
C GLY A 764 14.93 12.42 7.14
N LYS A 765 15.86 13.36 7.12
CA LYS A 765 15.88 14.45 8.07
C LYS A 765 15.14 15.64 7.54
N LEU A 766 13.84 15.50 7.42
CA LEU A 766 13.02 16.58 6.90
C LEU A 766 12.72 17.56 8.01
N PRO A 767 12.65 18.84 7.70
CA PRO A 767 12.36 19.95 8.57
C PRO A 767 10.88 20.00 8.90
N ASP A 768 10.57 20.62 10.03
CA ASP A 768 9.21 20.76 10.49
C ASP A 768 8.42 21.59 9.51
N PRO A 769 7.43 21.01 8.84
CA PRO A 769 6.63 21.62 7.78
C PRO A 769 5.93 22.90 8.21
N VAL A 770 5.70 23.07 9.50
CA VAL A 770 5.07 24.26 10.00
C VAL A 770 6.07 25.34 10.23
N LYS A 771 7.03 25.05 11.10
CA LYS A 771 8.05 26.00 11.48
C LYS A 771 8.93 26.41 10.32
N GLU A 772 9.36 25.44 9.53
CA GLU A 772 10.26 25.69 8.44
C GLU A 772 9.66 26.43 7.27
N TYR A 773 8.40 26.16 6.96
CA TYR A 773 7.85 26.80 5.77
C TYR A 773 6.80 27.84 6.09
N GLY A 774 6.43 27.97 7.36
CA GLY A 774 5.42 28.95 7.74
C GLY A 774 4.04 28.44 7.34
N CYS A 775 3.83 27.14 7.53
CA CYS A 775 2.59 26.51 7.12
C CYS A 775 1.62 26.40 8.28
N ALA A 776 0.38 26.82 8.08
CA ALA A 776 -0.61 26.78 9.14
C ALA A 776 -0.73 25.35 9.68
N PRO A 777 -0.77 25.16 10.99
CA PRO A 777 -0.82 23.90 11.72
C PRO A 777 -1.91 22.99 11.22
N TRP A 778 -1.59 21.71 11.18
CA TRP A 778 -2.53 20.70 10.78
C TRP A 778 -2.18 19.39 11.45
N PRO A 779 -2.33 19.32 12.76
CA PRO A 779 -2.04 18.15 13.59
C PRO A 779 -2.84 17.01 13.03
N MET A 780 -2.58 15.80 13.51
CA MET A 780 -3.16 14.59 12.93
C MET A 780 -2.42 14.27 11.62
N VAL A 781 -2.53 15.15 10.61
CA VAL A 781 -1.76 14.98 9.39
C VAL A 781 -0.29 15.06 9.68
N GLU A 782 0.10 16.02 10.50
CA GLU A 782 1.51 16.15 10.83
C GLU A 782 2.05 14.88 11.44
N LYS A 783 1.31 14.26 12.35
CA LYS A 783 1.85 13.05 12.92
C LYS A 783 1.70 11.89 11.96
N LEU A 784 0.73 11.95 11.05
CA LEU A 784 0.61 10.91 10.05
C LEU A 784 1.83 10.84 9.20
N ILE A 785 2.31 11.99 8.75
CA ILE A 785 3.51 12.04 7.96
C ILE A 785 4.68 11.47 8.73
N LYS A 786 4.80 11.84 10.00
CA LYS A 786 5.88 11.29 10.80
C LYS A 786 5.78 9.78 10.95
N GLN A 787 4.57 9.28 11.13
CA GLN A 787 4.34 7.85 11.25
C GLN A 787 4.62 7.14 9.95
N CYS A 788 4.25 7.76 8.86
CA CYS A 788 4.47 7.20 7.55
C CYS A 788 5.93 7.11 7.19
N LEU A 789 6.64 8.23 7.31
CA LEU A 789 8.03 8.26 6.87
C LEU A 789 9.01 7.76 7.92
N LYS A 790 8.96 6.47 8.18
CA LYS A 790 9.91 5.84 9.10
C LYS A 790 10.97 5.16 8.29
N GLU A 791 12.14 4.99 8.88
CA GLU A 791 13.25 4.36 8.20
C GLU A 791 13.04 2.88 7.96
N ASN A 792 12.52 2.20 8.96
CA ASN A 792 12.29 0.76 8.92
C ASN A 792 10.97 0.38 8.22
N PRO A 793 11.03 -0.30 7.07
CA PRO A 793 9.91 -0.79 6.26
C PRO A 793 8.88 -1.56 7.05
N GLN A 794 9.29 -2.24 8.09
CA GLN A 794 8.35 -3.01 8.86
C GLN A 794 7.62 -2.16 9.87
N GLU A 795 8.12 -0.97 10.13
CA GLU A 795 7.49 -0.05 11.04
C GLU A 795 6.49 0.84 10.32
N ARG A 796 6.69 1.01 9.01
CA ARG A 796 5.78 1.87 8.28
C ARG A 796 4.39 1.22 8.13
N PRO A 797 3.31 2.02 8.22
CA PRO A 797 1.89 1.69 8.09
C PRO A 797 1.57 1.04 6.77
N THR A 798 0.57 0.18 6.73
CA THR A 798 0.17 -0.39 5.45
C THR A 798 -0.70 0.61 4.76
N SER A 799 -0.84 0.47 3.45
CA SER A 799 -1.64 1.42 2.70
C SER A 799 -3.11 1.36 3.05
N ALA A 800 -3.58 0.21 3.51
CA ALA A 800 -4.94 0.10 3.96
C ALA A 800 -5.14 0.97 5.20
N GLN A 801 -4.18 0.90 6.12
CA GLN A 801 -4.22 1.68 7.32
C GLN A 801 -4.13 3.15 7.05
N VAL A 802 -3.30 3.53 6.08
CA VAL A 802 -3.16 4.93 5.73
C VAL A 802 -4.49 5.49 5.32
N PHE A 803 -5.21 4.75 4.50
CA PHE A 803 -6.53 5.19 4.10
C PHE A 803 -7.44 5.34 5.29
N ASP A 804 -7.50 4.33 6.14
CA ASP A 804 -8.36 4.39 7.31
C ASP A 804 -8.10 5.63 8.14
N ILE A 805 -6.83 6.01 8.27
CA ILE A 805 -6.49 7.21 8.99
C ILE A 805 -7.02 8.43 8.29
N LEU A 806 -6.88 8.48 6.98
CA LEU A 806 -7.37 9.63 6.22
C LEU A 806 -8.88 9.72 6.27
N ASN A 807 -9.54 8.58 6.41
CA ASN A 807 -10.98 8.54 6.54
C ASN A 807 -11.43 9.00 7.92
N SER A 808 -11.46 10.31 8.13
CA SER A 808 -11.82 10.87 9.44
C SER A 808 -12.23 12.31 9.44
N ALA A 809 -13.38 12.59 10.02
CA ALA A 809 -13.84 13.95 10.13
C ALA A 809 -12.97 14.72 11.10
N GLU A 810 -12.50 14.03 12.14
CA GLU A 810 -11.64 14.63 13.14
C GLU A 810 -10.35 15.11 12.51
N LEU A 811 -9.84 14.31 11.58
CA LEU A 811 -8.65 14.66 10.83
C LEU A 811 -8.80 16.00 10.16
N VAL A 812 -9.95 16.18 9.53
CA VAL A 812 -10.23 17.40 8.83
C VAL A 812 -10.44 18.60 9.74
N CYS A 813 -11.24 18.43 10.79
CA CYS A 813 -11.63 19.57 11.62
C CYS A 813 -10.75 19.89 12.81
N LEU A 814 -9.89 19.00 13.24
CA LEU A 814 -9.00 19.41 14.30
C LEU A 814 -8.02 20.39 13.76
N THR A 815 -7.89 21.55 14.38
CA THR A 815 -6.99 22.52 13.82
C THR A 815 -5.76 22.71 14.65
N ARG A 816 -5.91 22.76 15.96
CA ARG A 816 -4.73 22.97 16.79
C ARG A 816 -4.80 22.23 18.11
N ARG A 817 -3.65 21.95 18.67
CA ARG A 817 -3.60 21.31 19.98
C ARG A 817 -2.43 21.84 20.75
N ILE A 818 -2.70 22.49 21.87
CA ILE A 818 -1.65 23.07 22.67
C ILE A 818 -1.55 22.40 24.00
N LEU A 819 -0.40 21.84 24.30
CA LEU A 819 -0.23 21.22 25.59
C LEU A 819 0.16 22.27 26.60
N LEU A 820 -0.34 22.13 27.81
CA LEU A 820 0.03 23.05 28.87
C LEU A 820 1.19 22.45 29.65
N PRO A 821 1.95 23.25 30.39
CA PRO A 821 3.07 22.84 31.20
C PRO A 821 2.62 21.79 32.19
N LYS A 822 3.50 20.86 32.49
CA LYS A 822 3.18 19.74 33.37
C LYS A 822 2.71 20.21 34.74
N ASN A 823 1.64 19.59 35.22
CA ASN A 823 1.04 19.91 36.51
C ASN A 823 0.45 21.30 36.56
N VAL A 824 -0.21 21.68 35.48
CA VAL A 824 -0.95 22.93 35.45
C VAL A 824 -2.41 22.62 35.24
N ILE A 825 -3.22 23.05 36.17
CA ILE A 825 -4.64 22.78 36.12
C ILE A 825 -5.42 24.06 36.02
N VAL A 826 -6.10 24.22 34.90
CA VAL A 826 -6.90 25.38 34.62
C VAL A 826 -8.37 25.10 34.83
N GLU A 827 -9.00 25.85 35.70
CA GLU A 827 -10.40 25.64 36.00
C GLU A 827 -11.37 26.61 35.31
N CYS A 828 -10.86 27.54 34.53
CA CYS A 828 -11.72 28.49 33.82
C CYS A 828 -10.99 29.20 32.69
N MET A 829 -11.75 29.71 31.72
CA MET A 829 -11.17 30.33 30.53
C MET A 829 -11.89 31.57 30.04
N VAL A 830 -11.14 32.56 29.61
CA VAL A 830 -11.73 33.72 28.94
C VAL A 830 -10.99 34.08 27.68
N ALA A 831 -11.58 33.81 26.54
CA ALA A 831 -10.95 34.18 25.29
C ALA A 831 -11.22 35.65 25.02
N THR A 832 -10.26 36.35 24.44
CA THR A 832 -10.50 37.75 24.13
C THR A 832 -11.11 37.91 22.76
N HIS A 833 -12.35 38.40 22.72
CA HIS A 833 -13.05 38.57 21.45
C HIS A 833 -12.57 39.81 20.73
N HIS A 834 -11.51 39.64 19.97
CA HIS A 834 -10.93 40.75 19.26
C HIS A 834 -10.07 40.21 18.09
N ALA A 839 -5.32 37.52 19.88
CA ALA A 839 -5.70 36.10 19.82
C ALA A 839 -5.07 35.36 20.99
N SER A 840 -5.65 35.55 22.17
CA SER A 840 -5.12 34.97 23.39
C SER A 840 -6.21 34.63 24.38
N ILE A 841 -5.86 33.78 25.34
CA ILE A 841 -6.81 33.28 26.32
C ILE A 841 -6.34 33.45 27.76
N TRP A 842 -7.20 34.00 28.61
CA TRP A 842 -6.88 34.10 30.01
C TRP A 842 -7.25 32.81 30.70
N LEU A 843 -6.34 32.27 31.47
CA LEU A 843 -6.58 30.99 32.11
C LEU A 843 -6.55 31.10 33.62
N GLY A 844 -7.44 30.40 34.29
CA GLY A 844 -7.39 30.37 35.75
C GLY A 844 -6.42 29.28 36.17
N CYS A 845 -6.35 28.98 37.46
CA CYS A 845 -5.48 27.91 37.88
C CYS A 845 -5.93 27.28 39.18
N GLY A 846 -6.44 26.06 39.08
CA GLY A 846 -6.91 25.33 40.25
C GLY A 846 -5.88 24.32 40.76
N HIS A 847 -4.71 24.28 40.14
CA HIS A 847 -3.66 23.37 40.60
C HIS A 847 -3.19 23.72 42.00
N THR A 848 -2.86 24.98 42.21
CA THR A 848 -2.38 25.38 43.52
C THR A 848 -3.57 25.85 44.33
N ASP A 849 -3.31 26.24 45.55
CA ASP A 849 -4.35 26.78 46.40
C ASP A 849 -4.20 28.29 46.52
N ARG A 850 -3.55 28.90 45.52
CA ARG A 850 -3.34 30.33 45.52
C ARG A 850 -3.88 30.96 44.25
N GLY A 851 -4.43 32.15 44.39
CA GLY A 851 -4.96 32.89 43.24
C GLY A 851 -3.91 33.13 42.17
N GLN A 852 -3.78 32.18 41.25
CA GLN A 852 -2.80 32.30 40.18
C GLN A 852 -3.47 32.43 38.82
N LEU A 853 -3.08 33.46 38.09
CA LEU A 853 -3.66 33.77 36.79
C LEU A 853 -2.68 33.54 35.67
N SER A 854 -3.05 32.71 34.70
CA SER A 854 -2.16 32.38 33.60
C SER A 854 -2.62 32.99 32.30
N PHE A 855 -1.75 32.96 31.30
CA PHE A 855 -2.08 33.57 30.03
C PHE A 855 -1.44 32.88 28.84
N LEU A 856 -2.29 32.51 27.87
CA LEU A 856 -1.88 31.80 26.68
C LEU A 856 -1.97 32.62 25.41
N ASP A 857 -0.86 32.69 24.68
CA ASP A 857 -0.81 33.40 23.40
C ASP A 857 -0.96 32.45 22.24
N LEU A 858 -2.12 32.44 21.60
CA LEU A 858 -2.36 31.50 20.52
C LEU A 858 -1.50 31.77 19.28
N ASN A 859 -1.00 32.99 19.14
CA ASN A 859 -0.17 33.33 18.00
C ASN A 859 1.20 32.68 18.04
N THR A 860 1.70 32.44 19.24
CA THR A 860 3.05 31.91 19.39
C THR A 860 3.07 30.70 20.31
N GLU A 861 1.90 30.34 20.84
CA GLU A 861 1.77 29.28 21.84
C GLU A 861 2.64 29.63 23.02
N GLY A 862 2.63 30.92 23.38
CA GLY A 862 3.41 31.42 24.49
C GLY A 862 2.65 31.22 25.77
N TYR A 863 3.35 31.15 26.88
CA TYR A 863 2.67 30.92 28.14
C TYR A 863 3.34 31.56 29.31
N THR A 864 2.56 32.28 30.09
CA THR A 864 3.07 32.89 31.30
C THR A 864 2.07 32.71 32.41
N SER A 865 2.42 33.18 33.59
CA SER A 865 1.57 33.01 34.74
C SER A 865 2.07 33.77 35.96
N GLU A 866 1.16 34.35 36.72
CA GLU A 866 1.54 35.10 37.91
C GLU A 866 0.49 35.01 38.99
N GLU A 867 0.91 35.12 40.24
CA GLU A 867 -0.03 35.09 41.33
C GLU A 867 -0.65 36.46 41.49
N VAL A 868 -1.97 36.52 41.48
CA VAL A 868 -2.67 37.80 41.57
C VAL A 868 -3.59 37.92 42.77
N ALA A 869 -3.86 36.81 43.44
CA ALA A 869 -4.77 36.87 44.57
C ALA A 869 -4.45 35.82 45.58
N ASP A 870 -5.08 35.92 46.75
CA ASP A 870 -4.84 34.98 47.81
C ASP A 870 -5.52 33.65 47.58
N SER A 871 -6.85 33.64 47.64
CA SER A 871 -7.60 32.41 47.46
C SER A 871 -7.69 32.01 46.00
N ARG A 872 -8.17 30.80 45.74
CA ARG A 872 -8.21 30.26 44.39
C ARG A 872 -9.20 30.95 43.49
N ILE A 873 -8.77 31.28 42.27
CA ILE A 873 -9.64 31.93 41.30
C ILE A 873 -10.66 30.95 40.80
N LEU A 874 -11.91 31.31 40.90
CA LEU A 874 -12.96 30.41 40.46
C LEU A 874 -13.56 30.81 39.13
N CYS A 875 -13.80 32.11 38.93
CA CYS A 875 -14.39 32.54 37.68
C CYS A 875 -13.77 33.78 37.09
N LEU A 876 -13.63 33.78 35.79
CA LEU A 876 -13.11 34.94 35.11
C LEU A 876 -14.17 35.52 34.19
N ALA A 877 -14.16 36.84 34.02
CA ALA A 877 -15.09 37.47 33.11
C ALA A 877 -14.47 38.67 32.43
N LEU A 878 -14.83 38.89 31.17
CA LEU A 878 -14.27 40.02 30.44
C LEU A 878 -15.21 41.19 30.37
N VAL A 879 -14.78 42.30 30.95
CA VAL A 879 -15.49 43.55 30.79
C VAL A 879 -14.94 44.29 29.61
N HIS A 880 -15.78 44.55 28.65
CA HIS A 880 -15.34 45.23 27.45
C HIS A 880 -16.03 46.56 27.33
N LEU A 881 -15.25 47.63 27.36
CA LEU A 881 -15.78 48.97 27.26
C LEU A 881 -15.22 49.71 26.06
N PRO A 882 -15.61 49.31 24.83
CA PRO A 882 -15.16 49.86 23.55
C PRO A 882 -15.44 51.35 23.46
N VAL A 883 -16.44 51.81 24.21
CA VAL A 883 -16.80 53.20 24.30
C VAL A 883 -15.72 53.98 25.01
N GLU A 884 -15.19 53.38 26.07
CA GLU A 884 -14.15 53.99 26.87
C GLU A 884 -12.78 53.56 26.40
N LYS A 885 -12.73 52.63 25.43
CA LYS A 885 -11.49 52.14 24.84
C LYS A 885 -10.66 51.36 25.82
N GLU A 886 -11.32 50.54 26.63
CA GLU A 886 -10.62 49.75 27.65
C GLU A 886 -11.35 48.47 27.97
N SER A 887 -10.65 47.54 28.61
CA SER A 887 -11.26 46.29 29.01
C SER A 887 -10.57 45.75 30.26
N TRP A 888 -11.33 44.98 31.04
CA TRP A 888 -10.84 44.48 32.31
C TRP A 888 -11.16 43.00 32.52
N ILE A 889 -10.29 42.31 33.23
CA ILE A 889 -10.56 40.93 33.60
C ILE A 889 -11.06 40.90 35.01
N VAL A 890 -12.23 40.34 35.21
CA VAL A 890 -12.78 40.25 36.54
C VAL A 890 -12.56 38.86 37.07
N SER A 891 -11.84 38.77 38.17
CA SER A 891 -11.54 37.50 38.76
C SER A 891 -12.31 37.27 40.04
N GLY A 892 -13.29 36.38 39.98
CA GLY A 892 -14.04 36.01 41.16
C GLY A 892 -13.29 34.87 41.84
N THR A 893 -13.21 34.91 43.16
CA THR A 893 -12.46 33.87 43.86
C THR A 893 -13.15 33.31 45.09
N GLN A 894 -12.50 32.35 45.73
CA GLN A 894 -13.05 31.67 46.90
C GLN A 894 -13.32 32.61 48.06
N SER A 895 -12.48 33.62 48.23
CA SER A 895 -12.67 34.60 49.29
C SER A 895 -13.91 35.45 49.12
N GLY A 896 -14.47 35.48 47.91
CA GLY A 896 -15.62 36.30 47.66
C GLY A 896 -15.21 37.64 47.07
N THR A 897 -13.91 37.88 46.93
CA THR A 897 -13.50 39.14 46.35
C THR A 897 -13.53 39.12 44.83
N LEU A 898 -13.54 40.31 44.27
CA LEU A 898 -13.52 40.52 42.83
C LEU A 898 -12.32 41.34 42.42
N LEU A 899 -11.31 40.67 41.87
CA LEU A 899 -10.12 41.38 41.45
C LEU A 899 -10.28 41.78 40.01
N VAL A 900 -10.19 43.06 39.73
CA VAL A 900 -10.45 43.56 38.39
C VAL A 900 -9.16 44.15 37.80
N ILE A 901 -8.71 43.59 36.67
CA ILE A 901 -7.41 43.99 36.10
C ILE A 901 -7.50 44.49 34.66
N ASN A 902 -6.94 45.66 34.39
CA ASN A 902 -7.00 46.21 33.05
C ASN A 902 -6.15 45.40 32.09
N THR A 903 -6.72 44.97 30.98
CA THR A 903 -5.95 44.15 30.03
C THR A 903 -4.87 44.93 29.31
N GLU A 904 -5.02 46.25 29.28
CA GLU A 904 -4.04 47.12 28.64
C GLU A 904 -2.95 47.56 29.61
N ASP A 905 -3.12 47.28 30.88
CA ASP A 905 -2.15 47.70 31.88
C ASP A 905 -2.19 46.83 33.11
N GLY A 906 -1.24 45.91 33.21
CA GLY A 906 -1.14 45.00 34.33
C GLY A 906 -1.04 45.68 35.69
N LYS A 907 -0.57 46.92 35.73
CA LYS A 907 -0.46 47.65 36.98
C LYS A 907 -1.82 48.11 37.50
N LYS A 908 -2.82 48.21 36.62
CA LYS A 908 -4.13 48.65 37.03
C LYS A 908 -4.93 47.50 37.59
N ARG A 909 -4.71 47.23 38.87
CA ARG A 909 -5.41 46.17 39.55
C ARG A 909 -6.23 46.78 40.69
N HIS A 910 -7.48 46.37 40.85
CA HIS A 910 -8.25 46.87 41.98
C HIS A 910 -9.31 45.87 42.41
N THR A 911 -9.85 46.06 43.60
CA THR A 911 -10.83 45.11 44.12
C THR A 911 -12.16 45.79 44.38
N LEU A 912 -13.24 45.12 43.97
CA LEU A 912 -14.60 45.63 44.15
C LEU A 912 -15.14 45.22 45.50
N GLU A 913 -16.32 45.72 45.87
CA GLU A 913 -16.92 45.34 47.13
C GLU A 913 -16.93 43.83 47.31
N LYS A 914 -16.35 43.38 48.41
CA LYS A 914 -16.27 41.96 48.71
C LYS A 914 -17.64 41.34 48.93
N MET A 915 -17.83 40.15 48.37
CA MET A 915 -19.08 39.43 48.50
C MET A 915 -19.13 38.72 49.84
N THR A 916 -20.34 38.38 50.28
CA THR A 916 -20.52 37.71 51.57
C THR A 916 -20.19 36.22 51.51
N ASP A 917 -19.96 35.69 50.32
CA ASP A 917 -19.58 34.30 50.16
C ASP A 917 -18.77 34.21 48.87
N SER A 918 -18.30 33.02 48.54
CA SER A 918 -17.45 32.87 47.37
C SER A 918 -18.19 33.11 46.10
N VAL A 919 -17.44 33.44 45.05
CA VAL A 919 -18.05 33.68 43.76
C VAL A 919 -18.11 32.40 42.98
N THR A 920 -19.29 32.03 42.56
CA THR A 920 -19.49 30.78 41.84
C THR A 920 -19.62 30.97 40.35
N CYS A 921 -20.09 32.12 39.90
CA CYS A 921 -20.13 32.35 38.47
C CYS A 921 -20.23 33.81 38.12
N LEU A 922 -19.74 34.16 36.94
CA LEU A 922 -19.79 35.53 36.48
C LEU A 922 -20.40 35.59 35.11
N TYR A 923 -21.05 36.70 34.80
CA TYR A 923 -21.59 36.89 33.48
C TYR A 923 -21.72 38.36 33.14
N CYS A 924 -21.32 38.72 31.94
CA CYS A 924 -21.44 40.12 31.57
C CYS A 924 -21.53 40.33 30.08
N ASN A 935 -24.53 47.00 29.96
CA ASN A 935 -24.05 45.69 30.33
C ASN A 935 -23.98 45.65 31.82
N PHE A 936 -24.18 44.49 32.39
CA PHE A 936 -24.09 44.42 33.82
C PHE A 936 -23.22 43.28 34.22
N LEU A 937 -22.42 43.49 35.24
CA LEU A 937 -21.59 42.40 35.71
C LEU A 937 -22.37 41.66 36.74
N LEU A 938 -22.70 40.43 36.43
CA LEU A 938 -23.51 39.67 37.31
C LEU A 938 -22.62 38.76 38.10
N VAL A 939 -22.81 38.76 39.40
CA VAL A 939 -22.00 37.94 40.24
C VAL A 939 -22.86 36.96 40.98
N GLY A 940 -22.70 35.70 40.66
CA GLY A 940 -23.45 34.68 41.34
C GLY A 940 -22.59 34.12 42.44
N THR A 941 -23.08 34.18 43.67
CA THR A 941 -22.33 33.69 44.80
C THR A 941 -22.89 32.41 45.39
N ALA A 942 -22.09 31.79 46.24
CA ALA A 942 -22.39 30.50 46.85
C ALA A 942 -23.58 30.51 47.78
N ASP A 943 -23.97 31.67 48.27
CA ASP A 943 -25.13 31.74 49.15
C ASP A 943 -26.42 32.01 48.39
N GLY A 944 -26.41 31.86 47.06
CA GLY A 944 -27.62 32.03 46.28
C GLY A 944 -27.93 33.50 45.98
N LYS A 945 -26.98 34.39 46.29
CA LYS A 945 -27.15 35.80 46.09
C LYS A 945 -26.63 36.25 44.72
N LEU A 946 -27.39 37.13 44.07
CA LEU A 946 -27.01 37.67 42.76
C LEU A 946 -26.76 39.15 42.82
N ALA A 947 -25.52 39.56 42.60
CA ALA A 947 -25.21 40.97 42.62
C ALA A 947 -25.16 41.49 41.19
N ILE A 948 -25.75 42.65 40.97
CA ILE A 948 -25.76 43.28 39.67
C ILE A 948 -25.01 44.58 39.69
N PHE A 949 -23.90 44.65 38.96
CA PHE A 949 -23.11 45.87 38.90
C PHE A 949 -23.32 46.62 37.60
N GLU A 950 -23.39 47.94 37.70
CA GLU A 950 -23.54 48.80 36.53
C GLU A 950 -22.31 48.68 35.64
N ASP A 951 -22.56 48.76 34.34
CA ASP A 951 -21.59 48.57 33.28
C ASP A 951 -20.23 49.25 33.49
N LYS A 952 -20.20 50.57 33.60
CA LYS A 952 -18.93 51.27 33.74
C LYS A 952 -18.43 51.35 35.19
N THR A 953 -19.36 51.43 36.14
CA THR A 953 -19.05 51.50 37.59
C THR A 953 -17.93 50.57 38.08
N VAL A 954 -17.83 49.36 37.53
CA VAL A 954 -16.84 48.37 37.97
C VAL A 954 -15.39 48.83 37.84
N LYS A 955 -15.15 49.89 37.07
CA LYS A 955 -13.84 50.49 36.93
C LYS A 955 -13.28 51.04 38.25
N LEU A 956 -14.18 51.44 39.15
CA LEU A 956 -13.76 52.04 40.41
C LEU A 956 -13.50 51.02 41.51
N LYS A 957 -12.46 51.27 42.30
CA LYS A 957 -12.10 50.38 43.39
C LYS A 957 -13.08 50.48 44.54
N GLY A 958 -13.53 49.34 45.01
CA GLY A 958 -14.48 49.28 46.12
C GLY A 958 -15.88 49.60 45.69
N ALA A 959 -16.14 49.61 44.38
CA ALA A 959 -17.47 49.94 43.91
C ALA A 959 -18.51 48.92 44.35
N ALA A 960 -19.68 49.45 44.68
CA ALA A 960 -20.84 48.67 45.09
C ALA A 960 -21.69 48.38 43.85
N PRO A 961 -22.48 47.31 43.86
CA PRO A 961 -23.38 46.88 42.81
C PRO A 961 -24.61 47.76 42.75
N LEU A 962 -25.24 47.76 41.59
CA LEU A 962 -26.48 48.47 41.36
C LEU A 962 -27.55 47.96 42.28
N LYS A 963 -27.68 46.64 42.33
CA LYS A 963 -28.67 46.02 43.18
C LYS A 963 -28.32 44.57 43.46
N ILE A 964 -28.88 44.03 44.53
CA ILE A 964 -28.60 42.65 44.94
C ILE A 964 -29.86 41.86 45.18
N LEU A 965 -29.92 40.67 44.59
CA LEU A 965 -31.09 39.81 44.72
C LEU A 965 -30.81 38.53 45.51
N ASN A 966 -31.80 38.09 46.26
CA ASN A 966 -31.68 36.83 46.99
C ASN A 966 -32.50 35.79 46.28
N ILE A 967 -31.83 34.86 45.61
CA ILE A 967 -32.53 33.85 44.84
C ILE A 967 -32.59 32.56 45.60
N GLY A 968 -31.43 32.08 46.01
CA GLY A 968 -31.33 30.83 46.75
C GLY A 968 -31.06 31.05 48.22
N ASN A 969 -30.18 30.23 48.77
CA ASN A 969 -29.85 30.36 50.18
C ASN A 969 -28.48 29.78 50.44
N VAL A 970 -28.05 29.81 51.68
CA VAL A 970 -26.73 29.34 52.08
C VAL A 970 -26.35 27.95 51.56
N SER A 971 -27.33 27.08 51.33
CA SER A 971 -27.06 25.73 50.84
C SER A 971 -27.38 25.56 49.35
N THR A 972 -27.90 26.62 48.71
CA THR A 972 -28.30 26.58 47.30
C THR A 972 -27.64 27.71 46.51
N PRO A 973 -26.40 27.52 46.05
CA PRO A 973 -25.55 28.45 45.33
C PRO A 973 -26.01 28.69 43.93
N LEU A 974 -25.70 29.85 43.37
CA LEU A 974 -26.03 30.09 41.97
C LEU A 974 -24.94 29.45 41.17
N MET A 975 -25.27 28.80 40.07
CA MET A 975 -24.18 28.20 39.30
C MET A 975 -24.23 28.44 37.83
N CYS A 976 -25.16 29.25 37.35
CA CYS A 976 -25.21 29.45 35.93
C CYS A 976 -26.11 30.57 35.51
N LEU A 977 -25.55 31.52 34.78
CA LEU A 977 -26.30 32.64 34.23
C LEU A 977 -26.22 32.59 32.73
N SER A 978 -27.27 32.11 32.09
CA SER A 978 -27.27 31.98 30.66
C SER A 978 -28.22 32.94 30.02
N GLU A 979 -27.96 33.24 28.77
CA GLU A 979 -28.78 34.18 28.06
C GLU A 979 -28.60 34.04 26.58
N SER A 980 -29.64 33.65 25.91
CA SER A 980 -29.59 33.50 24.48
C SER A 980 -30.90 33.87 23.92
N ASN A 987 -34.08 39.45 25.88
CA ASN A 987 -32.94 39.78 26.72
C ASN A 987 -33.16 39.15 28.08
N VAL A 988 -33.93 38.07 28.10
CA VAL A 988 -34.33 37.41 29.33
C VAL A 988 -33.29 36.43 29.83
N MET A 989 -32.97 36.55 31.11
CA MET A 989 -31.98 35.66 31.70
C MET A 989 -32.59 34.38 32.15
N TRP A 990 -31.78 33.34 32.19
CA TRP A 990 -32.18 32.05 32.71
C TRP A 990 -31.06 31.51 33.55
N GLY A 991 -31.35 30.70 34.54
CA GLY A 991 -30.22 30.20 35.27
C GLY A 991 -30.54 29.16 36.30
N GLY A 992 -29.50 28.61 36.88
CA GLY A 992 -29.67 27.53 37.84
C GLY A 992 -29.35 27.93 39.26
N CYS A 993 -30.22 27.52 40.16
CA CYS A 993 -30.07 27.73 41.58
C CYS A 993 -30.51 26.50 42.29
N GLY A 994 -29.57 25.68 42.71
CA GLY A 994 -29.96 24.45 43.34
C GLY A 994 -30.69 23.62 42.31
N THR A 995 -31.93 23.31 42.58
CA THR A 995 -32.72 22.51 41.66
C THR A 995 -33.79 23.33 40.96
N LYS A 996 -33.72 24.64 41.07
CA LYS A 996 -34.72 25.50 40.45
C LYS A 996 -34.17 26.29 39.28
N ILE A 997 -35.02 26.55 38.30
CA ILE A 997 -34.62 27.38 37.19
C ILE A 997 -35.28 28.72 37.32
N PHE A 998 -34.49 29.77 37.36
CA PHE A 998 -35.04 31.10 37.50
C PHE A 998 -34.93 31.85 36.21
N SER A 999 -35.56 33.01 36.17
CA SER A 999 -35.51 33.83 34.98
C SER A 999 -35.65 35.30 35.31
N PHE A 1000 -34.96 36.16 34.56
CA PHE A 1000 -35.03 37.58 34.85
C PHE A 1000 -35.40 38.51 33.71
N SER A 1001 -36.12 39.54 34.12
CA SER A 1001 -36.56 40.64 33.28
C SER A 1001 -35.45 41.65 33.14
N ASN A 1002 -35.68 42.66 32.32
CA ASN A 1002 -34.71 43.73 32.17
C ASN A 1002 -34.64 44.64 33.41
N ASP A 1003 -35.57 44.46 34.35
CA ASP A 1003 -35.58 45.20 35.59
C ASP A 1003 -35.01 44.34 36.71
N PHE A 1004 -34.49 43.16 36.36
CA PHE A 1004 -33.91 42.22 37.28
C PHE A 1004 -34.96 41.66 38.24
N THR A 1005 -36.19 41.51 37.76
CA THR A 1005 -37.23 40.94 38.59
C THR A 1005 -37.42 39.47 38.22
N ILE A 1006 -37.84 38.66 39.19
CA ILE A 1006 -38.01 37.24 38.92
C ILE A 1006 -39.27 36.99 38.14
N GLN A 1007 -39.12 36.33 37.00
CA GLN A 1007 -40.25 36.06 36.14
C GLN A 1007 -40.83 34.67 36.27
N LYS A 1008 -40.18 33.80 37.05
CA LYS A 1008 -40.65 32.43 37.29
C LYS A 1008 -39.60 31.56 37.92
N LEU A 1009 -40.00 30.81 38.94
CA LEU A 1009 -39.13 29.87 39.61
C LEU A 1009 -39.63 28.47 39.34
N ILE A 1010 -38.99 27.79 38.41
CA ILE A 1010 -39.42 26.47 38.02
C ILE A 1010 -38.75 25.38 38.81
N GLU A 1011 -39.50 24.70 39.66
CA GLU A 1011 -38.92 23.60 40.38
C GLU A 1011 -38.73 22.46 39.43
N THR A 1012 -37.49 22.00 39.25
CA THR A 1012 -37.28 20.92 38.31
C THR A 1012 -37.22 19.58 38.98
N ARG A 1013 -37.16 19.54 40.30
CA ARG A 1013 -37.08 18.28 41.03
C ARG A 1013 -38.19 17.31 40.65
N THR A 1014 -39.36 17.84 40.27
CA THR A 1014 -40.52 17.05 39.89
C THR A 1014 -40.25 16.12 38.72
N SER A 1015 -39.16 16.36 37.98
CA SER A 1015 -38.78 15.50 36.88
C SER A 1015 -38.44 14.11 37.32
N GLN A 1016 -38.26 13.88 38.64
CA GLN A 1016 -37.97 12.56 39.19
C GLN A 1016 -39.04 11.53 38.92
N LEU A 1017 -40.23 11.96 38.46
CA LEU A 1017 -41.26 11.02 38.07
C LEU A 1017 -40.77 10.21 36.86
N PHE A 1018 -39.83 10.79 36.13
CA PHE A 1018 -39.17 10.20 34.99
C PHE A 1018 -37.71 10.02 35.37
N SER A 1019 -37.00 9.17 34.66
CA SER A 1019 -35.58 8.96 34.96
C SER A 1019 -35.33 8.42 36.36
N TYR A 1020 -34.45 9.10 37.12
CA TYR A 1020 -34.05 8.66 38.45
C TYR A 1020 -33.85 9.82 39.40
N ALA A 1021 -34.45 9.71 40.58
CA ALA A 1021 -34.46 10.79 41.58
C ALA A 1021 -33.09 11.31 41.97
N ALA A 1022 -32.05 10.48 42.01
CA ALA A 1022 -30.75 11.03 42.42
C ALA A 1022 -30.10 11.83 41.29
N PHE A 1023 -30.61 11.69 40.08
CA PHE A 1023 -30.11 12.47 38.98
C PHE A 1023 -30.92 13.73 38.93
N SER A 1024 -32.24 13.61 39.10
CA SER A 1024 -33.10 14.76 39.09
C SER A 1024 -32.88 15.68 40.25
N ASP A 1025 -32.74 15.11 41.43
CA ASP A 1025 -32.54 15.94 42.60
C ASP A 1025 -31.07 16.24 42.79
N SER A 1026 -30.53 17.13 41.97
CA SER A 1026 -29.12 17.49 42.04
C SER A 1026 -28.89 18.88 41.49
N ASN A 1027 -27.90 19.58 42.02
CA ASN A 1027 -27.64 20.95 41.62
C ASN A 1027 -27.43 21.13 40.13
N ILE A 1028 -28.02 22.17 39.57
CA ILE A 1028 -27.88 22.47 38.16
C ILE A 1028 -26.51 23.02 37.85
N ILE A 1029 -25.87 22.43 36.85
CA ILE A 1029 -24.56 22.87 36.40
C ILE A 1029 -24.68 23.89 35.30
N THR A 1030 -25.48 23.60 34.29
CA THR A 1030 -25.59 24.55 33.20
C THR A 1030 -26.93 24.56 32.52
N VAL A 1031 -27.29 25.73 31.99
CA VAL A 1031 -28.55 25.98 31.32
C VAL A 1031 -28.31 26.46 29.91
N VAL A 1032 -28.85 25.76 28.94
CA VAL A 1032 -28.70 26.24 27.57
C VAL A 1032 -30.04 26.70 27.06
N VAL A 1033 -30.09 27.94 26.58
CA VAL A 1033 -31.35 28.52 26.16
C VAL A 1033 -31.54 28.59 24.65
N ASP A 1034 -32.43 27.78 24.11
CA ASP A 1034 -32.73 27.86 22.70
C ASP A 1034 -34.24 28.05 22.50
N THR A 1035 -34.89 27.05 21.92
CA THR A 1035 -36.33 26.98 21.79
C THR A 1035 -36.87 26.10 22.91
N ALA A 1036 -35.97 25.60 23.73
CA ALA A 1036 -36.24 24.78 24.88
C ALA A 1036 -35.04 24.92 25.80
N LEU A 1037 -35.19 24.55 27.06
CA LEU A 1037 -34.06 24.67 27.95
C LEU A 1037 -33.38 23.35 28.08
N TYR A 1038 -32.06 23.34 28.07
CA TYR A 1038 -31.34 22.09 28.24
C TYR A 1038 -30.60 22.16 29.54
N ILE A 1039 -30.95 21.27 30.45
CA ILE A 1039 -30.40 21.30 31.78
C ILE A 1039 -29.47 20.16 32.10
N ALA A 1040 -28.27 20.48 32.53
CA ALA A 1040 -27.37 19.44 33.00
C ALA A 1040 -27.16 19.64 34.47
N LYS A 1041 -27.30 18.57 35.24
CA LYS A 1041 -27.16 18.61 36.69
C LYS A 1041 -25.92 17.88 37.14
N GLN A 1042 -25.47 18.19 38.34
CA GLN A 1042 -24.22 17.68 38.82
C GLN A 1042 -24.28 16.19 38.97
N ASN A 1043 -23.33 15.53 38.33
CA ASN A 1043 -23.19 14.09 38.31
C ASN A 1043 -24.31 13.37 37.58
N SER A 1044 -25.09 14.08 36.78
CA SER A 1044 -26.12 13.44 36.01
C SER A 1044 -25.52 12.90 34.74
N PRO A 1045 -26.11 11.86 34.19
CA PRO A 1045 -25.83 11.31 32.90
C PRO A 1045 -26.94 11.65 31.94
N VAL A 1046 -27.93 12.38 32.44
CA VAL A 1046 -29.08 12.74 31.65
C VAL A 1046 -29.31 14.22 31.59
N VAL A 1047 -29.55 14.71 30.37
CA VAL A 1047 -29.86 16.11 30.13
C VAL A 1047 -31.36 16.26 30.03
N GLU A 1048 -31.92 17.21 30.77
CA GLU A 1048 -33.35 17.39 30.74
C GLU A 1048 -33.74 18.44 29.75
N VAL A 1049 -34.85 18.25 29.05
CA VAL A 1049 -35.31 19.23 28.11
C VAL A 1049 -36.60 19.84 28.61
N TRP A 1050 -36.62 21.14 28.79
CA TRP A 1050 -37.83 21.75 29.32
C TRP A 1050 -38.50 22.72 28.38
N ASP A 1051 -39.82 22.69 28.38
CA ASP A 1051 -40.57 23.66 27.60
C ASP A 1051 -40.83 24.88 28.41
N LYS A 1052 -40.03 25.91 28.19
CA LYS A 1052 -40.15 27.16 28.90
C LYS A 1052 -41.49 27.87 28.72
N LYS A 1053 -42.24 27.51 27.69
CA LYS A 1053 -43.53 28.14 27.44
C LYS A 1053 -44.64 27.56 28.31
N THR A 1054 -44.47 26.33 28.78
CA THR A 1054 -45.49 25.70 29.61
C THR A 1054 -44.91 25.17 30.89
N GLU A 1055 -43.59 25.25 31.03
CA GLU A 1055 -42.87 24.77 32.21
C GLU A 1055 -43.06 23.28 32.40
N LYS A 1056 -42.83 22.52 31.34
CA LYS A 1056 -43.02 21.07 31.43
C LYS A 1056 -41.82 20.29 30.92
N LEU A 1057 -41.63 19.10 31.46
CA LEU A 1057 -40.54 18.25 31.00
C LEU A 1057 -40.91 17.68 29.64
N CYS A 1058 -40.08 17.93 28.63
CA CYS A 1058 -40.38 17.50 27.28
C CYS A 1058 -39.44 16.48 26.69
N GLY A 1059 -38.63 15.84 27.52
CA GLY A 1059 -37.74 14.83 26.99
C GLY A 1059 -36.46 14.72 27.78
N LEU A 1060 -35.83 13.56 27.65
CA LEU A 1060 -34.60 13.28 28.33
C LEU A 1060 -33.56 12.80 27.36
N ILE A 1061 -32.31 13.17 27.59
CA ILE A 1061 -31.23 12.70 26.74
C ILE A 1061 -30.30 11.81 27.53
N ASP A 1062 -30.26 10.54 27.19
CA ASP A 1062 -29.44 9.58 27.90
C ASP A 1062 -28.06 9.41 27.29
N CYS A 1063 -27.05 10.04 27.89
CA CYS A 1063 -25.69 9.98 27.38
C CYS A 1063 -25.08 8.61 27.49
N VAL A 1064 -25.47 7.86 28.52
CA VAL A 1064 -24.95 6.53 28.70
C VAL A 1064 -25.36 5.67 27.55
N HIS A 1065 -26.62 5.79 27.15
CA HIS A 1065 -27.14 5.04 26.03
C HIS A 1065 -26.32 5.22 24.78
N PHE A 1066 -25.95 6.45 24.47
CA PHE A 1066 -25.18 6.67 23.27
C PHE A 1066 -23.82 5.97 23.34
N LEU A 1067 -23.19 6.01 24.50
CA LEU A 1067 -21.91 5.34 24.62
C LEU A 1067 -22.06 3.86 24.94
N ARG A 1068 -23.28 3.45 25.27
CA ARG A 1068 -23.61 2.05 25.45
C ARG A 1068 -23.60 1.38 24.08
N GLU A 1069 -24.07 2.13 23.08
CA GLU A 1069 -24.06 1.65 21.70
C GLU A 1069 -22.62 1.51 21.21
N VAL A 1070 -21.76 2.43 21.65
CA VAL A 1070 -20.34 2.35 21.33
C VAL A 1070 -19.68 1.23 22.13
N MET A 1071 -18.91 0.40 21.45
CA MET A 1071 -18.25 -0.70 22.15
C MET A 1071 -17.10 -0.18 23.01
N MET A 1082 -13.36 2.25 33.99
CA MET A 1082 -14.49 3.11 34.22
C MET A 1082 -14.39 4.45 33.51
N SER A 1083 -13.70 4.49 32.35
CA SER A 1083 -13.62 5.74 31.58
C SER A 1083 -15.00 6.12 31.04
N TYR A 1084 -15.90 5.14 30.90
CA TYR A 1084 -17.26 5.39 30.47
C TYR A 1084 -18.18 5.69 31.63
N SER A 1085 -17.96 6.84 32.25
CA SER A 1085 -18.77 7.24 33.38
C SER A 1085 -20.11 7.77 32.92
N GLY A 1086 -20.11 8.39 31.75
CA GLY A 1086 -21.34 8.95 31.21
C GLY A 1086 -21.74 10.25 31.90
N ARG A 1087 -20.87 10.80 32.74
CA ARG A 1087 -21.24 12.02 33.44
C ARG A 1087 -21.22 13.20 32.51
N VAL A 1088 -22.24 14.03 32.55
CA VAL A 1088 -22.26 15.20 31.69
C VAL A 1088 -21.44 16.31 32.27
N LYS A 1089 -20.52 16.84 31.49
CA LYS A 1089 -19.70 17.94 31.97
C LYS A 1089 -20.20 19.28 31.50
N THR A 1090 -20.15 19.55 30.20
CA THR A 1090 -20.64 20.84 29.72
C THR A 1090 -21.50 20.72 28.49
N LEU A 1091 -22.36 21.70 28.31
CA LEU A 1091 -23.21 21.78 27.14
C LEU A 1091 -22.92 23.03 26.34
N CYS A 1092 -22.69 22.87 25.05
CA CYS A 1092 -22.57 24.04 24.19
C CYS A 1092 -23.55 23.91 23.07
N LEU A 1093 -24.06 25.02 22.58
CA LEU A 1093 -25.05 24.94 21.55
C LEU A 1093 -24.77 25.83 20.38
N GLN A 1094 -24.90 25.25 19.21
CA GLN A 1094 -24.68 25.96 17.98
C GLN A 1094 -26.02 26.15 17.29
N LYS A 1095 -26.24 27.31 16.70
CA LYS A 1095 -27.55 27.63 16.13
C LYS A 1095 -27.86 26.92 14.81
N ASN A 1096 -26.96 26.06 14.35
CA ASN A 1096 -27.19 25.24 13.18
C ASN A 1096 -27.73 23.88 13.59
N THR A 1097 -28.31 23.79 14.79
CA THR A 1097 -28.86 22.56 15.39
C THR A 1097 -27.80 21.65 16.03
N ALA A 1098 -26.52 21.94 15.89
CA ALA A 1098 -25.57 21.06 16.55
C ALA A 1098 -25.55 21.31 18.06
N LEU A 1099 -25.59 20.22 18.83
CA LEU A 1099 -25.50 20.33 20.28
C LEU A 1099 -24.25 19.58 20.71
N TRP A 1100 -23.37 20.26 21.42
CA TRP A 1100 -22.10 19.68 21.81
C TRP A 1100 -22.13 19.26 23.26
N ILE A 1101 -21.95 17.97 23.53
CA ILE A 1101 -21.99 17.52 24.92
C ILE A 1101 -20.69 16.88 25.38
N GLY A 1102 -20.03 17.48 26.34
CA GLY A 1102 -18.79 16.91 26.84
C GLY A 1102 -19.12 15.95 27.94
N THR A 1103 -18.18 15.11 28.33
CA THR A 1103 -18.46 14.17 29.39
C THR A 1103 -17.29 13.86 30.27
N GLY A 1104 -17.51 12.93 31.20
CA GLY A 1104 -16.50 12.54 32.16
C GLY A 1104 -15.26 11.97 31.49
N GLY A 1105 -15.44 11.06 30.55
CA GLY A 1105 -14.31 10.51 29.83
C GLY A 1105 -13.99 11.39 28.63
N GLY A 1106 -13.01 11.01 27.84
CA GLY A 1106 -12.62 11.81 26.68
C GLY A 1106 -13.55 11.62 25.48
N HIS A 1107 -14.81 12.03 25.64
CA HIS A 1107 -15.79 11.90 24.58
C HIS A 1107 -16.58 13.19 24.42
N ILE A 1108 -16.93 13.51 23.20
CA ILE A 1108 -17.78 14.64 22.92
C ILE A 1108 -18.90 14.16 22.05
N LEU A 1109 -20.13 14.35 22.48
CA LEU A 1109 -21.22 13.85 21.68
C LEU A 1109 -21.75 14.96 20.81
N LEU A 1110 -22.01 14.66 19.56
CA LEU A 1110 -22.62 15.64 18.69
C LEU A 1110 -24.04 15.25 18.45
N LEU A 1111 -24.99 16.04 18.94
CA LEU A 1111 -26.39 15.72 18.73
C LEU A 1111 -27.05 16.69 17.80
N ASP A 1112 -28.07 16.21 17.13
CA ASP A 1112 -28.91 16.96 16.24
C ASP A 1112 -30.11 17.51 16.96
N LEU A 1113 -30.15 18.81 17.21
CA LEU A 1113 -31.27 19.42 17.92
C LEU A 1113 -32.61 19.28 17.23
N SER A 1114 -32.62 19.15 15.91
CA SER A 1114 -33.89 19.06 15.24
C SER A 1114 -34.52 17.68 15.36
N THR A 1115 -33.73 16.67 15.69
CA THR A 1115 -34.28 15.32 15.80
C THR A 1115 -33.88 14.62 17.08
N ARG A 1116 -33.00 15.24 17.86
CA ARG A 1116 -32.46 14.64 19.07
C ARG A 1116 -31.75 13.36 18.75
N ARG A 1117 -30.83 13.41 17.79
CA ARG A 1117 -30.12 12.21 17.37
C ARG A 1117 -28.63 12.36 17.32
N LEU A 1118 -27.94 11.24 17.48
CA LEU A 1118 -26.50 11.25 17.53
C LEU A 1118 -25.86 11.34 16.16
N ILE A 1119 -25.18 12.45 15.94
CA ILE A 1119 -24.44 12.69 14.72
C ILE A 1119 -23.16 11.88 14.74
N ARG A 1120 -22.42 12.01 15.84
CA ARG A 1120 -21.17 11.27 15.99
C ARG A 1120 -20.57 11.38 17.37
N VAL A 1121 -19.79 10.37 17.74
CA VAL A 1121 -19.06 10.42 18.99
C VAL A 1121 -17.62 10.74 18.71
N ILE A 1122 -17.15 11.87 19.21
CA ILE A 1122 -15.77 12.25 19.03
C ILE A 1122 -15.05 11.74 20.24
N TYR A 1123 -14.04 10.92 20.09
CA TYR A 1123 -13.48 10.38 21.33
C TYR A 1123 -12.03 10.02 21.29
N ASN A 1124 -11.54 9.64 22.48
CA ASN A 1124 -10.15 9.32 22.71
C ASN A 1124 -9.41 10.62 22.61
N PHE A 1125 -10.11 11.64 23.08
CA PHE A 1125 -9.69 13.01 23.08
C PHE A 1125 -8.57 13.27 24.08
N CYS A 1126 -8.89 13.02 25.34
CA CYS A 1126 -7.97 13.17 26.45
C CYS A 1126 -8.56 12.37 27.59
N ASN A 1127 -8.09 12.58 28.81
CA ASN A 1127 -8.64 11.83 29.92
C ASN A 1127 -10.06 12.31 30.28
N SER A 1128 -10.25 13.61 30.43
CA SER A 1128 -11.57 14.12 30.84
C SER A 1128 -11.82 15.55 30.36
N VAL A 1129 -13.06 15.88 30.00
CA VAL A 1129 -13.34 17.23 29.51
C VAL A 1129 -13.66 18.22 30.62
N ARG A 1130 -12.96 19.34 30.66
CA ARG A 1130 -13.23 20.32 31.71
C ARG A 1130 -14.21 21.41 31.27
N VAL A 1131 -13.82 22.25 30.30
CA VAL A 1131 -14.78 23.24 29.78
C VAL A 1131 -14.75 23.34 28.28
N MET A 1132 -15.84 23.87 27.73
CA MET A 1132 -15.93 24.06 26.29
C MET A 1132 -16.39 25.47 25.99
N MET A 1133 -15.74 26.12 25.04
CA MET A 1133 -16.14 27.47 24.69
C MET A 1133 -16.31 27.66 23.22
N THR A 1134 -17.12 28.62 22.85
CA THR A 1134 -17.25 29.00 21.45
C THR A 1134 -16.54 30.31 21.31
N ALA A 1135 -15.63 30.39 20.37
CA ALA A 1135 -14.89 31.64 20.24
C ALA A 1135 -14.50 31.94 18.83
N GLN A 1136 -14.42 33.22 18.53
CA GLN A 1136 -14.02 33.67 17.22
C GLN A 1136 -12.56 34.04 17.26
N LEU A 1137 -11.81 33.57 16.29
CA LEU A 1137 -10.39 33.85 16.20
C LEU A 1137 -10.11 35.15 15.50
N GLY A 1138 -8.85 35.56 15.50
CA GLY A 1138 -8.43 36.79 14.82
C GLY A 1138 -8.68 36.72 13.31
N SER A 1139 -8.75 35.50 12.77
CA SER A 1139 -9.06 35.23 11.37
C SER A 1139 -10.57 35.31 11.11
N LEU A 1140 -11.34 35.50 12.18
CA LEU A 1140 -12.80 35.53 12.22
C LEU A 1140 -13.41 34.13 12.11
N LYS A 1141 -12.55 33.10 12.12
CA LYS A 1141 -13.01 31.74 12.08
C LYS A 1141 -13.57 31.34 13.42
N ASN A 1142 -14.71 30.66 13.45
CA ASN A 1142 -15.26 30.23 14.72
C ASN A 1142 -14.79 28.84 15.08
N VAL A 1143 -14.34 28.68 16.32
CA VAL A 1143 -13.83 27.40 16.77
C VAL A 1143 -14.31 27.02 18.15
N MET A 1144 -14.20 25.73 18.45
CA MET A 1144 -14.50 25.26 19.79
C MET A 1144 -13.22 25.14 20.57
N LEU A 1145 -13.21 25.67 21.77
CA LEU A 1145 -12.07 25.60 22.62
C LEU A 1145 -12.33 24.58 23.67
N VAL A 1146 -11.76 23.41 23.54
CA VAL A 1146 -12.06 22.40 24.53
C VAL A 1146 -10.87 22.17 25.42
N LEU A 1147 -11.04 22.50 26.68
CA LEU A 1147 -9.98 22.34 27.66
C LEU A 1147 -10.20 21.10 28.43
N GLY A 1148 -9.21 20.22 28.48
CA GLY A 1148 -9.42 19.00 29.22
C GLY A 1148 -8.24 18.55 30.06
N TYR A 1149 -8.46 17.48 30.81
CA TYR A 1149 -7.47 16.86 31.66
C TYR A 1149 -6.89 15.72 30.90
N ASN A 1150 -5.67 15.36 31.22
CA ASN A 1150 -5.04 14.26 30.55
C ASN A 1150 -4.10 13.56 31.50
N ARG A 1151 -4.62 13.21 32.66
CA ARG A 1151 -3.86 12.41 33.60
C ARG A 1151 -3.49 11.10 32.94
N GLU A 1162 0.97 12.11 36.58
CA GLU A 1162 1.15 12.86 35.34
C GLU A 1162 0.01 13.78 34.94
N ILE A 1163 -0.38 14.68 35.84
CA ILE A 1163 -1.41 15.67 35.52
C ILE A 1163 -1.07 16.58 34.35
N GLN A 1164 -1.34 16.09 33.16
CA GLN A 1164 -1.19 16.83 31.94
C GLN A 1164 -2.55 17.40 31.61
N SER A 1165 -2.57 18.56 31.00
CA SER A 1165 -3.80 19.21 30.61
C SER A 1165 -3.54 19.90 29.29
N CYS A 1166 -4.58 20.17 28.53
CA CYS A 1166 -4.35 20.77 27.22
C CYS A 1166 -5.57 21.41 26.58
N LEU A 1167 -5.30 22.29 25.64
CA LEU A 1167 -6.35 22.99 24.91
C LEU A 1167 -6.45 22.51 23.50
N THR A 1168 -7.62 22.09 23.10
CA THR A 1168 -7.82 21.61 21.76
C THR A 1168 -8.74 22.53 20.99
N VAL A 1169 -8.34 22.93 19.79
CA VAL A 1169 -9.15 23.84 19.02
C VAL A 1169 -9.78 23.16 17.81
N TRP A 1170 -11.11 23.12 17.78
CA TRP A 1170 -11.83 22.45 16.70
C TRP A 1170 -12.55 23.40 15.77
N ASP A 1171 -12.59 23.06 14.50
CA ASP A 1171 -13.35 23.83 13.54
C ASP A 1171 -14.82 23.68 13.84
N ILE A 1172 -15.49 24.80 14.15
CA ILE A 1172 -16.91 24.81 14.49
C ILE A 1172 -17.84 24.06 13.54
N ASN A 1173 -17.41 23.76 12.31
CA ASN A 1173 -18.25 23.09 11.34
C ASN A 1173 -18.13 21.58 11.38
N LEU A 1174 -17.47 21.04 12.41
CA LEU A 1174 -17.31 19.61 12.57
C LEU A 1174 -18.55 18.77 12.29
N PRO A 1175 -19.73 19.07 12.85
CA PRO A 1175 -20.98 18.36 12.62
C PRO A 1175 -21.30 18.21 11.15
N HIS A 1176 -20.99 19.24 10.37
CA HIS A 1176 -21.30 19.20 8.96
C HIS A 1176 -20.30 18.38 8.23
N GLU A 1177 -19.06 18.44 8.67
CA GLU A 1177 -18.02 17.68 8.01
C GLU A 1177 -18.24 16.20 8.23
N VAL A 1178 -18.70 15.84 9.42
CA VAL A 1178 -18.99 14.45 9.68
C VAL A 1178 -19.98 13.90 8.70
N GLN A 1179 -21.07 14.60 8.51
CA GLN A 1179 -22.08 14.11 7.61
C GLN A 1179 -21.67 14.18 6.15
N ASN A 1180 -21.02 15.26 5.74
CA ASN A 1180 -20.63 15.40 4.36
C ASN A 1180 -19.59 14.40 3.96
N LEU A 1181 -18.62 14.15 4.84
CA LEU A 1181 -17.60 13.19 4.55
C LEU A 1181 -18.20 11.83 4.37
N GLU A 1182 -19.11 11.46 5.27
CA GLU A 1182 -19.74 10.16 5.18
C GLU A 1182 -20.44 9.97 3.86
N LYS A 1183 -21.16 10.99 3.42
CA LYS A 1183 -21.86 10.92 2.15
C LYS A 1183 -20.89 10.71 1.01
N HIS A 1184 -19.83 11.53 0.99
CA HIS A 1184 -18.81 11.48 -0.05
C HIS A 1184 -18.26 10.09 -0.22
N ILE A 1185 -17.89 9.48 0.88
CA ILE A 1185 -17.32 8.17 0.85
C ILE A 1185 -18.30 7.14 0.34
N GLU A 1186 -19.54 7.21 0.77
CA GLU A 1186 -20.50 6.22 0.34
C GLU A 1186 -20.80 6.29 -1.13
N VAL A 1187 -20.89 7.49 -1.68
CA VAL A 1187 -21.14 7.62 -3.10
C VAL A 1187 -20.06 6.96 -3.90
N ARG A 1188 -18.82 7.21 -3.54
CA ARG A 1188 -17.72 6.63 -4.27
C ARG A 1188 -17.64 5.14 -4.09
N LYS A 1189 -18.05 4.66 -2.93
CA LYS A 1189 -18.10 3.23 -2.69
C LYS A 1189 -19.02 2.55 -3.69
N GLU A 1190 -20.18 3.16 -3.91
CA GLU A 1190 -21.13 2.60 -4.85
C GLU A 1190 -20.58 2.63 -6.26
N LEU A 1191 -19.89 3.70 -6.62
CA LEU A 1191 -19.31 3.79 -7.94
C LEU A 1191 -18.26 2.74 -8.16
N ALA A 1192 -17.51 2.40 -7.12
CA ALA A 1192 -16.51 1.37 -7.25
C ALA A 1192 -17.14 0.05 -7.62
N GLU A 1193 -18.27 -0.25 -6.99
CA GLU A 1193 -18.96 -1.49 -7.30
C GLU A 1193 -19.59 -1.45 -8.66
N LYS A 1194 -20.09 -0.30 -9.05
CA LYS A 1194 -20.66 -0.12 -10.36
C LYS A 1194 -19.67 -0.46 -11.45
N MET A 1195 -18.47 0.10 -11.34
CA MET A 1195 -17.40 -0.12 -12.30
C MET A 1195 -16.95 -1.56 -12.33
N ARG A 1196 -16.62 -2.10 -11.16
CA ARG A 1196 -16.12 -3.46 -11.07
C ARG A 1196 -17.12 -4.47 -11.60
N ARG A 1197 -18.40 -4.18 -11.41
CA ARG A 1197 -19.46 -5.08 -11.83
C ARG A 1197 -19.68 -5.10 -13.33
N THR A 1198 -19.54 -3.95 -13.99
CA THR A 1198 -19.74 -3.87 -15.43
C THR A 1198 -18.76 -4.80 -16.15
N SER A 1199 -17.47 -4.52 -15.98
CA SER A 1199 -16.41 -5.32 -16.59
C SER A 1199 -16.66 -5.59 -18.07
N VAL A 4 39.52 -8.93 2.39
CA VAL A 4 40.54 -9.97 2.37
C VAL A 4 40.35 -10.91 1.19
N PRO A 5 41.45 -11.48 0.68
CA PRO A 5 41.56 -12.30 -0.52
C PRO A 5 40.87 -13.65 -0.40
N TYR A 6 39.58 -13.63 -0.65
CA TYR A 6 38.71 -14.80 -0.66
C TYR A 6 39.15 -15.75 -1.77
N ASN A 7 39.36 -17.03 -1.46
CA ASN A 7 39.84 -18.01 -2.44
C ASN A 7 38.95 -19.24 -2.54
N ARG A 8 37.65 -19.02 -2.65
CA ARG A 8 36.68 -20.11 -2.75
C ARG A 8 35.79 -19.89 -3.98
N MET A 9 35.53 -20.97 -4.71
CA MET A 9 34.77 -20.88 -5.96
C MET A 9 33.87 -22.09 -6.14
N LYS A 10 32.71 -21.91 -6.74
CA LYS A 10 31.79 -23.02 -6.88
C LYS A 10 32.04 -23.85 -8.13
N LEU A 11 31.79 -25.14 -8.02
CA LEU A 11 31.92 -26.03 -9.16
C LEU A 11 30.57 -26.64 -9.44
N MET A 12 30.02 -26.33 -10.60
CA MET A 12 28.72 -26.86 -10.95
C MET A 12 28.87 -28.00 -11.92
N ILE A 13 28.43 -29.18 -11.51
CA ILE A 13 28.54 -30.33 -12.39
C ILE A 13 27.17 -30.68 -12.90
N VAL A 14 27.02 -30.66 -14.22
CA VAL A 14 25.73 -30.89 -14.84
C VAL A 14 25.81 -31.94 -15.93
N GLY A 15 24.64 -32.44 -16.30
CA GLY A 15 24.53 -33.45 -17.34
C GLY A 15 23.25 -34.24 -17.15
N ASN A 16 22.94 -35.13 -18.07
CA ASN A 16 21.73 -35.91 -17.96
C ASN A 16 21.91 -37.17 -17.15
N TPO A 17 20.79 -37.67 -16.67
CA TPO A 17 20.73 -38.88 -15.87
CB TPO A 17 19.27 -39.21 -15.51
CG2 TPO A 17 19.19 -40.45 -14.65
OG1 TPO A 17 18.68 -38.10 -14.81
P TPO A 17 17.09 -37.89 -14.76
O1P TPO A 17 16.44 -39.28 -14.59
O2P TPO A 17 16.79 -36.99 -13.54
O3P TPO A 17 16.64 -37.19 -16.08
C TPO A 17 21.37 -40.05 -16.62
O TPO A 17 20.97 -40.37 -17.74
N GLY A 18 22.35 -40.66 -15.97
CA GLY A 18 23.05 -41.81 -16.56
C GLY A 18 24.51 -41.54 -16.89
N SER A 19 24.92 -40.28 -16.83
CA SER A 19 26.29 -39.92 -17.18
C SER A 19 27.39 -40.53 -16.31
N GLY A 20 27.09 -40.82 -15.04
CA GLY A 20 28.11 -41.37 -14.15
C GLY A 20 29.05 -40.28 -13.60
N LYS A 21 28.68 -39.01 -13.83
CA LYS A 21 29.47 -37.85 -13.48
C LYS A 21 29.83 -37.72 -12.00
N THR A 22 29.06 -38.37 -11.12
CA THR A 22 29.37 -38.35 -9.70
C THR A 22 30.66 -39.09 -9.41
N THR A 23 30.84 -40.25 -10.06
CA THR A 23 32.05 -41.00 -9.86
C THR A 23 33.20 -40.25 -10.46
N LEU A 24 32.96 -39.63 -11.62
CA LEU A 24 33.97 -38.80 -12.24
C LEU A 24 34.55 -37.82 -11.24
N LEU A 25 33.67 -37.13 -10.52
CA LEU A 25 34.08 -36.24 -9.44
C LEU A 25 34.93 -36.93 -8.41
N GLN A 26 34.49 -38.11 -7.96
CA GLN A 26 35.25 -38.86 -6.96
C GLN A 26 36.65 -39.20 -7.44
N GLN A 27 36.78 -39.51 -8.73
CA GLN A 27 38.09 -39.82 -9.25
C GLN A 27 38.95 -38.58 -9.36
N LEU A 28 38.34 -37.47 -9.77
CA LEU A 28 39.06 -36.21 -9.90
C LEU A 28 39.56 -35.71 -8.56
N MET A 29 38.76 -35.89 -7.53
CA MET A 29 39.12 -35.50 -6.18
C MET A 29 40.08 -36.49 -5.53
N GLY A 44 18.87 -34.89 -5.72
CA GLY A 44 19.25 -33.52 -6.04
C GLY A 44 20.75 -33.34 -6.20
N ILE A 45 21.32 -32.48 -5.36
CA ILE A 45 22.73 -32.14 -5.43
C ILE A 45 23.59 -32.66 -4.30
N ASP A 46 24.70 -33.29 -4.66
CA ASP A 46 25.69 -33.75 -3.69
C ASP A 46 26.72 -32.65 -3.49
N VAL A 47 26.68 -31.98 -2.33
CA VAL A 47 27.55 -30.85 -2.07
C VAL A 47 28.78 -31.20 -1.24
N LYS A 48 29.97 -30.80 -1.70
CA LYS A 48 31.19 -31.07 -0.95
C LYS A 48 32.37 -30.22 -1.36
N ASP A 49 33.18 -29.81 -0.37
CA ASP A 49 34.37 -29.03 -0.65
C ASP A 49 35.48 -29.81 -1.34
N TRP A 50 36.23 -29.13 -2.20
CA TRP A 50 37.37 -29.71 -2.88
C TRP A 50 38.58 -28.79 -2.91
N PRO A 51 39.39 -28.78 -1.87
CA PRO A 51 40.66 -28.09 -1.75
C PRO A 51 41.64 -28.60 -2.79
N ILE A 52 42.18 -27.69 -3.57
CA ILE A 52 43.16 -27.99 -4.59
C ILE A 52 44.42 -27.20 -4.33
N LEU A 62 43.08 -23.35 -3.24
CA LEU A 62 41.84 -23.18 -3.96
C LEU A 62 40.79 -24.12 -3.44
N VAL A 63 39.76 -23.59 -2.80
CA VAL A 63 38.75 -24.52 -2.33
C VAL A 63 37.52 -24.41 -3.17
N LEU A 64 37.16 -25.50 -3.81
CA LEU A 64 35.99 -25.46 -4.62
C LEU A 64 34.79 -25.95 -3.83
N ASN A 65 33.68 -25.28 -4.00
CA ASN A 65 32.43 -25.66 -3.40
C ASN A 65 31.70 -26.46 -4.45
N VAL A 66 31.81 -27.78 -4.40
CA VAL A 66 31.27 -28.55 -5.49
C VAL A 66 29.80 -28.86 -5.31
N TRP A 67 29.03 -28.52 -6.31
CA TRP A 67 27.59 -28.76 -6.38
C TRP A 67 27.29 -29.76 -7.49
N ASP A 68 27.30 -31.04 -7.15
CA ASP A 68 27.01 -32.09 -8.13
C ASP A 68 25.54 -32.29 -8.40
N PHE A 69 25.01 -31.72 -9.50
CA PHE A 69 23.60 -31.89 -9.88
C PHE A 69 23.39 -33.27 -10.45
N ALA A 70 23.46 -34.28 -9.59
CA ALA A 70 23.36 -35.64 -10.04
C ALA A 70 21.99 -35.94 -10.60
N GLY A 71 20.94 -35.59 -9.84
CA GLY A 71 19.58 -35.85 -10.29
C GLY A 71 18.91 -34.63 -10.87
N ARG A 72 17.59 -34.70 -11.03
CA ARG A 72 16.80 -33.61 -11.61
C ARG A 72 16.58 -32.47 -10.66
N GLU A 73 17.65 -31.83 -10.22
CA GLU A 73 17.52 -30.74 -9.29
C GLU A 73 17.11 -29.48 -9.97
N GLU A 74 15.81 -29.21 -9.92
CA GLU A 74 15.18 -28.07 -10.53
C GLU A 74 15.83 -26.72 -10.23
N PHE A 75 16.67 -26.62 -9.18
CA PHE A 75 17.46 -25.43 -8.84
C PHE A 75 18.01 -24.71 -10.07
N TYR A 76 18.54 -25.48 -11.04
CA TYR A 76 19.08 -24.88 -12.25
C TYR A 76 18.09 -24.00 -13.03
N SER A 77 16.80 -24.15 -12.77
CA SER A 77 15.77 -23.37 -13.43
C SER A 77 14.85 -22.66 -12.44
N THR A 78 14.93 -23.02 -11.15
CA THR A 78 14.07 -22.41 -10.13
C THR A 78 14.80 -21.45 -9.22
N HIS A 79 16.10 -21.60 -9.13
CA HIS A 79 16.90 -20.66 -8.37
C HIS A 79 18.35 -20.74 -8.73
N PRO A 80 18.71 -20.57 -10.01
CA PRO A 80 20.06 -20.57 -10.56
C PRO A 80 20.75 -19.25 -10.31
N ARG A 86 30.96 -16.69 -10.34
CA ARG A 86 31.87 -17.32 -9.39
C ARG A 86 31.75 -18.83 -9.39
N ALA A 87 31.61 -19.40 -10.58
CA ALA A 87 31.44 -20.83 -10.70
C ALA A 87 31.90 -21.34 -12.05
N LEU A 88 32.30 -22.60 -12.09
CA LEU A 88 32.73 -23.23 -13.32
C LEU A 88 31.84 -24.40 -13.64
N TYR A 89 31.47 -24.53 -14.90
CA TYR A 89 30.58 -25.60 -15.29
C TYR A 89 31.27 -26.76 -15.92
N LEU A 90 30.95 -27.93 -15.41
CA LEU A 90 31.49 -29.15 -15.96
C LEU A 90 30.33 -29.91 -16.56
N ALA A 91 30.30 -29.97 -17.87
CA ALA A 91 29.24 -30.65 -18.60
C ALA A 91 29.67 -32.06 -18.90
N VAL A 92 28.99 -33.04 -18.36
CA VAL A 92 29.38 -34.42 -18.56
C VAL A 92 28.33 -35.20 -19.31
N TYR A 93 28.76 -35.97 -20.30
CA TYR A 93 27.83 -36.79 -21.06
C TYR A 93 28.46 -38.11 -21.45
N ASP A 94 27.61 -39.08 -21.77
CA ASP A 94 28.07 -40.43 -22.14
C ASP A 94 28.34 -40.55 -23.63
N LEU A 95 29.61 -40.56 -23.99
CA LEU A 95 30.06 -40.66 -25.37
C LEU A 95 29.50 -41.86 -26.13
N SER A 96 29.31 -43.00 -25.44
CA SER A 96 28.82 -44.20 -26.11
C SER A 96 27.36 -44.05 -26.55
N LYS A 97 26.64 -43.09 -25.97
CA LYS A 97 25.29 -42.81 -26.41
C LYS A 97 25.39 -42.06 -27.72
N GLY A 98 26.29 -41.09 -27.77
CA GLY A 98 26.57 -40.39 -29.02
C GLY A 98 25.97 -39.01 -29.19
N GLN A 99 25.82 -38.64 -30.46
CA GLN A 99 25.36 -37.33 -30.91
C GLN A 99 23.99 -36.95 -30.36
N ALA A 100 23.14 -37.95 -30.15
CA ALA A 100 21.83 -37.70 -29.59
C ALA A 100 21.96 -37.05 -28.22
N GLU A 101 22.97 -37.48 -27.47
CA GLU A 101 23.20 -36.93 -26.14
C GLU A 101 23.74 -35.53 -26.25
N VAL A 102 24.59 -35.31 -27.24
CA VAL A 102 25.13 -33.99 -27.49
C VAL A 102 23.99 -33.00 -27.68
N ASP A 103 23.00 -33.40 -28.48
CA ASP A 103 21.82 -32.56 -28.69
C ASP A 103 21.01 -32.38 -27.41
N ALA A 104 20.91 -33.44 -26.61
CA ALA A 104 20.22 -33.36 -25.33
C ALA A 104 20.84 -32.31 -24.42
N MET A 105 22.15 -32.11 -24.53
CA MET A 105 22.82 -31.11 -23.71
C MET A 105 22.58 -29.66 -24.12
N LYS A 106 21.92 -29.42 -25.25
CA LYS A 106 21.69 -28.04 -25.68
C LYS A 106 20.83 -27.24 -24.70
N PRO A 107 19.76 -27.80 -24.13
CA PRO A 107 18.96 -27.17 -23.11
C PRO A 107 19.77 -26.81 -21.88
N TRP A 108 20.77 -27.63 -21.57
CA TRP A 108 21.62 -27.37 -20.42
C TRP A 108 22.51 -26.19 -20.71
N LEU A 109 23.07 -26.17 -21.91
CA LEU A 109 23.92 -25.09 -22.32
C LEU A 109 23.15 -23.80 -22.44
N PHE A 110 21.91 -23.89 -22.93
CA PHE A 110 21.05 -22.74 -23.04
C PHE A 110 20.83 -22.14 -21.69
N ASN A 111 20.42 -22.98 -20.74
CA ASN A 111 20.17 -22.55 -19.40
C ASN A 111 21.39 -21.92 -18.76
N ILE A 112 22.57 -22.49 -19.00
CA ILE A 112 23.79 -21.92 -18.46
C ILE A 112 24.01 -20.53 -19.02
N LYS A 113 23.94 -20.39 -20.33
CA LYS A 113 24.14 -19.08 -20.95
C LYS A 113 23.11 -18.09 -20.46
N ALA A 114 21.88 -18.56 -20.30
CA ALA A 114 20.75 -17.76 -19.87
C ALA A 114 20.92 -17.19 -18.46
N ARG A 115 21.89 -17.68 -17.68
CA ARG A 115 22.05 -17.16 -16.34
C ARG A 115 23.49 -16.71 -16.09
N ALA A 116 24.43 -17.28 -16.83
CA ALA A 116 25.83 -16.91 -16.71
C ALA A 116 26.57 -17.11 -18.00
N SER A 117 26.31 -16.25 -18.97
CA SER A 117 26.96 -16.38 -20.28
C SER A 117 28.48 -16.22 -20.22
N SER A 118 28.96 -15.51 -19.21
CA SER A 118 30.39 -15.30 -19.03
C SER A 118 31.11 -16.46 -18.33
N SER A 119 30.36 -17.39 -17.76
CA SER A 119 30.98 -18.49 -17.03
C SER A 119 31.65 -19.48 -17.98
N PRO A 120 32.69 -20.19 -17.53
CA PRO A 120 33.48 -21.15 -18.26
C PRO A 120 32.76 -22.48 -18.32
N VAL A 121 32.89 -23.17 -19.44
CA VAL A 121 32.27 -24.48 -19.60
C VAL A 121 33.26 -25.51 -20.12
N ILE A 122 33.40 -26.61 -19.41
CA ILE A 122 34.24 -27.70 -19.85
C ILE A 122 33.36 -28.89 -20.20
N LEU A 123 33.48 -29.36 -21.43
CA LEU A 123 32.66 -30.46 -21.90
C LEU A 123 33.41 -31.79 -21.87
N VAL A 124 32.92 -32.75 -21.10
CA VAL A 124 33.61 -34.04 -21.02
C VAL A 124 32.73 -35.22 -21.42
N GLY A 125 33.21 -35.96 -22.42
CA GLY A 125 32.55 -37.17 -22.86
C GLY A 125 33.13 -38.33 -22.09
N THR A 126 32.28 -39.25 -21.64
CA THR A 126 32.77 -40.37 -20.86
C THR A 126 32.43 -41.69 -21.52
N HIS A 127 32.94 -42.76 -20.93
CA HIS A 127 32.76 -44.12 -21.44
C HIS A 127 33.41 -44.33 -22.80
N LEU A 128 34.59 -43.73 -23.00
CA LEU A 128 35.34 -43.93 -24.23
C LEU A 128 35.82 -45.38 -24.33
N ASP A 129 35.98 -46.08 -23.20
CA ASP A 129 36.42 -47.46 -23.27
C ASP A 129 35.37 -48.45 -23.81
N VAL A 130 34.15 -47.96 -24.05
CA VAL A 130 33.10 -48.78 -24.64
C VAL A 130 32.48 -48.01 -25.78
N SER A 131 33.24 -47.07 -26.32
CA SER A 131 32.77 -46.25 -27.42
C SER A 131 33.82 -46.18 -28.50
N ASP A 132 33.47 -46.71 -29.66
CA ASP A 132 34.39 -46.72 -30.79
C ASP A 132 34.74 -45.29 -31.16
N GLU A 133 35.98 -45.08 -31.62
CA GLU A 133 36.40 -43.74 -32.01
C GLU A 133 35.51 -43.15 -33.09
N LYS A 134 34.78 -43.99 -33.82
CA LYS A 134 33.78 -43.53 -34.76
C LYS A 134 32.84 -42.56 -34.06
N GLN A 135 32.35 -42.96 -32.89
CA GLN A 135 31.45 -42.12 -32.12
C GLN A 135 32.20 -40.93 -31.57
N ARG A 136 33.43 -41.15 -31.13
CA ARG A 136 34.25 -40.06 -30.62
C ARG A 136 34.39 -38.94 -31.63
N LYS A 137 34.81 -39.29 -32.84
CA LYS A 137 34.99 -38.29 -33.87
C LYS A 137 33.66 -37.82 -34.43
N ALA A 138 32.61 -38.64 -34.32
CA ALA A 138 31.30 -38.20 -34.76
C ALA A 138 30.83 -37.08 -33.86
N CYS A 139 30.95 -37.30 -32.56
CA CYS A 139 30.58 -36.30 -31.57
C CYS A 139 31.51 -35.12 -31.62
N MET A 140 32.77 -35.37 -31.93
CA MET A 140 33.72 -34.28 -32.10
C MET A 140 33.25 -33.37 -33.20
N SER A 141 32.93 -33.94 -34.35
CA SER A 141 32.46 -33.12 -35.46
C SER A 141 31.11 -32.50 -35.14
N LYS A 142 30.30 -33.21 -34.37
CA LYS A 142 29.01 -32.70 -33.95
C LYS A 142 29.15 -31.40 -33.17
N ILE A 143 30.06 -31.38 -32.20
CA ILE A 143 30.24 -30.17 -31.43
C ILE A 143 31.02 -29.10 -32.19
N THR A 144 31.88 -29.49 -33.14
CA THR A 144 32.56 -28.44 -33.90
C THR A 144 31.61 -27.78 -34.86
N LYS A 145 30.59 -28.53 -35.28
CA LYS A 145 29.59 -28.00 -36.18
C LYS A 145 28.43 -27.31 -35.48
N GLU A 146 28.06 -27.78 -34.28
CA GLU A 146 26.87 -27.24 -33.67
C GLU A 146 26.99 -26.59 -32.30
N LEU A 147 28.15 -26.65 -31.63
CA LEU A 147 28.22 -26.02 -30.31
C LEU A 147 29.43 -25.13 -30.09
N LEU A 148 30.60 -25.61 -30.48
CA LEU A 148 31.84 -24.89 -30.26
C LEU A 148 31.91 -23.56 -30.98
N ASN A 149 31.21 -23.45 -32.10
CA ASN A 149 31.17 -22.21 -32.85
C ASN A 149 29.75 -21.73 -33.04
N LYS A 150 28.85 -22.16 -32.15
CA LYS A 150 27.45 -21.81 -32.31
C LYS A 150 26.95 -20.80 -31.30
N ARG A 151 26.47 -19.67 -31.81
CA ARG A 151 25.93 -18.64 -30.94
C ARG A 151 24.66 -19.15 -30.29
N GLY A 152 24.38 -18.65 -29.10
CA GLY A 152 23.24 -19.13 -28.34
C GLY A 152 23.71 -20.07 -27.25
N PHE A 153 24.93 -20.59 -27.38
CA PHE A 153 25.49 -21.45 -26.35
C PHE A 153 26.68 -20.70 -25.75
N PRO A 154 26.96 -20.89 -24.46
CA PRO A 154 27.94 -20.18 -23.62
C PRO A 154 29.41 -20.50 -23.91
N ALA A 155 29.80 -20.37 -25.18
CA ALA A 155 31.17 -20.54 -25.67
C ALA A 155 32.01 -21.58 -24.92
N ILE A 156 31.61 -22.85 -24.99
CA ILE A 156 32.40 -23.96 -24.43
C ILE A 156 33.88 -23.66 -24.47
N ARG A 157 34.51 -23.63 -23.32
CA ARG A 157 35.91 -23.26 -23.23
C ARG A 157 36.84 -24.39 -23.61
N ASP A 158 36.55 -25.60 -23.17
CA ASP A 158 37.42 -26.71 -23.55
C ASP A 158 36.65 -28.01 -23.46
N TYR A 159 37.27 -29.11 -23.89
CA TYR A 159 36.61 -30.39 -23.81
C TYR A 159 37.59 -31.55 -23.77
N HIS A 160 37.12 -32.68 -23.26
CA HIS A 160 37.91 -33.90 -23.14
C HIS A 160 37.09 -35.16 -23.34
N PHE A 161 37.77 -36.27 -23.60
CA PHE A 161 37.11 -37.56 -23.69
C PHE A 161 37.80 -38.48 -22.68
N VAL A 162 37.01 -39.22 -21.92
CA VAL A 162 37.53 -40.08 -20.87
C VAL A 162 37.08 -41.52 -21.01
N ASN A 163 38.03 -42.45 -20.91
CA ASN A 163 37.76 -43.88 -21.01
C ASN A 163 36.82 -44.35 -19.94
N ALA A 164 37.14 -44.06 -18.70
CA ALA A 164 36.33 -44.49 -17.58
C ALA A 164 36.73 -43.74 -16.32
N THR A 165 35.83 -43.74 -15.35
CA THR A 165 36.05 -43.06 -14.09
C THR A 165 37.09 -43.74 -13.20
N GLU A 166 37.61 -44.90 -13.62
CA GLU A 166 38.69 -45.58 -12.90
C GLU A 166 39.98 -44.77 -12.80
N GLU A 167 40.19 -43.83 -13.74
CA GLU A 167 41.34 -42.91 -13.85
C GLU A 167 41.81 -42.89 -15.31
N SER A 168 42.60 -41.88 -15.69
CA SER A 168 43.12 -41.77 -17.05
C SER A 168 44.08 -40.62 -17.21
N ASP A 169 44.88 -40.70 -18.27
CA ASP A 169 45.77 -39.60 -18.62
C ASP A 169 44.92 -38.42 -19.04
N ALA A 170 43.74 -38.71 -19.61
CA ALA A 170 42.78 -37.70 -19.99
C ALA A 170 42.31 -36.95 -18.77
N LEU A 171 42.13 -37.67 -17.67
CA LEU A 171 41.69 -37.06 -16.43
C LEU A 171 42.80 -36.23 -15.80
N ALA A 172 44.04 -36.66 -15.97
CA ALA A 172 45.15 -35.85 -15.49
C ALA A 172 45.13 -34.51 -16.22
N LYS A 173 44.89 -34.57 -17.53
CA LYS A 173 44.80 -33.38 -18.36
C LYS A 173 43.59 -32.55 -17.98
N LEU A 174 42.47 -33.23 -17.69
CA LEU A 174 41.25 -32.56 -17.26
C LEU A 174 41.48 -31.80 -15.99
N ARG A 175 42.13 -32.43 -15.02
CA ARG A 175 42.44 -31.75 -13.77
C ARG A 175 43.23 -30.49 -14.04
N LYS A 176 44.23 -30.60 -14.92
CA LYS A 176 45.04 -29.44 -15.28
C LYS A 176 44.19 -28.38 -15.95
N THR A 177 43.27 -28.82 -16.81
CA THR A 177 42.36 -27.94 -17.52
C THR A 177 41.45 -27.21 -16.57
N ILE A 178 40.86 -27.94 -15.63
CA ILE A 178 39.94 -27.35 -14.68
C ILE A 178 40.63 -26.29 -13.86
N ILE A 179 41.82 -26.61 -13.38
CA ILE A 179 42.55 -25.66 -12.58
C ILE A 179 42.92 -24.43 -13.36
N ASN A 180 43.55 -24.62 -14.50
CA ASN A 180 44.01 -23.50 -15.28
C ASN A 180 42.86 -22.68 -15.82
N GLU A 181 41.79 -23.35 -16.22
CA GLU A 181 40.67 -22.66 -16.79
C GLU A 181 39.90 -21.89 -15.73
N SER A 182 39.81 -22.43 -14.51
CA SER A 182 39.11 -21.68 -13.48
C SER A 182 39.90 -20.44 -13.12
N LEU A 183 41.23 -20.52 -13.25
CA LEU A 183 42.06 -19.36 -13.03
C LEU A 183 41.84 -18.35 -14.15
N ASN A 184 41.73 -18.86 -15.39
CA ASN A 184 41.48 -18.03 -16.56
C ASN A 184 40.14 -17.34 -16.46
N PHE A 185 39.14 -18.06 -15.95
CA PHE A 185 37.83 -17.49 -15.76
C PHE A 185 37.84 -16.32 -14.83
N LYS A 186 38.50 -16.48 -13.70
CA LYS A 186 38.56 -15.36 -12.80
C LYS A 186 39.35 -14.23 -13.41
N ILE A 187 40.33 -14.52 -14.26
CA ILE A 187 41.00 -13.47 -14.98
C ILE A 187 39.98 -12.74 -15.87
N ARG A 188 39.11 -13.51 -16.53
CA ARG A 188 38.06 -12.94 -17.36
C ARG A 188 37.13 -12.07 -16.52
N ASP A 189 36.82 -12.51 -15.30
CA ASP A 189 36.04 -11.67 -14.42
C ASP A 189 36.75 -10.38 -14.12
N GLN A 190 38.06 -10.44 -13.91
CA GLN A 190 38.82 -9.21 -13.68
C GLN A 190 38.73 -8.28 -14.88
N LEU A 191 38.71 -8.84 -16.07
CA LEU A 191 38.60 -8.05 -17.28
C LEU A 191 37.21 -7.38 -17.41
N VAL A 192 36.16 -8.04 -16.91
CA VAL A 192 34.80 -7.48 -17.00
C VAL A 192 34.25 -6.99 -15.67
N VAL A 193 34.17 -7.90 -14.71
CA VAL A 193 33.65 -7.64 -13.37
C VAL A 193 34.61 -6.80 -12.54
N GLY A 194 35.89 -7.14 -12.59
CA GLY A 194 36.92 -6.49 -11.80
C GLY A 194 37.37 -7.35 -10.63
N GLN A 195 37.14 -8.67 -10.71
CA GLN A 195 37.54 -9.56 -9.62
C GLN A 195 38.28 -10.84 -10.08
N LEU A 196 39.30 -11.23 -9.33
CA LEU A 196 40.12 -12.44 -9.52
C LEU A 196 39.82 -13.54 -8.49
N ILE A 197 40.45 -14.71 -8.66
CA ILE A 197 40.24 -15.80 -7.69
C ILE A 197 40.75 -15.46 -6.28
N PRO A 198 41.69 -14.51 -6.07
CA PRO A 198 42.05 -13.97 -4.76
C PRO A 198 41.37 -12.63 -4.49
N ASP A 199 40.23 -12.36 -5.14
CA ASP A 199 39.58 -11.07 -4.94
C ASP A 199 39.22 -10.85 -3.50
N CYS A 200 39.38 -9.61 -3.09
CA CYS A 200 39.19 -9.27 -1.72
C CYS A 200 37.76 -8.85 -1.43
N TYR A 201 37.19 -9.43 -0.39
CA TYR A 201 35.83 -9.13 0.06
C TYR A 201 35.88 -8.72 1.50
N VAL A 202 34.92 -7.90 1.93
CA VAL A 202 34.93 -7.42 3.29
C VAL A 202 35.08 -8.60 4.25
N GLU A 203 36.14 -8.55 5.05
CA GLU A 203 36.50 -9.63 5.96
C GLU A 203 35.41 -10.02 6.92
N LEU A 204 34.53 -9.08 7.21
CA LEU A 204 33.46 -9.32 8.14
C LEU A 204 32.47 -10.32 7.57
N GLU A 205 32.30 -10.30 6.25
CA GLU A 205 31.42 -11.22 5.57
C GLU A 205 32.07 -12.59 5.59
N LYS A 206 33.39 -12.60 5.41
CA LYS A 206 34.16 -13.82 5.48
C LYS A 206 34.05 -14.43 6.86
N ILE A 207 34.07 -13.58 7.89
CA ILE A 207 33.91 -14.03 9.25
C ILE A 207 32.55 -14.68 9.49
N ILE A 208 31.47 -14.10 8.92
CA ILE A 208 30.13 -14.68 9.10
C ILE A 208 30.08 -16.16 8.80
N LEU A 209 30.72 -16.53 7.71
CA LEU A 209 30.84 -17.93 7.29
C LEU A 209 31.08 -18.90 8.45
N SER A 210 31.97 -18.52 9.38
CA SER A 210 32.34 -19.37 10.49
C SER A 210 31.16 -19.81 11.33
N GLU A 211 30.49 -18.85 11.96
CA GLU A 211 29.37 -19.22 12.82
C GLU A 211 28.17 -19.71 12.03
N ARG A 212 28.10 -19.39 10.74
CA ARG A 212 26.98 -19.94 9.99
C ARG A 212 27.27 -21.38 9.64
N LYS A 213 28.54 -21.72 9.48
CA LYS A 213 28.90 -23.10 9.29
C LYS A 213 28.58 -23.86 10.57
N ASN A 214 28.99 -23.30 11.71
CA ASN A 214 28.79 -23.93 13.00
C ASN A 214 27.40 -23.73 13.58
N VAL A 215 26.41 -24.36 12.98
CA VAL A 215 25.03 -24.26 13.47
C VAL A 215 24.41 -25.60 13.82
N PRO A 216 24.03 -25.77 15.09
CA PRO A 216 23.32 -26.97 15.54
C PRO A 216 21.86 -26.67 15.83
N ILE A 217 21.00 -26.87 14.84
CA ILE A 217 19.56 -26.66 14.99
C ILE A 217 18.77 -27.84 14.42
N GLU A 218 17.81 -28.37 15.18
CA GLU A 218 16.97 -29.51 14.75
C GLU A 218 16.25 -29.25 13.43
N PHE A 219 15.61 -28.09 13.31
CA PHE A 219 14.96 -27.64 12.09
C PHE A 219 15.64 -26.35 11.66
N PRO A 220 16.84 -26.46 11.07
CA PRO A 220 17.72 -25.37 10.66
C PRO A 220 17.06 -24.25 9.86
N VAL A 221 16.33 -23.40 10.57
CA VAL A 221 15.72 -22.20 10.04
C VAL A 221 16.17 -21.09 10.96
N ILE A 222 16.84 -20.09 10.42
CA ILE A 222 17.44 -19.08 11.28
C ILE A 222 16.83 -17.69 11.21
N ASP A 223 16.62 -17.15 12.40
CA ASP A 223 16.11 -15.81 12.65
C ASP A 223 17.02 -15.10 13.66
N ARG A 224 17.60 -15.91 14.57
CA ARG A 224 18.53 -15.42 15.59
C ARG A 224 19.88 -14.94 15.04
N LYS A 225 20.02 -14.89 13.72
CA LYS A 225 21.18 -14.32 13.05
C LYS A 225 21.48 -12.94 13.62
N ARG A 226 20.44 -12.20 13.99
CA ARG A 226 20.58 -10.90 14.61
C ARG A 226 21.41 -11.02 15.89
N LEU A 227 21.14 -12.08 16.65
CA LEU A 227 21.88 -12.36 17.86
C LEU A 227 23.30 -12.69 17.51
N LEU A 228 23.51 -13.49 16.47
CA LEU A 228 24.86 -13.87 16.06
C LEU A 228 25.68 -12.62 15.71
N GLN A 229 25.04 -11.62 15.11
CA GLN A 229 25.68 -10.35 14.85
C GLN A 229 26.15 -9.76 16.17
N LEU A 230 25.28 -9.84 17.18
CA LEU A 230 25.58 -9.37 18.53
C LEU A 230 26.58 -10.26 19.27
N VAL A 231 26.66 -11.55 18.90
CA VAL A 231 27.62 -12.45 19.52
C VAL A 231 29.02 -12.02 19.18
N ARG A 232 29.28 -11.78 17.90
CA ARG A 232 30.60 -11.29 17.53
C ARG A 232 30.62 -9.77 17.57
N GLU A 233 30.47 -9.21 18.76
CA GLU A 233 30.44 -7.77 18.93
C GLU A 233 29.27 -7.20 18.12
N ASN A 234 29.58 -6.54 17.01
CA ASN A 234 28.58 -6.03 16.10
C ASN A 234 29.26 -5.57 14.84
N GLN A 235 29.46 -6.50 13.93
CA GLN A 235 30.14 -6.20 12.69
C GLN A 235 29.12 -5.97 11.59
N LEU A 236 29.51 -5.29 10.52
CA LEU A 236 28.58 -5.01 9.44
C LEU A 236 27.36 -4.29 10.00
N GLN A 237 27.64 -3.30 10.84
CA GLN A 237 26.66 -2.53 11.57
C GLN A 237 25.67 -1.74 10.72
N LEU A 238 25.96 -1.57 9.43
CA LEU A 238 25.00 -0.88 8.59
C LEU A 238 23.96 -1.90 8.18
N ASP A 239 22.97 -2.05 9.05
CA ASP A 239 21.87 -2.98 8.86
C ASP A 239 21.14 -2.72 7.53
N GLU A 240 21.13 -1.47 7.11
CA GLU A 240 20.53 -1.06 5.85
C GLU A 240 21.44 -1.29 4.62
N ASN A 241 22.71 -1.58 4.81
CA ASN A 241 23.59 -1.71 3.67
C ASN A 241 24.52 -2.91 3.74
N GLU A 242 25.28 -2.98 4.82
CA GLU A 242 26.23 -4.05 5.00
C GLU A 242 25.55 -5.36 5.22
N LEU A 243 24.47 -5.35 5.98
CA LEU A 243 23.73 -6.56 6.21
C LEU A 243 23.13 -7.15 4.93
N PRO A 244 22.41 -6.35 4.09
CA PRO A 244 21.88 -6.78 2.81
C PRO A 244 22.95 -7.30 1.87
N HIS A 245 24.12 -6.67 1.90
CA HIS A 245 25.17 -7.13 1.02
C HIS A 245 25.75 -8.42 1.50
N ALA A 246 25.83 -8.57 2.81
CA ALA A 246 26.32 -9.80 3.38
C ALA A 246 25.38 -10.93 3.01
N VAL A 247 24.09 -10.70 3.14
CA VAL A 247 23.09 -11.72 2.79
C VAL A 247 23.18 -12.10 1.34
N HIS A 248 23.31 -11.09 0.47
CA HIS A 248 23.48 -11.33 -0.95
C HIS A 248 24.65 -12.26 -1.19
N PHE A 249 25.78 -11.93 -0.57
CA PHE A 249 26.99 -12.72 -0.65
C PHE A 249 26.78 -14.12 -0.11
N LEU A 250 26.09 -14.23 1.02
CA LEU A 250 25.85 -15.51 1.66
C LEU A 250 25.02 -16.46 0.79
N ASN A 251 24.06 -15.95 0.01
CA ASN A 251 23.44 -16.85 -0.96
C ASN A 251 24.41 -17.12 -2.09
N GLU A 252 25.00 -16.08 -2.66
CA GLU A 252 25.92 -16.26 -3.77
C GLU A 252 27.04 -17.24 -3.50
N SER A 253 27.63 -17.18 -2.32
CA SER A 253 28.73 -18.03 -1.94
C SER A 253 28.31 -19.44 -1.52
N GLY A 254 27.01 -19.70 -1.43
CA GLY A 254 26.56 -21.02 -1.06
C GLY A 254 26.67 -21.29 0.42
N VAL A 255 26.27 -20.31 1.23
CA VAL A 255 26.34 -20.46 2.68
C VAL A 255 24.97 -20.66 3.29
N LEU A 256 24.04 -19.78 2.96
CA LEU A 256 22.67 -19.92 3.47
C LEU A 256 21.65 -19.44 2.47
N LEU A 257 20.38 -19.64 2.79
CA LEU A 257 19.32 -19.32 1.86
C LEU A 257 18.24 -18.35 2.30
N HIS A 258 18.29 -17.11 1.83
CA HIS A 258 17.09 -16.27 1.89
C HIS A 258 16.16 -16.69 0.79
N PHE A 259 14.87 -16.36 0.92
CA PHE A 259 13.93 -16.66 -0.15
C PHE A 259 13.14 -15.43 -0.52
N GLN A 260 13.86 -14.43 -0.99
CA GLN A 260 13.26 -13.17 -1.37
C GLN A 260 12.88 -13.07 -2.85
N ALA A 263 7.25 -12.83 -3.29
CA ALA A 263 6.66 -12.33 -2.05
C ALA A 263 6.20 -13.48 -1.14
N LEU A 264 7.15 -14.16 -0.52
CA LEU A 264 6.87 -15.28 0.38
C LEU A 264 6.89 -14.79 1.80
N GLN A 265 6.22 -15.51 2.71
CA GLN A 265 6.30 -15.07 4.09
C GLN A 265 7.57 -15.66 4.67
N LEU A 266 7.86 -16.89 4.30
CA LEU A 266 9.10 -17.52 4.73
C LEU A 266 10.21 -17.06 3.78
N SER A 267 10.67 -15.82 4.00
CA SER A 267 11.62 -15.18 3.11
C SER A 267 12.78 -14.47 3.78
N ASP A 268 12.47 -13.35 4.42
CA ASP A 268 13.43 -12.45 5.04
C ASP A 268 14.06 -12.93 6.33
N LEU A 269 13.25 -13.50 7.21
CA LEU A 269 13.71 -13.87 8.54
C LEU A 269 13.88 -15.37 8.71
N TYR A 270 13.97 -16.08 7.61
CA TYR A 270 14.03 -17.52 7.64
C TYR A 270 15.19 -18.06 6.81
N PHE A 271 16.38 -18.07 7.37
CA PHE A 271 17.53 -18.52 6.61
C PHE A 271 17.63 -20.03 6.76
N VAL A 272 17.53 -20.75 5.66
CA VAL A 272 17.46 -22.21 5.73
C VAL A 272 18.67 -22.97 5.19
N GLU A 273 19.10 -23.98 5.95
CA GLU A 273 20.20 -24.85 5.53
C GLU A 273 19.86 -25.56 4.20
N PRO A 274 20.67 -25.35 3.15
CA PRO A 274 20.54 -25.90 1.80
C PRO A 274 20.33 -27.40 1.78
N LYS A 275 20.97 -28.11 2.69
CA LYS A 275 20.84 -29.54 2.77
C LYS A 275 19.41 -29.96 3.03
N TRP A 276 18.70 -29.22 3.87
CA TRP A 276 17.33 -29.56 4.15
C TRP A 276 16.40 -29.14 3.07
N LEU A 277 16.60 -27.95 2.55
CA LEU A 277 15.71 -27.48 1.50
C LEU A 277 15.67 -28.49 0.38
N CYS A 278 16.86 -28.86 -0.08
CA CYS A 278 16.99 -29.78 -1.18
C CYS A 278 16.49 -31.17 -0.84
N LYS A 279 16.97 -31.72 0.26
CA LYS A 279 16.64 -33.07 0.63
C LYS A 279 15.17 -33.31 0.83
N ILE A 280 14.55 -32.49 1.67
CA ILE A 280 13.16 -32.72 1.98
C ILE A 280 12.24 -32.53 0.80
N MET A 281 12.42 -31.47 0.04
CA MET A 281 11.51 -31.26 -1.07
C MET A 281 11.67 -32.34 -2.13
N ALA A 282 12.91 -32.73 -2.39
CA ALA A 282 13.16 -33.77 -3.38
C ALA A 282 12.56 -35.09 -2.92
N GLN A 283 12.70 -35.40 -1.63
CA GLN A 283 12.16 -36.65 -1.16
C GLN A 283 10.66 -36.67 -1.21
N ILE A 284 10.01 -35.58 -0.78
CA ILE A 284 8.55 -35.51 -0.81
C ILE A 284 8.01 -35.72 -2.20
N LEU A 285 8.70 -35.20 -3.20
CA LEU A 285 8.32 -35.46 -4.58
C LEU A 285 8.23 -36.95 -4.83
N THR A 286 9.22 -37.70 -4.37
CA THR A 286 9.25 -39.14 -4.60
C THR A 286 8.45 -39.95 -3.58
N VAL A 287 8.10 -39.37 -2.42
CA VAL A 287 7.32 -40.12 -1.45
C VAL A 287 6.00 -40.51 -2.04
N GLY A 298 -1.29 -38.40 -11.32
CA GLY A 298 -0.36 -37.94 -10.30
C GLY A 298 -0.98 -36.89 -9.39
N ILE A 299 -2.30 -36.82 -9.31
CA ILE A 299 -2.91 -35.81 -8.45
C ILE A 299 -2.99 -36.31 -7.03
N ILE A 300 -2.44 -35.54 -6.12
CA ILE A 300 -2.41 -35.93 -4.72
C ILE A 300 -3.03 -34.88 -3.84
N SER A 301 -3.93 -35.29 -2.94
CA SER A 301 -4.53 -34.33 -2.04
C SER A 301 -3.53 -33.74 -1.10
N ARG A 302 -3.66 -32.43 -0.92
CA ARG A 302 -2.87 -31.65 0.00
C ARG A 302 -2.82 -32.25 1.37
N ARG A 303 -3.97 -32.74 1.82
CA ARG A 303 -4.09 -33.20 3.18
C ARG A 303 -3.32 -34.45 3.43
N ASP A 304 -3.28 -35.33 2.45
CA ASP A 304 -2.52 -36.55 2.61
C ASP A 304 -1.04 -36.23 2.60
N VAL A 305 -0.66 -35.20 1.85
CA VAL A 305 0.72 -34.76 1.87
C VAL A 305 1.06 -34.21 3.24
N GLU A 306 0.14 -33.43 3.82
CA GLU A 306 0.31 -32.87 5.15
C GLU A 306 0.46 -33.95 6.19
N LYS A 307 -0.34 -35.02 6.06
CA LYS A 307 -0.27 -36.14 6.98
C LYS A 307 1.11 -36.77 6.97
N PHE A 308 1.60 -37.07 5.79
CA PHE A 308 2.93 -37.68 5.69
C PHE A 308 3.99 -36.76 6.25
N LEU A 309 4.00 -35.50 5.79
CA LEU A 309 4.98 -34.52 6.21
C LEU A 309 5.03 -34.36 7.72
N SER A 310 3.87 -34.34 8.37
CA SER A 310 3.82 -34.18 9.82
C SER A 310 4.50 -35.31 10.58
N LYS A 311 4.66 -36.46 9.93
CA LYS A 311 5.32 -37.60 10.54
C LYS A 311 6.80 -37.58 10.19
N LYS A 312 7.09 -37.11 8.97
CA LYS A 312 8.46 -37.05 8.47
C LYS A 312 9.25 -35.97 9.19
N ARG A 313 8.76 -34.74 9.15
CA ARG A 313 9.38 -33.63 9.84
C ARG A 313 8.32 -32.71 10.39
N LYS A 314 8.24 -32.66 11.71
CA LYS A 314 7.24 -31.89 12.42
C LYS A 314 7.38 -30.37 12.27
N PHE A 315 7.04 -29.86 11.10
CA PHE A 315 7.08 -28.45 10.85
C PHE A 315 5.84 -27.78 11.42
N PRO A 316 5.95 -26.55 11.88
CA PRO A 316 4.87 -25.70 12.31
C PRO A 316 3.94 -25.57 11.15
N LYS A 317 2.65 -25.53 11.41
CA LYS A 317 1.68 -25.44 10.30
C LYS A 317 1.85 -24.16 9.50
N ASN A 318 2.36 -23.12 10.15
CA ASN A 318 2.65 -21.88 9.45
C ASN A 318 3.73 -22.14 8.42
N TYR A 319 4.74 -22.90 8.84
CA TYR A 319 5.82 -23.25 7.95
C TYR A 319 5.34 -24.19 6.88
N MET A 320 4.36 -25.05 7.22
CA MET A 320 3.81 -25.97 6.26
C MET A 320 3.08 -25.22 5.14
N SER A 321 2.40 -24.12 5.46
CA SER A 321 1.75 -23.37 4.40
C SER A 321 2.78 -22.76 3.47
N GLN A 322 3.92 -22.40 4.03
CA GLN A 322 4.99 -21.85 3.24
C GLN A 322 5.70 -22.94 2.49
N TYR A 323 5.73 -24.12 3.08
CA TYR A 323 6.32 -25.28 2.46
C TYR A 323 5.62 -25.54 1.15
N PHE A 324 4.29 -25.53 1.18
CA PHE A 324 3.54 -25.74 -0.02
C PHE A 324 3.79 -24.63 -1.03
N LYS A 325 3.95 -23.41 -0.54
CA LYS A 325 4.21 -22.32 -1.45
C LYS A 325 5.58 -22.50 -2.11
N LEU A 326 6.55 -23.02 -1.36
CA LEU A 326 7.85 -23.29 -1.91
C LEU A 326 7.78 -24.40 -2.95
N LEU A 327 6.90 -25.39 -2.73
CA LEU A 327 6.77 -26.47 -3.70
C LEU A 327 6.34 -25.89 -5.03
N GLU A 328 5.45 -24.89 -5.00
CA GLU A 328 5.06 -24.22 -6.22
C GLU A 328 6.23 -23.49 -6.85
N LYS A 329 6.93 -22.70 -6.04
CA LYS A 329 8.01 -21.87 -6.56
C LYS A 329 9.20 -22.66 -7.04
N PHE A 330 9.39 -23.86 -6.52
CA PHE A 330 10.46 -24.71 -6.99
C PHE A 330 9.96 -25.78 -7.95
N GLN A 331 8.74 -25.60 -8.48
CA GLN A 331 8.20 -26.49 -9.50
C GLN A 331 8.12 -27.95 -9.07
N ILE A 332 7.87 -28.18 -7.80
CA ILE A 332 7.77 -29.54 -7.31
C ILE A 332 6.33 -29.97 -7.42
N ALA A 333 5.44 -29.09 -7.01
CA ALA A 333 4.02 -29.39 -7.08
C ALA A 333 3.21 -28.13 -7.29
N LEU A 334 2.21 -28.21 -8.14
CA LEU A 334 1.40 -27.04 -8.42
C LEU A 334 0.04 -27.20 -7.79
N PRO A 335 -0.53 -26.14 -7.23
CA PRO A 335 -1.87 -26.12 -6.68
C PRO A 335 -2.91 -26.34 -7.77
N ILE A 336 -3.85 -27.24 -7.52
CA ILE A 336 -4.97 -27.45 -8.43
C ILE A 336 -6.16 -26.78 -7.78
N GLY A 337 -6.90 -27.55 -6.98
CA GLY A 337 -7.97 -26.98 -6.19
C GLY A 337 -7.29 -26.65 -4.89
N GLU A 338 -8.00 -26.06 -3.94
CA GLU A 338 -7.32 -25.74 -2.70
C GLU A 338 -6.90 -26.99 -1.93
N GLU A 339 -7.50 -28.13 -2.23
CA GLU A 339 -7.16 -29.37 -1.56
C GLU A 339 -6.26 -30.29 -2.37
N TYR A 340 -5.75 -29.85 -3.54
CA TYR A 340 -4.96 -30.78 -4.37
C TYR A 340 -3.69 -30.23 -4.99
N LEU A 341 -2.75 -31.14 -5.24
CA LEU A 341 -1.52 -30.82 -5.94
C LEU A 341 -1.35 -31.62 -7.22
N LEU A 342 -0.85 -30.96 -8.26
CA LEU A 342 -0.64 -31.57 -9.56
C LEU A 342 0.61 -32.38 -9.64
N VAL A 343 1.70 -31.87 -9.07
CA VAL A 343 2.98 -32.56 -9.11
C VAL A 343 3.44 -32.92 -10.52
N PRO A 344 3.72 -31.91 -11.36
CA PRO A 344 4.15 -31.99 -12.75
C PRO A 344 5.11 -33.14 -13.00
N SER A 345 6.15 -33.22 -12.19
CA SER A 345 7.11 -34.28 -12.36
C SER A 345 6.44 -35.59 -12.01
N SER A 346 6.62 -36.57 -12.88
CA SER A 346 6.04 -37.92 -12.76
C SER A 346 4.68 -38.01 -13.44
N LEU A 347 4.14 -36.92 -13.98
CA LEU A 347 2.88 -37.07 -14.69
C LEU A 347 3.13 -37.93 -15.90
N SER A 348 2.12 -38.70 -16.28
CA SER A 348 2.26 -39.57 -17.43
C SER A 348 2.72 -38.83 -18.64
N ASP A 349 3.64 -39.42 -19.38
CA ASP A 349 4.14 -38.80 -20.58
C ASP A 349 3.65 -39.53 -21.81
N HIS A 350 2.40 -39.97 -21.75
CA HIS A 350 1.77 -40.67 -22.86
C HIS A 350 0.43 -40.06 -23.17
N ARG A 351 0.46 -38.83 -23.68
CA ARG A 351 -0.72 -38.03 -24.03
C ARG A 351 -1.98 -38.86 -24.18
N PRO A 352 -2.90 -38.77 -23.24
CA PRO A 352 -4.16 -39.46 -23.14
C PRO A 352 -4.98 -39.28 -24.39
N VAL A 353 -5.75 -40.29 -24.75
CA VAL A 353 -6.56 -40.18 -25.93
C VAL A 353 -7.67 -39.19 -25.73
N ILE A 354 -7.67 -38.15 -26.56
CA ILE A 354 -8.67 -37.10 -26.48
C ILE A 354 -9.45 -36.98 -27.76
N GLU A 355 -10.76 -37.15 -27.67
CA GLU A 355 -11.60 -36.97 -28.84
C GLU A 355 -12.16 -35.56 -28.83
N LEU A 356 -11.78 -34.77 -29.81
CA LEU A 356 -12.26 -33.41 -29.87
C LEU A 356 -13.52 -33.33 -30.71
N PRO A 357 -14.43 -32.43 -30.38
CA PRO A 357 -15.60 -32.10 -31.12
C PRO A 357 -15.11 -31.19 -32.19
N HIS A 358 -15.72 -31.20 -33.36
CA HIS A 358 -15.28 -30.38 -34.49
C HIS A 358 -14.18 -31.07 -35.26
N CYS A 359 -14.29 -31.08 -36.58
CA CYS A 359 -13.39 -31.86 -37.41
C CYS A 359 -13.03 -31.17 -38.71
N GLU A 360 -13.99 -30.48 -39.33
CA GLU A 360 -13.72 -29.79 -40.57
C GLU A 360 -12.75 -28.67 -40.28
N ASN A 361 -11.91 -28.34 -41.25
CA ASN A 361 -10.86 -27.37 -41.03
C ASN A 361 -11.37 -26.03 -40.53
N SER A 362 -12.49 -25.56 -41.09
CA SER A 362 -13.05 -24.28 -40.72
C SER A 362 -13.68 -24.25 -39.34
N GLU A 363 -13.79 -25.38 -38.68
CA GLU A 363 -14.41 -25.37 -37.38
C GLU A 363 -13.45 -24.98 -36.26
N ILE A 364 -12.14 -25.03 -36.51
CA ILE A 364 -11.17 -24.75 -35.45
C ILE A 364 -10.06 -23.80 -35.86
N ILE A 365 -9.35 -23.30 -34.85
CA ILE A 365 -8.22 -22.41 -35.05
C ILE A 365 -6.95 -23.05 -34.49
N ILE A 366 -5.89 -23.10 -35.30
CA ILE A 366 -4.64 -23.73 -34.87
C ILE A 366 -3.44 -22.80 -34.93
N ARG A 367 -2.65 -22.80 -33.85
CA ARG A 367 -1.46 -21.96 -33.76
C ARG A 367 -0.22 -22.75 -33.35
N LEU A 368 0.88 -22.61 -34.11
CA LEU A 368 2.12 -23.35 -33.82
C LEU A 368 3.31 -22.51 -33.39
N TYR A 369 4.11 -23.06 -32.49
CA TYR A 369 5.36 -22.42 -32.04
C TYR A 369 6.56 -23.28 -32.28
N GLU A 370 7.38 -22.94 -33.28
CA GLU A 370 8.55 -23.74 -33.61
C GLU A 370 9.77 -23.37 -32.78
N MET A 371 10.31 -24.37 -32.08
CA MET A 371 11.45 -24.19 -31.21
C MET A 371 12.52 -25.22 -31.51
N PRO A 372 13.79 -24.96 -31.27
CA PRO A 372 14.92 -25.84 -31.47
C PRO A 372 14.98 -26.91 -30.39
N TYR A 373 14.38 -26.61 -29.25
CA TYR A 373 14.30 -27.47 -28.09
C TYR A 373 13.55 -26.74 -27.01
N PHE A 374 12.85 -27.44 -26.14
CA PHE A 374 12.19 -26.77 -25.06
C PHE A 374 13.17 -26.55 -23.94
N PRO A 375 13.21 -25.38 -23.33
CA PRO A 375 14.00 -25.02 -22.17
C PRO A 375 13.60 -25.89 -21.01
N MET A 376 14.54 -26.23 -20.15
CA MET A 376 14.20 -27.07 -19.03
C MET A 376 13.30 -26.32 -18.08
N GLY A 377 12.19 -26.96 -17.72
CA GLY A 377 11.22 -26.33 -16.83
C GLY A 377 10.17 -25.53 -17.60
N PHE A 378 10.30 -25.47 -18.92
CA PHE A 378 9.36 -24.74 -19.75
C PHE A 378 7.95 -25.20 -19.52
N TRP A 379 7.75 -26.50 -19.58
CA TRP A 379 6.44 -27.06 -19.44
C TRP A 379 5.84 -26.95 -18.08
N SER A 380 6.62 -27.07 -17.02
CA SER A 380 5.99 -27.00 -15.72
C SER A 380 5.59 -25.57 -15.43
N ARG A 381 6.35 -24.62 -15.92
CA ARG A 381 6.00 -23.23 -15.73
C ARG A 381 4.79 -22.88 -16.57
N LEU A 382 4.76 -23.37 -17.80
CA LEU A 382 3.67 -23.08 -18.70
C LEU A 382 2.37 -23.59 -18.15
N ILE A 383 2.35 -24.84 -17.71
CA ILE A 383 1.13 -25.41 -17.17
C ILE A 383 0.64 -24.64 -15.97
N ASN A 384 1.54 -24.24 -15.09
CA ASN A 384 1.11 -23.48 -13.93
C ASN A 384 0.31 -22.25 -14.35
N ARG A 385 0.76 -21.58 -15.41
CA ARG A 385 0.02 -20.43 -15.90
C ARG A 385 -1.29 -20.80 -16.58
N LEU A 386 -1.27 -21.86 -17.39
CA LEU A 386 -2.46 -22.23 -18.16
C LEU A 386 -3.62 -22.71 -17.30
N LEU A 387 -3.36 -23.21 -16.10
CA LEU A 387 -4.42 -23.69 -15.23
C LEU A 387 -5.49 -22.67 -14.87
N GLU A 388 -5.21 -21.37 -15.00
CA GLU A 388 -6.20 -20.38 -14.61
C GLU A 388 -7.05 -19.83 -15.74
N ILE A 389 -6.93 -20.39 -16.94
CA ILE A 389 -7.69 -19.94 -18.09
C ILE A 389 -9.18 -20.14 -17.97
N SER A 390 -9.94 -19.12 -18.39
CA SER A 390 -11.40 -19.20 -18.35
C SER A 390 -12.09 -18.23 -19.28
N PRO A 391 -12.95 -18.71 -20.16
CA PRO A 391 -13.73 -17.96 -21.12
C PRO A 391 -14.88 -17.22 -20.46
N TYR A 392 -15.08 -17.46 -19.17
CA TYR A 392 -16.15 -16.81 -18.46
C TYR A 392 -15.68 -15.75 -17.49
N MET A 393 -14.37 -15.55 -17.36
CA MET A 393 -13.90 -14.61 -16.34
C MET A 393 -14.36 -13.19 -16.61
N LEU A 394 -14.68 -12.88 -17.87
CA LEU A 394 -15.17 -11.55 -18.21
C LEU A 394 -16.50 -11.21 -17.54
N LEU A 401 -19.34 -23.64 -14.83
CA LEU A 401 -18.98 -24.97 -14.39
C LEU A 401 -17.50 -25.18 -14.59
N ARG A 402 -16.88 -26.02 -13.78
CA ARG A 402 -15.46 -26.25 -13.94
C ARG A 402 -15.20 -27.24 -15.06
N PRO A 403 -14.11 -27.07 -15.81
CA PRO A 403 -13.71 -27.85 -16.96
C PRO A 403 -13.16 -29.21 -16.62
N ASN A 404 -13.37 -30.14 -17.52
CA ASN A 404 -12.87 -31.50 -17.38
C ASN A 404 -11.41 -31.58 -17.77
N ARG A 405 -10.53 -31.14 -16.90
CA ARG A 405 -9.12 -31.07 -17.24
C ARG A 405 -8.40 -32.41 -17.29
N MET A 406 -7.46 -32.52 -18.24
CA MET A 406 -6.59 -33.70 -18.40
C MET A 406 -5.16 -33.22 -18.54
N TYR A 407 -4.18 -34.04 -18.14
CA TYR A 407 -2.80 -33.59 -18.20
C TYR A 407 -1.90 -34.60 -18.90
N TRP A 408 -1.03 -34.12 -19.79
CA TRP A 408 -0.13 -35.00 -20.52
C TRP A 408 1.28 -34.90 -20.09
N ARG A 409 1.59 -34.11 -19.07
CA ARG A 409 2.98 -33.64 -18.82
C ARG A 409 3.49 -32.64 -19.87
N GLN A 410 3.43 -33.02 -21.15
CA GLN A 410 3.79 -32.19 -22.28
C GLN A 410 2.57 -31.50 -22.90
N GLY A 411 1.52 -31.30 -22.13
CA GLY A 411 0.32 -30.66 -22.64
C GLY A 411 -0.80 -30.67 -21.62
N ILE A 412 -1.89 -30.01 -21.96
CA ILE A 412 -3.05 -29.89 -21.09
C ILE A 412 -4.32 -29.74 -21.89
N TYR A 413 -5.40 -30.32 -21.40
CA TYR A 413 -6.66 -30.22 -22.10
C TYR A 413 -7.77 -29.78 -21.19
N LEU A 414 -8.52 -28.78 -21.61
CA LEU A 414 -9.62 -28.30 -20.80
C LEU A 414 -10.88 -28.48 -21.61
N ASN A 415 -11.98 -28.82 -20.98
CA ASN A 415 -13.14 -29.08 -21.80
C ASN A 415 -14.20 -28.02 -21.75
N TRP A 416 -14.73 -27.72 -20.58
CA TRP A 416 -15.79 -26.72 -20.42
C TRP A 416 -17.08 -27.15 -21.13
N SER A 417 -17.10 -27.00 -22.45
CA SER A 417 -18.26 -27.32 -23.27
C SER A 417 -17.86 -27.48 -24.73
N PRO A 418 -18.58 -28.26 -25.52
CA PRO A 418 -18.40 -28.41 -26.96
C PRO A 418 -18.38 -27.04 -27.62
N GLU A 419 -19.09 -26.09 -27.04
CA GLU A 419 -19.08 -24.72 -27.48
C GLU A 419 -17.70 -24.05 -27.37
N ALA A 420 -16.97 -24.32 -26.28
CA ALA A 420 -15.67 -23.69 -26.06
C ALA A 420 -14.77 -24.58 -25.24
N TYR A 421 -13.65 -25.00 -25.80
CA TYR A 421 -12.71 -25.91 -25.15
C TYR A 421 -11.30 -25.59 -25.60
N CYS A 422 -10.29 -26.19 -24.98
CA CYS A 422 -8.93 -25.84 -25.35
C CYS A 422 -7.89 -26.91 -25.17
N LEU A 423 -7.10 -27.16 -26.21
CA LEU A 423 -6.03 -28.14 -26.14
C LEU A 423 -4.67 -27.57 -26.44
N VAL A 424 -3.74 -27.71 -25.51
CA VAL A 424 -2.39 -27.22 -25.72
C VAL A 424 -1.39 -28.35 -25.53
N GLY A 425 -0.55 -28.63 -26.51
CA GLY A 425 0.41 -29.70 -26.27
C GLY A 425 1.48 -29.81 -27.32
N SER A 426 2.55 -30.54 -26.97
CA SER A 426 3.69 -30.74 -27.84
C SER A 426 3.51 -31.78 -28.90
N GLU A 427 3.90 -31.45 -30.13
CA GLU A 427 3.88 -32.42 -31.22
C GLU A 427 5.12 -32.27 -32.07
N VAL A 428 5.59 -33.39 -32.62
CA VAL A 428 6.79 -33.40 -33.44
C VAL A 428 6.59 -34.12 -34.76
N LEU A 429 7.05 -33.50 -35.85
CA LEU A 429 6.93 -34.10 -37.16
C LEU A 429 8.25 -34.63 -37.69
N ASP A 430 8.18 -35.68 -38.50
CA ASP A 430 9.35 -36.33 -39.06
C ASP A 430 10.10 -35.38 -39.96
N ASN A 431 11.42 -35.50 -39.92
CA ASN A 431 12.34 -34.67 -40.68
C ASN A 431 12.34 -33.21 -40.23
N HIS A 432 11.83 -32.96 -39.02
CA HIS A 432 11.80 -31.61 -38.49
C HIS A 432 12.24 -31.60 -37.04
N PRO A 433 13.53 -31.76 -36.79
CA PRO A 433 14.19 -31.77 -35.46
C PRO A 433 13.53 -30.85 -34.44
N GLU A 434 13.19 -29.65 -34.86
CA GLU A 434 12.56 -28.66 -34.00
C GLU A 434 11.28 -29.17 -33.37
N SER A 435 11.17 -29.03 -32.05
CA SER A 435 9.95 -29.44 -31.36
C SER A 435 8.98 -28.28 -31.40
N PHE A 436 7.71 -28.50 -31.07
CA PHE A 436 6.78 -27.38 -31.13
C PHE A 436 5.41 -27.55 -30.52
N LEU A 437 4.81 -26.40 -30.20
CA LEU A 437 3.52 -26.33 -29.56
C LEU A 437 2.40 -26.28 -30.55
N LYS A 438 1.26 -26.83 -30.16
CA LYS A 438 0.05 -26.71 -30.96
C LYS A 438 -1.09 -26.32 -30.06
N ILE A 439 -1.77 -25.24 -30.41
CA ILE A 439 -2.90 -24.74 -29.66
C ILE A 439 -4.15 -24.87 -30.46
N THR A 440 -5.18 -25.55 -29.93
CA THR A 440 -6.43 -25.67 -30.68
C THR A 440 -7.65 -25.20 -29.90
N VAL A 441 -8.40 -24.29 -30.52
CA VAL A 441 -9.65 -23.78 -29.95
C VAL A 441 -10.70 -23.80 -31.04
N PRO A 442 -11.98 -23.86 -30.72
CA PRO A 442 -13.11 -23.86 -31.63
C PRO A 442 -13.31 -22.48 -32.15
N SER A 443 -13.72 -22.35 -33.40
CA SER A 443 -13.87 -21.03 -33.97
C SER A 443 -15.16 -20.30 -33.61
N CYS A 444 -15.16 -19.65 -32.46
CA CYS A 444 -16.27 -18.79 -32.04
C CYS A 444 -15.74 -17.83 -31.01
N ARG A 445 -16.54 -16.87 -30.59
CA ARG A 445 -16.06 -15.85 -29.66
C ARG A 445 -15.43 -16.39 -28.40
N LYS A 446 -16.05 -17.37 -27.76
CA LYS A 446 -15.43 -17.91 -26.56
C LYS A 446 -14.14 -18.59 -26.88
N GLY A 447 -14.06 -19.22 -28.03
CA GLY A 447 -12.86 -19.89 -28.44
C GLY A 447 -11.76 -18.87 -28.63
N CYS A 448 -12.11 -17.73 -29.17
CA CYS A 448 -11.17 -16.65 -29.37
C CYS A 448 -10.61 -16.16 -28.07
N ILE A 449 -11.49 -15.94 -27.10
CA ILE A 449 -11.08 -15.49 -25.79
C ILE A 449 -10.08 -16.44 -25.17
N LEU A 450 -10.33 -17.74 -25.30
CA LEU A 450 -9.40 -18.73 -24.79
C LEU A 450 -8.07 -18.62 -25.47
N LEU A 451 -8.08 -18.47 -26.79
CA LEU A 451 -6.85 -18.38 -27.55
C LEU A 451 -6.04 -17.21 -27.11
N GLY A 452 -6.68 -16.07 -26.95
CA GLY A 452 -6.00 -14.87 -26.51
C GLY A 452 -5.32 -15.08 -25.18
N GLN A 453 -5.99 -15.71 -24.23
CA GLN A 453 -5.37 -15.94 -22.94
C GLN A 453 -4.17 -16.86 -23.04
N VAL A 454 -4.27 -17.90 -23.85
CA VAL A 454 -3.17 -18.84 -23.98
C VAL A 454 -1.93 -18.21 -24.56
N VAL A 455 -2.07 -17.47 -25.65
CA VAL A 455 -0.88 -16.90 -26.29
C VAL A 455 -0.30 -15.76 -25.49
N ASP A 456 -1.12 -15.07 -24.72
CA ASP A 456 -0.59 -14.05 -23.84
C ASP A 456 0.25 -14.66 -22.75
N HIS A 457 -0.18 -15.80 -22.21
CA HIS A 457 0.61 -16.45 -21.18
C HIS A 457 1.90 -16.99 -21.73
N ILE A 458 1.86 -17.55 -22.93
CA ILE A 458 3.07 -18.09 -23.53
C ILE A 458 4.10 -17.01 -23.78
N ASP A 459 3.69 -15.89 -24.36
CA ASP A 459 4.67 -14.86 -24.61
C ASP A 459 5.19 -14.24 -23.33
N SER A 460 4.33 -14.05 -22.33
CA SER A 460 4.79 -13.49 -21.07
C SER A 460 5.78 -14.41 -20.39
N LEU A 461 5.51 -15.71 -20.45
CA LEU A 461 6.39 -16.72 -19.88
C LEU A 461 7.77 -16.57 -20.44
N MET A 462 7.87 -16.48 -21.75
CA MET A 462 9.16 -16.40 -22.37
C MET A 462 9.87 -15.11 -22.08
N GLU A 463 9.15 -13.99 -22.06
CA GLU A 463 9.81 -12.72 -21.78
C GLU A 463 10.45 -12.71 -20.42
N GLU A 464 9.78 -13.29 -19.44
CA GLU A 464 10.33 -13.29 -18.10
C GLU A 464 11.37 -14.36 -17.85
N TRP A 465 11.13 -15.58 -18.35
CA TRP A 465 11.99 -16.67 -17.97
C TRP A 465 12.91 -17.21 -19.02
N PHE A 466 12.58 -17.03 -20.30
CA PHE A 466 13.47 -17.58 -21.31
C PHE A 466 13.82 -16.59 -22.41
N PRO A 467 14.33 -15.40 -22.09
CA PRO A 467 14.74 -14.37 -23.00
C PRO A 467 15.93 -14.92 -23.70
N GLY A 468 16.18 -14.45 -24.89
CA GLY A 468 17.24 -15.01 -25.70
C GLY A 468 16.56 -15.67 -26.86
N LEU A 469 15.48 -16.39 -26.57
CA LEU A 469 14.69 -16.99 -27.62
C LEU A 469 13.98 -15.86 -28.37
N LEU A 470 13.68 -14.80 -27.64
CA LEU A 470 13.06 -13.58 -28.12
C LEU A 470 14.06 -12.51 -28.49
N LEU A 481 14.06 -18.43 -34.09
CA LEU A 481 13.61 -18.96 -32.81
C LEU A 481 12.19 -18.54 -32.53
N LEU A 482 11.39 -19.45 -31.97
CA LEU A 482 10.01 -19.18 -31.66
C LEU A 482 9.23 -18.79 -32.89
N LYS A 483 9.47 -19.48 -33.98
CA LYS A 483 8.82 -19.13 -35.20
C LYS A 483 7.32 -19.36 -35.04
N LYS A 484 6.54 -18.31 -35.21
CA LYS A 484 5.10 -18.44 -35.01
C LYS A 484 4.36 -18.68 -36.31
N TRP A 485 3.73 -19.84 -36.42
CA TRP A 485 3.02 -20.20 -37.63
C TRP A 485 1.54 -20.28 -37.40
N ALA A 486 0.76 -19.86 -38.38
CA ALA A 486 -0.68 -20.01 -38.31
C ALA A 486 -1.09 -20.98 -39.40
N LEU A 487 -2.08 -21.84 -39.11
CA LEU A 487 -2.50 -22.80 -40.12
C LEU A 487 -3.84 -22.46 -40.73
N TYR A 488 -3.96 -22.63 -42.03
CA TYR A 488 -5.21 -22.33 -42.70
C TYR A 488 -5.40 -23.14 -43.95
N SER A 489 -6.62 -23.18 -44.46
CA SER A 489 -6.89 -23.83 -45.72
C SER A 489 -8.03 -23.12 -46.40
N PHE A 490 -8.08 -23.19 -47.72
CA PHE A 490 -9.12 -22.50 -48.47
C PHE A 490 -10.32 -23.37 -48.77
N ASN A 491 -10.36 -24.55 -48.17
CA ASN A 491 -11.45 -25.47 -48.41
C ASN A 491 -11.40 -26.63 -47.45
N ASP A 492 -12.51 -26.88 -46.76
CA ASP A 492 -12.56 -27.96 -45.82
C ASP A 492 -12.32 -29.28 -46.49
N GLY A 493 -11.54 -30.13 -45.84
CA GLY A 493 -11.20 -31.42 -46.39
C GLY A 493 -9.80 -31.43 -47.01
N GLU A 494 -9.19 -30.25 -47.15
CA GLU A 494 -7.85 -30.18 -47.72
C GLU A 494 -6.81 -30.04 -46.61
N GLU A 495 -5.54 -29.96 -47.01
CA GLU A 495 -4.45 -29.84 -46.06
C GLU A 495 -4.21 -28.40 -45.63
N HIS A 496 -3.63 -28.23 -44.46
CA HIS A 496 -3.35 -26.89 -43.99
C HIS A 496 -2.09 -26.33 -44.59
N GLN A 497 -2.06 -25.02 -44.72
CA GLN A 497 -0.92 -24.31 -45.22
C GLN A 497 -0.36 -23.46 -44.09
N LYS A 498 0.93 -23.24 -44.12
CA LYS A 498 1.57 -22.47 -43.06
C LYS A 498 1.86 -21.04 -43.46
N ILE A 499 1.71 -20.13 -42.51
CA ILE A 499 2.08 -18.75 -42.74
C ILE A 499 2.61 -18.12 -41.48
N LEU A 500 3.66 -17.31 -41.58
CA LEU A 500 4.20 -16.66 -40.40
C LEU A 500 3.34 -15.52 -39.98
N LEU A 501 3.19 -15.33 -38.67
CA LEU A 501 2.33 -14.27 -38.21
C LEU A 501 2.79 -12.90 -38.67
N ASP A 502 4.10 -12.73 -38.84
CA ASP A 502 4.59 -11.44 -39.30
C ASP A 502 3.96 -11.08 -40.65
N ASP A 503 3.78 -12.07 -41.51
CA ASP A 503 3.18 -11.81 -42.80
C ASP A 503 1.70 -11.55 -42.64
N LEU A 504 1.06 -12.23 -41.71
CA LEU A 504 -0.34 -11.90 -41.48
C LEU A 504 -0.47 -10.51 -40.91
N MET A 505 0.50 -10.05 -40.13
CA MET A 505 0.44 -8.68 -39.65
C MET A 505 0.58 -7.71 -40.81
N LYS A 506 1.40 -8.05 -41.80
CA LYS A 506 1.52 -7.22 -42.99
C LYS A 506 0.18 -7.12 -43.69
N LYS A 507 -0.57 -8.22 -43.70
CA LYS A 507 -1.87 -8.24 -44.33
C LYS A 507 -2.93 -7.58 -43.46
N ALA A 508 -2.77 -7.68 -42.14
CA ALA A 508 -3.69 -7.07 -41.20
C ALA A 508 -3.67 -5.55 -41.36
N GLU A 509 -2.50 -5.02 -41.67
CA GLU A 509 -2.36 -3.59 -41.92
C GLU A 509 -3.12 -3.19 -43.17
N GLU A 510 -3.22 -4.10 -44.13
CA GLU A 510 -4.00 -3.84 -45.32
C GLU A 510 -5.48 -3.97 -45.00
N GLY A 511 -5.81 -4.92 -44.10
CA GLY A 511 -7.19 -5.17 -43.68
C GLY A 511 -7.95 -6.10 -44.62
N ASP A 512 -7.22 -6.65 -45.57
CA ASP A 512 -7.75 -7.49 -46.61
C ASP A 512 -8.07 -8.91 -46.17
N LEU A 513 -8.65 -9.66 -47.07
CA LEU A 513 -8.88 -11.06 -46.85
C LEU A 513 -7.59 -11.73 -47.28
N LEU A 514 -7.27 -12.88 -46.72
CA LEU A 514 -6.10 -13.58 -47.21
C LEU A 514 -6.48 -14.13 -48.57
N VAL A 515 -5.74 -13.76 -49.60
CA VAL A 515 -6.10 -14.19 -50.94
C VAL A 515 -5.11 -15.16 -51.54
N ASN A 516 -5.62 -16.26 -52.07
CA ASN A 516 -4.76 -17.21 -52.74
C ASN A 516 -4.21 -16.56 -53.99
N PRO A 517 -2.92 -16.26 -54.03
CA PRO A 517 -2.22 -15.53 -55.09
C PRO A 517 -2.38 -16.17 -56.47
N ASP A 518 -2.70 -17.46 -56.51
CA ASP A 518 -2.88 -18.15 -57.76
C ASP A 518 -4.35 -18.24 -58.17
N GLN A 519 -5.24 -18.14 -57.19
CA GLN A 519 -6.66 -18.22 -57.44
C GLN A 519 -7.48 -17.27 -56.59
N PRO A 520 -7.77 -16.07 -57.08
CA PRO A 520 -8.54 -14.98 -56.48
C PRO A 520 -9.88 -15.42 -55.91
N ARG A 521 -10.47 -16.48 -56.47
CA ARG A 521 -11.74 -16.98 -55.98
C ARG A 521 -11.64 -17.55 -54.56
N LEU A 522 -10.43 -17.92 -54.14
CA LEU A 522 -10.20 -18.49 -52.83
C LEU A 522 -9.69 -17.47 -51.84
N THR A 523 -10.54 -17.06 -50.91
CA THR A 523 -10.14 -16.08 -49.89
C THR A 523 -10.56 -16.50 -48.49
N ILE A 524 -9.84 -16.02 -47.49
CA ILE A 524 -10.14 -16.30 -46.08
C ILE A 524 -10.09 -15.02 -45.27
N PRO A 525 -11.07 -14.71 -44.45
CA PRO A 525 -11.05 -13.57 -43.59
C PRO A 525 -9.99 -13.79 -42.55
N ILE A 526 -9.12 -12.80 -42.36
CA ILE A 526 -8.00 -12.92 -41.45
C ILE A 526 -8.40 -13.31 -40.07
N SER A 527 -9.51 -12.78 -39.59
CA SER A 527 -9.99 -13.09 -38.27
C SER A 527 -10.11 -14.59 -37.99
N GLN A 528 -10.45 -15.40 -38.99
CA GLN A 528 -10.56 -16.83 -38.75
C GLN A 528 -9.24 -17.52 -38.55
N ILE A 529 -8.19 -16.92 -39.07
CA ILE A 529 -6.87 -17.48 -38.95
C ILE A 529 -6.20 -16.93 -37.72
N ALA A 530 -6.42 -15.66 -37.46
CA ALA A 530 -5.74 -15.02 -36.38
C ALA A 530 -6.55 -13.91 -35.75
N PRO A 531 -7.59 -14.26 -34.98
CA PRO A 531 -8.49 -13.40 -34.25
C PRO A 531 -7.83 -12.70 -33.07
N ASP A 532 -6.55 -12.94 -32.86
CA ASP A 532 -5.80 -12.23 -31.85
C ASP A 532 -4.94 -11.14 -32.47
N LEU A 533 -4.84 -11.09 -33.80
CA LEU A 533 -4.11 -10.01 -34.45
C LEU A 533 -5.06 -8.86 -34.57
N ILE A 534 -6.27 -9.18 -34.97
CA ILE A 534 -7.36 -8.23 -34.92
C ILE A 534 -7.95 -8.37 -33.57
N LEU A 535 -8.11 -7.29 -32.83
CA LEU A 535 -8.56 -7.43 -31.45
C LEU A 535 -10.00 -7.85 -31.31
N ALA A 536 -10.28 -9.14 -31.56
CA ALA A 536 -11.63 -9.67 -31.49
C ALA A 536 -11.97 -10.21 -30.12
N ASP A 537 -11.04 -10.19 -29.18
CA ASP A 537 -11.32 -10.70 -27.84
C ASP A 537 -11.50 -9.60 -26.81
N LEU A 538 -11.91 -8.42 -27.26
CA LEU A 538 -12.14 -7.34 -26.31
C LEU A 538 -13.54 -7.46 -25.77
N PRO A 539 -13.77 -6.96 -24.57
CA PRO A 539 -15.06 -6.80 -23.94
C PRO A 539 -15.86 -5.85 -24.81
N ARG A 540 -17.16 -6.02 -24.85
CA ARG A 540 -17.99 -5.17 -25.71
C ARG A 540 -17.88 -3.71 -25.34
N ASN A 541 -17.66 -3.46 -24.06
CA ASN A 541 -17.58 -2.14 -23.52
C ASN A 541 -16.44 -1.32 -24.08
N ILE A 542 -15.38 -1.96 -24.55
CA ILE A 542 -14.26 -1.20 -25.05
C ILE A 542 -14.02 -1.39 -26.52
N MET A 543 -15.02 -1.81 -27.28
CA MET A 543 -14.73 -1.87 -28.70
C MET A 543 -14.87 -0.48 -29.27
N LEU A 544 -13.91 -0.09 -30.09
CA LEU A 544 -13.87 1.26 -30.64
C LEU A 544 -14.91 1.54 -31.67
N ASN A 545 -15.76 2.52 -31.40
CA ASN A 545 -16.76 2.93 -32.37
C ASN A 545 -16.17 4.02 -33.26
N ASN A 546 -15.86 3.65 -34.50
CA ASN A 546 -15.22 4.55 -35.45
C ASN A 546 -16.05 5.73 -35.91
N ASP A 547 -17.33 5.77 -35.55
CA ASP A 547 -18.15 6.91 -35.90
C ASP A 547 -18.17 7.95 -34.79
N GLU A 548 -17.54 7.64 -33.66
CA GLU A 548 -17.49 8.55 -32.55
C GLU A 548 -16.13 9.19 -32.41
N LEU A 549 -15.08 8.39 -32.58
CA LEU A 549 -13.73 8.90 -32.40
C LEU A 549 -13.37 9.92 -33.46
N GLU A 550 -13.01 11.13 -33.02
CA GLU A 550 -12.64 12.21 -33.91
C GLU A 550 -11.31 12.81 -33.53
N PHE A 551 -10.32 12.67 -34.41
CA PHE A 551 -8.96 13.13 -34.13
C PHE A 551 -8.25 13.41 -35.44
N GLU A 552 -7.16 14.17 -35.39
CA GLU A 552 -6.44 14.52 -36.61
C GLU A 552 -4.98 14.13 -36.67
N GLN A 553 -4.40 13.66 -35.57
CA GLN A 553 -2.96 13.37 -35.48
C GLN A 553 -2.14 14.55 -35.96
N ALA A 554 -2.46 15.74 -35.48
CA ALA A 554 -1.76 16.93 -35.91
C ALA A 554 -1.02 17.54 -34.71
N PRO A 555 0.11 18.23 -34.95
CA PRO A 555 1.03 18.81 -33.98
C PRO A 555 0.36 19.58 -32.87
N GLU A 556 -0.68 20.35 -33.20
CA GLU A 556 -1.38 21.13 -32.20
C GLU A 556 -2.19 20.30 -31.21
N PHE A 557 -2.34 19.01 -31.47
CA PHE A 557 -3.06 18.15 -30.56
C PHE A 557 -2.11 17.26 -29.82
N LEU A 558 -0.82 17.36 -30.12
CA LEU A 558 0.13 16.49 -29.47
C LEU A 558 0.23 16.82 -28.01
N LEU A 559 -0.08 15.85 -27.17
CA LEU A 559 -0.02 16.06 -25.74
C LEU A 559 1.30 15.58 -25.18
N GLY A 560 1.91 14.59 -25.84
CA GLY A 560 3.21 14.10 -25.40
C GLY A 560 3.59 12.85 -26.15
N ASP A 561 4.73 12.25 -25.81
CA ASP A 561 5.14 11.02 -26.48
C ASP A 561 5.94 10.10 -25.57
N GLY A 562 6.53 9.07 -26.15
CA GLY A 562 7.36 8.14 -25.40
C GLY A 562 7.81 6.97 -26.27
N SER A 563 8.38 5.94 -25.67
CA SER A 563 8.85 4.79 -26.43
C SER A 563 7.71 4.02 -27.09
N PHE A 564 6.51 4.14 -26.52
CA PHE A 564 5.32 3.52 -27.07
C PHE A 564 4.79 4.24 -28.31
N GLY A 565 5.24 5.47 -28.57
CA GLY A 565 4.73 6.23 -29.70
C GLY A 565 4.33 7.64 -29.29
N SER A 566 3.05 7.98 -29.44
CA SER A 566 2.65 9.35 -29.09
C SER A 566 1.22 9.47 -28.61
N VAL A 567 0.92 10.60 -27.97
CA VAL A 567 -0.40 10.88 -27.42
C VAL A 567 -1.02 12.14 -27.96
N TYR A 568 -2.24 12.04 -28.47
CA TYR A 568 -2.93 13.22 -28.98
C TYR A 568 -4.25 13.49 -28.29
N ARG A 569 -4.67 14.74 -28.30
CA ARG A 569 -5.96 15.12 -27.75
C ARG A 569 -7.03 14.85 -28.79
N ALA A 570 -8.15 14.29 -28.36
CA ALA A 570 -9.21 13.93 -29.29
C ALA A 570 -10.59 13.98 -28.67
N ALA A 571 -11.61 13.79 -29.51
CA ALA A 571 -12.97 13.75 -29.01
C ALA A 571 -13.57 12.37 -29.23
N TYR A 572 -14.34 11.90 -28.26
CA TYR A 572 -14.99 10.61 -28.40
C TYR A 572 -16.33 10.71 -27.72
N GLU A 573 -17.40 10.49 -28.47
CA GLU A 573 -18.74 10.64 -27.92
C GLU A 573 -18.95 11.99 -27.22
N GLY A 574 -18.35 13.04 -27.78
CA GLY A 574 -18.49 14.39 -27.26
C GLY A 574 -17.60 14.71 -26.06
N GLU A 575 -16.71 13.81 -25.67
CA GLU A 575 -15.87 14.06 -24.52
C GLU A 575 -14.40 14.15 -24.87
N GLU A 576 -13.65 14.87 -24.05
CA GLU A 576 -12.22 15.03 -24.26
C GLU A 576 -11.47 13.79 -23.82
N VAL A 577 -10.76 13.18 -24.77
CA VAL A 577 -10.02 11.96 -24.51
C VAL A 577 -8.60 12.05 -25.03
N ALA A 578 -7.75 11.17 -24.55
CA ALA A 578 -6.38 11.12 -25.00
C ALA A 578 -6.18 9.85 -25.78
N VAL A 579 -5.46 9.91 -26.89
CA VAL A 579 -5.27 8.73 -27.70
C VAL A 579 -3.84 8.29 -27.80
N LYS A 580 -3.53 7.13 -27.25
CA LYS A 580 -2.17 6.61 -27.35
C LYS A 580 -2.04 5.88 -28.66
N ILE A 581 -1.02 6.21 -29.43
CA ILE A 581 -0.81 5.56 -30.71
C ILE A 581 0.47 4.79 -30.75
N PHE A 582 0.37 3.50 -31.03
CA PHE A 582 1.57 2.66 -31.10
C PHE A 582 2.21 2.74 -32.47
N ASN A 583 2.84 3.88 -32.71
CA ASN A 583 3.42 4.25 -33.98
C ASN A 583 4.74 3.57 -34.31
N LYS A 584 4.66 2.32 -34.77
CA LYS A 584 5.84 1.56 -35.21
C LYS A 584 6.85 1.32 -34.12
N HIS A 585 6.41 0.70 -33.04
CA HIS A 585 7.29 0.39 -31.94
C HIS A 585 6.97 -1.00 -31.42
N THR A 586 7.39 -2.05 -32.12
CA THR A 586 7.03 -3.42 -31.73
C THR A 586 5.60 -3.53 -31.21
N SER A 587 4.69 -3.00 -32.03
CA SER A 587 3.29 -2.88 -31.71
C SER A 587 2.67 -4.24 -31.64
N LEU A 588 1.39 -4.27 -31.31
CA LEU A 588 0.63 -5.49 -31.10
C LEU A 588 1.01 -6.15 -29.80
N ARG A 589 2.27 -6.53 -29.65
CA ARG A 589 2.66 -7.12 -28.40
C ARG A 589 2.60 -6.08 -27.30
N LEU A 590 3.09 -4.87 -27.56
CA LEU A 590 2.96 -3.88 -26.51
C LEU A 590 1.52 -3.52 -26.27
N LEU A 591 0.76 -3.47 -27.35
CA LEU A 591 -0.64 -3.12 -27.27
C LEU A 591 -1.39 -4.11 -26.42
N ARG A 592 -1.20 -5.39 -26.67
CA ARG A 592 -1.91 -6.37 -25.91
C ARG A 592 -1.46 -6.40 -24.47
N GLN A 593 -0.19 -6.13 -24.19
CA GLN A 593 0.23 -6.09 -22.79
C GLN A 593 -0.51 -5.02 -22.04
N GLU A 594 -0.68 -3.87 -22.67
CA GLU A 594 -1.39 -2.78 -22.03
C GLU A 594 -2.85 -3.12 -21.83
N LEU A 595 -3.44 -3.82 -22.79
CA LEU A 595 -4.83 -4.21 -22.67
C LEU A 595 -5.06 -5.15 -21.52
N VAL A 596 -4.13 -6.07 -21.31
CA VAL A 596 -4.26 -6.99 -20.19
C VAL A 596 -4.23 -6.29 -18.87
N VAL A 597 -3.33 -5.33 -18.72
CA VAL A 597 -3.24 -4.58 -17.49
C VAL A 597 -4.43 -3.68 -17.24
N LEU A 598 -4.88 -2.97 -18.26
CA LEU A 598 -5.97 -2.02 -18.11
C LEU A 598 -7.27 -2.71 -17.75
N CYS A 599 -7.53 -3.85 -18.35
CA CYS A 599 -8.74 -4.58 -18.00
C CYS A 599 -8.52 -5.21 -16.66
N HIS A 600 -9.60 -5.43 -15.92
CA HIS A 600 -9.57 -6.01 -14.58
C HIS A 600 -9.13 -5.02 -13.50
N LEU A 601 -8.80 -3.78 -13.87
CA LEU A 601 -8.55 -2.75 -12.88
C LEU A 601 -9.61 -1.70 -13.07
N HIS A 602 -10.59 -1.69 -12.19
CA HIS A 602 -11.71 -0.80 -12.38
C HIS A 602 -12.03 0.00 -11.14
N HIS A 603 -11.11 0.86 -10.73
CA HIS A 603 -11.33 1.66 -9.55
C HIS A 603 -11.54 3.13 -9.94
N PRO A 604 -12.42 3.87 -9.25
CA PRO A 604 -12.74 5.27 -9.47
C PRO A 604 -11.53 6.19 -9.45
N SER A 605 -10.48 5.84 -8.72
CA SER A 605 -9.30 6.68 -8.65
C SER A 605 -8.29 6.40 -9.75
N LEU A 606 -8.57 5.49 -10.67
CA LEU A 606 -7.64 5.19 -11.75
C LEU A 606 -8.16 5.68 -13.09
N ILE A 607 -7.27 5.87 -14.06
CA ILE A 607 -7.64 6.34 -15.38
C ILE A 607 -8.14 5.18 -16.21
N SER A 608 -9.42 5.18 -16.59
CA SER A 608 -9.92 4.04 -17.33
C SER A 608 -9.72 4.13 -18.82
N LEU A 609 -9.93 3.00 -19.49
CA LEU A 609 -9.80 2.88 -20.92
C LEU A 609 -11.14 3.07 -21.59
N LEU A 610 -11.23 4.07 -22.45
CA LEU A 610 -12.45 4.36 -23.18
C LEU A 610 -12.42 3.83 -24.60
N ALA A 611 -12.26 2.52 -24.73
CA ALA A 611 -12.23 1.79 -26.01
C ALA A 611 -10.86 1.77 -26.69
N ALA A 612 -10.55 0.61 -27.26
CA ALA A 612 -9.31 0.34 -27.98
C ALA A 612 -9.60 -0.08 -29.41
N GLY A 613 -8.68 0.16 -30.33
CA GLY A 613 -8.95 -0.21 -31.72
C GLY A 613 -7.72 -0.52 -32.55
N ILE A 614 -7.68 -1.73 -33.05
CA ILE A 614 -6.56 -2.25 -33.83
C ILE A 614 -6.35 -1.61 -35.17
N ARG A 615 -7.40 -1.07 -35.76
CA ARG A 615 -7.28 -0.49 -37.10
C ARG A 615 -6.11 0.51 -37.23
N PRO A 616 -5.91 1.37 -36.24
CA PRO A 616 -4.71 2.22 -36.24
C PRO A 616 -3.88 1.99 -34.98
N ARG A 617 -4.26 0.99 -34.18
CA ARG A 617 -3.56 0.60 -32.95
C ARG A 617 -3.59 1.69 -31.91
N MET A 618 -4.77 1.93 -31.36
CA MET A 618 -5.00 2.98 -30.39
C MET A 618 -5.62 2.58 -29.08
N LEU A 619 -5.24 3.30 -28.03
CA LEU A 619 -5.93 3.25 -26.75
C LEU A 619 -6.53 4.59 -26.43
N VAL A 620 -7.85 4.68 -26.40
CA VAL A 620 -8.51 5.93 -26.08
C VAL A 620 -8.76 5.98 -24.60
N MET A 621 -8.18 6.94 -23.90
CA MET A 621 -8.31 6.99 -22.44
C MET A 621 -8.83 8.33 -21.95
N GLU A 622 -9.33 8.36 -20.72
CA GLU A 622 -9.86 9.58 -20.14
C GLU A 622 -8.85 10.71 -20.10
N LEU A 623 -9.21 11.91 -20.56
CA LEU A 623 -8.30 13.04 -20.38
C LEU A 623 -8.69 13.95 -19.22
N ALA A 624 -7.73 14.22 -18.34
CA ALA A 624 -7.96 15.10 -17.19
C ALA A 624 -8.22 16.53 -17.65
N SER A 625 -9.14 17.21 -17.00
CA SER A 625 -9.49 18.55 -17.40
C SER A 625 -8.74 19.66 -16.68
N LYS A 626 -8.29 19.40 -15.45
CA LYS A 626 -7.59 20.46 -14.72
C LYS A 626 -6.08 20.28 -14.74
N GLY A 627 -5.61 19.19 -15.33
CA GLY A 627 -4.19 18.94 -15.44
C GLY A 627 -3.62 18.26 -14.21
N SER A 628 -2.29 18.25 -14.14
CA SER A 628 -1.58 17.58 -13.06
C SER A 628 -1.33 18.44 -11.84
N LEU A 629 -1.28 17.78 -10.70
CA LEU A 629 -1.09 18.39 -9.39
C LEU A 629 0.10 19.31 -9.32
N ASP A 630 1.26 18.82 -9.76
CA ASP A 630 2.47 19.64 -9.78
C ASP A 630 2.22 21.07 -10.26
N ARG A 631 1.54 21.23 -11.39
CA ARG A 631 1.25 22.54 -11.92
C ARG A 631 0.39 23.32 -10.97
N LEU A 632 -0.66 22.69 -10.46
CA LEU A 632 -1.54 23.37 -9.52
C LEU A 632 -0.77 23.87 -8.31
N LEU A 633 0.13 23.05 -7.79
CA LEU A 633 0.90 23.43 -6.63
C LEU A 633 1.71 24.69 -6.91
N GLN A 634 2.29 24.77 -8.09
CA GLN A 634 3.09 25.93 -8.43
C GLN A 634 2.30 27.09 -9.03
N GLN A 635 1.07 26.85 -9.47
CA GLN A 635 0.35 27.91 -10.18
C GLN A 635 -0.87 28.48 -9.47
N ASP A 636 -1.50 27.76 -8.55
CA ASP A 636 -2.66 28.36 -7.90
C ASP A 636 -3.00 27.87 -6.49
N LYS A 637 -2.31 28.46 -5.52
CA LYS A 637 -2.53 28.15 -4.11
C LYS A 637 -3.92 28.54 -3.63
N ALA A 638 -4.54 29.51 -4.30
CA ALA A 638 -5.87 29.94 -3.93
C ALA A 638 -6.88 28.80 -4.08
N SER A 639 -6.67 27.93 -5.08
CA SER A 639 -7.56 26.81 -5.25
C SER A 639 -7.32 25.76 -4.18
N LEU A 640 -6.05 25.63 -3.77
CA LEU A 640 -5.67 24.66 -2.75
C LEU A 640 -6.14 24.99 -1.35
N THR A 641 -7.43 24.83 -1.08
CA THR A 641 -7.96 25.08 0.24
C THR A 641 -7.76 23.86 1.08
N ARG A 642 -7.98 24.00 2.38
CA ARG A 642 -7.80 22.90 3.29
C ARG A 642 -8.75 21.75 2.96
N THR A 643 -9.96 22.08 2.53
CA THR A 643 -10.92 21.06 2.13
C THR A 643 -10.46 20.32 0.91
N LEU A 644 -10.02 21.05 -0.11
CA LEU A 644 -9.58 20.42 -1.34
C LEU A 644 -8.42 19.50 -1.08
N GLN A 645 -7.46 19.96 -0.30
CA GLN A 645 -6.28 19.19 0.02
C GLN A 645 -6.64 17.87 0.64
N HIS A 646 -7.55 17.87 1.59
CA HIS A 646 -7.94 16.62 2.20
C HIS A 646 -8.54 15.65 1.22
N ARG A 647 -9.42 16.13 0.36
CA ARG A 647 -10.07 15.24 -0.57
C ARG A 647 -9.08 14.62 -1.54
N ILE A 648 -8.07 15.38 -1.95
CA ILE A 648 -7.06 14.84 -2.83
C ILE A 648 -6.32 13.71 -2.15
N ALA A 649 -5.99 13.88 -0.89
CA ALA A 649 -5.30 12.84 -0.15
C ALA A 649 -6.12 11.56 -0.10
N LEU A 650 -7.45 11.67 0.06
CA LEU A 650 -8.27 10.46 0.06
C LEU A 650 -8.24 9.72 -1.23
N HIS A 651 -8.35 10.45 -2.33
CA HIS A 651 -8.46 9.80 -3.61
C HIS A 651 -7.18 9.07 -3.97
N VAL A 652 -6.05 9.65 -3.64
CA VAL A 652 -4.79 8.98 -3.92
C VAL A 652 -4.65 7.73 -3.07
N ALA A 653 -5.02 7.83 -1.79
CA ALA A 653 -4.91 6.69 -0.91
C ALA A 653 -5.74 5.52 -1.38
N ASP A 654 -6.95 5.78 -1.90
CA ASP A 654 -7.75 4.69 -2.43
C ASP A 654 -7.06 3.96 -3.55
N GLY A 655 -6.47 4.70 -4.47
CA GLY A 655 -5.80 4.08 -5.58
C GLY A 655 -4.71 3.15 -5.10
N LEU A 656 -3.94 3.60 -4.12
CA LEU A 656 -2.88 2.78 -3.61
C LEU A 656 -3.38 1.54 -2.93
N ARG A 657 -4.47 1.65 -2.18
CA ARG A 657 -5.00 0.48 -1.52
C ARG A 657 -5.42 -0.55 -2.54
N TYR A 658 -6.10 -0.09 -3.58
CA TYR A 658 -6.60 -0.94 -4.63
C TYR A 658 -5.47 -1.66 -5.35
N LEU A 659 -4.49 -0.91 -5.82
CA LEU A 659 -3.38 -1.49 -6.56
C LEU A 659 -2.59 -2.45 -5.71
N HIS A 660 -2.45 -2.17 -4.42
CA HIS A 660 -1.73 -3.07 -3.57
C HIS A 660 -2.51 -4.36 -3.37
N SER A 661 -3.84 -4.28 -3.29
CA SER A 661 -4.62 -5.49 -3.17
C SER A 661 -4.57 -6.28 -4.47
N ALA A 662 -4.27 -5.60 -5.57
CA ALA A 662 -4.10 -6.22 -6.87
C ALA A 662 -2.67 -6.70 -7.11
N MET A 663 -1.81 -6.68 -6.07
CA MET A 663 -0.42 -7.10 -6.17
C MET A 663 0.42 -6.28 -7.14
N ILE A 664 0.07 -5.01 -7.31
CA ILE A 664 0.80 -4.13 -8.21
C ILE A 664 1.53 -3.04 -7.46
N ILE A 665 2.84 -2.94 -7.69
CA ILE A 665 3.60 -1.89 -7.04
C ILE A 665 3.68 -0.71 -7.99
N TYR A 666 3.27 0.46 -7.51
CA TYR A 666 3.24 1.62 -8.40
C TYR A 666 4.63 2.13 -8.69
N ARG A 667 5.44 2.27 -7.65
CA ARG A 667 6.84 2.69 -7.75
C ARG A 667 7.09 4.13 -8.15
N ASP A 668 6.09 5.00 -8.21
CA ASP A 668 6.39 6.37 -8.58
C ASP A 668 5.37 7.42 -8.19
N LEU A 669 5.18 7.63 -6.90
CA LEU A 669 4.24 8.64 -6.46
C LEU A 669 4.83 10.01 -6.38
N LYS A 670 4.69 10.75 -7.45
CA LYS A 670 5.14 12.12 -7.44
C LYS A 670 4.01 12.97 -7.99
N PRO A 671 3.95 14.27 -7.67
CA PRO A 671 2.94 15.26 -8.07
C PRO A 671 2.69 15.31 -9.57
N HIS A 672 3.65 14.85 -10.34
CA HIS A 672 3.56 14.85 -11.78
C HIS A 672 2.61 13.76 -12.26
N ASN A 673 2.31 12.78 -11.41
CA ASN A 673 1.44 11.67 -11.75
C ASN A 673 0.02 11.80 -11.17
N VAL A 674 -0.29 12.90 -10.50
CA VAL A 674 -1.61 13.04 -9.93
C VAL A 674 -2.47 13.93 -10.80
N LEU A 675 -3.56 13.40 -11.31
CA LEU A 675 -4.40 14.18 -12.21
C LEU A 675 -5.65 14.68 -11.56
N LEU A 676 -6.02 15.92 -11.88
CA LEU A 676 -7.22 16.51 -11.32
C LEU A 676 -8.31 16.68 -12.37
N PHE A 677 -9.52 16.32 -12.00
CA PHE A 677 -10.68 16.38 -12.88
C PHE A 677 -11.70 17.42 -12.52
N THR A 678 -11.34 18.36 -11.66
CA THR A 678 -12.20 19.44 -11.18
C THR A 678 -11.71 19.92 -9.86
N LEU A 679 -11.61 21.22 -9.73
CA LEU A 679 -11.14 21.77 -8.48
C LEU A 679 -12.29 21.99 -7.49
N TYR A 680 -13.53 21.79 -7.94
CA TYR A 680 -14.68 21.93 -7.06
C TYR A 680 -14.58 20.97 -5.88
N PRO A 681 -14.34 21.47 -4.67
CA PRO A 681 -14.12 20.74 -3.43
C PRO A 681 -15.14 19.65 -3.15
N ASN A 682 -16.39 19.90 -3.46
CA ASN A 682 -17.40 18.90 -3.17
C ASN A 682 -17.82 18.10 -4.39
N ALA A 683 -16.89 17.40 -5.01
CA ALA A 683 -17.19 16.58 -6.17
C ALA A 683 -16.96 15.12 -5.85
N ALA A 684 -17.66 14.24 -6.56
CA ALA A 684 -17.52 12.80 -6.32
C ALA A 684 -16.13 12.31 -6.65
N ILE A 685 -15.56 12.77 -7.77
CA ILE A 685 -14.22 12.36 -8.14
C ILE A 685 -13.36 13.55 -8.47
N ILE A 686 -12.23 13.69 -7.79
CA ILE A 686 -11.34 14.81 -7.99
C ILE A 686 -9.99 14.38 -8.49
N ALA A 687 -9.35 13.47 -7.77
CA ALA A 687 -8.00 13.09 -8.20
C ALA A 687 -7.92 11.65 -8.66
N LYS A 688 -7.06 11.41 -9.66
CA LYS A 688 -6.82 10.06 -10.16
C LYS A 688 -5.33 9.81 -10.37
N ILE A 689 -4.92 8.55 -10.31
CA ILE A 689 -3.53 8.18 -10.51
C ILE A 689 -3.26 7.77 -11.96
N ALA A 690 -2.31 8.45 -12.58
CA ALA A 690 -1.99 8.22 -13.98
C ALA A 690 -1.07 7.02 -14.24
N ASP A 691 -1.28 6.39 -15.40
CA ASP A 691 -0.44 5.30 -15.93
C ASP A 691 -0.04 4.21 -14.93
N TYR A 692 -1.00 3.68 -14.22
CA TYR A 692 -0.80 2.62 -13.24
C TYR A 692 -0.51 1.30 -13.91
N GLY A 693 0.11 0.40 -13.15
CA GLY A 693 0.45 -0.92 -13.67
C GLY A 693 1.94 -1.19 -13.49
N PRO A 710 12.98 8.82 -9.12
CA PRO A 710 13.82 9.99 -9.40
C PRO A 710 14.30 10.44 -8.02
N GLY A 711 14.36 11.75 -7.81
CA GLY A 711 14.63 12.16 -6.43
C GLY A 711 13.28 12.31 -5.72
N PHE A 712 12.67 11.17 -5.30
CA PHE A 712 11.36 10.98 -4.60
C PHE A 712 11.28 9.55 -4.06
N ARG A 713 12.40 8.82 -3.96
CA ARG A 713 12.61 7.41 -3.61
C ARG A 713 12.66 7.11 -2.14
N ALA A 714 12.17 5.95 -1.76
CA ALA A 714 12.33 5.46 -0.41
C ALA A 714 13.83 5.26 -0.24
N PRO A 715 14.46 5.55 1.03
CA PRO A 715 15.87 5.40 1.36
C PRO A 715 16.29 3.94 1.30
N GLU A 716 15.19 3.02 1.02
CA GLU A 716 15.54 1.64 0.88
C GLU A 716 15.90 1.33 -0.54
N VAL A 717 14.98 1.60 -1.45
CA VAL A 717 15.20 1.34 -2.85
C VAL A 717 16.16 2.36 -3.44
N ALA A 718 16.27 3.52 -2.79
CA ALA A 718 17.21 4.55 -3.21
C ALA A 718 18.63 4.04 -3.21
N ARG A 719 18.94 3.08 -2.34
CA ARG A 719 20.27 2.50 -2.27
C ARG A 719 20.57 1.59 -3.44
N GLY A 720 19.52 1.00 -4.01
CA GLY A 720 19.68 0.08 -5.13
C GLY A 720 20.09 -1.32 -4.69
N ASN A 721 19.84 -1.67 -3.43
CA ASN A 721 20.23 -3.00 -2.96
C ASN A 721 19.07 -3.81 -2.36
N VAL A 722 17.84 -3.37 -2.59
CA VAL A 722 16.67 -4.08 -2.12
C VAL A 722 15.63 -4.25 -3.24
N ILE A 723 14.51 -4.86 -2.90
CA ILE A 723 13.41 -5.11 -3.82
C ILE A 723 12.18 -4.27 -3.46
N TYR A 724 11.51 -3.72 -4.48
CA TYR A 724 10.32 -2.91 -4.25
C TYR A 724 9.16 -3.70 -3.69
N ASN A 725 8.41 -3.05 -2.83
CA ASN A 725 7.22 -3.61 -2.26
C ASN A 725 6.32 -2.50 -1.79
N GLN A 726 5.17 -2.85 -1.24
CA GLN A 726 4.21 -1.85 -0.79
C GLN A 726 4.76 -0.80 0.14
N GLN A 727 5.80 -1.12 0.90
CA GLN A 727 6.31 -0.18 1.86
C GLN A 727 7.06 0.92 1.17
N ALA A 728 7.57 0.65 -0.03
CA ALA A 728 8.24 1.66 -0.80
C ALA A 728 7.21 2.66 -1.27
N ASP A 729 6.05 2.15 -1.70
CA ASP A 729 4.98 3.04 -2.12
C ASP A 729 4.46 3.86 -0.95
N VAL A 730 4.34 3.25 0.22
CA VAL A 730 3.86 3.98 1.37
C VAL A 730 4.77 5.13 1.70
N TYR A 731 6.07 4.88 1.70
CA TYR A 731 7.02 5.94 1.99
C TYR A 731 6.85 7.06 0.98
N SER A 732 6.74 6.69 -0.30
CA SER A 732 6.57 7.66 -1.35
C SER A 732 5.31 8.49 -1.12
N PHE A 733 4.23 7.83 -0.69
CA PHE A 733 2.99 8.51 -0.37
C PHE A 733 3.20 9.54 0.70
N GLY A 734 3.91 9.17 1.76
CA GLY A 734 4.17 10.10 2.83
C GLY A 734 4.84 11.35 2.30
N LEU A 735 5.80 11.19 1.40
CA LEU A 735 6.46 12.35 0.84
C LEU A 735 5.49 13.21 0.08
N LEU A 736 4.56 12.56 -0.64
CA LEU A 736 3.54 13.30 -1.36
C LEU A 736 2.72 14.13 -0.41
N LEU A 737 2.26 13.50 0.66
CA LEU A 737 1.46 14.17 1.66
C LEU A 737 2.19 15.35 2.28
N TYR A 738 3.47 15.16 2.60
CA TYR A 738 4.31 16.23 3.13
C TYR A 738 4.31 17.38 2.15
N ASP A 739 4.49 17.05 0.88
CA ASP A 739 4.50 18.05 -0.16
C ASP A 739 3.15 18.72 -0.32
N ILE A 740 2.06 17.99 -0.13
CA ILE A 740 0.73 18.60 -0.18
C ILE A 740 0.54 19.56 0.96
N LEU A 741 0.94 19.14 2.15
CA LEU A 741 0.84 19.96 3.35
C LEU A 741 1.47 21.30 3.13
N THR A 742 2.69 21.32 2.63
CA THR A 742 3.31 22.59 2.30
C THR A 742 3.01 22.91 0.87
N THR A 743 1.95 23.69 0.65
CA THR A 743 1.47 24.00 -0.69
C THR A 743 2.47 24.69 -1.59
N GLY A 744 3.52 25.25 -1.00
CA GLY A 744 4.58 25.87 -1.78
C GLY A 744 5.36 24.84 -2.59
N GLY A 745 5.27 23.56 -2.23
CA GLY A 745 5.98 22.54 -2.96
C GLY A 745 7.44 22.73 -2.69
N ARG A 746 7.78 22.98 -1.43
CA ARG A 746 9.12 23.36 -1.09
C ARG A 746 10.15 22.26 -1.32
N ILE A 747 9.77 21.00 -1.15
CA ILE A 747 10.75 19.98 -1.47
C ILE A 747 10.83 19.82 -2.98
N VAL A 748 9.75 20.18 -3.68
CA VAL A 748 9.78 20.17 -5.13
C VAL A 748 10.72 21.26 -5.60
N GLU A 749 10.67 22.40 -4.94
CA GLU A 749 11.58 23.49 -5.26
C GLU A 749 13.01 23.09 -4.96
N GLY A 750 13.18 22.27 -3.91
CA GLY A 750 14.48 21.73 -3.55
C GLY A 750 15.13 20.90 -4.67
N LEU A 751 14.33 20.36 -5.60
CA LEU A 751 14.80 19.60 -6.76
C LEU A 751 15.82 20.36 -7.57
N LYS A 752 15.68 21.69 -7.59
CA LYS A 752 16.57 22.60 -8.30
C LYS A 752 18.01 22.51 -7.78
N PHE A 753 18.18 21.94 -6.58
CA PHE A 753 19.48 21.70 -5.99
C PHE A 753 19.52 20.23 -5.58
N PRO A 754 19.46 19.32 -6.56
CA PRO A 754 19.32 17.86 -6.46
C PRO A 754 20.40 17.19 -5.64
N ASN A 755 21.56 17.83 -5.53
CA ASN A 755 22.67 17.31 -4.76
C ASN A 755 22.35 17.28 -3.28
N GLU A 756 21.46 18.16 -2.85
CA GLU A 756 21.05 18.21 -1.48
C GLU A 756 19.73 17.48 -1.32
N PHE A 757 18.86 17.68 -2.30
CA PHE A 757 17.50 17.13 -2.30
C PHE A 757 17.41 15.62 -2.26
N ASP A 758 18.08 14.93 -3.18
CA ASP A 758 18.02 13.48 -3.19
C ASP A 758 18.61 12.91 -1.90
N GLU A 759 19.70 13.52 -1.43
CA GLU A 759 20.34 13.10 -0.21
C GLU A 759 19.49 13.37 0.99
N LEU A 760 18.78 14.51 0.99
CA LEU A 760 17.88 14.87 2.07
C LEU A 760 16.86 13.79 2.30
N GLU A 761 16.24 13.31 1.23
CA GLU A 761 15.26 12.25 1.36
C GLU A 761 15.90 10.97 1.88
N ILE A 762 17.11 10.68 1.40
CA ILE A 762 17.88 9.54 1.90
C ILE A 762 18.17 9.65 3.39
N GLN A 763 18.54 10.85 3.83
CA GLN A 763 18.79 11.10 5.24
C GLN A 763 17.52 10.95 6.05
N GLY A 764 16.39 11.37 5.47
CA GLY A 764 15.10 11.30 6.12
C GLY A 764 14.92 12.44 7.10
N LYS A 765 15.85 13.39 7.08
CA LYS A 765 15.86 14.46 8.02
C LYS A 765 15.13 15.67 7.50
N LEU A 766 13.82 15.52 7.36
CA LEU A 766 13.01 16.62 6.87
C LEU A 766 12.71 17.57 8.01
N PRO A 767 12.63 18.86 7.73
CA PRO A 767 12.35 19.95 8.64
C PRO A 767 10.88 20.00 8.98
N ASP A 768 10.58 20.62 10.11
CA ASP A 768 9.21 20.77 10.56
C ASP A 768 8.42 21.60 9.57
N PRO A 769 7.44 21.01 8.89
CA PRO A 769 6.64 21.61 7.83
C PRO A 769 5.93 22.89 8.25
N VAL A 770 5.70 23.05 9.54
CA VAL A 770 5.05 24.24 10.04
C VAL A 770 6.06 25.33 10.27
N LYS A 771 7.00 25.04 11.14
CA LYS A 771 8.03 25.99 11.52
C LYS A 771 8.91 26.42 10.37
N GLU A 772 9.33 25.45 9.58
CA GLU A 772 10.23 25.71 8.48
C GLU A 772 9.63 26.45 7.33
N TYR A 773 8.38 26.20 7.00
CA TYR A 773 7.84 26.86 5.83
C TYR A 773 6.78 27.89 6.15
N GLY A 774 6.41 28.00 7.44
CA GLY A 774 5.39 28.96 7.83
C GLY A 774 4.02 28.45 7.41
N CYS A 775 3.82 27.16 7.57
CA CYS A 775 2.58 26.51 7.15
C CYS A 775 1.61 26.40 8.30
N ALA A 776 0.36 26.82 8.09
CA ALA A 776 -0.63 26.77 9.15
C ALA A 776 -0.74 25.33 9.69
N PRO A 777 -0.78 25.14 11.00
CA PRO A 777 -0.83 23.88 11.72
C PRO A 777 -1.91 22.97 11.22
N TRP A 778 -1.59 21.70 11.19
CA TRP A 778 -2.53 20.68 10.78
C TRP A 778 -2.19 19.37 11.45
N PRO A 779 -2.33 19.30 12.77
CA PRO A 779 -2.04 18.14 13.59
C PRO A 779 -2.85 17.00 13.04
N MET A 780 -2.60 15.79 13.51
CA MET A 780 -3.18 14.57 12.94
C MET A 780 -2.43 14.25 11.64
N VAL A 781 -2.55 15.12 10.62
CA VAL A 781 -1.77 14.96 9.39
C VAL A 781 -0.31 15.03 9.68
N GLU A 782 0.09 15.99 10.51
CA GLU A 782 1.49 16.12 10.84
C GLU A 782 2.04 14.83 11.44
N LYS A 783 1.30 14.23 12.36
CA LYS A 783 1.83 13.00 12.93
C LYS A 783 1.68 11.85 11.97
N LEU A 784 0.71 11.92 11.07
CA LEU A 784 0.58 10.86 10.06
C LEU A 784 1.81 10.80 9.22
N ILE A 785 2.28 11.94 8.77
CA ILE A 785 3.48 12.01 7.98
C ILE A 785 4.65 11.43 8.74
N LYS A 786 4.78 11.79 10.01
CA LYS A 786 5.87 11.26 10.81
C LYS A 786 5.77 9.74 10.94
N GLN A 787 4.55 9.24 11.12
CA GLN A 787 4.33 7.81 11.24
C GLN A 787 4.62 7.10 9.93
N CYS A 788 4.26 7.73 8.84
CA CYS A 788 4.47 7.17 7.54
C CYS A 788 5.94 7.10 7.18
N LEU A 789 6.64 8.22 7.31
CA LEU A 789 8.03 8.28 6.90
C LEU A 789 9.00 7.78 7.95
N LYS A 790 8.97 6.49 8.21
CA LYS A 790 9.91 5.86 9.12
C LYS A 790 10.96 5.17 8.30
N GLU A 791 12.11 4.93 8.90
CA GLU A 791 13.21 4.30 8.19
C GLU A 791 12.97 2.81 7.96
N ASN A 792 12.48 2.14 8.98
CA ASN A 792 12.24 0.70 8.97
C ASN A 792 10.93 0.31 8.28
N PRO A 793 10.99 -0.41 7.15
CA PRO A 793 9.89 -0.93 6.34
C PRO A 793 8.83 -1.64 7.14
N GLN A 794 9.21 -2.30 8.22
CA GLN A 794 8.24 -3.03 8.99
C GLN A 794 7.50 -2.12 9.96
N GLU A 795 8.04 -0.94 10.19
CA GLU A 795 7.42 0.02 11.06
C GLU A 795 6.45 0.89 10.31
N ARG A 796 6.68 1.05 9.01
CA ARG A 796 5.79 1.88 8.22
C ARG A 796 4.40 1.24 8.07
N PRO A 797 3.32 2.03 8.19
CA PRO A 797 1.91 1.68 8.08
C PRO A 797 1.57 1.05 6.74
N THR A 798 0.57 0.19 6.71
CA THR A 798 0.17 -0.38 5.44
C THR A 798 -0.71 0.62 4.75
N SER A 799 -0.86 0.49 3.44
CA SER A 799 -1.65 1.44 2.69
C SER A 799 -3.12 1.38 3.05
N ALA A 800 -3.58 0.22 3.50
CA ALA A 800 -4.95 0.11 3.96
C ALA A 800 -5.14 0.97 5.20
N GLN A 801 -4.19 0.90 6.11
CA GLN A 801 -4.22 1.68 7.32
C GLN A 801 -4.13 3.15 7.05
N VAL A 802 -3.30 3.53 6.08
CA VAL A 802 -3.16 4.93 5.74
C VAL A 802 -4.50 5.49 5.33
N PHE A 803 -5.21 4.75 4.50
CA PHE A 803 -6.54 5.20 4.11
C PHE A 803 -7.45 5.35 5.28
N ASP A 804 -7.50 4.33 6.14
CA ASP A 804 -8.36 4.39 7.31
C ASP A 804 -8.10 5.63 8.14
N ILE A 805 -6.85 6.01 8.27
CA ILE A 805 -6.50 7.21 9.00
C ILE A 805 -7.02 8.44 8.29
N LEU A 806 -6.88 8.48 6.98
CA LEU A 806 -7.38 9.62 6.22
C LEU A 806 -8.88 9.72 6.27
N ASN A 807 -9.55 8.59 6.41
CA ASN A 807 -10.99 8.53 6.54
C ASN A 807 -11.44 9.00 7.92
N SER A 808 -11.46 10.31 8.13
CA SER A 808 -11.82 10.87 9.44
C SER A 808 -12.23 12.31 9.44
N ALA A 809 -13.38 12.59 10.02
CA ALA A 809 -13.84 13.95 10.13
C ALA A 809 -12.97 14.72 11.10
N GLU A 810 -12.50 14.03 12.14
CA GLU A 810 -11.64 14.64 13.15
C GLU A 810 -10.35 15.11 12.51
N LEU A 811 -9.84 14.31 11.58
CA LEU A 811 -8.65 14.66 10.83
C LEU A 811 -8.80 16.00 10.16
N VAL A 812 -9.95 16.18 9.53
CA VAL A 812 -10.22 17.41 8.83
C VAL A 812 -10.44 18.60 9.74
N CYS A 813 -11.24 18.43 10.79
CA CYS A 813 -11.62 19.57 11.62
C CYS A 813 -10.75 19.90 12.81
N LEU A 814 -9.89 19.01 13.24
CA LEU A 814 -9.00 19.41 14.30
C LEU A 814 -8.01 20.39 13.76
N THR A 815 -7.89 21.55 14.38
CA THR A 815 -6.97 22.51 13.83
C THR A 815 -5.75 22.71 14.66
N ARG A 816 -5.90 22.76 15.97
CA ARG A 816 -4.73 22.97 16.80
C ARG A 816 -4.80 22.24 18.12
N ARG A 817 -3.65 21.94 18.69
CA ARG A 817 -3.58 21.31 19.98
C ARG A 817 -2.42 21.83 20.77
N ILE A 818 -2.69 22.48 21.88
CA ILE A 818 -1.64 23.06 22.69
C ILE A 818 -1.53 22.38 24.02
N LEU A 819 -0.39 21.81 24.32
CA LEU A 819 -0.23 21.18 25.61
C LEU A 819 0.15 22.23 26.63
N LEU A 820 -0.35 22.09 27.83
CA LEU A 820 0.01 23.01 28.89
C LEU A 820 1.17 22.41 29.67
N PRO A 821 1.94 23.20 30.40
CA PRO A 821 3.06 22.79 31.22
C PRO A 821 2.60 21.75 32.22
N LYS A 822 3.47 20.81 32.52
CA LYS A 822 3.16 19.71 33.42
C LYS A 822 2.74 20.21 34.79
N ASN A 823 1.68 19.59 35.32
CA ASN A 823 1.11 19.93 36.61
C ASN A 823 0.50 21.32 36.63
N VAL A 824 -0.17 21.67 35.55
CA VAL A 824 -0.92 22.92 35.49
C VAL A 824 -2.38 22.59 35.27
N ILE A 825 -3.21 23.03 36.18
CA ILE A 825 -4.64 22.78 36.11
C ILE A 825 -5.41 24.05 36.02
N VAL A 826 -6.09 24.21 34.90
CA VAL A 826 -6.89 25.39 34.61
C VAL A 826 -8.36 25.09 34.82
N GLU A 827 -8.99 25.86 35.68
CA GLU A 827 -10.39 25.64 35.98
C GLU A 827 -11.36 26.60 35.29
N CYS A 828 -10.85 27.54 34.52
CA CYS A 828 -11.71 28.48 33.80
C CYS A 828 -10.98 29.19 32.66
N MET A 829 -11.73 29.64 31.66
CA MET A 829 -11.16 30.23 30.46
C MET A 829 -11.88 31.48 29.97
N VAL A 830 -11.14 32.50 29.57
CA VAL A 830 -11.74 33.66 28.92
C VAL A 830 -10.98 34.05 27.67
N ALA A 831 -11.56 33.80 26.52
CA ALA A 831 -10.92 34.19 25.28
C ALA A 831 -11.20 35.64 25.01
N THR A 832 -10.24 36.36 24.45
CA THR A 832 -10.48 37.76 24.13
C THR A 832 -11.10 37.90 22.75
N HIS A 833 -12.33 38.40 22.73
CA HIS A 833 -13.04 38.54 21.47
C HIS A 833 -12.57 39.75 20.70
N HIS A 834 -11.53 39.57 19.93
CA HIS A 834 -10.98 40.66 19.16
C HIS A 834 -10.13 40.07 18.02
N ALA A 839 -5.30 37.56 19.84
CA ALA A 839 -5.67 36.13 19.80
C ALA A 839 -5.05 35.39 20.97
N SER A 840 -5.63 35.59 22.15
CA SER A 840 -5.11 35.00 23.37
C SER A 840 -6.20 34.65 24.36
N ILE A 841 -5.85 33.81 25.32
CA ILE A 841 -6.80 33.31 26.30
C ILE A 841 -6.33 33.46 27.75
N TRP A 842 -7.19 34.01 28.59
CA TRP A 842 -6.88 34.10 30.01
C TRP A 842 -7.24 32.81 30.69
N LEU A 843 -6.34 32.27 31.47
CA LEU A 843 -6.59 31.00 32.11
C LEU A 843 -6.55 31.10 33.62
N GLY A 844 -7.43 30.39 34.29
CA GLY A 844 -7.38 30.36 35.74
C GLY A 844 -6.41 29.27 36.17
N CYS A 845 -6.34 28.97 37.45
CA CYS A 845 -5.47 27.90 37.88
C CYS A 845 -5.92 27.27 39.17
N GLY A 846 -6.44 26.06 39.08
CA GLY A 846 -6.91 25.33 40.25
C GLY A 846 -5.89 24.32 40.76
N HIS A 847 -4.72 24.26 40.13
CA HIS A 847 -3.68 23.35 40.59
C HIS A 847 -3.20 23.70 41.99
N THR A 848 -2.87 24.96 42.21
CA THR A 848 -2.39 25.37 43.52
C THR A 848 -3.58 25.84 44.31
N ASP A 849 -3.32 26.23 45.55
CA ASP A 849 -4.35 26.77 46.39
C ASP A 849 -4.21 28.28 46.52
N ARG A 850 -3.55 28.89 45.52
CA ARG A 850 -3.34 30.32 45.51
C ARG A 850 -3.89 30.95 44.25
N GLY A 851 -4.43 32.15 44.39
CA GLY A 851 -4.96 32.89 43.24
C GLY A 851 -3.91 33.13 42.17
N GLN A 852 -3.78 32.18 41.25
CA GLN A 852 -2.80 32.30 40.18
C GLN A 852 -3.46 32.42 38.83
N LEU A 853 -3.08 33.46 38.09
CA LEU A 853 -3.66 33.77 36.79
C LEU A 853 -2.67 33.53 35.67
N SER A 854 -3.05 32.71 34.70
CA SER A 854 -2.16 32.38 33.60
C SER A 854 -2.62 32.99 32.30
N PHE A 855 -1.75 32.95 31.31
CA PHE A 855 -2.08 33.57 30.03
C PHE A 855 -1.44 32.87 28.84
N LEU A 856 -2.28 32.52 27.87
CA LEU A 856 -1.88 31.80 26.68
C LEU A 856 -1.97 32.63 25.41
N ASP A 857 -0.87 32.70 24.68
CA ASP A 857 -0.81 33.41 23.41
C ASP A 857 -0.96 32.46 22.24
N LEU A 858 -2.12 32.45 21.59
CA LEU A 858 -2.36 31.51 20.52
C LEU A 858 -1.50 31.78 19.28
N ASN A 859 -0.99 33.01 19.15
CA ASN A 859 -0.17 33.34 17.99
C ASN A 859 1.21 32.70 18.04
N THR A 860 1.71 32.45 19.24
CA THR A 860 3.05 31.92 19.39
C THR A 860 3.07 30.72 20.31
N GLU A 861 1.91 30.35 20.84
CA GLU A 861 1.78 29.30 21.83
C GLU A 861 2.64 29.63 23.02
N GLY A 862 2.63 30.92 23.38
CA GLY A 862 3.41 31.42 24.49
C GLY A 862 2.65 31.22 25.78
N TYR A 863 3.35 31.15 26.88
CA TYR A 863 2.67 30.92 28.14
C TYR A 863 3.35 31.56 29.31
N THR A 864 2.56 32.28 30.10
CA THR A 864 3.07 32.87 31.31
C THR A 864 2.07 32.70 32.41
N SER A 865 2.43 33.17 33.60
CA SER A 865 1.57 33.00 34.74
C SER A 865 2.08 33.76 35.96
N GLU A 866 1.16 34.33 36.72
CA GLU A 866 1.55 35.08 37.91
C GLU A 866 0.50 35.00 39.00
N GLU A 867 0.92 35.11 40.24
CA GLU A 867 -0.03 35.08 41.34
C GLU A 867 -0.64 36.46 41.50
N VAL A 868 -1.96 36.51 41.49
CA VAL A 868 -2.66 37.79 41.56
C VAL A 868 -3.57 37.91 42.76
N ALA A 869 -3.86 36.81 43.43
CA ALA A 869 -4.77 36.87 44.57
C ALA A 869 -4.43 35.81 45.58
N ASP A 870 -5.06 35.92 46.74
CA ASP A 870 -4.82 34.98 47.82
C ASP A 870 -5.50 33.66 47.58
N SER A 871 -6.83 33.65 47.64
CA SER A 871 -7.59 32.42 47.46
C SER A 871 -7.68 32.02 46.00
N ARG A 872 -8.15 30.80 45.75
CA ARG A 872 -8.20 30.26 44.38
C ARG A 872 -9.20 30.96 43.49
N ILE A 873 -8.76 31.28 42.27
CA ILE A 873 -9.63 31.92 41.31
C ILE A 873 -10.66 30.95 40.81
N LEU A 874 -11.91 31.31 40.90
CA LEU A 874 -12.95 30.41 40.48
C LEU A 874 -13.55 30.81 39.15
N CYS A 875 -13.80 32.10 38.94
CA CYS A 875 -14.39 32.55 37.69
C CYS A 875 -13.77 33.78 37.09
N LEU A 876 -13.63 33.78 35.80
CA LEU A 876 -13.12 34.94 35.11
C LEU A 876 -14.17 35.53 34.20
N ALA A 877 -14.16 36.84 34.03
CA ALA A 877 -15.08 37.46 33.07
C ALA A 877 -14.45 38.66 32.41
N LEU A 878 -14.78 38.86 31.14
CA LEU A 878 -14.23 39.99 30.41
C LEU A 878 -15.17 41.16 30.34
N VAL A 879 -14.75 42.29 30.87
CA VAL A 879 -15.50 43.51 30.78
C VAL A 879 -14.97 44.31 29.64
N HIS A 880 -15.80 44.53 28.65
CA HIS A 880 -15.36 45.24 27.47
C HIS A 880 -16.06 46.57 27.36
N LEU A 881 -15.28 47.64 27.39
CA LEU A 881 -15.82 48.98 27.29
C LEU A 881 -15.26 49.73 26.08
N PRO A 882 -15.64 49.32 24.86
CA PRO A 882 -15.20 49.87 23.57
C PRO A 882 -15.49 51.36 23.48
N VAL A 883 -16.48 51.81 24.22
CA VAL A 883 -16.84 53.21 24.31
C VAL A 883 -15.77 53.99 25.03
N GLU A 884 -15.22 53.39 26.08
CA GLU A 884 -14.19 54.02 26.86
C GLU A 884 -12.80 53.58 26.39
N LYS A 885 -12.77 52.65 25.42
CA LYS A 885 -11.54 52.15 24.81
C LYS A 885 -10.71 51.36 25.80
N GLU A 886 -11.37 50.55 26.61
CA GLU A 886 -10.66 49.76 27.61
C GLU A 886 -11.39 48.48 27.95
N SER A 887 -10.67 47.55 28.56
CA SER A 887 -11.28 46.31 28.99
C SER A 887 -10.58 45.74 30.22
N TRP A 888 -11.32 44.98 31.02
CA TRP A 888 -10.83 44.46 32.29
C TRP A 888 -11.15 42.98 32.50
N ILE A 889 -10.30 42.29 33.23
CA ILE A 889 -10.56 40.92 33.60
C ILE A 889 -11.07 40.89 35.01
N VAL A 890 -12.24 40.33 35.21
CA VAL A 890 -12.79 40.24 36.54
C VAL A 890 -12.56 38.86 37.07
N SER A 891 -11.85 38.77 38.16
CA SER A 891 -11.54 37.50 38.77
C SER A 891 -12.31 37.27 40.04
N GLY A 892 -13.29 36.38 39.99
CA GLY A 892 -14.04 36.01 41.17
C GLY A 892 -13.29 34.88 41.84
N THR A 893 -13.21 34.92 43.16
CA THR A 893 -12.46 33.88 43.86
C THR A 893 -13.14 33.32 45.09
N GLN A 894 -12.48 32.36 45.73
CA GLN A 894 -13.03 31.68 46.91
C GLN A 894 -13.29 32.63 48.07
N SER A 895 -12.45 33.64 48.23
CA SER A 895 -12.64 34.61 49.30
C SER A 895 -13.87 35.47 49.12
N GLY A 896 -14.45 35.50 47.92
CA GLY A 896 -15.60 36.33 47.67
C GLY A 896 -15.19 37.66 47.08
N THR A 897 -13.90 37.90 46.94
CA THR A 897 -13.49 39.16 46.35
C THR A 897 -13.51 39.13 44.84
N LEU A 898 -13.52 40.32 44.26
CA LEU A 898 -13.51 40.52 42.83
C LEU A 898 -12.31 41.33 42.42
N LEU A 899 -11.31 40.67 41.87
CA LEU A 899 -10.11 41.37 41.44
C LEU A 899 -10.27 41.77 40.00
N VAL A 900 -10.18 43.05 39.72
CA VAL A 900 -10.44 43.55 38.39
C VAL A 900 -9.15 44.13 37.81
N ILE A 901 -8.68 43.56 36.69
CA ILE A 901 -7.39 43.96 36.12
C ILE A 901 -7.48 44.47 34.70
N ASN A 902 -6.91 45.64 34.43
CA ASN A 902 -6.99 46.19 33.09
C ASN A 902 -6.17 45.38 32.12
N THR A 903 -6.78 44.96 31.03
CA THR A 903 -6.09 44.14 30.03
C THR A 903 -4.99 44.92 29.30
N GLU A 904 -5.09 46.24 29.29
CA GLU A 904 -4.12 47.09 28.63
C GLU A 904 -3.01 47.53 29.59
N ASP A 905 -3.17 47.25 30.88
CA ASP A 905 -2.18 47.66 31.86
C ASP A 905 -2.20 46.80 33.10
N GLY A 906 -1.25 45.89 33.18
CA GLY A 906 -1.14 44.97 34.31
C GLY A 906 -1.03 45.66 35.67
N LYS A 907 -0.57 46.91 35.70
CA LYS A 907 -0.45 47.64 36.95
C LYS A 907 -1.80 48.09 37.49
N LYS A 908 -2.80 48.20 36.60
CA LYS A 908 -4.12 48.65 37.04
C LYS A 908 -4.92 47.50 37.59
N ARG A 909 -4.69 47.22 38.87
CA ARG A 909 -5.40 46.17 39.56
C ARG A 909 -6.21 46.77 40.70
N HIS A 910 -7.47 46.37 40.84
CA HIS A 910 -8.25 46.87 41.97
C HIS A 910 -9.30 45.87 42.39
N THR A 911 -9.84 46.05 43.60
CA THR A 911 -10.82 45.11 44.11
C THR A 911 -12.15 45.78 44.36
N LEU A 912 -13.24 45.13 43.94
CA LEU A 912 -14.60 45.65 44.13
C LEU A 912 -15.13 45.25 45.48
N GLU A 913 -16.30 45.76 45.84
CA GLU A 913 -16.90 45.39 47.12
C GLU A 913 -16.91 43.89 47.29
N LYS A 914 -16.35 43.42 48.39
CA LYS A 914 -16.26 42.01 48.69
C LYS A 914 -17.63 41.40 48.90
N MET A 915 -17.83 40.22 48.33
CA MET A 915 -19.09 39.50 48.45
C MET A 915 -19.15 38.80 49.81
N THR A 916 -20.35 38.48 50.25
CA THR A 916 -20.55 37.81 51.54
C THR A 916 -20.21 36.33 51.50
N ASP A 917 -19.98 35.79 50.31
CA ASP A 917 -19.58 34.41 50.15
C ASP A 917 -18.77 34.31 48.87
N SER A 918 -18.27 33.13 48.55
CA SER A 918 -17.42 32.99 47.38
C SER A 918 -18.19 33.21 46.11
N VAL A 919 -17.44 33.51 45.05
CA VAL A 919 -18.05 33.72 43.75
C VAL A 919 -18.10 32.41 43.01
N THR A 920 -19.30 32.05 42.56
CA THR A 920 -19.48 30.80 41.86
C THR A 920 -19.62 30.96 40.37
N CYS A 921 -20.09 32.11 39.92
CA CYS A 921 -20.12 32.35 38.48
C CYS A 921 -20.23 33.80 38.14
N LEU A 922 -19.74 34.15 36.96
CA LEU A 922 -19.79 35.52 36.48
C LEU A 922 -20.40 35.58 35.12
N TYR A 923 -21.04 36.69 34.82
CA TYR A 923 -21.59 36.89 33.49
C TYR A 923 -21.71 38.34 33.15
N CYS A 924 -21.31 38.73 31.96
CA CYS A 924 -21.44 40.12 31.60
C CYS A 924 -21.51 40.34 30.11
N ASN A 935 -24.57 46.93 29.95
CA ASN A 935 -24.06 45.64 30.34
C ASN A 935 -23.98 45.61 31.83
N PHE A 936 -24.24 44.48 32.43
CA PHE A 936 -24.14 44.43 33.86
C PHE A 936 -23.28 43.26 34.25
N LEU A 937 -22.44 43.48 35.25
CA LEU A 937 -21.61 42.39 35.72
C LEU A 937 -22.39 41.65 36.75
N LEU A 938 -22.71 40.42 36.44
CA LEU A 938 -23.51 39.65 37.32
C LEU A 938 -22.62 38.75 38.10
N VAL A 939 -22.81 38.77 39.41
CA VAL A 939 -21.99 37.95 40.25
C VAL A 939 -22.84 36.96 40.98
N GLY A 940 -22.70 35.70 40.65
CA GLY A 940 -23.46 34.68 41.33
C GLY A 940 -22.61 34.13 42.43
N THR A 941 -23.10 34.23 43.66
CA THR A 941 -22.34 33.75 44.80
C THR A 941 -22.90 32.46 45.38
N ALA A 942 -22.09 31.86 46.25
CA ALA A 942 -22.38 30.57 46.87
C ALA A 942 -23.59 30.56 47.78
N ASP A 943 -23.98 31.72 48.28
CA ASP A 943 -25.14 31.78 49.14
C ASP A 943 -26.44 32.04 48.37
N GLY A 944 -26.41 31.88 47.03
CA GLY A 944 -27.62 32.06 46.25
C GLY A 944 -27.93 33.53 45.97
N LYS A 945 -26.99 34.41 46.27
CA LYS A 945 -27.16 35.83 46.08
C LYS A 945 -26.63 36.28 44.72
N LEU A 946 -27.37 37.18 44.07
CA LEU A 946 -26.97 37.73 42.77
C LEU A 946 -26.69 39.21 42.84
N ALA A 947 -25.44 39.59 42.67
CA ALA A 947 -25.11 41.01 42.68
C ALA A 947 -25.08 41.51 41.26
N ILE A 948 -25.68 42.67 41.05
CA ILE A 948 -25.75 43.28 39.73
C ILE A 948 -24.98 44.59 39.72
N PHE A 949 -23.89 44.65 38.98
CA PHE A 949 -23.09 45.86 38.90
C PHE A 949 -23.30 46.62 37.61
N GLU A 950 -23.38 47.94 37.72
CA GLU A 950 -23.53 48.81 36.55
C GLU A 950 -22.31 48.70 35.64
N ASP A 951 -22.56 48.77 34.35
CA ASP A 951 -21.61 48.59 33.26
C ASP A 951 -20.24 49.27 33.48
N LYS A 952 -20.22 50.58 33.59
CA LYS A 952 -18.94 51.28 33.73
C LYS A 952 -18.44 51.34 35.17
N THR A 953 -19.35 51.44 36.14
CA THR A 953 -19.04 51.49 37.57
C THR A 953 -17.91 50.58 38.06
N VAL A 954 -17.82 49.37 37.51
CA VAL A 954 -16.84 48.37 37.94
C VAL A 954 -15.38 48.83 37.82
N LYS A 955 -15.14 49.89 37.06
CA LYS A 955 -13.83 50.49 36.91
C LYS A 955 -13.28 51.03 38.23
N LEU A 956 -14.17 51.43 39.14
CA LEU A 956 -13.74 52.04 40.38
C LEU A 956 -13.48 51.02 41.49
N LYS A 957 -12.44 51.28 42.28
CA LYS A 957 -12.07 50.39 43.38
C LYS A 957 -13.06 50.50 44.52
N GLY A 958 -13.52 49.35 45.01
CA GLY A 958 -14.45 49.30 46.11
C GLY A 958 -15.87 49.62 45.67
N ALA A 959 -16.12 49.62 44.37
CA ALA A 959 -17.44 49.95 43.89
C ALA A 959 -18.48 48.93 44.33
N ALA A 960 -19.66 49.46 44.68
CA ALA A 960 -20.81 48.69 45.08
C ALA A 960 -21.66 48.39 43.85
N PRO A 961 -22.45 47.32 43.86
CA PRO A 961 -23.35 46.88 42.82
C PRO A 961 -24.57 47.77 42.76
N LEU A 962 -25.20 47.78 41.60
CA LEU A 962 -26.43 48.51 41.38
C LEU A 962 -27.50 47.99 42.31
N LYS A 963 -27.64 46.67 42.35
CA LYS A 963 -28.63 46.06 43.20
C LYS A 963 -28.31 44.60 43.45
N ILE A 964 -28.89 44.03 44.49
CA ILE A 964 -28.64 42.65 44.86
C ILE A 964 -29.91 41.85 45.07
N LEU A 965 -29.98 40.67 44.45
CA LEU A 965 -31.15 39.81 44.57
C LEU A 965 -30.85 38.55 45.39
N ASN A 966 -31.83 38.10 46.16
CA ASN A 966 -31.69 36.87 46.92
C ASN A 966 -32.50 35.80 46.22
N ILE A 967 -31.83 34.88 45.56
CA ILE A 967 -32.53 33.85 44.81
C ILE A 967 -32.58 32.57 45.59
N GLY A 968 -31.43 32.10 46.00
CA GLY A 968 -31.32 30.85 46.75
C GLY A 968 -31.03 31.07 48.22
N ASN A 969 -30.16 30.25 48.77
CA ASN A 969 -29.81 30.36 50.18
C ASN A 969 -28.45 29.78 50.42
N VAL A 970 -28.01 29.79 51.67
CA VAL A 970 -26.69 29.32 52.05
C VAL A 970 -26.31 27.93 51.52
N SER A 971 -27.29 27.06 51.30
CA SER A 971 -27.04 25.72 50.79
C SER A 971 -27.36 25.57 49.30
N THR A 972 -27.88 26.63 48.67
CA THR A 972 -28.28 26.60 47.26
C THR A 972 -27.63 27.75 46.48
N PRO A 973 -26.38 27.55 46.04
CA PRO A 973 -25.54 28.49 45.31
C PRO A 973 -26.00 28.73 43.91
N LEU A 974 -25.69 29.89 43.35
CA LEU A 974 -26.02 30.12 41.95
C LEU A 974 -24.94 29.47 41.14
N MET A 975 -25.27 28.83 40.04
CA MET A 975 -24.19 28.23 39.29
C MET A 975 -24.25 28.46 37.79
N CYS A 976 -25.17 29.27 37.33
CA CYS A 976 -25.21 29.46 35.91
C CYS A 976 -26.12 30.58 35.48
N LEU A 977 -25.56 31.53 34.75
CA LEU A 977 -26.31 32.64 34.20
C LEU A 977 -26.24 32.60 32.70
N SER A 978 -27.29 32.15 32.05
CA SER A 978 -27.29 32.02 30.62
C SER A 978 -28.24 32.98 29.98
N GLU A 979 -27.98 33.27 28.72
CA GLU A 979 -28.79 34.22 28.02
C GLU A 979 -28.61 34.06 26.54
N SER A 980 -29.67 33.67 25.87
CA SER A 980 -29.62 33.52 24.44
C SER A 980 -30.97 33.79 23.90
N ASN A 987 -34.09 39.57 25.99
CA ASN A 987 -32.88 39.71 26.80
C ASN A 987 -33.15 39.07 28.15
N VAL A 988 -34.04 38.08 28.14
CA VAL A 988 -34.45 37.40 29.34
C VAL A 988 -33.40 36.43 29.84
N MET A 989 -33.06 36.54 31.10
CA MET A 989 -32.05 35.68 31.69
C MET A 989 -32.64 34.39 32.14
N TRP A 990 -31.81 33.36 32.17
CA TRP A 990 -32.20 32.07 32.69
C TRP A 990 -31.07 31.54 33.53
N GLY A 991 -31.35 30.73 34.52
CA GLY A 991 -30.22 30.22 35.25
C GLY A 991 -30.55 29.19 36.28
N GLY A 992 -29.51 28.63 36.85
CA GLY A 992 -29.66 27.56 37.80
C GLY A 992 -29.34 27.97 39.22
N CYS A 993 -30.19 27.55 40.12
CA CYS A 993 -30.04 27.77 41.54
C CYS A 993 -30.43 26.53 42.27
N GLY A 994 -29.47 25.74 42.66
CA GLY A 994 -29.82 24.51 43.30
C GLY A 994 -30.58 23.67 42.30
N THR A 995 -31.81 23.37 42.61
CA THR A 995 -32.63 22.54 41.74
C THR A 995 -33.73 23.34 41.05
N LYS A 996 -33.66 24.65 41.11
CA LYS A 996 -34.68 25.48 40.48
C LYS A 996 -34.14 26.28 39.32
N ILE A 997 -34.99 26.56 38.35
CA ILE A 997 -34.61 27.38 37.23
C ILE A 997 -35.28 28.72 37.35
N PHE A 998 -34.48 29.77 37.39
CA PHE A 998 -35.04 31.10 37.51
C PHE A 998 -34.93 31.85 36.21
N SER A 999 -35.56 33.01 36.16
CA SER A 999 -35.49 33.82 34.97
C SER A 999 -35.66 35.29 35.29
N PHE A 1000 -34.98 36.15 34.54
CA PHE A 1000 -35.09 37.58 34.85
C PHE A 1000 -35.52 38.45 33.70
N SER A 1001 -36.27 39.48 34.07
CA SER A 1001 -36.75 40.49 33.16
C SER A 1001 -35.69 41.51 32.89
N ASN A 1002 -36.02 42.45 32.01
CA ASN A 1002 -35.16 43.58 31.70
C ASN A 1002 -34.82 44.36 32.96
N ASP A 1003 -35.77 44.41 33.90
CA ASP A 1003 -35.60 45.16 35.12
C ASP A 1003 -35.10 44.29 36.28
N PHE A 1004 -34.59 43.10 35.95
CA PHE A 1004 -34.02 42.16 36.90
C PHE A 1004 -35.04 41.62 37.88
N THR A 1005 -36.29 41.50 37.46
CA THR A 1005 -37.29 40.95 38.35
C THR A 1005 -37.45 39.48 38.06
N ILE A 1006 -37.90 38.71 39.05
CA ILE A 1006 -38.05 37.28 38.84
C ILE A 1006 -39.31 37.00 38.06
N GLN A 1007 -39.15 36.32 36.93
CA GLN A 1007 -40.28 36.04 36.07
C GLN A 1007 -40.86 34.64 36.22
N LYS A 1008 -40.20 33.79 37.01
CA LYS A 1008 -40.67 32.42 37.26
C LYS A 1008 -39.61 31.56 37.89
N LEU A 1009 -40.01 30.82 38.91
CA LEU A 1009 -39.13 29.88 39.59
C LEU A 1009 -39.62 28.48 39.32
N ILE A 1010 -39.00 27.82 38.36
CA ILE A 1010 -39.41 26.50 37.98
C ILE A 1010 -38.71 25.45 38.80
N GLU A 1011 -39.46 24.76 39.64
CA GLU A 1011 -38.85 23.72 40.42
C GLU A 1011 -38.72 22.52 39.54
N THR A 1012 -37.51 22.01 39.36
CA THR A 1012 -37.33 20.89 38.46
C THR A 1012 -37.26 19.57 39.17
N ARG A 1013 -37.47 19.57 40.48
CA ARG A 1013 -37.42 18.34 41.25
C ARG A 1013 -38.46 17.34 40.81
N THR A 1014 -39.54 17.82 40.23
CA THR A 1014 -40.64 16.98 39.80
C THR A 1014 -40.29 16.09 38.63
N SER A 1015 -39.13 16.34 38.00
CA SER A 1015 -38.71 15.50 36.90
C SER A 1015 -38.38 14.10 37.36
N GLN A 1016 -38.25 13.88 38.67
CA GLN A 1016 -37.94 12.56 39.23
C GLN A 1016 -39.00 11.53 38.92
N LEU A 1017 -40.18 11.96 38.46
CA LEU A 1017 -41.20 11.01 38.05
C LEU A 1017 -40.71 10.20 36.85
N PHE A 1018 -39.75 10.77 36.13
CA PHE A 1018 -39.10 10.17 34.99
C PHE A 1018 -37.64 9.97 35.37
N SER A 1019 -36.93 9.11 34.66
CA SER A 1019 -35.52 8.88 34.95
C SER A 1019 -35.28 8.35 36.37
N TYR A 1020 -34.40 9.02 37.11
CA TYR A 1020 -34.02 8.59 38.46
C TYR A 1020 -33.85 9.76 39.41
N ALA A 1021 -34.43 9.64 40.59
CA ALA A 1021 -34.47 10.71 41.57
C ALA A 1021 -33.11 11.28 41.96
N ALA A 1022 -32.05 10.48 42.02
CA ALA A 1022 -30.76 11.05 42.42
C ALA A 1022 -30.13 11.83 41.28
N PHE A 1023 -30.63 11.66 40.07
CA PHE A 1023 -30.13 12.43 38.96
C PHE A 1023 -30.92 13.70 38.90
N SER A 1024 -32.22 13.58 39.10
CA SER A 1024 -33.09 14.74 39.11
C SER A 1024 -32.81 15.64 40.28
N ASP A 1025 -32.59 15.06 41.43
CA ASP A 1025 -32.32 15.87 42.58
C ASP A 1025 -30.86 16.17 42.70
N SER A 1026 -30.40 17.15 41.96
CA SER A 1026 -28.99 17.53 42.01
C SER A 1026 -28.81 18.94 41.49
N ASN A 1027 -27.80 19.63 41.98
CA ASN A 1027 -27.58 21.01 41.59
C ASN A 1027 -27.36 21.18 40.10
N ILE A 1028 -27.97 22.21 39.54
CA ILE A 1028 -27.84 22.49 38.13
C ILE A 1028 -26.47 23.04 37.80
N ILE A 1029 -25.83 22.44 36.81
CA ILE A 1029 -24.53 22.89 36.35
C ILE A 1029 -24.66 23.90 35.26
N THR A 1030 -25.48 23.61 34.26
CA THR A 1030 -25.59 24.56 33.18
C THR A 1030 -26.94 24.57 32.51
N VAL A 1031 -27.30 25.74 31.99
CA VAL A 1031 -28.56 25.99 31.31
C VAL A 1031 -28.33 26.48 29.91
N VAL A 1032 -28.86 25.79 28.93
CA VAL A 1032 -28.72 26.26 27.57
C VAL A 1032 -30.05 26.72 27.05
N VAL A 1033 -30.10 27.96 26.57
CA VAL A 1033 -31.37 28.53 26.13
C VAL A 1033 -31.53 28.61 24.62
N ASP A 1034 -32.41 27.79 24.07
CA ASP A 1034 -32.77 27.92 22.68
C ASP A 1034 -34.29 28.07 22.53
N THR A 1035 -34.92 27.09 21.89
CA THR A 1035 -36.35 26.99 21.78
C THR A 1035 -36.89 26.09 22.89
N ALA A 1036 -35.96 25.59 23.70
CA ALA A 1036 -36.24 24.78 24.84
C ALA A 1036 -35.05 24.92 25.76
N LEU A 1037 -35.20 24.56 27.02
CA LEU A 1037 -34.07 24.67 27.93
C LEU A 1037 -33.39 23.34 28.05
N TYR A 1038 -32.07 23.35 28.06
CA TYR A 1038 -31.35 22.11 28.23
C TYR A 1038 -30.60 22.17 29.52
N ILE A 1039 -30.95 21.28 30.44
CA ILE A 1039 -30.41 21.31 31.78
C ILE A 1039 -29.49 20.17 32.09
N ALA A 1040 -28.29 20.49 32.53
CA ALA A 1040 -27.39 19.44 32.99
C ALA A 1040 -27.15 19.65 34.46
N LYS A 1041 -27.31 18.59 35.24
CA LYS A 1041 -27.15 18.64 36.68
C LYS A 1041 -25.92 17.90 37.12
N GLN A 1042 -25.44 18.21 38.31
CA GLN A 1042 -24.18 17.70 38.78
C GLN A 1042 -24.26 16.21 38.91
N ASN A 1043 -23.33 15.55 38.24
CA ASN A 1043 -23.21 14.10 38.19
C ASN A 1043 -24.35 13.40 37.49
N SER A 1044 -25.16 14.13 36.74
CA SER A 1044 -26.21 13.48 35.98
C SER A 1044 -25.64 12.98 34.68
N PRO A 1045 -26.11 11.86 34.19
CA PRO A 1045 -25.82 11.30 32.90
C PRO A 1045 -26.94 11.65 31.94
N VAL A 1046 -27.93 12.38 32.44
CA VAL A 1046 -29.08 12.74 31.65
C VAL A 1046 -29.30 14.23 31.59
N VAL A 1047 -29.55 14.71 30.37
CA VAL A 1047 -29.86 16.10 30.13
C VAL A 1047 -31.35 16.27 30.02
N GLU A 1048 -31.92 17.21 30.76
CA GLU A 1048 -33.35 17.40 30.72
C GLU A 1048 -33.74 18.45 29.74
N VAL A 1049 -34.85 18.24 29.05
CA VAL A 1049 -35.31 19.24 28.10
C VAL A 1049 -36.59 19.84 28.60
N TRP A 1050 -36.63 21.13 28.79
CA TRP A 1050 -37.83 21.75 29.31
C TRP A 1050 -38.50 22.71 28.37
N ASP A 1051 -39.83 22.70 28.37
CA ASP A 1051 -40.58 23.66 27.59
C ASP A 1051 -40.83 24.88 28.41
N LYS A 1052 -40.03 25.90 28.17
CA LYS A 1052 -40.14 27.16 28.88
C LYS A 1052 -41.49 27.87 28.71
N LYS A 1053 -42.24 27.51 27.69
CA LYS A 1053 -43.53 28.13 27.44
C LYS A 1053 -44.64 27.56 28.31
N THR A 1054 -44.47 26.33 28.77
CA THR A 1054 -45.48 25.70 29.60
C THR A 1054 -44.91 25.16 30.89
N GLU A 1055 -43.59 25.25 31.03
CA GLU A 1055 -42.88 24.78 32.20
C GLU A 1055 -43.06 23.29 32.41
N LYS A 1056 -42.83 22.52 31.34
CA LYS A 1056 -43.01 21.08 31.43
C LYS A 1056 -41.81 20.29 30.92
N LEU A 1057 -41.61 19.11 31.47
CA LEU A 1057 -40.53 18.25 31.00
C LEU A 1057 -40.90 17.68 29.65
N CYS A 1058 -40.08 17.94 28.64
CA CYS A 1058 -40.38 17.50 27.29
C CYS A 1058 -39.43 16.47 26.69
N GLY A 1059 -38.63 15.84 27.53
CA GLY A 1059 -37.74 14.83 27.00
C GLY A 1059 -36.46 14.72 27.78
N LEU A 1060 -35.84 13.56 27.65
CA LEU A 1060 -34.60 13.28 28.33
C LEU A 1060 -33.56 12.80 27.36
N ILE A 1061 -32.31 13.17 27.58
CA ILE A 1061 -31.24 12.71 26.74
C ILE A 1061 -30.30 11.82 27.53
N ASP A 1062 -30.26 10.55 27.18
CA ASP A 1062 -29.45 9.59 27.90
C ASP A 1062 -28.06 9.41 27.29
N CYS A 1063 -27.06 10.05 27.90
CA CYS A 1063 -25.69 9.99 27.39
C CYS A 1063 -25.08 8.61 27.50
N VAL A 1064 -25.47 7.87 28.53
CA VAL A 1064 -24.95 6.53 28.71
C VAL A 1064 -25.37 5.67 27.56
N HIS A 1065 -26.63 5.79 27.16
CA HIS A 1065 -27.15 5.05 26.03
C HIS A 1065 -26.32 5.22 24.78
N PHE A 1066 -25.96 6.45 24.48
CA PHE A 1066 -25.18 6.67 23.28
C PHE A 1066 -23.83 5.96 23.35
N LEU A 1067 -23.19 6.01 24.51
CA LEU A 1067 -21.91 5.34 24.63
C LEU A 1067 -22.07 3.86 24.95
N ARG A 1068 -23.28 3.45 25.28
CA ARG A 1068 -23.61 2.05 25.45
C ARG A 1068 -23.61 1.39 24.10
N GLU A 1069 -24.08 2.12 23.08
CA GLU A 1069 -24.08 1.65 21.71
C GLU A 1069 -22.64 1.51 21.21
N VAL A 1070 -21.78 2.43 21.65
CA VAL A 1070 -20.37 2.36 21.33
C VAL A 1070 -19.69 1.24 22.13
N MET A 1071 -18.92 0.40 21.46
CA MET A 1071 -18.27 -0.68 22.15
C MET A 1071 -17.12 -0.17 23.01
N MET A 1082 -13.29 2.22 34.02
CA MET A 1082 -14.43 3.08 34.25
C MET A 1082 -14.33 4.43 33.52
N SER A 1083 -13.65 4.47 32.37
CA SER A 1083 -13.57 5.72 31.61
C SER A 1083 -14.96 6.11 31.06
N TYR A 1084 -15.85 5.14 30.92
CA TYR A 1084 -17.22 5.40 30.48
C TYR A 1084 -18.14 5.71 31.63
N SER A 1085 -17.93 6.86 32.24
CA SER A 1085 -18.75 7.27 33.36
C SER A 1085 -20.09 7.79 32.91
N GLY A 1086 -20.11 8.39 31.73
CA GLY A 1086 -21.34 8.93 31.19
C GLY A 1086 -21.75 10.24 31.87
N ARG A 1087 -20.89 10.80 32.71
CA ARG A 1087 -21.25 12.01 33.40
C ARG A 1087 -21.22 13.19 32.49
N VAL A 1088 -22.24 14.02 32.54
CA VAL A 1088 -22.26 15.20 31.68
C VAL A 1088 -21.44 16.31 32.26
N LYS A 1089 -20.52 16.84 31.49
CA LYS A 1089 -19.70 17.94 31.97
C LYS A 1089 -20.20 19.29 31.51
N THR A 1090 -20.16 19.56 30.21
CA THR A 1090 -20.64 20.84 29.73
C THR A 1090 -21.50 20.72 28.50
N LEU A 1091 -22.35 21.72 28.31
CA LEU A 1091 -23.21 21.78 27.14
C LEU A 1091 -22.93 23.02 26.34
N CYS A 1092 -22.65 22.87 25.06
CA CYS A 1092 -22.53 24.03 24.21
C CYS A 1092 -23.51 23.90 23.10
N LEU A 1093 -24.04 25.01 22.63
CA LEU A 1093 -25.06 24.93 21.60
C LEU A 1093 -24.78 25.82 20.43
N GLN A 1094 -24.90 25.25 19.26
CA GLN A 1094 -24.68 25.95 18.02
C GLN A 1094 -26.02 26.15 17.33
N LYS A 1095 -26.23 27.30 16.73
CA LYS A 1095 -27.52 27.63 16.14
C LYS A 1095 -27.83 26.91 14.83
N ASN A 1096 -26.92 26.03 14.38
CA ASN A 1096 -27.16 25.22 13.21
C ASN A 1096 -27.69 23.86 13.63
N THR A 1097 -28.28 23.77 14.83
CA THR A 1097 -28.83 22.54 15.44
C THR A 1097 -27.77 21.64 16.09
N ALA A 1098 -26.49 21.92 15.95
CA ALA A 1098 -25.55 21.05 16.62
C ALA A 1098 -25.54 21.29 18.13
N LEU A 1099 -25.59 20.22 18.91
CA LEU A 1099 -25.51 20.32 20.36
C LEU A 1099 -24.25 19.56 20.79
N TRP A 1100 -23.36 20.24 21.48
CA TRP A 1100 -22.08 19.66 21.85
C TRP A 1100 -22.10 19.23 23.30
N ILE A 1101 -21.97 17.94 23.57
CA ILE A 1101 -22.01 17.49 24.95
C ILE A 1101 -20.72 16.86 25.40
N GLY A 1102 -20.03 17.48 26.34
CA GLY A 1102 -18.79 16.91 26.84
C GLY A 1102 -19.12 15.95 27.94
N THR A 1103 -18.18 15.11 28.33
CA THR A 1103 -18.47 14.16 29.38
C THR A 1103 -17.29 13.86 30.27
N GLY A 1104 -17.52 12.93 31.19
CA GLY A 1104 -16.51 12.54 32.16
C GLY A 1104 -15.27 11.98 31.49
N GLY A 1105 -15.46 11.07 30.55
CA GLY A 1105 -14.32 10.52 29.82
C GLY A 1105 -14.00 11.40 28.63
N GLY A 1106 -13.02 11.02 27.84
CA GLY A 1106 -12.63 11.82 26.68
C GLY A 1106 -13.56 11.63 25.49
N HIS A 1107 -14.81 12.04 25.64
CA HIS A 1107 -15.80 11.92 24.57
C HIS A 1107 -16.57 13.20 24.42
N ILE A 1108 -16.93 13.52 23.19
CA ILE A 1108 -17.78 14.65 22.92
C ILE A 1108 -18.90 14.17 22.04
N LEU A 1109 -20.13 14.35 22.47
CA LEU A 1109 -21.22 13.87 21.67
C LEU A 1109 -21.75 14.98 20.80
N LEU A 1110 -22.00 14.68 19.55
CA LEU A 1110 -22.61 15.66 18.68
C LEU A 1110 -24.03 15.26 18.46
N LEU A 1111 -24.97 16.05 18.97
CA LEU A 1111 -26.36 15.73 18.74
C LEU A 1111 -27.04 16.70 17.81
N ASP A 1112 -28.06 16.21 17.15
CA ASP A 1112 -28.90 16.97 16.25
C ASP A 1112 -30.10 17.51 16.98
N LEU A 1113 -30.14 18.81 17.23
CA LEU A 1113 -31.26 19.43 17.95
C LEU A 1113 -32.59 19.29 17.25
N SER A 1114 -32.60 19.16 15.93
CA SER A 1114 -33.88 19.07 15.25
C SER A 1114 -34.50 17.69 15.35
N THR A 1115 -33.72 16.67 15.70
CA THR A 1115 -34.28 15.34 15.80
C THR A 1115 -33.88 14.62 17.08
N ARG A 1116 -33.00 15.24 17.86
CA ARG A 1116 -32.45 14.65 19.08
C ARG A 1116 -31.74 13.35 18.74
N ARG A 1117 -30.83 13.42 17.80
CA ARG A 1117 -30.11 12.22 17.37
C ARG A 1117 -28.63 12.38 17.32
N LEU A 1118 -27.93 11.27 17.48
CA LEU A 1118 -26.49 11.25 17.53
C LEU A 1118 -25.86 11.35 16.16
N ILE A 1119 -25.17 12.46 15.94
CA ILE A 1119 -24.43 12.69 14.72
C ILE A 1119 -23.16 11.89 14.74
N ARG A 1120 -22.41 12.01 15.83
CA ARG A 1120 -21.16 11.27 15.99
C ARG A 1120 -20.56 11.38 17.36
N VAL A 1121 -19.78 10.38 17.74
CA VAL A 1121 -19.06 10.41 18.98
C VAL A 1121 -17.60 10.74 18.72
N ILE A 1122 -17.15 11.87 19.21
CA ILE A 1122 -15.76 12.26 19.04
C ILE A 1122 -15.05 11.75 20.25
N TYR A 1123 -14.02 10.93 20.10
CA TYR A 1123 -13.48 10.40 21.33
C TYR A 1123 -12.03 10.03 21.30
N ASN A 1124 -11.54 9.66 22.49
CA ASN A 1124 -10.14 9.34 22.74
C ASN A 1124 -9.40 10.65 22.62
N PHE A 1125 -10.10 11.66 23.09
CA PHE A 1125 -9.69 13.03 23.08
C PHE A 1125 -8.59 13.31 24.10
N CYS A 1126 -8.90 13.06 25.35
CA CYS A 1126 -7.99 13.21 26.48
C CYS A 1126 -8.58 12.40 27.61
N ASN A 1127 -8.11 12.60 28.83
CA ASN A 1127 -8.66 11.84 29.94
C ASN A 1127 -10.08 12.30 30.31
N SER A 1128 -10.28 13.61 30.47
CA SER A 1128 -11.58 14.13 30.87
C SER A 1128 -11.83 15.55 30.39
N VAL A 1129 -13.07 15.88 30.03
CA VAL A 1129 -13.34 17.22 29.52
C VAL A 1129 -13.66 18.22 30.63
N ARG A 1130 -12.95 19.34 30.68
CA ARG A 1130 -13.22 20.31 31.72
C ARG A 1130 -14.19 21.41 31.27
N VAL A 1131 -13.82 22.23 30.29
CA VAL A 1131 -14.77 23.24 29.78
C VAL A 1131 -14.75 23.34 28.29
N MET A 1132 -15.84 23.85 27.74
CA MET A 1132 -15.93 24.04 26.30
C MET A 1132 -16.39 25.46 26.00
N MET A 1133 -15.74 26.12 25.06
CA MET A 1133 -16.15 27.45 24.71
C MET A 1133 -16.34 27.62 23.23
N THR A 1134 -17.16 28.57 22.87
CA THR A 1134 -17.32 28.94 21.48
C THR A 1134 -16.63 30.25 21.33
N ALA A 1135 -15.70 30.35 20.40
CA ALA A 1135 -15.00 31.60 20.27
C ALA A 1135 -14.57 31.90 18.87
N GLN A 1136 -14.57 33.18 18.55
CA GLN A 1136 -14.14 33.63 17.26
C GLN A 1136 -12.68 33.97 17.35
N LEU A 1137 -11.89 33.45 16.42
CA LEU A 1137 -10.47 33.70 16.41
C LEU A 1137 -10.14 35.06 15.86
N GLY A 1138 -8.86 35.38 15.84
CA GLY A 1138 -8.39 36.65 15.33
C GLY A 1138 -8.42 36.72 13.80
N SER A 1139 -8.71 35.57 13.17
CA SER A 1139 -8.90 35.42 11.73
C SER A 1139 -10.38 35.47 11.40
N LEU A 1140 -11.21 35.64 12.44
CA LEU A 1140 -12.68 35.64 12.40
C LEU A 1140 -13.27 34.24 12.22
N LYS A 1141 -12.44 33.21 12.25
CA LYS A 1141 -12.91 31.84 12.15
C LYS A 1141 -13.50 31.38 13.47
N ASN A 1142 -14.65 30.70 13.43
CA ASN A 1142 -15.24 30.25 14.68
C ASN A 1142 -14.76 28.86 15.04
N VAL A 1143 -14.36 28.68 16.29
CA VAL A 1143 -13.86 27.40 16.76
C VAL A 1143 -14.35 27.01 18.13
N MET A 1144 -14.23 25.73 18.45
CA MET A 1144 -14.51 25.26 19.79
C MET A 1144 -13.23 25.15 20.56
N LEU A 1145 -13.23 25.67 21.76
CA LEU A 1145 -12.07 25.61 22.61
C LEU A 1145 -12.34 24.59 23.67
N VAL A 1146 -11.75 23.41 23.54
CA VAL A 1146 -12.06 22.42 24.54
C VAL A 1146 -10.87 22.19 25.42
N LEU A 1147 -11.04 22.49 26.69
CA LEU A 1147 -9.97 22.34 27.66
C LEU A 1147 -10.20 21.08 28.43
N GLY A 1148 -9.21 20.21 28.47
CA GLY A 1148 -9.42 18.97 29.21
C GLY A 1148 -8.25 18.54 30.05
N TYR A 1149 -8.47 17.47 30.81
CA TYR A 1149 -7.49 16.86 31.65
C TYR A 1149 -6.91 15.71 30.90
N ASN A 1150 -5.70 15.35 31.22
CA ASN A 1150 -5.08 14.24 30.56
C ASN A 1150 -4.15 13.55 31.48
N ARG A 1151 -4.62 13.27 32.68
CA ARG A 1151 -3.89 12.43 33.62
C ARG A 1151 -3.51 11.14 32.94
N GLU A 1162 1.07 12.11 36.57
CA GLU A 1162 1.20 12.84 35.32
C GLU A 1162 0.04 13.78 34.98
N ILE A 1163 -0.25 14.72 35.88
CA ILE A 1163 -1.30 15.73 35.64
C ILE A 1163 -1.01 16.58 34.41
N GLN A 1164 -1.40 16.07 33.26
CA GLN A 1164 -1.28 16.79 32.02
C GLN A 1164 -2.62 17.38 31.69
N SER A 1165 -2.62 18.53 31.07
CA SER A 1165 -3.85 19.20 30.65
C SER A 1165 -3.57 19.89 29.33
N CYS A 1166 -4.60 20.17 28.55
CA CYS A 1166 -4.36 20.77 27.25
C CYS A 1166 -5.56 21.40 26.61
N LEU A 1167 -5.29 22.29 25.67
CA LEU A 1167 -6.33 22.99 24.94
C LEU A 1167 -6.43 22.51 23.52
N THR A 1168 -7.61 22.10 23.11
CA THR A 1168 -7.80 21.64 21.76
C THR A 1168 -8.72 22.55 21.00
N VAL A 1169 -8.33 22.93 19.80
CA VAL A 1169 -9.15 23.85 19.01
C VAL A 1169 -9.78 23.17 17.82
N TRP A 1170 -11.10 23.13 17.78
CA TRP A 1170 -11.82 22.46 16.70
C TRP A 1170 -12.54 23.39 15.77
N ASP A 1171 -12.57 23.07 14.50
CA ASP A 1171 -13.34 23.84 13.54
C ASP A 1171 -14.81 23.70 13.85
N ILE A 1172 -15.47 24.82 14.14
CA ILE A 1172 -16.89 24.83 14.48
C ILE A 1172 -17.83 24.06 13.54
N ASN A 1173 -17.40 23.77 12.31
CA ASN A 1173 -18.24 23.10 11.36
C ASN A 1173 -18.12 21.59 11.39
N LEU A 1174 -17.46 21.05 12.43
CA LEU A 1174 -17.30 19.62 12.58
C LEU A 1174 -18.56 18.79 12.29
N PRO A 1175 -19.73 19.07 12.86
CA PRO A 1175 -20.98 18.37 12.63
C PRO A 1175 -21.29 18.20 11.15
N HIS A 1176 -20.99 19.24 10.37
CA HIS A 1176 -21.30 19.20 8.96
C HIS A 1176 -20.30 18.38 8.23
N GLU A 1177 -19.06 18.44 8.67
CA GLU A 1177 -18.02 17.68 8.01
C GLU A 1177 -18.23 16.21 8.23
N VAL A 1178 -18.70 15.84 9.42
CA VAL A 1178 -18.98 14.45 9.68
C VAL A 1178 -19.97 13.90 8.70
N GLN A 1179 -21.07 14.60 8.52
CA GLN A 1179 -22.08 14.11 7.61
C GLN A 1179 -21.67 14.18 6.15
N ASN A 1180 -21.01 15.27 5.75
CA ASN A 1180 -20.63 15.40 4.36
C ASN A 1180 -19.59 14.40 3.96
N LEU A 1181 -18.62 14.15 4.84
CA LEU A 1181 -17.60 13.19 4.55
C LEU A 1181 -18.20 11.83 4.37
N GLU A 1182 -19.11 11.46 5.27
CA GLU A 1182 -19.74 10.16 5.18
C GLU A 1182 -20.44 9.97 3.86
N LYS A 1183 -21.16 10.99 3.42
CA LYS A 1183 -21.86 10.92 2.15
C LYS A 1183 -20.88 10.72 1.02
N HIS A 1184 -19.83 11.53 0.99
CA HIS A 1184 -18.81 11.48 -0.05
C HIS A 1184 -18.26 10.09 -0.22
N ILE A 1185 -17.89 9.48 0.88
CA ILE A 1185 -17.32 8.17 0.85
C ILE A 1185 -18.29 7.14 0.34
N GLU A 1186 -19.54 7.21 0.77
CA GLU A 1186 -20.50 6.22 0.34
C GLU A 1186 -20.80 6.29 -1.13
N VAL A 1187 -20.89 7.49 -1.68
CA VAL A 1187 -21.14 7.62 -3.10
C VAL A 1187 -20.06 6.96 -3.90
N ARG A 1188 -18.82 7.21 -3.54
CA ARG A 1188 -17.72 6.63 -4.27
C ARG A 1188 -17.64 5.14 -4.09
N LYS A 1189 -18.05 4.66 -2.93
CA LYS A 1189 -18.10 3.23 -2.69
C LYS A 1189 -19.01 2.56 -3.69
N GLU A 1190 -20.18 3.16 -3.91
CA GLU A 1190 -21.13 2.60 -4.85
C GLU A 1190 -20.58 2.63 -6.26
N LEU A 1191 -19.89 3.70 -6.62
CA LEU A 1191 -19.30 3.80 -7.94
C LEU A 1191 -18.25 2.73 -8.16
N ALA A 1192 -17.51 2.40 -7.12
CA ALA A 1192 -16.49 1.37 -7.26
C ALA A 1192 -17.13 0.06 -7.61
N GLU A 1193 -18.27 -0.25 -6.98
CA GLU A 1193 -18.95 -1.48 -7.29
C GLU A 1193 -19.58 -1.46 -8.66
N LYS A 1194 -20.09 -0.30 -9.05
CA LYS A 1194 -20.66 -0.12 -10.36
C LYS A 1194 -19.67 -0.46 -11.45
N MET A 1195 -18.47 0.10 -11.34
CA MET A 1195 -17.40 -0.12 -12.30
C MET A 1195 -16.95 -1.56 -12.33
N ARG A 1196 -16.62 -2.10 -11.16
CA ARG A 1196 -16.12 -3.46 -11.07
C ARG A 1196 -17.12 -4.47 -11.60
N ARG A 1197 -18.40 -4.18 -11.41
CA ARG A 1197 -19.46 -5.08 -11.83
C ARG A 1197 -19.68 -5.10 -13.33
N THR A 1198 -19.54 -3.95 -13.99
CA THR A 1198 -19.74 -3.87 -15.43
C THR A 1198 -18.76 -4.80 -16.15
N SER A 1199 -17.47 -4.52 -15.98
CA SER A 1199 -16.41 -5.32 -16.59
C SER A 1199 -16.66 -5.59 -18.07
#